data_9UBW
#
_entry.id   9UBW
#
loop_
_entity.id
_entity.type
_entity.pdbx_description
1 polymer 'Cation channel sperm-associated protein 1'
2 polymer 'Cation channel sperm-associated protein 2'
3 polymer 'Cation channel sperm-associated protein 3'
4 polymer 'Cation channel sperm-associated protein 4'
5 polymer 'Cation channel sperm-associated auxiliary subunit beta'
6 polymer 'Cation channel sperm-associated auxiliary subunit gamma 2'
7 polymer 'Cation channel sperm-associated auxiliary subunit delta'
8 polymer 'Cation channel sperm-associated auxiliary subunit epsilon'
9 polymer 'EF-hand calcium-binding domain-containing protein 9'
10 polymer 'Cation channel sperm-associated auxiliary subunit TMEM249'
11 polymer 'Cation channel sperm-associated auxiliary subunit zeta'
12 polymer 'Solute carrier organic anion transporter family member 6C1'
13 polymer 'Cation channel sperm-associated auxiliary subunit TMEM262'
14 polymer 'Unknown protein'
15 branched beta-D-mannopyranose-(1-2)-beta-D-mannopyranose-(1-3)-[beta-D-mannopyranose-(1-3)-beta-D-mannopyranose-(1-6)]beta-D-mannopyranose-(1-4)-2-acetamido-2-deoxy-beta-D-glucopyranose-(1-4)-2-acetamido-2-deoxy-beta-D-glucopyranose
16 branched beta-D-mannopyranose-(1-4)-2-acetamido-2-deoxy-beta-D-glucopyranose-(1-4)-2-acetamido-2-deoxy-beta-D-glucopyranose
17 branched 2-acetamido-2-deoxy-beta-D-glucopyranose-(1-4)-2-acetamido-2-deoxy-beta-D-glucopyranose
18 branched beta-D-mannopyranose-(1-3)-[beta-D-mannopyranose-(1-6)]beta-D-mannopyranose-(1-6)-[beta-D-mannopyranose-(1-3)]beta-D-mannopyranose-(1-4)-2-acetamido-2-deoxy-beta-D-glucopyranose-(1-4)-2-acetamido-2-deoxy-beta-D-glucopyranose
19 branched beta-D-mannopyranose-(1-3)-[beta-D-mannopyranose-(1-6)]beta-D-mannopyranose-(1-4)-2-acetamido-2-deoxy-beta-D-glucopyranose-(1-4)-2-acetamido-2-deoxy-beta-D-glucopyranose
20 non-polymer 2-acetamido-2-deoxy-beta-D-glucopyranose
21 non-polymer CHOLESTEROL
#
loop_
_entity_poly.entity_id
_entity_poly.type
_entity_poly.pdbx_seq_one_letter_code
_entity_poly.pdbx_strand_id
1 'polypeptide(L)'
;LLGLQQMILSLTQSLGFETFIFIVVCLNTVILVAQTFTELEIRGEWYFMVLDSIFLSIYVLEAVLKLIALGLEYFYDPWN
NLDFFIMVMAVLDFVLLQINSLSYSFYNHSLFRILKVFKSMRALRAIRVLRRLSILTSLHEVAGTLSGSLPSITAILTLM
FTCLFLFSVVLRALFQDSDPKRFQNIFTTLFTLFTMLTLDDWSLIYIDNRAQGAWYIIPILMIYIVIQYFIFLNLVIAVL
VDNFQMALLKG
;
A,a
2 'polypeptide(L)'
;PLSLWAGWVLDSSVFSKFIISLIFLNTFVLMVEIELMESTNTALWPVKLALEVADWFILLSFIVEILLMWLASFSLFWKD
AWNVFDFFVTLLSLLPELVVLLGVPAHSVWLQLLRVCRVLRSLKLFARFRQIKVILLALVRALKSMTFLLMLLLIFFYIF
AVTGVYFFREYSRSTIEGLEYNMFFSDLLNSLVTVFILFTLDHWYAVLQDIWKVPESSRVFSSIYVILWLLLGSIIFRNI
IVAMMVTNFQNIRSELSEEMSHLEVQYKADMFKQQIIQRRQ
;
B,b
3 'polypeptide(L)'
;ECQAYFRKVIKSTFFQIVMITTVTTNSFLLVLGTNYDIQFEFFRTFEVSELFFVSVYVCEFLMKVYVDPITYWKDGYNIL
DVIILIILTIPYLLRKIKGNHSAYLHFADGIQSLRILKLISYSRGIRTLIIAVGETVYTVASVLTLLFLLMFVFAILGFC
LFGVTDRGDLENWGNLASAFFTLFSLATVDGWTDLQEELDKRKFTVSRAFTILFILLASFIFLNMFVGVMIMHTEDSMKK
FERDLTLERNLAIMEEKQIILKRQQEEVNRLMNTQKSG
;
C,c
4 'polypeptide(L)'
;DVMEKKDAWDVQEFITQMYIKQLLRHPAFQLLLAFLLLSNAITIALRTNSYLGQKHYELFSTIDDIVLTILICEVLLGWL
NGFWIFWKDGWNILNFAIVFILFMGFFIKQLDMVAITYPLRVLRLVHVCMAVEPLARIIKVILQSMPDLANVMALILFFM
LVFSVFGVTLFGAFVPKHFQNMGVALYTLFICITQDGWLDIYTDFQMDEREYAMEVGGAIYFAVFITLGAFIGLNLFVVV
VTTNLEQMMK
;
D,d
5 'polypeptide(L)'
;VIHNKGKERTYFSCSGEGILTGLHTIKLFLTMDNLKVRCFFRNENQSPSKEILGLFTSGGLAPNMIITNSTFYGGYYFKL
TPFSNRLEWLIDIPRQNITVNTDIAAVEQWMIKITMHEGLNIYDTEGTLLDLVREPILQWNLGRVLTEMEVRDLYPEVND
IKVTKSPCANDVALIGFMMKPSSNGVFIGKTISGFWTYKECIWHDLTEIIYAELKDEHQGLTVIDLVLTNHFLVILTSLG
LYVSSDLRYPTTSQIKLSRAEFCGFERVDYIRGNLWYNEKCFANRESFEVDYVTITFNRNRTLSESSSCFFSKEPFLHWL
PCVFSTIKNEKSIPRVITFLIDQETDSGIYLFNVQDTKETYVTVAMLKDGKPSPRPKFPSFHFPSTFTLPLGMIFHPRSH
FLYVYGSQIWVSMDGGNTFEMLCNLFSHHVTKTSNSFYTSDIVFIVEDGRILTTKAGLTTYSELGILKDAIFTLYYDQLG
YIHKLTPENFDAGSKLLGHGNSGSIFGKRPDLGFEAILVPQYISTNEMYFFAHVPLTMPTNIQWKKRFKTIHLGKTIEFS
KTGLANIKNVYMHKTEPVGFQTSIHTEIIVPFGIENSKDSPCLLSDLEITYSGKLYYTIKLLSKNPLHELKSTDVEKSVL
IPGYSSFLIMNITDKWTASALATMPQAIKSNLKFLTGSWFLYNFGTAGGRKWSISTRQCNYWIQQDSLDFMSLNLVKYID
VGNTIDFQFKIIPKAMSTFPIPPVSMVVGNPGLVEVKTQGVFDLNENYYLDIHVSGRFFQKGSTSIALVLWEGSSKCYAI
TLLPTIKSSCSYLRTMHHTPGRHIPPEDWISGVHKDSQGFNMIKTLPINYRPPSHMGISIPLTDNFYHADPSKPIPRNQF
HKSKETGKYKQCANVTSRAMCNCSEHQKFSHAVAFSDCKEKVHRFKFPVTQYPVVLEIFNERDKISAEPPYLVTMTEVNM
RKNWQLKHNEPENVKKMKHYLEPLLKTPVYNPLGLNLTIQGSELFHFKVSVVPGVSFCELSEEFQIYVDEVPLPFPGHAL
IAVATSVVLGVLIFIAFVFQLRNIH
;
E,e
6 'polypeptide(L)'
;HCTWLLVLNKFEKVGLHLSKDRFQDHEPIDTVAKVFQKLTDSPIDPSENYLSFPYYLQINFSCPGQNIEELARKGHLMGM
KPMVQINYMYSVNFYRWEMENVQILMEAAPMRSTGYCPAEAMCVLNWYTPMPFKNGSVVSSVDIYTNGIGPFVSKKRFYV
NMNGFLKRDASGKSLFAIGYESLVLKSSHFRLSKSRPLWYTVNHAPVFILGGFYDEKSILFSDSNFQDYVLLELSIDSCW
VGSFYCPILGFSATIHDAIATESTLFIRQNQLVYYFTGTYITLFDKSHGSSRWVRVLPSECIKRLCPVYASGNGSEYVLA
LTTGKNEGYIHIGTITDGLVSFEMVPDGWSVCEKLPGKNCSIDWATYIADERNLLLLVKIDSGQFYLVNFNTEFKTLNIL
YKIPEFIPEAKELDFLVLLDTVTYTNTPMTPKGLFFNTLNNMLYIWGNFILQSYNREEFIFLADFPKESTIKYMVNSFKG
QMAVVTENEEIWYFLEGGYDVYQVVPSQGWETYHNLQKMQKSSFHSEDESLVSLFFEDGKLFQLVYLFDVGKERLVKRLL
PVGTLMEYNLPKPFTVVNQGNYQAISFTHTCPFKEIHLIDVPKKHHASRTESYVALPPLVSESLGFHNNNTLAVYQGLVY
YLLWLHSKYDKPYADPVHDPTWRWWQHKTKDKDYFFYLFSNRLAAEGIYINMNAYQKLYNMSGDYGIPDLFFLDKGNWFT
ITVVLLSHQDTFTSSDSQGPTINVDKKLAIAVTIADPECLSVTVTQDVLLNRNAVINKIKVIDKKRCSEQGMIGRNIKKT
SMMLKVLGAPGNCIQRTYLGGIIQGFKVVPIFIGCPPGKRLAFDVSYTIMHSEEINKHYFDCVIKDAEMPCFLFRDLFQP
FFLVQDLVTGDSGSFLGSYVLKVVGGGRTLNTIRDYTEEEIFRYNSPLDTTNSLIWKTKVERTTEDKKFYIMSHESPGVE
WLCLENSPCYDIIPQSIYPPEFFFKLLVSNRGVDNSTYCDYKLTFIVHIHGLPLSSKRTSFIVMVSTSFFIALVVFYILF
CL
;
F,f
7 'polypeptide(L)'
;HTLCRVHTVRTGKVFKSNIQLQGDPLFYAFPNTFVLKNVCKADISVYLGQKVFLTIDNFESSLLPLTVPKSLAVGVPSIT
SAHFVSGSLVLFVISGKGYSYDYYENTWRKLEGISEPVSHISGDVCCFKGSFCLELSNNLFAYLRGGQIPGTNIYFSDNG
GFSFQLMNTDKLSHLTGTLGGIFHLHSMSQVGVLMVENNLGTFHYMEYPLNHSMGIAFSYKNLLEVIMKPYQRGFMVLWN
QKSILVSSNSGQIVEHVRLIDQKIFTDLDVEHANINIYSVASNAYELAFLVAEDHLYYGSQSYMGTYVIKLPHQPLWSTH
TSIYFEDIGILQVLTPVADPHFAAYDFDKCTVNVQSSLMDEKLALQPCNVELLESTMINTMFTIDMNSKLKLSALMIPRK
GENPTPLVMVSNPHALGFKANLNEFGNTFDGNSKYKLDIELKQQHHWGNSDFNFTASIKRHAISSVTVDIADKTLSCVDL
KPLSTLISVGCDMTKKIVVQNKISACTMGILNPVQLQKNYTYTIEKEAYDPINHNGEAQDDLIVFYEYKDLGCPRLVYYD
KPWKPVVELWKNGIVEEIMNAEYVISEINGLVTYSYSLTAATANCRSQPQNWSTFESDIENEEPFLWNRENYVSCHEDNK
DNPLLWPNVEYQVLGGQTNNKIIFGQRNGIYTFHLSVVDPYYSYCNLNTIFSVYVHGALPVTKFQPLLTILLMVTTTLLT
AWLAYAIPKQLRS
;
G,g
8 'polypeptide(L)'
;LWRYYINSQDYSIFSTRSSIKLEYEGNSFVSWKIPESCKVENTTSPKTTLHCKRAGIHTIKPIAGNQEVERHLTVDNSYI
CYLWYFTVVDVYYNLSQIVTIWVYDPESASTEELIWTAKKPSLSSRVLTKQMNTLGQRPFIFTVEKRLTYHPGPLTSEGT
WVIHLPMSSDDIAKVIRGNKVAFQDCFIANLYFMLTYPMTIISEPPGYEPLTVPPGSPLMLSWDTCISTFALLATDQETF
QTNDSFQTWTRVRAPPGILSDAQRHSLRDVIIFDQGTLFLVDGTVYLRTEDEFTKLDESRGISETGILGFSKRRWCQIRY
LYKLASKKSILIAWSKTTVYAGYATFRFVTLTDTAKLKDFLKLPQTDTLEVMSVEYLWHPLEAAVLLSHCSVCTTNTRNI
RIVIYSAIFQTWTLQDFELQLPKEAILEFRFLYSAMPDIIMWDQHHVYYSYKNFTVVGTISTPSGETNLSSLSQGSKIHQ
VLTDRIGNVVVKMENNVMFYIKADITEAVILHTWVNTTAKTVVLFDKSFEVCILYYNENLDEKYQLQTQPYPLILELQSI
NKDLGDWCPYLAFQHNIHSQFYHMDKGESLTIWSQIVYPENRGLYIVVEHYGSSVMTWTQNLEYEIASGFCTKTMITRFF
QTTNYELVDNYYQLQKENTGLMLLQFRPSEFSRTCLTAKPVFEIDVGCDSSKYIMVRGFNKSRCQRRDFSYVIDKELLRE
SLSDNLKVRYDVAKYGCPLTLELGQMFQPIVELYDENGFIKIVDANFILWEIHGRNDYTFNSTMEQNGCINEAQTWDSMI
EENPDIPLDDVWGPQNYRPCFSYAIGKPGDLGQPYEILNYSNKNHIKWPMTYAGMYVYRLKILDPNYSFCNLTTIFAIES
LGMIPRSSVYLVAALIFVLMLTFISILVLSYFWYLKIYRQF
;
H,h
9 'polypeptide(L)'
;MKLTPGCFLWYLYMDKIYCLLSLRNVKALMVYFHLLDVHHRNTLNDVLFFHFLQHVTNLNKSQIGMIFDLLDWTAVGEIG
FDQFYVLICILLAHQDHLEDHFMYRHSRPVFELLDLDGEMNIGAANFQNYRFLFNIKKQELRDLFHDFDITGDRLLNYKE
FKLYTIFCTDKSID
;
I,i
10 'polypeptide(L)'
;MCWVMPPSVFVLEYYLDTLWKGTMLFIICLVFISCNVLREVKYQETWCFPAYGMVIGLWLMLSSIPQRRLVLNHTRGMYH
FSIQGRTVCQGPMHLVYVRLALSSDAYGGRFFQLVLCGHKLEPLVLVQLSERYEQMEFLGRHLARKLNINYFDYLASSYR
HVVRHWPL
;
J,j
11 'polypeptide(L)'
;TANVSVSDVCEDFDEEGKSVRNRIRKYSQTISIRDSLNLEPEEIQQQARRELELCHGRSLEHGEDHEESETSLASSTSES
LIFSLWKPHRTYWTEQQNRLPLPLMELMETEVLDILKKALITYRSTIGRNHFMTKELQGYIEGIRKRRN
;
K,k
12 'polypeptide(L)'
;PIVLPFVQRFNNIDGFMTLYVAAVLIHGALFAVVDMTLNIYQVQFSLTRTEWYLMDFSDYIASFVVAIIIAHFGSKGNRT
RWIAASCILMGLESMLFAFPFFTYEIIIPGRQSIELCMEENEKRNIICGNSVPNRSKCIYFHIGGQCIHGIAGMPIYILG
ITFIFDHIPTSSCGFYLAIGHSAYLIGYLLGMVGGLQNFQPPPKEKTVEIEPAKVYQLLQSGWWKTFLIIAAISFCVSFM
MVCFPTSLPGAHKLRLAKRKEPPTIDRRLKDMKIQPHLKGFLHNIWHILKNPLMLTQAICKVSEYLTFNTSLYFLPHHLQ
TQFLITPGIASLLTGAFVLPGGIIGHFLGGLIVDRLEMTNKNKLKFTLVTTVVSVGLFLLIFFVECQTTTFAGINEDYDG
YGQLGNLTADCNEYCDCTTSLYTSICGRDEKEYFSPCFAGCKATKVSQTEKTYYNCSCIKEGLAASDDEGQFIDAIAGTC
DSDCLKLPLFFAFYFSATVFSNMCSIPVISIILQSVPANFTSLSLGVTYAIVKFVASVPAPLLFRLSSAIACIYWDNNRC
GGKERCWIYNKNILVYEFMGIWMSSQLIIVLLNIYAIQIHDVVVHGEITE
;
L,l
13 'polypeptide(L)'
;MRWRDRIAVLCFPPGLMLTVAALILFFIHMGVFASDVHNFCVIHNYDHMSFRYTVVLIFSQVISIGWAAMGSLYAEMTGD
KFLRCFALTILILNGAMFFNRLCLEFLAINYREER
;
M,m
14 'polypeptide(L)'
;(UNK)(UNK)(UNK)(UNK)(UNK)(UNK)(UNK)(UNK)(UNK)(UNK)(UNK)(UNK)(UNK)(UNK)(UNK)(UNK)
(UNK)(UNK)(UNK)(UNK)(UNK)(UNK)(UNK)(UNK)(UNK)(UNK)(UNK)(UNK)
;
N,n
#
loop_
_chem_comp.id
_chem_comp.type
_chem_comp.name
_chem_comp.formula
BMA D-saccharide, beta linking beta-D-mannopyranose 'C6 H12 O6'
CLR non-polymer CHOLESTEROL 'C27 H46 O'
NAG D-saccharide, beta linking 2-acetamido-2-deoxy-beta-D-glucopyranose 'C8 H15 N O6'
#
# COMPACT_ATOMS: atom_id res chain seq x y z
N LEU A 1 66.93 -82.91 -55.23
CA LEU A 1 65.97 -81.84 -55.49
C LEU A 1 65.71 -81.70 -56.97
N LEU A 2 65.30 -82.80 -57.61
CA LEU A 2 65.09 -82.77 -59.05
C LEU A 2 63.70 -82.28 -59.45
N GLY A 3 63.30 -82.58 -60.67
CA GLY A 3 61.97 -82.20 -61.12
C GLY A 3 60.85 -82.54 -60.15
N LEU A 4 61.00 -83.62 -59.38
CA LEU A 4 60.03 -83.93 -58.34
C LEU A 4 59.99 -82.83 -57.28
N GLN A 5 61.18 -82.37 -56.85
CA GLN A 5 61.24 -81.25 -55.93
C GLN A 5 60.70 -79.98 -56.56
N GLN A 6 60.90 -79.80 -57.87
CA GLN A 6 60.36 -78.62 -58.54
C GLN A 6 58.83 -78.63 -58.57
N MET A 7 58.23 -79.80 -58.81
CA MET A 7 56.76 -79.89 -58.81
C MET A 7 56.19 -79.69 -57.41
N ILE A 8 56.82 -80.31 -56.40
CA ILE A 8 56.42 -80.08 -55.02
C ILE A 8 56.59 -78.61 -54.66
N LEU A 9 57.66 -77.99 -55.14
CA LEU A 9 57.89 -76.57 -54.92
C LEU A 9 56.82 -75.72 -55.57
N SER A 10 56.34 -76.13 -56.76
CA SER A 10 55.28 -75.38 -57.42
C SER A 10 53.98 -75.43 -56.61
N LEU A 11 53.57 -76.62 -56.18
CA LEU A 11 52.31 -76.76 -55.43
C LEU A 11 52.39 -76.03 -54.08
N THR A 12 53.42 -76.35 -53.29
CA THR A 12 53.59 -75.68 -52.00
C THR A 12 53.94 -74.22 -52.18
N GLN A 13 54.48 -73.82 -53.33
CA GLN A 13 54.71 -72.41 -53.60
C GLN A 13 53.40 -71.68 -53.76
N SER A 14 52.48 -72.25 -54.55
CA SER A 14 51.13 -71.70 -54.64
C SER A 14 50.54 -71.47 -53.24
N LEU A 15 50.43 -72.56 -52.46
CA LEU A 15 49.76 -72.48 -51.16
C LEU A 15 50.50 -71.54 -50.19
N GLY A 16 51.74 -71.90 -49.84
CA GLY A 16 52.47 -71.15 -48.83
C GLY A 16 52.84 -69.74 -49.27
N PHE A 17 53.23 -69.57 -50.54
CA PHE A 17 53.47 -68.24 -51.08
C PHE A 17 52.25 -67.36 -50.90
N GLU A 18 51.07 -67.83 -51.33
CA GLU A 18 49.84 -67.05 -51.13
C GLU A 18 49.68 -66.64 -49.68
N THR A 19 49.55 -67.63 -48.79
CA THR A 19 49.25 -67.32 -47.38
C THR A 19 50.34 -66.46 -46.74
N PHE A 20 51.55 -67.02 -46.64
CA PHE A 20 52.63 -66.38 -45.88
C PHE A 20 53.07 -65.08 -46.52
N ILE A 21 53.28 -65.07 -47.84
CA ILE A 21 53.76 -63.87 -48.51
C ILE A 21 52.75 -62.74 -48.35
N PHE A 22 51.45 -63.03 -48.53
CA PHE A 22 50.46 -61.97 -48.38
C PHE A 22 50.44 -61.41 -46.96
N ILE A 23 50.45 -62.29 -45.94
CA ILE A 23 50.32 -61.76 -44.57
C ILE A 23 51.60 -61.02 -44.16
N VAL A 24 52.77 -61.57 -44.44
CA VAL A 24 54.00 -60.91 -44.01
C VAL A 24 54.27 -59.63 -44.81
N VAL A 25 53.86 -59.55 -46.08
CA VAL A 25 54.13 -58.32 -46.81
C VAL A 25 53.09 -57.26 -46.45
N CYS A 26 51.88 -57.67 -46.06
CA CYS A 26 50.94 -56.71 -45.48
C CYS A 26 51.49 -56.11 -44.20
N LEU A 27 52.03 -56.95 -43.31
CA LEU A 27 52.64 -56.42 -42.09
C LEU A 27 53.88 -55.58 -42.39
N ASN A 28 54.64 -55.97 -43.41
CA ASN A 28 55.82 -55.21 -43.83
C ASN A 28 55.45 -53.82 -44.31
N THR A 29 54.40 -53.70 -45.13
CA THR A 29 54.03 -52.37 -45.58
C THR A 29 53.38 -51.57 -44.46
N VAL A 30 52.75 -52.24 -43.49
CA VAL A 30 52.23 -51.52 -42.33
C VAL A 30 53.36 -50.87 -41.54
N ILE A 31 54.38 -51.65 -41.22
CA ILE A 31 55.51 -51.10 -40.46
C ILE A 31 56.31 -50.11 -41.30
N LEU A 32 56.32 -50.27 -42.63
CA LEU A 32 57.10 -49.37 -43.47
C LEU A 32 56.40 -48.03 -43.69
N VAL A 33 55.07 -48.02 -43.79
CA VAL A 33 54.37 -46.73 -43.85
C VAL A 33 54.29 -46.11 -42.47
N ALA A 34 54.44 -46.91 -41.40
CA ALA A 34 54.65 -46.31 -40.09
C ALA A 34 56.06 -45.74 -39.97
N GLN A 35 57.01 -46.28 -40.73
CA GLN A 35 58.40 -45.84 -40.62
C GLN A 35 58.62 -44.44 -41.19
N THR A 36 58.13 -44.17 -42.40
CA THR A 36 58.54 -42.96 -43.11
C THR A 36 58.08 -41.70 -42.40
N PHE A 37 56.78 -41.37 -42.49
CA PHE A 37 55.97 -40.70 -41.47
C PHE A 37 56.74 -39.74 -40.57
N THR A 38 57.34 -38.68 -41.12
CA THR A 38 58.44 -38.03 -40.40
C THR A 38 57.97 -37.19 -39.22
N GLU A 39 57.13 -37.77 -38.37
CA GLU A 39 56.77 -37.37 -37.02
C GLU A 39 56.82 -38.55 -36.05
N LEU A 40 56.42 -39.74 -36.50
CA LEU A 40 56.34 -40.90 -35.63
C LEU A 40 57.67 -41.64 -35.49
N GLU A 41 58.70 -41.27 -36.26
CA GLU A 41 59.98 -41.93 -36.09
C GLU A 41 60.67 -41.47 -34.82
N ILE A 42 60.31 -40.30 -34.29
CA ILE A 42 60.76 -39.91 -32.96
C ILE A 42 59.95 -40.60 -31.88
N ARG A 43 58.70 -40.99 -32.19
CA ARG A 43 57.95 -41.92 -31.34
C ARG A 43 58.31 -43.35 -31.75
N GLY A 44 59.57 -43.68 -31.50
CA GLY A 44 60.17 -44.89 -32.02
C GLY A 44 61.67 -44.75 -32.07
N GLU A 45 62.25 -45.01 -33.24
CA GLU A 45 63.69 -45.09 -33.48
C GLU A 45 64.36 -46.17 -32.62
N TRP A 46 63.57 -47.03 -32.00
CA TRP A 46 64.08 -48.24 -31.35
C TRP A 46 63.22 -49.47 -31.63
N TYR A 47 62.02 -49.31 -32.18
CA TYR A 47 61.18 -50.41 -32.62
C TYR A 47 60.97 -50.41 -34.13
N PHE A 48 61.66 -49.53 -34.86
CA PHE A 48 61.42 -49.32 -36.29
C PHE A 48 62.42 -50.09 -37.15
N MET A 49 63.72 -49.85 -36.95
CA MET A 49 64.72 -50.61 -37.69
C MET A 49 64.82 -52.05 -37.23
N VAL A 50 64.33 -52.36 -36.03
CA VAL A 50 64.26 -53.75 -35.59
C VAL A 50 63.27 -54.53 -36.45
N LEU A 51 62.04 -54.02 -36.60
CA LEU A 51 61.07 -54.67 -37.46
C LEU A 51 61.47 -54.56 -38.93
N ASP A 52 62.15 -53.46 -39.29
CA ASP A 52 62.68 -53.31 -40.64
C ASP A 52 63.67 -54.43 -40.97
N SER A 53 64.60 -54.70 -40.06
CA SER A 53 65.57 -55.77 -40.27
C SER A 53 64.91 -57.14 -40.22
N ILE A 54 63.90 -57.32 -39.36
CA ILE A 54 63.20 -58.60 -39.30
C ILE A 54 62.49 -58.91 -40.61
N PHE A 55 61.81 -57.90 -41.18
CA PHE A 55 61.12 -58.15 -42.44
C PHE A 55 62.07 -58.14 -43.63
N LEU A 56 63.23 -57.50 -43.52
CA LEU A 56 64.28 -57.71 -44.52
C LEU A 56 64.81 -59.14 -44.46
N SER A 57 64.88 -59.72 -43.26
CA SER A 57 65.19 -61.14 -43.13
C SER A 57 64.12 -61.99 -43.80
N ILE A 58 62.85 -61.63 -43.62
CA ILE A 58 61.77 -62.33 -44.32
C ILE A 58 61.92 -62.20 -45.83
N TYR A 59 62.37 -61.03 -46.30
CA TYR A 59 62.54 -60.82 -47.74
C TYR A 59 63.72 -61.62 -48.30
N VAL A 60 64.81 -61.77 -47.55
CA VAL A 60 65.88 -62.62 -48.08
C VAL A 60 65.47 -64.09 -47.97
N LEU A 61 64.55 -64.42 -47.06
CA LEU A 61 63.91 -65.73 -47.11
C LEU A 61 63.12 -65.91 -48.41
N GLU A 62 62.39 -64.88 -48.82
CA GLU A 62 61.70 -64.92 -50.11
C GLU A 62 62.68 -65.13 -51.26
N ALA A 63 63.81 -64.41 -51.21
CA ALA A 63 64.84 -64.56 -52.25
C ALA A 63 65.43 -65.97 -52.25
N VAL A 64 65.63 -66.56 -51.07
CA VAL A 64 66.17 -67.91 -50.97
C VAL A 64 65.18 -68.92 -51.52
N LEU A 65 63.90 -68.77 -51.17
CA LEU A 65 62.88 -69.68 -51.68
C LEU A 65 62.71 -69.56 -53.19
N LYS A 66 62.89 -68.35 -53.74
CA LYS A 66 62.85 -68.18 -55.19
C LYS A 66 64.12 -68.69 -55.86
N LEU A 67 65.25 -68.71 -55.14
CA LEU A 67 66.49 -69.21 -55.72
C LEU A 67 66.47 -70.72 -55.86
N ILE A 68 65.96 -71.42 -54.84
CA ILE A 68 65.78 -72.86 -54.93
C ILE A 68 64.61 -73.24 -55.82
N ALA A 69 63.82 -72.26 -56.26
CA ALA A 69 62.63 -72.48 -57.08
C ALA A 69 63.00 -72.72 -58.53
N LEU A 70 62.01 -72.58 -59.43
CA LEU A 70 62.15 -72.99 -60.82
C LEU A 70 63.28 -72.30 -61.56
N GLY A 71 63.73 -71.15 -61.06
CA GLY A 71 65.03 -70.63 -61.49
C GLY A 71 65.04 -69.74 -62.71
N LEU A 72 65.32 -70.32 -63.88
CA LEU A 72 65.50 -69.53 -65.09
C LEU A 72 64.21 -68.82 -65.48
N GLU A 73 63.07 -69.48 -65.34
CA GLU A 73 61.78 -68.84 -65.60
C GLU A 73 61.49 -67.73 -64.60
N TYR A 74 62.00 -67.84 -63.37
CA TYR A 74 61.87 -66.76 -62.41
C TYR A 74 62.58 -65.49 -62.90
N PHE A 75 63.70 -65.66 -63.60
CA PHE A 75 64.39 -64.52 -64.19
C PHE A 75 63.69 -63.98 -65.44
N TYR A 76 62.67 -64.66 -65.94
CA TYR A 76 61.95 -64.19 -67.13
C TYR A 76 60.84 -63.21 -66.81
N ASP A 77 60.59 -62.93 -65.53
CA ASP A 77 59.63 -61.91 -65.13
C ASP A 77 60.37 -60.65 -64.73
N PRO A 78 60.15 -59.52 -65.43
CA PRO A 78 60.89 -58.29 -65.07
C PRO A 78 60.64 -57.80 -63.66
N TRP A 79 59.42 -58.00 -63.14
CA TRP A 79 59.16 -57.68 -61.74
C TRP A 79 60.03 -58.54 -60.82
N ASN A 80 60.18 -59.82 -61.15
CA ASN A 80 61.03 -60.70 -60.37
C ASN A 80 62.51 -60.31 -60.50
N ASN A 81 62.93 -59.82 -61.66
CA ASN A 81 64.29 -59.30 -61.80
C ASN A 81 64.51 -58.07 -60.92
N LEU A 82 63.51 -57.19 -60.86
CA LEU A 82 63.58 -56.05 -59.95
C LEU A 82 63.67 -56.51 -58.51
N ASP A 83 62.89 -57.54 -58.14
CA ASP A 83 62.96 -58.08 -56.79
C ASP A 83 64.32 -58.69 -56.50
N PHE A 84 64.93 -59.35 -57.49
CA PHE A 84 66.25 -59.93 -57.31
C PHE A 84 67.31 -58.84 -57.07
N PHE A 85 67.25 -57.76 -57.85
CA PHE A 85 68.17 -56.65 -57.62
C PHE A 85 67.92 -56.00 -56.26
N ILE A 86 66.65 -55.89 -55.87
CA ILE A 86 66.30 -55.32 -54.57
C ILE A 86 66.89 -56.16 -53.45
N MET A 87 66.79 -57.49 -53.56
CA MET A 87 67.33 -58.34 -52.51
C MET A 87 68.86 -58.37 -52.52
N VAL A 88 69.49 -58.24 -53.69
CA VAL A 88 70.95 -58.14 -53.74
C VAL A 88 71.41 -56.90 -53.01
N MET A 89 70.79 -55.75 -53.29
CA MET A 89 71.21 -54.52 -52.62
C MET A 89 70.82 -54.51 -51.15
N ALA A 90 69.74 -55.23 -50.79
CA ALA A 90 69.35 -55.34 -49.40
C ALA A 90 70.32 -56.20 -48.59
N VAL A 91 70.76 -57.33 -49.14
CA VAL A 91 71.76 -58.11 -48.41
C VAL A 91 73.09 -57.37 -48.38
N LEU A 92 73.39 -56.58 -49.41
CA LEU A 92 74.60 -55.76 -49.41
C LEU A 92 74.58 -54.74 -48.27
N ASP A 93 73.48 -53.98 -48.15
CA ASP A 93 73.45 -52.97 -47.10
C ASP A 93 73.33 -53.59 -45.72
N PHE A 94 72.68 -54.76 -45.63
CA PHE A 94 72.60 -55.45 -44.34
C PHE A 94 73.97 -55.93 -43.86
N VAL A 95 74.77 -56.54 -44.76
CA VAL A 95 76.10 -56.96 -44.31
C VAL A 95 77.00 -55.75 -44.09
N LEU A 96 76.77 -54.66 -44.82
CA LEU A 96 77.53 -53.43 -44.56
C LEU A 96 77.24 -52.88 -43.17
N LEU A 97 75.98 -52.93 -42.74
CA LEU A 97 75.65 -52.53 -41.38
C LEU A 97 76.16 -53.55 -40.36
N GLN A 98 76.21 -54.82 -40.73
CA GLN A 98 76.56 -55.87 -39.77
C GLN A 98 78.05 -55.86 -39.46
N ILE A 99 78.91 -55.70 -40.47
CA ILE A 99 80.34 -55.88 -40.28
C ILE A 99 80.91 -54.81 -39.34
N ASN A 100 80.37 -53.60 -39.38
CA ASN A 100 80.81 -52.43 -38.57
C ASN A 100 82.29 -52.18 -38.89
N SER A 101 83.09 -51.76 -37.91
CA SER A 101 84.47 -51.34 -38.09
C SER A 101 84.59 -50.23 -39.14
N LEU A 102 84.91 -50.61 -40.39
CA LEU A 102 84.96 -49.73 -41.54
C LEU A 102 86.01 -48.63 -41.42
N SER A 103 86.16 -47.82 -42.48
CA SER A 103 87.10 -46.72 -42.48
C SER A 103 86.55 -45.47 -43.15
N TYR A 104 85.30 -45.49 -43.59
CA TYR A 104 84.68 -44.36 -44.29
C TYR A 104 83.73 -43.63 -43.35
N SER A 105 83.21 -42.50 -43.83
CA SER A 105 82.28 -41.70 -43.05
C SER A 105 80.95 -42.43 -42.88
N PHE A 106 80.27 -42.11 -41.79
CA PHE A 106 78.99 -42.72 -41.45
C PHE A 106 78.18 -41.70 -40.67
N TYR A 107 77.20 -42.17 -39.89
CA TYR A 107 76.30 -41.34 -39.09
C TYR A 107 75.50 -40.39 -39.98
N ASN A 108 74.60 -41.01 -40.75
CA ASN A 108 73.71 -40.34 -41.70
C ASN A 108 74.51 -39.70 -42.83
N HIS A 109 75.36 -40.51 -43.45
CA HIS A 109 76.11 -40.12 -44.64
C HIS A 109 75.22 -40.21 -45.87
N SER A 110 75.78 -39.88 -47.03
CA SER A 110 75.04 -40.00 -48.28
C SER A 110 74.73 -41.46 -48.60
N LEU A 111 75.62 -42.37 -48.23
CA LEU A 111 75.36 -43.80 -48.43
C LEU A 111 74.16 -44.26 -47.62
N PHE A 112 73.94 -43.66 -46.44
CA PHE A 112 72.74 -43.98 -45.66
C PHE A 112 71.48 -43.54 -46.40
N ARG A 113 71.54 -42.39 -47.08
CA ARG A 113 70.40 -41.97 -47.90
C ARG A 113 70.21 -42.91 -49.09
N ILE A 114 71.30 -43.43 -49.64
CA ILE A 114 71.20 -44.43 -50.69
C ILE A 114 70.47 -45.67 -50.19
N LEU A 115 70.82 -46.13 -48.98
CA LEU A 115 70.10 -47.26 -48.41
C LEU A 115 68.66 -46.91 -48.07
N LYS A 116 68.38 -45.64 -47.74
CA LYS A 116 67.00 -45.25 -47.43
C LYS A 116 66.12 -45.26 -48.68
N VAL A 117 66.62 -44.73 -49.80
CA VAL A 117 65.83 -44.82 -51.03
C VAL A 117 65.76 -46.26 -51.52
N PHE A 118 66.75 -47.09 -51.17
CA PHE A 118 66.64 -48.52 -51.44
C PHE A 118 65.51 -49.15 -50.64
N LYS A 119 65.36 -48.74 -49.38
CA LYS A 119 64.22 -49.18 -48.57
C LYS A 119 62.91 -48.68 -49.16
N SER A 120 62.91 -47.48 -49.74
CA SER A 120 61.72 -46.99 -50.43
C SER A 120 61.37 -47.87 -51.62
N MET A 121 62.38 -48.29 -52.38
CA MET A 121 62.14 -49.20 -53.50
C MET A 121 61.60 -50.55 -53.02
N ARG A 122 62.11 -51.03 -51.89
CA ARG A 122 61.58 -52.25 -51.28
C ARG A 122 60.12 -52.07 -50.87
N ALA A 123 59.79 -50.89 -50.32
CA ALA A 123 58.40 -50.58 -49.99
C ALA A 123 57.52 -50.56 -51.22
N LEU A 124 58.04 -50.03 -52.33
CA LEU A 124 57.31 -50.03 -53.59
C LEU A 124 57.06 -51.46 -54.07
N ARG A 125 58.05 -52.34 -53.93
CA ARG A 125 57.84 -53.73 -54.33
C ARG A 125 56.85 -54.44 -53.40
N ALA A 126 56.84 -54.08 -52.11
CA ALA A 126 55.83 -54.61 -51.21
C ALA A 126 54.43 -54.17 -51.63
N ILE A 127 54.30 -52.88 -51.99
CA ILE A 127 53.02 -52.37 -52.47
C ILE A 127 52.59 -53.07 -53.74
N ARG A 128 53.54 -53.32 -54.66
CA ARG A 128 53.19 -53.96 -55.92
C ARG A 128 52.85 -55.44 -55.73
N VAL A 129 53.32 -56.08 -54.66
CA VAL A 129 52.93 -57.46 -54.41
C VAL A 129 51.76 -57.58 -53.43
N LEU A 130 51.23 -56.46 -52.91
CA LEU A 130 49.90 -56.52 -52.30
C LEU A 130 48.74 -56.28 -53.26
N ARG A 131 48.99 -55.78 -54.47
CA ARG A 131 47.92 -55.52 -55.41
C ARG A 131 47.71 -56.68 -56.38
N ARG A 132 47.88 -57.92 -55.90
CA ARG A 132 47.48 -59.06 -56.71
C ARG A 132 45.96 -59.19 -56.77
N LEU A 133 45.27 -58.64 -55.78
CA LEU A 133 43.81 -58.74 -55.70
C LEU A 133 43.18 -57.38 -55.96
N SER A 134 42.22 -57.34 -56.89
CA SER A 134 41.29 -56.23 -57.08
C SER A 134 42.01 -54.91 -57.34
N ILE A 135 42.68 -54.84 -58.49
CA ILE A 135 43.21 -53.56 -58.97
C ILE A 135 42.10 -52.69 -59.52
N LEU A 136 40.91 -53.27 -59.75
CA LEU A 136 39.71 -52.72 -60.38
C LEU A 136 39.89 -52.62 -61.89
N THR A 137 38.89 -53.08 -62.63
CA THR A 137 39.01 -53.25 -64.08
C THR A 137 38.92 -51.93 -64.85
N SER A 138 38.26 -50.92 -64.29
CA SER A 138 38.12 -49.66 -65.01
C SER A 138 39.47 -48.98 -65.20
N LEU A 139 40.25 -48.83 -64.11
CA LEU A 139 41.59 -48.28 -64.24
C LEU A 139 42.54 -49.25 -64.92
N HIS A 140 42.28 -50.56 -64.85
CA HIS A 140 43.02 -51.50 -65.70
C HIS A 140 42.87 -51.16 -67.17
N GLU A 141 41.63 -50.96 -67.64
CA GLU A 141 41.40 -50.62 -69.03
C GLU A 141 41.98 -49.26 -69.37
N VAL A 142 41.86 -48.30 -68.45
CA VAL A 142 42.40 -46.97 -68.68
C VAL A 142 43.92 -47.02 -68.84
N ALA A 143 44.61 -47.76 -67.98
CA ALA A 143 46.06 -47.87 -68.08
C ALA A 143 46.49 -48.69 -69.29
N GLY A 144 45.71 -49.72 -69.65
CA GLY A 144 46.03 -50.49 -70.83
C GLY A 144 45.90 -49.70 -72.10
N THR A 145 44.88 -48.85 -72.20
CA THR A 145 44.77 -47.93 -73.32
C THR A 145 45.81 -46.82 -73.24
N LEU A 146 46.28 -46.50 -72.03
CA LEU A 146 47.36 -45.52 -71.88
C LEU A 146 48.68 -46.08 -72.40
N SER A 147 48.94 -47.37 -72.16
CA SER A 147 50.19 -48.00 -72.52
C SER A 147 50.23 -48.48 -73.97
N GLY A 148 49.14 -48.28 -74.72
CA GLY A 148 49.11 -48.74 -76.10
C GLY A 148 50.08 -48.01 -77.00
N SER A 149 50.15 -46.69 -76.87
CA SER A 149 50.99 -45.86 -77.75
C SER A 149 52.33 -45.58 -77.10
N LEU A 150 53.10 -46.65 -76.92
CA LEU A 150 54.45 -46.57 -76.37
C LEU A 150 55.52 -46.13 -77.38
N PRO A 151 55.60 -46.70 -78.60
CA PRO A 151 56.66 -46.25 -79.52
C PRO A 151 56.55 -44.78 -79.90
N SER A 152 55.34 -44.24 -80.04
CA SER A 152 55.17 -42.84 -80.40
C SER A 152 55.72 -41.92 -79.32
N ILE A 153 55.34 -42.18 -78.06
CA ILE A 153 55.79 -41.30 -76.98
C ILE A 153 57.29 -41.47 -76.74
N THR A 154 57.83 -42.69 -76.93
CA THR A 154 59.27 -42.85 -76.79
C THR A 154 60.02 -42.09 -77.89
N ALA A 155 59.51 -42.11 -79.12
CA ALA A 155 60.12 -41.33 -80.18
C ALA A 155 60.04 -39.84 -79.89
N ILE A 156 58.91 -39.37 -79.38
CA ILE A 156 58.75 -37.95 -79.08
C ILE A 156 59.69 -37.52 -77.96
N LEU A 157 59.83 -38.35 -76.91
CA LEU A 157 60.76 -37.98 -75.84
C LEU A 157 62.20 -38.09 -76.28
N THR A 158 62.52 -38.99 -77.21
CA THR A 158 63.87 -39.02 -77.78
C THR A 158 64.15 -37.73 -78.57
N LEU A 159 63.17 -37.27 -79.36
CA LEU A 159 63.32 -36.00 -80.06
C LEU A 159 63.48 -34.85 -79.08
N MET A 160 62.71 -34.87 -77.98
CA MET A 160 62.86 -33.86 -76.93
C MET A 160 64.26 -33.89 -76.34
N PHE A 161 64.80 -35.08 -76.09
CA PHE A 161 66.13 -35.20 -75.52
C PHE A 161 67.18 -34.65 -76.47
N THR A 162 67.07 -34.97 -77.76
CA THR A 162 68.02 -34.45 -78.74
C THR A 162 67.95 -32.94 -78.85
N CYS A 163 66.73 -32.39 -78.91
CA CYS A 163 66.58 -30.93 -79.01
C CYS A 163 67.08 -30.23 -77.76
N LEU A 164 66.78 -30.79 -76.58
CA LEU A 164 67.23 -30.19 -75.33
C LEU A 164 68.74 -30.24 -75.20
N PHE A 165 69.36 -31.35 -75.60
CA PHE A 165 70.82 -31.44 -75.57
C PHE A 165 71.47 -30.45 -76.52
N LEU A 166 70.91 -30.31 -77.74
CA LEU A 166 71.45 -29.35 -78.69
C LEU A 166 71.32 -27.93 -78.19
N PHE A 167 70.15 -27.59 -77.61
CA PHE A 167 69.95 -26.26 -77.07
C PHE A 167 70.87 -25.99 -75.89
N SER A 168 71.07 -26.98 -75.03
CA SER A 168 72.00 -26.82 -73.90
C SER A 168 73.43 -26.60 -74.41
N VAL A 169 73.83 -27.35 -75.43
CA VAL A 169 75.18 -27.21 -75.97
C VAL A 169 75.37 -25.82 -76.57
N VAL A 170 74.41 -25.36 -77.38
CA VAL A 170 74.57 -24.05 -78.01
C VAL A 170 74.48 -22.92 -76.98
N LEU A 171 73.67 -23.10 -75.93
CA LEU A 171 73.57 -22.06 -74.92
C LEU A 171 74.84 -21.98 -74.07
N ARG A 172 75.35 -23.13 -73.61
CA ARG A 172 76.61 -23.14 -72.87
C ARG A 172 77.77 -22.64 -73.72
N ALA A 173 77.73 -22.92 -75.02
CA ALA A 173 78.71 -22.34 -75.93
C ALA A 173 78.57 -20.83 -76.00
N LEU A 174 77.34 -20.32 -75.99
CA LEU A 174 77.09 -18.89 -76.05
C LEU A 174 77.12 -18.22 -74.69
N PHE A 175 77.25 -18.98 -73.60
CA PHE A 175 77.29 -18.43 -72.25
C PHE A 175 78.69 -18.42 -71.65
N GLN A 176 79.72 -18.56 -72.48
CA GLN A 176 81.09 -18.59 -71.98
C GLN A 176 81.51 -17.18 -71.54
N ASP A 177 81.99 -17.07 -70.30
CA ASP A 177 82.40 -15.81 -69.69
C ASP A 177 81.27 -14.78 -69.74
N SER A 178 80.06 -15.24 -69.42
CA SER A 178 78.83 -14.45 -69.45
C SER A 178 78.06 -14.65 -68.15
N ASP A 179 78.76 -14.44 -67.02
CA ASP A 179 78.41 -14.79 -65.64
C ASP A 179 77.78 -16.18 -65.60
N PRO A 180 78.58 -17.24 -65.79
CA PRO A 180 78.03 -18.59 -65.89
C PRO A 180 77.86 -19.28 -64.55
N LYS A 181 77.84 -18.51 -63.45
CA LYS A 181 77.76 -19.09 -62.11
C LYS A 181 76.51 -19.94 -61.93
N ARG A 182 75.43 -19.64 -62.64
CA ARG A 182 74.23 -20.47 -62.57
C ARG A 182 74.37 -21.76 -63.36
N PHE A 183 75.16 -21.75 -64.44
CA PHE A 183 75.27 -22.90 -65.34
C PHE A 183 76.74 -23.18 -65.66
N GLN A 184 77.57 -23.28 -64.63
CA GLN A 184 79.00 -23.48 -64.82
C GLN A 184 79.37 -24.88 -65.32
N ASN A 185 78.47 -25.85 -65.21
CA ASN A 185 78.78 -27.21 -65.66
C ASN A 185 77.64 -27.81 -66.47
N ILE A 186 77.77 -29.10 -66.82
CA ILE A 186 76.79 -29.74 -67.67
C ILE A 186 75.47 -29.94 -66.94
N PHE A 187 75.52 -30.32 -65.66
CA PHE A 187 74.30 -30.57 -64.90
C PHE A 187 73.49 -29.30 -64.73
N THR A 188 74.15 -28.21 -64.36
CA THR A 188 73.45 -26.94 -64.19
C THR A 188 72.95 -26.39 -65.52
N THR A 189 73.70 -26.61 -66.60
CA THR A 189 73.25 -26.18 -67.93
C THR A 189 71.97 -26.92 -68.34
N LEU A 190 71.95 -28.25 -68.15
CA LEU A 190 70.76 -29.01 -68.50
C LEU A 190 69.59 -28.68 -67.57
N PHE A 191 69.87 -28.39 -66.30
CA PHE A 191 68.80 -28.00 -65.39
C PHE A 191 68.22 -26.63 -65.77
N THR A 192 69.07 -25.68 -66.15
CA THR A 192 68.57 -24.39 -66.61
C THR A 192 67.78 -24.54 -67.91
N LEU A 193 68.21 -25.44 -68.80
CA LEU A 193 67.43 -25.73 -70.00
C LEU A 193 66.08 -26.34 -69.65
N PHE A 194 66.05 -27.17 -68.60
CA PHE A 194 64.78 -27.69 -68.09
C PHE A 194 63.89 -26.56 -67.58
N THR A 195 64.48 -25.58 -66.89
CA THR A 195 63.70 -24.44 -66.41
C THR A 195 63.12 -23.62 -67.55
N MET A 196 63.91 -23.37 -68.59
CA MET A 196 63.36 -22.70 -69.77
C MET A 196 62.29 -23.53 -70.46
N LEU A 197 62.46 -24.86 -70.50
CA LEU A 197 61.47 -25.73 -71.09
C LEU A 197 60.18 -25.80 -70.28
N THR A 198 60.24 -25.51 -68.99
CA THR A 198 59.09 -25.69 -68.10
C THR A 198 58.51 -24.37 -67.60
N LEU A 199 58.74 -23.28 -68.34
CA LEU A 199 58.14 -21.96 -68.07
C LEU A 199 58.47 -21.45 -66.67
N ASP A 200 59.72 -21.60 -66.24
CA ASP A 200 60.11 -21.26 -64.88
C ASP A 200 61.13 -20.11 -64.93
N ASP A 201 60.61 -18.88 -64.79
CA ASP A 201 61.42 -17.67 -64.63
C ASP A 201 62.34 -17.43 -65.82
N TRP A 202 61.87 -17.75 -67.04
CA TRP A 202 62.62 -17.34 -68.21
C TRP A 202 62.43 -15.86 -68.51
N SER A 203 61.34 -15.26 -68.04
CA SER A 203 61.24 -13.81 -68.03
C SER A 203 62.24 -13.21 -67.05
N LEU A 204 62.48 -13.91 -65.93
CA LEU A 204 63.56 -13.50 -65.02
C LEU A 204 64.92 -13.65 -65.69
N ILE A 205 65.08 -14.68 -66.53
CA ILE A 205 66.29 -14.82 -67.33
C ILE A 205 66.44 -13.63 -68.26
N TYR A 206 65.34 -13.20 -68.88
CA TYR A 206 65.39 -12.03 -69.76
C TYR A 206 65.78 -10.77 -68.98
N ILE A 207 65.19 -10.56 -67.80
CA ILE A 207 65.44 -9.30 -67.10
C ILE A 207 66.84 -9.27 -66.48
N ASP A 208 67.39 -10.39 -66.04
CA ASP A 208 68.75 -10.35 -65.52
C ASP A 208 69.80 -10.58 -66.61
N ASN A 209 69.38 -10.88 -67.85
CA ASN A 209 70.29 -10.81 -68.97
C ASN A 209 70.31 -9.40 -69.59
N ARG A 210 69.21 -8.66 -69.43
CA ARG A 210 69.21 -7.26 -69.83
C ARG A 210 70.17 -6.45 -68.97
N ALA A 211 70.35 -6.83 -67.71
CA ALA A 211 71.36 -6.20 -66.86
C ALA A 211 72.77 -6.49 -67.34
N GLN A 212 72.97 -7.56 -68.12
CA GLN A 212 74.26 -7.87 -68.69
C GLN A 212 74.46 -7.10 -69.99
N GLY A 213 75.49 -7.43 -70.74
CA GLY A 213 75.79 -6.73 -71.97
C GLY A 213 75.36 -7.43 -73.24
N ALA A 214 74.88 -8.67 -73.10
CA ALA A 214 74.43 -9.45 -74.26
C ALA A 214 72.92 -9.33 -74.41
N TRP A 215 72.47 -9.02 -75.62
CA TRP A 215 71.05 -8.85 -75.88
C TRP A 215 70.48 -9.80 -76.92
N TYR A 216 71.27 -10.25 -77.91
CA TYR A 216 70.75 -11.17 -78.93
C TYR A 216 70.49 -12.56 -78.38
N ILE A 217 71.11 -12.90 -77.25
CA ILE A 217 70.84 -14.18 -76.61
C ILE A 217 69.39 -14.29 -76.16
N ILE A 218 68.71 -13.15 -75.93
CA ILE A 218 67.31 -13.19 -75.56
C ILE A 218 66.47 -13.59 -76.78
N PRO A 219 66.63 -13.00 -77.99
CA PRO A 219 65.94 -13.59 -79.15
C PRO A 219 66.27 -15.04 -79.42
N ILE A 220 67.54 -15.44 -79.28
CA ILE A 220 67.90 -16.84 -79.52
C ILE A 220 67.16 -17.75 -78.55
N LEU A 221 67.20 -17.41 -77.26
CA LEU A 221 66.55 -18.19 -76.22
C LEU A 221 65.05 -18.25 -76.42
N MET A 222 64.42 -17.13 -76.77
CA MET A 222 62.97 -17.12 -76.82
C MET A 222 62.46 -17.85 -78.06
N ILE A 223 63.17 -17.75 -79.19
CA ILE A 223 62.73 -18.50 -80.37
C ILE A 223 62.91 -20.00 -80.14
N TYR A 224 64.02 -20.39 -79.49
CA TYR A 224 64.19 -21.80 -79.15
C TYR A 224 63.09 -22.27 -78.20
N ILE A 225 62.77 -21.45 -77.20
CA ILE A 225 61.77 -21.80 -76.20
C ILE A 225 60.42 -22.01 -76.86
N VAL A 226 60.01 -21.07 -77.72
CA VAL A 226 58.67 -21.17 -78.30
C VAL A 226 58.58 -22.35 -79.25
N ILE A 227 59.63 -22.60 -80.08
CA ILE A 227 59.53 -23.71 -81.01
C ILE A 227 59.50 -25.05 -80.27
N GLN A 228 60.39 -25.24 -79.28
CA GLN A 228 60.41 -26.53 -78.60
C GLN A 228 59.16 -26.72 -77.75
N TYR A 229 58.70 -25.67 -77.07
CA TYR A 229 57.50 -25.74 -76.24
C TYR A 229 56.29 -26.14 -77.07
N PHE A 230 56.01 -25.36 -78.14
CA PHE A 230 54.84 -25.62 -78.95
C PHE A 230 54.90 -26.98 -79.61
N ILE A 231 56.02 -27.29 -80.27
CA ILE A 231 56.14 -28.54 -81.02
C ILE A 231 55.99 -29.73 -80.10
N PHE A 232 56.73 -29.75 -78.98
CA PHE A 232 56.72 -30.93 -78.12
C PHE A 232 55.37 -31.11 -77.43
N LEU A 233 54.83 -30.05 -76.82
CA LEU A 233 53.57 -30.23 -76.10
C LEU A 233 52.43 -30.57 -77.05
N ASN A 234 52.37 -29.92 -78.22
CA ASN A 234 51.30 -30.22 -79.16
C ASN A 234 51.41 -31.65 -79.68
N LEU A 235 52.65 -32.11 -79.94
CA LEU A 235 52.84 -33.47 -80.41
C LEU A 235 52.38 -34.49 -79.37
N VAL A 236 52.77 -34.31 -78.11
CA VAL A 236 52.38 -35.26 -77.07
C VAL A 236 50.87 -35.24 -76.85
N ILE A 237 50.27 -34.03 -76.81
CA ILE A 237 48.84 -33.90 -76.56
C ILE A 237 48.05 -34.60 -77.66
N ALA A 238 48.37 -34.29 -78.92
CA ALA A 238 47.63 -34.89 -80.03
C ALA A 238 47.86 -36.40 -80.11
N VAL A 239 49.09 -36.85 -79.84
CA VAL A 239 49.39 -38.28 -79.93
C VAL A 239 48.56 -39.06 -78.91
N LEU A 240 48.51 -38.57 -77.67
CA LEU A 240 47.72 -39.29 -76.66
C LEU A 240 46.22 -39.14 -76.90
N VAL A 241 45.79 -37.99 -77.44
CA VAL A 241 44.38 -37.80 -77.76
C VAL A 241 43.92 -38.83 -78.80
N ASP A 242 44.70 -38.99 -79.89
CA ASP A 242 44.32 -39.98 -80.88
C ASP A 242 44.51 -41.40 -80.35
N ASN A 243 45.49 -41.59 -79.45
CA ASN A 243 45.76 -42.89 -78.86
C ASN A 243 44.55 -43.42 -78.11
N PHE A 244 43.92 -42.57 -77.31
CA PHE A 244 42.66 -42.98 -76.71
C PHE A 244 41.48 -42.84 -77.67
N GLN A 245 41.64 -42.09 -78.76
CA GLN A 245 40.51 -41.86 -79.65
C GLN A 245 40.16 -43.08 -80.49
N MET A 246 41.15 -43.85 -80.96
CA MET A 246 40.72 -45.04 -81.70
C MET A 246 40.08 -46.06 -80.76
N ALA A 247 40.50 -46.10 -79.50
CA ALA A 247 39.81 -46.90 -78.49
C ALA A 247 38.41 -46.37 -78.22
N LEU A 248 38.24 -45.05 -78.29
CA LEU A 248 36.91 -44.45 -78.21
C LEU A 248 36.03 -44.93 -79.35
N LEU A 249 36.60 -45.02 -80.56
CA LEU A 249 35.84 -45.47 -81.72
C LEU A 249 35.43 -46.94 -81.61
N LYS A 250 36.10 -47.72 -80.75
CA LYS A 250 35.70 -49.09 -80.49
C LYS A 250 34.71 -49.12 -79.33
N GLY A 251 34.40 -50.32 -78.85
CA GLY A 251 33.47 -50.46 -77.74
C GLY A 251 34.14 -50.37 -76.38
N PRO B 1 86.57 -47.70 -110.49
CA PRO B 1 86.67 -46.85 -109.31
C PRO B 1 85.64 -45.71 -109.31
N LEU B 2 85.99 -44.60 -108.67
CA LEU B 2 85.18 -43.38 -108.60
C LEU B 2 83.82 -43.64 -107.98
N SER B 3 82.75 -43.57 -108.78
CA SER B 3 81.41 -43.78 -108.26
C SER B 3 81.20 -45.22 -107.81
N LEU B 4 81.86 -46.17 -108.48
CA LEU B 4 81.81 -47.56 -108.03
C LEU B 4 82.41 -47.71 -106.64
N TRP B 5 83.48 -46.97 -106.36
CA TRP B 5 84.08 -47.03 -105.03
C TRP B 5 83.16 -46.42 -103.98
N ALA B 6 82.45 -45.34 -104.31
CA ALA B 6 81.48 -44.78 -103.39
C ALA B 6 80.36 -45.77 -103.11
N GLY B 7 79.88 -46.45 -104.16
CA GLY B 7 78.86 -47.47 -103.97
C GLY B 7 79.34 -48.63 -103.11
N TRP B 8 80.61 -49.03 -103.29
CA TRP B 8 81.14 -50.13 -102.50
C TRP B 8 81.33 -49.75 -101.04
N VAL B 9 81.86 -48.55 -100.78
CA VAL B 9 82.08 -48.14 -99.39
C VAL B 9 80.76 -47.79 -98.71
N LEU B 10 79.71 -47.46 -99.46
CA LEU B 10 78.40 -47.33 -98.85
C LEU B 10 77.72 -48.68 -98.65
N ASP B 11 78.06 -49.67 -99.49
CA ASP B 11 77.50 -51.00 -99.36
C ASP B 11 78.13 -51.78 -98.20
N SER B 12 79.42 -51.60 -97.99
CA SER B 12 80.12 -52.35 -96.95
C SER B 12 79.71 -51.86 -95.57
N SER B 13 79.37 -52.82 -94.69
CA SER B 13 78.92 -52.49 -93.34
C SER B 13 80.06 -52.04 -92.44
N VAL B 14 81.30 -52.43 -92.73
CA VAL B 14 82.43 -52.04 -91.90
C VAL B 14 82.67 -50.54 -91.97
N PHE B 15 82.58 -49.96 -93.17
CA PHE B 15 82.75 -48.52 -93.32
C PHE B 15 81.65 -47.75 -92.62
N SER B 16 80.41 -48.22 -92.73
CA SER B 16 79.28 -47.56 -92.06
C SER B 16 79.42 -47.63 -90.55
N LYS B 17 79.82 -48.80 -90.03
CA LYS B 17 80.04 -48.94 -88.60
C LYS B 17 81.16 -48.03 -88.13
N PHE B 18 82.25 -47.95 -88.90
CA PHE B 18 83.36 -47.08 -88.53
C PHE B 18 82.94 -45.62 -88.51
N ILE B 19 82.19 -45.16 -89.52
CA ILE B 19 81.84 -43.74 -89.56
C ILE B 19 80.82 -43.39 -88.48
N ILE B 20 79.87 -44.29 -88.19
CA ILE B 20 78.92 -43.97 -87.11
C ILE B 20 79.61 -44.02 -85.74
N SER B 21 80.57 -44.94 -85.56
CA SER B 21 81.35 -44.96 -84.33
C SER B 21 82.15 -43.69 -84.16
N LEU B 22 82.77 -43.21 -85.25
CA LEU B 22 83.50 -41.96 -85.20
C LEU B 22 82.57 -40.79 -84.90
N ILE B 23 81.35 -40.82 -85.45
CA ILE B 23 80.41 -39.72 -85.23
C ILE B 23 80.00 -39.65 -83.76
N PHE B 24 79.60 -40.77 -83.16
CA PHE B 24 79.18 -40.65 -81.77
C PHE B 24 80.38 -40.50 -80.82
N LEU B 25 81.56 -40.98 -81.20
CA LEU B 25 82.76 -40.68 -80.41
C LEU B 25 83.06 -39.19 -80.43
N ASN B 26 82.91 -38.54 -81.58
CA ASN B 26 83.11 -37.09 -81.66
C ASN B 26 82.07 -36.34 -80.83
N THR B 27 80.81 -36.77 -80.89
CA THR B 27 79.78 -36.10 -80.10
C THR B 27 80.01 -36.26 -78.61
N PHE B 28 80.49 -37.43 -78.17
CA PHE B 28 80.76 -37.63 -76.76
C PHE B 28 82.01 -36.85 -76.32
N VAL B 29 83.05 -36.85 -77.14
CA VAL B 29 84.31 -36.19 -76.79
C VAL B 29 84.15 -34.68 -76.79
N LEU B 30 83.24 -34.15 -77.63
CA LEU B 30 83.18 -32.72 -77.92
C LEU B 30 82.90 -31.89 -76.68
N MET B 31 81.97 -32.33 -75.83
CA MET B 31 81.62 -31.55 -74.65
C MET B 31 82.65 -31.66 -73.54
N VAL B 32 83.51 -32.68 -73.58
CA VAL B 32 84.47 -32.91 -72.50
C VAL B 32 85.54 -31.82 -72.50
N GLU B 33 86.03 -31.42 -73.67
CA GLU B 33 87.18 -30.52 -73.76
C GLU B 33 86.88 -29.12 -73.24
N ILE B 34 85.62 -28.67 -73.26
CA ILE B 34 85.29 -27.35 -72.76
C ILE B 34 85.19 -27.31 -71.24
N GLU B 35 85.19 -28.48 -70.57
CA GLU B 35 85.05 -28.52 -69.13
C GLU B 35 86.29 -27.96 -68.43
N LEU B 36 87.49 -28.32 -68.90
CA LEU B 36 88.71 -27.89 -68.25
C LEU B 36 89.81 -27.70 -69.28
N MET B 37 90.45 -26.53 -69.25
CA MET B 37 91.62 -26.23 -70.05
C MET B 37 92.66 -25.55 -69.16
N GLU B 38 92.90 -26.14 -67.99
CA GLU B 38 93.83 -25.59 -67.01
C GLU B 38 94.84 -26.64 -66.58
N SER B 39 95.66 -26.31 -65.57
CA SER B 39 96.68 -27.21 -65.06
C SER B 39 96.19 -28.00 -63.85
N THR B 40 94.89 -28.29 -63.78
CA THR B 40 94.36 -29.08 -62.68
C THR B 40 94.91 -30.51 -62.70
N ASN B 41 95.05 -31.09 -63.90
CA ASN B 41 95.63 -32.41 -64.07
C ASN B 41 96.70 -32.31 -65.16
N THR B 42 97.97 -32.25 -64.74
CA THR B 42 99.06 -32.12 -65.69
C THR B 42 99.25 -33.37 -66.53
N ALA B 43 99.02 -34.55 -65.95
CA ALA B 43 99.21 -35.79 -66.69
C ALA B 43 98.15 -35.98 -67.77
N LEU B 44 96.97 -35.37 -67.59
CA LEU B 44 95.89 -35.48 -68.55
C LEU B 44 95.89 -34.36 -69.59
N TRP B 45 96.79 -33.37 -69.44
CA TRP B 45 96.83 -32.27 -70.40
C TRP B 45 97.26 -32.71 -71.79
N PRO B 46 98.39 -33.46 -72.00
CA PRO B 46 98.73 -33.86 -73.37
C PRO B 46 97.74 -34.83 -74.00
N VAL B 47 97.12 -35.70 -73.19
CA VAL B 47 96.15 -36.62 -73.77
C VAL B 47 94.83 -35.90 -74.08
N LYS B 48 94.53 -34.82 -73.36
CA LYS B 48 93.38 -34.01 -73.76
C LYS B 48 93.66 -33.24 -75.04
N LEU B 49 94.89 -32.75 -75.21
CA LEU B 49 95.26 -32.19 -76.50
C LEU B 49 95.23 -33.24 -77.60
N ALA B 50 95.55 -34.50 -77.26
CA ALA B 50 95.42 -35.59 -78.23
C ALA B 50 93.97 -35.86 -78.58
N LEU B 51 93.05 -35.71 -77.62
CA LEU B 51 91.63 -35.84 -77.95
C LEU B 51 91.15 -34.70 -78.85
N GLU B 52 91.63 -33.47 -78.59
CA GLU B 52 91.31 -32.36 -79.47
C GLU B 52 91.89 -32.56 -80.88
N VAL B 53 93.08 -33.14 -80.97
CA VAL B 53 93.62 -33.42 -82.30
C VAL B 53 92.99 -34.65 -82.92
N ALA B 54 92.35 -35.51 -82.13
CA ALA B 54 91.47 -36.52 -82.71
C ALA B 54 90.22 -35.88 -83.31
N ASP B 55 89.75 -34.79 -82.71
CA ASP B 55 88.70 -34.00 -83.35
C ASP B 55 89.19 -33.38 -84.65
N TRP B 56 90.44 -32.88 -84.66
CA TRP B 56 91.01 -32.42 -85.94
C TRP B 56 91.13 -33.56 -86.95
N PHE B 57 91.46 -34.76 -86.48
CA PHE B 57 91.51 -35.93 -87.35
C PHE B 57 90.12 -36.28 -87.87
N ILE B 58 89.07 -36.02 -87.07
CA ILE B 58 87.72 -36.28 -87.55
C ILE B 58 87.34 -35.23 -88.60
N LEU B 59 87.90 -34.02 -88.49
CA LEU B 59 87.73 -33.06 -89.59
C LEU B 59 88.47 -33.51 -90.85
N LEU B 60 89.65 -34.12 -90.69
CA LEU B 60 90.32 -34.71 -91.84
C LEU B 60 89.52 -35.87 -92.42
N SER B 61 88.83 -36.63 -91.56
CA SER B 61 87.92 -37.67 -92.03
C SER B 61 86.74 -37.08 -92.79
N PHE B 62 86.26 -35.91 -92.37
CA PHE B 62 85.25 -35.21 -93.16
C PHE B 62 85.82 -34.74 -94.50
N ILE B 63 87.11 -34.37 -94.53
CA ILE B 63 87.75 -33.99 -95.78
C ILE B 63 87.78 -35.18 -96.75
N VAL B 64 88.19 -36.35 -96.26
CA VAL B 64 88.19 -37.51 -97.15
C VAL B 64 86.77 -37.98 -97.44
N GLU B 65 85.80 -37.66 -96.57
CA GLU B 65 84.40 -37.95 -96.86
C GLU B 65 83.90 -37.12 -98.02
N ILE B 66 84.20 -35.81 -98.04
CA ILE B 66 83.81 -35.01 -99.20
C ILE B 66 84.64 -35.36 -100.42
N LEU B 67 85.84 -35.92 -100.24
CA LEU B 67 86.57 -36.50 -101.36
C LEU B 67 85.81 -37.68 -101.95
N LEU B 68 85.24 -38.53 -101.10
CA LEU B 68 84.35 -39.59 -101.57
C LEU B 68 83.09 -39.02 -102.22
N MET B 69 82.61 -37.88 -101.71
CA MET B 69 81.44 -37.23 -102.33
C MET B 69 81.77 -36.67 -103.71
N TRP B 70 83.03 -36.32 -103.96
CA TRP B 70 83.40 -35.92 -105.32
C TRP B 70 83.34 -37.11 -106.28
N LEU B 71 83.50 -38.33 -105.77
CA LEU B 71 83.36 -39.51 -106.60
C LEU B 71 81.92 -39.73 -107.06
N ALA B 72 80.97 -39.06 -106.42
CA ALA B 72 79.57 -39.07 -106.83
C ALA B 72 79.37 -38.11 -108.00
N SER B 73 78.13 -37.73 -108.28
CA SER B 73 77.78 -36.93 -109.46
C SER B 73 78.43 -35.55 -109.52
N PHE B 74 79.22 -35.20 -108.51
CA PHE B 74 80.11 -34.04 -108.52
C PHE B 74 79.36 -32.73 -108.69
N SER B 75 79.26 -32.24 -109.92
CA SER B 75 78.61 -30.96 -110.17
C SER B 75 77.10 -31.03 -109.98
N LEU B 76 76.51 -32.22 -110.16
CA LEU B 76 75.06 -32.36 -109.98
C LEU B 76 74.68 -32.31 -108.51
N PHE B 77 75.57 -32.74 -107.61
CA PHE B 77 75.28 -32.76 -106.18
C PHE B 77 75.28 -31.38 -105.55
N TRP B 78 75.71 -30.34 -106.27
CA TRP B 78 75.77 -29.00 -105.69
C TRP B 78 74.38 -28.42 -105.42
N LYS B 79 73.34 -28.92 -106.09
CA LYS B 79 71.96 -28.51 -105.84
C LYS B 79 71.14 -29.78 -105.68
N ASP B 80 70.81 -30.12 -104.43
CA ASP B 80 70.16 -31.39 -104.13
C ASP B 80 69.30 -31.22 -102.89
N ALA B 81 68.93 -32.34 -102.27
CA ALA B 81 68.16 -32.38 -101.04
C ALA B 81 69.02 -32.07 -99.83
N TRP B 82 68.54 -32.41 -98.63
CA TRP B 82 69.25 -32.13 -97.37
C TRP B 82 70.69 -32.63 -97.34
N ASN B 83 71.08 -33.51 -98.27
CA ASN B 83 72.49 -33.88 -98.41
C ASN B 83 73.35 -32.67 -98.75
N VAL B 84 72.82 -31.72 -99.53
CA VAL B 84 73.59 -30.49 -99.78
C VAL B 84 73.68 -29.65 -98.52
N PHE B 85 72.68 -29.71 -97.64
CA PHE B 85 72.79 -29.05 -96.34
C PHE B 85 73.87 -29.71 -95.50
N ASP B 86 73.97 -31.04 -95.56
CA ASP B 86 75.06 -31.74 -94.87
C ASP B 86 76.42 -31.33 -95.43
N PHE B 87 76.51 -31.19 -96.75
CA PHE B 87 77.76 -30.74 -97.37
C PHE B 87 78.13 -29.33 -96.90
N PHE B 88 77.14 -28.44 -96.84
CA PHE B 88 77.39 -27.08 -96.36
C PHE B 88 77.83 -27.07 -94.90
N VAL B 89 77.21 -27.93 -94.08
CA VAL B 89 77.58 -28.01 -92.67
C VAL B 89 79.00 -28.55 -92.51
N THR B 90 79.37 -29.53 -93.33
CA THR B 90 80.75 -30.04 -93.29
C THR B 90 81.75 -28.99 -93.75
N LEU B 91 81.38 -28.16 -94.73
CA LEU B 91 82.24 -27.04 -95.12
C LEU B 91 82.39 -26.05 -93.96
N LEU B 92 81.28 -25.74 -93.29
CA LEU B 92 81.33 -24.82 -92.15
C LEU B 92 82.07 -25.42 -90.97
N SER B 93 82.17 -26.76 -90.91
CA SER B 93 82.91 -27.43 -89.85
C SER B 93 84.39 -27.58 -90.18
N LEU B 94 84.76 -27.57 -91.46
CA LEU B 94 86.15 -27.48 -91.84
C LEU B 94 86.66 -26.04 -91.89
N LEU B 95 85.75 -25.06 -91.89
CA LEU B 95 86.15 -23.66 -91.80
C LEU B 95 86.96 -23.29 -90.55
N PRO B 96 86.65 -23.75 -89.33
CA PRO B 96 87.44 -23.31 -88.16
C PRO B 96 88.92 -23.64 -88.23
N GLU B 97 89.32 -24.73 -88.89
CA GLU B 97 90.74 -24.98 -89.09
C GLU B 97 91.39 -23.86 -89.90
N LEU B 98 90.71 -23.39 -90.94
CA LEU B 98 91.21 -22.28 -91.73
C LEU B 98 91.23 -20.98 -90.92
N VAL B 99 90.19 -20.73 -90.12
CA VAL B 99 90.13 -19.46 -89.38
C VAL B 99 91.01 -19.46 -88.15
N VAL B 100 91.54 -20.60 -87.73
CA VAL B 100 92.58 -20.60 -86.70
C VAL B 100 93.98 -20.72 -87.29
N LEU B 101 94.11 -21.18 -88.54
CA LEU B 101 95.42 -21.18 -89.19
C LEU B 101 95.82 -19.80 -89.68
N LEU B 102 94.84 -18.95 -90.03
CA LEU B 102 95.16 -17.63 -90.57
C LEU B 102 94.34 -16.49 -89.97
N GLY B 103 93.30 -16.76 -89.18
CA GLY B 103 92.43 -15.69 -88.72
C GLY B 103 92.77 -15.12 -87.36
N VAL B 104 93.63 -15.80 -86.61
CA VAL B 104 94.04 -15.42 -85.26
C VAL B 104 92.80 -15.22 -84.39
N PRO B 105 92.13 -16.29 -83.95
CA PRO B 105 90.79 -16.14 -83.34
C PRO B 105 90.78 -15.48 -81.97
N ALA B 106 91.37 -14.29 -81.85
CA ALA B 106 91.17 -13.42 -80.69
C ALA B 106 90.12 -12.35 -81.02
N HIS B 107 88.93 -12.80 -81.41
CA HIS B 107 87.92 -11.90 -81.95
C HIS B 107 86.55 -12.57 -81.79
N SER B 108 85.56 -12.09 -82.52
CA SER B 108 84.26 -12.75 -82.63
C SER B 108 84.46 -14.01 -83.47
N VAL B 109 84.87 -15.08 -82.80
CA VAL B 109 85.33 -16.29 -83.48
C VAL B 109 84.17 -16.98 -84.19
N TRP B 110 83.03 -17.14 -83.48
CA TRP B 110 81.84 -17.84 -83.95
C TRP B 110 82.13 -19.29 -84.32
N LEU B 111 83.19 -19.88 -83.74
CA LEU B 111 83.43 -21.31 -83.87
C LEU B 111 82.36 -22.13 -83.16
N GLN B 112 81.71 -21.54 -82.15
CA GLN B 112 80.70 -22.25 -81.38
C GLN B 112 79.48 -22.57 -82.24
N LEU B 113 79.08 -21.63 -83.10
CA LEU B 113 77.94 -21.86 -83.98
C LEU B 113 78.23 -22.97 -84.99
N LEU B 114 79.43 -22.97 -85.58
CA LEU B 114 79.79 -24.04 -86.50
C LEU B 114 79.93 -25.37 -85.80
N ARG B 115 80.41 -25.36 -84.55
CA ARG B 115 80.51 -26.58 -83.75
C ARG B 115 79.14 -27.16 -83.47
N VAL B 116 78.18 -26.32 -83.07
CA VAL B 116 76.84 -26.83 -82.82
C VAL B 116 76.14 -27.20 -84.14
N CYS B 117 76.54 -26.59 -85.26
CA CYS B 117 75.98 -27.00 -86.54
C CYS B 117 76.47 -28.40 -86.95
N ARG B 118 77.76 -28.67 -86.74
CA ARG B 118 78.27 -30.00 -87.06
C ARG B 118 77.76 -31.04 -86.08
N VAL B 119 77.45 -30.64 -84.84
CA VAL B 119 76.79 -31.56 -83.91
C VAL B 119 75.34 -31.81 -84.35
N LEU B 120 74.67 -30.77 -84.84
CA LEU B 120 73.31 -30.91 -85.37
C LEU B 120 73.29 -31.89 -86.54
N ARG B 121 74.26 -31.78 -87.44
CA ARG B 121 74.37 -32.74 -88.53
C ARG B 121 74.72 -34.13 -88.01
N SER B 122 75.57 -34.20 -86.97
CA SER B 122 75.94 -35.48 -86.38
C SER B 122 74.76 -36.13 -85.66
N LEU B 123 73.92 -35.33 -85.01
CA LEU B 123 72.75 -35.86 -84.33
C LEU B 123 71.59 -36.16 -85.30
N LYS B 124 71.73 -35.78 -86.57
CA LYS B 124 70.73 -36.14 -87.57
C LYS B 124 71.23 -37.18 -88.56
N LEU B 125 72.54 -37.31 -88.75
CA LEU B 125 73.12 -38.40 -89.54
C LEU B 125 73.55 -39.54 -88.64
N PHE B 126 72.58 -40.05 -87.87
CA PHE B 126 72.82 -41.10 -86.89
C PHE B 126 72.08 -42.39 -87.23
N ALA B 127 71.73 -42.59 -88.50
CA ALA B 127 70.93 -43.70 -88.98
C ALA B 127 69.58 -43.74 -88.24
N ARG B 128 68.79 -42.70 -88.52
CA ARG B 128 67.54 -42.46 -87.83
C ARG B 128 66.58 -43.64 -88.00
N PHE B 129 65.79 -43.90 -86.96
CA PHE B 129 64.88 -45.03 -86.98
C PHE B 129 63.62 -44.68 -87.76
N ARG B 130 62.88 -45.73 -88.13
CA ARG B 130 61.63 -45.53 -88.87
C ARG B 130 60.56 -44.90 -88.00
N GLN B 131 60.57 -45.17 -86.69
CA GLN B 131 59.65 -44.53 -85.78
C GLN B 131 59.89 -43.04 -85.69
N ILE B 132 61.16 -42.62 -85.72
CA ILE B 132 61.48 -41.20 -85.82
C ILE B 132 61.08 -40.66 -87.19
N LYS B 133 61.27 -41.47 -88.23
CA LYS B 133 61.03 -41.01 -89.59
C LYS B 133 59.55 -40.72 -89.85
N VAL B 134 58.66 -41.57 -89.34
CA VAL B 134 57.23 -41.36 -89.59
C VAL B 134 56.74 -40.12 -88.85
N ILE B 135 57.22 -39.89 -87.63
CA ILE B 135 56.79 -38.70 -86.90
C ILE B 135 57.43 -37.45 -87.50
N LEU B 136 58.62 -37.56 -88.09
CA LEU B 136 59.21 -36.42 -88.79
C LEU B 136 58.42 -36.09 -90.05
N LEU B 137 57.96 -37.11 -90.77
CA LEU B 137 57.10 -36.89 -91.93
C LEU B 137 55.78 -36.25 -91.53
N ALA B 138 55.21 -36.71 -90.41
CA ALA B 138 53.98 -36.11 -89.90
C ALA B 138 54.20 -34.65 -89.52
N LEU B 139 55.33 -34.34 -88.89
CA LEU B 139 55.63 -32.96 -88.50
C LEU B 139 55.82 -32.07 -89.72
N VAL B 140 56.54 -32.54 -90.75
CA VAL B 140 56.78 -31.69 -91.90
C VAL B 140 55.50 -31.51 -92.72
N ARG B 141 54.66 -32.54 -92.80
CA ARG B 141 53.40 -32.36 -93.52
C ARG B 141 52.42 -31.51 -92.71
N ALA B 142 52.52 -31.52 -91.39
CA ALA B 142 51.69 -30.65 -90.56
C ALA B 142 52.11 -29.19 -90.69
N LEU B 143 53.42 -28.92 -90.69
CA LEU B 143 53.86 -27.55 -90.90
C LEU B 143 53.65 -27.11 -92.34
N LYS B 144 53.57 -28.04 -93.29
CA LYS B 144 53.04 -27.72 -94.62
C LYS B 144 51.58 -27.32 -94.52
N SER B 145 50.79 -28.02 -93.70
CA SER B 145 49.41 -27.63 -93.46
C SER B 145 49.29 -26.35 -92.65
N MET B 146 50.34 -25.95 -91.94
CA MET B 146 50.34 -24.71 -91.18
C MET B 146 50.66 -23.56 -92.13
N THR B 147 49.66 -23.21 -92.95
CA THR B 147 49.83 -22.19 -93.98
C THR B 147 49.29 -20.82 -93.57
N PHE B 148 48.16 -20.77 -92.87
CA PHE B 148 47.53 -19.51 -92.51
C PHE B 148 47.45 -19.26 -91.01
N LEU B 149 47.63 -20.28 -90.17
CA LEU B 149 47.51 -20.07 -88.73
C LEU B 149 48.70 -19.30 -88.18
N LEU B 150 49.91 -19.57 -88.69
CA LEU B 150 51.07 -18.81 -88.25
C LEU B 150 51.00 -17.36 -88.73
N MET B 151 50.44 -17.13 -89.91
CA MET B 151 50.27 -15.76 -90.40
C MET B 151 49.29 -14.98 -89.51
N LEU B 152 48.16 -15.60 -89.15
CA LEU B 152 47.23 -14.95 -88.24
C LEU B 152 47.83 -14.77 -86.85
N LEU B 153 48.64 -15.73 -86.40
CA LEU B 153 49.31 -15.60 -85.12
C LEU B 153 50.26 -14.42 -85.10
N LEU B 154 51.11 -14.30 -86.12
CA LEU B 154 52.04 -13.18 -86.18
C LEU B 154 51.33 -11.86 -86.40
N ILE B 155 50.19 -11.85 -87.09
CA ILE B 155 49.51 -10.58 -87.31
C ILE B 155 48.74 -10.14 -86.06
N PHE B 156 48.21 -11.09 -85.28
CA PHE B 156 47.61 -10.74 -84.00
C PHE B 156 48.67 -10.28 -83.01
N PHE B 157 49.82 -10.95 -83.01
CA PHE B 157 50.99 -10.47 -82.27
C PHE B 157 51.36 -9.06 -82.66
N TYR B 158 51.43 -8.79 -83.97
CA TYR B 158 51.79 -7.47 -84.47
C TYR B 158 50.82 -6.41 -83.98
N ILE B 159 49.52 -6.62 -84.19
CA ILE B 159 48.55 -5.59 -83.86
C ILE B 159 48.48 -5.37 -82.36
N PHE B 160 48.48 -6.45 -81.56
CA PHE B 160 48.36 -6.28 -80.12
C PHE B 160 49.63 -5.70 -79.50
N ALA B 161 50.81 -6.10 -79.99
CA ALA B 161 52.05 -5.54 -79.48
C ALA B 161 52.17 -4.06 -79.82
N VAL B 162 51.92 -3.71 -81.08
CA VAL B 162 52.02 -2.31 -81.48
C VAL B 162 50.92 -1.46 -80.87
N THR B 163 49.80 -2.09 -80.47
CA THR B 163 48.80 -1.37 -79.68
C THR B 163 49.28 -1.14 -78.26
N GLY B 164 49.83 -2.18 -77.64
CA GLY B 164 50.27 -2.13 -76.26
C GLY B 164 51.60 -1.46 -76.02
N VAL B 165 52.28 -0.99 -77.07
CA VAL B 165 53.43 -0.12 -76.88
C VAL B 165 53.02 1.14 -76.11
N TYR B 166 52.12 1.93 -76.69
CA TYR B 166 51.63 3.15 -76.05
C TYR B 166 50.31 2.92 -75.33
N PHE B 167 50.24 1.90 -74.46
CA PHE B 167 49.15 1.77 -73.50
C PHE B 167 49.63 1.86 -72.06
N PHE B 168 50.62 1.06 -71.67
CA PHE B 168 51.31 1.31 -70.41
C PHE B 168 52.52 2.19 -70.64
N ARG B 169 52.29 3.30 -71.34
CA ARG B 169 53.31 4.29 -71.60
C ARG B 169 53.70 5.05 -70.35
N GLU B 170 52.92 4.95 -69.29
CA GLU B 170 53.27 5.57 -68.02
C GLU B 170 54.07 4.65 -67.14
N TYR B 171 54.45 3.46 -67.64
CA TYR B 171 55.21 2.54 -66.79
C TYR B 171 56.71 2.71 -66.97
N SER B 172 57.22 2.43 -68.17
CA SER B 172 58.64 2.62 -68.42
C SER B 172 59.00 4.09 -68.32
N ARG B 173 58.16 4.95 -68.84
CA ARG B 173 58.32 6.40 -68.73
C ARG B 173 57.68 6.90 -67.44
N SER B 174 58.22 6.41 -66.34
CA SER B 174 57.84 6.87 -65.01
C SER B 174 59.10 7.10 -64.20
N THR B 175 59.09 8.15 -63.37
CA THR B 175 60.25 8.54 -62.57
C THR B 175 60.24 7.91 -61.18
N ILE B 176 59.62 6.75 -61.03
CA ILE B 176 59.67 6.03 -59.76
C ILE B 176 61.03 5.38 -59.64
N GLU B 177 61.75 5.70 -58.56
CA GLU B 177 63.09 5.17 -58.37
C GLU B 177 63.09 3.66 -58.16
N GLY B 178 62.15 3.15 -57.36
CA GLY B 178 62.11 1.73 -57.08
C GLY B 178 61.22 0.96 -58.03
N LEU B 179 61.82 0.38 -59.08
CA LEU B 179 61.11 -0.42 -60.06
C LEU B 179 62.13 -1.35 -60.71
N GLU B 180 61.64 -2.50 -61.20
CA GLU B 180 62.53 -3.49 -61.78
C GLU B 180 62.04 -4.06 -63.10
N TYR B 181 60.82 -3.76 -63.55
CA TYR B 181 60.31 -4.21 -64.83
C TYR B 181 60.11 -3.05 -65.81
N ASN B 182 60.84 -1.96 -65.64
CA ASN B 182 60.63 -0.79 -66.49
C ASN B 182 61.08 -1.04 -67.93
N MET B 183 62.16 -1.81 -68.12
CA MET B 183 62.67 -2.07 -69.46
C MET B 183 61.76 -3.00 -70.26
N PHE B 184 60.75 -3.60 -69.64
CA PHE B 184 59.85 -4.50 -70.36
C PHE B 184 59.06 -3.77 -71.43
N PHE B 185 58.51 -2.60 -71.09
CA PHE B 185 57.62 -1.86 -71.98
C PHE B 185 58.30 -0.65 -72.60
N SER B 186 59.64 -0.57 -72.54
CA SER B 186 60.34 0.64 -72.95
C SER B 186 60.42 0.76 -74.47
N ASP B 187 61.06 -0.20 -75.12
CA ASP B 187 61.28 -0.13 -76.56
C ASP B 187 60.29 -1.03 -77.30
N LEU B 188 60.20 -0.82 -78.61
CA LEU B 188 59.29 -1.61 -79.44
C LEU B 188 59.69 -3.08 -79.46
N LEU B 189 60.99 -3.36 -79.63
CA LEU B 189 61.45 -4.75 -79.54
C LEU B 189 61.30 -5.29 -78.12
N ASN B 190 61.54 -4.44 -77.12
CA ASN B 190 61.24 -4.85 -75.75
C ASN B 190 59.75 -5.10 -75.55
N SER B 191 58.90 -4.32 -76.23
CA SER B 191 57.47 -4.58 -76.19
C SER B 191 57.13 -5.93 -76.83
N LEU B 192 57.80 -6.26 -77.94
CA LEU B 192 57.62 -7.57 -78.55
C LEU B 192 58.02 -8.68 -77.58
N VAL B 193 59.15 -8.50 -76.89
CA VAL B 193 59.63 -9.50 -75.94
C VAL B 193 58.64 -9.67 -74.80
N THR B 194 58.13 -8.57 -74.25
CA THR B 194 57.23 -8.69 -73.10
C THR B 194 55.86 -9.21 -73.50
N VAL B 195 55.37 -8.93 -74.71
CA VAL B 195 54.10 -9.52 -75.09
C VAL B 195 54.26 -10.98 -75.52
N PHE B 196 55.45 -11.38 -76.00
CA PHE B 196 55.72 -12.81 -76.15
C PHE B 196 55.77 -13.51 -74.80
N ILE B 197 56.32 -12.83 -73.78
CA ILE B 197 56.31 -13.36 -72.42
C ILE B 197 54.87 -13.54 -71.94
N LEU B 198 54.03 -12.54 -72.18
CA LEU B 198 52.61 -12.64 -71.83
C LEU B 198 51.93 -13.76 -72.60
N PHE B 199 52.32 -13.98 -73.85
CA PHE B 199 51.79 -15.10 -74.63
C PHE B 199 52.19 -16.43 -74.01
N THR B 200 53.44 -16.55 -73.57
CA THR B 200 53.86 -17.76 -72.87
C THR B 200 53.22 -17.88 -71.49
N LEU B 201 52.72 -16.77 -70.94
CA LEU B 201 52.00 -16.72 -69.66
C LEU B 201 52.86 -17.25 -68.51
N ASP B 202 53.96 -16.56 -68.26
CA ASP B 202 54.80 -16.82 -67.10
C ASP B 202 54.89 -15.55 -66.25
N HIS B 203 54.55 -15.70 -64.96
CA HIS B 203 54.56 -14.60 -63.99
C HIS B 203 53.74 -13.40 -64.47
N TRP B 204 52.56 -13.68 -65.03
CA TRP B 204 51.65 -12.59 -65.38
C TRP B 204 51.13 -11.89 -64.13
N TYR B 205 50.97 -12.64 -63.03
CA TYR B 205 50.58 -12.03 -61.76
C TYR B 205 51.66 -11.10 -61.24
N ALA B 206 52.92 -11.56 -61.28
CA ALA B 206 54.03 -10.72 -60.84
C ALA B 206 54.23 -9.52 -61.76
N VAL B 207 54.03 -9.73 -63.07
CA VAL B 207 54.13 -8.62 -64.02
C VAL B 207 53.06 -7.57 -63.72
N LEU B 208 51.82 -8.01 -63.53
CA LEU B 208 50.73 -7.08 -63.26
C LEU B 208 50.90 -6.38 -61.92
N GLN B 209 51.43 -7.08 -60.91
CA GLN B 209 51.74 -6.42 -59.65
C GLN B 209 52.88 -5.43 -59.79
N ASP B 210 53.81 -5.67 -60.72
CA ASP B 210 54.86 -4.69 -60.97
C ASP B 210 54.37 -3.52 -61.80
N ILE B 211 53.33 -3.71 -62.63
CA ILE B 211 52.66 -2.58 -63.28
C ILE B 211 51.62 -1.95 -62.37
N TRP B 212 51.27 -2.59 -61.26
CA TRP B 212 50.44 -1.95 -60.25
C TRP B 212 51.12 -0.78 -59.56
N LYS B 213 52.45 -0.65 -59.70
CA LYS B 213 53.16 0.51 -59.19
C LYS B 213 52.88 1.77 -60.00
N VAL B 214 52.31 1.64 -61.20
CA VAL B 214 51.79 2.81 -61.91
C VAL B 214 50.65 3.40 -61.11
N PRO B 215 50.49 4.74 -61.05
CA PRO B 215 49.29 5.34 -60.43
C PRO B 215 48.00 4.74 -60.97
N GLU B 216 47.25 4.09 -60.08
CA GLU B 216 46.07 3.32 -60.46
C GLU B 216 44.98 4.27 -60.96
N SER B 217 44.78 4.29 -62.28
CA SER B 217 43.76 5.13 -62.90
C SER B 217 42.45 4.38 -63.07
N SER B 218 41.97 3.79 -61.96
CA SER B 218 40.68 3.08 -61.88
C SER B 218 40.62 1.87 -62.83
N ARG B 219 41.78 1.41 -63.29
CA ARG B 219 42.00 0.20 -64.11
C ARG B 219 40.94 -0.01 -65.19
N VAL B 220 40.43 1.07 -65.76
CA VAL B 220 39.24 0.97 -66.60
C VAL B 220 39.52 0.50 -68.02
N PHE B 221 40.73 0.72 -68.55
CA PHE B 221 40.99 0.33 -69.93
C PHE B 221 42.25 -0.49 -70.10
N SER B 222 43.31 -0.18 -69.35
CA SER B 222 44.62 -0.76 -69.63
C SER B 222 44.73 -2.19 -69.09
N SER B 223 44.37 -2.38 -67.82
CA SER B 223 44.47 -3.69 -67.20
C SER B 223 43.55 -4.69 -67.90
N ILE B 224 42.33 -4.28 -68.21
CA ILE B 224 41.42 -5.16 -68.92
C ILE B 224 41.92 -5.44 -70.32
N TYR B 225 42.61 -4.49 -70.96
CA TYR B 225 43.15 -4.72 -72.31
C TYR B 225 44.25 -5.76 -72.27
N VAL B 226 45.21 -5.62 -71.36
CA VAL B 226 46.31 -6.58 -71.33
C VAL B 226 45.83 -7.95 -70.87
N ILE B 227 44.88 -7.99 -69.93
CA ILE B 227 44.34 -9.27 -69.47
C ILE B 227 43.59 -9.98 -70.58
N LEU B 228 42.74 -9.24 -71.31
CA LEU B 228 42.01 -9.82 -72.43
C LEU B 228 42.96 -10.28 -73.52
N TRP B 229 44.01 -9.49 -73.79
CA TRP B 229 44.99 -9.88 -74.80
C TRP B 229 45.66 -11.19 -74.43
N LEU B 230 46.19 -11.29 -73.20
CA LEU B 230 46.90 -12.50 -72.82
C LEU B 230 45.98 -13.71 -72.82
N LEU B 231 44.79 -13.58 -72.22
CA LEU B 231 43.90 -14.73 -72.12
C LEU B 231 43.39 -15.16 -73.50
N LEU B 232 42.93 -14.20 -74.32
CA LEU B 232 42.37 -14.53 -75.62
C LEU B 232 43.43 -15.12 -76.53
N GLY B 233 44.60 -14.46 -76.64
CA GLY B 233 45.65 -14.98 -77.49
C GLY B 233 46.11 -16.36 -77.07
N SER B 234 46.38 -16.54 -75.77
CA SER B 234 46.89 -17.82 -75.29
C SER B 234 45.89 -18.94 -75.53
N ILE B 235 44.65 -18.78 -75.07
CA ILE B 235 43.71 -19.89 -75.17
C ILE B 235 43.31 -20.13 -76.63
N ILE B 236 43.07 -19.07 -77.41
CA ILE B 236 42.62 -19.24 -78.78
C ILE B 236 43.69 -19.89 -79.62
N PHE B 237 44.94 -19.44 -79.50
CA PHE B 237 45.98 -19.98 -80.36
C PHE B 237 46.41 -21.37 -79.91
N ARG B 238 46.47 -21.62 -78.59
CA ARG B 238 46.76 -22.97 -78.11
C ARG B 238 45.72 -23.96 -78.59
N ASN B 239 44.44 -23.61 -78.45
CA ASN B 239 43.36 -24.47 -78.91
C ASN B 239 43.40 -24.67 -80.41
N ILE B 240 43.68 -23.61 -81.17
CA ILE B 240 43.67 -23.73 -82.62
C ILE B 240 44.83 -24.59 -83.12
N ILE B 241 46.00 -24.51 -82.47
CA ILE B 241 47.12 -25.32 -82.96
C ILE B 241 46.97 -26.77 -82.54
N VAL B 242 46.46 -27.04 -81.32
CA VAL B 242 46.22 -28.43 -80.95
C VAL B 242 45.10 -29.03 -81.82
N ALA B 243 44.10 -28.22 -82.17
CA ALA B 243 43.05 -28.68 -83.07
C ALA B 243 43.59 -28.99 -84.46
N MET B 244 44.47 -28.13 -84.98
CA MET B 244 45.03 -28.38 -86.31
C MET B 244 45.91 -29.62 -86.32
N MET B 245 46.71 -29.83 -85.27
CA MET B 245 47.58 -31.02 -85.27
C MET B 245 46.75 -32.29 -85.04
N VAL B 246 45.68 -32.21 -84.24
CA VAL B 246 44.76 -33.33 -84.12
C VAL B 246 44.09 -33.64 -85.46
N THR B 247 43.67 -32.61 -86.20
CA THR B 247 43.09 -32.82 -87.52
C THR B 247 44.11 -33.40 -88.50
N ASN B 248 45.38 -33.00 -88.36
CA ASN B 248 46.43 -33.61 -89.17
C ASN B 248 46.54 -35.11 -88.91
N PHE B 249 46.56 -35.49 -87.63
CA PHE B 249 46.59 -36.91 -87.30
C PHE B 249 45.33 -37.62 -87.80
N GLN B 250 44.18 -36.95 -87.70
CA GLN B 250 42.92 -37.52 -88.15
C GLN B 250 42.96 -37.82 -89.65
N ASN B 251 43.44 -36.87 -90.46
CA ASN B 251 43.46 -37.11 -91.89
C ASN B 251 44.57 -38.08 -92.31
N ILE B 252 45.68 -38.12 -91.56
CA ILE B 252 46.70 -39.14 -91.81
C ILE B 252 46.10 -40.53 -91.61
N ARG B 253 45.40 -40.73 -90.49
CA ARG B 253 44.78 -42.03 -90.23
C ARG B 253 43.63 -42.30 -91.19
N SER B 254 42.90 -41.28 -91.63
CA SER B 254 41.84 -41.49 -92.61
C SER B 254 42.40 -41.96 -93.94
N GLU B 255 43.51 -41.36 -94.39
CA GLU B 255 44.17 -41.82 -95.62
C GLU B 255 44.70 -43.24 -95.44
N LEU B 256 45.26 -43.56 -94.28
CA LEU B 256 45.66 -44.92 -94.01
C LEU B 256 44.47 -45.88 -94.07
N SER B 257 43.35 -45.50 -93.45
CA SER B 257 42.18 -46.36 -93.39
C SER B 257 41.64 -46.64 -94.78
N GLU B 258 41.51 -45.60 -95.61
CA GLU B 258 41.07 -45.82 -96.97
C GLU B 258 42.08 -46.63 -97.76
N GLU B 259 43.37 -46.54 -97.42
CA GLU B 259 44.33 -47.28 -98.23
C GLU B 259 44.31 -48.78 -97.90
N MET B 260 44.22 -49.17 -96.60
CA MET B 260 44.11 -50.62 -96.44
C MET B 260 42.72 -51.11 -96.78
N SER B 261 41.70 -50.23 -96.76
CA SER B 261 40.39 -50.62 -97.28
C SER B 261 40.46 -50.96 -98.76
N HIS B 262 41.13 -50.09 -99.54
CA HIS B 262 41.31 -50.33 -100.97
C HIS B 262 42.15 -51.58 -101.21
N LEU B 263 43.20 -51.77 -100.40
CA LEU B 263 44.01 -52.98 -100.52
C LEU B 263 43.19 -54.24 -100.24
N GLU B 264 42.29 -54.19 -99.24
CA GLU B 264 41.49 -55.37 -98.93
C GLU B 264 40.49 -55.68 -100.03
N VAL B 265 39.82 -54.66 -100.59
CA VAL B 265 38.87 -54.95 -101.67
C VAL B 265 39.61 -55.43 -102.92
N GLN B 266 40.81 -54.90 -103.16
CA GLN B 266 41.65 -55.41 -104.25
C GLN B 266 42.03 -56.87 -104.02
N TYR B 267 42.38 -57.25 -102.78
CA TYR B 267 42.69 -58.64 -102.49
C TYR B 267 41.49 -59.55 -102.67
N LYS B 268 40.31 -59.09 -102.25
CA LYS B 268 39.09 -59.87 -102.43
C LYS B 268 38.76 -60.05 -103.92
N ALA B 269 38.93 -58.98 -104.70
CA ALA B 269 38.69 -59.08 -106.15
C ALA B 269 39.71 -60.02 -106.80
N ASP B 270 40.96 -59.99 -106.33
CA ASP B 270 41.97 -60.91 -106.83
C ASP B 270 41.61 -62.35 -106.50
N MET B 271 41.09 -62.59 -105.30
CA MET B 271 40.66 -63.94 -104.93
C MET B 271 39.50 -64.41 -105.81
N PHE B 272 38.53 -63.52 -106.06
CA PHE B 272 37.40 -63.87 -106.91
C PHE B 272 37.86 -64.15 -108.34
N LYS B 273 38.79 -63.35 -108.86
CA LYS B 273 39.30 -63.59 -110.20
C LYS B 273 40.16 -64.85 -110.27
N GLN B 274 40.82 -65.21 -109.17
CA GLN B 274 41.54 -66.48 -109.12
C GLN B 274 40.58 -67.65 -109.18
N GLN B 275 39.45 -67.56 -108.47
CA GLN B 275 38.43 -68.59 -108.58
C GLN B 275 37.86 -68.66 -109.99
N ILE B 276 37.67 -67.50 -110.63
CA ILE B 276 37.17 -67.46 -112.00
C ILE B 276 38.15 -68.13 -112.95
N ILE B 277 39.45 -67.85 -112.78
CA ILE B 277 40.47 -68.46 -113.62
C ILE B 277 40.52 -69.97 -113.40
N GLN B 278 40.40 -70.41 -112.14
CA GLN B 278 40.39 -71.84 -111.85
C GLN B 278 39.18 -72.53 -112.47
N ARG B 279 38.03 -71.88 -112.45
CA ARG B 279 36.83 -72.45 -113.08
C ARG B 279 36.96 -72.49 -114.60
N ARG B 280 37.57 -71.46 -115.19
CA ARG B 280 37.67 -71.38 -116.64
C ARG B 280 38.61 -72.42 -117.23
N GLN B 281 39.50 -72.98 -116.42
CA GLN B 281 40.43 -74.00 -116.91
C GLN B 281 39.77 -75.37 -116.99
N GLU C 1 21.02 2.83 -112.65
CA GLU C 1 21.67 3.39 -113.84
C GLU C 1 23.14 3.01 -113.88
N CYS C 2 23.98 3.85 -113.29
CA CYS C 2 25.42 3.65 -113.29
C CYS C 2 25.90 2.72 -112.19
N GLN C 3 24.97 2.07 -111.46
CA GLN C 3 25.36 1.15 -110.40
C GLN C 3 26.10 -0.07 -110.96
N ALA C 4 25.75 -0.51 -112.16
CA ALA C 4 26.44 -1.65 -112.75
C ALA C 4 27.90 -1.33 -113.04
N TYR C 5 28.17 -0.16 -113.62
CA TYR C 5 29.54 0.24 -113.88
C TYR C 5 30.32 0.48 -112.59
N PHE C 6 29.64 1.04 -111.58
CA PHE C 6 30.30 1.27 -110.30
C PHE C 6 30.68 -0.05 -109.62
N ARG C 7 29.79 -1.05 -109.69
CA ARG C 7 30.11 -2.36 -109.13
C ARG C 7 31.17 -3.08 -109.95
N LYS C 8 31.20 -2.84 -111.27
CA LYS C 8 32.27 -3.38 -112.09
C LYS C 8 33.62 -2.77 -111.71
N VAL C 9 33.63 -1.46 -111.45
CA VAL C 9 34.86 -0.79 -111.01
C VAL C 9 35.30 -1.30 -109.64
N ILE C 10 34.35 -1.49 -108.72
CA ILE C 10 34.70 -1.98 -107.39
C ILE C 10 35.15 -3.43 -107.43
N LYS C 11 34.84 -4.16 -108.50
CA LYS C 11 35.35 -5.53 -108.67
C LYS C 11 36.74 -5.56 -109.30
N SER C 12 37.24 -4.44 -109.81
CA SER C 12 38.54 -4.41 -110.46
C SER C 12 39.66 -4.55 -109.42
N THR C 13 40.73 -5.23 -109.81
CA THR C 13 41.82 -5.49 -108.89
C THR C 13 42.69 -4.27 -108.64
N PHE C 14 42.63 -3.26 -109.52
CA PHE C 14 43.50 -2.09 -109.38
C PHE C 14 43.09 -1.23 -108.19
N PHE C 15 41.79 -1.05 -107.97
CA PHE C 15 41.34 -0.29 -106.81
C PHE C 15 41.73 -0.98 -105.51
N GLN C 16 41.58 -2.31 -105.47
CA GLN C 16 42.00 -3.06 -104.30
C GLN C 16 43.51 -3.01 -104.09
N ILE C 17 44.28 -3.00 -105.19
CA ILE C 17 45.73 -2.88 -105.08
C ILE C 17 46.11 -1.51 -104.51
N VAL C 18 45.45 -0.45 -104.97
CA VAL C 18 45.71 0.89 -104.45
C VAL C 18 45.34 0.97 -102.97
N MET C 19 44.20 0.38 -102.59
CA MET C 19 43.78 0.35 -101.19
C MET C 19 44.80 -0.39 -100.32
N ILE C 20 45.26 -1.56 -100.79
CA ILE C 20 46.22 -2.35 -100.04
C ILE C 20 47.54 -1.61 -99.90
N THR C 21 47.98 -0.93 -100.98
CA THR C 21 49.20 -0.15 -100.93
C THR C 21 49.10 0.98 -99.92
N THR C 22 47.95 1.68 -99.90
CA THR C 22 47.77 2.78 -98.96
C THR C 22 47.79 2.28 -97.52
N VAL C 23 47.13 1.16 -97.23
CA VAL C 23 47.12 0.73 -95.83
C VAL C 23 48.44 0.05 -95.45
N THR C 24 49.20 -0.49 -96.40
CA THR C 24 50.54 -0.98 -96.05
C THR C 24 51.49 0.18 -95.77
N THR C 25 51.35 1.29 -96.51
CA THR C 25 52.11 2.48 -96.15
C THR C 25 51.66 3.03 -94.80
N ASN C 26 50.38 2.85 -94.46
CA ASN C 26 49.93 3.20 -93.11
C ASN C 26 50.58 2.30 -92.05
N SER C 27 50.72 1.01 -92.35
CA SER C 27 51.41 0.10 -91.44
C SER C 27 52.87 0.51 -91.25
N PHE C 28 53.52 0.92 -92.34
CA PHE C 28 54.88 1.44 -92.21
C PHE C 28 54.93 2.75 -91.45
N LEU C 29 53.89 3.58 -91.59
CA LEU C 29 53.80 4.81 -90.80
C LEU C 29 53.70 4.48 -89.32
N LEU C 30 52.94 3.45 -88.96
CA LEU C 30 52.88 3.04 -87.57
C LEU C 30 54.20 2.45 -87.10
N VAL C 31 54.89 1.72 -87.98
CA VAL C 31 56.20 1.16 -87.65
C VAL C 31 57.20 2.27 -87.34
N LEU C 32 57.19 3.33 -88.15
CA LEU C 32 58.03 4.49 -87.88
C LEU C 32 57.48 5.39 -86.78
N GLY C 33 56.21 5.21 -86.39
CA GLY C 33 55.58 6.06 -85.41
C GLY C 33 55.78 5.60 -83.98
N THR C 34 56.11 4.32 -83.79
CA THR C 34 56.48 3.85 -82.47
C THR C 34 57.84 4.36 -82.02
N ASN C 35 58.65 4.88 -82.96
CA ASN C 35 59.87 5.59 -82.63
C ASN C 35 59.53 6.97 -82.11
N TYR C 36 60.54 7.69 -81.62
CA TYR C 36 60.32 9.00 -81.02
C TYR C 36 60.73 10.15 -81.91
N ASP C 37 61.73 9.97 -82.77
CA ASP C 37 62.17 11.03 -83.66
C ASP C 37 61.14 11.32 -84.74
N ILE C 38 60.80 10.30 -85.54
CA ILE C 38 59.81 10.46 -86.61
C ILE C 38 58.40 10.68 -86.05
N GLN C 39 58.22 10.51 -84.73
CA GLN C 39 56.92 10.77 -84.12
C GLN C 39 56.52 12.24 -84.25
N PHE C 40 57.48 13.16 -84.07
CA PHE C 40 57.16 14.58 -84.17
C PHE C 40 58.15 15.39 -84.99
N GLU C 41 59.29 14.83 -85.41
CA GLU C 41 60.25 15.55 -86.22
C GLU C 41 60.56 14.72 -87.46
N PHE C 42 60.92 15.41 -88.55
CA PHE C 42 60.97 14.80 -89.88
C PHE C 42 59.62 14.13 -90.19
N PHE C 43 58.55 14.87 -89.89
CA PHE C 43 57.21 14.32 -89.83
C PHE C 43 56.23 14.95 -90.82
N ARG C 44 56.71 15.81 -91.73
CA ARG C 44 55.83 16.32 -92.78
C ARG C 44 55.36 15.19 -93.69
N THR C 45 56.23 14.20 -93.93
CA THR C 45 55.82 13.00 -94.64
C THR C 45 54.71 12.27 -93.90
N PHE C 46 54.83 12.19 -92.57
CA PHE C 46 53.77 11.61 -91.75
C PHE C 46 52.46 12.35 -91.93
N GLU C 47 52.51 13.68 -91.95
CA GLU C 47 51.31 14.50 -92.10
C GLU C 47 50.63 14.25 -93.45
N VAL C 48 51.41 14.33 -94.54
CA VAL C 48 50.80 14.20 -95.87
C VAL C 48 50.32 12.77 -96.10
N SER C 49 51.07 11.77 -95.61
CA SER C 49 50.64 10.39 -95.77
C SER C 49 49.38 10.11 -94.97
N GLU C 50 49.28 10.65 -93.75
CA GLU C 50 48.08 10.45 -92.94
C GLU C 50 46.88 11.13 -93.57
N LEU C 51 47.07 12.31 -94.18
CA LEU C 51 45.98 12.95 -94.91
C LEU C 51 45.54 12.08 -96.09
N PHE C 52 46.50 11.50 -96.81
CA PHE C 52 46.14 10.58 -97.89
C PHE C 52 45.37 9.37 -97.38
N PHE C 53 45.79 8.81 -96.24
CA PHE C 53 45.14 7.63 -95.70
C PHE C 53 43.72 7.93 -95.25
N VAL C 54 43.52 9.07 -94.57
CA VAL C 54 42.16 9.38 -94.13
C VAL C 54 41.27 9.73 -95.32
N SER C 55 41.84 10.33 -96.37
CA SER C 55 41.08 10.52 -97.60
C SER C 55 40.64 9.19 -98.20
N VAL C 56 41.56 8.22 -98.25
CA VAL C 56 41.23 6.91 -98.82
C VAL C 56 40.17 6.21 -97.98
N TYR C 57 40.27 6.29 -96.66
CA TYR C 57 39.29 5.62 -95.79
C TYR C 57 37.93 6.28 -95.88
N VAL C 58 37.89 7.61 -96.01
CA VAL C 58 36.63 8.32 -96.23
C VAL C 58 36.02 7.88 -97.55
N CYS C 59 36.85 7.72 -98.59
CA CYS C 59 36.35 7.23 -99.87
C CYS C 59 35.79 5.82 -99.75
N GLU C 60 36.46 4.95 -98.98
CA GLU C 60 35.96 3.59 -98.77
C GLU C 60 34.61 3.59 -98.07
N PHE C 61 34.47 4.44 -97.04
CA PHE C 61 33.16 4.56 -96.39
C PHE C 61 32.11 5.14 -97.33
N LEU C 62 32.53 5.97 -98.30
CA LEU C 62 31.60 6.45 -99.31
C LEU C 62 31.16 5.33 -100.25
N MET C 63 32.06 4.39 -100.56
CA MET C 63 31.62 3.22 -101.32
C MET C 63 30.67 2.36 -100.49
N LYS C 64 30.90 2.27 -99.19
CA LYS C 64 30.10 1.43 -98.31
C LYS C 64 28.91 2.18 -97.70
N VAL C 65 28.61 3.38 -98.17
CA VAL C 65 27.43 4.13 -97.74
C VAL C 65 26.24 3.89 -98.68
N TYR C 66 26.35 2.90 -99.57
CA TYR C 66 25.35 2.63 -100.60
C TYR C 66 24.12 1.93 -100.03
N VAL C 67 23.29 1.34 -100.90
CA VAL C 67 22.21 0.48 -100.44
C VAL C 67 22.71 -0.88 -99.98
N ASP C 68 23.97 -1.22 -100.27
CA ASP C 68 24.53 -2.48 -99.83
C ASP C 68 24.54 -2.67 -98.31
N PRO C 69 24.55 -1.61 -97.45
CA PRO C 69 24.24 -1.80 -96.04
C PRO C 69 22.95 -2.56 -95.70
N ILE C 70 22.10 -2.85 -96.69
CA ILE C 70 21.07 -3.86 -96.47
C ILE C 70 21.70 -5.24 -96.33
N THR C 71 22.93 -5.44 -96.82
CA THR C 71 23.70 -6.65 -96.58
C THR C 71 24.82 -6.43 -95.56
N TYR C 72 25.18 -5.18 -95.27
CA TYR C 72 26.11 -4.86 -94.19
C TYR C 72 25.41 -4.67 -92.86
N TRP C 73 24.28 -5.35 -92.65
CA TRP C 73 23.58 -5.34 -91.37
C TRP C 73 23.24 -6.72 -90.85
N LYS C 74 23.55 -7.78 -91.60
CA LYS C 74 23.22 -9.14 -91.20
C LYS C 74 24.42 -10.07 -91.38
N ASP C 75 25.40 -9.63 -92.16
CA ASP C 75 26.50 -10.50 -92.58
C ASP C 75 27.57 -10.65 -91.51
N GLY C 76 28.75 -11.14 -91.91
CA GLY C 76 29.86 -11.46 -91.06
C GLY C 76 30.91 -10.36 -91.12
N TYR C 77 31.89 -10.55 -92.02
CA TYR C 77 32.99 -9.60 -92.19
C TYR C 77 32.51 -8.17 -92.47
N ASN C 78 31.35 -8.04 -93.12
CA ASN C 78 30.93 -6.73 -93.62
C ASN C 78 30.57 -5.76 -92.49
N ILE C 79 29.80 -6.23 -91.50
CA ILE C 79 29.48 -5.38 -90.36
C ILE C 79 30.74 -5.04 -89.59
N LEU C 80 31.67 -5.99 -89.51
CA LEU C 80 32.93 -5.76 -88.83
C LEU C 80 33.71 -4.62 -89.48
N ASP C 81 33.80 -4.61 -90.81
CA ASP C 81 34.58 -3.55 -91.44
C ASP C 81 33.88 -2.20 -91.37
N VAL C 82 32.55 -2.14 -91.51
CA VAL C 82 31.91 -0.81 -91.44
C VAL C 82 31.96 -0.27 -90.01
N ILE C 83 31.80 -1.14 -89.00
CA ILE C 83 31.91 -0.69 -87.62
C ILE C 83 33.35 -0.26 -87.33
N ILE C 84 34.33 -0.96 -87.92
CA ILE C 84 35.73 -0.55 -87.80
C ILE C 84 35.93 0.84 -88.41
N LEU C 85 35.29 1.11 -89.56
CA LEU C 85 35.36 2.44 -90.14
C LEU C 85 34.75 3.50 -89.23
N ILE C 86 33.64 3.19 -88.58
CA ILE C 86 32.99 4.17 -87.71
C ILE C 86 33.87 4.48 -86.50
N ILE C 87 34.37 3.43 -85.82
CA ILE C 87 35.23 3.59 -84.65
C ILE C 87 36.64 4.03 -85.04
N LEU C 88 36.93 4.09 -86.34
CA LEU C 88 38.13 4.79 -86.81
C LEU C 88 37.85 6.28 -86.98
N THR C 89 36.77 6.60 -87.71
CA THR C 89 36.53 7.98 -88.13
C THR C 89 36.21 8.88 -86.94
N ILE C 90 35.38 8.41 -86.01
CA ILE C 90 34.96 9.28 -84.90
C ILE C 90 36.12 9.72 -84.00
N PRO C 91 36.99 8.83 -83.49
CA PRO C 91 38.00 9.30 -82.52
C PRO C 91 39.02 10.25 -83.10
N TYR C 92 39.62 9.97 -84.26
CA TYR C 92 40.59 10.93 -84.79
C TYR C 92 39.91 12.21 -85.27
N LEU C 93 38.61 12.17 -85.56
CA LEU C 93 37.86 13.41 -85.75
C LEU C 93 37.81 14.21 -84.46
N LEU C 94 37.74 13.53 -83.30
CA LEU C 94 37.83 14.22 -82.02
C LEU C 94 39.22 14.14 -81.39
N ARG C 95 40.24 13.70 -82.14
CA ARG C 95 41.61 13.66 -81.63
C ARG C 95 42.57 14.52 -82.43
N LYS C 96 42.62 14.37 -83.76
CA LYS C 96 43.53 15.17 -84.57
C LYS C 96 43.19 16.65 -84.48
N ILE C 97 41.91 17.00 -84.65
CA ILE C 97 41.42 18.32 -84.29
C ILE C 97 40.47 18.13 -83.11
N LYS C 98 41.01 18.22 -81.89
CA LYS C 98 40.22 17.87 -80.70
C LYS C 98 39.53 19.09 -80.11
N GLY C 99 40.32 20.06 -79.63
CA GLY C 99 39.79 21.27 -79.02
C GLY C 99 38.80 21.08 -77.89
N ASN C 100 38.76 19.87 -77.34
CA ASN C 100 37.70 19.44 -76.44
C ASN C 100 38.26 19.16 -75.05
N HIS C 101 37.41 18.68 -74.16
CA HIS C 101 37.82 18.22 -72.84
C HIS C 101 38.02 16.71 -72.95
N SER C 102 39.25 16.27 -72.66
CA SER C 102 39.63 14.87 -72.69
C SER C 102 40.85 14.69 -71.78
N ALA C 103 41.10 13.45 -71.38
CA ALA C 103 42.13 13.20 -70.37
C ALA C 103 43.52 13.17 -70.97
N TYR C 104 43.81 12.16 -71.81
CA TYR C 104 45.14 12.01 -72.37
C TYR C 104 45.15 11.10 -73.59
N LEU C 105 46.34 10.72 -74.04
CA LEU C 105 46.51 9.92 -75.25
C LEU C 105 46.66 8.44 -74.92
N HIS C 106 45.73 7.63 -75.42
CA HIS C 106 45.88 6.19 -75.32
C HIS C 106 45.31 5.47 -76.55
N PHE C 107 45.02 6.21 -77.62
CA PHE C 107 44.43 5.59 -78.81
C PHE C 107 45.00 6.14 -80.11
N ALA C 108 46.33 6.34 -80.18
CA ALA C 108 46.96 6.64 -81.46
C ALA C 108 47.42 5.35 -82.14
N ASP C 109 48.30 4.61 -81.47
CA ASP C 109 48.71 3.30 -81.97
C ASP C 109 47.53 2.34 -82.04
N GLY C 110 46.54 2.52 -81.16
CA GLY C 110 45.34 1.70 -81.26
C GLY C 110 44.54 1.95 -82.53
N ILE C 111 44.37 3.23 -82.90
CA ILE C 111 43.68 3.56 -84.14
C ILE C 111 44.46 3.06 -85.35
N GLN C 112 45.78 3.25 -85.33
CA GLN C 112 46.60 2.72 -86.43
C GLN C 112 46.54 1.20 -86.49
N SER C 113 46.41 0.53 -85.34
CA SER C 113 46.27 -0.93 -85.34
C SER C 113 44.91 -1.36 -85.87
N LEU C 114 43.86 -0.57 -85.62
CA LEU C 114 42.59 -0.82 -86.28
C LEU C 114 42.70 -0.69 -87.78
N ARG C 115 43.50 0.28 -88.25
CA ARG C 115 43.76 0.39 -89.68
C ARG C 115 44.52 -0.83 -90.21
N ILE C 116 45.46 -1.36 -89.41
CA ILE C 116 46.13 -2.60 -89.79
C ILE C 116 45.15 -3.76 -89.84
N LEU C 117 44.20 -3.81 -88.91
CA LEU C 117 43.15 -4.81 -88.96
C LEU C 117 42.32 -4.69 -90.24
N LYS C 118 42.06 -3.46 -90.68
CA LYS C 118 41.40 -3.25 -91.96
C LYS C 118 42.28 -3.70 -93.13
N LEU C 119 43.60 -3.59 -92.99
CA LEU C 119 44.51 -4.17 -93.98
C LEU C 119 44.33 -5.68 -94.06
N ILE C 120 44.24 -6.34 -92.90
CA ILE C 120 44.16 -7.81 -92.87
C ILE C 120 42.74 -8.28 -93.19
N SER C 121 41.80 -7.36 -93.40
CA SER C 121 40.43 -7.71 -93.77
C SER C 121 40.36 -8.41 -95.13
N TYR C 122 41.41 -8.30 -95.95
CA TYR C 122 41.55 -8.99 -97.22
C TYR C 122 42.02 -10.42 -97.01
N SER C 123 42.60 -11.04 -98.06
CA SER C 123 43.16 -12.39 -98.01
C SER C 123 42.09 -13.46 -97.75
N ARG C 124 41.25 -13.69 -98.76
CA ARG C 124 40.13 -14.64 -98.76
C ARG C 124 40.41 -16.00 -98.12
N GLY C 125 41.67 -16.45 -98.13
CA GLY C 125 42.01 -17.65 -97.38
C GLY C 125 41.80 -17.48 -95.88
N ILE C 126 42.19 -16.32 -95.34
CA ILE C 126 41.89 -16.00 -93.96
C ILE C 126 40.39 -15.87 -93.76
N ARG C 127 39.67 -15.40 -94.78
CA ARG C 127 38.21 -15.35 -94.71
C ARG C 127 37.61 -16.75 -94.59
N THR C 128 38.14 -17.71 -95.36
CA THR C 128 37.65 -19.08 -95.28
C THR C 128 37.97 -19.71 -93.93
N LEU C 129 39.17 -19.43 -93.40
CA LEU C 129 39.50 -19.92 -92.06
C LEU C 129 38.58 -19.30 -91.00
N ILE C 130 38.27 -18.00 -91.15
CA ILE C 130 37.36 -17.32 -90.25
C ILE C 130 35.97 -17.94 -90.32
N ILE C 131 35.51 -18.27 -91.52
CA ILE C 131 34.22 -18.94 -91.68
C ILE C 131 34.25 -20.31 -91.01
N ALA C 132 35.35 -21.04 -91.17
CA ALA C 132 35.45 -22.38 -90.60
C ALA C 132 35.54 -22.36 -89.07
N VAL C 133 36.00 -21.25 -88.48
CA VAL C 133 36.13 -21.17 -87.02
C VAL C 133 35.08 -20.27 -86.38
N GLY C 134 34.19 -19.66 -87.17
CA GLY C 134 33.23 -18.72 -86.62
C GLY C 134 32.01 -19.32 -85.97
N GLU C 135 31.80 -20.64 -86.10
CA GLU C 135 30.69 -21.28 -85.41
C GLU C 135 31.01 -21.61 -83.96
N THR C 136 32.24 -21.38 -83.53
CA THR C 136 32.65 -21.61 -82.14
C THR C 136 32.46 -20.37 -81.26
N VAL C 137 31.89 -19.29 -81.81
CA VAL C 137 31.68 -18.07 -81.03
C VAL C 137 30.71 -18.33 -79.88
N TYR C 138 29.60 -19.04 -80.17
CA TYR C 138 28.64 -19.36 -79.13
C TYR C 138 29.26 -20.26 -78.06
N THR C 139 30.07 -21.22 -78.47
CA THR C 139 30.70 -22.13 -77.52
C THR C 139 31.68 -21.40 -76.61
N VAL C 140 32.54 -20.56 -77.20
CA VAL C 140 33.51 -19.84 -76.37
C VAL C 140 32.81 -18.80 -75.50
N ALA C 141 31.69 -18.24 -75.96
CA ALA C 141 30.90 -17.36 -75.11
C ALA C 141 30.31 -18.12 -73.92
N SER C 142 29.82 -19.34 -74.15
CA SER C 142 29.26 -20.13 -73.07
C SER C 142 30.32 -20.52 -72.05
N VAL C 143 31.50 -20.94 -72.52
CA VAL C 143 32.57 -21.27 -71.58
C VAL C 143 33.09 -20.03 -70.86
N LEU C 144 33.11 -18.87 -71.53
CA LEU C 144 33.47 -17.62 -70.88
C LEU C 144 32.47 -17.26 -69.78
N THR C 145 31.18 -17.46 -70.04
CA THR C 145 30.18 -17.21 -69.01
C THR C 145 30.34 -18.17 -67.84
N LEU C 146 30.64 -19.44 -68.11
CA LEU C 146 30.89 -20.39 -67.03
C LEU C 146 32.09 -19.97 -66.19
N LEU C 147 33.16 -19.51 -66.86
CA LEU C 147 34.33 -18.99 -66.15
C LEU C 147 33.97 -17.80 -65.29
N PHE C 148 33.14 -16.90 -65.82
CA PHE C 148 32.74 -15.71 -65.07
C PHE C 148 31.90 -16.07 -63.85
N LEU C 149 30.99 -17.04 -63.98
CA LEU C 149 30.20 -17.47 -62.83
C LEU C 149 31.08 -18.11 -61.76
N LEU C 150 32.00 -19.00 -62.17
CA LEU C 150 32.89 -19.62 -61.18
C LEU C 150 33.78 -18.58 -60.52
N MET C 151 34.26 -17.60 -61.29
CA MET C 151 35.07 -16.51 -60.76
C MET C 151 34.28 -15.68 -59.77
N PHE C 152 33.00 -15.41 -60.05
CA PHE C 152 32.15 -14.67 -59.11
C PHE C 152 31.93 -15.46 -57.82
N VAL C 153 31.69 -16.77 -57.94
CA VAL C 153 31.47 -17.62 -56.77
C VAL C 153 32.70 -17.58 -55.86
N PHE C 154 33.87 -17.85 -56.43
CA PHE C 154 35.06 -17.85 -55.59
C PHE C 154 35.51 -16.45 -55.23
N ALA C 155 35.04 -15.42 -55.95
CA ALA C 155 35.29 -14.05 -55.54
C ALA C 155 34.59 -13.72 -54.23
N ILE C 156 33.29 -14.03 -54.15
CA ILE C 156 32.59 -13.76 -52.91
C ILE C 156 33.09 -14.69 -51.81
N LEU C 157 33.47 -15.93 -52.15
CA LEU C 157 34.02 -16.83 -51.13
C LEU C 157 35.36 -16.32 -50.59
N GLY C 158 36.24 -15.85 -51.47
CA GLY C 158 37.52 -15.33 -51.02
C GLY C 158 37.40 -14.05 -50.23
N PHE C 159 36.47 -13.16 -50.64
CA PHE C 159 36.25 -11.95 -49.86
C PHE C 159 35.71 -12.28 -48.47
N CYS C 160 34.79 -13.24 -48.38
CA CYS C 160 34.24 -13.59 -47.08
C CYS C 160 35.20 -14.44 -46.24
N LEU C 161 36.20 -15.04 -46.86
CA LEU C 161 37.16 -15.86 -46.14
C LEU C 161 38.39 -15.08 -45.67
N PHE C 162 38.88 -14.14 -46.48
CA PHE C 162 40.11 -13.43 -46.16
C PHE C 162 39.99 -11.91 -46.16
N GLY C 163 38.95 -11.34 -46.76
CA GLY C 163 38.82 -9.89 -46.79
C GLY C 163 37.88 -9.35 -45.73
N VAL C 164 36.90 -10.15 -45.34
CA VAL C 164 35.92 -9.72 -44.34
C VAL C 164 36.57 -9.61 -42.96
N THR C 165 37.46 -10.56 -42.63
CA THR C 165 38.06 -10.59 -41.30
C THR C 165 38.93 -9.37 -41.01
N ASP C 166 39.51 -8.77 -42.07
CA ASP C 166 40.25 -7.50 -41.99
C ASP C 166 41.42 -7.59 -41.00
N ARG C 167 42.11 -8.74 -41.00
CA ARG C 167 43.31 -8.93 -40.20
C ARG C 167 44.54 -9.10 -41.09
N GLY C 168 44.47 -8.58 -42.31
CA GLY C 168 45.52 -8.69 -43.30
C GLY C 168 44.94 -9.13 -44.62
N ASP C 169 45.83 -9.58 -45.51
CA ASP C 169 45.47 -10.09 -46.84
C ASP C 169 44.72 -9.04 -47.67
N LEU C 170 45.02 -7.77 -47.43
CA LEU C 170 44.36 -6.69 -48.16
C LEU C 170 44.91 -6.60 -49.58
N GLU C 171 44.04 -6.17 -50.51
CA GLU C 171 44.34 -6.01 -51.93
C GLU C 171 44.76 -7.32 -52.61
N ASN C 172 44.50 -8.46 -51.95
CA ASN C 172 44.62 -9.78 -52.55
C ASN C 172 43.29 -10.51 -52.57
N TRP C 173 42.63 -10.61 -51.41
CA TRP C 173 41.25 -11.04 -51.31
C TRP C 173 40.41 -9.94 -50.66
N GLY C 174 40.84 -8.70 -50.80
CA GLY C 174 40.21 -7.55 -50.17
C GLY C 174 39.34 -6.76 -51.13
N ASN C 175 39.89 -5.69 -51.70
CA ASN C 175 39.17 -4.90 -52.69
C ASN C 175 38.78 -5.77 -53.88
N LEU C 176 37.59 -5.49 -54.43
CA LEU C 176 36.94 -6.42 -55.35
C LEU C 176 37.74 -6.61 -56.64
N ALA C 177 38.27 -5.52 -57.21
CA ALA C 177 39.00 -5.64 -58.46
C ALA C 177 40.31 -6.40 -58.28
N SER C 178 41.06 -6.07 -57.23
CA SER C 178 42.28 -6.81 -56.93
C SER C 178 41.98 -8.27 -56.58
N ALA C 179 40.86 -8.52 -55.90
CA ALA C 179 40.44 -9.89 -55.62
C ALA C 179 40.19 -10.66 -56.91
N PHE C 180 39.47 -10.03 -57.86
CA PHE C 180 39.18 -10.66 -59.14
C PHE C 180 40.46 -10.96 -59.91
N PHE C 181 41.40 -10.02 -59.91
CA PHE C 181 42.67 -10.22 -60.62
C PHE C 181 43.48 -11.33 -59.97
N THR C 182 43.50 -11.41 -58.64
CA THR C 182 44.20 -12.48 -57.97
C THR C 182 43.54 -13.83 -58.24
N LEU C 183 42.22 -13.87 -58.34
CA LEU C 183 41.55 -15.12 -58.70
C LEU C 183 41.87 -15.55 -60.13
N PHE C 184 41.95 -14.58 -61.05
CA PHE C 184 42.34 -14.91 -62.41
C PHE C 184 43.78 -15.41 -62.46
N SER C 185 44.66 -14.86 -61.63
CA SER C 185 46.02 -15.36 -61.53
C SER C 185 46.06 -16.77 -60.94
N LEU C 186 45.25 -17.02 -59.91
CA LEU C 186 45.27 -18.31 -59.22
C LEU C 186 44.61 -19.40 -60.04
N ALA C 187 43.63 -19.05 -60.87
CA ALA C 187 43.03 -20.01 -61.79
C ALA C 187 43.99 -20.40 -62.90
N THR C 188 45.01 -19.58 -63.15
CA THR C 188 46.11 -19.96 -64.02
C THR C 188 47.21 -20.58 -63.16
N VAL C 189 48.39 -20.78 -63.75
CA VAL C 189 49.51 -21.31 -62.99
C VAL C 189 50.38 -20.22 -62.37
N ASP C 190 50.32 -19.00 -62.90
CA ASP C 190 51.22 -17.93 -62.48
C ASP C 190 50.86 -17.39 -61.11
N GLY C 191 51.89 -17.05 -60.33
CA GLY C 191 51.72 -16.32 -59.09
C GLY C 191 51.13 -17.10 -57.94
N TRP C 192 51.00 -18.43 -58.07
CA TRP C 192 50.38 -19.20 -57.01
C TRP C 192 51.32 -19.38 -55.82
N THR C 193 52.63 -19.48 -56.07
CA THR C 193 53.58 -19.71 -54.99
C THR C 193 53.67 -18.50 -54.06
N ASP C 194 53.85 -17.30 -54.62
CA ASP C 194 53.97 -16.10 -53.80
C ASP C 194 52.67 -15.80 -53.08
N LEU C 195 51.53 -16.00 -53.75
CA LEU C 195 50.24 -15.83 -53.10
C LEU C 195 50.06 -16.83 -51.96
N GLN C 196 50.52 -18.07 -52.16
CA GLN C 196 50.44 -19.07 -51.10
C GLN C 196 51.27 -18.67 -49.89
N GLU C 197 52.49 -18.18 -50.12
CA GLU C 197 53.30 -17.67 -49.02
C GLU C 197 52.65 -16.46 -48.36
N GLU C 198 51.87 -15.68 -49.12
CA GLU C 198 51.19 -14.53 -48.55
C GLU C 198 50.02 -14.94 -47.67
N LEU C 199 49.27 -15.97 -48.07
CA LEU C 199 48.04 -16.31 -47.38
C LEU C 199 48.23 -17.17 -46.14
N ASP C 200 49.27 -18.00 -46.09
CA ASP C 200 49.44 -18.91 -44.97
C ASP C 200 49.85 -18.22 -43.68
N LYS C 201 50.28 -16.97 -43.75
CA LYS C 201 50.71 -16.22 -42.57
C LYS C 201 49.58 -15.46 -41.90
N ARG C 202 48.34 -15.58 -42.40
CA ARG C 202 47.20 -14.89 -41.85
C ARG C 202 46.35 -15.78 -40.95
N LYS C 203 46.99 -16.75 -40.28
CA LYS C 203 46.35 -17.62 -39.29
C LYS C 203 45.15 -18.39 -39.87
N PHE C 204 45.30 -18.88 -41.09
CA PHE C 204 44.27 -19.66 -41.76
C PHE C 204 44.92 -20.91 -42.37
N THR C 205 44.86 -22.02 -41.63
CA THR C 205 45.49 -23.25 -42.10
C THR C 205 44.69 -23.88 -43.25
N VAL C 206 43.37 -23.76 -43.22
CA VAL C 206 42.53 -24.33 -44.28
C VAL C 206 42.58 -23.53 -45.57
N SER C 207 43.20 -22.36 -45.55
CA SER C 207 43.31 -21.54 -46.76
C SER C 207 44.10 -22.24 -47.84
N ARG C 208 45.17 -22.94 -47.45
CA ARG C 208 45.96 -23.71 -48.41
C ARG C 208 45.14 -24.80 -49.07
N ALA C 209 44.33 -25.52 -48.28
CA ALA C 209 43.46 -26.55 -48.84
C ALA C 209 42.43 -25.94 -49.78
N PHE C 210 41.84 -24.81 -49.39
CA PHE C 210 40.85 -24.16 -50.24
C PHE C 210 41.48 -23.70 -51.56
N THR C 211 42.70 -23.17 -51.50
CA THR C 211 43.36 -22.70 -52.72
C THR C 211 43.75 -23.85 -53.64
N ILE C 212 44.22 -24.97 -53.08
CA ILE C 212 44.59 -26.08 -53.95
C ILE C 212 43.33 -26.74 -54.54
N LEU C 213 42.23 -26.78 -53.79
CA LEU C 213 40.97 -27.24 -54.35
C LEU C 213 40.51 -26.33 -55.48
N PHE C 214 40.64 -25.01 -55.29
CA PHE C 214 40.28 -24.05 -56.33
C PHE C 214 41.13 -24.24 -57.57
N ILE C 215 42.43 -24.48 -57.40
CA ILE C 215 43.31 -24.68 -58.55
C ILE C 215 42.92 -25.95 -59.29
N LEU C 216 42.81 -27.08 -58.57
CA LEU C 216 42.51 -28.37 -59.21
C LEU C 216 41.13 -28.40 -59.84
N LEU C 217 40.21 -27.53 -59.40
CA LEU C 217 38.97 -27.37 -60.14
C LEU C 217 39.16 -26.45 -61.34
N ALA C 218 39.47 -25.17 -61.09
CA ALA C 218 39.35 -24.13 -62.09
C ALA C 218 40.36 -24.30 -63.21
N SER C 219 41.65 -24.48 -62.88
CA SER C 219 42.68 -24.51 -63.91
C SER C 219 42.48 -25.68 -64.86
N PHE C 220 42.33 -26.88 -64.30
CA PHE C 220 42.15 -28.07 -65.10
C PHE C 220 40.86 -28.00 -65.91
N ILE C 221 39.74 -27.66 -65.26
CA ILE C 221 38.46 -27.65 -65.97
C ILE C 221 38.49 -26.64 -67.11
N PHE C 222 38.92 -25.40 -66.82
CA PHE C 222 38.93 -24.35 -67.83
C PHE C 222 39.83 -24.72 -69.01
N LEU C 223 41.09 -25.07 -68.72
CA LEU C 223 42.04 -25.35 -69.80
C LEU C 223 41.62 -26.56 -70.63
N ASN C 224 41.31 -27.67 -69.97
CA ASN C 224 41.07 -28.91 -70.70
C ASN C 224 39.71 -28.92 -71.40
N MET C 225 38.66 -28.37 -70.78
CA MET C 225 37.39 -28.21 -71.49
C MET C 225 37.55 -27.30 -72.70
N PHE C 226 38.31 -26.20 -72.57
CA PHE C 226 38.52 -25.33 -73.73
C PHE C 226 39.22 -26.07 -74.85
N VAL C 227 40.32 -26.78 -74.54
CA VAL C 227 41.07 -27.42 -75.61
C VAL C 227 40.26 -28.54 -76.26
N GLY C 228 39.52 -29.31 -75.47
CA GLY C 228 38.70 -30.37 -76.06
C GLY C 228 37.57 -29.83 -76.91
N VAL C 229 36.88 -28.79 -76.43
CA VAL C 229 35.77 -28.18 -77.15
C VAL C 229 36.26 -27.65 -78.50
N MET C 230 37.37 -26.91 -78.49
CA MET C 230 37.84 -26.35 -79.75
C MET C 230 38.42 -27.42 -80.67
N ILE C 231 39.08 -28.44 -80.11
CA ILE C 231 39.64 -29.52 -80.93
C ILE C 231 38.53 -30.21 -81.72
N MET C 232 37.47 -30.62 -81.03
CA MET C 232 36.47 -31.38 -81.77
C MET C 232 35.52 -30.49 -82.55
N HIS C 233 35.33 -29.22 -82.14
CA HIS C 233 34.57 -28.30 -82.98
C HIS C 233 35.29 -28.05 -84.30
N THR C 234 36.61 -27.84 -84.25
CA THR C 234 37.39 -27.65 -85.48
C THR C 234 37.40 -28.93 -86.32
N GLU C 235 37.52 -30.09 -85.65
CA GLU C 235 37.52 -31.36 -86.38
C GLU C 235 36.20 -31.60 -87.12
N ASP C 236 35.08 -31.38 -86.42
CA ASP C 236 33.78 -31.58 -87.07
C ASP C 236 33.46 -30.49 -88.08
N SER C 237 34.04 -29.29 -87.93
CA SER C 237 33.86 -28.26 -88.94
C SER C 237 34.62 -28.60 -90.22
N MET C 238 35.86 -29.07 -90.09
CA MET C 238 36.63 -29.41 -91.28
C MET C 238 36.22 -30.72 -91.92
N LYS C 239 35.65 -31.66 -91.16
CA LYS C 239 35.23 -32.94 -91.73
C LYS C 239 34.16 -32.74 -92.80
N LYS C 240 33.13 -31.95 -92.49
CA LYS C 240 32.06 -31.72 -93.46
C LYS C 240 32.54 -30.90 -94.65
N PHE C 241 33.46 -29.95 -94.42
CA PHE C 241 34.00 -29.16 -95.53
C PHE C 241 34.80 -30.05 -96.49
N GLU C 242 35.66 -30.92 -95.96
CA GLU C 242 36.42 -31.82 -96.80
C GLU C 242 35.51 -32.82 -97.51
N ARG C 243 34.47 -33.30 -96.82
CA ARG C 243 33.53 -34.22 -97.45
C ARG C 243 32.77 -33.54 -98.59
N ASP C 244 32.38 -32.28 -98.40
CA ASP C 244 31.70 -31.54 -99.47
C ASP C 244 32.63 -31.28 -100.65
N LEU C 245 33.90 -30.97 -100.38
CA LEU C 245 34.86 -30.77 -101.45
C LEU C 245 35.08 -32.05 -102.25
N THR C 246 35.20 -33.19 -101.56
CA THR C 246 35.34 -34.46 -102.25
C THR C 246 34.08 -34.83 -103.01
N LEU C 247 32.91 -34.49 -102.47
CA LEU C 247 31.66 -34.72 -103.20
C LEU C 247 31.59 -33.89 -104.48
N GLU C 248 32.03 -32.63 -104.41
CA GLU C 248 32.07 -31.80 -105.61
C GLU C 248 33.04 -32.34 -106.65
N ARG C 249 34.22 -32.79 -106.20
CA ARG C 249 35.18 -33.39 -107.12
C ARG C 249 34.62 -34.67 -107.75
N ASN C 250 33.93 -35.49 -106.95
CA ASN C 250 33.32 -36.71 -107.48
C ASN C 250 32.23 -36.38 -108.49
N LEU C 251 31.42 -35.36 -108.21
CA LEU C 251 30.37 -34.95 -109.15
C LEU C 251 30.98 -34.48 -110.47
N ALA C 252 32.07 -33.71 -110.39
CA ALA C 252 32.78 -33.31 -111.61
C ALA C 252 33.32 -34.51 -112.37
N ILE C 253 33.83 -35.52 -111.64
CA ILE C 253 34.38 -36.71 -112.28
C ILE C 253 33.28 -37.48 -113.02
N MET C 254 32.13 -37.69 -112.37
CA MET C 254 31.04 -38.39 -113.05
C MET C 254 30.46 -37.57 -114.19
N GLU C 255 30.43 -36.24 -114.07
CA GLU C 255 29.98 -35.41 -115.19
C GLU C 255 30.92 -35.54 -116.39
N GLU C 256 32.23 -35.54 -116.13
CA GLU C 256 33.20 -35.73 -117.22
C GLU C 256 33.06 -37.11 -117.85
N LYS C 257 32.84 -38.14 -117.02
CA LYS C 257 32.64 -39.49 -117.56
C LYS C 257 31.37 -39.57 -118.40
N GLN C 258 30.30 -38.91 -117.96
CA GLN C 258 29.07 -38.87 -118.74
C GLN C 258 29.26 -38.13 -120.06
N ILE C 259 30.04 -37.04 -120.04
CA ILE C 259 30.35 -36.32 -121.27
C ILE C 259 31.13 -37.22 -122.23
N ILE C 260 32.10 -37.96 -121.70
CA ILE C 260 32.89 -38.87 -122.54
C ILE C 260 32.00 -39.97 -123.12
N LEU C 261 31.10 -40.53 -122.31
CA LEU C 261 30.20 -41.57 -122.78
C LEU C 261 29.25 -41.04 -123.85
N LYS C 262 28.73 -39.83 -123.67
CA LYS C 262 27.85 -39.24 -124.67
C LYS C 262 28.61 -38.96 -125.97
N ARG C 263 29.85 -38.50 -125.87
CA ARG C 263 30.65 -38.26 -127.07
C ARG C 263 30.94 -39.57 -127.80
N GLN C 264 31.24 -40.63 -127.06
CA GLN C 264 31.48 -41.93 -127.68
C GLN C 264 30.22 -42.47 -128.35
N GLN C 265 29.07 -42.30 -127.70
CA GLN C 265 27.81 -42.73 -128.31
C GLN C 265 27.50 -41.95 -129.57
N GLU C 266 27.76 -40.63 -129.55
CA GLU C 266 27.54 -39.81 -130.73
C GLU C 266 28.47 -40.23 -131.87
N GLU C 267 29.73 -40.50 -131.56
CA GLU C 267 30.68 -40.94 -132.59
C GLU C 267 30.28 -42.29 -133.17
N VAL C 268 29.84 -43.22 -132.32
CA VAL C 268 29.41 -44.54 -132.79
C VAL C 268 28.18 -44.40 -133.69
N ASN C 269 27.22 -43.57 -133.28
CA ASN C 269 26.02 -43.37 -134.09
C ASN C 269 26.35 -42.72 -135.42
N ARG C 270 27.25 -41.74 -135.43
CA ARG C 270 27.66 -41.09 -136.67
C ARG C 270 28.37 -42.08 -137.59
N LEU C 271 29.24 -42.92 -137.03
CA LEU C 271 29.93 -43.92 -137.84
C LEU C 271 28.95 -44.93 -138.43
N MET C 272 27.97 -45.37 -137.63
CA MET C 272 26.96 -46.30 -138.12
C MET C 272 26.11 -45.66 -139.22
N ASN C 273 25.74 -44.38 -139.05
CA ASN C 273 24.96 -43.69 -140.06
C ASN C 273 25.74 -43.52 -141.36
N THR C 274 27.04 -43.20 -141.26
CA THR C 274 27.85 -43.07 -142.46
C THR C 274 28.09 -44.42 -143.13
N GLN C 275 28.18 -45.50 -142.34
CA GLN C 275 28.30 -46.83 -142.93
C GLN C 275 27.01 -47.23 -143.64
N LYS C 276 25.86 -46.89 -143.06
CA LYS C 276 24.58 -47.21 -143.70
C LYS C 276 24.37 -46.41 -144.97
N SER C 277 24.64 -45.09 -144.91
CA SER C 277 24.45 -44.22 -146.07
C SER C 277 25.56 -44.36 -147.10
N GLY C 278 26.66 -45.04 -146.76
CA GLY C 278 27.76 -45.23 -147.70
C GLY C 278 27.64 -46.52 -148.48
N ASP D 1 -10.59 -40.68 -76.58
CA ASP D 1 -11.19 -40.70 -77.90
C ASP D 1 -12.26 -39.62 -78.04
N VAL D 2 -13.52 -40.07 -78.13
CA VAL D 2 -14.64 -39.14 -78.21
C VAL D 2 -14.74 -38.33 -76.93
N MET D 3 -14.68 -39.00 -75.77
CA MET D 3 -14.64 -38.39 -74.45
C MET D 3 -15.87 -37.49 -74.22
N GLU D 4 -17.02 -38.17 -74.19
CA GLU D 4 -18.30 -37.47 -74.06
C GLU D 4 -18.38 -36.70 -72.75
N LYS D 5 -17.91 -37.29 -71.66
CA LYS D 5 -17.87 -36.61 -70.37
C LYS D 5 -16.58 -36.99 -69.64
N LYS D 6 -15.87 -35.98 -69.16
CA LYS D 6 -14.62 -36.22 -68.45
C LYS D 6 -14.89 -36.74 -67.04
N ASP D 7 -13.85 -37.33 -66.45
CA ASP D 7 -13.94 -37.88 -65.11
C ASP D 7 -13.01 -37.08 -64.17
N ALA D 8 -12.92 -37.53 -62.93
CA ALA D 8 -12.14 -36.81 -61.92
C ALA D 8 -10.66 -36.83 -62.24
N TRP D 9 -10.13 -37.96 -62.72
CA TRP D 9 -8.70 -38.05 -62.97
C TRP D 9 -8.30 -37.32 -64.25
N ASP D 10 -9.18 -37.28 -65.25
CA ASP D 10 -8.93 -36.41 -66.40
C ASP D 10 -8.90 -34.95 -65.97
N VAL D 11 -9.78 -34.57 -65.04
CA VAL D 11 -9.78 -33.21 -64.51
C VAL D 11 -8.47 -32.92 -63.77
N GLN D 12 -8.00 -33.88 -62.97
CA GLN D 12 -6.75 -33.70 -62.22
C GLN D 12 -5.56 -33.59 -63.17
N GLU D 13 -5.50 -34.44 -64.20
CA GLU D 13 -4.41 -34.37 -65.16
C GLU D 13 -4.46 -33.08 -65.95
N PHE D 14 -5.66 -32.60 -66.29
CA PHE D 14 -5.80 -31.32 -66.96
C PHE D 14 -5.34 -30.17 -66.08
N ILE D 15 -5.67 -30.21 -64.78
CA ILE D 15 -5.24 -29.17 -63.85
C ILE D 15 -3.71 -29.17 -63.74
N THR D 16 -3.11 -30.35 -63.64
CA THR D 16 -1.65 -30.42 -63.63
C THR D 16 -1.04 -29.98 -64.95
N GLN D 17 -1.77 -30.18 -66.06
CA GLN D 17 -1.31 -29.69 -67.35
C GLN D 17 -1.24 -28.17 -67.39
N MET D 18 -2.27 -27.49 -66.86
CA MET D 18 -2.17 -26.04 -66.76
C MET D 18 -1.14 -25.61 -65.73
N TYR D 19 -0.91 -26.43 -64.69
CA TYR D 19 0.08 -26.08 -63.68
C TYR D 19 1.50 -26.15 -64.25
N ILE D 20 1.79 -27.16 -65.07
CA ILE D 20 3.09 -27.22 -65.74
C ILE D 20 3.15 -26.35 -66.97
N LYS D 21 2.00 -25.89 -67.48
CA LYS D 21 2.02 -24.97 -68.62
C LYS D 21 2.62 -23.63 -68.25
N GLN D 22 2.31 -23.13 -67.05
CA GLN D 22 2.87 -21.88 -66.57
C GLN D 22 4.09 -22.15 -65.71
N LEU D 23 5.06 -21.24 -65.78
CA LEU D 23 6.27 -21.20 -64.93
C LEU D 23 7.25 -22.32 -65.30
N LEU D 24 6.85 -23.22 -66.18
CA LEU D 24 7.72 -24.27 -66.69
C LEU D 24 7.89 -24.24 -68.19
N ARG D 25 6.89 -23.76 -68.93
CA ARG D 25 6.98 -23.57 -70.37
C ARG D 25 6.94 -22.12 -70.79
N HIS D 26 6.33 -21.25 -69.99
CA HIS D 26 6.21 -19.84 -70.34
C HIS D 26 7.55 -19.14 -70.15
N PRO D 27 8.09 -18.50 -71.18
CA PRO D 27 9.36 -17.75 -71.01
C PRO D 27 9.21 -16.49 -70.17
N ALA D 28 7.98 -15.99 -69.98
CA ALA D 28 7.81 -14.72 -69.28
C ALA D 28 8.12 -14.85 -67.79
N PHE D 29 7.61 -15.90 -67.14
CA PHE D 29 7.85 -16.07 -65.71
C PHE D 29 9.31 -16.38 -65.42
N GLN D 30 9.92 -17.24 -66.23
CA GLN D 30 11.35 -17.51 -66.08
C GLN D 30 12.19 -16.28 -66.37
N LEU D 31 11.77 -15.46 -67.33
CA LEU D 31 12.47 -14.21 -67.61
C LEU D 31 12.38 -13.25 -66.43
N LEU D 32 11.21 -13.16 -65.80
CA LEU D 32 11.06 -12.31 -64.62
C LEU D 32 11.92 -12.81 -63.46
N LEU D 33 11.94 -14.13 -63.26
CA LEU D 33 12.78 -14.70 -62.20
C LEU D 33 14.25 -14.43 -62.47
N ALA D 34 14.69 -14.59 -63.72
CA ALA D 34 16.06 -14.30 -64.08
C ALA D 34 16.39 -12.82 -63.93
N PHE D 35 15.44 -11.94 -64.24
CA PHE D 35 15.65 -10.51 -64.04
C PHE D 35 15.84 -10.18 -62.56
N LEU D 36 14.99 -10.75 -61.70
CA LEU D 36 15.13 -10.52 -60.27
C LEU D 36 16.46 -11.06 -59.75
N LEU D 37 16.86 -12.24 -60.22
CA LEU D 37 18.10 -12.84 -59.75
C LEU D 37 19.31 -12.08 -60.25
N LEU D 38 19.26 -11.55 -61.48
CA LEU D 38 20.34 -10.70 -61.97
C LEU D 38 20.39 -9.38 -61.22
N SER D 39 19.24 -8.85 -60.82
CA SER D 39 19.22 -7.63 -60.01
C SER D 39 19.87 -7.85 -58.65
N ASN D 40 19.51 -8.96 -57.98
CA ASN D 40 20.16 -9.20 -56.69
C ASN D 40 21.62 -9.61 -56.87
N ALA D 41 22.00 -10.17 -58.01
CA ALA D 41 23.41 -10.38 -58.31
C ALA D 41 24.14 -9.05 -58.44
N ILE D 42 23.50 -8.07 -59.06
CA ILE D 42 24.09 -6.73 -59.16
C ILE D 42 24.26 -6.13 -57.78
N THR D 43 23.26 -6.30 -56.91
CA THR D 43 23.39 -5.83 -55.53
C THR D 43 24.48 -6.58 -54.77
N ILE D 44 24.69 -7.86 -55.09
CA ILE D 44 25.81 -8.60 -54.53
C ILE D 44 27.13 -7.98 -54.98
N ALA D 45 27.23 -7.63 -56.26
CA ALA D 45 28.41 -6.94 -56.78
C ALA D 45 28.56 -5.54 -56.21
N LEU D 46 27.48 -4.96 -55.68
CA LEU D 46 27.53 -3.65 -55.03
C LEU D 46 27.95 -3.75 -53.58
N ARG D 47 28.25 -4.95 -53.09
CA ARG D 47 28.76 -5.15 -51.74
C ARG D 47 30.27 -4.99 -51.76
N THR D 48 30.96 -5.43 -50.70
CA THR D 48 32.38 -5.18 -50.44
C THR D 48 32.64 -3.66 -50.36
N ASN D 49 31.64 -2.91 -49.90
CA ASN D 49 31.73 -1.45 -49.90
C ASN D 49 30.66 -0.97 -48.93
N SER D 50 31.09 -0.43 -47.79
CA SER D 50 30.14 0.08 -46.80
C SER D 50 29.61 1.46 -47.15
N TYR D 51 30.38 2.24 -47.93
CA TYR D 51 29.93 3.54 -48.40
C TYR D 51 28.63 3.45 -49.18
N LEU D 52 28.43 2.34 -49.90
CA LEU D 52 27.16 2.08 -50.55
C LEU D 52 26.17 1.38 -49.63
N GLY D 53 26.66 0.54 -48.71
CA GLY D 53 25.76 -0.25 -47.89
C GLY D 53 25.07 0.52 -46.80
N GLN D 54 25.57 1.72 -46.47
CA GLN D 54 24.95 2.50 -45.41
C GLN D 54 23.56 2.99 -45.78
N LYS D 55 23.34 3.34 -47.06
CA LYS D 55 21.98 3.64 -47.54
C LYS D 55 21.32 2.45 -48.22
N HIS D 56 21.85 1.24 -48.04
CA HIS D 56 21.35 0.12 -48.82
C HIS D 56 21.08 -1.11 -47.97
N TYR D 57 21.46 -1.07 -46.70
CA TYR D 57 21.39 -2.27 -45.86
C TYR D 57 19.93 -2.71 -45.67
N GLU D 58 19.04 -1.76 -45.41
CA GLU D 58 17.62 -2.11 -45.26
C GLU D 58 17.05 -2.62 -46.57
N LEU D 59 17.41 -2.01 -47.70
CA LEU D 59 16.96 -2.49 -48.98
C LEU D 59 17.54 -3.86 -49.31
N PHE D 60 18.80 -4.09 -48.90
CA PHE D 60 19.40 -5.40 -49.07
C PHE D 60 18.65 -6.46 -48.28
N SER D 61 18.25 -6.14 -47.04
CA SER D 61 17.47 -7.08 -46.25
C SER D 61 16.12 -7.36 -46.91
N THR D 62 15.46 -6.31 -47.40
CA THR D 62 14.15 -6.50 -48.04
C THR D 62 14.27 -7.37 -49.28
N ILE D 63 15.26 -7.12 -50.14
CA ILE D 63 15.38 -7.92 -51.35
C ILE D 63 15.83 -9.35 -51.02
N ASP D 64 16.57 -9.52 -49.92
CA ASP D 64 16.87 -10.87 -49.43
C ASP D 64 15.58 -11.61 -49.09
N ASP D 65 14.68 -10.93 -48.37
CA ASP D 65 13.40 -11.55 -48.03
C ASP D 65 12.58 -11.86 -49.28
N ILE D 66 12.61 -10.96 -50.26
CA ILE D 66 11.83 -11.15 -51.48
C ILE D 66 12.33 -12.37 -52.25
N VAL D 67 13.65 -12.48 -52.42
CA VAL D 67 14.19 -13.60 -53.16
C VAL D 67 14.00 -14.90 -52.38
N LEU D 68 14.07 -14.86 -51.05
CA LEU D 68 13.85 -16.07 -50.26
C LEU D 68 12.40 -16.53 -50.37
N THR D 69 11.45 -15.60 -50.34
CA THR D 69 10.05 -16.01 -50.40
C THR D 69 9.67 -16.48 -51.81
N ILE D 70 10.24 -15.90 -52.86
CA ILE D 70 9.94 -16.43 -54.19
C ILE D 70 10.61 -17.78 -54.39
N LEU D 71 11.79 -18.00 -53.80
CA LEU D 71 12.43 -19.31 -53.89
C LEU D 71 11.60 -20.37 -53.19
N ILE D 72 11.12 -20.08 -51.97
CA ILE D 72 10.35 -21.09 -51.26
C ILE D 72 8.97 -21.28 -51.91
N CYS D 73 8.43 -20.24 -52.55
CA CYS D 73 7.20 -20.41 -53.32
C CYS D 73 7.41 -21.34 -54.50
N GLU D 74 8.53 -21.18 -55.21
CA GLU D 74 8.85 -22.08 -56.31
C GLU D 74 9.02 -23.51 -55.82
N VAL D 75 9.69 -23.68 -54.67
CA VAL D 75 9.91 -25.02 -54.12
C VAL D 75 8.58 -25.65 -53.71
N LEU D 76 7.68 -24.86 -53.11
CA LEU D 76 6.37 -25.37 -52.73
C LEU D 76 5.55 -25.76 -53.95
N LEU D 77 5.60 -24.94 -55.01
CA LEU D 77 4.88 -25.28 -56.24
C LEU D 77 5.46 -26.54 -56.89
N GLY D 78 6.77 -26.74 -56.81
CA GLY D 78 7.35 -27.98 -57.29
C GLY D 78 6.93 -29.17 -56.45
N TRP D 79 6.81 -28.98 -55.13
CA TRP D 79 6.33 -30.04 -54.25
C TRP D 79 4.85 -30.33 -54.44
N LEU D 80 4.09 -29.40 -55.03
CA LEU D 80 2.67 -29.61 -55.23
C LEU D 80 2.39 -30.78 -56.17
N ASN D 81 3.21 -30.93 -57.21
CA ASN D 81 3.03 -32.04 -58.15
C ASN D 81 3.34 -33.39 -57.51
N GLY D 82 4.09 -33.41 -56.41
CA GLY D 82 4.40 -34.64 -55.73
C GLY D 82 5.75 -34.59 -55.03
N PHE D 83 5.80 -35.05 -53.79
CA PHE D 83 7.06 -35.03 -53.05
C PHE D 83 8.02 -36.09 -53.57
N TRP D 84 7.50 -37.21 -54.09
CA TRP D 84 8.36 -38.29 -54.55
C TRP D 84 9.18 -37.89 -55.77
N ILE D 85 8.55 -37.23 -56.75
CA ILE D 85 9.28 -36.86 -57.96
C ILE D 85 10.29 -35.76 -57.67
N PHE D 86 9.97 -34.83 -56.77
CA PHE D 86 10.93 -33.78 -56.41
C PHE D 86 12.08 -34.34 -55.59
N TRP D 87 11.81 -35.33 -54.73
CA TRP D 87 12.89 -35.97 -54.00
C TRP D 87 13.72 -36.86 -54.91
N LYS D 88 13.08 -37.52 -55.88
CA LYS D 88 13.77 -38.37 -56.85
C LYS D 88 14.01 -37.57 -58.13
N ASP D 89 14.98 -36.66 -58.05
CA ASP D 89 15.39 -35.89 -59.21
C ASP D 89 16.89 -35.65 -59.13
N GLY D 90 17.51 -35.45 -60.28
CA GLY D 90 18.96 -35.28 -60.32
C GLY D 90 19.42 -33.91 -59.88
N TRP D 91 18.60 -32.88 -60.09
CA TRP D 91 19.01 -31.51 -59.84
C TRP D 91 18.13 -30.77 -58.83
N ASN D 92 16.85 -31.11 -58.71
CA ASN D 92 15.97 -30.44 -57.77
C ASN D 92 16.41 -30.65 -56.32
N ILE D 93 17.17 -31.71 -56.05
CA ILE D 93 17.72 -31.92 -54.71
C ILE D 93 18.66 -30.77 -54.35
N LEU D 94 19.43 -30.27 -55.33
CA LEU D 94 20.36 -29.19 -55.07
C LEU D 94 19.63 -27.89 -54.72
N ASN D 95 18.57 -27.55 -55.48
CA ASN D 95 17.80 -26.35 -55.17
C ASN D 95 17.10 -26.48 -53.82
N PHE D 96 16.59 -27.68 -53.52
CA PHE D 96 15.95 -27.92 -52.23
C PHE D 96 16.94 -27.74 -51.09
N ALA D 97 18.16 -28.26 -51.24
CA ALA D 97 19.18 -28.09 -50.22
C ALA D 97 19.58 -26.63 -50.07
N ILE D 98 19.67 -25.91 -51.20
CA ILE D 98 20.04 -24.49 -51.16
C ILE D 98 19.00 -23.70 -50.38
N VAL D 99 17.72 -23.87 -50.72
CA VAL D 99 16.69 -23.11 -50.05
C VAL D 99 16.54 -23.56 -48.59
N PHE D 100 16.78 -24.84 -48.30
CA PHE D 100 16.67 -25.32 -46.93
C PHE D 100 17.76 -24.70 -46.05
N ILE D 101 19.01 -24.69 -46.53
CA ILE D 101 20.09 -24.09 -45.77
C ILE D 101 19.86 -22.59 -45.60
N LEU D 102 19.43 -21.91 -46.67
CA LEU D 102 19.23 -20.46 -46.58
C LEU D 102 18.11 -20.12 -45.60
N PHE D 103 16.99 -20.84 -45.66
CA PHE D 103 15.88 -20.54 -44.76
C PHE D 103 16.20 -20.93 -43.33
N MET D 104 16.94 -22.03 -43.13
CA MET D 104 17.33 -22.43 -41.78
C MET D 104 18.27 -21.40 -41.16
N GLY D 105 19.20 -20.87 -41.95
CA GLY D 105 20.06 -19.80 -41.45
C GLY D 105 19.35 -18.47 -41.30
N PHE D 106 18.26 -18.27 -42.04
CA PHE D 106 17.53 -17.00 -41.95
C PHE D 106 16.63 -16.95 -40.72
N PHE D 107 15.66 -17.86 -40.63
CA PHE D 107 14.69 -17.79 -39.55
C PHE D 107 15.31 -18.13 -38.21
N ILE D 108 16.07 -19.22 -38.15
CA ILE D 108 16.79 -19.58 -36.93
C ILE D 108 18.15 -18.89 -36.93
N LYS D 109 18.63 -18.56 -35.73
CA LYS D 109 19.94 -17.96 -35.58
C LYS D 109 21.03 -18.92 -36.07
N GLN D 110 22.04 -18.35 -36.72
CA GLN D 110 23.05 -19.18 -37.36
C GLN D 110 24.35 -18.41 -37.48
N LEU D 111 25.46 -19.15 -37.46
CA LEU D 111 26.79 -18.64 -37.73
C LEU D 111 27.16 -18.75 -39.19
N ASP D 112 26.18 -18.67 -40.09
CA ASP D 112 26.42 -18.94 -41.51
C ASP D 112 27.12 -17.78 -42.20
N MET D 113 26.79 -16.55 -41.81
CA MET D 113 27.32 -15.27 -42.31
C MET D 113 27.19 -15.10 -43.82
N VAL D 114 27.78 -14.02 -44.34
CA VAL D 114 27.77 -13.74 -45.78
C VAL D 114 28.42 -14.86 -46.57
N ALA D 115 29.38 -15.56 -45.96
CA ALA D 115 30.09 -16.66 -46.63
C ALA D 115 29.15 -17.83 -46.94
N ILE D 116 27.96 -17.84 -46.36
CA ILE D 116 26.92 -18.78 -46.77
C ILE D 116 25.82 -18.07 -47.55
N THR D 117 25.43 -16.87 -47.13
CA THR D 117 24.29 -16.21 -47.76
C THR D 117 24.55 -15.91 -49.24
N TYR D 118 25.74 -15.39 -49.57
CA TYR D 118 26.00 -15.01 -50.95
C TYR D 118 26.37 -16.18 -51.88
N PRO D 119 27.26 -17.11 -51.49
CA PRO D 119 27.51 -18.25 -52.39
C PRO D 119 26.30 -19.09 -52.69
N LEU D 120 25.37 -19.23 -51.74
CA LEU D 120 24.13 -19.96 -52.02
C LEU D 120 23.29 -19.22 -53.06
N ARG D 121 23.24 -17.89 -52.97
CA ARG D 121 22.52 -17.10 -53.97
C ARG D 121 23.13 -17.26 -55.36
N VAL D 122 24.46 -17.24 -55.45
CA VAL D 122 25.04 -17.40 -56.79
C VAL D 122 24.97 -18.83 -57.28
N LEU D 123 24.88 -19.81 -56.38
CA LEU D 123 24.57 -21.18 -56.79
C LEU D 123 23.18 -21.24 -57.40
N ARG D 124 22.21 -20.56 -56.79
CA ARG D 124 20.88 -20.47 -57.39
C ARG D 124 20.92 -19.72 -58.72
N LEU D 125 21.79 -18.71 -58.83
CA LEU D 125 21.98 -18.02 -60.10
C LEU D 125 22.42 -18.98 -61.19
N VAL D 126 23.39 -19.85 -60.86
CA VAL D 126 23.85 -20.85 -61.83
C VAL D 126 22.72 -21.82 -62.18
N HIS D 127 21.98 -22.27 -61.16
CA HIS D 127 20.93 -23.27 -61.38
C HIS D 127 19.78 -22.70 -62.20
N VAL D 128 19.59 -21.38 -62.14
CA VAL D 128 18.61 -20.75 -63.02
C VAL D 128 19.17 -20.59 -64.42
N CYS D 129 20.44 -20.16 -64.53
CA CYS D 129 21.01 -19.86 -65.83
C CYS D 129 21.25 -21.09 -66.69
N MET D 130 21.47 -22.27 -66.10
CA MET D 130 21.71 -23.44 -66.94
C MET D 130 20.42 -23.93 -67.59
N ALA D 131 19.27 -23.63 -66.98
CA ALA D 131 17.98 -23.97 -67.55
C ALA D 131 17.73 -23.29 -68.89
N VAL D 132 18.19 -22.06 -69.05
CA VAL D 132 18.19 -21.40 -70.35
C VAL D 132 19.26 -22.07 -71.19
N GLU D 133 18.90 -22.43 -72.43
CA GLU D 133 19.60 -23.48 -73.17
C GLU D 133 21.10 -23.30 -73.47
N PRO D 134 21.62 -22.13 -73.93
CA PRO D 134 22.95 -22.17 -74.54
C PRO D 134 24.12 -22.17 -73.55
N LEU D 135 23.99 -22.89 -72.44
CA LEU D 135 25.15 -23.37 -71.69
C LEU D 135 24.80 -24.71 -71.07
N ALA D 136 23.56 -25.16 -71.31
CA ALA D 136 23.09 -26.41 -70.72
C ALA D 136 23.82 -27.61 -71.27
N ARG D 137 24.13 -27.59 -72.57
CA ARG D 137 24.89 -28.68 -73.16
C ARG D 137 26.29 -28.78 -72.56
N ILE D 138 26.95 -27.64 -72.34
CA ILE D 138 28.31 -27.67 -71.80
C ILE D 138 28.31 -28.10 -70.33
N ILE D 139 27.34 -27.63 -69.54
CA ILE D 139 27.29 -28.08 -68.15
C ILE D 139 26.92 -29.56 -68.08
N LYS D 140 26.05 -30.02 -68.99
CA LYS D 140 25.67 -31.43 -69.05
C LYS D 140 26.87 -32.31 -69.37
N VAL D 141 27.69 -31.89 -70.33
CA VAL D 141 28.86 -32.71 -70.67
C VAL D 141 29.96 -32.57 -69.63
N ILE D 142 30.01 -31.47 -68.87
CA ILE D 142 30.95 -31.39 -67.75
C ILE D 142 30.59 -32.42 -66.68
N LEU D 143 29.30 -32.50 -66.33
CA LEU D 143 28.90 -33.50 -65.34
C LEU D 143 28.93 -34.92 -65.90
N GLN D 144 28.87 -35.08 -67.23
CA GLN D 144 29.11 -36.39 -67.82
C GLN D 144 30.58 -36.76 -67.82
N SER D 145 31.47 -35.77 -67.90
CA SER D 145 32.91 -36.02 -67.98
C SER D 145 33.55 -36.26 -66.62
N MET D 146 33.01 -35.65 -65.55
CA MET D 146 33.64 -35.81 -64.24
C MET D 146 33.77 -37.26 -63.73
N PRO D 147 32.81 -38.18 -63.93
CA PRO D 147 33.09 -39.57 -63.48
C PRO D 147 34.26 -40.22 -64.19
N ASP D 148 34.56 -39.80 -65.42
CA ASP D 148 35.75 -40.29 -66.10
C ASP D 148 37.00 -39.53 -65.66
N LEU D 149 36.81 -38.30 -65.15
CA LEU D 149 37.91 -37.59 -64.50
C LEU D 149 38.34 -38.27 -63.21
N ALA D 150 37.40 -38.93 -62.52
CA ALA D 150 37.67 -39.47 -61.19
C ALA D 150 38.77 -40.53 -61.21
N ASN D 151 38.73 -41.43 -62.20
CA ASN D 151 39.74 -42.49 -62.26
C ASN D 151 41.13 -41.93 -62.55
N VAL D 152 41.20 -40.92 -63.41
CA VAL D 152 42.49 -40.28 -63.70
C VAL D 152 43.03 -39.60 -62.45
N MET D 153 42.16 -38.90 -61.71
CA MET D 153 42.59 -38.28 -60.46
C MET D 153 43.09 -39.31 -59.46
N ALA D 154 42.37 -40.43 -59.33
CA ALA D 154 42.76 -41.46 -58.37
C ALA D 154 44.09 -42.09 -58.75
N LEU D 155 44.29 -42.39 -60.03
CA LEU D 155 45.57 -42.95 -60.48
C LEU D 155 46.71 -41.98 -60.26
N ILE D 156 46.47 -40.68 -60.54
CA ILE D 156 47.51 -39.67 -60.35
C ILE D 156 47.90 -39.60 -58.88
N LEU D 157 46.91 -39.56 -57.98
CA LEU D 157 47.21 -39.47 -56.55
C LEU D 157 47.92 -40.71 -56.04
N PHE D 158 47.53 -41.90 -56.51
CA PHE D 158 48.20 -43.12 -56.08
C PHE D 158 49.66 -43.16 -56.56
N PHE D 159 49.90 -42.78 -57.81
CA PHE D 159 51.27 -42.70 -58.31
C PHE D 159 52.08 -41.66 -57.54
N MET D 160 51.44 -40.55 -57.18
CA MET D 160 52.18 -39.51 -56.46
C MET D 160 52.50 -39.94 -55.04
N LEU D 161 51.65 -40.78 -54.44
CA LEU D 161 52.00 -41.36 -53.14
C LEU D 161 53.17 -42.34 -53.26
N VAL D 162 53.12 -43.25 -54.24
CA VAL D 162 54.17 -44.25 -54.35
C VAL D 162 55.48 -43.65 -54.82
N PHE D 163 55.46 -42.44 -55.39
CA PHE D 163 56.71 -41.71 -55.60
C PHE D 163 57.04 -40.75 -54.45
N SER D 164 56.05 -40.40 -53.64
CA SER D 164 56.30 -39.57 -52.48
C SER D 164 56.99 -40.36 -51.38
N VAL D 165 56.92 -41.70 -51.41
CA VAL D 165 57.78 -42.49 -50.54
C VAL D 165 59.25 -42.22 -50.88
N PHE D 166 59.59 -42.28 -52.17
CA PHE D 166 60.93 -41.94 -52.63
C PHE D 166 61.28 -40.50 -52.31
N GLY D 167 60.29 -39.61 -52.38
CA GLY D 167 60.47 -38.24 -51.95
C GLY D 167 60.85 -38.12 -50.48
N VAL D 168 60.01 -38.64 -49.59
CA VAL D 168 60.20 -38.49 -48.16
C VAL D 168 61.42 -39.26 -47.63
N THR D 169 62.00 -40.15 -48.44
CA THR D 169 63.30 -40.70 -48.03
C THR D 169 64.39 -39.64 -47.98
N LEU D 170 64.29 -38.58 -48.80
CA LEU D 170 65.28 -37.52 -48.81
C LEU D 170 64.67 -36.22 -48.30
N PHE D 171 63.62 -36.33 -47.49
CA PHE D 171 62.88 -35.17 -47.02
C PHE D 171 62.94 -35.10 -45.50
N GLY D 172 62.53 -33.96 -44.95
CA GLY D 172 62.36 -33.82 -43.53
C GLY D 172 63.61 -33.44 -42.76
N ALA D 173 63.53 -32.35 -41.99
CA ALA D 173 64.58 -31.84 -41.10
C ALA D 173 65.84 -31.42 -41.85
N PHE D 174 65.84 -31.55 -43.17
CA PHE D 174 66.91 -31.10 -44.04
C PHE D 174 66.27 -30.71 -45.36
N VAL D 175 66.72 -29.60 -45.93
CA VAL D 175 65.95 -28.71 -46.82
C VAL D 175 64.49 -28.72 -46.35
N PRO D 176 64.23 -28.22 -45.12
CA PRO D 176 62.93 -28.43 -44.48
C PRO D 176 61.89 -27.35 -44.77
N LYS D 177 60.76 -27.46 -44.05
CA LYS D 177 59.67 -26.49 -43.99
C LYS D 177 58.81 -26.48 -45.24
N HIS D 178 59.22 -27.23 -46.27
CA HIS D 178 58.36 -27.55 -47.39
C HIS D 178 58.44 -29.01 -47.80
N PHE D 179 59.50 -29.72 -47.44
CA PHE D 179 59.59 -31.16 -47.64
C PHE D 179 59.31 -31.94 -46.37
N GLN D 180 59.09 -31.26 -45.25
CA GLN D 180 58.75 -31.93 -43.99
C GLN D 180 57.24 -32.03 -43.86
N ASN D 181 56.76 -32.51 -42.71
CA ASN D 181 55.35 -32.49 -42.28
C ASN D 181 54.45 -33.43 -43.09
N MET D 182 55.04 -34.13 -44.06
CA MET D 182 54.59 -35.34 -44.78
C MET D 182 53.27 -35.13 -45.53
N GLY D 183 52.59 -34.00 -45.30
CA GLY D 183 51.42 -33.62 -46.05
C GLY D 183 51.64 -32.26 -46.66
N VAL D 184 52.41 -31.43 -45.96
CA VAL D 184 52.95 -30.23 -46.58
C VAL D 184 53.99 -30.62 -47.62
N ALA D 185 54.73 -31.71 -47.37
CA ALA D 185 55.61 -32.27 -48.38
C ALA D 185 54.81 -32.73 -49.60
N LEU D 186 53.70 -33.44 -49.36
CA LEU D 186 52.85 -33.91 -50.45
C LEU D 186 52.29 -32.73 -51.24
N TYR D 187 51.85 -31.69 -50.54
CA TYR D 187 51.24 -30.57 -51.25
C TYR D 187 52.29 -29.68 -51.92
N THR D 188 53.52 -29.64 -51.42
CA THR D 188 54.60 -28.98 -52.14
C THR D 188 54.97 -29.75 -53.40
N LEU D 189 54.96 -31.08 -53.32
CA LEU D 189 55.13 -31.89 -54.52
C LEU D 189 54.00 -31.63 -55.50
N PHE D 190 52.77 -31.46 -55.01
CA PHE D 190 51.64 -31.12 -55.88
C PHE D 190 51.83 -29.73 -56.50
N ILE D 191 52.37 -28.79 -55.74
CA ILE D 191 52.68 -27.46 -56.27
C ILE D 191 53.65 -27.57 -57.43
N CYS D 192 54.68 -28.40 -57.26
CA CYS D 192 55.63 -28.61 -58.36
C CYS D 192 55.01 -29.38 -59.51
N ILE D 193 54.01 -30.23 -59.23
CA ILE D 193 53.27 -30.90 -60.29
C ILE D 193 52.50 -29.88 -61.13
N THR D 194 51.91 -28.87 -60.48
CA THR D 194 51.26 -27.79 -61.21
C THR D 194 52.25 -26.98 -62.05
N GLN D 195 53.55 -27.11 -61.79
CA GLN D 195 54.62 -26.71 -62.71
C GLN D 195 54.62 -25.20 -62.97
N ASP D 196 54.84 -24.44 -61.90
CA ASP D 196 55.04 -23.01 -62.01
C ASP D 196 55.84 -22.50 -60.82
N GLY D 197 56.94 -21.82 -61.12
CA GLY D 197 57.70 -21.12 -60.10
C GLY D 197 58.32 -21.98 -59.02
N TRP D 198 58.94 -23.10 -59.40
CA TRP D 198 59.65 -23.92 -58.44
C TRP D 198 61.12 -23.53 -58.32
N LEU D 199 61.54 -22.43 -58.94
CA LEU D 199 62.91 -21.97 -58.79
C LEU D 199 63.20 -21.48 -57.38
N ASP D 200 62.18 -21.08 -56.63
CA ASP D 200 62.36 -20.86 -55.20
C ASP D 200 62.74 -22.15 -54.51
N ILE D 201 62.08 -23.25 -54.86
CA ILE D 201 62.46 -24.56 -54.35
C ILE D 201 63.82 -24.98 -54.90
N TYR D 202 64.11 -24.62 -56.15
CA TYR D 202 65.41 -24.97 -56.75
C TYR D 202 66.55 -24.29 -55.99
N THR D 203 66.36 -23.04 -55.59
CA THR D 203 67.35 -22.39 -54.73
C THR D 203 67.26 -22.88 -53.30
N ASP D 204 66.14 -23.50 -52.90
CA ASP D 204 66.01 -24.00 -51.53
C ASP D 204 66.95 -25.17 -51.27
N PHE D 205 67.00 -26.14 -52.18
CA PHE D 205 67.94 -27.25 -52.02
C PHE D 205 69.25 -27.01 -52.77
N GLN D 206 69.47 -25.79 -53.26
CA GLN D 206 70.73 -25.46 -53.91
C GLN D 206 71.87 -25.46 -52.89
N MET D 207 73.09 -25.63 -53.41
CA MET D 207 74.32 -25.59 -52.61
C MET D 207 74.33 -26.67 -51.53
N ASP D 208 74.12 -27.92 -51.93
CA ASP D 208 74.22 -29.03 -50.98
C ASP D 208 75.68 -29.33 -50.67
N GLU D 209 76.47 -29.66 -51.71
CA GLU D 209 77.93 -29.60 -51.61
C GLU D 209 78.48 -28.87 -52.83
N ARG D 210 77.76 -27.88 -53.32
CA ARG D 210 78.11 -26.80 -54.25
C ARG D 210 78.57 -27.28 -55.62
N GLU D 211 78.81 -28.58 -55.84
CA GLU D 211 79.00 -29.05 -57.21
C GLU D 211 78.02 -30.14 -57.62
N TYR D 212 78.08 -31.32 -56.98
CA TYR D 212 77.18 -32.41 -57.34
C TYR D 212 76.38 -32.83 -56.12
N ALA D 213 77.03 -33.31 -55.03
CA ALA D 213 76.39 -33.94 -53.88
C ALA D 213 75.17 -34.80 -54.19
N MET D 214 74.11 -34.61 -53.41
CA MET D 214 72.76 -35.01 -53.78
C MET D 214 72.02 -33.89 -54.49
N GLU D 215 72.63 -32.70 -54.58
CA GLU D 215 72.14 -31.58 -55.37
C GLU D 215 71.93 -31.99 -56.82
N VAL D 216 72.73 -32.94 -57.32
CA VAL D 216 72.43 -33.52 -58.62
C VAL D 216 71.31 -34.54 -58.52
N GLY D 217 71.49 -35.54 -57.66
CA GLY D 217 70.65 -36.73 -57.65
C GLY D 217 69.19 -36.51 -57.31
N GLY D 218 68.92 -35.91 -56.14
CA GLY D 218 67.54 -35.66 -55.75
C GLY D 218 66.85 -34.73 -56.72
N ALA D 219 67.56 -33.69 -57.18
CA ALA D 219 67.01 -32.74 -58.13
C ALA D 219 66.65 -33.40 -59.46
N ILE D 220 67.54 -34.26 -59.99
CA ILE D 220 67.25 -34.85 -61.30
C ILE D 220 66.16 -35.90 -61.19
N TYR D 221 66.15 -36.70 -60.11
CA TYR D 221 65.08 -37.67 -59.92
C TYR D 221 63.74 -36.97 -59.83
N PHE D 222 63.66 -35.95 -58.97
CA PHE D 222 62.40 -35.24 -58.77
C PHE D 222 62.01 -34.46 -60.00
N ALA D 223 62.97 -33.96 -60.78
CA ALA D 223 62.65 -33.16 -61.96
C ALA D 223 62.12 -34.04 -63.10
N VAL D 224 62.76 -35.19 -63.35
CA VAL D 224 62.25 -36.06 -64.39
C VAL D 224 60.90 -36.66 -63.97
N PHE D 225 60.73 -36.96 -62.68
CA PHE D 225 59.45 -37.41 -62.18
C PHE D 225 58.39 -36.33 -62.35
N ILE D 226 58.75 -35.07 -62.07
CA ILE D 226 57.80 -33.96 -62.20
C ILE D 226 57.38 -33.77 -63.65
N THR D 227 58.35 -33.79 -64.57
CA THR D 227 57.99 -33.53 -65.96
C THR D 227 57.17 -34.68 -66.54
N LEU D 228 57.50 -35.93 -66.18
CA LEU D 228 56.71 -37.07 -66.66
C LEU D 228 55.30 -37.03 -66.09
N GLY D 229 55.18 -36.77 -64.79
CA GLY D 229 53.87 -36.73 -64.17
C GLY D 229 53.01 -35.58 -64.66
N ALA D 230 53.63 -34.41 -64.88
CA ALA D 230 52.90 -33.25 -65.38
C ALA D 230 52.39 -33.50 -66.79
N PHE D 231 53.24 -34.06 -67.67
CA PHE D 231 52.79 -34.40 -69.02
C PHE D 231 51.66 -35.42 -68.98
N ILE D 232 51.82 -36.47 -68.16
CA ILE D 232 50.81 -37.52 -68.09
C ILE D 232 49.48 -36.97 -67.59
N GLY D 233 49.54 -36.13 -66.54
CA GLY D 233 48.32 -35.56 -66.00
C GLY D 233 47.61 -34.64 -66.98
N LEU D 234 48.36 -33.73 -67.60
CA LEU D 234 47.75 -32.79 -68.54
C LEU D 234 47.16 -33.51 -69.75
N ASN D 235 47.90 -34.49 -70.29
CA ASN D 235 47.37 -35.31 -71.37
C ASN D 235 46.08 -36.00 -70.93
N LEU D 236 46.14 -36.83 -69.88
CA LEU D 236 45.00 -37.60 -69.43
C LEU D 236 43.78 -36.70 -69.19
N PHE D 237 44.00 -35.49 -68.69
CA PHE D 237 42.91 -34.52 -68.55
C PHE D 237 42.28 -34.19 -69.90
N VAL D 238 43.10 -33.77 -70.88
CA VAL D 238 42.52 -33.32 -72.14
C VAL D 238 41.90 -34.49 -72.91
N VAL D 239 42.47 -35.68 -72.76
CA VAL D 239 41.95 -36.84 -73.50
C VAL D 239 40.65 -37.34 -72.88
N VAL D 240 40.53 -37.30 -71.54
CA VAL D 240 39.25 -37.62 -70.93
C VAL D 240 38.20 -36.60 -71.33
N VAL D 241 38.59 -35.32 -71.42
CA VAL D 241 37.67 -34.28 -71.86
C VAL D 241 37.13 -34.58 -73.27
N THR D 242 38.05 -34.85 -74.21
CA THR D 242 37.60 -35.10 -75.57
C THR D 242 36.86 -36.44 -75.70
N THR D 243 37.20 -37.42 -74.87
CA THR D 243 36.52 -38.71 -74.90
C THR D 243 35.07 -38.57 -74.46
N ASN D 244 34.84 -37.86 -73.36
CA ASN D 244 33.47 -37.66 -72.91
C ASN D 244 32.73 -36.65 -73.76
N LEU D 245 33.45 -35.78 -74.48
CA LEU D 245 32.79 -34.83 -75.38
C LEU D 245 32.36 -35.51 -76.68
N GLU D 246 33.08 -36.55 -77.11
CA GLU D 246 32.64 -37.32 -78.27
C GLU D 246 31.29 -37.99 -78.01
N GLN D 247 31.01 -38.32 -76.74
CA GLN D 247 29.67 -38.77 -76.38
C GLN D 247 28.62 -37.70 -76.62
N MET D 248 28.95 -36.43 -76.40
CA MET D 248 28.05 -35.35 -76.76
C MET D 248 27.86 -35.28 -78.27
N MET D 249 28.95 -35.41 -79.03
CA MET D 249 28.86 -35.27 -80.48
C MET D 249 28.11 -36.42 -81.14
N LYS D 250 27.89 -37.52 -80.44
CA LYS D 250 27.05 -38.60 -80.95
C LYS D 250 25.58 -38.33 -80.65
N VAL E 1 66.77 27.56 -3.61
CA VAL E 1 65.75 27.65 -2.57
C VAL E 1 66.35 27.21 -1.24
N ILE E 2 66.70 28.18 -0.41
CA ILE E 2 67.31 27.96 0.89
C ILE E 2 66.55 28.78 1.91
N HIS E 3 66.24 28.17 3.06
CA HIS E 3 65.32 28.80 4.00
C HIS E 3 65.98 29.93 4.78
N ASN E 4 67.14 29.67 5.38
CA ASN E 4 67.82 30.67 6.19
C ASN E 4 68.96 31.35 5.43
N LYS E 5 68.78 31.56 4.12
CA LYS E 5 69.83 32.19 3.32
C LYS E 5 70.04 33.65 3.72
N GLY E 6 69.02 34.29 4.26
CA GLY E 6 69.17 35.65 4.73
C GLY E 6 68.37 36.66 3.94
N LYS E 7 67.23 37.07 4.48
CA LYS E 7 66.44 38.17 3.94
C LYS E 7 66.30 39.22 5.04
N GLU E 8 66.66 40.46 4.72
CA GLU E 8 66.60 41.54 5.69
C GLU E 8 66.07 42.84 5.12
N ARG E 9 65.74 42.88 3.83
CA ARG E 9 65.22 44.08 3.19
C ARG E 9 63.92 43.75 2.47
N THR E 10 62.95 44.65 2.59
CA THR E 10 61.72 44.56 1.80
C THR E 10 61.91 45.45 0.58
N TYR E 11 62.23 44.83 -0.56
CA TYR E 11 62.57 45.59 -1.75
C TYR E 11 61.37 46.14 -2.48
N PHE E 12 60.16 45.61 -2.25
CA PHE E 12 59.00 45.93 -3.06
C PHE E 12 57.93 46.57 -2.20
N SER E 13 57.24 47.56 -2.76
CA SER E 13 56.14 48.24 -2.07
C SER E 13 54.92 48.20 -2.99
N CYS E 14 53.93 47.41 -2.61
CA CYS E 14 52.72 47.24 -3.40
C CYS E 14 51.51 47.72 -2.62
N SER E 15 50.46 48.06 -3.34
CA SER E 15 49.21 48.51 -2.72
C SER E 15 48.08 48.31 -3.71
N GLY E 16 46.93 47.88 -3.20
CA GLY E 16 45.74 47.75 -4.00
C GLY E 16 44.80 48.93 -3.94
N GLU E 17 45.09 49.91 -3.09
CA GLU E 17 44.31 51.12 -2.85
C GLU E 17 42.91 50.83 -2.30
N GLY E 18 42.63 49.59 -1.91
CA GLY E 18 41.33 49.27 -1.36
C GLY E 18 41.27 49.49 0.14
N ILE E 19 42.16 48.83 0.88
CA ILE E 19 42.29 49.01 2.31
C ILE E 19 43.76 49.23 2.63
N LEU E 20 44.07 50.28 3.38
CA LEU E 20 45.44 50.61 3.71
C LEU E 20 45.83 50.00 5.07
N THR E 21 47.08 49.54 5.15
CA THR E 21 47.62 48.98 6.38
C THR E 21 49.02 49.55 6.63
N GLY E 22 49.75 48.97 7.57
CA GLY E 22 51.12 49.37 7.78
C GLY E 22 51.98 49.09 6.56
N LEU E 23 52.80 50.07 6.20
CA LEU E 23 53.66 49.95 5.01
C LEU E 23 54.79 48.96 5.19
N HIS E 24 55.03 48.49 6.42
CA HIS E 24 56.13 47.55 6.67
C HIS E 24 55.92 46.20 6.00
N THR E 25 54.68 45.85 5.68
CA THR E 25 54.37 44.59 5.03
C THR E 25 53.26 44.81 4.01
N ILE E 26 53.07 43.83 3.14
CA ILE E 26 52.04 43.90 2.10
C ILE E 26 50.87 43.04 2.53
N LYS E 27 49.72 43.67 2.71
CA LYS E 27 48.46 42.98 3.01
C LYS E 27 47.47 43.31 1.91
N LEU E 28 46.87 42.28 1.31
CA LEU E 28 45.95 42.46 0.20
C LEU E 28 44.65 41.73 0.48
N PHE E 29 43.56 42.24 -0.09
CA PHE E 29 42.25 41.70 0.13
C PHE E 29 41.59 41.40 -1.20
N LEU E 30 40.91 40.26 -1.29
CA LEU E 30 40.31 39.77 -2.51
C LEU E 30 38.79 39.84 -2.37
N THR E 31 38.15 40.55 -3.30
CA THR E 31 36.71 40.72 -3.29
C THR E 31 36.13 40.09 -4.56
N MET E 32 34.84 40.33 -4.79
CA MET E 32 34.19 39.85 -6.01
C MET E 32 34.76 40.52 -7.25
N ASP E 33 35.38 41.69 -7.11
CA ASP E 33 35.98 42.39 -8.22
C ASP E 33 37.41 41.91 -8.45
N ASN E 34 38.01 42.42 -9.51
CA ASN E 34 39.37 42.01 -9.86
C ASN E 34 40.38 42.59 -8.87
N LEU E 35 41.32 41.75 -8.47
CA LEU E 35 42.43 42.17 -7.61
C LEU E 35 43.38 43.01 -8.45
N LYS E 36 43.29 44.32 -8.31
CA LYS E 36 44.15 45.25 -9.03
C LYS E 36 45.19 45.79 -8.04
N VAL E 37 46.45 45.63 -8.38
CA VAL E 37 47.53 46.10 -7.52
C VAL E 37 48.49 46.96 -8.34
N ARG E 38 49.07 47.96 -7.66
CA ARG E 38 50.15 48.77 -8.18
C ARG E 38 51.33 48.60 -7.25
N CYS E 39 52.49 48.23 -7.81
CA CYS E 39 53.66 47.95 -7.01
C CYS E 39 54.88 48.59 -7.64
N PHE E 40 55.75 49.15 -6.80
CA PHE E 40 57.00 49.74 -7.26
C PHE E 40 58.17 49.20 -6.46
N PHE E 41 59.37 49.53 -6.94
CA PHE E 41 60.62 49.04 -6.38
C PHE E 41 61.10 50.00 -5.29
N ARG E 42 61.21 49.50 -4.07
CA ARG E 42 61.65 50.30 -2.94
C ARG E 42 63.16 50.23 -2.83
N ASN E 43 63.80 51.38 -2.77
CA ASN E 43 65.26 51.49 -2.75
C ASN E 43 65.62 52.57 -1.74
N GLU E 44 66.84 53.10 -1.85
CA GLU E 44 67.26 54.20 -0.98
C GLU E 44 66.37 55.43 -1.10
N ASN E 45 65.65 55.56 -2.21
CA ASN E 45 64.58 56.54 -2.34
C ASN E 45 63.25 55.81 -2.20
N GLN E 46 62.43 56.23 -1.24
CA GLN E 46 61.17 55.55 -0.97
C GLN E 46 60.03 55.98 -1.89
N SER E 47 60.18 57.09 -2.61
CA SER E 47 59.15 57.50 -3.54
C SER E 47 59.25 56.69 -4.84
N PRO E 48 58.12 56.47 -5.52
CA PRO E 48 58.17 55.81 -6.83
C PRO E 48 58.98 56.62 -7.83
N SER E 49 59.71 55.92 -8.69
CA SER E 49 60.66 56.55 -9.60
C SER E 49 60.44 56.05 -11.02
N LYS E 50 60.59 56.96 -11.98
CA LYS E 50 60.52 56.60 -13.39
C LYS E 50 61.90 56.30 -13.98
N GLU E 51 62.95 56.36 -13.18
CA GLU E 51 64.27 56.06 -13.70
C GLU E 51 64.63 54.59 -13.47
N ILE E 52 64.40 54.08 -12.27
CA ILE E 52 64.69 52.68 -11.99
C ILE E 52 63.73 51.77 -12.75
N LEU E 53 62.52 52.25 -13.01
CA LEU E 53 61.55 51.43 -13.74
C LEU E 53 61.99 51.23 -15.18
N GLY E 54 62.44 52.29 -15.84
CA GLY E 54 62.99 52.16 -17.18
C GLY E 54 64.33 51.46 -17.22
N LEU E 55 65.08 51.51 -16.12
CA LEU E 55 66.29 50.71 -16.04
C LEU E 55 65.96 49.22 -16.03
N PHE E 56 64.92 48.84 -15.30
CA PHE E 56 64.55 47.44 -15.22
C PHE E 56 63.83 46.95 -16.48
N THR E 57 62.98 47.79 -17.09
CA THR E 57 62.19 47.38 -18.23
C THR E 57 62.88 47.65 -19.56
N SER E 58 64.21 47.71 -19.58
CA SER E 58 64.96 47.73 -20.82
C SER E 58 65.83 46.50 -20.99
N GLY E 59 65.92 45.65 -19.98
CA GLY E 59 66.47 44.32 -20.11
C GLY E 59 65.42 43.24 -20.17
N GLY E 60 64.16 43.60 -20.37
CA GLY E 60 63.10 42.62 -20.44
C GLY E 60 62.80 41.93 -19.13
N LEU E 61 62.88 42.64 -18.02
CA LEU E 61 62.60 42.11 -16.70
C LEU E 61 61.32 42.72 -16.16
N ALA E 62 60.42 41.88 -15.66
CA ALA E 62 59.17 42.32 -15.08
C ALA E 62 58.90 41.49 -13.83
N PRO E 63 58.22 42.05 -12.84
CA PRO E 63 58.00 41.32 -11.58
C PRO E 63 57.10 40.12 -11.77
N ASN E 64 57.10 39.27 -10.74
CA ASN E 64 56.32 38.04 -10.73
C ASN E 64 55.71 37.88 -9.35
N MET E 65 54.42 37.55 -9.30
CA MET E 65 53.68 37.40 -8.06
C MET E 65 53.32 35.94 -7.87
N ILE E 66 53.77 35.36 -6.77
CA ILE E 66 53.53 33.96 -6.48
C ILE E 66 52.57 33.88 -5.31
N ILE E 67 51.42 33.25 -5.54
CA ILE E 67 50.41 33.01 -4.53
C ILE E 67 50.52 31.57 -4.10
N THR E 68 50.69 31.34 -2.80
CA THR E 68 50.84 29.98 -2.30
C THR E 68 49.92 29.74 -1.12
N ASN E 69 49.49 28.49 -1.00
CA ASN E 69 48.58 28.02 0.04
C ASN E 69 49.23 26.86 0.75
N SER E 70 48.47 26.14 1.58
CA SER E 70 48.99 24.89 2.12
C SER E 70 48.93 23.76 1.11
N THR E 71 48.18 23.93 0.02
CA THR E 71 48.01 22.88 -0.97
C THR E 71 48.07 23.40 -2.40
N PHE E 72 48.49 24.64 -2.63
CA PHE E 72 48.36 25.24 -3.94
C PHE E 72 49.54 26.17 -4.22
N TYR E 73 49.97 26.17 -5.48
CA TYR E 73 50.99 27.09 -5.97
C TYR E 73 50.50 27.74 -7.24
N GLY E 74 50.70 29.04 -7.37
CA GLY E 74 50.30 29.74 -8.58
C GLY E 74 51.18 30.94 -8.82
N GLY E 75 51.39 31.24 -10.09
CA GLY E 75 52.22 32.38 -10.47
C GLY E 75 51.53 33.25 -11.49
N TYR E 76 51.73 34.56 -11.35
CA TYR E 76 51.10 35.54 -12.21
C TYR E 76 52.15 36.56 -12.62
N TYR E 77 52.10 36.98 -13.88
CA TYR E 77 53.17 37.77 -14.48
C TYR E 77 52.70 39.19 -14.71
N PHE E 78 53.46 40.16 -14.19
CA PHE E 78 53.29 41.53 -14.61
C PHE E 78 53.73 41.67 -16.06
N LYS E 79 52.94 42.41 -16.85
CA LYS E 79 53.24 42.53 -18.26
C LYS E 79 54.33 43.56 -18.50
N LEU E 80 54.95 43.47 -19.68
CA LEU E 80 55.97 44.42 -20.10
C LEU E 80 55.31 45.53 -20.90
N THR E 81 55.55 46.78 -20.49
CA THR E 81 54.90 47.94 -21.06
C THR E 81 55.93 49.04 -21.21
N PRO E 82 55.79 49.91 -22.20
CA PRO E 82 56.73 51.03 -22.33
C PRO E 82 56.74 51.93 -21.10
N PHE E 83 57.93 52.38 -20.74
CA PHE E 83 58.15 53.18 -19.54
C PHE E 83 57.99 54.68 -19.78
N SER E 84 57.41 55.07 -20.92
CA SER E 84 57.27 56.49 -21.25
C SER E 84 56.39 57.21 -20.25
N ASN E 85 55.29 56.58 -19.82
CA ASN E 85 54.34 57.23 -18.93
C ASN E 85 54.20 56.56 -17.57
N ARG E 86 54.44 55.26 -17.47
CA ARG E 86 54.20 54.55 -16.21
C ARG E 86 55.23 54.93 -15.16
N LEU E 87 54.78 54.97 -13.92
CA LEU E 87 55.62 55.17 -12.75
C LEU E 87 55.75 53.92 -11.89
N GLU E 88 54.67 53.15 -11.75
CA GLU E 88 54.67 51.93 -10.97
C GLU E 88 54.09 50.80 -11.81
N TRP E 89 54.53 49.58 -11.53
CA TRP E 89 54.00 48.40 -12.21
C TRP E 89 52.55 48.15 -11.80
N LEU E 90 51.78 47.60 -12.73
CA LEU E 90 50.34 47.42 -12.57
C LEU E 90 49.95 46.01 -12.92
N ILE E 91 48.95 45.46 -12.22
CA ILE E 91 48.36 44.18 -12.60
C ILE E 91 46.92 44.13 -12.13
N ASP E 92 46.13 43.30 -12.80
CA ASP E 92 44.75 43.01 -12.40
C ASP E 92 44.46 41.54 -12.64
N ILE E 93 44.24 40.80 -11.57
CA ILE E 93 43.93 39.38 -11.60
C ILE E 93 42.43 39.21 -11.40
N PRO E 94 41.70 38.63 -12.36
CA PRO E 94 40.31 38.26 -12.09
C PRO E 94 40.22 37.23 -10.97
N ARG E 95 39.10 37.29 -10.24
CA ARG E 95 38.92 36.41 -9.08
C ARG E 95 38.90 34.94 -9.49
N GLN E 96 38.36 34.63 -10.68
CA GLN E 96 38.25 33.25 -11.13
C GLN E 96 39.60 32.59 -11.37
N ASN E 97 40.69 33.35 -11.42
CA ASN E 97 42.01 32.77 -11.56
C ASN E 97 42.56 32.22 -10.26
N ILE E 98 41.97 32.56 -9.11
CA ILE E 98 42.47 32.08 -7.83
C ILE E 98 41.50 31.09 -7.22
N THR E 99 40.28 31.53 -6.92
CA THR E 99 39.23 30.64 -6.42
C THR E 99 38.00 30.80 -7.30
N VAL E 100 37.28 29.70 -7.52
CA VAL E 100 36.08 29.74 -8.34
C VAL E 100 34.83 29.70 -7.47
N ASN E 101 34.93 29.06 -6.30
CA ASN E 101 33.78 28.94 -5.42
C ASN E 101 33.66 30.16 -4.52
N THR E 102 32.42 30.58 -4.26
CA THR E 102 32.15 31.81 -3.51
C THR E 102 31.10 31.56 -2.43
N ASP E 103 31.17 30.41 -1.78
CA ASP E 103 30.31 30.12 -0.66
C ASP E 103 30.95 30.67 0.62
N ILE E 104 30.33 30.41 1.77
CA ILE E 104 30.89 30.78 3.06
C ILE E 104 31.38 29.51 3.72
N ALA E 105 32.69 29.43 3.96
CA ALA E 105 33.29 28.24 4.55
C ALA E 105 34.63 28.64 5.15
N ALA E 106 35.29 27.65 5.76
CA ALA E 106 36.61 27.87 6.33
C ALA E 106 37.65 27.77 5.21
N VAL E 107 38.32 28.88 4.93
CA VAL E 107 39.31 28.96 3.87
C VAL E 107 40.57 29.61 4.43
N GLU E 108 41.73 29.09 4.05
CA GLU E 108 42.99 29.60 4.56
C GLU E 108 43.35 30.92 3.89
N GLN E 109 44.34 31.60 4.48
CA GLN E 109 44.93 32.79 3.89
C GLN E 109 45.96 32.38 2.84
N TRP E 110 46.46 33.36 2.10
CA TRP E 110 47.44 33.12 1.06
C TRP E 110 48.71 33.89 1.35
N MET E 111 49.85 33.29 1.01
CA MET E 111 51.12 33.98 1.09
C MET E 111 51.52 34.49 -0.28
N ILE E 112 51.94 35.74 -0.34
CA ILE E 112 52.32 36.41 -1.58
C ILE E 112 53.83 36.59 -1.55
N LYS E 113 54.48 36.21 -2.63
CA LYS E 113 55.90 36.48 -2.83
C LYS E 113 56.06 37.26 -4.12
N ILE E 114 56.48 38.52 -3.99
CA ILE E 114 56.78 39.36 -5.14
C ILE E 114 58.28 39.28 -5.38
N THR E 115 58.65 39.00 -6.63
CA THR E 115 60.06 38.88 -6.99
C THR E 115 60.30 39.52 -8.35
N MET E 116 61.56 39.76 -8.67
CA MET E 116 61.89 40.37 -9.96
C MET E 116 61.99 39.33 -11.07
N HIS E 117 62.29 38.08 -10.72
CA HIS E 117 62.29 36.99 -11.69
C HIS E 117 61.99 35.70 -10.94
N GLU E 118 61.33 34.77 -11.64
CA GLU E 118 60.81 33.59 -10.97
C GLU E 118 61.90 32.58 -10.67
N GLY E 119 62.51 32.02 -11.72
CA GLY E 119 63.50 30.97 -11.53
C GLY E 119 64.77 31.48 -10.89
N LEU E 120 65.21 32.67 -11.29
CA LEU E 120 66.40 33.32 -10.73
C LEU E 120 65.90 34.35 -9.74
N ASN E 121 65.61 33.88 -8.53
CA ASN E 121 64.93 34.72 -7.55
C ASN E 121 65.94 35.65 -6.90
N ILE E 122 65.74 36.96 -7.07
CA ILE E 122 66.74 37.95 -6.71
C ILE E 122 66.24 38.94 -5.67
N TYR E 123 65.00 39.41 -5.79
CA TYR E 123 64.47 40.44 -4.89
C TYR E 123 63.15 39.94 -4.32
N ASP E 124 63.22 39.17 -3.24
CA ASP E 124 62.04 38.51 -2.69
C ASP E 124 61.39 39.39 -1.63
N THR E 125 60.06 39.44 -1.67
CA THR E 125 59.28 40.19 -0.68
C THR E 125 58.02 39.40 -0.36
N GLU E 126 57.73 39.27 0.94
CA GLU E 126 56.61 38.45 1.40
C GLU E 126 55.44 39.30 1.85
N GLY E 127 54.27 38.69 1.84
CA GLY E 127 53.06 39.37 2.25
C GLY E 127 51.91 38.38 2.34
N THR E 128 50.72 38.92 2.58
CA THR E 128 49.54 38.09 2.77
C THR E 128 48.38 38.59 1.91
N LEU E 129 47.51 37.66 1.53
CA LEU E 129 46.29 37.97 0.77
C LEU E 129 45.14 37.21 1.40
N LEU E 130 44.02 37.89 1.62
CA LEU E 130 42.90 37.36 2.37
C LEU E 130 41.60 37.51 1.59
N ASP E 131 40.79 36.45 1.61
CA ASP E 131 39.48 36.44 0.95
C ASP E 131 38.42 37.00 1.90
N LEU E 132 37.68 38.00 1.41
CA LEU E 132 36.70 38.68 2.25
C LEU E 132 35.30 38.10 2.13
N VAL E 133 34.90 37.67 0.93
CA VAL E 133 33.53 37.21 0.73
C VAL E 133 33.30 35.78 1.19
N ARG E 134 34.36 35.06 1.58
CA ARG E 134 34.20 33.70 2.06
C ARG E 134 34.60 33.53 3.53
N GLU E 135 34.79 34.62 4.26
CA GLU E 135 35.20 34.47 5.66
C GLU E 135 33.98 34.39 6.56
N PRO E 136 33.86 33.36 7.39
CA PRO E 136 32.62 33.19 8.18
C PRO E 136 32.34 34.29 9.19
N ILE E 137 33.36 34.88 9.80
CA ILE E 137 33.11 35.85 10.87
C ILE E 137 32.87 37.26 10.33
N LEU E 138 33.39 37.57 9.13
CA LEU E 138 33.30 38.93 8.61
C LEU E 138 31.91 39.30 8.13
N GLN E 139 31.04 38.32 7.89
CA GLN E 139 29.71 38.62 7.36
C GLN E 139 28.77 39.17 8.43
N TRP E 140 28.96 38.79 9.68
CA TRP E 140 28.05 39.14 10.76
C TRP E 140 28.39 40.50 11.37
N ASN E 141 27.36 41.16 11.89
CA ASN E 141 27.53 42.40 12.64
C ASN E 141 27.52 42.06 14.12
N LEU E 142 28.59 42.41 14.82
CA LEU E 142 28.78 41.92 16.18
C LEU E 142 27.90 42.66 17.19
N GLY E 143 27.69 43.95 17.01
CA GLY E 143 26.91 44.71 17.97
C GLY E 143 26.97 46.19 17.66
N ARG E 144 26.68 46.99 18.68
CA ARG E 144 26.69 48.44 18.49
C ARG E 144 28.11 48.95 18.41
N VAL E 145 28.39 49.80 17.43
CA VAL E 145 29.73 50.30 17.19
C VAL E 145 30.00 51.47 18.13
N LEU E 146 31.12 51.42 18.85
CA LEU E 146 31.54 52.52 19.69
C LEU E 146 32.40 53.48 18.88
N THR E 147 32.04 54.75 18.90
CA THR E 147 32.77 55.76 18.13
C THR E 147 34.06 56.14 18.86
N GLU E 148 34.81 57.08 18.28
CA GLU E 148 35.94 57.66 18.96
C GLU E 148 35.47 58.48 20.15
N MET E 149 36.34 58.58 21.16
CA MET E 149 36.12 59.26 22.44
C MET E 149 35.18 58.45 23.32
N GLU E 150 34.56 57.41 22.76
CA GLU E 150 33.77 56.47 23.53
C GLU E 150 34.59 55.28 24.01
N VAL E 151 35.73 55.02 23.37
CA VAL E 151 36.65 54.01 23.86
C VAL E 151 37.74 54.60 24.74
N ARG E 152 37.94 55.93 24.68
CA ARG E 152 38.99 56.57 25.46
C ARG E 152 38.61 56.74 26.93
N ASP E 153 37.33 57.00 27.22
CA ASP E 153 36.89 57.05 28.60
C ASP E 153 36.76 55.66 29.21
N LEU E 154 36.89 54.62 28.39
CA LEU E 154 36.86 53.24 28.84
C LEU E 154 38.24 52.73 29.25
N TYR E 155 39.29 53.50 28.96
CA TYR E 155 40.65 53.09 29.28
C TYR E 155 40.95 52.95 30.77
N PRO E 156 40.57 53.88 31.67
CA PRO E 156 40.86 53.66 33.09
C PRO E 156 39.98 52.61 33.77
N GLU E 157 39.21 51.84 33.03
CA GLU E 157 38.40 50.76 33.58
C GLU E 157 38.88 49.38 33.18
N VAL E 158 39.87 49.29 32.28
CA VAL E 158 40.32 48.00 31.78
C VAL E 158 41.12 47.29 32.86
N ASN E 159 40.96 45.97 32.93
CA ASN E 159 41.71 45.15 33.87
C ASN E 159 42.60 44.12 33.20
N ASP E 160 42.24 43.62 32.02
CA ASP E 160 43.09 42.70 31.26
C ASP E 160 42.56 42.58 29.83
N ILE E 161 43.33 41.88 28.99
CA ILE E 161 43.08 41.76 27.55
C ILE E 161 43.13 40.29 27.14
N LYS E 162 42.17 39.87 26.31
CA LYS E 162 42.20 38.57 25.66
C LYS E 162 42.20 38.73 24.14
N VAL E 163 42.71 37.72 23.44
CA VAL E 163 42.74 37.70 21.98
C VAL E 163 42.26 36.34 21.48
N THR E 164 41.89 36.31 20.20
CA THR E 164 41.48 35.08 19.51
C THR E 164 42.21 34.99 18.18
N LYS E 165 42.01 33.89 17.46
CA LYS E 165 42.88 33.63 16.31
C LYS E 165 42.18 33.23 15.02
N SER E 166 41.03 32.53 15.12
CA SER E 166 40.39 31.88 13.96
C SER E 166 41.36 30.96 13.25
N PRO E 167 41.56 29.73 13.76
CA PRO E 167 42.68 28.86 13.37
C PRO E 167 43.15 28.84 11.91
N CYS E 168 42.21 28.87 10.96
CA CYS E 168 42.59 28.67 9.57
C CYS E 168 43.28 29.90 8.98
N ALA E 169 42.77 31.10 9.28
CA ALA E 169 43.35 32.33 8.77
C ALA E 169 43.47 33.31 9.93
N ASN E 170 44.71 33.68 10.25
CA ASN E 170 44.95 34.66 11.30
C ASN E 170 44.67 36.05 10.74
N ASP E 171 45.06 37.07 11.50
CA ASP E 171 44.84 38.48 11.17
C ASP E 171 43.37 38.82 11.06
N VAL E 172 42.49 38.07 11.71
CA VAL E 172 41.08 38.45 11.83
C VAL E 172 40.70 38.37 13.30
N ALA E 173 41.67 38.64 14.17
CA ALA E 173 41.53 38.42 15.59
C ALA E 173 40.48 39.34 16.21
N LEU E 174 39.98 38.92 17.37
CA LEU E 174 39.13 39.73 18.23
C LEU E 174 39.85 39.95 19.53
N ILE E 175 39.85 41.19 20.01
CA ILE E 175 40.53 41.59 21.24
C ILE E 175 39.45 42.03 22.24
N GLY E 176 39.34 41.30 23.35
CA GLY E 176 38.28 41.51 24.30
C GLY E 176 38.80 42.08 25.61
N PHE E 177 37.97 42.91 26.25
CA PHE E 177 38.36 43.62 27.46
C PHE E 177 37.76 42.94 28.69
N MET E 178 38.60 42.59 29.65
CA MET E 178 38.14 42.21 30.97
C MET E 178 38.31 43.41 31.89
N MET E 179 37.29 43.69 32.71
CA MET E 179 37.21 44.96 33.40
C MET E 179 36.86 44.78 34.88
N LYS E 180 37.05 45.88 35.60
CA LYS E 180 36.70 45.98 37.00
C LYS E 180 35.18 45.95 37.15
N PRO E 181 34.65 45.61 38.34
CA PRO E 181 33.19 45.53 38.47
C PRO E 181 32.54 46.88 38.72
N SER E 182 33.26 47.97 38.46
CA SER E 182 32.63 49.28 38.50
C SER E 182 31.91 49.61 37.19
N SER E 183 32.35 49.04 36.08
CA SER E 183 31.79 49.31 34.76
C SER E 183 30.87 48.17 34.35
N ASN E 184 30.24 48.34 33.18
CA ASN E 184 29.21 47.40 32.73
C ASN E 184 29.22 47.36 31.20
N GLY E 185 29.30 46.17 30.64
CA GLY E 185 29.26 45.97 29.20
C GLY E 185 30.27 44.96 28.71
N VAL E 186 30.00 44.37 27.55
CA VAL E 186 30.89 43.43 26.90
C VAL E 186 31.53 44.15 25.72
N PHE E 187 32.86 44.17 25.68
CA PHE E 187 33.60 45.04 24.77
C PHE E 187 34.61 44.23 23.98
N ILE E 188 34.37 44.16 22.66
CA ILE E 188 35.13 43.31 21.75
C ILE E 188 35.54 44.14 20.55
N GLY E 189 36.81 44.12 20.20
CA GLY E 189 37.32 44.83 19.03
C GLY E 189 37.73 43.84 17.96
N LYS E 190 37.45 44.20 16.71
CA LYS E 190 37.76 43.34 15.58
C LYS E 190 38.82 43.98 14.71
N THR E 191 39.73 43.14 14.21
CA THR E 191 40.79 43.52 13.29
C THR E 191 40.71 42.68 12.04
N ILE E 192 41.31 43.20 10.96
CA ILE E 192 41.26 42.54 9.67
C ILE E 192 42.66 42.49 9.07
N SER E 193 43.59 43.22 9.68
CA SER E 193 44.94 43.34 9.15
C SER E 193 46.00 43.00 10.20
N GLY E 194 45.64 42.17 11.18
CA GLY E 194 46.61 41.70 12.14
C GLY E 194 47.16 42.74 13.10
N PHE E 195 46.31 43.69 13.54
CA PHE E 195 46.67 44.69 14.55
C PHE E 195 47.86 45.55 14.14
N TRP E 196 47.96 45.85 12.84
CA TRP E 196 49.06 46.68 12.39
C TRP E 196 48.79 48.17 12.58
N THR E 197 47.54 48.55 12.83
CA THR E 197 47.20 49.93 13.11
C THR E 197 46.09 49.97 14.15
N TYR E 198 46.22 50.88 15.12
CA TYR E 198 45.17 51.04 16.12
C TYR E 198 43.94 51.75 15.56
N LYS E 199 44.07 52.40 14.40
CA LYS E 199 42.94 53.09 13.81
C LYS E 199 41.96 52.16 13.12
N GLU E 200 42.35 50.92 12.84
CA GLU E 200 41.49 49.98 12.14
C GLU E 200 40.90 48.92 13.04
N CYS E 201 41.18 48.96 14.34
CA CYS E 201 40.59 48.03 15.30
C CYS E 201 39.24 48.61 15.72
N ILE E 202 38.16 48.02 15.22
CA ILE E 202 36.83 48.58 15.42
C ILE E 202 36.19 47.97 16.66
N TRP E 203 35.63 48.82 17.52
CA TRP E 203 35.17 48.41 18.84
C TRP E 203 33.65 48.26 18.86
N HIS E 204 33.17 47.13 19.36
CA HIS E 204 31.76 46.82 19.45
C HIS E 204 31.38 46.53 20.90
N ASP E 205 30.15 46.91 21.23
CA ASP E 205 29.51 46.57 22.50
C ASP E 205 28.35 45.63 22.18
N LEU E 206 28.30 44.51 22.89
CA LEU E 206 27.34 43.44 22.64
C LEU E 206 26.31 43.31 23.74
N THR E 207 26.19 44.31 24.63
CA THR E 207 25.47 44.13 25.89
C THR E 207 23.98 43.89 25.67
N GLU E 208 23.39 44.46 24.63
CA GLU E 208 21.96 44.23 24.38
C GLU E 208 21.68 42.77 24.04
N ILE E 209 22.54 42.16 23.21
CA ILE E 209 22.34 40.77 22.81
C ILE E 209 22.47 39.84 24.01
N ILE E 210 23.44 40.11 24.88
CA ILE E 210 23.61 39.30 26.08
C ILE E 210 22.43 39.49 27.03
N TYR E 211 22.06 40.73 27.30
CA TYR E 211 21.01 40.95 28.29
C TYR E 211 19.65 40.46 27.82
N ALA E 212 19.59 40.01 26.58
CA ALA E 212 18.33 39.45 26.07
C ALA E 212 18.04 38.14 26.75
N GLU E 213 18.88 37.14 26.48
CA GLU E 213 18.69 35.84 27.07
C GLU E 213 18.56 35.75 28.54
N LEU E 214 18.79 36.80 29.29
CA LEU E 214 18.81 36.68 30.77
C LEU E 214 17.64 37.30 31.56
N LYS E 215 16.44 36.85 31.33
CA LYS E 215 15.33 37.34 32.14
C LYS E 215 15.52 38.74 32.55
N ASP E 216 15.59 39.01 33.84
CA ASP E 216 15.89 40.36 34.33
C ASP E 216 17.25 40.97 33.91
N GLU E 217 17.88 41.74 34.79
CA GLU E 217 19.15 42.41 34.45
C GLU E 217 20.04 42.32 35.62
N HIS E 218 21.18 41.70 35.46
CA HIS E 218 22.00 41.45 36.56
C HIS E 218 23.04 42.53 36.87
N GLN E 219 24.31 42.39 36.59
CA GLN E 219 25.22 43.42 37.02
C GLN E 219 26.71 43.52 36.78
N GLY E 220 27.28 42.86 35.79
CA GLY E 220 28.67 42.94 35.66
C GLY E 220 28.90 42.00 34.60
N LEU E 221 28.68 42.43 33.39
CA LEU E 221 28.84 41.53 32.30
C LEU E 221 30.19 41.75 31.67
N THR E 222 31.41 41.36 32.34
CA THR E 222 32.62 41.56 31.58
C THR E 222 33.00 40.27 30.87
N VAL E 223 33.74 40.40 29.78
CA VAL E 223 34.34 39.24 29.13
C VAL E 223 35.30 38.57 30.11
N ILE E 224 35.23 37.25 30.21
CA ILE E 224 36.19 36.47 30.97
C ILE E 224 37.08 35.65 30.06
N ASP E 225 36.51 35.08 29.00
CA ASP E 225 37.30 34.40 27.98
C ASP E 225 36.48 34.36 26.69
N LEU E 226 37.16 34.09 25.59
CA LEU E 226 36.47 33.93 24.32
C LEU E 226 37.35 33.09 23.40
N VAL E 227 36.71 32.20 22.64
CA VAL E 227 37.39 31.44 21.61
C VAL E 227 36.57 31.51 20.33
N LEU E 228 37.26 31.29 19.22
CA LEU E 228 36.69 31.42 17.87
C LEU E 228 37.03 30.15 17.11
N THR E 229 36.07 29.23 17.03
CA THR E 229 36.26 27.95 16.37
C THR E 229 36.13 28.18 14.86
N ASN E 230 36.08 27.10 14.08
CA ASN E 230 36.02 27.25 12.64
C ASN E 230 34.64 27.68 12.14
N HIS E 231 33.60 27.52 12.96
CA HIS E 231 32.26 27.89 12.55
C HIS E 231 31.46 28.55 13.67
N PHE E 232 32.05 28.81 14.82
CA PHE E 232 31.32 29.22 16.00
C PHE E 232 32.13 30.21 16.81
N LEU E 233 31.44 30.94 17.67
CA LEU E 233 32.05 31.92 18.57
C LEU E 233 31.57 31.59 19.97
N VAL E 234 32.50 31.33 20.89
CA VAL E 234 32.16 30.94 22.25
C VAL E 234 32.67 32.01 23.19
N ILE E 235 31.78 32.65 23.94
CA ILE E 235 32.11 33.74 24.84
C ILE E 235 31.75 33.33 26.25
N LEU E 236 32.72 33.33 27.15
CA LEU E 236 32.46 33.13 28.57
C LEU E 236 32.52 34.49 29.24
N THR E 237 31.37 35.01 29.67
CA THR E 237 31.27 36.25 30.40
C THR E 237 30.86 35.95 31.84
N SER E 238 30.95 36.98 32.68
CA SER E 238 30.69 36.83 34.11
C SER E 238 29.27 36.37 34.41
N LEU E 239 28.33 36.60 33.51
CA LEU E 239 26.95 36.16 33.69
C LEU E 239 26.62 34.91 32.90
N GLY E 240 27.58 34.25 32.30
CA GLY E 240 27.34 32.93 31.74
C GLY E 240 28.14 32.70 30.47
N LEU E 241 27.93 31.51 29.91
CA LEU E 241 28.60 31.09 28.69
C LEU E 241 27.60 31.13 27.54
N TYR E 242 28.01 31.75 26.44
CA TYR E 242 27.17 31.95 25.26
C TYR E 242 27.87 31.38 24.05
N VAL E 243 27.10 30.72 23.19
CA VAL E 243 27.62 30.18 21.94
C VAL E 243 26.81 30.77 20.80
N SER E 244 27.52 31.25 19.77
CA SER E 244 26.83 31.72 18.57
C SER E 244 26.14 30.57 17.86
N SER E 245 25.05 30.90 17.16
CA SER E 245 24.24 29.88 16.49
C SER E 245 25.06 29.15 15.43
N ASP E 246 25.49 29.87 14.41
CA ASP E 246 26.44 29.39 13.42
C ASP E 246 27.01 30.61 12.72
N LEU E 247 28.08 30.40 11.97
CA LEU E 247 28.71 31.50 11.27
C LEU E 247 28.63 31.38 9.75
N ARG E 248 28.35 30.20 9.22
CA ARG E 248 28.34 29.98 7.78
C ARG E 248 27.02 30.36 7.12
N TYR E 249 25.97 30.63 7.88
CA TYR E 249 24.63 30.89 7.34
C TYR E 249 24.12 32.23 7.84
N PRO E 250 24.44 33.33 7.18
CA PRO E 250 23.90 34.63 7.60
C PRO E 250 22.41 34.69 7.35
N THR E 251 21.66 35.18 8.36
CA THR E 251 20.22 35.33 8.22
C THR E 251 19.74 36.72 8.61
N THR E 252 20.31 37.34 9.64
CA THR E 252 19.76 38.56 10.19
C THR E 252 20.80 39.67 10.37
N SER E 253 22.02 39.47 9.88
CA SER E 253 23.10 40.45 10.00
C SER E 253 23.35 40.86 11.45
N GLN E 254 23.29 39.88 12.34
CA GLN E 254 23.60 40.07 13.76
C GLN E 254 23.78 38.69 14.36
N ILE E 255 24.86 38.50 15.10
CA ILE E 255 25.11 37.20 15.74
C ILE E 255 24.03 36.95 16.77
N LYS E 256 23.46 35.75 16.74
CA LYS E 256 22.49 35.34 17.75
C LYS E 256 23.17 34.36 18.69
N LEU E 257 23.21 34.71 19.97
CA LEU E 257 23.95 33.96 20.96
C LEU E 257 22.99 33.21 21.86
N SER E 258 23.27 31.93 22.10
CA SER E 258 22.45 31.07 22.93
C SER E 258 23.21 30.76 24.21
N ARG E 259 22.61 30.95 25.35
CA ARG E 259 23.29 30.84 26.62
C ARG E 259 23.22 29.41 27.14
N ALA E 260 24.37 28.85 27.50
CA ALA E 260 24.45 27.49 27.96
C ALA E 260 23.82 27.35 29.35
N GLU E 261 23.52 26.13 29.73
CA GLU E 261 22.91 25.82 31.01
C GLU E 261 23.96 25.27 31.96
N PHE E 262 24.04 25.80 33.15
CA PHE E 262 24.98 25.28 34.13
C PHE E 262 24.20 25.46 35.38
N CYS E 263 24.00 24.42 36.12
CA CYS E 263 23.08 24.52 37.21
C CYS E 263 23.56 25.12 38.48
N GLY E 264 23.20 26.33 38.63
CA GLY E 264 23.63 26.99 39.80
C GLY E 264 24.77 27.92 39.62
N PHE E 265 25.79 27.49 38.94
CA PHE E 265 26.94 28.26 38.88
C PHE E 265 26.45 29.70 38.86
N GLU E 266 26.92 30.58 39.74
CA GLU E 266 26.56 31.99 39.72
C GLU E 266 27.65 32.83 39.12
N ARG E 267 27.44 34.14 39.72
CA ARG E 267 28.45 35.00 39.11
C ARG E 267 29.86 34.70 39.60
N VAL E 268 30.01 34.19 40.81
CA VAL E 268 31.35 33.94 41.33
C VAL E 268 31.99 32.69 40.76
N ASP E 269 31.24 31.89 40.00
CA ASP E 269 31.79 30.70 39.36
C ASP E 269 32.26 30.97 37.94
N TYR E 270 31.75 32.01 37.29
CA TYR E 270 32.16 32.34 35.95
C TYR E 270 33.36 33.26 35.89
N ILE E 271 33.62 34.02 36.95
CA ILE E 271 34.80 34.86 36.99
C ILE E 271 36.07 34.04 37.10
N ARG E 272 35.96 32.79 37.56
CA ARG E 272 37.07 31.85 37.64
C ARG E 272 36.75 30.70 36.71
N GLY E 273 37.06 30.87 35.43
CA GLY E 273 36.69 29.91 34.42
C GLY E 273 37.51 30.05 33.16
N ASN E 274 38.00 28.93 32.65
CA ASN E 274 38.89 28.93 31.49
C ASN E 274 38.31 28.08 30.37
N LEU E 275 38.52 28.54 29.14
CA LEU E 275 38.12 27.84 27.93
C LEU E 275 39.37 27.32 27.23
N TRP E 276 39.43 26.00 27.03
CA TRP E 276 40.53 25.36 26.31
C TRP E 276 40.03 24.88 24.96
N TYR E 277 40.79 25.17 23.93
CA TYR E 277 40.47 24.79 22.55
C TYR E 277 41.75 24.48 21.81
N ASN E 278 41.72 23.44 20.97
CA ASN E 278 42.86 23.06 20.15
C ASN E 278 42.78 23.76 18.80
N GLU E 279 43.74 24.62 18.51
CA GLU E 279 43.71 25.44 17.30
C GLU E 279 44.14 24.58 16.12
N LYS E 280 43.16 24.10 15.36
CA LYS E 280 43.40 23.24 14.21
C LYS E 280 42.58 23.74 13.03
N CYS E 281 43.21 23.83 11.87
CA CYS E 281 42.56 24.33 10.68
C CYS E 281 41.94 23.17 9.91
N PHE E 282 40.62 23.21 9.74
CA PHE E 282 39.88 22.25 8.95
C PHE E 282 39.35 22.98 7.73
N ALA E 283 40.18 23.05 6.69
CA ALA E 283 39.85 23.86 5.52
C ALA E 283 38.89 23.13 4.59
N ASN E 284 39.32 21.98 4.06
CA ASN E 284 38.49 21.22 3.15
C ASN E 284 37.56 20.25 3.87
N ARG E 285 37.67 20.13 5.19
CA ARG E 285 36.66 19.52 6.06
C ARG E 285 36.39 18.06 5.68
N GLU E 286 37.39 17.24 5.94
CA GLU E 286 37.21 15.79 5.90
C GLU E 286 36.15 15.36 6.92
N SER E 287 35.56 14.19 6.66
CA SER E 287 34.39 13.76 7.42
C SER E 287 34.72 13.35 8.84
N PHE E 288 35.98 13.03 9.14
CA PHE E 288 36.36 12.54 10.46
C PHE E 288 36.82 13.65 11.40
N GLU E 289 36.91 14.89 10.92
CA GLU E 289 37.44 15.99 11.73
C GLU E 289 36.30 16.72 12.43
N VAL E 290 36.42 16.85 13.75
CA VAL E 290 35.43 17.56 14.56
C VAL E 290 36.18 18.53 15.47
N ASP E 291 35.40 19.35 16.18
CA ASP E 291 35.95 20.38 17.06
C ASP E 291 35.39 20.25 18.46
N TYR E 292 36.27 20.33 19.45
CA TYR E 292 35.89 20.20 20.85
C TYR E 292 36.28 21.46 21.61
N VAL E 293 35.55 21.73 22.69
CA VAL E 293 35.87 22.84 23.59
C VAL E 293 35.68 22.37 25.02
N THR E 294 36.62 22.71 25.90
CA THR E 294 36.55 22.38 27.32
C THR E 294 36.43 23.64 28.16
N ILE E 295 35.61 23.59 29.20
CA ILE E 295 35.47 24.67 30.16
C ILE E 295 35.78 24.13 31.54
N THR E 296 36.61 24.86 32.28
CA THR E 296 37.07 24.44 33.60
C THR E 296 36.79 25.56 34.59
N PHE E 297 36.17 25.23 35.71
CA PHE E 297 35.88 26.14 36.79
C PHE E 297 36.74 25.80 38.01
N ASN E 298 36.55 26.56 39.07
CA ASN E 298 37.07 26.26 40.40
C ASN E 298 35.90 26.36 41.37
N ARG E 299 35.55 25.26 42.02
CA ARG E 299 34.28 25.18 42.73
C ARG E 299 34.44 24.33 43.98
N ASN E 300 33.30 24.01 44.60
CA ASN E 300 33.24 23.32 45.88
C ASN E 300 32.47 22.01 45.87
N ARG E 301 31.88 21.71 44.82
CA ARG E 301 30.99 20.52 44.81
C ARG E 301 29.63 20.57 45.49
N THR E 302 28.73 21.37 44.99
CA THR E 302 27.39 21.36 45.53
C THR E 302 26.55 20.11 45.33
N LEU E 303 25.32 20.11 45.85
CA LEU E 303 24.41 18.98 45.77
C LEU E 303 23.72 19.09 44.47
N SER E 304 23.99 20.19 43.77
CA SER E 304 23.37 20.41 42.49
C SER E 304 24.31 20.06 41.40
N GLU E 305 25.62 20.07 41.65
CA GLU E 305 26.56 19.60 40.64
C GLU E 305 27.51 18.58 41.24
N SER E 306 28.80 18.72 41.08
CA SER E 306 29.72 17.74 41.45
C SER E 306 30.92 17.90 40.65
N SER E 307 30.58 18.26 39.30
CA SER E 307 31.67 18.41 38.35
C SER E 307 32.06 19.87 38.23
N SER E 308 33.33 20.08 37.86
CA SER E 308 33.84 21.42 37.60
C SER E 308 34.63 21.43 36.30
N CYS E 309 34.22 20.61 35.35
CA CYS E 309 34.97 20.41 34.10
C CYS E 309 34.02 19.81 33.08
N PHE E 310 33.78 20.52 31.99
CA PHE E 310 32.83 20.07 30.99
C PHE E 310 33.46 20.21 29.61
N PHE E 311 33.00 19.38 28.67
CA PHE E 311 33.50 19.45 27.31
C PHE E 311 32.37 19.17 26.33
N SER E 312 32.48 19.74 25.13
CA SER E 312 31.41 19.60 24.15
C SER E 312 31.97 19.60 22.74
N LYS E 313 31.20 18.97 21.84
CA LYS E 313 31.53 18.79 20.44
C LYS E 313 31.04 19.98 19.62
N GLU E 314 31.04 19.84 18.29
CA GLU E 314 30.99 21.01 17.41
C GLU E 314 29.72 21.84 17.52
N PRO E 315 28.49 21.28 17.54
CA PRO E 315 27.36 22.14 17.94
C PRO E 315 27.32 22.24 19.45
N PHE E 316 27.74 23.39 19.99
CA PHE E 316 28.06 23.49 21.41
C PHE E 316 26.78 23.65 22.22
N LEU E 317 26.04 22.56 22.33
CA LEU E 317 24.80 22.54 23.09
C LEU E 317 24.80 21.55 24.24
N HIS E 318 25.31 20.34 24.04
CA HIS E 318 25.29 19.30 25.07
C HIS E 318 26.65 19.27 25.76
N TRP E 319 26.74 19.96 26.90
CA TRP E 319 27.97 20.01 27.69
C TRP E 319 27.92 18.87 28.70
N LEU E 320 28.79 17.87 28.51
CA LEU E 320 28.84 16.73 29.40
C LEU E 320 30.15 16.75 30.20
N PRO E 321 30.18 16.17 31.40
CA PRO E 321 31.37 16.27 32.23
C PRO E 321 32.55 15.50 31.67
N CYS E 322 33.75 15.93 32.06
CA CYS E 322 34.97 15.34 31.55
C CYS E 322 35.44 14.16 32.39
N VAL E 323 35.13 14.13 33.67
CA VAL E 323 35.40 12.97 34.50
C VAL E 323 34.06 12.38 34.92
N PHE E 324 34.01 11.06 35.01
CA PHE E 324 32.80 10.33 35.37
C PHE E 324 33.07 9.51 36.63
N SER E 325 32.10 8.67 36.98
CA SER E 325 32.22 7.79 38.14
C SER E 325 33.28 6.72 37.90
N SER E 332 40.56 15.02 48.62
CA SER E 332 40.77 13.63 48.20
C SER E 332 40.73 13.50 46.69
N ILE E 333 39.60 13.88 46.10
CA ILE E 333 39.45 13.78 44.64
C ILE E 333 40.37 14.79 43.97
N PRO E 334 40.99 14.45 42.85
CA PRO E 334 41.85 15.42 42.16
C PRO E 334 41.01 16.47 41.44
N ARG E 335 41.66 17.58 41.13
CA ARG E 335 41.04 18.68 40.42
C ARG E 335 41.60 18.75 39.01
N VAL E 336 40.72 18.77 38.02
CA VAL E 336 41.11 18.79 36.61
C VAL E 336 41.51 20.22 36.25
N ILE E 337 42.80 20.48 36.15
CA ILE E 337 43.26 21.77 35.66
C ILE E 337 42.93 21.92 34.18
N THR E 338 43.21 20.89 33.39
CA THR E 338 43.04 20.98 31.95
C THR E 338 42.74 19.60 31.38
N PHE E 339 41.68 19.53 30.58
CA PHE E 339 41.34 18.34 29.81
C PHE E 339 41.40 18.69 28.34
N LEU E 340 42.14 17.88 27.56
CA LEU E 340 42.34 18.14 26.15
C LEU E 340 42.06 16.88 25.34
N ILE E 341 41.36 17.04 24.23
CA ILE E 341 41.05 15.94 23.33
C ILE E 341 42.11 15.95 22.23
N ASP E 342 42.86 14.86 22.10
CA ASP E 342 43.80 14.73 21.00
C ASP E 342 43.26 13.74 19.98
N GLN E 343 43.30 14.14 18.71
CA GLN E 343 42.66 13.40 17.63
C GLN E 343 43.65 12.55 16.84
N GLU E 344 44.95 12.79 16.99
CA GLU E 344 45.93 11.94 16.31
C GLU E 344 45.85 10.51 16.80
N THR E 345 45.68 10.31 18.10
CA THR E 345 45.65 8.99 18.69
C THR E 345 44.29 8.68 19.29
N ASP E 346 43.33 9.60 19.19
CA ASP E 346 41.95 9.43 19.65
C ASP E 346 41.94 9.14 21.15
N SER E 347 42.34 10.17 21.91
CA SER E 347 42.47 10.01 23.35
C SER E 347 42.15 11.33 24.06
N GLY E 348 42.02 11.25 25.37
CA GLY E 348 41.79 12.42 26.19
C GLY E 348 42.84 12.53 27.28
N ILE E 349 43.41 13.71 27.45
CA ILE E 349 44.53 13.94 28.35
C ILE E 349 44.05 14.84 29.48
N TYR E 350 44.20 14.37 30.72
CA TYR E 350 43.87 15.10 31.91
C TYR E 350 45.14 15.53 32.62
N LEU E 351 45.16 16.76 33.12
CA LEU E 351 46.21 17.25 34.02
C LEU E 351 45.61 17.37 35.42
N PHE E 352 45.90 16.41 36.28
CA PHE E 352 45.36 16.35 37.62
C PHE E 352 46.35 16.89 38.62
N ASN E 353 45.83 17.48 39.69
CA ASN E 353 46.66 17.92 40.81
C ASN E 353 45.82 17.83 42.07
N VAL E 354 46.12 16.86 42.93
CA VAL E 354 45.39 16.72 44.18
C VAL E 354 45.77 17.86 45.13
N GLN E 355 44.75 18.50 45.70
CA GLN E 355 45.00 19.56 46.67
C GLN E 355 45.46 18.97 48.00
N ASP E 356 46.00 19.84 48.84
CA ASP E 356 46.63 19.48 50.13
C ASP E 356 47.81 18.55 49.96
N THR E 357 48.34 18.44 48.74
CA THR E 357 49.56 17.70 48.46
C THR E 357 50.21 18.35 47.24
N LYS E 358 51.51 18.17 47.12
CA LYS E 358 52.22 18.71 45.97
C LYS E 358 52.13 17.81 44.74
N GLU E 359 51.32 16.76 44.80
CA GLU E 359 51.29 15.76 43.73
C GLU E 359 50.57 16.30 42.51
N THR E 360 51.23 16.21 41.36
CA THR E 360 50.67 16.59 40.06
C THR E 360 50.99 15.48 39.07
N TYR E 361 50.01 15.13 38.24
CA TYR E 361 50.22 14.04 37.30
C TYR E 361 49.34 14.23 36.07
N VAL E 362 49.60 13.41 35.06
CA VAL E 362 48.91 13.48 33.77
C VAL E 362 48.40 12.08 33.45
N THR E 363 47.15 11.98 33.03
CA THR E 363 46.54 10.71 32.68
C THR E 363 45.98 10.77 31.26
N VAL E 364 46.31 9.77 30.44
CA VAL E 364 45.78 9.65 29.09
C VAL E 364 44.82 8.48 29.07
N ALA E 365 43.58 8.73 28.65
CA ALA E 365 42.56 7.71 28.63
C ALA E 365 41.95 7.61 27.25
N MET E 366 41.71 6.37 26.81
CA MET E 366 41.13 6.11 25.50
C MET E 366 39.70 6.60 25.43
N LEU E 367 39.25 6.95 24.24
CA LEU E 367 37.92 7.49 24.02
C LEU E 367 37.03 6.43 23.40
N LYS E 368 35.84 6.24 23.98
CA LYS E 368 34.87 5.29 23.49
C LYS E 368 33.62 6.05 23.09
N ASP E 369 33.21 5.89 21.83
CA ASP E 369 32.07 6.57 21.18
C ASP E 369 32.00 8.05 21.57
N GLY E 370 33.14 8.73 21.45
CA GLY E 370 33.18 10.15 21.70
C GLY E 370 33.06 10.56 23.15
N LYS E 371 33.38 9.65 24.08
CA LYS E 371 33.30 9.93 25.50
C LYS E 371 34.49 9.25 26.16
N PRO E 372 35.25 9.97 26.99
CA PRO E 372 36.45 9.38 27.61
C PRO E 372 36.08 8.30 28.62
N SER E 373 37.03 7.39 28.82
CA SER E 373 36.80 6.18 29.58
C SER E 373 37.65 6.11 30.83
N PRO E 374 37.35 5.21 31.78
CA PRO E 374 38.34 4.86 32.81
C PRO E 374 39.45 4.01 32.23
N ARG E 375 40.30 3.44 33.07
CA ARG E 375 41.33 2.50 32.64
C ARG E 375 42.29 3.17 31.66
N PRO E 376 43.24 3.96 32.16
CA PRO E 376 44.14 4.72 31.28
C PRO E 376 44.86 3.85 30.26
N LYS E 377 45.24 4.50 29.17
CA LYS E 377 45.91 3.81 28.07
C LYS E 377 47.26 3.23 28.52
N PHE E 378 48.09 4.06 29.15
CA PHE E 378 49.37 3.67 29.71
C PHE E 378 49.51 4.31 31.08
N PRO E 379 50.31 3.70 31.96
CA PRO E 379 50.37 4.19 33.35
C PRO E 379 50.82 5.64 33.45
N SER E 380 50.20 6.35 34.39
CA SER E 380 50.31 7.80 34.45
C SER E 380 51.71 8.27 34.81
N PHE E 381 52.06 9.45 34.34
CA PHE E 381 53.36 10.05 34.57
C PHE E 381 53.25 11.06 35.70
N HIS E 382 53.96 10.81 36.80
CA HIS E 382 53.88 11.65 37.99
C HIS E 382 55.01 12.65 38.00
N PHE E 383 54.67 13.92 38.12
CA PHE E 383 55.67 14.98 38.16
C PHE E 383 56.37 14.98 39.51
N PRO E 384 57.57 15.57 39.59
CA PRO E 384 58.27 15.66 40.87
C PRO E 384 57.54 16.55 41.86
N SER E 385 57.88 16.35 43.14
CA SER E 385 57.23 17.06 44.23
C SER E 385 57.62 18.54 44.28
N THR E 386 58.59 18.98 43.48
CA THR E 386 58.97 20.37 43.43
C THR E 386 58.02 21.20 42.57
N PHE E 387 57.16 20.57 41.78
CA PHE E 387 56.20 21.28 40.93
C PHE E 387 55.14 21.93 41.82
N THR E 388 55.29 23.24 42.05
CA THR E 388 54.48 23.93 43.04
C THR E 388 53.04 24.07 42.58
N LEU E 389 52.81 24.80 41.48
CA LEU E 389 51.47 24.99 40.98
C LEU E 389 51.44 24.91 39.45
N PRO E 390 50.63 24.03 38.88
CA PRO E 390 50.38 24.06 37.44
C PRO E 390 49.23 25.01 37.10
N LEU E 391 49.24 25.48 35.86
CA LEU E 391 48.22 26.41 35.40
C LEU E 391 47.56 26.02 34.10
N GLY E 392 47.96 24.92 33.48
CA GLY E 392 47.30 24.47 32.26
C GLY E 392 48.29 23.75 31.36
N MET E 393 47.78 23.37 30.18
CA MET E 393 48.57 22.73 29.16
C MET E 393 48.02 23.12 27.80
N ILE E 394 48.89 23.06 26.79
CA ILE E 394 48.56 23.55 25.45
C ILE E 394 49.13 22.60 24.42
N PHE E 395 48.39 22.42 23.33
CA PHE E 395 48.90 21.80 22.12
C PHE E 395 49.37 22.92 21.19
N HIS E 396 50.61 22.83 20.73
CA HIS E 396 51.06 23.74 19.70
C HIS E 396 50.23 23.54 18.45
N PRO E 397 49.79 24.62 17.78
CA PRO E 397 48.82 24.47 16.70
C PRO E 397 49.33 23.62 15.55
N ARG E 398 48.47 22.70 15.09
CA ARG E 398 48.76 21.79 13.99
C ARG E 398 50.01 20.96 14.25
N SER E 399 50.09 20.40 15.45
CA SER E 399 51.24 19.60 15.83
C SER E 399 50.87 18.68 16.99
N HIS E 400 51.81 17.82 17.36
CA HIS E 400 51.62 16.81 18.39
C HIS E 400 52.59 17.01 19.54
N PHE E 401 52.75 18.25 19.98
CA PHE E 401 53.63 18.60 21.10
C PHE E 401 52.79 19.10 22.26
N LEU E 402 53.10 18.63 23.47
CA LEU E 402 52.36 19.01 24.66
C LEU E 402 53.25 19.84 25.57
N TYR E 403 52.67 20.84 26.22
CA TYR E 403 53.42 21.79 27.03
C TYR E 403 52.66 22.04 28.32
N VAL E 404 53.17 21.51 29.43
CA VAL E 404 52.61 21.79 30.75
C VAL E 404 53.36 22.98 31.33
N TYR E 405 52.63 23.95 31.86
CA TYR E 405 53.26 25.13 32.41
C TYR E 405 52.65 25.51 33.75
N GLY E 406 53.43 26.29 34.51
CA GLY E 406 53.09 26.75 35.83
C GLY E 406 54.34 27.24 36.53
N SER E 407 54.57 26.82 37.77
CA SER E 407 55.85 27.17 38.39
C SER E 407 57.02 26.64 37.58
N GLN E 408 56.81 25.63 36.73
CA GLN E 408 57.83 25.08 35.85
C GLN E 408 57.24 24.91 34.46
N ILE E 409 58.09 24.52 33.51
CA ILE E 409 57.68 24.30 32.13
C ILE E 409 58.22 22.96 31.66
N TRP E 410 57.33 22.06 31.24
CA TRP E 410 57.65 20.73 30.78
C TRP E 410 57.09 20.52 29.37
N VAL E 411 57.81 19.76 28.56
CA VAL E 411 57.42 19.45 27.18
C VAL E 411 57.34 17.94 27.02
N SER E 412 56.37 17.48 26.23
CA SER E 412 56.25 16.07 25.90
C SER E 412 56.06 15.90 24.40
N MET E 413 56.90 15.06 23.82
CA MET E 413 56.61 14.47 22.53
C MET E 413 55.60 13.34 22.73
N ASP E 414 55.24 12.70 21.62
CA ASP E 414 54.26 11.60 21.54
C ASP E 414 52.98 11.97 22.33
N GLY E 415 52.32 10.97 22.92
CA GLY E 415 51.00 11.21 23.47
C GLY E 415 50.98 11.96 24.78
N GLY E 416 52.03 11.80 25.59
CA GLY E 416 52.01 12.33 26.93
C GLY E 416 52.28 11.25 27.96
N ASN E 417 52.97 10.19 27.55
CA ASN E 417 53.38 9.17 28.51
C ASN E 417 54.66 9.53 29.23
N THR E 418 55.50 10.35 28.61
CA THR E 418 56.78 10.74 29.19
C THR E 418 57.00 12.22 28.93
N PHE E 419 57.44 12.94 29.95
CA PHE E 419 57.71 14.36 29.86
C PHE E 419 59.18 14.61 30.18
N GLU E 420 59.64 15.81 29.85
CA GLU E 420 60.99 16.23 30.15
C GLU E 420 61.00 17.71 30.47
N MET E 421 61.52 18.07 31.63
CA MET E 421 61.52 19.46 32.07
C MET E 421 62.42 20.30 31.19
N LEU E 422 61.93 21.47 30.77
CA LEU E 422 62.77 22.41 30.07
C LEU E 422 62.96 23.73 30.82
N CYS E 423 62.17 24.01 31.86
CA CYS E 423 62.37 25.25 32.60
C CYS E 423 61.87 25.12 34.03
N ASN E 424 62.55 25.80 34.93
CA ASN E 424 62.13 25.91 36.33
C ASN E 424 62.13 27.36 36.74
N LEU E 425 61.04 27.81 37.36
CA LEU E 425 60.89 29.19 37.82
C LEU E 425 60.46 29.13 39.28
N PHE E 426 61.43 29.29 40.17
CA PHE E 426 61.17 29.19 41.61
C PHE E 426 60.29 30.35 42.05
N SER E 427 59.10 30.02 42.58
CA SER E 427 58.13 31.00 43.07
C SER E 427 57.77 32.02 41.98
N HIS E 428 57.63 31.54 40.76
CA HIS E 428 57.23 32.38 39.64
C HIS E 428 56.46 31.50 38.65
N HIS E 429 55.36 32.02 38.13
CA HIS E 429 54.53 31.26 37.23
C HIS E 429 54.25 32.05 35.96
N VAL E 430 54.26 31.35 34.84
CA VAL E 430 53.84 31.94 33.57
C VAL E 430 52.33 32.11 33.57
N THR E 431 51.87 33.22 33.00
CA THR E 431 50.45 33.55 33.04
C THR E 431 49.75 33.26 31.72
N LYS E 432 50.42 33.42 30.59
CA LYS E 432 49.79 33.19 29.30
C LYS E 432 50.86 32.83 28.29
N THR E 433 50.42 32.26 27.17
CA THR E 433 51.31 31.78 26.11
C THR E 433 50.78 32.20 24.76
N SER E 434 51.70 32.53 23.85
CA SER E 434 51.36 32.84 22.46
C SER E 434 52.28 32.05 21.54
N ASN E 435 51.71 31.49 20.48
CA ASN E 435 52.47 30.70 19.54
C ASN E 435 51.94 30.90 18.13
N SER E 436 52.74 30.51 17.15
CA SER E 436 52.37 30.60 15.75
C SER E 436 52.81 29.35 15.01
N PHE E 437 51.91 28.79 14.20
CA PHE E 437 52.25 27.64 13.37
C PHE E 437 53.32 28.01 12.34
N TYR E 438 53.28 29.22 11.81
CA TYR E 438 54.37 29.75 11.01
C TYR E 438 55.53 30.08 11.94
N THR E 439 56.73 29.64 11.55
CA THR E 439 58.00 29.82 12.28
C THR E 439 58.06 29.06 13.60
N SER E 440 56.96 28.42 14.00
CA SER E 440 56.90 27.47 15.10
C SER E 440 57.45 28.04 16.41
N ASP E 441 57.17 29.31 16.67
CA ASP E 441 57.65 29.98 17.86
C ASP E 441 56.65 29.86 19.00
N ILE E 442 57.18 29.83 20.23
CA ILE E 442 56.38 29.79 21.45
C ILE E 442 56.94 30.82 22.41
N VAL E 443 56.06 31.61 23.01
CA VAL E 443 56.44 32.67 23.95
C VAL E 443 55.60 32.56 25.21
N PHE E 444 56.26 32.48 26.35
CA PHE E 444 55.62 32.49 27.66
C PHE E 444 55.90 33.82 28.35
N ILE E 445 54.87 34.40 28.96
CA ILE E 445 54.99 35.65 29.71
C ILE E 445 54.87 35.32 31.19
N VAL E 446 55.95 35.51 31.94
CA VAL E 446 55.99 35.16 33.35
C VAL E 446 56.06 36.44 34.18
N GLU E 447 55.30 36.46 35.27
CA GLU E 447 55.23 37.61 36.18
C GLU E 447 56.62 38.01 36.64
N ASP E 448 56.74 39.32 36.91
CA ASP E 448 57.92 40.20 36.92
C ASP E 448 58.21 40.66 35.50
N GLY E 449 57.42 40.22 34.53
CA GLY E 449 57.51 40.70 33.17
C GLY E 449 58.50 39.98 32.28
N ARG E 450 59.10 38.89 32.74
CA ARG E 450 60.07 38.20 31.90
C ARG E 450 59.36 37.46 30.77
N ILE E 451 60.09 37.28 29.67
CA ILE E 451 59.54 36.61 28.50
C ILE E 451 60.46 35.48 28.10
N LEU E 452 59.96 34.25 28.15
CA LEU E 452 60.72 33.08 27.75
C LEU E 452 60.29 32.65 26.35
N THR E 453 61.25 32.21 25.55
CA THR E 453 60.98 31.87 24.17
C THR E 453 61.52 30.47 23.85
N THR E 454 60.91 29.84 22.87
CA THR E 454 61.39 28.56 22.36
C THR E 454 60.80 28.32 20.99
N LYS E 455 61.27 27.26 20.35
CA LYS E 455 60.68 26.74 19.12
C LYS E 455 60.07 25.37 19.42
N ALA E 456 59.05 25.01 18.66
CA ALA E 456 58.37 23.74 18.88
C ALA E 456 59.32 22.57 18.61
N GLY E 457 59.32 21.59 19.52
CA GLY E 457 60.16 20.43 19.41
C GLY E 457 61.51 20.57 20.07
N LEU E 458 62.07 21.79 20.11
CA LEU E 458 63.35 22.02 20.75
C LEU E 458 63.26 21.80 22.25
N THR E 459 64.36 21.33 22.83
CA THR E 459 64.43 21.01 24.25
C THR E 459 65.15 22.08 25.06
N THR E 460 65.42 23.23 24.47
CA THR E 460 66.06 24.34 25.15
C THR E 460 65.19 25.58 25.04
N TYR E 461 65.62 26.66 25.69
CA TYR E 461 64.87 27.90 25.66
C TYR E 461 65.81 29.07 25.89
N SER E 462 65.35 30.26 25.54
CA SER E 462 66.08 31.49 25.75
C SER E 462 65.16 32.52 26.39
N GLU E 463 65.75 33.64 26.79
CA GLU E 463 65.03 34.72 27.45
C GLU E 463 65.02 35.92 26.52
N LEU E 464 63.84 36.25 25.99
CA LEU E 464 63.74 37.31 25.01
C LEU E 464 63.97 38.67 25.62
N GLY E 465 63.40 38.93 26.80
CA GLY E 465 63.56 40.23 27.42
C GLY E 465 62.58 40.39 28.57
N ILE E 466 62.37 41.65 28.95
CA ILE E 466 61.53 41.99 30.09
C ILE E 466 60.58 43.11 29.69
N LEU E 467 59.44 43.18 30.38
CA LEU E 467 58.40 44.15 30.08
C LEU E 467 57.62 44.46 31.34
N LYS E 468 57.69 45.72 31.79
CA LYS E 468 57.14 46.12 33.07
C LYS E 468 55.75 46.75 32.95
N ASP E 469 55.07 46.56 31.82
CA ASP E 469 53.79 47.21 31.61
C ASP E 469 52.72 46.62 32.52
N ALA E 470 51.68 47.42 32.77
CA ALA E 470 50.61 47.00 33.66
C ALA E 470 49.77 45.89 33.01
N ILE E 471 49.13 46.20 31.90
CA ILE E 471 48.33 45.22 31.16
C ILE E 471 48.80 45.19 29.72
N PHE E 472 49.14 44.00 29.24
CA PHE E 472 49.58 43.83 27.87
C PHE E 472 49.36 42.39 27.46
N THR E 473 49.35 42.16 26.16
CA THR E 473 49.33 40.80 25.64
C THR E 473 50.17 40.75 24.38
N LEU E 474 50.53 39.55 23.97
CA LEU E 474 51.44 39.32 22.86
C LEU E 474 50.73 38.53 21.76
N TYR E 475 50.94 38.94 20.51
CA TYR E 475 50.16 38.39 19.41
C TYR E 475 51.07 38.07 18.21
N TYR E 476 50.96 36.85 17.71
CA TYR E 476 51.69 36.42 16.51
C TYR E 476 50.74 36.45 15.31
N ASP E 477 51.12 37.16 14.26
CA ASP E 477 50.29 37.22 13.07
C ASP E 477 50.59 36.02 12.17
N GLN E 478 50.08 36.07 10.93
CA GLN E 478 50.22 34.93 10.03
C GLN E 478 51.65 34.79 9.54
N LEU E 479 52.35 35.91 9.33
CA LEU E 479 53.70 35.86 8.79
C LEU E 479 54.75 35.60 9.85
N GLY E 480 54.40 35.64 11.13
CA GLY E 480 55.34 35.33 12.19
C GLY E 480 55.80 36.50 13.03
N TYR E 481 55.40 37.72 12.69
CA TYR E 481 55.80 38.88 13.47
C TYR E 481 55.08 38.88 14.82
N ILE E 482 55.69 39.53 15.81
CA ILE E 482 55.16 39.59 17.16
C ILE E 482 54.74 41.03 17.46
N HIS E 483 53.54 41.17 18.03
CA HIS E 483 52.98 42.46 18.39
C HIS E 483 52.75 42.50 19.89
N LYS E 484 52.88 43.70 20.46
CA LYS E 484 52.47 43.98 21.83
C LYS E 484 51.18 44.81 21.78
N LEU E 485 50.17 44.33 22.49
CA LEU E 485 48.85 44.96 22.53
C LEU E 485 48.56 45.48 23.92
N THR E 486 48.20 46.75 23.97
CA THR E 486 47.81 47.54 25.13
C THR E 486 46.73 48.50 24.63
N PRO E 487 45.83 48.96 25.49
CA PRO E 487 44.93 50.04 25.08
C PRO E 487 45.71 51.26 24.61
N GLU E 488 45.23 51.86 23.52
CA GLU E 488 45.90 52.83 22.64
C GLU E 488 47.37 52.53 22.42
N ASN E 489 47.72 51.26 22.22
CA ASN E 489 49.11 50.91 21.91
C ASN E 489 49.14 49.54 21.20
N PHE E 490 49.30 49.56 19.89
CA PHE E 490 49.52 48.34 19.12
C PHE E 490 50.91 48.44 18.52
N ASP E 491 51.91 47.97 19.25
CA ASP E 491 53.29 48.10 18.83
C ASP E 491 53.74 46.86 18.09
N ALA E 492 54.51 47.05 17.03
CA ALA E 492 54.98 45.95 16.18
C ALA E 492 56.46 45.65 16.33
N GLY E 493 57.26 46.64 16.66
CA GLY E 493 58.70 46.45 16.84
C GLY E 493 59.50 47.64 16.34
N SER E 494 60.63 47.89 17.01
CA SER E 494 61.50 48.99 16.60
C SER E 494 62.22 48.66 15.29
N LYS E 495 62.80 47.47 15.21
CA LYS E 495 63.52 47.03 14.02
C LYS E 495 62.76 45.90 13.36
N LEU E 496 62.56 45.99 12.05
CA LEU E 496 61.78 45.00 11.31
C LEU E 496 62.61 44.47 10.16
N LEU E 497 62.76 43.14 10.10
CA LEU E 497 63.50 42.48 9.06
C LEU E 497 62.53 41.91 8.01
N GLY E 498 63.08 41.15 7.07
CA GLY E 498 62.22 40.50 6.08
C GLY E 498 61.37 39.40 6.68
N HIS E 499 61.95 38.59 7.56
CA HIS E 499 61.26 37.45 8.13
C HIS E 499 60.68 37.79 9.50
N GLY E 500 59.93 36.84 10.06
CA GLY E 500 59.20 37.05 11.28
C GLY E 500 60.02 36.89 12.53
N ASN E 501 60.86 37.88 12.85
CA ASN E 501 61.64 37.83 14.08
C ASN E 501 60.73 38.00 15.30
N SER E 502 61.10 37.33 16.38
CA SER E 502 60.32 37.31 17.61
C SER E 502 60.89 38.24 18.69
N GLY E 503 61.90 39.03 18.36
CA GLY E 503 62.47 39.94 19.33
C GLY E 503 62.58 41.36 18.80
N SER E 504 61.61 41.75 17.97
CA SER E 504 61.64 43.08 17.39
C SER E 504 61.27 44.15 18.41
N ILE E 505 60.32 43.84 19.31
CA ILE E 505 59.83 44.84 20.24
C ILE E 505 60.89 45.18 21.29
N PHE E 506 61.65 44.20 21.74
CA PHE E 506 62.71 44.44 22.70
C PHE E 506 63.90 45.13 22.03
N GLY E 507 64.53 46.03 22.77
CA GLY E 507 65.64 46.80 22.22
C GLY E 507 66.92 46.03 22.05
N LYS E 508 67.51 45.56 23.15
CA LYS E 508 68.78 44.87 23.14
C LYS E 508 68.62 43.51 23.79
N ARG E 509 69.24 42.50 23.21
CA ARG E 509 69.12 41.14 23.75
C ARG E 509 69.78 41.06 25.12
N PRO E 510 69.11 40.50 26.12
CA PRO E 510 69.66 40.52 27.47
C PRO E 510 70.88 39.64 27.63
N ASP E 511 71.71 39.98 28.61
CA ASP E 511 72.83 39.15 29.01
C ASP E 511 72.34 38.08 29.95
N LEU E 512 72.62 36.82 29.62
CA LEU E 512 72.13 35.68 30.37
C LEU E 512 73.08 35.25 31.47
N GLY E 513 74.19 35.94 31.65
CA GLY E 513 75.16 35.56 32.65
C GLY E 513 74.93 36.22 33.99
N PHE E 514 75.40 35.55 35.04
CA PHE E 514 75.30 36.05 36.40
C PHE E 514 76.62 36.70 36.81
N GLU E 515 76.64 37.22 38.05
CA GLU E 515 77.83 37.86 38.60
C GLU E 515 78.53 36.85 39.50
N ALA E 516 79.60 36.26 39.00
CA ALA E 516 80.39 35.30 39.78
C ALA E 516 81.79 35.24 39.19
N ILE E 517 82.64 34.44 39.81
CA ILE E 517 84.01 34.26 39.36
C ILE E 517 84.07 33.04 38.46
N LEU E 518 84.54 33.24 37.24
CA LEU E 518 84.69 32.17 36.26
C LEU E 518 86.17 31.85 36.12
N VAL E 519 86.55 30.64 36.47
CA VAL E 519 87.95 30.20 36.37
C VAL E 519 88.06 29.22 35.21
N PRO E 520 88.83 29.52 34.18
CA PRO E 520 88.92 28.66 33.00
C PRO E 520 90.03 27.62 33.12
N GLN E 521 90.01 26.68 32.18
CA GLN E 521 90.98 25.60 32.12
C GLN E 521 90.92 24.96 30.73
N TYR E 522 92.08 24.68 30.16
CA TYR E 522 92.10 23.95 28.90
C TYR E 522 91.98 22.46 29.18
N ILE E 523 91.23 21.76 28.33
CA ILE E 523 91.25 20.30 28.29
C ILE E 523 91.80 19.76 26.99
N SER E 524 91.73 20.53 25.91
CA SER E 524 92.37 20.21 24.66
C SER E 524 92.78 21.52 24.02
N THR E 525 93.13 21.47 22.73
CA THR E 525 93.49 22.70 22.04
C THR E 525 92.26 23.57 21.82
N ASN E 526 91.10 22.98 21.53
CA ASN E 526 89.91 23.73 21.20
C ASN E 526 88.76 23.53 22.18
N GLU E 527 89.00 22.89 23.31
CA GLU E 527 87.96 22.66 24.30
C GLU E 527 88.37 23.28 25.63
N MET E 528 87.39 23.78 26.37
CA MET E 528 87.65 24.54 27.59
C MET E 528 86.63 24.22 28.66
N TYR E 529 87.07 24.33 29.91
CA TYR E 529 86.24 24.26 31.10
C TYR E 529 86.13 25.65 31.69
N PHE E 530 84.94 26.05 32.08
CA PHE E 530 84.77 27.20 32.96
C PHE E 530 84.10 26.75 34.23
N PHE E 531 84.72 27.03 35.37
CA PHE E 531 84.19 26.71 36.68
C PHE E 531 83.62 27.96 37.32
N ALA E 532 82.47 27.82 37.96
CA ALA E 532 81.81 28.93 38.66
C ALA E 532 82.15 28.84 40.14
N HIS E 533 82.59 29.96 40.71
CA HIS E 533 83.07 29.97 42.08
C HIS E 533 81.96 30.38 43.04
N VAL E 534 81.53 29.45 43.87
CA VAL E 534 80.66 29.74 45.01
C VAL E 534 81.55 29.98 46.22
N PRO E 535 81.47 31.14 46.88
CA PRO E 535 82.34 31.39 48.02
C PRO E 535 81.94 30.52 49.21
N LEU E 536 82.89 30.36 50.12
CA LEU E 536 82.63 29.61 51.32
C LEU E 536 82.04 30.52 52.40
N THR E 537 81.37 29.88 53.37
CA THR E 537 80.75 30.53 54.52
C THR E 537 79.73 31.59 54.07
N MET E 538 78.73 31.13 53.35
CA MET E 538 77.69 31.98 52.78
C MET E 538 76.41 31.17 52.56
N PRO E 539 75.24 31.83 52.64
CA PRO E 539 73.99 31.12 52.94
C PRO E 539 73.50 30.18 51.84
N THR E 540 72.78 29.14 52.27
CA THR E 540 72.36 28.11 51.34
C THR E 540 71.20 28.55 50.47
N ASN E 541 70.27 29.34 51.01
CA ASN E 541 69.07 29.70 50.26
C ASN E 541 69.37 30.58 49.06
N ILE E 542 70.48 31.32 49.10
CA ILE E 542 70.84 32.24 48.03
C ILE E 542 71.93 31.64 47.13
N GLN E 543 72.09 30.30 47.15
CA GLN E 543 73.08 29.61 46.34
C GLN E 543 72.87 29.82 44.85
N TRP E 544 71.60 29.81 44.41
CA TRP E 544 71.27 29.75 42.99
C TRP E 544 71.80 30.93 42.19
N LYS E 545 72.16 32.03 42.84
CA LYS E 545 72.72 33.17 42.12
C LYS E 545 74.10 32.90 41.55
N LYS E 546 74.78 31.85 42.02
CA LYS E 546 76.16 31.58 41.62
C LYS E 546 76.29 30.17 41.08
N ARG E 547 75.40 29.78 40.17
CA ARG E 547 75.44 28.45 39.58
C ARG E 547 75.06 28.51 38.12
N PHE E 548 75.63 27.62 37.33
CA PHE E 548 75.23 27.46 35.94
C PHE E 548 73.94 26.64 35.88
N LYS E 549 72.95 27.15 35.17
CA LYS E 549 71.67 26.47 35.02
C LYS E 549 71.61 25.77 33.67
N THR E 550 70.44 25.25 33.33
CA THR E 550 70.23 24.58 32.05
C THR E 550 69.91 25.54 30.92
N ILE E 551 69.66 26.82 31.22
CA ILE E 551 69.37 27.78 30.17
C ILE E 551 70.60 28.03 29.30
N HIS E 552 71.79 27.99 29.90
CA HIS E 552 73.03 28.31 29.20
C HIS E 552 73.45 27.25 28.20
N LEU E 553 72.80 26.09 28.18
CA LEU E 553 73.14 25.07 27.20
C LEU E 553 72.72 25.51 25.81
N GLY E 554 73.66 25.49 24.88
CA GLY E 554 73.41 25.96 23.54
C GLY E 554 73.68 27.42 23.30
N LYS E 555 74.16 28.16 24.29
CA LYS E 555 74.48 29.57 24.14
C LYS E 555 75.97 29.74 23.87
N THR E 556 76.42 31.00 23.84
CA THR E 556 77.82 31.32 23.65
C THR E 556 78.27 32.26 24.76
N ILE E 557 79.55 32.14 25.11
CA ILE E 557 80.18 32.96 26.14
C ILE E 557 81.22 33.85 25.46
N GLU E 558 81.15 35.15 25.74
CA GLU E 558 81.94 36.16 25.06
C GLU E 558 82.71 37.00 26.07
N PHE E 559 83.92 37.38 25.68
CA PHE E 559 84.83 38.17 26.48
C PHE E 559 84.98 39.55 25.87
N SER E 560 85.09 40.56 26.74
CA SER E 560 85.15 41.94 26.27
C SER E 560 86.52 42.28 25.69
N LYS E 561 87.59 41.67 26.19
CA LYS E 561 88.92 41.85 25.62
C LYS E 561 88.97 41.33 24.20
N THR E 562 88.82 40.01 24.05
CA THR E 562 88.62 39.33 22.78
C THR E 562 88.25 37.89 23.09
N GLY E 563 87.69 37.22 22.10
CA GLY E 563 87.45 35.80 22.27
C GLY E 563 85.97 35.47 22.28
N LEU E 564 85.65 34.23 21.92
CA LEU E 564 84.28 33.77 21.85
C LEU E 564 84.27 32.25 21.84
N ALA E 565 83.39 31.65 22.64
CA ALA E 565 83.26 30.19 22.69
C ALA E 565 81.79 29.82 22.77
N ASN E 566 81.48 28.57 22.42
CA ASN E 566 80.12 28.05 22.43
C ASN E 566 79.97 26.99 23.50
N ILE E 567 79.00 27.18 24.41
CA ILE E 567 78.74 26.21 25.45
C ILE E 567 78.17 24.94 24.82
N LYS E 568 78.66 23.79 25.26
CA LYS E 568 78.14 22.52 24.78
C LYS E 568 77.74 21.55 25.87
N ASN E 569 78.19 21.73 27.11
CA ASN E 569 77.67 20.89 28.20
C ASN E 569 77.73 21.67 29.52
N VAL E 570 76.78 21.37 30.40
CA VAL E 570 76.74 21.94 31.74
C VAL E 570 76.81 20.80 32.74
N TYR E 571 77.81 20.81 33.60
CA TYR E 571 77.96 19.83 34.65
C TYR E 571 77.78 20.50 36.01
N MET E 572 77.15 19.78 36.93
CA MET E 572 76.99 20.21 38.31
C MET E 572 77.72 19.23 39.21
N HIS E 573 78.54 19.75 40.12
CA HIS E 573 79.32 18.90 41.03
C HIS E 573 79.45 19.67 42.35
N LYS E 574 78.55 19.37 43.28
CA LYS E 574 78.45 20.14 44.51
C LYS E 574 79.44 19.72 45.59
N THR E 575 80.07 18.55 45.46
CA THR E 575 80.84 18.00 46.57
C THR E 575 82.33 17.85 46.27
N GLU E 576 82.68 17.18 45.16
CA GLU E 576 84.08 16.76 44.97
C GLU E 576 85.04 17.94 44.82
N PRO E 577 84.80 18.96 43.98
CA PRO E 577 85.68 20.12 44.04
C PRO E 577 85.13 21.18 44.98
N VAL E 578 86.04 21.78 45.75
CA VAL E 578 85.68 22.71 46.81
C VAL E 578 85.80 24.13 46.27
N GLY E 579 84.77 24.93 46.50
CA GLY E 579 84.72 26.28 46.01
C GLY E 579 84.09 26.43 44.65
N PHE E 580 83.95 25.34 43.90
CA PHE E 580 83.35 25.33 42.58
C PHE E 580 82.26 24.28 42.56
N GLN E 581 81.08 24.65 42.08
CA GLN E 581 79.92 23.76 42.07
C GLN E 581 79.38 23.46 40.70
N THR E 582 79.61 24.31 39.71
CA THR E 582 79.14 24.07 38.36
C THR E 582 80.26 24.41 37.39
N SER E 583 80.19 23.79 36.20
CA SER E 583 81.16 24.05 35.16
C SER E 583 80.49 23.87 33.81
N ILE E 584 81.08 24.49 32.79
CA ILE E 584 80.61 24.34 31.42
C ILE E 584 81.77 23.85 30.57
N HIS E 585 81.48 22.86 29.75
CA HIS E 585 82.35 22.38 28.68
C HIS E 585 81.99 23.14 27.42
N THR E 586 82.96 23.92 26.91
CA THR E 586 82.76 24.77 25.75
C THR E 586 83.82 24.48 24.68
N GLU E 587 83.56 24.95 23.48
CA GLU E 587 84.44 24.79 22.33
C GLU E 587 84.90 26.17 21.86
N ILE E 588 86.22 26.32 21.68
CA ILE E 588 86.81 27.63 21.44
C ILE E 588 86.63 28.00 19.97
N ILE E 589 86.15 29.20 19.71
CA ILE E 589 86.07 29.76 18.37
C ILE E 589 87.15 30.81 18.20
N VAL E 590 87.14 31.82 19.06
CA VAL E 590 88.16 32.86 19.09
C VAL E 590 88.86 32.79 20.44
N PRO E 591 90.20 32.69 20.46
CA PRO E 591 90.89 32.08 21.62
C PRO E 591 91.15 32.94 22.85
N PHE E 592 90.40 34.03 23.05
CA PHE E 592 90.36 34.80 24.30
C PHE E 592 91.60 35.65 24.53
N GLY E 593 91.48 36.68 25.34
CA GLY E 593 92.57 37.59 25.62
C GLY E 593 93.17 37.35 27.00
N ILE E 594 94.49 37.36 27.06
CA ILE E 594 95.21 37.13 28.29
C ILE E 594 95.57 38.48 28.91
N GLU E 595 95.96 38.46 30.18
CA GLU E 595 96.26 39.68 30.91
C GLU E 595 97.63 40.24 30.55
N ASN E 596 97.71 41.56 30.47
CA ASN E 596 98.91 42.27 30.09
C ASN E 596 99.95 42.21 31.20
N SER E 597 101.13 42.76 30.91
CA SER E 597 102.17 42.87 31.92
C SER E 597 102.17 44.23 32.62
N LYS E 598 101.57 45.25 32.01
CA LYS E 598 101.49 46.55 32.67
C LYS E 598 100.46 46.55 33.79
N ASP E 599 99.29 45.95 33.55
CA ASP E 599 98.24 45.97 34.57
C ASP E 599 98.52 45.01 35.71
N SER E 600 99.30 43.95 35.47
CA SER E 600 99.68 43.00 36.50
C SER E 600 101.18 42.73 36.40
N PRO E 601 101.97 43.14 37.37
CA PRO E 601 103.43 43.04 37.26
C PRO E 601 104.05 41.79 37.85
N CYS E 602 103.24 40.84 38.34
CA CYS E 602 103.78 39.59 38.86
C CYS E 602 104.12 38.59 37.75
N LEU E 603 103.77 38.88 36.50
CA LEU E 603 104.00 37.94 35.43
C LEU E 603 105.49 37.76 35.15
N LEU E 604 106.28 38.82 35.31
CA LEU E 604 107.71 38.76 35.04
C LEU E 604 108.43 38.20 36.26
N SER E 605 108.16 36.92 36.53
CA SER E 605 108.76 36.23 37.67
C SER E 605 108.58 34.73 37.49
N ASP E 606 109.27 33.99 38.34
CA ASP E 606 109.14 32.54 38.41
C ASP E 606 108.21 32.17 39.55
N LEU E 607 107.26 31.29 39.28
CA LEU E 607 106.25 30.89 40.24
C LEU E 607 106.64 29.61 40.95
N GLU E 608 106.07 29.40 42.13
CA GLU E 608 106.21 28.15 42.85
C GLU E 608 104.94 27.90 43.64
N ILE E 609 104.25 26.81 43.36
CA ILE E 609 102.96 26.50 43.96
C ILE E 609 103.15 25.30 44.88
N THR E 610 102.85 25.47 46.16
CA THR E 610 102.97 24.40 47.14
C THR E 610 101.63 24.15 47.82
N TYR E 611 101.46 22.94 48.31
CA TYR E 611 100.26 22.57 49.05
C TYR E 611 100.30 23.18 50.44
N SER E 612 99.25 23.91 50.80
CA SER E 612 99.15 24.55 52.11
C SER E 612 98.58 23.53 53.10
N GLY E 613 98.19 24.01 54.28
CA GLY E 613 97.79 23.12 55.34
C GLY E 613 96.49 22.37 55.11
N LYS E 614 95.35 23.06 55.14
CA LYS E 614 94.07 22.36 55.05
C LYS E 614 93.67 22.08 53.60
N LEU E 615 93.36 23.13 52.84
CA LEU E 615 92.98 22.92 51.45
C LEU E 615 93.42 24.03 50.52
N TYR E 616 94.15 25.04 50.97
CA TYR E 616 94.54 26.16 50.13
C TYR E 616 95.82 25.80 49.36
N TYR E 617 96.38 26.78 48.65
CA TYR E 617 97.59 26.56 47.87
C TYR E 617 98.43 27.83 47.94
N THR E 618 99.67 27.70 48.39
CA THR E 618 100.56 28.83 48.55
C THR E 618 101.29 29.09 47.24
N ILE E 619 101.09 30.28 46.67
CA ILE E 619 101.70 30.68 45.41
C ILE E 619 102.77 31.70 45.74
N LYS E 620 104.03 31.34 45.52
CA LYS E 620 105.17 32.17 45.87
C LYS E 620 105.86 32.66 44.61
N LEU E 621 106.35 33.89 44.67
CA LEU E 621 107.05 34.53 43.56
C LEU E 621 108.54 34.40 43.81
N LEU E 622 109.22 33.58 43.02
CA LEU E 622 110.62 33.27 43.27
C LEU E 622 111.51 34.50 43.12
N SER E 623 111.23 35.34 42.13
CA SER E 623 112.00 36.56 41.92
C SER E 623 111.54 37.62 42.92
N LYS E 624 112.44 38.02 43.82
CA LYS E 624 112.10 38.92 44.92
C LYS E 624 112.31 40.39 44.56
N ASN E 625 112.20 40.74 43.29
CA ASN E 625 112.34 42.13 42.88
C ASN E 625 111.18 42.95 43.42
N PRO E 626 111.44 44.06 44.12
CA PRO E 626 110.34 44.90 44.63
C PRO E 626 109.57 45.64 43.55
N LEU E 627 109.99 45.56 42.29
CA LEU E 627 109.22 46.16 41.21
C LEU E 627 107.99 45.32 40.85
N HIS E 628 108.05 44.01 41.05
CA HIS E 628 107.00 43.11 40.57
C HIS E 628 105.86 42.97 41.58
N GLU E 629 106.15 42.39 42.75
CA GLU E 629 105.19 42.23 43.85
C GLU E 629 103.87 41.57 43.46
N LEU E 630 102.86 41.72 44.31
CA LEU E 630 101.49 41.30 44.02
C LEU E 630 100.58 42.43 44.47
N LYS E 631 100.02 43.18 43.52
CA LYS E 631 99.16 44.29 43.85
C LYS E 631 97.87 43.81 44.50
N SER E 632 97.27 44.67 45.32
CA SER E 632 96.02 44.32 46.00
C SER E 632 94.87 44.17 45.02
N THR E 633 94.93 44.85 43.87
CA THR E 633 93.88 44.75 42.87
C THR E 633 93.89 43.42 42.13
N ASP E 634 94.94 42.62 42.29
CA ASP E 634 95.03 41.31 41.65
C ASP E 634 94.43 40.21 42.52
N VAL E 635 93.20 40.44 42.94
CA VAL E 635 92.41 39.44 43.66
C VAL E 635 91.26 39.06 42.74
N GLU E 636 90.76 37.83 42.95
CA GLU E 636 89.76 37.22 42.07
C GLU E 636 90.24 37.18 40.62
N LYS E 637 91.43 36.61 40.43
CA LYS E 637 92.02 36.38 39.12
C LYS E 637 92.39 34.92 38.99
N SER E 638 92.53 34.46 37.75
CA SER E 638 92.80 33.06 37.48
C SER E 638 94.20 32.94 36.90
N VAL E 639 95.06 32.19 37.57
CA VAL E 639 96.37 31.82 37.06
C VAL E 639 96.28 30.43 36.46
N LEU E 640 96.67 30.29 35.19
CA LEU E 640 96.60 29.01 34.52
C LEU E 640 97.89 28.70 33.78
N ILE E 641 98.16 27.40 33.65
CA ILE E 641 99.24 26.90 32.82
C ILE E 641 98.64 25.78 31.99
N PRO E 642 98.73 25.82 30.66
CA PRO E 642 98.07 24.80 29.85
C PRO E 642 98.72 23.44 29.99
N GLY E 643 98.07 22.56 30.74
CA GLY E 643 98.60 21.24 31.03
C GLY E 643 98.44 20.84 32.48
N TYR E 644 98.14 21.81 33.34
CA TYR E 644 98.00 21.57 34.77
C TYR E 644 96.69 22.19 35.26
N SER E 645 96.47 22.12 36.56
CA SER E 645 95.28 22.70 37.15
C SER E 645 95.40 24.22 37.21
N SER E 646 94.25 24.88 37.26
CA SER E 646 94.17 26.33 37.36
C SER E 646 93.88 26.74 38.79
N PHE E 647 94.26 27.98 39.12
CA PHE E 647 94.11 28.48 40.47
C PHE E 647 93.42 29.84 40.47
N LEU E 648 92.60 30.08 41.49
CA LEU E 648 91.92 31.36 41.69
C LEU E 648 92.54 32.05 42.89
N ILE E 649 93.22 33.17 42.64
CA ILE E 649 93.94 33.88 43.70
C ILE E 649 92.92 34.55 44.61
N MET E 650 92.71 34.00 45.80
CA MET E 650 91.69 34.49 46.73
C MET E 650 92.24 35.40 47.81
N ASN E 651 93.41 35.11 48.37
CA ASN E 651 93.94 35.94 49.45
C ASN E 651 95.38 36.30 49.15
N ILE E 652 95.81 37.45 49.68
CA ILE E 652 97.19 37.90 49.57
C ILE E 652 97.76 38.01 50.97
N THR E 653 98.73 37.15 51.28
CA THR E 653 99.28 37.06 52.64
C THR E 653 100.67 37.67 52.76
N ASP E 654 101.23 38.19 51.68
CA ASP E 654 102.57 38.77 51.71
C ASP E 654 102.73 39.66 50.49
N LYS E 655 103.93 40.23 50.33
CA LYS E 655 104.21 41.04 49.16
C LYS E 655 104.64 40.20 47.97
N TRP E 656 104.94 38.92 48.18
CA TRP E 656 105.30 38.01 47.10
C TRP E 656 104.65 36.64 47.27
N THR E 657 103.55 36.55 48.01
CA THR E 657 102.92 35.27 48.31
C THR E 657 101.42 35.45 48.34
N ALA E 658 100.71 34.59 47.63
CA ALA E 658 99.25 34.55 47.62
C ALA E 658 98.77 33.17 48.08
N SER E 659 97.49 33.10 48.40
CA SER E 659 96.82 31.84 48.71
C SER E 659 95.65 31.70 47.74
N ALA E 660 95.57 30.54 47.09
CA ALA E 660 94.64 30.31 46.00
C ALA E 660 93.98 28.95 46.15
N LEU E 661 92.83 28.80 45.52
CA LEU E 661 92.09 27.55 45.46
C LEU E 661 92.28 26.92 44.09
N ALA E 662 92.22 25.59 44.05
CA ALA E 662 92.58 24.82 42.87
C ALA E 662 91.36 24.15 42.26
N THR E 663 91.20 24.28 40.95
CA THR E 663 90.19 23.53 40.21
C THR E 663 90.74 22.16 39.88
N MET E 664 90.00 21.12 40.27
CA MET E 664 90.41 19.72 40.21
C MET E 664 91.77 19.56 40.89
N PRO E 665 91.81 19.58 42.22
CA PRO E 665 93.07 19.44 42.95
C PRO E 665 93.54 18.01 43.15
N GLN E 666 92.98 17.04 42.42
CA GLN E 666 93.27 15.63 42.63
C GLN E 666 94.40 15.12 41.76
N ALA E 667 95.05 15.98 40.97
CA ALA E 667 96.08 15.57 40.04
C ALA E 667 97.33 16.43 40.19
N ILE E 668 97.77 16.64 41.43
CA ILE E 668 99.03 17.36 41.65
C ILE E 668 100.04 16.43 42.30
N LYS E 669 99.76 16.03 43.55
CA LYS E 669 100.58 15.09 44.33
C LYS E 669 102.07 15.44 44.35
N SER E 670 102.42 16.71 44.17
CA SER E 670 103.82 17.11 44.07
C SER E 670 103.92 18.61 44.29
N ASN E 671 105.11 19.16 44.07
CA ASN E 671 105.36 20.59 44.13
C ASN E 671 105.73 21.09 42.75
N LEU E 672 105.17 22.23 42.36
CA LEU E 672 105.28 22.75 41.01
C LEU E 672 106.23 23.94 40.97
N LYS E 673 106.83 24.15 39.80
CA LYS E 673 107.68 25.30 39.56
C LYS E 673 107.60 25.63 38.08
N PHE E 674 107.49 26.93 37.77
CA PHE E 674 107.30 27.39 36.41
C PHE E 674 108.31 28.47 36.09
N LEU E 675 108.22 29.02 34.88
CA LEU E 675 109.15 30.03 34.38
C LEU E 675 108.40 31.34 34.14
N THR E 676 109.08 32.30 33.52
CA THR E 676 108.52 33.63 33.36
C THR E 676 107.36 33.64 32.37
N GLY E 677 107.56 33.03 31.20
CA GLY E 677 106.58 33.14 30.14
C GLY E 677 105.72 31.91 29.92
N SER E 678 105.58 31.08 30.94
CA SER E 678 104.86 29.83 30.82
C SER E 678 103.48 29.82 31.47
N TRP E 679 103.19 30.75 32.38
CA TRP E 679 101.91 30.83 33.05
C TRP E 679 101.25 32.16 32.71
N PHE E 680 99.92 32.17 32.72
CA PHE E 680 99.17 33.35 32.28
C PHE E 680 98.06 33.69 33.27
N LEU E 681 97.65 34.96 33.23
CA LEU E 681 96.62 35.49 34.08
C LEU E 681 95.38 35.83 33.27
N TYR E 682 94.21 35.56 33.86
CA TYR E 682 92.93 35.88 33.27
C TYR E 682 92.10 36.63 34.30
N ASN E 683 91.39 37.65 33.84
CA ASN E 683 90.52 38.46 34.70
C ASN E 683 89.08 38.25 34.24
N PHE E 684 88.43 37.24 34.81
CA PHE E 684 87.01 37.02 34.62
C PHE E 684 86.20 37.45 35.83
N GLY E 685 86.80 38.24 36.72
CA GLY E 685 86.16 38.58 37.97
C GLY E 685 85.14 39.70 37.85
N THR E 686 84.28 39.79 38.87
CA THR E 686 83.27 40.83 38.95
C THR E 686 83.79 42.12 39.56
N ALA E 687 85.00 42.11 40.12
CA ALA E 687 85.55 43.33 40.69
C ALA E 687 85.92 44.31 39.61
N GLY E 688 85.51 45.57 39.77
CA GLY E 688 85.77 46.59 38.79
C GLY E 688 84.91 46.52 37.54
N GLY E 689 83.90 45.66 37.52
CA GLY E 689 83.07 45.50 36.34
C GLY E 689 83.23 44.15 35.69
N ARG E 690 82.16 43.37 35.63
CA ARG E 690 82.21 42.06 35.01
C ARG E 690 82.32 42.20 33.51
N LYS E 691 83.22 41.43 32.89
CA LYS E 691 83.57 41.61 31.49
C LYS E 691 83.24 40.42 30.61
N TRP E 692 82.48 39.45 31.11
CA TRP E 692 82.07 38.31 30.29
C TRP E 692 80.56 38.23 30.24
N SER E 693 80.03 37.80 29.10
CA SER E 693 78.60 37.73 28.88
C SER E 693 78.24 36.40 28.23
N ILE E 694 76.96 36.03 28.35
CA ILE E 694 76.42 34.84 27.73
C ILE E 694 75.20 35.23 26.91
N SER E 695 75.15 34.80 25.66
CA SER E 695 74.05 35.19 24.76
C SER E 695 73.86 34.11 23.70
N THR E 696 72.71 34.20 23.02
CA THR E 696 72.39 33.20 22.02
C THR E 696 73.26 33.35 20.78
N ARG E 697 73.46 32.24 20.08
CA ARG E 697 74.29 32.21 18.88
C ARG E 697 73.46 32.49 17.64
N GLN E 698 74.14 32.76 16.54
CA GLN E 698 73.50 32.99 15.26
C GLN E 698 73.11 31.66 14.61
N CYS E 699 72.34 31.76 13.53
CA CYS E 699 71.91 30.56 12.81
C CYS E 699 73.10 29.83 12.20
N ASN E 700 73.09 28.51 12.31
CA ASN E 700 74.21 27.69 11.87
C ASN E 700 73.82 26.62 10.85
N TYR E 701 72.58 26.58 10.39
CA TYR E 701 72.14 25.55 9.47
C TYR E 701 71.36 26.17 8.32
N TRP E 702 71.51 25.59 7.14
CA TRP E 702 70.68 25.93 5.99
C TRP E 702 69.94 24.68 5.52
N ILE E 703 68.72 24.85 5.05
CA ILE E 703 67.91 23.76 4.52
C ILE E 703 67.61 24.06 3.06
N GLN E 704 68.17 23.26 2.16
CA GLN E 704 68.01 23.43 0.73
C GLN E 704 67.03 22.39 0.19
N GLN E 705 66.12 22.86 -0.66
CA GLN E 705 65.03 22.06 -1.21
C GLN E 705 64.87 22.51 -2.66
N ASP E 706 65.42 21.73 -3.58
CA ASP E 706 65.36 22.09 -4.99
C ASP E 706 64.02 21.75 -5.64
N SER E 707 63.19 20.93 -5.00
CA SER E 707 61.91 20.53 -5.56
C SER E 707 60.83 21.53 -5.18
N LEU E 708 59.99 21.87 -6.17
CA LEU E 708 58.85 22.74 -5.94
C LEU E 708 57.74 21.96 -5.24
N ASP E 709 56.61 22.62 -4.99
CA ASP E 709 55.46 22.13 -4.21
C ASP E 709 55.86 21.55 -2.86
N PHE E 710 57.03 21.96 -2.36
CA PHE E 710 57.45 21.68 -1.00
C PHE E 710 58.14 22.86 -0.36
N MET E 711 58.22 24.01 -1.04
CA MET E 711 58.90 25.18 -0.52
C MET E 711 58.10 25.89 0.55
N SER E 712 56.82 25.58 0.70
CA SER E 712 56.03 26.19 1.76
C SER E 712 56.41 25.58 3.11
N LEU E 713 56.36 26.42 4.14
CA LEU E 713 56.63 25.95 5.49
C LEU E 713 55.48 25.13 6.05
N ASN E 714 54.28 25.27 5.50
CA ASN E 714 53.13 24.47 5.86
C ASN E 714 52.69 23.67 4.64
N LEU E 715 52.56 22.36 4.80
CA LEU E 715 52.20 21.49 3.69
C LEU E 715 51.17 20.48 4.15
N VAL E 716 50.17 20.23 3.29
CA VAL E 716 49.19 19.19 3.50
C VAL E 716 49.19 18.32 2.26
N LYS E 717 49.49 17.03 2.42
CA LYS E 717 49.56 16.10 1.31
C LYS E 717 48.58 14.96 1.54
N TYR E 718 47.83 14.62 0.49
CA TYR E 718 46.89 13.52 0.54
C TYR E 718 47.51 12.28 -0.09
N ILE E 719 47.12 11.12 0.42
CA ILE E 719 47.49 9.85 -0.17
C ILE E 719 46.26 8.94 -0.18
N ASP E 720 46.00 8.31 -1.32
CA ASP E 720 44.97 7.30 -1.40
C ASP E 720 45.57 5.96 -0.96
N VAL E 721 44.84 4.87 -1.19
CA VAL E 721 45.34 3.56 -0.83
C VAL E 721 46.46 3.16 -1.79
N GLY E 722 47.55 2.63 -1.23
CA GLY E 722 48.66 2.17 -2.05
C GLY E 722 49.62 3.26 -2.47
N ASN E 723 49.11 4.42 -2.86
CA ASN E 723 49.95 5.50 -3.36
C ASN E 723 50.81 6.06 -2.24
N THR E 724 52.07 6.33 -2.56
CA THR E 724 53.05 6.83 -1.61
C THR E 724 53.55 8.20 -2.04
N ILE E 725 54.11 8.94 -1.09
CA ILE E 725 54.63 10.29 -1.33
C ILE E 725 56.03 10.39 -0.73
N ASP E 726 56.95 11.00 -1.46
CA ASP E 726 58.33 11.10 -1.01
C ASP E 726 58.85 12.53 -1.14
N PHE E 727 59.71 12.92 -0.20
CA PHE E 727 60.37 14.22 -0.28
C PHE E 727 61.79 14.12 0.26
N GLN E 728 62.65 15.01 -0.22
CA GLN E 728 64.07 14.97 0.04
C GLN E 728 64.58 16.36 0.44
N PHE E 729 65.33 16.42 1.53
CA PHE E 729 65.92 17.67 2.02
C PHE E 729 67.44 17.57 2.04
N LYS E 730 68.09 18.73 1.95
CA LYS E 730 69.52 18.89 2.09
C LYS E 730 69.78 19.85 3.24
N ILE E 731 70.76 19.52 4.07
CA ILE E 731 71.14 20.36 5.21
C ILE E 731 72.62 20.73 5.04
N ILE E 732 72.89 22.02 4.95
CA ILE E 732 74.23 22.56 4.77
C ILE E 732 74.67 23.20 6.08
N PRO E 733 75.72 22.71 6.70
CA PRO E 733 76.15 23.30 7.97
C PRO E 733 77.12 24.44 7.76
N LYS E 734 76.85 25.59 8.38
CA LYS E 734 77.71 26.77 8.29
C LYS E 734 78.85 26.73 9.28
N ALA E 735 78.84 25.80 10.22
CA ALA E 735 79.84 25.70 11.28
C ALA E 735 80.18 24.23 11.45
N MET E 736 80.82 23.89 12.57
CA MET E 736 81.16 22.50 12.84
C MET E 736 79.88 21.68 12.97
N SER E 737 79.88 20.51 12.34
CA SER E 737 78.69 19.67 12.23
C SER E 737 78.87 18.38 13.01
N THR E 738 77.74 17.82 13.42
CA THR E 738 77.69 16.54 14.10
C THR E 738 77.96 15.45 13.06
N PHE E 739 79.18 14.92 13.05
CA PHE E 739 79.51 13.97 12.00
C PHE E 739 78.86 12.60 12.23
N PRO E 740 79.00 11.96 13.39
CA PRO E 740 78.33 10.66 13.53
C PRO E 740 76.82 10.79 13.70
N ILE E 741 76.38 11.77 14.46
CA ILE E 741 74.95 11.91 14.78
C ILE E 741 74.27 12.69 13.66
N PRO E 742 73.19 12.16 13.07
CA PRO E 742 72.41 12.94 12.11
C PRO E 742 71.81 14.16 12.77
N PRO E 743 71.85 15.32 12.11
CA PRO E 743 71.39 16.56 12.73
C PRO E 743 69.89 16.77 12.72
N VAL E 744 69.10 15.79 12.29
CA VAL E 744 67.66 15.94 12.17
C VAL E 744 67.01 14.82 12.97
N SER E 745 66.19 15.20 13.93
CA SER E 745 65.38 14.24 14.69
C SER E 745 63.95 14.35 14.20
N MET E 746 63.37 13.24 13.78
CA MET E 746 62.04 13.25 13.23
C MET E 746 61.12 12.36 14.03
N VAL E 747 59.89 12.84 14.25
CA VAL E 747 58.88 12.12 14.99
C VAL E 747 57.63 12.02 14.14
N VAL E 748 56.82 11.01 14.41
CA VAL E 748 55.55 10.78 13.74
C VAL E 748 54.45 10.87 14.77
N GLY E 749 53.42 11.65 14.47
CA GLY E 749 52.32 11.83 15.40
C GLY E 749 51.54 10.56 15.65
N ASN E 750 50.86 10.07 14.62
CA ASN E 750 50.18 8.79 14.66
C ASN E 750 50.91 7.82 13.76
N PRO E 751 51.72 6.91 14.31
CA PRO E 751 52.40 5.93 13.46
C PRO E 751 51.55 4.73 13.12
N GLY E 752 50.35 4.62 13.69
CA GLY E 752 49.50 3.47 13.46
C GLY E 752 48.68 3.51 12.20
N LEU E 753 48.69 4.62 11.46
CA LEU E 753 48.02 4.67 10.18
C LEU E 753 48.97 4.87 9.01
N VAL E 754 50.24 5.15 9.27
CA VAL E 754 51.19 5.53 8.23
C VAL E 754 52.42 4.66 8.37
N GLU E 755 53.16 4.52 7.27
CA GLU E 755 54.43 3.82 7.23
C GLU E 755 55.47 4.76 6.66
N VAL E 756 56.52 5.02 7.42
CA VAL E 756 57.55 5.99 7.06
C VAL E 756 58.88 5.26 6.94
N LYS E 757 59.51 5.38 5.78
CA LYS E 757 60.82 4.80 5.53
C LYS E 757 61.77 5.93 5.17
N THR E 758 62.83 6.08 5.96
CA THR E 758 63.75 7.20 5.83
C THR E 758 65.14 6.69 5.48
N GLN E 759 65.83 7.44 4.62
CA GLN E 759 67.24 7.20 4.34
C GLN E 759 67.98 8.51 4.53
N GLY E 760 69.17 8.43 5.10
CA GLY E 760 69.97 9.63 5.33
C GLY E 760 71.45 9.36 5.24
N VAL E 761 72.15 10.15 4.42
CA VAL E 761 73.57 9.98 4.20
C VAL E 761 74.27 11.31 4.44
N PHE E 762 75.55 11.21 4.77
CA PHE E 762 76.40 12.37 4.94
C PHE E 762 77.13 12.65 3.62
N ASP E 763 78.15 13.50 3.68
CA ASP E 763 78.89 13.91 2.51
C ASP E 763 80.33 14.13 2.93
N LEU E 764 81.10 14.84 2.10
CA LEU E 764 82.48 15.17 2.44
C LEU E 764 82.57 16.54 3.06
N ASN E 765 81.89 17.52 2.48
CA ASN E 765 81.78 18.84 3.07
C ASN E 765 80.80 18.88 4.22
N GLU E 766 80.38 17.70 4.67
CA GLU E 766 79.46 17.47 5.78
C GLU E 766 78.04 17.91 5.48
N ASN E 767 77.68 18.06 4.20
CA ASN E 767 76.28 18.22 3.89
C ASN E 767 75.53 16.93 4.21
N TYR E 768 74.26 17.07 4.58
CA TYR E 768 73.44 15.93 4.96
C TYR E 768 72.25 15.83 4.00
N TYR E 769 72.08 14.66 3.40
CA TYR E 769 71.00 14.41 2.46
C TYR E 769 70.04 13.40 3.08
N LEU E 770 68.77 13.73 3.23
CA LEU E 770 67.83 12.70 3.63
C LEU E 770 66.58 12.72 2.77
N ASP E 771 66.00 11.53 2.61
CA ASP E 771 64.74 11.38 1.88
C ASP E 771 63.79 10.48 2.67
N ILE E 772 62.52 10.81 2.57
CA ILE E 772 61.45 10.15 3.32
C ILE E 772 60.40 9.68 2.34
N HIS E 773 60.01 8.41 2.43
CA HIS E 773 58.90 7.83 1.69
C HIS E 773 57.80 7.46 2.68
N VAL E 774 56.58 7.86 2.37
CA VAL E 774 55.44 7.78 3.29
C VAL E 774 54.30 7.09 2.56
N SER E 775 53.71 6.09 3.21
CA SER E 775 52.61 5.33 2.61
C SER E 775 51.55 5.04 3.67
N GLY E 776 50.39 4.59 3.22
CA GLY E 776 49.37 4.14 4.16
C GLY E 776 49.62 2.72 4.62
N ARG E 777 48.84 2.31 5.63
CA ARG E 777 48.91 0.94 6.14
C ARG E 777 47.79 0.06 5.60
N PHE E 778 46.54 0.42 5.85
CA PHE E 778 45.41 -0.26 5.23
C PHE E 778 44.26 0.73 5.09
N PHE E 779 43.07 0.22 4.85
CA PHE E 779 41.91 1.04 4.50
C PHE E 779 41.32 1.66 5.75
N GLN E 780 41.66 2.92 6.01
CA GLN E 780 41.16 3.64 7.16
C GLN E 780 41.30 5.15 6.99
N GLY E 782 41.81 9.21 8.26
CA GLY E 782 42.62 9.76 9.33
C GLY E 782 43.64 10.78 8.86
N SER E 783 44.42 11.31 9.80
CA SER E 783 45.46 12.28 9.46
C SER E 783 46.53 12.23 10.54
N THR E 784 47.70 12.77 10.20
CA THR E 784 48.82 12.80 11.12
C THR E 784 49.76 13.91 10.71
N SER E 785 50.74 14.17 11.57
CA SER E 785 51.79 15.13 11.32
C SER E 785 53.14 14.43 11.43
N ILE E 786 54.10 14.85 10.62
CA ILE E 786 55.46 14.33 10.69
C ILE E 786 56.37 15.52 10.93
N ALA E 787 57.16 15.47 11.99
CA ALA E 787 57.92 16.62 12.44
C ALA E 787 59.41 16.38 12.29
N LEU E 788 60.09 17.31 11.63
CA LEU E 788 61.54 17.29 11.50
C LEU E 788 62.10 18.46 12.31
N VAL E 789 62.94 18.15 13.29
CA VAL E 789 63.48 19.15 14.21
C VAL E 789 65.00 19.13 14.10
N LEU E 790 65.59 20.32 13.98
CA LEU E 790 67.04 20.49 14.09
C LEU E 790 67.35 20.75 15.56
N TRP E 791 67.65 19.67 16.29
CA TRP E 791 67.83 19.78 17.73
C TRP E 791 69.05 20.59 18.10
N GLU E 792 70.12 20.50 17.31
CA GLU E 792 71.32 21.30 17.56
C GLU E 792 71.15 22.75 17.15
N GLY E 793 70.20 23.05 16.27
CA GLY E 793 70.03 24.40 15.78
C GLY E 793 69.58 25.36 16.88
N SER E 794 69.96 26.62 16.72
CA SER E 794 69.71 27.62 17.74
C SER E 794 68.24 28.06 17.71
N SER E 795 67.91 28.96 18.63
CA SER E 795 66.56 29.51 18.72
C SER E 795 66.40 30.82 17.95
N LYS E 796 67.43 31.26 17.22
CA LYS E 796 67.35 32.48 16.45
C LYS E 796 67.28 32.22 14.95
N CYS E 797 67.18 30.96 14.54
CA CYS E 797 66.99 30.63 13.13
C CYS E 797 65.55 30.90 12.72
N TYR E 798 65.37 31.29 11.47
CA TYR E 798 64.02 31.54 10.96
C TYR E 798 63.22 30.25 10.84
N ALA E 799 63.86 29.17 10.39
CA ALA E 799 63.21 27.87 10.23
C ALA E 799 63.99 26.82 11.01
N ILE E 800 63.31 26.15 11.94
CA ILE E 800 63.93 25.08 12.73
C ILE E 800 63.09 23.82 12.60
N THR E 801 61.79 23.93 12.85
CA THR E 801 60.89 22.79 12.86
C THR E 801 60.03 22.80 11.60
N LEU E 802 60.00 21.66 10.92
CA LEU E 802 59.16 21.48 9.73
C LEU E 802 58.07 20.48 10.05
N LEU E 803 56.83 20.83 9.72
CA LEU E 803 55.65 20.03 10.08
C LEU E 803 54.76 19.76 8.87
N PRO E 804 55.15 18.84 8.00
CA PRO E 804 54.19 18.34 7.01
C PRO E 804 53.05 17.59 7.65
N THR E 805 51.88 17.69 7.03
CA THR E 805 50.66 17.01 7.47
C THR E 805 50.24 16.04 6.37
N ILE E 806 49.88 14.82 6.77
CA ILE E 806 49.49 13.77 5.85
C ILE E 806 48.06 13.37 6.16
N LYS E 807 47.20 13.39 5.14
CA LYS E 807 45.81 12.99 5.27
C LYS E 807 45.58 11.71 4.49
N SER E 808 45.06 10.69 5.16
CA SER E 808 44.67 9.44 4.50
C SER E 808 43.25 9.56 3.96
N SER E 809 43.09 10.48 3.02
CA SER E 809 41.86 10.68 2.28
C SER E 809 42.25 10.94 0.84
N CYS E 810 41.30 11.42 0.04
CA CYS E 810 41.59 11.76 -1.34
C CYS E 810 41.42 13.25 -1.58
N SER E 811 42.25 13.78 -2.46
CA SER E 811 42.25 15.20 -2.75
C SER E 811 40.97 15.61 -3.47
N TYR E 812 40.69 16.91 -3.42
CA TYR E 812 39.54 17.49 -4.11
C TYR E 812 39.74 17.56 -5.62
N LEU E 813 40.96 17.35 -6.11
CA LEU E 813 41.23 17.33 -7.54
C LEU E 813 41.31 15.92 -8.10
N ARG E 814 40.97 14.91 -7.31
CA ARG E 814 41.00 13.52 -7.77
C ARG E 814 39.61 13.14 -8.25
N THR E 815 39.42 13.15 -9.57
CA THR E 815 38.17 12.73 -10.18
C THR E 815 38.49 11.75 -11.31
N MET E 816 37.45 11.24 -11.95
CA MET E 816 37.58 10.35 -13.10
C MET E 816 36.78 10.93 -14.26
N HIS E 817 37.40 11.01 -15.43
CA HIS E 817 36.79 11.63 -16.60
C HIS E 817 36.74 10.63 -17.75
N HIS E 818 35.88 10.92 -18.73
CA HIS E 818 35.74 10.09 -19.92
C HIS E 818 35.64 11.00 -21.14
N THR E 819 36.69 11.00 -21.96
CA THR E 819 36.65 11.77 -23.21
C THR E 819 35.69 11.10 -24.19
N PRO E 820 34.79 11.86 -24.82
CA PRO E 820 33.81 11.23 -25.72
C PRO E 820 34.37 10.85 -27.07
N GLY E 821 35.49 11.43 -27.48
CA GLY E 821 36.05 11.15 -28.79
C GLY E 821 35.42 11.91 -29.93
N ARG E 822 34.43 12.77 -29.66
CA ARG E 822 33.76 13.53 -30.70
C ARG E 822 34.18 14.99 -30.74
N HIS E 823 34.53 15.56 -29.58
CA HIS E 823 34.96 16.96 -29.40
C HIS E 823 34.12 17.94 -30.21
N ILE E 824 32.81 17.86 -30.01
CA ILE E 824 31.90 18.82 -30.64
C ILE E 824 32.13 20.20 -30.03
N PRO E 825 32.33 21.24 -30.85
CA PRO E 825 32.66 22.56 -30.29
C PRO E 825 31.46 23.16 -29.58
N PRO E 826 31.68 24.02 -28.59
CA PRO E 826 30.55 24.61 -27.85
C PRO E 826 29.66 25.51 -28.68
N GLU E 827 30.19 26.19 -29.71
CA GLU E 827 29.35 27.08 -30.50
C GLU E 827 28.34 26.31 -31.32
N ASP E 828 28.73 25.16 -31.87
CA ASP E 828 27.77 24.30 -32.54
C ASP E 828 26.99 23.45 -31.56
N TRP E 829 27.47 23.31 -30.32
CA TRP E 829 26.64 22.74 -29.26
C TRP E 829 25.45 23.66 -28.96
N ILE E 830 25.69 24.97 -28.96
CA ILE E 830 24.60 25.93 -28.83
C ILE E 830 23.73 25.94 -30.09
N SER E 831 24.37 25.95 -31.27
CA SER E 831 23.62 25.98 -32.52
C SER E 831 22.87 24.66 -32.74
N GLY E 832 23.55 23.53 -32.54
CA GLY E 832 22.92 22.24 -32.71
C GLY E 832 22.53 21.86 -34.12
N VAL E 833 23.37 22.18 -35.11
CA VAL E 833 23.11 21.81 -36.49
C VAL E 833 24.34 21.18 -37.13
N HIS E 834 25.22 20.61 -36.31
CA HIS E 834 26.50 20.12 -36.81
C HIS E 834 26.31 18.90 -37.71
N LYS E 835 27.18 18.80 -38.72
CA LYS E 835 27.23 17.66 -39.63
C LYS E 835 28.66 17.16 -39.72
N ASP E 836 28.83 15.83 -39.77
CA ASP E 836 30.16 15.24 -39.78
C ASP E 836 30.68 15.04 -41.20
N SER E 837 30.57 16.08 -42.02
CA SER E 837 31.06 16.14 -43.40
C SER E 837 30.48 15.01 -44.28
N GLN E 838 29.40 14.36 -43.85
CA GLN E 838 28.85 13.25 -44.59
C GLN E 838 27.33 13.19 -44.62
N GLY E 839 26.64 14.18 -44.05
CA GLY E 839 25.18 14.19 -44.05
C GLY E 839 24.52 13.67 -42.81
N PHE E 840 25.25 13.42 -41.74
CA PHE E 840 24.70 12.93 -40.48
C PHE E 840 24.75 14.03 -39.43
N ASN E 841 23.62 14.25 -38.76
CA ASN E 841 23.55 15.26 -37.72
C ASN E 841 24.26 14.75 -36.47
N MET E 842 25.33 15.44 -36.07
CA MET E 842 26.14 15.01 -34.95
C MET E 842 25.55 15.38 -33.60
N ILE E 843 24.49 16.17 -33.57
CA ILE E 843 23.87 16.64 -32.33
C ILE E 843 22.37 16.72 -32.53
N LYS E 844 21.61 16.24 -31.56
CA LYS E 844 20.15 16.25 -31.62
C LYS E 844 19.58 16.89 -30.37
N THR E 845 18.66 17.84 -30.56
CA THR E 845 17.87 18.37 -29.46
C THR E 845 16.73 17.42 -29.14
N LEU E 846 16.61 17.05 -27.87
CA LEU E 846 15.63 16.06 -27.48
C LEU E 846 14.22 16.65 -27.47
N PRO E 847 13.20 15.84 -27.74
CA PRO E 847 11.83 16.33 -27.67
C PRO E 847 11.45 16.80 -26.27
N ILE E 848 10.47 17.70 -26.24
CA ILE E 848 10.02 18.30 -24.98
C ILE E 848 9.22 17.26 -24.20
N ASN E 849 9.53 17.14 -22.90
CA ASN E 849 8.96 16.11 -22.02
C ASN E 849 9.25 14.70 -22.53
N TYR E 850 10.52 14.46 -22.86
CA TYR E 850 10.93 13.15 -23.34
C TYR E 850 11.23 12.21 -22.19
N ARG E 851 10.88 10.94 -22.38
CA ARG E 851 11.32 9.89 -21.50
C ARG E 851 11.86 8.75 -22.35
N PRO E 852 12.87 8.03 -21.86
CA PRO E 852 13.43 6.93 -22.64
C PRO E 852 12.45 5.78 -22.74
N PRO E 853 12.49 5.02 -23.84
CA PRO E 853 11.60 3.87 -24.00
C PRO E 853 11.79 2.81 -22.93
N SER E 854 10.90 1.83 -22.94
CA SER E 854 10.90 0.74 -21.98
C SER E 854 10.92 -0.59 -22.75
N HIS E 855 10.81 -1.68 -21.99
CA HIS E 855 10.94 -3.00 -22.61
C HIS E 855 9.69 -3.37 -23.40
N MET E 856 8.50 -3.03 -22.90
CA MET E 856 7.27 -3.46 -23.55
C MET E 856 6.98 -2.68 -24.84
N GLY E 857 7.78 -1.69 -25.17
CA GLY E 857 7.58 -0.93 -26.40
C GLY E 857 8.33 0.37 -26.41
N ILE E 858 8.75 0.81 -27.60
CA ILE E 858 9.56 2.03 -27.72
C ILE E 858 8.71 3.28 -27.77
N SER E 859 7.39 3.16 -27.70
CA SER E 859 6.51 4.33 -27.66
C SER E 859 5.82 4.51 -26.32
N ILE E 860 6.17 3.71 -25.31
CA ILE E 860 5.54 3.81 -24.01
C ILE E 860 6.62 3.98 -22.95
N PRO E 861 6.62 5.07 -22.19
CA PRO E 861 7.65 5.27 -21.16
C PRO E 861 7.27 4.68 -19.80
N LEU E 862 8.21 3.94 -19.22
CA LEU E 862 8.06 3.43 -17.86
C LEU E 862 9.33 3.65 -17.05
N THR E 863 10.02 4.76 -17.26
CA THR E 863 11.35 4.96 -16.70
C THR E 863 11.40 6.00 -15.58
N ASP E 864 10.31 6.73 -15.35
CA ASP E 864 10.13 7.72 -14.28
C ASP E 864 11.27 8.75 -14.20
N ASN E 865 12.03 8.93 -15.27
CA ASN E 865 13.07 9.94 -15.32
C ASN E 865 12.80 10.84 -16.53
N PHE E 866 12.72 12.13 -16.29
CA PHE E 866 12.27 13.07 -17.31
C PHE E 866 13.45 13.84 -17.87
N TYR E 867 13.55 13.86 -19.20
CA TYR E 867 14.52 14.68 -19.91
C TYR E 867 13.77 15.78 -20.63
N HIS E 868 14.31 17.00 -20.59
CA HIS E 868 13.65 18.20 -21.12
C HIS E 868 12.29 18.41 -20.46
N ALA E 869 12.29 18.37 -19.13
CA ALA E 869 11.04 18.37 -18.38
C ALA E 869 10.40 19.75 -18.39
N ASP E 870 9.16 19.82 -18.87
CA ASP E 870 8.41 21.07 -18.97
C ASP E 870 6.96 20.83 -18.61
N PRO E 871 6.46 21.38 -17.51
CA PRO E 871 5.07 21.13 -17.11
C PRO E 871 4.04 21.94 -17.89
N SER E 872 4.44 23.04 -18.51
CA SER E 872 3.51 23.90 -19.24
C SER E 872 2.93 23.24 -20.48
N LYS E 873 3.60 22.25 -21.05
CA LYS E 873 3.18 21.59 -22.27
C LYS E 873 2.54 20.25 -21.92
N PRO E 874 1.59 19.78 -22.74
CA PRO E 874 1.00 18.45 -22.49
C PRO E 874 2.01 17.35 -22.71
N ILE E 875 1.70 16.15 -22.22
CA ILE E 875 2.68 15.07 -22.11
C ILE E 875 2.64 14.24 -23.40
N PRO E 876 3.79 13.98 -24.01
CA PRO E 876 3.82 13.11 -25.19
C PRO E 876 3.86 11.63 -24.85
N ARG E 877 3.38 10.81 -25.78
CA ARG E 877 3.56 9.35 -25.77
C ARG E 877 3.09 8.71 -24.48
N ASN E 878 2.04 9.27 -23.88
CA ASN E 878 1.67 8.91 -22.52
C ASN E 878 0.22 8.46 -22.45
N GLN E 879 -0.16 7.54 -23.33
CA GLN E 879 -1.32 6.71 -23.07
C GLN E 879 -0.92 5.60 -22.10
N PHE E 880 -1.89 4.75 -21.74
CA PHE E 880 -1.70 3.54 -20.93
C PHE E 880 -1.38 3.89 -19.47
N HIS E 881 -1.89 3.09 -18.56
CA HIS E 881 -1.97 3.47 -17.14
C HIS E 881 -0.60 3.58 -16.48
N LYS E 882 0.28 2.57 -16.65
CA LYS E 882 1.56 2.63 -15.96
C LYS E 882 2.46 3.75 -16.46
N SER E 883 2.31 4.19 -17.70
CA SER E 883 3.03 5.36 -18.16
C SER E 883 2.60 6.61 -17.40
N LYS E 884 1.29 6.79 -17.20
CA LYS E 884 0.79 7.97 -16.48
C LYS E 884 1.01 7.89 -14.98
N GLU E 885 1.24 6.70 -14.43
CA GLU E 885 1.51 6.53 -13.02
C GLU E 885 3.00 6.67 -12.68
N THR E 886 3.81 7.11 -13.64
CA THR E 886 5.24 7.30 -13.43
C THR E 886 5.65 8.66 -13.98
N GLY E 887 6.89 9.04 -13.69
CA GLY E 887 7.43 10.31 -14.14
C GLY E 887 7.43 11.33 -13.03
N LYS E 888 8.58 11.52 -12.40
CA LYS E 888 8.70 12.40 -11.24
C LYS E 888 9.49 13.63 -11.66
N TYR E 889 8.85 14.79 -11.64
CA TYR E 889 9.54 16.03 -11.94
C TYR E 889 10.44 16.40 -10.76
N LYS E 890 11.75 16.22 -10.91
CA LYS E 890 12.66 16.43 -9.78
C LYS E 890 13.08 17.89 -9.65
N GLN E 891 13.74 18.42 -10.69
CA GLN E 891 14.22 19.80 -10.65
C GLN E 891 13.19 20.76 -11.23
N CYS E 892 12.74 20.51 -12.45
CA CYS E 892 11.68 21.33 -13.05
C CYS E 892 10.36 20.88 -12.45
N ALA E 893 10.13 21.33 -11.22
CA ALA E 893 8.99 20.97 -10.41
C ALA E 893 7.80 21.86 -10.78
N ASN E 894 6.82 21.94 -9.90
CA ASN E 894 5.63 22.78 -10.02
C ASN E 894 5.88 24.28 -10.12
N VAL E 895 7.14 24.71 -10.09
CA VAL E 895 7.48 26.00 -10.68
C VAL E 895 7.18 25.92 -12.18
N THR E 896 6.53 26.97 -12.71
CA THR E 896 5.57 26.83 -13.82
C THR E 896 6.14 26.10 -15.04
N SER E 897 7.29 26.56 -15.57
CA SER E 897 7.77 25.95 -16.80
C SER E 897 9.30 25.95 -16.92
N ARG E 898 9.79 25.64 -18.12
CA ARG E 898 11.23 25.50 -18.34
C ARG E 898 11.96 26.82 -18.14
N ALA E 899 11.38 27.93 -18.59
CA ALA E 899 12.01 29.22 -18.33
C ALA E 899 11.84 29.63 -16.87
N MET E 900 10.76 29.21 -16.22
CA MET E 900 10.65 29.42 -14.78
C MET E 900 11.59 28.51 -13.99
N CYS E 901 11.76 27.25 -14.42
CA CYS E 901 12.68 26.36 -13.71
C CYS E 901 14.08 26.68 -14.23
N ASN E 902 14.73 27.62 -13.56
CA ASN E 902 16.03 28.13 -13.99
C ASN E 902 17.14 27.09 -13.81
N CYS E 903 17.98 26.98 -14.85
CA CYS E 903 19.19 26.17 -14.78
C CYS E 903 20.40 27.02 -15.15
N SER E 904 21.56 26.39 -15.28
CA SER E 904 22.81 27.09 -15.56
C SER E 904 23.63 26.26 -16.54
N GLU E 905 24.83 26.77 -16.86
CA GLU E 905 25.70 26.07 -17.80
C GLU E 905 26.16 24.72 -17.26
N HIS E 906 26.46 24.65 -15.96
CA HIS E 906 26.88 23.38 -15.38
C HIS E 906 25.75 22.35 -15.35
N GLN E 907 24.50 22.78 -15.54
CA GLN E 907 23.39 21.86 -15.77
C GLN E 907 23.12 21.66 -17.25
N LYS E 908 23.89 22.31 -18.12
CA LYS E 908 23.81 22.10 -19.56
C LYS E 908 24.93 21.20 -20.08
N PHE E 909 25.83 20.73 -19.21
CA PHE E 909 26.86 19.78 -19.59
C PHE E 909 26.98 18.62 -18.63
N SER E 910 26.25 18.63 -17.52
CA SER E 910 26.29 17.54 -16.57
C SER E 910 25.56 16.33 -17.15
N HIS E 911 26.31 15.30 -17.50
CA HIS E 911 25.74 14.06 -18.01
C HIS E 911 25.19 13.16 -16.92
N ALA E 912 24.99 13.69 -15.72
CA ALA E 912 24.52 12.90 -14.60
C ALA E 912 23.00 12.93 -14.50
N VAL E 913 22.47 12.12 -13.60
CA VAL E 913 21.04 12.04 -13.36
C VAL E 913 20.66 13.13 -12.36
N ALA E 914 19.36 13.39 -12.26
CA ALA E 914 18.74 14.36 -11.34
C ALA E 914 19.07 15.80 -11.71
N PHE E 915 19.91 15.99 -12.71
CA PHE E 915 20.08 17.27 -13.39
C PHE E 915 19.47 17.24 -14.78
N SER E 916 18.69 16.20 -15.09
CA SER E 916 18.22 15.90 -16.43
C SER E 916 16.96 16.65 -16.81
N ASP E 917 16.40 17.46 -15.91
CA ASP E 917 15.18 18.19 -16.27
C ASP E 917 15.45 19.26 -17.30
N CYS E 918 16.67 19.79 -17.35
CA CYS E 918 17.07 20.74 -18.38
C CYS E 918 18.18 20.16 -19.25
N LYS E 919 18.03 18.90 -19.64
CA LYS E 919 18.88 18.28 -20.65
C LYS E 919 18.17 18.37 -21.99
N GLU E 920 18.76 19.12 -22.93
CA GLU E 920 18.15 19.31 -24.24
C GLU E 920 18.95 18.68 -25.37
N LYS E 921 20.23 19.04 -25.50
CA LYS E 921 21.04 18.64 -26.65
C LYS E 921 21.91 17.46 -26.27
N VAL E 922 21.77 16.35 -27.01
CA VAL E 922 22.59 15.16 -26.82
C VAL E 922 23.30 14.86 -28.14
N HIS E 923 24.16 13.85 -28.13
CA HIS E 923 24.90 13.46 -29.32
C HIS E 923 24.02 12.61 -30.22
N ARG E 924 24.62 11.98 -31.22
CA ARG E 924 23.90 11.10 -32.13
C ARG E 924 24.85 10.05 -32.67
N PHE E 925 24.30 8.92 -33.09
CA PHE E 925 25.10 7.84 -33.64
C PHE E 925 24.27 7.08 -34.66
N LYS E 926 24.97 6.32 -35.53
CA LYS E 926 24.30 5.44 -36.47
C LYS E 926 23.66 4.28 -35.73
N PHE E 927 22.96 3.41 -36.46
CA PHE E 927 22.20 2.41 -35.72
C PHE E 927 23.11 1.39 -35.04
N PRO E 928 23.87 0.51 -35.76
CA PRO E 928 24.74 -0.38 -35.00
C PRO E 928 26.03 0.32 -34.65
N VAL E 929 26.19 0.78 -33.42
CA VAL E 929 27.49 1.30 -33.04
C VAL E 929 28.39 0.10 -32.78
N THR E 930 29.67 0.25 -33.13
CA THR E 930 30.60 -0.84 -32.99
C THR E 930 31.89 -0.31 -32.41
N GLN E 931 32.38 -0.98 -31.36
CA GLN E 931 33.64 -0.66 -30.70
C GLN E 931 33.66 0.79 -30.23
N TYR E 932 32.59 1.22 -29.57
CA TYR E 932 32.58 2.54 -28.95
C TYR E 932 33.63 2.55 -27.84
N PRO E 933 34.62 3.45 -27.88
CA PRO E 933 35.67 3.45 -26.87
C PRO E 933 35.22 4.10 -25.57
N VAL E 934 35.04 3.28 -24.54
CA VAL E 934 34.77 3.77 -23.19
C VAL E 934 36.13 3.87 -22.50
N VAL E 935 36.81 5.00 -22.68
CA VAL E 935 38.12 5.24 -22.09
C VAL E 935 37.97 6.16 -20.90
N LEU E 936 38.52 5.75 -19.75
CA LEU E 936 38.41 6.50 -18.51
C LEU E 936 39.79 6.98 -18.08
N GLU E 937 39.85 8.22 -17.63
CA GLU E 937 41.09 8.83 -17.18
C GLU E 937 40.91 9.38 -15.78
N ILE E 938 42.00 9.40 -15.02
CA ILE E 938 41.99 9.81 -13.62
C ILE E 938 43.00 10.94 -13.43
N PHE E 939 42.58 12.00 -12.75
CA PHE E 939 43.46 13.09 -12.38
C PHE E 939 44.05 12.84 -11.00
N ASN E 940 45.33 13.15 -10.84
CA ASN E 940 46.07 12.83 -9.63
C ASN E 940 46.88 14.03 -9.15
N GLU E 941 46.30 15.23 -9.28
CA GLU E 941 46.84 16.49 -8.76
C GLU E 941 48.11 16.93 -9.47
N ARG E 942 48.65 16.11 -10.36
CA ARG E 942 49.88 16.46 -11.07
C ARG E 942 49.77 16.17 -12.55
N ASP E 943 48.96 15.18 -12.93
CA ASP E 943 48.87 14.75 -14.32
C ASP E 943 47.57 13.97 -14.50
N LYS E 944 47.44 13.35 -15.67
CA LYS E 944 46.28 12.55 -16.02
C LYS E 944 46.75 11.16 -16.45
N ILE E 945 46.24 10.12 -15.81
CA ILE E 945 46.61 8.75 -16.15
C ILE E 945 45.37 7.99 -16.58
N SER E 946 45.54 6.74 -16.98
CA SER E 946 44.43 5.89 -17.39
C SER E 946 44.05 4.94 -16.26
N ALA E 947 42.83 4.40 -16.36
CA ALA E 947 42.35 3.46 -15.35
C ALA E 947 43.15 2.17 -15.40
N GLU E 948 43.57 1.72 -14.25
CA GLU E 948 44.50 0.62 -14.06
C GLU E 948 43.77 -0.69 -13.83
N PRO E 949 44.43 -1.83 -14.06
CA PRO E 949 43.82 -3.13 -13.78
C PRO E 949 43.46 -3.33 -12.31
N PRO E 950 44.14 -2.71 -11.33
CA PRO E 950 43.59 -2.74 -9.97
C PRO E 950 42.24 -2.04 -9.83
N TYR E 951 41.90 -1.13 -10.74
CA TYR E 951 40.66 -0.36 -10.63
C TYR E 951 39.59 -1.03 -11.47
N LEU E 952 39.02 -2.10 -10.92
CA LEU E 952 37.91 -2.77 -11.57
C LEU E 952 36.68 -1.86 -11.57
N VAL E 953 35.81 -2.06 -12.56
CA VAL E 953 34.75 -1.11 -12.88
C VAL E 953 33.46 -1.88 -13.15
N THR E 954 32.35 -1.35 -12.65
CA THR E 954 31.02 -1.88 -12.91
C THR E 954 30.21 -0.92 -13.78
N MET E 955 29.34 -1.50 -14.61
CA MET E 955 28.50 -0.80 -15.57
C MET E 955 27.05 -0.83 -15.14
N THR E 956 26.32 0.26 -15.40
CA THR E 956 24.88 0.26 -15.18
C THR E 956 24.22 1.18 -16.19
N GLU E 957 22.98 0.87 -16.53
CA GLU E 957 22.10 1.77 -17.26
C GLU E 957 20.97 2.20 -16.34
N VAL E 958 20.77 3.50 -16.21
CA VAL E 958 19.88 4.05 -15.21
C VAL E 958 18.46 4.26 -15.76
N ASN E 959 18.13 3.61 -16.87
CA ASN E 959 16.78 3.65 -17.43
C ASN E 959 16.18 2.26 -17.64
N MET E 960 16.84 1.20 -17.14
CA MET E 960 16.36 -0.17 -17.22
C MET E 960 16.16 -0.61 -18.67
N ARG E 961 17.27 -0.70 -19.39
CA ARG E 961 17.29 -1.22 -20.75
C ARG E 961 18.22 -2.43 -20.80
N LYS E 962 18.02 -3.26 -21.84
CA LYS E 962 18.74 -4.52 -21.89
C LYS E 962 19.22 -4.89 -23.30
N ASN E 963 19.53 -3.91 -24.14
CA ASN E 963 19.99 -4.25 -25.48
C ASN E 963 21.34 -3.65 -25.81
N TRP E 964 22.29 -3.77 -24.87
CA TRP E 964 23.65 -3.27 -25.03
C TRP E 964 24.59 -4.35 -24.53
N GLN E 965 25.84 -4.29 -24.98
CA GLN E 965 26.83 -5.23 -24.46
C GLN E 965 28.23 -4.64 -24.56
N LEU E 966 29.13 -5.21 -23.78
CA LEU E 966 30.50 -4.74 -23.65
C LEU E 966 31.47 -5.82 -24.10
N LYS E 967 32.49 -5.41 -24.84
CA LYS E 967 33.62 -6.27 -25.17
C LYS E 967 34.81 -5.83 -24.35
N HIS E 968 35.44 -6.80 -23.68
CA HIS E 968 36.55 -6.57 -22.77
C HIS E 968 37.42 -7.81 -22.74
N ASN E 969 38.66 -7.64 -22.30
CA ASN E 969 39.61 -8.73 -22.16
C ASN E 969 40.06 -8.84 -20.71
N GLU E 970 40.06 -10.06 -20.18
CA GLU E 970 40.46 -10.33 -18.81
C GLU E 970 41.75 -11.12 -18.81
N PRO E 971 42.90 -10.49 -18.55
CA PRO E 971 44.16 -11.23 -18.51
C PRO E 971 44.23 -12.10 -17.26
N GLU E 972 45.27 -12.94 -17.20
CA GLU E 972 45.41 -13.86 -16.08
C GLU E 972 46.02 -13.18 -14.87
N ASN E 973 45.49 -12.03 -14.51
CA ASN E 973 45.84 -11.25 -13.34
C ASN E 973 44.63 -10.85 -12.53
N VAL E 974 43.51 -10.56 -13.19
CA VAL E 974 42.30 -10.09 -12.52
C VAL E 974 41.29 -11.21 -12.32
N LYS E 975 41.72 -12.47 -12.49
CA LYS E 975 40.78 -13.58 -12.40
C LYS E 975 40.31 -13.79 -10.96
N LYS E 976 41.24 -13.79 -10.01
CA LYS E 976 40.86 -14.04 -8.62
C LYS E 976 40.00 -12.93 -8.06
N MET E 977 40.36 -11.68 -8.34
CA MET E 977 39.59 -10.54 -7.85
C MET E 977 38.19 -10.51 -8.44
N LYS E 978 38.07 -10.73 -9.75
CA LYS E 978 36.75 -10.73 -10.37
C LYS E 978 35.90 -11.89 -9.87
N HIS E 979 36.50 -13.07 -9.74
CA HIS E 979 35.76 -14.22 -9.25
C HIS E 979 35.37 -14.09 -7.79
N TYR E 980 36.14 -13.32 -7.02
CA TYR E 980 35.76 -13.01 -5.64
C TYR E 980 34.67 -11.96 -5.58
N LEU E 981 34.72 -10.98 -6.49
CA LEU E 981 33.90 -9.79 -6.38
C LEU E 981 32.53 -9.91 -7.04
N GLU E 982 32.41 -10.65 -8.13
CA GLU E 982 31.13 -10.77 -8.83
C GLU E 982 30.04 -11.42 -7.98
N PRO E 983 30.32 -12.49 -7.17
CA PRO E 983 29.27 -12.99 -6.27
C PRO E 983 28.71 -11.97 -5.28
N LEU E 984 29.57 -11.34 -4.46
CA LEU E 984 29.04 -10.51 -3.39
C LEU E 984 28.64 -9.11 -3.83
N LEU E 985 28.90 -8.73 -5.09
CA LEU E 985 28.41 -7.45 -5.60
C LEU E 985 27.17 -7.59 -6.47
N LYS E 986 26.80 -8.82 -6.86
CA LYS E 986 25.61 -9.12 -7.65
C LYS E 986 25.60 -8.36 -8.98
N THR E 987 26.78 -8.19 -9.58
CA THR E 987 26.91 -7.44 -10.81
C THR E 987 28.22 -7.85 -11.46
N PRO E 988 28.26 -8.12 -12.76
CA PRO E 988 29.52 -8.42 -13.43
C PRO E 988 30.50 -7.27 -13.32
N VAL E 989 31.78 -7.61 -13.12
CA VAL E 989 32.84 -6.67 -12.85
C VAL E 989 33.81 -6.68 -14.02
N TYR E 990 34.14 -5.50 -14.53
CA TYR E 990 34.92 -5.37 -15.76
C TYR E 990 36.31 -4.83 -15.46
N ASN E 991 37.15 -4.90 -16.49
CA ASN E 991 38.50 -4.37 -16.47
C ASN E 991 38.62 -3.27 -17.51
N PRO E 992 39.12 -2.10 -17.15
CA PRO E 992 39.28 -1.02 -18.14
C PRO E 992 40.43 -1.26 -19.11
N LEU E 993 40.77 -0.22 -19.88
CA LEU E 993 41.87 -0.08 -20.83
C LEU E 993 41.64 -0.85 -22.12
N GLY E 994 40.56 -1.63 -22.22
CA GLY E 994 40.22 -2.27 -23.47
C GLY E 994 38.72 -2.31 -23.66
N LEU E 995 38.02 -1.51 -22.88
CA LEU E 995 36.56 -1.54 -22.89
C LEU E 995 36.01 -0.99 -24.18
N ASN E 996 35.08 -1.72 -24.79
CA ASN E 996 34.34 -1.20 -25.94
C ASN E 996 32.87 -1.52 -25.75
N LEU E 997 32.03 -0.61 -26.23
CA LEU E 997 30.59 -0.71 -26.14
C LEU E 997 30.01 -1.07 -27.51
N THR E 998 28.88 -1.77 -27.49
CA THR E 998 28.16 -2.15 -28.71
C THR E 998 26.66 -2.10 -28.41
N ILE E 999 25.93 -1.31 -29.20
CA ILE E 999 24.55 -0.95 -28.89
C ILE E 999 23.65 -1.28 -30.08
N GLN E 1000 22.48 -1.85 -29.79
CA GLN E 1000 21.43 -2.08 -30.78
C GLN E 1000 20.11 -1.53 -30.20
N GLY E 1001 19.68 -0.39 -30.70
CA GLY E 1001 18.49 0.23 -30.17
C GLY E 1001 18.04 1.39 -31.03
N SER E 1002 17.04 2.12 -30.55
CA SER E 1002 16.50 3.28 -31.23
C SER E 1002 16.14 4.37 -30.24
N GLU E 1003 17.01 4.65 -29.28
CA GLU E 1003 16.60 5.45 -28.15
C GLU E 1003 17.78 6.23 -27.61
N LEU E 1004 17.61 6.76 -26.40
CA LEU E 1004 18.67 7.41 -25.66
C LEU E 1004 19.10 6.51 -24.51
N PHE E 1005 20.41 6.38 -24.35
CA PHE E 1005 21.01 5.51 -23.36
C PHE E 1005 21.80 6.35 -22.36
N HIS E 1006 21.64 6.04 -21.08
CA HIS E 1006 22.26 6.76 -19.99
C HIS E 1006 23.08 5.75 -19.18
N PHE E 1007 24.40 5.78 -19.36
CA PHE E 1007 25.28 4.80 -18.73
C PHE E 1007 26.04 5.42 -17.57
N LYS E 1008 26.30 4.60 -16.56
CA LYS E 1008 27.09 4.98 -15.40
C LYS E 1008 28.20 3.95 -15.19
N VAL E 1009 29.43 4.46 -15.02
CA VAL E 1009 30.62 3.66 -14.72
C VAL E 1009 31.03 3.96 -13.29
N SER E 1010 31.26 2.90 -12.51
CA SER E 1010 31.68 3.07 -11.12
C SER E 1010 32.87 2.16 -10.82
N VAL E 1011 33.63 2.53 -9.79
CA VAL E 1011 34.77 1.75 -9.32
C VAL E 1011 34.32 0.94 -8.11
N VAL E 1012 34.73 -0.32 -8.06
CA VAL E 1012 34.29 -1.25 -7.01
C VAL E 1012 34.76 -0.77 -5.65
N PRO E 1013 34.07 -1.09 -4.57
CA PRO E 1013 34.48 -0.62 -3.25
C PRO E 1013 35.77 -1.29 -2.79
N GLY E 1014 36.52 -0.58 -1.98
CA GLY E 1014 37.69 -1.12 -1.32
C GLY E 1014 39.00 -0.78 -1.97
N VAL E 1015 39.01 -0.01 -3.05
CA VAL E 1015 40.25 0.33 -3.73
C VAL E 1015 40.44 1.83 -3.88
N SER E 1016 39.59 2.64 -3.24
CA SER E 1016 39.73 4.09 -3.23
C SER E 1016 38.91 4.65 -2.09
N PHE E 1017 39.35 5.78 -1.55
CA PHE E 1017 38.63 6.38 -0.43
C PHE E 1017 37.36 7.11 -0.88
N CYS E 1018 37.41 7.76 -2.03
CA CYS E 1018 36.23 8.43 -2.58
C CYS E 1018 35.76 7.71 -3.83
N GLU E 1019 34.48 7.89 -4.14
CA GLU E 1019 33.83 7.17 -5.23
C GLU E 1019 34.10 7.89 -6.54
N LEU E 1020 34.89 7.25 -7.42
CA LEU E 1020 35.12 7.74 -8.77
C LEU E 1020 34.06 7.15 -9.68
N SER E 1021 33.14 8.00 -10.14
CA SER E 1021 32.08 7.56 -11.02
C SER E 1021 31.95 8.54 -12.18
N GLU E 1022 31.41 8.06 -13.28
CA GLU E 1022 31.14 8.92 -14.43
C GLU E 1022 29.87 8.44 -15.11
N GLU E 1023 29.24 9.35 -15.86
CA GLU E 1023 28.03 9.02 -16.60
C GLU E 1023 28.12 9.62 -18.00
N PHE E 1024 27.47 8.96 -18.96
CA PHE E 1024 27.43 9.50 -20.31
C PHE E 1024 26.13 9.11 -21.00
N GLN E 1025 25.84 9.81 -22.09
CA GLN E 1025 24.61 9.65 -22.84
C GLN E 1025 24.90 9.37 -24.31
N ILE E 1026 24.14 8.46 -24.90
CA ILE E 1026 24.32 8.02 -26.27
C ILE E 1026 22.95 7.98 -26.94
N TYR E 1027 22.81 8.67 -28.06
CA TYR E 1027 21.58 8.60 -28.84
C TYR E 1027 21.86 7.88 -30.14
N VAL E 1028 21.11 6.83 -30.42
CA VAL E 1028 21.21 6.13 -31.68
C VAL E 1028 19.87 6.20 -32.39
N ASP E 1029 19.90 6.04 -33.71
CA ASP E 1029 18.72 6.27 -34.52
C ASP E 1029 18.75 5.36 -35.74
N GLU E 1030 17.86 5.65 -36.68
CA GLU E 1030 17.63 4.91 -37.94
C GLU E 1030 17.69 3.39 -37.75
N VAL E 1031 16.84 2.89 -36.87
CA VAL E 1031 16.57 1.45 -36.90
C VAL E 1031 15.94 1.10 -38.24
N PRO E 1032 16.47 0.14 -38.98
CA PRO E 1032 15.89 -0.19 -40.29
C PRO E 1032 14.47 -0.71 -40.17
N LEU E 1033 14.31 -1.81 -39.44
CA LEU E 1033 13.02 -2.45 -39.20
C LEU E 1033 13.16 -3.56 -38.19
N PRO E 1034 12.24 -3.69 -37.24
CA PRO E 1034 12.19 -4.93 -36.44
C PRO E 1034 11.70 -6.10 -37.27
N PHE E 1035 11.55 -7.27 -36.65
CA PHE E 1035 11.13 -8.47 -37.37
C PHE E 1035 9.78 -8.39 -38.09
N PRO E 1036 8.69 -7.80 -37.53
CA PRO E 1036 7.42 -7.90 -38.25
C PRO E 1036 7.42 -7.11 -39.55
N GLY E 1037 8.23 -6.06 -39.68
CA GLY E 1037 8.29 -5.36 -40.95
C GLY E 1037 8.84 -6.21 -42.07
N HIS E 1038 9.94 -6.92 -41.80
CA HIS E 1038 10.49 -7.85 -42.79
C HIS E 1038 9.49 -8.95 -43.11
N ALA E 1039 8.86 -9.51 -42.08
CA ALA E 1039 7.90 -10.58 -42.30
C ALA E 1039 6.73 -10.09 -43.16
N LEU E 1040 6.23 -8.89 -42.88
CA LEU E 1040 5.09 -8.36 -43.61
C LEU E 1040 5.44 -8.07 -45.06
N ILE E 1041 6.61 -7.47 -45.32
CA ILE E 1041 6.93 -7.16 -46.71
C ILE E 1041 7.15 -8.44 -47.51
N ALA E 1042 7.79 -9.45 -46.88
CA ALA E 1042 8.00 -10.71 -47.57
C ALA E 1042 6.68 -11.40 -47.92
N VAL E 1043 5.80 -11.55 -46.92
CA VAL E 1043 4.55 -12.24 -47.20
C VAL E 1043 3.65 -11.42 -48.11
N ALA E 1044 3.75 -10.09 -48.07
CA ALA E 1044 2.95 -9.25 -48.94
C ALA E 1044 3.35 -9.42 -50.39
N THR E 1045 4.65 -9.42 -50.68
CA THR E 1045 5.08 -9.66 -52.05
C THR E 1045 4.75 -11.07 -52.50
N SER E 1046 4.89 -12.05 -51.59
CA SER E 1046 4.59 -13.43 -51.94
C SER E 1046 3.12 -13.59 -52.32
N VAL E 1047 2.20 -13.06 -51.51
CA VAL E 1047 0.80 -13.20 -51.83
C VAL E 1047 0.38 -12.31 -52.99
N VAL E 1048 1.08 -11.20 -53.25
CA VAL E 1048 0.77 -10.41 -54.43
C VAL E 1048 1.10 -11.19 -55.69
N LEU E 1049 2.27 -11.84 -55.72
CA LEU E 1049 2.61 -12.71 -56.84
C LEU E 1049 1.61 -13.86 -56.95
N GLY E 1050 1.22 -14.43 -55.81
CA GLY E 1050 0.26 -15.54 -55.84
C GLY E 1050 -1.08 -15.14 -56.42
N VAL E 1051 -1.62 -14.01 -55.97
CA VAL E 1051 -2.93 -13.58 -56.47
C VAL E 1051 -2.84 -13.14 -57.92
N LEU E 1052 -1.70 -12.58 -58.35
CA LEU E 1052 -1.57 -12.23 -59.76
C LEU E 1052 -1.56 -13.48 -60.64
N ILE E 1053 -0.74 -14.47 -60.28
CA ILE E 1053 -0.69 -15.71 -61.04
C ILE E 1053 -2.05 -16.41 -61.01
N PHE E 1054 -2.75 -16.35 -59.88
CA PHE E 1054 -4.03 -17.04 -59.77
C PHE E 1054 -5.14 -16.32 -60.53
N ILE E 1055 -5.11 -14.98 -60.57
CA ILE E 1055 -6.05 -14.24 -61.41
C ILE E 1055 -5.83 -14.60 -62.87
N ALA E 1056 -4.57 -14.69 -63.28
CA ALA E 1056 -4.27 -15.11 -64.66
C ALA E 1056 -4.78 -16.52 -64.92
N PHE E 1057 -4.58 -17.43 -63.97
CA PHE E 1057 -5.06 -18.81 -64.10
C PHE E 1057 -6.57 -18.85 -64.28
N VAL E 1058 -7.30 -18.13 -63.42
CA VAL E 1058 -8.76 -18.14 -63.47
C VAL E 1058 -9.26 -17.50 -64.77
N PHE E 1059 -8.62 -16.40 -65.19
CA PHE E 1059 -9.03 -15.74 -66.42
C PHE E 1059 -8.87 -16.67 -67.62
N GLN E 1060 -7.72 -17.33 -67.72
CA GLN E 1060 -7.48 -18.25 -68.83
C GLN E 1060 -8.44 -19.42 -68.79
N LEU E 1061 -8.56 -20.07 -67.63
CA LEU E 1061 -9.36 -21.30 -67.55
C LEU E 1061 -10.85 -21.02 -67.70
N ARG E 1062 -11.31 -19.84 -67.28
CA ARG E 1062 -12.70 -19.46 -67.49
C ARG E 1062 -12.97 -19.03 -68.92
N ASN E 1063 -12.00 -18.37 -69.57
CA ASN E 1063 -12.20 -17.95 -70.95
C ASN E 1063 -12.07 -19.10 -71.94
N ILE E 1064 -11.41 -20.20 -71.57
CA ILE E 1064 -11.47 -21.40 -72.41
C ILE E 1064 -12.89 -21.93 -72.45
N HIS E 1065 -13.57 -21.96 -71.31
CA HIS E 1065 -14.95 -22.41 -71.25
C HIS E 1065 -15.88 -21.43 -71.95
N HIS F 1 75.30 7.91 25.78
CA HIS F 1 73.99 8.24 26.33
C HIS F 1 73.11 7.01 26.48
N CYS F 2 72.20 6.83 25.53
CA CYS F 2 71.28 5.70 25.58
C CYS F 2 71.82 4.54 24.76
N THR F 3 71.73 3.33 25.30
CA THR F 3 72.38 2.17 24.72
C THR F 3 71.43 0.98 24.65
N TRP F 4 71.74 0.08 23.72
CA TRP F 4 70.93 -1.10 23.45
C TRP F 4 71.20 -2.20 24.46
N LEU F 5 70.20 -3.07 24.65
CA LEU F 5 70.34 -4.26 25.46
C LEU F 5 69.71 -5.42 24.70
N LEU F 6 70.50 -6.46 24.48
CA LEU F 6 70.13 -7.62 23.67
C LEU F 6 70.29 -8.89 24.49
N VAL F 7 69.26 -9.74 24.47
CA VAL F 7 69.27 -10.98 25.23
C VAL F 7 68.67 -12.08 24.36
N LEU F 8 68.88 -13.32 24.78
CA LEU F 8 68.48 -14.50 24.04
C LEU F 8 67.32 -15.19 24.75
N ASN F 9 66.28 -15.52 24.01
CA ASN F 9 65.08 -16.15 24.55
C ASN F 9 64.85 -17.49 23.87
N LYS F 10 64.12 -18.36 24.55
CA LYS F 10 63.70 -19.61 23.97
C LYS F 10 62.48 -19.39 23.09
N PHE F 11 62.13 -20.41 22.31
CA PHE F 11 60.96 -20.29 21.44
C PHE F 11 59.67 -20.39 22.23
N GLU F 12 59.66 -21.15 23.32
CA GLU F 12 58.47 -21.35 24.13
C GLU F 12 58.37 -20.40 25.29
N LYS F 13 59.29 -19.44 25.40
CA LYS F 13 59.34 -18.50 26.52
C LYS F 13 59.57 -17.10 26.00
N VAL F 14 58.82 -16.71 24.97
CA VAL F 14 59.05 -15.43 24.31
C VAL F 14 58.66 -14.27 25.22
N GLY F 15 57.49 -14.36 25.84
CA GLY F 15 57.03 -13.27 26.68
C GLY F 15 57.04 -13.58 28.17
N LEU F 16 57.21 -14.85 28.51
CA LEU F 16 57.11 -15.26 29.91
C LEU F 16 58.30 -14.79 30.73
N HIS F 17 59.50 -14.81 30.17
CA HIS F 17 60.70 -14.43 30.89
C HIS F 17 61.48 -13.40 30.10
N LEU F 18 62.07 -12.44 30.81
CA LEU F 18 62.95 -11.44 30.22
C LEU F 18 64.41 -11.69 30.58
N SER F 19 64.73 -12.85 31.13
CA SER F 19 66.08 -13.20 31.53
C SER F 19 66.83 -13.80 30.33
N LYS F 20 68.01 -14.34 30.59
CA LYS F 20 68.89 -14.82 29.54
C LYS F 20 68.81 -16.34 29.43
N ASP F 21 68.65 -16.84 28.20
CA ASP F 21 68.79 -18.24 27.89
C ASP F 21 70.05 -18.42 27.06
N ARG F 22 70.75 -19.54 27.27
CA ARG F 22 72.03 -19.74 26.62
C ARG F 22 71.87 -20.56 25.35
N PHE F 23 72.76 -20.28 24.39
CA PHE F 23 72.74 -20.91 23.08
C PHE F 23 73.17 -22.36 23.18
N GLN F 24 72.20 -23.27 23.31
CA GLN F 24 72.47 -24.68 23.53
C GLN F 24 71.90 -25.58 22.46
N ASP F 25 70.87 -25.15 21.73
CA ASP F 25 70.28 -25.93 20.66
C ASP F 25 70.85 -25.48 19.33
N HIS F 26 71.37 -26.43 18.55
CA HIS F 26 72.03 -26.12 17.28
C HIS F 26 71.28 -26.69 16.08
N GLU F 27 70.03 -27.09 16.25
CA GLU F 27 69.21 -27.62 15.18
C GLU F 27 67.89 -26.88 15.14
N PRO F 28 67.29 -26.75 13.95
CA PRO F 28 65.97 -26.11 13.86
C PRO F 28 64.84 -27.08 14.16
N ILE F 29 63.80 -26.56 14.79
CA ILE F 29 62.73 -27.37 15.34
C ILE F 29 61.44 -27.11 14.55
N ASP F 30 60.47 -28.00 14.73
CA ASP F 30 59.32 -28.05 13.83
C ASP F 30 57.99 -27.77 14.53
N THR F 31 57.94 -26.71 15.31
CA THR F 31 56.72 -26.31 16.02
C THR F 31 56.02 -25.12 15.37
N VAL F 32 55.99 -25.06 14.05
CA VAL F 32 55.48 -23.87 13.36
C VAL F 32 54.49 -24.25 12.27
N ALA F 33 54.36 -25.54 11.99
CA ALA F 33 53.52 -26.00 10.87
C ALA F 33 52.04 -25.71 11.10
N LYS F 34 51.58 -25.85 12.35
CA LYS F 34 50.17 -25.61 12.66
C LYS F 34 49.78 -24.16 12.38
N VAL F 35 50.69 -23.23 12.66
CA VAL F 35 50.42 -21.82 12.41
C VAL F 35 50.33 -21.56 10.91
N PHE F 36 51.12 -22.27 10.12
CA PHE F 36 51.11 -22.08 8.67
C PHE F 36 49.97 -22.82 7.99
N GLN F 37 49.32 -23.76 8.66
CA GLN F 37 48.13 -24.38 8.08
C GLN F 37 46.94 -23.43 8.04
N LYS F 38 46.93 -22.37 8.85
CA LYS F 38 45.79 -21.46 8.94
C LYS F 38 45.92 -20.24 8.06
N LEU F 39 46.96 -20.15 7.24
CA LEU F 39 47.17 -18.98 6.39
C LEU F 39 46.60 -19.24 5.01
N THR F 40 45.26 -19.31 4.95
CA THR F 40 44.57 -19.76 3.76
C THR F 40 44.50 -18.70 2.66
N ASP F 41 44.59 -17.41 3.01
CA ASP F 41 44.47 -16.36 2.02
C ASP F 41 45.79 -15.67 1.73
N SER F 42 46.88 -16.22 2.20
CA SER F 42 48.27 -15.83 2.04
C SER F 42 48.95 -16.71 1.01
N PRO F 43 49.99 -16.24 0.34
CA PRO F 43 50.65 -17.06 -0.68
C PRO F 43 51.56 -18.12 -0.06
N ILE F 44 50.97 -19.07 0.64
CA ILE F 44 51.69 -20.14 1.31
C ILE F 44 51.18 -21.46 0.75
N ASP F 45 51.94 -22.07 -0.12
CA ASP F 45 51.54 -23.35 -0.68
C ASP F 45 51.75 -24.46 0.33
N PRO F 46 50.84 -25.43 0.43
CA PRO F 46 51.05 -26.54 1.38
C PRO F 46 52.23 -27.42 1.06
N SER F 47 52.73 -27.41 -0.18
CA SER F 47 53.81 -28.32 -0.55
C SER F 47 55.12 -27.97 0.15
N GLU F 48 55.43 -26.69 0.27
CA GLU F 48 56.65 -26.30 0.95
C GLU F 48 56.53 -26.48 2.46
N ASN F 49 57.64 -26.83 3.08
CA ASN F 49 57.69 -27.22 4.48
C ASN F 49 58.48 -26.19 5.28
N TYR F 50 57.91 -25.77 6.41
CA TYR F 50 58.49 -24.74 7.26
C TYR F 50 58.78 -25.33 8.63
N LEU F 51 59.90 -24.90 9.23
CA LEU F 51 60.20 -25.24 10.61
C LEU F 51 61.14 -24.19 11.16
N SER F 52 60.97 -23.85 12.44
CA SER F 52 61.58 -22.64 12.98
C SER F 52 62.92 -22.90 13.64
N PHE F 53 63.74 -21.85 13.71
CA PHE F 53 64.89 -21.87 14.57
C PHE F 53 64.44 -21.83 16.04
N PRO F 54 65.23 -22.38 16.94
CA PRO F 54 65.07 -22.03 18.35
C PRO F 54 65.65 -20.65 18.61
N TYR F 55 65.23 -20.06 19.73
CA TYR F 55 65.73 -18.80 20.27
C TYR F 55 65.28 -17.57 19.47
N TYR F 56 64.95 -16.51 20.19
CA TYR F 56 64.72 -15.18 19.65
C TYR F 56 65.76 -14.23 20.24
N LEU F 57 65.99 -13.13 19.53
CA LEU F 57 66.72 -12.00 20.06
C LEU F 57 65.69 -11.01 20.60
N GLN F 58 65.82 -10.65 21.87
CA GLN F 58 64.96 -9.69 22.53
C GLN F 58 65.77 -8.43 22.81
N ILE F 59 65.22 -7.28 22.41
CA ILE F 59 65.93 -6.01 22.43
C ILE F 59 65.09 -4.99 23.19
N ASN F 60 65.73 -4.23 24.07
CA ASN F 60 65.22 -2.93 24.49
C ASN F 60 66.38 -1.96 24.53
N PHE F 61 66.15 -0.76 25.05
CA PHE F 61 67.23 0.19 25.24
C PHE F 61 67.05 0.87 26.59
N SER F 62 68.16 1.33 27.15
CA SER F 62 68.17 2.01 28.43
C SER F 62 68.96 3.30 28.31
N CYS F 63 68.53 4.32 29.04
CA CYS F 63 69.14 5.63 28.92
C CYS F 63 68.99 6.30 30.28
N PRO F 64 70.09 6.84 30.83
CA PRO F 64 70.06 7.25 32.24
C PRO F 64 69.12 8.41 32.51
N GLY F 65 68.51 8.37 33.69
CA GLY F 65 67.52 9.34 34.08
C GLY F 65 66.08 8.88 33.94
N GLN F 66 65.83 7.80 33.20
CA GLN F 66 64.49 7.28 32.98
C GLN F 66 64.54 5.77 33.06
N ASN F 67 63.36 5.16 33.23
CA ASN F 67 63.29 3.71 33.30
C ASN F 67 63.06 3.13 31.91
N ILE F 68 63.29 1.81 31.80
CA ILE F 68 63.33 1.17 30.48
C ILE F 68 61.93 1.11 29.86
N GLU F 69 60.91 0.80 30.66
CA GLU F 69 59.60 0.50 30.10
C GLU F 69 58.96 1.74 29.47
N GLU F 70 59.06 2.89 30.14
CA GLU F 70 58.47 4.08 29.55
C GLU F 70 59.29 4.57 28.37
N LEU F 71 60.59 4.29 28.36
CA LEU F 71 61.39 4.61 27.19
C LEU F 71 60.96 3.79 25.98
N ALA F 72 60.71 2.50 26.19
CA ALA F 72 60.25 1.65 25.10
C ALA F 72 58.87 2.06 24.62
N ARG F 73 57.99 2.43 25.57
CA ARG F 73 56.67 2.92 25.20
C ARG F 73 56.77 4.18 24.36
N LYS F 74 57.65 5.10 24.73
CA LYS F 74 57.82 6.33 23.96
C LYS F 74 58.42 6.04 22.59
N GLY F 75 59.38 5.11 22.51
CA GLY F 75 59.95 4.77 21.22
C GLY F 75 58.94 4.15 20.28
N HIS F 76 58.06 3.29 20.80
CA HIS F 76 56.97 2.76 20.00
C HIS F 76 56.00 3.84 19.57
N LEU F 77 55.65 4.75 20.49
CA LEU F 77 54.69 5.79 20.19
C LEU F 77 55.22 6.87 19.28
N MET F 78 56.54 6.96 19.09
CA MET F 78 57.11 7.95 18.19
C MET F 78 57.52 7.37 16.85
N GLY F 79 57.37 6.07 16.65
CA GLY F 79 57.62 5.46 15.37
C GLY F 79 58.92 4.70 15.23
N MET F 80 59.68 4.53 16.32
CA MET F 80 61.00 3.93 16.20
C MET F 80 60.87 2.41 16.05
N LYS F 81 61.79 1.83 15.28
CA LYS F 81 61.87 0.38 15.16
C LYS F 81 63.32 -0.04 14.99
N PRO F 82 63.81 -1.00 15.77
CA PRO F 82 65.20 -1.44 15.63
C PRO F 82 65.46 -2.11 14.29
N MET F 83 66.67 -1.92 13.79
CA MET F 83 67.13 -2.59 12.58
C MET F 83 68.39 -3.40 12.91
N VAL F 84 68.39 -4.67 12.52
CA VAL F 84 69.35 -5.66 12.97
C VAL F 84 70.08 -6.20 11.75
N GLN F 85 71.41 -6.28 11.84
CA GLN F 85 72.22 -6.82 10.76
C GLN F 85 73.09 -7.94 11.32
N ILE F 86 72.94 -9.14 10.76
CA ILE F 86 73.66 -10.32 11.23
C ILE F 86 74.69 -10.72 10.18
N ASN F 87 75.93 -10.90 10.61
CA ASN F 87 77.03 -11.33 9.76
C ASN F 87 77.57 -12.65 10.28
N TYR F 88 77.77 -13.61 9.38
CA TYR F 88 78.29 -14.91 9.77
C TYR F 88 79.75 -15.04 9.36
N MET F 89 80.54 -15.67 10.22
CA MET F 89 81.97 -15.85 9.97
C MET F 89 82.23 -17.28 9.52
N TYR F 90 83.04 -17.45 8.48
CA TYR F 90 83.33 -18.77 7.96
C TYR F 90 84.26 -19.54 8.90
N SER F 91 84.32 -20.84 8.68
CA SER F 91 85.11 -21.74 9.52
C SER F 91 86.54 -21.83 9.02
N VAL F 92 87.39 -22.43 9.85
CA VAL F 92 88.78 -22.67 9.44
C VAL F 92 88.84 -23.75 8.36
N ASN F 93 88.02 -24.78 8.49
CA ASN F 93 88.05 -25.91 7.58
C ASN F 93 87.41 -25.50 6.26
N PHE F 94 88.26 -25.09 5.32
CA PHE F 94 87.77 -24.80 3.98
C PHE F 94 87.76 -26.03 3.09
N TYR F 95 88.18 -27.19 3.61
CA TYR F 95 88.07 -28.45 2.89
C TYR F 95 86.72 -29.13 3.12
N ARG F 96 85.86 -28.56 3.95
CA ARG F 96 84.59 -29.17 4.29
C ARG F 96 83.46 -28.17 4.08
N TRP F 97 83.78 -26.89 4.17
CA TRP F 97 82.83 -25.82 3.93
C TRP F 97 83.47 -24.78 3.03
N GLU F 98 82.63 -23.98 2.38
CA GLU F 98 83.12 -22.95 1.49
C GLU F 98 83.36 -21.64 2.24
N MET F 99 84.10 -20.74 1.61
CA MET F 99 84.61 -19.55 2.26
C MET F 99 83.56 -18.44 2.36
N GLU F 100 82.37 -18.63 1.79
CA GLU F 100 81.41 -17.55 1.62
C GLU F 100 80.99 -16.93 2.96
N ASN F 101 80.77 -15.63 2.93
CA ASN F 101 80.37 -14.86 4.10
C ASN F 101 79.03 -14.18 3.82
N VAL F 102 78.11 -14.28 4.77
CA VAL F 102 76.70 -14.00 4.56
C VAL F 102 76.22 -12.94 5.55
N GLN F 103 75.39 -12.03 5.05
CA GLN F 103 74.65 -11.06 5.84
C GLN F 103 73.15 -11.34 5.75
N ILE F 104 72.43 -11.01 6.81
CA ILE F 104 70.98 -10.95 6.75
C ILE F 104 70.50 -9.73 7.55
N LEU F 105 69.62 -8.94 6.94
CA LEU F 105 69.11 -7.70 7.51
C LEU F 105 67.65 -7.88 7.87
N MET F 106 67.31 -7.64 9.13
CA MET F 106 65.96 -7.82 9.63
C MET F 106 65.53 -6.58 10.42
N GLU F 107 64.25 -6.55 10.75
CA GLU F 107 63.64 -5.46 11.49
C GLU F 107 62.84 -6.04 12.64
N ALA F 108 63.07 -5.53 13.84
CA ALA F 108 62.51 -6.12 15.04
C ALA F 108 61.04 -5.75 15.19
N ALA F 109 60.22 -6.74 15.56
CA ALA F 109 58.77 -6.63 15.72
C ALA F 109 58.42 -6.35 17.16
N PRO F 110 57.58 -5.35 17.43
CA PRO F 110 57.17 -5.06 18.80
C PRO F 110 56.28 -6.14 19.38
N MET F 111 56.32 -6.29 20.69
CA MET F 111 55.50 -7.29 21.34
C MET F 111 55.31 -6.91 22.81
N ARG F 112 54.19 -7.36 23.36
CA ARG F 112 53.82 -7.06 24.73
C ARG F 112 54.19 -8.23 25.64
N SER F 113 54.51 -7.90 26.89
CA SER F 113 54.79 -8.91 27.89
C SER F 113 53.50 -9.36 28.55
N THR F 114 53.25 -10.67 28.52
CA THR F 114 52.06 -11.21 29.14
C THR F 114 52.16 -11.12 30.66
N GLY F 115 51.10 -10.65 31.28
CA GLY F 115 51.12 -10.40 32.71
C GLY F 115 49.87 -9.69 33.20
N TYR F 116 49.98 -8.98 34.33
CA TYR F 116 48.82 -8.32 34.90
C TYR F 116 48.34 -7.17 34.00
N CYS F 117 49.25 -6.28 33.59
CA CYS F 117 48.97 -5.15 32.70
C CYS F 117 47.81 -4.30 33.21
N PRO F 118 48.02 -3.48 34.24
CA PRO F 118 46.91 -2.64 34.74
C PRO F 118 46.35 -1.68 33.71
N ALA F 119 47.18 -1.15 32.81
CA ALA F 119 46.71 -0.20 31.82
C ALA F 119 45.88 -0.90 30.75
N GLU F 120 45.17 -0.11 29.96
CA GLU F 120 44.29 -0.68 28.95
C GLU F 120 45.08 -1.21 27.76
N ALA F 121 45.92 -0.38 27.17
CA ALA F 121 46.59 -0.71 25.92
C ALA F 121 48.01 -1.21 26.13
N MET F 122 48.86 -0.42 26.76
CA MET F 122 50.29 -0.64 26.72
C MET F 122 50.86 -0.86 28.11
N CYS F 123 51.94 -1.64 28.16
CA CYS F 123 52.56 -2.11 29.39
C CYS F 123 54.05 -2.30 29.11
N VAL F 124 54.71 -3.19 29.86
CA VAL F 124 56.04 -3.64 29.49
C VAL F 124 56.03 -4.10 28.05
N LEU F 125 56.99 -3.61 27.26
CA LEU F 125 57.05 -3.81 25.82
C LEU F 125 58.48 -4.11 25.41
N ASN F 126 58.65 -5.03 24.47
CA ASN F 126 59.99 -5.41 24.01
C ASN F 126 59.97 -5.56 22.50
N TRP F 127 61.15 -5.69 21.89
CA TRP F 127 61.26 -5.93 20.46
C TRP F 127 61.90 -7.28 20.22
N TYR F 128 61.40 -8.02 19.23
CA TYR F 128 61.83 -9.39 19.03
C TYR F 128 62.18 -9.63 17.56
N THR F 129 63.18 -10.46 17.34
CA THR F 129 63.51 -10.92 15.99
C THR F 129 63.98 -12.36 16.11
N PRO F 130 63.83 -13.17 15.07
CA PRO F 130 64.40 -14.52 15.12
C PRO F 130 65.92 -14.48 15.08
N MET F 131 66.52 -15.54 15.63
CA MET F 131 67.97 -15.68 15.62
C MET F 131 68.34 -16.79 14.66
N PRO F 132 68.74 -16.49 13.43
CA PRO F 132 69.09 -17.54 12.47
C PRO F 132 70.56 -17.88 12.48
N PHE F 133 70.83 -19.17 12.35
CA PHE F 133 72.19 -19.66 12.19
C PHE F 133 72.25 -20.62 11.01
N LYS F 134 73.37 -20.60 10.30
CA LYS F 134 73.57 -21.44 9.14
C LYS F 134 74.57 -22.55 9.48
N ASN F 135 74.55 -23.60 8.66
CA ASN F 135 75.44 -24.72 8.87
C ASN F 135 76.81 -24.39 8.28
N GLY F 136 77.85 -24.48 9.10
CA GLY F 136 79.21 -24.12 8.71
C GLY F 136 79.84 -23.02 9.54
N SER F 137 79.19 -22.50 10.58
CA SER F 137 79.70 -21.37 11.32
C SER F 137 79.35 -21.50 12.80
N VAL F 138 80.12 -20.80 13.63
CA VAL F 138 79.82 -20.68 15.05
C VAL F 138 79.90 -19.24 15.55
N VAL F 139 80.24 -18.28 14.68
CA VAL F 139 80.45 -16.90 15.08
C VAL F 139 79.55 -16.01 14.24
N SER F 140 78.74 -15.20 14.91
CA SER F 140 77.88 -14.24 14.26
C SER F 140 77.97 -12.90 14.98
N SER F 141 78.00 -11.83 14.20
CA SER F 141 78.02 -10.46 14.71
C SER F 141 76.66 -9.83 14.44
N VAL F 142 76.04 -9.30 15.48
CA VAL F 142 74.73 -8.69 15.40
C VAL F 142 74.89 -7.20 15.67
N ASP F 143 74.61 -6.38 14.67
CA ASP F 143 74.69 -4.93 14.81
C ASP F 143 73.29 -4.36 14.86
N ILE F 144 72.97 -3.67 15.94
CA ILE F 144 71.67 -3.04 16.14
C ILE F 144 71.82 -1.55 15.92
N TYR F 145 70.89 -0.96 15.19
CA TYR F 145 70.84 0.49 15.02
C TYR F 145 69.38 0.90 14.85
N THR F 146 69.15 2.20 14.72
CA THR F 146 67.81 2.73 14.70
C THR F 146 67.37 2.99 13.25
N ASN F 147 66.06 3.06 13.06
CA ASN F 147 65.50 3.25 11.72
C ASN F 147 65.38 4.71 11.34
N GLY F 148 65.92 5.62 12.16
CA GLY F 148 65.95 7.03 11.86
C GLY F 148 64.87 7.85 12.50
N ILE F 149 63.80 7.21 12.98
CA ILE F 149 62.63 7.88 13.52
C ILE F 149 62.63 7.69 15.02
N GLY F 150 62.44 8.77 15.77
CA GLY F 150 62.38 8.70 17.20
C GLY F 150 63.64 9.22 17.86
N PRO F 151 63.93 8.77 19.07
CA PRO F 151 65.20 9.14 19.71
C PRO F 151 66.37 8.48 19.01
N PHE F 152 67.54 9.08 19.18
CA PHE F 152 68.75 8.57 18.56
C PHE F 152 69.48 7.65 19.53
N VAL F 153 69.71 6.40 19.10
CA VAL F 153 70.48 5.43 19.86
C VAL F 153 71.64 5.00 18.99
N SER F 154 72.84 5.01 19.56
CA SER F 154 74.05 4.75 18.77
C SER F 154 74.12 3.30 18.33
N LYS F 155 74.77 3.08 17.20
CA LYS F 155 74.93 1.74 16.64
C LYS F 155 75.80 0.88 17.56
N LYS F 156 75.38 -0.37 17.77
CA LYS F 156 76.10 -1.25 18.67
C LYS F 156 76.31 -2.61 18.02
N ARG F 157 77.39 -3.28 18.42
CA ARG F 157 77.74 -4.60 17.92
C ARG F 157 77.82 -5.59 19.06
N PHE F 158 77.11 -6.70 18.93
CA PHE F 158 77.09 -7.79 19.89
C PHE F 158 77.57 -9.05 19.18
N TYR F 159 78.00 -10.03 19.96
CA TYR F 159 78.43 -11.32 19.44
C TYR F 159 77.53 -12.40 20.00
N VAL F 160 76.83 -13.12 19.13
CA VAL F 160 76.01 -14.25 19.54
C VAL F 160 76.62 -15.52 18.96
N ASN F 161 77.48 -16.15 19.75
CA ASN F 161 78.21 -17.34 19.34
C ASN F 161 77.64 -18.57 20.01
N MET F 162 77.93 -19.73 19.44
CA MET F 162 77.34 -20.97 19.89
C MET F 162 78.21 -21.59 20.97
N ASN F 163 77.64 -21.75 22.16
CA ASN F 163 78.31 -22.43 23.24
C ASN F 163 78.22 -23.93 23.04
N GLY F 164 79.36 -24.61 23.08
CA GLY F 164 79.38 -26.05 22.87
C GLY F 164 79.73 -26.85 24.10
N PHE F 165 79.93 -26.18 25.23
CA PHE F 165 80.40 -26.82 26.45
C PHE F 165 79.30 -27.05 27.46
N LEU F 166 78.05 -27.09 27.01
CA LEU F 166 76.90 -27.24 27.88
C LEU F 166 76.32 -28.64 27.76
N LYS F 167 75.51 -29.01 28.74
CA LYS F 167 74.80 -30.28 28.72
C LYS F 167 73.51 -30.11 29.49
N ARG F 168 72.70 -31.17 29.54
CA ARG F 168 71.43 -31.14 30.26
C ARG F 168 71.33 -32.38 31.14
N ASP F 169 70.84 -32.19 32.36
CA ASP F 169 70.73 -33.28 33.32
C ASP F 169 69.41 -34.02 33.14
N ALA F 170 69.07 -34.87 34.12
CA ALA F 170 67.86 -35.68 34.02
C ALA F 170 66.60 -34.83 34.21
N SER F 171 66.68 -33.75 34.96
CA SER F 171 65.54 -32.86 35.14
C SER F 171 65.36 -31.90 33.98
N GLY F 172 66.27 -31.88 33.02
CA GLY F 172 66.18 -30.97 31.89
C GLY F 172 66.77 -29.61 32.12
N LYS F 173 67.67 -29.46 33.09
CA LYS F 173 68.26 -28.17 33.43
C LYS F 173 69.68 -28.12 32.86
N SER F 174 70.03 -27.00 32.24
CA SER F 174 71.33 -26.87 31.60
C SER F 174 72.44 -26.78 32.64
N LEU F 175 73.51 -27.53 32.40
CA LEU F 175 74.71 -27.50 33.21
C LEU F 175 75.92 -27.29 32.30
N PHE F 176 77.07 -27.11 32.92
CA PHE F 176 78.33 -26.94 32.19
C PHE F 176 79.08 -28.26 32.18
N ALA F 177 79.68 -28.58 31.03
CA ALA F 177 80.43 -29.82 30.91
C ALA F 177 81.86 -29.67 31.43
N ILE F 178 82.40 -28.45 31.42
CA ILE F 178 83.79 -28.25 31.78
C ILE F 178 84.01 -28.03 33.27
N GLY F 179 82.97 -27.68 34.02
CA GLY F 179 83.13 -27.45 35.44
C GLY F 179 81.80 -27.15 36.10
N TYR F 180 81.86 -26.95 37.41
CA TYR F 180 80.69 -26.64 38.21
C TYR F 180 80.63 -25.16 38.51
N GLU F 181 79.44 -24.58 38.39
CA GLU F 181 79.22 -23.17 38.69
C GLU F 181 78.85 -22.99 40.16
N SER F 182 79.78 -23.41 41.02
CA SER F 182 79.57 -23.40 42.46
C SER F 182 80.56 -22.47 43.15
N LEU F 183 80.88 -21.35 42.51
CA LEU F 183 81.76 -20.35 43.10
C LEU F 183 81.17 -18.96 42.88
N VAL F 184 81.28 -18.11 43.88
CA VAL F 184 80.73 -16.76 43.84
C VAL F 184 81.89 -15.78 43.87
N LEU F 185 81.83 -14.78 42.99
CA LEU F 185 82.93 -13.84 42.85
C LEU F 185 83.11 -13.02 44.12
N LYS F 186 84.34 -12.94 44.59
CA LYS F 186 84.72 -12.13 45.74
C LYS F 186 85.67 -11.03 45.30
N SER F 187 85.88 -10.07 46.20
CA SER F 187 86.83 -8.99 45.93
C SER F 187 88.27 -9.39 46.24
N SER F 188 88.47 -10.54 46.90
CA SER F 188 89.82 -11.04 47.13
C SER F 188 90.39 -11.76 45.93
N HIS F 189 89.58 -11.97 44.89
CA HIS F 189 90.10 -12.52 43.63
C HIS F 189 91.00 -11.53 42.92
N PHE F 190 90.64 -10.25 42.93
CA PHE F 190 91.25 -9.25 42.07
C PHE F 190 92.08 -8.20 42.81
N ARG F 191 92.18 -8.29 44.13
CA ARG F 191 92.87 -7.24 44.88
C ARG F 191 94.38 -7.28 44.64
N LEU F 192 94.95 -8.47 44.55
CA LEU F 192 96.40 -8.61 44.46
C LEU F 192 96.89 -9.18 43.14
N SER F 193 96.02 -9.75 42.31
CA SER F 193 96.45 -10.39 41.09
C SER F 193 96.86 -9.37 40.03
N LYS F 194 97.76 -9.78 39.15
CA LYS F 194 98.20 -8.96 38.03
C LYS F 194 97.47 -9.35 36.75
N SER F 195 97.54 -8.48 35.76
CA SER F 195 96.87 -8.72 34.50
C SER F 195 97.54 -9.83 33.72
N ARG F 196 96.77 -10.47 32.85
CA ARG F 196 97.21 -11.63 32.07
C ARG F 196 96.69 -11.50 30.65
N PRO F 197 97.39 -12.10 29.68
CA PRO F 197 96.93 -12.00 28.29
C PRO F 197 95.70 -12.86 28.05
N LEU F 198 94.98 -12.50 26.99
CA LEU F 198 93.80 -13.23 26.54
C LEU F 198 94.12 -13.85 25.19
N TRP F 199 94.23 -15.18 25.15
CA TRP F 199 94.72 -15.91 23.98
C TRP F 199 93.58 -16.67 23.32
N TYR F 200 93.44 -16.49 22.01
CA TYR F 200 92.43 -17.19 21.23
C TYR F 200 92.84 -17.10 19.76
N THR F 201 92.28 -18.00 18.96
CA THR F 201 92.37 -17.84 17.52
C THR F 201 91.52 -16.63 17.12
N VAL F 202 92.04 -15.83 16.19
CA VAL F 202 91.72 -14.40 16.15
C VAL F 202 90.23 -14.18 15.88
N ASN F 203 89.75 -14.59 14.71
CA ASN F 203 88.40 -14.26 14.29
C ASN F 203 87.46 -15.46 14.33
N HIS F 204 87.85 -16.53 15.02
CA HIS F 204 87.14 -17.79 14.93
C HIS F 204 86.76 -18.41 16.26
N ALA F 205 87.30 -17.94 17.37
CA ALA F 205 87.00 -18.54 18.66
C ALA F 205 85.65 -18.06 19.16
N PRO F 206 84.71 -18.94 19.49
CA PRO F 206 83.44 -18.48 20.06
C PRO F 206 83.47 -18.26 21.57
N VAL F 207 84.42 -18.87 22.28
CA VAL F 207 84.47 -18.82 23.74
C VAL F 207 85.78 -18.19 24.18
N PHE F 208 85.70 -17.32 25.18
CA PHE F 208 86.87 -16.69 25.77
C PHE F 208 87.05 -17.24 27.18
N ILE F 209 88.27 -17.61 27.51
CA ILE F 209 88.59 -18.15 28.83
C ILE F 209 89.79 -17.39 29.39
N LEU F 210 89.67 -16.97 30.65
CA LEU F 210 90.73 -16.26 31.34
C LEU F 210 91.12 -17.05 32.59
N GLY F 211 92.40 -17.37 32.72
CA GLY F 211 92.84 -18.14 33.86
C GLY F 211 93.59 -17.32 34.87
N GLY F 212 94.59 -17.92 35.52
CA GLY F 212 95.54 -17.20 36.33
C GLY F 212 95.00 -16.51 37.56
N PHE F 213 94.19 -17.21 38.36
CA PHE F 213 93.74 -16.66 39.62
C PHE F 213 94.73 -17.02 40.72
N TYR F 214 94.41 -16.68 41.96
CA TYR F 214 95.42 -16.66 43.02
C TYR F 214 95.82 -18.07 43.45
N ASP F 215 94.86 -18.87 43.95
CA ASP F 215 95.18 -20.25 44.29
C ASP F 215 94.02 -21.21 44.02
N GLU F 216 93.16 -20.91 43.06
CA GLU F 216 92.02 -21.77 42.78
C GLU F 216 92.05 -22.24 41.34
N LYS F 217 91.46 -23.42 41.09
CA LYS F 217 91.31 -23.94 39.74
C LYS F 217 90.04 -23.42 39.08
N SER F 218 89.88 -22.11 39.13
CA SER F 218 88.73 -21.44 38.54
C SER F 218 89.17 -20.71 37.29
N ILE F 219 88.24 -20.58 36.34
CA ILE F 219 88.46 -19.80 35.14
C ILE F 219 87.28 -18.85 34.95
N LEU F 220 87.53 -17.79 34.19
CA LEU F 220 86.50 -16.87 33.74
C LEU F 220 86.08 -17.31 32.35
N PHE F 221 84.88 -17.85 32.25
CA PHE F 221 84.31 -18.36 31.00
C PHE F 221 83.34 -17.33 30.44
N SER F 222 83.43 -17.09 29.14
CA SER F 222 82.51 -16.14 28.52
C SER F 222 82.26 -16.51 27.08
N ASP F 223 81.02 -16.89 26.79
CA ASP F 223 80.51 -16.75 25.43
C ASP F 223 80.34 -15.27 25.13
N SER F 224 79.96 -14.98 23.88
CA SER F 224 79.90 -13.61 23.37
C SER F 224 81.32 -13.04 23.46
N ASN F 225 81.48 -11.77 23.84
CA ASN F 225 82.77 -11.11 23.91
C ASN F 225 82.91 -10.38 25.24
N PHE F 226 82.65 -11.11 26.32
CA PHE F 226 82.67 -10.60 27.70
C PHE F 226 81.64 -9.48 27.91
N GLN F 227 80.52 -9.54 27.17
CA GLN F 227 79.36 -8.77 27.57
C GLN F 227 78.67 -9.40 28.77
N ASP F 228 78.78 -10.73 28.90
CA ASP F 228 78.44 -11.44 30.11
C ASP F 228 79.47 -12.53 30.33
N TYR F 229 79.68 -12.91 31.59
CA TYR F 229 80.71 -13.89 31.92
C TYR F 229 80.16 -14.83 32.98
N VAL F 230 81.04 -15.74 33.42
CA VAL F 230 80.71 -16.69 34.48
C VAL F 230 82.04 -17.18 35.04
N LEU F 231 82.02 -17.67 36.28
CA LEU F 231 83.23 -18.12 36.96
C LEU F 231 83.10 -19.59 37.28
N LEU F 232 83.81 -20.43 36.52
CA LEU F 232 83.66 -21.87 36.61
C LEU F 232 84.82 -22.48 37.39
N GLU F 233 84.48 -23.23 38.43
CA GLU F 233 85.46 -24.05 39.13
C GLU F 233 85.61 -25.36 38.36
N LEU F 234 86.82 -25.63 37.88
CA LEU F 234 87.01 -26.69 36.91
C LEU F 234 86.88 -28.07 37.55
N SER F 235 86.74 -29.08 36.70
CA SER F 235 86.59 -30.47 37.12
C SER F 235 87.87 -31.27 36.90
N ILE F 236 89.02 -30.59 36.96
CA ILE F 236 90.30 -31.28 36.87
C ILE F 236 90.52 -32.12 38.10
N ASP F 237 90.98 -33.36 37.89
CA ASP F 237 91.14 -34.31 38.99
C ASP F 237 92.17 -33.88 40.02
N SER F 238 93.06 -32.96 39.66
CA SER F 238 94.12 -32.45 40.54
C SER F 238 95.04 -33.57 41.03
N CYS F 239 95.23 -34.59 40.20
CA CYS F 239 96.13 -35.68 40.52
C CYS F 239 97.58 -35.24 40.34
N TRP F 240 98.50 -36.01 40.92
CA TRP F 240 99.92 -35.73 40.84
C TRP F 240 100.66 -36.97 40.38
N VAL F 241 101.51 -36.81 39.36
CA VAL F 241 102.29 -37.90 38.81
C VAL F 241 103.74 -37.48 38.70
N GLY F 242 104.10 -36.39 39.38
CA GLY F 242 105.45 -35.90 39.32
C GLY F 242 106.43 -36.80 40.06
N SER F 243 107.64 -36.91 39.51
CA SER F 243 108.69 -37.72 40.11
C SER F 243 110.03 -37.10 39.71
N PHE F 244 111.11 -37.88 39.86
CA PHE F 244 112.46 -37.37 39.63
C PHE F 244 112.78 -37.13 38.17
N TYR F 245 111.93 -37.57 37.25
CA TYR F 245 112.23 -37.44 35.82
C TYR F 245 112.24 -35.99 35.36
N CYS F 246 111.53 -35.11 36.05
CA CYS F 246 111.67 -33.67 35.85
C CYS F 246 111.66 -32.98 37.20
N PRO F 247 112.27 -31.79 37.31
CA PRO F 247 112.37 -31.13 38.62
C PRO F 247 111.02 -30.84 39.23
N ILE F 248 110.94 -30.99 40.55
CA ILE F 248 109.71 -30.79 41.30
C ILE F 248 109.66 -29.34 41.77
N LEU F 249 108.56 -28.67 41.48
CA LEU F 249 108.34 -27.28 41.89
C LEU F 249 107.14 -27.22 42.82
N GLY F 250 106.96 -26.06 43.43
CA GLY F 250 105.86 -25.84 44.34
C GLY F 250 104.50 -25.99 43.69
N PHE F 251 103.62 -26.75 44.32
CA PHE F 251 102.29 -26.99 43.76
C PHE F 251 101.48 -25.71 43.78
N SER F 252 100.67 -25.52 42.75
CA SER F 252 99.82 -24.34 42.64
C SER F 252 98.56 -24.73 41.89
N ALA F 253 97.41 -24.63 42.56
CA ALA F 253 96.14 -25.05 41.99
C ALA F 253 95.63 -24.11 40.91
N THR F 254 96.40 -23.10 40.51
CA THR F 254 95.92 -22.12 39.54
C THR F 254 96.00 -22.68 38.13
N ILE F 255 95.26 -22.05 37.23
CA ILE F 255 95.20 -22.44 35.83
C ILE F 255 96.05 -21.46 35.02
N HIS F 256 97.00 -21.99 34.26
CA HIS F 256 97.94 -21.20 33.50
C HIS F 256 97.73 -21.43 32.01
N ASP F 257 97.99 -20.37 31.23
CA ASP F 257 98.07 -20.45 29.77
C ASP F 257 96.79 -20.98 29.14
N ALA F 258 95.67 -20.38 29.51
CA ALA F 258 94.39 -20.76 28.93
C ALA F 258 94.34 -20.30 27.48
N ILE F 259 94.14 -21.25 26.56
CA ILE F 259 94.00 -20.95 25.14
C ILE F 259 92.67 -21.51 24.67
N ALA F 260 91.94 -20.73 23.88
CA ALA F 260 90.65 -21.15 23.36
C ALA F 260 90.70 -21.13 21.84
N THR F 261 91.12 -22.23 21.23
CA THR F 261 91.01 -22.35 19.79
C THR F 261 89.59 -22.75 19.43
N GLU F 262 89.23 -22.51 18.17
CA GLU F 262 87.88 -22.83 17.71
C GLU F 262 87.60 -24.32 17.86
N SER F 263 86.60 -24.63 18.67
CA SER F 263 86.09 -25.95 19.06
C SER F 263 86.92 -26.66 20.14
N THR F 264 88.04 -26.10 20.60
CA THR F 264 88.85 -26.83 21.56
C THR F 264 89.60 -25.85 22.45
N LEU F 265 89.58 -26.07 23.76
CA LEU F 265 90.26 -25.19 24.68
C LEU F 265 91.26 -25.97 25.52
N PHE F 266 92.46 -25.40 25.65
CA PHE F 266 93.60 -25.99 26.33
C PHE F 266 93.90 -25.20 27.60
N ILE F 267 94.23 -25.92 28.68
CA ILE F 267 94.70 -25.29 29.90
C ILE F 267 95.95 -26.02 30.38
N ARG F 268 96.75 -25.30 31.17
CA ARG F 268 97.92 -25.86 31.84
C ARG F 268 97.81 -25.62 33.34
N GLN F 269 98.14 -26.64 34.13
CA GLN F 269 98.19 -26.51 35.58
C GLN F 269 99.27 -27.43 36.12
N ASN F 270 100.38 -26.83 36.60
CA ASN F 270 101.48 -27.55 37.24
C ASN F 270 102.09 -28.60 36.33
N GLN F 271 102.63 -28.13 35.20
CA GLN F 271 103.34 -28.98 34.23
C GLN F 271 102.46 -30.12 33.72
N LEU F 272 101.17 -29.85 33.57
CA LEU F 272 100.22 -30.76 32.95
C LEU F 272 99.37 -29.97 31.98
N VAL F 273 98.99 -30.60 30.87
CA VAL F 273 98.16 -29.95 29.86
C VAL F 273 96.89 -30.76 29.67
N TYR F 274 95.76 -30.08 29.78
CA TYR F 274 94.46 -30.69 29.55
C TYR F 274 93.78 -29.98 28.40
N TYR F 275 92.94 -30.72 27.68
CA TYR F 275 92.15 -30.10 26.63
C TYR F 275 90.72 -30.62 26.71
N PHE F 276 89.80 -29.77 26.24
CA PHE F 276 88.39 -30.10 26.12
C PHE F 276 87.90 -29.71 24.73
N THR F 277 87.23 -30.63 24.05
CA THR F 277 86.68 -30.41 22.71
C THR F 277 85.16 -30.35 22.81
N GLY F 278 84.60 -29.18 22.53
CA GLY F 278 83.17 -29.02 22.60
C GLY F 278 82.45 -29.62 21.42
N THR F 279 81.21 -30.02 21.65
CA THR F 279 80.38 -30.63 20.62
C THR F 279 79.70 -29.54 19.81
N TYR F 280 80.05 -29.45 18.53
CA TYR F 280 79.43 -28.53 17.59
C TYR F 280 78.85 -29.32 16.43
N ILE F 281 77.58 -29.06 16.13
CA ILE F 281 76.90 -29.79 15.06
C ILE F 281 77.01 -29.06 13.73
N THR F 282 77.07 -27.74 13.74
CA THR F 282 77.28 -26.99 12.52
C THR F 282 78.75 -26.90 12.13
N LEU F 283 79.63 -27.67 12.77
CA LEU F 283 81.03 -27.71 12.38
C LEU F 283 81.48 -29.11 12.01
N PHE F 284 81.22 -30.11 12.84
CA PHE F 284 81.73 -31.46 12.61
C PHE F 284 80.76 -32.46 13.22
N ASP F 285 81.23 -33.70 13.37
CA ASP F 285 80.40 -34.79 13.85
C ASP F 285 80.16 -34.68 15.35
N LYS F 286 79.08 -35.32 15.80
CA LYS F 286 78.74 -35.30 17.21
C LYS F 286 79.73 -36.12 18.04
N SER F 287 80.36 -37.13 17.44
CA SER F 287 81.20 -38.04 18.18
C SER F 287 82.60 -37.50 18.44
N HIS F 288 82.97 -36.39 17.82
CA HIS F 288 84.28 -35.80 18.05
C HIS F 288 84.34 -35.01 19.36
N GLY F 289 83.20 -34.60 19.90
CA GLY F 289 83.20 -33.86 21.14
C GLY F 289 83.66 -34.72 22.30
N SER F 290 84.20 -34.05 23.32
CA SER F 290 84.78 -34.73 24.47
C SER F 290 83.80 -34.76 25.62
N SER F 291 83.96 -35.77 26.48
CA SER F 291 83.12 -35.92 27.66
C SER F 291 83.77 -35.40 28.93
N ARG F 292 85.08 -35.24 28.95
CA ARG F 292 85.79 -34.69 30.10
C ARG F 292 87.09 -34.07 29.60
N TRP F 293 87.93 -33.65 30.54
CA TRP F 293 89.23 -33.11 30.16
C TRP F 293 90.21 -34.24 29.90
N VAL F 294 90.82 -34.23 28.72
CA VAL F 294 91.78 -35.24 28.33
C VAL F 294 93.17 -34.69 28.53
N ARG F 295 94.04 -35.47 29.16
CA ARG F 295 95.39 -35.03 29.49
C ARG F 295 96.33 -35.40 28.35
N VAL F 296 96.95 -34.39 27.75
CA VAL F 296 97.89 -34.59 26.65
C VAL F 296 99.31 -34.54 27.19
N LEU F 297 100.20 -35.21 26.46
CA LEU F 297 101.62 -35.36 26.76
C LEU F 297 101.82 -35.87 28.18
N PRO F 298 101.49 -37.14 28.45
CA PRO F 298 101.55 -37.64 29.83
C PRO F 298 102.97 -37.87 30.33
N SER F 299 103.89 -38.19 29.41
CA SER F 299 105.26 -38.52 29.77
C SER F 299 106.19 -37.32 29.75
N GLU F 300 105.68 -36.13 29.44
CA GLU F 300 106.49 -34.93 29.30
C GLU F 300 106.10 -33.91 30.35
N CYS F 301 107.08 -33.13 30.80
CA CYS F 301 106.86 -32.06 31.76
C CYS F 301 106.91 -30.73 31.03
N ILE F 302 105.76 -30.08 30.92
CA ILE F 302 105.59 -28.90 30.09
C ILE F 302 105.88 -27.67 30.93
N LYS F 303 106.76 -26.79 30.42
CA LYS F 303 107.05 -25.54 31.11
C LYS F 303 106.24 -24.37 30.59
N ARG F 304 105.80 -24.39 29.32
CA ARG F 304 104.99 -23.28 28.85
C ARG F 304 104.17 -23.71 27.64
N LEU F 305 103.05 -23.02 27.44
CA LEU F 305 102.15 -23.19 26.31
C LEU F 305 102.12 -21.89 25.53
N CYS F 306 102.25 -21.98 24.21
CA CYS F 306 102.30 -20.82 23.34
C CYS F 306 101.20 -20.89 22.30
N PRO F 307 100.60 -19.75 21.95
CA PRO F 307 99.51 -19.74 20.98
C PRO F 307 99.97 -19.49 19.56
N VAL F 308 99.14 -19.92 18.61
CA VAL F 308 99.26 -19.57 17.21
C VAL F 308 97.98 -18.84 16.84
N TYR F 309 98.09 -17.56 16.51
CA TYR F 309 96.89 -16.76 16.28
C TYR F 309 96.25 -17.09 14.93
N ALA F 310 97.06 -17.25 13.89
CA ALA F 310 96.54 -17.56 12.57
C ALA F 310 96.23 -19.05 12.46
N SER F 311 95.87 -19.47 11.25
CA SER F 311 95.52 -20.85 10.98
C SER F 311 95.81 -21.15 9.52
N GLY F 312 96.37 -22.32 9.25
CA GLY F 312 96.72 -22.71 7.90
C GLY F 312 96.30 -24.13 7.61
N ASN F 313 95.99 -24.36 6.32
CA ASN F 313 95.57 -25.67 5.81
C ASN F 313 94.31 -26.18 6.50
N GLY F 314 93.45 -25.27 6.94
CA GLY F 314 92.22 -25.65 7.62
C GLY F 314 92.43 -26.35 8.94
N SER F 315 93.34 -25.86 9.77
CA SER F 315 93.63 -26.47 11.05
C SER F 315 94.17 -25.42 11.99
N GLU F 316 94.16 -25.73 13.29
CA GLU F 316 94.74 -24.85 14.29
C GLU F 316 95.97 -25.49 14.91
N TYR F 317 96.80 -24.65 15.53
CA TYR F 317 98.06 -25.11 16.10
C TYR F 317 98.27 -24.53 17.49
N VAL F 318 98.98 -25.29 18.31
CA VAL F 318 99.40 -24.88 19.64
C VAL F 318 100.85 -25.33 19.83
N LEU F 319 101.56 -24.68 20.74
CA LEU F 319 102.96 -24.98 20.98
C LEU F 319 103.18 -25.30 22.44
N ALA F 320 104.07 -26.25 22.71
CA ALA F 320 104.42 -26.59 24.08
C ALA F 320 105.94 -26.63 24.21
N LEU F 321 106.47 -25.80 25.10
CA LEU F 321 107.89 -25.77 25.40
C LEU F 321 108.12 -26.53 26.69
N THR F 322 109.00 -27.52 26.64
CA THR F 322 109.20 -28.46 27.74
C THR F 322 110.43 -28.08 28.57
N THR F 323 110.54 -28.74 29.71
CA THR F 323 111.68 -28.59 30.61
C THR F 323 111.94 -29.92 31.27
N GLY F 324 113.15 -30.05 31.83
CA GLY F 324 113.54 -31.29 32.48
C GLY F 324 113.99 -32.35 31.48
N LYS F 325 113.08 -32.78 30.63
CA LYS F 325 113.39 -33.71 29.54
C LYS F 325 113.13 -33.04 28.21
N ASN F 326 113.92 -33.43 27.20
CA ASN F 326 113.81 -32.89 25.85
C ASN F 326 113.97 -31.37 25.85
N GLU F 327 115.14 -30.93 26.29
CA GLU F 327 115.38 -29.50 26.47
C GLU F 327 115.41 -28.75 25.15
N GLY F 328 116.05 -29.33 24.14
CA GLY F 328 116.11 -28.67 22.84
C GLY F 328 114.90 -28.88 21.97
N TYR F 329 113.96 -29.72 22.37
CA TYR F 329 112.79 -30.03 21.58
C TYR F 329 111.57 -29.27 22.08
N ILE F 330 110.64 -29.00 21.17
CA ILE F 330 109.32 -28.47 21.51
C ILE F 330 108.27 -29.32 20.79
N HIS F 331 107.01 -29.17 21.21
CA HIS F 331 105.91 -29.95 20.67
C HIS F 331 104.95 -29.05 19.92
N ILE F 332 104.56 -29.46 18.72
CA ILE F 332 103.58 -28.73 17.92
C ILE F 332 102.32 -29.57 17.86
N GLY F 333 101.20 -29.00 18.29
CA GLY F 333 99.93 -29.70 18.37
C GLY F 333 98.97 -29.19 17.31
N THR F 334 98.43 -30.12 16.53
CA THR F 334 97.52 -29.81 15.45
C THR F 334 96.10 -30.18 15.86
N ILE F 335 95.16 -29.28 15.59
CA ILE F 335 93.73 -29.52 15.81
C ILE F 335 93.06 -29.49 14.45
N THR F 336 92.43 -30.62 14.08
CA THR F 336 91.70 -30.76 12.83
C THR F 336 90.37 -31.43 13.13
N ASP F 337 89.27 -30.70 12.88
CA ASP F 337 87.91 -31.25 12.96
C ASP F 337 87.60 -31.86 14.32
N GLY F 338 88.08 -31.22 15.38
CA GLY F 338 87.85 -31.74 16.71
C GLY F 338 88.79 -32.82 17.16
N LEU F 339 89.83 -33.13 16.39
CA LEU F 339 90.83 -34.12 16.77
C LEU F 339 92.17 -33.43 16.96
N VAL F 340 92.79 -33.64 18.12
CA VAL F 340 94.09 -33.05 18.42
C VAL F 340 95.16 -34.12 18.35
N SER F 341 96.35 -33.71 17.95
CA SER F 341 97.47 -34.63 17.82
C SER F 341 98.77 -33.84 17.92
N PHE F 342 99.66 -34.28 18.81
CA PHE F 342 100.90 -33.58 19.06
C PHE F 342 102.06 -34.27 18.36
N GLU F 343 103.04 -33.47 17.93
CA GLU F 343 104.19 -33.97 17.21
C GLU F 343 105.46 -33.39 17.79
N MET F 344 106.49 -34.22 17.87
CA MET F 344 107.83 -33.89 18.34
C MET F 344 108.61 -33.34 17.15
N VAL F 345 108.51 -32.03 16.94
CA VAL F 345 108.88 -31.40 15.66
C VAL F 345 110.36 -31.50 15.27
N PRO F 346 111.37 -31.24 16.16
CA PRO F 346 112.75 -31.13 15.64
C PRO F 346 113.40 -32.47 15.31
N ASP F 347 112.57 -33.52 15.21
CA ASP F 347 112.97 -34.87 14.81
C ASP F 347 113.91 -35.51 15.80
N GLY F 348 114.82 -36.36 15.31
CA GLY F 348 115.70 -37.09 16.22
C GLY F 348 116.70 -36.22 16.93
N TRP F 349 117.28 -35.24 16.22
CA TRP F 349 118.32 -34.42 16.81
C TRP F 349 117.72 -33.19 17.49
N SER F 350 118.27 -32.85 18.65
CA SER F 350 117.86 -31.65 19.35
C SER F 350 118.60 -30.43 18.80
N VAL F 351 117.93 -29.27 18.90
CA VAL F 351 118.46 -28.06 18.28
C VAL F 351 119.68 -27.50 19.00
N CYS F 352 120.02 -28.02 20.18
CA CYS F 352 121.23 -27.59 20.85
C CYS F 352 122.49 -28.07 20.15
N GLU F 353 122.39 -29.13 19.35
CA GLU F 353 123.55 -29.71 18.70
C GLU F 353 124.11 -28.81 17.60
N LYS F 354 123.23 -28.10 16.90
CA LYS F 354 123.61 -27.25 15.77
C LYS F 354 123.73 -25.79 16.17
N LEU F 355 124.23 -25.52 17.38
CA LEU F 355 124.19 -24.20 17.96
C LEU F 355 125.27 -24.11 19.02
N PRO F 356 125.95 -22.97 19.18
CA PRO F 356 127.05 -22.89 20.14
C PRO F 356 126.60 -23.05 21.58
N GLY F 357 127.49 -23.61 22.38
CA GLY F 357 127.21 -23.89 23.77
C GLY F 357 127.04 -25.39 24.02
N LYS F 358 127.18 -25.77 25.29
CA LYS F 358 127.07 -27.16 25.67
C LYS F 358 125.63 -27.66 25.56
N ASN F 359 124.68 -26.88 26.08
CA ASN F 359 123.27 -27.24 25.99
C ASN F 359 122.45 -25.96 25.89
N CYS F 360 121.24 -26.10 25.36
CA CYS F 360 120.41 -24.96 25.00
C CYS F 360 119.02 -25.11 25.60
N SER F 361 118.33 -23.97 25.75
CA SER F 361 116.99 -23.94 26.29
C SER F 361 116.11 -23.03 25.45
N ILE F 362 114.92 -23.52 25.09
CA ILE F 362 113.96 -22.74 24.31
C ILE F 362 113.13 -21.90 25.27
N ASP F 363 112.93 -20.64 24.92
CA ASP F 363 112.18 -19.72 25.78
C ASP F 363 110.82 -19.34 25.21
N TRP F 364 110.71 -19.23 23.89
CA TRP F 364 109.48 -18.79 23.26
C TRP F 364 109.51 -19.28 21.82
N ALA F 365 108.34 -19.37 21.20
CA ALA F 365 108.24 -19.84 19.83
C ALA F 365 107.02 -19.26 19.16
N THR F 366 107.15 -18.94 17.87
CA THR F 366 106.02 -18.59 17.02
C THR F 366 106.05 -19.50 15.79
N TYR F 367 104.90 -20.05 15.45
CA TYR F 367 104.77 -20.98 14.32
C TYR F 367 104.04 -20.27 13.20
N ILE F 368 104.75 -20.02 12.09
CA ILE F 368 104.16 -19.42 10.91
C ILE F 368 103.61 -20.56 10.05
N ALA F 369 102.28 -20.72 10.04
CA ALA F 369 101.66 -21.78 9.27
C ALA F 369 101.88 -21.58 7.78
N ASP F 370 101.78 -20.35 7.31
CA ASP F 370 102.32 -20.00 5.99
C ASP F 370 103.83 -20.15 6.03
N GLU F 371 104.38 -20.76 4.97
CA GLU F 371 105.79 -21.11 4.79
C GLU F 371 106.29 -22.19 5.75
N ARG F 372 105.45 -22.66 6.68
CA ARG F 372 105.76 -23.77 7.59
C ARG F 372 107.00 -23.48 8.45
N ASN F 373 107.24 -22.21 8.74
CA ASN F 373 108.42 -21.81 9.50
C ASN F 373 108.12 -21.81 11.00
N LEU F 374 109.19 -21.91 11.79
CA LEU F 374 109.09 -21.91 13.24
C LEU F 374 110.24 -21.09 13.79
N LEU F 375 109.95 -19.88 14.26
CA LEU F 375 110.96 -18.99 14.83
C LEU F 375 110.99 -19.17 16.34
N LEU F 376 112.18 -19.30 16.91
CA LEU F 376 112.26 -19.62 18.32
C LEU F 376 113.45 -18.94 18.97
N LEU F 377 113.26 -18.56 20.23
CA LEU F 377 114.29 -17.93 21.06
C LEU F 377 115.02 -19.00 21.84
N VAL F 378 116.34 -19.00 21.74
CA VAL F 378 117.17 -20.01 22.37
C VAL F 378 118.20 -19.32 23.25
N LYS F 379 118.22 -19.69 24.53
CA LYS F 379 119.26 -19.27 25.45
C LYS F 379 120.30 -20.37 25.55
N ILE F 380 121.56 -19.96 25.71
CA ILE F 380 122.68 -20.91 25.78
C ILE F 380 123.25 -20.90 27.19
N ASP F 381 124.29 -21.71 27.41
CA ASP F 381 124.83 -21.90 28.76
C ASP F 381 125.41 -20.60 29.32
N SER F 382 126.07 -19.81 28.48
CA SER F 382 126.66 -18.56 28.95
C SER F 382 125.59 -17.54 29.30
N GLY F 383 124.62 -17.33 28.41
CA GLY F 383 123.58 -16.37 28.67
C GLY F 383 123.21 -15.51 27.48
N GLN F 384 123.90 -15.70 26.35
CA GLN F 384 123.52 -15.02 25.13
C GLN F 384 122.26 -15.64 24.55
N PHE F 385 121.52 -14.83 23.80
CA PHE F 385 120.28 -15.26 23.17
C PHE F 385 120.42 -15.30 21.66
N TYR F 386 119.85 -16.32 21.05
CA TYR F 386 119.81 -16.46 19.60
C TYR F 386 118.35 -16.55 19.16
N LEU F 387 118.06 -15.92 18.03
CA LEU F 387 116.79 -16.13 17.33
C LEU F 387 117.09 -17.06 16.17
N VAL F 388 116.44 -18.23 16.16
CA VAL F 388 116.75 -19.27 15.18
C VAL F 388 115.46 -19.69 14.49
N ASN F 389 115.61 -20.39 13.38
CA ASN F 389 114.51 -20.74 12.50
C ASN F 389 114.58 -22.22 12.13
N PHE F 390 113.43 -22.87 12.15
CA PHE F 390 113.32 -24.29 11.82
C PHE F 390 112.22 -24.46 10.79
N ASN F 391 112.52 -25.17 9.70
CA ASN F 391 111.52 -25.46 8.68
C ASN F 391 110.88 -26.80 8.97
N THR F 392 109.57 -26.88 8.71
CA THR F 392 108.80 -28.09 8.97
C THR F 392 108.68 -28.98 7.74
N GLU F 393 108.49 -28.39 6.56
CA GLU F 393 108.48 -29.17 5.32
C GLU F 393 109.84 -29.85 5.10
N PHE F 394 110.91 -29.06 5.16
CA PHE F 394 112.25 -29.62 5.22
C PHE F 394 112.57 -29.94 6.67
N LYS F 395 113.81 -30.36 6.93
CA LYS F 395 114.25 -30.67 8.29
C LYS F 395 115.52 -29.90 8.60
N THR F 396 115.58 -28.64 8.19
CA THR F 396 116.77 -27.82 8.33
C THR F 396 116.61 -26.81 9.45
N LEU F 397 117.72 -26.19 9.83
CA LEU F 397 117.76 -25.20 10.90
C LEU F 397 118.85 -24.20 10.60
N ASN F 398 118.54 -22.92 10.73
CA ASN F 398 119.50 -21.86 10.43
C ASN F 398 119.44 -20.79 11.50
N ILE F 399 120.61 -20.31 11.93
CA ILE F 399 120.68 -19.19 12.86
C ILE F 399 120.23 -17.93 12.14
N LEU F 400 119.31 -17.19 12.75
CA LEU F 400 118.75 -15.99 12.14
C LEU F 400 119.36 -14.71 12.70
N TYR F 401 119.51 -14.62 14.03
CA TYR F 401 120.09 -13.42 14.62
C TYR F 401 120.67 -13.76 15.99
N LYS F 402 121.63 -12.95 16.42
CA LYS F 402 122.25 -13.06 17.74
C LYS F 402 121.95 -11.78 18.51
N ILE F 403 121.14 -11.89 19.56
CA ILE F 403 120.70 -10.70 20.28
C ILE F 403 121.87 -10.11 21.07
N PRO F 404 122.10 -8.80 21.02
CA PRO F 404 123.20 -8.22 21.79
C PRO F 404 123.01 -8.33 23.29
N GLU F 405 124.12 -8.31 24.01
CA GLU F 405 124.09 -8.45 25.47
C GLU F 405 123.61 -7.18 26.15
N PHE F 406 124.02 -6.03 25.64
CA PHE F 406 123.68 -4.73 26.22
C PHE F 406 122.87 -3.94 25.20
N ILE F 407 122.00 -3.04 25.69
CA ILE F 407 121.17 -2.32 24.72
C ILE F 407 122.01 -1.26 24.03
N PRO F 408 121.70 -0.86 22.80
CA PRO F 408 122.42 0.24 22.18
C PRO F 408 121.98 1.57 22.75
N GLU F 409 122.78 2.59 22.49
CA GLU F 409 122.53 3.92 23.01
C GLU F 409 122.19 4.89 21.88
N ALA F 410 121.26 5.80 22.18
CA ALA F 410 120.87 6.85 21.23
C ALA F 410 120.29 7.99 22.05
N LYS F 411 121.01 9.12 22.11
CA LYS F 411 120.60 10.21 22.98
C LYS F 411 119.36 10.91 22.45
N GLU F 412 119.28 11.14 21.14
CA GLU F 412 118.17 11.88 20.56
C GLU F 412 117.56 11.20 19.34
N LEU F 413 118.04 10.01 18.96
CA LEU F 413 117.50 9.31 17.81
C LEU F 413 116.31 8.46 18.23
N ASP F 414 115.33 8.35 17.33
CA ASP F 414 114.12 7.58 17.62
C ASP F 414 114.22 6.14 17.18
N PHE F 415 114.94 5.87 16.08
CA PHE F 415 115.12 4.54 15.56
C PHE F 415 116.59 4.32 15.25
N LEU F 416 117.10 3.14 15.58
CA LEU F 416 118.50 2.83 15.32
C LEU F 416 118.61 1.51 14.59
N VAL F 417 119.25 1.52 13.42
CA VAL F 417 119.49 0.29 12.68
C VAL F 417 120.68 -0.42 13.31
N LEU F 418 120.45 -1.62 13.82
CA LEU F 418 121.50 -2.33 14.55
C LEU F 418 122.54 -2.86 13.58
N LEU F 419 123.51 -2.02 13.25
CA LEU F 419 124.59 -2.43 12.36
C LEU F 419 125.64 -3.17 13.19
N ASP F 420 126.80 -3.44 12.59
CA ASP F 420 127.88 -4.08 13.31
C ASP F 420 128.79 -3.10 14.03
N THR F 421 128.56 -1.80 13.84
CA THR F 421 129.34 -0.73 14.48
C THR F 421 128.36 0.11 15.31
N VAL F 422 128.20 -0.23 16.57
CA VAL F 422 127.34 0.51 17.49
C VAL F 422 128.05 0.65 18.83
N THR F 423 127.48 1.49 19.69
CA THR F 423 128.00 1.72 21.03
C THR F 423 126.98 1.20 22.04
N TYR F 424 127.45 0.42 23.01
CA TYR F 424 126.59 -0.20 24.00
C TYR F 424 126.64 0.56 25.32
N THR F 425 125.56 0.42 26.09
CA THR F 425 125.53 0.88 27.46
C THR F 425 126.03 -0.23 28.37
N ASN F 426 125.83 -0.10 29.68
CA ASN F 426 126.29 -1.10 30.63
C ASN F 426 125.18 -2.02 31.15
N THR F 427 123.93 -1.65 30.97
CA THR F 427 122.82 -2.44 31.49
C THR F 427 122.50 -3.61 30.56
N PRO F 428 122.12 -4.77 31.12
CA PRO F 428 121.89 -5.95 30.28
C PRO F 428 120.57 -5.91 29.55
N MET F 429 120.49 -6.74 28.51
CA MET F 429 119.29 -6.95 27.72
C MET F 429 118.59 -8.21 28.21
N THR F 430 117.25 -8.19 28.17
CA THR F 430 116.45 -9.36 28.54
C THR F 430 115.34 -9.57 27.53
N PRO F 431 115.57 -10.35 26.48
CA PRO F 431 114.48 -10.69 25.56
C PRO F 431 113.48 -11.64 26.20
N LYS F 432 112.21 -11.27 26.13
CA LYS F 432 111.13 -12.05 26.75
C LYS F 432 110.27 -12.80 25.75
N GLY F 433 110.03 -12.24 24.58
CA GLY F 433 109.17 -12.93 23.63
C GLY F 433 109.23 -12.28 22.27
N LEU F 434 108.48 -12.87 21.34
CA LEU F 434 108.46 -12.40 19.96
C LEU F 434 107.06 -12.56 19.39
N PHE F 435 106.79 -11.79 18.34
CA PHE F 435 105.49 -11.77 17.70
C PHE F 435 105.68 -11.57 16.20
N PHE F 436 105.09 -12.44 15.39
CA PHE F 436 105.16 -12.35 13.94
C PHE F 436 103.78 -12.00 13.39
N ASN F 437 103.74 -11.00 12.52
CA ASN F 437 102.53 -10.63 11.80
C ASN F 437 102.73 -10.99 10.33
N THR F 438 101.89 -11.88 9.82
CA THR F 438 102.03 -12.40 8.46
C THR F 438 101.29 -11.57 7.42
N LEU F 439 100.44 -10.64 7.84
CA LEU F 439 99.83 -9.71 6.89
C LEU F 439 100.88 -8.75 6.34
N ASN F 440 101.77 -8.25 7.19
CA ASN F 440 102.79 -7.29 6.78
C ASN F 440 104.21 -7.84 6.90
N ASN F 441 104.36 -9.13 7.22
CA ASN F 441 105.67 -9.78 7.34
C ASN F 441 106.56 -9.09 8.38
N MET F 442 105.95 -8.63 9.46
CA MET F 442 106.67 -7.86 10.48
C MET F 442 107.03 -8.76 11.66
N LEU F 443 108.26 -8.60 12.16
CA LEU F 443 108.71 -9.35 13.32
C LEU F 443 109.02 -8.40 14.46
N TYR F 444 108.54 -8.72 15.66
CA TYR F 444 108.79 -7.92 16.86
C TYR F 444 109.44 -8.81 17.92
N ILE F 445 110.50 -8.31 18.52
CA ILE F 445 111.09 -8.93 19.72
C ILE F 445 110.92 -7.95 20.86
N TRP F 446 110.38 -8.43 21.98
CA TRP F 446 110.10 -7.56 23.11
C TRP F 446 110.55 -8.19 24.41
N GLY F 447 110.59 -7.34 25.43
CA GLY F 447 111.30 -7.56 26.66
C GLY F 447 111.64 -6.22 27.28
N ASN F 448 112.91 -5.97 27.53
CA ASN F 448 113.38 -4.67 28.00
C ASN F 448 113.45 -3.62 26.89
N PHE F 449 112.90 -3.90 25.71
CA PHE F 449 113.15 -3.10 24.52
C PHE F 449 112.03 -3.38 23.52
N ILE F 450 112.17 -2.82 22.32
CA ILE F 450 111.34 -3.19 21.18
C ILE F 450 112.22 -3.24 19.94
N LEU F 451 112.32 -4.43 19.34
CA LEU F 451 113.04 -4.67 18.09
C LEU F 451 112.03 -4.97 17.00
N GLN F 452 112.17 -4.28 15.87
CA GLN F 452 111.25 -4.41 14.75
C GLN F 452 112.04 -4.77 13.49
N SER F 453 111.56 -5.77 12.74
CA SER F 453 112.26 -6.24 11.55
C SER F 453 111.28 -6.39 10.41
N TYR F 454 111.66 -5.87 9.24
CA TYR F 454 110.86 -5.95 8.03
C TYR F 454 111.11 -7.26 7.28
N ASN F 455 112.35 -7.48 6.90
CA ASN F 455 112.81 -8.81 6.52
C ASN F 455 113.31 -9.50 7.78
N ARG F 456 114.04 -10.59 7.65
CA ARG F 456 114.62 -11.26 8.81
C ARG F 456 116.14 -11.12 8.83
N GLU F 457 116.66 -10.01 8.30
CA GLU F 457 118.09 -9.81 8.23
C GLU F 457 118.56 -8.54 8.93
N GLU F 458 117.80 -7.46 8.84
CA GLU F 458 118.15 -6.19 9.46
C GLU F 458 117.09 -5.82 10.49
N PHE F 459 117.54 -5.31 11.64
CA PHE F 459 116.66 -5.04 12.76
C PHE F 459 116.76 -3.58 13.18
N ILE F 460 115.67 -3.06 13.73
CA ILE F 460 115.56 -1.66 14.13
C ILE F 460 115.21 -1.62 15.61
N PHE F 461 115.97 -0.86 16.38
CA PHE F 461 115.70 -0.61 17.78
C PHE F 461 114.84 0.64 17.88
N LEU F 462 113.66 0.50 18.47
CA LEU F 462 112.76 1.64 18.65
C LEU F 462 113.03 2.26 20.02
N ALA F 463 113.73 3.38 20.04
CA ALA F 463 114.35 3.89 21.25
C ALA F 463 113.41 4.68 22.15
N ASP F 464 112.15 4.87 21.76
CA ASP F 464 111.23 5.61 22.62
C ASP F 464 110.82 4.83 23.85
N PHE F 465 110.92 3.52 23.82
CA PHE F 465 110.55 2.70 24.97
C PHE F 465 111.65 2.74 26.03
N PRO F 466 111.32 3.06 27.27
CA PRO F 466 112.37 3.19 28.30
C PRO F 466 112.97 1.84 28.66
N LYS F 467 114.24 1.90 29.07
CA LYS F 467 115.01 0.69 29.35
C LYS F 467 114.75 0.12 30.74
N GLU F 468 114.02 0.83 31.59
CA GLU F 468 113.74 0.37 32.94
C GLU F 468 112.40 -0.35 33.05
N SER F 469 111.62 -0.37 31.97
CA SER F 469 110.33 -1.04 31.94
C SER F 469 110.43 -2.30 31.10
N THR F 470 109.83 -3.38 31.60
CA THR F 470 109.87 -4.67 30.93
C THR F 470 108.46 -5.07 30.48
N ILE F 471 108.33 -5.39 29.20
CA ILE F 471 107.03 -5.67 28.61
C ILE F 471 106.52 -7.02 29.11
N LYS F 472 105.38 -7.00 29.80
CA LYS F 472 104.78 -8.25 30.24
C LYS F 472 104.14 -8.99 29.07
N TYR F 473 103.41 -8.27 28.22
CA TYR F 473 102.84 -8.86 27.01
C TYR F 473 102.43 -7.76 26.05
N MET F 474 101.93 -8.16 24.88
CA MET F 474 101.47 -7.22 23.87
C MET F 474 100.35 -7.85 23.07
N VAL F 475 99.45 -6.99 22.59
CA VAL F 475 98.32 -7.40 21.76
C VAL F 475 98.35 -6.60 20.47
N ASN F 476 97.79 -7.18 19.41
CA ASN F 476 97.78 -6.58 18.08
C ASN F 476 96.38 -6.63 17.52
N SER F 477 95.97 -5.55 16.86
CA SER F 477 94.66 -5.48 16.23
C SER F 477 94.65 -6.07 14.84
N PHE F 478 95.82 -6.42 14.30
CA PHE F 478 95.98 -6.90 12.92
C PHE F 478 95.46 -5.88 11.91
N LYS F 479 95.48 -4.60 12.28
CA LYS F 479 95.07 -3.52 11.39
C LYS F 479 96.00 -2.32 11.50
N GLY F 480 97.14 -2.45 12.18
CA GLY F 480 98.12 -1.38 12.27
C GLY F 480 98.34 -0.80 13.64
N GLN F 481 97.69 -1.30 14.69
CA GLN F 481 97.86 -0.78 16.03
C GLN F 481 98.29 -1.90 16.97
N MET F 482 99.02 -1.54 18.01
CA MET F 482 99.56 -2.51 18.93
C MET F 482 99.58 -1.92 20.33
N ALA F 483 99.20 -2.73 21.31
CA ALA F 483 99.17 -2.32 22.71
C ALA F 483 100.18 -3.13 23.51
N VAL F 484 101.00 -2.45 24.28
CA VAL F 484 102.09 -3.05 25.03
C VAL F 484 101.81 -2.83 26.51
N VAL F 485 101.74 -3.90 27.29
CA VAL F 485 101.46 -3.80 28.72
C VAL F 485 102.65 -4.35 29.48
N THR F 486 103.20 -3.51 30.36
CA THR F 486 104.37 -3.85 31.16
C THR F 486 103.90 -4.40 32.51
N GLU F 487 104.84 -4.53 33.44
CA GLU F 487 104.57 -5.13 34.74
C GLU F 487 104.15 -4.12 35.80
N ASN F 488 104.21 -2.82 35.50
CA ASN F 488 103.67 -1.80 36.39
C ASN F 488 102.26 -1.40 35.99
N GLU F 489 101.61 -2.20 35.14
CA GLU F 489 100.26 -1.93 34.63
C GLU F 489 100.20 -0.58 33.90
N GLU F 490 101.25 -0.26 33.16
CA GLU F 490 101.27 0.92 32.31
C GLU F 490 101.26 0.50 30.86
N ILE F 491 100.45 1.18 30.05
CA ILE F 491 100.09 0.74 28.71
C ILE F 491 100.68 1.71 27.70
N TRP F 492 101.30 1.17 26.67
CA TRP F 492 101.90 1.93 25.59
C TRP F 492 101.25 1.54 24.27
N TYR F 493 101.28 2.45 23.31
CA TYR F 493 100.61 2.28 22.04
C TYR F 493 101.62 2.47 20.92
N PHE F 494 101.60 1.54 19.96
CA PHE F 494 102.46 1.59 18.79
C PHE F 494 101.59 1.58 17.54
N LEU F 495 101.94 2.41 16.57
CA LEU F 495 101.34 2.39 15.26
C LEU F 495 102.40 1.99 14.24
N GLU F 496 102.04 1.08 13.34
CA GLU F 496 103.01 0.53 12.40
C GLU F 496 103.47 1.53 11.34
N GLY F 497 102.79 2.67 11.22
CA GLY F 497 103.15 3.65 10.22
C GLY F 497 104.27 4.61 10.60
N GLY F 498 104.79 4.50 11.81
CA GLY F 498 105.86 5.38 12.24
C GLY F 498 106.94 4.67 13.03
N TYR F 499 107.55 5.37 13.98
CA TYR F 499 108.58 4.76 14.82
C TYR F 499 108.45 5.19 16.28
N ASP F 500 107.31 5.72 16.68
CA ASP F 500 107.12 6.26 18.03
C ASP F 500 106.21 5.34 18.83
N VAL F 501 106.49 5.24 20.12
CA VAL F 501 105.67 4.49 21.07
C VAL F 501 105.17 5.48 22.12
N TYR F 502 103.85 5.61 22.25
CA TYR F 502 103.23 6.63 23.08
C TYR F 502 102.69 6.01 24.34
N GLN F 503 103.01 6.60 25.50
CA GLN F 503 102.37 6.19 26.74
C GLN F 503 100.98 6.81 26.82
N VAL F 504 99.98 5.99 27.16
CA VAL F 504 98.59 6.43 27.14
C VAL F 504 97.96 6.40 28.53
N VAL F 505 98.18 5.34 29.30
CA VAL F 505 97.41 5.19 30.53
C VAL F 505 97.96 6.09 31.64
N PRO F 506 99.25 6.08 32.01
CA PRO F 506 99.71 7.17 32.87
C PRO F 506 100.05 8.39 32.04
N SER F 507 99.17 9.38 32.03
CA SER F 507 99.31 10.53 31.13
C SER F 507 98.29 11.58 31.50
N GLN F 508 98.39 12.73 30.83
CA GLN F 508 97.45 13.82 31.06
C GLN F 508 96.10 13.57 30.40
N GLY F 509 96.11 12.98 29.21
CA GLY F 509 94.85 12.72 28.53
C GLY F 509 93.99 11.71 29.26
N TRP F 510 94.61 10.69 29.84
CA TRP F 510 93.88 9.73 30.64
C TRP F 510 93.34 10.36 31.91
N GLU F 511 94.10 11.28 32.52
CA GLU F 511 93.61 11.99 33.69
C GLU F 511 92.39 12.83 33.35
N THR F 512 92.45 13.57 32.25
CA THR F 512 91.31 14.38 31.82
C THR F 512 90.10 13.53 31.49
N TYR F 513 90.31 12.42 30.78
CA TYR F 513 89.21 11.54 30.40
C TYR F 513 88.59 10.87 31.62
N HIS F 514 89.42 10.40 32.54
CA HIS F 514 88.94 9.77 33.78
C HIS F 514 88.15 10.75 34.63
N ASN F 515 88.65 11.98 34.76
CA ASN F 515 87.94 13.01 35.51
C ASN F 515 86.62 13.38 34.83
N LEU F 516 86.61 13.48 33.51
CA LEU F 516 85.39 13.85 32.81
C LEU F 516 84.35 12.75 32.87
N GLN F 517 84.77 11.48 32.84
CA GLN F 517 83.83 10.38 33.04
C GLN F 517 83.31 10.37 34.46
N LYS F 518 84.17 10.69 35.44
CA LYS F 518 83.75 10.68 36.84
C LYS F 518 82.83 11.85 37.16
N MET F 519 82.84 12.90 36.34
CA MET F 519 81.94 14.03 36.53
C MET F 519 80.72 13.98 35.61
N GLN F 520 80.62 12.96 34.78
CA GLN F 520 79.41 12.68 34.01
C GLN F 520 78.59 11.55 34.62
N LYS F 521 78.94 11.14 35.85
CA LYS F 521 78.21 10.12 36.60
C LYS F 521 78.11 8.80 35.84
N SER F 522 79.23 8.36 35.29
CA SER F 522 79.30 7.10 34.58
C SER F 522 79.30 5.93 35.55
N SER F 523 79.07 4.74 35.01
CA SER F 523 79.00 3.51 35.81
C SER F 523 80.13 2.55 35.51
N PHE F 524 81.09 2.94 34.67
CA PHE F 524 82.24 2.12 34.35
C PHE F 524 83.51 2.59 35.04
N HIS F 525 83.47 3.70 35.75
CA HIS F 525 84.67 4.32 36.28
C HIS F 525 84.53 4.53 37.78
N SER F 526 85.56 4.12 38.52
CA SER F 526 85.60 4.27 39.97
C SER F 526 86.97 4.76 40.38
N GLU F 527 87.06 5.23 41.62
CA GLU F 527 88.34 5.75 42.10
C GLU F 527 89.33 4.63 42.38
N ASP F 528 88.85 3.43 42.68
CA ASP F 528 89.70 2.26 42.89
C ASP F 528 89.34 1.20 41.86
N GLU F 529 90.30 0.86 41.00
CA GLU F 529 90.09 -0.14 39.97
C GLU F 529 91.38 -0.90 39.74
N SER F 530 91.23 -2.13 39.23
CA SER F 530 92.36 -3.00 38.95
C SER F 530 92.16 -3.63 37.58
N LEU F 531 93.11 -3.39 36.68
CA LEU F 531 93.02 -3.93 35.33
C LEU F 531 93.18 -5.45 35.36
N VAL F 532 92.24 -6.15 34.74
CA VAL F 532 92.28 -7.61 34.68
C VAL F 532 92.85 -8.10 33.36
N SER F 533 92.34 -7.59 32.24
CA SER F 533 92.92 -7.92 30.94
C SER F 533 92.49 -6.87 29.94
N LEU F 534 93.04 -6.98 28.73
CA LEU F 534 92.60 -6.12 27.64
C LEU F 534 92.80 -6.86 26.32
N PHE F 535 92.00 -6.47 25.34
CA PHE F 535 91.97 -7.14 24.04
C PHE F 535 91.46 -6.17 23.00
N PHE F 536 91.42 -6.62 21.76
CA PHE F 536 90.98 -5.83 20.62
C PHE F 536 89.70 -6.43 20.06
N GLU F 537 88.84 -5.57 19.52
CA GLU F 537 87.58 -6.02 18.93
C GLU F 537 87.26 -5.06 17.78
N ASP F 538 87.48 -5.55 16.55
CA ASP F 538 87.18 -4.81 15.33
C ASP F 538 87.86 -3.44 15.30
N GLY F 539 89.10 -3.39 15.78
CA GLY F 539 89.85 -2.16 15.83
C GLY F 539 89.62 -1.30 17.05
N LYS F 540 88.77 -1.71 17.97
CA LYS F 540 88.52 -0.98 19.20
C LYS F 540 89.21 -1.69 20.36
N LEU F 541 89.99 -0.95 21.13
CA LEU F 541 90.76 -1.51 22.23
C LEU F 541 89.88 -1.52 23.48
N PHE F 542 89.48 -2.72 23.91
CA PHE F 542 88.70 -2.89 25.13
C PHE F 542 89.59 -3.39 26.25
N GLN F 543 89.19 -3.08 27.48
CA GLN F 543 89.85 -3.63 28.65
C GLN F 543 88.78 -4.09 29.63
N LEU F 544 88.91 -5.31 30.14
CA LEU F 544 88.04 -5.78 31.20
C LEU F 544 88.74 -5.52 32.53
N VAL F 545 88.06 -4.78 33.40
CA VAL F 545 88.58 -4.18 34.61
C VAL F 545 87.62 -4.51 35.74
N TYR F 546 88.08 -4.37 36.97
CA TYR F 546 87.27 -4.61 38.15
C TYR F 546 87.08 -3.31 38.91
N LEU F 547 85.83 -2.96 39.19
CA LEU F 547 85.49 -1.77 39.95
C LEU F 547 85.31 -2.16 41.40
N PHE F 548 86.13 -1.54 42.27
CA PHE F 548 86.24 -1.87 43.68
C PHE F 548 85.38 -1.02 44.58
N ASP F 549 84.69 -0.03 44.03
CA ASP F 549 83.92 0.91 44.84
C ASP F 549 82.77 0.20 45.55
N VAL F 550 82.45 0.69 46.74
CA VAL F 550 81.44 0.04 47.57
C VAL F 550 80.08 0.20 46.93
N GLY F 551 79.35 -0.91 46.81
CA GLY F 551 78.05 -0.94 46.17
C GLY F 551 78.08 -1.35 44.72
N LYS F 552 79.24 -1.24 44.06
CA LYS F 552 79.38 -1.60 42.65
C LYS F 552 80.70 -2.33 42.42
N GLU F 553 81.00 -3.29 43.29
CA GLU F 553 82.17 -4.14 43.09
C GLU F 553 81.85 -5.14 42.00
N ARG F 554 82.33 -4.90 40.78
CA ARG F 554 81.93 -5.76 39.67
C ARG F 554 82.95 -5.68 38.54
N LEU F 555 82.93 -6.70 37.70
CA LEU F 555 83.84 -6.80 36.56
C LEU F 555 83.12 -6.29 35.30
N VAL F 556 83.72 -5.32 34.63
CA VAL F 556 83.11 -4.69 33.47
C VAL F 556 84.14 -4.56 32.36
N LYS F 557 83.68 -4.67 31.12
CA LYS F 557 84.52 -4.36 29.97
C LYS F 557 84.24 -2.93 29.51
N ARG F 558 85.29 -2.25 29.07
CA ARG F 558 85.26 -0.81 28.93
C ARG F 558 86.17 -0.39 27.80
N LEU F 559 85.73 0.59 27.02
CA LEU F 559 86.54 1.09 25.93
C LEU F 559 87.73 1.89 26.45
N LEU F 560 88.79 1.92 25.65
CA LEU F 560 89.95 2.76 25.90
C LEU F 560 90.18 3.59 24.64
N PRO F 561 89.54 4.76 24.52
CA PRO F 561 89.66 5.53 23.28
C PRO F 561 91.00 6.24 23.16
N VAL F 562 91.89 5.72 22.32
CA VAL F 562 93.24 6.25 22.25
C VAL F 562 93.27 7.58 21.51
N GLY F 563 92.38 7.78 20.54
CA GLY F 563 92.33 9.05 19.84
C GLY F 563 91.96 10.22 20.74
N THR F 564 90.99 10.00 21.63
CA THR F 564 90.60 11.05 22.57
C THR F 564 91.72 11.36 23.55
N LEU F 565 92.44 10.33 24.01
CA LEU F 565 93.57 10.56 24.91
C LEU F 565 94.68 11.32 24.20
N MET F 566 94.94 11.00 22.93
CA MET F 566 95.97 11.71 22.18
C MET F 566 95.55 13.16 21.92
N GLU F 567 94.26 13.41 21.75
CA GLU F 567 93.80 14.78 21.59
C GLU F 567 93.82 15.56 22.90
N TYR F 568 93.62 14.87 24.04
CA TYR F 568 93.55 15.55 25.32
C TYR F 568 94.91 15.78 25.95
N ASN F 569 95.99 15.25 25.37
CA ASN F 569 97.32 15.45 25.93
C ASN F 569 97.68 16.92 25.76
N LEU F 570 97.59 17.67 26.85
CA LEU F 570 97.58 19.12 26.79
C LEU F 570 98.93 19.81 26.60
N PRO F 571 100.06 19.34 27.19
CA PRO F 571 101.31 20.08 26.95
C PRO F 571 101.74 19.99 25.50
N LYS F 572 101.58 21.09 24.79
CA LYS F 572 101.77 21.18 23.35
C LYS F 572 102.41 22.53 23.06
N PRO F 573 103.14 22.65 21.94
CA PRO F 573 103.74 23.95 21.61
C PRO F 573 102.69 25.01 21.36
N PHE F 574 102.98 26.23 21.81
CA PHE F 574 102.07 27.34 21.62
C PHE F 574 102.86 28.64 21.56
N THR F 575 102.20 29.69 21.08
CA THR F 575 102.78 31.01 20.98
C THR F 575 101.80 32.03 21.54
N VAL F 576 102.35 33.11 22.09
CA VAL F 576 101.53 34.20 22.61
C VAL F 576 101.29 35.15 21.45
N VAL F 577 100.26 34.85 20.67
CA VAL F 577 99.96 35.61 19.47
C VAL F 577 99.29 36.93 19.86
N ASN F 578 99.35 37.89 18.95
CA ASN F 578 98.75 39.21 19.15
C ASN F 578 97.54 39.33 18.22
N GLN F 579 96.34 39.36 18.81
CA GLN F 579 95.12 39.50 18.06
C GLN F 579 94.18 40.48 18.77
N GLY F 580 93.47 41.27 18.00
CA GLY F 580 92.47 42.20 18.51
C GLY F 580 93.04 43.16 19.54
N ASN F 581 94.18 43.77 19.21
CA ASN F 581 95.09 44.53 20.09
C ASN F 581 95.09 43.99 21.53
N TYR F 582 95.23 42.67 21.64
CA TYR F 582 95.41 41.96 22.90
C TYR F 582 96.24 40.72 22.58
N GLN F 583 96.42 39.85 23.56
CA GLN F 583 97.27 38.69 23.38
C GLN F 583 96.50 37.41 23.69
N ALA F 584 96.95 36.32 23.10
CA ALA F 584 96.23 35.05 23.20
C ALA F 584 97.21 33.90 23.12
N ILE F 585 96.77 32.74 23.58
CA ILE F 585 97.55 31.51 23.52
C ILE F 585 97.08 30.74 22.30
N SER F 586 97.88 30.76 21.23
CA SER F 586 97.55 30.07 20.00
C SER F 586 98.45 28.84 19.87
N PHE F 587 97.84 27.67 19.75
CA PHE F 587 98.59 26.44 19.62
C PHE F 587 99.01 26.23 18.18
N THR F 588 100.28 25.89 17.97
CA THR F 588 100.77 25.62 16.64
C THR F 588 100.24 24.29 16.13
N HIS F 589 99.93 24.25 14.83
CA HIS F 589 99.43 23.03 14.21
C HIS F 589 100.56 22.04 14.00
N THR F 590 100.34 20.79 14.41
CA THR F 590 101.33 19.74 14.27
C THR F 590 101.09 18.83 13.08
N CYS F 591 99.83 18.70 12.64
CA CYS F 591 99.53 17.87 11.49
C CYS F 591 99.97 18.58 10.21
N PRO F 592 100.46 17.84 9.21
CA PRO F 592 100.85 18.49 7.95
C PRO F 592 99.70 18.87 7.05
N PHE F 593 98.50 18.33 7.27
CA PHE F 593 97.35 18.61 6.40
C PHE F 593 96.14 18.99 7.23
N LYS F 594 95.30 19.86 6.66
CA LYS F 594 94.11 20.31 7.37
C LYS F 594 93.05 19.22 7.42
N GLU F 595 92.80 18.55 6.30
CA GLU F 595 91.71 17.60 6.22
C GLU F 595 92.01 16.52 5.19
N ILE F 596 91.28 15.42 5.29
CA ILE F 596 91.43 14.28 4.39
C ILE F 596 90.04 13.82 3.95
N HIS F 597 89.93 13.41 2.69
CA HIS F 597 88.74 12.78 2.15
C HIS F 597 89.16 11.53 1.39
N LEU F 598 88.32 10.50 1.42
CA LEU F 598 88.59 9.23 0.76
C LEU F 598 87.47 8.97 -0.25
N ILE F 599 87.70 9.34 -1.51
CA ILE F 599 86.69 9.26 -2.55
C ILE F 599 87.09 8.17 -3.55
N ASP F 600 86.17 7.92 -4.49
CA ASP F 600 86.35 6.96 -5.58
C ASP F 600 86.68 5.58 -5.03
N VAL F 601 85.91 5.21 -4.03
CA VAL F 601 86.12 3.99 -3.27
C VAL F 601 85.09 2.95 -3.73
N PRO F 602 85.51 1.71 -4.01
CA PRO F 602 84.55 0.70 -4.49
C PRO F 602 83.56 0.30 -3.40
N LYS F 603 82.52 -0.40 -3.84
CA LYS F 603 81.49 -0.87 -2.93
C LYS F 603 82.04 -1.92 -1.99
N LYS F 604 81.60 -1.85 -0.73
CA LYS F 604 82.09 -2.79 0.28
C LYS F 604 81.67 -4.22 -0.03
N HIS F 605 80.45 -4.40 -0.51
CA HIS F 605 79.94 -5.75 -0.76
C HIS F 605 80.60 -6.38 -1.97
N HIS F 606 80.84 -5.61 -3.03
CA HIS F 606 81.53 -6.14 -4.18
C HIS F 606 83.01 -6.41 -3.89
N ALA F 607 83.63 -5.55 -3.06
CA ALA F 607 85.04 -5.73 -2.73
C ALA F 607 85.25 -6.94 -1.85
N SER F 608 84.45 -7.07 -0.79
CA SER F 608 84.62 -8.18 0.15
C SER F 608 83.90 -9.44 -0.28
N ARG F 609 83.13 -9.38 -1.37
CA ARG F 609 82.41 -10.53 -1.93
C ARG F 609 81.48 -11.18 -0.90
N THR F 610 80.49 -10.40 -0.48
CA THR F 610 79.48 -10.87 0.45
C THR F 610 78.09 -10.79 -0.19
N GLU F 611 77.26 -11.77 0.13
CA GLU F 611 75.90 -11.83 -0.37
C GLU F 611 74.92 -11.52 0.77
N SER F 612 73.93 -10.70 0.48
CA SER F 612 73.05 -10.17 1.51
C SER F 612 71.60 -10.51 1.20
N TYR F 613 70.88 -10.93 2.24
CA TYR F 613 69.46 -11.19 2.17
C TYR F 613 68.72 -10.18 3.04
N VAL F 614 67.44 -10.01 2.75
CA VAL F 614 66.59 -9.07 3.48
C VAL F 614 65.29 -9.79 3.84
N ALA F 615 64.89 -9.68 5.11
CA ALA F 615 63.71 -10.36 5.64
C ALA F 615 63.05 -9.46 6.68
N LEU F 616 62.00 -8.72 6.26
CA LEU F 616 61.21 -7.83 7.10
C LEU F 616 60.02 -8.56 7.72
N PRO F 617 59.51 -8.11 8.87
CA PRO F 617 58.38 -8.78 9.50
C PRO F 617 57.10 -8.57 8.72
N PRO F 618 56.13 -9.47 8.83
CA PRO F 618 54.83 -9.24 8.19
C PRO F 618 54.09 -8.07 8.83
N LEU F 619 53.31 -7.37 8.01
CA LEU F 619 52.45 -6.32 8.53
C LEU F 619 51.28 -6.94 9.29
N VAL F 620 50.79 -6.21 10.28
CA VAL F 620 49.66 -6.65 11.08
C VAL F 620 48.55 -5.62 11.01
N SER F 621 47.33 -6.08 11.23
CA SER F 621 46.14 -5.24 11.13
C SER F 621 45.60 -4.85 12.50
N GLU F 622 46.28 -5.20 13.58
CA GLU F 622 45.86 -4.79 14.91
C GLU F 622 45.92 -3.27 15.00
N SER F 623 44.96 -2.70 15.75
CA SER F 623 44.81 -1.24 15.82
C SER F 623 46.05 -0.56 16.36
N LEU F 624 46.67 -1.15 17.38
CA LEU F 624 47.84 -0.53 18.00
C LEU F 624 49.11 -0.78 17.18
N GLY F 625 49.35 -2.03 16.79
CA GLY F 625 50.49 -2.34 15.94
C GLY F 625 51.34 -3.46 16.50
N PHE F 626 50.84 -4.15 17.51
CA PHE F 626 51.63 -5.15 18.20
C PHE F 626 51.56 -6.49 17.48
N HIS F 627 52.50 -7.36 17.81
CA HIS F 627 52.59 -8.73 17.34
C HIS F 627 52.25 -9.67 18.48
N ASN F 628 52.38 -10.97 18.24
CA ASN F 628 52.09 -11.94 19.28
C ASN F 628 52.85 -13.22 18.97
N ASN F 629 52.44 -14.31 19.61
CA ASN F 629 53.05 -15.63 19.43
C ASN F 629 53.09 -16.02 17.96
N ASN F 630 51.93 -15.97 17.29
CA ASN F 630 51.79 -16.58 15.98
C ASN F 630 52.49 -15.77 14.90
N THR F 631 52.44 -14.45 14.98
CA THR F 631 53.10 -13.63 13.98
C THR F 631 54.61 -13.78 14.05
N LEU F 632 55.16 -13.87 15.26
CA LEU F 632 56.59 -14.12 15.41
C LEU F 632 56.97 -15.51 14.90
N ALA F 633 56.08 -16.49 15.11
CA ALA F 633 56.33 -17.82 14.54
C ALA F 633 56.36 -17.77 13.02
N VAL F 634 55.47 -17.00 12.42
CA VAL F 634 55.45 -16.84 10.96
C VAL F 634 56.74 -16.21 10.48
N TYR F 635 57.21 -15.17 11.19
CA TYR F 635 58.48 -14.52 10.87
C TYR F 635 59.63 -15.52 10.90
N GLN F 636 59.68 -16.35 11.93
CA GLN F 636 60.75 -17.33 12.07
C GLN F 636 60.71 -18.35 10.93
N GLY F 637 59.51 -18.83 10.58
CA GLY F 637 59.40 -19.79 9.50
C GLY F 637 59.82 -19.24 8.16
N LEU F 638 59.43 -18.00 7.86
CA LEU F 638 59.82 -17.40 6.59
C LEU F 638 61.34 -17.17 6.52
N VAL F 639 61.95 -16.75 7.63
CA VAL F 639 63.41 -16.57 7.63
C VAL F 639 64.11 -17.91 7.42
N TYR F 640 63.61 -18.97 8.08
CA TYR F 640 64.19 -20.29 7.86
C TYR F 640 64.08 -20.72 6.41
N TYR F 641 62.93 -20.52 5.79
CA TYR F 641 62.77 -20.97 4.42
C TYR F 641 63.63 -20.16 3.46
N LEU F 642 63.84 -18.87 3.74
CA LEU F 642 64.77 -18.10 2.92
C LEU F 642 66.18 -18.65 3.02
N LEU F 643 66.63 -18.96 4.23
CA LEU F 643 67.97 -19.51 4.39
C LEU F 643 68.09 -20.90 3.77
N TRP F 644 67.04 -21.71 3.87
CA TRP F 644 67.04 -23.03 3.24
C TRP F 644 67.11 -22.92 1.72
N LEU F 645 66.39 -21.95 1.14
CA LEU F 645 66.49 -21.72 -0.29
C LEU F 645 67.89 -21.25 -0.69
N HIS F 646 68.54 -20.48 0.18
CA HIS F 646 69.93 -20.10 -0.07
C HIS F 646 70.84 -21.32 -0.09
N SER F 647 70.67 -22.21 0.88
CA SER F 647 71.52 -23.39 0.98
C SER F 647 71.15 -24.48 -0.02
N LYS F 648 69.99 -24.36 -0.68
CA LYS F 648 69.55 -25.33 -1.67
C LYS F 648 69.97 -24.97 -3.08
N TYR F 649 70.49 -23.76 -3.29
CA TYR F 649 70.84 -23.27 -4.62
C TYR F 649 72.15 -23.85 -5.14
N ASP F 650 72.69 -24.89 -4.51
CA ASP F 650 73.94 -25.49 -4.95
C ASP F 650 73.75 -26.48 -6.10
N LYS F 651 72.54 -26.61 -6.64
CA LYS F 651 72.26 -27.57 -7.70
C LYS F 651 73.03 -27.21 -8.98
N PRO F 652 73.49 -28.20 -9.73
CA PRO F 652 74.35 -27.91 -10.90
C PRO F 652 73.64 -27.55 -12.18
N TYR F 653 72.33 -27.37 -12.16
CA TYR F 653 71.56 -26.99 -13.32
C TYR F 653 71.10 -25.54 -13.18
N ALA F 654 71.30 -24.76 -14.24
CA ALA F 654 70.98 -23.33 -14.19
C ALA F 654 69.50 -23.10 -14.43
N ASP F 655 68.89 -22.35 -13.51
CA ASP F 655 67.53 -21.85 -13.61
C ASP F 655 67.48 -20.66 -14.56
N PRO F 656 66.32 -20.36 -15.14
CA PRO F 656 66.24 -19.21 -16.07
C PRO F 656 66.59 -17.88 -15.44
N VAL F 657 66.27 -17.66 -14.17
CA VAL F 657 66.57 -16.41 -13.48
C VAL F 657 67.36 -16.73 -12.22
N HIS F 658 68.12 -15.75 -11.75
CA HIS F 658 68.85 -15.84 -10.49
C HIS F 658 67.88 -15.67 -9.32
N ASP F 659 68.44 -15.46 -8.12
CA ASP F 659 67.67 -15.18 -6.91
C ASP F 659 66.73 -16.31 -6.59
N PRO F 660 67.22 -17.40 -5.97
CA PRO F 660 66.44 -18.64 -5.78
C PRO F 660 65.01 -18.46 -5.29
N THR F 661 64.72 -17.36 -4.61
CA THR F 661 63.36 -17.03 -4.22
C THR F 661 62.43 -16.89 -5.42
N TRP F 662 62.97 -16.68 -6.62
CA TRP F 662 62.14 -16.62 -7.81
C TRP F 662 61.43 -17.95 -8.04
N ARG F 663 62.06 -19.07 -7.65
CA ARG F 663 61.36 -20.34 -7.70
C ARG F 663 60.22 -20.37 -6.69
N TRP F 664 60.43 -19.76 -5.53
CA TRP F 664 59.44 -19.62 -4.47
C TRP F 664 58.21 -18.83 -4.92
N TRP F 665 58.42 -17.58 -5.30
CA TRP F 665 57.34 -16.64 -5.62
C TRP F 665 57.02 -16.58 -7.11
N GLN F 666 56.76 -17.69 -7.79
CA GLN F 666 56.46 -17.60 -9.21
C GLN F 666 55.03 -17.96 -9.56
N HIS F 667 54.44 -18.96 -8.91
CA HIS F 667 53.06 -19.33 -9.18
C HIS F 667 52.07 -18.59 -8.28
N LYS F 668 52.58 -17.72 -7.41
CA LYS F 668 51.75 -16.93 -6.52
C LYS F 668 51.78 -15.44 -6.82
N THR F 669 52.70 -14.98 -7.67
CA THR F 669 52.89 -13.57 -7.93
C THR F 669 51.93 -13.02 -8.96
N LYS F 670 51.10 -13.86 -9.57
CA LYS F 670 50.16 -13.37 -10.58
C LYS F 670 48.91 -12.75 -9.97
N ASP F 671 48.67 -12.93 -8.68
CA ASP F 671 47.49 -12.39 -8.01
C ASP F 671 47.86 -11.74 -6.69
N LYS F 672 48.88 -10.89 -6.71
CA LYS F 672 49.25 -10.17 -5.49
C LYS F 672 48.16 -9.18 -5.08
N ASP F 673 47.56 -8.50 -6.06
CA ASP F 673 46.61 -7.43 -5.77
C ASP F 673 45.41 -7.96 -5.01
N TYR F 674 44.92 -9.14 -5.39
CA TYR F 674 43.83 -9.79 -4.67
C TYR F 674 44.17 -9.95 -3.20
N PHE F 675 45.38 -10.39 -2.92
CA PHE F 675 45.83 -10.53 -1.53
C PHE F 675 45.76 -9.20 -0.80
N PHE F 676 46.19 -8.12 -1.46
CA PHE F 676 46.11 -6.81 -0.83
C PHE F 676 44.67 -6.43 -0.55
N TYR F 677 43.75 -6.75 -1.48
CA TYR F 677 42.36 -6.43 -1.24
C TYR F 677 41.84 -7.16 -0.03
N LEU F 678 42.39 -8.33 0.26
CA LEU F 678 41.91 -9.08 1.41
C LEU F 678 42.56 -8.62 2.71
N PHE F 679 43.54 -7.71 2.65
CA PHE F 679 44.22 -7.22 3.83
C PHE F 679 43.92 -5.77 4.14
N SER F 680 43.82 -4.92 3.12
CA SER F 680 43.40 -3.55 3.34
C SER F 680 41.99 -3.50 3.91
N ASN F 681 41.09 -4.28 3.34
CA ASN F 681 39.72 -4.36 3.81
C ASN F 681 39.55 -5.33 4.97
N ARG F 682 40.66 -5.85 5.50
CA ARG F 682 40.74 -6.76 6.65
C ARG F 682 39.67 -7.84 6.62
N LEU F 683 39.75 -8.69 5.59
CA LEU F 683 38.82 -9.81 5.42
C LEU F 683 39.53 -11.15 5.38
N ALA F 684 40.80 -11.22 5.77
CA ALA F 684 41.56 -12.44 5.53
C ALA F 684 42.50 -12.79 6.68
N ALA F 685 42.53 -14.08 7.00
CA ALA F 685 43.58 -14.75 7.79
C ALA F 685 43.65 -14.10 9.18
N GLU F 686 44.84 -13.95 9.74
CA GLU F 686 45.03 -13.39 11.07
C GLU F 686 45.39 -11.92 11.02
N GLY F 687 44.98 -11.22 9.97
CA GLY F 687 45.41 -9.85 9.77
C GLY F 687 46.90 -9.75 9.53
N ILE F 688 47.45 -10.67 8.75
CA ILE F 688 48.88 -10.72 8.44
C ILE F 688 49.04 -10.55 6.95
N TYR F 689 49.83 -9.56 6.54
CA TYR F 689 50.12 -9.34 5.13
C TYR F 689 51.55 -9.84 4.87
N ILE F 690 51.64 -11.07 4.38
CA ILE F 690 52.92 -11.65 4.00
C ILE F 690 53.34 -11.04 2.67
N ASN F 691 54.32 -10.17 2.71
CA ASN F 691 54.80 -9.51 1.50
C ASN F 691 55.68 -10.45 0.70
N MET F 692 55.97 -10.06 -0.53
CA MET F 692 56.79 -10.86 -1.43
C MET F 692 58.14 -10.22 -1.75
N ASN F 693 58.23 -8.89 -1.73
CA ASN F 693 59.49 -8.20 -1.91
C ASN F 693 60.23 -7.97 -0.60
N ALA F 694 59.65 -8.39 0.51
CA ALA F 694 60.29 -8.22 1.81
C ALA F 694 61.25 -9.34 2.16
N TYR F 695 61.25 -10.43 1.38
CA TYR F 695 62.08 -11.61 1.65
C TYR F 695 62.83 -11.91 0.37
N GLN F 696 64.00 -11.30 0.20
CA GLN F 696 64.70 -11.46 -1.06
C GLN F 696 66.20 -11.30 -0.85
N LYS F 697 66.93 -11.20 -1.96
CA LYS F 697 68.38 -11.11 -1.98
C LYS F 697 68.77 -9.80 -2.64
N LEU F 698 69.63 -9.03 -1.98
CA LEU F 698 70.01 -7.72 -2.46
C LEU F 698 71.26 -7.82 -3.33
N TYR F 699 71.21 -7.22 -4.51
CA TYR F 699 72.33 -7.20 -5.43
C TYR F 699 72.98 -5.83 -5.56
N ASN F 700 72.19 -4.77 -5.67
CA ASN F 700 72.68 -3.41 -5.66
C ASN F 700 71.89 -2.63 -4.62
N MET F 701 72.58 -2.03 -3.66
CA MET F 701 71.93 -1.31 -2.58
C MET F 701 72.70 -0.05 -2.26
N SER F 702 71.98 0.94 -1.73
CA SER F 702 72.59 2.16 -1.22
C SER F 702 72.87 2.04 0.28
N GLY F 703 73.59 0.98 0.65
CA GLY F 703 73.86 0.71 2.04
C GLY F 703 75.01 1.53 2.60
N ASP F 704 75.86 0.92 3.40
CA ASP F 704 76.99 1.62 3.99
C ASP F 704 77.99 2.02 2.90
N TYR F 705 78.67 3.13 3.14
CA TYR F 705 79.69 3.65 2.24
C TYR F 705 81.01 3.78 3.01
N GLY F 706 81.99 4.38 2.36
CA GLY F 706 83.32 4.45 2.92
C GLY F 706 84.21 3.35 2.41
N ILE F 707 85.36 3.22 3.06
CA ILE F 707 86.35 2.22 2.63
C ILE F 707 85.86 0.83 3.01
N PRO F 708 86.10 -0.19 2.19
CA PRO F 708 85.86 -1.56 2.64
C PRO F 708 87.05 -2.11 3.41
N ASP F 709 86.77 -3.08 4.26
CA ASP F 709 87.82 -3.68 5.07
C ASP F 709 88.73 -4.58 4.23
N LEU F 710 88.15 -5.42 3.38
CA LEU F 710 88.86 -6.54 2.78
C LEU F 710 88.64 -6.55 1.27
N PHE F 711 89.70 -6.85 0.52
CA PHE F 711 89.65 -6.89 -0.93
C PHE F 711 89.96 -8.28 -1.44
N PHE F 712 89.39 -8.59 -2.61
CA PHE F 712 89.58 -9.87 -3.27
C PHE F 712 90.00 -9.62 -4.70
N LEU F 713 91.07 -10.27 -5.14
CA LEU F 713 91.61 -10.09 -6.48
C LEU F 713 91.71 -11.43 -7.20
N ASP F 714 91.63 -11.39 -8.52
CA ASP F 714 91.64 -12.62 -9.32
C ASP F 714 92.24 -12.29 -10.69
N LYS F 715 93.55 -12.55 -10.82
CA LYS F 715 94.25 -12.66 -12.10
C LYS F 715 94.11 -11.39 -12.94
N GLY F 716 94.72 -10.32 -12.44
CA GLY F 716 94.87 -9.12 -13.21
C GLY F 716 93.86 -8.03 -12.95
N ASN F 717 92.85 -8.29 -12.12
CA ASN F 717 91.94 -7.22 -11.77
C ASN F 717 92.60 -6.29 -10.76
N TRP F 718 92.11 -5.05 -10.72
CA TRP F 718 92.78 -3.99 -9.99
C TRP F 718 91.73 -3.16 -9.27
N PHE F 719 92.20 -2.15 -8.54
CA PHE F 719 91.30 -1.15 -7.97
C PHE F 719 92.05 0.15 -7.75
N THR F 720 91.30 1.22 -7.58
CA THR F 720 91.86 2.54 -7.32
C THR F 720 91.17 3.18 -6.13
N ILE F 721 91.92 4.03 -5.43
CA ILE F 721 91.40 4.90 -4.38
C ILE F 721 91.79 6.33 -4.71
N THR F 722 91.00 7.30 -4.25
CA THR F 722 91.32 8.70 -4.38
C THR F 722 91.41 9.30 -2.99
N VAL F 723 92.54 9.94 -2.70
CA VAL F 723 92.71 10.66 -1.44
C VAL F 723 92.74 12.14 -1.79
N VAL F 724 91.71 12.87 -1.36
CA VAL F 724 91.68 14.31 -1.52
C VAL F 724 92.22 14.90 -0.24
N LEU F 725 93.28 15.70 -0.33
CA LEU F 725 93.87 16.32 0.84
C LEU F 725 93.54 17.80 0.80
N LEU F 726 93.08 18.32 1.93
CA LEU F 726 92.88 19.73 2.13
C LEU F 726 94.06 20.25 2.95
N SER F 727 94.85 21.11 2.35
CA SER F 727 96.08 21.59 2.99
C SER F 727 95.78 22.75 3.93
N HIS F 728 96.82 23.24 4.58
CA HIS F 728 96.70 24.34 5.53
C HIS F 728 96.67 25.67 4.77
N GLN F 729 96.70 26.77 5.50
CA GLN F 729 96.52 28.08 4.88
C GLN F 729 97.76 28.51 4.10
N ASP F 730 98.94 28.31 4.66
CA ASP F 730 100.18 28.82 4.07
C ASP F 730 101.24 27.73 4.05
N THR F 731 100.85 26.54 3.59
CA THR F 731 101.78 25.42 3.57
C THR F 731 102.88 25.62 2.54
N PHE F 732 102.55 26.18 1.38
CA PHE F 732 103.49 26.32 0.28
C PHE F 732 103.90 27.78 0.16
N THR F 733 105.21 28.01 0.03
CA THR F 733 105.75 29.34 -0.25
C THR F 733 106.19 29.41 -1.72
N SER F 734 106.81 30.53 -2.09
CA SER F 734 107.22 30.73 -3.47
C SER F 734 108.56 30.08 -3.79
N SER F 735 109.26 29.53 -2.80
CA SER F 735 110.49 28.81 -3.06
C SER F 735 110.25 27.41 -3.57
N ASP F 736 109.00 26.94 -3.58
CA ASP F 736 108.67 25.60 -4.05
C ASP F 736 108.54 25.51 -5.56
N SER F 737 108.43 26.64 -6.26
CA SER F 737 108.23 26.64 -7.71
C SER F 737 109.60 26.74 -8.38
N GLN F 738 110.25 25.59 -8.52
CA GLN F 738 111.56 25.54 -9.14
C GLN F 738 111.52 25.24 -10.63
N GLY F 739 110.54 24.45 -11.09
CA GLY F 739 110.46 24.09 -12.47
C GLY F 739 109.03 23.99 -12.98
N PRO F 740 108.77 23.03 -13.87
CA PRO F 740 107.43 22.91 -14.47
C PRO F 740 106.34 22.55 -13.48
N THR F 741 106.66 22.01 -12.32
CA THR F 741 105.67 21.67 -11.32
C THR F 741 106.22 21.92 -9.92
N ILE F 742 105.37 22.43 -9.05
CA ILE F 742 105.77 22.60 -7.65
C ILE F 742 105.88 21.24 -6.99
N ASN F 743 106.97 21.03 -6.24
CA ASN F 743 107.18 19.77 -5.55
C ASN F 743 106.50 19.81 -4.18
N VAL F 744 105.72 18.78 -3.88
CA VAL F 744 104.96 18.72 -2.64
C VAL F 744 105.50 17.69 -1.67
N ASP F 745 106.52 16.93 -2.05
CA ASP F 745 107.11 15.96 -1.15
C ASP F 745 107.91 16.59 -0.04
N LYS F 746 108.23 17.88 -0.14
CA LYS F 746 108.85 18.58 0.98
C LYS F 746 107.84 18.97 2.04
N LYS F 747 106.56 19.06 1.69
CA LYS F 747 105.54 19.53 2.62
C LYS F 747 104.47 18.50 2.90
N LEU F 748 103.85 17.94 1.87
CA LEU F 748 102.70 17.04 2.01
C LEU F 748 102.95 15.82 1.15
N ALA F 749 103.39 14.73 1.77
CA ALA F 749 103.86 13.55 1.05
C ALA F 749 102.97 12.36 1.37
N ILE F 750 102.55 11.65 0.33
CA ILE F 750 101.82 10.40 0.45
C ILE F 750 102.75 9.27 0.04
N ALA F 751 102.73 8.18 0.78
CA ALA F 751 103.65 7.08 0.54
C ALA F 751 102.91 5.76 0.64
N VAL F 752 103.35 4.80 -0.16
CA VAL F 752 102.82 3.45 -0.15
C VAL F 752 103.87 2.52 0.41
N THR F 753 103.48 1.27 0.63
CA THR F 753 104.41 0.23 1.06
C THR F 753 103.77 -1.11 0.76
N ILE F 754 104.46 -1.95 0.00
CA ILE F 754 103.91 -3.21 -0.46
C ILE F 754 104.59 -4.33 0.32
N ALA F 755 103.77 -5.19 0.93
CA ALA F 755 104.26 -6.48 1.41
C ALA F 755 104.23 -7.46 0.25
N ASP F 756 105.33 -8.18 0.04
CA ASP F 756 105.59 -8.98 -1.15
C ASP F 756 105.43 -8.11 -2.40
N PRO F 757 106.37 -7.20 -2.67
CA PRO F 757 106.23 -6.32 -3.83
C PRO F 757 106.45 -6.99 -5.16
N GLU F 758 106.88 -8.25 -5.18
CA GLU F 758 106.92 -9.03 -6.41
C GLU F 758 105.55 -9.54 -6.81
N CYS F 759 104.54 -9.32 -5.98
CA CYS F 759 103.19 -9.83 -6.19
C CYS F 759 102.16 -8.76 -6.50
N LEU F 760 102.42 -7.51 -6.15
CA LEU F 760 101.46 -6.43 -6.29
C LEU F 760 102.14 -5.21 -6.89
N SER F 761 101.43 -4.48 -7.75
CA SER F 761 101.94 -3.24 -8.29
C SER F 761 101.09 -2.09 -7.76
N VAL F 762 101.75 -1.12 -7.13
CA VAL F 762 101.08 0.02 -6.53
C VAL F 762 101.66 1.27 -7.14
N THR F 763 100.81 2.12 -7.72
CA THR F 763 101.27 3.35 -8.34
C THR F 763 100.43 4.52 -7.85
N VAL F 764 101.04 5.71 -7.86
CA VAL F 764 100.46 6.93 -7.32
C VAL F 764 100.52 8.00 -8.40
N THR F 765 99.41 8.69 -8.60
CA THR F 765 99.34 9.84 -9.50
C THR F 765 98.93 11.06 -8.70
N GLN F 766 99.61 12.18 -8.95
CA GLN F 766 99.40 13.41 -8.20
C GLN F 766 98.62 14.42 -9.02
N ASP F 767 97.90 15.30 -8.32
CA ASP F 767 97.28 16.47 -8.91
C ASP F 767 97.22 17.54 -7.83
N VAL F 768 97.48 18.79 -8.20
CA VAL F 768 97.61 19.87 -7.23
C VAL F 768 96.75 21.05 -7.66
N LEU F 769 96.04 21.65 -6.70
CA LEU F 769 95.23 22.84 -6.92
C LEU F 769 95.50 23.79 -5.77
N LEU F 770 96.24 24.87 -6.05
CA LEU F 770 96.83 25.68 -5.00
C LEU F 770 95.80 26.57 -4.30
N ASN F 771 95.08 27.38 -5.07
CA ASN F 771 94.13 28.32 -4.48
C ASN F 771 93.01 27.61 -3.73
N ARG F 772 92.57 26.45 -4.23
CA ARG F 772 91.59 25.66 -3.51
C ARG F 772 92.21 24.83 -2.40
N ASN F 773 93.54 24.84 -2.28
CA ASN F 773 94.26 24.14 -1.21
C ASN F 773 93.95 22.64 -1.21
N ALA F 774 93.91 22.04 -2.40
CA ALA F 774 93.48 20.66 -2.54
C ALA F 774 94.46 19.86 -3.38
N VAL F 775 94.90 18.73 -2.83
CA VAL F 775 95.85 17.85 -3.50
C VAL F 775 95.21 16.49 -3.66
N ILE F 776 95.04 16.06 -4.89
CA ILE F 776 94.35 14.82 -5.22
C ILE F 776 95.41 13.76 -5.48
N ASN F 777 95.20 12.56 -4.94
CA ASN F 777 96.10 11.44 -5.20
C ASN F 777 95.32 10.22 -5.60
N LYS F 778 95.67 9.65 -6.76
CA LYS F 778 95.02 8.46 -7.30
C LYS F 778 95.96 7.28 -7.13
N ILE F 779 95.56 6.32 -6.33
CA ILE F 779 96.39 5.16 -6.01
C ILE F 779 95.78 3.94 -6.68
N LYS F 780 96.58 3.25 -7.50
CA LYS F 780 96.12 2.10 -8.27
C LYS F 780 96.89 0.86 -7.82
N VAL F 781 96.14 -0.18 -7.44
CA VAL F 781 96.70 -1.44 -6.98
C VAL F 781 96.28 -2.52 -7.97
N ILE F 782 97.27 -3.18 -8.57
CA ILE F 782 97.05 -4.14 -9.66
C ILE F 782 97.73 -5.44 -9.30
N ASP F 783 97.08 -6.55 -9.64
CA ASP F 783 97.70 -7.86 -9.55
C ASP F 783 98.72 -8.03 -10.66
N LYS F 784 99.72 -8.89 -10.42
CA LYS F 784 100.80 -9.10 -11.36
C LYS F 784 100.82 -10.54 -11.87
N LYS F 785 99.67 -11.21 -11.87
CA LYS F 785 99.45 -12.47 -12.57
C LYS F 785 100.35 -13.61 -12.09
N ARG F 786 100.88 -13.49 -10.87
CA ARG F 786 101.61 -14.57 -10.23
C ARG F 786 100.95 -14.86 -8.88
N CYS F 787 101.60 -15.69 -8.06
CA CYS F 787 101.31 -15.92 -6.65
C CYS F 787 100.11 -16.80 -6.34
N SER F 788 99.66 -17.64 -7.28
CA SER F 788 98.58 -18.55 -6.95
C SER F 788 98.55 -19.70 -7.95
N GLU F 789 97.77 -20.73 -7.62
CA GLU F 789 97.58 -21.90 -8.45
C GLU F 789 96.07 -22.12 -8.57
N GLN F 790 95.64 -22.77 -9.64
CA GLN F 790 94.22 -23.04 -9.85
C GLN F 790 93.68 -23.97 -8.78
N GLY F 791 92.60 -23.56 -8.11
CA GLY F 791 92.08 -24.30 -6.98
C GLY F 791 90.58 -24.28 -6.85
N MET F 792 90.07 -24.34 -5.62
CA MET F 792 88.63 -24.42 -5.36
C MET F 792 88.28 -23.41 -4.25
N ILE F 793 87.97 -22.19 -4.64
CA ILE F 793 87.45 -21.13 -3.77
C ILE F 793 88.44 -20.76 -2.67
N GLY F 794 88.56 -21.59 -1.65
CA GLY F 794 89.38 -21.28 -0.50
C GLY F 794 90.69 -22.01 -0.38
N ARG F 795 91.09 -22.78 -1.39
CA ARG F 795 92.28 -23.59 -1.28
C ARG F 795 93.56 -22.87 -1.68
N ASN F 796 93.48 -21.69 -2.28
CA ASN F 796 94.65 -21.07 -2.88
C ASN F 796 94.72 -19.58 -2.57
N ILE F 797 94.23 -19.17 -1.41
CA ILE F 797 94.19 -17.76 -1.04
C ILE F 797 95.54 -17.38 -0.42
N LYS F 798 96.16 -16.36 -1.00
CA LYS F 798 97.39 -15.76 -0.47
C LYS F 798 97.04 -14.42 0.16
N LYS F 799 97.43 -14.24 1.42
CA LYS F 799 97.07 -13.05 2.18
C LYS F 799 98.23 -12.07 2.19
N THR F 800 97.99 -10.87 1.70
CA THR F 800 98.99 -9.80 1.71
C THR F 800 98.33 -8.54 2.23
N SER F 801 99.12 -7.48 2.33
CA SER F 801 98.61 -6.22 2.85
C SER F 801 99.40 -5.07 2.24
N MET F 802 98.73 -3.95 2.10
CA MET F 802 99.32 -2.74 1.54
C MET F 802 99.21 -1.63 2.56
N MET F 803 100.30 -0.92 2.78
CA MET F 803 100.36 0.22 3.69
C MET F 803 100.24 1.50 2.89
N LEU F 804 99.46 2.44 3.40
CA LEU F 804 99.29 3.74 2.74
C LEU F 804 99.27 4.81 3.82
N LYS F 805 100.30 5.65 3.85
CA LYS F 805 100.44 6.60 4.94
C LYS F 805 100.86 7.96 4.40
N VAL F 806 100.39 9.00 5.08
CA VAL F 806 100.86 10.35 4.83
C VAL F 806 102.09 10.59 5.69
N LEU F 807 103.16 11.05 5.07
CA LEU F 807 104.44 11.18 5.75
C LEU F 807 104.34 12.26 6.83
N GLY F 808 104.86 11.94 8.02
CA GLY F 808 104.84 12.87 9.14
C GLY F 808 103.51 12.99 9.85
N ALA F 809 102.46 12.36 9.33
CA ALA F 809 101.14 12.50 9.95
C ALA F 809 100.98 11.70 11.24
N PRO F 810 101.14 10.37 11.25
CA PRO F 810 100.43 9.55 12.25
C PRO F 810 100.88 9.82 13.68
N GLY F 811 99.89 9.95 14.56
CA GLY F 811 100.10 10.38 15.91
C GLY F 811 99.92 11.86 16.15
N ASN F 812 99.98 12.67 15.09
CA ASN F 812 99.81 14.11 15.20
C ASN F 812 98.48 14.61 14.66
N CYS F 813 97.73 13.78 13.93
CA CYS F 813 96.47 14.18 13.34
C CYS F 813 95.35 13.36 13.95
N ILE F 814 94.36 14.04 14.53
CA ILE F 814 93.19 13.40 15.10
C ILE F 814 91.95 14.11 14.57
N GLN F 815 91.07 13.37 13.92
CA GLN F 815 89.79 13.94 13.48
C GLN F 815 88.83 13.93 14.66
N ARG F 816 88.43 15.11 15.11
CA ARG F 816 87.53 15.24 16.25
C ARG F 816 86.11 15.36 15.75
N THR F 817 85.24 14.47 16.23
CA THR F 817 83.83 14.48 15.89
C THR F 817 83.03 14.58 17.18
N TYR F 818 81.71 14.47 17.05
CA TYR F 818 80.91 14.13 18.20
C TYR F 818 81.26 12.71 18.64
N LEU F 819 81.15 12.47 19.95
CA LEU F 819 81.44 11.18 20.58
C LEU F 819 82.83 10.63 20.22
N GLY F 820 83.82 11.54 20.16
CA GLY F 820 85.19 11.09 20.22
C GLY F 820 86.06 11.64 19.11
N GLY F 821 87.17 10.94 18.87
CA GLY F 821 88.10 11.31 17.83
C GLY F 821 88.77 10.08 17.26
N ILE F 822 89.22 10.20 16.01
CA ILE F 822 89.74 9.09 15.25
C ILE F 822 91.16 9.41 14.79
N ILE F 823 92.06 8.43 14.90
CA ILE F 823 93.41 8.58 14.37
C ILE F 823 93.37 8.46 12.86
N GLN F 824 94.06 9.37 12.17
CA GLN F 824 93.96 9.48 10.72
C GLN F 824 95.35 9.46 10.09
N GLY F 825 95.38 9.52 8.77
CA GLY F 825 96.62 9.60 8.02
C GLY F 825 97.38 8.30 7.88
N PHE F 826 96.69 7.17 7.97
CA PHE F 826 97.38 5.89 8.14
C PHE F 826 96.41 4.76 7.87
N LYS F 827 96.69 3.89 6.88
CA LYS F 827 95.74 2.84 6.58
C LYS F 827 96.44 1.57 6.10
N VAL F 828 95.90 0.43 6.51
CA VAL F 828 96.35 -0.89 6.05
C VAL F 828 95.19 -1.54 5.32
N VAL F 829 95.45 -2.03 4.11
CA VAL F 829 94.44 -2.68 3.29
C VAL F 829 94.86 -4.15 3.14
N PRO F 830 94.09 -5.10 3.69
CA PRO F 830 94.36 -6.52 3.41
C PRO F 830 93.83 -6.94 2.05
N ILE F 831 94.59 -7.80 1.38
CA ILE F 831 94.31 -8.22 0.01
C ILE F 831 94.44 -9.74 -0.05
N PHE F 832 93.44 -10.40 -0.59
CA PHE F 832 93.37 -11.86 -0.63
C PHE F 832 93.44 -12.30 -2.09
N ILE F 833 94.65 -12.59 -2.57
CA ILE F 833 94.84 -12.96 -3.97
C ILE F 833 94.60 -14.46 -4.13
N GLY F 834 93.64 -14.82 -4.97
CA GLY F 834 93.25 -16.20 -5.18
C GLY F 834 92.04 -16.22 -6.07
N CYS F 835 91.09 -17.10 -5.82
CA CYS F 835 89.85 -16.89 -6.56
C CYS F 835 88.72 -16.57 -5.59
N PRO F 836 87.88 -15.59 -5.92
CA PRO F 836 86.89 -15.11 -4.97
C PRO F 836 85.81 -16.13 -4.73
N PRO F 837 85.22 -16.14 -3.54
CA PRO F 837 84.03 -16.97 -3.32
C PRO F 837 82.82 -16.39 -4.06
N GLY F 838 81.87 -17.27 -4.35
CA GLY F 838 80.65 -16.87 -5.02
C GLY F 838 80.63 -17.03 -6.53
N LYS F 839 81.54 -17.82 -7.10
CA LYS F 839 81.64 -18.00 -8.54
C LYS F 839 81.35 -19.47 -8.87
N ARG F 840 80.37 -19.69 -9.75
CA ARG F 840 79.93 -21.04 -10.08
C ARG F 840 79.86 -21.22 -11.58
N LEU F 841 80.03 -22.46 -12.02
CA LEU F 841 79.79 -22.85 -13.41
C LEU F 841 78.47 -23.61 -13.50
N ALA F 842 77.70 -23.36 -14.55
CA ALA F 842 76.37 -23.94 -14.65
C ALA F 842 76.07 -24.32 -16.09
N PHE F 843 75.09 -25.20 -16.25
CA PHE F 843 74.65 -25.69 -17.55
C PHE F 843 73.58 -24.75 -18.11
N ASP F 844 73.86 -24.14 -19.26
CA ASP F 844 72.94 -23.20 -19.92
C ASP F 844 71.89 -24.00 -20.65
N VAL F 845 70.79 -24.30 -19.93
CA VAL F 845 69.78 -25.23 -20.45
C VAL F 845 69.02 -24.63 -21.63
N SER F 846 68.68 -23.33 -21.56
CA SER F 846 67.89 -22.71 -22.61
C SER F 846 68.65 -22.65 -23.93
N TYR F 847 69.91 -22.19 -23.89
CA TYR F 847 70.70 -22.13 -25.11
C TYR F 847 70.96 -23.51 -25.67
N THR F 848 71.16 -24.50 -24.79
CA THR F 848 71.40 -25.87 -25.26
C THR F 848 70.16 -26.45 -25.91
N ILE F 849 68.98 -26.19 -25.36
CA ILE F 849 67.76 -26.72 -25.96
C ILE F 849 67.46 -26.01 -27.27
N MET F 850 67.82 -24.71 -27.36
CA MET F 850 67.73 -24.01 -28.64
C MET F 850 68.69 -24.61 -29.66
N HIS F 851 69.90 -24.96 -29.23
CA HIS F 851 70.87 -25.54 -30.16
C HIS F 851 70.43 -26.94 -30.62
N SER F 852 69.78 -27.69 -29.72
CA SER F 852 69.23 -28.99 -30.12
C SER F 852 68.06 -28.83 -31.07
N GLU F 853 67.26 -27.77 -30.92
CA GLU F 853 66.17 -27.50 -31.83
C GLU F 853 66.60 -26.75 -33.08
N GLU F 854 67.87 -26.35 -33.17
CA GLU F 854 68.38 -25.67 -34.36
C GLU F 854 69.39 -26.48 -35.15
N ILE F 855 69.97 -27.53 -34.58
CA ILE F 855 70.98 -28.32 -35.28
C ILE F 855 70.34 -29.50 -36.02
N ASN F 856 69.55 -30.30 -35.31
CA ASN F 856 68.75 -31.34 -35.94
C ASN F 856 67.31 -30.91 -36.18
N LYS F 857 66.93 -29.72 -35.72
CA LYS F 857 65.63 -29.09 -35.99
C LYS F 857 64.46 -29.89 -35.45
N HIS F 858 64.69 -30.82 -34.54
CA HIS F 858 63.61 -31.58 -33.92
C HIS F 858 64.06 -32.06 -32.54
N TYR F 859 63.09 -32.24 -31.66
CA TYR F 859 63.38 -32.59 -30.28
C TYR F 859 62.19 -33.33 -29.67
N PHE F 860 62.49 -34.16 -28.67
CA PHE F 860 61.48 -34.94 -27.96
C PHE F 860 62.08 -35.38 -26.63
N ASP F 861 61.30 -35.23 -25.56
CA ASP F 861 61.77 -35.56 -24.22
C ASP F 861 61.45 -37.01 -23.88
N CYS F 862 61.82 -37.41 -22.66
CA CYS F 862 61.63 -38.77 -22.21
C CYS F 862 60.16 -39.03 -21.88
N VAL F 863 59.86 -40.30 -21.59
CA VAL F 863 58.50 -40.67 -21.23
C VAL F 863 58.09 -40.02 -19.92
N ILE F 864 58.98 -40.02 -18.92
CA ILE F 864 58.75 -39.35 -17.66
C ILE F 864 59.43 -37.99 -17.77
N LYS F 865 58.66 -36.97 -18.15
CA LYS F 865 59.21 -35.65 -18.39
C LYS F 865 59.53 -34.95 -17.07
N ASP F 866 60.75 -34.42 -16.96
CA ASP F 866 61.19 -33.67 -15.80
C ASP F 866 61.58 -32.26 -16.24
N ALA F 867 60.98 -31.25 -15.61
CA ALA F 867 61.27 -29.87 -15.98
C ALA F 867 62.70 -29.48 -15.62
N GLU F 868 63.21 -29.97 -14.49
CA GLU F 868 64.54 -29.58 -14.05
C GLU F 868 65.63 -30.24 -14.88
N MET F 869 65.43 -31.49 -15.29
CA MET F 869 66.45 -32.29 -15.96
C MET F 869 65.93 -32.78 -17.30
N PRO F 870 66.39 -32.22 -18.42
CA PRO F 870 65.87 -32.64 -19.72
C PRO F 870 66.52 -33.93 -20.21
N CYS F 871 65.98 -34.42 -21.32
CA CYS F 871 66.42 -35.66 -21.96
C CYS F 871 66.93 -35.35 -23.35
N PHE F 872 68.12 -35.85 -23.67
CA PHE F 872 68.77 -35.60 -24.96
C PHE F 872 68.79 -36.88 -25.78
N LEU F 873 68.43 -36.77 -27.05
CA LEU F 873 68.31 -37.93 -27.92
C LEU F 873 69.66 -38.35 -28.45
N PHE F 874 69.85 -39.67 -28.61
CA PHE F 874 71.12 -40.22 -29.04
C PHE F 874 71.48 -39.80 -30.45
N ARG F 875 70.48 -39.74 -31.34
CA ARG F 875 70.73 -39.42 -32.74
C ARG F 875 71.14 -37.96 -32.95
N ASP F 876 71.02 -37.11 -31.92
CA ASP F 876 71.37 -35.71 -32.04
C ASP F 876 72.78 -35.47 -31.51
N LEU F 877 73.57 -34.75 -32.30
CA LEU F 877 74.88 -34.29 -31.83
C LEU F 877 74.70 -33.31 -30.68
N PHE F 878 75.57 -33.44 -29.68
CA PHE F 878 75.43 -32.71 -28.41
C PHE F 878 76.46 -31.59 -28.41
N GLN F 879 75.99 -30.35 -28.30
CA GLN F 879 76.85 -29.17 -28.23
C GLN F 879 76.44 -28.33 -27.03
N PRO F 880 76.93 -28.66 -25.84
CA PRO F 880 76.54 -27.90 -24.65
C PRO F 880 77.17 -26.53 -24.61
N PHE F 881 76.50 -25.62 -23.91
CA PHE F 881 77.05 -24.30 -23.59
C PHE F 881 76.90 -24.09 -22.09
N PHE F 882 77.76 -23.22 -21.55
CA PHE F 882 77.90 -23.09 -20.10
C PHE F 882 77.86 -21.62 -19.70
N LEU F 883 77.52 -21.40 -18.44
CA LEU F 883 77.39 -20.07 -17.86
C LEU F 883 78.28 -19.96 -16.63
N VAL F 884 78.78 -18.76 -16.39
CA VAL F 884 79.52 -18.43 -15.18
C VAL F 884 78.67 -17.46 -14.37
N GLN F 885 78.27 -17.89 -13.18
CA GLN F 885 77.36 -17.15 -12.32
C GLN F 885 78.13 -16.57 -11.16
N ASP F 886 77.88 -15.29 -10.86
CA ASP F 886 78.41 -14.63 -9.68
C ASP F 886 77.26 -14.49 -8.68
N LEU F 887 77.34 -15.23 -7.58
CA LEU F 887 76.26 -15.24 -6.61
C LEU F 887 76.26 -14.02 -5.71
N VAL F 888 77.32 -13.21 -5.72
CA VAL F 888 77.35 -12.02 -4.87
C VAL F 888 76.87 -10.78 -5.58
N THR F 889 76.68 -10.83 -6.90
CA THR F 889 76.14 -9.71 -7.65
C THR F 889 75.19 -10.27 -8.70
N GLY F 890 74.80 -9.43 -9.65
CA GLY F 890 73.70 -9.80 -10.52
C GLY F 890 74.05 -10.41 -11.86
N ASP F 891 75.32 -10.33 -12.26
CA ASP F 891 75.67 -10.71 -13.63
C ASP F 891 75.75 -12.22 -13.77
N SER F 892 75.67 -12.68 -15.02
CA SER F 892 75.79 -14.09 -15.35
C SER F 892 76.33 -14.18 -16.78
N GLY F 893 77.64 -14.40 -16.90
CA GLY F 893 78.26 -14.41 -18.20
C GLY F 893 78.25 -15.78 -18.86
N SER F 894 78.66 -15.81 -20.11
CA SER F 894 78.80 -17.05 -20.86
C SER F 894 80.26 -17.51 -20.82
N PHE F 895 80.46 -18.80 -20.60
CA PHE F 895 81.80 -19.33 -20.39
C PHE F 895 82.57 -19.32 -21.71
N LEU F 896 83.40 -18.30 -21.88
CA LEU F 896 84.24 -18.18 -23.07
C LEU F 896 85.63 -18.70 -22.75
N GLY F 897 85.74 -20.02 -22.67
CA GLY F 897 86.98 -20.66 -22.32
C GLY F 897 86.97 -22.12 -22.70
N SER F 898 88.13 -22.75 -22.54
CA SER F 898 88.28 -24.15 -22.87
C SER F 898 88.03 -25.02 -21.65
N TYR F 899 87.85 -26.32 -21.90
CA TYR F 899 87.58 -27.27 -20.82
C TYR F 899 87.84 -28.67 -21.33
N VAL F 900 87.79 -29.63 -20.40
CA VAL F 900 87.93 -31.04 -20.71
C VAL F 900 86.67 -31.75 -20.24
N LEU F 901 86.12 -32.59 -21.11
CA LEU F 901 84.87 -33.30 -20.84
C LEU F 901 85.14 -34.79 -20.81
N LYS F 902 84.71 -35.45 -19.73
CA LYS F 902 84.80 -36.90 -19.66
C LYS F 902 83.68 -37.42 -18.78
N VAL F 903 83.36 -38.70 -18.96
CA VAL F 903 82.26 -39.35 -18.26
C VAL F 903 82.86 -40.14 -17.10
N VAL F 904 82.67 -39.64 -15.87
CA VAL F 904 83.25 -40.28 -14.71
C VAL F 904 82.27 -41.22 -14.00
N GLY F 905 81.07 -41.39 -14.51
CA GLY F 905 80.16 -42.35 -13.92
C GLY F 905 78.96 -42.60 -14.80
N GLY F 906 78.22 -43.65 -14.47
CA GLY F 906 77.06 -44.02 -15.26
C GLY F 906 76.13 -44.93 -14.50
N GLY F 907 74.91 -45.03 -15.02
CA GLY F 907 73.90 -45.91 -14.44
C GLY F 907 72.74 -46.13 -15.37
N ARG F 908 72.01 -47.22 -15.11
CA ARG F 908 70.82 -47.52 -15.91
C ARG F 908 69.62 -46.68 -15.49
N THR F 909 69.61 -46.21 -14.25
CA THR F 909 68.56 -45.34 -13.72
C THR F 909 69.21 -44.33 -12.78
N LEU F 910 68.39 -43.61 -12.04
CA LEU F 910 68.90 -42.73 -11.01
C LEU F 910 69.43 -43.56 -9.83
N ASN F 911 70.24 -42.89 -9.00
CA ASN F 911 70.94 -43.44 -7.84
C ASN F 911 71.56 -44.81 -8.10
N THR F 912 72.08 -45.02 -9.31
CA THR F 912 72.83 -46.22 -9.67
C THR F 912 74.20 -45.86 -10.24
N ILE F 913 74.70 -44.67 -9.92
CA ILE F 913 75.93 -44.17 -10.50
C ILE F 913 77.12 -44.78 -9.77
N ARG F 914 78.05 -45.37 -10.53
CA ARG F 914 79.27 -45.93 -9.97
C ARG F 914 80.47 -45.22 -10.58
N ASP F 915 81.44 -44.90 -9.73
CA ASP F 915 82.63 -44.19 -10.16
C ASP F 915 83.57 -45.11 -10.93
N TYR F 916 84.42 -44.51 -11.76
CA TYR F 916 85.39 -45.22 -12.57
C TYR F 916 86.80 -44.85 -12.09
N THR F 917 87.78 -45.58 -12.59
CA THR F 917 89.18 -45.36 -12.24
C THR F 917 89.90 -44.65 -13.38
N GLU F 918 91.18 -44.33 -13.14
CA GLU F 918 91.95 -43.56 -14.12
C GLU F 918 92.17 -44.36 -15.41
N GLU F 919 92.53 -45.64 -15.28
CA GLU F 919 92.62 -46.48 -16.46
C GLU F 919 91.24 -46.71 -17.09
N GLU F 920 90.21 -46.80 -16.26
CA GLU F 920 88.84 -46.86 -16.78
C GLU F 920 88.47 -45.59 -17.53
N ILE F 921 88.86 -44.43 -16.99
CA ILE F 921 88.58 -43.16 -17.66
C ILE F 921 89.32 -43.09 -18.99
N PHE F 922 90.56 -43.58 -19.02
CA PHE F 922 91.31 -43.65 -20.26
C PHE F 922 90.64 -44.58 -21.26
N ARG F 923 90.12 -45.71 -20.79
CA ARG F 923 89.45 -46.65 -21.69
C ARG F 923 88.17 -46.06 -22.26
N TYR F 924 87.42 -45.30 -21.47
CA TYR F 924 86.12 -44.81 -21.90
C TYR F 924 86.17 -43.49 -22.65
N ASN F 925 87.17 -42.64 -22.41
CA ASN F 925 87.13 -41.26 -22.90
C ASN F 925 88.47 -40.82 -23.48
N SER F 926 89.16 -41.71 -24.21
CA SER F 926 90.40 -41.29 -24.84
C SER F 926 90.50 -41.84 -26.25
N PRO F 927 91.00 -41.05 -27.19
CA PRO F 927 91.31 -41.57 -28.52
C PRO F 927 92.58 -42.41 -28.61
N LEU F 928 93.13 -42.84 -27.47
CA LEU F 928 94.34 -43.64 -27.43
C LEU F 928 94.10 -45.06 -26.96
N ASP F 929 92.89 -45.39 -26.50
CA ASP F 929 92.57 -46.74 -26.09
C ASP F 929 92.10 -47.54 -27.30
N THR F 930 92.85 -48.59 -27.65
CA THR F 930 92.54 -49.36 -28.84
C THR F 930 91.34 -50.27 -28.67
N THR F 931 90.95 -50.60 -27.44
CA THR F 931 89.78 -51.43 -27.21
C THR F 931 88.51 -50.69 -27.59
N ASN F 932 87.51 -51.45 -28.05
CA ASN F 932 86.23 -50.87 -28.47
C ASN F 932 85.43 -50.48 -27.23
N SER F 933 85.89 -49.41 -26.58
CA SER F 933 85.28 -48.90 -25.36
C SER F 933 84.99 -47.40 -25.46
N LEU F 934 85.04 -46.84 -26.66
CA LEU F 934 84.83 -45.41 -26.86
C LEU F 934 83.37 -45.08 -26.61
N ILE F 935 83.10 -44.38 -25.50
CA ILE F 935 81.73 -43.94 -25.22
C ILE F 935 81.30 -42.86 -26.20
N TRP F 936 82.18 -41.91 -26.48
CA TRP F 936 81.85 -40.82 -27.38
C TRP F 936 83.11 -40.38 -28.11
N LYS F 937 82.93 -39.54 -29.12
CA LYS F 937 84.04 -39.15 -29.97
C LYS F 937 83.67 -37.86 -30.71
N THR F 938 84.63 -36.96 -30.80
CA THR F 938 84.50 -35.72 -31.56
C THR F 938 85.65 -35.61 -32.56
N LYS F 939 85.62 -34.56 -33.37
CA LYS F 939 86.65 -34.31 -34.38
C LYS F 939 87.24 -32.93 -34.12
N VAL F 940 88.29 -32.87 -33.30
CA VAL F 940 88.97 -31.63 -32.98
C VAL F 940 90.47 -31.83 -33.08
N GLU F 941 91.19 -30.73 -33.29
CA GLU F 941 92.63 -30.75 -33.49
C GLU F 941 93.42 -30.35 -32.25
N ARG F 942 92.80 -29.65 -31.31
CA ARG F 942 93.44 -29.29 -30.06
C ARG F 942 93.22 -30.39 -29.03
N THR F 943 94.22 -30.60 -28.18
CA THR F 943 94.12 -31.66 -27.19
C THR F 943 95.06 -31.34 -26.03
N THR F 944 94.86 -32.04 -24.92
CA THR F 944 95.67 -31.84 -23.73
C THR F 944 97.05 -32.45 -23.92
N GLU F 945 97.90 -32.23 -22.91
CA GLU F 945 99.22 -32.85 -22.91
C GLU F 945 99.09 -34.36 -22.83
N ASP F 946 100.01 -35.06 -23.48
CA ASP F 946 100.04 -36.52 -23.68
C ASP F 946 98.90 -37.02 -24.55
N LYS F 947 98.15 -36.11 -25.20
CA LYS F 947 97.14 -36.41 -26.20
C LYS F 947 96.03 -37.33 -25.68
N LYS F 948 95.85 -37.41 -24.36
CA LYS F 948 94.92 -38.37 -23.80
C LYS F 948 93.47 -37.92 -23.96
N PHE F 949 93.19 -36.64 -23.79
CA PHE F 949 91.82 -36.14 -23.80
C PHE F 949 91.66 -35.04 -24.85
N TYR F 950 90.48 -34.44 -24.87
CA TYR F 950 90.12 -33.41 -25.83
C TYR F 950 89.97 -32.07 -25.13
N ILE F 951 90.27 -31.00 -25.86
CA ILE F 951 90.07 -29.64 -25.38
C ILE F 951 88.97 -29.02 -26.25
N MET F 952 87.87 -28.65 -25.62
CA MET F 952 86.71 -28.12 -26.34
C MET F 952 86.37 -26.73 -25.83
N SER F 953 85.69 -25.98 -26.67
CA SER F 953 85.20 -24.66 -26.33
C SER F 953 83.77 -24.55 -26.82
N HIS F 954 83.23 -23.34 -26.80
CA HIS F 954 81.89 -23.10 -27.30
C HIS F 954 81.81 -23.13 -28.82
N GLU F 955 82.95 -23.09 -29.51
CA GLU F 955 83.00 -23.20 -30.96
C GLU F 955 83.29 -24.61 -31.42
N SER F 956 83.30 -25.58 -30.51
CA SER F 956 83.54 -26.97 -30.88
C SER F 956 82.36 -27.49 -31.72
N PRO F 957 82.65 -28.39 -32.67
CA PRO F 957 81.56 -28.93 -33.51
C PRO F 957 80.50 -29.69 -32.73
N GLY F 958 80.88 -30.44 -31.70
CA GLY F 958 79.92 -31.16 -30.91
C GLY F 958 80.51 -32.47 -30.41
N VAL F 959 79.64 -33.27 -29.80
CA VAL F 959 79.99 -34.56 -29.22
C VAL F 959 79.05 -35.60 -29.80
N GLU F 960 79.61 -36.65 -30.40
CA GLU F 960 78.85 -37.75 -30.96
C GLU F 960 79.03 -38.98 -30.08
N TRP F 961 77.93 -39.61 -29.71
CA TRP F 961 77.94 -40.71 -28.76
C TRP F 961 78.15 -42.03 -29.49
N LEU F 962 79.13 -42.81 -29.03
CA LEU F 962 79.51 -44.06 -29.70
C LEU F 962 79.15 -45.29 -28.88
N CYS F 963 79.67 -45.38 -27.65
CA CYS F 963 79.44 -46.47 -26.69
C CYS F 963 79.58 -47.85 -27.34
N LEU F 964 80.84 -48.16 -27.67
CA LEU F 964 81.23 -49.38 -28.38
C LEU F 964 81.24 -50.62 -27.49
N GLU F 965 81.93 -51.67 -27.97
CA GLU F 965 81.75 -53.04 -27.47
C GLU F 965 81.99 -53.19 -25.97
N ASN F 966 82.89 -52.40 -25.39
CA ASN F 966 83.23 -52.52 -23.97
C ASN F 966 82.58 -51.44 -23.12
N SER F 967 81.37 -51.01 -23.50
CA SER F 967 80.64 -49.93 -22.87
C SER F 967 79.29 -50.42 -22.36
N PRO F 968 78.60 -49.63 -21.53
CA PRO F 968 77.24 -50.02 -21.11
C PRO F 968 76.23 -50.09 -22.24
N CYS F 969 76.49 -49.44 -23.39
CA CYS F 969 75.59 -49.58 -24.53
C CYS F 969 75.55 -51.01 -25.04
N TYR F 970 76.70 -51.67 -25.09
CA TYR F 970 76.77 -53.05 -25.56
C TYR F 970 76.06 -53.98 -24.57
N ASP F 971 75.27 -54.90 -25.11
CA ASP F 971 74.52 -55.90 -24.34
C ASP F 971 73.61 -55.25 -23.29
N ILE F 972 72.94 -54.18 -23.68
CA ILE F 972 71.87 -53.60 -22.88
C ILE F 972 70.54 -54.10 -23.42
N ILE F 973 69.60 -54.36 -22.51
CA ILE F 973 68.30 -54.89 -22.88
C ILE F 973 67.22 -54.07 -22.18
N PRO F 974 66.02 -53.95 -22.74
CA PRO F 974 64.95 -53.23 -22.05
C PRO F 974 64.43 -54.02 -20.85
N GLN F 975 63.98 -53.28 -19.84
CA GLN F 975 63.30 -53.87 -18.70
C GLN F 975 61.79 -53.72 -18.80
N SER F 976 61.29 -52.94 -19.75
CA SER F 976 59.87 -52.72 -19.96
C SER F 976 59.69 -52.22 -21.39
N ILE F 977 58.51 -51.69 -21.68
CA ILE F 977 58.24 -51.03 -22.96
C ILE F 977 58.97 -49.68 -22.95
N TYR F 978 59.06 -49.03 -24.13
CA TYR F 978 59.74 -47.77 -24.43
C TYR F 978 61.25 -47.99 -24.42
N PRO F 979 62.04 -47.18 -25.15
CA PRO F 979 63.47 -47.44 -25.24
C PRO F 979 64.16 -47.28 -23.89
N PRO F 980 65.27 -47.98 -23.68
CA PRO F 980 65.97 -47.87 -22.40
C PRO F 980 66.54 -46.48 -22.15
N GLU F 981 66.67 -46.14 -20.88
CA GLU F 981 67.21 -44.87 -20.43
C GLU F 981 68.56 -45.10 -19.76
N PHE F 982 69.46 -44.13 -19.89
CA PHE F 982 70.75 -44.21 -19.22
C PHE F 982 71.16 -42.84 -18.69
N PHE F 983 71.99 -42.86 -17.65
CA PHE F 983 72.39 -41.66 -16.94
C PHE F 983 73.91 -41.60 -16.95
N PHE F 984 74.46 -40.44 -17.34
CA PHE F 984 75.90 -40.23 -17.38
C PHE F 984 76.26 -39.14 -16.40
N LYS F 985 77.19 -39.44 -15.50
CA LYS F 985 77.75 -38.43 -14.59
C LYS F 985 79.08 -37.97 -15.19
N LEU F 986 79.11 -36.71 -15.62
CA LEU F 986 80.23 -36.16 -16.37
C LEU F 986 80.64 -34.82 -15.78
N LEU F 987 81.93 -34.53 -15.87
CA LEU F 987 82.50 -33.33 -15.29
C LEU F 987 83.13 -32.44 -16.37
N VAL F 988 83.08 -31.14 -16.11
CA VAL F 988 83.77 -30.13 -16.90
C VAL F 988 84.79 -29.47 -15.98
N SER F 989 86.05 -29.48 -16.39
CA SER F 989 87.15 -28.96 -15.60
C SER F 989 87.94 -27.95 -16.42
N ASN F 990 88.54 -26.99 -15.71
CA ASN F 990 89.27 -25.87 -16.30
C ASN F 990 90.67 -25.79 -15.75
N ARG F 991 91.33 -26.94 -15.55
CA ARG F 991 92.50 -26.98 -14.69
C ARG F 991 93.72 -26.37 -15.37
N GLY F 992 94.18 -26.98 -16.45
CA GLY F 992 95.40 -26.49 -17.09
C GLY F 992 95.17 -25.92 -18.47
N VAL F 993 93.91 -25.62 -18.78
CA VAL F 993 93.53 -25.21 -20.13
C VAL F 993 93.12 -23.75 -20.22
N ASP F 994 93.06 -23.03 -19.11
CA ASP F 994 92.72 -21.61 -19.13
C ASP F 994 93.75 -20.83 -18.33
N ASN F 995 94.05 -19.62 -18.82
CA ASN F 995 94.98 -18.69 -18.18
C ASN F 995 94.29 -17.35 -17.94
N SER F 996 93.08 -17.40 -17.39
CA SER F 996 92.27 -16.22 -17.19
C SER F 996 91.86 -16.00 -15.74
N THR F 997 91.58 -17.07 -15.00
CA THR F 997 91.18 -16.99 -13.61
C THR F 997 92.17 -17.78 -12.75
N TYR F 998 92.12 -17.54 -11.44
CA TYR F 998 93.06 -18.17 -10.52
C TYR F 998 92.54 -19.47 -9.92
N CYS F 999 91.34 -19.89 -10.25
CA CYS F 999 90.88 -21.18 -9.76
C CYS F 999 89.84 -21.75 -10.71
N ASP F 1000 89.89 -23.06 -10.89
CA ASP F 1000 89.12 -23.75 -11.89
C ASP F 1000 87.80 -24.25 -11.33
N TYR F 1001 86.84 -24.43 -12.23
CA TYR F 1001 85.54 -24.97 -11.89
C TYR F 1001 85.50 -26.44 -12.26
N LYS F 1002 84.89 -27.25 -11.40
CA LYS F 1002 84.67 -28.66 -11.68
C LYS F 1002 83.16 -28.87 -11.62
N LEU F 1003 82.48 -28.62 -12.73
CA LEU F 1003 81.04 -28.84 -12.79
C LEU F 1003 80.81 -30.31 -13.08
N THR F 1004 80.51 -31.08 -12.05
CA THR F 1004 80.22 -32.50 -12.18
C THR F 1004 78.70 -32.67 -12.13
N PHE F 1005 78.08 -32.80 -13.28
CA PHE F 1005 76.64 -32.91 -13.35
C PHE F 1005 76.26 -34.26 -13.97
N ILE F 1006 74.97 -34.45 -14.22
CA ILE F 1006 74.43 -35.70 -14.75
C ILE F 1006 73.55 -35.36 -15.94
N VAL F 1007 73.74 -36.08 -17.04
CA VAL F 1007 72.92 -35.94 -18.23
C VAL F 1007 72.14 -37.23 -18.41
N HIS F 1008 71.05 -37.13 -19.16
CA HIS F 1008 70.15 -38.24 -19.43
C HIS F 1008 70.19 -38.53 -20.93
N ILE F 1009 70.31 -39.81 -21.28
CA ILE F 1009 70.30 -40.23 -22.68
C ILE F 1009 69.24 -41.30 -22.88
N HIS F 1010 68.32 -41.06 -23.80
CA HIS F 1010 67.31 -42.02 -24.19
C HIS F 1010 67.46 -42.35 -25.67
N GLY F 1011 66.72 -43.36 -26.10
CA GLY F 1011 66.91 -43.89 -27.44
C GLY F 1011 68.25 -44.56 -27.64
N LEU F 1012 68.68 -45.37 -26.67
CA LEU F 1012 69.96 -46.06 -26.77
C LEU F 1012 69.90 -47.10 -27.89
N PRO F 1013 70.94 -47.19 -28.72
CA PRO F 1013 70.87 -48.02 -29.92
C PRO F 1013 71.07 -49.50 -29.58
N LEU F 1014 70.99 -50.33 -30.61
CA LEU F 1014 71.15 -51.77 -30.49
C LEU F 1014 72.45 -52.21 -31.14
N SER F 1015 73.15 -53.12 -30.48
CA SER F 1015 74.38 -53.68 -31.02
C SER F 1015 74.08 -54.51 -32.28
N SER F 1016 75.05 -54.53 -33.19
CA SER F 1016 74.91 -55.32 -34.41
C SER F 1016 74.82 -56.81 -34.12
N LYS F 1017 75.34 -57.25 -32.97
CA LYS F 1017 75.15 -58.62 -32.54
C LYS F 1017 73.67 -58.94 -32.33
N ARG F 1018 72.93 -58.00 -31.72
CA ARG F 1018 71.50 -58.21 -31.52
C ARG F 1018 70.76 -58.28 -32.85
N THR F 1019 71.11 -57.40 -33.80
CA THR F 1019 70.46 -57.42 -35.10
C THR F 1019 70.76 -58.72 -35.85
N SER F 1020 72.02 -59.17 -35.81
CA SER F 1020 72.35 -60.45 -36.43
C SER F 1020 71.60 -61.61 -35.77
N PHE F 1021 71.50 -61.58 -34.44
CA PHE F 1021 70.78 -62.61 -33.71
C PHE F 1021 69.32 -62.67 -34.12
N ILE F 1022 68.64 -61.53 -34.11
CA ILE F 1022 67.20 -61.52 -34.40
C ILE F 1022 66.95 -61.88 -35.86
N VAL F 1023 67.78 -61.38 -36.79
CA VAL F 1023 67.59 -61.67 -38.20
C VAL F 1023 67.81 -63.16 -38.47
N MET F 1024 68.89 -63.73 -37.93
CA MET F 1024 69.20 -65.12 -38.18
C MET F 1024 68.19 -66.05 -37.52
N VAL F 1025 67.73 -65.72 -36.30
CA VAL F 1025 66.75 -66.57 -35.66
C VAL F 1025 65.39 -66.47 -36.35
N SER F 1026 65.03 -65.29 -36.87
CA SER F 1026 63.79 -65.17 -37.62
C SER F 1026 63.86 -65.97 -38.91
N THR F 1027 64.98 -65.90 -39.62
CA THR F 1027 65.15 -66.68 -40.85
C THR F 1027 65.07 -68.16 -40.56
N SER F 1028 65.76 -68.62 -39.52
CA SER F 1028 65.77 -70.06 -39.21
C SER F 1028 64.39 -70.55 -38.78
N PHE F 1029 63.71 -69.80 -37.91
CA PHE F 1029 62.41 -70.24 -37.43
C PHE F 1029 61.36 -70.22 -38.54
N PHE F 1030 61.37 -69.18 -39.37
CA PHE F 1030 60.41 -69.14 -40.47
C PHE F 1030 60.72 -70.19 -41.53
N ILE F 1031 62.01 -70.47 -41.79
CA ILE F 1031 62.36 -71.56 -42.69
C ILE F 1031 61.84 -72.88 -42.15
N ALA F 1032 62.02 -73.13 -40.85
CA ALA F 1032 61.52 -74.36 -40.25
C ALA F 1032 60.00 -74.46 -40.35
N LEU F 1033 59.29 -73.36 -40.10
CA LEU F 1033 57.83 -73.40 -40.16
C LEU F 1033 57.32 -73.61 -41.58
N VAL F 1034 57.93 -72.92 -42.56
CA VAL F 1034 57.51 -73.09 -43.95
C VAL F 1034 57.85 -74.48 -44.46
N VAL F 1035 58.99 -75.05 -44.03
CA VAL F 1035 59.31 -76.43 -44.42
C VAL F 1035 58.35 -77.42 -43.77
N PHE F 1036 57.92 -77.17 -42.53
CA PHE F 1036 56.89 -78.00 -41.92
C PHE F 1036 55.60 -77.93 -42.72
N TYR F 1037 55.22 -76.71 -43.16
CA TYR F 1037 54.04 -76.54 -43.99
C TYR F 1037 54.17 -77.30 -45.30
N ILE F 1038 55.34 -77.22 -45.93
CA ILE F 1038 55.56 -77.87 -47.23
C ILE F 1038 55.49 -79.38 -47.09
N LEU F 1039 56.13 -79.93 -46.05
CA LEU F 1039 56.16 -81.37 -45.88
C LEU F 1039 54.78 -81.91 -45.48
N PHE F 1040 54.09 -81.24 -44.56
CA PHE F 1040 52.79 -81.72 -44.12
C PHE F 1040 51.69 -81.42 -45.13
N CYS F 1041 51.94 -80.55 -46.10
CA CYS F 1041 50.99 -80.35 -47.18
C CYS F 1041 51.03 -81.49 -48.19
N LEU F 1042 52.19 -82.08 -48.40
CA LEU F 1042 52.33 -83.20 -49.32
C LEU F 1042 51.71 -84.47 -48.75
N HIS G 1 107.30 56.77 -8.21
CA HIS G 1 107.23 55.81 -7.11
C HIS G 1 106.03 54.89 -7.28
N THR G 2 104.84 55.43 -7.00
CA THR G 2 103.60 54.68 -7.14
C THR G 2 103.13 54.76 -8.59
N LEU G 3 102.03 54.05 -8.88
CA LEU G 3 101.32 54.11 -10.16
C LEU G 3 102.21 53.60 -11.29
N CYS G 4 102.85 54.52 -12.01
CA CYS G 4 103.63 54.16 -13.18
C CYS G 4 105.11 54.44 -12.95
N ARG G 5 105.94 53.74 -13.72
CA ARG G 5 107.34 54.10 -13.92
C ARG G 5 107.53 54.39 -15.40
N VAL G 6 108.03 55.58 -15.72
CA VAL G 6 108.08 56.02 -17.11
C VAL G 6 109.16 55.25 -17.85
N HIS G 7 108.80 54.72 -19.01
CA HIS G 7 109.73 54.00 -19.87
C HIS G 7 109.61 54.54 -21.28
N THR G 8 110.75 54.83 -21.92
CA THR G 8 110.74 55.47 -23.23
C THR G 8 111.09 54.46 -24.31
N VAL G 9 110.45 54.61 -25.46
CA VAL G 9 110.68 53.77 -26.63
C VAL G 9 111.15 54.64 -27.79
N ARG G 10 112.25 54.23 -28.41
CA ARG G 10 112.83 54.91 -29.56
C ARG G 10 113.68 53.92 -30.34
N THR G 11 113.59 53.97 -31.67
CA THR G 11 114.36 53.12 -32.55
C THR G 11 114.72 53.91 -33.80
N GLY G 12 115.48 53.27 -34.69
CA GLY G 12 115.75 53.83 -36.00
C GLY G 12 116.76 54.95 -36.04
N LYS G 13 117.40 55.28 -34.92
CA LYS G 13 118.39 56.34 -34.88
C LYS G 13 119.72 55.80 -34.33
N VAL G 14 120.02 54.54 -34.63
CA VAL G 14 121.30 53.96 -34.22
C VAL G 14 122.44 54.59 -35.01
N PHE G 15 122.22 54.88 -36.30
CA PHE G 15 123.27 55.42 -37.14
C PHE G 15 122.84 56.73 -37.77
N LYS G 16 123.64 57.24 -38.71
CA LYS G 16 123.40 58.53 -39.33
C LYS G 16 122.60 58.32 -40.61
N SER G 17 121.31 58.08 -40.44
CA SER G 17 120.38 57.92 -41.55
C SER G 17 119.64 59.22 -41.78
N ASN G 18 119.55 59.64 -43.04
CA ASN G 18 118.86 60.87 -43.40
C ASN G 18 117.40 60.54 -43.69
N ILE G 19 116.53 60.86 -42.73
CA ILE G 19 115.09 60.69 -42.87
C ILE G 19 114.41 62.02 -42.56
N GLN G 20 113.50 62.43 -43.43
CA GLN G 20 112.84 63.73 -43.28
C GLN G 20 111.37 63.57 -43.64
N LEU G 21 110.55 64.46 -43.07
CA LEU G 21 109.12 64.46 -43.33
C LEU G 21 108.81 65.32 -44.56
N GLN G 22 107.74 64.96 -45.25
CA GLN G 22 107.29 65.69 -46.44
C GLN G 22 105.79 65.93 -46.35
N GLY G 23 105.37 67.14 -46.68
CA GLY G 23 103.98 67.51 -46.65
C GLY G 23 103.61 68.25 -45.37
N ASP G 24 102.40 68.81 -45.39
CA ASP G 24 101.90 69.58 -44.26
C ASP G 24 101.60 68.66 -43.08
N PRO G 25 101.72 69.18 -41.86
CA PRO G 25 101.40 68.35 -40.68
C PRO G 25 99.90 68.18 -40.50
N LEU G 26 99.55 67.19 -39.70
CA LEU G 26 98.16 66.89 -39.34
C LEU G 26 97.97 67.22 -37.87
N PHE G 27 97.00 68.08 -37.57
CA PHE G 27 96.75 68.50 -36.19
C PHE G 27 95.26 68.42 -35.88
N TYR G 28 94.96 68.10 -34.64
CA TYR G 28 93.59 67.98 -34.17
C TYR G 28 92.93 69.36 -34.11
N ALA G 29 91.60 69.35 -34.13
CA ALA G 29 90.81 70.57 -34.15
C ALA G 29 90.24 70.92 -32.78
N PHE G 30 90.65 70.23 -31.73
CA PHE G 30 90.17 70.49 -30.38
C PHE G 30 91.35 70.56 -29.42
N PRO G 31 91.20 71.29 -28.31
CA PRO G 31 92.27 71.32 -27.30
C PRO G 31 92.59 69.97 -26.69
N ASN G 32 91.62 69.07 -26.56
CA ASN G 32 91.87 67.79 -25.92
C ASN G 32 92.61 66.85 -26.88
N THR G 33 93.13 65.76 -26.31
CA THR G 33 93.85 64.74 -27.06
C THR G 33 93.12 63.41 -26.92
N PHE G 34 93.16 62.61 -27.98
CA PHE G 34 92.44 61.35 -28.01
C PHE G 34 93.33 60.26 -28.59
N VAL G 35 93.05 59.02 -28.23
CA VAL G 35 93.73 57.87 -28.81
C VAL G 35 92.64 56.90 -29.27
N LEU G 36 92.36 56.89 -30.56
CA LEU G 36 91.35 56.02 -31.12
C LEU G 36 91.94 54.65 -31.40
N LYS G 37 91.30 53.62 -30.86
CA LYS G 37 91.76 52.24 -30.98
C LYS G 37 90.86 51.48 -31.93
N ASN G 38 91.45 50.79 -32.90
CA ASN G 38 90.69 49.89 -33.74
C ASN G 38 90.22 48.69 -32.92
N VAL G 39 88.99 48.24 -33.19
CA VAL G 39 88.36 47.24 -32.33
C VAL G 39 88.97 45.87 -32.54
N CYS G 40 89.00 45.39 -33.78
CA CYS G 40 89.49 44.04 -34.05
C CYS G 40 91.01 44.01 -34.01
N LYS G 41 91.66 44.78 -34.88
CA LYS G 41 93.12 44.91 -34.84
C LYS G 41 93.46 45.86 -33.71
N ALA G 42 93.65 45.29 -32.51
CA ALA G 42 93.94 46.12 -31.34
C ALA G 42 95.31 46.77 -31.39
N ASP G 43 96.20 46.28 -32.26
CA ASP G 43 97.53 46.88 -32.35
C ASP G 43 97.49 48.24 -33.04
N ILE G 44 96.70 48.38 -34.10
CA ILE G 44 96.67 49.61 -34.87
C ILE G 44 95.90 50.67 -34.09
N SER G 45 96.46 51.87 -34.00
CA SER G 45 95.79 52.95 -33.27
C SER G 45 96.17 54.30 -33.87
N VAL G 46 95.36 55.31 -33.58
CA VAL G 46 95.63 56.68 -34.03
C VAL G 46 95.62 57.60 -32.82
N TYR G 47 96.75 58.24 -32.56
CA TYR G 47 96.86 59.29 -31.57
C TYR G 47 96.52 60.61 -32.25
N LEU G 48 95.38 61.19 -31.90
CA LEU G 48 94.95 62.48 -32.42
C LEU G 48 95.28 63.56 -31.40
N GLY G 49 96.08 64.53 -31.81
CA GLY G 49 96.49 65.62 -30.96
C GLY G 49 97.13 66.71 -31.79
N GLN G 50 98.15 67.39 -31.26
CA GLN G 50 98.84 68.41 -32.03
C GLN G 50 99.55 67.82 -33.23
N LYS G 51 99.98 66.56 -33.14
CA LYS G 51 100.50 65.80 -34.27
C LYS G 51 99.84 64.43 -34.27
N VAL G 52 99.33 64.01 -35.41
CA VAL G 52 98.56 62.79 -35.51
C VAL G 52 99.49 61.63 -35.85
N PHE G 53 99.46 60.58 -35.04
CA PHE G 53 100.35 59.44 -35.21
C PHE G 53 99.52 58.17 -35.43
N LEU G 54 99.83 57.45 -36.50
CA LEU G 54 99.12 56.23 -36.85
C LEU G 54 100.09 55.07 -36.70
N THR G 55 99.82 54.16 -35.77
CA THR G 55 100.74 53.10 -35.43
C THR G 55 100.18 51.74 -35.81
N ILE G 56 101.02 50.94 -36.47
CA ILE G 56 100.72 49.54 -36.72
C ILE G 56 100.82 48.75 -35.41
N ASP G 57 101.88 48.99 -34.64
CA ASP G 57 102.08 48.31 -33.37
C ASP G 57 101.46 49.10 -32.24
N ASN G 58 101.62 48.61 -31.01
CA ASN G 58 101.04 49.25 -29.83
C ASN G 58 101.91 50.43 -29.37
N PHE G 59 102.10 51.37 -30.29
CA PHE G 59 102.90 52.57 -30.09
C PHE G 59 104.32 52.23 -29.65
N GLU G 60 104.88 51.20 -30.26
CA GLU G 60 106.30 50.94 -30.19
C GLU G 60 107.02 51.67 -31.32
N SER G 61 108.35 51.58 -31.30
CA SER G 61 109.22 52.21 -32.29
C SER G 61 109.05 53.71 -32.37
N SER G 62 109.65 54.33 -33.37
CA SER G 62 109.54 55.76 -33.60
C SER G 62 108.66 56.00 -34.82
N LEU G 63 107.77 56.98 -34.69
CA LEU G 63 106.70 57.21 -35.66
C LEU G 63 106.84 58.59 -36.27
N LEU G 64 106.83 58.65 -37.60
CA LEU G 64 106.69 59.93 -38.28
C LEU G 64 105.23 60.37 -38.26
N PRO G 65 104.98 61.67 -38.21
CA PRO G 65 103.59 62.15 -38.20
C PRO G 65 102.89 61.87 -39.53
N LEU G 66 101.57 61.69 -39.44
CA LEU G 66 100.77 61.53 -40.65
C LEU G 66 100.81 62.81 -41.47
N THR G 67 100.93 62.65 -42.79
CA THR G 67 101.14 63.80 -43.67
C THR G 67 100.21 63.70 -44.87
N VAL G 68 99.97 64.85 -45.47
CA VAL G 68 99.16 64.98 -46.68
C VAL G 68 100.08 65.32 -47.84
N PRO G 69 100.05 64.60 -48.96
CA PRO G 69 101.09 64.73 -49.98
C PRO G 69 100.90 65.89 -50.96
N LYS G 70 99.97 66.81 -50.70
CA LYS G 70 99.86 68.11 -51.37
C LYS G 70 99.35 67.93 -52.81
N SER G 71 99.26 66.69 -53.28
CA SER G 71 98.70 66.41 -54.59
C SER G 71 97.20 66.69 -54.66
N LEU G 72 96.55 66.85 -53.51
CA LEU G 72 95.14 67.18 -53.42
C LEU G 72 94.99 68.37 -52.47
N ALA G 73 94.07 69.27 -52.79
CA ALA G 73 93.94 70.52 -52.06
C ALA G 73 93.09 70.30 -50.82
N VAL G 74 93.74 70.29 -49.65
CA VAL G 74 93.05 70.09 -48.38
C VAL G 74 92.97 71.36 -47.55
N GLY G 75 93.72 72.41 -47.91
CA GLY G 75 93.64 73.66 -47.17
C GLY G 75 94.20 73.49 -45.77
N VAL G 76 93.41 73.88 -44.77
CA VAL G 76 93.82 73.65 -43.38
C VAL G 76 93.69 72.17 -43.06
N PRO G 77 94.74 71.53 -42.57
CA PRO G 77 94.68 70.08 -42.29
C PRO G 77 94.22 69.77 -40.87
N SER G 78 92.98 70.08 -40.56
CA SER G 78 92.42 69.88 -39.24
C SER G 78 91.52 68.65 -39.23
N ILE G 79 91.73 67.77 -38.26
CA ILE G 79 91.00 66.52 -38.16
C ILE G 79 89.93 66.67 -37.08
N THR G 80 88.68 66.38 -37.44
CA THR G 80 87.57 66.51 -36.51
C THR G 80 86.96 65.17 -36.11
N SER G 81 87.02 64.16 -36.98
CA SER G 81 86.51 62.85 -36.63
C SER G 81 87.29 61.78 -37.38
N ALA G 82 87.67 60.73 -36.69
CA ALA G 82 88.38 59.60 -37.27
C ALA G 82 87.56 58.33 -37.05
N HIS G 83 87.51 57.49 -38.07
CA HIS G 83 86.74 56.25 -37.99
C HIS G 83 87.51 55.12 -38.65
N PHE G 84 87.23 53.89 -38.21
CA PHE G 84 87.88 52.70 -38.73
C PHE G 84 86.84 51.81 -39.38
N VAL G 85 86.92 51.67 -40.70
CA VAL G 85 86.07 50.72 -41.43
C VAL G 85 86.80 49.39 -41.54
N SER G 86 86.08 48.34 -41.89
CA SER G 86 86.67 47.02 -42.02
C SER G 86 87.65 46.98 -43.21
N GLY G 87 88.78 46.33 -43.00
CA GLY G 87 89.83 46.28 -44.00
C GLY G 87 91.13 46.88 -43.52
N SER G 88 91.65 47.86 -44.27
CA SER G 88 92.88 48.55 -43.88
C SER G 88 92.73 50.04 -44.15
N LEU G 89 91.55 50.59 -43.90
CA LEU G 89 91.24 51.97 -44.24
C LEU G 89 90.84 52.74 -42.99
N VAL G 90 91.19 54.02 -42.98
CA VAL G 90 90.78 54.94 -41.93
C VAL G 90 90.15 56.16 -42.59
N LEU G 91 89.07 56.66 -42.00
CA LEU G 91 88.30 57.75 -42.57
C LEU G 91 88.46 58.99 -41.72
N PHE G 92 88.88 60.08 -42.36
CA PHE G 92 89.04 61.38 -41.71
C PHE G 92 88.12 62.39 -42.38
N VAL G 93 87.85 63.48 -41.68
CA VAL G 93 87.09 64.60 -42.22
C VAL G 93 87.94 65.84 -42.01
N ILE G 94 88.61 66.29 -43.07
CA ILE G 94 89.54 67.42 -43.00
C ILE G 94 88.90 68.58 -43.73
N SER G 95 88.79 69.72 -43.02
CA SER G 95 88.27 70.97 -43.57
C SER G 95 86.88 70.80 -44.18
N GLY G 96 86.05 69.98 -43.54
CA GLY G 96 84.71 69.74 -44.02
C GLY G 96 84.60 68.73 -45.14
N LYS G 97 85.69 68.15 -45.60
CA LYS G 97 85.68 67.22 -46.72
C LYS G 97 86.18 65.86 -46.26
N GLY G 98 85.51 64.80 -46.72
CA GLY G 98 85.89 63.47 -46.30
C GLY G 98 87.08 62.92 -47.05
N TYR G 99 87.84 62.05 -46.38
CA TYR G 99 88.98 61.39 -46.99
C TYR G 99 89.16 60.02 -46.38
N SER G 100 89.82 59.14 -47.13
CA SER G 100 90.14 57.80 -46.70
C SER G 100 91.64 57.56 -46.89
N TYR G 101 92.20 56.71 -46.04
CA TYR G 101 93.64 56.49 -46.04
C TYR G 101 93.92 55.01 -45.81
N ASP G 102 94.71 54.41 -46.69
CA ASP G 102 95.10 53.01 -46.57
C ASP G 102 96.50 52.97 -45.98
N TYR G 103 96.64 52.40 -44.79
CA TYR G 103 97.91 52.51 -44.06
C TYR G 103 98.88 51.39 -44.36
N TYR G 104 98.42 50.23 -44.83
CA TYR G 104 99.37 49.23 -45.30
C TYR G 104 100.03 49.66 -46.60
N GLU G 105 99.30 50.36 -47.45
CA GLU G 105 99.87 51.14 -48.55
C GLU G 105 100.11 52.56 -48.04
N ASN G 106 100.31 53.51 -48.95
CA ASN G 106 100.31 54.93 -48.60
C ASN G 106 99.38 55.69 -49.52
N THR G 107 98.16 55.18 -49.67
CA THR G 107 97.20 55.69 -50.65
C THR G 107 96.14 56.55 -49.97
N TRP G 108 95.93 57.75 -50.50
CA TRP G 108 94.88 58.65 -50.09
C TRP G 108 93.75 58.62 -51.12
N ARG G 109 92.52 58.52 -50.62
CA ARG G 109 91.32 58.50 -51.46
C ARG G 109 90.44 59.66 -51.07
N LYS G 110 89.97 60.41 -52.06
CA LYS G 110 89.11 61.55 -51.80
C LYS G 110 87.65 61.12 -51.97
N LEU G 111 86.83 61.42 -50.98
CA LEU G 111 85.43 61.03 -51.00
C LEU G 111 84.66 61.91 -51.97
N GLU G 112 83.90 61.29 -52.87
CA GLU G 112 83.15 62.00 -53.89
C GLU G 112 81.66 62.10 -53.58
N GLY G 113 81.13 61.17 -52.79
CA GLY G 113 79.69 61.17 -52.54
C GLY G 113 79.20 62.40 -51.81
N ILE G 114 79.91 62.81 -50.77
CA ILE G 114 79.51 64.00 -50.02
C ILE G 114 79.79 65.25 -50.85
N SER G 115 78.89 66.22 -50.77
CA SER G 115 79.08 67.51 -51.43
C SER G 115 79.12 68.66 -50.44
N GLU G 116 78.17 68.74 -49.53
CA GLU G 116 78.16 69.80 -48.53
C GLU G 116 79.14 69.48 -47.41
N PRO G 117 79.67 70.50 -46.73
CA PRO G 117 80.68 70.24 -45.69
C PRO G 117 80.09 69.55 -44.47
N VAL G 118 80.70 68.43 -44.09
CA VAL G 118 80.29 67.67 -42.92
C VAL G 118 81.36 67.82 -41.84
N SER G 119 81.04 67.31 -40.65
CA SER G 119 81.96 67.44 -39.52
C SER G 119 82.10 66.19 -38.66
N HIS G 120 81.40 65.11 -38.94
CA HIS G 120 81.52 63.90 -38.13
C HIS G 120 81.07 62.70 -38.94
N ILE G 121 81.76 61.58 -38.74
CA ILE G 121 81.42 60.31 -39.35
C ILE G 121 81.17 59.32 -38.23
N SER G 122 80.03 58.63 -38.27
CA SER G 122 79.63 57.69 -37.24
C SER G 122 79.33 56.33 -37.85
N GLY G 123 79.55 55.28 -37.06
CA GLY G 123 79.31 53.93 -37.51
C GLY G 123 79.74 52.89 -36.50
N ASP G 124 79.23 51.67 -36.64
CA ASP G 124 79.50 50.59 -35.71
C ASP G 124 80.28 49.48 -36.40
N VAL G 125 81.22 48.87 -35.66
CA VAL G 125 82.09 47.83 -36.18
C VAL G 125 81.87 46.57 -35.34
N CYS G 126 81.65 45.45 -36.03
CA CYS G 126 81.64 44.14 -35.40
C CYS G 126 83.03 43.52 -35.45
N CYS G 127 83.33 42.68 -34.47
CA CYS G 127 84.65 42.08 -34.34
C CYS G 127 84.54 40.56 -34.26
N PHE G 128 83.78 39.98 -35.18
CA PHE G 128 83.62 38.53 -35.25
C PHE G 128 83.95 38.07 -36.66
N LYS G 129 84.65 36.94 -36.76
CA LYS G 129 85.02 36.40 -38.05
C LYS G 129 83.78 35.83 -38.74
N GLY G 130 83.53 36.28 -39.97
CA GLY G 130 82.38 35.83 -40.71
C GLY G 130 82.07 36.82 -41.83
N SER G 131 80.85 36.70 -42.35
CA SER G 131 80.36 37.61 -43.38
C SER G 131 79.02 38.23 -43.03
N PHE G 132 78.50 37.98 -41.83
CA PHE G 132 77.25 38.61 -41.43
C PHE G 132 77.46 40.07 -41.05
N CYS G 133 78.40 40.32 -40.15
CA CYS G 133 78.64 41.69 -39.70
C CYS G 133 79.64 42.43 -40.55
N LEU G 134 80.25 41.76 -41.55
CA LEU G 134 81.03 42.49 -42.54
C LEU G 134 80.17 43.45 -43.34
N GLU G 135 78.91 43.06 -43.61
CA GLU G 135 77.96 43.98 -44.22
C GLU G 135 77.41 44.98 -43.21
N LEU G 136 77.26 44.55 -41.95
CA LEU G 136 76.73 45.44 -40.90
C LEU G 136 77.68 46.60 -40.64
N SER G 137 78.98 46.38 -40.76
CA SER G 137 79.97 47.43 -40.53
C SER G 137 80.07 48.43 -41.68
N ASN G 138 79.14 48.38 -42.64
CA ASN G 138 79.19 49.24 -43.81
C ASN G 138 78.15 50.35 -43.79
N ASN G 139 77.31 50.43 -42.76
CA ASN G 139 76.30 51.48 -42.66
C ASN G 139 76.89 52.65 -41.88
N LEU G 140 77.25 53.71 -42.60
CA LEU G 140 77.96 54.85 -42.04
C LEU G 140 77.15 56.12 -42.23
N PHE G 141 77.23 57.01 -41.25
CA PHE G 141 76.54 58.29 -41.27
C PHE G 141 77.56 59.41 -41.30
N ALA G 142 77.18 60.52 -41.93
CA ALA G 142 78.02 61.71 -42.01
C ALA G 142 77.16 62.92 -41.77
N TYR G 143 77.47 63.68 -40.72
CA TYR G 143 76.61 64.77 -40.27
C TYR G 143 77.44 65.95 -39.80
N LEU G 144 76.81 67.12 -39.80
CA LEU G 144 77.42 68.34 -39.30
C LEU G 144 76.88 68.63 -37.91
N ARG G 145 77.74 68.54 -36.91
CA ARG G 145 77.33 68.82 -35.54
C ARG G 145 77.05 70.31 -35.37
N GLY G 146 75.98 70.61 -34.64
CA GLY G 146 75.63 71.99 -34.39
C GLY G 146 74.83 72.67 -35.47
N GLY G 147 74.40 71.93 -36.50
CA GLY G 147 73.57 72.50 -37.54
C GLY G 147 72.11 72.55 -37.16
N GLN G 148 71.33 73.22 -38.01
CA GLN G 148 69.90 73.36 -37.81
C GLN G 148 69.19 72.31 -38.65
N ILE G 149 68.34 71.49 -38.00
CA ILE G 149 67.72 70.35 -38.69
C ILE G 149 66.86 70.77 -39.87
N PRO G 150 65.96 71.77 -39.77
CA PRO G 150 65.36 72.28 -41.01
C PRO G 150 66.37 73.06 -41.83
N GLY G 151 66.89 72.44 -42.89
CA GLY G 151 67.86 73.11 -43.74
C GLY G 151 69.15 72.33 -43.99
N THR G 152 69.63 71.62 -42.98
CA THR G 152 70.88 70.87 -43.12
C THR G 152 70.62 69.49 -43.72
N ASN G 153 71.70 68.89 -44.22
CA ASN G 153 71.63 67.58 -44.87
C ASN G 153 72.39 66.55 -44.06
N ILE G 154 71.92 65.30 -44.13
CA ILE G 154 72.56 64.16 -43.49
C ILE G 154 72.89 63.15 -44.57
N TYR G 155 74.11 62.64 -44.55
CA TYR G 155 74.56 61.71 -45.58
C TYR G 155 74.73 60.32 -44.99
N PHE G 156 74.47 59.30 -45.80
CA PHE G 156 74.63 57.93 -45.35
C PHE G 156 75.20 57.08 -46.48
N SER G 157 75.87 56.00 -46.10
CA SER G 157 76.50 55.10 -47.05
C SER G 157 76.35 53.67 -46.58
N ASP G 158 76.10 52.77 -47.53
CA ASP G 158 76.07 51.35 -47.27
C ASP G 158 77.17 50.59 -48.00
N ASN G 159 77.92 51.25 -48.87
CA ASN G 159 79.08 50.66 -49.54
C ASN G 159 80.37 50.94 -48.79
N GLY G 160 80.38 50.68 -47.49
CA GLY G 160 81.51 51.05 -46.66
C GLY G 160 81.71 52.55 -46.61
N GLY G 161 82.82 53.01 -47.18
CA GLY G 161 83.05 54.44 -47.32
C GLY G 161 83.37 54.81 -48.74
N PHE G 162 82.78 54.10 -49.70
CA PHE G 162 83.07 54.35 -51.11
C PHE G 162 82.41 55.63 -51.59
N SER G 163 81.07 55.67 -51.57
CA SER G 163 80.32 56.83 -51.99
C SER G 163 79.19 57.08 -51.01
N PHE G 164 78.78 58.34 -50.91
CA PHE G 164 77.79 58.77 -49.93
C PHE G 164 76.62 59.43 -50.64
N GLN G 165 75.43 58.87 -50.49
CA GLN G 165 74.22 59.44 -51.06
C GLN G 165 73.42 60.12 -49.96
N LEU G 166 72.65 61.13 -50.34
CA LEU G 166 71.90 61.93 -49.39
C LEU G 166 70.76 61.12 -48.79
N MET G 167 70.17 61.67 -47.74
CA MET G 167 69.04 61.06 -47.05
C MET G 167 67.85 62.00 -47.09
N ASN G 168 66.66 61.41 -47.26
CA ASN G 168 65.43 62.18 -47.35
C ASN G 168 65.11 62.87 -46.02
N THR G 169 64.54 64.06 -46.12
CA THR G 169 64.25 64.91 -44.97
C THR G 169 62.82 64.75 -44.45
N ASP G 170 62.06 63.81 -45.00
CA ASP G 170 60.69 63.61 -44.53
C ASP G 170 60.65 63.02 -43.13
N LYS G 171 61.66 62.23 -42.77
CA LYS G 171 61.68 61.63 -41.43
C LYS G 171 62.00 62.66 -40.35
N LEU G 172 62.85 63.64 -40.66
CA LEU G 172 63.24 64.66 -39.71
C LEU G 172 62.57 66.01 -40.00
N SER G 173 61.36 65.96 -40.56
CA SER G 173 60.66 67.20 -40.89
C SER G 173 60.09 67.90 -39.66
N HIS G 174 59.55 67.13 -38.72
CA HIS G 174 58.88 67.69 -37.55
C HIS G 174 59.80 67.89 -36.36
N LEU G 175 61.08 67.56 -36.49
CA LEU G 175 62.06 67.73 -35.41
C LEU G 175 62.77 69.06 -35.59
N THR G 176 62.81 69.85 -34.53
CA THR G 176 63.46 71.17 -34.54
C THR G 176 64.60 71.19 -33.54
N GLY G 177 65.39 72.25 -33.62
CA GLY G 177 66.53 72.43 -32.75
C GLY G 177 67.85 72.29 -33.49
N THR G 178 68.91 72.07 -32.71
CA THR G 178 70.24 71.83 -33.24
C THR G 178 70.60 70.38 -33.01
N LEU G 179 70.99 69.68 -34.08
CA LEU G 179 71.24 68.26 -33.95
C LEU G 179 72.56 68.00 -33.24
N GLY G 180 72.65 66.85 -32.59
CA GLY G 180 73.83 66.49 -31.84
C GLY G 180 74.39 65.14 -32.24
N GLY G 181 73.85 64.56 -33.31
CA GLY G 181 74.38 63.31 -33.80
C GLY G 181 73.32 62.28 -34.14
N ILE G 182 73.47 61.63 -35.29
CA ILE G 182 72.57 60.58 -35.74
C ILE G 182 73.35 59.28 -35.77
N PHE G 183 72.86 58.29 -35.03
CA PHE G 183 73.63 57.08 -34.74
C PHE G 183 72.85 55.84 -35.14
N HIS G 184 73.59 54.84 -35.61
CA HIS G 184 73.07 53.50 -35.91
C HIS G 184 73.11 52.70 -34.62
N LEU G 185 72.11 52.88 -33.78
CA LEU G 185 72.08 52.21 -32.48
C LEU G 185 71.67 50.77 -32.73
N HIS G 186 72.65 49.92 -33.01
CA HIS G 186 72.41 48.50 -33.28
C HIS G 186 71.96 47.75 -32.03
N SER G 187 72.04 48.37 -30.86
CA SER G 187 71.64 47.70 -29.63
C SER G 187 70.16 47.32 -29.67
N MET G 188 69.30 48.23 -30.13
CA MET G 188 67.89 47.93 -30.32
C MET G 188 67.51 47.89 -31.79
N SER G 189 68.50 47.77 -32.68
CA SER G 189 68.31 47.78 -34.12
C SER G 189 67.59 49.04 -34.58
N GLN G 190 67.93 50.18 -33.97
CA GLN G 190 67.28 51.44 -34.24
C GLN G 190 68.27 52.44 -34.81
N VAL G 191 67.71 53.55 -35.30
CA VAL G 191 68.50 54.72 -35.67
C VAL G 191 68.00 55.86 -34.80
N GLY G 192 68.92 56.45 -34.02
CA GLY G 192 68.57 57.49 -33.07
C GLY G 192 69.16 58.82 -33.47
N VAL G 193 68.54 59.89 -33.02
CA VAL G 193 69.09 61.23 -33.17
C VAL G 193 69.06 61.89 -31.80
N LEU G 194 69.95 62.85 -31.60
CA LEU G 194 70.01 63.63 -30.36
C LEU G 194 69.72 65.07 -30.73
N MET G 195 68.58 65.57 -30.30
CA MET G 195 68.14 66.92 -30.60
C MET G 195 68.34 67.81 -29.40
N VAL G 196 68.54 69.11 -29.66
CA VAL G 196 68.82 70.10 -28.65
C VAL G 196 67.81 71.23 -28.86
N GLU G 197 66.68 71.15 -28.18
CA GLU G 197 65.66 72.18 -28.32
C GLU G 197 65.89 73.37 -27.40
N ASN G 198 66.60 73.16 -26.29
CA ASN G 198 66.92 74.21 -25.34
C ASN G 198 68.23 73.83 -24.68
N ASN G 199 68.50 74.39 -23.50
CA ASN G 199 69.69 73.98 -22.75
C ASN G 199 69.67 72.49 -22.42
N LEU G 200 68.51 71.86 -22.44
CA LEU G 200 68.39 70.42 -22.25
C LEU G 200 68.11 69.74 -23.58
N GLY G 201 68.78 68.62 -23.82
CA GLY G 201 68.63 67.86 -25.04
C GLY G 201 67.98 66.51 -24.76
N THR G 202 67.62 65.82 -25.84
CA THR G 202 66.89 64.57 -25.72
C THR G 202 67.13 63.69 -26.94
N PHE G 203 66.69 62.44 -26.83
CA PHE G 203 66.90 61.44 -27.87
C PHE G 203 65.58 61.10 -28.53
N HIS G 204 65.59 61.02 -29.87
CA HIS G 204 64.44 60.65 -30.66
C HIS G 204 64.78 59.42 -31.48
N TYR G 205 63.84 58.49 -31.59
CA TYR G 205 64.04 57.27 -32.34
C TYR G 205 63.24 57.29 -33.63
N MET G 206 63.55 56.36 -34.52
CA MET G 206 62.99 56.36 -35.87
C MET G 206 62.19 55.10 -36.19
N GLU G 207 62.73 53.91 -35.95
CA GLU G 207 62.10 52.68 -36.41
C GLU G 207 60.86 52.36 -35.59
N TYR G 208 60.04 51.44 -36.12
CA TYR G 208 58.68 51.27 -35.63
C TYR G 208 58.60 50.82 -34.17
N PRO G 209 59.49 49.95 -33.66
CA PRO G 209 59.66 49.88 -32.20
C PRO G 209 59.91 51.28 -31.64
N LEU G 210 58.95 51.78 -30.86
CA LEU G 210 59.04 53.09 -30.22
C LEU G 210 59.24 54.21 -31.25
N ASN G 211 58.54 54.13 -32.38
CA ASN G 211 58.61 55.22 -33.34
C ASN G 211 57.87 56.43 -32.81
N HIS G 212 58.39 57.61 -33.14
CA HIS G 212 57.87 58.90 -32.67
C HIS G 212 57.84 58.98 -31.14
N SER G 213 58.76 58.30 -30.47
CA SER G 213 58.85 58.31 -29.02
C SER G 213 59.98 59.20 -28.57
N MET G 214 60.18 59.27 -27.26
CA MET G 214 61.17 60.16 -26.68
C MET G 214 61.80 59.48 -25.47
N GLY G 215 63.01 59.92 -25.14
CA GLY G 215 63.68 59.52 -23.93
C GLY G 215 63.62 60.60 -22.86
N ILE G 216 64.23 60.30 -21.73
CA ILE G 216 64.26 61.25 -20.63
C ILE G 216 65.25 62.35 -20.94
N ALA G 217 64.81 63.61 -20.82
CA ALA G 217 65.64 64.75 -21.17
C ALA G 217 66.77 64.93 -20.15
N PHE G 218 67.85 65.56 -20.60
CA PHE G 218 69.06 65.70 -19.80
C PHE G 218 69.79 66.97 -20.22
N SER G 219 70.67 67.45 -19.34
CA SER G 219 71.31 68.74 -19.54
C SER G 219 72.33 68.67 -20.67
N TYR G 220 72.31 69.71 -21.52
CA TYR G 220 73.15 69.74 -22.72
C TYR G 220 73.81 71.12 -22.88
N LYS G 221 74.49 71.59 -21.84
CA LYS G 221 75.34 72.75 -22.02
C LYS G 221 76.45 72.45 -23.02
N ASN G 222 76.64 73.38 -23.97
CA ASN G 222 77.67 73.30 -24.99
C ASN G 222 77.54 72.06 -25.88
N LEU G 223 78.58 71.73 -26.63
CA LEU G 223 78.58 70.57 -27.50
C LEU G 223 79.21 69.37 -26.81
N LEU G 224 78.64 68.21 -27.03
CA LEU G 224 79.06 66.98 -26.39
C LEU G 224 79.66 66.02 -27.41
N GLU G 225 80.56 65.16 -26.94
CA GLU G 225 81.18 64.13 -27.77
C GLU G 225 80.73 62.76 -27.25
N VAL G 226 80.34 61.88 -28.17
CA VAL G 226 79.72 60.61 -27.86
C VAL G 226 80.70 59.49 -28.15
N ILE G 227 80.85 58.59 -27.19
CA ILE G 227 81.70 57.41 -27.31
C ILE G 227 80.82 56.18 -27.12
N MET G 228 80.91 55.24 -28.06
CA MET G 228 80.13 54.02 -28.07
C MET G 228 80.97 52.86 -27.55
N LYS G 229 80.47 52.17 -26.54
CA LYS G 229 81.17 50.97 -26.07
C LYS G 229 81.05 49.86 -27.11
N PRO G 230 82.13 49.13 -27.38
CA PRO G 230 82.25 48.40 -28.65
C PRO G 230 81.66 46.99 -28.67
N TYR G 231 80.85 46.58 -27.71
CA TYR G 231 80.27 45.24 -27.72
C TYR G 231 78.76 45.25 -27.97
N GLN G 232 78.21 46.38 -28.43
CA GLN G 232 76.79 46.50 -28.80
C GLN G 232 75.85 46.18 -27.64
N ARG G 233 76.18 46.69 -26.45
CA ARG G 233 75.30 46.54 -25.30
C ARG G 233 74.45 47.77 -25.04
N GLY G 234 74.63 48.85 -25.79
CA GLY G 234 73.90 50.07 -25.58
C GLY G 234 74.59 51.08 -24.68
N PHE G 235 75.66 50.70 -24.00
CA PHE G 235 76.34 51.61 -23.09
C PHE G 235 76.95 52.78 -23.86
N MET G 236 76.74 54.00 -23.34
CA MET G 236 77.17 55.19 -24.06
C MET G 236 77.82 56.19 -23.09
N VAL G 237 78.72 57.00 -23.62
CA VAL G 237 79.38 58.05 -22.85
C VAL G 237 79.26 59.36 -23.61
N LEU G 238 78.88 60.44 -22.91
CA LEU G 238 78.76 61.76 -23.51
C LEU G 238 79.57 62.74 -22.68
N TRP G 239 80.61 63.33 -23.27
CA TRP G 239 81.55 64.13 -22.49
C TRP G 239 81.99 65.37 -23.24
N ASN G 240 82.35 66.39 -22.48
CA ASN G 240 83.02 67.58 -22.98
C ASN G 240 83.93 68.09 -21.88
N GLN G 241 84.35 69.35 -21.96
CA GLN G 241 85.36 69.87 -21.04
C GLN G 241 84.85 69.90 -19.60
N LYS G 242 83.59 70.26 -19.39
CA LYS G 242 83.07 70.49 -18.05
C LYS G 242 82.03 69.47 -17.61
N SER G 243 81.84 68.37 -18.35
CA SER G 243 80.75 67.45 -18.01
C SER G 243 81.08 66.05 -18.48
N ILE G 244 80.39 65.08 -17.88
CA ILE G 244 80.45 63.68 -18.28
C ILE G 244 79.13 63.03 -17.89
N LEU G 245 78.54 62.30 -18.83
CA LEU G 245 77.28 61.61 -18.61
C LEU G 245 77.40 60.19 -19.16
N VAL G 246 76.71 59.27 -18.50
CA VAL G 246 76.73 57.86 -18.88
C VAL G 246 75.29 57.44 -19.18
N SER G 247 75.10 56.73 -20.28
CA SER G 247 73.80 56.15 -20.63
C SER G 247 73.91 54.64 -20.50
N SER G 248 73.31 54.09 -19.44
CA SER G 248 73.29 52.64 -19.26
C SER G 248 72.31 51.97 -20.19
N ASN G 249 71.21 52.66 -20.51
CA ASN G 249 70.27 52.20 -21.53
C ASN G 249 70.85 52.55 -22.89
N SER G 250 70.07 52.41 -23.94
CA SER G 250 70.58 52.74 -25.26
C SER G 250 70.42 54.21 -25.61
N GLY G 251 70.27 55.07 -24.61
CA GLY G 251 69.99 56.48 -24.83
C GLY G 251 68.69 56.94 -24.21
N GLN G 252 67.95 56.06 -23.54
CA GLN G 252 66.67 56.44 -22.98
C GLN G 252 66.85 57.28 -21.72
N ILE G 253 67.49 56.72 -20.70
CA ILE G 253 67.78 57.44 -19.47
C ILE G 253 69.26 57.74 -19.43
N VAL G 254 69.60 59.02 -19.46
CA VAL G 254 70.99 59.47 -19.38
C VAL G 254 71.18 60.03 -17.98
N GLU G 255 71.83 59.26 -17.12
CA GLU G 255 72.02 59.62 -15.73
C GLU G 255 73.37 60.31 -15.55
N HIS G 256 73.73 60.55 -14.28
CA HIS G 256 75.00 61.16 -13.94
C HIS G 256 75.95 60.09 -13.41
N VAL G 257 77.16 60.52 -13.09
CA VAL G 257 78.22 59.62 -12.64
C VAL G 257 78.36 59.77 -11.12
N ARG G 258 78.56 58.64 -10.44
CA ARG G 258 78.76 58.64 -9.00
C ARG G 258 80.24 58.72 -8.67
N LEU G 259 80.54 58.81 -7.39
CA LEU G 259 81.91 58.91 -6.92
C LEU G 259 81.98 58.36 -5.51
N ILE G 260 83.05 57.61 -5.22
CA ILE G 260 83.18 56.86 -3.98
C ILE G 260 84.15 57.58 -3.05
N ASP G 261 83.78 57.71 -1.79
CA ASP G 261 84.66 58.26 -0.76
C ASP G 261 84.19 57.74 0.60
N GLN G 262 85.09 57.06 1.31
CA GLN G 262 84.87 56.54 2.67
C GLN G 262 83.54 55.79 2.77
N LYS G 263 83.44 54.74 1.95
CA LYS G 263 82.26 53.89 1.75
C LYS G 263 80.95 54.66 1.66
N ILE G 264 80.99 55.86 1.07
CA ILE G 264 79.77 56.59 0.72
C ILE G 264 79.90 57.02 -0.74
N PHE G 265 78.75 57.28 -1.36
CA PHE G 265 78.71 57.67 -2.76
C PHE G 265 78.09 59.05 -2.89
N THR G 266 78.55 59.80 -3.88
CA THR G 266 78.01 61.13 -4.15
C THR G 266 78.05 61.40 -5.65
N ASP G 267 77.06 62.13 -6.14
CA ASP G 267 77.01 62.48 -7.55
C ASP G 267 78.16 63.43 -7.88
N LEU G 268 78.70 63.30 -9.09
CA LEU G 268 79.81 64.13 -9.54
C LEU G 268 79.29 65.13 -10.55
N ASP G 269 79.32 66.41 -10.19
CA ASP G 269 79.10 67.51 -11.12
C ASP G 269 80.47 68.13 -11.40
N VAL G 270 80.96 67.91 -12.61
CA VAL G 270 82.33 68.26 -12.96
C VAL G 270 82.53 69.78 -12.88
N GLU G 271 81.55 70.55 -13.34
CA GLU G 271 81.63 72.00 -13.20
C GLU G 271 81.61 72.42 -11.73
N HIS G 272 80.77 71.78 -10.92
CA HIS G 272 80.67 72.14 -9.51
C HIS G 272 81.91 71.74 -8.72
N ALA G 273 82.64 70.72 -9.16
CA ALA G 273 83.90 70.36 -8.53
C ALA G 273 85.06 71.21 -9.03
N ASN G 274 84.81 72.10 -10.00
CA ASN G 274 85.80 73.04 -10.53
C ASN G 274 87.02 72.32 -11.11
N ILE G 275 86.77 71.26 -11.88
CA ILE G 275 87.81 70.57 -12.61
C ILE G 275 87.41 70.55 -14.09
N ASN G 276 88.42 70.47 -14.95
CA ASN G 276 88.19 70.37 -16.39
C ASN G 276 88.87 69.10 -16.89
N ILE G 277 88.07 68.11 -17.25
CA ILE G 277 88.62 66.84 -17.70
C ILE G 277 89.34 67.04 -19.04
N TYR G 278 90.46 66.35 -19.19
CA TYR G 278 91.34 66.53 -20.34
C TYR G 278 91.27 65.37 -21.32
N SER G 279 91.35 64.13 -20.84
CA SER G 279 91.31 62.98 -21.74
C SER G 279 90.39 61.92 -21.17
N VAL G 280 89.80 61.12 -22.06
CA VAL G 280 88.86 60.07 -21.68
C VAL G 280 89.23 58.79 -22.41
N ALA G 281 89.42 57.72 -21.66
CA ALA G 281 89.63 56.39 -22.20
C ALA G 281 88.45 55.50 -21.79
N SER G 282 88.02 54.64 -22.72
CA SER G 282 86.83 53.83 -22.50
C SER G 282 87.05 52.43 -23.05
N ASN G 283 86.90 51.43 -22.19
CA ASN G 283 86.92 50.04 -22.58
C ASN G 283 85.49 49.54 -22.72
N ALA G 284 85.34 48.24 -22.95
CA ALA G 284 84.00 47.67 -23.06
C ALA G 284 83.28 47.68 -21.73
N TYR G 285 84.00 47.47 -20.63
CA TYR G 285 83.41 47.38 -19.31
C TYR G 285 83.84 48.48 -18.35
N GLU G 286 84.94 49.17 -18.62
CA GLU G 286 85.50 50.16 -17.71
C GLU G 286 85.44 51.55 -18.33
N LEU G 287 85.87 52.54 -17.56
CA LEU G 287 85.94 53.92 -18.02
C LEU G 287 87.00 54.61 -17.18
N ALA G 288 87.69 55.59 -17.77
CA ALA G 288 88.66 56.37 -17.01
C ALA G 288 88.82 57.72 -17.66
N PHE G 289 89.14 58.73 -16.86
CA PHE G 289 89.45 60.03 -17.42
C PHE G 289 90.54 60.74 -16.62
N LEU G 290 91.39 61.45 -17.36
CA LEU G 290 92.49 62.21 -16.81
C LEU G 290 92.12 63.69 -16.83
N VAL G 291 92.22 64.32 -15.66
CA VAL G 291 91.86 65.70 -15.43
C VAL G 291 93.15 66.50 -15.27
N ALA G 292 93.16 67.70 -15.85
CA ALA G 292 94.36 68.47 -16.15
C ALA G 292 95.19 68.83 -14.93
N GLU G 293 94.62 68.82 -13.74
CA GLU G 293 95.41 68.99 -12.52
C GLU G 293 95.92 67.65 -12.00
N ASP G 294 96.51 66.88 -12.92
CA ASP G 294 97.24 65.64 -12.61
C ASP G 294 96.40 64.64 -11.84
N HIS G 295 95.14 64.48 -12.22
CA HIS G 295 94.26 63.57 -11.50
C HIS G 295 93.75 62.48 -12.44
N LEU G 296 93.65 61.26 -11.92
CA LEU G 296 93.19 60.12 -12.71
C LEU G 296 91.99 59.50 -12.02
N TYR G 297 90.87 59.42 -12.73
CA TYR G 297 89.65 58.85 -12.20
C TYR G 297 89.35 57.56 -12.95
N TYR G 298 89.23 56.46 -12.21
CA TYR G 298 88.96 55.16 -12.78
C TYR G 298 87.60 54.69 -12.29
N GLY G 299 86.76 54.23 -13.20
CA GLY G 299 85.40 53.86 -12.86
C GLY G 299 84.96 52.63 -13.60
N SER G 300 84.02 51.91 -12.98
CA SER G 300 83.38 50.77 -13.57
C SER G 300 81.97 51.17 -13.99
N GLN G 301 81.61 50.81 -15.21
CA GLN G 301 80.32 51.14 -15.80
C GLN G 301 79.52 49.87 -15.99
N SER G 302 78.33 49.83 -15.42
CA SER G 302 77.44 48.69 -15.53
C SER G 302 76.02 49.18 -15.24
N TYR G 303 75.09 48.25 -15.12
CA TYR G 303 73.74 48.61 -14.70
C TYR G 303 73.77 49.05 -13.24
N MET G 304 72.66 49.69 -12.82
CA MET G 304 72.55 50.30 -11.49
C MET G 304 73.65 51.34 -11.26
N GLY G 305 73.91 52.16 -12.26
CA GLY G 305 74.83 53.28 -12.13
C GLY G 305 76.28 52.88 -12.34
N THR G 306 77.10 53.89 -12.61
CA THR G 306 78.53 53.73 -12.80
C THR G 306 79.29 54.42 -11.67
N TYR G 307 80.34 53.77 -11.18
CA TYR G 307 81.03 54.22 -9.98
C TYR G 307 82.47 54.57 -10.32
N VAL G 308 82.89 55.76 -9.90
CA VAL G 308 84.20 56.31 -10.25
C VAL G 308 84.95 56.61 -8.96
N ILE G 309 86.19 56.14 -8.88
CA ILE G 309 87.08 56.44 -7.77
C ILE G 309 88.25 57.25 -8.30
N LYS G 310 88.94 57.91 -7.39
CA LYS G 310 90.11 58.72 -7.71
C LYS G 310 91.36 57.96 -7.30
N LEU G 311 92.25 57.72 -8.27
CA LEU G 311 93.44 56.93 -8.04
C LEU G 311 94.45 57.71 -7.19
N PRO G 312 95.43 57.03 -6.60
CA PRO G 312 96.48 57.74 -5.85
C PRO G 312 97.28 58.69 -6.74
N HIS G 313 97.88 59.69 -6.07
CA HIS G 313 98.44 60.83 -6.79
C HIS G 313 99.74 60.48 -7.50
N GLN G 314 99.92 61.09 -8.69
CA GLN G 314 101.11 60.93 -9.52
C GLN G 314 101.16 62.06 -10.52
N PRO G 315 102.33 62.67 -10.75
CA PRO G 315 102.41 63.78 -11.71
C PRO G 315 102.36 63.34 -13.17
N LEU G 316 101.16 63.22 -13.73
CA LEU G 316 100.97 62.62 -15.04
C LEU G 316 100.74 63.63 -16.17
N TRP G 317 100.09 64.75 -15.90
CA TRP G 317 99.63 65.64 -16.95
C TRP G 317 100.78 66.51 -17.46
N SER G 318 101.02 66.47 -18.77
CA SER G 318 102.16 67.16 -19.36
C SER G 318 101.81 67.82 -20.69
N THR G 319 100.57 68.28 -20.86
CA THR G 319 100.07 69.01 -22.03
C THR G 319 100.13 68.22 -23.33
N HIS G 320 100.59 66.98 -23.28
CA HIS G 320 100.65 66.14 -24.46
C HIS G 320 100.27 64.69 -24.18
N THR G 321 99.85 64.37 -22.96
CA THR G 321 99.55 62.98 -22.61
C THR G 321 98.15 62.60 -23.08
N SER G 322 97.87 61.30 -23.02
CA SER G 322 96.58 60.76 -23.43
C SER G 322 96.48 59.33 -22.91
N ILE G 323 95.40 59.02 -22.25
CA ILE G 323 95.20 57.68 -21.70
C ILE G 323 94.49 56.83 -22.72
N TYR G 324 94.93 55.58 -22.84
CA TYR G 324 94.24 54.59 -23.66
C TYR G 324 94.40 53.23 -23.00
N PHE G 325 93.33 52.44 -23.05
CA PHE G 325 93.30 51.16 -22.35
C PHE G 325 94.11 50.13 -23.14
N GLU G 326 95.32 49.83 -22.66
CA GLU G 326 96.13 48.81 -23.30
C GLU G 326 95.48 47.44 -23.19
N ASP G 327 94.97 47.10 -22.01
CA ASP G 327 94.25 45.84 -21.84
C ASP G 327 93.37 45.96 -20.60
N ILE G 328 92.62 44.89 -20.32
CA ILE G 328 91.72 44.91 -19.17
C ILE G 328 92.55 44.96 -17.90
N GLY G 329 92.30 45.98 -17.08
CA GLY G 329 93.07 46.19 -15.89
C GLY G 329 94.42 46.83 -16.11
N ILE G 330 94.77 47.18 -17.35
CA ILE G 330 96.07 47.76 -17.67
C ILE G 330 95.83 49.02 -18.50
N LEU G 331 96.01 50.17 -17.88
CA LEU G 331 95.90 51.48 -18.52
C LEU G 331 97.28 51.93 -18.97
N GLN G 332 97.30 52.93 -19.84
CA GLN G 332 98.58 53.41 -20.36
C GLN G 332 98.51 54.89 -20.65
N VAL G 333 99.49 55.63 -20.15
CA VAL G 333 99.63 57.05 -20.42
C VAL G 333 100.76 57.23 -21.42
N LEU G 334 100.44 57.80 -22.58
CA LEU G 334 101.34 57.88 -23.71
C LEU G 334 101.64 59.34 -24.03
N THR G 335 102.91 59.68 -24.18
CA THR G 335 103.33 61.04 -24.46
C THR G 335 104.33 61.04 -25.62
N PRO G 336 104.05 61.74 -26.70
CA PRO G 336 105.04 61.84 -27.79
C PRO G 336 106.06 62.93 -27.51
N VAL G 337 107.33 62.56 -27.69
CA VAL G 337 108.46 63.47 -27.49
C VAL G 337 109.16 63.64 -28.83
N ALA G 338 109.58 64.87 -29.12
CA ALA G 338 110.14 65.19 -30.43
C ALA G 338 111.66 65.14 -30.40
N ASP G 339 112.24 65.01 -31.59
CA ASP G 339 113.68 65.21 -31.75
C ASP G 339 113.97 65.72 -33.16
N PRO G 340 114.45 66.96 -33.29
CA PRO G 340 114.85 67.48 -34.60
C PRO G 340 116.24 67.07 -35.03
N HIS G 341 117.01 66.41 -34.16
CA HIS G 341 118.30 65.86 -34.57
C HIS G 341 118.13 64.80 -35.64
N PHE G 342 117.10 63.97 -35.52
CA PHE G 342 116.71 63.03 -36.56
C PHE G 342 115.30 63.30 -37.07
N ALA G 343 114.66 64.38 -36.60
CA ALA G 343 113.37 64.85 -37.09
C ALA G 343 112.29 63.78 -36.97
N ALA G 344 112.26 63.09 -35.83
CA ALA G 344 111.27 62.05 -35.61
C ALA G 344 110.83 62.09 -34.15
N TYR G 345 109.82 61.28 -33.83
CA TYR G 345 109.19 61.31 -32.51
C TYR G 345 109.34 59.95 -31.84
N ASP G 346 109.76 59.98 -30.58
CA ASP G 346 109.78 58.80 -29.73
C ASP G 346 108.66 58.92 -28.70
N PHE G 347 108.50 57.92 -27.84
CA PHE G 347 107.34 57.93 -26.96
C PHE G 347 107.72 57.59 -25.53
N ASP G 348 107.00 58.20 -24.58
CA ASP G 348 107.15 57.93 -23.16
C ASP G 348 105.87 57.28 -22.67
N LYS G 349 105.98 56.14 -22.01
CA LYS G 349 104.83 55.35 -21.61
C LYS G 349 104.87 55.07 -20.11
N CYS G 350 103.73 55.30 -19.46
CA CYS G 350 103.42 54.73 -18.15
C CYS G 350 102.43 53.59 -18.34
N THR G 351 102.72 52.44 -17.74
CA THR G 351 101.81 51.30 -17.74
C THR G 351 101.18 51.23 -16.36
N VAL G 352 99.96 51.76 -16.24
CA VAL G 352 99.26 51.82 -14.96
C VAL G 352 98.59 50.47 -14.72
N ASN G 353 98.93 49.84 -13.60
CA ASN G 353 98.32 48.59 -13.17
C ASN G 353 97.20 48.96 -12.20
N VAL G 354 95.97 49.03 -12.71
CA VAL G 354 94.87 49.52 -11.89
C VAL G 354 94.47 48.54 -10.79
N GLN G 355 94.73 47.25 -10.97
CA GLN G 355 94.37 46.28 -9.94
C GLN G 355 95.24 46.42 -8.70
N SER G 356 96.54 46.64 -8.89
CA SER G 356 97.42 46.86 -7.75
C SER G 356 97.23 48.24 -7.14
N SER G 357 96.91 49.25 -7.96
CA SER G 357 96.63 50.57 -7.43
C SER G 357 95.35 50.60 -6.59
N LEU G 358 94.34 49.82 -6.97
CA LEU G 358 93.11 49.75 -6.19
C LEU G 358 93.23 48.76 -5.04
N MET G 359 94.29 48.89 -4.25
CA MET G 359 94.45 48.07 -3.04
C MET G 359 95.00 48.86 -1.87
N ASP G 360 95.12 50.18 -1.99
CA ASP G 360 95.77 50.96 -0.94
C ASP G 360 94.88 51.05 0.29
N GLU G 361 95.52 50.99 1.47
CA GLU G 361 94.81 51.16 2.72
C GLU G 361 94.24 52.56 2.87
N LYS G 362 94.72 53.52 2.08
CA LYS G 362 94.12 54.84 2.08
C LYS G 362 92.73 54.81 1.46
N LEU G 363 92.54 53.99 0.43
CA LEU G 363 91.21 53.82 -0.16
C LEU G 363 90.43 52.73 0.56
N ALA G 364 91.11 51.64 0.94
CA ALA G 364 90.54 50.55 1.74
C ALA G 364 89.31 49.93 1.08
N LEU G 365 89.46 49.57 -0.19
CA LEU G 365 88.36 49.00 -0.94
C LEU G 365 88.16 47.54 -0.59
N GLN G 366 86.90 47.15 -0.46
CA GLN G 366 86.56 45.78 -0.07
C GLN G 366 86.86 44.81 -1.21
N PRO G 367 87.15 43.55 -0.90
CA PRO G 367 87.50 42.58 -1.93
C PRO G 367 86.32 42.23 -2.83
N CYS G 368 86.64 41.48 -3.88
CA CYS G 368 85.63 41.05 -4.84
C CYS G 368 84.64 40.11 -4.18
N ASN G 369 83.37 40.26 -4.51
CA ASN G 369 82.31 39.47 -3.89
C ASN G 369 81.92 38.25 -4.70
N VAL G 370 82.59 37.98 -5.82
CA VAL G 370 82.37 36.79 -6.61
C VAL G 370 83.73 36.16 -6.90
N GLU G 371 83.77 34.84 -6.91
CA GLU G 371 85.02 34.11 -7.04
C GLU G 371 85.29 33.60 -8.44
N LEU G 372 84.26 33.25 -9.20
CA LEU G 372 84.45 32.71 -10.53
C LEU G 372 83.20 32.95 -11.36
N LEU G 373 83.38 33.47 -12.57
CA LEU G 373 82.27 33.72 -13.49
C LEU G 373 82.71 33.21 -14.86
N GLU G 374 82.42 31.95 -15.15
CA GLU G 374 82.96 31.29 -16.33
C GLU G 374 81.85 30.84 -17.27
N SER G 375 82.08 31.05 -18.56
CA SER G 375 81.23 30.50 -19.60
C SER G 375 82.08 30.26 -20.85
N THR G 376 81.45 29.66 -21.86
CA THR G 376 82.11 29.43 -23.13
C THR G 376 81.44 30.18 -24.28
N MET G 377 80.48 31.04 -23.98
CA MET G 377 79.65 31.69 -24.98
C MET G 377 80.26 32.97 -25.53
N ILE G 378 81.44 33.37 -25.05
CA ILE G 378 82.05 34.61 -25.51
C ILE G 378 82.94 34.44 -26.73
N ASN G 379 83.17 33.19 -27.17
CA ASN G 379 84.04 32.98 -28.32
C ASN G 379 83.36 33.33 -29.64
N THR G 380 82.07 33.00 -29.76
CA THR G 380 81.39 33.15 -31.04
C THR G 380 80.11 33.98 -30.93
N MET G 381 79.34 34.03 -32.01
CA MET G 381 78.05 34.69 -32.05
C MET G 381 76.98 33.68 -32.44
N PHE G 382 75.72 33.98 -32.12
CA PHE G 382 74.65 33.03 -32.31
C PHE G 382 73.52 33.62 -33.14
N THR G 383 72.77 32.75 -33.79
CA THR G 383 71.67 33.14 -34.66
C THR G 383 70.41 32.35 -34.31
N ILE G 384 69.27 32.98 -34.56
CA ILE G 384 67.97 32.39 -34.25
C ILE G 384 67.03 32.64 -35.42
N ASP G 385 66.43 31.57 -35.93
CA ASP G 385 65.45 31.64 -37.00
C ASP G 385 64.05 31.64 -36.40
N MET G 386 63.04 31.52 -37.26
CA MET G 386 61.66 31.42 -36.79
C MET G 386 61.39 30.04 -36.21
N ASN G 387 60.55 30.02 -35.17
CA ASN G 387 60.18 28.80 -34.46
C ASN G 387 61.40 28.05 -33.94
N SER G 388 62.41 28.79 -33.49
CA SER G 388 63.64 28.20 -32.99
C SER G 388 63.99 28.84 -31.65
N LYS G 389 64.70 28.08 -30.83
CA LYS G 389 65.14 28.52 -29.51
C LYS G 389 66.59 28.12 -29.32
N LEU G 390 67.28 28.79 -28.40
CA LEU G 390 68.61 28.34 -28.03
C LEU G 390 68.81 28.46 -26.53
N LYS G 391 69.89 27.83 -26.05
CA LYS G 391 70.20 27.75 -24.63
C LYS G 391 71.65 28.14 -24.39
N LEU G 392 71.89 28.86 -23.30
CA LEU G 392 73.24 29.18 -22.86
C LEU G 392 73.38 28.81 -21.40
N SER G 393 74.62 28.55 -20.98
CA SER G 393 74.90 28.12 -19.62
C SER G 393 76.09 28.88 -19.07
N ALA G 394 76.02 29.23 -17.80
CA ALA G 394 77.12 29.91 -17.11
C ALA G 394 77.31 29.30 -15.73
N LEU G 395 78.53 29.39 -15.23
CA LEU G 395 78.90 28.85 -13.92
C LEU G 395 79.42 30.00 -13.07
N MET G 396 78.80 30.22 -11.91
CA MET G 396 79.27 31.26 -11.01
C MET G 396 79.53 30.64 -9.65
N ILE G 397 80.71 30.91 -9.12
CA ILE G 397 81.10 30.53 -7.77
C ILE G 397 81.25 31.81 -6.96
N PRO G 398 80.50 31.98 -5.88
CA PRO G 398 80.54 33.25 -5.15
C PRO G 398 81.57 33.26 -4.05
N ARG G 399 81.72 34.38 -3.36
CA ARG G 399 82.67 34.48 -2.26
C ARG G 399 82.13 33.72 -1.05
N LYS G 400 82.96 33.63 -0.01
CA LYS G 400 82.64 32.78 1.13
C LYS G 400 81.43 33.28 1.90
N GLY G 401 81.33 34.59 2.13
CA GLY G 401 80.29 35.09 3.01
C GLY G 401 79.26 35.98 2.35
N GLU G 402 79.60 36.60 1.22
CA GLU G 402 78.71 37.54 0.57
C GLU G 402 77.52 36.81 -0.07
N ASN G 403 76.51 37.59 -0.44
CA ASN G 403 75.27 37.08 -1.03
C ASN G 403 74.96 37.85 -2.30
N PRO G 404 75.65 37.56 -3.39
CA PRO G 404 75.40 38.29 -4.64
C PRO G 404 74.20 37.73 -5.39
N THR G 405 73.46 38.63 -6.03
CA THR G 405 72.34 38.25 -6.88
C THR G 405 72.70 38.52 -8.33
N PRO G 406 72.82 37.50 -9.17
CA PRO G 406 73.12 37.73 -10.58
C PRO G 406 71.89 38.20 -11.34
N LEU G 407 72.13 38.74 -12.53
CA LEU G 407 71.03 39.25 -13.34
C LEU G 407 71.36 39.10 -14.82
N VAL G 408 70.31 38.79 -15.59
CA VAL G 408 70.41 38.63 -17.03
C VAL G 408 69.66 39.78 -17.67
N MET G 409 70.29 40.41 -18.65
CA MET G 409 69.72 41.57 -19.33
C MET G 409 69.83 41.39 -20.83
N VAL G 410 68.94 42.07 -21.55
CA VAL G 410 68.84 41.99 -22.98
C VAL G 410 68.89 43.42 -23.52
N SER G 411 69.70 43.65 -24.54
CA SER G 411 69.83 44.98 -25.09
C SER G 411 68.57 45.41 -25.82
N ASN G 412 67.89 44.47 -26.47
CA ASN G 412 66.72 44.76 -27.31
C ASN G 412 65.58 43.85 -26.89
N PRO G 413 64.94 44.14 -25.77
CA PRO G 413 63.86 43.26 -25.29
C PRO G 413 62.57 43.39 -26.08
N HIS G 414 62.54 44.25 -27.10
CA HIS G 414 61.37 44.34 -27.95
C HIS G 414 61.25 43.12 -28.86
N ALA G 415 62.37 42.46 -29.16
CA ALA G 415 62.37 41.30 -30.04
C ALA G 415 63.24 40.18 -29.49
N LEU G 416 63.37 40.08 -28.16
CA LEU G 416 64.17 39.00 -27.58
C LEU G 416 63.65 38.68 -26.19
N GLY G 417 63.20 37.44 -26.01
CA GLY G 417 62.69 37.03 -24.72
C GLY G 417 63.49 35.90 -24.14
N PHE G 418 63.85 36.04 -22.86
CA PHE G 418 64.66 35.06 -22.17
C PHE G 418 63.90 34.53 -20.96
N LYS G 419 64.35 33.37 -20.49
CA LYS G 419 63.93 32.84 -19.21
C LYS G 419 65.12 32.12 -18.59
N ALA G 420 65.48 32.51 -17.38
CA ALA G 420 66.69 32.01 -16.74
C ALA G 420 66.34 31.21 -15.49
N ASN G 421 67.04 30.08 -15.31
CA ASN G 421 66.92 29.27 -14.10
C ASN G 421 68.30 29.12 -13.49
N LEU G 422 68.42 29.49 -12.22
CA LEU G 422 69.69 29.35 -11.49
C LEU G 422 69.51 28.27 -10.42
N ASN G 423 70.34 27.23 -10.50
CA ASN G 423 70.23 26.10 -9.61
C ASN G 423 71.60 25.73 -9.08
N GLU G 424 71.65 25.34 -7.81
CA GLU G 424 72.89 24.94 -7.18
C GLU G 424 73.11 23.46 -7.41
N PHE G 425 74.29 23.11 -7.92
CA PHE G 425 74.69 21.72 -8.08
C PHE G 425 76.10 21.55 -7.55
N GLY G 426 76.30 20.54 -6.70
CA GLY G 426 77.59 20.31 -6.10
C GLY G 426 78.03 21.43 -5.17
N ASN G 427 79.28 21.33 -4.76
CA ASN G 427 79.95 22.39 -4.00
C ASN G 427 81.44 22.10 -4.04
N THR G 428 82.24 23.17 -4.03
CA THR G 428 83.68 23.03 -4.22
C THR G 428 84.33 22.42 -2.98
N PHE G 429 85.63 22.12 -3.11
CA PHE G 429 86.34 21.43 -2.03
C PHE G 429 86.45 22.29 -0.78
N ASP G 430 86.62 23.60 -0.92
CA ASP G 430 86.70 24.46 0.24
C ASP G 430 85.36 24.59 0.96
N GLY G 431 84.25 24.34 0.28
CA GLY G 431 82.93 24.50 0.85
C GLY G 431 82.03 25.44 0.09
N ASN G 432 82.56 26.27 -0.80
CA ASN G 432 81.73 27.16 -1.59
C ASN G 432 80.85 26.36 -2.55
N SER G 433 79.69 26.91 -2.85
CA SER G 433 78.67 26.22 -3.64
C SER G 433 78.67 26.76 -5.06
N LYS G 434 78.97 25.90 -6.02
CA LYS G 434 78.90 26.29 -7.42
C LYS G 434 77.44 26.43 -7.82
N TYR G 435 77.14 27.45 -8.62
CA TYR G 435 75.78 27.69 -9.11
C TYR G 435 75.81 27.66 -10.62
N LYS G 436 74.92 26.88 -11.22
CA LYS G 436 74.78 26.85 -12.67
C LYS G 436 73.52 27.63 -13.05
N LEU G 437 73.67 28.57 -13.99
CA LEU G 437 72.53 29.34 -14.46
C LEU G 437 72.35 29.08 -15.95
N ASP G 438 71.14 28.70 -16.34
CA ASP G 438 70.82 28.36 -17.71
C ASP G 438 69.76 29.32 -18.24
N ILE G 439 70.02 29.87 -19.42
CA ILE G 439 69.12 30.84 -20.04
C ILE G 439 68.58 30.23 -21.32
N GLU G 440 67.27 30.19 -21.45
CA GLU G 440 66.61 29.78 -22.68
C GLU G 440 66.07 31.02 -23.38
N LEU G 441 66.44 31.20 -24.64
CA LEU G 441 66.10 32.40 -25.38
C LEU G 441 65.31 32.04 -26.63
N LYS G 442 64.29 32.84 -26.91
CA LYS G 442 63.55 32.76 -28.16
C LYS G 442 62.96 34.14 -28.43
N GLN G 443 62.06 34.22 -29.40
CA GLN G 443 61.47 35.49 -29.77
C GLN G 443 60.56 36.00 -28.65
N GLN G 444 60.44 37.33 -28.57
CA GLN G 444 59.62 37.93 -27.53
C GLN G 444 58.15 37.62 -27.72
N HIS G 445 57.69 37.58 -28.98
CA HIS G 445 56.27 37.38 -29.25
C HIS G 445 55.78 36.00 -28.86
N HIS G 446 56.68 35.00 -28.78
CA HIS G 446 56.27 33.66 -28.43
C HIS G 446 56.13 33.45 -26.93
N TRP G 447 56.67 34.37 -26.12
CA TRP G 447 56.43 34.30 -24.67
C TRP G 447 55.04 34.81 -24.32
N GLY G 448 54.54 35.79 -25.06
CA GLY G 448 53.20 36.31 -24.83
C GLY G 448 53.07 37.24 -23.66
N ASN G 449 54.17 37.64 -23.02
CA ASN G 449 54.14 38.51 -21.85
C ASN G 449 54.57 39.92 -22.19
N SER G 450 54.18 40.41 -23.36
CA SER G 450 54.43 41.78 -23.75
C SER G 450 53.18 42.34 -24.41
N ASP G 451 52.88 43.60 -24.14
CA ASP G 451 51.73 44.23 -24.75
C ASP G 451 51.99 44.47 -26.23
N PHE G 452 50.91 44.82 -26.95
CA PHE G 452 51.04 45.10 -28.36
C PHE G 452 51.87 46.35 -28.63
N ASN G 453 51.93 47.27 -27.67
CA ASN G 453 52.78 48.45 -27.79
C ASN G 453 54.26 48.14 -27.61
N PHE G 454 54.59 46.95 -27.11
CA PHE G 454 55.96 46.60 -26.77
C PHE G 454 56.60 45.63 -27.76
N THR G 455 55.85 44.67 -28.28
CA THR G 455 56.44 43.62 -29.11
C THR G 455 56.96 44.19 -30.43
N ALA G 456 56.11 44.96 -31.13
CA ALA G 456 56.50 45.70 -32.33
C ALA G 456 57.05 44.77 -33.43
N SER G 457 56.13 43.96 -33.96
CA SER G 457 56.30 43.21 -35.22
C SER G 457 57.23 42.01 -35.10
N ILE G 458 57.08 41.05 -36.02
CA ILE G 458 57.77 39.77 -35.95
C ILE G 458 58.40 39.40 -37.29
N LYS G 459 58.09 40.16 -38.34
CA LYS G 459 58.49 39.79 -39.68
C LYS G 459 59.85 40.34 -40.08
N ARG G 460 60.47 41.19 -39.26
CA ARG G 460 61.72 41.83 -39.61
C ARG G 460 62.83 41.39 -38.66
N HIS G 461 64.05 41.33 -39.19
CA HIS G 461 65.18 40.84 -38.42
C HIS G 461 65.67 41.89 -37.44
N ALA G 462 66.40 41.43 -36.43
CA ALA G 462 66.96 42.31 -35.42
C ALA G 462 68.18 41.65 -34.79
N ILE G 463 68.88 42.42 -33.97
CA ILE G 463 70.04 41.92 -33.25
C ILE G 463 69.94 42.35 -31.80
N SER G 464 70.59 41.58 -30.93
CA SER G 464 70.56 41.85 -29.50
C SER G 464 71.82 41.30 -28.86
N SER G 465 72.04 41.67 -27.60
CA SER G 465 73.24 41.31 -26.87
C SER G 465 72.84 40.83 -25.48
N VAL G 466 72.86 39.52 -25.28
CA VAL G 466 72.53 38.97 -23.99
C VAL G 466 73.69 39.20 -23.04
N THR G 467 73.41 39.73 -21.85
CA THR G 467 74.43 40.06 -20.87
C THR G 467 74.11 39.39 -19.55
N VAL G 468 75.05 38.60 -19.05
CA VAL G 468 74.97 38.02 -17.72
C VAL G 468 75.93 38.78 -16.82
N ASP G 469 75.43 39.31 -15.72
CA ASP G 469 76.20 40.20 -14.88
C ASP G 469 75.85 39.96 -13.42
N ILE G 470 76.57 40.63 -12.53
CA ILE G 470 76.31 40.61 -11.09
C ILE G 470 75.75 41.97 -10.70
N ALA G 471 74.57 41.97 -10.07
CA ALA G 471 73.89 43.22 -9.77
C ALA G 471 74.61 44.03 -8.71
N ASP G 472 75.24 43.36 -7.74
CA ASP G 472 75.87 44.07 -6.63
C ASP G 472 77.36 43.78 -6.56
N LYS G 473 78.04 43.81 -7.70
CA LYS G 473 79.49 43.62 -7.70
C LYS G 473 80.18 44.90 -7.30
N THR G 474 81.14 44.79 -6.38
CA THR G 474 81.83 45.96 -5.85
C THR G 474 82.92 46.40 -6.81
N LEU G 475 83.60 47.49 -6.44
CA LEU G 475 84.76 47.91 -7.19
C LEU G 475 85.92 46.96 -6.95
N SER G 476 87.00 47.16 -7.70
CA SER G 476 88.18 46.30 -7.70
C SER G 476 87.84 44.88 -8.13
N CYS G 477 86.71 44.67 -8.78
CA CYS G 477 86.42 43.42 -9.49
C CYS G 477 86.73 43.59 -10.97
N VAL G 478 87.98 43.94 -11.25
CA VAL G 478 88.36 44.32 -12.60
C VAL G 478 88.40 43.11 -13.52
N ASP G 479 88.93 41.98 -13.04
CA ASP G 479 89.17 40.85 -13.93
C ASP G 479 87.97 39.94 -14.09
N LEU G 480 87.06 39.91 -13.12
CA LEU G 480 85.84 39.11 -13.26
C LEU G 480 84.82 39.91 -14.06
N LYS G 481 85.05 39.96 -15.36
CA LYS G 481 84.21 40.74 -16.25
C LYS G 481 82.85 40.08 -16.42
N PRO G 482 81.81 40.85 -16.70
CA PRO G 482 80.53 40.26 -17.06
C PRO G 482 80.58 39.60 -18.42
N LEU G 483 79.69 38.63 -18.61
CA LEU G 483 79.63 37.88 -19.86
C LEU G 483 78.61 38.52 -20.79
N SER G 484 78.94 38.54 -22.08
CA SER G 484 78.04 39.15 -23.05
C SER G 484 78.25 38.50 -24.40
N THR G 485 77.16 38.36 -25.17
CA THR G 485 77.25 37.71 -26.47
C THR G 485 76.18 38.27 -27.40
N LEU G 486 76.41 38.09 -28.69
CA LEU G 486 75.59 38.69 -29.74
C LEU G 486 74.69 37.63 -30.37
N ILE G 487 73.40 37.95 -30.45
CA ILE G 487 72.38 37.05 -30.95
C ILE G 487 71.63 37.77 -32.06
N SER G 488 71.64 37.19 -33.25
CA SER G 488 70.97 37.76 -34.43
C SER G 488 69.71 36.97 -34.71
N VAL G 489 68.56 37.63 -34.56
CA VAL G 489 67.29 37.05 -34.99
C VAL G 489 67.07 37.50 -36.44
N GLY G 490 67.63 36.71 -37.34
CA GLY G 490 67.61 37.04 -38.75
C GLY G 490 67.85 35.80 -39.57
N CYS G 491 68.53 35.98 -40.70
CA CYS G 491 68.73 34.90 -41.63
C CYS G 491 69.77 33.90 -41.12
N ASP G 492 69.66 32.67 -41.61
CA ASP G 492 70.61 31.59 -41.36
C ASP G 492 71.27 31.27 -42.69
N MET G 493 72.52 31.72 -42.85
CA MET G 493 73.18 31.67 -44.16
C MET G 493 73.54 30.26 -44.59
N THR G 494 73.49 29.28 -43.68
CA THR G 494 73.86 27.92 -44.04
C THR G 494 72.76 27.18 -44.77
N LYS G 495 71.54 27.70 -44.80
CA LYS G 495 70.41 27.01 -45.42
C LYS G 495 70.42 27.20 -46.92
N LYS G 496 70.05 26.15 -47.65
CA LYS G 496 69.92 26.25 -49.09
C LYS G 496 68.81 25.32 -49.57
N ILE G 497 68.33 25.57 -50.79
CA ILE G 497 67.27 24.76 -51.39
C ILE G 497 67.82 24.06 -52.62
N VAL G 498 67.48 22.77 -52.76
CA VAL G 498 67.89 22.01 -53.93
C VAL G 498 66.66 21.31 -54.51
N VAL G 499 66.68 21.11 -55.82
CA VAL G 499 65.64 20.37 -56.52
C VAL G 499 66.19 18.99 -56.85
N GLN G 500 65.43 17.94 -56.54
CA GLN G 500 65.88 16.59 -56.83
C GLN G 500 66.03 16.38 -58.33
N ASN G 501 67.10 15.70 -58.69
CA ASN G 501 67.41 15.28 -60.05
C ASN G 501 67.69 13.78 -60.07
N LYS G 502 66.75 13.02 -59.49
CA LYS G 502 66.95 11.58 -59.28
C LYS G 502 67.21 10.85 -60.59
N ILE G 503 66.47 11.19 -61.65
CA ILE G 503 66.79 10.74 -62.99
C ILE G 503 66.82 11.97 -63.89
N SER G 504 67.86 12.09 -64.71
CA SER G 504 68.08 13.27 -65.53
C SER G 504 67.99 12.91 -67.01
N ALA G 505 67.96 13.95 -67.85
CA ALA G 505 67.77 13.75 -69.27
C ALA G 505 68.99 13.14 -69.95
N CYS G 506 70.15 13.14 -69.30
CA CYS G 506 71.34 12.54 -69.87
C CYS G 506 71.32 11.02 -69.66
N THR G 507 72.38 10.37 -70.15
CA THR G 507 72.57 8.92 -70.05
C THR G 507 71.40 8.14 -70.66
N MET G 508 70.78 8.71 -71.69
CA MET G 508 69.78 8.01 -72.47
C MET G 508 69.84 8.56 -73.90
N GLY G 509 68.89 8.14 -74.73
CA GLY G 509 69.00 8.34 -76.18
C GLY G 509 68.64 9.70 -76.72
N ILE G 510 68.79 10.76 -75.92
CA ILE G 510 68.52 12.11 -76.41
C ILE G 510 69.81 12.93 -76.35
N LEU G 511 70.35 13.11 -75.15
CA LEU G 511 71.54 13.92 -74.93
C LEU G 511 72.50 13.19 -74.02
N ASN G 512 73.79 13.49 -74.17
CA ASN G 512 74.81 12.88 -73.34
C ASN G 512 75.49 13.95 -72.48
N PRO G 513 75.95 13.58 -71.29
CA PRO G 513 76.68 14.56 -70.46
C PRO G 513 77.99 15.00 -71.07
N VAL G 514 78.57 14.21 -71.98
CA VAL G 514 79.94 14.43 -72.44
C VAL G 514 80.06 15.57 -73.45
N GLN G 515 78.98 16.26 -73.77
CA GLN G 515 79.01 17.18 -74.90
C GLN G 515 78.48 18.57 -74.55
N LEU G 516 77.56 18.66 -73.60
CA LEU G 516 76.76 19.87 -73.41
C LEU G 516 77.60 21.07 -72.96
N GLN G 517 78.76 20.84 -72.35
CA GLN G 517 79.53 21.94 -71.80
C GLN G 517 80.15 22.81 -72.88
N LYS G 518 80.34 22.28 -74.09
CA LYS G 518 81.01 23.02 -75.15
C LYS G 518 79.97 23.69 -76.05
N ASN G 519 79.30 24.68 -75.45
CA ASN G 519 78.42 25.62 -76.16
C ASN G 519 77.29 24.89 -76.88
N TYR G 520 76.45 24.22 -76.10
CA TYR G 520 75.32 23.47 -76.66
C TYR G 520 74.09 24.35 -76.63
N THR G 521 73.95 25.17 -77.66
CA THR G 521 72.98 26.25 -77.74
C THR G 521 71.69 25.76 -78.40
N TYR G 522 70.55 26.08 -77.78
CA TYR G 522 69.27 25.55 -78.20
C TYR G 522 68.33 26.69 -78.63
N THR G 523 67.25 26.28 -79.28
CA THR G 523 66.40 27.17 -80.07
C THR G 523 65.13 27.57 -79.31
N ILE G 524 64.63 28.76 -79.63
CA ILE G 524 63.34 29.26 -79.17
C ILE G 524 62.49 29.57 -80.40
N GLU G 525 61.29 29.00 -80.46
CA GLU G 525 60.44 29.14 -81.63
C GLU G 525 59.47 30.32 -81.51
N LYS G 526 60.01 31.49 -81.17
CA LYS G 526 59.31 32.77 -81.19
C LYS G 526 58.02 32.73 -80.36
N GLU G 527 58.20 32.52 -79.05
CA GLU G 527 57.05 32.49 -78.15
C GLU G 527 57.29 33.19 -76.82
N ALA G 528 58.43 33.85 -76.63
CA ALA G 528 58.72 34.46 -75.34
C ALA G 528 58.02 35.81 -75.19
N TYR G 529 58.42 36.79 -76.01
CA TYR G 529 57.84 38.13 -75.94
C TYR G 529 57.18 38.54 -77.23
N ASP G 530 57.85 38.39 -78.37
CA ASP G 530 57.29 38.77 -79.67
C ASP G 530 58.02 38.06 -80.79
N ASP G 540 61.37 36.78 -81.24
CA ASP G 540 61.82 36.63 -82.61
C ASP G 540 62.90 35.56 -82.73
N ASP G 541 64.12 35.99 -83.03
CA ASP G 541 65.25 35.06 -83.14
C ASP G 541 65.99 34.92 -81.81
N LEU G 542 65.24 34.63 -80.76
CA LEU G 542 65.83 34.41 -79.45
C LEU G 542 66.44 33.01 -79.37
N ILE G 543 67.59 32.92 -78.72
CA ILE G 543 68.32 31.66 -78.60
C ILE G 543 68.77 31.53 -77.15
N VAL G 544 69.01 30.29 -76.72
CA VAL G 544 69.32 30.02 -75.32
C VAL G 544 70.63 29.24 -75.24
N PHE G 545 71.44 29.55 -74.22
CA PHE G 545 72.76 28.95 -74.05
C PHE G 545 72.78 28.19 -72.72
N TYR G 546 72.71 26.87 -72.78
CA TYR G 546 72.79 26.04 -71.60
C TYR G 546 74.23 26.00 -71.08
N GLU G 547 74.38 25.94 -69.76
CA GLU G 547 75.67 25.78 -69.10
C GLU G 547 75.62 24.51 -68.27
N TYR G 548 76.39 23.50 -68.66
CA TYR G 548 76.38 22.24 -67.92
C TYR G 548 77.02 22.40 -66.53
N LYS G 549 78.08 23.19 -66.43
CA LYS G 549 78.76 23.35 -65.15
C LYS G 549 77.86 23.98 -64.11
N ASP G 550 77.12 25.02 -64.49
CA ASP G 550 76.27 25.72 -63.54
C ASP G 550 74.98 24.95 -63.27
N LEU G 551 74.43 24.28 -64.28
CA LEU G 551 73.15 23.59 -64.13
C LEU G 551 73.31 22.10 -63.87
N GLY G 552 74.01 21.39 -64.75
CA GLY G 552 74.10 19.96 -64.65
C GLY G 552 73.31 19.28 -65.75
N CYS G 553 72.81 18.10 -65.49
CA CYS G 553 71.93 17.51 -66.49
C CYS G 553 70.49 17.89 -66.18
N PRO G 554 69.76 18.45 -67.14
CA PRO G 554 68.43 18.98 -66.85
C PRO G 554 67.43 17.89 -66.54
N ARG G 555 66.39 18.27 -65.80
CA ARG G 555 65.31 17.34 -65.51
C ARG G 555 64.50 17.05 -66.77
N LEU G 556 63.75 15.97 -66.74
CA LEU G 556 62.99 15.51 -67.89
C LEU G 556 61.55 15.24 -67.47
N VAL G 557 60.61 15.95 -68.10
CA VAL G 557 59.19 15.72 -67.89
C VAL G 557 58.52 15.65 -69.24
N TYR G 558 57.23 15.32 -69.22
CA TYR G 558 56.46 15.15 -70.45
C TYR G 558 55.34 16.18 -70.53
N TYR G 559 54.97 16.50 -71.77
CA TYR G 559 53.90 17.44 -72.05
C TYR G 559 52.57 16.92 -71.55
N ASP G 560 51.72 17.85 -71.09
CA ASP G 560 50.38 17.56 -70.56
C ASP G 560 50.43 16.58 -69.40
N LYS G 561 51.39 16.77 -68.51
CA LYS G 561 51.52 16.01 -67.28
C LYS G 561 51.52 16.97 -66.10
N PRO G 562 50.60 16.85 -65.16
CA PRO G 562 50.61 17.75 -64.00
C PRO G 562 51.81 17.51 -63.11
N TRP G 563 52.77 18.43 -63.17
CA TRP G 563 54.08 18.28 -62.57
C TRP G 563 54.30 19.35 -61.52
N LYS G 564 54.86 18.96 -60.38
CA LYS G 564 55.35 19.93 -59.43
C LYS G 564 56.78 19.58 -59.04
N PRO G 565 57.67 20.55 -59.00
CA PRO G 565 59.01 20.28 -58.46
C PRO G 565 58.91 20.02 -56.98
N VAL G 566 59.81 19.17 -56.48
CA VAL G 566 59.89 18.91 -55.05
C VAL G 566 61.24 19.42 -54.59
N VAL G 567 61.24 20.32 -53.62
CA VAL G 567 62.44 21.03 -53.18
C VAL G 567 62.77 20.57 -51.78
N GLU G 568 64.07 20.42 -51.51
CA GLU G 568 64.57 19.97 -50.22
C GLU G 568 65.47 21.04 -49.61
N LEU G 569 65.44 21.12 -48.28
CA LEU G 569 66.26 22.06 -47.54
C LEU G 569 67.55 21.38 -47.09
N TRP G 570 68.66 22.10 -47.23
CA TRP G 570 69.98 21.58 -46.88
C TRP G 570 70.63 22.51 -45.88
N LYS G 571 71.12 21.92 -44.78
CA LYS G 571 71.87 22.62 -43.75
C LYS G 571 73.23 21.95 -43.61
N ASN G 572 74.30 22.72 -43.86
CA ASN G 572 75.67 22.23 -43.83
C ASN G 572 75.88 21.05 -44.79
N GLY G 573 75.29 21.15 -45.98
CA GLY G 573 75.48 20.13 -46.99
C GLY G 573 74.78 18.81 -46.74
N ILE G 574 73.80 18.78 -45.83
CA ILE G 574 73.13 17.55 -45.43
C ILE G 574 71.63 17.71 -45.69
N VAL G 575 71.01 16.69 -46.28
CA VAL G 575 69.55 16.65 -46.38
C VAL G 575 68.96 16.58 -44.98
N GLU G 576 68.02 17.46 -44.68
CA GLU G 576 67.36 17.40 -43.39
C GLU G 576 65.84 17.29 -43.47
N GLU G 577 65.21 17.97 -44.43
CA GLU G 577 63.75 18.01 -44.49
C GLU G 577 63.33 18.55 -45.86
N ILE G 578 62.25 17.98 -46.40
CA ILE G 578 61.68 18.53 -47.63
C ILE G 578 61.01 19.86 -47.31
N MET G 579 60.89 20.70 -48.34
CA MET G 579 60.35 22.05 -48.18
C MET G 579 58.88 22.06 -48.56
N ASN G 580 58.03 22.50 -47.64
CA ASN G 580 56.59 22.43 -47.82
C ASN G 580 55.89 23.79 -47.86
N ALA G 581 56.62 24.88 -47.73
CA ALA G 581 56.01 26.20 -47.75
C ALA G 581 55.61 26.57 -49.18
N GLU G 582 54.93 27.69 -49.33
CA GLU G 582 54.50 28.15 -50.63
C GLU G 582 55.68 28.73 -51.40
N TYR G 583 55.83 28.32 -52.65
CA TYR G 583 56.91 28.81 -53.49
C TYR G 583 56.37 29.12 -54.87
N VAL G 584 57.05 30.02 -55.58
CA VAL G 584 56.64 30.41 -56.92
C VAL G 584 57.81 30.20 -57.87
N ILE G 585 57.48 30.10 -59.16
CA ILE G 585 58.47 29.94 -60.22
C ILE G 585 58.24 31.01 -61.27
N SER G 586 59.29 31.24 -62.07
CA SER G 586 59.21 32.19 -63.17
C SER G 586 60.24 31.80 -64.22
N GLU G 587 60.17 32.47 -65.38
CA GLU G 587 61.11 32.25 -66.46
C GLU G 587 62.05 33.43 -66.56
N ILE G 588 63.37 33.16 -66.60
CA ILE G 588 64.34 34.23 -66.80
C ILE G 588 64.27 34.73 -68.24
N ASN G 589 64.16 33.82 -69.21
CA ASN G 589 64.06 34.23 -70.61
C ASN G 589 62.77 34.98 -70.88
N GLY G 590 61.66 34.52 -70.29
CA GLY G 590 60.41 35.24 -70.41
C GLY G 590 59.41 34.62 -71.37
N LEU G 591 59.24 33.30 -71.32
CA LEU G 591 58.26 32.61 -72.14
C LEU G 591 56.95 32.42 -71.38
N VAL G 592 55.87 32.22 -72.14
CA VAL G 592 54.53 32.11 -71.59
C VAL G 592 53.86 30.79 -71.97
N THR G 593 54.59 29.87 -72.60
CA THR G 593 53.99 28.64 -73.14
C THR G 593 53.93 27.54 -72.08
N TYR G 594 53.33 27.85 -70.94
CA TYR G 594 53.04 26.86 -69.92
C TYR G 594 51.89 27.38 -69.07
N SER G 595 50.85 26.57 -68.91
CA SER G 595 49.66 26.98 -68.18
C SER G 595 49.72 26.48 -66.75
N TYR G 596 48.77 26.94 -65.95
CA TYR G 596 48.68 26.52 -64.56
C TYR G 596 47.44 25.68 -64.32
N SER G 597 47.45 25.01 -63.18
CA SER G 597 46.37 24.12 -62.78
C SER G 597 45.18 24.92 -62.27
N LEU G 598 44.28 24.25 -61.53
CA LEU G 598 43.03 24.78 -61.02
C LEU G 598 43.16 26.23 -60.53
N THR G 599 42.24 27.07 -61.01
CA THR G 599 42.40 28.52 -61.01
C THR G 599 41.69 29.16 -59.82
N ALA G 600 42.19 28.86 -58.63
CA ALA G 600 42.00 29.61 -57.38
C ALA G 600 40.58 29.59 -56.85
N ALA G 601 39.60 29.09 -57.59
CA ALA G 601 38.24 29.02 -57.08
C ALA G 601 38.00 27.67 -56.42
N THR G 602 38.49 26.61 -57.06
CA THR G 602 38.59 25.30 -56.44
C THR G 602 39.79 25.19 -55.50
N ALA G 603 40.63 26.23 -55.44
CA ALA G 603 41.61 26.37 -54.37
C ALA G 603 41.07 27.14 -53.17
N ASN G 604 39.79 27.53 -53.22
CA ASN G 604 39.08 28.15 -52.10
C ASN G 604 39.74 29.46 -51.65
N CYS G 605 40.26 30.21 -52.62
CA CYS G 605 40.78 31.54 -52.33
C CYS G 605 39.63 32.51 -52.09
N ARG G 606 39.89 33.53 -51.26
CA ARG G 606 38.85 34.45 -50.83
C ARG G 606 39.29 35.91 -50.81
N SER G 607 40.48 36.23 -51.31
CA SER G 607 40.97 37.59 -51.18
C SER G 607 41.72 38.09 -52.41
N GLN G 608 41.32 37.64 -53.61
CA GLN G 608 41.86 38.12 -54.88
C GLN G 608 43.38 38.01 -54.97
N PRO G 609 43.91 36.82 -55.24
CA PRO G 609 45.37 36.64 -55.24
C PRO G 609 46.04 37.44 -56.33
N GLN G 610 47.28 37.82 -56.06
CA GLN G 610 48.08 38.60 -57.01
C GLN G 610 48.92 37.67 -57.87
N ASN G 611 49.22 38.14 -59.08
CA ASN G 611 49.86 37.32 -60.10
C ASN G 611 51.20 37.95 -60.49
N TRP G 612 51.83 37.39 -61.52
CA TRP G 612 53.09 37.92 -62.03
C TRP G 612 52.84 39.12 -62.93
N SER G 613 52.05 40.08 -62.45
CA SER G 613 51.73 41.27 -63.21
C SER G 613 51.74 42.53 -62.37
N THR G 614 51.96 42.43 -61.07
CA THR G 614 51.98 43.59 -60.19
C THR G 614 53.22 44.44 -60.36
N PHE G 615 54.22 43.96 -61.08
CA PHE G 615 55.45 44.72 -61.30
C PHE G 615 56.07 44.35 -62.64
N LEU G 626 59.84 41.55 -58.77
CA LEU G 626 60.11 40.21 -58.28
C LEU G 626 59.45 39.95 -56.94
N TRP G 627 58.79 38.81 -56.81
CA TRP G 627 58.25 38.38 -55.53
C TRP G 627 59.38 38.02 -54.56
N ASN G 628 59.06 38.06 -53.28
CA ASN G 628 59.98 37.69 -52.23
C ASN G 628 59.16 37.35 -50.99
N ARG G 629 59.83 37.26 -49.85
CA ARG G 629 59.13 37.18 -48.58
C ARG G 629 58.53 38.51 -48.15
N GLU G 630 58.83 39.60 -48.85
CA GLU G 630 58.41 40.93 -48.45
C GLU G 630 57.10 41.35 -49.10
N ASN G 631 57.05 41.34 -50.43
CA ASN G 631 55.90 41.86 -51.15
C ASN G 631 54.65 40.99 -51.01
N TYR G 632 54.80 39.76 -50.54
CA TYR G 632 53.77 38.75 -50.68
C TYR G 632 52.77 38.82 -49.53
N VAL G 633 51.52 39.15 -49.86
CA VAL G 633 50.39 38.96 -48.96
C VAL G 633 49.51 37.89 -49.56
N SER G 634 49.17 36.88 -48.77
CA SER G 634 48.43 35.75 -49.29
C SER G 634 46.98 36.13 -49.57
N CYS G 635 46.25 35.19 -50.15
CA CYS G 635 44.84 35.38 -50.40
C CYS G 635 43.95 34.49 -49.54
N HIS G 636 44.55 33.66 -48.67
CA HIS G 636 43.79 32.76 -47.82
C HIS G 636 43.42 33.38 -46.48
N GLU G 637 43.77 34.65 -46.25
CA GLU G 637 43.25 35.36 -45.09
C GLU G 637 41.87 35.92 -45.39
N ASP G 638 41.39 36.82 -44.53
CA ASP G 638 40.03 37.32 -44.65
C ASP G 638 40.02 38.84 -44.72
N ASN G 639 40.90 39.40 -45.55
CA ASN G 639 40.92 40.84 -45.77
C ASN G 639 39.60 41.28 -46.40
N LYS G 640 39.13 42.46 -46.00
CA LYS G 640 37.72 42.83 -46.15
C LYS G 640 37.44 43.81 -47.29
N ASP G 641 38.41 44.12 -48.16
CA ASP G 641 38.09 45.01 -49.26
C ASP G 641 38.65 44.62 -50.61
N ASN G 642 39.00 43.35 -50.85
CA ASN G 642 39.19 42.83 -52.21
C ASN G 642 38.85 41.35 -52.21
N PRO G 643 37.55 41.01 -52.13
CA PRO G 643 37.18 39.59 -52.15
C PRO G 643 37.34 38.97 -53.53
N LEU G 644 36.86 39.67 -54.57
CA LEU G 644 36.92 39.15 -55.92
C LEU G 644 36.59 40.20 -56.97
N LEU G 645 37.38 40.23 -58.04
CA LEU G 645 36.87 40.52 -59.37
C LEU G 645 37.38 39.39 -60.23
N TRP G 646 36.76 38.23 -60.11
CA TRP G 646 37.46 36.99 -60.43
C TRP G 646 36.52 35.81 -60.59
N PRO G 647 36.09 35.48 -61.80
CA PRO G 647 35.50 34.15 -62.01
C PRO G 647 36.55 33.05 -61.95
N ASN G 648 37.59 33.13 -62.78
CA ASN G 648 38.53 32.04 -62.93
C ASN G 648 39.96 32.50 -63.22
N VAL G 649 40.37 33.65 -62.66
CA VAL G 649 41.76 34.08 -62.76
C VAL G 649 42.64 33.08 -62.02
N GLU G 650 43.77 32.69 -62.63
CA GLU G 650 44.54 31.57 -62.12
C GLU G 650 45.23 31.89 -60.80
N TYR G 651 45.97 30.91 -60.30
CA TYR G 651 46.54 30.99 -58.95
C TYR G 651 48.02 30.67 -59.11
N GLN G 652 48.83 31.71 -59.26
CA GLN G 652 50.22 31.55 -59.67
C GLN G 652 51.12 31.25 -58.47
N VAL G 653 50.73 30.29 -57.63
CA VAL G 653 51.48 29.96 -56.43
C VAL G 653 51.37 28.46 -56.21
N LEU G 654 52.49 27.78 -56.14
CA LEU G 654 52.51 26.34 -55.93
C LEU G 654 52.78 26.04 -54.46
N GLY G 655 52.93 24.76 -54.15
CA GLY G 655 53.27 24.36 -52.81
C GLY G 655 52.16 24.62 -51.81
N GLY G 656 52.56 24.60 -50.53
CA GLY G 656 51.66 24.94 -49.46
C GLY G 656 50.58 23.89 -49.22
N GLN G 657 49.49 24.36 -48.61
CA GLN G 657 48.34 23.49 -48.37
C GLN G 657 47.54 23.23 -49.65
N THR G 658 47.60 24.14 -50.61
CA THR G 658 46.92 23.94 -51.88
C THR G 658 47.69 22.93 -52.73
N ASN G 659 47.06 22.49 -53.82
CA ASN G 659 47.59 21.40 -54.64
C ASN G 659 47.50 21.79 -56.12
N ASN G 660 48.09 22.93 -56.46
CA ASN G 660 48.14 23.34 -57.86
C ASN G 660 49.53 23.07 -58.44
N LYS G 661 49.55 22.66 -59.70
CA LYS G 661 50.75 22.29 -60.42
C LYS G 661 50.82 23.09 -61.72
N ILE G 662 51.83 22.83 -62.53
CA ILE G 662 52.03 23.53 -63.80
C ILE G 662 51.77 22.55 -64.93
N ILE G 663 50.81 22.86 -65.79
CA ILE G 663 50.52 22.09 -66.98
C ILE G 663 51.41 22.61 -68.11
N PHE G 664 52.07 21.70 -68.80
CA PHE G 664 53.11 22.11 -69.73
C PHE G 664 52.54 22.34 -71.13
N GLY G 665 53.29 23.12 -71.92
CA GLY G 665 52.99 23.32 -73.32
C GLY G 665 53.63 22.27 -74.19
N GLN G 666 53.61 22.54 -75.50
CA GLN G 666 54.10 21.59 -76.51
C GLN G 666 55.33 22.11 -77.24
N ARG G 667 56.14 22.95 -76.58
CA ARG G 667 57.28 23.57 -77.26
C ARG G 667 58.43 22.60 -77.48
N ASN G 668 58.60 21.62 -76.60
CA ASN G 668 59.69 20.64 -76.66
C ASN G 668 61.05 21.32 -76.66
N GLY G 669 61.33 22.00 -75.54
CA GLY G 669 62.60 22.69 -75.37
C GLY G 669 62.97 22.81 -73.92
N ILE G 670 64.19 23.29 -73.68
CA ILE G 670 64.71 23.44 -72.33
C ILE G 670 64.13 24.69 -71.68
N TYR G 671 63.80 24.59 -70.41
CA TYR G 671 63.27 25.69 -69.62
C TYR G 671 64.13 25.87 -68.39
N THR G 672 64.31 27.12 -68.00
CA THR G 672 65.10 27.49 -66.82
C THR G 672 64.15 28.12 -65.81
N PHE G 673 63.75 27.33 -64.82
CA PHE G 673 62.86 27.80 -63.76
C PHE G 673 63.67 28.57 -62.72
N HIS G 674 63.29 29.82 -62.48
CA HIS G 674 63.81 30.61 -61.38
C HIS G 674 62.79 30.54 -60.26
N LEU G 675 63.17 29.92 -59.15
CA LEU G 675 62.26 29.59 -58.07
C LEU G 675 62.53 30.48 -56.88
N SER G 676 61.48 31.03 -56.29
CA SER G 676 61.57 31.85 -55.09
C SER G 676 60.59 31.33 -54.05
N VAL G 677 61.09 31.04 -52.86
CA VAL G 677 60.22 30.63 -51.76
C VAL G 677 59.58 31.88 -51.18
N VAL G 678 58.25 31.86 -51.09
CA VAL G 678 57.48 33.08 -50.94
C VAL G 678 56.81 33.23 -49.58
N ASP G 679 56.84 32.19 -48.76
CA ASP G 679 56.21 32.30 -47.45
C ASP G 679 57.02 33.19 -46.54
N PRO G 680 56.42 34.20 -45.91
CA PRO G 680 57.14 35.02 -44.94
C PRO G 680 57.11 34.54 -43.50
N TYR G 681 56.79 33.27 -43.26
CA TYR G 681 56.83 32.71 -41.93
C TYR G 681 57.68 31.46 -41.83
N TYR G 682 58.39 31.09 -42.89
CA TYR G 682 59.25 29.92 -42.86
C TYR G 682 60.62 30.27 -42.28
N SER G 683 61.30 31.22 -42.88
CA SER G 683 62.58 31.72 -42.37
C SER G 683 62.79 33.12 -42.91
N TYR G 684 63.74 33.83 -42.31
CA TYR G 684 64.06 35.18 -42.77
C TYR G 684 64.89 35.18 -44.03
N CYS G 685 65.52 34.04 -44.37
CA CYS G 685 66.38 33.97 -45.53
C CYS G 685 65.56 33.95 -46.81
N ASN G 686 65.90 34.79 -47.76
CA ASN G 686 65.23 34.84 -49.05
C ASN G 686 65.73 33.66 -49.87
N LEU G 687 65.14 32.49 -49.63
CA LEU G 687 65.52 31.29 -50.36
C LEU G 687 65.13 31.42 -51.82
N ASN G 688 66.09 31.15 -52.70
CA ASN G 688 65.89 31.29 -54.13
C ASN G 688 66.86 30.35 -54.83
N THR G 689 66.47 29.87 -56.01
CA THR G 689 67.33 28.97 -56.78
C THR G 689 66.99 29.07 -58.26
N ILE G 690 67.81 28.42 -59.08
CA ILE G 690 67.59 28.28 -60.51
C ILE G 690 67.85 26.83 -60.89
N PHE G 691 66.88 26.21 -61.55
CA PHE G 691 67.02 24.83 -62.00
C PHE G 691 66.48 24.73 -63.42
N SER G 692 66.67 23.56 -64.03
CA SER G 692 66.35 23.40 -65.45
C SER G 692 65.56 22.12 -65.68
N VAL G 693 64.56 22.24 -66.57
CA VAL G 693 63.71 21.12 -66.94
C VAL G 693 63.63 21.09 -68.46
N TYR G 694 63.18 19.96 -68.99
CA TYR G 694 63.08 19.75 -70.43
C TYR G 694 61.89 18.85 -70.71
N VAL G 695 61.10 19.24 -71.71
CA VAL G 695 59.87 18.54 -72.05
C VAL G 695 60.03 17.87 -73.40
N HIS G 696 59.37 16.71 -73.56
CA HIS G 696 59.48 15.87 -74.75
C HIS G 696 58.05 15.43 -75.07
N GLY G 697 57.35 16.22 -75.88
CA GLY G 697 55.92 16.05 -76.06
C GLY G 697 55.50 14.93 -77.00
N ALA G 698 54.43 15.17 -77.76
CA ALA G 698 53.89 14.15 -78.66
C ALA G 698 53.92 14.57 -80.12
N LEU G 699 53.34 15.73 -80.46
CA LEU G 699 53.17 16.10 -81.87
C LEU G 699 52.82 17.58 -82.02
N PRO G 700 53.56 18.31 -82.85
CA PRO G 700 53.11 19.67 -83.22
C PRO G 700 52.02 19.61 -84.27
N VAL G 701 51.21 20.66 -84.30
CA VAL G 701 50.04 20.74 -85.16
C VAL G 701 50.26 21.85 -86.19
N THR G 702 50.23 21.49 -87.47
CA THR G 702 50.32 22.42 -88.58
C THR G 702 49.11 22.29 -89.49
N LYS G 703 47.95 21.97 -88.89
CA LYS G 703 46.75 21.73 -89.68
C LYS G 703 46.13 23.03 -90.21
N PHE G 704 46.30 24.14 -89.49
CA PHE G 704 45.76 25.45 -89.84
C PHE G 704 44.24 25.41 -90.01
N GLN G 705 43.72 26.35 -90.79
CA GLN G 705 42.29 26.41 -91.09
C GLN G 705 41.73 25.22 -91.90
N PRO G 706 42.51 24.46 -92.69
CA PRO G 706 41.93 23.21 -93.21
C PRO G 706 41.69 22.21 -92.09
N LEU G 707 40.41 21.88 -91.90
CA LEU G 707 40.02 20.92 -90.88
C LEU G 707 40.00 19.50 -91.45
N LEU G 708 39.80 18.53 -90.56
CA LEU G 708 39.51 17.17 -91.03
C LEU G 708 38.18 17.12 -91.76
N THR G 709 37.18 17.84 -91.25
CA THR G 709 35.88 17.88 -91.91
C THR G 709 35.94 18.65 -93.23
N ILE G 710 36.74 19.71 -93.29
CA ILE G 710 36.86 20.49 -94.51
C ILE G 710 37.53 19.67 -95.61
N LEU G 711 38.63 18.99 -95.28
CA LEU G 711 39.29 18.13 -96.25
C LEU G 711 38.43 16.92 -96.58
N LEU G 712 37.63 16.44 -95.62
CA LEU G 712 36.66 15.38 -95.90
C LEU G 712 35.64 15.82 -96.94
N MET G 713 35.12 17.04 -96.78
CA MET G 713 34.15 17.57 -97.74
C MET G 713 34.79 17.79 -99.11
N VAL G 714 36.05 18.24 -99.12
CA VAL G 714 36.78 18.39 -100.38
C VAL G 714 36.92 17.06 -101.08
N THR G 715 37.27 16.01 -100.33
CA THR G 715 37.41 14.68 -100.93
C THR G 715 36.07 14.13 -101.41
N THR G 716 34.99 14.38 -100.67
CA THR G 716 33.68 13.92 -101.14
C THR G 716 33.28 14.63 -102.42
N THR G 717 33.53 15.94 -102.51
CA THR G 717 33.21 16.67 -103.74
C THR G 717 34.06 16.17 -104.91
N LEU G 718 35.35 15.90 -104.66
CA LEU G 718 36.21 15.39 -105.72
C LEU G 718 35.79 14.00 -106.17
N LEU G 719 35.39 13.14 -105.24
CA LEU G 719 34.94 11.80 -105.61
C LEU G 719 33.63 11.84 -106.37
N THR G 720 32.71 12.73 -105.98
CA THR G 720 31.48 12.87 -106.74
C THR G 720 31.73 13.44 -108.13
N ALA G 721 32.71 14.35 -108.26
CA ALA G 721 33.11 14.81 -109.58
C ALA G 721 33.70 13.69 -110.41
N TRP G 722 34.48 12.81 -109.79
CA TRP G 722 35.02 11.64 -110.49
C TRP G 722 33.90 10.69 -110.95
N LEU G 723 32.89 10.51 -110.10
CA LEU G 723 31.75 9.68 -110.49
C LEU G 723 30.97 10.32 -111.63
N ALA G 724 30.81 11.64 -111.61
CA ALA G 724 30.14 12.34 -112.71
C ALA G 724 30.99 12.31 -113.98
N TYR G 725 32.30 12.18 -113.85
CA TYR G 725 33.17 11.99 -115.01
C TYR G 725 33.10 10.57 -115.56
N ALA G 726 32.93 9.58 -114.69
CA ALA G 726 32.87 8.19 -115.11
C ALA G 726 31.48 7.75 -115.54
N ILE G 727 30.44 8.55 -115.28
CA ILE G 727 29.11 8.25 -115.81
C ILE G 727 29.09 8.23 -117.34
N PRO G 728 29.68 9.20 -118.07
CA PRO G 728 29.75 9.04 -119.53
C PRO G 728 30.57 7.86 -120.00
N LYS G 729 31.48 7.32 -119.17
CA LYS G 729 32.20 6.11 -119.54
C LYS G 729 31.24 4.94 -119.73
N GLN G 730 30.27 4.80 -118.82
CA GLN G 730 29.22 3.80 -119.03
C GLN G 730 28.26 4.24 -120.13
N LEU G 731 28.01 5.55 -120.24
CA LEU G 731 27.10 6.05 -121.28
C LEU G 731 27.67 5.85 -122.69
N ARG G 732 28.99 6.00 -122.86
CA ARG G 732 29.59 5.87 -124.17
C ARG G 732 29.78 4.42 -124.59
N SER G 733 29.65 3.46 -123.66
CA SER G 733 29.83 2.05 -124.00
C SER G 733 28.48 1.37 -124.20
N LEU H 1 137.17 36.14 7.65
CA LEU H 1 136.98 35.19 6.57
C LEU H 1 136.70 33.80 7.10
N TRP H 2 135.44 33.37 7.00
CA TRP H 2 135.04 32.04 7.39
C TRP H 2 134.08 31.51 6.33
N ARG H 3 133.81 30.20 6.38
CA ARG H 3 132.88 29.60 5.44
C ARG H 3 132.29 28.33 6.06
N TYR H 4 131.37 27.72 5.31
CA TYR H 4 130.67 26.53 5.77
C TYR H 4 130.48 25.56 4.61
N TYR H 5 130.58 24.28 4.93
CA TYR H 5 130.43 23.20 3.96
C TYR H 5 129.31 22.26 4.40
N ILE H 6 128.68 21.64 3.41
CA ILE H 6 127.64 20.64 3.66
C ILE H 6 127.97 19.41 2.83
N ASN H 7 127.41 18.28 3.24
CA ASN H 7 127.84 16.99 2.73
C ASN H 7 127.25 16.64 1.36
N SER H 8 126.28 17.41 0.87
CA SER H 8 125.63 17.12 -0.40
C SER H 8 125.72 18.32 -1.32
N GLN H 9 126.09 18.09 -2.58
CA GLN H 9 126.08 19.15 -3.56
C GLN H 9 124.65 19.55 -3.92
N ASP H 10 123.72 18.60 -3.90
CA ASP H 10 122.31 18.93 -4.05
C ASP H 10 121.81 19.66 -2.82
N TYR H 11 120.99 20.69 -3.04
CA TYR H 11 120.43 21.46 -1.94
C TYR H 11 118.95 21.19 -1.75
N SER H 12 118.41 20.17 -2.40
CA SER H 12 117.09 19.64 -2.10
C SER H 12 117.13 18.59 -1.00
N ILE H 13 118.32 18.24 -0.52
CA ILE H 13 118.46 17.37 0.63
C ILE H 13 118.59 18.18 1.92
N PHE H 14 119.05 19.43 1.82
CA PHE H 14 119.35 20.29 2.95
C PHE H 14 118.14 20.49 3.87
N SER H 15 118.22 19.95 5.08
CA SER H 15 117.14 20.03 6.05
C SER H 15 117.75 19.92 7.45
N THR H 16 116.89 19.72 8.45
CA THR H 16 117.31 19.76 9.83
C THR H 16 118.14 18.57 10.26
N ARG H 17 118.21 17.50 9.46
CA ARG H 17 119.05 16.36 9.79
C ARG H 17 120.44 16.46 9.18
N SER H 18 120.76 17.58 8.53
CA SER H 18 122.07 17.76 7.93
C SER H 18 123.05 18.33 8.94
N SER H 19 124.33 18.18 8.63
CA SER H 19 125.42 18.72 9.43
C SER H 19 126.14 19.79 8.62
N ILE H 20 126.54 20.87 9.28
CA ILE H 20 127.22 21.97 8.61
C ILE H 20 128.60 22.16 9.23
N LYS H 21 129.64 22.02 8.43
CA LYS H 21 131.00 22.19 8.91
C LYS H 21 131.40 23.66 8.78
N LEU H 22 131.69 24.30 9.90
CA LEU H 22 132.11 25.68 9.91
C LEU H 22 133.63 25.74 10.04
N GLU H 23 134.26 26.52 9.16
CA GLU H 23 135.71 26.64 9.12
C GLU H 23 136.10 28.12 9.11
N TYR H 24 137.00 28.48 10.02
CA TYR H 24 137.49 29.85 10.15
C TYR H 24 138.98 29.87 9.91
N GLU H 25 139.45 30.81 9.09
CA GLU H 25 140.86 31.05 8.91
C GLU H 25 141.18 32.47 9.34
N GLY H 26 142.22 32.63 10.15
CA GLY H 26 142.57 33.93 10.69
C GLY H 26 143.42 33.78 11.93
N ASN H 27 144.19 34.85 12.20
CA ASN H 27 145.10 34.83 13.34
C ASN H 27 144.34 34.94 14.66
N SER H 28 143.36 35.83 14.74
CA SER H 28 142.61 36.07 15.96
C SER H 28 141.27 35.34 15.88
N PHE H 29 140.97 34.54 16.89
CA PHE H 29 139.72 33.80 16.94
C PHE H 29 139.36 33.52 18.39
N VAL H 30 138.15 33.90 18.78
CA VAL H 30 137.67 33.70 20.15
C VAL H 30 136.73 32.51 20.24
N SER H 31 135.57 32.58 19.56
CA SER H 31 134.59 31.50 19.66
C SER H 31 133.57 31.64 18.53
N TRP H 32 132.50 30.85 18.62
CA TRP H 32 131.37 30.92 17.71
C TRP H 32 130.16 31.49 18.44
N LYS H 33 129.23 32.04 17.66
CA LYS H 33 128.02 32.65 18.19
C LYS H 33 126.84 32.07 17.42
N ILE H 34 126.01 31.32 18.13
CA ILE H 34 124.90 30.58 17.54
C ILE H 34 123.65 30.86 18.37
N PRO H 35 122.48 30.74 17.76
CA PRO H 35 121.24 30.84 18.55
C PRO H 35 121.05 29.68 19.51
N GLU H 36 120.01 29.75 20.34
CA GLU H 36 119.76 28.68 21.30
C GLU H 36 119.18 27.44 20.65
N SER H 37 118.68 27.56 19.41
CA SER H 37 118.16 26.39 18.72
C SER H 37 119.27 25.46 18.27
N CYS H 38 120.39 26.02 17.82
CA CYS H 38 121.44 25.23 17.20
C CYS H 38 122.58 24.95 18.18
N LYS H 39 123.21 23.79 17.99
CA LYS H 39 124.34 23.37 18.81
C LYS H 39 125.57 23.17 17.94
N VAL H 40 126.73 23.38 18.56
CA VAL H 40 128.02 23.32 17.88
C VAL H 40 128.95 22.44 18.70
N GLU H 41 129.61 21.49 18.04
CA GLU H 41 130.57 20.63 18.72
C GLU H 41 131.87 21.38 18.96
N ASN H 42 132.28 21.47 20.22
CA ASN H 42 133.55 22.08 20.64
C ASN H 42 133.63 23.54 20.16
N THR H 43 132.77 24.35 20.76
CA THR H 43 132.54 25.74 20.35
C THR H 43 133.76 26.65 20.53
N THR H 44 134.94 26.19 20.92
CA THR H 44 136.12 27.04 20.95
C THR H 44 137.08 26.77 19.79
N SER H 45 136.88 25.67 19.02
CA SER H 45 137.74 25.28 17.92
C SER H 45 137.31 25.95 16.62
N PRO H 46 138.26 26.28 15.73
CA PRO H 46 137.90 26.96 14.48
C PRO H 46 137.25 26.05 13.45
N LYS H 47 137.50 24.76 13.51
CA LYS H 47 136.88 23.78 12.61
C LYS H 47 135.88 22.96 13.41
N THR H 48 134.59 23.23 13.22
CA THR H 48 133.59 22.58 14.06
C THR H 48 132.40 22.14 13.23
N THR H 49 131.50 21.42 13.87
CA THR H 49 130.29 20.91 13.23
C THR H 49 129.06 21.46 13.94
N LEU H 50 128.11 21.95 13.14
CA LEU H 50 126.87 22.54 13.60
C LEU H 50 125.70 21.64 13.26
N HIS H 51 124.82 21.45 14.23
CA HIS H 51 123.62 20.65 14.10
C HIS H 51 122.45 21.39 14.75
N CYS H 52 121.29 21.37 14.09
CA CYS H 52 120.05 21.78 14.74
C CYS H 52 118.82 21.26 14.03
N LYS H 53 117.76 21.13 14.81
CA LYS H 53 116.53 20.47 14.41
C LYS H 53 115.37 21.43 14.19
N ARG H 54 115.32 22.54 14.93
CA ARG H 54 114.27 23.52 14.72
C ARG H 54 114.53 24.28 13.43
N ALA H 55 113.47 24.51 12.66
CA ALA H 55 113.61 25.14 11.36
C ALA H 55 113.75 26.65 11.53
N GLY H 56 113.65 27.37 10.41
CA GLY H 56 113.74 28.82 10.43
C GLY H 56 115.04 29.33 9.85
N ILE H 57 115.49 30.47 10.36
CA ILE H 57 116.77 31.06 9.98
C ILE H 57 117.58 31.27 11.25
N HIS H 58 118.85 30.89 11.19
CA HIS H 58 119.73 30.95 12.36
C HIS H 58 120.94 31.81 12.02
N THR H 59 121.25 32.75 12.91
CA THR H 59 122.32 33.70 12.70
C THR H 59 123.58 33.17 13.37
N ILE H 60 124.55 32.75 12.57
CA ILE H 60 125.82 32.24 13.06
C ILE H 60 126.89 33.27 12.75
N LYS H 61 127.82 33.45 13.69
CA LYS H 61 128.92 34.39 13.46
C LYS H 61 130.12 34.01 14.31
N PRO H 62 131.33 33.97 13.74
CA PRO H 62 132.51 33.78 14.58
C PRO H 62 132.86 35.09 15.28
N ILE H 63 132.99 35.05 16.59
CA ILE H 63 133.47 36.19 17.36
C ILE H 63 134.98 36.07 17.44
N ALA H 64 135.68 37.13 17.03
CA ALA H 64 137.12 37.14 16.96
C ALA H 64 137.63 38.53 17.31
N GLY H 65 138.95 38.68 17.39
CA GLY H 65 139.53 39.97 17.69
C GLY H 65 139.24 41.01 16.61
N ASN H 66 139.26 40.59 15.36
CA ASN H 66 138.86 41.45 14.25
C ASN H 66 137.35 41.34 14.05
N GLN H 67 136.84 42.07 13.07
CA GLN H 67 135.41 42.11 12.79
C GLN H 67 135.09 41.06 11.73
N GLU H 68 134.14 40.18 12.05
CA GLU H 68 133.70 39.14 11.14
C GLU H 68 132.20 39.27 10.92
N VAL H 69 131.77 39.05 9.67
CA VAL H 69 130.38 39.24 9.32
C VAL H 69 129.55 38.06 9.82
N GLU H 70 128.25 38.29 9.95
CA GLU H 70 127.32 37.27 10.41
C GLU H 70 126.50 36.74 9.25
N ARG H 71 126.25 35.44 9.24
CA ARG H 71 125.51 34.80 8.16
C ARG H 71 124.25 34.16 8.72
N HIS H 72 123.14 34.40 8.05
CA HIS H 72 121.86 33.79 8.41
C HIS H 72 121.62 32.59 7.51
N LEU H 73 121.59 31.41 8.11
CA LEU H 73 121.43 30.16 7.39
C LEU H 73 120.00 29.66 7.58
N THR H 74 119.34 29.35 6.48
CA THR H 74 117.94 28.90 6.51
C THR H 74 117.90 27.37 6.47
N VAL H 75 117.20 26.79 7.44
CA VAL H 75 117.00 25.35 7.53
C VAL H 75 115.51 25.08 7.58
N ASP H 76 115.04 24.18 6.74
CA ASP H 76 113.62 23.89 6.64
C ASP H 76 113.40 22.38 6.65
N ASN H 77 112.28 21.96 7.23
CA ASN H 77 111.98 20.55 7.34
C ASN H 77 111.62 19.99 5.97
N SER H 78 112.17 18.81 5.66
CA SER H 78 111.91 18.16 4.39
C SER H 78 111.78 16.66 4.61
N TYR H 79 110.96 16.04 3.76
CA TYR H 79 110.78 14.60 3.77
C TYR H 79 111.58 13.91 2.67
N ILE H 80 112.51 14.62 2.04
CA ILE H 80 113.42 14.05 1.05
C ILE H 80 114.79 14.00 1.69
N CYS H 81 115.30 12.79 1.90
CA CYS H 81 116.55 12.62 2.63
C CYS H 81 117.64 11.93 1.83
N TYR H 82 117.36 10.77 1.24
CA TYR H 82 118.41 9.93 0.67
C TYR H 82 118.69 10.34 -0.77
N LEU H 83 119.56 9.58 -1.43
CA LEU H 83 119.97 9.91 -2.79
C LEU H 83 120.32 8.65 -3.56
N TRP H 84 120.34 8.77 -4.88
CA TRP H 84 120.74 7.70 -5.79
C TRP H 84 122.24 7.74 -6.03
N TYR H 85 122.77 6.62 -6.51
CA TYR H 85 124.17 6.56 -6.90
C TYR H 85 124.27 5.57 -8.04
N PHE H 86 124.98 5.95 -9.10
CA PHE H 86 125.15 5.09 -10.25
C PHE H 86 126.61 5.05 -10.67
N THR H 87 127.01 3.92 -11.21
CA THR H 87 128.34 3.72 -11.79
C THR H 87 128.16 3.09 -13.17
N VAL H 88 128.79 3.67 -14.18
CA VAL H 88 128.60 3.23 -15.55
C VAL H 88 129.81 2.44 -16.02
N VAL H 89 129.57 1.51 -16.93
CA VAL H 89 130.63 0.83 -17.68
C VAL H 89 130.13 0.60 -19.10
N ASP H 90 130.87 1.09 -20.08
CA ASP H 90 130.42 1.13 -21.46
C ASP H 90 131.08 0.02 -22.27
N VAL H 91 130.28 -0.71 -23.04
CA VAL H 91 130.76 -1.73 -23.96
C VAL H 91 130.57 -1.23 -25.38
N TYR H 92 131.67 -1.16 -26.12
CA TYR H 92 131.66 -0.70 -27.50
C TYR H 92 131.24 -1.79 -28.49
N TYR H 93 131.41 -3.06 -28.12
CA TYR H 93 131.06 -4.14 -29.03
C TYR H 93 129.56 -4.17 -29.31
N ASN H 94 128.75 -3.93 -28.28
CA ASN H 94 127.31 -3.91 -28.42
C ASN H 94 126.73 -2.49 -28.51
N LEU H 95 127.58 -1.47 -28.36
CA LEU H 95 127.16 -0.07 -28.26
C LEU H 95 126.13 0.13 -27.14
N SER H 96 126.57 -0.15 -25.91
CA SER H 96 125.65 -0.01 -24.80
C SER H 96 126.41 0.34 -23.52
N GLN H 97 125.64 0.65 -22.48
CA GLN H 97 126.19 1.05 -21.19
C GLN H 97 125.44 0.29 -20.11
N ILE H 98 126.19 -0.27 -19.16
CA ILE H 98 125.63 -0.97 -18.01
C ILE H 98 125.83 -0.09 -16.80
N VAL H 99 124.73 0.28 -16.14
CA VAL H 99 124.79 1.15 -14.97
C VAL H 99 124.38 0.36 -13.75
N THR H 100 125.06 0.61 -12.64
CA THR H 100 124.78 -0.03 -11.36
C THR H 100 124.34 1.04 -10.39
N ILE H 101 123.18 0.84 -9.77
CA ILE H 101 122.51 1.86 -8.98
C ILE H 101 122.30 1.35 -7.57
N TRP H 102 122.65 2.16 -6.59
CA TRP H 102 122.28 1.86 -5.21
C TRP H 102 122.00 3.16 -4.47
N VAL H 103 121.32 3.03 -3.34
CA VAL H 103 120.83 4.16 -2.57
C VAL H 103 121.82 4.49 -1.49
N TYR H 104 121.98 5.77 -1.17
CA TYR H 104 122.90 6.14 -0.12
C TYR H 104 122.45 7.43 0.56
N ASP H 105 122.80 7.52 1.85
CA ASP H 105 122.43 8.62 2.72
C ASP H 105 123.65 9.49 2.96
N PRO H 106 123.62 10.77 2.60
CA PRO H 106 124.84 11.58 2.69
C PRO H 106 125.39 11.76 4.09
N GLU H 107 124.56 11.61 5.12
CA GLU H 107 125.05 11.78 6.49
C GLU H 107 125.90 10.60 6.94
N SER H 108 125.51 9.38 6.58
CA SER H 108 126.18 8.18 7.04
C SER H 108 126.68 7.32 5.88
N ALA H 109 127.28 7.96 4.89
CA ALA H 109 127.94 7.25 3.80
C ALA H 109 129.44 7.37 3.95
N SER H 110 130.17 6.56 3.19
CA SER H 110 131.61 6.60 3.24
C SER H 110 132.13 7.86 2.55
N THR H 111 133.44 8.11 2.70
CA THR H 111 134.04 9.26 2.05
C THR H 111 134.14 9.07 0.54
N GLU H 112 134.26 7.82 0.09
CA GLU H 112 134.37 7.56 -1.35
C GLU H 112 133.04 7.80 -2.05
N GLU H 113 131.92 7.52 -1.39
CA GLU H 113 130.61 7.71 -2.00
C GLU H 113 130.22 9.17 -2.13
N LEU H 114 130.97 10.09 -1.53
CA LEU H 114 130.65 11.51 -1.57
C LEU H 114 131.44 12.27 -2.61
N ILE H 115 132.62 11.78 -2.99
CA ILE H 115 133.41 12.42 -4.05
C ILE H 115 133.21 11.74 -5.40
N TRP H 116 132.28 10.79 -5.48
CA TRP H 116 131.99 10.02 -6.70
C TRP H 116 133.24 9.29 -7.19
N THR H 117 133.82 8.47 -6.31
CA THR H 117 134.92 7.60 -6.67
C THR H 117 134.69 6.16 -6.25
N ALA H 118 133.54 5.84 -5.66
CA ALA H 118 133.29 4.50 -5.17
C ALA H 118 133.00 3.54 -6.31
N LYS H 119 133.27 2.26 -6.06
CA LYS H 119 132.95 1.19 -7.00
C LYS H 119 132.06 0.11 -6.41
N LYS H 120 132.04 -0.05 -5.09
CA LYS H 120 131.20 -1.01 -4.40
C LYS H 120 130.48 -0.30 -3.26
N PRO H 121 129.20 -0.60 -3.04
CA PRO H 121 128.48 0.03 -1.94
C PRO H 121 129.06 -0.33 -0.58
N SER H 122 128.97 0.59 0.36
CA SER H 122 129.47 0.40 1.71
C SER H 122 128.48 -0.44 2.51
N LEU H 123 128.72 -0.59 3.81
CA LEU H 123 127.84 -1.39 4.65
C LEU H 123 126.49 -0.69 4.85
N SER H 124 126.53 0.60 5.19
CA SER H 124 125.31 1.35 5.41
C SER H 124 124.48 1.46 4.15
N SER H 125 125.12 1.75 3.01
CA SER H 125 124.41 1.88 1.76
C SER H 125 123.77 0.56 1.34
N ARG H 126 124.49 -0.54 1.53
CA ARG H 126 123.93 -1.86 1.20
C ARG H 126 122.72 -2.19 2.06
N VAL H 127 122.82 -1.97 3.37
CA VAL H 127 121.71 -2.29 4.27
C VAL H 127 120.50 -1.41 3.96
N LEU H 128 120.73 -0.11 3.74
CA LEU H 128 119.64 0.79 3.40
C LEU H 128 119.00 0.39 2.08
N THR H 129 119.82 -0.02 1.10
CA THR H 129 119.30 -0.38 -0.22
C THR H 129 118.41 -1.61 -0.14
N LYS H 130 118.84 -2.64 0.58
CA LYS H 130 117.98 -3.82 0.66
C LYS H 130 116.76 -3.58 1.54
N GLN H 131 116.86 -2.69 2.53
CA GLN H 131 115.68 -2.33 3.31
C GLN H 131 114.66 -1.57 2.46
N MET H 132 115.13 -0.70 1.56
CA MET H 132 114.22 -0.03 0.64
C MET H 132 113.66 -0.99 -0.39
N ASN H 133 114.43 -2.01 -0.77
CA ASN H 133 113.93 -3.01 -1.72
C ASN H 133 112.86 -3.87 -1.09
N THR H 134 112.96 -4.15 0.21
CA THR H 134 111.95 -4.96 0.87
C THR H 134 110.60 -4.26 0.88
N LEU H 135 110.59 -2.95 1.08
CA LEU H 135 109.35 -2.18 1.00
C LEU H 135 108.83 -2.03 -0.42
N GLY H 136 109.64 -2.37 -1.42
CA GLY H 136 109.17 -2.30 -2.79
C GLY H 136 109.59 -1.06 -3.55
N GLN H 137 110.87 -0.71 -3.50
CA GLN H 137 111.38 0.43 -4.23
C GLN H 137 112.33 -0.05 -5.33
N ARG H 138 112.14 0.46 -6.54
CA ARG H 138 112.93 0.06 -7.68
C ARG H 138 113.17 1.30 -8.54
N PRO H 139 114.39 1.54 -8.97
CA PRO H 139 114.67 2.70 -9.83
C PRO H 139 114.46 2.38 -11.31
N PHE H 140 114.17 3.43 -12.07
CA PHE H 140 114.17 3.27 -13.52
C PHE H 140 114.73 4.54 -14.17
N ILE H 141 115.31 4.37 -15.34
CA ILE H 141 115.98 5.46 -16.05
C ILE H 141 115.06 5.94 -17.16
N PHE H 142 114.69 7.21 -17.10
CA PHE H 142 113.72 7.82 -17.99
C PHE H 142 114.47 8.85 -18.84
N THR H 143 114.48 8.62 -20.15
CA THR H 143 115.11 9.56 -21.06
C THR H 143 114.23 10.80 -21.21
N VAL H 144 114.87 11.93 -21.47
CA VAL H 144 114.22 13.24 -21.38
C VAL H 144 113.78 13.74 -22.74
N GLU H 145 114.66 13.68 -23.75
CA GLU H 145 114.31 14.20 -25.08
C GLU H 145 113.22 13.35 -25.72
N LYS H 146 113.29 12.04 -25.56
CA LYS H 146 112.21 11.13 -25.92
C LYS H 146 111.79 10.37 -24.66
N ARG H 147 110.51 10.08 -24.55
CA ARG H 147 109.95 9.54 -23.30
C ARG H 147 110.06 8.01 -23.30
N LEU H 148 111.29 7.53 -23.19
CA LEU H 148 111.56 6.09 -23.16
C LEU H 148 112.16 5.73 -21.80
N THR H 149 111.67 4.64 -21.22
CA THR H 149 112.08 4.20 -19.89
C THR H 149 112.79 2.86 -19.96
N TYR H 150 113.66 2.64 -18.98
CA TYR H 150 114.37 1.37 -18.84
C TYR H 150 114.33 0.95 -17.37
N HIS H 151 114.00 -0.31 -17.13
CA HIS H 151 113.71 -0.93 -15.86
C HIS H 151 114.85 -1.86 -15.43
N PRO H 152 115.01 -2.09 -14.12
CA PRO H 152 116.14 -2.91 -13.67
C PRO H 152 115.84 -4.39 -13.61
N GLY H 153 116.80 -5.17 -13.14
CA GLY H 153 116.56 -6.54 -12.80
C GLY H 153 116.26 -6.68 -11.32
N PRO H 154 116.45 -7.87 -10.77
CA PRO H 154 116.32 -8.04 -9.32
C PRO H 154 117.57 -7.53 -8.61
N LEU H 155 117.50 -7.54 -7.28
CA LEU H 155 118.64 -7.14 -6.46
C LEU H 155 119.66 -8.27 -6.42
N THR H 156 120.92 -7.94 -6.70
CA THR H 156 121.97 -8.94 -6.77
C THR H 156 122.44 -9.31 -5.37
N SER H 157 123.58 -10.02 -5.29
CA SER H 157 124.10 -10.47 -3.99
C SER H 157 124.50 -9.29 -3.12
N GLU H 158 125.17 -8.31 -3.69
CA GLU H 158 125.35 -7.02 -3.02
C GLU H 158 124.31 -6.05 -3.54
N GLY H 159 123.90 -5.12 -2.67
CA GLY H 159 122.81 -4.24 -2.99
C GLY H 159 123.12 -3.36 -4.19
N THR H 160 122.53 -3.71 -5.33
CA THR H 160 122.84 -3.06 -6.60
C THR H 160 121.79 -3.45 -7.62
N TRP H 161 121.21 -2.48 -8.29
CA TRP H 161 120.30 -2.71 -9.40
C TRP H 161 121.04 -2.42 -10.70
N VAL H 162 121.05 -3.39 -11.60
CA VAL H 162 121.79 -3.28 -12.86
C VAL H 162 120.80 -2.94 -13.97
N ILE H 163 121.09 -1.88 -14.70
CA ILE H 163 120.24 -1.43 -15.80
C ILE H 163 121.10 -1.32 -17.06
N HIS H 164 120.65 -1.94 -18.14
CA HIS H 164 121.32 -1.81 -19.42
C HIS H 164 120.70 -0.65 -20.20
N LEU H 165 121.48 -0.06 -21.09
CA LEU H 165 121.05 1.16 -21.71
C LEU H 165 121.71 1.34 -23.07
N PRO H 166 120.97 1.77 -24.08
CA PRO H 166 121.58 2.05 -25.37
C PRO H 166 122.48 3.27 -25.33
N MET H 167 123.41 3.33 -26.28
CA MET H 167 124.27 4.49 -26.47
C MET H 167 123.63 5.39 -27.52
N SER H 168 123.43 6.67 -27.17
CA SER H 168 122.48 7.51 -27.90
C SER H 168 123.14 8.62 -28.72
N SER H 169 123.91 9.50 -28.07
CA SER H 169 124.54 10.69 -28.64
C SER H 169 123.55 11.75 -29.13
N ASP H 170 122.25 11.47 -29.06
CA ASP H 170 121.22 12.39 -29.47
C ASP H 170 120.30 12.77 -28.32
N ASP H 171 119.78 11.79 -27.59
CA ASP H 171 119.08 12.02 -26.33
C ASP H 171 120.01 11.61 -25.20
N ILE H 172 120.84 12.55 -24.77
CA ILE H 172 121.82 12.26 -23.73
C ILE H 172 121.37 12.67 -22.34
N ALA H 173 120.31 13.48 -22.23
CA ALA H 173 119.78 13.82 -20.93
C ALA H 173 118.94 12.68 -20.38
N LYS H 174 119.15 12.33 -19.12
CA LYS H 174 118.41 11.25 -18.50
C LYS H 174 118.08 11.64 -17.08
N VAL H 175 117.00 11.07 -16.55
CA VAL H 175 116.68 11.15 -15.14
C VAL H 175 116.60 9.71 -14.64
N ILE H 176 116.84 9.56 -13.35
CA ILE H 176 116.65 8.28 -12.69
C ILE H 176 115.70 8.48 -11.53
N ARG H 177 114.64 7.68 -11.49
CA ARG H 177 113.47 7.88 -10.67
C ARG H 177 113.16 6.61 -9.88
N GLY H 178 112.20 6.73 -8.97
CA GLY H 178 111.74 5.59 -8.21
C GLY H 178 110.26 5.66 -7.91
N ASN H 179 109.78 4.72 -7.10
CA ASN H 179 108.40 4.74 -6.65
C ASN H 179 108.27 5.56 -5.38
N LYS H 180 107.03 5.90 -5.04
CA LYS H 180 106.75 6.71 -3.85
C LYS H 180 106.68 5.80 -2.62
N VAL H 181 107.84 5.33 -2.21
CA VAL H 181 107.99 4.47 -1.04
C VAL H 181 108.96 5.14 -0.09
N ALA H 182 108.51 5.39 1.14
CA ALA H 182 109.35 6.00 2.16
C ALA H 182 109.76 4.95 3.17
N PHE H 183 110.93 5.15 3.77
CA PHE H 183 111.49 4.16 4.68
C PHE H 183 111.10 4.44 6.13
N GLN H 184 111.54 5.57 6.67
CA GLN H 184 111.19 5.99 8.03
C GLN H 184 110.85 7.47 8.00
N ASP H 185 109.92 7.83 7.12
CA ASP H 185 109.56 9.22 6.80
C ASP H 185 110.73 9.94 6.14
N CYS H 186 111.20 9.34 5.05
CA CYS H 186 112.26 9.91 4.24
C CYS H 186 112.14 9.34 2.84
N PHE H 187 112.39 10.17 1.84
CA PHE H 187 112.26 9.82 0.45
C PHE H 187 113.63 9.73 -0.21
N ILE H 188 113.62 9.43 -1.51
CA ILE H 188 114.80 9.50 -2.36
C ILE H 188 114.49 10.47 -3.49
N ALA H 189 115.43 11.36 -3.78
CA ALA H 189 115.19 12.38 -4.78
C ALA H 189 115.56 11.88 -6.17
N ASN H 190 114.85 12.39 -7.17
CA ASN H 190 115.19 12.12 -8.57
C ASN H 190 116.58 12.64 -8.87
N LEU H 191 117.31 11.93 -9.73
CA LEU H 191 118.66 12.38 -10.07
C LEU H 191 118.77 12.62 -11.57
N TYR H 192 119.27 13.79 -11.93
CA TYR H 192 119.40 14.22 -13.32
C TYR H 192 120.85 14.09 -13.76
N PHE H 193 121.08 13.50 -14.93
CA PHE H 193 122.44 13.36 -15.41
C PHE H 193 122.46 13.29 -16.92
N MET H 194 123.68 13.25 -17.46
CA MET H 194 123.94 13.14 -18.88
C MET H 194 125.02 12.09 -19.13
N LEU H 195 124.86 11.31 -20.19
CA LEU H 195 125.93 10.41 -20.60
C LEU H 195 125.88 10.19 -22.11
N THR H 196 127.06 10.10 -22.70
CA THR H 196 127.26 9.94 -24.15
C THR H 196 128.35 8.89 -24.33
N TYR H 197 128.93 8.83 -25.52
CA TYR H 197 130.20 8.14 -25.69
C TYR H 197 131.24 8.76 -24.75
N PRO H 198 132.09 7.95 -24.13
CA PRO H 198 133.20 8.51 -23.36
C PRO H 198 134.12 9.34 -24.24
N MET H 199 134.58 10.47 -23.71
CA MET H 199 135.46 11.37 -24.42
C MET H 199 136.88 11.17 -23.90
N THR H 200 137.77 10.70 -24.76
CA THR H 200 139.12 10.35 -24.35
C THR H 200 140.02 11.57 -24.32
N ILE H 201 140.78 11.71 -23.24
CA ILE H 201 141.77 12.77 -23.15
C ILE H 201 143.07 12.33 -23.81
N ILE H 202 143.84 13.30 -24.28
CA ILE H 202 145.08 13.01 -24.98
C ILE H 202 146.16 12.63 -23.98
N SER H 203 147.06 11.75 -24.39
CA SER H 203 148.16 11.29 -23.57
C SER H 203 149.39 12.15 -23.79
N GLU H 204 150.39 11.97 -22.92
CA GLU H 204 151.59 12.79 -22.99
C GLU H 204 152.80 11.93 -23.33
N PRO H 205 153.57 12.30 -24.35
CA PRO H 205 154.81 11.59 -24.64
C PRO H 205 155.98 12.23 -23.92
N PRO H 206 156.98 11.44 -23.52
CA PRO H 206 158.14 12.00 -22.83
C PRO H 206 159.00 12.85 -23.75
N GLY H 207 159.78 13.72 -23.13
CA GLY H 207 160.65 14.62 -23.86
C GLY H 207 159.99 15.89 -24.36
N TYR H 208 158.73 16.12 -24.02
CA TYR H 208 157.96 17.23 -24.55
C TYR H 208 158.15 18.47 -23.68
N GLU H 209 157.48 19.56 -24.06
CA GLU H 209 157.59 20.84 -23.39
C GLU H 209 156.21 21.43 -23.12
N PRO H 210 156.06 22.16 -22.02
CA PRO H 210 154.74 22.67 -21.63
C PRO H 210 154.39 24.00 -22.28
N LEU H 211 153.09 24.27 -22.33
CA LEU H 211 152.54 25.50 -22.88
C LEU H 211 151.86 26.28 -21.76
N THR H 212 152.27 27.53 -21.57
CA THR H 212 151.82 28.33 -20.44
C THR H 212 151.27 29.66 -20.93
N VAL H 213 150.47 30.29 -20.06
CA VAL H 213 149.98 31.65 -20.27
C VAL H 213 151.11 32.62 -19.95
N PRO H 214 151.05 33.88 -20.38
CA PRO H 214 152.11 34.82 -20.03
C PRO H 214 152.17 35.02 -18.53
N PRO H 215 153.35 35.32 -17.99
CA PRO H 215 153.50 35.44 -16.53
C PRO H 215 152.69 36.59 -15.96
N GLY H 216 152.14 36.37 -14.76
CA GLY H 216 151.33 37.37 -14.11
C GLY H 216 149.91 37.45 -14.60
N SER H 217 149.51 36.63 -15.53
CA SER H 217 148.18 36.69 -16.10
C SER H 217 147.28 35.67 -15.44
N PRO H 218 145.98 35.95 -15.33
CA PRO H 218 145.05 35.01 -14.70
C PRO H 218 144.93 33.72 -15.49
N LEU H 219 144.78 32.63 -14.76
CA LEU H 219 144.62 31.33 -15.39
C LEU H 219 143.24 31.20 -16.02
N MET H 220 143.20 30.65 -17.24
CA MET H 220 141.97 30.54 -17.98
C MET H 220 141.52 29.09 -18.08
N LEU H 221 140.24 28.91 -18.40
CA LEU H 221 139.63 27.58 -18.41
C LEU H 221 138.55 27.55 -19.47
N SER H 222 138.50 26.46 -20.24
CA SER H 222 137.38 26.24 -21.14
C SER H 222 136.95 24.79 -21.08
N TRP H 223 135.64 24.58 -21.14
CA TRP H 223 135.04 23.27 -21.00
C TRP H 223 134.09 23.00 -22.16
N ASP H 224 133.66 21.76 -22.29
CA ASP H 224 132.76 21.39 -23.37
C ASP H 224 131.36 21.92 -23.10
N THR H 225 130.64 22.19 -24.19
CA THR H 225 129.35 22.88 -24.10
C THR H 225 128.19 21.96 -23.75
N CYS H 226 128.18 20.73 -24.25
CA CYS H 226 127.06 19.82 -24.03
C CYS H 226 127.26 18.98 -22.78
N ILE H 227 128.33 18.21 -22.72
CA ILE H 227 128.69 17.42 -21.55
C ILE H 227 129.85 18.10 -20.84
N SER H 228 129.61 18.58 -19.64
CA SER H 228 130.65 19.22 -18.85
C SER H 228 131.50 18.14 -18.19
N THR H 229 132.31 18.54 -17.21
CA THR H 229 133.29 17.68 -16.55
C THR H 229 134.28 17.09 -17.55
N PHE H 230 134.57 17.83 -18.62
CA PHE H 230 135.59 17.49 -19.59
C PHE H 230 136.21 18.82 -19.99
N ALA H 231 137.29 19.21 -19.32
CA ALA H 231 137.70 20.61 -19.38
C ALA H 231 139.21 20.74 -19.47
N LEU H 232 139.65 21.86 -20.02
CA LEU H 232 141.07 22.15 -20.15
C LEU H 232 141.37 23.52 -19.56
N LEU H 233 142.42 23.58 -18.74
CA LEU H 233 142.78 24.76 -17.98
C LEU H 233 144.23 25.14 -18.31
N ALA H 234 144.45 26.42 -18.60
CA ALA H 234 145.77 26.93 -18.92
C ALA H 234 146.21 27.85 -17.79
N THR H 235 147.37 27.55 -17.22
CA THR H 235 147.94 28.28 -16.09
C THR H 235 149.27 28.89 -16.52
N ASP H 236 150.00 29.42 -15.54
CA ASP H 236 151.29 30.04 -15.81
C ASP H 236 152.43 29.04 -15.86
N GLN H 237 152.20 27.77 -15.54
CA GLN H 237 153.28 26.80 -15.50
C GLN H 237 152.97 25.56 -16.33
N GLU H 238 151.68 25.22 -16.45
CA GLU H 238 151.30 23.97 -17.09
C GLU H 238 149.88 24.11 -17.66
N THR H 239 149.56 23.23 -18.59
CA THR H 239 148.22 23.13 -19.16
C THR H 239 147.66 21.75 -18.85
N PHE H 240 146.45 21.71 -18.29
CA PHE H 240 145.86 20.46 -17.85
C PHE H 240 144.57 20.19 -18.59
N GLN H 241 144.22 18.91 -18.72
CA GLN H 241 142.96 18.49 -19.32
C GLN H 241 142.40 17.32 -18.51
N THR H 242 141.09 17.33 -18.29
CA THR H 242 140.47 16.35 -17.42
C THR H 242 139.22 15.77 -18.05
N ASN H 243 139.10 14.44 -17.91
CA ASN H 243 137.95 13.64 -18.29
C ASN H 243 136.85 13.64 -17.24
N ASP H 244 137.16 14.08 -16.02
CA ASP H 244 136.17 14.27 -14.97
C ASP H 244 136.28 15.69 -14.42
N SER H 245 135.62 15.98 -13.30
CA SER H 245 135.61 17.34 -12.75
C SER H 245 136.90 17.62 -11.98
N PHE H 246 138.01 17.48 -12.69
CA PHE H 246 139.36 17.74 -12.18
C PHE H 246 139.69 16.92 -10.94
N GLN H 247 139.14 15.72 -10.86
CA GLN H 247 139.58 14.78 -9.84
C GLN H 247 140.87 14.07 -10.25
N THR H 248 140.97 13.69 -11.53
CA THR H 248 142.18 13.19 -12.12
C THR H 248 142.50 14.03 -13.34
N TRP H 249 143.76 14.44 -13.47
CA TRP H 249 144.17 15.34 -14.54
C TRP H 249 145.41 14.81 -15.23
N THR H 250 145.58 15.21 -16.48
CA THR H 250 146.74 14.82 -17.28
C THR H 250 147.20 16.01 -18.09
N ARG H 251 148.52 16.21 -18.14
CA ARG H 251 149.08 17.42 -18.72
C ARG H 251 148.99 17.41 -20.24
N VAL H 252 149.09 18.60 -20.82
CA VAL H 252 149.11 18.80 -22.27
C VAL H 252 150.44 19.46 -22.60
N ARG H 253 151.18 18.88 -23.53
CA ARG H 253 152.51 19.36 -23.89
C ARG H 253 152.65 19.38 -25.41
N ALA H 254 153.80 19.83 -25.87
CA ALA H 254 154.07 19.99 -27.29
C ALA H 254 155.37 19.31 -27.67
N PRO H 255 155.46 18.76 -28.89
CA PRO H 255 156.70 18.12 -29.32
C PRO H 255 157.83 19.13 -29.41
N PRO H 256 159.06 18.71 -29.22
CA PRO H 256 160.18 19.65 -29.23
C PRO H 256 160.43 20.23 -30.62
N GLY H 257 160.87 21.49 -30.63
CA GLY H 257 161.23 22.17 -31.86
C GLY H 257 160.08 22.79 -32.62
N ILE H 258 158.84 22.49 -32.26
CA ILE H 258 157.70 23.06 -32.96
C ILE H 258 157.55 24.54 -32.64
N LEU H 259 157.71 24.89 -31.37
CA LEU H 259 157.53 26.26 -30.91
C LEU H 259 158.76 26.71 -30.14
N SER H 260 159.04 28.01 -30.22
CA SER H 260 160.11 28.60 -29.44
C SER H 260 159.74 28.65 -27.97
N ASP H 261 160.75 28.83 -27.12
CA ASP H 261 160.53 28.96 -25.69
C ASP H 261 159.72 30.20 -25.37
N ALA H 262 159.98 31.30 -26.08
CA ALA H 262 159.19 32.52 -25.89
C ALA H 262 157.76 32.33 -26.36
N GLN H 263 157.55 31.52 -27.40
CA GLN H 263 156.20 31.28 -27.89
C GLN H 263 155.43 30.34 -26.97
N ARG H 264 156.12 29.44 -26.28
CA ARG H 264 155.45 28.52 -25.38
C ARG H 264 154.84 29.24 -24.18
N HIS H 265 155.41 30.39 -23.80
CA HIS H 265 154.90 31.20 -22.70
C HIS H 265 154.11 32.40 -23.20
N SER H 266 153.37 32.25 -24.30
CA SER H 266 152.58 33.33 -24.86
C SER H 266 151.21 32.85 -25.30
N LEU H 267 150.70 31.79 -24.68
CA LEU H 267 149.39 31.27 -25.04
C LEU H 267 148.30 32.24 -24.60
N ARG H 268 147.40 32.58 -25.52
CA ARG H 268 146.35 33.55 -25.25
C ARG H 268 145.00 32.93 -24.96
N ASP H 269 144.60 31.89 -25.69
CA ASP H 269 143.29 31.30 -25.50
C ASP H 269 143.32 29.84 -25.92
N VAL H 270 142.39 29.08 -25.38
CA VAL H 270 142.25 27.66 -25.67
C VAL H 270 140.78 27.35 -25.91
N ILE H 271 140.52 26.49 -26.90
CA ILE H 271 139.17 26.01 -27.14
C ILE H 271 139.23 24.48 -27.26
N ILE H 272 138.14 23.83 -26.88
CA ILE H 272 138.15 22.40 -26.60
C ILE H 272 137.00 21.73 -27.34
N PHE H 273 137.32 20.71 -28.12
CA PHE H 273 136.34 19.85 -28.76
C PHE H 273 136.68 18.40 -28.46
N ASP H 274 135.76 17.51 -28.80
CA ASP H 274 135.99 16.08 -28.62
C ASP H 274 137.13 15.58 -29.50
N GLN H 275 137.20 16.08 -30.75
CA GLN H 275 138.23 15.63 -31.66
C GLN H 275 139.61 16.10 -31.23
N GLY H 276 139.74 17.36 -30.83
CA GLY H 276 141.04 17.87 -30.43
C GLY H 276 140.90 19.19 -29.72
N THR H 277 142.05 19.82 -29.49
CA THR H 277 142.12 21.12 -28.82
C THR H 277 142.75 22.13 -29.75
N LEU H 278 142.38 23.40 -29.59
CA LEU H 278 142.93 24.48 -30.39
C LEU H 278 143.54 25.51 -29.47
N PHE H 279 144.77 25.91 -29.77
CA PHE H 279 145.50 26.91 -29.01
C PHE H 279 145.68 28.15 -29.86
N LEU H 280 145.66 29.31 -29.21
CA LEU H 280 145.92 30.58 -29.86
C LEU H 280 147.25 31.10 -29.32
N VAL H 281 148.33 30.76 -30.00
CA VAL H 281 149.66 31.10 -29.55
C VAL H 281 150.17 32.27 -30.38
N ASP H 282 150.34 33.42 -29.71
CA ASP H 282 150.94 34.62 -30.29
C ASP H 282 150.21 35.07 -31.57
N GLY H 283 148.89 34.98 -31.57
CA GLY H 283 148.12 35.40 -32.72
C GLY H 283 148.06 34.41 -33.86
N THR H 284 148.57 33.20 -33.68
CA THR H 284 148.46 32.14 -34.68
C THR H 284 147.74 30.95 -34.06
N VAL H 285 147.00 30.22 -34.89
CA VAL H 285 146.16 29.13 -34.40
C VAL H 285 146.89 27.80 -34.59
N TYR H 286 146.94 26.99 -33.53
CA TYR H 286 147.54 25.67 -33.56
C TYR H 286 146.52 24.63 -33.14
N LEU H 287 146.67 23.42 -33.67
CA LEU H 287 145.75 22.32 -33.41
C LEU H 287 146.51 21.17 -32.79
N ARG H 288 146.05 20.70 -31.64
CA ARG H 288 146.66 19.56 -30.95
C ARG H 288 145.64 18.43 -30.92
N THR H 289 146.05 17.27 -31.43
CA THR H 289 145.25 16.06 -31.44
C THR H 289 146.13 14.97 -30.82
N GLU H 290 145.58 13.77 -30.63
CA GLU H 290 146.35 12.67 -30.05
C GLU H 290 147.53 12.25 -30.92
N ASP H 291 147.56 12.65 -32.19
CA ASP H 291 148.62 12.24 -33.11
C ASP H 291 149.70 13.30 -33.28
N GLU H 292 149.33 14.50 -33.71
CA GLU H 292 150.31 15.48 -34.15
C GLU H 292 149.97 16.86 -33.61
N PHE H 293 150.91 17.78 -33.80
CA PHE H 293 150.78 19.16 -33.35
C PHE H 293 150.87 20.12 -34.53
N THR H 294 150.12 19.84 -35.58
CA THR H 294 150.20 20.64 -36.80
C THR H 294 149.70 22.06 -36.55
N LYS H 295 150.21 22.97 -37.36
CA LYS H 295 149.83 24.39 -37.30
C LYS H 295 148.91 24.70 -38.48
N LEU H 296 147.76 25.30 -38.17
CA LEU H 296 146.87 25.74 -39.24
C LEU H 296 147.49 26.89 -40.02
N ASP H 297 147.38 26.82 -41.34
CA ASP H 297 148.04 27.78 -42.22
C ASP H 297 147.08 28.13 -43.36
N GLU H 298 147.62 28.75 -44.41
CA GLU H 298 146.80 29.17 -45.54
C GLU H 298 146.17 27.99 -46.28
N SER H 299 146.70 26.79 -46.12
CA SER H 299 146.11 25.61 -46.73
C SER H 299 144.80 25.20 -46.07
N ARG H 300 144.46 25.77 -44.92
CA ARG H 300 143.18 25.53 -44.26
C ARG H 300 142.30 26.77 -44.20
N GLY H 301 142.66 27.83 -44.92
CA GLY H 301 141.81 28.99 -45.02
C GLY H 301 141.99 30.06 -43.97
N ILE H 302 143.13 30.09 -43.30
CA ILE H 302 143.40 31.05 -42.24
C ILE H 302 144.61 31.89 -42.60
N SER H 303 144.67 33.09 -42.04
CA SER H 303 145.87 33.90 -42.11
C SER H 303 146.75 33.61 -40.90
N GLU H 304 148.00 34.07 -40.98
CA GLU H 304 148.95 33.88 -39.89
C GLU H 304 149.22 35.20 -39.19
N THR H 305 149.53 35.10 -37.90
CA THR H 305 149.89 36.24 -37.04
C THR H 305 148.80 37.30 -37.00
N GLY H 306 147.54 36.89 -37.16
CA GLY H 306 146.46 37.86 -37.14
C GLY H 306 145.32 37.54 -36.21
N ILE H 307 145.17 36.28 -35.81
CA ILE H 307 143.96 35.81 -35.15
C ILE H 307 143.91 36.38 -33.74
N LEU H 308 142.82 37.08 -33.42
CA LEU H 308 142.62 37.65 -32.10
C LEU H 308 141.76 36.77 -31.21
N GLY H 309 140.84 35.99 -31.76
CA GLY H 309 140.06 35.12 -30.88
C GLY H 309 139.25 34.12 -31.66
N PHE H 310 138.68 33.18 -30.92
CA PHE H 310 137.71 32.27 -31.50
C PHE H 310 136.69 31.86 -30.44
N SER H 311 135.53 31.40 -30.90
CA SER H 311 134.42 31.09 -30.02
C SER H 311 133.66 29.89 -30.55
N LYS H 312 133.10 29.11 -29.62
CA LYS H 312 132.26 27.98 -29.94
C LYS H 312 130.87 28.20 -29.33
N ARG H 313 129.99 27.22 -29.51
CA ARG H 313 128.66 27.33 -28.97
C ARG H 313 128.67 27.13 -27.46
N ARG H 314 127.66 27.70 -26.80
CA ARG H 314 127.60 27.69 -25.34
C ARG H 314 126.39 26.97 -24.76
N TRP H 315 125.33 26.76 -25.53
CA TRP H 315 124.15 26.05 -25.06
C TRP H 315 123.92 24.82 -25.92
N CYS H 316 123.58 23.70 -25.26
CA CYS H 316 123.57 22.39 -25.90
C CYS H 316 122.27 22.19 -26.68
N GLN H 317 122.30 22.59 -27.95
CA GLN H 317 121.18 22.33 -28.87
C GLN H 317 121.47 21.12 -29.74
N ILE H 318 121.68 19.96 -29.12
CA ILE H 318 122.26 18.85 -29.86
C ILE H 318 121.22 18.12 -30.72
N ARG H 319 119.94 18.13 -30.33
CA ARG H 319 118.93 17.43 -31.11
C ARG H 319 118.75 18.03 -32.50
N TYR H 320 118.60 19.35 -32.56
CA TYR H 320 118.45 20.01 -33.84
C TYR H 320 119.74 19.95 -34.66
N LEU H 321 120.90 19.99 -33.99
CA LEU H 321 122.16 19.89 -34.72
C LEU H 321 122.34 18.51 -35.35
N TYR H 322 121.94 17.45 -34.65
CA TYR H 322 122.07 16.12 -35.23
C TYR H 322 121.03 15.88 -36.30
N LYS H 323 119.79 16.33 -36.08
CA LYS H 323 118.70 16.08 -37.02
C LYS H 323 118.80 16.93 -38.28
N LEU H 324 119.71 17.91 -38.33
CA LEU H 324 119.72 18.86 -39.44
C LEU H 324 120.11 18.20 -40.76
N ALA H 325 120.88 17.11 -40.70
CA ALA H 325 121.37 16.40 -41.90
C ALA H 325 122.15 17.32 -42.83
N SER H 326 122.90 18.25 -42.24
CA SER H 326 123.79 19.13 -42.99
C SER H 326 124.81 19.68 -42.00
N LYS H 327 126.09 19.41 -42.26
CA LYS H 327 127.13 19.83 -41.33
C LYS H 327 127.27 21.35 -41.34
N LYS H 328 127.24 21.94 -40.15
CA LYS H 328 127.37 23.38 -39.96
C LYS H 328 128.65 23.67 -39.18
N SER H 329 128.93 24.96 -39.00
CA SER H 329 130.16 25.36 -38.34
C SER H 329 130.13 25.02 -36.86
N ILE H 330 131.27 24.59 -36.34
CA ILE H 330 131.43 24.32 -34.92
C ILE H 330 132.28 25.37 -34.23
N LEU H 331 132.72 26.40 -34.95
CA LEU H 331 133.64 27.37 -34.40
C LEU H 331 133.59 28.63 -35.26
N ILE H 332 133.86 29.78 -34.65
CA ILE H 332 134.01 31.01 -35.43
C ILE H 332 135.22 31.76 -34.89
N ALA H 333 136.15 32.11 -35.77
CA ALA H 333 137.33 32.85 -35.39
C ALA H 333 137.31 34.25 -35.99
N TRP H 334 138.09 35.15 -35.39
CA TRP H 334 138.18 36.51 -35.89
C TRP H 334 139.57 37.04 -35.66
N SER H 335 140.03 37.85 -36.61
CA SER H 335 141.37 38.41 -36.70
C SER H 335 141.32 39.91 -36.92
N LYS H 336 140.31 40.56 -36.34
CA LYS H 336 140.15 42.02 -36.24
C LYS H 336 139.76 42.64 -37.58
N THR H 337 139.85 41.88 -38.66
CA THR H 337 139.44 42.37 -39.97
C THR H 337 138.69 41.34 -40.80
N THR H 338 138.52 40.11 -40.33
CA THR H 338 137.87 39.07 -41.10
C THR H 338 137.39 37.98 -40.16
N VAL H 339 136.12 37.63 -40.26
CA VAL H 339 135.55 36.53 -39.50
C VAL H 339 135.56 35.27 -40.36
N TYR H 340 135.92 34.15 -39.74
CA TYR H 340 136.07 32.84 -40.36
C TYR H 340 135.14 31.86 -39.65
N ALA H 341 134.55 30.95 -40.40
CA ALA H 341 133.56 30.00 -39.85
C ALA H 341 134.12 28.60 -39.91
N GLY H 342 134.76 28.17 -38.83
CA GLY H 342 135.34 26.85 -38.74
C GLY H 342 134.34 25.73 -38.66
N TYR H 343 134.33 24.88 -39.69
CA TYR H 343 133.49 23.70 -39.75
C TYR H 343 134.20 22.54 -39.06
N ALA H 344 133.67 21.33 -39.24
CA ALA H 344 134.32 20.15 -38.73
C ALA H 344 135.61 19.90 -39.51
N THR H 345 136.40 18.93 -39.02
CA THR H 345 137.71 18.55 -39.55
C THR H 345 138.73 19.68 -39.56
N PHE H 346 138.40 20.81 -38.93
CA PHE H 346 139.30 21.95 -38.71
C PHE H 346 139.89 22.47 -40.03
N ARG H 347 138.98 22.79 -40.95
CA ARG H 347 139.30 23.57 -42.13
C ARG H 347 138.09 24.41 -42.46
N PHE H 348 138.34 25.64 -42.91
CA PHE H 348 137.26 26.60 -43.04
C PHE H 348 137.52 27.59 -44.17
N VAL H 349 136.41 28.12 -44.69
CA VAL H 349 136.42 29.22 -45.64
C VAL H 349 136.10 30.49 -44.87
N THR H 350 136.51 31.62 -45.45
CA THR H 350 136.27 32.91 -44.83
C THR H 350 134.77 33.20 -44.77
N LEU H 351 134.34 33.92 -43.75
CA LEU H 351 132.93 34.30 -43.66
C LEU H 351 132.74 35.73 -44.16
N THR H 352 133.49 36.68 -43.60
CA THR H 352 133.25 38.08 -43.97
C THR H 352 134.42 38.97 -43.65
N ASP H 353 134.82 39.80 -44.62
CA ASP H 353 135.78 40.87 -44.42
C ASP H 353 135.05 42.18 -44.15
N THR H 354 135.80 43.15 -43.61
CA THR H 354 135.18 44.37 -43.12
C THR H 354 134.60 45.25 -44.23
N ALA H 355 135.07 45.08 -45.48
CA ALA H 355 134.57 45.91 -46.57
C ALA H 355 133.10 45.64 -46.87
N LYS H 356 132.70 44.36 -46.84
CA LYS H 356 131.29 44.04 -47.10
C LYS H 356 130.38 44.59 -46.00
N LEU H 357 130.78 44.47 -44.75
CA LEU H 357 129.99 45.04 -43.67
C LEU H 357 129.96 46.56 -43.75
N LYS H 358 131.04 47.18 -44.22
CA LYS H 358 131.03 48.61 -44.46
C LYS H 358 130.04 48.97 -45.55
N ASP H 359 129.96 48.15 -46.60
CA ASP H 359 129.00 48.37 -47.67
C ASP H 359 127.56 48.22 -47.19
N PHE H 360 127.30 47.31 -46.25
CA PHE H 360 125.99 47.25 -45.62
C PHE H 360 125.65 48.60 -44.96
N LEU H 361 126.46 49.00 -43.98
CA LEU H 361 126.06 50.01 -43.01
C LEU H 361 125.93 51.41 -43.60
N LYS H 362 126.04 51.55 -44.93
CA LYS H 362 125.99 52.86 -45.60
C LYS H 362 127.05 53.80 -45.05
N LEU H 363 128.19 53.24 -44.70
CA LEU H 363 129.28 54.04 -44.18
C LEU H 363 129.91 54.86 -45.30
N PRO H 364 130.36 56.07 -45.02
CA PRO H 364 130.90 56.94 -46.08
C PRO H 364 132.29 56.56 -46.54
N GLN H 365 132.74 55.34 -46.20
CA GLN H 365 134.02 54.76 -46.61
C GLN H 365 135.19 55.46 -45.91
N THR H 366 136.36 54.82 -45.93
CA THR H 366 137.57 55.33 -45.26
C THR H 366 137.32 55.61 -43.78
N ASP H 367 136.59 54.70 -43.14
CA ASP H 367 136.34 54.76 -41.70
C ASP H 367 136.98 53.55 -41.02
N THR H 368 137.37 53.73 -39.76
CA THR H 368 137.96 52.65 -38.98
C THR H 368 136.83 51.84 -38.38
N LEU H 369 136.57 50.66 -38.95
CA LEU H 369 135.56 49.74 -38.44
C LEU H 369 136.22 48.40 -38.19
N GLU H 370 136.07 47.89 -36.98
CA GLU H 370 136.77 46.67 -36.57
C GLU H 370 135.80 45.71 -35.88
N VAL H 371 136.18 44.43 -35.89
CA VAL H 371 135.46 43.41 -35.16
C VAL H 371 136.22 43.11 -33.88
N MET H 372 135.50 42.78 -32.82
CA MET H 372 136.13 42.52 -31.54
C MET H 372 135.63 41.25 -30.86
N SER H 373 134.43 40.79 -31.22
CA SER H 373 133.89 39.60 -30.60
C SER H 373 132.77 39.03 -31.45
N VAL H 374 132.76 37.71 -31.63
CA VAL H 374 131.69 36.99 -32.31
C VAL H 374 131.22 35.87 -31.41
N GLU H 375 129.89 35.75 -31.26
CA GLU H 375 129.33 34.77 -30.35
C GLU H 375 128.16 34.05 -31.02
N TYR H 376 127.90 32.84 -30.55
CA TYR H 376 126.82 32.00 -31.05
C TYR H 376 125.62 32.15 -30.14
N LEU H 377 124.58 32.83 -30.60
CA LEU H 377 123.40 33.04 -29.77
C LEU H 377 122.51 31.79 -29.82
N TRP H 378 121.36 31.85 -29.14
CA TRP H 378 120.57 30.63 -28.91
C TRP H 378 119.88 30.10 -30.16
N HIS H 379 119.66 30.93 -31.17
CA HIS H 379 119.20 30.44 -32.46
C HIS H 379 120.27 29.51 -33.03
N PRO H 380 119.92 28.29 -33.43
CA PRO H 380 120.94 27.30 -33.80
C PRO H 380 121.72 27.66 -35.04
N LEU H 381 121.21 28.54 -35.88
CA LEU H 381 121.86 28.88 -37.15
C LEU H 381 122.00 30.38 -37.29
N GLU H 382 122.48 31.03 -36.23
CA GLU H 382 122.68 32.48 -36.23
C GLU H 382 123.92 32.82 -35.44
N ALA H 383 124.48 33.98 -35.73
CA ALA H 383 125.66 34.48 -35.02
C ALA H 383 125.54 35.99 -34.87
N ALA H 384 126.40 36.55 -34.04
CA ALA H 384 126.40 37.99 -33.79
C ALA H 384 127.83 38.50 -33.75
N VAL H 385 128.07 39.65 -34.36
CA VAL H 385 129.39 40.25 -34.41
C VAL H 385 129.33 41.66 -33.85
N LEU H 386 130.26 41.97 -32.95
CA LEU H 386 130.42 43.33 -32.44
C LEU H 386 131.26 44.14 -33.40
N LEU H 387 130.90 45.41 -33.55
CA LEU H 387 131.59 46.32 -34.45
C LEU H 387 131.95 47.60 -33.71
N SER H 388 133.24 47.97 -33.79
CA SER H 388 133.72 49.26 -33.32
C SER H 388 133.80 50.20 -34.51
N HIS H 389 133.10 51.33 -34.41
CA HIS H 389 132.98 52.31 -35.48
C HIS H 389 133.61 53.62 -35.02
N CYS H 390 134.49 54.16 -35.86
CA CYS H 390 135.24 55.38 -35.57
C CYS H 390 134.44 56.67 -35.66
N SER H 391 133.80 56.91 -36.81
CA SER H 391 133.10 58.17 -37.12
C SER H 391 134.03 59.37 -37.07
N VAL H 392 134.98 59.45 -38.01
CA VAL H 392 135.83 60.61 -38.31
C VAL H 392 136.84 60.82 -37.17
N CYS H 393 137.08 59.77 -36.39
CA CYS H 393 138.22 59.56 -35.48
C CYS H 393 138.77 60.80 -34.78
N THR H 394 140.10 60.89 -34.74
CA THR H 394 140.84 61.98 -34.09
C THR H 394 140.44 62.15 -32.63
N THR H 395 140.12 61.02 -31.99
CA THR H 395 139.73 61.03 -30.58
C THR H 395 139.97 59.63 -30.01
N ASN H 396 139.43 59.37 -28.83
CA ASN H 396 139.51 58.04 -28.24
C ASN H 396 138.15 57.39 -28.05
N THR H 397 137.07 58.00 -28.55
CA THR H 397 135.73 57.47 -28.39
C THR H 397 135.34 56.67 -29.62
N ARG H 398 134.84 55.45 -29.40
CA ARG H 398 134.44 54.57 -30.47
C ARG H 398 133.06 54.01 -30.17
N ASN H 399 132.22 53.92 -31.20
CA ASN H 399 130.87 53.41 -31.03
C ASN H 399 130.85 51.91 -31.16
N ILE H 400 129.96 51.26 -30.41
CA ILE H 400 129.82 49.82 -30.42
C ILE H 400 128.44 49.46 -30.94
N ARG H 401 128.41 48.61 -31.98
CA ARG H 401 127.15 48.16 -32.58
C ARG H 401 127.17 46.65 -32.71
N ILE H 402 125.98 46.07 -32.86
CA ILE H 402 125.81 44.63 -33.02
C ILE H 402 125.23 44.37 -34.41
N VAL H 403 125.83 43.44 -35.15
CA VAL H 403 125.31 43.00 -36.43
C VAL H 403 125.00 41.50 -36.32
N ILE H 404 123.79 41.12 -36.69
CA ILE H 404 123.33 39.74 -36.55
C ILE H 404 123.36 39.08 -37.92
N TYR H 405 123.95 37.88 -37.98
CA TYR H 405 124.08 37.12 -39.21
C TYR H 405 123.22 35.87 -39.15
N SER H 406 122.41 35.65 -40.18
CA SER H 406 121.52 34.51 -40.27
C SER H 406 121.94 33.63 -41.44
N ALA H 407 122.13 32.35 -41.16
CA ALA H 407 122.66 31.41 -42.15
C ALA H 407 121.60 30.73 -43.00
N ILE H 408 120.38 30.59 -42.47
CA ILE H 408 119.30 30.02 -43.27
C ILE H 408 119.00 30.93 -44.45
N PHE H 409 118.92 32.23 -44.20
CA PHE H 409 118.70 33.21 -45.25
C PHE H 409 119.98 33.89 -45.71
N GLN H 410 121.08 33.70 -44.97
CA GLN H 410 122.40 34.28 -45.28
C GLN H 410 122.31 35.81 -45.40
N THR H 411 121.77 36.44 -44.36
CA THR H 411 121.56 37.88 -44.36
C THR H 411 122.20 38.49 -43.11
N TRP H 412 122.34 39.81 -43.14
CA TRP H 412 122.86 40.59 -42.03
C TRP H 412 121.84 41.63 -41.62
N THR H 413 121.85 41.98 -40.33
CA THR H 413 120.94 42.98 -39.80
C THR H 413 121.65 43.84 -38.77
N LEU H 414 121.49 45.16 -38.89
CA LEU H 414 122.06 46.10 -37.93
C LEU H 414 121.03 46.34 -36.83
N GLN H 415 121.43 46.10 -35.58
CA GLN H 415 120.55 46.27 -34.44
C GLN H 415 120.68 47.69 -33.89
N ASP H 416 120.07 47.92 -32.73
CA ASP H 416 119.98 49.25 -32.13
C ASP H 416 120.86 49.31 -30.89
N PHE H 417 122.02 49.95 -31.02
CA PHE H 417 122.92 50.24 -29.91
C PHE H 417 123.36 51.70 -29.96
N GLU H 418 123.57 52.27 -28.78
CA GLU H 418 124.03 53.65 -28.63
C GLU H 418 125.13 53.73 -27.57
N LEU H 419 126.10 52.83 -27.66
CA LEU H 419 127.16 52.74 -26.66
C LEU H 419 128.44 53.35 -27.19
N GLN H 420 129.01 54.26 -26.41
CA GLN H 420 130.29 54.91 -26.71
C GLN H 420 131.30 54.46 -25.67
N LEU H 421 132.50 54.11 -26.11
CA LEU H 421 133.49 53.59 -25.19
C LEU H 421 134.88 54.09 -25.55
N PRO H 422 135.80 54.14 -24.58
CA PRO H 422 137.19 54.53 -24.89
C PRO H 422 137.89 53.49 -25.73
N LYS H 423 139.04 53.91 -26.29
CA LYS H 423 139.80 53.04 -27.17
C LYS H 423 140.51 51.93 -26.42
N GLU H 424 140.82 52.14 -25.14
CA GLU H 424 141.58 51.17 -24.38
C GLU H 424 140.76 49.92 -24.09
N ALA H 425 139.44 50.06 -23.97
CA ALA H 425 138.59 48.98 -23.48
C ALA H 425 138.58 47.80 -24.43
N ILE H 426 138.54 46.59 -23.85
CA ILE H 426 138.37 45.35 -24.59
C ILE H 426 137.05 44.72 -24.15
N LEU H 427 136.22 44.35 -25.11
CA LEU H 427 134.84 43.96 -24.85
C LEU H 427 134.67 42.47 -25.05
N GLU H 428 134.04 41.81 -24.08
CA GLU H 428 133.68 40.41 -24.20
C GLU H 428 132.23 40.26 -23.78
N PHE H 429 131.42 39.63 -24.62
CA PHE H 429 129.98 39.57 -24.39
C PHE H 429 129.45 38.16 -24.59
N ARG H 430 128.29 37.91 -23.96
CA ARG H 430 127.65 36.61 -23.96
C ARG H 430 126.15 36.80 -24.13
N PHE H 431 125.50 35.72 -24.56
CA PHE H 431 124.06 35.69 -24.78
C PHE H 431 123.41 34.84 -23.70
N LEU H 432 122.31 35.34 -23.13
CA LEU H 432 121.61 34.61 -22.09
C LEU H 432 120.69 33.55 -22.71
N TYR H 433 120.08 32.75 -21.84
CA TYR H 433 119.22 31.66 -22.25
C TYR H 433 117.81 32.21 -22.49
N SER H 434 117.62 32.77 -23.68
CA SER H 434 116.33 33.34 -24.04
C SER H 434 116.12 33.17 -25.54
N ALA H 435 114.86 33.24 -25.95
CA ALA H 435 114.55 33.30 -27.37
C ALA H 435 115.07 34.58 -28.00
N MET H 436 114.81 35.70 -27.35
CA MET H 436 115.23 36.99 -27.85
C MET H 436 116.73 37.21 -27.59
N PRO H 437 117.37 38.05 -28.38
CA PRO H 437 118.76 38.41 -28.08
C PRO H 437 118.86 39.34 -26.87
N ASP H 438 119.32 38.81 -25.75
CA ASP H 438 119.54 39.59 -24.52
C ASP H 438 120.98 39.36 -24.10
N ILE H 439 121.81 40.41 -24.20
CA ILE H 439 123.25 40.25 -24.07
C ILE H 439 123.74 40.81 -22.75
N ILE H 440 124.87 40.27 -22.31
CA ILE H 440 125.60 40.75 -21.14
C ILE H 440 127.06 40.90 -21.56
N MET H 441 127.62 42.10 -21.37
CA MET H 441 128.90 42.45 -21.95
C MET H 441 129.77 43.07 -20.86
N TRP H 442 131.09 42.86 -20.93
CA TRP H 442 131.97 43.45 -19.95
C TRP H 442 133.25 43.95 -20.60
N ASP H 443 133.85 44.96 -19.96
CA ASP H 443 135.04 45.64 -20.44
C ASP H 443 136.09 45.78 -19.34
N GLN H 444 136.19 44.77 -18.47
CA GLN H 444 137.16 44.59 -17.40
C GLN H 444 137.05 45.63 -16.28
N HIS H 445 136.16 46.61 -16.39
CA HIS H 445 135.92 47.53 -15.29
C HIS H 445 134.43 47.71 -15.01
N HIS H 446 133.61 47.50 -16.04
CA HIS H 446 132.17 47.69 -15.95
C HIS H 446 131.47 46.50 -16.56
N VAL H 447 130.17 46.41 -16.33
CA VAL H 447 129.33 45.38 -16.93
C VAL H 447 128.09 46.05 -17.50
N TYR H 448 127.87 45.88 -18.79
CA TYR H 448 126.73 46.44 -19.51
C TYR H 448 125.74 45.34 -19.84
N TYR H 449 124.49 45.75 -20.04
CA TYR H 449 123.41 44.80 -20.25
C TYR H 449 122.47 45.32 -21.34
N SER H 450 121.87 44.37 -22.05
CA SER H 450 120.80 44.65 -23.02
C SER H 450 119.73 43.59 -22.87
N TYR H 451 118.57 43.98 -22.36
CA TYR H 451 117.47 43.08 -22.07
C TYR H 451 116.23 43.48 -22.87
N LYS H 452 115.37 42.49 -23.08
CA LYS H 452 114.04 42.65 -23.66
C LYS H 452 114.12 43.26 -25.07
N ASN H 453 114.90 42.60 -25.92
CA ASN H 453 115.01 42.93 -27.35
C ASN H 453 115.46 44.37 -27.58
N PHE H 454 116.64 44.68 -27.03
CA PHE H 454 117.39 45.90 -27.29
C PHE H 454 116.63 47.16 -26.88
N THR H 455 115.75 47.06 -25.90
CA THR H 455 115.07 48.22 -25.33
C THR H 455 115.59 48.59 -23.95
N VAL H 456 115.91 47.62 -23.10
CA VAL H 456 116.45 47.90 -21.77
C VAL H 456 117.96 47.79 -21.89
N VAL H 457 118.60 48.89 -22.28
CA VAL H 457 120.05 48.91 -22.50
C VAL H 457 120.68 49.84 -21.48
N GLY H 458 121.80 49.43 -20.92
CA GLY H 458 122.50 50.31 -19.99
C GLY H 458 123.67 49.62 -19.33
N THR H 459 124.08 50.17 -18.19
CA THR H 459 125.20 49.67 -17.40
C THR H 459 124.70 49.15 -16.07
N ILE H 460 125.22 47.99 -15.66
CA ILE H 460 124.80 47.36 -14.42
C ILE H 460 125.43 48.09 -13.24
N SER H 461 124.61 48.47 -12.28
CA SER H 461 125.03 49.30 -11.17
C SER H 461 124.63 48.67 -9.85
N THR H 462 125.49 48.86 -8.85
CA THR H 462 125.23 48.41 -7.49
C THR H 462 124.13 49.27 -6.86
N PRO H 463 123.54 48.81 -5.74
CA PRO H 463 122.56 49.66 -5.04
C PRO H 463 123.10 51.03 -4.63
N SER H 464 124.39 51.13 -4.32
CA SER H 464 124.98 52.45 -4.10
C SER H 464 125.08 53.25 -5.39
N GLY H 465 125.18 52.57 -6.53
CA GLY H 465 125.23 53.23 -7.82
C GLY H 465 126.60 53.66 -8.27
N GLU H 466 127.67 53.05 -7.74
CA GLU H 466 129.02 53.47 -8.12
C GLU H 466 129.36 53.07 -9.54
N THR H 467 128.84 51.93 -10.00
CA THR H 467 128.80 51.50 -11.40
C THR H 467 130.19 51.09 -11.90
N ASN H 468 131.22 51.37 -11.11
CA ASN H 468 132.58 50.92 -11.42
C ASN H 468 132.91 49.79 -10.46
N LEU H 469 132.96 48.57 -10.99
CA LEU H 469 133.16 47.39 -10.15
C LEU H 469 134.61 47.23 -9.69
N SER H 470 135.55 48.00 -10.26
CA SER H 470 136.92 47.96 -9.76
C SER H 470 137.06 48.75 -8.47
N SER H 471 136.22 49.75 -8.24
CA SER H 471 136.26 50.50 -7.00
C SER H 471 135.72 49.70 -5.82
N LEU H 472 134.87 48.71 -6.08
CA LEU H 472 134.37 47.82 -5.04
C LEU H 472 135.22 46.57 -4.90
N SER H 473 136.27 46.42 -5.70
CA SER H 473 137.09 45.21 -5.70
C SER H 473 138.57 45.54 -5.55
N GLN H 474 138.87 46.63 -4.84
CA GLN H 474 140.25 47.04 -4.53
C GLN H 474 141.10 47.22 -5.78
N GLY H 475 140.52 47.88 -6.79
CA GLY H 475 141.24 48.17 -8.01
C GLY H 475 141.66 46.96 -8.83
N SER H 476 140.74 46.03 -9.04
CA SER H 476 141.00 44.82 -9.79
C SER H 476 140.06 44.72 -10.98
N LYS H 477 140.49 44.01 -12.01
CA LYS H 477 139.75 43.89 -13.26
C LYS H 477 138.87 42.65 -13.24
N ILE H 478 137.85 42.67 -14.09
CA ILE H 478 136.94 41.53 -14.20
C ILE H 478 137.66 40.38 -14.86
N HIS H 479 137.58 39.21 -14.25
CA HIS H 479 138.30 38.02 -14.69
C HIS H 479 137.40 37.00 -15.37
N GLN H 480 136.27 36.67 -14.75
CA GLN H 480 135.40 35.62 -15.25
C GLN H 480 133.94 36.01 -15.06
N VAL H 481 133.10 35.54 -15.97
CA VAL H 481 131.66 35.71 -15.89
C VAL H 481 131.01 34.38 -16.23
N LEU H 482 130.18 33.87 -15.32
CA LEU H 482 129.53 32.58 -15.50
C LEU H 482 128.03 32.77 -15.57
N THR H 483 127.42 32.27 -16.64
CA THR H 483 125.97 32.25 -16.81
C THR H 483 125.49 30.81 -16.66
N ASP H 484 124.17 30.66 -16.50
CA ASP H 484 123.60 29.34 -16.31
C ASP H 484 122.21 29.31 -16.93
N ARG H 485 121.59 28.12 -16.89
CA ARG H 485 120.26 27.95 -17.47
C ARG H 485 119.19 28.67 -16.67
N ILE H 486 119.29 28.62 -15.34
CA ILE H 486 118.26 29.22 -14.49
C ILE H 486 118.26 30.73 -14.64
N GLY H 487 119.44 31.34 -14.76
CA GLY H 487 119.51 32.73 -15.11
C GLY H 487 120.45 33.58 -14.28
N ASN H 488 121.23 32.96 -13.40
CA ASN H 488 122.08 33.72 -12.50
C ASN H 488 123.48 33.84 -13.07
N VAL H 489 124.02 35.05 -13.01
CA VAL H 489 125.34 35.39 -13.54
C VAL H 489 126.25 35.72 -12.37
N VAL H 490 127.42 35.08 -12.32
CA VAL H 490 128.40 35.30 -11.28
C VAL H 490 129.60 35.99 -11.92
N VAL H 491 129.98 37.14 -11.36
CA VAL H 491 131.07 37.95 -11.88
C VAL H 491 132.21 37.89 -10.89
N LYS H 492 133.35 37.37 -11.32
CA LYS H 492 134.49 37.16 -10.43
C LYS H 492 135.69 37.95 -10.94
N MET H 493 136.33 38.71 -10.04
CA MET H 493 137.51 39.48 -10.38
C MET H 493 138.76 38.69 -10.01
N GLU H 494 139.91 39.24 -10.38
CA GLU H 494 141.18 38.62 -10.03
C GLU H 494 141.59 38.90 -8.59
N ASN H 495 140.86 39.78 -7.90
CA ASN H 495 140.94 39.92 -6.45
C ASN H 495 140.29 38.74 -5.73
N ASN H 496 139.57 37.88 -6.45
CA ASN H 496 138.78 36.77 -5.93
C ASN H 496 137.65 37.29 -5.04
N VAL H 497 136.86 38.19 -5.61
CA VAL H 497 135.60 38.63 -5.04
C VAL H 497 134.54 38.46 -6.11
N MET H 498 133.29 38.26 -5.69
CA MET H 498 132.24 37.84 -6.60
C MET H 498 131.02 38.72 -6.44
N PHE H 499 130.63 39.38 -7.51
CA PHE H 499 129.32 40.01 -7.62
C PHE H 499 128.33 39.02 -8.24
N TYR H 500 127.06 39.31 -8.03
CA TYR H 500 125.97 38.46 -8.50
C TYR H 500 124.98 39.32 -9.25
N ILE H 501 124.55 38.84 -10.41
CA ILE H 501 123.53 39.50 -11.21
C ILE H 501 122.46 38.46 -11.53
N LYS H 502 121.21 38.88 -11.54
CA LYS H 502 120.13 38.06 -12.05
C LYS H 502 119.67 38.63 -13.38
N ALA H 503 119.43 37.75 -14.35
CA ALA H 503 119.01 38.17 -15.67
C ALA H 503 117.68 38.91 -15.60
N ASP H 504 117.54 39.93 -16.44
CA ASP H 504 116.37 40.82 -16.50
C ASP H 504 116.18 41.62 -15.21
N ILE H 505 117.27 41.81 -14.45
CA ILE H 505 117.28 42.67 -13.28
C ILE H 505 118.57 43.48 -13.32
N THR H 506 118.45 44.80 -13.20
CA THR H 506 119.61 45.68 -13.42
C THR H 506 120.63 45.57 -12.30
N GLU H 507 120.18 45.64 -11.05
CA GLU H 507 121.08 45.83 -9.93
C GLU H 507 121.90 44.58 -9.63
N ALA H 508 123.17 44.78 -9.31
CA ALA H 508 124.03 43.71 -8.86
C ALA H 508 124.03 43.63 -7.34
N VAL H 509 124.58 42.54 -6.81
CA VAL H 509 124.67 42.32 -5.37
C VAL H 509 126.08 41.82 -5.08
N ILE H 510 126.78 42.50 -4.19
CA ILE H 510 128.12 42.05 -3.81
C ILE H 510 127.98 40.97 -2.74
N LEU H 511 128.49 39.79 -3.02
CA LEU H 511 128.41 38.70 -2.08
C LEU H 511 129.49 38.85 -1.00
N HIS H 512 129.30 38.13 0.09
CA HIS H 512 130.27 38.17 1.17
C HIS H 512 131.57 37.49 0.73
N THR H 513 132.65 37.80 1.45
CA THR H 513 133.93 37.21 1.14
C THR H 513 133.93 35.72 1.48
N TRP H 514 134.51 34.94 0.58
CA TRP H 514 134.51 33.48 0.72
C TRP H 514 135.91 32.92 0.50
N VAL H 515 136.73 33.65 -0.25
CA VAL H 515 138.04 33.18 -0.67
C VAL H 515 139.04 34.31 -0.49
N ASN H 516 140.31 33.94 -0.34
CA ASN H 516 141.39 34.89 -0.08
C ASN H 516 141.59 35.84 -1.25
N THR H 517 142.54 36.76 -1.06
CA THR H 517 142.92 37.67 -2.12
C THR H 517 144.07 37.11 -2.96
N THR H 518 144.97 36.34 -2.36
CA THR H 518 146.17 35.86 -3.02
C THR H 518 145.99 34.47 -3.64
N ALA H 519 144.80 33.89 -3.57
CA ALA H 519 144.59 32.56 -4.11
C ALA H 519 144.43 32.59 -5.63
N LYS H 520 145.04 31.62 -6.30
CA LYS H 520 144.89 31.42 -7.74
C LYS H 520 143.71 30.48 -7.95
N THR H 521 142.58 31.02 -8.39
CA THR H 521 141.33 30.29 -8.40
C THR H 521 140.66 30.39 -9.76
N VAL H 522 139.69 29.49 -9.98
CA VAL H 522 138.79 29.58 -11.13
C VAL H 522 137.41 29.09 -10.67
N VAL H 523 136.39 29.40 -11.44
CA VAL H 523 135.03 28.94 -11.16
C VAL H 523 134.54 28.09 -12.32
N LEU H 524 133.81 27.03 -12.01
CA LEU H 524 133.33 26.10 -13.02
C LEU H 524 132.04 25.46 -12.53
N PHE H 525 131.53 24.52 -13.32
CA PHE H 525 130.33 23.78 -12.99
C PHE H 525 130.67 22.33 -12.67
N ASP H 526 129.79 21.70 -11.89
CA ASP H 526 129.94 20.29 -11.52
C ASP H 526 129.21 19.43 -12.54
N LYS H 527 128.94 18.17 -12.19
CA LYS H 527 128.10 17.33 -13.04
C LYS H 527 126.71 17.93 -13.20
N SER H 528 126.14 18.43 -12.11
CA SER H 528 124.95 19.26 -12.19
C SER H 528 125.39 20.68 -12.56
N PHE H 529 124.50 21.66 -12.45
CA PHE H 529 124.86 23.02 -12.81
C PHE H 529 125.11 23.91 -11.59
N GLU H 530 125.73 23.37 -10.56
CA GLU H 530 126.11 24.16 -9.39
C GLU H 530 127.52 24.70 -9.57
N VAL H 531 127.78 25.85 -8.96
CA VAL H 531 129.06 26.52 -9.07
C VAL H 531 130.07 25.85 -8.15
N CYS H 532 131.33 25.82 -8.57
CA CYS H 532 132.40 25.21 -7.80
C CYS H 532 133.68 25.99 -8.03
N ILE H 533 134.37 26.34 -6.95
CA ILE H 533 135.66 27.01 -7.04
C ILE H 533 136.74 25.96 -7.13
N LEU H 534 137.78 26.27 -7.87
CA LEU H 534 138.91 25.36 -8.06
C LEU H 534 140.19 26.13 -7.76
N TYR H 535 140.84 25.76 -6.66
CA TYR H 535 142.08 26.39 -6.24
C TYR H 535 143.25 25.66 -6.88
N TYR H 536 144.16 26.42 -7.48
CA TYR H 536 145.38 25.89 -8.07
C TYR H 536 146.57 26.48 -7.34
N ASN H 537 147.51 25.63 -6.97
CA ASN H 537 148.74 26.09 -6.35
C ASN H 537 149.82 25.03 -6.58
N GLU H 538 150.99 25.48 -7.03
CA GLU H 538 152.12 24.59 -7.23
C GLU H 538 152.80 24.35 -5.88
N ASN H 539 154.02 23.80 -5.92
CA ASN H 539 154.84 23.53 -4.74
C ASN H 539 154.12 22.59 -3.77
N LEU H 540 153.39 21.62 -4.31
CA LEU H 540 152.70 20.63 -3.49
C LEU H 540 153.07 19.23 -3.93
N ASP H 541 152.38 18.22 -3.39
CA ASP H 541 152.75 16.83 -3.61
C ASP H 541 152.07 16.21 -4.83
N GLU H 542 151.67 17.05 -5.80
CA GLU H 542 151.16 16.67 -7.11
C GLU H 542 149.76 16.06 -7.02
N LYS H 543 149.28 15.80 -5.81
CA LYS H 543 147.93 15.29 -5.62
C LYS H 543 146.96 16.36 -5.15
N TYR H 544 147.46 17.54 -4.79
CA TYR H 544 146.61 18.63 -4.31
C TYR H 544 146.91 19.93 -5.03
N GLN H 545 147.48 19.87 -6.24
CA GLN H 545 147.71 21.07 -7.01
C GLN H 545 146.43 21.65 -7.59
N LEU H 546 145.34 20.90 -7.58
CA LEU H 546 144.05 21.36 -8.08
C LEU H 546 142.97 20.81 -7.15
N GLN H 547 142.47 21.66 -6.26
CA GLN H 547 141.50 21.24 -5.24
C GLN H 547 140.18 21.95 -5.48
N THR H 548 139.08 21.18 -5.49
CA THR H 548 137.76 21.70 -5.82
C THR H 548 136.92 21.81 -4.56
N GLN H 549 136.34 22.98 -4.34
CA GLN H 549 135.46 23.23 -3.21
C GLN H 549 134.15 23.83 -3.72
N PRO H 550 133.01 23.30 -3.28
CA PRO H 550 131.73 23.84 -3.75
C PRO H 550 131.47 25.22 -3.19
N TYR H 551 130.40 25.84 -3.70
CA TYR H 551 130.01 27.19 -3.34
C TYR H 551 128.49 27.24 -3.24
N PRO H 552 127.94 27.27 -2.04
CA PRO H 552 126.47 27.36 -1.89
C PRO H 552 125.97 28.77 -2.18
N LEU H 553 125.76 29.05 -3.46
CA LEU H 553 125.38 30.40 -3.89
C LEU H 553 123.97 30.74 -3.45
N ILE H 554 123.08 29.75 -3.43
CA ILE H 554 121.68 30.01 -3.07
C ILE H 554 121.57 30.45 -1.61
N LEU H 555 122.32 29.81 -0.72
CA LEU H 555 122.25 30.17 0.70
C LEU H 555 122.85 31.54 0.96
N GLU H 556 123.95 31.88 0.28
CA GLU H 556 124.53 33.21 0.42
C GLU H 556 123.56 34.28 -0.10
N LEU H 557 122.90 33.99 -1.23
CA LEU H 557 121.93 34.93 -1.78
C LEU H 557 120.75 35.11 -0.83
N GLN H 558 120.31 34.03 -0.19
CA GLN H 558 119.20 34.15 0.76
C GLN H 558 119.62 34.90 2.01
N SER H 559 120.87 34.76 2.45
CA SER H 559 121.36 35.56 3.57
C SER H 559 121.38 37.04 3.23
N ILE H 560 121.87 37.37 2.03
CA ILE H 560 121.86 38.76 1.58
C ILE H 560 120.44 39.31 1.51
N ASN H 561 119.50 38.50 0.99
CA ASN H 561 118.13 38.94 0.87
C ASN H 561 117.47 39.13 2.24
N LYS H 562 117.81 38.27 3.20
CA LYS H 562 117.32 38.47 4.57
C LYS H 562 117.85 39.79 5.13
N ASP H 563 119.10 40.12 4.83
CA ASP H 563 119.61 41.43 5.19
C ASP H 563 118.84 42.55 4.49
N LEU H 564 118.38 42.31 3.26
CA LEU H 564 117.77 43.36 2.45
C LEU H 564 116.25 43.39 2.61
N GLY H 565 115.58 42.30 2.24
CA GLY H 565 114.15 42.22 2.42
C GLY H 565 113.30 42.21 1.15
N ASP H 566 113.82 41.64 0.08
CA ASP H 566 113.06 41.46 -1.15
C ASP H 566 112.26 40.16 -1.10
N TRP H 567 111.29 40.03 -2.00
CA TRP H 567 110.42 38.87 -2.00
C TRP H 567 109.83 38.66 -3.39
N CYS H 568 109.42 37.41 -3.65
CA CYS H 568 108.88 37.01 -4.93
C CYS H 568 107.42 37.44 -5.05
N PRO H 569 107.03 38.11 -6.13
CA PRO H 569 105.65 38.61 -6.23
C PRO H 569 104.60 37.54 -6.49
N TYR H 570 104.98 36.35 -6.94
CA TYR H 570 104.00 35.30 -7.22
C TYR H 570 104.31 34.07 -6.37
N LEU H 571 103.25 33.34 -6.02
CA LEU H 571 103.44 32.10 -5.28
C LEU H 571 103.99 31.01 -6.19
N ALA H 572 103.45 30.87 -7.39
CA ALA H 572 103.91 29.79 -8.24
C ALA H 572 103.61 30.10 -9.70
N PHE H 573 104.41 29.50 -10.59
CA PHE H 573 104.22 29.59 -12.02
C PHE H 573 104.54 28.23 -12.61
N GLN H 574 103.51 27.50 -13.05
CA GLN H 574 103.68 26.18 -13.62
C GLN H 574 103.38 26.21 -15.11
N HIS H 575 103.93 25.22 -15.81
CA HIS H 575 103.68 25.03 -17.23
C HIS H 575 103.75 23.54 -17.50
N ASN H 576 103.77 23.17 -18.79
CA ASN H 576 103.94 21.77 -19.16
C ASN H 576 104.90 21.62 -20.33
N ILE H 577 105.73 22.62 -20.60
CA ILE H 577 106.79 22.49 -21.59
C ILE H 577 107.86 21.60 -20.97
N HIS H 578 107.84 20.32 -21.31
CA HIS H 578 108.82 19.37 -20.83
C HIS H 578 109.93 19.13 -21.83
N SER H 579 110.02 19.94 -22.88
CA SER H 579 110.97 19.69 -23.96
C SER H 579 111.52 21.02 -24.44
N GLN H 580 112.29 20.96 -25.53
CA GLN H 580 112.92 22.12 -26.12
C GLN H 580 112.75 22.21 -27.62
N PHE H 581 112.46 21.11 -28.29
CA PHE H 581 112.39 21.05 -29.75
C PHE H 581 111.14 20.27 -30.12
N TYR H 582 110.08 21.00 -30.46
CA TYR H 582 108.82 20.40 -30.89
C TYR H 582 108.74 20.47 -32.40
N HIS H 583 108.53 19.32 -33.04
CA HIS H 583 108.48 19.23 -34.48
C HIS H 583 107.14 18.64 -34.88
N MET H 584 106.48 19.27 -35.87
CA MET H 584 105.18 18.78 -36.27
C MET H 584 104.91 19.06 -37.74
N ASP H 585 104.09 18.21 -38.34
CA ASP H 585 103.82 18.15 -39.77
C ASP H 585 102.58 19.00 -40.09
N LYS H 586 101.99 18.78 -41.27
CA LYS H 586 100.84 19.56 -41.72
C LYS H 586 99.64 19.42 -40.79
N GLY H 587 99.35 18.22 -40.33
CA GLY H 587 98.07 17.97 -39.71
C GLY H 587 97.99 17.97 -38.21
N GLU H 588 98.98 18.54 -37.53
CA GLU H 588 99.00 18.55 -36.07
C GLU H 588 99.05 19.98 -35.54
N SER H 589 98.74 20.08 -34.24
CA SER H 589 98.73 21.32 -33.50
C SER H 589 99.43 21.10 -32.16
N LEU H 590 99.88 22.18 -31.54
CA LEU H 590 100.57 22.09 -30.26
C LEU H 590 99.77 22.80 -29.18
N THR H 591 99.54 22.14 -28.05
CA THR H 591 98.78 22.70 -26.95
C THR H 591 99.69 22.88 -25.74
N ILE H 592 99.82 24.13 -25.30
CA ILE H 592 100.69 24.49 -24.17
C ILE H 592 99.82 25.09 -23.07
N TRP H 593 100.03 24.64 -21.85
CA TRP H 593 99.24 25.06 -20.71
C TRP H 593 100.16 25.68 -19.66
N SER H 594 99.79 26.86 -19.14
CA SER H 594 100.57 27.52 -18.11
C SER H 594 99.64 28.19 -17.12
N GLN H 595 100.18 28.54 -15.95
CA GLN H 595 99.34 29.01 -14.86
C GLN H 595 100.19 29.76 -13.85
N ILE H 596 99.67 30.89 -13.36
CA ILE H 596 100.29 31.62 -12.25
C ILE H 596 99.31 31.68 -11.09
N VAL H 597 99.84 31.47 -9.88
CA VAL H 597 99.11 31.67 -8.63
C VAL H 597 99.84 32.76 -7.85
N TYR H 598 99.13 33.82 -7.50
CA TYR H 598 99.78 34.98 -6.91
C TYR H 598 98.86 35.60 -5.86
N PRO H 599 99.39 36.53 -5.02
CA PRO H 599 98.56 37.23 -4.03
C PRO H 599 97.35 37.96 -4.58
N GLU H 600 96.55 38.53 -3.67
CA GLU H 600 95.12 38.74 -3.91
C GLU H 600 94.83 39.56 -5.16
N ASN H 601 95.48 40.72 -5.31
CA ASN H 601 95.25 41.42 -6.57
C ASN H 601 96.47 42.15 -7.09
N ARG H 602 97.67 41.62 -6.86
CA ARG H 602 98.81 42.13 -7.60
C ARG H 602 98.68 41.65 -9.03
N GLY H 603 98.06 42.46 -9.89
CA GLY H 603 97.66 42.03 -11.22
C GLY H 603 98.79 41.57 -12.11
N LEU H 604 98.89 40.26 -12.34
CA LEU H 604 99.92 39.66 -13.15
C LEU H 604 99.30 38.93 -14.33
N TYR H 605 100.16 38.44 -15.23
CA TYR H 605 99.76 37.63 -16.36
C TYR H 605 101.01 36.96 -16.91
N ILE H 606 100.82 36.12 -17.93
CA ILE H 606 101.90 35.36 -18.54
C ILE H 606 102.17 35.93 -19.92
N VAL H 607 103.41 36.31 -20.18
CA VAL H 607 103.83 36.86 -21.45
C VAL H 607 104.43 35.75 -22.30
N VAL H 608 103.99 35.69 -23.56
CA VAL H 608 104.44 34.73 -24.55
C VAL H 608 105.23 35.49 -25.59
N GLU H 609 106.53 35.26 -25.65
CA GLU H 609 107.40 36.04 -26.52
C GLU H 609 107.95 35.14 -27.62
N HIS H 610 107.82 35.59 -28.86
CA HIS H 610 108.20 34.79 -30.01
C HIS H 610 109.30 35.49 -30.79
N TYR H 611 110.12 34.69 -31.46
CA TYR H 611 111.24 35.18 -32.23
C TYR H 611 111.39 34.30 -33.47
N GLY H 612 111.96 34.87 -34.53
CA GLY H 612 112.19 34.11 -35.74
C GLY H 612 111.29 34.52 -36.88
N SER H 613 110.75 33.54 -37.60
CA SER H 613 109.84 33.78 -38.71
C SER H 613 108.43 33.40 -38.28
N SER H 614 107.50 34.34 -38.39
CA SER H 614 106.12 34.09 -38.01
C SER H 614 105.40 33.36 -39.15
N VAL H 615 104.96 32.13 -38.87
CA VAL H 615 104.24 31.34 -39.85
C VAL H 615 102.96 30.73 -39.28
N MET H 616 102.63 31.00 -38.02
CA MET H 616 101.61 30.27 -37.30
C MET H 616 100.57 31.25 -36.73
N THR H 617 99.59 30.69 -36.03
CA THR H 617 98.59 31.48 -35.33
C THR H 617 98.36 30.90 -33.93
N TRP H 618 97.90 31.74 -33.02
CA TRP H 618 97.64 31.37 -31.65
C TRP H 618 96.15 31.45 -31.36
N THR H 619 95.78 30.90 -30.20
CA THR H 619 94.44 31.10 -29.64
C THR H 619 94.55 30.84 -28.15
N GLN H 620 94.48 31.90 -27.35
CA GLN H 620 94.70 31.81 -25.92
C GLN H 620 93.37 31.86 -25.18
N ASN H 621 93.19 30.95 -24.23
CA ASN H 621 92.03 30.95 -23.34
C ASN H 621 92.51 31.09 -21.91
N LEU H 622 91.89 32.01 -21.17
CA LEU H 622 92.29 32.33 -19.80
C LEU H 622 91.13 32.08 -18.85
N GLU H 623 91.41 31.40 -17.75
CA GLU H 623 90.47 31.19 -16.67
C GLU H 623 90.99 31.88 -15.42
N TYR H 624 90.13 32.65 -14.78
CA TYR H 624 90.49 33.50 -13.64
C TYR H 624 89.73 33.03 -12.42
N GLU H 625 90.44 32.74 -11.34
CA GLU H 625 89.82 32.28 -10.11
C GLU H 625 90.40 33.02 -8.92
N ILE H 626 89.56 33.23 -7.91
CA ILE H 626 89.98 33.80 -6.64
C ILE H 626 89.57 32.83 -5.54
N ALA H 627 90.52 32.43 -4.72
CA ALA H 627 90.21 31.47 -3.66
C ALA H 627 91.18 31.64 -2.51
N SER H 628 90.63 31.78 -1.30
CA SER H 628 91.40 31.87 -0.06
C SER H 628 92.45 32.97 -0.13
N GLY H 629 92.07 34.11 -0.69
CA GLY H 629 92.96 35.24 -0.76
C GLY H 629 94.03 35.16 -1.83
N PHE H 630 94.01 34.14 -2.68
CA PHE H 630 95.00 34.00 -3.74
C PHE H 630 94.30 33.95 -5.09
N CYS H 631 94.82 34.69 -6.05
CA CYS H 631 94.33 34.65 -7.42
C CYS H 631 95.08 33.60 -8.22
N THR H 632 94.39 33.07 -9.23
CA THR H 632 94.94 32.06 -10.13
C THR H 632 94.52 32.39 -11.54
N LYS H 633 95.48 32.36 -12.47
CA LYS H 633 95.23 32.60 -13.87
C LYS H 633 95.79 31.45 -14.66
N THR H 634 94.95 30.79 -15.46
CA THR H 634 95.32 29.60 -16.21
C THR H 634 95.10 29.88 -17.69
N MET H 635 96.14 29.71 -18.49
CA MET H 635 96.10 30.01 -19.91
C MET H 635 96.44 28.77 -20.70
N ILE H 636 95.64 28.49 -21.73
CA ILE H 636 95.89 27.41 -22.67
C ILE H 636 96.01 28.01 -24.05
N THR H 637 97.11 27.71 -24.74
CA THR H 637 97.41 28.27 -26.04
C THR H 637 97.68 27.15 -27.03
N ARG H 638 97.16 27.29 -28.25
CA ARG H 638 97.29 26.27 -29.27
C ARG H 638 97.92 26.87 -30.51
N PHE H 639 98.86 26.15 -31.10
CA PHE H 639 99.56 26.56 -32.30
C PHE H 639 99.12 25.67 -33.46
N PHE H 640 98.69 26.29 -34.55
CA PHE H 640 98.23 25.57 -35.72
C PHE H 640 98.44 26.43 -36.96
N GLN H 641 98.40 25.77 -38.12
CA GLN H 641 98.41 26.43 -39.41
C GLN H 641 97.09 26.17 -40.12
N THR H 642 96.72 27.09 -41.01
CA THR H 642 95.39 27.10 -41.62
C THR H 642 95.48 27.23 -43.14
N THR H 643 96.33 26.41 -43.76
CA THR H 643 96.55 26.46 -45.19
C THR H 643 95.98 25.23 -45.88
N ASN H 644 95.45 25.43 -47.08
CA ASN H 644 94.93 24.35 -47.92
C ASN H 644 95.72 24.33 -49.22
N TYR H 645 96.20 23.15 -49.61
CA TYR H 645 97.11 23.01 -50.74
C TYR H 645 96.44 22.42 -51.98
N GLU H 646 95.11 22.34 -52.01
CA GLU H 646 94.41 21.81 -53.16
C GLU H 646 94.16 22.91 -54.19
N LEU H 647 94.27 22.55 -55.47
CA LEU H 647 93.91 23.40 -56.60
C LEU H 647 94.73 24.68 -56.68
N VAL H 648 95.90 24.72 -56.06
CA VAL H 648 96.71 25.92 -56.03
C VAL H 648 97.88 25.76 -56.99
N ASP H 649 98.42 26.89 -57.42
CA ASP H 649 99.62 26.92 -58.26
C ASP H 649 100.85 27.14 -57.40
N ASN H 650 101.99 26.64 -57.90
CA ASN H 650 103.26 26.66 -57.17
C ASN H 650 103.13 25.97 -55.82
N TYR H 651 102.77 24.68 -55.87
CA TYR H 651 102.58 23.90 -54.66
C TYR H 651 103.87 23.78 -53.88
N TYR H 652 104.99 23.56 -54.57
CA TYR H 652 106.27 23.43 -53.88
C TYR H 652 106.75 24.79 -53.36
N GLN H 653 106.53 25.86 -54.12
CA GLN H 653 106.90 27.19 -53.65
C GLN H 653 106.05 27.61 -52.45
N LEU H 654 104.74 27.34 -52.51
CA LEU H 654 103.88 27.64 -51.36
C LEU H 654 104.26 26.79 -50.16
N GLN H 655 104.63 25.54 -50.40
CA GLN H 655 105.09 24.66 -49.34
C GLN H 655 106.35 25.20 -48.67
N LYS H 656 107.29 25.70 -49.48
CA LYS H 656 108.51 26.27 -48.93
C LYS H 656 108.22 27.55 -48.17
N GLU H 657 107.32 28.38 -48.68
CA GLU H 657 107.00 29.66 -48.05
C GLU H 657 106.32 29.51 -46.70
N ASN H 658 105.83 28.32 -46.36
CA ASN H 658 105.17 28.11 -45.08
C ASN H 658 105.90 27.06 -44.25
N THR H 659 107.23 27.15 -44.19
CA THR H 659 108.03 26.19 -43.45
C THR H 659 109.21 26.92 -42.83
N GLY H 660 109.80 26.30 -41.81
CA GLY H 660 110.94 26.90 -41.13
C GLY H 660 110.80 26.85 -39.63
N LEU H 661 111.75 27.49 -38.96
CA LEU H 661 111.89 27.40 -37.51
C LEU H 661 111.45 28.69 -36.84
N MET H 662 110.97 28.57 -35.61
CA MET H 662 110.57 29.72 -34.80
C MET H 662 110.77 29.36 -33.33
N LEU H 663 110.92 30.39 -32.50
CA LEU H 663 111.30 30.21 -31.11
C LEU H 663 110.30 30.88 -30.19
N LEU H 664 109.96 30.22 -29.10
CA LEU H 664 108.96 30.70 -28.17
C LEU H 664 109.55 30.70 -26.76
N GLN H 665 109.05 31.60 -25.93
CA GLN H 665 109.41 31.57 -24.52
C GLN H 665 108.25 32.04 -23.67
N PHE H 666 108.14 31.46 -22.49
CA PHE H 666 107.05 31.71 -21.56
C PHE H 666 107.62 32.34 -20.30
N ARG H 667 107.01 33.43 -19.83
CA ARG H 667 107.52 34.03 -18.60
C ARG H 667 106.39 34.78 -17.91
N PRO H 668 106.51 35.05 -16.60
CA PRO H 668 105.50 35.86 -15.93
C PRO H 668 105.60 37.33 -16.27
N SER H 669 104.67 38.13 -15.75
CA SER H 669 104.62 39.54 -16.14
C SER H 669 105.76 40.31 -15.51
N GLU H 670 105.78 40.39 -14.18
CA GLU H 670 106.86 41.03 -13.45
C GLU H 670 107.52 40.00 -12.55
N PHE H 671 108.84 40.00 -12.54
CA PHE H 671 109.58 39.12 -11.66
C PHE H 671 110.88 39.80 -11.24
N SER H 672 111.39 39.38 -10.11
CA SER H 672 112.57 40.01 -9.51
C SER H 672 113.45 38.89 -8.95
N ARG H 673 114.39 39.27 -8.10
CA ARG H 673 115.16 38.27 -7.37
C ARG H 673 114.26 37.53 -6.38
N THR H 674 114.81 36.48 -5.78
CA THR H 674 114.17 35.54 -4.87
C THR H 674 113.20 34.64 -5.64
N CYS H 675 113.06 34.88 -6.94
CA CYS H 675 112.20 34.09 -7.82
C CYS H 675 113.10 33.16 -8.62
N LEU H 676 112.94 31.86 -8.41
CA LEU H 676 113.88 30.86 -8.89
C LEU H 676 113.38 30.13 -10.13
N THR H 677 112.40 30.69 -10.83
CA THR H 677 111.75 29.98 -11.92
C THR H 677 112.62 30.02 -13.17
N ALA H 678 112.99 28.85 -13.67
CA ALA H 678 113.67 28.76 -14.96
C ALA H 678 112.66 29.03 -16.06
N LYS H 679 112.91 30.05 -16.86
CA LYS H 679 111.97 30.42 -17.91
C LYS H 679 112.03 29.39 -19.03
N PRO H 680 110.90 28.83 -19.43
CA PRO H 680 110.90 27.84 -20.52
C PRO H 680 111.05 28.52 -21.88
N VAL H 681 112.16 28.24 -22.55
CA VAL H 681 112.43 28.63 -23.92
C VAL H 681 112.47 27.37 -24.76
N PHE H 682 111.71 27.35 -25.86
CA PHE H 682 111.67 26.19 -26.73
C PHE H 682 111.52 26.65 -28.17
N GLU H 683 111.46 25.68 -29.07
CA GLU H 683 111.52 25.92 -30.50
C GLU H 683 110.55 25.01 -31.22
N ILE H 684 109.88 25.54 -32.24
CA ILE H 684 108.99 24.77 -33.10
C ILE H 684 109.45 24.91 -34.54
N ASP H 685 109.61 23.79 -35.23
CA ASP H 685 110.01 23.80 -36.63
C ASP H 685 108.93 23.15 -37.47
N VAL H 686 108.67 23.75 -38.63
CA VAL H 686 107.69 23.24 -39.59
C VAL H 686 108.47 22.69 -40.77
N GLY H 687 108.28 21.40 -41.02
CA GLY H 687 108.98 20.69 -42.08
C GLY H 687 108.99 19.21 -41.77
N CYS H 688 109.57 18.46 -42.70
CA CYS H 688 109.75 17.01 -42.53
C CYS H 688 111.13 16.69 -42.02
N ASP H 689 111.19 15.69 -41.14
CA ASP H 689 112.42 15.26 -40.50
C ASP H 689 113.31 14.42 -41.41
N SER H 690 112.82 14.06 -42.61
CA SER H 690 113.53 13.19 -43.55
C SER H 690 113.87 11.85 -42.91
N SER H 691 112.98 11.37 -42.05
CA SER H 691 113.16 10.07 -41.40
C SER H 691 111.85 9.29 -41.32
N LYS H 692 110.80 9.73 -42.01
CA LYS H 692 109.48 9.13 -41.92
C LYS H 692 109.01 8.77 -43.32
N TYR H 693 108.57 7.53 -43.51
CA TYR H 693 108.22 7.07 -44.85
C TYR H 693 107.22 5.93 -44.76
N ILE H 694 106.89 5.34 -45.92
CA ILE H 694 105.83 4.36 -46.06
C ILE H 694 106.41 3.05 -46.58
N MET H 695 106.16 1.97 -45.85
CA MET H 695 106.60 0.63 -46.23
C MET H 695 105.40 -0.25 -46.53
N VAL H 696 105.50 -1.04 -47.61
CA VAL H 696 104.48 -2.05 -47.88
C VAL H 696 104.56 -3.15 -46.83
N ARG H 697 103.40 -3.73 -46.48
CA ARG H 697 103.36 -4.75 -45.44
C ARG H 697 104.03 -6.04 -45.90
N GLY H 698 104.81 -6.63 -44.99
CA GLY H 698 105.45 -7.91 -45.24
C GLY H 698 106.68 -7.85 -46.11
N PHE H 699 107.20 -6.66 -46.40
CA PHE H 699 108.37 -6.50 -47.26
C PHE H 699 109.53 -5.96 -46.43
N ASN H 700 110.71 -6.54 -46.62
CA ASN H 700 111.90 -6.13 -45.89
C ASN H 700 113.06 -5.96 -46.86
N LYS H 701 114.08 -5.23 -46.41
CA LYS H 701 115.19 -4.86 -47.29
C LYS H 701 116.11 -6.06 -47.53
N SER H 702 116.71 -6.58 -46.47
CA SER H 702 117.77 -7.59 -46.61
C SER H 702 117.51 -8.83 -45.75
N ARG H 703 116.25 -9.08 -45.36
CA ARG H 703 115.94 -10.35 -44.71
C ARG H 703 116.06 -11.52 -45.69
N CYS H 704 115.72 -11.30 -46.95
CA CYS H 704 115.80 -12.32 -47.99
C CYS H 704 117.07 -12.10 -48.80
N GLN H 705 117.94 -13.11 -48.80
CA GLN H 705 119.20 -13.02 -49.52
C GLN H 705 119.07 -13.62 -50.91
N ARG H 706 119.68 -12.96 -51.89
CA ARG H 706 119.60 -13.37 -53.29
C ARG H 706 120.86 -12.89 -54.00
N ARG H 707 120.91 -13.09 -55.32
CA ARG H 707 122.08 -12.68 -56.09
C ARG H 707 121.65 -11.77 -57.24
N ASP H 708 122.59 -11.48 -58.13
CA ASP H 708 122.32 -10.56 -59.23
C ASP H 708 121.38 -11.17 -60.26
N PHE H 709 120.64 -10.29 -60.93
CA PHE H 709 119.64 -10.67 -61.91
C PHE H 709 119.88 -9.87 -63.19
N SER H 710 119.30 -10.35 -64.28
CA SER H 710 119.43 -9.67 -65.57
C SER H 710 118.29 -10.15 -66.47
N TYR H 711 117.76 -9.24 -67.29
CA TYR H 711 116.61 -9.61 -68.11
C TYR H 711 116.46 -8.65 -69.28
N VAL H 712 115.71 -9.11 -70.27
CA VAL H 712 115.40 -8.36 -71.48
C VAL H 712 113.89 -8.25 -71.59
N ILE H 713 113.41 -7.03 -71.83
CA ILE H 713 111.99 -6.74 -72.00
C ILE H 713 111.81 -6.03 -73.32
N ASP H 714 110.85 -6.51 -74.13
CA ASP H 714 110.58 -5.94 -75.43
C ASP H 714 109.13 -6.19 -75.81
N LYS H 715 108.66 -5.44 -76.81
CA LYS H 715 107.37 -5.55 -77.47
C LYS H 715 106.18 -5.22 -76.57
N GLU H 716 106.41 -4.77 -75.34
CA GLU H 716 105.32 -4.45 -74.43
C GLU H 716 105.40 -3.05 -73.84
N LEU H 717 106.39 -2.25 -74.22
CA LEU H 717 106.55 -0.92 -73.69
C LEU H 717 105.76 0.09 -74.52
N LEU H 718 105.69 1.32 -74.01
CA LEU H 718 104.98 2.41 -74.68
C LEU H 718 105.76 2.90 -75.90
N ASP H 724 112.71 -0.51 -77.45
CA ASP H 724 112.51 -1.58 -78.41
C ASP H 724 113.06 -2.91 -77.89
N ASN H 725 114.19 -2.83 -77.16
CA ASN H 725 114.80 -4.01 -76.57
C ASN H 725 115.61 -3.54 -75.37
N LEU H 726 115.06 -3.73 -74.17
CA LEU H 726 115.66 -3.23 -72.94
C LEU H 726 116.35 -4.35 -72.20
N LYS H 727 117.59 -4.10 -71.77
CA LYS H 727 118.37 -5.04 -70.97
C LYS H 727 118.66 -4.37 -69.63
N VAL H 728 118.08 -4.91 -68.55
CA VAL H 728 118.18 -4.28 -67.24
C VAL H 728 118.49 -5.35 -66.20
N ARG H 729 119.30 -4.98 -65.21
CA ARG H 729 119.76 -5.87 -64.15
C ARG H 729 118.94 -5.62 -62.88
N TYR H 730 118.04 -6.55 -62.56
CA TYR H 730 117.37 -6.56 -61.27
C TYR H 730 118.36 -7.00 -60.18
N ASP H 731 118.02 -6.66 -58.94
CA ASP H 731 118.83 -7.08 -57.79
C ASP H 731 117.98 -6.95 -56.54
N VAL H 732 118.63 -7.10 -55.38
CA VAL H 732 118.00 -6.88 -54.09
C VAL H 732 118.57 -5.67 -53.36
N ALA H 733 119.82 -5.29 -53.65
CA ALA H 733 120.48 -4.20 -52.95
C ALA H 733 119.79 -2.85 -53.18
N LYS H 734 119.04 -2.70 -54.27
CA LYS H 734 118.25 -1.49 -54.47
C LYS H 734 116.82 -1.76 -54.93
N TYR H 735 116.48 -2.99 -55.32
CA TYR H 735 115.13 -3.33 -55.71
C TYR H 735 114.44 -4.28 -54.74
N GLY H 736 115.17 -4.86 -53.80
CA GLY H 736 114.59 -5.73 -52.79
C GLY H 736 114.39 -7.16 -53.27
N CYS H 737 114.02 -8.01 -52.31
CA CYS H 737 113.73 -9.40 -52.63
C CYS H 737 112.43 -9.50 -53.42
N PRO H 738 112.42 -10.18 -54.56
CA PRO H 738 111.20 -10.23 -55.37
C PRO H 738 110.14 -11.13 -54.77
N LEU H 739 108.90 -10.87 -55.15
CA LEU H 739 107.79 -11.70 -54.70
C LEU H 739 107.78 -13.02 -55.49
N THR H 740 107.10 -14.00 -54.91
CA THR H 740 107.02 -15.34 -55.48
C THR H 740 105.57 -15.69 -55.80
N LEU H 741 104.86 -14.76 -56.45
CA LEU H 741 103.43 -14.92 -56.65
C LEU H 741 103.12 -16.06 -57.62
N GLU H 742 102.03 -16.76 -57.36
CA GLU H 742 101.59 -17.92 -58.12
C GLU H 742 100.66 -17.46 -59.25
N LEU H 743 99.92 -18.40 -59.83
CA LEU H 743 98.87 -18.08 -60.79
C LEU H 743 97.83 -17.14 -60.16
N GLY H 744 96.98 -16.59 -61.02
CA GLY H 744 96.17 -15.40 -60.74
C GLY H 744 95.54 -15.23 -59.38
N GLN H 745 95.98 -14.18 -58.68
CA GLN H 745 95.50 -13.85 -57.36
C GLN H 745 95.40 -12.33 -57.24
N MET H 746 94.55 -11.87 -56.33
CA MET H 746 94.31 -10.45 -56.14
C MET H 746 95.09 -9.94 -54.94
N PHE H 747 95.78 -8.81 -55.12
CA PHE H 747 96.61 -8.22 -54.07
C PHE H 747 96.34 -6.73 -53.99
N GLN H 748 95.93 -6.26 -52.80
CA GLN H 748 95.74 -4.85 -52.51
C GLN H 748 97.01 -4.29 -51.87
N PRO H 749 97.51 -3.15 -52.35
CA PRO H 749 98.69 -2.57 -51.73
C PRO H 749 98.39 -1.99 -50.35
N ILE H 750 98.85 -2.70 -49.34
CA ILE H 750 98.75 -2.24 -47.96
C ILE H 750 100.09 -1.71 -47.51
N VAL H 751 100.11 -0.47 -47.04
CA VAL H 751 101.33 0.17 -46.59
C VAL H 751 101.10 0.85 -45.24
N GLU H 752 102.22 1.15 -44.58
CA GLU H 752 102.24 1.67 -43.23
C GLU H 752 103.24 2.81 -43.13
N LEU H 753 103.07 3.65 -42.12
CA LEU H 753 103.95 4.78 -41.88
C LEU H 753 104.92 4.45 -40.75
N TYR H 754 106.22 4.60 -41.01
CA TYR H 754 107.23 4.25 -40.01
C TYR H 754 108.29 5.33 -39.99
N ASP H 755 108.76 5.64 -38.78
CA ASP H 755 109.83 6.61 -38.59
C ASP H 755 110.64 6.24 -37.34
N GLU H 756 111.95 6.42 -37.43
CA GLU H 756 112.87 6.34 -36.30
C GLU H 756 112.73 5.05 -35.49
N ASN H 757 111.97 5.11 -34.40
CA ASN H 757 111.86 3.98 -33.49
C ASN H 757 111.02 2.85 -34.07
N GLY H 758 109.93 3.18 -34.76
CA GLY H 758 109.04 2.15 -35.26
C GLY H 758 107.92 2.74 -36.08
N PHE H 759 106.94 1.90 -36.39
CA PHE H 759 105.82 2.31 -37.23
C PHE H 759 104.88 3.22 -36.45
N ILE H 760 104.18 4.09 -37.19
CA ILE H 760 103.28 5.05 -36.57
C ILE H 760 101.84 4.60 -36.72
N LYS H 761 101.38 4.43 -37.95
CA LYS H 761 99.98 4.12 -38.20
C LYS H 761 99.85 3.46 -39.58
N ILE H 762 98.61 3.21 -39.97
CA ILE H 762 98.28 2.69 -41.30
C ILE H 762 97.78 3.86 -42.12
N VAL H 763 98.52 4.22 -43.15
CA VAL H 763 98.22 5.43 -43.90
C VAL H 763 97.05 5.19 -44.83
N ASP H 764 96.40 6.27 -45.25
CA ASP H 764 95.26 6.22 -46.15
C ASP H 764 95.13 7.59 -46.81
N ALA H 765 95.35 7.63 -48.12
CA ALA H 765 95.24 8.89 -48.83
C ALA H 765 94.84 8.68 -50.28
N ASN H 766 95.80 8.77 -51.19
CA ASN H 766 95.62 8.48 -52.60
C ASN H 766 96.96 8.02 -53.13
N PHE H 767 96.97 6.89 -53.84
CA PHE H 767 98.21 6.27 -54.26
C PHE H 767 98.32 6.31 -55.78
N ILE H 768 99.54 6.19 -56.27
CA ILE H 768 99.81 5.99 -57.68
C ILE H 768 100.93 4.97 -57.82
N LEU H 769 100.80 4.10 -58.81
CA LEU H 769 101.73 3.03 -59.08
C LEU H 769 102.33 3.20 -60.47
N TRP H 770 103.59 2.78 -60.61
CA TRP H 770 104.29 2.83 -61.89
C TRP H 770 105.39 1.79 -61.90
N GLU H 771 105.51 1.10 -63.03
CA GLU H 771 106.65 0.25 -63.31
C GLU H 771 107.90 1.09 -63.57
N ILE H 772 109.06 0.46 -63.46
CA ILE H 772 110.32 1.20 -63.52
C ILE H 772 110.58 1.72 -64.93
N HIS H 773 110.47 0.85 -65.93
CA HIS H 773 110.92 1.16 -67.29
C HIS H 773 109.80 1.61 -68.20
N GLY H 774 108.66 0.94 -68.14
CA GLY H 774 107.55 1.26 -69.02
C GLY H 774 106.72 0.03 -69.29
N ARG H 775 105.41 0.16 -69.18
CA ARG H 775 104.50 -0.96 -69.42
C ARG H 775 103.14 -0.39 -69.80
N ASN H 776 102.36 -1.21 -70.49
CA ASN H 776 100.99 -0.87 -70.84
C ASN H 776 99.98 -1.92 -70.44
N ASP H 777 100.40 -3.15 -70.17
CA ASP H 777 99.47 -4.26 -69.89
C ASP H 777 99.34 -4.43 -68.38
N TYR H 778 98.55 -3.56 -67.77
CA TYR H 778 98.19 -3.71 -66.36
C TYR H 778 96.92 -2.91 -66.11
N THR H 779 96.00 -3.49 -65.33
CA THR H 779 94.73 -2.85 -65.04
C THR H 779 94.40 -3.02 -63.56
N PHE H 780 93.19 -2.68 -63.15
CA PHE H 780 92.86 -2.67 -61.73
C PHE H 780 91.44 -3.21 -61.54
N ASN H 781 90.95 -3.00 -60.32
CA ASN H 781 89.68 -3.53 -59.87
C ASN H 781 88.52 -3.07 -60.73
N SER H 782 88.39 -1.76 -60.90
CA SER H 782 87.13 -1.14 -61.24
C SER H 782 87.35 -0.09 -62.33
N THR H 783 86.34 0.75 -62.52
CA THR H 783 86.32 1.77 -63.55
C THR H 783 86.10 3.14 -62.90
N MET H 784 85.87 4.15 -63.75
CA MET H 784 85.44 5.46 -63.28
C MET H 784 84.25 5.34 -62.34
N GLU H 785 83.12 4.84 -62.86
CA GLU H 785 81.96 4.64 -62.04
C GLU H 785 82.15 3.41 -61.16
N GLN H 786 81.15 3.14 -60.33
CA GLN H 786 81.19 2.18 -59.23
C GLN H 786 82.22 2.55 -58.16
N ASN H 787 82.86 3.70 -58.31
CA ASN H 787 83.70 4.29 -57.28
C ASN H 787 83.22 5.66 -56.85
N GLY H 788 82.20 6.21 -57.51
CA GLY H 788 81.62 7.48 -57.14
C GLY H 788 82.09 8.66 -57.96
N CYS H 789 82.92 8.44 -58.97
CA CYS H 789 83.49 9.56 -59.73
C CYS H 789 82.40 10.18 -60.60
N ILE H 790 81.90 11.34 -60.17
CA ILE H 790 80.81 11.99 -60.89
C ILE H 790 81.27 12.48 -62.26
N ASN H 791 82.42 13.14 -62.32
CA ASN H 791 82.96 13.66 -63.56
C ASN H 791 84.20 12.87 -63.94
N GLU H 792 84.80 13.25 -65.07
CA GLU H 792 85.94 12.50 -65.59
C GLU H 792 87.17 12.67 -64.71
N ALA H 793 87.86 11.56 -64.47
CA ALA H 793 89.08 11.55 -63.68
C ALA H 793 90.28 11.80 -64.59
N GLN H 794 91.48 11.57 -64.05
CA GLN H 794 92.73 11.71 -64.79
C GLN H 794 93.55 10.44 -64.59
N THR H 795 93.73 9.68 -65.66
CA THR H 795 94.38 8.37 -65.61
C THR H 795 95.84 8.48 -66.03
N TRP H 796 96.55 7.35 -65.89
CA TRP H 796 97.99 7.35 -66.11
C TRP H 796 98.35 7.57 -67.57
N ASP H 797 97.62 6.93 -68.49
CA ASP H 797 97.92 7.06 -69.91
C ASP H 797 97.66 8.48 -70.40
N SER H 798 96.57 9.09 -69.95
CA SER H 798 96.28 10.47 -70.32
C SER H 798 97.34 11.43 -69.80
N MET H 799 97.89 11.17 -68.62
CA MET H 799 98.90 12.06 -68.05
C MET H 799 100.28 11.83 -68.65
N ILE H 800 100.61 10.60 -69.04
CA ILE H 800 101.82 10.39 -69.82
C ILE H 800 101.69 11.09 -71.18
N GLU H 801 100.49 11.07 -71.75
CA GLU H 801 100.23 11.85 -72.96
C GLU H 801 100.32 13.35 -72.69
N GLU H 802 100.02 13.77 -71.45
CA GLU H 802 100.03 15.20 -71.13
C GLU H 802 101.43 15.78 -71.16
N ASN H 803 102.42 15.06 -70.64
CA ASN H 803 103.77 15.55 -70.55
C ASN H 803 104.62 14.93 -71.64
N PRO H 804 105.14 15.72 -72.59
CA PRO H 804 105.76 15.13 -73.78
C PRO H 804 107.11 14.47 -73.54
N ASP H 805 108.04 15.17 -72.90
CA ASP H 805 109.42 14.73 -72.84
C ASP H 805 109.95 14.48 -71.43
N ILE H 806 109.42 15.14 -70.41
CA ILE H 806 109.95 14.99 -69.06
C ILE H 806 109.64 13.60 -68.51
N PRO H 807 110.59 12.98 -67.78
CA PRO H 807 110.35 11.69 -67.13
C PRO H 807 109.12 11.60 -66.26
N LEU H 808 108.84 10.39 -65.79
CA LEU H 808 107.57 10.12 -65.12
C LEU H 808 107.48 10.79 -63.75
N ASP H 809 108.61 10.95 -63.06
CA ASP H 809 108.59 11.47 -61.69
C ASP H 809 108.04 12.88 -61.60
N ASP H 810 108.09 13.65 -62.68
CA ASP H 810 107.52 14.99 -62.72
C ASP H 810 106.21 15.05 -63.49
N VAL H 811 105.58 13.90 -63.74
CA VAL H 811 104.37 13.85 -64.55
C VAL H 811 103.15 14.04 -63.66
N TRP H 812 103.01 13.20 -62.63
CA TRP H 812 101.87 13.25 -61.75
C TRP H 812 102.36 13.17 -60.31
N GLY H 813 101.64 13.83 -59.41
CA GLY H 813 102.02 13.89 -58.03
C GLY H 813 101.08 14.77 -57.24
N PRO H 814 101.46 15.12 -56.01
CA PRO H 814 100.58 15.96 -55.19
C PRO H 814 100.53 17.40 -55.64
N GLN H 815 101.47 17.83 -56.49
CA GLN H 815 101.43 19.18 -57.03
C GLN H 815 100.47 19.32 -58.19
N ASN H 816 100.01 18.22 -58.77
CA ASN H 816 99.19 18.23 -59.97
C ASN H 816 97.82 17.62 -59.77
N TYR H 817 97.54 17.07 -58.59
CA TYR H 817 96.34 16.27 -58.39
C TYR H 817 95.08 17.12 -58.41
N ARG H 818 94.06 16.63 -59.13
CA ARG H 818 92.70 17.16 -59.12
C ARG H 818 91.77 15.99 -58.89
N PRO H 819 90.88 16.05 -57.90
CA PRO H 819 90.02 14.91 -57.61
C PRO H 819 88.97 14.69 -58.68
N CYS H 820 88.43 13.46 -58.71
CA CYS H 820 87.39 13.14 -59.69
C CYS H 820 86.02 13.56 -59.20
N PHE H 821 85.75 13.38 -57.91
CA PHE H 821 84.43 13.71 -57.35
C PHE H 821 84.26 15.22 -57.26
N SER H 822 84.18 15.89 -58.40
CA SER H 822 84.30 17.33 -58.44
C SER H 822 83.04 18.01 -58.96
N TYR H 823 82.50 17.56 -60.09
CA TYR H 823 81.34 18.10 -60.79
C TYR H 823 81.54 19.51 -61.31
N ALA H 824 82.72 20.11 -61.13
CA ALA H 824 82.95 21.46 -61.59
C ALA H 824 84.32 21.73 -62.22
N ILE H 825 85.30 20.84 -62.08
CA ILE H 825 86.67 21.25 -62.35
C ILE H 825 87.12 20.97 -63.78
N GLY H 826 87.23 19.70 -64.15
CA GLY H 826 87.94 19.40 -65.39
C GLY H 826 87.16 18.96 -66.61
N LYS H 827 86.26 17.98 -66.47
CA LYS H 827 85.76 17.30 -67.65
C LYS H 827 84.56 16.41 -67.35
N PRO H 828 83.51 16.47 -68.16
CA PRO H 828 82.43 15.47 -68.11
C PRO H 828 82.64 14.32 -69.09
N GLY H 829 83.81 13.70 -69.04
CA GLY H 829 84.14 12.67 -70.00
C GLY H 829 83.37 11.37 -69.78
N ASP H 830 83.45 10.51 -70.78
CA ASP H 830 82.82 9.20 -70.68
C ASP H 830 83.48 8.37 -69.59
N LEU H 831 82.68 7.64 -68.84
CA LEU H 831 83.11 6.98 -67.61
C LEU H 831 83.08 5.47 -67.78
N GLY H 832 84.15 4.81 -67.35
CA GLY H 832 84.26 3.37 -67.52
C GLY H 832 85.67 2.90 -67.85
N GLN H 833 86.60 3.84 -68.00
CA GLN H 833 88.01 3.50 -68.17
C GLN H 833 88.59 3.06 -66.83
N PRO H 834 89.73 2.35 -66.86
CA PRO H 834 90.36 1.92 -65.59
C PRO H 834 90.71 3.09 -64.69
N TYR H 835 90.56 2.87 -63.38
CA TYR H 835 90.69 3.91 -62.36
C TYR H 835 91.92 3.63 -61.51
N GLU H 836 92.92 4.53 -61.59
CA GLU H 836 94.15 4.38 -60.81
C GLU H 836 94.35 5.65 -59.99
N ILE H 837 93.58 5.76 -58.91
CA ILE H 837 93.84 6.68 -57.80
C ILE H 837 93.67 5.86 -56.54
N LEU H 838 94.02 4.59 -56.62
CA LEU H 838 93.67 3.59 -55.60
C LEU H 838 94.12 4.01 -54.21
N ASN H 839 93.30 3.68 -53.21
CA ASN H 839 93.54 4.09 -51.83
C ASN H 839 92.80 3.12 -50.92
N TYR H 840 92.98 3.29 -49.62
CA TYR H 840 92.14 2.57 -48.69
C TYR H 840 90.77 3.24 -48.59
N SER H 841 89.83 2.49 -48.01
CA SER H 841 88.37 2.62 -48.11
C SER H 841 87.89 2.29 -49.51
N ASN H 842 88.80 2.00 -50.43
CA ASN H 842 88.53 1.55 -51.77
C ASN H 842 89.15 0.17 -51.95
N LYS H 843 88.46 -0.66 -52.71
CA LYS H 843 88.84 -2.06 -52.86
C LYS H 843 89.88 -2.27 -53.95
N ASN H 844 90.39 -1.20 -54.55
CA ASN H 844 91.00 -1.25 -55.88
C ASN H 844 92.27 -2.09 -55.84
N HIS H 845 92.17 -3.30 -56.37
CA HIS H 845 93.27 -4.24 -56.44
C HIS H 845 94.00 -4.11 -57.78
N ILE H 846 95.13 -4.79 -57.89
CA ILE H 846 95.91 -4.76 -59.11
C ILE H 846 95.58 -5.99 -59.96
N LYS H 847 95.79 -5.87 -61.27
CA LYS H 847 95.52 -6.98 -62.19
C LYS H 847 96.50 -6.90 -63.36
N TRP H 848 96.92 -8.07 -63.83
CA TRP H 848 97.85 -8.23 -64.94
C TRP H 848 97.29 -9.28 -65.88
N PRO H 849 97.73 -9.28 -67.15
CA PRO H 849 97.27 -10.33 -68.07
C PRO H 849 97.64 -11.73 -67.60
N MET H 850 96.69 -12.66 -67.78
CA MET H 850 96.86 -14.02 -67.27
C MET H 850 97.84 -14.83 -68.10
N THR H 851 97.95 -14.56 -69.40
CA THR H 851 98.62 -15.47 -70.32
C THR H 851 100.13 -15.53 -70.07
N TYR H 852 100.83 -14.43 -70.29
CA TYR H 852 102.27 -14.41 -70.18
C TYR H 852 102.71 -14.08 -68.76
N ALA H 853 103.92 -14.49 -68.41
CA ALA H 853 104.49 -14.27 -67.09
C ALA H 853 105.58 -13.23 -67.16
N GLY H 854 105.57 -12.31 -66.20
CA GLY H 854 106.57 -11.26 -66.16
C GLY H 854 106.55 -10.57 -64.81
N MET H 855 107.31 -9.48 -64.74
CA MET H 855 107.40 -8.68 -63.53
C MET H 855 107.33 -7.20 -63.85
N TYR H 856 106.72 -6.45 -62.95
CA TYR H 856 106.53 -5.01 -63.10
C TYR H 856 106.91 -4.38 -61.76
N VAL H 857 108.12 -3.86 -61.66
CA VAL H 857 108.62 -3.34 -60.41
C VAL H 857 107.93 -2.01 -60.12
N TYR H 858 106.88 -2.06 -59.31
CA TYR H 858 106.03 -0.91 -59.05
C TYR H 858 106.60 -0.10 -57.91
N ARG H 859 106.71 1.20 -58.12
CA ARG H 859 107.04 2.15 -57.06
C ARG H 859 105.76 2.86 -56.65
N LEU H 860 105.46 2.83 -55.35
CA LEU H 860 104.21 3.38 -54.82
C LEU H 860 104.45 4.78 -54.28
N LYS H 861 103.60 5.72 -54.69
CA LYS H 861 103.74 7.13 -54.34
C LYS H 861 102.42 7.67 -53.81
N ILE H 862 102.48 8.52 -52.79
CA ILE H 862 101.28 9.09 -52.16
C ILE H 862 100.93 10.41 -52.83
N LEU H 863 99.65 10.59 -53.13
CA LEU H 863 99.16 11.66 -53.99
C LEU H 863 98.44 12.79 -53.26
N ASP H 864 98.09 12.61 -52.00
CA ASP H 864 97.28 13.59 -51.28
C ASP H 864 98.05 14.91 -51.12
N PRO H 865 97.51 16.03 -51.57
CA PRO H 865 98.30 17.27 -51.60
C PRO H 865 98.44 17.97 -50.26
N ASN H 866 97.75 17.54 -49.23
CA ASN H 866 97.93 18.09 -47.90
C ASN H 866 97.98 16.96 -46.87
N TYR H 867 98.76 15.92 -47.16
CA TYR H 867 98.95 14.87 -46.18
C TYR H 867 100.19 15.11 -45.32
N SER H 868 101.35 15.20 -45.95
CA SER H 868 102.61 15.42 -45.24
C SER H 868 103.43 16.45 -46.00
N PHE H 869 104.56 16.84 -45.39
CA PHE H 869 105.39 17.90 -45.94
C PHE H 869 106.46 17.40 -46.90
N CYS H 870 106.66 16.08 -47.00
CA CYS H 870 107.79 15.52 -47.71
C CYS H 870 107.33 14.49 -48.74
N ASN H 871 108.30 13.85 -49.38
CA ASN H 871 108.04 12.82 -50.37
C ASN H 871 108.15 11.44 -49.75
N LEU H 872 107.18 10.58 -50.05
CA LEU H 872 107.11 9.24 -49.49
C LEU H 872 106.86 8.26 -50.62
N THR H 873 107.89 7.50 -50.99
CA THR H 873 107.83 6.58 -52.12
C THR H 873 108.52 5.28 -51.74
N THR H 874 107.94 4.15 -52.19
CA THR H 874 108.52 2.84 -51.91
C THR H 874 108.60 2.03 -53.20
N ILE H 875 109.31 0.90 -53.13
CA ILE H 875 109.53 0.03 -54.28
C ILE H 875 109.12 -1.39 -53.89
N PHE H 876 108.40 -2.06 -54.80
CA PHE H 876 108.07 -3.47 -54.60
C PHE H 876 107.77 -4.09 -55.96
N ALA H 877 108.17 -5.35 -56.14
CA ALA H 877 108.03 -6.03 -57.42
C ALA H 877 107.26 -7.34 -57.24
N ILE H 878 106.49 -7.70 -58.26
CA ILE H 878 105.68 -8.90 -58.23
C ILE H 878 106.03 -9.74 -59.45
N GLU H 879 106.37 -11.01 -59.21
CA GLU H 879 106.61 -12.00 -60.25
C GLU H 879 105.48 -13.02 -60.18
N SER H 880 104.43 -12.78 -60.96
CA SER H 880 103.29 -13.68 -60.98
C SER H 880 103.49 -14.74 -62.05
N LEU H 881 103.33 -16.00 -61.66
CA LEU H 881 103.54 -17.11 -62.57
C LEU H 881 102.40 -17.18 -63.57
N GLY H 882 102.75 -17.38 -64.84
CA GLY H 882 101.79 -17.26 -65.93
C GLY H 882 101.05 -18.55 -66.21
N MET H 883 100.50 -18.61 -67.42
CA MET H 883 99.61 -19.70 -67.82
C MET H 883 99.98 -20.19 -69.22
N ILE H 884 100.91 -19.48 -69.87
CA ILE H 884 101.27 -19.78 -71.26
C ILE H 884 102.04 -21.09 -71.31
N PRO H 885 101.50 -22.12 -71.96
CA PRO H 885 102.19 -23.41 -72.02
C PRO H 885 103.03 -23.56 -73.27
N ARG H 886 103.64 -24.73 -73.43
CA ARG H 886 104.18 -25.12 -74.72
C ARG H 886 103.04 -25.27 -75.73
N SER H 887 103.27 -24.80 -76.96
CA SER H 887 102.20 -24.81 -77.96
C SER H 887 101.80 -26.25 -78.32
N SER H 888 102.79 -27.12 -78.53
CA SER H 888 102.58 -28.54 -78.85
C SER H 888 101.72 -28.73 -80.10
N VAL H 889 101.84 -27.81 -81.06
CA VAL H 889 101.09 -27.93 -82.30
C VAL H 889 101.64 -29.08 -83.15
N TYR H 890 102.97 -29.15 -83.28
CA TYR H 890 103.56 -30.21 -84.08
C TYR H 890 103.56 -31.55 -83.35
N LEU H 891 103.54 -31.52 -82.01
CA LEU H 891 103.47 -32.76 -81.24
C LEU H 891 102.20 -33.54 -81.54
N VAL H 892 101.11 -32.83 -81.84
CA VAL H 892 99.88 -33.49 -82.25
C VAL H 892 99.71 -33.50 -83.77
N ALA H 893 100.43 -32.64 -84.51
CA ALA H 893 100.46 -32.76 -85.96
C ALA H 893 101.13 -34.04 -86.40
N ALA H 894 102.10 -34.53 -85.62
CA ALA H 894 102.67 -35.85 -85.88
C ALA H 894 101.61 -36.93 -85.75
N LEU H 895 100.72 -36.79 -84.76
CA LEU H 895 99.60 -37.71 -84.63
C LEU H 895 98.65 -37.61 -85.82
N ILE H 896 98.41 -36.39 -86.32
CA ILE H 896 97.63 -36.22 -87.55
C ILE H 896 98.25 -37.00 -88.69
N PHE H 897 99.58 -36.86 -88.87
CA PHE H 897 100.24 -37.53 -89.97
C PHE H 897 100.19 -39.05 -89.80
N VAL H 898 100.34 -39.54 -88.57
CA VAL H 898 100.30 -40.98 -88.31
C VAL H 898 98.91 -41.53 -88.63
N LEU H 899 97.85 -40.88 -88.12
CA LEU H 899 96.49 -41.34 -88.39
C LEU H 899 96.15 -41.24 -89.88
N MET H 900 96.58 -40.16 -90.54
CA MET H 900 96.30 -39.99 -91.96
C MET H 900 97.00 -41.05 -92.79
N LEU H 901 98.26 -41.37 -92.46
CA LEU H 901 98.98 -42.37 -93.22
C LEU H 901 98.42 -43.77 -92.95
N THR H 902 97.99 -44.06 -91.72
CA THR H 902 97.32 -45.34 -91.47
C THR H 902 96.00 -45.43 -92.23
N PHE H 903 95.25 -44.33 -92.31
CA PHE H 903 94.01 -44.33 -93.08
C PHE H 903 94.29 -44.54 -94.56
N ILE H 904 95.34 -43.92 -95.09
CA ILE H 904 95.70 -44.11 -96.49
C ILE H 904 96.15 -45.55 -96.74
N SER H 905 96.88 -46.14 -95.79
CA SER H 905 97.28 -47.54 -95.92
C SER H 905 96.09 -48.48 -95.89
N ILE H 906 95.11 -48.20 -95.03
CA ILE H 906 93.89 -49.00 -94.98
C ILE H 906 93.11 -48.86 -96.28
N LEU H 907 93.07 -47.65 -96.84
CA LEU H 907 92.43 -47.44 -98.13
C LEU H 907 93.16 -48.20 -99.24
N VAL H 908 94.49 -48.26 -99.18
CA VAL H 908 95.26 -49.02 -100.15
C VAL H 908 94.96 -50.51 -100.04
N LEU H 909 94.87 -51.01 -98.80
CA LEU H 909 94.53 -52.42 -98.59
C LEU H 909 93.14 -52.75 -99.13
N SER H 910 92.15 -51.88 -98.86
CA SER H 910 90.83 -52.07 -99.41
C SER H 910 90.82 -51.97 -100.93
N TYR H 911 91.68 -51.09 -101.48
CA TYR H 911 91.82 -50.97 -102.93
C TYR H 911 92.31 -52.27 -103.55
N PHE H 912 93.34 -52.87 -102.94
CA PHE H 912 93.86 -54.15 -103.41
C PHE H 912 92.82 -55.26 -103.28
N TRP H 913 92.10 -55.28 -102.15
CA TRP H 913 91.07 -56.31 -101.94
C TRP H 913 89.97 -56.20 -102.98
N TYR H 914 89.50 -54.98 -103.26
CA TYR H 914 88.43 -54.82 -104.23
C TYR H 914 88.91 -55.02 -105.66
N LEU H 915 90.16 -54.67 -105.96
CA LEU H 915 90.73 -55.02 -107.26
C LEU H 915 90.86 -56.53 -107.42
N LYS H 916 90.99 -57.25 -106.30
CA LYS H 916 90.95 -58.71 -106.37
C LYS H 916 89.53 -59.22 -106.59
N ILE H 917 88.53 -58.57 -105.98
CA ILE H 917 87.18 -59.11 -105.98
C ILE H 917 86.22 -58.31 -106.87
N TYR H 918 86.73 -57.48 -107.78
CA TYR H 918 85.85 -56.80 -108.72
C TYR H 918 85.70 -57.56 -110.04
N ARG H 919 86.54 -58.56 -110.30
CA ARG H 919 86.40 -59.35 -111.51
C ARG H 919 85.26 -60.35 -111.44
N GLN H 920 84.75 -60.63 -110.25
CA GLN H 920 83.61 -61.53 -110.12
C GLN H 920 82.35 -60.91 -110.72
N PHE H 921 82.15 -59.61 -110.53
CA PHE H 921 81.02 -58.91 -111.11
C PHE H 921 81.21 -58.67 -112.59
N MET I 1 64.50 -74.98 -139.33
CA MET I 1 63.44 -74.11 -138.82
C MET I 1 63.64 -72.67 -139.29
N LYS I 2 62.55 -71.90 -139.28
CA LYS I 2 62.60 -70.50 -139.70
C LYS I 2 62.98 -69.62 -138.49
N LEU I 3 64.25 -69.77 -138.08
CA LEU I 3 64.82 -69.08 -136.93
C LEU I 3 64.00 -69.35 -135.66
N THR I 4 63.93 -70.65 -135.31
CA THR I 4 63.25 -71.24 -134.16
C THR I 4 61.73 -71.10 -134.25
N PRO I 5 60.98 -72.01 -133.64
CA PRO I 5 59.52 -71.94 -133.73
C PRO I 5 58.92 -70.85 -132.86
N GLY I 6 59.58 -70.54 -131.75
CA GLY I 6 59.08 -69.49 -130.87
C GLY I 6 59.11 -68.12 -131.51
N CYS I 7 60.21 -67.80 -132.21
CA CYS I 7 60.28 -66.54 -132.93
C CYS I 7 59.30 -66.51 -134.10
N PHE I 8 59.05 -67.65 -134.73
CA PHE I 8 58.04 -67.71 -135.78
C PHE I 8 56.64 -67.42 -135.22
N LEU I 9 56.33 -67.98 -134.04
CA LEU I 9 55.05 -67.69 -133.40
C LEU I 9 54.96 -66.22 -132.99
N TRP I 10 56.06 -65.65 -132.50
CA TRP I 10 56.07 -64.23 -132.15
C TRP I 10 55.85 -63.35 -133.38
N TYR I 11 56.47 -63.71 -134.52
CA TYR I 11 56.27 -62.97 -135.75
C TYR I 11 54.84 -63.11 -136.26
N LEU I 12 54.26 -64.30 -136.11
CA LEU I 12 52.85 -64.49 -136.48
C LEU I 12 51.94 -63.64 -135.61
N TYR I 13 52.22 -63.55 -134.31
CA TYR I 13 51.43 -62.69 -133.43
C TYR I 13 51.60 -61.23 -133.80
N MET I 14 52.81 -60.82 -134.15
CA MET I 14 53.04 -59.44 -134.58
C MET I 14 52.30 -59.12 -135.87
N ASP I 15 52.27 -60.08 -136.81
CA ASP I 15 51.50 -59.89 -138.04
C ASP I 15 50.00 -59.83 -137.77
N LYS I 16 49.52 -60.63 -136.80
CA LYS I 16 48.12 -60.58 -136.43
C LYS I 16 47.79 -59.33 -135.61
N ILE I 17 48.81 -58.63 -135.10
CA ILE I 17 48.58 -57.42 -134.31
C ILE I 17 48.92 -56.14 -135.08
N TYR I 18 49.52 -56.25 -136.25
CA TYR I 18 49.90 -55.08 -137.04
C TYR I 18 49.34 -55.21 -138.45
N CYS I 19 49.04 -54.05 -139.05
CA CYS I 19 48.53 -54.03 -140.42
C CYS I 19 49.58 -54.51 -141.41
N LEU I 20 50.82 -54.09 -141.23
CA LEU I 20 51.93 -54.47 -142.11
C LEU I 20 52.94 -55.30 -141.34
N LEU I 21 53.30 -56.46 -141.90
CA LEU I 21 54.27 -57.36 -141.29
C LEU I 21 55.68 -57.13 -141.79
N SER I 22 55.90 -56.15 -142.67
CA SER I 22 57.19 -55.79 -143.23
C SER I 22 57.86 -56.95 -143.95
N LEU I 23 59.16 -56.83 -144.21
CA LEU I 23 59.92 -57.86 -144.92
C LEU I 23 61.25 -58.05 -144.23
N ARG I 24 61.44 -59.22 -143.61
CA ARG I 24 62.69 -59.60 -142.93
C ARG I 24 63.07 -58.58 -141.84
N ASN I 25 62.06 -58.07 -141.12
CA ASN I 25 62.34 -57.17 -140.00
C ASN I 25 63.01 -57.91 -138.85
N VAL I 26 62.52 -59.12 -138.54
CA VAL I 26 63.13 -59.92 -137.49
C VAL I 26 64.53 -60.38 -137.92
N LYS I 27 64.70 -60.70 -139.21
CA LYS I 27 66.01 -61.05 -139.72
C LYS I 27 66.98 -59.88 -139.65
N ALA I 28 66.50 -58.67 -139.97
CA ALA I 28 67.34 -57.48 -139.86
C ALA I 28 67.72 -57.20 -138.41
N LEU I 29 66.77 -57.40 -137.48
CA LEU I 29 67.07 -57.22 -136.07
C LEU I 29 68.09 -58.25 -135.59
N MET I 30 67.97 -59.50 -136.04
CA MET I 30 68.94 -60.52 -135.68
C MET I 30 70.32 -60.22 -136.24
N VAL I 31 70.38 -59.70 -137.47
CA VAL I 31 71.66 -59.33 -138.07
C VAL I 31 72.30 -58.17 -137.31
N TYR I 32 71.48 -57.18 -136.92
CA TYR I 32 71.99 -56.06 -136.15
C TYR I 32 72.48 -56.52 -134.76
N PHE I 33 71.76 -57.44 -134.14
CA PHE I 33 72.20 -57.99 -132.85
C PHE I 33 73.50 -58.77 -133.00
N HIS I 34 73.64 -59.56 -134.07
CA HIS I 34 74.87 -60.30 -134.31
C HIS I 34 76.04 -59.35 -134.58
N LEU I 35 75.80 -58.26 -135.29
CA LEU I 35 76.85 -57.26 -135.49
C LEU I 35 77.21 -56.57 -134.16
N LEU I 36 76.22 -56.32 -133.31
CA LEU I 36 76.49 -55.73 -132.00
C LEU I 36 77.18 -56.72 -131.06
N ASP I 37 76.73 -57.96 -131.05
CA ASP I 37 77.32 -58.99 -130.21
C ASP I 37 78.63 -59.45 -130.85
N VAL I 38 79.74 -58.88 -130.38
CA VAL I 38 81.04 -59.21 -130.96
C VAL I 38 81.45 -60.64 -130.61
N HIS I 39 81.24 -61.04 -129.36
CA HIS I 39 81.65 -62.36 -128.90
C HIS I 39 80.68 -63.46 -129.31
N HIS I 40 79.51 -63.10 -129.86
CA HIS I 40 78.47 -64.05 -130.26
C HIS I 40 78.06 -64.97 -129.11
N ARG I 41 77.95 -64.39 -127.91
CA ARG I 41 77.56 -65.13 -126.72
C ARG I 41 76.09 -64.93 -126.37
N ASN I 42 75.27 -64.57 -127.36
CA ASN I 42 73.83 -64.30 -127.18
C ASN I 42 73.58 -63.20 -126.15
N THR I 43 74.48 -62.23 -126.09
CA THR I 43 74.36 -61.11 -125.16
C THR I 43 75.18 -59.94 -125.68
N LEU I 44 74.86 -58.75 -125.18
CA LEU I 44 75.57 -57.53 -125.55
C LEU I 44 75.81 -56.69 -124.31
N ASN I 45 76.93 -55.98 -124.31
CA ASN I 45 77.27 -55.09 -123.21
C ASN I 45 76.47 -53.80 -123.31
N ASP I 46 76.53 -53.00 -122.24
CA ASP I 46 75.81 -51.73 -122.22
C ASP I 46 76.43 -50.73 -123.19
N VAL I 47 77.76 -50.77 -123.38
CA VAL I 47 78.42 -49.84 -124.28
C VAL I 47 78.00 -50.09 -125.73
N LEU I 48 77.93 -51.36 -126.13
CA LEU I 48 77.51 -51.69 -127.49
C LEU I 48 76.06 -51.30 -127.73
N PHE I 49 75.18 -51.53 -126.76
CA PHE I 49 73.79 -51.14 -126.89
C PHE I 49 73.65 -49.62 -126.96
N PHE I 50 74.43 -48.89 -126.15
CA PHE I 50 74.39 -47.44 -126.20
C PHE I 50 74.89 -46.91 -127.54
N HIS I 51 75.95 -47.52 -128.09
CA HIS I 51 76.45 -47.11 -129.40
C HIS I 51 75.42 -47.41 -130.49
N PHE I 52 74.75 -48.56 -130.41
CA PHE I 52 73.71 -48.90 -131.37
C PHE I 52 72.54 -47.92 -131.29
N LEU I 53 72.13 -47.55 -130.07
CA LEU I 53 71.05 -46.58 -129.91
C LEU I 53 71.45 -45.21 -130.43
N GLN I 54 72.69 -44.79 -130.19
CA GLN I 54 73.16 -43.51 -130.70
C GLN I 54 73.28 -43.50 -132.21
N HIS I 55 73.67 -44.62 -132.80
CA HIS I 55 73.79 -44.70 -134.26
C HIS I 55 72.44 -44.82 -134.95
N VAL I 56 71.47 -45.48 -134.33
CA VAL I 56 70.18 -45.74 -134.96
C VAL I 56 69.16 -44.71 -134.52
N THR I 57 68.87 -44.65 -133.23
CA THR I 57 67.83 -43.76 -132.70
C THR I 57 68.37 -42.40 -132.26
N ASN I 58 69.69 -42.26 -132.12
CA ASN I 58 70.32 -41.01 -131.68
C ASN I 58 69.77 -40.54 -130.34
N LEU I 59 69.55 -41.49 -129.43
CA LEU I 59 69.00 -41.16 -128.12
C LEU I 59 70.10 -40.66 -127.19
N ASN I 60 69.67 -40.05 -126.08
CA ASN I 60 70.60 -39.58 -125.08
C ASN I 60 71.20 -40.74 -124.29
N LYS I 61 72.37 -40.50 -123.70
CA LYS I 61 73.05 -41.53 -122.94
C LYS I 61 72.27 -41.94 -121.71
N SER I 62 71.68 -40.97 -121.00
CA SER I 62 70.89 -41.29 -119.82
C SER I 62 69.63 -42.07 -120.18
N GLN I 63 68.97 -41.69 -121.28
CA GLN I 63 67.78 -42.42 -121.73
C GLN I 63 68.14 -43.83 -122.19
N ILE I 64 69.28 -43.98 -122.86
CA ILE I 64 69.74 -45.31 -123.27
C ILE I 64 70.05 -46.17 -122.06
N GLY I 65 70.69 -45.59 -121.04
CA GLY I 65 70.96 -46.34 -119.82
C GLY I 65 69.70 -46.74 -119.09
N MET I 66 68.72 -45.84 -119.03
CA MET I 66 67.44 -46.17 -118.41
C MET I 66 66.72 -47.28 -119.17
N ILE I 67 66.76 -47.23 -120.50
CA ILE I 67 66.11 -48.26 -121.31
C ILE I 67 66.81 -49.60 -121.12
N PHE I 68 68.16 -49.59 -121.04
CA PHE I 68 68.89 -50.82 -120.79
C PHE I 68 68.59 -51.39 -119.42
N ASP I 69 68.46 -50.52 -118.41
CA ASP I 69 68.12 -50.98 -117.07
C ASP I 69 66.71 -51.57 -117.03
N LEU I 70 65.77 -50.95 -117.73
CA LEU I 70 64.40 -51.45 -117.73
C LEU I 70 64.28 -52.77 -118.49
N LEU I 71 64.96 -52.89 -119.65
CA LEU I 71 64.85 -54.09 -120.46
C LEU I 71 65.55 -55.27 -119.81
N ASP I 72 66.72 -55.04 -119.21
CA ASP I 72 67.50 -56.11 -118.58
C ASP I 72 66.96 -56.35 -117.18
N TRP I 73 65.90 -57.16 -117.11
CA TRP I 73 65.32 -57.51 -115.83
C TRP I 73 66.19 -58.47 -115.04
N THR I 74 67.08 -59.22 -115.71
CA THR I 74 67.95 -60.15 -115.02
C THR I 74 69.03 -59.44 -114.21
N ALA I 75 69.33 -58.18 -114.53
CA ALA I 75 70.31 -57.36 -113.81
C ALA I 75 71.69 -58.04 -113.79
N VAL I 76 72.09 -58.63 -114.91
CA VAL I 76 73.38 -59.27 -115.03
C VAL I 76 74.41 -58.39 -115.73
N GLY I 77 74.05 -57.15 -116.06
CA GLY I 77 74.96 -56.27 -116.76
C GLY I 77 75.03 -56.46 -118.26
N GLU I 78 74.13 -57.24 -118.84
CA GLU I 78 74.11 -57.49 -120.27
C GLU I 78 72.66 -57.53 -120.75
N ILE I 79 72.49 -57.27 -122.05
CA ILE I 79 71.19 -57.30 -122.70
C ILE I 79 71.16 -58.48 -123.66
N GLY I 80 70.15 -59.33 -123.52
CA GLY I 80 70.05 -60.50 -124.38
C GLY I 80 69.59 -60.14 -125.78
N PHE I 81 69.81 -61.10 -126.70
CA PHE I 81 69.36 -60.92 -128.07
C PHE I 81 67.84 -60.86 -128.15
N ASP I 82 67.14 -61.68 -127.36
CA ASP I 82 65.68 -61.62 -127.30
C ASP I 82 65.22 -60.28 -126.72
N GLN I 83 65.91 -59.79 -125.69
CA GLN I 83 65.57 -58.49 -125.12
C GLN I 83 65.82 -57.37 -126.13
N PHE I 84 66.91 -57.46 -126.90
CA PHE I 84 67.17 -56.46 -127.92
C PHE I 84 66.11 -56.49 -129.01
N TYR I 85 65.68 -57.69 -129.42
CA TYR I 85 64.62 -57.79 -130.42
C TYR I 85 63.30 -57.25 -129.88
N VAL I 86 63.00 -57.51 -128.61
CA VAL I 86 61.78 -56.99 -128.01
C VAL I 86 61.82 -55.47 -127.94
N LEU I 87 62.97 -54.90 -127.57
CA LEU I 87 63.11 -53.44 -127.53
C LEU I 87 62.98 -52.82 -128.92
N ILE I 88 63.56 -53.47 -129.93
CA ILE I 88 63.49 -52.97 -131.30
C ILE I 88 62.05 -53.02 -131.80
N CYS I 89 61.32 -54.09 -131.48
CA CYS I 89 59.91 -54.16 -131.85
C CYS I 89 59.07 -53.15 -131.07
N ILE I 90 59.48 -52.83 -129.83
CA ILE I 90 58.78 -51.83 -129.05
C ILE I 90 58.97 -50.44 -129.65
N LEU I 91 60.18 -50.16 -130.17
CA LEU I 91 60.42 -48.87 -130.81
C LEU I 91 59.65 -48.77 -132.11
N LEU I 92 60.01 -49.61 -133.09
CA LEU I 92 59.28 -49.78 -134.36
C LEU I 92 59.06 -48.45 -135.08
N ALA I 93 60.14 -47.67 -135.22
CA ALA I 93 60.13 -46.35 -135.85
C ALA I 93 59.13 -45.42 -135.15
N HIS I 94 59.47 -45.10 -133.90
CA HIS I 94 58.58 -44.35 -133.02
C HIS I 94 58.31 -42.93 -133.49
N GLN I 95 59.07 -42.40 -134.45
CA GLN I 95 58.81 -41.08 -134.98
C GLN I 95 57.52 -41.02 -135.80
N ASP I 96 57.02 -42.16 -136.27
CA ASP I 96 55.79 -42.18 -137.05
C ASP I 96 54.58 -41.93 -136.16
N HIS I 97 53.53 -41.37 -136.77
CA HIS I 97 52.31 -41.08 -136.02
C HIS I 97 51.57 -42.35 -135.66
N LEU I 98 51.59 -43.36 -136.55
CA LEU I 98 50.96 -44.63 -136.26
C LEU I 98 51.71 -45.42 -135.20
N GLU I 99 52.98 -45.09 -134.96
CA GLU I 99 53.74 -45.77 -133.92
C GLU I 99 53.19 -45.47 -132.53
N ASP I 100 52.61 -44.28 -132.34
CA ASP I 100 51.98 -43.97 -131.06
C ASP I 100 50.78 -44.87 -130.80
N HIS I 101 49.95 -45.10 -131.83
CA HIS I 101 48.84 -46.03 -131.67
C HIS I 101 49.31 -47.48 -131.53
N PHE I 102 50.42 -47.82 -132.20
CA PHE I 102 50.99 -49.16 -132.02
C PHE I 102 51.48 -49.37 -130.59
N MET I 103 52.11 -48.35 -130.00
CA MET I 103 52.52 -48.44 -128.61
C MET I 103 51.33 -48.42 -127.66
N TYR I 104 50.25 -47.75 -128.05
CA TYR I 104 49.01 -47.82 -127.28
C TYR I 104 48.45 -49.23 -127.30
N ARG I 105 48.53 -49.92 -128.44
CA ARG I 105 48.19 -51.33 -128.49
C ARG I 105 49.16 -52.16 -127.65
N HIS I 106 50.45 -51.81 -127.70
CA HIS I 106 51.52 -52.39 -126.86
C HIS I 106 51.65 -53.87 -127.21
N SER I 107 51.63 -54.77 -126.23
CA SER I 107 51.86 -56.19 -126.45
C SER I 107 50.67 -57.00 -125.90
N ARG I 108 50.84 -58.32 -125.83
CA ARG I 108 49.77 -59.19 -125.36
C ARG I 108 49.36 -58.90 -123.93
N PRO I 109 50.28 -58.80 -122.96
CA PRO I 109 49.86 -58.45 -121.59
C PRO I 109 49.62 -56.96 -121.45
N VAL I 110 50.47 -56.16 -122.11
CA VAL I 110 50.44 -54.69 -122.13
C VAL I 110 50.26 -54.09 -120.74
N PHE I 111 50.84 -54.72 -119.72
CA PHE I 111 50.77 -54.20 -118.36
C PHE I 111 52.15 -54.14 -117.72
N GLU I 112 52.98 -55.14 -118.00
CA GLU I 112 54.27 -55.26 -117.33
C GLU I 112 55.36 -54.42 -117.99
N LEU I 113 55.12 -53.89 -119.19
CA LEU I 113 56.13 -53.06 -119.84
C LEU I 113 56.34 -51.76 -119.07
N LEU I 114 55.25 -51.09 -118.67
CA LEU I 114 55.38 -49.89 -117.84
C LEU I 114 55.69 -50.24 -116.39
N ASP I 115 55.09 -51.33 -115.89
CA ASP I 115 55.25 -51.71 -114.48
C ASP I 115 56.63 -52.35 -114.30
N LEU I 116 57.61 -51.52 -113.93
CA LEU I 116 58.95 -52.02 -113.68
C LEU I 116 59.03 -52.76 -112.34
N ASP I 117 58.21 -52.37 -111.36
CA ASP I 117 58.24 -53.03 -110.06
C ASP I 117 57.72 -54.46 -110.14
N GLY I 118 56.71 -54.69 -110.99
CA GLY I 118 56.16 -56.02 -111.16
C GLY I 118 55.14 -56.43 -110.12
N GLU I 119 54.75 -55.53 -109.21
CA GLU I 119 53.77 -55.83 -108.17
C GLU I 119 52.36 -55.44 -108.59
N MET I 120 52.05 -55.46 -109.89
CA MET I 120 50.75 -55.08 -110.43
C MET I 120 50.37 -53.66 -110.05
N ASN I 121 51.37 -52.77 -110.01
CA ASN I 121 51.15 -51.37 -109.66
C ASN I 121 52.22 -50.52 -110.33
N ILE I 122 51.80 -49.43 -110.95
CA ILE I 122 52.71 -48.52 -111.64
C ILE I 122 52.81 -47.23 -110.83
N GLY I 123 54.03 -46.89 -110.40
CA GLY I 123 54.26 -45.69 -109.64
C GLY I 123 54.55 -44.48 -110.51
N ALA I 124 54.94 -43.39 -109.85
CA ALA I 124 55.29 -42.17 -110.57
C ALA I 124 56.59 -42.32 -111.34
N ALA I 125 57.54 -43.11 -110.81
CA ALA I 125 58.79 -43.34 -111.53
C ALA I 125 58.57 -44.11 -112.82
N ASN I 126 57.66 -45.09 -112.81
CA ASN I 126 57.33 -45.82 -114.03
C ASN I 126 56.69 -44.93 -115.07
N PHE I 127 55.78 -44.03 -114.63
CA PHE I 127 55.17 -43.09 -115.56
C PHE I 127 56.20 -42.11 -116.11
N GLN I 128 57.14 -41.67 -115.29
CA GLN I 128 58.21 -40.79 -115.76
C GLN I 128 59.10 -41.49 -116.78
N ASN I 129 59.41 -42.77 -116.53
CA ASN I 129 60.20 -43.54 -117.50
C ASN I 129 59.44 -43.73 -118.80
N TYR I 130 58.13 -43.96 -118.73
CA TYR I 130 57.32 -44.09 -119.93
C TYR I 130 57.26 -42.77 -120.71
N ARG I 131 57.15 -41.65 -119.99
CA ARG I 131 57.17 -40.35 -120.65
C ARG I 131 58.54 -40.02 -121.23
N PHE I 132 59.60 -40.58 -120.65
CA PHE I 132 60.93 -40.44 -121.26
C PHE I 132 61.04 -41.28 -122.52
N LEU I 133 60.52 -42.50 -122.50
CA LEU I 133 60.61 -43.38 -123.67
C LEU I 133 59.67 -42.92 -124.78
N PHE I 134 58.44 -42.58 -124.44
CA PHE I 134 57.45 -42.09 -125.39
C PHE I 134 57.15 -40.63 -125.08
N ASN I 135 57.34 -39.77 -126.08
CA ASN I 135 57.22 -38.33 -125.86
C ASN I 135 55.78 -37.95 -125.54
N ILE I 136 55.57 -37.31 -124.40
CA ILE I 136 54.27 -36.86 -123.95
C ILE I 136 54.45 -35.70 -122.99
N LYS I 137 53.48 -34.79 -122.98
CA LYS I 137 53.54 -33.62 -122.13
C LYS I 137 53.40 -34.01 -120.66
N LYS I 138 54.09 -33.25 -119.80
CA LYS I 138 54.02 -33.51 -118.36
C LYS I 138 52.62 -33.22 -117.81
N GLN I 139 51.99 -32.14 -118.28
CA GLN I 139 50.61 -31.85 -117.86
C GLN I 139 49.65 -32.91 -118.37
N GLU I 140 49.84 -33.36 -119.61
CA GLU I 140 48.99 -34.43 -120.14
C GLU I 140 49.20 -35.74 -119.38
N LEU I 141 50.46 -36.04 -119.01
CA LEU I 141 50.73 -37.23 -118.20
C LEU I 141 50.10 -37.13 -116.82
N ARG I 142 50.14 -35.94 -116.22
CA ARG I 142 49.50 -35.74 -114.92
C ARG I 142 47.99 -35.89 -115.01
N ASP I 143 47.38 -35.36 -116.08
CA ASP I 143 45.95 -35.51 -116.28
C ASP I 143 45.57 -36.97 -116.49
N LEU I 144 46.38 -37.70 -117.26
CA LEU I 144 46.12 -39.12 -117.48
C LEU I 144 46.26 -39.92 -116.19
N PHE I 145 47.26 -39.58 -115.36
CA PHE I 145 47.42 -40.24 -114.07
C PHE I 145 46.25 -39.94 -113.14
N HIS I 146 45.77 -38.70 -113.15
CA HIS I 146 44.62 -38.33 -112.32
C HIS I 146 43.36 -39.06 -112.78
N ASP I 147 43.17 -39.19 -114.10
CA ASP I 147 42.01 -39.91 -114.62
C ASP I 147 42.10 -41.39 -114.31
N PHE I 148 43.30 -41.97 -114.37
CA PHE I 148 43.46 -43.39 -114.09
C PHE I 148 43.38 -43.68 -112.60
N ASP I 149 43.67 -42.70 -111.74
CA ASP I 149 43.63 -42.89 -110.30
C ASP I 149 42.21 -42.59 -109.81
N ILE I 150 41.34 -43.59 -109.96
CA ILE I 150 39.97 -43.46 -109.48
C ILE I 150 39.93 -43.49 -107.96
N THR I 151 40.71 -44.39 -107.34
CA THR I 151 40.72 -44.48 -105.88
C THR I 151 41.52 -43.34 -105.26
N GLY I 152 42.47 -42.78 -105.99
CA GLY I 152 43.33 -41.74 -105.47
C GLY I 152 44.55 -42.23 -104.74
N ASP I 153 44.87 -43.51 -104.82
CA ASP I 153 46.03 -44.08 -104.15
C ASP I 153 47.28 -44.07 -105.03
N ARG I 154 47.20 -43.46 -106.22
CA ARG I 154 48.32 -43.38 -107.17
C ARG I 154 48.84 -44.77 -107.54
N LEU I 155 47.92 -45.72 -107.74
CA LEU I 155 48.25 -47.06 -108.17
C LEU I 155 47.32 -47.47 -109.30
N LEU I 156 47.89 -48.06 -110.34
CA LEU I 156 47.13 -48.49 -111.52
C LEU I 156 47.07 -50.01 -111.53
N ASN I 157 45.85 -50.54 -111.57
CA ASN I 157 45.65 -51.97 -111.63
C ASN I 157 45.74 -52.48 -113.06
N TYR I 158 45.89 -53.79 -113.22
CA TYR I 158 45.96 -54.39 -114.54
C TYR I 158 44.64 -54.23 -115.29
N LYS I 159 43.51 -54.45 -114.60
CA LYS I 159 42.21 -54.23 -115.21
C LYS I 159 42.00 -52.75 -115.54
N GLU I 160 42.41 -51.86 -114.65
CA GLU I 160 42.30 -50.43 -114.91
C GLU I 160 43.19 -50.00 -116.07
N PHE I 161 44.40 -50.55 -116.15
CA PHE I 161 45.29 -50.25 -117.27
C PHE I 161 44.71 -50.76 -118.59
N LYS I 162 44.12 -51.96 -118.58
CA LYS I 162 43.47 -52.49 -119.78
C LYS I 162 42.29 -51.64 -120.20
N LEU I 163 41.49 -51.16 -119.22
CA LEU I 163 40.36 -50.29 -119.53
C LEU I 163 40.84 -48.96 -120.11
N TYR I 164 41.90 -48.38 -119.54
CA TYR I 164 42.43 -47.13 -120.07
C TYR I 164 42.98 -47.31 -121.47
N THR I 165 43.69 -48.42 -121.72
CA THR I 165 44.21 -48.69 -123.06
C THR I 165 43.09 -48.89 -124.07
N ILE I 166 42.02 -49.61 -123.67
CA ILE I 166 40.89 -49.82 -124.56
C ILE I 166 40.19 -48.51 -124.87
N PHE I 167 40.02 -47.65 -123.86
CA PHE I 167 39.39 -46.35 -124.09
C PHE I 167 40.23 -45.47 -125.00
N CYS I 168 41.56 -45.46 -124.80
CA CYS I 168 42.44 -44.68 -125.66
C CYS I 168 42.42 -45.20 -127.09
N THR I 169 42.44 -46.52 -127.27
CA THR I 169 42.39 -47.10 -128.62
C THR I 169 41.06 -46.79 -129.31
N ASP I 170 39.95 -46.88 -128.57
CA ASP I 170 38.65 -46.57 -129.15
C ASP I 170 38.55 -45.09 -129.52
N LYS I 171 39.10 -44.21 -128.69
CA LYS I 171 39.10 -42.78 -129.01
C LYS I 171 39.97 -42.48 -130.22
N SER I 172 41.11 -43.15 -130.34
CA SER I 172 42.00 -42.91 -131.48
C SER I 172 41.44 -43.49 -132.76
N ILE I 173 40.69 -44.60 -132.67
CA ILE I 173 40.13 -45.22 -133.87
C ILE I 173 39.05 -44.33 -134.47
N ASP I 174 38.18 -43.77 -133.65
CA ASP I 174 37.11 -42.91 -134.13
C ASP I 174 37.64 -41.53 -134.51
N MET J 1 4.18 -61.51 -57.96
CA MET J 1 3.04 -60.62 -57.94
C MET J 1 2.43 -60.49 -59.33
N CYS J 2 3.17 -60.95 -60.34
CA CYS J 2 2.77 -60.79 -61.72
C CYS J 2 1.63 -61.73 -62.10
N TRP J 3 1.55 -62.89 -61.45
CA TRP J 3 0.48 -63.84 -61.76
C TRP J 3 -0.57 -63.91 -60.67
N VAL J 4 -0.43 -63.09 -59.62
CA VAL J 4 -1.39 -63.09 -58.52
C VAL J 4 -2.50 -62.08 -58.78
N MET J 5 -2.12 -60.84 -59.07
CA MET J 5 -3.03 -59.71 -59.16
C MET J 5 -3.79 -59.61 -60.50
N PRO J 6 -3.15 -59.73 -61.67
CA PRO J 6 -3.92 -59.61 -62.94
C PRO J 6 -5.03 -60.64 -63.10
N PRO J 7 -4.90 -61.90 -62.57
CA PRO J 7 -6.07 -62.80 -62.64
C PRO J 7 -7.31 -62.23 -61.97
N SER J 8 -7.15 -61.72 -60.74
CA SER J 8 -8.16 -60.95 -60.02
C SER J 8 -9.54 -61.61 -60.05
N VAL J 9 -9.67 -62.78 -59.43
CA VAL J 9 -10.86 -63.61 -59.55
C VAL J 9 -12.12 -62.85 -59.14
N PHE J 10 -13.03 -62.68 -60.11
CA PHE J 10 -14.30 -61.96 -59.97
C PHE J 10 -14.00 -60.51 -59.55
N VAL J 11 -14.48 -60.04 -58.41
CA VAL J 11 -14.34 -58.64 -58.00
C VAL J 11 -12.89 -58.34 -57.62
N LEU J 12 -12.58 -57.06 -57.43
CA LEU J 12 -11.20 -56.62 -57.27
C LEU J 12 -10.87 -55.95 -55.94
N GLU J 13 -11.75 -55.07 -55.43
CA GLU J 13 -11.55 -54.27 -54.21
C GLU J 13 -10.45 -53.23 -54.38
N TYR J 14 -10.58 -52.09 -53.68
CA TYR J 14 -9.54 -51.07 -53.70
C TYR J 14 -9.69 -50.16 -52.49
N TYR J 15 -8.58 -49.53 -52.11
CA TYR J 15 -8.48 -48.66 -50.94
C TYR J 15 -7.68 -47.40 -51.30
N LEU J 16 -7.60 -46.46 -50.35
CA LEU J 16 -6.72 -45.31 -50.49
C LEU J 16 -5.60 -45.38 -49.46
N ASP J 17 -4.54 -44.62 -49.73
CA ASP J 17 -3.35 -44.58 -48.89
C ASP J 17 -3.28 -43.33 -48.03
N THR J 18 -4.37 -42.57 -47.91
CA THR J 18 -4.37 -41.36 -47.10
C THR J 18 -4.28 -41.65 -45.61
N LEU J 19 -4.66 -42.86 -45.19
CA LEU J 19 -4.51 -43.24 -43.79
C LEU J 19 -3.04 -43.26 -43.38
N TRP J 20 -2.15 -43.60 -44.31
CA TRP J 20 -0.71 -43.50 -44.05
C TRP J 20 -0.31 -42.07 -43.75
N LYS J 21 -0.82 -41.12 -44.54
CA LYS J 21 -0.51 -39.70 -44.31
C LYS J 21 -1.06 -39.22 -42.97
N GLY J 22 -2.28 -39.66 -42.62
CA GLY J 22 -2.83 -39.29 -41.31
C GLY J 22 -2.02 -39.83 -40.16
N THR J 23 -1.61 -41.11 -40.25
CA THR J 23 -0.79 -41.71 -39.20
C THR J 23 0.57 -41.02 -39.09
N MET J 24 1.18 -40.69 -40.22
CA MET J 24 2.45 -39.98 -40.19
C MET J 24 2.31 -38.59 -39.58
N LEU J 25 1.21 -37.90 -39.89
CA LEU J 25 0.96 -36.59 -39.29
C LEU J 25 0.80 -36.70 -37.78
N PHE J 26 0.08 -37.74 -37.32
CA PHE J 26 -0.07 -37.98 -35.89
C PHE J 26 1.28 -38.26 -35.23
N ILE J 27 2.14 -39.06 -35.88
CA ILE J 27 3.45 -39.36 -35.33
C ILE J 27 4.30 -38.11 -35.24
N ILE J 28 4.28 -37.29 -36.30
CA ILE J 28 5.08 -36.07 -36.33
C ILE J 28 4.62 -35.10 -35.25
N CYS J 29 3.30 -34.95 -35.07
CA CYS J 29 2.83 -34.05 -34.01
C CYS J 29 3.19 -34.56 -32.63
N LEU J 30 3.07 -35.88 -32.40
CA LEU J 30 3.37 -36.42 -31.09
C LEU J 30 4.85 -36.28 -30.78
N VAL J 31 5.71 -36.33 -31.81
CA VAL J 31 7.11 -35.95 -31.62
C VAL J 31 7.22 -34.47 -31.27
N PHE J 32 6.45 -33.62 -31.96
CA PHE J 32 6.52 -32.18 -31.77
C PHE J 32 6.03 -31.73 -30.40
N ILE J 33 5.18 -32.52 -29.73
CA ILE J 33 4.57 -32.07 -28.48
C ILE J 33 5.62 -31.98 -27.37
N SER J 34 6.28 -33.09 -27.06
CA SER J 34 7.16 -33.15 -25.90
C SER J 34 8.55 -32.65 -26.28
N CYS J 35 9.02 -31.64 -25.55
CA CYS J 35 10.39 -31.12 -25.64
C CYS J 35 10.71 -30.65 -27.06
N ASN J 36 9.93 -29.68 -27.54
CA ASN J 36 10.20 -29.04 -28.81
C ASN J 36 11.26 -27.96 -28.60
N VAL J 37 11.47 -27.12 -29.61
CA VAL J 37 12.46 -26.05 -29.49
C VAL J 37 11.94 -25.01 -28.50
N LEU J 38 12.85 -24.45 -27.70
CA LEU J 38 12.49 -23.44 -26.70
C LEU J 38 12.92 -22.09 -27.25
N ARG J 39 12.00 -21.46 -27.97
CA ARG J 39 12.26 -20.19 -28.65
C ARG J 39 11.45 -19.05 -28.04
N GLU J 40 11.38 -19.01 -26.71
CA GLU J 40 10.88 -17.83 -26.04
C GLU J 40 11.82 -16.65 -26.22
N VAL J 41 13.09 -16.90 -26.51
CA VAL J 41 14.02 -15.84 -26.88
C VAL J 41 13.71 -15.31 -28.28
N LYS J 42 12.93 -16.06 -29.06
CA LYS J 42 12.40 -15.57 -30.33
C LYS J 42 11.12 -14.77 -30.15
N TYR J 43 10.67 -14.60 -28.90
CA TYR J 43 9.46 -13.85 -28.55
C TYR J 43 8.23 -14.41 -29.26
N GLN J 44 8.16 -15.74 -29.38
CA GLN J 44 7.07 -16.38 -30.09
C GLN J 44 6.95 -17.82 -29.60
N GLU J 45 5.76 -18.39 -29.83
CA GLU J 45 5.49 -19.79 -29.52
C GLU J 45 4.92 -20.46 -30.76
N THR J 46 5.46 -21.63 -31.10
CA THR J 46 5.10 -22.33 -32.32
C THR J 46 4.30 -23.60 -32.06
N TRP J 47 3.35 -23.56 -31.12
CA TRP J 47 2.46 -24.69 -30.89
C TRP J 47 1.32 -24.73 -31.90
N CYS J 48 1.02 -23.59 -32.54
CA CYS J 48 -0.07 -23.55 -33.51
C CYS J 48 0.29 -24.27 -34.81
N PHE J 49 1.58 -24.40 -35.13
CA PHE J 49 1.94 -25.23 -36.29
C PHE J 49 1.58 -26.70 -36.07
N PRO J 50 1.95 -27.38 -34.97
CA PRO J 50 1.41 -28.72 -34.74
C PRO J 50 -0.08 -28.75 -34.46
N ALA J 51 -0.67 -27.66 -33.97
CA ALA J 51 -2.12 -27.63 -33.84
C ALA J 51 -2.80 -27.69 -35.20
N TYR J 52 -2.30 -26.93 -36.17
CA TYR J 52 -2.83 -26.99 -37.52
C TYR J 52 -2.51 -28.34 -38.15
N GLY J 53 -1.37 -28.92 -37.81
CA GLY J 53 -1.06 -30.27 -38.25
C GLY J 53 -2.05 -31.29 -37.72
N MET J 54 -2.49 -31.11 -36.47
CA MET J 54 -3.54 -31.98 -35.90
C MET J 54 -4.87 -31.78 -36.59
N VAL J 55 -5.23 -30.54 -36.92
CA VAL J 55 -6.47 -30.31 -37.66
C VAL J 55 -6.43 -31.04 -39.00
N ILE J 56 -5.32 -30.89 -39.73
CA ILE J 56 -5.17 -31.55 -41.02
C ILE J 56 -5.15 -33.07 -40.87
N GLY J 57 -4.41 -33.59 -39.89
CA GLY J 57 -4.31 -35.02 -39.73
C GLY J 57 -5.61 -35.66 -39.29
N LEU J 58 -6.36 -34.98 -38.42
CA LEU J 58 -7.66 -35.49 -38.01
C LEU J 58 -8.64 -35.47 -39.17
N TRP J 59 -8.59 -34.42 -40.01
CA TRP J 59 -9.50 -34.40 -41.16
C TRP J 59 -9.13 -35.47 -42.18
N LEU J 60 -7.83 -35.67 -42.43
CA LEU J 60 -7.40 -36.69 -43.38
C LEU J 60 -7.68 -38.09 -42.85
N MET J 61 -7.58 -38.27 -41.54
CA MET J 61 -7.88 -39.57 -40.94
C MET J 61 -9.36 -39.91 -41.07
N LEU J 62 -10.22 -38.89 -41.16
CA LEU J 62 -11.65 -39.11 -41.27
C LEU J 62 -12.06 -39.68 -42.63
N SER J 63 -11.14 -39.71 -43.60
CA SER J 63 -11.44 -40.25 -44.91
C SER J 63 -11.45 -41.78 -44.88
N SER J 64 -12.43 -42.36 -44.20
CA SER J 64 -12.53 -43.81 -44.11
C SER J 64 -13.04 -44.38 -45.43
N ILE J 65 -12.71 -45.64 -45.68
CA ILE J 65 -13.03 -46.30 -46.95
C ILE J 65 -13.20 -47.80 -46.79
N PRO J 66 -14.40 -48.33 -46.91
CA PRO J 66 -14.54 -49.78 -47.08
C PRO J 66 -14.36 -50.21 -48.52
N GLN J 67 -13.16 -50.72 -48.86
CA GLN J 67 -12.90 -51.62 -49.98
C GLN J 67 -13.63 -51.30 -51.28
N ARG J 68 -13.30 -50.16 -51.92
CA ARG J 68 -13.92 -49.74 -53.17
C ARG J 68 -13.96 -50.87 -54.20
N ARG J 69 -15.17 -51.28 -54.57
CA ARG J 69 -15.38 -52.45 -55.40
C ARG J 69 -16.36 -52.12 -56.51
N LEU J 70 -16.38 -52.99 -57.51
CA LEU J 70 -17.28 -52.86 -58.65
C LEU J 70 -17.89 -54.24 -58.92
N VAL J 71 -18.51 -54.39 -60.09
CA VAL J 71 -19.15 -55.64 -60.49
C VAL J 71 -18.28 -56.22 -61.59
N LEU J 72 -16.96 -56.06 -61.43
CA LEU J 72 -15.96 -56.67 -62.30
C LEU J 72 -15.91 -58.19 -62.20
N ASN J 73 -16.86 -58.78 -61.47
CA ASN J 73 -17.10 -60.22 -61.48
C ASN J 73 -17.15 -60.74 -62.90
N HIS J 74 -16.41 -61.83 -63.15
CA HIS J 74 -16.15 -62.30 -64.51
C HIS J 74 -17.40 -62.92 -65.12
N THR J 75 -18.41 -62.06 -65.35
CA THR J 75 -19.73 -62.41 -65.85
C THR J 75 -20.24 -61.25 -66.70
N ARG J 76 -21.56 -61.17 -66.90
CA ARG J 76 -22.19 -60.04 -67.56
C ARG J 76 -22.38 -58.86 -66.63
N GLY J 77 -21.55 -58.75 -65.59
CA GLY J 77 -21.61 -57.71 -64.57
C GLY J 77 -21.77 -56.29 -65.07
N MET J 78 -22.49 -55.48 -64.30
CA MET J 78 -22.91 -54.15 -64.71
C MET J 78 -21.84 -53.09 -64.47
N TYR J 79 -20.76 -53.47 -63.79
CA TYR J 79 -19.71 -52.54 -63.34
C TYR J 79 -20.31 -51.42 -62.48
N HIS J 80 -21.32 -51.78 -61.70
CA HIS J 80 -21.96 -50.83 -60.80
C HIS J 80 -21.00 -50.50 -59.66
N PHE J 81 -20.84 -49.20 -59.40
CA PHE J 81 -19.93 -48.73 -58.36
C PHE J 81 -20.44 -49.15 -56.98
N SER J 82 -19.66 -49.98 -56.30
CA SER J 82 -20.12 -50.64 -55.09
C SER J 82 -19.28 -50.23 -53.90
N ILE J 83 -19.97 -49.91 -52.79
CA ILE J 83 -19.34 -49.60 -51.52
C ILE J 83 -20.18 -50.26 -50.44
N GLN J 84 -19.50 -50.85 -49.43
CA GLN J 84 -20.19 -51.38 -48.26
C GLN J 84 -21.04 -50.30 -47.61
N GLY J 85 -22.36 -50.50 -47.63
CA GLY J 85 -23.28 -49.46 -47.22
C GLY J 85 -23.97 -48.78 -48.39
N ARG J 86 -23.51 -47.59 -48.76
CA ARG J 86 -24.13 -46.82 -49.81
C ARG J 86 -23.57 -47.20 -51.18
N THR J 87 -24.37 -46.94 -52.22
CA THR J 87 -23.97 -47.11 -53.60
C THR J 87 -24.38 -45.87 -54.38
N VAL J 88 -23.53 -45.46 -55.34
CA VAL J 88 -23.74 -44.17 -55.99
C VAL J 88 -23.89 -44.32 -57.51
N CYS J 89 -22.85 -44.81 -58.17
CA CYS J 89 -22.75 -44.72 -59.63
C CYS J 89 -23.20 -46.03 -60.27
N GLN J 90 -24.07 -45.93 -61.28
CA GLN J 90 -24.56 -47.06 -62.05
C GLN J 90 -24.62 -46.67 -63.51
N GLY J 91 -24.13 -47.54 -64.39
CA GLY J 91 -24.14 -47.26 -65.81
C GLY J 91 -23.98 -48.49 -66.68
N PRO J 92 -24.76 -48.55 -67.76
CA PRO J 92 -24.64 -49.68 -68.70
C PRO J 92 -23.48 -49.52 -69.68
N MET J 93 -22.29 -49.95 -69.26
CA MET J 93 -21.09 -49.99 -70.09
C MET J 93 -20.63 -48.59 -70.47
N HIS J 94 -19.72 -48.52 -71.44
CA HIS J 94 -19.26 -47.30 -72.13
C HIS J 94 -18.62 -46.28 -71.19
N LEU J 95 -18.34 -46.63 -69.94
CA LEU J 95 -17.78 -45.64 -69.02
C LEU J 95 -16.53 -46.15 -68.30
N VAL J 96 -16.47 -47.44 -67.99
CA VAL J 96 -15.30 -47.99 -67.30
C VAL J 96 -14.23 -48.29 -68.34
N TYR J 97 -13.15 -47.52 -68.33
CA TYR J 97 -12.02 -47.74 -69.22
C TYR J 97 -10.74 -47.92 -68.39
N VAL J 98 -9.65 -48.21 -69.08
CA VAL J 98 -8.31 -48.15 -68.50
C VAL J 98 -7.45 -47.32 -69.45
N ARG J 99 -6.92 -46.21 -68.94
CA ARG J 99 -6.23 -45.23 -69.77
C ARG J 99 -4.83 -44.97 -69.23
N LEU J 100 -3.87 -44.89 -70.16
CA LEU J 100 -2.51 -44.51 -69.86
C LEU J 100 -2.40 -42.98 -69.92
N ALA J 101 -1.87 -42.39 -68.86
CA ALA J 101 -1.67 -40.95 -68.77
C ALA J 101 -0.19 -40.64 -68.60
N LEU J 102 0.21 -39.49 -69.13
CA LEU J 102 1.61 -39.08 -69.12
C LEU J 102 1.76 -37.72 -68.43
N SER J 103 2.89 -37.55 -67.75
CA SER J 103 3.23 -36.31 -67.08
C SER J 103 4.66 -35.93 -67.42
N SER J 104 4.92 -34.62 -67.48
CA SER J 104 6.24 -34.12 -67.86
C SER J 104 6.66 -33.00 -66.92
N ASP J 105 7.97 -32.85 -66.76
CA ASP J 105 8.56 -31.78 -65.97
C ASP J 105 9.11 -30.70 -66.91
N ALA J 106 9.85 -29.74 -66.34
CA ALA J 106 10.47 -28.71 -67.15
C ALA J 106 11.56 -29.28 -68.04
N TYR J 107 12.32 -30.26 -67.53
CA TYR J 107 13.36 -30.90 -68.34
C TYR J 107 12.77 -31.67 -69.51
N GLY J 108 11.66 -32.38 -69.27
CA GLY J 108 11.04 -33.15 -70.32
C GLY J 108 10.94 -34.63 -69.99
N GLY J 109 11.31 -35.00 -68.76
CA GLY J 109 11.21 -36.39 -68.35
C GLY J 109 9.75 -36.83 -68.26
N ARG J 110 9.46 -37.99 -68.84
CA ARG J 110 8.09 -38.48 -68.95
C ARG J 110 7.83 -39.53 -67.88
N PHE J 111 6.71 -39.39 -67.18
CA PHE J 111 6.25 -40.35 -66.20
C PHE J 111 4.89 -40.89 -66.63
N PHE J 112 4.74 -42.21 -66.54
CA PHE J 112 3.55 -42.89 -67.06
C PHE J 112 2.76 -43.48 -65.90
N GLN J 113 1.47 -43.15 -65.85
CA GLN J 113 0.54 -43.69 -64.86
C GLN J 113 -0.66 -44.28 -65.58
N LEU J 114 -1.47 -45.05 -64.86
CA LEU J 114 -2.65 -45.65 -65.44
C LEU J 114 -3.85 -45.44 -64.53
N VAL J 115 -5.02 -45.21 -65.14
CA VAL J 115 -6.23 -44.87 -64.41
C VAL J 115 -7.39 -45.71 -64.95
N LEU J 116 -8.12 -46.37 -64.05
CA LEU J 116 -9.40 -46.98 -64.41
C LEU J 116 -10.44 -45.86 -64.44
N CYS J 117 -10.75 -45.39 -65.64
CA CYS J 117 -11.61 -44.23 -65.82
C CYS J 117 -13.09 -44.60 -65.68
N GLY J 118 -13.85 -43.66 -65.14
CA GLY J 118 -15.26 -43.83 -64.92
C GLY J 118 -15.77 -42.75 -64.00
N HIS J 119 -17.06 -42.85 -63.66
CA HIS J 119 -17.67 -41.89 -62.75
C HIS J 119 -17.15 -42.14 -61.34
N LYS J 120 -16.18 -41.33 -60.93
CA LYS J 120 -15.60 -41.34 -59.58
C LYS J 120 -15.04 -42.73 -59.22
N LEU J 121 -14.22 -43.26 -60.12
CA LEU J 121 -13.62 -44.57 -59.94
C LEU J 121 -12.27 -44.42 -59.23
N GLU J 122 -11.48 -45.50 -59.20
CA GLU J 122 -10.15 -45.52 -58.62
C GLU J 122 -9.12 -45.77 -59.71
N PRO J 123 -7.88 -45.27 -59.55
CA PRO J 123 -6.89 -45.45 -60.61
C PRO J 123 -6.17 -46.79 -60.54
N LEU J 124 -5.25 -47.03 -61.48
CA LEU J 124 -4.44 -48.25 -61.51
C LEU J 124 -2.97 -47.86 -61.56
N VAL J 125 -2.58 -46.99 -60.62
CA VAL J 125 -1.19 -46.55 -60.53
C VAL J 125 -0.29 -47.73 -60.19
N LEU J 126 0.77 -47.90 -60.97
CA LEU J 126 1.69 -49.01 -60.75
C LEU J 126 2.73 -48.63 -59.68
N VAL J 127 3.49 -49.63 -59.25
CA VAL J 127 4.27 -49.49 -58.00
C VAL J 127 5.59 -48.84 -58.37
N GLN J 128 5.57 -47.51 -58.48
CA GLN J 128 6.75 -46.64 -58.44
C GLN J 128 7.80 -47.01 -59.49
N LEU J 129 7.36 -47.37 -60.68
CA LEU J 129 8.28 -47.76 -61.75
C LEU J 129 7.74 -47.22 -63.08
N SER J 130 8.20 -46.03 -63.46
CA SER J 130 7.83 -45.47 -64.77
C SER J 130 9.02 -44.65 -65.27
N GLU J 131 9.91 -45.30 -66.01
CA GLU J 131 10.99 -44.63 -66.71
C GLU J 131 11.02 -45.07 -68.17
N ARG J 132 10.70 -46.34 -68.40
CA ARG J 132 10.66 -46.95 -69.72
C ARG J 132 9.23 -47.43 -69.99
N TYR J 133 8.95 -47.75 -71.25
CA TYR J 133 7.61 -48.09 -71.71
C TYR J 133 7.29 -49.58 -71.59
N GLU J 134 8.30 -50.45 -71.73
CA GLU J 134 8.19 -51.90 -71.57
C GLU J 134 7.23 -52.57 -72.53
N GLN J 135 6.03 -52.91 -72.06
CA GLN J 135 5.18 -53.83 -72.81
C GLN J 135 3.85 -53.23 -73.26
N MET J 136 3.43 -52.14 -72.59
CA MET J 136 2.16 -51.48 -72.87
C MET J 136 0.97 -52.42 -72.76
N GLU J 137 0.55 -52.97 -73.91
CA GLU J 137 -0.73 -53.63 -74.04
C GLU J 137 -0.71 -55.08 -73.58
N PHE J 138 0.35 -55.53 -72.93
CA PHE J 138 0.35 -56.90 -72.42
C PHE J 138 -0.51 -57.02 -71.16
N LEU J 139 -0.29 -56.13 -70.18
CA LEU J 139 -1.22 -56.01 -69.08
C LEU J 139 -2.61 -55.59 -69.56
N GLY J 140 -2.69 -54.82 -70.65
CA GLY J 140 -3.98 -54.51 -71.23
C GLY J 140 -4.71 -55.74 -71.74
N ARG J 141 -3.97 -56.65 -72.38
CA ARG J 141 -4.57 -57.91 -72.82
C ARG J 141 -4.94 -58.77 -71.63
N HIS J 142 -4.18 -58.68 -70.54
CA HIS J 142 -4.56 -59.41 -69.32
C HIS J 142 -5.88 -58.88 -68.75
N LEU J 143 -6.04 -57.56 -68.73
CA LEU J 143 -7.32 -56.97 -68.32
C LEU J 143 -8.44 -57.39 -69.27
N ALA J 144 -8.12 -57.48 -70.56
CA ALA J 144 -9.10 -57.97 -71.54
C ALA J 144 -9.50 -59.42 -71.25
N ARG J 145 -8.53 -60.26 -70.92
CA ARG J 145 -8.79 -61.65 -70.55
C ARG J 145 -9.63 -61.71 -69.28
N LYS J 146 -9.46 -60.72 -68.40
CA LYS J 146 -10.34 -60.64 -67.25
C LYS J 146 -11.78 -60.39 -67.70
N LEU J 147 -12.06 -59.18 -68.17
CA LEU J 147 -13.44 -58.82 -68.47
C LEU J 147 -13.59 -57.81 -69.61
N ASN J 148 -12.97 -58.07 -70.76
CA ASN J 148 -12.58 -57.06 -71.76
C ASN J 148 -13.55 -55.89 -71.94
N ILE J 149 -13.06 -54.69 -71.66
CA ILE J 149 -13.85 -53.47 -71.74
C ILE J 149 -13.19 -52.42 -72.64
N ASN J 150 -12.01 -51.94 -72.25
CA ASN J 150 -11.22 -51.01 -73.05
C ASN J 150 -9.76 -51.21 -72.67
N TYR J 151 -8.87 -50.71 -73.51
CA TYR J 151 -7.51 -50.38 -73.08
C TYR J 151 -7.11 -49.15 -73.88
N PHE J 152 -7.35 -47.98 -73.30
CA PHE J 152 -7.14 -46.72 -73.98
C PHE J 152 -5.68 -46.31 -73.87
N ASP J 153 -5.23 -45.57 -74.88
CA ASP J 153 -3.88 -45.02 -74.91
C ASP J 153 -3.97 -43.50 -74.87
N TYR J 154 -2.82 -42.84 -74.95
CA TYR J 154 -2.77 -41.39 -74.89
C TYR J 154 -3.32 -40.78 -76.18
N LEU J 155 -3.65 -39.50 -76.09
CA LEU J 155 -4.14 -38.67 -77.20
C LEU J 155 -5.46 -39.25 -77.72
N ALA J 156 -5.75 -39.05 -79.00
CA ALA J 156 -7.01 -39.50 -79.60
C ALA J 156 -6.92 -40.99 -79.93
N SER J 157 -7.89 -41.48 -80.71
CA SER J 157 -7.93 -42.88 -81.09
C SER J 157 -6.72 -43.28 -81.91
N SER J 158 -6.60 -42.73 -83.12
CA SER J 158 -5.49 -42.98 -84.04
C SER J 158 -5.28 -44.47 -84.26
N TYR J 159 -4.34 -45.04 -83.52
CA TYR J 159 -4.03 -46.46 -83.58
C TYR J 159 -3.59 -46.90 -82.18
N ARG J 160 -2.94 -48.06 -82.09
CA ARG J 160 -2.23 -48.57 -80.91
C ARG J 160 -3.11 -48.65 -79.64
N HIS J 161 -4.42 -48.68 -79.80
CA HIS J 161 -5.32 -48.89 -78.67
C HIS J 161 -6.52 -49.70 -79.12
N VAL J 162 -7.10 -50.45 -78.19
CA VAL J 162 -8.17 -51.40 -78.48
C VAL J 162 -9.39 -51.04 -77.65
N VAL J 163 -10.57 -51.17 -78.25
CA VAL J 163 -11.85 -50.98 -77.57
C VAL J 163 -12.66 -52.26 -77.73
N ARG J 164 -13.55 -52.53 -76.77
CA ARG J 164 -14.37 -53.72 -76.80
C ARG J 164 -15.86 -53.44 -76.76
N HIS J 165 -16.32 -52.51 -75.95
CA HIS J 165 -17.72 -52.12 -75.92
C HIS J 165 -17.87 -50.68 -76.39
N TRP J 166 -18.85 -50.45 -77.25
CA TRP J 166 -19.11 -49.11 -77.77
C TRP J 166 -20.59 -48.78 -77.64
N PRO J 167 -20.94 -47.52 -77.38
CA PRO J 167 -22.34 -47.10 -77.35
C PRO J 167 -22.87 -46.51 -78.65
N LEU J 168 -22.00 -46.27 -79.63
CA LEU J 168 -22.35 -45.64 -80.91
C LEU J 168 -23.04 -44.29 -80.71
N THR K 1 78.87 -56.29 -156.76
CA THR K 1 78.90 -57.74 -156.73
C THR K 1 77.92 -58.29 -155.68
N ALA K 2 76.67 -58.49 -156.10
CA ALA K 2 75.65 -58.99 -155.19
C ALA K 2 75.87 -60.46 -154.87
N ASN K 3 76.49 -61.21 -155.78
CA ASN K 3 76.77 -62.64 -155.62
C ASN K 3 75.50 -63.44 -155.35
N VAL K 4 74.48 -63.21 -156.17
CA VAL K 4 73.20 -63.88 -156.04
C VAL K 4 72.82 -64.48 -157.39
N SER K 5 71.96 -65.50 -157.33
CA SER K 5 71.52 -66.19 -158.53
C SER K 5 70.59 -65.30 -159.35
N VAL K 6 70.72 -65.40 -160.68
CA VAL K 6 69.86 -64.62 -161.57
C VAL K 6 68.42 -65.10 -161.47
N SER K 7 68.20 -66.41 -161.31
CA SER K 7 66.87 -66.95 -161.19
C SER K 7 66.21 -66.63 -159.86
N ASP K 8 66.96 -66.11 -158.89
CA ASP K 8 66.42 -65.75 -157.58
C ASP K 8 66.01 -64.29 -157.48
N VAL K 9 66.82 -63.37 -158.00
CA VAL K 9 66.50 -61.95 -157.94
C VAL K 9 65.61 -61.49 -159.07
N CYS K 10 65.35 -62.35 -160.05
CA CYS K 10 64.47 -62.02 -161.18
C CYS K 10 63.35 -63.05 -161.30
N GLU K 11 62.80 -63.46 -160.16
CA GLU K 11 61.75 -64.48 -160.11
C GLU K 11 60.38 -63.88 -159.84
N ASP K 12 60.12 -62.68 -160.39
CA ASP K 12 58.85 -61.96 -160.22
C ASP K 12 58.54 -61.72 -158.74
N PHE K 13 59.43 -60.94 -158.11
CA PHE K 13 59.27 -60.66 -156.68
C PHE K 13 58.14 -59.67 -156.40
N ASP K 14 57.68 -58.94 -157.42
CA ASP K 14 56.60 -57.98 -157.21
C ASP K 14 55.28 -58.70 -156.97
N GLU K 15 54.53 -58.23 -155.97
CA GLU K 15 53.26 -58.84 -155.63
C GLU K 15 52.17 -58.54 -156.65
N GLU K 16 52.35 -57.53 -157.49
CA GLU K 16 51.36 -57.18 -158.50
C GLU K 16 51.36 -58.14 -159.69
N GLY K 17 52.35 -59.03 -159.78
CA GLY K 17 52.42 -59.98 -160.87
C GLY K 17 53.21 -59.52 -162.08
N LYS K 18 53.69 -58.28 -162.09
CA LYS K 18 54.45 -57.78 -163.23
C LYS K 18 55.83 -58.43 -163.29
N SER K 19 56.31 -58.66 -164.50
CA SER K 19 57.60 -59.30 -164.69
C SER K 19 58.72 -58.33 -164.33
N VAL K 20 59.69 -58.81 -163.54
CA VAL K 20 60.81 -57.99 -163.14
C VAL K 20 61.74 -57.70 -164.32
N ARG K 21 61.92 -58.70 -165.20
CA ARG K 21 62.85 -58.54 -166.32
C ARG K 21 62.37 -57.47 -167.31
N ASN K 22 61.07 -57.44 -167.60
CA ASN K 22 60.54 -56.43 -168.51
C ASN K 22 60.68 -55.03 -167.94
N ARG K 23 60.41 -54.87 -166.63
CA ARG K 23 60.57 -53.56 -166.00
C ARG K 23 62.04 -53.14 -165.97
N ILE K 24 62.94 -54.09 -165.74
CA ILE K 24 64.37 -53.77 -165.74
C ILE K 24 64.82 -53.36 -167.14
N ARG K 25 64.34 -54.06 -168.17
CA ARG K 25 64.67 -53.68 -169.54
C ARG K 25 64.13 -52.31 -169.90
N LYS K 26 62.90 -52.01 -169.46
CA LYS K 26 62.32 -50.69 -169.72
C LYS K 26 63.11 -49.60 -169.00
N TYR K 27 63.53 -49.86 -167.76
CA TYR K 27 64.35 -48.89 -167.03
C TYR K 27 65.70 -48.68 -167.71
N SER K 28 66.32 -49.76 -168.21
CA SER K 28 67.58 -49.64 -168.92
C SER K 28 67.42 -48.83 -170.21
N GLN K 29 66.33 -49.07 -170.94
CA GLN K 29 66.08 -48.32 -172.18
C GLN K 29 65.84 -46.85 -171.88
N THR K 30 65.08 -46.55 -170.81
CA THR K 30 64.84 -45.16 -170.42
C THR K 30 66.14 -44.49 -169.99
N ILE K 31 67.00 -45.20 -169.27
CA ILE K 31 68.29 -44.63 -168.85
C ILE K 31 69.17 -44.37 -170.06
N SER K 32 69.17 -45.28 -171.03
CA SER K 32 69.95 -45.08 -172.25
C SER K 32 69.44 -43.87 -173.04
N ILE K 33 68.12 -43.72 -173.13
CA ILE K 33 67.54 -42.57 -173.82
C ILE K 33 67.89 -41.26 -173.10
N ARG K 34 67.83 -41.27 -171.77
CA ARG K 34 68.18 -40.08 -171.00
C ARG K 34 69.65 -39.72 -171.15
N ASP K 35 70.52 -40.73 -171.14
CA ASP K 35 71.95 -40.49 -171.34
C ASP K 35 72.24 -39.98 -172.74
N SER K 36 71.52 -40.47 -173.75
CA SER K 36 71.67 -39.94 -175.10
C SER K 36 71.19 -38.49 -175.16
N LEU K 37 70.10 -38.17 -174.46
CA LEU K 37 69.58 -36.82 -174.42
C LEU K 37 70.21 -35.96 -173.34
N ASN K 38 71.15 -36.52 -172.56
CA ASN K 38 71.88 -35.81 -171.50
C ASN K 38 70.92 -35.23 -170.45
N LEU K 39 70.13 -36.10 -169.85
CA LEU K 39 69.18 -35.69 -168.83
C LEU K 39 69.88 -35.55 -167.48
N GLU K 40 69.34 -34.65 -166.65
CA GLU K 40 69.89 -34.43 -165.32
C GLU K 40 69.55 -35.62 -164.41
N PRO K 41 70.33 -35.79 -163.33
CA PRO K 41 70.02 -36.89 -162.40
C PRO K 41 68.66 -36.77 -161.72
N GLU K 42 68.24 -35.54 -161.39
CA GLU K 42 66.93 -35.35 -160.78
C GLU K 42 65.81 -35.65 -161.76
N GLU K 43 65.96 -35.22 -163.01
CA GLU K 43 64.98 -35.54 -164.04
C GLU K 43 64.95 -37.03 -164.33
N ILE K 44 66.10 -37.68 -164.31
CA ILE K 44 66.15 -39.13 -164.50
C ILE K 44 65.45 -39.85 -163.36
N GLN K 45 65.66 -39.39 -162.12
CA GLN K 45 64.98 -39.99 -160.98
C GLN K 45 63.48 -39.78 -161.05
N GLN K 46 63.04 -38.59 -161.46
CA GLN K 46 61.61 -38.34 -161.61
C GLN K 46 61.00 -39.21 -162.70
N GLN K 47 61.72 -39.38 -163.82
CA GLN K 47 61.23 -40.25 -164.89
C GLN K 47 61.16 -41.70 -164.45
N ALA K 48 62.16 -42.15 -163.68
CA ALA K 48 62.12 -43.52 -163.15
C ALA K 48 60.97 -43.71 -162.18
N ARG K 49 60.70 -42.71 -161.33
CA ARG K 49 59.58 -42.78 -160.41
C ARG K 49 58.25 -42.82 -161.18
N ARG K 50 58.13 -42.03 -162.23
CA ARG K 50 56.92 -42.04 -163.05
C ARG K 50 56.74 -43.38 -163.75
N GLU K 51 57.83 -43.96 -164.26
CA GLU K 51 57.74 -45.26 -164.92
C GLU K 51 57.37 -46.36 -163.93
N LEU K 52 57.94 -46.32 -162.72
CA LEU K 52 57.60 -47.31 -161.70
C LEU K 52 56.16 -47.16 -161.23
N GLU K 53 55.66 -45.92 -161.12
CA GLU K 53 54.26 -45.71 -160.77
C GLU K 53 53.34 -46.20 -161.88
N LEU K 54 53.72 -45.98 -163.14
CA LEU K 54 52.92 -46.47 -164.26
C LEU K 54 52.96 -47.99 -164.34
N CYS K 55 54.04 -48.62 -163.89
CA CYS K 55 54.09 -50.07 -163.83
C CYS K 55 53.04 -50.62 -162.87
N HIS K 56 52.89 -49.99 -161.71
CA HIS K 56 51.83 -50.31 -160.78
C HIS K 56 50.54 -49.56 -161.09
N GLY K 57 50.56 -48.64 -162.05
CA GLY K 57 49.38 -47.90 -162.43
C GLY K 57 48.63 -48.56 -163.57
N ARG K 58 48.44 -49.87 -163.48
CA ARG K 58 47.68 -50.61 -164.48
C ARG K 58 46.19 -50.36 -164.30
N SER K 59 45.38 -51.12 -165.03
CA SER K 59 43.94 -51.01 -164.93
C SER K 59 43.47 -51.35 -163.52
N LEU K 60 42.84 -50.38 -162.86
CA LEU K 60 42.42 -50.56 -161.47
C LEU K 60 41.31 -51.59 -161.33
N GLU K 61 40.56 -51.87 -162.40
CA GLU K 61 39.54 -52.91 -162.34
C GLU K 61 40.15 -54.30 -162.24
N HIS K 62 41.41 -54.46 -162.63
CA HIS K 62 42.10 -55.76 -162.58
C HIS K 62 42.85 -55.89 -161.25
N GLY K 63 42.08 -55.94 -160.18
CA GLY K 63 42.63 -56.12 -158.84
C GLY K 63 42.85 -54.84 -158.07
N GLU K 64 42.55 -54.87 -156.77
CA GLU K 64 42.76 -53.72 -155.90
C GLU K 64 44.20 -53.57 -155.46
N ASP K 65 45.06 -54.56 -155.74
CA ASP K 65 46.48 -54.45 -155.40
C ASP K 65 47.14 -53.32 -156.19
N HIS K 66 46.76 -53.16 -157.46
CA HIS K 66 47.30 -52.05 -158.25
C HIS K 66 46.86 -50.70 -157.70
N GLU K 67 45.60 -50.61 -157.25
CA GLU K 67 45.12 -49.37 -156.63
C GLU K 67 45.87 -49.08 -155.33
N GLU K 68 46.11 -50.11 -154.52
CA GLU K 68 46.87 -49.92 -153.28
C GLU K 68 48.30 -49.50 -153.58
N SER K 69 48.92 -50.10 -154.59
CA SER K 69 50.29 -49.73 -154.96
C SER K 69 50.35 -48.29 -155.49
N GLU K 70 49.34 -47.88 -156.27
CA GLU K 70 49.30 -46.50 -156.75
C GLU K 70 49.09 -45.52 -155.61
N THR K 71 48.26 -45.88 -154.63
CA THR K 71 48.07 -45.02 -153.46
C THR K 71 49.34 -44.93 -152.62
N SER K 72 50.06 -46.05 -152.47
CA SER K 72 51.31 -46.02 -151.72
C SER K 72 52.40 -45.24 -152.45
N LEU K 73 52.41 -45.30 -153.79
CA LEU K 73 53.39 -44.55 -154.57
C LEU K 73 53.10 -43.06 -154.61
N ALA K 74 51.90 -42.63 -154.18
CA ALA K 74 51.56 -41.22 -154.16
C ALA K 74 52.16 -40.49 -152.97
N SER K 75 52.69 -41.21 -151.98
CA SER K 75 53.31 -40.60 -150.82
C SER K 75 54.77 -40.24 -151.13
N SER K 76 55.47 -39.76 -150.11
CA SER K 76 56.86 -39.34 -150.26
C SER K 76 57.84 -40.39 -149.74
N THR K 77 57.71 -40.76 -148.46
CA THR K 77 58.69 -41.67 -147.86
C THR K 77 58.49 -43.11 -148.34
N SER K 78 57.24 -43.57 -148.41
CA SER K 78 56.95 -44.93 -148.86
C SER K 78 57.34 -45.12 -150.32
N GLU K 79 57.02 -44.15 -151.17
CA GLU K 79 57.37 -44.23 -152.58
C GLU K 79 58.89 -44.20 -152.76
N SER K 80 59.59 -43.37 -151.99
CA SER K 80 61.05 -43.33 -152.07
C SER K 80 61.67 -44.65 -151.64
N LEU K 81 61.15 -45.25 -150.55
CA LEU K 81 61.65 -46.54 -150.11
C LEU K 81 61.39 -47.64 -151.13
N ILE K 82 60.20 -47.63 -151.74
CA ILE K 82 59.87 -48.61 -152.77
C ILE K 82 60.77 -48.45 -153.98
N PHE K 83 61.02 -47.20 -154.41
CA PHE K 83 61.89 -46.96 -155.54
C PHE K 83 63.33 -47.37 -155.24
N SER K 84 63.79 -47.12 -154.01
CA SER K 84 65.14 -47.54 -153.63
C SER K 84 65.26 -49.07 -153.61
N LEU K 85 64.22 -49.75 -153.12
CA LEU K 85 64.24 -51.22 -153.13
C LEU K 85 64.19 -51.77 -154.55
N TRP K 86 63.40 -51.16 -155.42
CA TRP K 86 63.30 -51.65 -156.80
C TRP K 86 64.58 -51.39 -157.58
N LYS K 87 65.18 -50.22 -157.41
CA LYS K 87 66.44 -49.92 -158.11
C LYS K 87 67.58 -50.84 -157.69
N PRO K 88 67.79 -51.14 -156.41
CA PRO K 88 68.86 -52.09 -156.06
C PRO K 88 68.61 -53.48 -156.58
N HIS K 89 67.36 -53.97 -156.51
CA HIS K 89 67.04 -55.28 -157.05
C HIS K 89 67.22 -55.33 -158.56
N ARG K 90 66.79 -54.28 -159.26
CA ARG K 90 66.97 -54.23 -160.71
C ARG K 90 68.45 -54.17 -161.08
N THR K 91 69.24 -53.41 -160.33
CA THR K 91 70.68 -53.34 -160.57
C THR K 91 71.35 -54.68 -160.33
N TYR K 92 70.94 -55.38 -159.27
CA TYR K 92 71.49 -56.71 -158.99
C TYR K 92 71.12 -57.70 -160.09
N TRP K 93 69.87 -57.64 -160.59
CA TRP K 93 69.47 -58.50 -161.68
C TRP K 93 70.23 -58.20 -162.96
N THR K 94 70.43 -56.91 -163.27
CA THR K 94 71.18 -56.53 -164.46
C THR K 94 72.64 -56.97 -164.36
N GLU K 95 73.23 -56.86 -163.17
CA GLU K 95 74.60 -57.31 -162.98
C GLU K 95 74.71 -58.83 -163.05
N GLN K 96 73.70 -59.55 -162.55
CA GLN K 96 73.72 -61.01 -162.58
C GLN K 96 73.31 -61.57 -163.94
N GLN K 97 72.78 -60.75 -164.84
CA GLN K 97 72.40 -61.23 -166.16
C GLN K 97 73.63 -61.72 -166.94
N ASN K 98 74.54 -60.82 -167.28
CA ASN K 98 75.71 -61.21 -168.07
C ASN K 98 76.65 -62.14 -167.31
N ARG K 99 77.36 -61.60 -166.30
CA ARG K 99 78.24 -62.38 -165.45
C ARG K 99 78.53 -61.65 -164.14
N LEU K 100 77.84 -62.01 -163.06
CA LEU K 100 78.13 -61.41 -161.76
C LEU K 100 79.30 -62.06 -161.03
N PRO K 101 79.38 -63.40 -160.87
CA PRO K 101 80.46 -63.96 -160.04
C PRO K 101 81.85 -63.67 -160.61
N LEU K 102 82.77 -63.37 -159.68
CA LEU K 102 84.15 -63.00 -159.99
C LEU K 102 84.98 -63.07 -158.72
N PRO K 103 86.28 -62.78 -158.79
CA PRO K 103 87.10 -62.79 -157.57
C PRO K 103 86.78 -61.63 -156.63
N LEU K 104 87.55 -61.54 -155.54
CA LEU K 104 87.48 -60.54 -154.47
C LEU K 104 86.23 -60.66 -153.61
N MET K 105 85.29 -61.54 -153.94
CA MET K 105 84.19 -61.85 -153.03
C MET K 105 84.65 -62.76 -151.90
N GLU K 106 85.52 -63.73 -152.21
CA GLU K 106 86.13 -64.55 -151.17
C GLU K 106 87.05 -63.72 -150.29
N LEU K 107 87.73 -62.71 -150.86
CA LEU K 107 88.53 -61.81 -150.05
C LEU K 107 87.67 -61.01 -149.08
N MET K 108 86.51 -60.54 -149.52
CA MET K 108 85.59 -59.84 -148.64
C MET K 108 85.05 -60.78 -147.56
N GLU K 109 84.75 -62.03 -147.91
CA GLU K 109 84.29 -62.99 -146.92
C GLU K 109 85.38 -63.29 -145.89
N THR K 110 86.63 -63.41 -146.34
CA THR K 110 87.74 -63.63 -145.42
C THR K 110 87.96 -62.43 -144.51
N GLU K 111 87.82 -61.22 -145.05
CA GLU K 111 87.94 -60.02 -144.23
C GLU K 111 86.84 -59.95 -143.18
N VAL K 112 85.61 -60.31 -143.56
CA VAL K 112 84.49 -60.32 -142.61
C VAL K 112 84.72 -61.36 -141.53
N LEU K 113 85.21 -62.55 -141.92
CA LEU K 113 85.47 -63.61 -140.94
C LEU K 113 86.58 -63.21 -139.99
N ASP K 114 87.65 -62.59 -140.50
CA ASP K 114 88.74 -62.14 -139.64
C ASP K 114 88.28 -61.04 -138.70
N ILE K 115 87.44 -60.12 -139.18
CA ILE K 115 86.92 -59.06 -138.33
C ILE K 115 86.04 -59.64 -137.23
N LEU K 116 85.20 -60.63 -137.58
CA LEU K 116 84.35 -61.27 -136.57
C LEU K 116 85.18 -62.02 -135.54
N LYS K 117 86.23 -62.72 -135.98
CA LYS K 117 87.08 -63.45 -135.04
C LYS K 117 87.82 -62.49 -134.12
N LYS K 118 88.34 -61.38 -134.66
CA LYS K 118 89.02 -60.39 -133.83
C LYS K 118 88.06 -59.74 -132.84
N ALA K 119 86.85 -59.43 -133.28
CA ALA K 119 85.86 -58.85 -132.38
C ALA K 119 85.46 -59.81 -131.28
N LEU K 120 85.32 -61.10 -131.62
CA LEU K 120 85.01 -62.11 -130.60
C LEU K 120 86.15 -62.25 -129.61
N ILE K 121 87.39 -62.23 -130.09
CA ILE K 121 88.55 -62.34 -129.20
C ILE K 121 88.64 -61.11 -128.29
N THR K 122 88.29 -59.94 -128.81
CA THR K 122 88.34 -58.72 -128.00
C THR K 122 87.23 -58.72 -126.95
N TYR K 123 86.02 -59.10 -127.33
CA TYR K 123 84.89 -59.05 -126.40
C TYR K 123 84.93 -60.19 -125.39
N ARG K 124 85.54 -61.33 -125.74
CA ARG K 124 85.56 -62.46 -124.82
C ARG K 124 86.52 -62.21 -123.66
N SER K 125 87.70 -61.66 -123.94
CA SER K 125 88.71 -61.42 -122.93
C SER K 125 88.88 -59.92 -122.73
N THR K 126 88.61 -59.45 -121.51
CA THR K 126 88.75 -58.04 -121.16
C THR K 126 89.30 -57.97 -119.74
N ILE K 127 90.63 -57.90 -119.62
CA ILE K 127 91.26 -57.80 -118.31
C ILE K 127 90.98 -56.45 -117.67
N GLY K 128 90.98 -55.38 -118.45
CA GLY K 128 90.75 -54.06 -117.92
C GLY K 128 89.43 -53.43 -118.34
N ARG K 129 88.56 -53.18 -117.36
CA ARG K 129 87.29 -52.52 -117.61
C ARG K 129 87.45 -51.01 -117.82
N ASN K 130 88.61 -50.45 -117.46
CA ASN K 130 88.89 -49.04 -117.70
C ASN K 130 90.02 -48.84 -118.68
N HIS K 131 90.37 -49.87 -119.46
CA HIS K 131 91.43 -49.76 -120.44
C HIS K 131 90.99 -48.92 -121.63
N PHE K 132 91.97 -48.47 -122.41
CA PHE K 132 91.72 -47.60 -123.55
C PHE K 132 91.76 -48.31 -124.89
N MET K 133 92.64 -49.31 -125.05
CA MET K 133 92.76 -49.98 -126.34
C MET K 133 91.57 -50.87 -126.64
N THR K 134 91.12 -51.66 -125.64
CA THR K 134 89.97 -52.53 -125.86
C THR K 134 88.69 -51.73 -126.08
N LYS K 135 88.51 -50.65 -125.32
CA LYS K 135 87.33 -49.80 -125.52
C LYS K 135 87.36 -49.13 -126.88
N GLU K 136 88.53 -48.70 -127.34
CA GLU K 136 88.65 -48.10 -128.67
C GLU K 136 88.35 -49.13 -129.75
N LEU K 137 88.83 -50.37 -129.59
CA LEU K 137 88.54 -51.41 -130.56
C LEU K 137 87.05 -51.74 -130.59
N GLN K 138 86.40 -51.78 -129.42
CA GLN K 138 84.97 -52.02 -129.36
C GLN K 138 84.19 -50.89 -130.03
N GLY K 139 84.60 -49.64 -129.80
CA GLY K 139 83.93 -48.52 -130.45
C GLY K 139 84.12 -48.52 -131.95
N TYR K 140 85.33 -48.89 -132.41
CA TYR K 140 85.57 -49.00 -133.85
C TYR K 140 84.74 -50.11 -134.48
N ILE K 141 84.61 -51.25 -133.78
CA ILE K 141 83.79 -52.34 -134.29
C ILE K 141 82.32 -51.93 -134.35
N GLU K 142 81.85 -51.23 -133.31
CA GLU K 142 80.47 -50.77 -133.31
C GLU K 142 80.21 -49.76 -134.44
N GLY K 143 81.16 -48.85 -134.67
CA GLY K 143 81.02 -47.90 -135.76
C GLY K 143 81.03 -48.58 -137.12
N ILE K 144 81.89 -49.59 -137.29
CA ILE K 144 81.94 -50.33 -138.56
C ILE K 144 80.64 -51.09 -138.78
N ARG K 145 80.09 -51.69 -137.72
CA ARG K 145 78.81 -52.38 -137.84
C ARG K 145 77.68 -51.41 -138.17
N LYS K 146 77.70 -50.22 -137.56
CA LYS K 146 76.68 -49.23 -137.85
C LYS K 146 76.77 -48.73 -139.29
N ARG K 147 77.99 -48.53 -139.78
CA ARG K 147 78.16 -48.09 -141.17
C ARG K 147 77.74 -49.18 -142.15
N ARG K 148 78.07 -50.44 -141.83
CA ARG K 148 77.71 -51.55 -142.72
C ARG K 148 76.20 -51.78 -142.74
N ASN K 149 75.55 -51.65 -141.59
CA ASN K 149 74.10 -51.85 -141.50
C ASN K 149 73.36 -50.70 -142.16
N PRO L 1 110.22 -94.85 -76.29
CA PRO L 1 108.82 -95.26 -76.22
C PRO L 1 107.87 -94.08 -75.98
N ILE L 2 108.19 -92.93 -76.59
CA ILE L 2 107.37 -91.73 -76.45
C ILE L 2 106.37 -91.76 -77.61
N VAL L 3 105.20 -92.35 -77.36
CA VAL L 3 104.14 -92.43 -78.36
C VAL L 3 102.98 -91.56 -77.90
N LEU L 4 103.27 -90.53 -77.13
CA LEU L 4 102.24 -89.63 -76.64
C LEU L 4 101.74 -88.73 -77.76
N PRO L 5 100.49 -88.25 -77.67
CA PRO L 5 100.00 -87.29 -78.66
C PRO L 5 100.76 -85.96 -78.67
N PHE L 6 101.47 -85.63 -77.59
CA PHE L 6 102.27 -84.41 -77.57
C PHE L 6 103.39 -84.49 -78.60
N VAL L 7 104.01 -85.66 -78.74
CA VAL L 7 105.01 -85.85 -79.80
C VAL L 7 104.35 -85.76 -81.18
N GLN L 8 103.18 -86.39 -81.33
CA GLN L 8 102.49 -86.37 -82.62
C GLN L 8 101.94 -85.00 -82.98
N ARG L 9 101.90 -84.06 -82.03
CA ARG L 9 101.52 -82.69 -82.32
C ARG L 9 102.72 -81.73 -82.38
N PHE L 10 103.85 -82.11 -81.78
CA PHE L 10 105.04 -81.28 -81.83
C PHE L 10 105.84 -81.46 -83.12
N ASN L 11 105.61 -82.54 -83.86
CA ASN L 11 106.24 -82.72 -85.16
C ASN L 11 105.43 -82.11 -86.30
N ASN L 12 104.31 -81.45 -85.97
CA ASN L 12 103.57 -80.67 -86.94
C ASN L 12 104.41 -79.47 -87.39
N ILE L 13 103.95 -78.82 -88.47
CA ILE L 13 104.71 -77.70 -89.01
C ILE L 13 104.74 -76.54 -88.01
N ASP L 14 103.59 -76.21 -87.41
CA ASP L 14 103.57 -75.15 -86.41
C ASP L 14 104.33 -75.51 -85.16
N GLY L 15 104.44 -76.81 -84.84
CA GLY L 15 105.29 -77.22 -83.73
C GLY L 15 106.75 -76.91 -83.97
N PHE L 16 107.22 -77.09 -85.21
CA PHE L 16 108.56 -76.65 -85.57
C PHE L 16 108.65 -75.12 -85.61
N MET L 17 107.56 -74.46 -86.01
CA MET L 17 107.63 -73.01 -86.24
C MET L 17 107.65 -72.23 -84.94
N THR L 18 106.95 -72.72 -83.90
CA THR L 18 107.04 -72.09 -82.58
C THR L 18 108.48 -72.18 -82.04
N LEU L 19 109.12 -73.33 -82.21
CA LEU L 19 110.49 -73.51 -81.77
C LEU L 19 111.45 -72.64 -82.58
N TYR L 20 111.22 -72.52 -83.90
CA TYR L 20 112.04 -71.65 -84.73
C TYR L 20 111.87 -70.18 -84.33
N VAL L 21 110.65 -69.79 -84.00
CA VAL L 21 110.39 -68.42 -83.53
C VAL L 21 111.15 -68.17 -82.23
N ALA L 22 111.12 -69.14 -81.31
CA ALA L 22 111.87 -69.00 -80.06
C ALA L 22 113.37 -68.91 -80.31
N ALA L 23 113.90 -69.73 -81.23
CA ALA L 23 115.32 -69.70 -81.54
C ALA L 23 115.74 -68.37 -82.16
N VAL L 24 114.94 -67.86 -83.10
CA VAL L 24 115.24 -66.57 -83.70
C VAL L 24 115.11 -65.45 -82.67
N LEU L 25 114.16 -65.56 -81.75
CA LEU L 25 114.00 -64.58 -80.68
C LEU L 25 115.23 -64.53 -79.79
N ILE L 26 115.72 -65.69 -79.34
CA ILE L 26 116.87 -65.68 -78.45
C ILE L 26 118.13 -65.27 -79.20
N HIS L 27 118.24 -65.62 -80.49
CA HIS L 27 119.38 -65.14 -81.28
C HIS L 27 119.35 -63.63 -81.43
N GLY L 28 118.17 -63.06 -81.68
CA GLY L 28 118.08 -61.61 -81.80
C GLY L 28 118.37 -60.90 -80.50
N ALA L 29 117.88 -61.44 -79.38
CA ALA L 29 118.21 -60.85 -78.09
C ALA L 29 119.70 -60.93 -77.80
N LEU L 30 120.32 -62.07 -78.13
CA LEU L 30 121.75 -62.24 -77.95
C LEU L 30 122.54 -61.24 -78.77
N PHE L 31 122.16 -61.05 -80.03
CA PHE L 31 122.86 -60.10 -80.90
C PHE L 31 122.66 -58.66 -80.42
N ALA L 32 121.46 -58.33 -79.98
CA ALA L 32 121.19 -56.98 -79.49
C ALA L 32 122.00 -56.69 -78.23
N VAL L 33 122.15 -57.67 -77.35
CA VAL L 33 123.01 -57.48 -76.18
C VAL L 33 124.47 -57.37 -76.60
N VAL L 34 124.90 -58.22 -77.55
CA VAL L 34 126.30 -58.32 -77.93
C VAL L 34 126.79 -57.03 -78.58
N ASP L 35 125.96 -56.39 -79.40
CA ASP L 35 126.40 -55.19 -80.11
C ASP L 35 126.77 -54.06 -79.15
N MET L 36 125.86 -53.72 -78.24
CA MET L 36 126.18 -52.67 -77.26
C MET L 36 127.17 -53.16 -76.21
N THR L 37 127.25 -54.47 -75.95
CA THR L 37 128.26 -54.96 -75.04
C THR L 37 129.66 -54.72 -75.61
N LEU L 38 129.85 -54.99 -76.90
CA LEU L 38 131.10 -54.68 -77.55
C LEU L 38 131.36 -53.19 -77.60
N ASN L 39 130.31 -52.39 -77.85
CA ASN L 39 130.48 -50.94 -77.90
C ASN L 39 130.95 -50.37 -76.56
N ILE L 40 130.27 -50.74 -75.47
CA ILE L 40 130.67 -50.24 -74.16
C ILE L 40 131.96 -50.91 -73.66
N TYR L 41 132.29 -52.10 -74.15
CA TYR L 41 133.60 -52.67 -73.84
C TYR L 41 134.71 -51.85 -74.48
N GLN L 42 134.52 -51.43 -75.73
CA GLN L 42 135.48 -50.54 -76.37
C GLN L 42 135.55 -49.20 -75.65
N VAL L 43 134.40 -48.68 -75.22
CA VAL L 43 134.37 -47.36 -74.58
C VAL L 43 135.07 -47.40 -73.22
N GLN L 44 134.76 -48.40 -72.40
CA GLN L 44 135.18 -48.42 -71.00
C GLN L 44 136.55 -49.08 -70.78
N PHE L 45 136.82 -50.19 -71.45
CA PHE L 45 137.98 -51.03 -71.14
C PHE L 45 139.26 -50.55 -71.83
N SER L 46 139.32 -49.27 -72.22
CA SER L 46 140.51 -48.62 -72.76
C SER L 46 141.01 -49.31 -74.03
N LEU L 47 140.18 -49.24 -75.07
CA LEU L 47 140.54 -49.73 -76.40
C LEU L 47 140.34 -48.60 -77.41
N THR L 48 140.55 -48.93 -78.68
CA THR L 48 140.36 -48.00 -79.78
C THR L 48 139.20 -48.47 -80.66
N ARG L 49 138.73 -47.57 -81.51
CA ARG L 49 137.59 -47.88 -82.37
C ARG L 49 137.95 -48.89 -83.45
N THR L 50 139.23 -48.92 -83.86
CA THR L 50 139.65 -49.88 -84.89
C THR L 50 139.51 -51.32 -84.39
N GLU L 51 139.86 -51.58 -83.13
CA GLU L 51 139.70 -52.92 -82.59
C GLU L 51 138.23 -53.31 -82.48
N TRP L 52 137.37 -52.36 -82.11
CA TRP L 52 135.93 -52.62 -82.09
C TRP L 52 135.41 -52.93 -83.48
N TYR L 53 135.89 -52.20 -84.50
CA TYR L 53 135.52 -52.51 -85.87
C TYR L 53 136.01 -53.89 -86.28
N LEU L 54 137.20 -54.29 -85.83
CA LEU L 54 137.70 -55.63 -86.12
C LEU L 54 136.84 -56.70 -85.46
N MET L 55 136.43 -56.49 -84.22
CA MET L 55 135.56 -57.47 -83.55
C MET L 55 134.18 -57.51 -84.19
N ASP L 56 133.69 -56.38 -84.70
CA ASP L 56 132.42 -56.40 -85.44
C ASP L 56 132.58 -57.10 -86.78
N PHE L 57 133.73 -56.94 -87.43
CA PHE L 57 133.99 -57.58 -88.72
C PHE L 57 134.21 -59.08 -88.56
N SER L 58 134.66 -59.53 -87.39
CA SER L 58 134.89 -60.95 -87.18
C SER L 58 133.60 -61.74 -87.29
N ASP L 59 132.52 -61.23 -86.71
CA ASP L 59 131.22 -61.88 -86.83
C ASP L 59 130.77 -61.95 -88.29
N TYR L 60 130.95 -60.86 -89.04
CA TYR L 60 130.54 -60.82 -90.43
C TYR L 60 131.35 -61.79 -91.29
N ILE L 61 132.67 -61.85 -91.09
CA ILE L 61 133.48 -62.74 -91.91
C ILE L 61 133.25 -64.20 -91.54
N ALA L 62 133.01 -64.50 -90.26
CA ALA L 62 132.64 -65.86 -89.89
C ALA L 62 131.30 -66.24 -90.49
N SER L 63 130.36 -65.29 -90.51
CA SER L 63 129.06 -65.51 -91.14
C SER L 63 129.21 -65.82 -92.63
N PHE L 64 130.06 -65.04 -93.31
CA PHE L 64 130.26 -65.24 -94.74
C PHE L 64 130.94 -66.57 -95.03
N VAL L 65 131.95 -66.94 -94.25
CA VAL L 65 132.64 -68.20 -94.52
C VAL L 65 131.81 -69.40 -94.08
N VAL L 66 130.80 -69.21 -93.23
CA VAL L 66 129.98 -70.34 -92.83
C VAL L 66 128.70 -70.49 -93.67
N ALA L 67 128.24 -69.42 -94.33
CA ALA L 67 126.97 -69.47 -95.03
C ALA L 67 126.97 -70.47 -96.19
N ILE L 68 127.96 -70.34 -97.08
CA ILE L 68 128.02 -71.21 -98.26
C ILE L 68 128.30 -72.66 -97.85
N ILE L 69 129.21 -72.85 -96.90
CA ILE L 69 129.57 -74.20 -96.47
C ILE L 69 128.39 -74.90 -95.81
N ILE L 70 127.66 -74.19 -94.94
CA ILE L 70 126.53 -74.84 -94.28
C ILE L 70 125.36 -75.01 -95.24
N ALA L 71 125.22 -74.15 -96.26
CA ALA L 71 124.21 -74.40 -97.28
C ALA L 71 124.52 -75.66 -98.07
N HIS L 72 125.79 -75.84 -98.44
CA HIS L 72 126.20 -77.04 -99.15
C HIS L 72 126.01 -78.29 -98.30
N PHE L 73 126.31 -78.19 -97.00
CA PHE L 73 126.16 -79.34 -96.11
C PHE L 73 124.70 -79.67 -95.83
N GLY L 74 123.84 -78.66 -95.69
CA GLY L 74 122.43 -78.90 -95.47
C GLY L 74 121.66 -79.27 -96.72
N SER L 75 122.23 -79.03 -97.90
CA SER L 75 121.60 -79.51 -99.12
C SER L 75 121.62 -81.04 -99.21
N LYS L 76 122.63 -81.68 -98.63
CA LYS L 76 122.78 -83.13 -98.71
C LYS L 76 122.40 -83.84 -97.42
N GLY L 77 122.38 -83.15 -96.28
CA GLY L 77 122.15 -83.77 -95.00
C GLY L 77 120.85 -83.29 -94.36
N ASN L 78 120.57 -83.88 -93.19
CA ASN L 78 119.37 -83.52 -92.45
C ASN L 78 119.52 -82.11 -91.88
N ARG L 79 118.53 -81.26 -92.15
CA ARG L 79 118.59 -79.88 -91.67
C ARG L 79 118.46 -79.79 -90.16
N THR L 80 117.66 -80.68 -89.56
CA THR L 80 117.42 -80.63 -88.12
C THR L 80 118.70 -80.84 -87.32
N ARG L 81 119.52 -81.80 -87.74
CA ARG L 81 120.76 -82.08 -87.02
C ARG L 81 121.75 -80.93 -87.13
N TRP L 82 121.82 -80.28 -88.30
CA TRP L 82 122.73 -79.14 -88.45
C TRP L 82 122.25 -77.95 -87.63
N ILE L 83 120.94 -77.72 -87.58
CA ILE L 83 120.43 -76.63 -86.73
C ILE L 83 120.67 -76.96 -85.26
N ALA L 84 120.57 -78.24 -84.89
CA ALA L 84 120.89 -78.65 -83.52
C ALA L 84 122.35 -78.40 -83.19
N ALA L 85 123.26 -78.70 -84.14
CA ALA L 85 124.66 -78.41 -83.92
C ALA L 85 124.89 -76.93 -83.74
N SER L 86 124.25 -76.10 -84.58
CA SER L 86 124.40 -74.65 -84.46
C SER L 86 123.84 -74.14 -83.13
N CYS L 87 122.74 -74.72 -82.66
CA CYS L 87 122.15 -74.27 -81.39
C CYS L 87 123.04 -74.62 -80.21
N ILE L 88 123.62 -75.83 -80.22
CA ILE L 88 124.62 -76.20 -79.21
C ILE L 88 125.81 -75.25 -79.27
N LEU L 89 126.22 -74.89 -80.49
CA LEU L 89 127.35 -73.99 -80.67
C LEU L 89 127.06 -72.60 -80.11
N MET L 90 125.82 -72.09 -80.26
CA MET L 90 125.56 -70.76 -79.70
C MET L 90 125.44 -70.84 -78.18
N GLY L 91 124.92 -71.96 -77.68
CA GLY L 91 124.91 -72.16 -76.24
C GLY L 91 126.30 -72.21 -75.63
N LEU L 92 127.26 -72.74 -76.38
CA LEU L 92 128.65 -72.60 -76.00
C LEU L 92 129.11 -71.15 -76.12
N GLU L 93 128.67 -70.47 -77.18
CA GLU L 93 129.13 -69.11 -77.47
C GLU L 93 128.71 -68.11 -76.39
N SER L 94 127.48 -68.24 -75.89
CA SER L 94 126.99 -67.29 -74.89
C SER L 94 127.78 -67.40 -73.59
N MET L 95 128.07 -68.62 -73.16
CA MET L 95 128.90 -68.81 -71.98
C MET L 95 130.34 -68.38 -72.24
N LEU L 96 130.84 -68.59 -73.46
CA LEU L 96 132.19 -68.15 -73.80
C LEU L 96 132.30 -66.63 -73.77
N PHE L 97 131.24 -65.93 -74.14
CA PHE L 97 131.22 -64.47 -74.01
C PHE L 97 131.00 -64.03 -72.58
N ALA L 98 130.26 -64.81 -71.78
CA ALA L 98 130.03 -64.46 -70.38
C ALA L 98 131.29 -64.63 -69.54
N PHE L 99 132.15 -65.57 -69.91
CA PHE L 99 133.32 -65.89 -69.09
C PHE L 99 134.29 -64.72 -68.86
N PRO L 100 134.69 -63.92 -69.86
CA PRO L 100 135.64 -62.82 -69.55
C PRO L 100 135.10 -61.77 -68.59
N PHE L 101 133.79 -61.51 -68.60
CA PHE L 101 133.24 -60.47 -67.73
C PHE L 101 133.19 -60.90 -66.28
N PHE L 102 133.35 -62.18 -65.98
CA PHE L 102 133.40 -62.69 -64.62
C PHE L 102 134.81 -63.07 -64.18
N THR L 103 135.62 -63.61 -65.11
CA THR L 103 136.98 -64.02 -64.75
C THR L 103 137.93 -62.83 -64.67
N TYR L 104 137.76 -61.84 -65.54
CA TYR L 104 138.72 -60.74 -65.63
C TYR L 104 138.07 -59.38 -65.37
N GLU L 105 137.28 -59.27 -64.31
CA GLU L 105 136.66 -58.00 -63.94
C GLU L 105 137.64 -56.99 -63.29
N ILE L 106 138.95 -57.24 -63.32
CA ILE L 106 139.93 -56.40 -62.66
C ILE L 106 140.80 -55.66 -63.69
N ILE L 107 140.33 -55.54 -64.93
CA ILE L 107 141.12 -54.94 -66.00
C ILE L 107 141.38 -53.46 -65.70
N ILE L 108 140.32 -52.67 -65.58
CA ILE L 108 140.46 -51.25 -65.23
C ILE L 108 139.36 -50.87 -64.25
N PRO L 109 139.61 -50.99 -62.95
CA PRO L 109 138.68 -50.44 -61.97
C PRO L 109 139.05 -49.02 -61.57
N GLY L 110 138.20 -48.36 -60.79
CA GLY L 110 138.52 -47.02 -60.33
C GLY L 110 139.71 -46.98 -59.38
N ARG L 111 139.74 -47.88 -58.40
CA ARG L 111 140.80 -47.86 -57.40
C ARG L 111 141.34 -49.23 -57.02
N GLN L 112 140.81 -50.32 -57.57
CA GLN L 112 141.19 -51.65 -57.11
C GLN L 112 142.58 -52.08 -57.57
N SER L 113 143.22 -51.32 -58.47
CA SER L 113 144.59 -51.61 -58.90
C SER L 113 145.54 -51.13 -57.82
N ILE L 114 145.72 -51.96 -56.80
CA ILE L 114 146.53 -51.59 -55.64
C ILE L 114 148.02 -51.67 -55.94
N GLU L 115 148.42 -52.35 -57.01
CA GLU L 115 149.85 -52.51 -57.29
C GLU L 115 150.46 -51.22 -57.82
N LEU L 116 149.77 -50.53 -58.73
CA LEU L 116 150.32 -49.36 -59.40
C LEU L 116 149.58 -48.07 -59.10
N CYS L 117 148.40 -48.13 -58.45
CA CYS L 117 147.62 -46.94 -58.15
C CYS L 117 147.31 -46.89 -56.67
N MET L 118 147.54 -45.73 -56.05
CA MET L 118 147.23 -45.51 -54.65
C MET L 118 145.97 -44.70 -54.50
N GLU L 119 145.28 -44.89 -53.36
CA GLU L 119 144.01 -44.22 -53.13
C GLU L 119 144.19 -42.72 -52.88
N GLU L 120 145.36 -42.31 -52.40
CA GLU L 120 145.58 -40.93 -51.98
C GLU L 120 145.98 -40.01 -53.13
N ASN L 121 146.11 -40.53 -54.35
CA ASN L 121 146.49 -39.72 -55.51
C ASN L 121 145.44 -39.86 -56.59
N GLU L 122 145.16 -38.75 -57.28
CA GLU L 122 144.18 -38.74 -58.37
C GLU L 122 144.84 -38.92 -59.73
N LYS L 123 146.02 -38.34 -59.93
CA LYS L 123 146.71 -38.48 -61.21
C LYS L 123 147.24 -39.89 -61.41
N ARG L 124 147.64 -40.57 -60.33
CA ARG L 124 148.18 -41.91 -60.44
C ARG L 124 147.10 -42.96 -60.70
N ASN L 125 145.83 -42.61 -60.50
CA ASN L 125 144.75 -43.56 -60.74
C ASN L 125 144.35 -43.66 -62.21
N ILE L 126 144.87 -42.79 -63.07
CA ILE L 126 144.55 -42.78 -64.49
C ILE L 126 145.78 -43.02 -65.35
N ILE L 127 146.91 -43.37 -64.74
CA ILE L 127 148.14 -43.66 -65.47
C ILE L 127 148.63 -45.04 -65.03
N CYS L 128 149.82 -45.43 -65.49
CA CYS L 128 150.40 -46.76 -65.26
C CYS L 128 149.46 -47.84 -65.80
N GLY L 129 149.35 -47.84 -67.13
CA GLY L 129 148.31 -48.58 -67.81
C GLY L 129 148.47 -50.09 -67.79
N ASN L 130 148.26 -50.69 -66.62
CA ASN L 130 148.16 -52.14 -66.51
C ASN L 130 146.88 -52.69 -67.12
N SER L 131 145.94 -51.83 -67.52
CA SER L 131 144.74 -52.28 -68.20
C SER L 131 145.03 -52.75 -69.62
N VAL L 132 146.12 -52.30 -70.24
CA VAL L 132 146.52 -52.78 -71.55
C VAL L 132 146.91 -54.26 -71.46
N PRO L 133 147.68 -54.71 -70.46
CA PRO L 133 147.70 -56.15 -70.18
C PRO L 133 146.36 -56.62 -69.64
N ASN L 134 146.11 -57.93 -69.79
CA ASN L 134 144.84 -58.57 -69.45
C ASN L 134 143.68 -57.99 -70.27
N ARG L 135 144.00 -57.47 -71.45
CA ARG L 135 143.02 -56.96 -72.40
C ARG L 135 143.07 -57.67 -73.73
N SER L 136 144.27 -57.99 -74.23
CA SER L 136 144.39 -58.76 -75.46
C SER L 136 143.83 -60.16 -75.30
N LYS L 137 143.87 -60.72 -74.08
CA LYS L 137 143.19 -61.99 -73.83
C LYS L 137 141.68 -61.82 -73.99
N CYS L 138 141.12 -60.72 -73.48
CA CYS L 138 139.71 -60.45 -73.68
C CYS L 138 139.40 -60.15 -75.14
N ILE L 139 140.33 -59.52 -75.86
CA ILE L 139 140.16 -59.31 -77.29
C ILE L 139 140.09 -60.64 -78.03
N TYR L 140 140.98 -61.57 -77.67
CA TYR L 140 140.96 -62.91 -78.26
C TYR L 140 139.66 -63.63 -77.95
N PHE L 141 139.20 -63.55 -76.69
CA PHE L 141 137.95 -64.19 -76.30
C PHE L 141 136.77 -63.60 -77.05
N HIS L 142 136.73 -62.28 -77.21
CA HIS L 142 135.61 -61.65 -77.92
C HIS L 142 135.64 -61.97 -79.41
N ILE L 143 136.84 -62.02 -80.01
CA ILE L 143 136.94 -62.37 -81.42
C ILE L 143 136.49 -63.81 -81.66
N GLY L 144 136.95 -64.74 -80.81
CA GLY L 144 136.48 -66.12 -80.91
C GLY L 144 135.00 -66.24 -80.67
N GLY L 145 134.46 -65.45 -79.74
CA GLY L 145 133.04 -65.46 -79.49
C GLY L 145 132.23 -64.96 -80.67
N GLN L 146 132.71 -63.91 -81.34
CA GLN L 146 132.03 -63.43 -82.54
C GLN L 146 132.11 -64.46 -83.67
N CYS L 147 133.26 -65.14 -83.79
CA CYS L 147 133.41 -66.17 -84.81
C CYS L 147 132.42 -67.31 -84.59
N ILE L 148 132.39 -67.86 -83.37
CA ILE L 148 131.46 -68.95 -83.08
C ILE L 148 130.01 -68.45 -83.12
N HIS L 149 129.78 -67.16 -82.82
CA HIS L 149 128.45 -66.59 -82.91
C HIS L 149 127.95 -66.59 -84.35
N GLY L 150 128.78 -66.16 -85.30
CA GLY L 150 128.39 -66.21 -86.69
C GLY L 150 128.19 -67.62 -87.19
N ILE L 151 129.16 -68.51 -86.87
CA ILE L 151 129.11 -69.90 -87.30
C ILE L 151 127.91 -70.64 -86.70
N ALA L 152 127.41 -70.21 -85.55
CA ALA L 152 126.25 -70.82 -84.92
C ALA L 152 124.94 -70.13 -85.27
N GLY L 153 124.98 -68.88 -85.75
CA GLY L 153 123.76 -68.15 -85.99
C GLY L 153 123.30 -68.12 -87.44
N MET L 154 124.23 -68.00 -88.39
CA MET L 154 123.78 -67.95 -89.78
C MET L 154 123.28 -69.29 -90.33
N PRO L 155 123.82 -70.45 -89.92
CA PRO L 155 123.16 -71.71 -90.30
C PRO L 155 121.71 -71.81 -89.89
N ILE L 156 121.31 -71.25 -88.75
CA ILE L 156 119.89 -71.23 -88.40
C ILE L 156 119.10 -70.40 -89.39
N TYR L 157 119.58 -69.18 -89.67
CA TYR L 157 118.87 -68.29 -90.57
C TYR L 157 118.86 -68.79 -92.01
N ILE L 158 119.72 -69.75 -92.34
CA ILE L 158 119.67 -70.38 -93.66
C ILE L 158 118.73 -71.58 -93.63
N LEU L 159 118.99 -72.54 -92.73
CA LEU L 159 118.30 -73.83 -92.79
C LEU L 159 116.86 -73.75 -92.28
N GLY L 160 116.55 -72.87 -91.33
CA GLY L 160 115.16 -72.71 -90.91
C GLY L 160 114.29 -72.18 -92.03
N ILE L 161 114.77 -71.15 -92.74
CA ILE L 161 114.04 -70.63 -93.89
C ILE L 161 114.05 -71.65 -95.04
N THR L 162 115.09 -72.48 -95.13
CA THR L 162 115.08 -73.57 -96.10
C THR L 162 113.96 -74.56 -95.79
N PHE L 163 113.77 -74.87 -94.50
CA PHE L 163 112.66 -75.72 -94.09
C PHE L 163 111.32 -75.05 -94.37
N ILE L 164 111.26 -73.73 -94.19
CA ILE L 164 110.07 -72.96 -94.56
C ILE L 164 109.77 -73.15 -96.05
N PHE L 165 110.80 -73.05 -96.88
CA PHE L 165 110.61 -73.10 -98.33
C PHE L 165 110.23 -74.50 -98.80
N ASP L 166 110.85 -75.53 -98.21
CA ASP L 166 110.71 -76.90 -98.71
C ASP L 166 109.62 -77.70 -97.98
N HIS L 167 109.05 -77.18 -96.89
CA HIS L 167 108.06 -77.94 -96.14
C HIS L 167 106.75 -77.20 -95.93
N ILE L 168 106.65 -75.94 -96.33
CA ILE L 168 105.41 -75.17 -96.18
C ILE L 168 104.92 -74.76 -97.56
N PRO L 169 103.61 -74.76 -97.82
CA PRO L 169 103.10 -74.13 -99.04
C PRO L 169 103.39 -72.63 -99.02
N THR L 170 103.49 -72.07 -100.24
CA THR L 170 103.80 -70.65 -100.39
C THR L 170 102.71 -69.75 -99.83
N SER L 171 101.49 -70.27 -99.64
CA SER L 171 100.42 -69.51 -99.03
C SER L 171 100.70 -69.13 -97.58
N SER L 172 101.52 -69.92 -96.88
CA SER L 172 101.93 -69.61 -95.51
C SER L 172 103.39 -69.26 -95.39
N CYS L 173 104.16 -69.35 -96.49
CA CYS L 173 105.58 -69.04 -96.45
C CYS L 173 105.81 -67.57 -96.12
N GLY L 174 104.99 -66.68 -96.67
CA GLY L 174 105.12 -65.26 -96.36
C GLY L 174 104.82 -64.97 -94.91
N PHE L 175 103.77 -65.59 -94.35
CA PHE L 175 103.45 -65.40 -92.94
C PHE L 175 104.57 -65.92 -92.04
N TYR L 176 105.14 -67.06 -92.40
CA TYR L 176 106.17 -67.66 -91.55
C TYR L 176 107.49 -66.87 -91.64
N LEU L 177 107.82 -66.36 -92.83
CA LEU L 177 108.96 -65.47 -92.96
C LEU L 177 108.74 -64.17 -92.18
N ALA L 178 107.51 -63.64 -92.23
CA ALA L 178 107.18 -62.43 -91.50
C ALA L 178 107.29 -62.63 -89.99
N ILE L 179 106.80 -63.76 -89.48
CA ILE L 179 106.88 -63.98 -88.04
C ILE L 179 108.32 -64.29 -87.62
N GLY L 180 109.12 -64.91 -88.48
CA GLY L 180 110.53 -65.07 -88.17
C GLY L 180 111.28 -63.76 -88.11
N HIS L 181 111.05 -62.88 -89.08
CA HIS L 181 111.68 -61.57 -89.08
C HIS L 181 111.18 -60.73 -87.90
N SER L 182 109.90 -60.85 -87.55
CA SER L 182 109.38 -60.15 -86.40
C SER L 182 109.94 -60.71 -85.09
N ALA L 183 110.20 -62.02 -85.05
CA ALA L 183 110.88 -62.60 -83.88
C ALA L 183 112.28 -62.04 -83.73
N TYR L 184 113.01 -61.91 -84.85
CA TYR L 184 114.33 -61.30 -84.79
C TYR L 184 114.24 -59.84 -84.35
N LEU L 185 113.22 -59.12 -84.83
CA LEU L 185 113.08 -57.71 -84.49
C LEU L 185 112.71 -57.52 -83.02
N ILE L 186 111.80 -58.34 -82.50
CA ILE L 186 111.45 -58.24 -81.08
C ILE L 186 112.55 -58.77 -80.20
N GLY L 187 113.41 -59.66 -80.71
CA GLY L 187 114.64 -59.97 -79.99
C GLY L 187 115.57 -58.78 -79.93
N TYR L 188 115.71 -58.07 -81.05
CA TYR L 188 116.49 -56.83 -81.07
C TYR L 188 115.94 -55.80 -80.08
N LEU L 189 114.62 -55.74 -79.93
CA LEU L 189 114.01 -54.87 -78.93
C LEU L 189 114.26 -55.36 -77.50
N LEU L 190 114.02 -56.65 -77.25
CA LEU L 190 114.01 -57.16 -75.88
C LEU L 190 115.42 -57.23 -75.30
N GLY L 191 116.39 -57.70 -76.08
CA GLY L 191 117.77 -57.71 -75.61
C GLY L 191 118.29 -56.31 -75.35
N MET L 192 117.92 -55.36 -76.21
CA MET L 192 118.29 -53.96 -76.01
C MET L 192 117.70 -53.41 -74.72
N VAL L 193 116.40 -53.65 -74.50
CA VAL L 193 115.73 -53.12 -73.32
C VAL L 193 116.32 -53.74 -72.05
N GLY L 194 116.52 -55.06 -72.06
CA GLY L 194 117.10 -55.71 -70.90
C GLY L 194 118.54 -55.29 -70.63
N GLY L 195 119.33 -55.08 -71.68
CA GLY L 195 120.70 -54.61 -71.49
C GLY L 195 120.76 -53.19 -70.97
N LEU L 196 119.91 -52.31 -71.49
CA LEU L 196 119.94 -50.92 -71.08
C LEU L 196 119.23 -50.65 -69.77
N GLN L 197 118.38 -51.58 -69.31
CA GLN L 197 117.79 -51.44 -67.99
C GLN L 197 118.76 -51.77 -66.87
N ASN L 198 119.85 -52.50 -67.17
CA ASN L 198 120.84 -52.88 -66.18
C ASN L 198 122.18 -52.17 -66.35
N PHE L 199 122.60 -51.90 -67.58
CA PHE L 199 123.84 -51.18 -67.81
C PHE L 199 123.72 -49.72 -67.36
N GLN L 200 122.55 -49.13 -67.54
CA GLN L 200 122.32 -47.80 -67.01
C GLN L 200 122.41 -47.83 -65.49
N PRO L 201 123.03 -46.83 -64.87
CA PRO L 201 123.33 -46.89 -63.43
C PRO L 201 122.06 -46.88 -62.60
N PRO L 202 122.12 -47.38 -61.37
CA PRO L 202 120.96 -47.33 -60.46
C PRO L 202 120.56 -45.90 -60.14
N PRO L 203 119.38 -45.68 -59.51
CA PRO L 203 118.92 -44.31 -59.21
C PRO L 203 119.91 -43.41 -58.46
N LYS L 204 120.91 -44.00 -57.81
CA LYS L 204 122.02 -43.23 -57.23
C LYS L 204 123.06 -42.97 -58.33
N GLU L 205 122.64 -42.16 -59.31
CA GLU L 205 123.47 -41.87 -60.47
C GLU L 205 124.46 -40.74 -60.20
N LYS L 206 124.28 -39.98 -59.12
CA LYS L 206 124.96 -38.71 -58.91
C LYS L 206 125.77 -38.71 -57.62
N THR L 207 126.44 -39.83 -57.34
CA THR L 207 127.24 -39.97 -56.13
C THR L 207 128.72 -39.70 -56.43
N VAL L 208 129.57 -40.03 -55.46
CA VAL L 208 131.01 -39.81 -55.54
C VAL L 208 131.64 -40.75 -56.55
N GLU L 209 132.94 -40.55 -56.84
CA GLU L 209 133.68 -41.26 -57.88
C GLU L 209 133.82 -42.76 -57.65
N ILE L 210 133.21 -43.30 -56.57
CA ILE L 210 133.07 -44.74 -56.46
C ILE L 210 131.94 -45.26 -57.35
N GLU L 211 131.10 -44.35 -57.84
CA GLU L 211 129.99 -44.74 -58.73
C GLU L 211 130.45 -45.34 -60.06
N PRO L 212 131.46 -44.80 -60.77
CA PRO L 212 131.93 -45.51 -61.97
C PRO L 212 132.50 -46.89 -61.68
N ALA L 213 133.15 -47.09 -60.53
CA ALA L 213 133.59 -48.44 -60.16
C ALA L 213 132.42 -49.36 -59.90
N LYS L 214 131.38 -48.85 -59.22
CA LYS L 214 130.18 -49.65 -58.99
C LYS L 214 129.50 -50.01 -60.30
N VAL L 215 129.44 -49.07 -61.24
CA VAL L 215 128.86 -49.34 -62.56
C VAL L 215 129.72 -50.35 -63.32
N TYR L 216 131.03 -50.24 -63.18
CA TYR L 216 131.95 -51.19 -63.82
C TYR L 216 131.71 -52.61 -63.32
N GLN L 217 131.49 -52.77 -62.01
CA GLN L 217 131.10 -54.07 -61.49
C GLN L 217 129.72 -54.49 -61.99
N LEU L 218 128.77 -53.55 -62.01
CA LEU L 218 127.37 -53.89 -62.24
C LEU L 218 127.11 -54.31 -63.68
N LEU L 219 127.74 -53.64 -64.65
CA LEU L 219 127.53 -54.00 -66.05
C LEU L 219 128.07 -55.41 -66.34
N GLN L 220 129.25 -55.73 -65.81
CA GLN L 220 129.81 -57.06 -66.01
C GLN L 220 128.98 -58.11 -65.30
N SER L 221 128.47 -57.81 -64.11
CA SER L 221 127.57 -58.74 -63.42
C SER L 221 126.28 -58.96 -64.22
N GLY L 222 125.74 -57.88 -64.80
CA GLY L 222 124.53 -58.01 -65.59
C GLY L 222 124.73 -58.84 -66.85
N TRP L 223 125.84 -58.62 -67.55
CA TRP L 223 126.12 -59.43 -68.74
C TRP L 223 126.37 -60.89 -68.37
N TRP L 224 127.09 -61.13 -67.26
CA TRP L 224 127.33 -62.50 -66.81
C TRP L 224 126.04 -63.19 -66.39
N LYS L 225 125.08 -62.43 -65.87
CA LYS L 225 123.78 -63.01 -65.54
C LYS L 225 122.95 -63.28 -66.79
N THR L 226 122.96 -62.36 -67.75
CA THR L 226 122.09 -62.48 -68.91
C THR L 226 122.57 -63.56 -69.87
N PHE L 227 123.88 -63.60 -70.15
CA PHE L 227 124.41 -64.55 -71.12
C PHE L 227 124.27 -65.99 -70.63
N LEU L 228 124.36 -66.22 -69.31
CA LEU L 228 124.16 -67.56 -68.78
C LEU L 228 122.74 -68.04 -69.01
N ILE L 229 121.75 -67.16 -68.80
CA ILE L 229 120.36 -67.53 -69.05
C ILE L 229 120.12 -67.75 -70.53
N ILE L 230 120.74 -66.94 -71.39
CA ILE L 230 120.60 -67.12 -72.84
C ILE L 230 121.18 -68.46 -73.25
N ALA L 231 122.36 -68.81 -72.72
CA ALA L 231 122.98 -70.10 -73.03
C ALA L 231 122.13 -71.27 -72.53
N ALA L 232 121.54 -71.13 -71.34
CA ALA L 232 120.70 -72.20 -70.80
C ALA L 232 119.45 -72.40 -71.65
N ILE L 233 118.82 -71.29 -72.08
CA ILE L 233 117.63 -71.39 -72.92
C ILE L 233 118.00 -72.01 -74.27
N SER L 234 119.15 -71.61 -74.85
CA SER L 234 119.58 -72.18 -76.11
C SER L 234 119.85 -73.68 -75.99
N PHE L 235 120.52 -74.10 -74.92
CA PHE L 235 120.80 -75.51 -74.72
C PHE L 235 119.51 -76.32 -74.52
N CYS L 236 118.57 -75.78 -73.74
CA CYS L 236 117.31 -76.47 -73.51
C CYS L 236 116.50 -76.60 -74.80
N VAL L 237 116.44 -75.52 -75.60
CA VAL L 237 115.67 -75.57 -76.84
C VAL L 237 116.37 -76.47 -77.86
N SER L 238 117.71 -76.55 -77.80
CA SER L 238 118.44 -77.47 -78.68
C SER L 238 118.14 -78.92 -78.31
N PHE L 239 118.13 -79.22 -77.02
CA PHE L 239 117.75 -80.57 -76.58
C PHE L 239 116.32 -80.89 -76.96
N MET L 240 115.43 -79.88 -76.90
CA MET L 240 114.04 -80.09 -77.28
C MET L 240 113.91 -80.42 -78.77
N MET L 241 114.61 -79.69 -79.64
CA MET L 241 114.44 -79.99 -81.06
C MET L 241 115.26 -81.20 -81.51
N VAL L 242 116.24 -81.64 -80.70
CA VAL L 242 116.95 -82.88 -81.02
C VAL L 242 115.98 -84.05 -80.98
N CYS L 243 115.05 -84.05 -80.03
CA CYS L 243 114.04 -85.08 -79.90
C CYS L 243 113.03 -85.10 -81.05
N PHE L 244 113.02 -84.05 -81.89
CA PHE L 244 112.12 -84.06 -83.04
C PHE L 244 112.54 -85.12 -84.04
N PRO L 245 111.60 -85.89 -84.58
CA PRO L 245 111.95 -86.93 -85.54
C PRO L 245 112.44 -86.36 -86.87
N THR L 246 113.28 -87.14 -87.55
CA THR L 246 113.81 -86.72 -88.84
C THR L 246 112.73 -86.69 -89.90
N SER L 247 111.91 -87.74 -89.97
CA SER L 247 110.85 -87.83 -90.97
C SER L 247 109.56 -87.27 -90.35
N LEU L 248 109.21 -86.05 -90.75
CA LEU L 248 108.04 -85.37 -90.20
C LEU L 248 106.76 -85.96 -90.81
N PRO L 249 105.69 -86.10 -90.01
CA PRO L 249 104.44 -86.66 -90.55
C PRO L 249 103.72 -85.71 -91.49
N GLY L 250 103.63 -84.44 -91.11
CA GLY L 250 102.97 -83.46 -91.96
C GLY L 250 103.73 -83.21 -93.26
N ALA L 251 105.06 -83.17 -93.18
CA ALA L 251 105.87 -83.02 -94.38
C ALA L 251 105.69 -84.21 -95.32
N HIS L 252 105.64 -85.43 -94.75
CA HIS L 252 105.42 -86.62 -95.57
C HIS L 252 104.03 -86.60 -96.20
N LYS L 253 103.02 -86.16 -95.45
CA LYS L 253 101.67 -86.07 -96.01
C LYS L 253 101.61 -85.05 -97.15
N LEU L 254 102.25 -83.89 -96.98
CA LEU L 254 102.27 -82.89 -98.03
C LEU L 254 103.04 -83.38 -99.26
N ARG L 255 104.13 -84.12 -99.04
CA ARG L 255 104.88 -84.67 -100.16
C ARG L 255 104.08 -85.73 -100.89
N LEU L 256 103.33 -86.56 -100.17
CA LEU L 256 102.46 -87.54 -100.81
C LEU L 256 101.34 -86.86 -101.59
N ALA L 257 100.80 -85.76 -101.05
CA ALA L 257 99.75 -85.03 -101.76
C ALA L 257 100.29 -84.38 -103.03
N LYS L 258 101.49 -83.80 -102.97
CA LYS L 258 102.06 -83.09 -104.11
C LYS L 258 102.79 -84.01 -105.09
N ARG L 259 103.01 -85.28 -104.74
CA ARG L 259 103.64 -86.20 -105.67
C ARG L 259 102.72 -86.52 -106.84
N LYS L 260 101.42 -86.56 -106.60
CA LYS L 260 100.43 -86.79 -107.64
C LYS L 260 100.16 -85.48 -108.39
N GLU L 261 99.08 -85.47 -109.17
CA GLU L 261 98.62 -84.34 -110.00
C GLU L 261 99.73 -83.67 -110.81
N GLN L 275 123.67 -85.89 -106.06
CA GLN L 275 124.87 -85.53 -105.30
C GLN L 275 125.23 -84.06 -105.51
N PRO L 276 125.51 -83.34 -104.41
CA PRO L 276 125.90 -81.92 -104.52
C PRO L 276 127.36 -81.75 -104.93
N HIS L 277 127.65 -82.11 -106.18
CA HIS L 277 129.01 -82.06 -106.68
C HIS L 277 129.42 -80.61 -106.98
N LEU L 278 130.73 -80.42 -107.18
CA LEU L 278 131.23 -79.11 -107.56
C LEU L 278 130.70 -78.67 -108.92
N LYS L 279 130.54 -79.62 -109.85
CA LYS L 279 129.95 -79.29 -111.14
C LYS L 279 128.50 -78.85 -110.99
N GLY L 280 127.76 -79.49 -110.08
CA GLY L 280 126.40 -79.02 -109.80
C GLY L 280 126.39 -77.64 -109.18
N PHE L 281 127.36 -77.36 -108.31
CA PHE L 281 127.50 -76.02 -107.73
C PHE L 281 127.76 -74.98 -108.82
N LEU L 282 128.66 -75.30 -109.75
CA LEU L 282 128.94 -74.37 -110.86
C LEU L 282 127.75 -74.21 -111.78
N HIS L 283 126.98 -75.29 -112.00
CA HIS L 283 125.77 -75.19 -112.80
C HIS L 283 124.73 -74.30 -112.13
N ASN L 284 124.58 -74.43 -110.81
CA ASN L 284 123.65 -73.55 -110.09
C ASN L 284 124.09 -72.10 -110.15
N ILE L 285 125.40 -71.85 -109.98
CA ILE L 285 125.92 -70.49 -110.06
C ILE L 285 125.72 -69.92 -111.46
N TRP L 286 125.94 -70.74 -112.50
CA TRP L 286 125.74 -70.30 -113.87
C TRP L 286 124.29 -69.99 -114.16
N HIS L 287 123.36 -70.81 -113.64
CA HIS L 287 121.94 -70.55 -113.84
C HIS L 287 121.51 -69.29 -113.11
N ILE L 288 122.06 -69.06 -111.91
CA ILE L 288 121.72 -67.85 -111.17
C ILE L 288 122.26 -66.61 -111.89
N LEU L 289 123.48 -66.68 -112.41
CA LEU L 289 124.06 -65.54 -113.11
C LEU L 289 123.39 -65.30 -114.46
N LYS L 290 122.93 -66.36 -115.14
CA LYS L 290 122.30 -66.20 -116.43
C LYS L 290 120.94 -65.50 -116.31
N ASN L 291 120.18 -65.79 -115.27
CA ASN L 291 118.90 -65.14 -115.05
C ASN L 291 119.14 -63.83 -114.29
N PRO L 292 118.89 -62.68 -114.90
CA PRO L 292 119.18 -61.41 -114.21
C PRO L 292 118.17 -61.04 -113.13
N LEU L 293 117.08 -61.81 -112.99
CA LEU L 293 116.14 -61.57 -111.90
C LEU L 293 116.81 -61.79 -110.55
N MET L 294 117.59 -62.87 -110.43
CA MET L 294 118.31 -63.14 -109.19
C MET L 294 119.34 -62.06 -108.90
N LEU L 295 120.05 -61.59 -109.94
CA LEU L 295 121.02 -60.52 -109.76
C LEU L 295 120.34 -59.23 -109.29
N THR L 296 119.22 -58.88 -109.90
CA THR L 296 118.49 -57.68 -109.51
C THR L 296 118.00 -57.77 -108.07
N GLN L 297 117.42 -58.92 -107.69
CA GLN L 297 116.96 -59.08 -106.32
C GLN L 297 118.12 -59.06 -105.32
N ALA L 298 119.28 -59.61 -105.70
CA ALA L 298 120.43 -59.61 -104.82
C ALA L 298 120.94 -58.19 -104.58
N ILE L 299 121.09 -57.40 -105.65
CA ILE L 299 121.56 -56.03 -105.48
C ILE L 299 120.51 -55.18 -104.75
N CYS L 300 119.23 -55.46 -104.99
CA CYS L 300 118.17 -54.74 -104.28
C CYS L 300 118.22 -55.04 -102.78
N LYS L 301 118.41 -56.31 -102.41
CA LYS L 301 118.54 -56.66 -101.01
C LYS L 301 119.79 -56.04 -100.39
N VAL L 302 120.89 -56.00 -101.16
CA VAL L 302 122.12 -55.39 -100.68
C VAL L 302 121.90 -53.91 -100.39
N SER L 303 121.24 -53.20 -101.30
CA SER L 303 120.98 -51.78 -101.10
C SER L 303 119.99 -51.54 -99.96
N GLU L 304 118.99 -52.41 -99.82
CA GLU L 304 118.03 -52.28 -98.72
C GLU L 304 118.72 -52.46 -97.37
N TYR L 305 119.57 -53.48 -97.26
CA TYR L 305 120.31 -53.71 -96.03
C TYR L 305 121.28 -52.56 -95.75
N LEU L 306 121.92 -52.03 -96.80
CA LEU L 306 122.84 -50.91 -96.62
C LEU L 306 122.10 -49.68 -96.10
N THR L 307 120.93 -49.38 -96.67
CA THR L 307 120.15 -48.24 -96.22
C THR L 307 119.67 -48.44 -94.79
N PHE L 308 119.20 -49.65 -94.45
CA PHE L 308 118.71 -49.93 -93.11
C PHE L 308 119.84 -49.79 -92.08
N ASN L 309 121.01 -50.36 -92.39
CA ASN L 309 122.14 -50.30 -91.47
C ASN L 309 122.66 -48.87 -91.32
N THR L 310 122.70 -48.11 -92.42
CA THR L 310 123.14 -46.72 -92.35
C THR L 310 122.18 -45.88 -91.53
N SER L 311 120.87 -46.10 -91.68
CA SER L 311 119.89 -45.38 -90.87
C SER L 311 120.04 -45.72 -89.40
N LEU L 312 120.21 -47.01 -89.08
CA LEU L 312 120.34 -47.41 -87.68
C LEU L 312 121.63 -46.89 -87.06
N TYR L 313 122.71 -46.82 -87.83
CA TYR L 313 123.96 -46.28 -87.30
C TYR L 313 123.93 -44.76 -87.18
N PHE L 314 123.19 -44.09 -88.07
CA PHE L 314 123.27 -42.65 -88.20
C PHE L 314 122.23 -41.90 -87.37
N LEU L 315 121.07 -42.50 -87.13
CA LEU L 315 119.99 -41.79 -86.44
C LEU L 315 120.33 -41.36 -85.01
N PRO L 316 120.91 -42.18 -84.12
CA PRO L 316 121.28 -41.64 -82.80
C PRO L 316 122.29 -40.51 -82.86
N HIS L 317 123.27 -40.60 -83.76
CA HIS L 317 124.26 -39.53 -83.88
C HIS L 317 123.62 -38.27 -84.46
N HIS L 318 122.68 -38.44 -85.39
CA HIS L 318 121.93 -37.31 -85.93
C HIS L 318 121.10 -36.63 -84.84
N LEU L 319 120.43 -37.41 -84.00
CA LEU L 319 119.68 -36.82 -82.89
C LEU L 319 120.60 -36.13 -81.89
N GLN L 320 121.79 -36.68 -81.67
CA GLN L 320 122.75 -36.05 -80.77
C GLN L 320 123.24 -34.71 -81.31
N THR L 321 123.48 -34.63 -82.62
CA THR L 321 124.07 -33.42 -83.19
C THR L 321 123.05 -32.37 -83.60
N GLN L 322 121.78 -32.73 -83.79
CA GLN L 322 120.78 -31.79 -84.27
C GLN L 322 119.71 -31.48 -83.24
N PHE L 323 119.05 -32.49 -82.68
CA PHE L 323 117.97 -32.28 -81.74
C PHE L 323 118.46 -32.20 -80.30
N LEU L 324 119.77 -32.28 -80.08
CA LEU L 324 120.40 -32.11 -78.76
C LEU L 324 119.88 -33.14 -77.76
N ILE L 325 120.14 -34.41 -78.08
CA ILE L 325 119.75 -35.53 -77.23
C ILE L 325 121.02 -36.22 -76.74
N THR L 326 120.94 -36.79 -75.54
CA THR L 326 122.03 -37.59 -75.00
C THR L 326 122.23 -38.82 -75.89
N PRO L 327 123.49 -39.18 -76.21
CA PRO L 327 123.73 -40.32 -77.12
C PRO L 327 123.10 -41.63 -76.68
N GLY L 328 123.09 -41.91 -75.36
CA GLY L 328 122.34 -43.06 -74.89
C GLY L 328 120.85 -42.92 -75.11
N ILE L 329 120.31 -41.74 -74.79
CA ILE L 329 118.88 -41.49 -75.01
C ILE L 329 118.56 -41.46 -76.49
N ALA L 330 119.46 -40.91 -77.30
CA ALA L 330 119.26 -40.91 -78.75
C ALA L 330 119.27 -42.33 -79.31
N SER L 331 120.18 -43.18 -78.83
CA SER L 331 120.21 -44.57 -79.24
C SER L 331 118.94 -45.30 -78.83
N LEU L 332 118.45 -45.02 -77.61
CA LEU L 332 117.19 -45.60 -77.16
C LEU L 332 116.03 -45.14 -78.04
N LEU L 333 116.00 -43.87 -78.40
CA LEU L 333 114.92 -43.33 -79.23
C LEU L 333 114.95 -43.93 -80.63
N THR L 334 116.14 -44.13 -81.19
CA THR L 334 116.25 -44.80 -82.48
C THR L 334 115.80 -46.25 -82.39
N GLY L 335 116.34 -46.99 -81.41
CA GLY L 335 116.04 -48.40 -81.32
C GLY L 335 114.58 -48.67 -81.00
N ALA L 336 114.11 -48.25 -79.81
CA ALA L 336 112.77 -48.58 -79.35
C ALA L 336 111.66 -47.98 -80.22
N PHE L 337 111.99 -47.21 -81.24
CA PHE L 337 111.02 -46.71 -82.20
C PHE L 337 111.29 -47.16 -83.63
N VAL L 338 112.36 -47.92 -83.88
CA VAL L 338 112.50 -48.55 -85.19
C VAL L 338 111.73 -49.86 -85.31
N LEU L 339 111.43 -50.54 -84.20
CA LEU L 339 110.65 -51.77 -84.24
C LEU L 339 109.13 -51.63 -84.41
N PRO L 340 108.44 -50.67 -83.75
CA PRO L 340 106.97 -50.59 -83.97
C PRO L 340 106.58 -50.37 -85.41
N GLY L 341 107.40 -49.68 -86.20
CA GLY L 341 107.20 -49.69 -87.64
C GLY L 341 107.60 -51.01 -88.28
N GLY L 342 108.72 -51.58 -87.82
CA GLY L 342 109.31 -52.71 -88.53
C GLY L 342 108.49 -53.98 -88.46
N ILE L 343 107.99 -54.33 -87.26
CA ILE L 343 107.26 -55.59 -87.12
C ILE L 343 105.92 -55.50 -87.84
N ILE L 344 105.26 -54.33 -87.77
CA ILE L 344 104.01 -54.14 -88.50
C ILE L 344 104.25 -54.17 -90.01
N GLY L 345 105.38 -53.61 -90.46
CA GLY L 345 105.71 -53.67 -91.87
C GLY L 345 105.93 -55.09 -92.36
N HIS L 346 106.70 -55.87 -91.59
CA HIS L 346 106.93 -57.26 -91.97
C HIS L 346 105.64 -58.06 -91.96
N PHE L 347 104.80 -57.86 -90.94
CA PHE L 347 103.53 -58.58 -90.84
C PHE L 347 102.61 -58.25 -92.00
N LEU L 348 102.49 -56.97 -92.35
CA LEU L 348 101.57 -56.57 -93.41
C LEU L 348 102.09 -57.00 -94.78
N GLY L 349 103.42 -56.90 -94.98
CA GLY L 349 104.00 -57.35 -96.23
C GLY L 349 103.84 -58.84 -96.44
N GLY L 350 103.96 -59.63 -95.37
CA GLY L 350 103.66 -61.05 -95.49
C GLY L 350 102.18 -61.31 -95.73
N LEU L 351 101.31 -60.62 -94.99
CA LEU L 351 99.89 -60.91 -95.03
C LEU L 351 99.26 -60.53 -96.37
N ILE L 352 99.75 -59.49 -97.03
CA ILE L 352 99.24 -59.13 -98.35
C ILE L 352 99.48 -60.28 -99.33
N VAL L 353 100.71 -60.80 -99.35
CA VAL L 353 101.06 -61.89 -100.26
C VAL L 353 100.27 -63.15 -99.91
N ASP L 354 100.10 -63.42 -98.61
CA ASP L 354 99.42 -64.65 -98.21
C ASP L 354 97.94 -64.60 -98.52
N ARG L 355 97.27 -63.50 -98.20
CA ARG L 355 95.83 -63.40 -98.41
C ARG L 355 95.47 -63.22 -99.87
N LEU L 356 96.25 -62.43 -100.62
CA LEU L 356 95.89 -62.08 -101.97
C LEU L 356 96.42 -63.05 -103.01
N GLU L 357 97.27 -64.01 -102.62
CA GLU L 357 97.92 -64.95 -103.54
C GLU L 357 98.67 -64.21 -104.64
N MET L 358 99.67 -63.45 -104.19
CA MET L 358 100.33 -62.42 -104.98
C MET L 358 101.21 -63.07 -106.05
N THR L 359 101.27 -62.42 -107.22
CA THR L 359 102.02 -62.95 -108.35
C THR L 359 103.30 -62.15 -108.55
N ASN L 360 104.21 -62.73 -109.36
CA ASN L 360 105.58 -62.22 -109.46
C ASN L 360 105.63 -60.85 -110.12
N LYS L 361 104.95 -60.69 -111.26
CA LYS L 361 104.89 -59.38 -111.91
C LYS L 361 104.18 -58.37 -111.03
N ASN L 362 103.08 -58.80 -110.39
CA ASN L 362 102.40 -57.92 -109.45
C ASN L 362 103.25 -57.66 -108.22
N LYS L 363 104.07 -58.63 -107.80
CA LYS L 363 105.00 -58.39 -106.70
C LYS L 363 106.02 -57.30 -107.07
N LEU L 364 106.53 -57.34 -108.31
CA LEU L 364 107.45 -56.31 -108.76
C LEU L 364 106.77 -54.95 -108.82
N LYS L 365 105.53 -54.91 -109.29
CA LYS L 365 104.78 -53.65 -109.32
C LYS L 365 104.55 -53.10 -107.91
N PHE L 366 104.19 -53.97 -106.97
CA PHE L 366 103.99 -53.58 -105.59
C PHE L 366 105.28 -53.06 -104.97
N THR L 367 106.40 -53.74 -105.24
CA THR L 367 107.69 -53.30 -104.72
C THR L 367 108.08 -51.95 -105.30
N LEU L 368 107.83 -51.74 -106.59
CA LEU L 368 108.14 -50.45 -107.21
C LEU L 368 107.30 -49.32 -106.62
N VAL L 369 106.00 -49.58 -106.41
CA VAL L 369 105.12 -48.57 -105.83
C VAL L 369 105.57 -48.23 -104.40
N THR L 370 105.87 -49.25 -103.60
CA THR L 370 106.33 -49.02 -102.23
C THR L 370 107.64 -48.25 -102.20
N THR L 371 108.57 -48.58 -103.10
CA THR L 371 109.84 -47.87 -103.15
C THR L 371 109.65 -46.42 -103.58
N VAL L 372 108.70 -46.16 -104.49
CA VAL L 372 108.43 -44.80 -104.92
C VAL L 372 107.89 -43.97 -103.76
N VAL L 373 106.93 -44.53 -103.01
CA VAL L 373 106.39 -43.77 -101.89
C VAL L 373 107.44 -43.63 -100.77
N SER L 374 108.33 -44.61 -100.62
CA SER L 374 109.42 -44.47 -99.65
C SER L 374 110.39 -43.37 -100.05
N VAL L 375 110.67 -43.26 -101.35
CA VAL L 375 111.50 -42.15 -101.84
C VAL L 375 110.83 -40.82 -101.57
N GLY L 376 109.51 -40.75 -101.79
CA GLY L 376 108.78 -39.52 -101.46
C GLY L 376 108.84 -39.18 -99.98
N LEU L 377 108.73 -40.20 -99.12
CA LEU L 377 108.82 -39.97 -97.67
C LEU L 377 110.22 -39.51 -97.27
N PHE L 378 111.26 -40.06 -97.89
CA PHE L 378 112.62 -39.61 -97.60
C PHE L 378 112.84 -38.18 -98.08
N LEU L 379 112.23 -37.82 -99.21
CA LEU L 379 112.29 -36.44 -99.68
C LEU L 379 111.59 -35.50 -98.71
N LEU L 380 110.45 -35.94 -98.16
CA LEU L 380 109.77 -35.17 -97.12
C LEU L 380 110.64 -35.04 -95.87
N ILE L 381 111.36 -36.10 -95.52
CA ILE L 381 112.27 -36.06 -94.37
C ILE L 381 113.36 -35.02 -94.60
N PHE L 382 113.92 -35.00 -95.81
CA PHE L 382 114.94 -33.99 -96.14
C PHE L 382 114.36 -32.58 -96.11
N PHE L 383 113.12 -32.43 -96.59
CA PHE L 383 112.47 -31.11 -96.56
C PHE L 383 112.27 -30.63 -95.13
N VAL L 384 111.94 -31.55 -94.22
CA VAL L 384 111.83 -31.20 -92.81
C VAL L 384 113.20 -30.85 -92.24
N GLU L 385 114.24 -31.58 -92.65
CA GLU L 385 115.59 -31.34 -92.13
C GLU L 385 116.15 -29.99 -92.54
N CYS L 386 115.58 -29.35 -93.56
CA CYS L 386 116.01 -28.02 -93.96
C CYS L 386 115.59 -26.93 -92.97
N GLN L 387 114.71 -27.24 -92.03
CA GLN L 387 114.29 -26.27 -91.04
C GLN L 387 115.40 -26.00 -90.02
N THR L 388 115.43 -24.78 -89.51
CA THR L 388 116.43 -24.38 -88.53
C THR L 388 116.10 -24.97 -87.16
N THR L 389 117.10 -24.94 -86.28
CA THR L 389 116.96 -25.44 -84.93
C THR L 389 117.91 -24.67 -84.01
N THR L 390 117.80 -24.94 -82.71
CA THR L 390 118.64 -24.27 -81.73
C THR L 390 120.09 -24.72 -81.89
N PHE L 391 121.00 -23.74 -81.93
CA PHE L 391 122.42 -24.00 -82.15
C PHE L 391 123.16 -23.96 -80.81
N ALA L 392 123.95 -24.99 -80.54
CA ALA L 392 124.76 -25.09 -79.34
C ALA L 392 126.24 -25.12 -79.74
N GLY L 393 127.02 -24.23 -79.14
CA GLY L 393 128.44 -24.16 -79.45
C GLY L 393 128.68 -23.60 -80.85
N ILE L 394 129.87 -23.92 -81.39
CA ILE L 394 130.39 -23.53 -82.71
C ILE L 394 130.05 -22.07 -83.03
N ASN L 395 130.30 -21.19 -82.05
CA ASN L 395 129.90 -19.79 -82.14
C ASN L 395 131.04 -18.86 -82.54
N GLU L 396 132.06 -19.38 -83.23
CA GLU L 396 133.21 -18.61 -83.73
C GLU L 396 133.93 -17.92 -82.56
N ASP L 397 134.55 -18.77 -81.73
CA ASP L 397 135.33 -18.42 -80.54
C ASP L 397 134.44 -17.94 -79.40
N TYR L 398 134.95 -18.06 -78.18
CA TYR L 398 134.16 -17.83 -76.96
C TYR L 398 134.01 -16.33 -76.72
N ASP L 399 133.09 -15.73 -77.48
CA ASP L 399 132.66 -14.33 -77.32
C ASP L 399 133.83 -13.35 -77.40
N GLY L 400 134.84 -13.68 -78.20
CA GLY L 400 136.04 -12.87 -78.29
C GLY L 400 137.07 -13.14 -77.21
N TYR L 401 136.71 -13.87 -76.15
CA TYR L 401 137.62 -14.25 -75.08
C TYR L 401 138.19 -15.61 -75.44
N GLY L 402 139.39 -15.60 -76.05
CA GLY L 402 140.02 -16.82 -76.49
C GLY L 402 139.49 -17.28 -77.84
N GLN L 403 140.09 -18.36 -78.33
CA GLN L 403 139.77 -18.95 -79.62
C GLN L 403 139.30 -20.39 -79.42
N LEU L 404 139.07 -21.09 -80.52
CA LEU L 404 138.78 -22.52 -80.47
C LEU L 404 140.06 -23.23 -80.08
N GLY L 405 140.18 -23.54 -78.78
CA GLY L 405 141.41 -24.04 -78.23
C GLY L 405 141.68 -23.45 -76.86
N ASN L 406 140.78 -22.57 -76.42
CA ASN L 406 140.81 -21.99 -75.08
C ASN L 406 140.14 -22.88 -74.04
N LEU L 407 139.79 -24.11 -74.42
CA LEU L 407 139.17 -25.06 -73.49
C LEU L 407 140.12 -25.46 -72.36
N THR L 408 141.43 -25.35 -72.57
CA THR L 408 142.41 -25.71 -71.55
C THR L 408 142.84 -24.46 -70.78
N ALA L 409 141.89 -23.93 -70.00
CA ALA L 409 142.12 -22.74 -69.19
C ALA L 409 142.50 -23.16 -67.77
N ASP L 410 142.58 -22.17 -66.87
CA ASP L 410 142.91 -22.46 -65.48
C ASP L 410 141.81 -23.26 -64.80
N CYS L 411 140.54 -22.95 -65.10
CA CYS L 411 139.40 -23.70 -64.60
C CYS L 411 139.26 -25.08 -65.25
N ASN L 412 139.94 -25.33 -66.36
CA ASN L 412 140.08 -26.70 -66.84
C ASN L 412 141.08 -27.49 -66.00
N GLU L 413 142.19 -26.85 -65.61
CA GLU L 413 143.24 -27.52 -64.87
C GLU L 413 142.87 -27.74 -63.41
N TYR L 414 142.10 -26.81 -62.82
CA TYR L 414 141.79 -26.89 -61.39
C TYR L 414 140.92 -28.09 -61.08
N CYS L 415 139.89 -28.33 -61.89
CA CYS L 415 138.94 -29.41 -61.65
C CYS L 415 139.43 -30.75 -62.20
N ASP L 416 140.57 -30.76 -62.90
CA ASP L 416 141.16 -31.98 -63.49
C ASP L 416 140.18 -32.66 -64.45
N CYS L 417 139.80 -31.92 -65.48
CA CYS L 417 138.85 -32.42 -66.47
C CYS L 417 139.56 -33.05 -67.64
N THR L 418 139.00 -34.14 -68.15
CA THR L 418 139.54 -34.87 -69.30
C THR L 418 138.62 -34.65 -70.49
N THR L 419 139.21 -34.30 -71.63
CA THR L 419 138.46 -33.94 -72.85
C THR L 419 137.78 -35.13 -73.53
N SER L 420 137.76 -36.33 -72.96
CA SER L 420 137.06 -37.45 -73.57
C SER L 420 135.63 -37.60 -73.05
N LEU L 421 135.28 -36.94 -71.95
CA LEU L 421 133.97 -37.06 -71.34
C LEU L 421 133.28 -35.69 -71.21
N TYR L 422 133.63 -34.75 -72.07
CA TYR L 422 133.07 -33.41 -72.00
C TYR L 422 131.63 -33.41 -72.51
N THR L 423 130.73 -32.82 -71.73
CA THR L 423 129.34 -32.62 -72.10
C THR L 423 129.06 -31.13 -72.24
N SER L 424 127.80 -30.80 -72.53
CA SER L 424 127.40 -29.42 -72.79
C SER L 424 126.49 -28.94 -71.66
N ILE L 425 126.94 -27.90 -70.95
CA ILE L 425 126.13 -27.21 -69.96
C ILE L 425 125.46 -26.03 -70.64
N CYS L 426 124.32 -25.60 -70.10
CA CYS L 426 123.53 -24.52 -70.67
C CYS L 426 123.51 -23.35 -69.71
N GLY L 427 124.03 -22.20 -70.16
CA GLY L 427 123.90 -20.98 -69.40
C GLY L 427 122.51 -20.39 -69.48
N ARG L 428 122.18 -19.54 -68.52
CA ARG L 428 120.86 -18.93 -68.49
C ARG L 428 120.70 -17.86 -69.55
N ASP L 429 121.80 -17.40 -70.15
CA ASP L 429 121.78 -16.41 -71.22
C ASP L 429 121.65 -17.05 -72.61
N GLU L 430 121.09 -18.25 -72.69
CA GLU L 430 120.84 -19.04 -73.89
C GLU L 430 122.13 -19.50 -74.58
N LYS L 431 123.29 -19.23 -74.00
CA LYS L 431 124.56 -19.67 -74.58
C LYS L 431 124.94 -21.02 -74.00
N GLU L 432 125.26 -21.97 -74.87
CA GLU L 432 125.68 -23.31 -74.45
C GLU L 432 127.20 -23.38 -74.42
N TYR L 433 127.74 -23.93 -73.34
CA TYR L 433 129.18 -24.10 -73.20
C TYR L 433 129.49 -25.57 -72.96
N PHE L 434 130.38 -26.14 -73.77
CA PHE L 434 130.82 -27.50 -73.52
C PHE L 434 131.71 -27.55 -72.29
N SER L 435 131.92 -28.79 -71.78
CA SER L 435 132.76 -29.06 -70.63
C SER L 435 132.28 -28.30 -69.39
N PRO L 436 131.22 -28.77 -68.73
CA PRO L 436 130.61 -27.99 -67.63
C PRO L 436 131.57 -27.63 -66.51
N CYS L 437 132.60 -28.44 -66.26
CA CYS L 437 133.60 -28.05 -65.26
C CYS L 437 134.48 -26.91 -65.75
N PHE L 438 134.64 -26.77 -67.07
CA PHE L 438 135.38 -25.64 -67.64
C PHE L 438 134.60 -24.34 -67.53
N ALA L 439 133.31 -24.39 -67.18
CA ALA L 439 132.56 -23.17 -66.90
C ALA L 439 132.99 -22.47 -65.61
N GLY L 440 133.98 -23.01 -64.89
CA GLY L 440 134.50 -22.38 -63.70
C GLY L 440 133.86 -22.82 -62.41
N CYS L 441 133.02 -23.85 -62.45
CA CYS L 441 132.24 -24.26 -61.29
C CYS L 441 133.08 -25.17 -60.39
N LYS L 442 133.50 -24.65 -59.25
CA LYS L 442 134.33 -25.39 -58.31
C LYS L 442 133.51 -26.13 -57.25
N ALA L 443 132.20 -25.92 -57.20
CA ALA L 443 131.33 -26.57 -56.23
C ALA L 443 130.24 -27.33 -56.95
N THR L 444 129.96 -28.54 -56.50
CA THR L 444 128.98 -29.44 -57.14
C THR L 444 128.08 -30.05 -56.08
N LYS L 445 126.96 -29.40 -55.80
CA LYS L 445 125.90 -29.97 -54.98
C LYS L 445 124.82 -30.51 -55.90
N VAL L 446 124.40 -31.75 -55.66
CA VAL L 446 123.45 -32.42 -56.54
C VAL L 446 122.17 -32.71 -55.77
N SER L 447 121.08 -32.84 -56.51
CA SER L 447 119.77 -33.18 -55.97
C SER L 447 119.40 -34.59 -56.40
N GLN L 448 118.17 -35.01 -56.08
CA GLN L 448 117.74 -36.37 -56.38
C GLN L 448 117.42 -36.57 -57.85
N THR L 449 116.94 -35.53 -58.54
CA THR L 449 116.43 -35.67 -59.90
C THR L 449 117.13 -34.80 -60.94
N GLU L 450 118.15 -34.03 -60.54
CA GLU L 450 118.79 -33.14 -61.50
C GLU L 450 120.22 -32.84 -61.05
N LYS L 451 121.13 -32.78 -62.02
CA LYS L 451 122.51 -32.40 -61.79
C LYS L 451 122.68 -30.91 -62.05
N THR L 452 123.51 -30.26 -61.23
CA THR L 452 123.75 -28.83 -61.36
C THR L 452 125.12 -28.49 -60.81
N TYR L 453 125.62 -27.32 -61.22
CA TYR L 453 126.96 -26.86 -60.89
C TYR L 453 126.87 -25.51 -60.19
N TYR L 454 127.68 -25.32 -59.16
CA TYR L 454 127.67 -24.11 -58.35
C TYR L 454 128.99 -23.37 -58.46
N ASN L 455 128.92 -22.05 -58.29
CA ASN L 455 130.09 -21.16 -58.21
C ASN L 455 130.94 -21.22 -59.47
N CYS L 456 130.33 -20.84 -60.58
CA CYS L 456 131.00 -20.87 -61.88
C CYS L 456 131.66 -19.52 -62.15
N SER L 457 132.98 -19.54 -62.37
CA SER L 457 133.77 -18.33 -62.52
C SER L 457 134.28 -18.09 -63.92
N CYS L 458 134.46 -19.14 -64.73
CA CYS L 458 134.89 -18.98 -66.12
C CYS L 458 133.73 -18.64 -67.05
N ILE L 459 132.50 -18.62 -66.53
CA ILE L 459 131.30 -18.33 -67.29
C ILE L 459 131.23 -16.83 -67.60
N LYS L 460 130.34 -16.44 -68.51
CA LYS L 460 130.15 -15.05 -68.90
C LYS L 460 129.34 -14.33 -67.82
N GLU L 461 128.85 -13.13 -68.11
CA GLU L 461 128.06 -12.38 -67.14
C GLU L 461 126.78 -13.14 -66.78
N GLY L 462 126.01 -13.52 -67.80
CA GLY L 462 124.89 -14.44 -67.72
C GLY L 462 123.95 -14.32 -66.53
N LEU L 463 123.50 -15.47 -66.02
CA LEU L 463 122.67 -15.58 -64.82
C LEU L 463 121.40 -14.72 -64.93
N ALA L 464 120.64 -14.99 -65.99
CA ALA L 464 119.48 -14.15 -66.28
C ALA L 464 118.35 -14.38 -65.28
N ALA L 465 117.79 -15.59 -65.26
CA ALA L 465 116.72 -15.91 -64.31
C ALA L 465 117.12 -17.00 -63.33
N SER L 466 117.47 -18.19 -63.81
CA SER L 466 117.78 -19.38 -63.01
C SER L 466 116.65 -19.74 -62.05
N ASP L 467 116.91 -20.73 -61.18
CA ASP L 467 115.96 -21.11 -60.13
C ASP L 467 116.64 -22.02 -59.11
N ASP L 468 116.53 -21.68 -57.83
CA ASP L 468 117.07 -22.50 -56.76
C ASP L 468 116.39 -22.11 -55.45
N GLU L 469 116.49 -22.99 -54.47
CA GLU L 469 115.79 -22.83 -53.19
C GLU L 469 116.74 -22.62 -52.02
N GLY L 470 117.67 -23.55 -51.78
CA GLY L 470 118.56 -23.43 -50.65
C GLY L 470 119.76 -22.54 -50.90
N GLN L 471 120.12 -22.32 -52.16
CA GLN L 471 121.25 -21.49 -52.54
C GLN L 471 120.94 -20.80 -53.85
N PHE L 472 121.96 -20.30 -54.55
CA PHE L 472 121.76 -19.77 -55.89
C PHE L 472 123.01 -19.90 -56.74
N ILE L 473 122.97 -19.31 -57.94
CA ILE L 473 123.99 -19.49 -58.98
C ILE L 473 124.23 -20.97 -59.21
N ASP L 474 123.23 -21.66 -59.76
CA ASP L 474 123.30 -23.08 -60.05
C ASP L 474 122.97 -23.30 -61.53
N ALA L 475 124.01 -23.59 -62.30
CA ALA L 475 123.83 -23.89 -63.71
C ALA L 475 123.37 -25.34 -63.87
N ILE L 476 122.25 -25.52 -64.57
CA ILE L 476 121.66 -26.85 -64.75
C ILE L 476 122.50 -27.62 -65.77
N ALA L 477 122.60 -28.93 -65.55
CA ALA L 477 123.41 -29.78 -66.41
C ALA L 477 122.59 -30.30 -67.59
N GLY L 478 123.31 -30.69 -68.64
CA GLY L 478 122.69 -31.19 -69.84
C GLY L 478 122.35 -30.08 -70.82
N THR L 479 122.15 -30.49 -72.08
CA THR L 479 121.86 -29.54 -73.14
C THR L 479 120.43 -29.03 -73.02
N CYS L 480 120.26 -27.71 -73.07
CA CYS L 480 118.93 -27.11 -73.01
C CYS L 480 118.38 -26.93 -74.41
N ASP L 481 117.07 -27.12 -74.55
CA ASP L 481 116.39 -27.04 -75.83
C ASP L 481 115.12 -26.22 -75.69
N SER L 482 114.99 -25.18 -76.51
CA SER L 482 113.80 -24.37 -76.54
C SER L 482 112.90 -24.64 -77.75
N ASP L 483 113.49 -24.99 -78.90
CA ASP L 483 112.75 -25.42 -80.08
C ASP L 483 113.31 -26.77 -80.50
N CYS L 484 112.81 -27.83 -79.86
CA CYS L 484 113.22 -29.20 -80.15
C CYS L 484 112.05 -30.03 -80.66
N LEU L 485 110.99 -29.38 -81.12
CA LEU L 485 109.70 -30.02 -81.23
C LEU L 485 109.46 -30.57 -82.64
N LYS L 486 110.48 -30.51 -83.51
CA LYS L 486 110.43 -31.21 -84.79
C LYS L 486 110.61 -32.72 -84.61
N LEU L 487 111.03 -33.15 -83.42
CA LEU L 487 111.26 -34.58 -83.18
C LEU L 487 110.04 -35.47 -83.39
N PRO L 488 108.82 -35.13 -82.93
CA PRO L 488 107.67 -36.00 -83.26
C PRO L 488 107.38 -36.11 -84.74
N LEU L 489 107.51 -35.02 -85.50
CA LEU L 489 107.32 -35.11 -86.96
C LEU L 489 108.39 -35.98 -87.60
N PHE L 490 109.65 -35.80 -87.18
CA PHE L 490 110.73 -36.61 -87.73
C PHE L 490 110.55 -38.08 -87.37
N PHE L 491 110.06 -38.36 -86.16
CA PHE L 491 109.83 -39.74 -85.74
C PHE L 491 108.65 -40.37 -86.47
N ALA L 492 107.61 -39.59 -86.76
CA ALA L 492 106.48 -40.11 -87.54
C ALA L 492 106.91 -40.41 -88.97
N PHE L 493 107.71 -39.52 -89.57
CA PHE L 493 108.18 -39.78 -90.92
C PHE L 493 109.16 -40.95 -90.95
N TYR L 494 109.96 -41.13 -89.88
CA TYR L 494 110.79 -42.32 -89.79
C TYR L 494 109.96 -43.58 -89.57
N PHE L 495 108.84 -43.46 -88.84
CA PHE L 495 107.88 -44.56 -88.74
C PHE L 495 107.42 -44.99 -90.11
N SER L 496 107.00 -44.02 -90.94
CA SER L 496 106.54 -44.33 -92.28
C SER L 496 107.66 -44.92 -93.14
N ALA L 497 108.87 -44.37 -93.02
CA ALA L 497 110.01 -44.86 -93.79
C ALA L 497 110.34 -46.31 -93.43
N THR L 498 110.35 -46.63 -92.13
CA THR L 498 110.61 -48.00 -91.70
C THR L 498 109.49 -48.94 -92.12
N VAL L 499 108.24 -48.46 -92.04
CA VAL L 499 107.09 -49.26 -92.44
C VAL L 499 107.19 -49.64 -93.91
N PHE L 500 107.53 -48.67 -94.77
CA PHE L 500 107.62 -48.98 -96.19
C PHE L 500 108.93 -49.65 -96.57
N SER L 501 109.96 -49.53 -95.73
CA SER L 501 111.17 -50.32 -95.96
C SER L 501 110.94 -51.79 -95.64
N ASN L 502 110.09 -52.09 -94.66
CA ASN L 502 109.78 -53.47 -94.33
C ASN L 502 108.81 -54.11 -95.31
N MET L 503 108.12 -53.33 -96.14
CA MET L 503 107.30 -53.91 -97.20
C MET L 503 108.12 -54.47 -98.36
N CYS L 504 109.41 -54.18 -98.43
CA CYS L 504 110.17 -54.47 -99.64
C CYS L 504 110.79 -55.86 -99.67
N SER L 505 111.31 -56.35 -98.54
CA SER L 505 112.08 -57.59 -98.54
C SER L 505 111.20 -58.83 -98.65
N ILE L 506 109.98 -58.78 -98.11
CA ILE L 506 109.11 -59.96 -98.14
C ILE L 506 108.73 -60.39 -99.56
N PRO L 507 108.26 -59.50 -100.45
CA PRO L 507 108.02 -59.95 -101.84
C PRO L 507 109.28 -60.39 -102.56
N VAL L 508 110.44 -59.82 -102.23
CA VAL L 508 111.68 -60.25 -102.84
C VAL L 508 112.00 -61.69 -102.45
N ILE L 509 111.88 -62.01 -101.17
CA ILE L 509 112.13 -63.38 -100.71
C ILE L 509 111.08 -64.34 -101.26
N SER L 510 109.83 -63.88 -101.40
CA SER L 510 108.81 -64.71 -102.04
C SER L 510 109.12 -64.97 -103.51
N ILE L 511 109.66 -63.97 -104.20
CA ILE L 511 110.07 -64.13 -105.60
C ILE L 511 111.23 -65.11 -105.71
N ILE L 512 112.11 -65.12 -104.70
CA ILE L 512 113.26 -66.04 -104.69
C ILE L 512 112.80 -67.49 -104.78
N LEU L 513 111.72 -67.84 -104.07
CA LEU L 513 111.22 -69.21 -104.09
C LEU L 513 110.68 -69.62 -105.44
N GLN L 514 110.12 -68.68 -106.21
CA GLN L 514 109.38 -69.04 -107.42
C GLN L 514 110.31 -69.55 -108.52
N SER L 515 111.49 -68.95 -108.66
CA SER L 515 112.37 -69.21 -109.80
C SER L 515 113.32 -70.38 -109.56
N VAL L 516 113.23 -71.06 -108.42
CA VAL L 516 114.13 -72.16 -108.09
C VAL L 516 113.31 -73.42 -107.83
N PRO L 517 113.72 -74.57 -108.35
CA PRO L 517 113.02 -75.82 -108.04
C PRO L 517 113.13 -76.19 -106.56
N ALA L 518 112.27 -77.12 -106.14
CA ALA L 518 112.15 -77.47 -104.73
C ALA L 518 113.42 -78.11 -104.18
N ASN L 519 114.09 -78.94 -104.97
CA ASN L 519 115.29 -79.62 -104.48
C ASN L 519 116.47 -78.67 -104.36
N PHE L 520 116.54 -77.65 -105.21
CA PHE L 520 117.67 -76.72 -105.24
C PHE L 520 117.43 -75.47 -104.40
N THR L 521 116.33 -75.43 -103.63
CA THR L 521 116.00 -74.24 -102.84
C THR L 521 116.92 -74.07 -101.63
N SER L 522 117.70 -75.09 -101.28
CA SER L 522 118.58 -75.00 -100.12
C SER L 522 119.66 -73.93 -100.31
N LEU L 523 120.26 -73.89 -101.50
CA LEU L 523 121.33 -72.94 -101.77
C LEU L 523 120.82 -71.53 -102.05
N SER L 524 119.53 -71.39 -102.41
CA SER L 524 119.02 -70.13 -102.95
C SER L 524 119.17 -68.99 -101.95
N LEU L 525 118.90 -69.25 -100.67
CA LEU L 525 119.16 -68.25 -99.64
C LEU L 525 120.66 -67.99 -99.51
N GLY L 526 121.45 -69.06 -99.41
CA GLY L 526 122.86 -68.91 -99.12
C GLY L 526 123.61 -68.16 -100.22
N VAL L 527 123.28 -68.45 -101.47
CA VAL L 527 123.84 -67.71 -102.59
C VAL L 527 123.53 -66.22 -102.46
N THR L 528 122.29 -65.90 -102.07
CA THR L 528 121.96 -64.52 -101.74
C THR L 528 122.68 -64.09 -100.47
N TYR L 529 122.75 -64.98 -99.47
CA TYR L 529 123.27 -64.61 -98.17
C TYR L 529 124.77 -64.35 -98.20
N ALA L 530 125.50 -65.00 -99.12
CA ALA L 530 126.91 -64.69 -99.30
C ALA L 530 127.11 -63.26 -99.77
N ILE L 531 126.12 -62.69 -100.46
CA ILE L 531 126.17 -61.27 -100.84
C ILE L 531 125.70 -60.37 -99.73
N VAL L 532 125.07 -60.91 -98.69
CA VAL L 532 124.53 -60.10 -97.61
C VAL L 532 125.66 -59.50 -96.78
N LYS L 533 126.66 -60.30 -96.42
CA LYS L 533 127.68 -59.88 -95.47
C LYS L 533 128.99 -59.46 -96.13
N PHE L 534 129.27 -59.91 -97.35
CA PHE L 534 130.56 -59.64 -97.98
C PHE L 534 130.53 -58.41 -98.88
N VAL L 535 129.67 -58.40 -99.89
CA VAL L 535 129.63 -57.28 -100.82
C VAL L 535 128.99 -56.06 -100.16
N ALA L 536 128.09 -56.27 -99.19
CA ALA L 536 127.36 -55.17 -98.58
C ALA L 536 127.99 -54.72 -97.26
N SER L 537 128.16 -55.64 -96.32
CA SER L 537 128.51 -55.26 -94.96
C SER L 537 130.01 -55.02 -94.75
N VAL L 538 130.86 -55.49 -95.65
CA VAL L 538 132.30 -55.29 -95.50
C VAL L 538 132.73 -53.89 -95.98
N PRO L 539 132.38 -53.41 -97.18
CA PRO L 539 132.86 -52.07 -97.56
C PRO L 539 132.01 -50.93 -97.00
N ALA L 540 130.87 -51.23 -96.37
CA ALA L 540 130.02 -50.17 -95.83
C ALA L 540 130.68 -49.36 -94.71
N PRO L 541 131.28 -49.96 -93.66
CA PRO L 541 131.84 -49.13 -92.59
C PRO L 541 132.97 -48.21 -93.03
N LEU L 542 133.76 -48.60 -94.04
CA LEU L 542 134.78 -47.69 -94.55
C LEU L 542 134.16 -46.44 -95.17
N LEU L 543 133.10 -46.63 -95.96
CA LEU L 543 132.40 -45.48 -96.53
C LEU L 543 131.73 -44.65 -95.44
N PHE L 544 131.19 -45.29 -94.40
CA PHE L 544 130.58 -44.57 -93.29
C PHE L 544 131.62 -43.71 -92.57
N ARG L 545 132.80 -44.27 -92.32
CA ARG L 545 133.87 -43.52 -91.66
C ARG L 545 134.36 -42.39 -92.55
N LEU L 546 134.46 -42.61 -93.86
CA LEU L 546 134.87 -41.55 -94.77
C LEU L 546 133.87 -40.40 -94.77
N SER L 547 132.57 -40.72 -94.83
CA SER L 547 131.54 -39.69 -94.78
C SER L 547 131.53 -38.96 -93.44
N SER L 548 131.70 -39.68 -92.34
CA SER L 548 131.72 -39.05 -91.02
C SER L 548 132.92 -38.13 -90.88
N ALA L 549 134.10 -38.58 -91.30
CA ALA L 549 135.29 -37.74 -91.25
C ALA L 549 135.20 -36.55 -92.19
N ILE L 550 134.47 -36.67 -93.30
CA ILE L 550 134.15 -35.50 -94.10
C ILE L 550 133.29 -34.54 -93.31
N ALA L 551 132.28 -35.05 -92.60
CA ALA L 551 131.44 -34.21 -91.77
C ALA L 551 132.12 -33.81 -90.45
N CYS L 552 132.90 -34.70 -89.85
CA CYS L 552 133.61 -34.40 -88.61
C CYS L 552 135.03 -33.92 -88.91
N ILE L 553 135.12 -32.71 -89.49
CA ILE L 553 136.42 -32.13 -89.80
C ILE L 553 137.15 -31.72 -88.53
N TYR L 554 136.44 -31.10 -87.58
CA TYR L 554 137.06 -30.48 -86.42
C TYR L 554 137.27 -31.52 -85.31
N TRP L 555 138.21 -32.42 -85.57
CA TRP L 555 138.61 -33.38 -84.56
C TRP L 555 139.39 -32.68 -83.44
N ASP L 556 139.32 -33.26 -82.24
CA ASP L 556 140.03 -32.72 -81.08
C ASP L 556 141.50 -33.13 -81.20
N ASN L 557 142.25 -32.32 -81.96
CA ASN L 557 143.66 -32.58 -82.19
C ASN L 557 144.53 -32.27 -80.97
N ASN L 558 143.98 -31.61 -79.95
CA ASN L 558 144.78 -31.23 -78.79
C ASN L 558 145.14 -32.43 -77.93
N ARG L 559 144.19 -33.33 -77.68
CA ARG L 559 144.41 -34.46 -76.79
C ARG L 559 144.13 -35.81 -77.44
N CYS L 560 143.06 -35.92 -78.24
CA CYS L 560 142.68 -37.22 -78.79
C CYS L 560 143.71 -37.74 -79.78
N GLY L 561 144.21 -36.88 -80.67
CA GLY L 561 145.23 -37.29 -81.61
C GLY L 561 144.68 -37.87 -82.89
N GLY L 562 144.64 -39.19 -82.98
CA GLY L 562 144.23 -39.87 -84.20
C GLY L 562 142.74 -40.01 -84.40
N LYS L 563 142.02 -38.89 -84.29
CA LYS L 563 140.58 -38.81 -84.58
C LYS L 563 139.77 -39.78 -83.71
N GLU L 564 139.82 -39.53 -82.40
CA GLU L 564 139.09 -40.37 -81.45
C GLU L 564 137.79 -39.73 -80.96
N ARG L 565 137.69 -38.41 -80.96
CA ARG L 565 136.49 -37.74 -80.48
C ARG L 565 136.41 -36.35 -81.09
N CYS L 566 135.38 -36.09 -81.88
CA CYS L 566 135.11 -34.77 -82.44
C CYS L 566 134.09 -34.04 -81.58
N TRP L 567 133.93 -32.75 -81.86
CA TRP L 567 132.99 -31.93 -81.12
C TRP L 567 132.02 -31.20 -82.04
N ILE L 568 132.46 -30.89 -83.26
CA ILE L 568 131.62 -30.18 -84.21
C ILE L 568 131.21 -31.12 -85.33
N TYR L 569 130.00 -31.66 -85.24
CA TYR L 569 129.42 -32.51 -86.27
C TYR L 569 128.58 -31.62 -87.18
N ASN L 570 129.09 -31.33 -88.37
CA ASN L 570 128.50 -30.33 -89.26
C ASN L 570 127.13 -30.80 -89.74
N LYS L 571 126.08 -30.16 -89.22
CA LYS L 571 124.71 -30.66 -89.40
C LYS L 571 124.28 -30.64 -90.86
N ASN L 572 124.49 -29.52 -91.55
CA ASN L 572 124.10 -29.43 -92.95
C ASN L 572 124.88 -30.41 -93.81
N ILE L 573 126.19 -30.53 -93.56
CA ILE L 573 127.03 -31.42 -94.35
C ILE L 573 126.60 -32.88 -94.16
N LEU L 574 126.40 -33.30 -92.91
CA LEU L 574 125.99 -34.68 -92.65
C LEU L 574 124.61 -34.97 -93.23
N VAL L 575 123.67 -34.02 -93.08
CA VAL L 575 122.32 -34.23 -93.58
C VAL L 575 122.33 -34.37 -95.10
N TYR L 576 123.05 -33.47 -95.79
CA TYR L 576 123.11 -33.52 -97.24
C TYR L 576 123.80 -34.78 -97.73
N GLU L 577 124.93 -35.15 -97.13
CA GLU L 577 125.66 -36.33 -97.57
C GLU L 577 124.87 -37.61 -97.35
N PHE L 578 124.25 -37.75 -96.17
CA PHE L 578 123.51 -38.97 -95.89
C PHE L 578 122.21 -39.05 -96.68
N MET L 579 121.54 -37.92 -96.91
CA MET L 579 120.36 -37.95 -97.77
C MET L 579 120.75 -38.28 -99.21
N GLY L 580 121.91 -37.79 -99.67
CA GLY L 580 122.36 -38.15 -101.00
C GLY L 580 122.70 -39.62 -101.13
N ILE L 581 123.33 -40.19 -100.10
CA ILE L 581 123.67 -41.62 -100.12
C ILE L 581 122.40 -42.46 -100.13
N TRP L 582 121.44 -42.12 -99.26
CA TRP L 582 120.20 -42.88 -99.18
C TRP L 582 119.38 -42.74 -100.46
N MET L 583 119.35 -41.53 -101.04
CA MET L 583 118.64 -41.31 -102.28
C MET L 583 119.28 -42.07 -103.44
N SER L 584 120.62 -42.13 -103.46
CA SER L 584 121.31 -42.91 -104.48
C SER L 584 120.99 -44.40 -104.36
N SER L 585 120.98 -44.92 -103.12
CA SER L 585 120.64 -46.32 -102.92
C SER L 585 119.20 -46.62 -103.34
N GLN L 586 118.27 -45.73 -102.96
CA GLN L 586 116.87 -45.93 -103.31
C GLN L 586 116.66 -45.83 -104.82
N LEU L 587 117.37 -44.91 -105.49
CA LEU L 587 117.25 -44.79 -106.94
C LEU L 587 117.90 -45.98 -107.65
N ILE L 588 118.96 -46.55 -107.07
CA ILE L 588 119.51 -47.79 -107.60
C ILE L 588 118.49 -48.92 -107.51
N ILE L 589 117.79 -49.00 -106.38
CA ILE L 589 116.71 -49.97 -106.23
C ILE L 589 115.62 -49.75 -107.25
N VAL L 590 115.25 -48.48 -107.47
CA VAL L 590 114.18 -48.14 -108.42
C VAL L 590 114.57 -48.53 -109.84
N LEU L 591 115.81 -48.21 -110.24
CA LEU L 591 116.28 -48.55 -111.58
C LEU L 591 116.38 -50.06 -111.76
N LEU L 592 116.84 -50.77 -110.73
CA LEU L 592 116.90 -52.23 -110.82
C LEU L 592 115.51 -52.82 -110.95
N ASN L 593 114.52 -52.27 -110.23
CA ASN L 593 113.16 -52.77 -110.34
C ASN L 593 112.56 -52.46 -111.71
N ILE L 594 112.86 -51.28 -112.27
CA ILE L 594 112.33 -50.94 -113.58
C ILE L 594 113.00 -51.76 -114.68
N TYR L 595 114.23 -52.24 -114.44
CA TYR L 595 114.83 -53.19 -115.37
C TYR L 595 114.21 -54.58 -115.20
N ALA L 596 113.99 -54.99 -113.95
CA ALA L 596 113.48 -56.32 -113.66
C ALA L 596 112.05 -56.51 -114.11
N ILE L 597 111.26 -55.43 -114.15
CA ILE L 597 109.89 -55.54 -114.64
C ILE L 597 109.89 -55.98 -116.10
N GLN L 598 110.67 -55.28 -116.93
CA GLN L 598 110.77 -55.65 -118.34
C GLN L 598 111.43 -57.00 -118.52
N ILE L 599 112.44 -57.32 -117.70
CA ILE L 599 113.14 -58.59 -117.83
C ILE L 599 112.20 -59.75 -117.51
N HIS L 600 111.45 -59.65 -116.41
CA HIS L 600 110.51 -60.70 -116.02
C HIS L 600 109.36 -60.80 -117.00
N ASP L 601 108.91 -59.67 -117.54
CA ASP L 601 107.86 -59.72 -118.57
C ASP L 601 108.35 -60.43 -119.84
N VAL L 602 109.60 -60.16 -120.23
CA VAL L 602 110.17 -60.82 -121.40
C VAL L 602 110.30 -62.32 -121.16
N VAL L 603 110.78 -62.71 -119.98
CA VAL L 603 110.94 -64.13 -119.65
C VAL L 603 109.58 -64.83 -119.61
N VAL L 604 108.58 -64.18 -119.00
CA VAL L 604 107.25 -64.78 -118.91
C VAL L 604 106.62 -64.91 -120.28
N HIS L 605 106.78 -63.90 -121.14
CA HIS L 605 106.24 -63.99 -122.50
C HIS L 605 106.95 -65.06 -123.31
N GLY L 606 108.26 -65.22 -123.11
CA GLY L 606 108.98 -66.28 -123.79
C GLY L 606 108.55 -67.66 -123.33
N GLU L 607 108.27 -67.81 -122.03
CA GLU L 607 107.79 -69.08 -121.51
C GLU L 607 106.31 -69.32 -121.77
N ILE L 608 105.57 -68.30 -122.21
CA ILE L 608 104.15 -68.43 -122.50
C ILE L 608 103.89 -68.48 -124.00
N THR L 609 104.45 -67.53 -124.74
CA THR L 609 104.30 -67.31 -126.20
C THR L 609 102.88 -67.63 -126.68
N GLU L 610 101.92 -66.96 -126.08
CA GLU L 610 100.51 -67.14 -126.43
C GLU L 610 100.21 -66.56 -127.79
N MET M 1 -26.73 -36.68 -56.08
CA MET M 1 -26.90 -37.94 -55.37
C MET M 1 -27.51 -37.69 -54.02
N ARG M 2 -27.48 -38.70 -53.16
CA ARG M 2 -27.97 -38.51 -51.84
C ARG M 2 -27.00 -37.56 -51.27
N TRP M 3 -27.27 -36.27 -51.35
CA TRP M 3 -26.42 -35.33 -50.70
C TRP M 3 -26.41 -36.00 -49.41
N ARG M 4 -27.60 -36.40 -48.99
CA ARG M 4 -27.69 -37.17 -47.79
C ARG M 4 -26.45 -38.00 -47.67
N ASP M 5 -26.36 -39.02 -48.50
CA ASP M 5 -25.23 -39.90 -48.35
C ASP M 5 -23.94 -39.18 -48.68
N ARG M 6 -24.05 -38.08 -49.40
CA ARG M 6 -22.83 -37.43 -49.75
C ARG M 6 -22.34 -37.04 -48.40
N ILE M 7 -23.21 -36.35 -47.69
CA ILE M 7 -22.83 -35.92 -46.37
C ILE M 7 -22.77 -37.12 -45.50
N ALA M 8 -23.07 -38.26 -46.08
CA ALA M 8 -22.98 -39.44 -45.28
C ALA M 8 -21.55 -39.64 -44.84
N VAL M 9 -20.73 -40.28 -45.64
CA VAL M 9 -19.45 -40.57 -45.05
C VAL M 9 -18.27 -41.05 -45.81
N LEU M 10 -17.42 -41.76 -45.08
CA LEU M 10 -16.23 -42.31 -45.68
C LEU M 10 -15.32 -41.14 -45.97
N CYS M 11 -15.92 -40.02 -46.34
CA CYS M 11 -15.16 -38.83 -46.63
C CYS M 11 -16.13 -37.72 -46.98
N PHE M 12 -16.36 -37.50 -48.28
CA PHE M 12 -17.24 -36.42 -48.72
C PHE M 12 -17.02 -36.10 -50.18
N PRO M 13 -17.91 -35.30 -50.78
CA PRO M 13 -17.79 -34.89 -52.18
C PRO M 13 -16.48 -34.14 -52.50
N PRO M 14 -16.38 -33.52 -53.69
CA PRO M 14 -15.12 -32.86 -54.06
C PRO M 14 -14.94 -31.53 -53.38
N GLY M 15 -13.72 -31.18 -53.02
CA GLY M 15 -13.44 -29.90 -52.42
C GLY M 15 -14.43 -29.40 -51.40
N LEU M 16 -15.45 -28.69 -51.86
CA LEU M 16 -16.41 -28.09 -50.96
C LEU M 16 -15.82 -27.91 -49.59
N MET M 17 -16.09 -28.84 -48.69
CA MET M 17 -15.61 -28.76 -47.31
C MET M 17 -14.32 -27.97 -47.23
N LEU M 18 -13.43 -28.13 -48.20
CA LEU M 18 -12.16 -27.43 -48.16
C LEU M 18 -12.35 -25.93 -48.38
N THR M 19 -13.40 -25.56 -49.11
CA THR M 19 -13.81 -24.17 -49.25
C THR M 19 -14.45 -23.60 -47.99
N VAL M 20 -15.37 -24.35 -47.37
CA VAL M 20 -16.02 -23.87 -46.15
C VAL M 20 -15.08 -23.83 -44.96
N ALA M 21 -13.95 -24.54 -45.02
CA ALA M 21 -12.91 -24.34 -44.00
C ALA M 21 -12.38 -22.92 -44.02
N ALA M 22 -12.07 -22.27 -45.12
CA ALA M 22 -11.68 -20.88 -45.25
C ALA M 22 -12.69 -19.95 -44.60
N LEU M 23 -13.97 -20.32 -44.66
CA LEU M 23 -15.02 -19.56 -43.97
C LEU M 23 -14.79 -19.51 -42.46
N ILE M 24 -14.58 -20.68 -41.84
CA ILE M 24 -14.42 -20.72 -40.38
C ILE M 24 -13.08 -20.12 -39.97
N LEU M 25 -11.92 -20.24 -40.88
CA LEU M 25 -10.69 -19.45 -40.73
C LEU M 25 -10.99 -17.96 -40.77
N PHE M 26 -11.88 -17.53 -41.66
CA PHE M 26 -12.28 -16.13 -41.70
C PHE M 26 -12.98 -15.74 -40.41
N PHE M 27 -13.82 -16.63 -39.87
CA PHE M 27 -14.53 -16.35 -38.63
C PHE M 27 -13.53 -16.11 -37.48
N ILE M 28 -12.60 -17.04 -37.30
CA ILE M 28 -11.68 -16.93 -36.17
C ILE M 28 -10.70 -15.76 -36.36
N HIS M 29 -10.26 -15.50 -37.59
CA HIS M 29 -9.35 -14.39 -37.82
C HIS M 29 -10.07 -13.05 -37.68
N MET M 30 -11.35 -12.98 -38.05
CA MET M 30 -12.13 -11.78 -37.80
C MET M 30 -12.30 -11.54 -36.31
N GLY M 31 -12.53 -12.61 -35.54
CA GLY M 31 -12.62 -12.46 -34.10
C GLY M 31 -11.33 -11.95 -33.48
N VAL M 32 -10.20 -12.50 -33.93
CA VAL M 32 -8.91 -12.05 -33.43
C VAL M 32 -8.63 -10.60 -33.82
N PHE M 33 -8.97 -10.22 -35.05
CA PHE M 33 -8.83 -8.83 -35.49
C PHE M 33 -9.68 -7.89 -34.65
N ALA M 34 -10.91 -8.31 -34.35
CA ALA M 34 -11.79 -7.49 -33.52
C ALA M 34 -11.22 -7.33 -32.11
N SER M 35 -10.69 -8.41 -31.53
CA SER M 35 -10.07 -8.31 -30.21
C SER M 35 -8.85 -7.38 -30.24
N ASP M 36 -8.05 -7.48 -31.30
CA ASP M 36 -6.87 -6.61 -31.44
C ASP M 36 -7.28 -5.14 -31.50
N VAL M 37 -8.27 -4.83 -32.33
CA VAL M 37 -8.71 -3.44 -32.46
C VAL M 37 -9.31 -2.95 -31.14
N HIS M 38 -10.11 -3.80 -30.48
CA HIS M 38 -10.74 -3.43 -29.23
C HIS M 38 -9.72 -3.14 -28.15
N ASN M 39 -8.66 -3.95 -28.08
CA ASN M 39 -7.62 -3.70 -27.10
C ASN M 39 -6.73 -2.53 -27.49
N PHE M 40 -6.65 -2.19 -28.77
CA PHE M 40 -5.86 -1.03 -29.17
C PHE M 40 -6.58 0.27 -28.86
N CYS M 41 -7.91 0.29 -28.97
CA CYS M 41 -8.61 1.57 -28.91
C CYS M 41 -8.86 2.04 -27.48
N VAL M 42 -9.59 1.26 -26.68
CA VAL M 42 -10.11 1.81 -25.43
C VAL M 42 -9.44 1.25 -24.18
N ILE M 43 -9.41 -0.09 -24.04
CA ILE M 43 -9.09 -0.68 -22.73
C ILE M 43 -7.62 -0.50 -22.40
N HIS M 44 -6.76 -0.50 -23.42
CA HIS M 44 -5.32 -0.27 -23.28
C HIS M 44 -4.71 -1.30 -22.35
N ASN M 45 -4.72 -2.56 -22.78
CA ASN M 45 -4.32 -3.67 -21.91
C ASN M 45 -3.29 -4.45 -22.73
N TYR M 46 -2.22 -3.75 -23.13
CA TYR M 46 -1.18 -4.31 -23.99
C TYR M 46 -0.54 -5.56 -23.41
N ASP M 47 -0.77 -5.82 -22.11
CA ASP M 47 -0.29 -7.04 -21.49
C ASP M 47 -0.88 -8.29 -22.16
N HIS M 48 -2.16 -8.25 -22.50
CA HIS M 48 -2.85 -9.41 -23.06
C HIS M 48 -3.28 -9.21 -24.51
N MET M 49 -2.78 -8.17 -25.19
CA MET M 49 -3.01 -8.05 -26.62
C MET M 49 -2.17 -9.10 -27.34
N SER M 50 -2.59 -9.46 -28.56
CA SER M 50 -1.85 -10.48 -29.31
C SER M 50 -0.55 -9.93 -29.89
N PHE M 51 0.33 -9.44 -29.02
CA PHE M 51 1.71 -9.16 -29.41
C PHE M 51 2.55 -10.41 -29.46
N ARG M 52 2.11 -11.48 -28.81
CA ARG M 52 2.94 -12.66 -28.57
C ARG M 52 2.87 -13.67 -29.71
N TYR M 53 1.67 -13.93 -30.24
CA TYR M 53 1.51 -14.80 -31.40
C TYR M 53 1.46 -13.89 -32.63
N THR M 54 2.59 -13.78 -33.31
CA THR M 54 2.75 -12.83 -34.40
C THR M 54 2.96 -13.51 -35.75
N VAL M 55 3.89 -14.45 -35.85
CA VAL M 55 4.18 -15.05 -37.15
C VAL M 55 3.33 -16.29 -37.40
N VAL M 56 2.87 -16.96 -36.35
CA VAL M 56 2.15 -18.22 -36.56
C VAL M 56 0.76 -17.96 -37.11
N LEU M 57 0.09 -16.89 -36.66
CA LEU M 57 -1.20 -16.57 -37.22
C LEU M 57 -1.08 -15.89 -38.58
N ILE M 58 0.08 -15.30 -38.89
CA ILE M 58 0.32 -14.84 -40.25
C ILE M 58 0.48 -16.03 -41.19
N PHE M 59 1.15 -17.09 -40.72
CA PHE M 59 1.21 -18.30 -41.52
C PHE M 59 -0.17 -18.92 -41.69
N SER M 60 -1.00 -18.87 -40.64
CA SER M 60 -2.38 -19.33 -40.78
C SER M 60 -3.16 -18.49 -41.79
N GLN M 61 -2.94 -17.17 -41.78
CA GLN M 61 -3.50 -16.26 -42.78
C GLN M 61 -3.14 -16.73 -44.18
N VAL M 62 -1.86 -16.99 -44.43
CA VAL M 62 -1.44 -17.30 -45.80
C VAL M 62 -1.92 -18.68 -46.23
N ILE M 63 -1.98 -19.67 -45.32
CA ILE M 63 -2.45 -20.97 -45.77
C ILE M 63 -3.96 -20.88 -46.01
N SER M 64 -4.68 -20.05 -45.24
CA SER M 64 -6.10 -19.87 -45.52
C SER M 64 -6.34 -19.19 -46.86
N ILE M 65 -5.49 -18.21 -47.22
CA ILE M 65 -5.61 -17.56 -48.51
C ILE M 65 -5.39 -18.55 -49.64
N GLY M 66 -4.32 -19.35 -49.53
CA GLY M 66 -4.06 -20.36 -50.54
C GLY M 66 -5.15 -21.41 -50.61
N TRP M 67 -5.73 -21.75 -49.45
CA TRP M 67 -6.79 -22.74 -49.40
C TRP M 67 -8.05 -22.24 -50.08
N ALA M 68 -8.43 -20.99 -49.83
CA ALA M 68 -9.60 -20.42 -50.51
C ALA M 68 -9.38 -20.35 -52.00
N ALA M 69 -8.17 -19.97 -52.43
CA ALA M 69 -7.87 -19.95 -53.86
C ALA M 69 -7.98 -21.35 -54.47
N MET M 70 -7.32 -22.33 -53.86
CA MET M 70 -7.33 -23.69 -54.40
C MET M 70 -8.74 -24.27 -54.41
N GLY M 71 -9.55 -23.94 -53.40
CA GLY M 71 -10.95 -24.36 -53.42
C GLY M 71 -11.73 -23.73 -54.55
N SER M 72 -11.51 -22.44 -54.82
CA SER M 72 -12.17 -21.78 -55.93
C SER M 72 -11.81 -22.44 -57.26
N LEU M 73 -10.52 -22.70 -57.45
CA LEU M 73 -10.07 -23.33 -58.69
C LEU M 73 -10.63 -24.74 -58.84
N TYR M 74 -10.66 -25.50 -57.75
CA TYR M 74 -11.11 -26.89 -57.77
C TYR M 74 -12.63 -27.00 -57.75
N ALA M 75 -13.35 -25.90 -57.53
CA ALA M 75 -14.81 -25.92 -57.57
C ALA M 75 -15.38 -25.15 -58.75
N GLU M 76 -14.55 -24.50 -59.55
CA GLU M 76 -15.10 -23.72 -60.67
C GLU M 76 -15.68 -24.61 -61.77
N MET M 77 -15.12 -25.82 -61.97
CA MET M 77 -15.60 -26.57 -63.15
C MET M 77 -16.99 -27.15 -63.00
N THR M 78 -17.75 -26.92 -61.92
CA THR M 78 -19.09 -27.48 -61.82
C THR M 78 -20.07 -26.84 -62.78
N GLY M 79 -19.70 -25.72 -63.40
CA GLY M 79 -20.53 -25.07 -64.39
C GLY M 79 -21.66 -24.25 -63.83
N ASP M 80 -21.75 -24.13 -62.51
CA ASP M 80 -22.83 -23.40 -61.86
C ASP M 80 -22.31 -22.08 -61.29
N LYS M 81 -23.07 -21.01 -61.52
CA LYS M 81 -22.60 -19.68 -61.16
C LYS M 81 -22.58 -19.47 -59.65
N PHE M 82 -23.47 -20.13 -58.91
CA PHE M 82 -23.58 -19.87 -57.48
C PHE M 82 -22.34 -20.33 -56.72
N LEU M 83 -21.80 -21.51 -57.08
CA LEU M 83 -20.60 -21.99 -56.41
C LEU M 83 -19.40 -21.09 -56.70
N ARG M 84 -19.27 -20.63 -57.95
CA ARG M 84 -18.19 -19.72 -58.30
C ARG M 84 -18.33 -18.40 -57.56
N CYS M 85 -19.55 -17.88 -57.45
CA CYS M 85 -19.76 -16.64 -56.71
C CYS M 85 -19.42 -16.82 -55.24
N PHE M 86 -19.80 -17.96 -54.66
CA PHE M 86 -19.46 -18.29 -53.28
C PHE M 86 -17.95 -18.27 -53.06
N ALA M 87 -17.22 -19.02 -53.89
CA ALA M 87 -15.78 -19.14 -53.72
C ALA M 87 -15.08 -17.81 -53.96
N LEU M 88 -15.51 -17.05 -54.97
CA LEU M 88 -14.87 -15.78 -55.26
C LEU M 88 -15.14 -14.75 -54.17
N THR M 89 -16.36 -14.75 -53.60
CA THR M 89 -16.64 -13.87 -52.49
C THR M 89 -15.77 -14.20 -51.28
N ILE M 90 -15.59 -15.49 -51.00
CA ILE M 90 -14.75 -15.89 -49.87
C ILE M 90 -13.30 -15.48 -50.12
N LEU M 91 -12.81 -15.65 -51.35
CA LEU M 91 -11.45 -15.21 -51.68
C LEU M 91 -11.29 -13.71 -51.48
N ILE M 92 -12.27 -12.93 -51.94
CA ILE M 92 -12.18 -11.47 -51.83
C ILE M 92 -12.18 -11.04 -50.37
N LEU M 93 -13.08 -11.61 -49.55
CA LEU M 93 -13.12 -11.21 -48.15
C LEU M 93 -11.86 -11.64 -47.41
N ASN M 94 -11.32 -12.83 -47.71
CA ASN M 94 -10.09 -13.26 -47.07
C ASN M 94 -8.91 -12.37 -47.44
N GLY M 95 -8.81 -11.99 -48.72
CA GLY M 95 -7.75 -11.09 -49.14
C GLY M 95 -7.85 -9.72 -48.48
N ALA M 96 -9.08 -9.20 -48.39
CA ALA M 96 -9.29 -7.90 -47.74
C ALA M 96 -8.92 -7.97 -46.26
N MET M 97 -9.31 -9.05 -45.58
CA MET M 97 -9.00 -9.17 -44.16
C MET M 97 -7.50 -9.37 -43.92
N PHE M 98 -6.83 -10.10 -44.81
CA PHE M 98 -5.38 -10.24 -44.72
C PHE M 98 -4.69 -8.89 -44.86
N PHE M 99 -5.08 -8.10 -45.88
CA PHE M 99 -4.45 -6.80 -46.07
C PHE M 99 -4.75 -5.87 -44.90
N ASN M 100 -5.96 -5.98 -44.33
CA ASN M 100 -6.31 -5.16 -43.17
C ASN M 100 -5.43 -5.50 -41.98
N ARG M 101 -5.21 -6.79 -41.71
CA ARG M 101 -4.37 -7.15 -40.57
C ARG M 101 -2.91 -6.80 -40.82
N LEU M 102 -2.45 -6.90 -42.07
CA LEU M 102 -1.09 -6.49 -42.38
C LEU M 102 -0.90 -5.00 -42.12
N CYS M 103 -1.87 -4.18 -42.52
CA CYS M 103 -1.80 -2.75 -42.24
C CYS M 103 -1.84 -2.48 -40.74
N LEU M 104 -2.67 -3.22 -40.00
CA LEU M 104 -2.75 -3.02 -38.55
C LEU M 104 -1.42 -3.34 -37.89
N GLU M 105 -0.83 -4.49 -38.23
CA GLU M 105 0.43 -4.87 -37.60
C GLU M 105 1.58 -3.94 -38.00
N PHE M 106 1.62 -3.51 -39.26
CA PHE M 106 2.64 -2.54 -39.66
C PHE M 106 2.44 -1.20 -38.96
N LEU M 107 1.21 -0.87 -38.59
CA LEU M 107 0.98 0.39 -37.88
C LEU M 107 1.47 0.29 -36.43
N ALA M 108 0.97 -0.70 -35.69
CA ALA M 108 1.38 -0.91 -34.30
C ALA M 108 2.68 -1.70 -34.30
N ILE M 109 3.79 -0.98 -34.47
CA ILE M 109 5.10 -1.59 -34.57
C ILE M 109 5.96 -1.16 -33.38
N ASN M 110 5.65 0.01 -32.82
CA ASN M 110 6.40 0.56 -31.70
C ASN M 110 5.92 0.04 -30.35
N TYR M 111 5.21 -1.09 -30.31
CA TYR M 111 4.51 -1.50 -29.12
C TYR M 111 4.79 -2.95 -28.69
N ARG M 112 5.66 -3.67 -29.42
CA ARG M 112 5.84 -5.09 -29.15
C ARG M 112 7.08 -5.37 -28.32
N GLU M 113 8.23 -5.01 -28.89
CA GLU M 113 9.56 -5.35 -28.41
C GLU M 113 10.53 -4.67 -29.37
N GLU M 114 11.83 -4.65 -29.06
CA GLU M 114 12.76 -3.97 -29.93
C GLU M 114 13.94 -4.87 -30.25
N ARG M 115 14.35 -4.84 -31.50
CA ARG M 115 15.59 -5.47 -31.93
C ARG M 115 16.46 -4.43 -32.64
N UNK N 1 -1.67 6.62 -32.60
CA UNK N 1 -2.44 7.19 -33.70
C UNK N 1 -3.17 6.10 -34.47
N UNK N 2 -4.49 6.04 -34.29
CA UNK N 2 -5.30 5.03 -34.97
C UNK N 2 -6.70 5.56 -35.25
N UNK N 3 -6.97 6.78 -34.85
CA UNK N 3 -8.28 7.38 -35.05
C UNK N 3 -8.37 8.06 -36.42
N UNK N 4 -7.22 8.18 -37.08
CA UNK N 4 -7.16 8.84 -38.38
C UNK N 4 -6.50 7.96 -39.43
N UNK N 5 -5.23 7.61 -39.19
CA UNK N 5 -4.47 6.85 -40.17
C UNK N 5 -4.93 5.39 -40.26
N UNK N 6 -5.64 4.92 -39.25
CA UNK N 6 -6.20 3.57 -39.27
C UNK N 6 -7.69 3.62 -39.59
N UNK N 7 -8.22 4.83 -39.69
CA UNK N 7 -9.63 5.03 -40.01
C UNK N 7 -9.79 5.35 -41.49
N UNK N 8 -8.77 5.98 -42.06
CA UNK N 8 -8.77 6.32 -43.48
C UNK N 8 -8.23 5.17 -44.31
N UNK N 9 -8.02 4.02 -43.67
CA UNK N 9 -7.56 2.83 -44.36
C UNK N 9 -8.74 1.95 -44.73
N UNK N 10 -9.86 2.16 -44.05
CA UNK N 10 -11.10 1.43 -44.35
C UNK N 10 -11.90 2.17 -45.40
N UNK N 11 -11.76 3.50 -45.41
CA UNK N 11 -12.44 4.35 -46.38
C UNK N 11 -11.94 4.06 -47.79
N UNK N 12 -10.63 3.95 -47.94
CA UNK N 12 -10.03 3.62 -49.23
C UNK N 12 -10.44 2.22 -49.69
N UNK N 13 -10.55 1.31 -48.74
CA UNK N 13 -11.00 -0.05 -49.03
C UNK N 13 -12.44 -0.06 -49.54
N UNK N 14 -13.30 0.70 -48.87
CA UNK N 14 -14.69 0.82 -49.26
C UNK N 14 -14.82 1.47 -50.64
N UNK N 15 -13.98 2.47 -50.89
CA UNK N 15 -13.96 3.14 -52.18
C UNK N 15 -13.56 2.20 -53.30
N UNK N 16 -12.51 1.42 -53.05
CA UNK N 16 -12.03 0.43 -54.02
C UNK N 16 -13.10 -0.63 -54.28
N UNK N 17 -13.77 -1.06 -53.21
CA UNK N 17 -14.85 -2.05 -53.32
C UNK N 17 -16.01 -1.51 -54.15
N UNK N 18 -16.37 -0.25 -53.91
CA UNK N 18 -17.44 0.40 -54.65
C UNK N 18 -17.09 0.55 -56.12
N UNK N 19 -15.84 0.91 -56.40
CA UNK N 19 -15.38 1.04 -57.77
C UNK N 19 -15.41 -0.29 -58.50
N UNK N 20 -14.96 -1.34 -57.81
CA UNK N 20 -14.98 -2.68 -58.38
C UNK N 20 -16.41 -3.16 -58.63
N UNK N 21 -17.31 -2.84 -57.70
CA UNK N 21 -18.72 -3.20 -57.83
C UNK N 21 -19.37 -2.49 -59.01
N UNK N 22 -19.05 -1.21 -59.18
CA UNK N 22 -19.56 -0.43 -60.30
C UNK N 22 -19.05 -0.97 -61.63
N UNK N 23 -17.76 -1.32 -61.66
CA UNK N 23 -17.15 -1.89 -62.86
C UNK N 23 -17.76 -3.25 -63.20
N UNK N 24 -18.11 -4.02 -62.17
CA UNK N 24 -18.72 -5.33 -62.37
C UNK N 24 -20.16 -5.20 -62.85
N UNK N 25 -20.86 -4.21 -62.32
CA UNK N 25 -22.26 -3.97 -62.69
C UNK N 25 -22.34 -3.37 -64.10
N UNK N 26 -21.27 -2.70 -64.52
CA UNK N 26 -21.20 -2.16 -65.87
C UNK N 26 -20.91 -3.26 -66.88
N UNK N 27 -20.38 -4.38 -66.39
CA UNK N 27 -20.07 -5.52 -67.23
C UNK N 27 -21.30 -6.39 -67.46
N UNK N 28 -22.33 -6.16 -66.66
CA UNK N 28 -23.58 -6.92 -66.78
C UNK N 28 -24.54 -6.25 -67.76
N LEU O 1 -111.20 29.55 -29.81
CA LEU O 1 -111.61 29.51 -31.21
C LEU O 1 -112.21 28.16 -31.56
N LEU O 2 -112.97 27.59 -30.63
CA LEU O 2 -113.64 26.31 -30.88
C LEU O 2 -112.75 25.25 -31.54
N GLY O 3 -113.37 24.42 -32.37
CA GLY O 3 -112.62 23.36 -33.03
C GLY O 3 -111.39 23.83 -33.79
N LEU O 4 -111.45 25.04 -34.34
CA LEU O 4 -110.26 25.62 -34.98
C LEU O 4 -109.14 25.80 -33.97
N GLN O 5 -109.47 26.33 -32.79
CA GLN O 5 -108.50 26.41 -31.70
C GLN O 5 -108.05 25.02 -31.27
N GLN O 6 -108.93 24.03 -31.34
CA GLN O 6 -108.54 22.67 -30.96
C GLN O 6 -107.52 22.09 -31.93
N MET O 7 -107.69 22.33 -33.22
CA MET O 7 -106.76 21.77 -34.20
C MET O 7 -105.43 22.52 -34.19
N ILE O 8 -105.47 23.85 -34.01
CA ILE O 8 -104.25 24.60 -33.75
C ILE O 8 -103.55 24.08 -32.51
N LEU O 9 -104.33 23.79 -31.46
CA LEU O 9 -103.77 23.25 -30.23
C LEU O 9 -103.16 21.89 -30.45
N SER O 10 -103.75 21.06 -31.31
CA SER O 10 -103.18 19.76 -31.61
C SER O 10 -101.82 19.87 -32.28
N LEU O 11 -101.74 20.68 -33.35
CA LEU O 11 -100.47 20.81 -34.08
C LEU O 11 -99.39 21.46 -33.21
N THR O 12 -99.69 22.61 -32.63
CA THR O 12 -98.72 23.29 -31.79
C THR O 12 -98.47 22.52 -30.50
N GLN O 13 -99.40 21.67 -30.07
CA GLN O 13 -99.17 20.82 -28.92
C GLN O 13 -98.13 19.77 -29.26
N SER O 14 -98.25 19.11 -30.42
CA SER O 14 -97.21 18.21 -30.88
C SER O 14 -95.84 18.88 -30.83
N LEU O 15 -95.70 19.99 -31.56
CA LEU O 15 -94.39 20.65 -31.67
C LEU O 15 -93.88 21.16 -30.31
N GLY O 16 -94.61 22.09 -29.70
CA GLY O 16 -94.15 22.72 -28.47
C GLY O 16 -94.10 21.77 -27.29
N PHE O 17 -95.08 20.87 -27.18
CA PHE O 17 -95.05 19.85 -26.14
C PHE O 17 -93.78 19.03 -26.23
N GLU O 18 -93.46 18.49 -27.43
CA GLU O 18 -92.22 17.74 -27.59
C GLU O 18 -91.02 18.56 -27.12
N THR O 19 -90.78 19.70 -27.77
CA THR O 19 -89.57 20.48 -27.48
C THR O 19 -89.53 20.94 -26.02
N PHE O 20 -90.49 21.78 -25.63
CA PHE O 20 -90.45 22.43 -24.32
C PHE O 20 -90.61 21.42 -23.19
N ILE O 21 -91.59 20.52 -23.29
CA ILE O 21 -91.82 19.57 -22.21
C ILE O 21 -90.60 18.68 -22.00
N PHE O 22 -89.99 18.19 -23.09
CA PHE O 22 -88.81 17.36 -22.92
C PHE O 22 -87.66 18.13 -22.26
N ILE O 23 -87.37 19.36 -22.73
CA ILE O 23 -86.21 20.06 -22.17
C ILE O 23 -86.46 20.47 -20.71
N VAL O 24 -87.64 21.03 -20.41
CA VAL O 24 -87.88 21.49 -19.05
C VAL O 24 -88.08 20.34 -18.08
N VAL O 25 -88.59 19.19 -18.51
CA VAL O 25 -88.73 18.11 -17.55
C VAL O 25 -87.40 17.38 -17.37
N CYS O 26 -86.52 17.42 -18.39
CA CYS O 26 -85.14 16.97 -18.18
C CYS O 26 -84.45 17.82 -17.12
N LEU O 27 -84.58 19.15 -17.22
CA LEU O 27 -83.98 20.00 -16.20
C LEU O 27 -84.65 19.82 -14.84
N ASN O 28 -85.97 19.57 -14.84
CA ASN O 28 -86.70 19.30 -13.60
C ASN O 28 -86.19 18.04 -12.91
N THR O 29 -85.97 16.97 -13.67
CA THR O 29 -85.47 15.75 -13.04
C THR O 29 -84.01 15.92 -12.63
N VAL O 30 -83.25 16.78 -13.32
CA VAL O 30 -81.88 17.06 -12.90
C VAL O 30 -81.89 17.72 -11.52
N ILE O 31 -82.68 18.78 -11.37
CA ILE O 31 -82.72 19.48 -10.09
C ILE O 31 -83.41 18.64 -9.02
N LEU O 32 -84.25 17.69 -9.41
CA LEU O 32 -84.96 16.89 -8.42
C LEU O 32 -84.13 15.70 -7.94
N VAL O 33 -83.26 15.15 -8.80
CA VAL O 33 -82.32 14.15 -8.29
C VAL O 33 -81.16 14.83 -7.57
N ALA O 34 -80.90 16.12 -7.86
CA ALA O 34 -79.97 16.86 -7.02
C ALA O 34 -80.61 17.23 -5.69
N GLN O 35 -81.95 17.32 -5.66
CA GLN O 35 -82.65 17.78 -4.46
C GLN O 35 -82.62 16.74 -3.34
N THR O 36 -82.97 15.49 -3.64
CA THR O 36 -83.19 14.50 -2.58
C THR O 36 -81.91 14.18 -1.82
N PHE O 37 -81.00 13.41 -2.44
CA PHE O 37 -79.54 13.43 -2.28
C PHE O 37 -79.04 13.90 -0.92
N THR O 38 -79.34 13.18 0.15
CA THR O 38 -79.16 13.76 1.48
C THR O 38 -77.69 13.85 1.91
N GLU O 39 -76.88 14.48 1.06
CA GLU O 39 -75.58 15.06 1.36
C GLU O 39 -75.46 16.48 0.79
N LEU O 40 -76.02 16.73 -0.40
CA LEU O 40 -75.87 18.01 -1.08
C LEU O 40 -76.95 19.02 -0.72
N GLU O 41 -77.97 18.64 0.05
CA GLU O 41 -78.99 19.62 0.41
C GLU O 41 -78.46 20.63 1.43
N ILE O 42 -77.42 20.26 2.17
CA ILE O 42 -76.73 21.23 3.01
C ILE O 42 -75.81 22.12 2.18
N ARG O 43 -75.41 21.66 0.99
CA ARG O 43 -74.78 22.52 -0.01
C ARG O 43 -75.87 23.08 -0.92
N GLY O 44 -76.83 23.76 -0.30
CA GLY O 44 -78.04 24.16 -0.96
C GLY O 44 -79.07 24.71 0.01
N GLU O 45 -80.30 24.19 -0.07
CA GLU O 45 -81.46 24.56 0.74
C GLU O 45 -81.95 25.98 0.43
N TRP O 46 -81.22 26.72 -0.39
CA TRP O 46 -81.60 28.07 -0.80
C TRP O 46 -81.71 28.23 -2.30
N TYR O 47 -80.95 27.49 -3.10
CA TYR O 47 -81.15 27.41 -4.54
C TYR O 47 -81.97 26.20 -4.95
N PHE O 48 -82.46 25.44 -3.96
CA PHE O 48 -83.18 24.19 -4.22
C PHE O 48 -84.69 24.40 -4.28
N MET O 49 -85.27 24.99 -3.22
CA MET O 49 -86.72 25.17 -3.18
C MET O 49 -87.19 26.25 -4.15
N VAL O 50 -86.34 27.22 -4.49
CA VAL O 50 -86.75 28.23 -5.47
C VAL O 50 -86.85 27.61 -6.86
N LEU O 51 -85.88 26.77 -7.24
CA LEU O 51 -85.98 26.06 -8.51
C LEU O 51 -87.09 25.02 -8.48
N ASP O 52 -87.34 24.44 -7.31
CA ASP O 52 -88.46 23.52 -7.15
C ASP O 52 -89.79 24.23 -7.42
N SER O 53 -89.97 25.43 -6.86
CA SER O 53 -91.18 26.19 -7.12
C SER O 53 -91.25 26.70 -8.55
N ILE O 54 -90.10 27.02 -9.15
CA ILE O 54 -90.08 27.46 -10.55
C ILE O 54 -90.56 26.34 -11.47
N PHE O 55 -90.04 25.13 -11.28
CA PHE O 55 -90.48 24.03 -12.13
C PHE O 55 -91.87 23.51 -11.75
N LEU O 56 -92.32 23.73 -10.51
CA LEU O 56 -93.73 23.51 -10.21
C LEU O 56 -94.62 24.51 -10.94
N SER O 57 -94.14 25.75 -11.12
CA SER O 57 -94.85 26.70 -11.96
C SER O 57 -94.87 26.25 -13.41
N ILE O 58 -93.77 25.67 -13.88
CA ILE O 58 -93.76 25.10 -15.23
C ILE O 58 -94.78 23.97 -15.34
N TYR O 59 -94.90 23.14 -14.30
CA TYR O 59 -95.86 22.06 -14.30
C TYR O 59 -97.30 22.56 -14.24
N VAL O 60 -97.57 23.63 -13.49
CA VAL O 60 -98.94 24.15 -13.49
C VAL O 60 -99.23 24.82 -14.84
N LEU O 61 -98.21 25.31 -15.54
CA LEU O 61 -98.42 25.74 -16.92
C LEU O 61 -98.75 24.56 -17.82
N GLU O 62 -98.10 23.41 -17.59
CA GLU O 62 -98.45 22.20 -18.32
C GLU O 62 -99.91 21.83 -18.11
N ALA O 63 -100.37 21.90 -16.86
CA ALA O 63 -101.76 21.55 -16.55
C ALA O 63 -102.72 22.60 -17.10
N VAL O 64 -102.30 23.86 -17.15
CA VAL O 64 -103.13 24.91 -17.75
C VAL O 64 -103.28 24.66 -19.25
N LEU O 65 -102.17 24.33 -19.92
CA LEU O 65 -102.24 24.01 -21.35
C LEU O 65 -103.08 22.77 -21.61
N LYS O 66 -103.05 21.79 -20.69
CA LYS O 66 -103.89 20.61 -20.84
C LYS O 66 -105.35 20.92 -20.52
N LEU O 67 -105.62 21.91 -19.66
CA LEU O 67 -107.00 22.25 -19.34
C LEU O 67 -107.67 23.02 -20.47
N ILE O 68 -106.96 23.98 -21.07
CA ILE O 68 -107.44 24.63 -22.28
C ILE O 68 -107.39 23.70 -23.49
N ALA O 69 -106.78 22.53 -23.36
CA ALA O 69 -106.66 21.58 -24.45
C ALA O 69 -107.94 20.81 -24.68
N LEU O 70 -107.82 19.73 -25.45
CA LEU O 70 -108.96 19.00 -26.02
C LEU O 70 -109.93 18.46 -24.97
N GLY O 71 -109.48 18.27 -23.73
CA GLY O 71 -110.44 18.07 -22.66
C GLY O 71 -110.82 16.65 -22.22
N LEU O 72 -111.91 16.10 -22.74
CA LEU O 72 -112.51 14.90 -22.14
C LEU O 72 -111.63 13.67 -22.37
N GLU O 73 -111.16 13.47 -23.61
CA GLU O 73 -110.21 12.40 -23.93
C GLU O 73 -108.87 12.59 -23.22
N TYR O 74 -108.54 13.82 -22.81
CA TYR O 74 -107.38 14.00 -21.92
C TYR O 74 -107.59 13.26 -20.61
N PHE O 75 -108.79 13.34 -20.04
CA PHE O 75 -109.10 12.60 -18.82
C PHE O 75 -109.21 11.09 -19.04
N TYR O 76 -109.25 10.63 -20.29
CA TYR O 76 -109.39 9.21 -20.56
C TYR O 76 -108.07 8.46 -20.46
N ASP O 77 -106.95 9.17 -20.27
CA ASP O 77 -105.66 8.54 -20.04
C ASP O 77 -105.40 8.48 -18.54
N PRO O 78 -105.19 7.29 -17.96
CA PRO O 78 -104.94 7.22 -16.51
C PRO O 78 -103.70 7.97 -16.07
N TRP O 79 -102.65 8.00 -16.91
CA TRP O 79 -101.47 8.78 -16.58
C TRP O 79 -101.81 10.27 -16.53
N ASN O 80 -102.66 10.74 -17.44
CA ASN O 80 -103.08 12.14 -17.41
C ASN O 80 -103.97 12.44 -16.20
N ASN O 81 -104.77 11.46 -15.76
CA ASN O 81 -105.52 11.62 -14.51
C ASN O 81 -104.57 11.73 -13.33
N LEU O 82 -103.48 10.97 -13.35
CA LEU O 82 -102.46 11.10 -12.32
C LEU O 82 -101.80 12.47 -12.37
N ASP O 83 -101.58 13.00 -13.58
CA ASP O 83 -101.09 14.37 -13.72
C ASP O 83 -102.05 15.37 -13.07
N PHE O 84 -103.35 15.20 -13.32
CA PHE O 84 -104.34 16.12 -12.77
C PHE O 84 -104.38 16.05 -11.25
N PHE O 85 -104.34 14.84 -10.69
CA PHE O 85 -104.32 14.70 -9.23
C PHE O 85 -103.05 15.27 -8.61
N ILE O 86 -101.90 14.99 -9.24
CA ILE O 86 -100.62 15.51 -8.75
C ILE O 86 -100.61 17.02 -8.78
N MET O 87 -101.16 17.61 -9.84
CA MET O 87 -101.19 19.07 -9.93
C MET O 87 -102.20 19.69 -8.97
N VAL O 88 -103.31 19.00 -8.69
CA VAL O 88 -104.24 19.49 -7.67
C VAL O 88 -103.54 19.54 -6.31
N MET O 89 -102.82 18.48 -5.97
CA MET O 89 -102.05 18.47 -4.72
C MET O 89 -100.95 19.53 -4.74
N ALA O 90 -100.33 19.76 -5.90
CA ALA O 90 -99.25 20.74 -6.01
C ALA O 90 -99.76 22.16 -5.83
N VAL O 91 -100.87 22.53 -6.47
CA VAL O 91 -101.39 23.88 -6.25
C VAL O 91 -101.92 24.01 -4.82
N LEU O 92 -102.44 22.93 -4.25
CA LEU O 92 -102.87 22.96 -2.85
C LEU O 92 -101.70 23.28 -1.91
N ASP O 93 -100.59 22.56 -2.06
CA ASP O 93 -99.46 22.80 -1.16
C ASP O 93 -98.79 24.14 -1.45
N PHE O 94 -98.77 24.56 -2.72
CA PHE O 94 -98.18 25.84 -3.07
C PHE O 94 -98.97 26.99 -2.44
N VAL O 95 -100.30 26.96 -2.53
CA VAL O 95 -101.06 28.04 -1.90
C VAL O 95 -101.03 27.92 -0.38
N LEU O 96 -100.89 26.70 0.15
CA LEU O 96 -100.77 26.54 1.60
C LEU O 96 -99.48 27.18 2.12
N LEU O 97 -98.38 27.01 1.37
CA LEU O 97 -97.14 27.71 1.72
C LEU O 97 -97.26 29.21 1.45
N GLN O 98 -98.03 29.60 0.43
CA GLN O 98 -98.07 30.99 0.01
C GLN O 98 -98.85 31.86 0.97
N ILE O 99 -99.96 31.34 1.52
CA ILE O 99 -100.81 32.17 2.38
C ILE O 99 -100.12 32.50 3.70
N ASN O 100 -99.23 31.62 4.16
CA ASN O 100 -98.49 31.75 5.43
C ASN O 100 -99.52 31.84 6.56
N SER O 101 -99.27 32.64 7.60
CA SER O 101 -100.17 32.85 8.73
C SER O 101 -100.53 31.53 9.41
N LEU O 102 -101.69 30.97 9.05
CA LEU O 102 -102.18 29.67 9.53
C LEU O 102 -102.39 29.64 11.04
N SER O 103 -102.86 28.49 11.54
CA SER O 103 -103.00 28.28 12.98
C SER O 103 -102.60 26.88 13.41
N TYR O 104 -102.06 26.06 12.50
CA TYR O 104 -101.66 24.70 12.80
C TYR O 104 -100.15 24.60 12.89
N SER O 105 -99.66 23.42 13.28
CA SER O 105 -98.23 23.22 13.44
C SER O 105 -97.52 23.23 12.09
N PHE O 106 -96.24 23.55 12.13
CA PHE O 106 -95.40 23.68 10.95
C PHE O 106 -93.98 23.27 11.34
N TYR O 107 -92.99 23.72 10.55
CA TYR O 107 -91.57 23.44 10.77
C TYR O 107 -91.29 21.94 10.69
N ASN O 108 -91.49 21.42 9.48
CA ASN O 108 -91.30 20.01 9.16
C ASN O 108 -92.25 19.12 9.95
N HIS O 109 -93.54 19.38 9.80
CA HIS O 109 -94.59 18.57 10.39
C HIS O 109 -94.84 17.33 9.52
N SER O 110 -95.84 16.53 9.90
CA SER O 110 -96.23 15.39 9.09
C SER O 110 -96.80 15.82 7.75
N LEU O 111 -97.51 16.95 7.72
CA LEU O 111 -98.02 17.49 6.47
C LEU O 111 -96.89 17.85 5.52
N PHE O 112 -95.76 18.31 6.06
CA PHE O 112 -94.59 18.59 5.23
C PHE O 112 -94.07 17.31 4.59
N ARG O 113 -94.13 16.19 5.32
CA ARG O 113 -93.75 14.91 4.73
C ARG O 113 -94.75 14.47 3.66
N ILE O 114 -96.02 14.80 3.85
CA ILE O 114 -97.01 14.52 2.80
C ILE O 114 -96.69 15.31 1.54
N LEU O 115 -96.32 16.58 1.69
CA LEU O 115 -95.91 17.36 0.52
C LEU O 115 -94.62 16.84 -0.08
N LYS O 116 -93.72 16.29 0.74
CA LYS O 116 -92.47 15.74 0.22
C LYS O 116 -92.71 14.47 -0.60
N VAL O 117 -93.62 13.60 -0.13
CA VAL O 117 -93.93 12.43 -0.96
C VAL O 117 -94.77 12.81 -2.17
N PHE O 118 -95.51 13.93 -2.11
CA PHE O 118 -96.13 14.47 -3.32
C PHE O 118 -95.06 14.92 -4.32
N LYS O 119 -93.99 15.56 -3.83
CA LYS O 119 -92.87 15.88 -4.69
C LYS O 119 -92.21 14.62 -5.25
N SER O 120 -92.20 13.54 -4.47
CA SER O 120 -91.70 12.26 -4.98
C SER O 120 -92.57 11.73 -6.12
N MET O 121 -93.90 11.86 -5.97
CA MET O 121 -94.80 11.49 -7.06
C MET O 121 -94.54 12.33 -8.30
N ARG O 122 -94.29 13.63 -8.10
CA ARG O 122 -93.96 14.51 -9.22
C ARG O 122 -92.66 14.10 -9.90
N ALA O 123 -91.67 13.72 -9.10
CA ALA O 123 -90.39 13.25 -9.66
C ALA O 123 -90.58 11.95 -10.45
N LEU O 124 -91.40 11.03 -9.93
CA LEU O 124 -91.71 9.81 -10.65
C LEU O 124 -92.41 10.11 -11.97
N ARG O 125 -93.31 11.09 -11.96
CA ARG O 125 -93.99 11.49 -13.20
C ARG O 125 -93.02 12.09 -14.19
N ALA O 126 -92.07 12.91 -13.72
CA ALA O 126 -91.03 13.44 -14.60
C ALA O 126 -90.21 12.31 -15.22
N ILE O 127 -89.85 11.32 -14.40
CA ILE O 127 -89.09 10.17 -14.88
C ILE O 127 -89.89 9.41 -15.94
N ARG O 128 -91.19 9.22 -15.70
CA ARG O 128 -92.00 8.46 -16.66
C ARG O 128 -92.26 9.24 -17.94
N VAL O 129 -92.17 10.58 -17.90
CA VAL O 129 -92.37 11.34 -19.13
C VAL O 129 -91.08 11.68 -19.84
N LEU O 130 -89.92 11.38 -19.27
CA LEU O 130 -88.70 11.38 -20.08
C LEU O 130 -88.42 10.05 -20.78
N ARG O 131 -89.15 8.99 -20.48
CA ARG O 131 -88.92 7.72 -21.15
C ARG O 131 -89.89 7.48 -22.30
N ARG O 132 -90.26 8.54 -23.01
CA ARG O 132 -91.01 8.36 -24.25
C ARG O 132 -90.15 7.74 -25.33
N LEU O 133 -88.84 7.97 -25.29
CA LEU O 133 -87.93 7.46 -26.30
C LEU O 133 -87.09 6.33 -25.68
N SER O 134 -86.99 5.21 -26.41
CA SER O 134 -86.06 4.13 -26.12
C SER O 134 -86.29 3.54 -24.72
N ILE O 135 -87.48 2.95 -24.55
CA ILE O 135 -87.75 2.13 -23.38
C ILE O 135 -87.06 0.77 -23.51
N LEU O 136 -86.55 0.47 -24.71
CA LEU O 136 -85.89 -0.77 -25.12
C LEU O 136 -86.93 -1.88 -25.29
N THR O 137 -86.86 -2.57 -26.44
CA THR O 137 -87.90 -3.53 -26.80
C THR O 137 -87.79 -4.83 -26.01
N SER O 138 -86.59 -5.19 -25.55
CA SER O 138 -86.42 -6.43 -24.79
C SER O 138 -87.18 -6.39 -23.48
N LEU O 139 -86.96 -5.35 -22.66
CA LEU O 139 -87.70 -5.23 -21.42
C LEU O 139 -89.15 -4.83 -21.67
N HIS O 140 -89.45 -4.22 -22.81
CA HIS O 140 -90.84 -3.98 -23.19
C HIS O 140 -91.58 -5.30 -23.37
N GLU O 141 -90.98 -6.24 -24.09
CA GLU O 141 -91.58 -7.57 -24.26
C GLU O 141 -91.64 -8.32 -22.93
N VAL O 142 -90.59 -8.17 -22.11
CA VAL O 142 -90.57 -8.83 -20.80
C VAL O 142 -91.71 -8.33 -19.93
N ALA O 143 -91.93 -7.01 -19.90
CA ALA O 143 -93.03 -6.45 -19.11
C ALA O 143 -94.38 -6.80 -19.69
N GLY O 144 -94.50 -6.85 -21.03
CA GLY O 144 -95.76 -7.23 -21.64
C GLY O 144 -96.14 -8.66 -21.34
N THR O 145 -95.17 -9.57 -21.36
CA THR O 145 -95.43 -10.95 -20.94
C THR O 145 -95.65 -11.05 -19.44
N LEU O 146 -95.04 -10.16 -18.65
CA LEU O 146 -95.23 -10.16 -17.21
C LEU O 146 -96.64 -9.73 -16.84
N SER O 147 -97.21 -8.78 -17.57
CA SER O 147 -98.52 -8.22 -17.26
C SER O 147 -99.66 -8.98 -17.93
N GLY O 148 -99.36 -10.09 -18.62
CA GLY O 148 -100.41 -10.84 -19.27
C GLY O 148 -101.37 -11.52 -18.29
N SER O 149 -100.83 -12.13 -17.24
CA SER O 149 -101.64 -12.88 -16.27
C SER O 149 -101.95 -12.00 -15.06
N LEU O 150 -102.74 -10.97 -15.30
CA LEU O 150 -103.21 -10.07 -14.26
C LEU O 150 -104.38 -10.63 -13.44
N PRO O 151 -105.45 -11.18 -14.05
CA PRO O 151 -106.56 -11.70 -13.21
C PRO O 151 -106.15 -12.80 -12.26
N SER O 152 -105.22 -13.67 -12.67
CA SER O 152 -104.79 -14.76 -11.79
C SER O 152 -104.09 -14.22 -10.55
N ILE O 153 -103.13 -13.31 -10.73
CA ILE O 153 -102.39 -12.79 -9.58
C ILE O 153 -103.27 -11.91 -8.72
N THR O 154 -104.23 -11.18 -9.32
CA THR O 154 -105.15 -10.40 -8.49
C THR O 154 -106.05 -11.30 -7.65
N ALA O 155 -106.52 -12.42 -8.23
CA ALA O 155 -107.30 -13.38 -7.46
C ALA O 155 -106.47 -13.99 -6.34
N ILE O 156 -105.20 -14.30 -6.62
CA ILE O 156 -104.35 -14.92 -5.61
C ILE O 156 -104.06 -13.94 -4.46
N LEU O 157 -103.84 -12.66 -4.78
CA LEU O 157 -103.63 -11.69 -3.71
C LEU O 157 -104.92 -11.40 -2.96
N THR O 158 -106.08 -11.53 -3.61
CA THR O 158 -107.35 -11.43 -2.89
C THR O 158 -107.50 -12.57 -1.90
N LEU O 159 -107.14 -13.79 -2.31
CA LEU O 159 -107.16 -14.93 -1.39
C LEU O 159 -106.16 -14.73 -0.25
N MET O 160 -104.99 -14.15 -0.57
CA MET O 160 -104.02 -13.80 0.47
C MET O 160 -104.61 -12.83 1.48
N PHE O 161 -105.29 -11.79 1.00
CA PHE O 161 -105.86 -10.78 1.89
C PHE O 161 -106.94 -11.39 2.78
N THR O 162 -107.80 -12.23 2.20
CA THR O 162 -108.85 -12.88 3.00
C THR O 162 -108.26 -13.80 4.05
N CYS O 163 -107.28 -14.64 3.67
CA CYS O 163 -106.67 -15.55 4.61
C CYS O 163 -105.91 -14.81 5.71
N LEU O 164 -105.19 -13.74 5.34
CA LEU O 164 -104.45 -12.96 6.32
C LEU O 164 -105.39 -12.25 7.29
N PHE O 165 -106.50 -11.71 6.79
CA PHE O 165 -107.47 -11.06 7.66
C PHE O 165 -108.10 -12.07 8.61
N LEU O 166 -108.43 -13.27 8.12
CA LEU O 166 -108.98 -14.30 8.99
C LEU O 166 -107.99 -14.72 10.06
N PHE O 167 -106.71 -14.90 9.69
CA PHE O 167 -105.70 -15.29 10.65
C PHE O 167 -105.45 -14.19 11.67
N SER O 168 -105.46 -12.92 11.24
CA SER O 168 -105.31 -11.80 12.17
C SER O 168 -106.48 -11.73 13.13
N VAL O 169 -107.70 -11.96 12.63
CA VAL O 169 -108.88 -11.91 13.50
C VAL O 169 -108.81 -13.01 14.54
N VAL O 170 -108.50 -14.25 14.13
CA VAL O 170 -108.47 -15.34 15.08
C VAL O 170 -107.30 -15.20 16.06
N LEU O 171 -106.17 -14.65 15.61
CA LEU O 171 -105.03 -14.48 16.52
C LEU O 171 -105.30 -13.38 17.55
N ARG O 172 -105.83 -12.24 17.10
CA ARG O 172 -106.19 -11.17 18.03
C ARG O 172 -107.29 -11.61 18.99
N ALA O 173 -108.20 -12.47 18.51
CA ALA O 173 -109.20 -13.05 19.40
C ALA O 173 -108.55 -13.97 20.43
N LEU O 174 -107.51 -14.69 20.03
CA LEU O 174 -106.80 -15.59 20.94
C LEU O 174 -105.69 -14.92 21.72
N PHE O 175 -105.37 -13.66 21.44
CA PHE O 175 -104.30 -12.94 22.11
C PHE O 175 -104.83 -11.90 23.11
N GLN O 176 -106.08 -12.02 23.53
CA GLN O 176 -106.65 -11.05 24.46
C GLN O 176 -106.06 -11.28 25.85
N ASP O 177 -105.52 -10.20 26.45
CA ASP O 177 -104.95 -10.22 27.80
C ASP O 177 -103.83 -11.26 27.91
N SER O 178 -103.01 -11.33 26.86
CA SER O 178 -101.92 -12.29 26.71
C SER O 178 -100.66 -11.56 26.29
N ASP O 179 -100.31 -10.51 27.05
CA ASP O 179 -99.31 -9.46 26.78
C ASP O 179 -99.42 -8.99 25.33
N PRO O 180 -100.49 -8.27 24.98
CA PRO O 180 -100.71 -7.88 23.59
C PRO O 180 -100.02 -6.59 23.19
N LYS O 181 -99.01 -6.17 23.97
CA LYS O 181 -98.35 -4.88 23.73
C LYS O 181 -97.75 -4.78 22.34
N ARG O 182 -97.35 -5.91 21.75
CA ARG O 182 -96.84 -5.88 20.38
C ARG O 182 -97.96 -5.75 19.35
N PHE O 183 -99.17 -6.22 19.67
CA PHE O 183 -100.29 -6.21 18.72
C PHE O 183 -101.56 -5.70 19.40
N GLN O 184 -101.45 -4.56 20.08
CA GLN O 184 -102.59 -4.03 20.84
C GLN O 184 -103.70 -3.48 19.97
N ASN O 185 -103.43 -3.18 18.69
CA ASN O 185 -104.47 -2.66 17.81
C ASN O 185 -104.50 -3.40 16.49
N ILE O 186 -105.37 -2.97 15.57
CA ILE O 186 -105.55 -3.67 14.30
C ILE O 186 -104.32 -3.54 13.41
N PHE O 187 -103.70 -2.35 13.39
CA PHE O 187 -102.53 -2.15 12.55
C PHE O 187 -101.37 -3.02 13.01
N THR O 188 -101.11 -3.05 14.31
CA THR O 188 -100.01 -3.88 14.82
C THR O 188 -100.34 -5.36 14.69
N THR O 189 -101.62 -5.73 14.81
CA THR O 189 -102.01 -7.12 14.59
C THR O 189 -101.73 -7.57 13.16
N LEU O 190 -102.11 -6.75 12.18
CA LEU O 190 -101.87 -7.11 10.79
C LEU O 190 -100.38 -7.04 10.46
N PHE O 191 -99.63 -6.13 11.09
CA PHE O 191 -98.19 -6.09 10.88
C PHE O 191 -97.50 -7.33 11.44
N THR O 192 -97.93 -7.79 12.63
CA THR O 192 -97.39 -9.01 13.18
C THR O 192 -97.75 -10.22 12.33
N LEU O 193 -98.98 -10.24 11.79
CA LEU O 193 -99.35 -11.29 10.85
C LEU O 193 -98.48 -11.25 9.60
N PHE O 194 -98.14 -10.05 9.13
CA PHE O 194 -97.20 -9.93 8.01
C PHE O 194 -95.84 -10.49 8.37
N THR O 195 -95.37 -10.22 9.60
CA THR O 195 -94.06 -10.75 10.03
C THR O 195 -94.07 -12.27 10.10
N MET O 196 -95.17 -12.86 10.62
CA MET O 196 -95.29 -14.31 10.58
C MET O 196 -95.36 -14.83 9.15
N LEU O 197 -96.00 -14.08 8.27
CA LEU O 197 -96.13 -14.43 6.87
C LEU O 197 -94.80 -14.34 6.12
N THR O 198 -93.85 -13.55 6.62
CA THR O 198 -92.61 -13.27 5.89
C THR O 198 -91.39 -13.85 6.61
N LEU O 199 -91.60 -14.91 7.41
CA LEU O 199 -90.52 -15.67 8.03
C LEU O 199 -89.62 -14.82 8.92
N ASP O 200 -90.21 -13.87 9.66
CA ASP O 200 -89.46 -12.90 10.44
C ASP O 200 -89.71 -13.14 11.92
N ASP O 201 -88.76 -13.84 12.57
CA ASP O 201 -88.72 -14.01 14.02
C ASP O 201 -89.97 -14.69 14.58
N TRP O 202 -90.56 -15.60 13.79
CA TRP O 202 -91.63 -16.42 14.35
C TRP O 202 -91.08 -17.49 15.28
N SER O 203 -89.82 -17.89 15.10
CA SER O 203 -89.13 -18.67 16.13
C SER O 203 -88.94 -17.84 17.40
N LEU O 204 -88.64 -16.55 17.26
CA LEU O 204 -88.60 -15.67 18.41
C LEU O 204 -89.97 -15.54 19.05
N ILE O 205 -91.03 -15.56 18.24
CA ILE O 205 -92.39 -15.56 18.77
C ILE O 205 -92.63 -16.83 19.58
N TYR O 206 -92.17 -17.98 19.08
CA TYR O 206 -92.30 -19.22 19.83
C TYR O 206 -91.53 -19.16 21.15
N ILE O 207 -90.31 -18.61 21.13
CA ILE O 207 -89.49 -18.69 22.33
C ILE O 207 -89.94 -17.66 23.38
N ASP O 208 -90.50 -16.52 22.97
CA ASP O 208 -91.02 -15.59 23.98
C ASP O 208 -92.50 -15.83 24.29
N ASN O 209 -93.16 -16.75 23.57
CA ASN O 209 -94.46 -17.23 24.00
C ASN O 209 -94.34 -18.43 24.92
N ARG O 210 -93.24 -19.18 24.81
CA ARG O 210 -92.97 -20.25 25.77
C ARG O 210 -92.67 -19.68 27.15
N ALA O 211 -92.14 -18.46 27.22
CA ALA O 211 -92.01 -17.76 28.49
C ALA O 211 -93.37 -17.39 29.08
N GLN O 212 -94.41 -17.34 28.26
CA GLN O 212 -95.77 -17.11 28.75
C GLN O 212 -96.40 -18.45 29.14
N GLY O 213 -97.67 -18.43 29.51
CA GLY O 213 -98.33 -19.63 29.99
C GLY O 213 -99.15 -20.37 28.96
N ALA O 214 -99.34 -19.77 27.78
CA ALA O 214 -100.13 -20.37 26.71
C ALA O 214 -99.22 -21.11 25.75
N TRP O 215 -99.60 -22.34 25.40
CA TRP O 215 -98.78 -23.17 24.52
C TRP O 215 -99.44 -23.56 23.22
N TYR O 216 -100.75 -23.88 23.21
CA TYR O 216 -101.42 -24.37 22.00
C TYR O 216 -101.48 -23.32 20.89
N ILE O 217 -101.37 -22.04 21.24
CA ILE O 217 -101.29 -20.98 20.24
C ILE O 217 -100.07 -21.16 19.36
N ILE O 218 -99.04 -21.87 19.83
CA ILE O 218 -97.82 -22.07 19.05
C ILE O 218 -98.03 -23.14 17.97
N PRO O 219 -98.63 -24.32 18.25
CA PRO O 219 -99.03 -25.18 17.12
C PRO O 219 -100.04 -24.52 16.19
N ILE O 220 -100.98 -23.73 16.72
CA ILE O 220 -101.92 -23.03 15.86
C ILE O 220 -101.17 -22.08 14.92
N LEU O 221 -100.20 -21.35 15.48
CA LEU O 221 -99.44 -20.39 14.68
C LEU O 221 -98.61 -21.08 13.62
N MET O 222 -97.93 -22.19 13.96
CA MET O 222 -97.11 -22.84 12.93
C MET O 222 -97.98 -23.47 11.85
N ILE O 223 -99.13 -24.06 12.21
CA ILE O 223 -99.94 -24.69 11.17
C ILE O 223 -100.53 -23.66 10.24
N TYR O 224 -100.98 -22.50 10.78
CA TYR O 224 -101.46 -21.43 9.93
C TYR O 224 -100.34 -20.89 9.05
N ILE O 225 -99.14 -20.71 9.63
CA ILE O 225 -98.00 -20.17 8.88
C ILE O 225 -97.64 -21.09 7.73
N VAL O 226 -97.54 -22.40 8.00
CA VAL O 226 -97.08 -23.31 6.95
C VAL O 226 -98.13 -23.43 5.85
N ILE O 227 -99.43 -23.49 6.20
CA ILE O 227 -100.42 -23.63 5.14
C ILE O 227 -100.45 -22.38 4.27
N GLN O 228 -100.48 -21.18 4.87
CA GLN O 228 -100.53 -19.97 4.05
C GLN O 228 -99.24 -19.78 3.25
N TYR O 229 -98.10 -20.08 3.87
CA TYR O 229 -96.80 -19.93 3.20
C TYR O 229 -96.70 -20.84 1.98
N PHE O 230 -96.88 -22.14 2.19
CA PHE O 230 -96.74 -23.09 1.09
C PHE O 230 -97.77 -22.81 0.00
N ILE O 231 -99.04 -22.61 0.39
CA ILE O 231 -100.11 -22.44 -0.60
C ILE O 231 -99.87 -21.20 -1.44
N PHE O 232 -99.62 -20.05 -0.79
CA PHE O 232 -99.48 -18.81 -1.55
C PHE O 232 -98.25 -18.82 -2.45
N LEU O 233 -97.09 -19.18 -1.90
CA LEU O 233 -95.88 -19.09 -2.72
C LEU O 233 -95.88 -20.12 -3.84
N ASN O 234 -96.40 -21.33 -3.58
CA ASN O 234 -96.54 -22.29 -4.67
C ASN O 234 -97.49 -21.79 -5.74
N LEU O 235 -98.62 -21.18 -5.32
CA LEU O 235 -99.58 -20.63 -6.28
C LEU O 235 -98.94 -19.58 -7.17
N VAL O 236 -98.27 -18.59 -6.58
CA VAL O 236 -97.74 -17.49 -7.37
C VAL O 236 -96.59 -17.95 -8.25
N ILE O 237 -95.69 -18.79 -7.72
CA ILE O 237 -94.57 -19.28 -8.50
C ILE O 237 -95.05 -20.07 -9.70
N ALA O 238 -95.97 -21.01 -9.47
CA ALA O 238 -96.50 -21.83 -10.57
C ALA O 238 -97.25 -20.98 -11.59
N VAL O 239 -98.06 -20.02 -11.12
CA VAL O 239 -98.88 -19.21 -12.01
C VAL O 239 -98.00 -18.37 -12.93
N LEU O 240 -96.99 -17.70 -12.37
CA LEU O 240 -96.14 -16.86 -13.20
C LEU O 240 -95.22 -17.71 -14.09
N VAL O 241 -94.80 -18.89 -13.63
CA VAL O 241 -94.00 -19.77 -14.47
C VAL O 241 -94.79 -20.18 -15.71
N ASP O 242 -96.04 -20.63 -15.53
CA ASP O 242 -96.82 -21.01 -16.70
C ASP O 242 -97.20 -19.79 -17.55
N ASN O 243 -97.39 -18.63 -16.90
CA ASN O 243 -97.72 -17.39 -17.60
C ASN O 243 -96.64 -16.99 -18.58
N PHE O 244 -95.38 -17.11 -18.19
CA PHE O 244 -94.34 -16.92 -19.20
C PHE O 244 -94.13 -18.15 -20.07
N GLN O 245 -94.58 -19.32 -19.63
CA GLN O 245 -94.29 -20.54 -20.37
C GLN O 245 -95.10 -20.64 -21.66
N MET O 246 -96.37 -20.18 -21.67
CA MET O 246 -97.07 -20.27 -22.96
C MET O 246 -96.53 -19.24 -23.94
N ALA O 247 -96.09 -18.08 -23.44
CA ALA O 247 -95.40 -17.12 -24.31
C ALA O 247 -94.07 -17.67 -24.81
N LEU O 248 -93.42 -18.50 -23.99
CA LEU O 248 -92.26 -19.25 -24.46
C LEU O 248 -92.62 -20.19 -25.59
N LEU O 249 -93.79 -20.85 -25.48
CA LEU O 249 -94.21 -21.81 -26.49
C LEU O 249 -94.47 -21.16 -27.85
N LYS O 250 -94.66 -19.84 -27.88
CA LYS O 250 -94.79 -19.10 -29.12
C LYS O 250 -93.42 -18.59 -29.57
N GLY O 251 -93.40 -17.71 -30.56
CA GLY O 251 -92.15 -17.15 -31.07
C GLY O 251 -91.54 -16.12 -30.15
N PRO P 1 -146.75 -22.22 -0.89
CA PRO P 1 -145.67 -21.70 -0.05
C PRO P 1 -144.51 -22.68 0.09
N LEU P 2 -143.87 -22.67 1.27
CA LEU P 2 -142.78 -23.57 1.63
C LEU P 2 -141.61 -23.46 0.66
N SER P 3 -141.38 -24.51 -0.14
CA SER P 3 -140.24 -24.52 -1.05
C SER P 3 -140.39 -23.48 -2.16
N LEU P 4 -141.63 -23.19 -2.58
CA LEU P 4 -141.85 -22.14 -3.55
C LEU P 4 -141.44 -20.78 -3.01
N TRP P 5 -141.68 -20.54 -1.72
CA TRP P 5 -141.26 -19.28 -1.11
C TRP P 5 -139.75 -19.18 -1.05
N ALA P 6 -139.07 -20.29 -0.74
CA ALA P 6 -137.61 -20.29 -0.74
C ALA P 6 -137.07 -20.03 -2.14
N GLY P 7 -137.68 -20.63 -3.16
CA GLY P 7 -137.27 -20.35 -4.52
C GLY P 7 -137.49 -18.90 -4.92
N TRP P 8 -138.60 -18.32 -4.47
CA TRP P 8 -138.88 -16.92 -4.80
C TRP P 8 -137.90 -15.98 -4.10
N VAL P 9 -137.62 -16.21 -2.82
CA VAL P 9 -136.70 -15.32 -2.11
C VAL P 9 -135.26 -15.55 -2.54
N LEU P 10 -134.94 -16.70 -3.14
CA LEU P 10 -133.63 -16.88 -3.75
C LEU P 10 -133.58 -16.24 -5.14
N ASP P 11 -134.69 -16.20 -5.85
CA ASP P 11 -134.73 -15.59 -7.18
C ASP P 11 -134.75 -14.07 -7.10
N SER P 12 -135.38 -13.51 -6.07
CA SER P 12 -135.50 -12.06 -5.95
C SER P 12 -134.15 -11.43 -5.64
N SER P 13 -133.79 -10.40 -6.39
CA SER P 13 -132.51 -9.73 -6.19
C SER P 13 -132.50 -8.85 -4.95
N VAL P 14 -133.65 -8.37 -4.51
CA VAL P 14 -133.70 -7.50 -3.34
C VAL P 14 -133.31 -8.26 -2.08
N PHE P 15 -133.76 -9.51 -1.94
CA PHE P 15 -133.39 -10.31 -0.76
C PHE P 15 -131.91 -10.64 -0.77
N SER P 16 -131.36 -10.98 -1.95
CA SER P 16 -129.93 -11.27 -2.05
C SER P 16 -129.09 -10.05 -1.72
N LYS P 17 -129.50 -8.88 -2.24
CA LYS P 17 -128.79 -7.64 -1.92
C LYS P 17 -128.86 -7.33 -0.43
N PHE P 18 -130.04 -7.54 0.18
CA PHE P 18 -130.19 -7.30 1.61
C PHE P 18 -129.31 -8.22 2.45
N ILE P 19 -129.26 -9.52 2.09
CA ILE P 19 -128.50 -10.45 2.91
C ILE P 19 -127.00 -10.22 2.73
N ILE P 20 -126.54 -9.89 1.52
CA ILE P 20 -125.11 -9.62 1.37
C ILE P 20 -124.74 -8.30 2.04
N SER P 21 -125.65 -7.31 2.03
CA SER P 21 -125.40 -6.07 2.74
C SER P 21 -125.28 -6.30 4.24
N LEU P 22 -126.19 -7.12 4.79
CA LEU P 22 -126.12 -7.48 6.20
C LEU P 22 -124.84 -8.25 6.50
N ILE P 23 -124.40 -9.11 5.58
CA ILE P 23 -123.19 -9.89 5.79
C ILE P 23 -121.97 -8.99 5.90
N PHE P 24 -121.77 -8.09 4.92
CA PHE P 24 -120.56 -7.28 5.01
C PHE P 24 -120.67 -6.20 6.09
N LEU P 25 -121.89 -5.73 6.41
CA LEU P 25 -122.05 -4.83 7.54
C LEU P 25 -121.69 -5.50 8.84
N ASN P 26 -122.10 -6.76 9.01
CA ASN P 26 -121.75 -7.52 10.22
C ASN P 26 -120.25 -7.74 10.31
N THR P 27 -119.61 -8.10 9.19
CA THR P 27 -118.16 -8.30 9.22
C THR P 27 -117.43 -7.00 9.54
N PHE P 28 -117.88 -5.87 8.99
CA PHE P 28 -117.22 -4.59 9.29
C PHE P 28 -117.46 -4.16 10.73
N VAL P 29 -118.65 -4.39 11.26
CA VAL P 29 -118.98 -3.99 12.62
C VAL P 29 -118.25 -4.88 13.64
N LEU P 30 -117.95 -6.13 13.26
CA LEU P 30 -117.49 -7.13 14.21
C LEU P 30 -116.19 -6.73 14.91
N MET P 31 -115.22 -6.21 14.16
CA MET P 31 -113.93 -5.86 14.76
C MET P 31 -113.96 -4.52 15.48
N VAL P 32 -114.98 -3.70 15.25
CA VAL P 32 -115.04 -2.38 15.89
C VAL P 32 -115.32 -2.52 17.39
N GLU P 33 -116.22 -3.43 17.76
CA GLU P 33 -116.65 -3.57 19.15
C GLU P 33 -115.54 -4.06 20.07
N ILE P 34 -114.58 -4.83 19.54
CA ILE P 34 -113.49 -5.34 20.37
C ILE P 34 -112.42 -4.29 20.64
N GLU P 35 -112.46 -3.16 19.95
CA GLU P 35 -111.43 -2.14 20.13
C GLU P 35 -111.58 -1.42 21.47
N LEU P 36 -112.82 -1.03 21.83
CA LEU P 36 -113.03 -0.24 23.03
C LEU P 36 -114.37 -0.62 23.65
N MET P 37 -114.33 -1.10 24.89
CA MET P 37 -115.52 -1.39 25.68
C MET P 37 -115.45 -0.64 27.01
N GLU P 38 -114.97 0.61 26.96
CA GLU P 38 -114.76 1.41 28.16
C GLU P 38 -115.50 2.74 28.07
N SER P 39 -115.22 3.63 29.03
CA SER P 39 -115.89 4.93 29.11
C SER P 39 -115.10 6.04 28.45
N THR P 40 -114.35 5.73 27.40
CA THR P 40 -113.61 6.77 26.68
C THR P 40 -114.56 7.73 25.98
N ASN P 41 -115.68 7.22 25.45
CA ASN P 41 -116.71 8.04 24.83
C ASN P 41 -118.04 7.64 25.45
N THR P 42 -118.54 8.47 26.38
CA THR P 42 -119.80 8.16 27.05
C THR P 42 -120.99 8.25 26.10
N ALA P 43 -120.95 9.19 25.16
CA ALA P 43 -122.05 9.34 24.22
C ALA P 43 -122.09 8.21 23.19
N LEU P 44 -120.94 7.55 22.96
CA LEU P 44 -120.85 6.45 22.02
C LEU P 44 -121.06 5.09 22.67
N TRP P 45 -121.28 5.04 23.99
CA TRP P 45 -121.44 3.75 24.66
C TRP P 45 -122.77 3.07 24.34
N PRO P 46 -123.97 3.73 24.49
CA PRO P 46 -125.22 3.01 24.17
C PRO P 46 -125.35 2.68 22.70
N VAL P 47 -124.77 3.49 21.80
CA VAL P 47 -124.89 3.17 20.38
C VAL P 47 -123.95 2.02 20.00
N LYS P 48 -122.79 1.90 20.67
CA LYS P 48 -121.96 0.73 20.48
C LYS P 48 -122.62 -0.54 21.02
N LEU P 49 -123.30 -0.42 22.17
CA LEU P 49 -124.12 -1.54 22.62
C LEU P 49 -125.21 -1.89 21.62
N ALA P 50 -125.86 -0.86 21.05
CA ALA P 50 -126.88 -1.11 20.03
C ALA P 50 -126.30 -1.75 18.78
N LEU P 51 -125.02 -1.48 18.48
CA LEU P 51 -124.37 -2.17 17.36
C LEU P 51 -124.12 -3.64 17.68
N GLU P 52 -123.69 -3.94 18.91
CA GLU P 52 -123.56 -5.33 19.32
C GLU P 52 -124.90 -6.06 19.30
N VAL P 53 -125.96 -5.39 19.71
CA VAL P 53 -127.29 -5.98 19.63
C VAL P 53 -127.82 -6.02 18.20
N ALA P 54 -127.32 -5.15 17.31
CA ALA P 54 -127.56 -5.35 15.89
C ALA P 54 -126.89 -6.62 15.39
N ASP P 55 -125.71 -6.95 15.92
CA ASP P 55 -125.10 -8.24 15.60
C ASP P 55 -125.94 -9.41 16.13
N TRP P 56 -126.50 -9.27 17.33
CA TRP P 56 -127.49 -10.25 17.78
C TRP P 56 -128.68 -10.32 16.83
N PHE P 57 -129.07 -9.20 16.24
CA PHE P 57 -130.15 -9.20 15.25
C PHE P 57 -129.73 -9.92 13.98
N ILE P 58 -128.46 -9.82 13.59
CA ILE P 58 -127.97 -10.64 12.47
C ILE P 58 -128.02 -12.12 12.82
N LEU P 59 -127.77 -12.47 14.08
CA LEU P 59 -127.94 -13.86 14.49
C LEU P 59 -129.41 -14.30 14.41
N LEU P 60 -130.34 -13.41 14.77
CA LEU P 60 -131.76 -13.73 14.57
C LEU P 60 -132.12 -13.80 13.09
N SER P 61 -131.44 -13.02 12.25
CA SER P 61 -131.60 -13.16 10.81
C SER P 61 -131.08 -14.50 10.32
N PHE P 62 -130.02 -15.01 10.94
CA PHE P 62 -129.58 -16.37 10.65
C PHE P 62 -130.61 -17.39 11.12
N ILE P 63 -131.31 -17.10 12.22
CA ILE P 63 -132.42 -17.96 12.67
C ILE P 63 -133.51 -18.02 11.61
N VAL P 64 -133.91 -16.86 11.08
CA VAL P 64 -134.93 -16.89 10.03
C VAL P 64 -134.38 -17.44 8.72
N GLU P 65 -133.05 -17.40 8.53
CA GLU P 65 -132.45 -18.01 7.35
C GLU P 65 -132.52 -19.54 7.44
N ILE P 66 -132.24 -20.12 8.61
CA ILE P 66 -132.42 -21.55 8.75
C ILE P 66 -133.91 -21.92 8.78
N LEU P 67 -134.78 -20.97 9.16
CA LEU P 67 -136.21 -21.19 8.99
C LEU P 67 -136.60 -21.30 7.52
N LEU P 68 -136.04 -20.42 6.68
CA LEU P 68 -136.22 -20.55 5.24
C LEU P 68 -135.57 -21.82 4.70
N MET P 69 -134.49 -22.27 5.34
CA MET P 69 -133.88 -23.54 4.97
C MET P 69 -134.76 -24.73 5.32
N TRP P 70 -135.59 -24.60 6.37
CA TRP P 70 -136.56 -25.65 6.66
C TRP P 70 -137.62 -25.76 5.57
N LEU P 71 -137.84 -24.68 4.80
CA LEU P 71 -138.75 -24.74 3.66
C LEU P 71 -138.18 -25.57 2.52
N ALA P 72 -136.87 -25.84 2.54
CA ALA P 72 -136.23 -26.73 1.56
C ALA P 72 -136.46 -28.19 1.94
N SER P 73 -135.67 -29.09 1.36
CA SER P 73 -135.85 -30.54 1.50
C SER P 73 -135.76 -31.06 2.93
N PHE P 74 -135.49 -30.18 3.90
CA PHE P 74 -135.60 -30.47 5.32
C PHE P 74 -134.66 -31.58 5.78
N SER P 75 -135.18 -32.80 5.88
CA SER P 75 -134.38 -33.92 6.39
C SER P 75 -133.31 -34.35 5.40
N LEU P 76 -133.52 -34.09 4.11
CA LEU P 76 -132.52 -34.45 3.11
C LEU P 76 -131.29 -33.55 3.21
N PHE P 77 -131.45 -32.32 3.68
CA PHE P 77 -130.36 -31.36 3.75
C PHE P 77 -129.40 -31.60 4.90
N TRP P 78 -129.70 -32.56 5.79
CA TRP P 78 -128.83 -32.83 6.93
C TRP P 78 -127.50 -33.43 6.51
N LYS P 79 -127.43 -34.03 5.32
CA LYS P 79 -126.19 -34.59 4.78
C LYS P 79 -126.08 -34.12 3.33
N ASP P 80 -125.21 -33.14 3.08
CA ASP P 80 -125.13 -32.50 1.77
C ASP P 80 -123.71 -32.02 1.55
N ALA P 81 -123.53 -31.13 0.57
CA ALA P 81 -122.24 -30.48 0.29
C ALA P 81 -122.01 -29.34 1.28
N TRP P 82 -121.07 -28.43 0.97
CA TRP P 82 -120.60 -27.41 1.92
C TRP P 82 -121.72 -26.60 2.58
N ASN P 83 -122.95 -26.67 2.07
CA ASN P 83 -124.07 -26.00 2.71
C ASN P 83 -124.38 -26.57 4.09
N VAL P 84 -124.15 -27.87 4.32
CA VAL P 84 -124.36 -28.39 5.67
C VAL P 84 -123.26 -27.87 6.59
N PHE P 85 -122.06 -27.65 6.05
CA PHE P 85 -121.01 -26.98 6.84
C PHE P 85 -121.42 -25.55 7.19
N ASP P 86 -122.06 -24.84 6.25
CA ASP P 86 -122.58 -23.51 6.54
C ASP P 86 -123.67 -23.58 7.62
N PHE P 87 -124.53 -24.60 7.56
CA PHE P 87 -125.57 -24.79 8.56
C PHE P 87 -124.96 -25.04 9.94
N PHE P 88 -123.92 -25.88 9.99
CA PHE P 88 -123.24 -26.16 11.25
C PHE P 88 -122.56 -24.90 11.80
N VAL P 89 -121.97 -24.09 10.92
CA VAL P 89 -121.33 -22.86 11.36
C VAL P 89 -122.37 -21.88 11.89
N THR P 90 -123.53 -21.80 11.25
CA THR P 90 -124.60 -20.93 11.76
C THR P 90 -125.14 -21.42 13.10
N LEU P 91 -125.21 -22.75 13.29
CA LEU P 91 -125.58 -23.28 14.60
C LEU P 91 -124.55 -22.91 15.65
N LEU P 92 -123.26 -23.03 15.31
CA LEU P 92 -122.19 -22.66 16.24
C LEU P 92 -122.19 -21.15 16.50
N SER P 93 -122.70 -20.36 15.55
CA SER P 93 -122.79 -18.91 15.72
C SER P 93 -124.03 -18.49 16.51
N LEU P 94 -125.07 -19.32 16.51
CA LEU P 94 -126.18 -19.13 17.43
C LEU P 94 -125.85 -19.61 18.84
N LEU P 95 -124.92 -20.54 18.97
CA LEU P 95 -124.52 -21.05 20.29
C LEU P 95 -124.09 -19.98 21.31
N PRO P 96 -123.35 -18.91 20.96
CA PRO P 96 -122.98 -17.93 21.99
C PRO P 96 -124.16 -17.28 22.70
N GLU P 97 -125.29 -17.07 22.02
CA GLU P 97 -126.47 -16.57 22.72
C GLU P 97 -126.93 -17.53 23.81
N LEU P 98 -126.92 -18.84 23.52
CA LEU P 98 -127.30 -19.83 24.52
C LEU P 98 -126.29 -19.90 25.65
N VAL P 99 -124.99 -19.76 25.35
CA VAL P 99 -123.97 -19.89 26.39
C VAL P 99 -123.75 -18.58 27.15
N VAL P 100 -124.35 -17.47 26.73
CA VAL P 100 -124.38 -16.28 27.57
C VAL P 100 -125.71 -16.13 28.30
N LEU P 101 -126.79 -16.76 27.81
CA LEU P 101 -128.05 -16.72 28.54
C LEU P 101 -128.04 -17.65 29.74
N LEU P 102 -127.30 -18.76 29.67
CA LEU P 102 -127.29 -19.74 30.76
C LEU P 102 -125.91 -20.25 31.12
N GLY P 103 -124.86 -19.93 30.37
CA GLY P 103 -123.56 -20.52 30.63
C GLY P 103 -122.67 -19.74 31.58
N VAL P 104 -123.03 -18.48 31.85
CA VAL P 104 -122.26 -17.57 32.71
C VAL P 104 -120.82 -17.51 32.23
N PRO P 105 -120.53 -16.80 31.13
CA PRO P 105 -119.22 -16.94 30.47
C PRO P 105 -118.05 -16.32 31.22
N ALA P 106 -117.90 -16.65 32.49
CA ALA P 106 -116.67 -16.35 33.24
C ALA P 106 -115.78 -17.60 33.28
N HIS P 107 -115.45 -18.10 32.11
CA HIS P 107 -114.77 -19.39 31.97
C HIS P 107 -114.06 -19.41 30.62
N SER P 108 -113.66 -20.61 30.19
CA SER P 108 -113.17 -20.82 28.83
C SER P 108 -114.38 -20.74 27.89
N VAL P 109 -114.68 -19.50 27.47
CA VAL P 109 -115.92 -19.23 26.74
C VAL P 109 -115.89 -19.88 25.37
N TRP P 110 -114.76 -19.73 24.65
CA TRP P 110 -114.58 -20.17 23.26
C TRP P 110 -115.60 -19.55 22.32
N LEU P 111 -116.12 -18.37 22.68
CA LEU P 111 -116.93 -17.58 21.76
C LEU P 111 -116.11 -17.08 20.57
N GLN P 112 -114.80 -16.93 20.76
CA GLN P 112 -113.94 -16.39 19.71
C GLN P 112 -113.83 -17.36 18.53
N LEU P 113 -113.76 -18.66 18.82
CA LEU P 113 -113.67 -19.65 17.75
C LEU P 113 -114.95 -19.68 16.92
N LEU P 114 -116.11 -19.64 17.57
CA LEU P 114 -117.38 -19.58 16.84
C LEU P 114 -117.52 -18.27 16.08
N ARG P 115 -117.01 -17.17 16.65
CA ARG P 115 -117.04 -15.89 15.97
C ARG P 115 -116.22 -15.92 14.69
N VAL P 116 -115.00 -16.47 14.77
CA VAL P 116 -114.19 -16.57 13.56
C VAL P 116 -114.75 -17.60 12.59
N CYS P 117 -115.48 -18.60 13.08
CA CYS P 117 -116.15 -19.54 12.18
C CYS P 117 -117.25 -18.85 11.38
N ARG P 118 -118.08 -18.04 12.05
CA ARG P 118 -119.11 -17.32 11.30
C ARG P 118 -118.51 -16.24 10.42
N VAL P 119 -117.34 -15.70 10.78
CA VAL P 119 -116.66 -14.75 9.91
C VAL P 119 -116.15 -15.46 8.65
N LEU P 120 -115.54 -16.63 8.80
CA LEU P 120 -115.02 -17.35 7.64
C LEU P 120 -116.14 -17.85 6.74
N ARG P 121 -117.28 -18.21 7.34
CA ARG P 121 -118.45 -18.51 6.52
C ARG P 121 -118.96 -17.26 5.81
N SER P 122 -118.94 -16.11 6.50
CA SER P 122 -119.32 -14.85 5.85
C SER P 122 -118.33 -14.44 4.79
N LEU P 123 -117.05 -14.76 4.97
CA LEU P 123 -116.02 -14.45 3.99
C LEU P 123 -115.98 -15.44 2.84
N LYS P 124 -116.75 -16.53 2.91
CA LYS P 124 -116.89 -17.44 1.79
C LYS P 124 -118.26 -17.38 1.13
N LEU P 125 -119.29 -16.93 1.84
CA LEU P 125 -120.61 -16.72 1.26
C LEU P 125 -120.79 -15.25 0.86
N PHE P 126 -119.89 -14.78 0.00
CA PHE P 126 -119.88 -13.40 -0.45
C PHE P 126 -120.07 -13.27 -1.95
N ALA P 127 -120.72 -14.27 -2.57
CA ALA P 127 -120.89 -14.37 -4.03
C ALA P 127 -119.53 -14.36 -4.71
N ARG P 128 -118.78 -15.43 -4.44
CA ARG P 128 -117.41 -15.59 -4.92
C ARG P 128 -117.34 -15.52 -6.44
N PHE P 129 -116.37 -14.77 -6.94
CA PHE P 129 -116.22 -14.55 -8.36
C PHE P 129 -115.74 -15.81 -9.06
N ARG P 130 -115.91 -15.84 -10.38
CA ARG P 130 -115.51 -17.00 -11.18
C ARG P 130 -114.00 -17.14 -11.24
N GLN P 131 -113.26 -16.02 -11.22
CA GLN P 131 -111.80 -16.09 -11.20
C GLN P 131 -111.30 -16.70 -9.91
N ILE P 132 -111.99 -16.44 -8.80
CA ILE P 132 -111.69 -17.14 -7.56
C ILE P 132 -112.06 -18.62 -7.68
N LYS P 133 -113.18 -18.89 -8.36
CA LYS P 133 -113.70 -20.26 -8.43
C LYS P 133 -112.79 -21.19 -9.22
N VAL P 134 -112.24 -20.71 -10.34
CA VAL P 134 -111.38 -21.57 -11.15
C VAL P 134 -110.10 -21.91 -10.42
N ILE P 135 -109.51 -20.93 -9.71
CA ILE P 135 -108.29 -21.20 -8.98
C ILE P 135 -108.57 -22.05 -7.74
N LEU P 136 -109.77 -21.95 -7.16
CA LEU P 136 -110.12 -22.81 -6.03
C LEU P 136 -110.32 -24.25 -6.51
N LEU P 137 -110.91 -24.41 -7.70
CA LEU P 137 -111.02 -25.74 -8.30
C LEU P 137 -109.64 -26.33 -8.61
N ALA P 138 -108.73 -25.50 -9.14
CA ALA P 138 -107.37 -25.95 -9.38
C ALA P 138 -106.68 -26.35 -8.08
N LEU P 139 -106.91 -25.58 -7.01
CA LEU P 139 -106.31 -25.90 -5.72
C LEU P 139 -106.85 -27.21 -5.15
N VAL P 140 -108.17 -27.43 -5.25
CA VAL P 140 -108.72 -28.65 -4.67
C VAL P 140 -108.33 -29.87 -5.50
N ARG P 141 -108.22 -29.73 -6.82
CA ARG P 141 -107.74 -30.87 -7.60
C ARG P 141 -106.24 -31.10 -7.39
N ALA P 142 -105.49 -30.04 -7.09
CA ALA P 142 -104.07 -30.22 -6.77
C ALA P 142 -103.87 -30.91 -5.43
N LEU P 143 -104.66 -30.55 -4.42
CA LEU P 143 -104.58 -31.26 -3.14
C LEU P 143 -105.22 -32.65 -3.23
N LYS P 144 -106.06 -32.88 -4.24
CA LYS P 144 -106.43 -34.25 -4.57
C LYS P 144 -105.22 -35.00 -5.13
N SER P 145 -104.41 -34.32 -5.94
CA SER P 145 -103.13 -34.90 -6.38
C SER P 145 -102.11 -34.97 -5.25
N MET P 146 -102.36 -34.29 -4.13
CA MET P 146 -101.64 -34.55 -2.87
C MET P 146 -102.16 -35.87 -2.31
N THR P 147 -101.54 -36.96 -2.76
CA THR P 147 -101.85 -38.29 -2.24
C THR P 147 -100.67 -38.92 -1.52
N PHE P 148 -99.48 -38.90 -2.14
CA PHE P 148 -98.32 -39.56 -1.58
C PHE P 148 -97.18 -38.60 -1.21
N LEU P 149 -97.20 -37.37 -1.73
CA LEU P 149 -96.10 -36.44 -1.45
C LEU P 149 -96.16 -35.94 -0.01
N LEU P 150 -97.35 -35.64 0.50
CA LEU P 150 -97.47 -35.25 1.90
C LEU P 150 -97.15 -36.41 2.83
N MET P 151 -97.46 -37.65 2.42
CA MET P 151 -97.10 -38.80 3.24
C MET P 151 -95.59 -38.93 3.38
N LEU P 152 -94.86 -38.78 2.27
CA LEU P 152 -93.40 -38.78 2.33
C LEU P 152 -92.87 -37.59 3.12
N LEU P 153 -93.52 -36.43 2.99
CA LEU P 153 -93.09 -35.25 3.74
C LEU P 153 -93.23 -35.48 5.24
N LEU P 154 -94.40 -35.96 5.69
CA LEU P 154 -94.60 -36.21 7.11
C LEU P 154 -93.74 -37.36 7.62
N ILE P 155 -93.45 -38.36 6.78
CA ILE P 155 -92.65 -39.48 7.28
C ILE P 155 -91.17 -39.11 7.35
N PHE P 156 -90.69 -38.24 6.45
CA PHE P 156 -89.33 -37.73 6.58
C PHE P 156 -89.22 -36.79 7.77
N PHE P 157 -90.26 -35.97 7.98
CA PHE P 157 -90.38 -35.19 9.22
C PHE P 157 -90.28 -36.08 10.44
N TYR P 158 -91.04 -37.18 10.45
CA TYR P 158 -91.05 -38.10 11.59
C TYR P 158 -89.67 -38.68 11.84
N ILE P 159 -89.04 -39.25 10.80
CA ILE P 159 -87.77 -39.95 11.01
C ILE P 159 -86.68 -38.96 11.39
N PHE P 160 -86.62 -37.79 10.73
CA PHE P 160 -85.56 -36.85 11.02
C PHE P 160 -85.74 -36.19 12.39
N ALA P 161 -86.97 -35.86 12.77
CA ALA P 161 -87.20 -35.29 14.09
C ALA P 161 -86.88 -36.28 15.19
N VAL P 162 -87.36 -37.52 15.06
CA VAL P 162 -87.10 -38.52 16.08
C VAL P 162 -85.64 -38.95 16.09
N THR P 163 -84.91 -38.76 14.99
CA THR P 163 -83.47 -38.98 15.00
C THR P 163 -82.76 -37.84 15.72
N GLY P 164 -83.17 -36.61 15.46
CA GLY P 164 -82.58 -35.42 16.03
C GLY P 164 -83.00 -35.09 17.43
N VAL P 165 -83.91 -35.86 18.02
CA VAL P 165 -84.18 -35.72 19.46
C VAL P 165 -82.92 -36.00 20.26
N TYR P 166 -82.41 -37.22 20.17
CA TYR P 166 -81.20 -37.62 20.88
C TYR P 166 -79.95 -37.50 20.02
N PHE P 167 -79.74 -36.33 19.41
CA PHE P 167 -78.44 -35.95 18.87
C PHE P 167 -77.83 -34.76 19.59
N PHE P 168 -78.56 -33.64 19.66
CA PHE P 168 -78.16 -32.53 20.53
C PHE P 168 -78.80 -32.68 21.90
N ARG P 169 -78.65 -33.86 22.47
CA ARG P 169 -79.19 -34.14 23.80
C ARG P 169 -78.42 -33.42 24.89
N GLU P 170 -77.15 -33.14 24.69
CA GLU P 170 -76.36 -32.41 25.68
C GLU P 170 -76.62 -30.91 25.63
N TYR P 171 -77.67 -30.48 24.94
CA TYR P 171 -77.93 -29.05 24.83
C TYR P 171 -78.87 -28.57 25.93
N SER P 172 -80.09 -29.10 25.96
CA SER P 172 -80.98 -28.80 27.07
C SER P 172 -80.49 -29.45 28.35
N ARG P 173 -79.96 -30.66 28.25
CA ARG P 173 -79.48 -31.38 29.43
C ARG P 173 -77.99 -31.11 29.65
N SER P 174 -77.67 -29.81 29.69
CA SER P 174 -76.39 -29.34 30.15
C SER P 174 -76.64 -28.28 31.21
N THR P 175 -75.68 -28.10 32.12
CA THR P 175 -75.86 -27.23 33.27
C THR P 175 -75.37 -25.80 33.04
N ILE P 176 -75.42 -25.32 31.80
CA ILE P 176 -74.96 -23.98 31.48
C ILE P 176 -76.04 -22.99 31.91
N GLU P 177 -75.65 -21.98 32.69
CA GLU P 177 -76.62 -20.99 33.16
C GLU P 177 -77.10 -20.08 32.03
N GLY P 178 -76.17 -19.56 31.23
CA GLY P 178 -76.57 -18.64 30.19
C GLY P 178 -76.93 -19.31 28.88
N LEU P 179 -78.23 -19.56 28.70
CA LEU P 179 -78.76 -20.21 27.51
C LEU P 179 -80.22 -19.83 27.36
N GLU P 180 -80.66 -19.69 26.11
CA GLU P 180 -82.02 -19.25 25.84
C GLU P 180 -82.74 -20.04 24.75
N TYR P 181 -82.05 -20.91 24.02
CA TYR P 181 -82.68 -21.84 23.09
C TYR P 181 -82.71 -23.27 23.62
N ASN P 182 -82.61 -23.45 24.93
CA ASN P 182 -82.55 -24.79 25.50
C ASN P 182 -83.87 -25.53 25.37
N MET P 183 -85.00 -24.81 25.45
CA MET P 183 -86.31 -25.44 25.44
C MET P 183 -86.65 -26.00 24.05
N PHE P 184 -85.89 -25.61 23.02
CA PHE P 184 -86.14 -26.06 21.66
C PHE P 184 -85.95 -27.57 21.52
N PHE P 185 -84.87 -28.10 22.10
CA PHE P 185 -84.49 -29.50 21.91
C PHE P 185 -84.84 -30.36 23.11
N SER P 186 -85.68 -29.87 24.02
CA SER P 186 -85.94 -30.59 25.26
C SER P 186 -86.97 -31.71 25.06
N ASP P 187 -88.18 -31.35 24.66
CA ASP P 187 -89.27 -32.30 24.55
C ASP P 187 -89.42 -32.81 23.12
N LEU P 188 -90.11 -33.94 22.98
CA LEU P 188 -90.39 -34.49 21.66
C LEU P 188 -91.27 -33.54 20.85
N LEU P 189 -92.30 -32.97 21.48
CA LEU P 189 -93.10 -31.94 20.82
C LEU P 189 -92.26 -30.70 20.53
N ASN P 190 -91.37 -30.35 21.47
CA ASN P 190 -90.41 -29.28 21.23
C ASN P 190 -89.46 -29.62 20.09
N SER P 191 -89.06 -30.89 19.98
CA SER P 191 -88.24 -31.30 18.85
C SER P 191 -88.99 -31.15 17.54
N LEU P 192 -90.29 -31.49 17.53
CA LEU P 192 -91.12 -31.26 16.35
C LEU P 192 -91.18 -29.78 16.00
N VAL P 193 -91.34 -28.92 17.02
CA VAL P 193 -91.40 -27.48 16.81
C VAL P 193 -90.09 -26.97 16.22
N THR P 194 -88.96 -27.41 16.76
CA THR P 194 -87.69 -26.88 16.29
C THR P 194 -87.30 -27.44 14.92
N VAL P 195 -87.71 -28.67 14.58
CA VAL P 195 -87.44 -29.13 13.22
C VAL P 195 -88.43 -28.52 12.23
N PHE P 196 -89.63 -28.14 12.67
CA PHE P 196 -90.49 -27.32 11.83
C PHE P 196 -89.86 -25.96 11.56
N ILE P 197 -89.23 -25.38 12.58
CA ILE P 197 -88.51 -24.11 12.41
C ILE P 197 -87.36 -24.28 11.43
N LEU P 198 -86.60 -25.36 11.58
CA LEU P 198 -85.49 -25.63 10.65
C LEU P 198 -85.99 -25.88 9.23
N PHE P 199 -87.16 -26.52 9.08
CA PHE P 199 -87.76 -26.69 7.76
C PHE P 199 -88.17 -25.35 7.17
N THR P 200 -88.75 -24.47 7.98
CA THR P 200 -89.08 -23.13 7.51
C THR P 200 -87.84 -22.28 7.27
N LEU P 201 -86.71 -22.65 7.88
CA LEU P 201 -85.41 -22.01 7.67
C LEU P 201 -85.46 -20.52 8.07
N ASP P 202 -85.69 -20.27 9.35
CA ASP P 202 -85.64 -18.94 9.92
C ASP P 202 -84.62 -18.92 11.07
N HIS P 203 -83.63 -18.03 10.96
CA HIS P 203 -82.55 -17.88 11.94
C HIS P 203 -81.85 -19.21 12.23
N TRP P 204 -81.54 -19.95 11.15
CA TRP P 204 -80.74 -21.16 11.32
C TRP P 204 -79.32 -20.82 11.75
N TYR P 205 -78.79 -19.67 11.31
CA TYR P 205 -77.49 -19.21 11.76
C TYR P 205 -77.50 -18.92 13.26
N ALA P 206 -78.53 -18.21 13.73
CA ALA P 206 -78.64 -17.90 15.15
C ALA P 206 -78.88 -19.17 15.97
N VAL P 207 -79.66 -20.11 15.43
CA VAL P 207 -79.89 -21.37 16.12
C VAL P 207 -78.59 -22.15 16.26
N LEU P 208 -77.81 -22.25 15.18
CA LEU P 208 -76.54 -22.97 15.23
C LEU P 208 -75.53 -22.26 16.13
N GLN P 209 -75.56 -20.92 16.17
CA GLN P 209 -74.69 -20.19 17.09
C GLN P 209 -75.11 -20.41 18.54
N ASP P 210 -76.40 -20.60 18.80
CA ASP P 210 -76.84 -20.89 20.15
C ASP P 210 -76.62 -22.35 20.54
N ILE P 211 -76.53 -23.25 19.57
CA ILE P 211 -76.05 -24.61 19.84
C ILE P 211 -74.53 -24.68 19.77
N TRP P 212 -73.86 -23.64 19.28
CA TRP P 212 -72.41 -23.57 19.39
C TRP P 212 -71.95 -23.37 20.83
N LYS P 213 -72.84 -23.02 21.75
CA LYS P 213 -72.49 -22.96 23.16
C LYS P 213 -72.30 -24.35 23.77
N VAL P 214 -72.76 -25.41 23.10
CA VAL P 214 -72.41 -26.77 23.51
C VAL P 214 -70.91 -26.95 23.32
N PRO P 215 -70.20 -27.68 24.22
CA PRO P 215 -68.80 -28.02 23.97
C PRO P 215 -68.57 -28.65 22.60
N GLU P 216 -67.79 -27.95 21.78
CA GLU P 216 -67.59 -28.32 20.37
C GLU P 216 -66.76 -29.59 20.30
N SER P 217 -67.41 -30.71 20.00
CA SER P 217 -66.72 -32.00 19.86
C SER P 217 -66.30 -32.24 18.41
N SER P 218 -65.61 -31.25 17.83
CA SER P 218 -65.04 -31.32 16.48
C SER P 218 -66.10 -31.53 15.40
N ARG P 219 -67.36 -31.20 15.72
CA ARG P 219 -68.51 -31.12 14.80
C ARG P 219 -68.66 -32.32 13.87
N VAL P 220 -68.14 -33.48 14.28
CA VAL P 220 -67.98 -34.60 13.34
C VAL P 220 -69.28 -35.22 12.86
N PHE P 221 -70.34 -35.20 13.68
CA PHE P 221 -71.58 -35.84 13.25
C PHE P 221 -72.81 -34.96 13.42
N SER P 222 -72.86 -34.16 14.48
CA SER P 222 -74.10 -33.49 14.86
C SER P 222 -74.42 -32.30 13.95
N SER P 223 -73.46 -31.37 13.83
CA SER P 223 -73.67 -30.18 13.02
C SER P 223 -73.90 -30.53 11.56
N ILE P 224 -73.13 -31.48 11.04
CA ILE P 224 -73.33 -31.90 9.65
C ILE P 224 -74.68 -32.58 9.49
N TYR P 225 -75.15 -33.30 10.52
CA TYR P 225 -76.47 -33.93 10.45
C TYR P 225 -77.58 -32.90 10.36
N VAL P 226 -77.57 -31.91 11.26
CA VAL P 226 -78.67 -30.93 11.26
C VAL P 226 -78.60 -30.07 10.01
N ILE P 227 -77.39 -29.73 9.54
CA ILE P 227 -77.26 -28.89 8.34
C ILE P 227 -77.75 -29.66 7.11
N LEU P 228 -77.32 -30.92 6.97
CA LEU P 228 -77.78 -31.72 5.85
C LEU P 228 -79.28 -31.93 5.89
N TRP P 229 -79.84 -32.16 7.08
CA TRP P 229 -81.29 -32.31 7.22
C TRP P 229 -82.02 -31.06 6.75
N LEU P 230 -81.62 -29.89 7.27
CA LEU P 230 -82.34 -28.67 6.91
C LEU P 230 -82.24 -28.38 5.43
N LEU P 231 -81.01 -28.44 4.87
CA LEU P 231 -80.84 -28.09 3.46
C LEU P 231 -81.54 -29.10 2.54
N LEU P 232 -81.33 -30.40 2.78
CA LEU P 232 -81.92 -31.42 1.92
C LEU P 232 -83.43 -31.39 2.00
N GLY P 233 -83.99 -31.41 3.22
CA GLY P 233 -85.43 -31.40 3.36
C GLY P 233 -86.07 -30.17 2.74
N SER P 234 -85.53 -28.97 3.04
CA SER P 234 -86.12 -27.75 2.54
C SER P 234 -86.09 -27.70 1.02
N ILE P 235 -84.91 -27.89 0.42
CA ILE P 235 -84.83 -27.73 -1.03
C ILE P 235 -85.58 -28.85 -1.75
N ILE P 236 -85.46 -30.10 -1.28
CA ILE P 236 -86.10 -31.22 -1.96
C ILE P 236 -87.61 -31.10 -1.90
N PHE P 237 -88.17 -30.77 -0.72
CA PHE P 237 -89.61 -30.75 -0.61
C PHE P 237 -90.22 -29.52 -1.27
N ARG P 238 -89.59 -28.35 -1.11
CA ARG P 238 -90.07 -27.15 -1.82
C ARG P 238 -90.06 -27.37 -3.32
N ASN P 239 -88.97 -27.94 -3.84
CA ASN P 239 -88.86 -28.20 -5.27
C ASN P 239 -89.88 -29.23 -5.73
N ILE P 240 -90.09 -30.29 -4.95
CA ILE P 240 -91.01 -31.33 -5.39
C ILE P 240 -92.46 -30.83 -5.37
N ILE P 241 -92.83 -29.97 -4.42
CA ILE P 241 -94.20 -29.50 -4.41
C ILE P 241 -94.44 -28.47 -5.52
N VAL P 242 -93.47 -27.57 -5.77
CA VAL P 242 -93.66 -26.63 -6.87
C VAL P 242 -93.65 -27.36 -8.21
N ALA P 243 -92.85 -28.44 -8.32
CA ALA P 243 -92.83 -29.23 -9.55
C ALA P 243 -94.15 -29.96 -9.75
N MET P 244 -94.72 -30.53 -8.69
CA MET P 244 -96.00 -31.22 -8.84
C MET P 244 -97.08 -30.22 -9.23
N MET P 245 -97.07 -29.01 -8.66
CA MET P 245 -98.15 -28.09 -8.96
C MET P 245 -98.00 -27.48 -10.35
N VAL P 246 -96.76 -27.26 -10.82
CA VAL P 246 -96.62 -26.79 -12.19
C VAL P 246 -97.03 -27.90 -13.16
N THR P 247 -96.78 -29.17 -12.81
CA THR P 247 -97.31 -30.27 -13.62
C THR P 247 -98.84 -30.31 -13.57
N ASN P 248 -99.43 -29.95 -12.43
CA ASN P 248 -100.88 -29.86 -12.34
C ASN P 248 -101.42 -28.80 -13.29
N PHE P 249 -100.78 -27.64 -13.33
CA PHE P 249 -101.17 -26.59 -14.28
C PHE P 249 -100.94 -27.04 -15.72
N GLN P 250 -99.86 -27.80 -15.96
CA GLN P 250 -99.57 -28.31 -17.28
C GLN P 250 -100.68 -29.23 -17.77
N ASN P 251 -101.11 -30.17 -16.92
CA ASN P 251 -102.15 -31.10 -17.37
C ASN P 251 -103.52 -30.45 -17.41
N ILE P 252 -103.78 -29.44 -16.56
CA ILE P 252 -105.02 -28.67 -16.69
C ILE P 252 -105.09 -27.98 -18.04
N ARG P 253 -104.00 -27.30 -18.42
CA ARG P 253 -103.97 -26.62 -19.70
C ARG P 253 -103.97 -27.61 -20.87
N SER P 254 -103.33 -28.77 -20.71
CA SER P 254 -103.35 -29.78 -21.76
C SER P 254 -104.75 -30.33 -21.98
N GLU P 255 -105.48 -30.61 -20.91
CA GLU P 255 -106.87 -31.04 -21.03
C GLU P 255 -107.73 -29.96 -21.65
N LEU P 256 -107.54 -28.70 -21.25
CA LEU P 256 -108.28 -27.61 -21.86
C LEU P 256 -107.99 -27.50 -23.36
N SER P 257 -106.71 -27.59 -23.74
CA SER P 257 -106.32 -27.48 -25.13
C SER P 257 -106.87 -28.62 -25.96
N GLU P 258 -106.85 -29.85 -25.43
CA GLU P 258 -107.41 -30.96 -26.18
C GLU P 258 -108.92 -30.86 -26.29
N GLU P 259 -109.60 -30.29 -25.28
CA GLU P 259 -111.03 -30.07 -25.40
C GLU P 259 -111.36 -29.04 -26.48
N MET P 260 -110.61 -27.92 -26.53
CA MET P 260 -110.87 -26.95 -27.58
C MET P 260 -110.50 -27.50 -28.97
N SER P 261 -109.44 -28.32 -29.05
CA SER P 261 -109.07 -28.93 -30.32
C SER P 261 -110.16 -29.89 -30.79
N HIS P 262 -110.71 -30.69 -29.88
CA HIS P 262 -111.82 -31.57 -30.23
C HIS P 262 -113.06 -30.78 -30.65
N LEU P 263 -113.32 -29.66 -29.97
CA LEU P 263 -114.44 -28.80 -30.35
C LEU P 263 -114.25 -28.25 -31.76
N GLU P 264 -113.04 -27.81 -32.10
CA GLU P 264 -112.76 -27.30 -33.43
C GLU P 264 -112.87 -28.39 -34.48
N VAL P 265 -112.41 -29.61 -34.17
CA VAL P 265 -112.53 -30.73 -35.10
C VAL P 265 -114.00 -31.05 -35.34
N GLN P 266 -114.80 -31.05 -34.27
CA GLN P 266 -116.24 -31.30 -34.40
C GLN P 266 -116.90 -30.21 -35.23
N TYR P 267 -116.48 -28.95 -35.05
CA TYR P 267 -117.03 -27.87 -35.87
C TYR P 267 -116.64 -28.01 -37.33
N LYS P 268 -115.41 -28.47 -37.60
CA LYS P 268 -114.99 -28.73 -38.97
C LYS P 268 -115.86 -29.80 -39.63
N ALA P 269 -116.04 -30.93 -38.94
CA ALA P 269 -116.96 -31.96 -39.43
C ALA P 269 -118.37 -31.43 -39.54
N ASP P 270 -118.72 -30.45 -38.70
CA ASP P 270 -120.07 -29.89 -38.70
C ASP P 270 -120.35 -29.13 -39.99
N MET P 271 -119.48 -28.19 -40.40
CA MET P 271 -119.85 -27.49 -41.62
C MET P 271 -119.54 -28.35 -42.84
N PHE P 272 -118.67 -29.36 -42.71
CA PHE P 272 -118.52 -30.30 -43.82
C PHE P 272 -119.82 -31.08 -44.05
N LYS P 273 -120.44 -31.56 -42.97
CA LYS P 273 -121.72 -32.26 -43.09
C LYS P 273 -122.83 -31.29 -43.47
N GLN P 274 -122.70 -30.00 -43.13
CA GLN P 274 -123.68 -29.02 -43.58
C GLN P 274 -123.60 -28.81 -45.09
N GLN P 275 -122.39 -28.74 -45.64
CA GLN P 275 -122.24 -28.69 -47.09
C GLN P 275 -122.76 -29.95 -47.76
N ILE P 276 -122.54 -31.11 -47.13
CA ILE P 276 -123.06 -32.37 -47.66
C ILE P 276 -124.58 -32.34 -47.68
N ILE P 277 -125.20 -31.86 -46.60
CA ILE P 277 -126.66 -31.76 -46.54
C ILE P 277 -127.19 -30.78 -47.58
N GLN P 278 -126.51 -29.64 -47.74
CA GLN P 278 -126.95 -28.64 -48.72
C GLN P 278 -126.86 -29.18 -50.14
N ARG P 279 -125.82 -29.95 -50.44
CA ARG P 279 -125.72 -30.57 -51.77
C ARG P 279 -126.76 -31.67 -51.95
N ARG P 280 -127.05 -32.41 -50.87
CA ARG P 280 -128.00 -33.51 -50.97
C ARG P 280 -129.42 -33.05 -51.25
N GLN P 281 -129.76 -31.80 -50.96
CA GLN P 281 -131.08 -31.28 -51.25
C GLN P 281 -131.23 -30.92 -52.72
N GLU Q 1 -84.81 -76.99 -5.62
CA GLU Q 1 -85.77 -77.94 -5.07
C GLU Q 1 -86.95 -77.22 -4.43
N CYS Q 2 -86.75 -76.74 -3.20
CA CYS Q 2 -87.78 -76.05 -2.44
C CYS Q 2 -87.76 -74.54 -2.65
N GLN Q 3 -86.94 -74.05 -3.59
CA GLN Q 3 -86.87 -72.61 -3.83
C GLN Q 3 -88.19 -72.06 -4.35
N ALA Q 4 -88.92 -72.82 -5.17
CA ALA Q 4 -90.21 -72.36 -5.67
C ALA Q 4 -91.22 -72.19 -4.55
N TYR Q 5 -91.26 -73.15 -3.61
CA TYR Q 5 -92.17 -73.02 -2.48
C TYR Q 5 -91.77 -71.86 -1.57
N PHE Q 6 -90.47 -71.66 -1.38
CA PHE Q 6 -90.02 -70.55 -0.54
C PHE Q 6 -90.36 -69.20 -1.18
N ARG Q 7 -90.22 -69.10 -2.50
CA ARG Q 7 -90.60 -67.87 -3.20
C ARG Q 7 -92.11 -67.67 -3.20
N LYS Q 8 -92.89 -68.76 -3.27
CA LYS Q 8 -94.33 -68.63 -3.14
C LYS Q 8 -94.73 -68.16 -1.74
N VAL Q 9 -94.03 -68.64 -0.71
CA VAL Q 9 -94.27 -68.20 0.65
C VAL Q 9 -93.90 -66.72 0.81
N ILE Q 10 -92.77 -66.31 0.23
CA ILE Q 10 -92.35 -64.91 0.35
C ILE Q 10 -93.25 -63.99 -0.47
N LYS Q 11 -94.03 -64.54 -1.41
CA LYS Q 11 -95.02 -63.77 -2.15
C LYS Q 11 -96.36 -63.68 -1.43
N SER Q 12 -96.55 -64.43 -0.35
CA SER Q 12 -97.80 -64.36 0.39
C SER Q 12 -97.90 -63.06 1.16
N THR Q 13 -99.13 -62.58 1.36
CA THR Q 13 -99.34 -61.31 2.03
C THR Q 13 -99.30 -61.45 3.55
N PHE Q 14 -99.42 -62.66 4.09
CA PHE Q 14 -99.44 -62.83 5.54
C PHE Q 14 -98.06 -62.56 6.15
N PHE Q 15 -96.99 -63.00 5.49
CA PHE Q 15 -95.65 -62.73 5.98
C PHE Q 15 -95.35 -61.24 5.96
N GLN Q 16 -95.76 -60.55 4.90
CA GLN Q 16 -95.57 -59.10 4.84
C GLN Q 16 -96.42 -58.39 5.88
N ILE Q 17 -97.62 -58.89 6.16
CA ILE Q 17 -98.47 -58.32 7.20
C ILE Q 17 -97.81 -58.45 8.57
N VAL Q 18 -97.24 -59.64 8.85
CA VAL Q 18 -96.54 -59.86 10.12
C VAL Q 18 -95.31 -58.95 10.22
N MET Q 19 -94.58 -58.81 9.11
CA MET Q 19 -93.41 -57.92 9.08
C MET Q 19 -93.81 -56.47 9.37
N ILE Q 20 -94.86 -55.98 8.70
CA ILE Q 20 -95.32 -54.62 8.90
C ILE Q 20 -95.82 -54.41 10.32
N THR Q 21 -96.49 -55.42 10.89
CA THR Q 21 -96.94 -55.34 12.27
C THR Q 21 -95.76 -55.23 13.23
N THR Q 22 -94.72 -56.05 13.01
CA THR Q 22 -93.54 -56.00 13.88
C THR Q 22 -92.84 -54.65 13.81
N VAL Q 23 -92.67 -54.11 12.61
CA VAL Q 23 -91.95 -52.83 12.55
C VAL Q 23 -92.84 -51.66 12.99
N THR Q 24 -94.17 -51.78 12.90
CA THR Q 24 -95.02 -50.74 13.46
C THR Q 24 -95.00 -50.77 14.98
N THR Q 25 -94.94 -51.97 15.57
CA THR Q 25 -94.71 -52.05 17.01
C THR Q 25 -93.33 -51.51 17.38
N ASN Q 26 -92.35 -51.68 16.49
CA ASN Q 26 -91.05 -51.03 16.69
C ASN Q 26 -91.16 -49.51 16.66
N SER Q 27 -91.98 -48.98 15.75
CA SER Q 27 -92.21 -47.54 15.70
C SER Q 27 -92.88 -47.04 16.97
N PHE Q 28 -93.85 -47.80 17.48
CA PHE Q 28 -94.46 -47.45 18.77
C PHE Q 28 -93.46 -47.55 19.92
N LEU Q 29 -92.53 -48.51 19.85
CA LEU Q 29 -91.46 -48.59 20.84
C LEU Q 29 -90.58 -47.35 20.80
N LEU Q 30 -90.27 -46.86 19.61
CA LEU Q 30 -89.49 -45.62 19.50
C LEU Q 30 -90.28 -44.42 20.02
N VAL Q 31 -91.59 -44.39 19.75
CA VAL Q 31 -92.43 -43.30 20.24
C VAL Q 31 -92.44 -43.29 21.76
N LEU Q 32 -92.58 -44.47 22.38
CA LEU Q 32 -92.52 -44.57 23.84
C LEU Q 32 -91.10 -44.48 24.38
N GLY Q 33 -90.08 -44.55 23.52
CA GLY Q 33 -88.70 -44.51 23.95
C GLY Q 33 -88.11 -43.12 23.99
N THR Q 34 -88.70 -42.19 23.23
CA THR Q 34 -88.30 -40.80 23.34
C THR Q 34 -88.79 -40.16 24.63
N ASN Q 35 -89.72 -40.82 25.34
CA ASN Q 35 -90.07 -40.44 26.69
C ASN Q 35 -88.97 -40.88 27.64
N TYR Q 36 -89.07 -40.49 28.91
CA TYR Q 36 -88.06 -40.81 29.89
C TYR Q 36 -88.41 -41.97 30.79
N ASP Q 37 -89.67 -42.07 31.23
CA ASP Q 37 -90.09 -43.13 32.13
C ASP Q 37 -90.00 -44.51 31.46
N ILE Q 38 -90.62 -44.65 30.30
CA ILE Q 38 -90.66 -45.93 29.60
C ILE Q 38 -89.31 -46.31 28.99
N GLN Q 39 -88.38 -45.36 28.90
CA GLN Q 39 -87.06 -45.63 28.33
C GLN Q 39 -86.28 -46.63 29.17
N PHE Q 40 -86.32 -46.48 30.50
CA PHE Q 40 -85.56 -47.37 31.37
C PHE Q 40 -86.35 -47.93 32.55
N GLU Q 41 -87.62 -47.58 32.71
CA GLU Q 41 -88.47 -48.17 33.73
C GLU Q 41 -89.77 -48.62 33.09
N PHE Q 42 -90.37 -49.66 33.65
CA PHE Q 42 -91.48 -50.39 33.01
C PHE Q 42 -91.05 -50.81 31.60
N PHE Q 43 -89.85 -51.36 31.52
CA PHE Q 43 -89.16 -51.58 30.25
C PHE Q 43 -88.91 -53.05 29.93
N ARG Q 44 -89.49 -53.98 30.69
CA ARG Q 44 -89.42 -55.39 30.32
C ARG Q 44 -90.16 -55.64 29.01
N THR Q 45 -91.27 -54.93 28.79
CA THR Q 45 -91.95 -54.98 27.50
C THR Q 45 -91.04 -54.49 26.39
N PHE Q 46 -90.29 -53.41 26.66
CA PHE Q 46 -89.30 -52.93 25.70
C PHE Q 46 -88.27 -54.00 25.37
N GLU Q 47 -87.80 -54.71 26.39
CA GLU Q 47 -86.77 -55.74 26.20
C GLU Q 47 -87.29 -56.88 25.32
N VAL Q 48 -88.46 -57.43 25.67
CA VAL Q 48 -88.97 -58.58 24.93
C VAL Q 48 -89.37 -58.17 23.51
N SER Q 49 -89.95 -56.97 23.35
CA SER Q 49 -90.31 -56.51 22.01
C SER Q 49 -89.08 -56.26 21.16
N GLU Q 50 -88.03 -55.69 21.75
CA GLU Q 50 -86.79 -55.45 21.02
C GLU Q 50 -86.14 -56.76 20.58
N LEU Q 51 -86.18 -57.78 21.46
CA LEU Q 51 -85.68 -59.09 21.07
C LEU Q 51 -86.49 -59.66 19.90
N PHE Q 52 -87.82 -59.51 19.95
CA PHE Q 52 -88.65 -59.96 18.84
C PHE Q 52 -88.31 -59.23 17.55
N PHE Q 53 -88.09 -57.91 17.63
CA PHE Q 53 -87.82 -57.12 16.43
C PHE Q 53 -86.48 -57.48 15.82
N VAL Q 54 -85.45 -57.65 16.66
CA VAL Q 54 -84.15 -58.03 16.11
C VAL Q 54 -84.18 -59.44 15.55
N SER Q 55 -85.00 -60.33 16.13
CA SER Q 55 -85.19 -61.66 15.53
C SER Q 55 -85.83 -61.56 14.16
N VAL Q 56 -86.84 -60.69 14.03
CA VAL Q 56 -87.52 -60.50 12.74
C VAL Q 56 -86.54 -59.93 11.71
N TYR Q 57 -85.72 -58.96 12.11
CA TYR Q 57 -84.78 -58.36 11.16
C TYR Q 57 -83.68 -59.33 10.77
N VAL Q 58 -83.26 -60.19 11.71
CA VAL Q 58 -82.31 -61.25 11.38
C VAL Q 58 -82.91 -62.22 10.37
N CYS Q 59 -84.20 -62.56 10.54
CA CYS Q 59 -84.87 -63.41 9.56
C CYS Q 59 -84.98 -62.72 8.20
N GLU Q 60 -85.19 -61.41 8.19
CA GLU Q 60 -85.21 -60.66 6.92
C GLU Q 60 -83.84 -60.72 6.23
N PHE Q 61 -82.76 -60.56 6.99
CA PHE Q 61 -81.44 -60.72 6.39
C PHE Q 61 -81.20 -62.16 5.95
N LEU Q 62 -81.80 -63.14 6.63
CA LEU Q 62 -81.64 -64.53 6.25
C LEU Q 62 -82.36 -64.85 4.94
N MET Q 63 -83.54 -64.27 4.73
CA MET Q 63 -84.18 -64.46 3.42
C MET Q 63 -83.45 -63.66 2.34
N LYS Q 64 -82.86 -62.51 2.70
CA LYS Q 64 -82.11 -61.72 1.75
C LYS Q 64 -80.63 -62.11 1.64
N VAL Q 65 -80.23 -63.26 2.18
CA VAL Q 65 -78.87 -63.77 2.02
C VAL Q 65 -78.81 -64.84 0.93
N TYR Q 66 -79.85 -64.95 0.10
CA TYR Q 66 -79.99 -65.99 -0.92
C TYR Q 66 -79.11 -65.71 -2.14
N VAL Q 67 -79.38 -66.39 -3.25
CA VAL Q 67 -78.75 -66.04 -4.53
C VAL Q 67 -79.36 -64.79 -5.15
N ASP Q 68 -80.53 -64.35 -4.65
CA ASP Q 68 -81.12 -63.13 -5.15
C ASP Q 68 -80.24 -61.89 -5.01
N PRO Q 69 -79.28 -61.79 -4.06
CA PRO Q 69 -78.24 -60.75 -4.14
C PRO Q 69 -77.49 -60.62 -5.46
N ILE Q 70 -77.67 -61.54 -6.41
CA ILE Q 70 -77.26 -61.23 -7.78
C ILE Q 70 -78.11 -60.10 -8.37
N THR Q 71 -79.30 -59.87 -7.82
CA THR Q 71 -80.13 -58.73 -8.19
C THR Q 71 -80.08 -57.62 -7.14
N TYR Q 72 -79.65 -57.91 -5.92
CA TYR Q 72 -79.46 -56.90 -4.88
C TYR Q 72 -78.12 -56.20 -5.01
N TRP Q 73 -77.44 -56.32 -6.15
CA TRP Q 73 -76.14 -55.68 -6.35
C TRP Q 73 -76.11 -54.74 -7.55
N LYS Q 74 -77.22 -54.59 -8.27
CA LYS Q 74 -77.28 -53.70 -9.41
C LYS Q 74 -78.51 -52.81 -9.34
N ASP Q 75 -79.47 -53.18 -8.48
CA ASP Q 75 -80.77 -52.53 -8.44
C ASP Q 75 -80.76 -51.28 -7.57
N GLY Q 76 -81.94 -50.78 -7.24
CA GLY Q 76 -82.18 -49.58 -6.49
C GLY Q 76 -82.54 -49.91 -5.05
N TYR Q 77 -83.84 -50.03 -4.77
CA TYR Q 77 -84.35 -50.27 -3.42
C TYR Q 77 -83.71 -51.47 -2.74
N ASN Q 78 -83.37 -52.51 -3.48
CA ASN Q 78 -82.94 -53.76 -2.87
C ASN Q 78 -81.58 -53.62 -2.17
N ILE Q 79 -80.59 -53.04 -2.86
CA ILE Q 79 -79.30 -52.80 -2.23
C ILE Q 79 -79.44 -51.82 -1.08
N LEU Q 80 -80.35 -50.85 -1.21
CA LEU Q 80 -80.61 -49.91 -0.12
C LEU Q 80 -81.07 -50.63 1.13
N ASP Q 81 -82.05 -51.55 1.01
CA ASP Q 81 -82.55 -52.19 2.22
C ASP Q 81 -81.55 -53.20 2.80
N VAL Q 82 -80.75 -53.89 1.98
CA VAL Q 82 -79.77 -54.78 2.59
C VAL Q 82 -78.65 -53.99 3.26
N ILE Q 83 -78.29 -52.83 2.71
CA ILE Q 83 -77.32 -51.96 3.38
C ILE Q 83 -77.90 -51.44 4.70
N ILE Q 84 -79.19 -51.10 4.72
CA ILE Q 84 -79.84 -50.69 5.96
C ILE Q 84 -79.82 -51.83 6.96
N LEU Q 85 -80.01 -53.08 6.51
CA LEU Q 85 -79.91 -54.22 7.42
C LEU Q 85 -78.50 -54.36 8.00
N ILE Q 86 -77.47 -54.14 7.18
CA ILE Q 86 -76.10 -54.27 7.68
C ILE Q 86 -75.79 -53.19 8.71
N ILE Q 87 -76.12 -51.93 8.38
CA ILE Q 87 -75.86 -50.80 9.26
C ILE Q 87 -76.87 -50.74 10.41
N LEU Q 88 -77.85 -51.63 10.41
CA LEU Q 88 -78.66 -51.84 11.61
C LEU Q 88 -78.02 -52.91 12.50
N THR Q 89 -77.67 -54.05 11.91
CA THR Q 89 -77.23 -55.21 12.68
C THR Q 89 -75.90 -54.95 13.38
N ILE Q 90 -74.92 -54.35 12.68
CA ILE Q 90 -73.60 -54.17 13.28
C ILE Q 90 -73.61 -53.25 14.50
N PRO Q 91 -74.22 -52.04 14.46
CA PRO Q 91 -74.08 -51.14 15.63
C PRO Q 91 -74.71 -51.67 16.91
N TYR Q 92 -75.96 -52.16 16.87
CA TYR Q 92 -76.52 -52.68 18.12
C TYR Q 92 -75.84 -53.98 18.54
N LEU Q 93 -75.19 -54.69 17.62
CA LEU Q 93 -74.32 -55.79 18.01
C LEU Q 93 -73.14 -55.28 18.81
N LEU Q 94 -72.64 -54.08 18.49
CA LEU Q 94 -71.61 -53.46 19.30
C LEU Q 94 -72.15 -52.41 20.27
N ARG Q 95 -73.47 -52.32 20.44
CA ARG Q 95 -74.07 -51.39 21.40
C ARG Q 95 -74.87 -52.08 22.49
N LYS Q 96 -75.79 -52.98 22.13
CA LYS Q 96 -76.60 -53.66 23.15
C LYS Q 96 -75.73 -54.51 24.06
N ILE Q 97 -74.83 -55.30 23.48
CA ILE Q 97 -73.76 -55.95 24.23
C ILE Q 97 -72.46 -55.33 23.74
N LYS Q 98 -72.01 -54.27 24.40
CA LYS Q 98 -70.87 -53.50 23.88
C LYS Q 98 -69.55 -53.99 24.46
N GLY Q 99 -69.37 -53.82 25.77
CA GLY Q 99 -68.12 -54.16 26.46
C GLY Q 99 -66.86 -53.61 25.82
N ASN Q 100 -66.99 -52.55 25.04
CA ASN Q 100 -65.93 -52.10 24.14
C ASN Q 100 -65.55 -50.65 24.43
N HIS Q 101 -64.59 -50.14 23.66
CA HIS Q 101 -64.11 -48.76 23.78
C HIS Q 101 -64.78 -47.95 22.68
N SER Q 102 -66.04 -47.56 22.92
CA SER Q 102 -66.78 -46.65 22.06
C SER Q 102 -66.91 -45.32 22.79
N ALA Q 103 -67.46 -44.31 22.11
CA ALA Q 103 -67.45 -42.99 22.74
C ALA Q 103 -68.57 -42.85 23.75
N TYR Q 104 -69.82 -42.76 23.28
CA TYR Q 104 -71.00 -42.49 24.10
C TYR Q 104 -72.26 -42.86 23.33
N LEU Q 105 -73.42 -42.45 23.83
CA LEU Q 105 -74.70 -42.76 23.19
C LEU Q 105 -75.14 -41.62 22.26
N HIS Q 106 -75.17 -41.91 20.97
CA HIS Q 106 -75.77 -40.97 20.02
C HIS Q 106 -76.47 -41.67 18.85
N PHE Q 107 -76.47 -43.02 18.85
CA PHE Q 107 -77.11 -43.80 17.79
C PHE Q 107 -78.11 -44.82 18.32
N ALA Q 108 -79.00 -44.42 19.22
CA ALA Q 108 -80.12 -45.29 19.58
C ALA Q 108 -81.37 -44.95 18.77
N ASP Q 109 -81.84 -43.70 18.89
CA ASP Q 109 -82.96 -43.26 18.07
C ASP Q 109 -82.62 -43.23 16.60
N GLY Q 110 -81.33 -43.06 16.26
CA GLY Q 110 -80.93 -43.20 14.87
C GLY Q 110 -81.14 -44.60 14.33
N ILE Q 111 -80.78 -45.61 15.12
CA ILE Q 111 -80.99 -47.00 14.73
C ILE Q 111 -82.49 -47.28 14.60
N GLN Q 112 -83.29 -46.82 15.57
CA GLN Q 112 -84.73 -47.01 15.50
C GLN Q 112 -85.34 -46.27 14.30
N SER Q 113 -84.78 -45.12 13.93
CA SER Q 113 -85.26 -44.39 12.76
C SER Q 113 -84.89 -45.10 11.46
N LEU Q 114 -83.73 -45.76 11.42
CA LEU Q 114 -83.43 -46.62 10.28
C LEU Q 114 -84.41 -47.79 10.20
N ARG Q 115 -84.82 -48.33 11.35
CA ARG Q 115 -85.85 -49.35 11.35
C ARG Q 115 -87.18 -48.81 10.81
N ILE Q 116 -87.52 -47.56 11.16
CA ILE Q 116 -88.71 -46.94 10.59
C ILE Q 116 -88.56 -46.73 9.09
N LEU Q 117 -87.36 -46.37 8.62
CA LEU Q 117 -87.11 -46.27 7.19
C LEU Q 117 -87.30 -47.62 6.51
N LYS Q 118 -86.93 -48.71 7.17
CA LYS Q 118 -87.23 -50.04 6.65
C LYS Q 118 -88.74 -50.32 6.65
N LEU Q 119 -89.48 -49.76 7.61
CA LEU Q 119 -90.94 -49.85 7.57
C LEU Q 119 -91.49 -49.16 6.32
N ILE Q 120 -90.99 -47.96 6.02
CA ILE Q 120 -91.51 -47.20 4.90
C ILE Q 120 -90.96 -47.71 3.57
N SER Q 121 -90.09 -48.72 3.60
CA SER Q 121 -89.58 -49.34 2.39
C SER Q 121 -90.67 -50.03 1.57
N TYR Q 122 -91.82 -50.31 2.19
CA TYR Q 122 -93.01 -50.85 1.53
C TYR Q 122 -93.77 -49.74 0.82
N SER Q 123 -95.06 -49.98 0.54
CA SER Q 123 -95.96 -49.01 -0.10
C SER Q 123 -95.52 -48.68 -1.52
N ARG Q 124 -95.70 -49.65 -2.43
CA ARG Q 124 -95.35 -49.59 -3.85
C ARG Q 124 -95.68 -48.29 -4.56
N GLY Q 125 -96.70 -47.55 -4.10
CA GLY Q 125 -96.93 -46.23 -4.64
C GLY Q 125 -95.79 -45.27 -4.37
N ILE Q 126 -95.25 -45.32 -3.14
CA ILE Q 126 -94.06 -44.54 -2.83
C ILE Q 126 -92.86 -45.06 -3.63
N ARG Q 127 -92.84 -46.37 -3.92
CA ARG Q 127 -91.78 -46.91 -4.79
C ARG Q 127 -91.87 -46.34 -6.20
N THR Q 128 -93.09 -46.20 -6.73
CA THR Q 128 -93.26 -45.61 -8.05
C THR Q 128 -92.88 -44.13 -8.05
N LEU Q 129 -93.21 -43.43 -6.96
CA LEU Q 129 -92.76 -42.04 -6.83
C LEU Q 129 -91.24 -41.95 -6.78
N ILE Q 130 -90.60 -42.87 -6.06
CA ILE Q 130 -89.14 -42.89 -5.98
C ILE Q 130 -88.53 -43.17 -7.34
N ILE Q 131 -89.14 -44.08 -8.10
CA ILE Q 131 -88.67 -44.36 -9.46
C ILE Q 131 -88.83 -43.11 -10.34
N ALA Q 132 -89.96 -42.41 -10.19
CA ALA Q 132 -90.21 -41.22 -10.99
C ALA Q 132 -89.26 -40.08 -10.66
N VAL Q 133 -88.74 -40.04 -9.43
CA VAL Q 133 -87.83 -38.96 -9.02
C VAL Q 133 -86.37 -39.41 -8.97
N GLY Q 134 -86.08 -40.67 -9.27
CA GLY Q 134 -84.72 -41.18 -9.13
C GLY Q 134 -83.77 -40.91 -10.28
N GLU Q 135 -84.26 -40.39 -11.41
CA GLU Q 135 -83.37 -40.03 -12.49
C GLU Q 135 -82.71 -38.68 -12.28
N THR Q 136 -83.07 -37.98 -11.20
CA THR Q 136 -82.54 -36.67 -10.88
C THR Q 136 -81.36 -36.70 -9.91
N VAL Q 137 -80.88 -37.89 -9.55
CA VAL Q 137 -79.77 -37.99 -8.59
C VAL Q 137 -78.51 -37.36 -9.16
N TYR Q 138 -78.21 -37.64 -10.43
CA TYR Q 138 -77.04 -37.05 -11.06
C TYR Q 138 -77.16 -35.53 -11.16
N THR Q 139 -78.36 -35.03 -11.46
CA THR Q 139 -78.57 -33.59 -11.57
C THR Q 139 -78.37 -32.89 -10.22
N VAL Q 140 -78.99 -33.44 -9.16
CA VAL Q 140 -78.85 -32.80 -7.86
C VAL Q 140 -77.42 -32.94 -7.33
N ALA Q 141 -76.73 -34.03 -7.70
CA ALA Q 141 -75.32 -34.15 -7.36
C ALA Q 141 -74.47 -33.09 -8.08
N SER Q 142 -74.79 -32.82 -9.34
CA SER Q 142 -74.07 -31.78 -10.08
C SER Q 142 -74.29 -30.40 -9.48
N VAL Q 143 -75.54 -30.09 -9.12
CA VAL Q 143 -75.80 -28.80 -8.47
C VAL Q 143 -75.15 -28.73 -7.10
N LEU Q 144 -75.10 -29.84 -6.36
CA LEU Q 144 -74.41 -29.86 -5.07
C LEU Q 144 -72.91 -29.63 -5.26
N THR Q 145 -72.32 -30.20 -6.31
CA THR Q 145 -70.91 -29.96 -6.59
C THR Q 145 -70.67 -28.50 -6.95
N LEU Q 146 -71.57 -27.89 -7.73
CA LEU Q 146 -71.45 -26.46 -8.01
C LEU Q 146 -71.52 -25.64 -6.74
N LEU Q 147 -72.45 -26.00 -5.84
CA LEU Q 147 -72.56 -25.32 -4.55
C LEU Q 147 -71.27 -25.46 -3.75
N PHE Q 148 -70.68 -26.65 -3.74
CA PHE Q 148 -69.45 -26.88 -2.99
C PHE Q 148 -68.28 -26.10 -3.58
N LEU Q 149 -68.21 -26.01 -4.92
CA LEU Q 149 -67.13 -25.24 -5.54
C LEU Q 149 -67.27 -23.76 -5.24
N LEU Q 150 -68.47 -23.20 -5.38
CA LEU Q 150 -68.67 -21.79 -5.05
C LEU Q 150 -68.42 -21.52 -3.58
N MET Q 151 -68.83 -22.47 -2.72
CA MET Q 151 -68.57 -22.37 -1.29
C MET Q 151 -67.07 -22.34 -1.01
N PHE Q 152 -66.31 -23.19 -1.70
CA PHE Q 152 -64.85 -23.24 -1.52
C PHE Q 152 -64.19 -21.96 -2.00
N VAL Q 153 -64.64 -21.43 -3.15
CA VAL Q 153 -64.08 -20.19 -3.69
C VAL Q 153 -64.28 -19.05 -2.70
N PHE Q 154 -65.52 -18.87 -2.24
CA PHE Q 154 -65.76 -17.77 -1.32
C PHE Q 154 -65.25 -18.06 0.08
N ALA Q 155 -64.99 -19.34 0.41
CA ALA Q 155 -64.34 -19.66 1.67
C ALA Q 155 -62.91 -19.16 1.69
N ILE Q 156 -62.14 -19.48 0.64
CA ILE Q 156 -60.78 -19.00 0.60
C ILE Q 156 -60.77 -17.48 0.45
N LEU Q 157 -61.73 -16.90 -0.27
CA LEU Q 157 -61.78 -15.45 -0.40
C LEU Q 157 -62.09 -14.78 0.94
N GLY Q 158 -63.04 -15.32 1.70
CA GLY Q 158 -63.39 -14.73 2.98
C GLY Q 158 -62.28 -14.86 4.00
N PHE Q 159 -61.58 -16.01 4.02
CA PHE Q 159 -60.44 -16.14 4.91
C PHE Q 159 -59.33 -15.17 4.51
N CYS Q 160 -59.12 -14.97 3.21
CA CYS Q 160 -58.11 -14.00 2.78
C CYS Q 160 -58.50 -12.57 3.11
N LEU Q 161 -59.80 -12.26 3.11
CA LEU Q 161 -60.25 -10.89 3.27
C LEU Q 161 -60.41 -10.49 4.73
N PHE Q 162 -60.86 -11.40 5.60
CA PHE Q 162 -61.17 -11.06 6.98
C PHE Q 162 -60.47 -11.94 8.02
N GLY Q 163 -59.93 -13.09 7.64
CA GLY Q 163 -59.26 -13.94 8.59
C GLY Q 163 -57.75 -13.82 8.57
N VAL Q 164 -57.20 -13.42 7.42
CA VAL Q 164 -55.76 -13.28 7.30
C VAL Q 164 -55.26 -12.07 8.08
N THR Q 165 -56.00 -10.96 8.03
CA THR Q 165 -55.55 -9.72 8.67
C THR Q 165 -55.48 -9.83 10.18
N ASP Q 166 -56.32 -10.68 10.78
CA ASP Q 166 -56.27 -11.02 12.21
C ASP Q 166 -56.43 -9.78 13.11
N ARG Q 167 -57.35 -8.89 12.73
CA ARG Q 167 -57.69 -7.74 13.55
C ARG Q 167 -59.12 -7.83 14.08
N GLY Q 168 -59.63 -9.05 14.19
CA GLY Q 168 -60.99 -9.32 14.62
C GLY Q 168 -61.66 -10.29 13.67
N ASP Q 169 -62.98 -10.36 13.77
CA ASP Q 169 -63.82 -11.18 12.90
C ASP Q 169 -63.44 -12.66 12.97
N LEU Q 170 -62.97 -13.10 14.14
CA LEU Q 170 -62.59 -14.49 14.31
C LEU Q 170 -63.82 -15.38 14.45
N GLU Q 171 -63.66 -16.63 14.04
CA GLU Q 171 -64.71 -17.66 14.07
C GLU Q 171 -65.93 -17.30 13.24
N ASN Q 172 -65.79 -16.32 12.34
CA ASN Q 172 -66.79 -16.02 11.32
C ASN Q 172 -66.20 -16.16 9.92
N TRP Q 173 -65.03 -15.57 9.68
CA TRP Q 173 -64.22 -15.80 8.49
C TRP Q 173 -62.83 -16.27 8.87
N GLY Q 174 -62.71 -16.88 10.05
CA GLY Q 174 -61.44 -17.31 10.60
C GLY Q 174 -61.20 -18.79 10.43
N ASN Q 175 -61.51 -19.56 11.48
CA ASN Q 175 -61.39 -21.01 11.42
C ASN Q 175 -62.25 -21.58 10.30
N LEU Q 176 -61.76 -22.64 9.66
CA LEU Q 176 -62.31 -23.10 8.39
C LEU Q 176 -63.75 -23.59 8.53
N ALA Q 177 -64.03 -24.39 9.57
CA ALA Q 177 -65.38 -24.91 9.74
C ALA Q 177 -66.38 -23.80 10.06
N SER Q 178 -65.98 -22.88 10.96
CA SER Q 178 -66.84 -21.74 11.28
C SER Q 178 -67.03 -20.83 10.07
N ALA Q 179 -65.97 -20.63 9.29
CA ALA Q 179 -66.09 -19.83 8.07
C ALA Q 179 -67.05 -20.48 7.09
N PHE Q 180 -66.95 -21.80 6.90
CA PHE Q 180 -67.85 -22.53 6.02
C PHE Q 180 -69.30 -22.39 6.48
N PHE Q 181 -69.54 -22.52 7.79
CA PHE Q 181 -70.91 -22.43 8.28
C PHE Q 181 -71.46 -21.02 8.14
N THR Q 182 -70.64 -20.00 8.37
CA THR Q 182 -71.09 -18.63 8.16
C THR Q 182 -71.38 -18.35 6.69
N LEU Q 183 -70.58 -18.90 5.78
CA LEU Q 183 -70.86 -18.73 4.35
C LEU Q 183 -72.14 -19.45 3.95
N PHE Q 184 -72.39 -20.63 4.51
CA PHE Q 184 -73.63 -21.32 4.22
C PHE Q 184 -74.83 -20.55 4.76
N SER Q 185 -74.67 -19.90 5.91
CA SER Q 185 -75.72 -19.03 6.42
C SER Q 185 -75.93 -17.81 5.51
N LEU Q 186 -74.84 -17.24 4.99
CA LEU Q 186 -74.94 -16.06 4.15
C LEU Q 186 -75.51 -16.39 2.78
N ALA Q 187 -75.27 -17.60 2.28
CA ALA Q 187 -75.87 -18.04 1.03
C ALA Q 187 -77.37 -18.27 1.19
N THR Q 188 -77.84 -18.45 2.41
CA THR Q 188 -79.27 -18.45 2.70
C THR Q 188 -79.67 -17.03 3.12
N VAL Q 189 -80.93 -16.84 3.50
CA VAL Q 189 -81.36 -15.54 3.97
C VAL Q 189 -81.08 -15.34 5.46
N ASP Q 190 -80.94 -16.42 6.22
CA ASP Q 190 -80.82 -16.34 7.68
C ASP Q 190 -79.46 -15.78 8.08
N GLY Q 191 -79.46 -15.03 9.20
CA GLY Q 191 -78.23 -14.57 9.81
C GLY Q 191 -77.45 -13.54 9.02
N TRP Q 192 -78.04 -12.95 8.00
CA TRP Q 192 -77.31 -11.97 7.20
C TRP Q 192 -77.21 -10.62 7.91
N THR Q 193 -78.27 -10.22 8.62
CA THR Q 193 -78.27 -8.91 9.27
C THR Q 193 -77.25 -8.84 10.40
N ASP Q 194 -77.23 -9.84 11.27
CA ASP Q 194 -76.28 -9.83 12.38
C ASP Q 194 -74.84 -9.96 11.88
N LEU Q 195 -74.63 -10.77 10.84
CA LEU Q 195 -73.29 -10.88 10.26
C LEU Q 195 -72.85 -9.57 9.62
N GLN Q 196 -73.78 -8.86 8.97
CA GLN Q 196 -73.46 -7.55 8.39
C GLN Q 196 -73.09 -6.55 9.48
N GLU Q 197 -73.85 -6.55 10.58
CA GLU Q 197 -73.47 -5.69 11.71
C GLU Q 197 -72.15 -6.12 12.33
N GLU Q 198 -71.79 -7.40 12.20
CA GLU Q 198 -70.53 -7.86 12.75
C GLU Q 198 -69.34 -7.43 11.89
N LEU Q 199 -69.52 -7.40 10.57
CA LEU Q 199 -68.39 -7.16 9.68
C LEU Q 199 -68.09 -5.67 9.44
N ASP Q 200 -69.06 -4.79 9.61
CA ASP Q 200 -68.85 -3.38 9.27
C ASP Q 200 -67.98 -2.64 10.28
N LYS Q 201 -67.74 -3.21 11.45
CA LYS Q 201 -66.92 -2.57 12.47
C LYS Q 201 -65.45 -2.97 12.39
N ARG Q 202 -65.07 -3.78 11.40
CA ARG Q 202 -63.69 -4.24 11.24
C ARG Q 202 -62.91 -3.42 10.24
N LYS Q 203 -63.30 -2.15 10.04
CA LYS Q 203 -62.62 -1.20 9.15
C LYS Q 203 -62.51 -1.74 7.72
N PHE Q 204 -63.61 -2.28 7.21
CA PHE Q 204 -63.67 -2.82 5.85
C PHE Q 204 -64.99 -2.36 5.22
N THR Q 205 -64.94 -1.22 4.51
CA THR Q 205 -66.14 -0.69 3.89
C THR Q 205 -66.58 -1.54 2.69
N VAL Q 206 -65.63 -2.05 1.92
CA VAL Q 206 -65.94 -2.87 0.75
C VAL Q 206 -66.45 -4.25 1.12
N SER Q 207 -66.37 -4.63 2.40
CA SER Q 207 -66.88 -5.93 2.84
C SER Q 207 -68.40 -6.01 2.64
N ARG Q 208 -69.10 -4.90 2.86
CA ARG Q 208 -70.55 -4.88 2.61
C ARG Q 208 -70.87 -5.13 1.15
N ALA Q 209 -70.11 -4.50 0.25
CA ALA Q 209 -70.32 -4.71 -1.18
C ALA Q 209 -70.02 -6.15 -1.58
N PHE Q 210 -68.93 -6.72 -1.05
CA PHE Q 210 -68.62 -8.12 -1.34
C PHE Q 210 -69.70 -9.06 -0.83
N THR Q 211 -70.22 -8.79 0.37
CA THR Q 211 -71.24 -9.67 0.93
C THR Q 211 -72.56 -9.57 0.16
N ILE Q 212 -72.95 -8.37 -0.26
CA ILE Q 212 -74.20 -8.27 -1.02
C ILE Q 212 -74.05 -8.86 -2.42
N LEU Q 213 -72.85 -8.73 -3.02
CA LEU Q 213 -72.60 -9.42 -4.29
C LEU Q 213 -72.66 -10.93 -4.11
N PHE Q 214 -72.09 -11.43 -3.00
CA PHE Q 214 -72.15 -12.86 -2.70
C PHE Q 214 -73.58 -13.33 -2.50
N ILE Q 215 -74.41 -12.51 -1.85
CA ILE Q 215 -75.81 -12.86 -1.67
C ILE Q 215 -76.52 -12.96 -3.02
N LEU Q 216 -76.44 -11.87 -3.82
CA LEU Q 216 -77.16 -11.82 -5.08
C LEU Q 216 -76.64 -12.84 -6.09
N LEU Q 217 -75.42 -13.35 -5.91
CA LEU Q 217 -75.00 -14.48 -6.72
C LEU Q 217 -75.50 -15.80 -6.12
N ALA Q 218 -75.02 -16.13 -4.92
CA ALA Q 218 -75.17 -17.48 -4.39
C ALA Q 218 -76.62 -17.81 -4.08
N SER Q 219 -77.32 -16.94 -3.34
CA SER Q 219 -78.68 -17.27 -2.91
C SER Q 219 -79.61 -17.44 -4.10
N PHE Q 220 -79.62 -16.43 -4.98
CA PHE Q 220 -80.48 -16.47 -6.15
C PHE Q 220 -80.13 -17.64 -7.06
N ILE Q 221 -78.84 -17.85 -7.34
CA ILE Q 221 -78.46 -18.91 -8.26
C ILE Q 221 -78.84 -20.27 -7.68
N PHE Q 222 -78.43 -20.55 -6.44
CA PHE Q 222 -78.70 -21.86 -5.86
C PHE Q 222 -80.20 -22.13 -5.81
N LEU Q 223 -80.98 -21.22 -5.23
CA LEU Q 223 -82.41 -21.45 -5.08
C LEU Q 223 -83.11 -21.56 -6.43
N ASN Q 224 -82.89 -20.59 -7.32
CA ASN Q 224 -83.68 -20.53 -8.54
C ASN Q 224 -83.27 -21.58 -9.57
N MET Q 225 -81.96 -21.84 -9.78
CA MET Q 225 -81.61 -22.95 -10.67
C MET Q 225 -82.07 -24.28 -10.09
N PHE Q 226 -82.03 -24.45 -8.76
CA PHE Q 226 -82.48 -25.71 -8.20
C PHE Q 226 -83.97 -25.93 -8.43
N VAL Q 227 -84.78 -24.90 -8.15
CA VAL Q 227 -86.22 -25.05 -8.31
C VAL Q 227 -86.59 -25.23 -9.79
N GLY Q 228 -85.93 -24.50 -10.69
CA GLY Q 228 -86.23 -24.65 -12.10
C GLY Q 228 -85.82 -26.00 -12.65
N VAL Q 229 -84.64 -26.48 -12.25
CA VAL Q 229 -84.15 -27.78 -12.72
C VAL Q 229 -85.07 -28.89 -12.23
N MET Q 230 -85.44 -28.85 -10.94
CA MET Q 230 -86.36 -29.86 -10.42
C MET Q 230 -87.71 -29.79 -11.11
N ILE Q 231 -88.23 -28.58 -11.34
CA ILE Q 231 -89.52 -28.41 -12.00
C ILE Q 231 -89.50 -29.04 -13.38
N MET Q 232 -88.47 -28.73 -14.17
CA MET Q 232 -88.49 -29.16 -15.56
C MET Q 232 -88.21 -30.66 -15.67
N HIS Q 233 -87.28 -31.17 -14.87
CA HIS Q 233 -87.00 -32.61 -14.85
C HIS Q 233 -88.22 -33.40 -14.41
N THR Q 234 -88.92 -32.95 -13.37
CA THR Q 234 -90.08 -33.68 -12.87
C THR Q 234 -91.25 -33.62 -13.87
N GLU Q 235 -91.44 -32.47 -14.50
CA GLU Q 235 -92.48 -32.31 -15.51
C GLU Q 235 -92.26 -33.26 -16.67
N ASP Q 236 -91.02 -33.32 -17.17
CA ASP Q 236 -90.73 -34.23 -18.27
C ASP Q 236 -90.66 -35.67 -17.80
N SER Q 237 -90.53 -35.90 -16.50
CA SER Q 237 -90.62 -37.27 -15.98
C SER Q 237 -92.04 -37.80 -16.05
N MET Q 238 -93.01 -37.02 -15.56
CA MET Q 238 -94.39 -37.49 -15.67
C MET Q 238 -95.00 -37.34 -17.07
N LYS Q 239 -94.44 -36.49 -17.94
CA LYS Q 239 -95.01 -36.37 -19.28
C LYS Q 239 -94.95 -37.70 -20.03
N LYS Q 240 -93.77 -38.33 -20.04
CA LYS Q 240 -93.63 -39.60 -20.74
C LYS Q 240 -94.40 -40.72 -20.06
N PHE Q 241 -94.48 -40.71 -18.73
CA PHE Q 241 -95.24 -41.73 -18.02
C PHE Q 241 -96.73 -41.65 -18.34
N GLU Q 242 -97.29 -40.44 -18.33
CA GLU Q 242 -98.70 -40.28 -18.65
C GLU Q 242 -98.97 -40.60 -20.12
N ARG Q 243 -98.03 -40.24 -21.01
CA ARG Q 243 -98.18 -40.57 -22.42
C ARG Q 243 -98.16 -42.09 -22.62
N ASP Q 244 -97.28 -42.79 -21.92
CA ASP Q 244 -97.22 -44.25 -22.01
C ASP Q 244 -98.48 -44.90 -21.47
N LEU Q 245 -99.01 -44.38 -20.36
CA LEU Q 245 -100.25 -44.93 -19.80
C LEU Q 245 -101.43 -44.75 -20.76
N THR Q 246 -101.55 -43.55 -21.35
CA THR Q 246 -102.61 -43.32 -22.32
C THR Q 246 -102.41 -44.17 -23.57
N LEU Q 247 -101.17 -44.38 -23.99
CA LEU Q 247 -100.88 -45.25 -25.12
C LEU Q 247 -101.31 -46.69 -24.85
N GLU Q 248 -100.99 -47.20 -23.65
CA GLU Q 248 -101.39 -48.55 -23.29
C GLU Q 248 -102.91 -48.69 -23.23
N ARG Q 249 -103.59 -47.66 -22.70
CA ARG Q 249 -105.05 -47.66 -22.73
C ARG Q 249 -105.57 -47.67 -24.16
N ASN Q 250 -104.89 -46.98 -25.07
CA ASN Q 250 -105.31 -46.95 -26.47
C ASN Q 250 -105.14 -48.31 -27.14
N LEU Q 251 -104.03 -49.00 -26.88
CA LEU Q 251 -103.89 -50.36 -27.39
C LEU Q 251 -104.93 -51.30 -26.79
N ALA Q 252 -105.26 -51.14 -25.51
CA ALA Q 252 -106.31 -51.96 -24.92
C ALA Q 252 -107.65 -51.72 -25.60
N ILE Q 253 -107.98 -50.45 -25.87
CA ILE Q 253 -109.24 -50.10 -26.52
C ILE Q 253 -109.28 -50.65 -27.94
N MET Q 254 -108.17 -50.53 -28.67
CA MET Q 254 -108.12 -51.04 -30.04
C MET Q 254 -108.20 -52.57 -30.06
N GLU Q 255 -107.58 -53.25 -29.09
CA GLU Q 255 -107.70 -54.70 -29.01
C GLU Q 255 -109.13 -55.12 -28.72
N GLU Q 256 -109.82 -54.38 -27.82
CA GLU Q 256 -111.23 -54.68 -27.55
C GLU Q 256 -112.08 -54.47 -28.80
N LYS Q 257 -111.82 -53.41 -29.55
CA LYS Q 257 -112.57 -53.15 -30.78
C LYS Q 257 -112.31 -54.23 -31.82
N GLN Q 258 -111.06 -54.68 -31.94
CA GLN Q 258 -110.74 -55.76 -32.88
C GLN Q 258 -111.41 -57.06 -32.47
N ILE Q 259 -111.46 -57.35 -31.17
CA ILE Q 259 -112.14 -58.55 -30.68
C ILE Q 259 -113.64 -58.48 -30.98
N ILE Q 260 -114.23 -57.30 -30.79
CA ILE Q 260 -115.65 -57.11 -31.10
C ILE Q 260 -115.90 -57.32 -32.59
N LEU Q 261 -115.04 -56.76 -33.44
CA LEU Q 261 -115.19 -56.92 -34.88
C LEU Q 261 -115.03 -58.38 -35.30
N LYS Q 262 -114.07 -59.09 -34.71
CA LYS Q 262 -113.89 -60.51 -35.02
C LYS Q 262 -115.09 -61.34 -34.59
N ARG Q 263 -115.65 -61.04 -33.41
CA ARG Q 263 -116.84 -61.76 -32.96
C ARG Q 263 -118.04 -61.49 -33.86
N GLN Q 264 -118.20 -60.23 -34.30
CA GLN Q 264 -119.28 -59.90 -35.23
C GLN Q 264 -119.10 -60.60 -36.57
N GLN Q 265 -117.87 -60.66 -37.07
CA GLN Q 265 -117.60 -61.36 -38.32
C GLN Q 265 -117.88 -62.85 -38.19
N GLU Q 266 -117.49 -63.45 -37.07
CA GLU Q 266 -117.77 -64.87 -36.84
C GLU Q 266 -119.26 -65.14 -36.75
N GLU Q 267 -120.00 -64.26 -36.08
CA GLU Q 267 -121.45 -64.42 -35.99
C GLU Q 267 -122.11 -64.30 -37.35
N VAL Q 268 -121.66 -63.33 -38.16
CA VAL Q 268 -122.21 -63.17 -39.51
C VAL Q 268 -121.91 -64.39 -40.37
N ASN Q 269 -120.67 -64.90 -40.28
CA ASN Q 269 -120.30 -66.10 -41.04
C ASN Q 269 -121.11 -67.31 -40.61
N ARG Q 270 -121.33 -67.49 -39.31
CA ARG Q 270 -122.14 -68.60 -38.82
C ARG Q 270 -123.59 -68.48 -39.27
N LEU Q 271 -124.15 -67.27 -39.22
CA LEU Q 271 -125.51 -67.06 -39.69
C LEU Q 271 -125.64 -67.37 -41.18
N MET Q 272 -124.66 -66.93 -41.97
CA MET Q 272 -124.69 -67.21 -43.41
C MET Q 272 -124.54 -68.69 -43.70
N ASN Q 273 -123.68 -69.38 -42.94
CA ASN Q 273 -123.52 -70.83 -43.10
C ASN Q 273 -124.80 -71.58 -42.75
N THR Q 274 -125.47 -71.18 -41.67
CA THR Q 274 -126.73 -71.81 -41.31
C THR Q 274 -127.83 -71.52 -42.32
N GLN Q 275 -127.83 -70.31 -42.90
CA GLN Q 275 -128.80 -70.00 -43.95
C GLN Q 275 -128.53 -70.83 -45.20
N LYS Q 276 -127.26 -71.03 -45.55
CA LYS Q 276 -126.93 -71.83 -46.72
C LYS Q 276 -127.27 -73.30 -46.50
N SER Q 277 -126.94 -73.84 -45.33
CA SER Q 277 -127.22 -75.24 -45.03
C SER Q 277 -128.68 -75.48 -44.64
N GLY Q 278 -129.44 -74.44 -44.38
CA GLY Q 278 -130.84 -74.59 -44.01
C GLY Q 278 -131.80 -74.25 -45.13
N ASP R 1 -58.38 -39.41 -51.59
CA ASP R 1 -58.84 -40.61 -52.25
C ASP R 1 -57.80 -41.72 -52.17
N VAL R 2 -57.20 -42.04 -53.32
CA VAL R 2 -56.16 -43.06 -53.36
C VAL R 2 -54.94 -42.61 -52.58
N MET R 3 -54.50 -41.37 -52.81
CA MET R 3 -53.41 -40.71 -52.08
C MET R 3 -52.12 -41.54 -52.17
N GLU R 4 -51.60 -41.60 -53.41
CA GLU R 4 -50.40 -42.39 -53.67
C GLU R 4 -49.22 -41.86 -52.87
N LYS R 5 -49.05 -40.55 -52.79
CA LYS R 5 -48.00 -39.95 -51.99
C LYS R 5 -48.55 -38.68 -51.31
N LYS R 6 -48.26 -38.54 -50.03
CA LYS R 6 -48.72 -37.37 -49.28
C LYS R 6 -47.88 -36.15 -49.61
N ASP R 7 -48.40 -34.99 -49.25
CA ASP R 7 -47.70 -33.72 -49.44
C ASP R 7 -47.39 -33.09 -48.09
N ALA R 8 -46.83 -31.88 -48.12
CA ALA R 8 -46.41 -31.21 -46.89
C ALA R 8 -47.59 -30.85 -46.01
N TRP R 9 -48.68 -30.37 -46.60
CA TRP R 9 -49.83 -29.96 -45.80
C TRP R 9 -50.60 -31.15 -45.26
N ASP R 10 -50.62 -32.27 -45.97
CA ASP R 10 -51.17 -33.50 -45.39
C ASP R 10 -50.34 -33.94 -44.19
N VAL R 11 -49.02 -33.79 -44.27
CA VAL R 11 -48.15 -34.10 -43.14
C VAL R 11 -48.44 -33.19 -41.96
N GLN R 12 -48.62 -31.88 -42.24
CA GLN R 12 -48.93 -30.94 -41.17
C GLN R 12 -50.28 -31.23 -40.53
N GLU R 13 -51.29 -31.55 -41.34
CA GLU R 13 -52.60 -31.89 -40.80
C GLU R 13 -52.55 -33.17 -39.99
N PHE R 14 -51.77 -34.16 -40.44
CA PHE R 14 -51.60 -35.40 -39.67
C PHE R 14 -50.89 -35.14 -38.35
N ILE R 15 -49.87 -34.27 -38.36
CA ILE R 15 -49.17 -33.92 -37.13
C ILE R 15 -50.11 -33.25 -36.15
N THR R 16 -50.93 -32.31 -36.63
CA THR R 16 -51.92 -31.70 -35.76
C THR R 16 -52.98 -32.69 -35.30
N GLN R 17 -53.27 -33.70 -36.12
CA GLN R 17 -54.22 -34.73 -35.73
C GLN R 17 -53.70 -35.55 -34.57
N MET R 18 -52.43 -35.94 -34.61
CA MET R 18 -51.84 -36.62 -33.45
C MET R 18 -51.67 -35.67 -32.27
N TYR R 19 -51.48 -34.37 -32.53
CA TYR R 19 -51.33 -33.42 -31.43
C TYR R 19 -52.64 -33.24 -30.67
N ILE R 20 -53.76 -33.16 -31.39
CA ILE R 20 -55.06 -33.10 -30.73
C ILE R 20 -55.55 -34.47 -30.28
N LYS R 21 -54.93 -35.55 -30.78
CA LYS R 21 -55.29 -36.88 -30.31
C LYS R 21 -54.89 -37.08 -28.86
N GLN R 22 -53.73 -36.55 -28.47
CA GLN R 22 -53.26 -36.63 -27.10
C GLN R 22 -53.59 -35.35 -26.35
N LEU R 23 -53.90 -35.51 -25.05
CA LEU R 23 -54.13 -34.43 -24.08
C LEU R 23 -55.45 -33.71 -24.33
N LEU R 24 -56.12 -34.03 -25.42
CA LEU R 24 -57.44 -33.50 -25.72
C LEU R 24 -58.51 -34.57 -25.85
N ARG R 25 -58.14 -35.77 -26.31
CA ARG R 25 -59.06 -36.90 -26.37
C ARG R 25 -58.68 -38.04 -25.44
N HIS R 26 -57.40 -38.18 -25.11
CA HIS R 26 -56.97 -39.25 -24.22
C HIS R 26 -57.41 -38.94 -22.79
N PRO R 27 -58.19 -39.83 -22.15
CA PRO R 27 -58.62 -39.56 -20.78
C PRO R 27 -57.51 -39.68 -19.76
N ALA R 28 -56.37 -40.30 -20.11
CA ALA R 28 -55.30 -40.51 -19.14
C ALA R 28 -54.63 -39.20 -18.75
N PHE R 29 -54.33 -38.35 -19.73
CA PHE R 29 -53.65 -37.09 -19.44
C PHE R 29 -54.56 -36.13 -18.67
N GLN R 30 -55.83 -36.05 -19.08
CA GLN R 30 -56.78 -35.24 -18.34
C GLN R 30 -57.02 -35.79 -16.93
N LEU R 31 -57.01 -37.11 -16.78
CA LEU R 31 -57.13 -37.70 -15.45
C LEU R 31 -55.92 -37.37 -14.58
N LEU R 32 -54.73 -37.39 -15.17
CA LEU R 32 -53.53 -37.00 -14.42
C LEU R 32 -53.58 -35.54 -14.01
N LEU R 33 -54.02 -34.67 -14.92
CA LEU R 33 -54.14 -33.25 -14.59
C LEU R 33 -55.18 -33.03 -13.49
N ALA R 34 -56.31 -33.73 -13.57
CA ALA R 34 -57.33 -33.62 -12.53
C ALA R 34 -56.85 -34.18 -11.20
N PHE R 35 -56.05 -35.26 -11.22
CA PHE R 35 -55.49 -35.80 -9.99
C PHE R 35 -54.52 -34.82 -9.34
N LEU R 36 -53.65 -34.20 -10.16
CA LEU R 36 -52.74 -33.20 -9.61
C LEU R 36 -53.50 -32.00 -9.06
N LEU R 37 -54.55 -31.57 -9.76
CA LEU R 37 -55.32 -30.43 -9.30
C LEU R 37 -56.10 -30.76 -8.02
N LEU R 38 -56.61 -31.99 -7.91
CA LEU R 38 -57.29 -32.39 -6.67
C LEU R 38 -56.30 -32.54 -5.53
N SER R 39 -55.07 -32.99 -5.81
CA SER R 39 -54.06 -33.08 -4.75
C SER R 39 -53.66 -31.69 -4.26
N ASN R 40 -53.47 -30.74 -5.17
CA ASN R 40 -53.17 -29.39 -4.70
C ASN R 40 -54.40 -28.73 -4.09
N ALA R 41 -55.61 -29.16 -4.44
CA ALA R 41 -56.80 -28.70 -3.74
C ALA R 41 -56.86 -29.24 -2.32
N ILE R 42 -56.46 -30.49 -2.12
CA ILE R 42 -56.34 -31.03 -0.77
C ILE R 42 -55.33 -30.22 0.02
N THR R 43 -54.23 -29.82 -0.61
CA THR R 43 -53.29 -28.92 0.07
C THR R 43 -53.89 -27.52 0.26
N ILE R 44 -54.80 -27.09 -0.60
CA ILE R 44 -55.51 -25.82 -0.39
C ILE R 44 -56.32 -25.90 0.90
N ALA R 45 -57.05 -27.01 1.08
CA ALA R 45 -57.84 -27.22 2.28
C ALA R 45 -56.97 -27.40 3.52
N LEU R 46 -55.70 -27.76 3.36
CA LEU R 46 -54.79 -27.95 4.48
C LEU R 46 -54.14 -26.66 4.94
N ARG R 47 -54.52 -25.52 4.36
CA ARG R 47 -54.03 -24.22 4.80
C ARG R 47 -54.94 -23.70 5.90
N THR R 48 -54.84 -22.40 6.21
CA THR R 48 -55.47 -21.77 7.37
C THR R 48 -55.00 -22.44 8.66
N ASN R 49 -53.76 -22.93 8.66
CA ASN R 49 -53.25 -23.71 9.79
C ASN R 49 -51.72 -23.66 9.66
N SER R 50 -51.07 -22.91 10.55
CA SER R 50 -49.61 -22.82 10.51
C SER R 50 -48.93 -24.03 11.14
N TYR R 51 -49.64 -24.73 12.04
CA TYR R 51 -49.11 -25.97 12.62
C TYR R 51 -48.79 -27.00 11.54
N LEU R 52 -49.57 -27.01 10.46
CA LEU R 52 -49.27 -27.84 9.31
C LEU R 52 -48.30 -27.16 8.35
N GLY R 53 -48.35 -25.83 8.25
CA GLY R 53 -47.54 -25.15 7.25
C GLY R 53 -46.07 -25.03 7.62
N GLN R 54 -45.74 -25.26 8.90
CA GLN R 54 -44.35 -25.11 9.33
C GLN R 54 -43.46 -26.21 8.77
N LYS R 55 -44.03 -27.37 8.41
CA LYS R 55 -43.29 -28.40 7.69
C LYS R 55 -43.82 -28.61 6.28
N HIS R 56 -44.54 -27.63 5.72
CA HIS R 56 -45.18 -27.84 4.44
C HIS R 56 -44.98 -26.63 3.51
N TYR R 57 -44.44 -25.54 4.04
CA TYR R 57 -44.31 -24.31 3.25
C TYR R 57 -43.38 -24.51 2.06
N GLU R 58 -42.27 -25.22 2.27
CA GLU R 58 -41.37 -25.53 1.16
C GLU R 58 -42.06 -26.44 0.14
N LEU R 59 -42.80 -27.45 0.60
CA LEU R 59 -43.51 -28.31 -0.33
C LEU R 59 -44.66 -27.59 -1.00
N PHE R 60 -45.30 -26.65 -0.29
CA PHE R 60 -46.33 -25.82 -0.92
C PHE R 60 -45.74 -24.98 -2.03
N SER R 61 -44.53 -24.42 -1.81
CA SER R 61 -43.85 -23.67 -2.86
C SER R 61 -43.53 -24.56 -4.05
N THR R 62 -43.02 -25.77 -3.79
CA THR R 62 -42.66 -26.65 -4.90
C THR R 62 -43.89 -27.06 -5.72
N ILE R 63 -45.00 -27.40 -5.05
CA ILE R 63 -46.18 -27.80 -5.81
C ILE R 63 -46.80 -26.60 -6.51
N ASP R 64 -46.66 -25.39 -5.96
CA ASP R 64 -47.07 -24.18 -6.67
C ASP R 64 -46.29 -24.05 -7.97
N ASP R 65 -44.97 -24.25 -7.91
CA ASP R 65 -44.15 -24.16 -9.11
C ASP R 65 -44.52 -25.25 -10.12
N ILE R 66 -44.81 -26.45 -9.63
CA ILE R 66 -45.14 -27.56 -10.52
C ILE R 66 -46.45 -27.29 -11.25
N VAL R 67 -47.48 -26.85 -10.51
CA VAL R 67 -48.76 -26.59 -11.15
C VAL R 67 -48.66 -25.38 -12.09
N LEU R 68 -47.86 -24.37 -11.73
CA LEU R 68 -47.69 -23.23 -12.63
C LEU R 68 -46.99 -23.64 -13.92
N THR R 69 -45.96 -24.48 -13.83
CA THR R 69 -45.25 -24.86 -15.04
C THR R 69 -46.06 -25.80 -15.91
N ILE R 70 -46.88 -26.69 -15.32
CA ILE R 70 -47.71 -27.53 -16.18
C ILE R 70 -48.84 -26.70 -16.80
N LEU R 71 -49.35 -25.69 -16.09
CA LEU R 71 -50.38 -24.83 -16.67
C LEU R 71 -49.82 -24.02 -17.84
N ILE R 72 -48.62 -23.45 -17.68
CA ILE R 72 -48.06 -22.68 -18.79
C ILE R 72 -47.63 -23.59 -19.93
N CYS R 73 -47.24 -24.84 -19.63
CA CYS R 73 -46.96 -25.79 -20.71
C CYS R 73 -48.22 -26.12 -21.49
N GLU R 74 -49.35 -26.28 -20.79
CA GLU R 74 -50.63 -26.50 -21.47
C GLU R 74 -51.01 -25.30 -22.33
N VAL R 75 -50.77 -24.09 -21.81
CA VAL R 75 -51.08 -22.88 -22.57
C VAL R 75 -50.20 -22.78 -23.82
N LEU R 76 -48.92 -23.11 -23.69
CA LEU R 76 -48.03 -23.08 -24.86
C LEU R 76 -48.44 -24.13 -25.89
N LEU R 77 -48.82 -25.33 -25.44
CA LEU R 77 -49.29 -26.35 -26.36
C LEU R 77 -50.58 -25.94 -27.06
N GLY R 78 -51.47 -25.24 -26.36
CA GLY R 78 -52.66 -24.70 -27.00
C GLY R 78 -52.33 -23.61 -28.00
N TRP R 79 -51.33 -22.78 -27.68
CA TRP R 79 -50.89 -21.75 -28.62
C TRP R 79 -50.16 -22.32 -29.82
N LEU R 80 -49.67 -23.57 -29.72
CA LEU R 80 -48.97 -24.19 -30.84
C LEU R 80 -49.89 -24.36 -32.05
N ASN R 81 -51.15 -24.75 -31.80
CA ASN R 81 -52.10 -24.94 -32.90
C ASN R 81 -52.48 -23.62 -33.57
N GLY R 82 -52.25 -22.50 -32.91
CA GLY R 82 -52.53 -21.20 -33.49
C GLY R 82 -52.93 -20.18 -32.44
N PHE R 83 -52.35 -18.98 -32.52
CA PHE R 83 -52.69 -17.94 -31.56
C PHE R 83 -54.06 -17.34 -31.85
N TRP R 84 -54.49 -17.36 -33.11
CA TRP R 84 -55.77 -16.75 -33.47
C TRP R 84 -56.94 -17.55 -32.90
N ILE R 85 -56.89 -18.88 -33.01
CA ILE R 85 -57.99 -19.70 -32.51
C ILE R 85 -58.03 -19.67 -30.99
N PHE R 86 -56.87 -19.65 -30.33
CA PHE R 86 -56.85 -19.56 -28.87
C PHE R 86 -57.31 -18.19 -28.38
N TRP R 87 -56.98 -17.13 -29.12
CA TRP R 87 -57.46 -15.79 -28.75
C TRP R 87 -58.95 -15.65 -29.04
N LYS R 88 -59.44 -16.28 -30.11
CA LYS R 88 -60.85 -16.24 -30.47
C LYS R 88 -61.52 -17.51 -29.94
N ASP R 89 -61.73 -17.54 -28.63
CA ASP R 89 -62.41 -18.65 -27.98
C ASP R 89 -63.15 -18.13 -26.77
N GLY R 90 -64.21 -18.85 -26.37
CA GLY R 90 -65.05 -18.39 -25.29
C GLY R 90 -64.48 -18.66 -23.90
N TRP R 91 -63.71 -19.75 -23.76
CA TRP R 91 -63.25 -20.19 -22.46
C TRP R 91 -61.74 -20.25 -22.33
N ASN R 92 -61.00 -20.36 -23.43
CA ASN R 92 -59.54 -20.33 -23.36
C ASN R 92 -59.04 -18.95 -22.95
N ILE R 93 -59.82 -17.89 -23.19
CA ILE R 93 -59.45 -16.55 -22.75
C ILE R 93 -59.34 -16.49 -21.24
N LEU R 94 -60.30 -17.12 -20.53
CA LEU R 94 -60.29 -17.11 -19.08
C LEU R 94 -59.08 -17.85 -18.52
N ASN R 95 -58.75 -19.01 -19.09
CA ASN R 95 -57.59 -19.76 -18.63
C ASN R 95 -56.30 -19.01 -18.92
N PHE R 96 -56.23 -18.37 -20.09
CA PHE R 96 -55.05 -17.56 -20.43
C PHE R 96 -54.89 -16.40 -19.45
N ALA R 97 -55.99 -15.72 -19.12
CA ALA R 97 -55.92 -14.63 -18.15
C ALA R 97 -55.51 -15.14 -16.78
N ILE R 98 -56.01 -16.32 -16.39
CA ILE R 98 -55.67 -16.90 -15.10
C ILE R 98 -54.17 -17.16 -15.01
N VAL R 99 -53.62 -17.84 -16.02
CA VAL R 99 -52.20 -18.16 -15.98
C VAL R 99 -51.35 -16.90 -16.14
N PHE R 100 -51.86 -15.90 -16.88
CA PHE R 100 -51.12 -14.65 -17.06
C PHE R 100 -50.99 -13.90 -15.75
N ILE R 101 -52.11 -13.74 -15.03
CA ILE R 101 -52.09 -13.06 -13.74
C ILE R 101 -51.22 -13.83 -12.75
N LEU R 102 -51.36 -15.16 -12.72
CA LEU R 102 -50.61 -15.97 -11.77
C LEU R 102 -49.10 -15.88 -12.04
N PHE R 103 -48.69 -15.91 -13.30
CA PHE R 103 -47.26 -15.90 -13.60
C PHE R 103 -46.67 -14.50 -13.44
N MET R 104 -47.44 -13.45 -13.74
CA MET R 104 -46.99 -12.09 -13.43
C MET R 104 -46.83 -11.90 -11.93
N GLY R 105 -47.76 -12.41 -11.13
CA GLY R 105 -47.62 -12.32 -9.69
C GLY R 105 -46.51 -13.18 -9.13
N PHE R 106 -46.17 -14.27 -9.82
CA PHE R 106 -45.10 -15.15 -9.35
C PHE R 106 -43.72 -14.58 -9.66
N PHE R 107 -43.41 -14.38 -10.95
CA PHE R 107 -42.06 -13.98 -11.32
C PHE R 107 -41.80 -12.52 -10.93
N ILE R 108 -42.75 -11.63 -11.21
CA ILE R 108 -42.61 -10.24 -10.79
C ILE R 108 -43.22 -10.06 -9.40
N LYS R 109 -42.68 -9.11 -8.65
CA LYS R 109 -43.22 -8.80 -7.33
C LYS R 109 -44.65 -8.30 -7.44
N GLN R 110 -45.49 -8.76 -6.54
CA GLN R 110 -46.89 -8.35 -6.57
C GLN R 110 -47.45 -8.30 -5.15
N LEU R 111 -48.43 -7.43 -4.95
CA LEU R 111 -49.26 -7.42 -3.76
C LEU R 111 -50.45 -8.35 -3.90
N ASP R 112 -50.36 -9.30 -4.83
CA ASP R 112 -51.49 -10.17 -5.13
C ASP R 112 -51.84 -11.07 -3.97
N MET R 113 -50.82 -11.49 -3.21
CA MET R 113 -50.85 -12.37 -2.03
C MET R 113 -51.67 -13.64 -2.21
N VAL R 114 -51.94 -14.27 -1.07
CA VAL R 114 -52.73 -15.49 -1.02
C VAL R 114 -54.12 -15.25 -1.60
N ALA R 115 -54.63 -14.03 -1.43
CA ALA R 115 -55.97 -13.65 -1.89
C ALA R 115 -56.11 -13.72 -3.41
N ILE R 116 -55.00 -13.75 -4.14
CA ILE R 116 -55.04 -13.96 -5.58
C ILE R 116 -54.53 -15.34 -5.96
N THR R 117 -53.49 -15.82 -5.27
CA THR R 117 -52.93 -17.12 -5.63
C THR R 117 -53.95 -18.24 -5.47
N TYR R 118 -54.76 -18.20 -4.41
CA TYR R 118 -55.61 -19.33 -4.08
C TYR R 118 -56.91 -19.34 -4.91
N PRO R 119 -57.66 -18.22 -5.01
CA PRO R 119 -58.86 -18.25 -5.87
C PRO R 119 -58.58 -18.50 -7.34
N LEU R 120 -57.42 -18.08 -7.84
CA LEU R 120 -57.08 -18.38 -9.23
C LEU R 120 -56.92 -19.89 -9.44
N ARG R 121 -56.28 -20.56 -8.46
CA ARG R 121 -56.17 -22.02 -8.53
C ARG R 121 -57.53 -22.69 -8.50
N VAL R 122 -58.44 -22.22 -7.63
CA VAL R 122 -59.74 -22.89 -7.61
C VAL R 122 -60.59 -22.53 -8.82
N LEU R 123 -60.35 -21.38 -9.45
CA LEU R 123 -61.00 -21.09 -10.74
C LEU R 123 -60.53 -22.05 -11.81
N ARG R 124 -59.22 -22.34 -11.84
CA ARG R 124 -58.71 -23.35 -12.75
C ARG R 124 -59.29 -24.72 -12.44
N LEU R 125 -59.49 -25.01 -11.15
CA LEU R 125 -60.15 -26.24 -10.73
C LEU R 125 -61.56 -26.34 -11.32
N VAL R 126 -62.32 -25.24 -11.25
CA VAL R 126 -63.67 -25.20 -11.80
C VAL R 126 -63.64 -25.41 -13.31
N HIS R 127 -62.69 -24.75 -13.98
CA HIS R 127 -62.58 -24.87 -15.43
C HIS R 127 -62.26 -26.29 -15.85
N VAL R 128 -61.37 -26.96 -15.13
CA VAL R 128 -60.98 -28.32 -15.48
C VAL R 128 -62.13 -29.29 -15.19
N CYS R 129 -62.77 -29.16 -14.02
CA CYS R 129 -63.88 -30.05 -13.70
C CYS R 129 -65.12 -29.78 -14.54
N MET R 130 -65.18 -28.64 -15.23
CA MET R 130 -66.25 -28.40 -16.19
C MET R 130 -66.06 -29.27 -17.43
N ALA R 131 -64.82 -29.50 -17.84
CA ALA R 131 -64.51 -30.22 -19.08
C ALA R 131 -65.03 -31.65 -19.09
N VAL R 132 -64.98 -32.36 -17.97
CA VAL R 132 -65.57 -33.69 -17.88
C VAL R 132 -67.09 -33.50 -17.89
N GLU R 133 -67.78 -34.40 -18.59
CA GLU R 133 -69.15 -34.16 -19.05
C GLU R 133 -70.22 -33.86 -17.99
N PRO R 134 -70.33 -34.58 -16.83
CA PRO R 134 -71.58 -34.46 -16.09
C PRO R 134 -71.66 -33.27 -15.15
N LEU R 135 -71.16 -32.11 -15.57
CA LEU R 135 -71.54 -30.84 -14.94
C LEU R 135 -71.60 -29.77 -16.02
N ALA R 136 -71.15 -30.16 -17.22
CA ALA R 136 -70.98 -29.22 -18.32
C ALA R 136 -72.31 -28.71 -18.83
N ARG R 137 -73.33 -29.57 -18.89
CA ARG R 137 -74.64 -29.14 -19.34
C ARG R 137 -75.24 -28.10 -18.40
N ILE R 138 -75.13 -28.33 -17.09
CA ILE R 138 -75.69 -27.38 -16.13
C ILE R 138 -74.94 -26.06 -16.16
N ILE R 139 -73.60 -26.10 -16.29
CA ILE R 139 -72.85 -24.84 -16.38
C ILE R 139 -73.20 -24.11 -17.67
N LYS R 140 -73.36 -24.85 -18.78
CA LYS R 140 -73.75 -24.26 -20.05
C LYS R 140 -75.10 -23.57 -19.96
N VAL R 141 -76.08 -24.20 -19.33
CA VAL R 141 -77.38 -23.55 -19.21
C VAL R 141 -77.36 -22.41 -18.22
N ILE R 142 -76.46 -22.44 -17.23
CA ILE R 142 -76.32 -21.27 -16.35
C ILE R 142 -75.82 -20.06 -17.14
N LEU R 143 -74.77 -20.26 -17.96
CA LEU R 143 -74.25 -19.14 -18.74
C LEU R 143 -75.19 -18.74 -19.88
N GLN R 144 -76.07 -19.63 -20.31
CA GLN R 144 -77.14 -19.22 -21.22
C GLN R 144 -78.23 -18.43 -20.51
N SER R 145 -78.49 -18.75 -19.24
CA SER R 145 -79.53 -18.07 -18.47
C SER R 145 -79.14 -16.68 -17.97
N MET R 146 -77.84 -16.42 -17.83
CA MET R 146 -77.42 -15.10 -17.33
C MET R 146 -77.87 -13.91 -18.18
N PRO R 147 -77.74 -13.88 -19.52
CA PRO R 147 -78.22 -12.69 -20.25
C PRO R 147 -79.71 -12.44 -20.11
N ASP R 148 -80.52 -13.48 -19.90
CA ASP R 148 -81.94 -13.27 -19.66
C ASP R 148 -82.20 -12.79 -18.24
N LEU R 149 -81.31 -13.14 -17.30
CA LEU R 149 -81.42 -12.59 -15.95
C LEU R 149 -80.98 -11.14 -15.87
N ALA R 150 -80.17 -10.69 -16.84
CA ALA R 150 -79.67 -9.31 -16.81
C ALA R 150 -80.80 -8.30 -16.91
N ASN R 151 -81.79 -8.55 -17.77
CA ASN R 151 -82.89 -7.60 -17.91
C ASN R 151 -83.76 -7.57 -16.66
N VAL R 152 -83.96 -8.73 -16.02
CA VAL R 152 -84.71 -8.78 -14.77
C VAL R 152 -83.99 -7.98 -13.68
N MET R 153 -82.67 -8.15 -13.60
CA MET R 153 -81.88 -7.40 -12.63
C MET R 153 -81.97 -5.90 -12.87
N ALA R 154 -81.88 -5.49 -14.15
CA ALA R 154 -81.96 -4.06 -14.48
C ALA R 154 -83.33 -3.48 -14.15
N LEU R 155 -84.41 -4.22 -14.46
CA LEU R 155 -85.75 -3.75 -14.14
C LEU R 155 -85.95 -3.65 -12.64
N ILE R 156 -85.44 -4.62 -11.89
CA ILE R 156 -85.56 -4.59 -10.43
C ILE R 156 -84.83 -3.38 -9.87
N LEU R 157 -83.62 -3.10 -10.39
CA LEU R 157 -82.86 -1.96 -9.90
C LEU R 157 -83.56 -0.64 -10.25
N PHE R 158 -84.17 -0.55 -11.43
CA PHE R 158 -84.84 0.69 -11.82
C PHE R 158 -86.10 0.94 -10.99
N PHE R 159 -86.91 -0.10 -10.79
CA PHE R 159 -88.06 0.03 -9.90
C PHE R 159 -87.61 0.34 -8.48
N MET R 160 -86.46 -0.21 -8.09
CA MET R 160 -85.86 0.09 -6.79
C MET R 160 -85.52 1.56 -6.65
N LEU R 161 -84.94 2.18 -7.68
CA LEU R 161 -84.62 3.60 -7.59
C LEU R 161 -85.90 4.45 -7.55
N VAL R 162 -86.88 4.12 -8.41
CA VAL R 162 -88.07 4.95 -8.48
C VAL R 162 -88.96 4.80 -7.24
N PHE R 163 -88.83 3.70 -6.49
CA PHE R 163 -89.51 3.64 -5.19
C PHE R 163 -88.62 4.07 -4.03
N SER R 164 -87.30 4.05 -4.21
CA SER R 164 -86.41 4.57 -3.18
C SER R 164 -86.45 6.08 -3.12
N VAL R 165 -86.89 6.76 -4.17
CA VAL R 165 -87.21 8.18 -4.05
C VAL R 165 -88.33 8.39 -3.02
N PHE R 166 -89.40 7.59 -3.13
CA PHE R 166 -90.48 7.63 -2.16
C PHE R 166 -89.99 7.24 -0.77
N GLY R 167 -89.05 6.32 -0.70
CA GLY R 167 -88.38 6.01 0.55
C GLY R 167 -87.67 7.21 1.14
N VAL R 168 -86.69 7.75 0.41
CA VAL R 168 -85.84 8.83 0.92
C VAL R 168 -86.58 10.14 1.15
N THR R 169 -87.84 10.24 0.69
CA THR R 169 -88.64 11.36 1.17
C THR R 169 -88.94 11.25 2.67
N LEU R 170 -88.93 10.04 3.23
CA LEU R 170 -89.13 9.86 4.66
C LEU R 170 -87.87 9.29 5.30
N PHE R 171 -86.72 9.52 4.68
CA PHE R 171 -85.46 9.01 5.18
C PHE R 171 -84.56 10.20 5.53
N GLY R 172 -83.46 9.92 6.21
CA GLY R 172 -82.42 10.91 6.39
C GLY R 172 -82.58 11.81 7.59
N ALA R 173 -81.60 11.80 8.50
CA ALA R 173 -81.50 12.64 9.69
C ALA R 173 -82.57 12.33 10.75
N PHE R 174 -83.49 11.43 10.42
CA PHE R 174 -84.40 10.83 11.38
C PHE R 174 -84.56 9.36 11.03
N VAL R 175 -84.79 8.54 12.06
CA VAL R 175 -84.53 7.09 12.07
C VAL R 175 -83.30 6.79 11.22
N PRO R 176 -82.13 7.31 11.62
CA PRO R 176 -80.95 7.33 10.73
C PRO R 176 -80.07 6.09 10.83
N LYS R 177 -78.92 6.17 10.16
CA LYS R 177 -77.77 5.25 10.22
C LYS R 177 -78.05 3.97 9.43
N HIS R 178 -79.29 3.79 8.99
CA HIS R 178 -79.63 2.82 7.97
C HIS R 178 -80.55 3.38 6.90
N PHE R 179 -81.18 4.53 7.16
CA PHE R 179 -82.05 5.21 6.21
C PHE R 179 -81.37 6.42 5.58
N GLN R 180 -80.23 6.84 6.13
CA GLN R 180 -79.49 7.97 5.59
C GLN R 180 -78.40 7.48 4.64
N ASN R 181 -77.51 8.39 4.24
CA ASN R 181 -76.27 8.12 3.53
C ASN R 181 -76.49 7.66 2.09
N MET R 182 -77.76 7.59 1.66
CA MET R 182 -78.31 7.63 0.31
C MET R 182 -77.80 6.51 -0.60
N GLY R 183 -76.83 5.72 -0.15
CA GLY R 183 -76.47 4.46 -0.79
C GLY R 183 -76.60 3.35 0.22
N VAL R 184 -76.31 3.70 1.48
CA VAL R 184 -76.59 2.78 2.59
C VAL R 184 -78.09 2.61 2.77
N ALA R 185 -78.86 3.66 2.51
CA ALA R 185 -80.31 3.54 2.49
C ALA R 185 -80.78 2.58 1.40
N LEU R 186 -80.18 2.71 0.20
CA LEU R 186 -80.52 1.81 -0.90
C LEU R 186 -80.18 0.37 -0.56
N TYR R 187 -79.00 0.13 0.02
CA TYR R 187 -78.61 -1.23 0.34
C TYR R 187 -79.37 -1.78 1.54
N THR R 188 -79.83 -0.92 2.45
CA THR R 188 -80.70 -1.38 3.53
C THR R 188 -82.08 -1.75 3.00
N LEU R 189 -82.58 -0.99 2.02
CA LEU R 189 -83.81 -1.41 1.33
C LEU R 189 -83.59 -2.73 0.61
N PHE R 190 -82.39 -2.95 0.08
CA PHE R 190 -82.08 -4.23 -0.57
C PHE R 190 -82.05 -5.36 0.45
N ILE R 191 -81.51 -5.08 1.64
CA ILE R 191 -81.52 -6.04 2.74
C ILE R 191 -82.95 -6.41 3.11
N CYS R 192 -83.82 -5.39 3.21
CA CYS R 192 -85.22 -5.62 3.55
C CYS R 192 -85.96 -6.38 2.45
N ILE R 193 -85.65 -6.11 1.18
CA ILE R 193 -86.32 -6.82 0.09
C ILE R 193 -85.84 -8.27 0.03
N THR R 194 -84.58 -8.52 0.41
CA THR R 194 -84.11 -9.91 0.56
C THR R 194 -84.83 -10.65 1.69
N GLN R 195 -85.57 -9.92 2.53
CA GLN R 195 -86.67 -10.47 3.34
C GLN R 195 -86.17 -11.46 4.39
N ASP R 196 -85.31 -10.95 5.29
CA ASP R 196 -84.92 -11.70 6.46
C ASP R 196 -84.42 -10.74 7.54
N GLY R 197 -84.98 -10.88 8.74
CA GLY R 197 -84.48 -10.16 9.90
C GLY R 197 -84.62 -8.65 9.84
N TRP R 198 -85.78 -8.15 9.39
CA TRP R 198 -86.02 -6.73 9.40
C TRP R 198 -86.80 -6.28 10.63
N LEU R 199 -87.01 -7.17 11.60
CA LEU R 199 -87.64 -6.75 12.86
C LEU R 199 -86.72 -5.88 13.70
N ASP R 200 -85.41 -5.97 13.49
CA ASP R 200 -84.51 -4.97 14.04
C ASP R 200 -84.81 -3.60 13.44
N ILE R 201 -85.05 -3.56 12.12
CA ILE R 201 -85.48 -2.32 11.48
C ILE R 201 -86.87 -1.93 11.94
N TYR R 202 -87.76 -2.91 12.14
CA TYR R 202 -89.12 -2.63 12.61
C TYR R 202 -89.10 -1.99 13.99
N THR R 203 -88.21 -2.44 14.86
CA THR R 203 -88.04 -1.79 16.16
C THR R 203 -87.22 -0.52 16.05
N ASP R 204 -86.50 -0.31 14.93
CA ASP R 204 -85.72 0.91 14.78
C ASP R 204 -86.63 2.13 14.57
N PHE R 205 -87.66 2.00 13.73
CA PHE R 205 -88.62 3.07 13.55
C PHE R 205 -89.87 2.89 14.42
N GLN R 206 -89.82 1.99 15.40
CA GLN R 206 -90.93 1.80 16.31
C GLN R 206 -91.15 3.05 17.17
N MET R 207 -92.41 3.28 17.51
CA MET R 207 -92.83 4.32 18.44
C MET R 207 -92.45 5.72 17.96
N ASP R 208 -92.89 6.07 16.76
CA ASP R 208 -92.79 7.46 16.30
C ASP R 208 -93.66 8.37 17.15
N GLU R 209 -94.89 7.93 17.44
CA GLU R 209 -95.79 8.59 18.36
C GLU R 209 -96.35 7.56 19.36
N ARG R 210 -96.01 6.28 19.13
CA ARG R 210 -96.42 5.06 19.81
C ARG R 210 -97.83 4.60 19.39
N GLU R 211 -98.59 5.41 18.66
CA GLU R 211 -99.85 4.85 18.18
C GLU R 211 -99.97 4.75 16.67
N TYR R 212 -100.07 5.89 15.95
CA TYR R 212 -100.23 5.83 14.51
C TYR R 212 -99.13 6.63 13.82
N ALA R 213 -99.04 7.94 14.04
CA ALA R 213 -98.15 8.89 13.34
C ALA R 213 -97.86 8.57 11.88
N MET R 214 -96.56 8.51 11.56
CA MET R 214 -96.06 7.89 10.34
C MET R 214 -95.71 6.43 10.55
N GLU R 215 -95.76 5.97 11.81
CA GLU R 215 -95.53 4.57 12.19
C GLU R 215 -96.50 3.64 11.47
N VAL R 216 -97.68 4.14 11.12
CA VAL R 216 -98.58 3.38 10.27
C VAL R 216 -98.24 3.60 8.79
N GLY R 217 -98.14 4.85 8.37
CA GLY R 217 -98.03 5.21 6.97
C GLY R 217 -96.79 4.68 6.27
N GLY R 218 -95.61 5.13 6.72
CA GLY R 218 -94.38 4.70 6.06
C GLY R 218 -94.17 3.20 6.19
N ALA R 219 -94.58 2.62 7.32
CA ALA R 219 -94.42 1.19 7.54
C ALA R 219 -95.26 0.39 6.55
N ILE R 220 -96.54 0.73 6.39
CA ILE R 220 -97.37 -0.04 5.46
C ILE R 220 -96.92 0.21 4.02
N TYR R 221 -96.47 1.44 3.72
CA TYR R 221 -95.98 1.73 2.37
C TYR R 221 -94.80 0.84 2.01
N PHE R 222 -93.72 0.89 2.80
CA PHE R 222 -92.55 0.12 2.40
C PHE R 222 -92.76 -1.36 2.66
N ALA R 223 -93.71 -1.75 3.51
CA ALA R 223 -94.00 -3.17 3.72
C ALA R 223 -94.70 -3.78 2.52
N VAL R 224 -95.72 -3.10 1.99
CA VAL R 224 -96.38 -3.63 0.79
C VAL R 224 -95.45 -3.55 -0.41
N PHE R 225 -94.59 -2.52 -0.46
CA PHE R 225 -93.59 -2.46 -1.52
C PHE R 225 -92.59 -3.62 -1.39
N ILE R 226 -92.20 -3.95 -0.15
CA ILE R 226 -91.29 -5.06 0.09
C ILE R 226 -91.90 -6.36 -0.38
N THR R 227 -93.16 -6.61 0.00
CA THR R 227 -93.77 -7.89 -0.33
C THR R 227 -94.00 -8.02 -1.84
N LEU R 228 -94.42 -6.92 -2.51
CA LEU R 228 -94.63 -6.98 -3.95
C LEU R 228 -93.32 -7.16 -4.70
N GLY R 229 -92.29 -6.39 -4.31
CA GLY R 229 -91.01 -6.51 -4.98
C GLY R 229 -90.35 -7.85 -4.75
N ALA R 230 -90.43 -8.38 -3.53
CA ALA R 230 -89.83 -9.67 -3.23
C ALA R 230 -90.52 -10.80 -4.01
N PHE R 231 -91.86 -10.80 -4.03
CA PHE R 231 -92.57 -11.81 -4.80
C PHE R 231 -92.25 -11.71 -6.29
N ILE R 232 -92.27 -10.49 -6.83
CA ILE R 232 -92.03 -10.30 -8.26
C ILE R 232 -90.61 -10.73 -8.62
N GLY R 233 -89.63 -10.35 -7.80
CA GLY R 233 -88.25 -10.72 -8.08
C GLY R 233 -88.01 -12.21 -8.02
N LEU R 234 -88.51 -12.87 -6.97
CA LEU R 234 -88.30 -14.31 -6.84
C LEU R 234 -88.99 -15.07 -7.96
N ASN R 235 -90.20 -14.65 -8.32
CA ASN R 235 -90.87 -15.23 -9.48
C ASN R 235 -90.02 -15.07 -10.73
N LEU R 236 -89.72 -13.82 -11.09
CA LEU R 236 -89.01 -13.53 -12.34
C LEU R 236 -87.69 -14.30 -12.42
N PHE R 237 -87.02 -14.48 -11.28
CA PHE R 237 -85.84 -15.34 -11.24
C PHE R 237 -86.16 -16.77 -11.65
N VAL R 238 -87.14 -17.40 -10.98
CA VAL R 238 -87.39 -18.82 -11.28
C VAL R 238 -87.93 -18.98 -12.70
N VAL R 239 -88.65 -17.97 -13.19
CA VAL R 239 -89.19 -18.03 -14.54
C VAL R 239 -88.09 -17.92 -15.58
N VAL R 240 -87.12 -17.03 -15.38
CA VAL R 240 -85.98 -16.98 -16.29
C VAL R 240 -85.23 -18.31 -16.28
N VAL R 241 -85.12 -18.93 -15.10
CA VAL R 241 -84.48 -20.24 -14.99
C VAL R 241 -85.18 -21.26 -15.88
N THR R 242 -86.47 -21.48 -15.64
CA THR R 242 -87.19 -22.50 -16.41
C THR R 242 -87.29 -22.13 -17.89
N THR R 243 -87.28 -20.83 -18.21
CA THR R 243 -87.29 -20.39 -19.59
C THR R 243 -86.03 -20.84 -20.32
N ASN R 244 -84.87 -20.70 -19.65
CA ASN R 244 -83.63 -21.11 -20.29
C ASN R 244 -83.39 -22.62 -20.20
N LEU R 245 -84.07 -23.32 -19.30
CA LEU R 245 -83.95 -24.79 -19.30
C LEU R 245 -84.83 -25.44 -20.36
N GLU R 246 -85.96 -24.82 -20.72
CA GLU R 246 -86.66 -25.27 -21.91
C GLU R 246 -85.79 -25.11 -23.16
N GLN R 247 -84.92 -24.10 -23.17
CA GLN R 247 -83.88 -24.06 -24.20
C GLN R 247 -82.87 -25.17 -24.04
N MET R 248 -82.70 -25.70 -22.83
CA MET R 248 -81.70 -26.76 -22.62
C MET R 248 -82.18 -28.07 -23.22
N MET R 249 -83.43 -28.45 -22.97
CA MET R 249 -83.83 -29.79 -23.38
C MET R 249 -84.44 -29.84 -24.77
N LYS R 250 -84.45 -28.73 -25.51
CA LYS R 250 -84.80 -28.78 -26.93
C LYS R 250 -83.57 -29.06 -27.78
N VAL S 1 -34.91 9.40 62.44
CA VAL S 1 -33.54 9.75 62.08
C VAL S 1 -33.29 11.21 62.45
N ILE S 2 -32.70 11.41 63.62
CA ILE S 2 -32.42 12.73 64.17
C ILE S 2 -30.95 12.78 64.53
N HIS S 3 -30.26 13.84 64.12
CA HIS S 3 -28.81 13.82 64.14
C HIS S 3 -28.23 14.12 65.52
N ASN S 4 -28.78 15.12 66.22
CA ASN S 4 -28.29 15.49 67.54
C ASN S 4 -29.28 15.10 68.64
N LYS S 5 -29.95 13.96 68.48
CA LYS S 5 -30.88 13.48 69.50
C LYS S 5 -30.16 13.08 70.78
N GLY S 6 -28.93 12.63 70.67
CA GLY S 6 -28.12 12.28 71.81
C GLY S 6 -27.69 10.83 71.87
N LYS S 7 -26.41 10.60 71.59
CA LYS S 7 -25.76 9.30 71.73
C LYS S 7 -24.57 9.46 72.65
N GLU S 8 -24.61 8.78 73.80
CA GLU S 8 -23.57 8.91 74.80
C GLU S 8 -23.02 7.58 75.27
N ARG S 9 -23.56 6.46 74.80
CA ARG S 9 -23.15 5.14 75.25
C ARG S 9 -22.86 4.25 74.05
N THR S 10 -21.91 3.33 74.22
CA THR S 10 -21.64 2.30 73.23
C THR S 10 -22.14 0.98 73.79
N TYR S 11 -23.24 0.48 73.23
CA TYR S 11 -23.88 -0.72 73.77
C TYR S 11 -23.28 -2.01 73.23
N PHE S 12 -22.52 -1.97 72.15
CA PHE S 12 -22.09 -3.17 71.46
C PHE S 12 -20.58 -3.24 71.39
N SER S 13 -20.04 -4.47 71.47
CA SER S 13 -18.62 -4.71 71.29
C SER S 13 -18.47 -5.84 70.28
N CYS S 14 -17.96 -5.51 69.09
CA CYS S 14 -17.82 -6.48 68.01
C CYS S 14 -16.35 -6.57 67.59
N SER S 15 -15.91 -7.80 67.32
CA SER S 15 -14.53 -8.03 66.91
C SER S 15 -14.50 -9.08 65.81
N GLY S 16 -13.55 -8.93 64.90
CA GLY S 16 -13.34 -9.91 63.84
C GLY S 16 -12.24 -10.92 64.11
N GLU S 17 -11.53 -10.79 65.23
CA GLU S 17 -10.50 -11.70 65.72
C GLU S 17 -9.27 -11.77 64.81
N GLY S 18 -9.24 -10.99 63.73
CA GLY S 18 -8.08 -10.97 62.87
C GLY S 18 -7.03 -9.99 63.37
N ILE S 19 -7.44 -8.74 63.56
CA ILE S 19 -6.58 -7.70 64.12
C ILE S 19 -7.30 -7.06 65.29
N LEU S 20 -6.62 -6.97 66.42
CA LEU S 20 -7.18 -6.35 67.62
C LEU S 20 -6.82 -4.86 67.63
N THR S 21 -7.77 -4.03 68.06
CA THR S 21 -7.56 -2.60 68.14
C THR S 21 -8.09 -2.08 69.47
N GLY S 22 -8.21 -0.76 69.60
CA GLY S 22 -8.76 -0.19 70.82
C GLY S 22 -10.21 -0.62 71.01
N LEU S 23 -10.52 -1.05 72.24
CA LEU S 23 -11.87 -1.52 72.57
C LEU S 23 -12.90 -0.40 72.58
N HIS S 24 -12.45 0.86 72.54
CA HIS S 24 -13.40 1.97 72.60
C HIS S 24 -14.15 2.16 71.29
N THR S 25 -13.73 1.52 70.20
CA THR S 25 -14.40 1.63 68.93
C THR S 25 -14.26 0.32 68.17
N ILE S 26 -15.11 0.14 67.16
CA ILE S 26 -15.18 -1.09 66.38
C ILE S 26 -14.56 -0.83 65.01
N LYS S 27 -13.36 -1.35 64.79
CA LYS S 27 -12.67 -1.24 63.52
C LYS S 27 -12.53 -2.64 62.92
N LEU S 28 -12.97 -2.79 61.67
CA LEU S 28 -13.02 -4.08 61.01
C LEU S 28 -12.24 -4.01 59.71
N PHE S 29 -11.67 -5.16 59.32
CA PHE S 29 -10.82 -5.23 58.14
C PHE S 29 -11.35 -6.33 57.22
N LEU S 30 -11.38 -6.04 55.93
CA LEU S 30 -11.93 -6.94 54.92
C LEU S 30 -10.79 -7.55 54.12
N THR S 31 -10.76 -8.87 54.07
CA THR S 31 -9.74 -9.62 53.33
C THR S 31 -10.44 -10.50 52.29
N MET S 32 -9.66 -11.39 51.67
CA MET S 32 -10.22 -12.29 50.67
C MET S 32 -11.09 -13.38 51.28
N ASP S 33 -10.92 -13.66 52.57
CA ASP S 33 -11.83 -14.59 53.25
C ASP S 33 -13.12 -13.87 53.64
N ASN S 34 -14.03 -14.62 54.25
CA ASN S 34 -15.30 -14.05 54.67
C ASN S 34 -15.10 -13.16 55.89
N LEU S 35 -15.80 -12.03 55.91
CA LEU S 35 -15.81 -11.16 57.09
C LEU S 35 -16.61 -11.85 58.17
N LYS S 36 -15.92 -12.41 59.14
CA LYS S 36 -16.54 -13.19 60.21
C LYS S 36 -16.35 -12.44 61.53
N VAL S 37 -17.44 -11.90 62.06
CA VAL S 37 -17.40 -11.01 63.21
C VAL S 37 -18.30 -11.55 64.30
N ARG S 38 -17.77 -11.57 65.53
CA ARG S 38 -18.50 -11.94 66.73
C ARG S 38 -18.73 -10.68 67.55
N CYS S 39 -19.98 -10.44 67.93
CA CYS S 39 -20.35 -9.23 68.66
C CYS S 39 -21.19 -9.61 69.86
N PHE S 40 -21.09 -8.82 70.93
CA PHE S 40 -21.91 -9.03 72.12
C PHE S 40 -22.39 -7.70 72.69
N PHE S 41 -23.38 -7.81 73.58
CA PHE S 41 -24.08 -6.66 74.14
C PHE S 41 -23.35 -6.20 75.39
N ARG S 42 -22.74 -5.02 75.32
CA ARG S 42 -21.99 -4.46 76.44
C ARG S 42 -22.95 -3.76 77.40
N ASN S 43 -22.80 -4.04 78.68
CA ASN S 43 -23.64 -3.47 79.73
C ASN S 43 -22.75 -3.13 80.92
N GLU S 44 -23.37 -2.96 82.09
CA GLU S 44 -22.61 -2.76 83.32
C GLU S 44 -21.62 -3.88 83.58
N ASN S 45 -21.93 -5.10 83.16
CA ASN S 45 -20.97 -6.20 83.14
C ASN S 45 -20.40 -6.29 81.73
N GLN S 46 -19.09 -6.04 81.61
CA GLN S 46 -18.43 -5.97 80.31
C GLN S 46 -18.10 -7.33 79.72
N SER S 47 -18.15 -8.39 80.51
CA SER S 47 -17.92 -9.73 79.98
C SER S 47 -19.16 -10.22 79.24
N PRO S 48 -18.99 -11.14 78.29
CA PRO S 48 -20.17 -11.74 77.63
C PRO S 48 -20.99 -12.55 78.62
N SER S 49 -22.31 -12.57 78.40
CA SER S 49 -23.24 -13.22 79.31
C SER S 49 -24.28 -14.01 78.52
N LYS S 50 -24.62 -15.19 79.03
CA LYS S 50 -25.63 -16.05 78.44
C LYS S 50 -27.04 -15.68 78.87
N GLU S 51 -27.19 -14.67 79.72
CA GLU S 51 -28.50 -14.31 80.24
C GLU S 51 -29.14 -13.22 79.39
N ILE S 52 -28.40 -12.14 79.10
CA ILE S 52 -28.96 -11.05 78.30
C ILE S 52 -29.17 -11.51 76.86
N LEU S 53 -28.27 -12.34 76.33
CA LEU S 53 -28.43 -12.87 74.98
C LEU S 53 -29.68 -13.72 74.87
N GLY S 54 -29.92 -14.59 75.85
CA GLY S 54 -31.14 -15.36 75.86
C GLY S 54 -32.38 -14.53 76.13
N LEU S 55 -32.23 -13.40 76.81
CA LEU S 55 -33.34 -12.48 76.99
C LEU S 55 -33.71 -11.82 75.69
N PHE S 56 -32.72 -11.53 74.84
CA PHE S 56 -33.01 -10.88 73.57
C PHE S 56 -33.50 -11.84 72.51
N THR S 57 -32.96 -13.07 72.47
CA THR S 57 -33.35 -14.02 71.45
C THR S 57 -34.58 -14.83 71.83
N SER S 58 -35.40 -14.31 72.73
CA SER S 58 -36.70 -14.91 73.03
C SER S 58 -37.86 -14.04 72.57
N GLY S 59 -37.61 -12.78 72.22
CA GLY S 59 -38.59 -11.92 71.59
C GLY S 59 -38.40 -11.75 70.10
N GLY S 60 -37.63 -12.63 69.46
CA GLY S 60 -37.37 -12.51 68.04
C GLY S 60 -36.56 -11.30 67.66
N LEU S 61 -35.59 -10.92 68.48
CA LEU S 61 -34.74 -9.77 68.23
C LEU S 61 -33.31 -10.22 68.00
N ALA S 62 -32.76 -9.90 66.84
CA ALA S 62 -31.38 -10.20 66.50
C ALA S 62 -30.77 -8.94 65.91
N PRO S 63 -29.47 -8.72 66.13
CA PRO S 63 -28.85 -7.48 65.67
C PRO S 63 -28.82 -7.37 64.15
N ASN S 64 -28.67 -6.14 63.69
CA ASN S 64 -28.56 -5.79 62.29
C ASN S 64 -27.35 -4.88 62.13
N MET S 65 -26.63 -5.08 61.03
CA MET S 65 -25.42 -4.32 60.76
C MET S 65 -25.60 -3.58 59.43
N ILE S 66 -25.48 -2.27 59.48
CA ILE S 66 -25.66 -1.40 58.31
C ILE S 66 -24.30 -0.91 57.88
N ILE S 67 -23.94 -1.21 56.64
CA ILE S 67 -22.71 -0.73 56.02
C ILE S 67 -23.08 0.41 55.07
N THR S 68 -22.42 1.55 55.22
CA THR S 68 -22.74 2.69 54.39
C THR S 68 -21.47 3.31 53.83
N ASN S 69 -21.62 3.91 52.66
CA ASN S 69 -20.57 4.60 51.92
C ASN S 69 -21.02 6.01 51.63
N SER S 70 -20.31 6.71 50.76
CA SER S 70 -20.81 7.99 50.26
C SER S 70 -21.92 7.81 49.23
N THR S 71 -22.08 6.59 48.67
CA THR S 71 -23.09 6.34 47.65
C THR S 71 -23.83 5.02 47.83
N PHE S 72 -23.70 4.35 48.98
CA PHE S 72 -24.17 2.98 49.09
C PHE S 72 -24.72 2.72 50.49
N TYR S 73 -25.78 1.92 50.57
CA TYR S 73 -26.40 1.52 51.81
C TYR S 73 -26.71 0.03 51.74
N GLY S 74 -26.31 -0.71 52.76
CA GLY S 74 -26.58 -2.14 52.78
C GLY S 74 -26.82 -2.62 54.19
N GLY S 75 -27.71 -3.60 54.30
CA GLY S 75 -28.05 -4.16 55.61
C GLY S 75 -27.78 -5.65 55.64
N TYR S 76 -27.31 -6.12 56.79
CA TYR S 76 -26.97 -7.52 56.98
C TYR S 76 -27.56 -7.99 58.29
N TYR S 77 -28.20 -9.15 58.26
CA TYR S 77 -28.99 -9.62 59.38
C TYR S 77 -28.28 -10.76 60.07
N PHE S 78 -28.17 -10.68 61.39
CA PHE S 78 -27.74 -11.83 62.17
C PHE S 78 -28.83 -12.88 62.16
N LYS S 79 -28.44 -14.14 62.23
CA LYS S 79 -29.43 -15.20 62.24
C LYS S 79 -29.94 -15.46 63.67
N LEU S 80 -31.19 -15.85 63.75
CA LEU S 80 -31.81 -16.22 65.03
C LEU S 80 -31.55 -17.69 65.30
N THR S 81 -30.87 -17.97 66.41
CA THR S 81 -30.38 -19.30 66.72
C THR S 81 -30.56 -19.53 68.21
N PRO S 82 -30.90 -20.76 68.63
CA PRO S 82 -31.14 -21.02 70.05
C PRO S 82 -29.95 -20.65 70.93
N PHE S 83 -30.25 -20.09 72.10
CA PHE S 83 -29.27 -19.64 73.06
C PHE S 83 -28.72 -20.77 73.93
N SER S 84 -28.90 -22.03 73.54
CA SER S 84 -28.54 -23.14 74.40
C SER S 84 -27.02 -23.26 74.54
N ASN S 85 -26.27 -22.94 73.49
CA ASN S 85 -24.83 -23.14 73.51
C ASN S 85 -24.02 -21.86 73.40
N ARG S 86 -24.46 -20.88 72.62
CA ARG S 86 -23.62 -19.75 72.30
C ARG S 86 -23.48 -18.79 73.48
N LEU S 87 -22.54 -17.86 73.35
CA LEU S 87 -22.37 -16.74 74.26
C LEU S 87 -22.44 -15.39 73.56
N GLU S 88 -22.06 -15.34 72.29
CA GLU S 88 -22.04 -14.11 71.51
C GLU S 88 -22.77 -14.31 70.19
N TRP S 89 -23.20 -13.20 69.60
CA TRP S 89 -23.76 -13.23 68.26
C TRP S 89 -22.65 -13.31 67.22
N LEU S 90 -22.96 -13.95 66.10
CA LEU S 90 -21.95 -14.29 65.10
C LEU S 90 -22.54 -14.06 63.71
N ILE S 91 -21.75 -13.45 62.82
CA ILE S 91 -22.17 -13.33 61.42
C ILE S 91 -20.93 -13.33 60.53
N ASP S 92 -21.02 -14.05 59.42
CA ASP S 92 -19.98 -14.05 58.40
C ASP S 92 -20.61 -13.68 57.07
N ILE S 93 -19.99 -12.73 56.38
CA ILE S 93 -20.43 -12.23 55.10
C ILE S 93 -19.38 -12.62 54.06
N PRO S 94 -19.77 -13.25 52.95
CA PRO S 94 -18.85 -13.39 51.83
C PRO S 94 -18.45 -12.02 51.30
N ARG S 95 -17.22 -11.94 50.79
CA ARG S 95 -16.70 -10.66 50.31
C ARG S 95 -17.52 -10.14 49.14
N GLN S 96 -18.01 -11.03 48.28
CA GLN S 96 -18.75 -10.64 47.10
C GLN S 96 -20.05 -9.92 47.42
N ASN S 97 -20.57 -10.03 48.63
CA ASN S 97 -21.75 -9.28 49.02
C ASN S 97 -21.49 -7.80 49.23
N ILE S 98 -20.23 -7.41 49.43
CA ILE S 98 -19.89 -6.01 49.70
C ILE S 98 -19.23 -5.42 48.46
N THR S 99 -18.10 -5.97 48.05
CA THR S 99 -17.41 -5.53 46.84
C THR S 99 -17.08 -6.75 45.99
N VAL S 100 -17.28 -6.62 44.68
CA VAL S 100 -16.94 -7.71 43.77
C VAL S 100 -15.60 -7.44 43.08
N ASN S 101 -15.21 -6.17 43.01
CA ASN S 101 -13.93 -5.82 42.40
C ASN S 101 -12.78 -6.05 43.37
N THR S 102 -11.66 -6.53 42.84
CA THR S 102 -10.48 -6.84 43.64
C THR S 102 -9.24 -6.22 43.03
N ASP S 103 -9.40 -5.10 42.35
CA ASP S 103 -8.26 -4.40 41.78
C ASP S 103 -7.69 -3.43 42.81
N ILE S 104 -6.68 -2.67 42.43
CA ILE S 104 -6.05 -1.69 43.31
C ILE S 104 -6.47 -0.30 42.84
N ALA S 105 -7.16 0.43 43.70
CA ALA S 105 -7.69 1.74 43.34
C ALA S 105 -7.91 2.54 44.63
N ALA S 106 -8.45 3.74 44.47
CA ALA S 106 -8.77 4.59 45.61
C ALA S 106 -10.20 4.32 46.06
N VAL S 107 -10.35 3.48 47.08
CA VAL S 107 -11.65 3.07 47.57
C VAL S 107 -11.85 3.64 48.96
N GLU S 108 -13.05 4.18 49.21
CA GLU S 108 -13.35 4.80 50.49
C GLU S 108 -13.51 3.75 51.59
N GLN S 109 -13.47 4.24 52.82
CA GLN S 109 -13.80 3.44 53.98
C GLN S 109 -15.31 3.30 54.10
N TRP S 110 -15.74 2.37 54.95
CA TRP S 110 -17.15 2.12 55.18
C TRP S 110 -17.48 2.47 56.62
N MET S 111 -18.69 2.99 56.84
CA MET S 111 -19.18 3.21 58.20
C MET S 111 -20.15 2.10 58.57
N ILE S 112 -19.94 1.52 59.74
CA ILE S 112 -20.70 0.39 60.24
C ILE S 112 -21.56 0.87 61.39
N LYS S 113 -22.82 0.46 61.39
CA LYS S 113 -23.76 0.80 62.44
C LYS S 113 -24.47 -0.47 62.89
N ILE S 114 -24.31 -0.82 64.17
CA ILE S 114 -24.90 -2.02 64.73
C ILE S 114 -26.10 -1.62 65.59
N THR S 115 -27.23 -2.30 65.41
CA THR S 115 -28.44 -1.98 66.14
C THR S 115 -29.22 -3.24 66.43
N MET S 116 -30.10 -3.17 67.44
CA MET S 116 -30.95 -4.31 67.76
C MET S 116 -32.09 -4.49 66.77
N HIS S 117 -32.65 -3.39 66.26
CA HIS S 117 -33.67 -3.46 65.23
C HIS S 117 -33.42 -2.31 64.25
N GLU S 118 -33.83 -2.53 63.00
CA GLU S 118 -33.44 -1.60 61.95
C GLU S 118 -34.31 -0.34 61.94
N GLY S 119 -35.61 -0.52 61.67
CA GLY S 119 -36.50 0.63 61.66
C GLY S 119 -36.71 1.21 63.04
N LEU S 120 -36.86 0.35 64.04
CA LEU S 120 -37.05 0.77 65.42
C LEU S 120 -35.66 0.78 66.07
N ASN S 121 -34.84 1.75 65.67
CA ASN S 121 -33.45 1.76 66.06
C ASN S 121 -33.34 2.18 67.52
N ILE S 122 -32.83 1.29 68.36
CA ILE S 122 -32.89 1.44 69.80
C ILE S 122 -31.51 1.48 70.44
N TYR S 123 -30.59 0.65 70.00
CA TYR S 123 -29.25 0.57 70.60
C TYR S 123 -28.22 0.67 69.48
N ASP S 124 -27.85 1.89 69.12
CA ASP S 124 -26.94 2.13 68.02
C ASP S 124 -25.50 2.15 68.49
N THR S 125 -24.61 1.58 67.67
CA THR S 125 -23.17 1.64 67.93
C THR S 125 -22.44 1.81 66.60
N GLU S 126 -21.45 2.70 66.57
CA GLU S 126 -20.78 3.09 65.34
C GLU S 126 -19.40 2.46 65.23
N GLY S 127 -18.90 2.40 64.00
CA GLY S 127 -17.58 1.88 63.75
C GLY S 127 -17.20 2.04 62.30
N THR S 128 -16.06 1.45 61.94
CA THR S 128 -15.54 1.56 60.59
C THR S 128 -15.11 0.20 60.04
N LEU S 129 -15.11 0.10 58.72
CA LEU S 129 -14.66 -1.10 58.02
C LEU S 129 -13.77 -0.68 56.85
N LEU S 130 -12.61 -1.32 56.73
CA LEU S 130 -11.61 -0.93 55.75
C LEU S 130 -11.24 -2.10 54.87
N ASP S 131 -11.16 -1.85 53.57
CA ASP S 131 -10.73 -2.83 52.59
C ASP S 131 -9.21 -2.85 52.55
N LEU S 132 -8.62 -4.05 52.63
CA LEU S 132 -7.17 -4.16 52.70
C LEU S 132 -6.55 -4.56 51.36
N VAL S 133 -7.26 -5.32 50.53
CA VAL S 133 -6.66 -5.80 49.28
C VAL S 133 -6.77 -4.79 48.15
N ARG S 134 -7.51 -3.70 48.34
CA ARG S 134 -7.64 -2.69 47.30
C ARG S 134 -6.99 -1.37 47.67
N GLU S 135 -6.26 -1.32 48.76
CA GLU S 135 -5.66 -0.04 49.14
C GLU S 135 -4.30 0.10 48.48
N PRO S 136 -4.01 1.23 47.84
CA PRO S 136 -2.75 1.35 47.09
C PRO S 136 -1.51 1.36 47.96
N ILE S 137 -1.50 2.10 49.06
CA ILE S 137 -0.30 2.25 49.86
C ILE S 137 0.09 0.97 50.59
N LEU S 138 -0.87 0.11 50.90
CA LEU S 138 -0.60 -1.06 51.73
C LEU S 138 0.04 -2.22 50.96
N GLN S 139 0.24 -2.08 49.65
CA GLN S 139 0.86 -3.16 48.89
C GLN S 139 2.38 -3.10 48.91
N TRP S 140 2.95 -1.96 49.29
CA TRP S 140 4.39 -1.76 49.21
C TRP S 140 5.05 -1.92 50.56
N ASN S 141 6.37 -2.11 50.54
CA ASN S 141 7.19 -2.08 51.74
C ASN S 141 7.96 -0.76 51.76
N LEU S 142 7.73 0.05 52.79
CA LEU S 142 8.27 1.39 52.84
C LEU S 142 9.80 1.39 53.01
N GLY S 143 10.31 0.53 53.86
CA GLY S 143 11.74 0.49 54.11
C GLY S 143 12.09 -0.58 55.11
N ARG S 144 13.24 -0.42 55.75
CA ARG S 144 13.67 -1.39 56.75
C ARG S 144 12.93 -1.15 58.06
N VAL S 145 12.38 -2.22 58.64
CA VAL S 145 11.53 -2.08 59.81
C VAL S 145 12.39 -2.04 61.06
N LEU S 146 12.31 -0.93 61.80
CA LEU S 146 13.04 -0.77 63.05
C LEU S 146 12.33 -1.55 64.14
N THR S 147 13.09 -2.33 64.90
CA THR S 147 12.53 -3.08 66.00
C THR S 147 12.40 -2.16 67.23
N GLU S 148 11.85 -2.70 68.30
CA GLU S 148 11.87 -1.99 69.57
C GLU S 148 13.32 -1.85 70.05
N MET S 149 13.53 -0.87 70.93
CA MET S 149 14.80 -0.37 71.48
C MET S 149 15.69 0.20 70.37
N GLU S 150 15.22 0.16 69.12
CA GLU S 150 15.82 0.89 68.03
C GLU S 150 15.08 2.17 67.73
N VAL S 151 13.84 2.31 68.22
CA VAL S 151 13.13 3.58 68.16
C VAL S 151 13.10 4.28 69.51
N ARG S 152 13.48 3.59 70.60
CA ARG S 152 13.54 4.22 71.90
C ARG S 152 14.78 5.10 72.05
N ASP S 153 15.87 4.75 71.40
CA ASP S 153 17.04 5.62 71.38
C ASP S 153 16.89 6.74 70.36
N LEU S 154 15.85 6.71 69.55
CA LEU S 154 15.57 7.79 68.61
C LEU S 154 14.86 8.95 69.26
N TYR S 155 14.30 8.76 70.46
CA TYR S 155 13.48 9.78 71.10
C TYR S 155 14.21 11.08 71.43
N PRO S 156 15.43 11.10 72.01
CA PRO S 156 16.06 12.39 72.31
C PRO S 156 16.55 13.17 71.09
N GLU S 157 16.34 12.67 69.89
CA GLU S 157 16.77 13.36 68.68
C GLU S 157 15.62 13.94 67.88
N VAL S 158 14.37 13.52 68.15
CA VAL S 158 13.21 14.01 67.42
C VAL S 158 13.03 15.50 67.72
N ASN S 159 12.60 16.24 66.71
CA ASN S 159 12.36 17.67 66.88
C ASN S 159 10.97 18.11 66.46
N ASP S 160 10.29 17.36 65.60
CA ASP S 160 8.93 17.69 65.17
C ASP S 160 8.28 16.46 64.55
N ILE S 161 6.95 16.52 64.40
CA ILE S 161 6.12 15.41 63.95
C ILE S 161 5.27 15.88 62.78
N LYS S 162 5.09 15.01 61.78
CA LYS S 162 4.20 15.31 60.65
C LYS S 162 3.29 14.11 60.37
N VAL S 163 2.12 14.39 59.79
CA VAL S 163 1.14 13.36 59.51
C VAL S 163 0.60 13.51 58.08
N THR S 164 0.00 12.43 57.59
CA THR S 164 -0.67 12.38 56.30
C THR S 164 -2.05 11.74 56.48
N LYS S 165 -2.79 11.61 55.37
CA LYS S 165 -4.17 11.13 55.49
C LYS S 165 -4.59 10.05 54.50
N SER S 166 -4.05 10.07 53.28
CA SER S 166 -4.60 9.35 52.13
C SER S 166 -6.07 9.69 51.95
N PRO S 167 -6.38 10.85 51.33
CA PRO S 167 -7.71 11.50 51.44
C PRO S 167 -8.96 10.64 51.43
N CYS S 168 -9.00 9.58 50.62
CA CYS S 168 -10.25 8.86 50.46
C CYS S 168 -10.60 8.06 51.70
N ALA S 169 -9.62 7.38 52.30
CA ALA S 169 -9.83 6.66 53.55
C ALA S 169 -8.79 7.12 54.54
N ASN S 170 -9.23 7.64 55.67
CA ASN S 170 -8.32 8.01 56.76
C ASN S 170 -7.95 6.74 57.51
N ASP S 171 -7.35 6.91 58.69
CA ASP S 171 -6.88 5.83 59.56
C ASP S 171 -5.81 4.97 58.91
N VAL S 172 -5.20 5.44 57.82
CA VAL S 172 -4.06 4.77 57.21
C VAL S 172 -2.93 5.78 57.08
N ALA S 173 -2.88 6.72 58.03
CA ALA S 173 -1.91 7.80 58.02
C ALA S 173 -0.48 7.28 58.12
N LEU S 174 0.47 8.16 57.80
CA LEU S 174 1.89 7.97 58.02
C LEU S 174 2.38 9.08 58.93
N ILE S 175 3.24 8.74 59.87
CA ILE S 175 3.76 9.70 60.85
C ILE S 175 5.27 9.82 60.62
N GLY S 176 5.73 11.02 60.30
CA GLY S 176 7.10 11.26 59.90
C GLY S 176 7.82 12.11 60.93
N PHE S 177 9.11 11.80 61.14
CA PHE S 177 9.90 12.44 62.18
C PHE S 177 10.86 13.46 61.58
N MET S 178 10.83 14.68 62.11
CA MET S 178 11.80 15.72 61.74
C MET S 178 12.79 15.88 62.88
N MET S 179 14.07 15.77 62.58
CA MET S 179 15.06 15.53 63.62
C MET S 179 16.22 16.51 63.52
N LYS S 180 16.99 16.57 64.60
CA LYS S 180 18.14 17.45 64.70
C LYS S 180 19.25 16.98 63.75
N PRO S 181 20.13 17.90 63.30
CA PRO S 181 21.12 17.50 62.29
C PRO S 181 22.30 16.71 62.85
N SER S 182 22.22 16.33 64.13
CA SER S 182 23.20 15.41 64.69
C SER S 182 22.85 13.96 64.35
N SER S 183 21.65 13.71 63.88
CA SER S 183 21.18 12.37 63.51
C SER S 183 20.88 12.32 62.02
N ASN S 184 20.69 11.11 61.52
CA ASN S 184 20.58 10.89 60.08
C ASN S 184 19.61 9.76 59.78
N GLY S 185 18.69 10.01 58.88
CA GLY S 185 17.77 8.99 58.40
C GLY S 185 16.36 9.52 58.19
N VAL S 186 15.66 8.94 57.22
CA VAL S 186 14.25 9.20 56.99
C VAL S 186 13.45 8.21 57.80
N PHE S 187 12.63 8.71 58.71
CA PHE S 187 11.95 7.87 59.69
C PHE S 187 10.45 8.09 59.58
N ILE S 188 9.74 7.04 59.17
CA ILE S 188 8.31 7.09 58.90
C ILE S 188 7.66 5.87 59.52
N GLY S 189 6.63 6.08 60.32
CA GLY S 189 5.84 5.01 60.90
C GLY S 189 4.48 4.96 60.22
N LYS S 190 3.90 3.77 60.18
CA LYS S 190 2.63 3.53 59.50
C LYS S 190 1.61 2.97 60.48
N THR S 191 0.39 3.48 60.38
CA THR S 191 -0.76 3.03 61.16
C THR S 191 -1.82 2.46 60.23
N ILE S 192 -2.70 1.66 60.81
CA ILE S 192 -3.76 1.00 60.05
C ILE S 192 -5.09 1.17 60.77
N SER S 193 -5.05 1.60 62.03
CA SER S 193 -6.24 1.70 62.85
C SER S 193 -6.40 3.09 63.46
N GLY S 194 -5.89 4.10 62.79
CA GLY S 194 -6.08 5.48 63.22
C GLY S 194 -5.41 5.87 64.52
N PHE S 195 -4.19 5.35 64.77
CA PHE S 195 -3.38 5.72 65.94
C PHE S 195 -4.10 5.43 67.25
N TRP S 196 -4.85 4.33 67.30
CA TRP S 196 -5.57 3.99 68.52
C TRP S 196 -4.72 3.16 69.48
N THR S 197 -3.56 2.69 69.04
CA THR S 197 -2.61 2.02 69.92
C THR S 197 -1.21 2.32 69.44
N TYR S 198 -0.32 2.66 70.39
CA TYR S 198 1.06 2.93 70.04
C TYR S 198 1.81 1.68 69.62
N LYS S 199 1.31 0.49 69.96
CA LYS S 199 2.02 -0.74 69.64
C LYS S 199 1.85 -1.17 68.21
N GLU S 200 0.86 -0.64 67.49
CA GLU S 200 0.57 -1.08 66.13
C GLU S 200 1.15 -0.16 65.06
N CYS S 201 1.79 0.93 65.45
CA CYS S 201 2.40 1.86 64.50
C CYS S 201 3.80 1.35 64.19
N ILE S 202 3.98 0.77 63.01
CA ILE S 202 5.22 0.08 62.68
C ILE S 202 6.19 1.06 62.01
N TRP S 203 7.45 1.05 62.45
CA TRP S 203 8.41 2.11 62.13
C TRP S 203 9.38 1.63 61.06
N HIS S 204 9.60 2.47 60.05
CA HIS S 204 10.47 2.17 58.93
C HIS S 204 11.50 3.27 58.74
N ASP S 205 12.67 2.84 58.31
CA ASP S 205 13.76 3.72 57.90
C ASP S 205 13.93 3.57 56.40
N LEU S 206 14.07 4.71 55.72
CA LEU S 206 14.15 4.77 54.26
C LEU S 206 15.44 5.39 53.78
N THR S 207 16.54 5.23 54.51
CA THR S 207 17.76 5.95 54.18
C THR S 207 18.47 5.39 52.97
N GLU S 208 18.43 4.07 52.77
CA GLU S 208 19.10 3.46 51.62
C GLU S 208 18.44 3.87 50.31
N ILE S 209 17.11 3.98 50.31
CA ILE S 209 16.40 4.37 49.10
C ILE S 209 16.74 5.80 48.71
N ILE S 210 16.80 6.71 49.68
CA ILE S 210 17.19 8.09 49.37
C ILE S 210 18.65 8.15 48.95
N TYR S 211 19.51 7.37 49.61
CA TYR S 211 20.93 7.38 49.28
C TYR S 211 21.23 6.69 47.97
N ALA S 212 20.24 6.24 47.37
CA ALA S 212 20.50 5.71 46.05
C ALA S 212 20.60 6.84 45.11
N GLU S 213 19.47 7.44 44.85
CA GLU S 213 19.37 8.51 43.89
C GLU S 213 20.18 9.76 44.13
N LEU S 214 21.19 9.68 44.98
CA LEU S 214 22.09 10.85 45.20
C LEU S 214 23.60 10.64 45.06
N LYS S 215 24.08 10.22 43.91
CA LYS S 215 25.52 10.12 43.70
C LYS S 215 26.21 9.76 44.97
N ASP S 216 27.10 10.61 45.44
CA ASP S 216 27.75 10.36 46.74
C ASP S 216 26.83 10.27 47.97
N GLU S 217 27.29 10.77 49.12
CA GLU S 217 26.51 10.67 50.37
C GLU S 217 26.64 11.94 51.10
N HIS S 218 25.54 12.60 51.35
CA HIS S 218 25.61 13.89 51.89
C HIS S 218 25.57 13.96 53.41
N GLN S 219 24.49 14.33 54.07
CA GLN S 219 24.60 14.46 55.50
C GLN S 219 23.50 14.84 56.48
N GLY S 220 22.24 14.67 56.17
CA GLY S 220 21.26 15.09 57.10
C GLY S 220 20.06 14.91 56.34
N LEU S 221 19.59 13.68 56.30
CA LEU S 221 18.44 13.42 55.52
C LEU S 221 17.22 13.37 56.42
N THR S 222 16.85 14.48 57.08
CA THR S 222 15.64 14.31 57.88
C THR S 222 14.43 14.63 57.01
N VAL S 223 13.14 14.35 57.45
CA VAL S 223 11.88 14.59 56.76
C VAL S 223 11.36 15.96 57.13
N ILE S 224 11.28 16.83 56.12
CA ILE S 224 10.74 18.17 56.30
C ILE S 224 9.23 18.18 56.12
N ASP S 225 8.72 17.49 55.12
CA ASP S 225 7.29 17.40 54.89
C ASP S 225 6.98 16.15 54.10
N LEU S 226 5.72 15.74 54.12
CA LEU S 226 5.28 14.61 53.32
C LEU S 226 3.79 14.71 53.09
N VAL S 227 3.36 14.37 51.88
CA VAL S 227 1.94 14.26 51.57
C VAL S 227 1.69 12.94 50.86
N LEU S 228 0.44 12.50 50.93
CA LEU S 228 0.00 11.22 50.38
C LEU S 228 -1.22 11.50 49.52
N THR S 229 -1.03 11.49 48.20
CA THR S 229 -2.10 11.76 47.25
C THR S 229 -2.89 10.45 47.06
N ASN S 230 -3.85 10.45 46.13
CA ASN S 230 -4.68 9.26 45.91
C ASN S 230 -3.90 8.10 45.30
N HIS S 231 -2.87 8.38 44.49
CA HIS S 231 -2.11 7.31 43.88
C HIS S 231 -0.59 7.49 44.02
N PHE S 232 -0.12 8.43 44.84
CA PHE S 232 1.30 8.74 44.89
C PHE S 232 1.70 9.10 46.32
N LEU S 233 3.01 9.23 46.52
CA LEU S 233 3.59 9.65 47.78
C LEU S 233 4.65 10.70 47.46
N VAL S 234 4.61 11.82 48.17
CA VAL S 234 5.57 12.91 47.98
C VAL S 234 6.26 13.16 49.30
N ILE S 235 7.60 13.12 49.29
CA ILE S 235 8.41 13.32 50.47
C ILE S 235 9.38 14.47 50.20
N LEU S 236 9.27 15.54 50.97
CA LEU S 236 10.23 16.64 50.91
C LEU S 236 11.20 16.47 52.06
N THR S 237 12.41 16.02 51.77
CA THR S 237 13.44 15.80 52.75
C THR S 237 14.58 16.79 52.50
N SER S 238 15.49 16.86 53.48
CA SER S 238 16.49 17.91 53.50
C SER S 238 17.44 17.87 52.30
N LEU S 239 17.55 16.72 51.62
CA LEU S 239 18.40 16.60 50.46
C LEU S 239 17.62 16.52 49.16
N GLY S 240 16.32 16.76 49.17
CA GLY S 240 15.59 16.90 47.92
C GLY S 240 14.13 16.52 48.07
N LEU S 241 13.43 16.62 46.95
CA LEU S 241 12.03 16.25 46.84
C LEU S 241 11.92 14.94 46.06
N TYR S 242 11.24 13.95 46.65
CA TYR S 242 11.16 12.60 46.11
C TYR S 242 9.71 12.23 45.88
N VAL S 243 9.42 11.67 44.71
CA VAL S 243 8.08 11.25 44.34
C VAL S 243 8.10 9.74 44.10
N SER S 244 7.11 9.05 44.64
CA SER S 244 6.97 7.63 44.35
C SER S 244 6.59 7.43 42.89
N SER S 245 6.87 6.23 42.37
CA SER S 245 6.61 5.97 40.95
C SER S 245 5.12 5.91 40.69
N ASP S 246 4.45 4.94 41.28
CA ASP S 246 3.00 4.84 41.32
C ASP S 246 2.65 3.84 42.39
N LEU S 247 1.39 3.84 42.81
CA LEU S 247 0.98 2.96 43.89
C LEU S 247 0.02 1.86 43.45
N ARG S 248 -0.67 2.02 42.32
CA ARG S 248 -1.63 1.04 41.86
C ARG S 248 -0.99 -0.12 41.10
N TYR S 249 0.30 -0.05 40.80
CA TYR S 249 0.99 -1.08 40.01
C TYR S 249 2.18 -1.60 40.79
N PRO S 250 1.98 -2.50 41.74
CA PRO S 250 3.10 -3.03 42.51
C PRO S 250 3.95 -3.98 41.67
N THR S 251 5.25 -3.77 41.72
CA THR S 251 6.17 -4.56 40.91
C THR S 251 7.29 -5.21 41.72
N THR S 252 7.84 -4.50 42.71
CA THR S 252 9.06 -4.94 43.37
C THR S 252 8.92 -5.07 44.89
N SER S 253 7.72 -4.86 45.44
CA SER S 253 7.46 -4.91 46.88
C SER S 253 8.39 -3.96 47.64
N GLN S 254 8.67 -2.82 47.02
CA GLN S 254 9.54 -1.79 47.60
C GLN S 254 9.29 -0.52 46.81
N ILE S 255 9.08 0.59 47.51
CA ILE S 255 8.76 1.84 46.82
C ILE S 255 10.00 2.32 46.08
N LYS S 256 9.83 2.64 44.80
CA LYS S 256 10.87 3.25 44.00
C LYS S 256 10.61 4.74 43.96
N LEU S 257 11.53 5.52 44.51
CA LEU S 257 11.40 6.95 44.63
C LEU S 257 12.30 7.65 43.63
N SER S 258 11.76 8.62 42.91
CA SER S 258 12.50 9.41 41.94
C SER S 258 12.68 10.82 42.49
N ARG S 259 13.84 11.38 42.35
CA ARG S 259 14.16 12.67 42.94
C ARG S 259 13.97 13.79 41.93
N ALA S 260 13.23 14.81 42.32
CA ALA S 260 12.93 15.92 41.44
C ALA S 260 14.18 16.77 41.21
N GLU S 261 14.12 17.59 40.17
CA GLU S 261 15.22 18.47 39.80
C GLU S 261 14.92 19.89 40.24
N PHE S 262 15.84 20.53 40.92
CA PHE S 262 15.64 21.91 41.32
C PHE S 262 17.03 22.42 41.19
N CYS S 263 17.21 23.45 40.43
CA CYS S 263 18.56 23.84 40.11
C CYS S 263 19.29 24.67 41.10
N GLY S 264 20.11 23.98 41.82
CA GLY S 264 20.84 24.67 42.80
C GLY S 264 20.35 24.49 44.18
N PHE S 265 19.08 24.63 44.40
CA PHE S 265 18.59 24.62 45.69
C PHE S 265 19.47 23.64 46.44
N GLU S 266 20.04 24.05 47.58
CA GLU S 266 20.84 23.23 48.41
C GLU S 266 20.11 22.86 49.68
N ARG S 267 21.04 22.38 50.48
CA ARG S 267 20.32 21.87 51.65
C ARG S 267 19.58 22.96 52.40
N VAL S 268 20.13 24.17 52.46
CA VAL S 268 19.54 25.23 53.27
C VAL S 268 18.28 25.81 52.66
N ASP S 269 17.92 25.42 51.44
CA ASP S 269 16.64 25.83 50.86
C ASP S 269 15.57 24.77 51.01
N TYR S 270 15.93 23.52 51.19
CA TYR S 270 14.95 22.47 51.46
C TYR S 270 14.47 22.48 52.91
N ILE S 271 15.24 23.07 53.82
CA ILE S 271 14.81 23.13 55.21
C ILE S 271 13.75 24.21 55.42
N ARG S 272 13.61 25.12 54.47
CA ARG S 272 12.57 26.14 54.47
C ARG S 272 11.70 25.88 53.26
N GLY S 273 10.75 24.97 53.41
CA GLY S 273 9.93 24.55 52.29
C GLY S 273 8.68 23.82 52.74
N ASN S 274 7.59 24.04 52.04
CA ASN S 274 6.29 23.47 52.40
C ASN S 274 5.61 22.85 51.19
N LEU S 275 4.90 21.76 51.43
CA LEU S 275 4.08 21.09 50.43
C LEU S 275 2.62 21.36 50.74
N TRP S 276 1.91 21.95 49.78
CA TRP S 276 0.49 22.25 49.90
C TRP S 276 -0.29 21.36 48.94
N TYR S 277 -1.32 20.70 49.47
CA TYR S 277 -2.14 19.76 48.71
C TYR S 277 -3.59 19.89 49.14
N ASN S 278 -4.49 19.92 48.16
CA ASN S 278 -5.93 19.97 48.41
C ASN S 278 -6.46 18.57 48.63
N GLU S 279 -6.92 18.29 49.85
CA GLU S 279 -7.37 16.95 50.22
C GLU S 279 -8.72 16.71 49.59
N LYS S 280 -8.76 15.93 48.52
CA LYS S 280 -9.99 15.62 47.81
C LYS S 280 -10.00 14.13 47.49
N CYS S 281 -11.12 13.48 47.76
CA CYS S 281 -11.25 12.05 47.54
C CYS S 281 -11.84 11.80 46.15
N PHE S 282 -11.05 11.16 45.28
CA PHE S 282 -11.48 10.78 43.95
C PHE S 282 -11.63 9.27 43.95
N ALA S 283 -12.83 8.80 44.32
CA ALA S 283 -13.05 7.38 44.50
C ALA S 283 -13.24 6.66 43.17
N ASN S 284 -14.24 7.06 42.41
CA ASN S 284 -14.54 6.42 41.14
C ASN S 284 -13.81 7.05 39.96
N ARG S 285 -13.08 8.14 40.20
CA ARG S 285 -12.10 8.71 39.26
C ARG S 285 -12.76 9.09 37.93
N GLU S 286 -13.61 10.11 38.01
CA GLU S 286 -14.10 10.76 36.81
C GLU S 286 -12.96 11.40 36.02
N SER S 287 -13.17 11.54 34.71
CA SER S 287 -12.08 11.92 33.81
C SER S 287 -11.64 13.35 33.97
N PHE S 288 -12.45 14.21 34.57
CA PHE S 288 -12.12 15.62 34.72
C PHE S 288 -11.37 15.94 36.01
N GLU S 289 -11.17 14.94 36.88
CA GLU S 289 -10.55 15.18 38.17
C GLU S 289 -9.06 14.89 38.11
N VAL S 290 -8.26 15.89 38.45
CA VAL S 290 -6.80 15.78 38.48
C VAL S 290 -6.31 16.23 39.85
N ASP S 291 -5.03 15.94 40.12
CA ASP S 291 -4.43 16.21 41.41
C ASP S 291 -3.22 17.12 41.25
N TYR S 292 -3.11 18.11 42.12
CA TYR S 292 -2.03 19.08 42.06
C TYR S 292 -1.30 19.13 43.40
N VAL S 293 0.00 19.43 43.34
CA VAL S 293 0.80 19.65 44.54
C VAL S 293 1.67 20.87 44.32
N THR S 294 1.71 21.76 45.32
CA THR S 294 2.52 22.97 45.28
C THR S 294 3.66 22.86 46.29
N ILE S 295 4.84 23.34 45.92
CA ILE S 295 5.97 23.43 46.83
C ILE S 295 6.42 24.89 46.90
N THR S 296 6.59 25.39 48.11
CA THR S 296 6.94 26.78 48.37
C THR S 296 8.23 26.84 49.16
N PHE S 297 9.19 27.63 48.69
CA PHE S 297 10.49 27.68 49.36
C PHE S 297 10.76 29.03 49.99
N ASN S 298 11.66 29.06 50.97
CA ASN S 298 12.04 30.32 51.60
C ASN S 298 13.50 30.58 51.29
N ARG S 299 13.79 30.95 50.06
CA ARG S 299 15.17 31.20 49.66
C ARG S 299 15.33 32.57 49.05
N ASN S 300 16.43 32.79 48.33
CA ASN S 300 16.63 34.07 47.66
C ASN S 300 16.35 33.98 46.17
N ARG S 301 17.02 34.81 45.38
CA ARG S 301 16.77 34.85 43.88
C ARG S 301 17.95 34.72 42.96
N THR S 302 18.58 33.57 42.88
CA THR S 302 19.80 33.45 42.10
C THR S 302 19.72 33.63 40.60
N LEU S 303 20.85 33.53 39.92
CA LEU S 303 20.95 33.71 38.48
C LEU S 303 20.60 32.41 37.87
N SER S 304 20.42 31.41 38.71
CA SER S 304 20.10 30.09 38.25
C SER S 304 18.64 29.84 38.38
N GLU S 305 17.94 30.56 39.27
CA GLU S 305 16.48 30.44 39.33
C GLU S 305 15.83 31.82 39.30
N SER S 306 14.96 32.12 40.22
CA SER S 306 14.19 33.29 40.14
C SER S 306 12.97 33.08 40.88
N SER S 307 12.47 31.58 40.82
CA SER S 307 11.21 31.36 41.50
C SER S 307 11.41 30.55 42.77
N SER S 308 10.48 30.74 43.71
CA SER S 308 10.43 29.97 44.94
C SER S 308 9.04 29.39 45.16
N CYS S 309 8.41 28.97 44.07
CA CYS S 309 7.02 28.50 44.11
C CYS S 309 6.78 27.67 42.86
N PHE S 310 6.49 26.38 43.03
CA PHE S 310 6.30 25.48 41.89
C PHE S 310 5.07 24.64 42.13
N PHE S 311 4.45 24.17 41.04
CA PHE S 311 3.29 23.31 41.17
C PHE S 311 3.30 22.28 40.04
N SER S 312 2.77 21.09 40.34
CA SER S 312 2.79 20.02 39.36
C SER S 312 1.52 19.17 39.46
N LYS S 313 1.21 18.50 38.36
CA LYS S 313 0.01 17.71 38.16
C LYS S 313 0.24 16.27 38.59
N GLU S 314 -0.70 15.38 38.27
CA GLU S 314 -0.76 14.05 38.89
C GLU S 314 0.45 13.18 38.64
N PRO S 315 1.02 13.07 37.43
CA PRO S 315 2.37 12.50 37.36
C PRO S 315 3.41 13.56 37.70
N PHE S 316 4.00 13.48 38.88
CA PHE S 316 4.80 14.57 39.43
C PHE S 316 6.22 14.52 38.86
N LEU S 317 6.33 14.92 37.60
CA LEU S 317 7.61 14.96 36.92
C LEU S 317 7.99 16.34 36.42
N HIS S 318 7.04 17.09 35.88
CA HIS S 318 7.29 18.43 35.35
C HIS S 318 6.81 19.43 36.39
N TRP S 319 7.76 20.03 37.12
CA TRP S 319 7.45 21.06 38.10
C TRP S 319 7.66 22.42 37.46
N LEU S 320 6.59 23.18 37.31
CA LEU S 320 6.67 24.47 36.64
C LEU S 320 6.29 25.59 37.61
N PRO S 321 6.86 26.78 37.44
CA PRO S 321 6.65 27.84 38.43
C PRO S 321 5.22 28.36 38.44
N CYS S 322 4.83 28.86 39.60
CA CYS S 322 3.45 29.28 39.83
C CYS S 322 3.17 30.71 39.38
N VAL S 323 4.18 31.58 39.36
CA VAL S 323 4.01 32.94 38.86
C VAL S 323 5.09 33.20 37.81
N PHE S 324 4.65 33.72 36.67
CA PHE S 324 5.48 34.00 35.52
C PHE S 324 5.64 35.52 35.36
N SER S 325 6.24 35.92 34.25
CA SER S 325 6.51 37.33 33.95
C SER S 325 5.28 38.23 34.02
N SER S 332 10.81 44.06 46.49
CA SER S 332 9.79 44.72 45.67
C SER S 332 8.79 43.71 45.14
N ILE S 333 9.32 42.65 44.53
CA ILE S 333 8.47 41.58 43.99
C ILE S 333 7.82 40.82 45.15
N PRO S 334 6.51 40.63 45.14
CA PRO S 334 5.84 39.97 46.26
C PRO S 334 6.24 38.50 46.36
N ARG S 335 6.12 37.98 47.57
CA ARG S 335 6.46 36.60 47.87
C ARG S 335 5.19 35.78 48.02
N VAL S 336 5.17 34.62 47.37
CA VAL S 336 4.01 33.74 47.39
C VAL S 336 4.12 32.83 48.60
N ILE S 337 3.30 33.07 49.62
CA ILE S 337 3.24 32.13 50.74
C ILE S 337 2.58 30.83 50.32
N THR S 338 1.45 30.93 49.61
CA THR S 338 0.69 29.74 49.24
C THR S 338 -0.03 29.97 47.93
N PHE S 339 0.12 29.01 47.01
CA PHE S 339 -0.63 28.96 45.77
C PHE S 339 -1.49 27.69 45.77
N LEU S 340 -2.78 27.85 45.55
CA LEU S 340 -3.72 26.75 45.59
C LEU S 340 -4.53 26.71 44.30
N ILE S 341 -4.76 25.50 43.79
CA ILE S 341 -5.57 25.31 42.60
C ILE S 341 -6.94 24.82 43.06
N ASP S 342 -7.99 25.60 42.81
CA ASP S 342 -9.34 25.18 43.13
C ASP S 342 -10.03 24.72 41.86
N GLN S 343 -10.65 23.54 41.93
CA GLN S 343 -11.20 22.86 40.76
C GLN S 343 -12.71 22.99 40.65
N GLU S 344 -13.39 23.45 41.70
CA GLU S 344 -14.81 23.76 41.58
C GLU S 344 -15.05 24.89 40.59
N THR S 345 -14.15 25.87 40.57
CA THR S 345 -14.28 27.03 39.70
C THR S 345 -13.18 27.08 38.64
N ASP S 346 -12.17 26.22 38.75
CA ASP S 346 -11.00 26.19 37.87
C ASP S 346 -10.25 27.53 37.91
N SER S 347 -9.69 27.79 39.09
CA SER S 347 -8.99 29.04 39.32
C SER S 347 -7.78 28.79 40.20
N GLY S 348 -6.88 29.77 40.24
CA GLY S 348 -5.70 29.68 41.07
C GLY S 348 -5.62 30.83 42.04
N ILE S 349 -5.35 30.53 43.30
CA ILE S 349 -5.35 31.52 44.37
C ILE S 349 -3.93 31.68 44.88
N TYR S 350 -3.40 32.90 44.79
CA TYR S 350 -2.12 33.25 45.37
C TYR S 350 -2.34 34.09 46.61
N LEU S 351 -1.53 33.84 47.64
CA LEU S 351 -1.48 34.69 48.83
C LEU S 351 -0.16 35.45 48.81
N PHE S 352 -0.19 36.68 48.32
CA PHE S 352 0.99 37.52 48.19
C PHE S 352 1.19 38.35 49.45
N ASN S 353 2.45 38.56 49.80
CA ASN S 353 2.82 39.45 50.89
C ASN S 353 4.12 40.14 50.51
N VAL S 354 4.04 41.43 50.18
CA VAL S 354 5.25 42.18 49.83
C VAL S 354 6.09 42.38 51.09
N GLN S 355 7.39 42.12 50.97
CA GLN S 355 8.28 42.36 52.10
C GLN S 355 8.58 43.85 52.22
N ASP S 356 9.01 44.24 53.42
CA ASP S 356 9.25 45.64 53.80
C ASP S 356 8.00 46.50 53.67
N THR S 357 6.83 45.87 53.78
CA THR S 357 5.54 46.55 53.79
C THR S 357 4.53 45.58 54.37
N LYS S 358 3.62 46.10 55.20
CA LYS S 358 2.61 45.25 55.83
C LYS S 358 1.48 44.85 54.88
N GLU S 359 1.65 45.06 53.58
CA GLU S 359 0.58 44.77 52.62
C GLU S 359 0.53 43.28 52.30
N THR S 360 -0.64 42.69 52.52
CA THR S 360 -0.90 41.29 52.22
C THR S 360 -2.20 41.21 51.44
N TYR S 361 -2.21 40.46 50.35
CA TYR S 361 -3.41 40.37 49.53
C TYR S 361 -3.53 38.99 48.92
N VAL S 362 -4.72 38.72 48.39
CA VAL S 362 -5.06 37.43 47.79
C VAL S 362 -5.54 37.70 46.36
N THR S 363 -5.00 36.97 45.40
CA THR S 363 -5.30 37.17 43.98
C THR S 363 -5.81 35.87 43.37
N VAL S 364 -6.89 35.97 42.61
CA VAL S 364 -7.46 34.83 41.91
C VAL S 364 -7.25 35.03 40.41
N ALA S 365 -6.63 34.05 39.77
CA ALA S 365 -6.36 34.09 38.33
C ALA S 365 -7.06 32.94 37.64
N MET S 366 -7.50 33.19 36.42
CA MET S 366 -8.16 32.15 35.64
C MET S 366 -7.16 31.30 34.88
N LEU S 367 -7.36 29.99 34.91
CA LEU S 367 -6.44 29.03 34.33
C LEU S 367 -6.70 28.91 32.83
N LYS S 368 -5.62 28.93 32.05
CA LYS S 368 -5.65 28.70 30.61
C LYS S 368 -4.79 27.47 30.31
N ASP S 369 -5.41 26.45 29.72
CA ASP S 369 -4.81 25.14 29.42
C ASP S 369 -3.91 24.64 30.54
N GLY S 370 -4.44 24.68 31.76
CA GLY S 370 -3.71 24.20 32.92
C GLY S 370 -2.58 25.10 33.37
N LYS S 371 -2.63 26.38 33.01
CA LYS S 371 -1.58 27.32 33.34
C LYS S 371 -2.24 28.61 33.81
N PRO S 372 -1.96 29.06 35.02
CA PRO S 372 -2.56 30.31 35.49
C PRO S 372 -2.09 31.50 34.70
N SER S 373 -2.97 32.49 34.59
CA SER S 373 -2.77 33.63 33.72
C SER S 373 -2.51 34.91 34.51
N PRO S 374 -2.06 35.99 33.85
CA PRO S 374 -2.20 37.33 34.45
C PRO S 374 -3.63 37.80 34.40
N ARG S 375 -3.89 39.08 34.71
CA ARG S 375 -5.22 39.67 34.59
C ARG S 375 -6.21 38.95 35.48
N PRO S 376 -6.21 39.24 36.78
CA PRO S 376 -6.97 38.44 37.75
C PRO S 376 -8.46 38.39 37.43
N LYS S 377 -9.11 37.36 37.98
CA LYS S 377 -10.52 37.11 37.69
C LYS S 377 -11.40 38.26 38.16
N PHE S 378 -11.15 38.75 39.36
CA PHE S 378 -11.83 39.91 39.93
C PHE S 378 -10.80 40.71 40.70
N PRO S 379 -11.08 41.98 40.99
CA PRO S 379 -10.08 42.83 41.68
C PRO S 379 -9.67 42.26 43.03
N SER S 380 -8.39 42.41 43.33
CA SER S 380 -7.78 41.74 44.46
C SER S 380 -8.31 42.27 45.77
N PHE S 381 -8.33 41.41 46.77
CA PHE S 381 -8.76 41.77 48.12
C PHE S 381 -7.53 42.07 48.97
N HIS S 382 -7.48 43.27 49.52
CA HIS S 382 -6.35 43.72 50.34
C HIS S 382 -6.70 43.62 51.80
N PHE S 383 -5.87 42.90 52.56
CA PHE S 383 -6.06 42.74 53.99
C PHE S 383 -5.67 44.02 54.73
N PRO S 384 -6.17 44.21 55.96
CA PRO S 384 -5.73 45.36 56.77
C PRO S 384 -4.26 45.24 57.15
N SER S 385 -3.68 46.40 57.48
CA SER S 385 -2.26 46.50 57.81
C SER S 385 -1.92 45.92 59.16
N THR S 386 -2.91 45.56 59.97
CA THR S 386 -2.65 44.90 61.25
C THR S 386 -2.26 43.44 61.09
N PHE S 387 -2.44 42.87 59.91
CA PHE S 387 -2.03 41.50 59.61
C PHE S 387 -0.51 41.46 59.53
N THR S 388 0.14 41.13 60.64
CA THR S 388 1.60 41.23 60.72
C THR S 388 2.26 40.15 59.87
N LEU S 389 1.97 38.87 60.15
CA LEU S 389 2.55 37.81 59.36
C LEU S 389 1.49 36.78 58.98
N PRO S 390 1.34 36.48 57.70
CA PRO S 390 0.59 35.30 57.28
C PRO S 390 1.50 34.09 57.13
N LEU S 391 0.90 32.90 57.22
CA LEU S 391 1.69 31.67 57.21
C LEU S 391 1.11 30.57 56.33
N GLY S 392 0.04 30.83 55.59
CA GLY S 392 -0.50 29.82 54.70
C GLY S 392 -2.00 29.97 54.55
N MET S 393 -2.56 29.06 53.75
CA MET S 393 -4.00 28.99 53.56
C MET S 393 -4.36 27.55 53.23
N ILE S 394 -5.62 27.20 53.50
CA ILE S 394 -6.09 25.84 53.35
C ILE S 394 -7.55 25.84 52.91
N PHE S 395 -7.90 24.92 52.03
CA PHE S 395 -9.29 24.57 51.78
C PHE S 395 -9.71 23.50 52.76
N HIS S 396 -10.87 23.66 53.37
CA HIS S 396 -11.44 22.57 54.14
C HIS S 396 -11.76 21.42 53.19
N PRO S 397 -11.43 20.17 53.55
CA PRO S 397 -11.55 19.07 52.59
C PRO S 397 -12.97 18.85 52.10
N ARG S 398 -13.09 18.60 50.80
CA ARG S 398 -14.37 18.34 50.12
C ARG S 398 -15.35 19.49 50.33
N SER S 399 -14.86 20.72 50.19
CA SER S 399 -15.69 21.90 50.37
C SER S 399 -15.01 23.08 49.71
N HIS S 400 -15.69 24.23 49.75
CA HIS S 400 -15.25 25.47 49.10
C HIS S 400 -15.07 26.57 50.13
N PHE S 401 -14.44 26.25 51.26
CA PHE S 401 -14.18 27.22 52.32
C PHE S 401 -12.68 27.47 52.43
N LEU S 402 -12.29 28.74 52.40
CA LEU S 402 -10.89 29.14 52.42
C LEU S 402 -10.54 29.72 53.77
N TYR S 403 -9.32 29.45 54.24
CA TYR S 403 -8.90 29.87 55.57
C TYR S 403 -7.49 30.42 55.49
N VAL S 404 -7.35 31.73 55.65
CA VAL S 404 -6.06 32.38 55.74
C VAL S 404 -5.68 32.47 57.21
N TYR S 405 -4.46 32.05 57.55
CA TYR S 405 -4.06 32.06 58.94
C TYR S 405 -2.63 32.57 59.11
N GLY S 406 -2.34 33.02 60.33
CA GLY S 406 -1.08 33.61 60.70
C GLY S 406 -1.28 34.34 62.01
N SER S 407 -0.81 35.59 62.12
CA SER S 407 -1.12 36.33 63.32
C SER S 407 -2.61 36.48 63.52
N GLN S 408 -3.40 36.32 62.46
CA GLN S 408 -4.86 36.38 62.52
C GLN S 408 -5.44 35.21 61.75
N ILE S 409 -6.75 35.05 61.84
CA ILE S 409 -7.47 33.99 61.14
C ILE S 409 -8.66 34.62 60.42
N TRP S 410 -8.69 34.45 59.09
CA TRP S 410 -9.78 34.91 58.23
C TRP S 410 -10.38 33.73 57.49
N VAL S 411 -11.70 33.79 57.28
CA VAL S 411 -12.47 32.76 56.59
C VAL S 411 -13.14 33.38 55.39
N SER S 412 -13.21 32.63 54.30
CA SER S 412 -13.88 33.08 53.09
C SER S 412 -14.80 31.98 52.58
N MET S 413 -16.08 32.32 52.44
CA MET S 413 -16.96 31.62 51.54
C MET S 413 -16.59 32.03 50.12
N ASP S 414 -17.34 31.50 49.15
CA ASP S 414 -17.18 31.74 47.71
C ASP S 414 -15.72 31.57 47.29
N GLY S 415 -15.28 32.25 46.22
CA GLY S 415 -14.01 31.97 45.62
C GLY S 415 -12.81 32.49 46.39
N GLY S 416 -12.96 33.62 47.06
CA GLY S 416 -11.82 34.30 47.63
C GLY S 416 -11.71 35.74 47.19
N ASN S 417 -12.84 36.36 46.83
CA ASN S 417 -12.85 37.79 46.59
C ASN S 417 -13.31 38.57 47.81
N THR S 418 -13.90 37.89 48.80
CA THR S 418 -14.33 38.54 50.02
C THR S 418 -13.95 37.67 51.21
N PHE S 419 -13.28 38.28 52.18
CA PHE S 419 -12.91 37.60 53.41
C PHE S 419 -13.55 38.31 54.59
N GLU S 420 -13.76 37.55 55.66
CA GLU S 420 -14.26 38.10 56.90
C GLU S 420 -13.39 37.59 58.04
N MET S 421 -12.88 38.50 58.85
CA MET S 421 -12.00 38.11 59.96
C MET S 421 -12.80 37.37 61.02
N LEU S 422 -12.23 36.28 61.52
CA LEU S 422 -12.84 35.62 62.68
C LEU S 422 -11.95 35.62 63.91
N CYS S 423 -10.64 35.83 63.79
CA CYS S 423 -9.81 35.84 64.98
C CYS S 423 -8.60 36.75 64.80
N ASN S 424 -8.18 37.38 65.89
CA ASN S 424 -6.97 38.20 65.95
C ASN S 424 -6.12 37.72 67.11
N LEU S 425 -4.83 37.51 66.84
CA LEU S 425 -3.87 37.06 67.85
C LEU S 425 -2.67 37.99 67.80
N PHE S 426 -2.58 38.93 68.74
CA PHE S 426 -1.52 39.93 68.72
C PHE S 426 -0.22 39.28 69.19
N SER S 427 0.83 39.40 68.37
CA SER S 427 2.14 38.84 68.66
C SER S 427 2.06 37.34 68.95
N HIS S 428 1.20 36.66 68.20
CA HIS S 428 1.00 35.22 68.31
C HIS S 428 0.50 34.73 66.97
N HIS S 429 1.07 33.63 66.48
CA HIS S 429 0.66 33.10 65.20
C HIS S 429 0.35 31.63 65.34
N VAL S 430 -0.51 31.13 64.46
CA VAL S 430 -0.86 29.72 64.45
C VAL S 430 0.15 28.94 63.62
N THR S 431 0.49 27.75 64.09
CA THR S 431 1.53 26.96 63.46
C THR S 431 0.99 25.85 62.56
N LYS S 432 0.08 25.03 63.06
CA LYS S 432 -0.40 23.89 62.29
C LYS S 432 -1.90 23.75 62.50
N THR S 433 -2.54 23.07 61.54
CA THR S 433 -3.98 22.97 61.49
C THR S 433 -4.39 21.54 61.17
N SER S 434 -5.46 21.09 61.80
CA SER S 434 -6.03 19.76 61.55
C SER S 434 -7.53 19.90 61.37
N ASN S 435 -8.09 19.11 60.46
CA ASN S 435 -9.52 19.13 60.21
C ASN S 435 -9.97 17.78 59.68
N SER S 436 -11.26 17.50 59.82
CA SER S 436 -11.87 16.30 59.28
C SER S 436 -13.13 16.65 58.50
N PHE S 437 -13.30 16.01 57.35
CA PHE S 437 -14.50 16.22 56.54
C PHE S 437 -15.74 15.72 57.27
N TYR S 438 -15.64 14.59 57.95
CA TYR S 438 -16.67 14.16 58.88
C TYR S 438 -16.68 15.12 60.06
N THR S 439 -17.88 15.55 60.47
CA THR S 439 -18.15 16.44 61.60
C THR S 439 -17.64 17.87 61.38
N SER S 440 -16.92 18.11 60.28
CA SER S 440 -16.55 19.44 59.79
C SER S 440 -15.88 20.29 60.87
N ASP S 441 -14.96 19.69 61.62
CA ASP S 441 -14.27 20.38 62.71
C ASP S 441 -12.92 20.88 62.24
N ILE S 442 -12.58 22.11 62.60
CA ILE S 442 -11.31 22.73 62.25
C ILE S 442 -10.63 23.16 63.55
N VAL S 443 -9.36 22.82 63.69
CA VAL S 443 -8.59 23.06 64.90
C VAL S 443 -7.28 23.74 64.55
N PHE S 444 -7.02 24.89 65.16
CA PHE S 444 -5.76 25.62 65.01
C PHE S 444 -4.96 25.52 66.29
N ILE S 445 -3.66 25.28 66.16
CA ILE S 445 -2.73 25.27 67.28
C ILE S 445 -1.92 26.55 67.21
N VAL S 446 -1.90 27.32 68.29
CA VAL S 446 -1.18 28.58 68.35
C VAL S 446 -0.20 28.54 69.51
N GLU S 447 1.02 29.02 69.25
CA GLU S 447 2.10 29.03 70.21
C GLU S 447 1.72 29.80 71.47
N ASP S 448 2.22 29.30 72.60
CA ASP S 448 1.83 29.33 74.02
C ASP S 448 0.94 28.13 74.29
N GLY S 449 0.68 27.28 73.30
CA GLY S 449 -0.04 26.05 73.52
C GLY S 449 -1.54 26.15 73.44
N ARG S 450 -2.10 27.28 73.00
CA ARG S 450 -3.55 27.37 72.95
C ARG S 450 -4.09 26.64 71.73
N ILE S 451 -5.31 26.14 71.86
CA ILE S 451 -5.97 25.39 70.79
C ILE S 451 -7.32 26.04 70.52
N LEU S 452 -7.47 26.60 69.33
CA LEU S 452 -8.71 27.21 68.90
C LEU S 452 -9.49 26.23 68.03
N THR S 453 -10.81 26.29 68.11
CA THR S 453 -11.66 25.36 67.39
C THR S 453 -12.78 26.10 66.69
N THR S 454 -13.28 25.50 65.62
CA THR S 454 -14.42 26.04 64.90
C THR S 454 -15.05 24.92 64.08
N LYS S 455 -16.21 25.21 63.52
CA LYS S 455 -16.86 24.34 62.56
C LYS S 455 -16.88 25.03 61.21
N ALA S 456 -16.80 24.25 60.14
CA ALA S 456 -16.63 24.80 58.81
C ALA S 456 -17.86 25.59 58.39
N GLY S 457 -17.64 26.82 57.94
CA GLY S 457 -18.68 27.71 57.52
C GLY S 457 -19.18 28.64 58.61
N LEU S 458 -18.91 28.32 59.87
CA LEU S 458 -19.29 29.20 60.96
C LEU S 458 -18.38 30.42 60.98
N THR S 459 -18.94 31.55 61.42
CA THR S 459 -18.19 32.80 61.53
C THR S 459 -17.71 33.05 62.95
N THR S 460 -17.96 32.12 63.86
CA THR S 460 -17.55 32.21 65.26
C THR S 460 -16.61 31.07 65.60
N TYR S 461 -15.96 31.18 66.75
CA TYR S 461 -15.00 30.17 67.17
C TYR S 461 -14.93 30.13 68.69
N SER S 462 -14.34 29.06 69.21
CA SER S 462 -14.19 28.86 70.64
C SER S 462 -12.78 28.39 70.94
N GLU S 463 -12.45 28.36 72.22
CA GLU S 463 -11.13 27.95 72.69
C GLU S 463 -11.28 26.60 73.38
N LEU S 464 -10.65 25.57 72.80
CA LEU S 464 -10.75 24.23 73.38
C LEU S 464 -9.97 24.13 74.67
N GLY S 465 -8.78 24.71 74.72
CA GLY S 465 -7.97 24.62 75.92
C GLY S 465 -6.52 24.93 75.62
N ILE S 466 -5.66 24.42 76.50
CA ILE S 466 -4.22 24.70 76.47
C ILE S 466 -3.48 23.38 76.57
N LEU S 467 -2.28 23.34 76.01
CA LEU S 467 -1.46 22.14 76.03
C LEU S 467 0.00 22.53 76.10
N LYS S 468 0.68 22.09 77.16
CA LYS S 468 2.06 22.48 77.42
C LYS S 468 3.07 21.38 77.10
N ASP S 469 2.74 20.49 76.16
CA ASP S 469 3.70 19.50 75.71
C ASP S 469 4.76 20.13 74.80
N ALA S 470 5.92 19.50 74.75
CA ALA S 470 7.04 20.04 73.97
C ALA S 470 6.80 19.85 72.48
N ILE S 471 6.72 18.60 72.03
CA ILE S 471 6.46 18.28 70.63
C ILE S 471 5.23 17.39 70.57
N PHE S 472 4.24 17.79 69.79
CA PHE S 472 3.00 17.04 69.68
C PHE S 472 2.27 17.48 68.44
N THR S 473 1.27 16.71 68.05
CA THR S 473 0.39 17.08 66.95
C THR S 473 -0.99 16.52 67.20
N LEU S 474 -1.96 17.03 66.46
CA LEU S 474 -3.36 16.65 66.65
C LEU S 474 -3.86 15.98 65.38
N TYR S 475 -4.65 14.92 65.55
CA TYR S 475 -5.06 14.08 64.44
C TYR S 475 -6.55 13.79 64.53
N TYR S 476 -7.24 13.86 63.39
CA TYR S 476 -8.66 13.55 63.32
C TYR S 476 -8.86 12.28 62.49
N ASP S 477 -9.45 11.25 63.08
CA ASP S 477 -9.66 10.01 62.35
C ASP S 477 -10.95 10.10 61.54
N GLN S 478 -11.40 8.96 61.01
CA GLN S 478 -12.55 8.98 60.10
C GLN S 478 -13.84 9.31 60.82
N LEU S 479 -13.98 8.87 62.06
CA LEU S 479 -15.23 9.05 62.78
C LEU S 479 -15.33 10.40 63.46
N GLY S 480 -14.28 11.21 63.44
CA GLY S 480 -14.29 12.52 64.06
C GLY S 480 -13.59 12.61 65.39
N TYR S 481 -13.11 11.50 65.94
CA TYR S 481 -12.42 11.55 67.21
C TYR S 481 -11.06 12.23 67.05
N ILE S 482 -10.58 12.83 68.13
CA ILE S 482 -9.36 13.63 68.13
C ILE S 482 -8.30 12.89 68.93
N HIS S 483 -7.09 12.84 68.38
CA HIS S 483 -5.94 12.19 69.01
C HIS S 483 -4.83 13.20 69.19
N LYS S 484 -4.09 13.05 70.28
CA LYS S 484 -2.83 13.74 70.48
C LYS S 484 -1.69 12.77 70.25
N LEU S 485 -0.76 13.14 69.38
CA LEU S 485 0.35 12.30 69.00
C LEU S 485 1.66 12.93 69.48
N THR S 486 2.51 12.10 70.06
CA THR S 486 3.81 12.41 70.61
C THR S 486 4.61 11.12 70.52
N PRO S 487 5.94 11.21 70.39
CA PRO S 487 6.74 10.00 70.58
C PRO S 487 6.45 9.37 71.92
N GLU S 488 6.34 8.04 71.92
CA GLU S 488 5.80 7.18 72.97
C GLU S 488 4.57 7.75 73.68
N ASN S 489 3.66 8.39 72.92
CA ASN S 489 2.38 8.82 73.50
C ASN S 489 1.36 9.02 72.38
N PHE S 490 0.44 8.06 72.23
CA PHE S 490 -0.73 8.25 71.36
C PHE S 490 -1.95 8.28 72.29
N ASP S 491 -2.43 9.47 72.60
CA ASP S 491 -3.56 9.63 73.51
C ASP S 491 -4.83 9.91 72.70
N ALA S 492 -5.93 9.30 73.13
CA ALA S 492 -7.20 9.44 72.42
C ALA S 492 -8.24 10.22 73.19
N GLY S 493 -8.12 10.32 74.51
CA GLY S 493 -9.05 11.09 75.32
C GLY S 493 -9.35 10.42 76.65
N SER S 494 -9.78 11.23 77.62
CA SER S 494 -10.12 10.70 78.92
C SER S 494 -11.54 10.14 78.94
N LYS S 495 -12.51 10.96 78.54
CA LYS S 495 -13.89 10.53 78.40
C LYS S 495 -14.21 10.34 76.93
N LEU S 496 -14.96 9.29 76.62
CA LEU S 496 -15.30 8.97 75.23
C LEU S 496 -16.79 8.73 75.12
N LEU S 497 -17.44 9.47 74.22
CA LEU S 497 -18.88 9.40 74.03
C LEU S 497 -19.21 8.54 72.81
N GLY S 498 -20.48 8.52 72.43
CA GLY S 498 -20.88 7.78 71.25
C GLY S 498 -20.37 8.38 69.96
N HIS S 499 -20.42 9.71 69.85
CA HIS S 499 -20.01 10.41 68.64
C HIS S 499 -18.57 10.89 68.77
N GLY S 500 -18.10 11.53 67.70
CA GLY S 500 -16.74 12.01 67.64
C GLY S 500 -16.54 13.37 68.26
N ASN S 501 -16.50 13.43 69.59
CA ASN S 501 -16.27 14.69 70.28
C ASN S 501 -14.83 15.15 70.09
N SER S 502 -14.67 16.47 69.97
CA SER S 502 -13.38 17.08 69.70
C SER S 502 -12.71 17.62 70.96
N GLY S 503 -13.24 17.33 72.14
CA GLY S 503 -12.67 17.84 73.37
C GLY S 503 -12.42 16.76 74.39
N SER S 504 -12.03 15.58 73.92
CA SER S 504 -11.83 14.44 74.82
C SER S 504 -10.50 14.57 75.57
N ILE S 505 -9.47 15.08 74.92
CA ILE S 505 -8.14 15.10 75.51
C ILE S 505 -8.06 16.09 76.66
N PHE S 506 -8.72 17.24 76.53
CA PHE S 506 -8.69 18.25 77.58
C PHE S 506 -9.55 17.82 78.76
N GLY S 507 -9.19 18.28 79.95
CA GLY S 507 -9.90 17.91 81.16
C GLY S 507 -11.23 18.62 81.32
N LYS S 508 -11.18 19.94 81.51
CA LYS S 508 -12.37 20.74 81.77
C LYS S 508 -12.41 21.91 80.80
N ARG S 509 -13.62 22.30 80.39
CA ARG S 509 -13.76 23.37 79.42
C ARG S 509 -13.33 24.69 80.06
N PRO S 510 -12.69 25.58 79.31
CA PRO S 510 -12.09 26.76 79.94
C PRO S 510 -13.13 27.85 80.20
N ASP S 511 -12.77 28.76 81.09
CA ASP S 511 -13.53 29.99 81.25
C ASP S 511 -13.01 31.01 80.26
N LEU S 512 -13.90 31.53 79.43
CA LEU S 512 -13.53 32.50 78.41
C LEU S 512 -13.55 33.92 78.93
N GLY S 513 -13.88 34.13 80.21
CA GLY S 513 -13.99 35.45 80.75
C GLY S 513 -12.69 36.00 81.30
N PHE S 514 -12.65 37.32 81.40
CA PHE S 514 -11.51 38.05 81.94
C PHE S 514 -11.81 38.50 83.36
N GLU S 515 -10.85 39.19 83.97
CA GLU S 515 -11.00 39.70 85.33
C GLU S 515 -11.27 41.20 85.25
N ALA S 516 -12.55 41.56 85.20
CA ALA S 516 -12.96 42.96 85.17
C ALA S 516 -14.24 43.09 85.97
N ILE S 517 -14.74 44.31 86.05
CA ILE S 517 -15.96 44.59 86.81
C ILE S 517 -17.12 44.65 85.83
N LEU S 518 -18.15 43.84 86.08
CA LEU S 518 -19.33 43.76 85.22
C LEU S 518 -20.49 44.45 85.91
N VAL S 519 -21.10 45.40 85.21
CA VAL S 519 -22.27 46.13 85.71
C VAL S 519 -23.47 45.71 84.89
N PRO S 520 -24.49 45.11 85.48
CA PRO S 520 -25.67 44.70 84.72
C PRO S 520 -26.74 45.79 84.69
N GLN S 521 -27.58 45.71 83.66
CA GLN S 521 -28.65 46.67 83.48
C GLN S 521 -29.78 46.01 82.71
N TYR S 522 -31.01 46.27 83.13
CA TYR S 522 -32.16 45.75 82.40
C TYR S 522 -32.54 46.69 81.25
N ILE S 523 -32.99 46.10 80.15
CA ILE S 523 -33.70 46.88 79.14
C ILE S 523 -35.09 46.33 78.87
N SER S 524 -35.34 45.06 79.15
CA SER S 524 -36.67 44.48 79.07
C SER S 524 -36.79 43.47 80.20
N THR S 525 -37.87 42.69 80.18
CA THR S 525 -38.03 41.62 81.15
C THR S 525 -37.05 40.49 80.89
N ASN S 526 -36.73 40.23 79.63
CA ASN S 526 -35.92 39.07 79.25
C ASN S 526 -34.57 39.44 78.64
N GLU S 527 -34.29 40.72 78.45
CA GLU S 527 -33.04 41.16 77.84
C GLU S 527 -32.21 41.91 78.86
N MET S 528 -30.89 41.92 78.67
CA MET S 528 -30.00 42.49 79.67
C MET S 528 -28.71 42.98 79.05
N TYR S 529 -28.32 44.20 79.42
CA TYR S 529 -27.02 44.77 79.10
C TYR S 529 -26.03 44.38 80.19
N PHE S 530 -24.81 44.08 79.79
CA PHE S 530 -23.68 44.03 80.72
C PHE S 530 -22.61 44.97 80.21
N PHE S 531 -22.14 45.86 81.08
CA PHE S 531 -21.05 46.76 80.75
C PHE S 531 -19.78 46.31 81.46
N ALA S 532 -18.64 46.43 80.78
CA ALA S 532 -17.35 46.07 81.33
C ALA S 532 -16.60 47.34 81.73
N HIS S 533 -16.06 47.35 82.95
CA HIS S 533 -15.50 48.56 83.53
C HIS S 533 -13.99 48.59 83.31
N VAL S 534 -13.53 49.52 82.49
CA VAL S 534 -12.11 49.83 82.37
C VAL S 534 -11.80 50.98 83.32
N PRO S 535 -10.90 50.80 84.28
CA PRO S 535 -10.64 51.88 85.25
C PRO S 535 -9.81 53.00 84.62
N LEU S 536 -10.13 54.22 85.03
CA LEU S 536 -9.39 55.38 84.55
C LEU S 536 -7.98 55.36 85.13
N THR S 537 -7.08 56.07 84.44
CA THR S 537 -5.65 56.13 84.76
C THR S 537 -5.05 54.71 84.81
N MET S 538 -5.13 54.06 83.65
CA MET S 538 -4.52 52.76 83.42
C MET S 538 -3.81 52.83 82.07
N PRO S 539 -2.66 52.18 81.94
CA PRO S 539 -1.91 52.25 80.67
C PRO S 539 -2.68 51.71 79.48
N THR S 540 -2.40 52.31 78.32
CA THR S 540 -3.14 51.99 77.10
C THR S 540 -2.78 50.61 76.57
N ASN S 541 -1.54 50.18 76.76
CA ASN S 541 -1.12 48.90 76.19
C ASN S 541 -1.74 47.70 76.89
N ILE S 542 -2.36 47.92 78.05
CA ILE S 542 -2.96 46.84 78.83
C ILE S 542 -4.48 46.89 78.84
N GLN S 543 -5.08 47.70 77.95
CA GLN S 543 -6.54 47.88 77.98
C GLN S 543 -7.27 46.63 77.53
N TRP S 544 -6.67 45.85 76.62
CA TRP S 544 -7.32 44.65 76.09
C TRP S 544 -7.61 43.61 77.16
N LYS S 545 -6.96 43.71 78.32
CA LYS S 545 -7.25 42.79 79.41
C LYS S 545 -8.61 43.03 80.06
N LYS S 546 -9.27 44.15 79.77
CA LYS S 546 -10.58 44.45 80.35
C LYS S 546 -11.59 44.83 79.28
N ARG S 547 -11.63 44.06 78.19
CA ARG S 547 -12.53 44.37 77.08
C ARG S 547 -13.20 43.11 76.56
N PHE S 548 -14.42 43.27 76.07
CA PHE S 548 -15.14 42.20 75.40
C PHE S 548 -14.64 42.05 73.98
N LYS S 549 -14.52 40.82 73.49
CA LYS S 549 -14.06 40.56 72.14
C LYS S 549 -15.17 39.87 71.35
N THR S 550 -14.85 39.47 70.12
CA THR S 550 -15.79 38.74 69.28
C THR S 550 -15.80 37.24 69.53
N ILE S 551 -14.89 36.75 70.37
CA ILE S 551 -14.92 35.33 70.74
C ILE S 551 -16.16 35.03 71.58
N HIS S 552 -16.58 35.96 72.42
CA HIS S 552 -17.71 35.74 73.32
C HIS S 552 -19.06 35.70 72.62
N LEU S 553 -19.13 36.12 71.36
CA LEU S 553 -20.39 36.12 70.63
C LEU S 553 -20.89 34.69 70.41
N GLY S 554 -22.01 34.36 71.01
CA GLY S 554 -22.58 33.03 70.92
C GLY S 554 -22.35 32.14 72.12
N LYS S 555 -21.67 32.62 73.15
CA LYS S 555 -21.44 31.85 74.36
C LYS S 555 -22.54 32.14 75.37
N THR S 556 -22.34 31.69 76.60
CA THR S 556 -23.24 31.97 77.69
C THR S 556 -22.46 32.45 78.91
N ILE S 557 -23.09 33.31 79.69
CA ILE S 557 -22.53 33.83 80.93
C ILE S 557 -23.30 33.26 82.11
N GLU S 558 -22.58 32.68 83.05
CA GLU S 558 -23.14 32.01 84.21
C GLU S 558 -22.65 32.68 85.49
N PHE S 559 -23.50 32.61 86.52
CA PHE S 559 -23.23 33.19 87.82
C PHE S 559 -23.11 32.08 88.84
N SER S 560 -22.18 32.23 89.79
CA SER S 560 -21.95 31.19 90.78
C SER S 560 -23.11 31.04 91.75
N LYS S 561 -23.81 32.13 92.07
CA LYS S 561 -25.01 32.03 92.88
C LYS S 561 -26.10 31.25 92.15
N THR S 562 -26.59 31.83 91.06
CA THR S 562 -27.64 31.28 90.22
C THR S 562 -27.82 32.23 89.04
N GLY S 563 -28.32 31.70 87.95
CA GLY S 563 -28.54 32.59 86.82
C GLY S 563 -27.67 32.23 85.64
N LEU S 564 -28.25 32.38 84.45
CA LEU S 564 -27.56 32.02 83.21
C LEU S 564 -28.19 32.79 82.08
N ALA S 565 -27.36 33.39 81.23
CA ALA S 565 -27.83 34.15 80.08
C ALA S 565 -26.98 33.79 78.87
N ASN S 566 -27.55 34.01 77.69
CA ASN S 566 -26.88 33.71 76.43
C ASN S 566 -26.46 35.01 75.75
N ILE S 567 -25.17 35.14 75.47
CA ILE S 567 -24.68 36.33 74.79
C ILE S 567 -25.21 36.32 73.36
N LYS S 568 -25.75 37.46 72.93
CA LYS S 568 -26.27 37.58 71.58
C LYS S 568 -25.70 38.76 70.79
N ASN S 569 -25.12 39.76 71.44
CA ASN S 569 -24.46 40.82 70.69
C ASN S 569 -23.36 41.45 71.52
N VAL S 570 -22.32 41.93 70.85
CA VAL S 570 -21.18 42.59 71.50
C VAL S 570 -21.04 43.97 70.89
N TYR S 571 -21.01 44.99 71.73
CA TYR S 571 -20.85 46.38 71.30
C TYR S 571 -19.62 46.98 71.94
N MET S 572 -18.95 47.88 71.21
CA MET S 572 -17.82 48.62 71.71
C MET S 572 -18.09 50.12 71.57
N HIS S 573 -17.75 50.88 72.61
CA HIS S 573 -17.97 52.32 72.62
C HIS S 573 -16.91 52.93 73.53
N LYS S 574 -15.83 53.40 72.93
CA LYS S 574 -14.67 53.86 73.69
C LYS S 574 -14.82 55.26 74.26
N THR S 575 -15.80 56.03 73.81
CA THR S 575 -15.87 57.44 74.19
C THR S 575 -17.17 57.82 74.89
N GLU S 576 -18.33 57.35 74.40
CA GLU S 576 -19.60 57.93 74.85
C GLU S 576 -19.88 57.69 76.33
N PRO S 577 -19.78 56.48 76.88
CA PRO S 577 -19.82 56.36 78.34
C PRO S 577 -18.43 56.34 78.95
N VAL S 578 -18.29 57.03 80.08
CA VAL S 578 -17.01 57.14 80.77
C VAL S 578 -16.91 56.03 81.79
N GLY S 579 -15.81 55.27 81.72
CA GLY S 579 -15.59 54.14 82.61
C GLY S 579 -15.95 52.79 82.03
N PHE S 580 -16.77 52.76 80.98
CA PHE S 580 -17.21 51.52 80.36
C PHE S 580 -16.97 51.62 78.86
N GLN S 581 -16.32 50.61 78.30
CA GLN S 581 -15.93 50.65 76.90
C GLN S 581 -16.59 49.58 76.04
N THR S 582 -16.99 48.45 76.63
CA THR S 582 -17.64 47.39 75.89
C THR S 582 -18.84 46.88 76.67
N SER S 583 -19.79 46.31 75.93
CA SER S 583 -21.01 45.82 76.52
C SER S 583 -21.48 44.62 75.72
N ILE S 584 -22.33 43.80 76.35
CA ILE S 584 -22.96 42.69 75.68
C ILE S 584 -24.47 42.77 75.89
N HIS S 585 -25.20 42.52 74.81
CA HIS S 585 -26.65 42.35 74.81
C HIS S 585 -26.94 40.86 74.94
N THR S 586 -27.61 40.47 76.03
CA THR S 586 -27.84 39.08 76.37
C THR S 586 -29.32 38.83 76.63
N GLU S 587 -29.70 37.56 76.61
CA GLU S 587 -31.07 37.13 76.87
C GLU S 587 -31.10 36.25 78.11
N ILE S 588 -31.96 36.60 79.06
CA ILE S 588 -31.98 35.93 80.35
C ILE S 588 -32.66 34.57 80.21
N ILE S 589 -31.99 33.52 80.67
CA ILE S 589 -32.62 32.22 80.84
C ILE S 589 -32.98 32.04 82.30
N VAL S 590 -31.99 32.13 83.18
CA VAL S 590 -32.19 32.01 84.62
C VAL S 590 -31.84 33.36 85.24
N PRO S 591 -32.74 33.96 86.05
CA PRO S 591 -32.74 35.43 86.21
C PRO S 591 -31.75 36.03 87.18
N PHE S 592 -30.69 35.30 87.55
CA PHE S 592 -29.55 35.80 88.34
C PHE S 592 -29.90 36.07 89.79
N GLY S 593 -28.93 35.92 90.68
CA GLY S 593 -29.15 36.04 92.11
C GLY S 593 -28.77 37.42 92.63
N ILE S 594 -29.57 37.94 93.55
CA ILE S 594 -29.35 39.26 94.09
C ILE S 594 -28.66 39.13 95.44
N GLU S 595 -28.10 40.22 95.92
CA GLU S 595 -27.39 40.22 97.19
C GLU S 595 -28.38 40.15 98.35
N ASN S 596 -28.00 39.40 99.38
CA ASN S 596 -28.77 39.30 100.61
C ASN S 596 -28.70 40.60 101.40
N SER S 597 -29.37 40.61 102.55
CA SER S 597 -29.36 41.77 103.42
C SER S 597 -28.34 41.67 104.55
N LYS S 598 -27.92 40.45 104.90
CA LYS S 598 -26.95 40.26 105.97
C LYS S 598 -25.55 40.69 105.54
N ASP S 599 -25.13 40.31 104.33
CA ASP S 599 -23.80 40.65 103.86
C ASP S 599 -23.66 42.13 103.54
N SER S 600 -24.69 42.74 102.96
CA SER S 600 -24.70 44.18 102.68
C SER S 600 -25.85 44.81 103.46
N PRO S 601 -25.58 45.43 104.59
CA PRO S 601 -26.67 45.99 105.43
C PRO S 601 -27.12 47.39 105.05
N CYS S 602 -26.66 47.95 103.94
CA CYS S 602 -27.16 49.24 103.49
C CYS S 602 -28.45 49.13 102.71
N LEU S 603 -28.94 47.92 102.47
CA LEU S 603 -30.14 47.73 101.66
C LEU S 603 -31.38 48.26 102.39
N LEU S 604 -31.39 48.19 103.72
CA LEU S 604 -32.57 48.53 104.51
C LEU S 604 -32.60 50.04 104.78
N SER S 605 -32.46 50.81 103.71
CA SER S 605 -32.50 52.26 103.82
C SER S 605 -32.96 52.84 102.50
N ASP S 606 -33.11 54.16 102.49
CA ASP S 606 -33.63 54.89 101.34
C ASP S 606 -32.51 55.62 100.61
N LEU S 607 -32.37 55.34 99.32
CA LEU S 607 -31.33 55.93 98.51
C LEU S 607 -31.72 57.31 98.02
N GLU S 608 -30.70 58.11 97.74
CA GLU S 608 -30.88 59.37 97.05
C GLU S 608 -29.61 59.63 96.25
N ILE S 609 -29.73 59.74 94.94
CA ILE S 609 -28.59 59.89 94.04
C ILE S 609 -28.67 61.26 93.38
N THR S 610 -27.56 61.98 93.39
CA THR S 610 -27.48 63.30 92.77
C THR S 610 -26.20 63.41 91.98
N TYR S 611 -26.11 64.45 91.16
CA TYR S 611 -24.91 64.68 90.37
C TYR S 611 -23.82 65.26 91.27
N SER S 612 -22.64 64.65 91.23
CA SER S 612 -21.45 65.21 91.88
C SER S 612 -20.86 66.30 90.99
N GLY S 613 -19.63 66.71 91.29
CA GLY S 613 -19.06 67.85 90.61
C GLY S 613 -18.73 67.63 89.14
N LYS S 614 -17.69 66.84 88.84
CA LYS S 614 -17.24 66.73 87.45
C LYS S 614 -18.05 65.69 86.68
N LEU S 615 -17.93 64.41 87.06
CA LEU S 615 -18.68 63.37 86.38
C LEU S 615 -19.18 62.27 87.30
N TYR S 616 -18.91 62.32 88.60
CA TYR S 616 -19.28 61.25 89.51
C TYR S 616 -20.73 61.41 89.92
N TYR S 617 -21.27 60.45 90.65
CA TYR S 617 -22.61 60.55 91.20
C TYR S 617 -22.54 60.31 92.70
N THR S 618 -23.17 61.19 93.47
CA THR S 618 -23.17 61.10 94.92
C THR S 618 -24.38 60.28 95.36
N ILE S 619 -24.11 59.22 96.12
CA ILE S 619 -25.11 58.30 96.64
C ILE S 619 -25.20 58.53 98.13
N LYS S 620 -26.39 58.84 98.63
CA LYS S 620 -26.60 59.05 100.05
C LYS S 620 -27.71 58.15 100.56
N LEU S 621 -27.55 57.66 101.79
CA LEU S 621 -28.53 56.78 102.42
C LEU S 621 -29.33 57.62 103.40
N LEU S 622 -30.65 57.70 103.19
CA LEU S 622 -31.47 58.66 103.93
C LEU S 622 -31.65 58.23 105.38
N SER S 623 -31.54 56.94 105.65
CA SER S 623 -31.55 56.47 107.04
C SER S 623 -30.19 56.75 107.65
N LYS S 624 -30.18 57.45 108.79
CA LYS S 624 -28.95 57.66 109.55
C LYS S 624 -28.79 56.65 110.68
N ASN S 625 -29.37 55.46 110.52
CA ASN S 625 -29.28 54.42 111.53
C ASN S 625 -27.84 53.94 111.64
N PRO S 626 -27.28 53.86 112.85
CA PRO S 626 -25.92 53.32 113.02
C PRO S 626 -25.82 51.81 112.86
N LEU S 627 -26.87 51.14 112.39
CA LEU S 627 -26.79 49.70 112.15
C LEU S 627 -26.53 49.39 110.67
N HIS S 628 -26.95 50.28 109.77
CA HIS S 628 -26.88 50.00 108.34
C HIS S 628 -25.49 50.28 107.75
N GLU S 629 -25.06 51.56 107.78
CA GLU S 629 -23.79 52.01 107.24
C GLU S 629 -23.51 51.59 105.82
N LEU S 630 -22.24 51.66 105.42
CA LEU S 630 -21.74 51.16 104.15
C LEU S 630 -20.39 50.52 104.41
N LYS S 631 -20.35 49.20 104.43
CA LYS S 631 -19.12 48.48 104.76
C LYS S 631 -18.06 48.72 103.69
N SER S 632 -16.79 48.63 104.11
CA SER S 632 -15.69 48.86 103.20
C SER S 632 -15.57 47.74 102.17
N THR S 633 -16.23 46.60 102.41
CA THR S 633 -16.28 45.54 101.41
C THR S 633 -17.34 45.78 100.35
N ASP S 634 -18.12 46.86 100.47
CA ASP S 634 -19.16 47.19 99.50
C ASP S 634 -18.62 48.10 98.40
N VAL S 635 -17.50 47.68 97.82
CA VAL S 635 -16.86 48.37 96.71
C VAL S 635 -16.79 47.37 95.55
N GLU S 636 -16.90 47.89 94.33
CA GLU S 636 -17.03 47.10 93.11
C GLU S 636 -18.32 46.29 93.15
N LYS S 637 -19.39 46.95 93.56
CA LYS S 637 -20.74 46.44 93.52
C LYS S 637 -21.57 47.35 92.62
N SER S 638 -22.70 46.83 92.15
CA SER S 638 -23.56 47.57 91.23
C SER S 638 -24.95 47.68 91.81
N VAL S 639 -25.43 48.91 91.99
CA VAL S 639 -26.79 49.16 92.43
C VAL S 639 -27.65 49.41 91.19
N LEU S 640 -28.70 48.61 91.04
CA LEU S 640 -29.60 48.75 89.92
C LEU S 640 -31.02 48.95 90.40
N ILE S 641 -31.78 49.72 89.60
CA ILE S 641 -33.19 49.93 89.82
C ILE S 641 -33.84 49.65 88.46
N PRO S 642 -34.75 48.70 88.35
CA PRO S 642 -35.31 48.36 87.04
C PRO S 642 -36.15 49.49 86.46
N GLY S 643 -35.63 50.15 85.44
CA GLY S 643 -36.29 51.30 84.84
C GLY S 643 -35.39 52.49 84.72
N TYR S 644 -34.28 52.49 85.47
CA TYR S 644 -33.33 53.58 85.51
C TYR S 644 -31.94 53.03 85.27
N SER S 645 -30.95 53.93 85.26
CA SER S 645 -29.58 53.54 85.03
C SER S 645 -29.01 52.78 86.23
N SER S 646 -27.95 52.03 85.99
CA SER S 646 -27.25 51.29 87.02
C SER S 646 -25.98 52.04 87.42
N PHE S 647 -25.56 51.84 88.66
CA PHE S 647 -24.44 52.58 89.22
C PHE S 647 -23.42 51.64 89.80
N LEU S 648 -22.15 51.88 89.50
CA LEU S 648 -21.03 51.09 90.01
C LEU S 648 -20.42 51.86 91.17
N ILE S 649 -20.58 51.34 92.39
CA ILE S 649 -20.09 52.02 93.58
C ILE S 649 -18.57 51.90 93.60
N MET S 650 -17.88 53.04 93.66
CA MET S 650 -16.43 53.07 93.53
C MET S 650 -15.71 53.59 94.77
N ASN S 651 -16.24 54.60 95.45
CA ASN S 651 -15.58 55.15 96.62
C ASN S 651 -16.58 55.31 97.75
N ILE S 652 -16.11 55.19 98.98
CA ILE S 652 -16.91 55.42 100.17
C ILE S 652 -16.27 56.55 100.95
N THR S 653 -16.88 57.73 100.89
CA THR S 653 -16.31 58.93 101.50
C THR S 653 -16.81 59.20 102.91
N ASP S 654 -17.78 58.44 103.39
CA ASP S 654 -18.35 58.67 104.72
C ASP S 654 -18.98 57.36 105.19
N LYS S 655 -19.75 57.44 106.26
CA LYS S 655 -20.51 56.28 106.71
C LYS S 655 -21.87 56.18 106.04
N TRP S 656 -22.29 57.23 105.33
CA TRP S 656 -23.59 57.23 104.65
C TRP S 656 -23.52 57.90 103.27
N THR S 657 -22.33 58.01 102.68
CA THR S 657 -22.18 58.69 101.41
C THR S 657 -21.11 57.98 100.58
N ALA S 658 -21.44 57.69 99.33
CA ALA S 658 -20.54 57.02 98.40
C ALA S 658 -20.50 57.79 97.09
N SER S 659 -19.48 57.48 96.28
CA SER S 659 -19.34 58.04 94.95
C SER S 659 -19.30 56.91 93.93
N ALA S 660 -20.11 57.03 92.89
CA ALA S 660 -20.37 55.94 91.96
C ALA S 660 -20.40 56.45 90.53
N LEU S 661 -20.25 55.53 89.59
CA LEU S 661 -20.27 55.81 88.17
C LEU S 661 -21.55 55.27 87.54
N ALA S 662 -22.09 56.01 86.57
CA ALA S 662 -23.38 55.72 85.98
C ALA S 662 -23.21 55.14 84.58
N THR S 663 -23.81 53.97 84.35
CA THR S 663 -23.95 53.45 83.01
C THR S 663 -25.05 54.22 82.30
N MET S 664 -24.77 54.66 81.07
CA MET S 664 -25.61 55.53 80.25
C MET S 664 -26.21 56.68 81.06
N PRO S 665 -25.40 57.64 81.47
CA PRO S 665 -25.89 58.74 82.32
C PRO S 665 -26.59 59.87 81.58
N GLN S 666 -26.96 59.66 80.32
CA GLN S 666 -27.63 60.68 79.53
C GLN S 666 -29.14 60.72 79.75
N ALA S 667 -29.67 59.88 80.62
CA ALA S 667 -31.10 59.78 80.86
C ALA S 667 -31.40 59.90 82.35
N ILE S 668 -30.84 60.92 82.99
CA ILE S 668 -31.20 61.21 84.38
C ILE S 668 -31.86 62.58 84.44
N LYS S 669 -31.08 63.63 84.15
CA LYS S 669 -31.53 65.02 84.03
C LYS S 669 -32.34 65.52 85.23
N SER S 670 -32.18 64.88 86.39
CA SER S 670 -32.94 65.25 87.58
C SER S 670 -32.26 64.64 88.81
N ASN S 671 -32.95 64.68 89.93
CA ASN S 671 -32.50 64.08 91.18
C ASN S 671 -33.48 62.98 91.59
N LEU S 672 -32.96 61.80 91.90
CA LEU S 672 -33.78 60.63 92.12
C LEU S 672 -33.78 60.24 93.60
N LYS S 673 -34.83 59.50 93.98
CA LYS S 673 -34.98 59.01 95.35
C LYS S 673 -35.66 57.65 95.29
N PHE S 674 -35.27 56.75 96.19
CA PHE S 674 -35.78 55.39 96.19
C PHE S 674 -36.12 54.97 97.61
N LEU S 675 -36.72 53.79 97.73
CA LEU S 675 -37.22 53.25 98.99
C LEU S 675 -36.44 51.99 99.35
N THR S 676 -36.91 51.28 100.38
CA THR S 676 -36.17 50.14 100.91
C THR S 676 -36.11 48.99 99.92
N GLY S 677 -37.26 48.59 99.37
CA GLY S 677 -37.32 47.43 98.51
C GLY S 677 -37.54 47.74 97.04
N SER S 678 -36.85 48.77 96.55
CA SER S 678 -36.97 49.18 95.15
C SER S 678 -35.67 49.07 94.37
N TRP S 679 -34.53 48.97 95.06
CA TRP S 679 -33.22 48.91 94.44
C TRP S 679 -32.49 47.69 94.95
N PHE S 680 -31.58 47.16 94.13
CA PHE S 680 -30.89 45.93 94.47
C PHE S 680 -29.40 46.07 94.20
N LEU S 681 -28.61 45.27 94.90
CA LEU S 681 -27.16 45.24 94.73
C LEU S 681 -26.75 43.94 94.05
N TYR S 682 -25.78 44.03 93.16
CA TYR S 682 -25.22 42.89 92.45
C TYR S 682 -23.70 42.89 92.63
N ASN S 683 -23.16 41.70 92.83
CA ASN S 683 -21.73 41.51 93.09
C ASN S 683 -21.14 40.68 91.94
N PHE S 684 -20.72 41.36 90.88
CA PHE S 684 -20.00 40.76 89.77
C PHE S 684 -18.49 41.01 89.85
N GLY S 685 -18.03 41.61 90.94
CA GLY S 685 -16.68 42.15 90.97
C GLY S 685 -15.59 41.10 91.14
N THR S 686 -14.35 41.57 90.98
CA THR S 686 -13.18 40.73 91.15
C THR S 686 -12.67 40.69 92.58
N ALA S 687 -13.19 41.54 93.46
CA ALA S 687 -12.77 41.52 94.86
C ALA S 687 -13.35 40.29 95.55
N GLY S 688 -12.51 39.60 96.30
CA GLY S 688 -12.94 38.39 96.99
C GLY S 688 -13.11 37.18 96.11
N GLY S 689 -12.72 37.27 94.84
CA GLY S 689 -12.91 36.17 93.92
C GLY S 689 -14.00 36.46 92.90
N ARG S 690 -13.64 36.41 91.62
CA ARG S 690 -14.61 36.64 90.56
C ARG S 690 -15.57 35.46 90.48
N LYS S 691 -16.87 35.75 90.46
CA LYS S 691 -17.89 34.71 90.61
C LYS S 691 -18.73 34.49 89.37
N TRP S 692 -18.27 34.90 88.19
CA TRP S 692 -18.99 34.67 86.95
C TRP S 692 -18.07 34.05 85.91
N SER S 693 -18.66 33.28 85.01
CA SER S 693 -17.90 32.59 83.99
C SER S 693 -18.58 32.73 82.63
N ILE S 694 -17.79 32.59 81.57
CA ILE S 694 -18.28 32.60 80.21
C ILE S 694 -17.85 31.29 79.55
N SER S 695 -18.79 30.58 78.94
CA SER S 695 -18.51 29.27 78.39
C SER S 695 -19.47 28.94 77.26
N THR S 696 -19.11 27.95 76.47
CA THR S 696 -19.93 27.57 75.32
C THR S 696 -21.25 26.94 75.76
N ARG S 697 -22.25 27.07 74.91
CA ARG S 697 -23.58 26.55 75.21
C ARG S 697 -23.77 25.17 74.59
N GLN S 698 -24.83 24.49 75.03
CA GLN S 698 -25.14 23.16 74.54
C GLN S 698 -25.86 23.24 73.19
N CYS S 699 -26.09 22.07 72.61
CA CYS S 699 -26.75 22.00 71.31
C CYS S 699 -28.21 22.43 71.43
N ASN S 700 -28.68 23.17 70.43
CA ASN S 700 -30.04 23.69 70.46
C ASN S 700 -30.81 23.43 69.17
N TYR S 701 -30.28 22.61 68.25
CA TYR S 701 -30.95 22.32 67.00
C TYR S 701 -30.94 20.82 66.75
N TRP S 702 -32.05 20.32 66.19
CA TRP S 702 -32.10 18.96 65.70
C TRP S 702 -32.39 18.98 64.20
N ILE S 703 -31.63 18.18 63.45
CA ILE S 703 -31.82 18.03 62.01
C ILE S 703 -32.46 16.69 61.76
N GLN S 704 -33.56 16.69 61.01
CA GLN S 704 -34.32 15.49 60.74
C GLN S 704 -34.32 15.21 59.24
N GLN S 705 -34.02 13.97 58.88
CA GLN S 705 -34.10 13.47 57.51
C GLN S 705 -34.83 12.13 57.56
N ASP S 706 -36.14 12.17 57.27
CA ASP S 706 -36.95 10.96 57.26
C ASP S 706 -36.53 9.96 56.19
N SER S 707 -36.17 10.44 55.00
CA SER S 707 -35.85 9.57 53.88
C SER S 707 -34.55 8.83 54.10
N LEU S 708 -34.49 7.60 53.60
CA LEU S 708 -33.29 6.78 53.68
C LEU S 708 -32.32 7.18 52.58
N ASP S 709 -31.13 6.59 52.60
CA ASP S 709 -30.04 6.74 51.61
C ASP S 709 -29.58 8.19 51.44
N PHE S 710 -30.06 9.10 52.29
CA PHE S 710 -29.44 10.40 52.49
C PHE S 710 -28.94 10.56 53.91
N MET S 711 -29.11 9.55 54.76
CA MET S 711 -28.81 9.65 56.18
C MET S 711 -27.33 9.80 56.48
N SER S 712 -26.45 9.44 55.55
CA SER S 712 -25.03 9.63 55.77
C SER S 712 -24.68 11.11 55.81
N LEU S 713 -23.67 11.44 56.62
CA LEU S 713 -23.23 12.83 56.72
C LEU S 713 -22.55 13.31 55.45
N ASN S 714 -21.95 12.41 54.69
CA ASN S 714 -21.34 12.74 53.40
C ASN S 714 -22.13 12.06 52.30
N LEU S 715 -22.46 12.82 51.25
CA LEU S 715 -23.25 12.30 50.14
C LEU S 715 -22.60 12.68 48.83
N VAL S 716 -22.72 11.79 47.84
CA VAL S 716 -22.37 12.08 46.46
C VAL S 716 -23.54 11.65 45.60
N LYS S 717 -24.12 12.58 44.86
CA LYS S 717 -25.24 12.29 43.97
C LYS S 717 -24.88 12.65 42.54
N TYR S 718 -25.20 11.74 41.63
CA TYR S 718 -24.98 11.94 40.20
C TYR S 718 -26.29 12.37 39.54
N ILE S 719 -26.19 13.34 38.63
CA ILE S 719 -27.34 13.76 37.83
C ILE S 719 -26.90 13.83 36.37
N ASP S 720 -27.70 13.26 35.49
CA ASP S 720 -27.46 13.33 34.05
C ASP S 720 -28.15 14.57 33.49
N VAL S 721 -28.20 14.72 32.17
CA VAL S 721 -28.89 15.84 31.57
C VAL S 721 -30.39 15.65 31.70
N GLY S 722 -31.09 16.71 32.05
CA GLY S 722 -32.54 16.65 32.21
C GLY S 722 -32.97 16.23 33.60
N ASN S 723 -32.33 15.20 34.14
CA ASN S 723 -32.70 14.65 35.44
C ASN S 723 -32.37 15.64 36.55
N THR S 724 -33.19 15.63 37.60
CA THR S 724 -33.01 16.46 38.77
C THR S 724 -32.93 15.58 40.01
N ILE S 725 -32.68 16.22 41.15
CA ILE S 725 -32.67 15.54 42.45
C ILE S 725 -33.20 16.49 43.51
N ASP S 726 -34.06 15.99 44.38
CA ASP S 726 -34.68 16.80 45.41
C ASP S 726 -34.50 16.17 46.78
N PHE S 727 -34.22 17.01 47.78
CA PHE S 727 -34.16 16.52 49.15
C PHE S 727 -34.75 17.54 50.11
N GLN S 728 -35.26 17.03 51.23
CA GLN S 728 -35.98 17.82 52.21
C GLN S 728 -35.38 17.59 53.60
N PHE S 729 -35.21 18.67 54.36
CA PHE S 729 -34.74 18.62 55.74
C PHE S 729 -35.74 19.28 56.67
N LYS S 730 -35.73 18.84 57.92
CA LYS S 730 -36.52 19.43 59.00
C LYS S 730 -35.58 19.91 60.10
N ILE S 731 -35.90 21.05 60.71
CA ILE S 731 -35.12 21.61 61.82
C ILE S 731 -36.08 21.82 62.98
N ILE S 732 -35.79 21.19 64.11
CA ILE S 732 -36.61 21.25 65.31
C ILE S 732 -35.82 22.02 66.37
N PRO S 733 -36.37 23.07 66.93
CA PRO S 733 -35.58 23.86 67.88
C PRO S 733 -35.69 23.39 69.32
N LYS S 734 -34.56 23.36 70.01
CA LYS S 734 -34.52 23.02 71.43
C LYS S 734 -34.62 24.24 72.33
N ALA S 735 -34.54 25.45 71.77
CA ALA S 735 -34.63 26.68 72.54
C ALA S 735 -35.38 27.70 71.69
N MET S 736 -35.27 28.97 72.07
CA MET S 736 -35.83 30.05 71.26
C MET S 736 -35.18 30.07 69.89
N SER S 737 -36.00 30.20 68.84
CA SER S 737 -35.53 30.14 67.48
C SER S 737 -35.64 31.50 66.81
N THR S 738 -35.11 31.59 65.60
CA THR S 738 -35.18 32.78 64.77
C THR S 738 -36.44 32.69 63.92
N PHE S 739 -37.50 33.38 64.33
CA PHE S 739 -38.76 33.22 63.62
C PHE S 739 -38.76 33.87 62.23
N PRO S 740 -38.40 35.15 62.05
CA PRO S 740 -38.41 35.67 60.68
C PRO S 740 -37.26 35.14 59.84
N ILE S 741 -36.06 35.10 60.39
CA ILE S 741 -34.87 34.71 59.63
C ILE S 741 -34.82 33.19 59.52
N PRO S 742 -34.68 32.64 58.31
CA PRO S 742 -34.45 31.20 58.18
C PRO S 742 -33.15 30.80 58.85
N PRO S 743 -33.15 29.69 59.59
CA PRO S 743 -31.97 29.33 60.38
C PRO S 743 -30.89 28.57 59.61
N VAL S 744 -31.06 28.37 58.31
CA VAL S 744 -30.11 27.61 57.51
C VAL S 744 -29.61 28.52 56.39
N SER S 745 -28.30 28.66 56.29
CA SER S 745 -27.68 29.44 55.22
C SER S 745 -26.96 28.47 54.30
N MET S 746 -27.28 28.51 53.01
CA MET S 746 -26.70 27.57 52.06
C MET S 746 -25.92 28.32 50.98
N VAL S 747 -24.77 27.78 50.63
CA VAL S 747 -23.93 28.31 49.56
C VAL S 747 -23.68 27.21 48.55
N VAL S 748 -23.45 27.61 47.30
CA VAL S 748 -23.17 26.71 46.20
C VAL S 748 -21.78 27.04 45.67
N GLY S 749 -20.94 26.03 45.55
CA GLY S 749 -19.57 26.22 45.13
C GLY S 749 -19.41 26.70 43.70
N ASN S 750 -20.15 26.09 42.79
CA ASN S 750 -20.11 26.44 41.37
C ASN S 750 -21.52 26.72 40.89
N PRO S 751 -21.98 27.98 40.96
CA PRO S 751 -23.33 28.29 40.49
C PRO S 751 -23.46 28.32 38.98
N GLY S 752 -22.39 28.04 38.24
CA GLY S 752 -22.42 28.08 36.80
C GLY S 752 -22.82 26.79 36.11
N LEU S 753 -22.75 25.65 36.78
CA LEU S 753 -23.14 24.39 36.17
C LEU S 753 -24.42 23.82 36.74
N VAL S 754 -24.88 24.31 37.88
CA VAL S 754 -26.02 23.72 38.58
C VAL S 754 -27.06 24.78 38.87
N GLU S 755 -28.32 24.39 38.69
CA GLU S 755 -29.47 25.25 38.96
C GLU S 755 -30.15 24.73 40.21
N VAL S 756 -30.24 25.58 41.23
CA VAL S 756 -30.73 25.20 42.56
C VAL S 756 -31.93 26.08 42.87
N LYS S 757 -33.03 25.46 43.26
CA LYS S 757 -34.23 26.17 43.70
C LYS S 757 -34.61 25.66 45.07
N THR S 758 -34.80 26.56 46.02
CA THR S 758 -35.10 26.20 47.39
C THR S 758 -36.45 26.75 47.81
N GLN S 759 -37.17 25.99 48.64
CA GLN S 759 -38.35 26.48 49.33
C GLN S 759 -38.16 26.24 50.82
N GLY S 760 -38.61 27.19 51.62
CA GLY S 760 -38.48 27.05 53.07
C GLY S 760 -39.64 27.68 53.81
N VAL S 761 -40.28 26.91 54.69
CA VAL S 761 -41.44 27.39 55.44
C VAL S 761 -41.27 27.05 56.91
N PHE S 762 -42.03 27.75 57.74
CA PHE S 762 -42.03 27.53 59.18
C PHE S 762 -43.27 26.72 59.57
N ASP S 763 -43.31 26.25 60.81
CA ASP S 763 -44.41 25.42 61.28
C ASP S 763 -45.01 26.12 62.49
N LEU S 764 -45.92 25.42 63.18
CA LEU S 764 -46.59 26.01 64.33
C LEU S 764 -45.66 26.14 65.52
N ASN S 765 -44.91 25.10 65.84
CA ASN S 765 -43.96 25.14 66.94
C ASN S 765 -42.60 25.63 66.52
N GLU S 766 -42.54 26.45 65.48
CA GLU S 766 -41.32 27.00 64.93
C GLU S 766 -40.39 25.94 64.33
N ASN S 767 -40.89 24.74 64.04
CA ASN S 767 -40.13 23.84 63.21
C ASN S 767 -39.98 24.41 61.81
N TYR S 768 -38.84 24.14 61.19
CA TYR S 768 -38.53 24.67 59.86
C TYR S 768 -38.42 23.52 58.87
N TYR S 769 -39.17 23.61 57.78
CA TYR S 769 -39.13 22.61 56.73
C TYR S 769 -38.57 23.26 55.47
N LEU S 770 -37.47 22.72 54.93
CA LEU S 770 -37.00 23.23 53.64
C LEU S 770 -36.71 22.10 52.68
N ASP S 771 -36.90 22.39 51.39
CA ASP S 771 -36.60 21.44 50.33
C ASP S 771 -35.81 22.11 49.23
N ILE S 772 -34.93 21.33 48.61
CA ILE S 772 -34.00 21.80 47.60
C ILE S 772 -34.16 20.93 46.36
N HIS S 773 -34.31 21.57 45.20
CA HIS S 773 -34.30 20.92 43.90
C HIS S 773 -33.06 21.34 43.15
N VAL S 774 -32.35 20.36 42.59
CA VAL S 774 -31.04 20.57 41.99
C VAL S 774 -31.05 19.93 40.60
N SER S 775 -30.64 20.68 39.58
CA SER S 775 -30.59 20.18 38.22
C SER S 775 -29.37 20.74 37.52
N GLY S 776 -29.06 20.18 36.35
CA GLY S 776 -27.98 20.71 35.54
C GLY S 776 -28.41 21.93 34.73
N ARG S 777 -27.42 22.61 34.16
CA ARG S 777 -27.67 23.78 33.33
C ARG S 777 -27.63 23.45 31.84
N PHE S 778 -26.55 22.86 31.36
CA PHE S 778 -26.50 22.37 30.00
C PHE S 778 -25.52 21.20 29.93
N PHE S 779 -25.15 20.81 28.71
CA PHE S 779 -24.29 19.65 28.47
C PHE S 779 -22.85 20.00 28.83
N GLN S 780 -22.43 19.61 30.03
CA GLN S 780 -21.03 19.70 30.43
C GLN S 780 -20.72 18.70 31.54
N GLY S 782 -18.71 18.26 35.20
CA GLY S 782 -18.07 18.80 36.38
C GLY S 782 -18.65 18.31 37.70
N SER S 783 -18.35 19.03 38.77
CA SER S 783 -18.87 18.70 40.09
C SER S 783 -18.94 19.98 40.92
N THR S 784 -19.74 19.91 41.98
CA THR S 784 -19.92 21.05 42.86
C THR S 784 -20.30 20.55 44.24
N SER S 785 -20.19 21.44 45.22
CA SER S 785 -20.58 21.13 46.59
C SER S 785 -21.59 22.17 47.07
N ILE S 786 -22.64 21.71 47.73
CA ILE S 786 -23.65 22.58 48.30
C ILE S 786 -23.52 22.48 49.80
N ALA S 787 -23.47 23.61 50.49
CA ALA S 787 -23.26 23.62 51.92
C ALA S 787 -24.44 24.26 52.63
N LEU S 788 -25.06 23.51 53.53
CA LEU S 788 -26.09 24.02 54.43
C LEU S 788 -25.47 24.17 55.81
N VAL S 789 -25.45 25.39 56.33
CA VAL S 789 -24.80 25.71 57.60
C VAL S 789 -25.82 26.31 58.55
N LEU S 790 -25.85 25.81 59.78
CA LEU S 790 -26.66 26.38 60.86
C LEU S 790 -25.84 27.48 61.52
N TRP S 791 -26.09 28.73 61.12
CA TRP S 791 -25.26 29.83 61.59
C TRP S 791 -25.46 30.13 63.07
N GLU S 792 -26.70 30.01 63.56
CA GLU S 792 -26.97 30.26 64.97
C GLU S 792 -26.62 29.06 65.84
N GLY S 793 -26.38 27.90 65.24
CA GLY S 793 -26.04 26.73 66.02
C GLY S 793 -24.69 26.87 66.70
N SER S 794 -24.52 26.14 67.80
CA SER S 794 -23.31 26.26 68.60
C SER S 794 -22.20 25.41 68.00
N SER S 795 -20.99 25.59 68.52
CA SER S 795 -19.84 24.83 68.08
C SER S 795 -19.64 23.54 68.86
N LYS S 796 -20.55 23.22 69.77
CA LYS S 796 -20.51 21.96 70.51
C LYS S 796 -21.51 20.94 69.97
N CYS S 797 -22.23 21.29 68.90
CA CYS S 797 -23.15 20.35 68.28
C CYS S 797 -22.36 19.33 67.45
N TYR S 798 -22.91 18.12 67.36
CA TYR S 798 -22.23 17.07 66.60
C TYR S 798 -22.26 17.35 65.11
N ALA S 799 -23.40 17.79 64.58
CA ALA S 799 -23.59 18.00 63.16
C ALA S 799 -24.14 19.40 62.92
N ILE S 800 -23.35 20.26 62.29
CA ILE S 800 -23.73 21.65 62.05
C ILE S 800 -23.79 21.88 60.55
N THR S 801 -22.75 21.49 59.84
CA THR S 801 -22.62 21.74 58.41
C THR S 801 -22.88 20.47 57.62
N LEU S 802 -23.79 20.55 56.66
CA LEU S 802 -24.06 19.44 55.75
C LEU S 802 -23.49 19.81 54.38
N LEU S 803 -22.75 18.88 53.77
CA LEU S 803 -22.03 19.14 52.54
C LEU S 803 -22.31 18.06 51.49
N PRO S 804 -23.47 18.09 50.84
CA PRO S 804 -23.67 17.22 49.68
C PRO S 804 -22.80 17.61 48.50
N THR S 805 -22.40 16.60 47.73
CA THR S 805 -21.64 16.77 46.51
C THR S 805 -22.51 16.33 45.33
N ILE S 806 -22.51 17.14 44.27
CA ILE S 806 -23.27 16.85 43.07
C ILE S 806 -22.31 16.73 41.90
N LYS S 807 -22.35 15.59 41.22
CA LYS S 807 -21.49 15.30 40.08
C LYS S 807 -22.33 15.25 38.82
N SER S 808 -21.96 16.03 37.81
CA SER S 808 -22.65 16.02 36.52
C SER S 808 -22.02 14.99 35.58
N SER S 809 -22.02 13.74 36.04
CA SER S 809 -21.64 12.61 35.23
C SER S 809 -22.77 11.59 35.33
N CYS S 810 -22.53 10.38 34.84
CA CYS S 810 -23.46 9.29 35.02
C CYS S 810 -22.88 8.32 36.03
N SER S 811 -23.76 7.68 36.80
CA SER S 811 -23.33 6.79 37.85
C SER S 811 -22.66 5.55 37.26
N TYR S 812 -22.01 4.78 38.13
CA TYR S 812 -21.49 3.49 37.73
C TYR S 812 -22.57 2.43 37.64
N LEU S 813 -23.82 2.77 38.01
CA LEU S 813 -24.94 1.85 37.91
C LEU S 813 -25.90 2.21 36.78
N ARG S 814 -25.53 3.13 35.90
CA ARG S 814 -26.43 3.57 34.83
C ARG S 814 -26.00 2.93 33.52
N THR S 815 -26.69 1.84 33.15
CA THR S 815 -26.42 1.10 31.92
C THR S 815 -27.74 0.75 31.25
N MET S 816 -27.64 0.08 30.11
CA MET S 816 -28.80 -0.32 29.32
C MET S 816 -28.73 -1.82 29.07
N HIS S 817 -29.86 -2.50 29.21
CA HIS S 817 -29.93 -3.95 29.07
C HIS S 817 -31.02 -4.33 28.07
N HIS S 818 -30.88 -5.53 27.50
CA HIS S 818 -31.82 -6.05 26.52
C HIS S 818 -32.22 -7.46 26.93
N THR S 819 -33.46 -7.62 27.37
CA THR S 819 -33.95 -8.96 27.72
C THR S 819 -34.30 -9.72 26.44
N PRO S 820 -33.72 -10.90 26.22
CA PRO S 820 -33.96 -11.60 24.95
C PRO S 820 -35.32 -12.29 24.86
N GLY S 821 -35.99 -12.52 25.99
CA GLY S 821 -37.32 -13.10 25.98
C GLY S 821 -37.37 -14.62 25.92
N ARG S 822 -36.23 -15.31 25.87
CA ARG S 822 -36.23 -16.75 25.85
C ARG S 822 -36.01 -17.37 27.22
N HIS S 823 -35.38 -16.63 28.14
CA HIS S 823 -35.10 -17.02 29.53
C HIS S 823 -34.62 -18.46 29.64
N ILE S 824 -33.64 -18.79 28.81
CA ILE S 824 -33.06 -20.13 28.82
C ILE S 824 -32.30 -20.34 30.14
N PRO S 825 -32.56 -21.43 30.86
CA PRO S 825 -31.86 -21.65 32.13
C PRO S 825 -30.37 -21.87 31.91
N PRO S 826 -29.53 -21.53 32.89
CA PRO S 826 -28.08 -21.68 32.70
C PRO S 826 -27.64 -23.14 32.55
N GLU S 827 -28.31 -24.07 33.23
CA GLU S 827 -27.91 -25.47 33.13
C GLU S 827 -28.18 -26.03 31.73
N ASP S 828 -29.26 -25.59 31.10
CA ASP S 828 -29.49 -25.97 29.71
C ASP S 828 -28.58 -25.22 28.75
N TRP S 829 -28.13 -24.03 29.12
CA TRP S 829 -27.11 -23.33 28.33
C TRP S 829 -25.80 -24.11 28.34
N ILE S 830 -25.46 -24.71 29.49
CA ILE S 830 -24.29 -25.57 29.56
C ILE S 830 -24.53 -26.86 28.78
N SER S 831 -25.71 -27.46 28.94
CA SER S 831 -26.00 -28.73 28.28
C SER S 831 -26.18 -28.56 26.78
N GLY S 832 -26.93 -27.53 26.37
CA GLY S 832 -27.13 -27.25 24.96
C GLY S 832 -27.96 -28.26 24.21
N VAL S 833 -29.04 -28.76 24.82
CA VAL S 833 -29.96 -29.68 24.15
C VAL S 833 -31.39 -29.22 24.34
N HIS S 834 -31.58 -27.92 24.57
CA HIS S 834 -32.90 -27.41 24.95
C HIS S 834 -33.91 -27.58 23.82
N LYS S 835 -35.10 -28.05 24.19
CA LYS S 835 -36.20 -28.23 23.25
C LYS S 835 -37.41 -27.45 23.74
N ASP S 836 -38.01 -26.67 22.85
CA ASP S 836 -39.13 -25.80 23.20
C ASP S 836 -40.49 -26.49 22.99
N SER S 837 -40.60 -27.72 23.50
CA SER S 837 -41.83 -28.52 23.47
C SER S 837 -42.42 -28.67 22.06
N GLN S 838 -41.61 -28.49 21.02
CA GLN S 838 -42.09 -28.65 19.65
C GLN S 838 -41.10 -29.31 18.72
N GLY S 839 -40.00 -29.86 19.22
CA GLY S 839 -39.00 -30.49 18.39
C GLY S 839 -37.95 -29.55 17.82
N PHE S 840 -37.85 -28.34 18.33
CA PHE S 840 -36.89 -27.35 17.84
C PHE S 840 -35.83 -27.10 18.91
N ASN S 841 -34.58 -26.99 18.49
CA ASN S 841 -33.50 -26.65 19.40
C ASN S 841 -33.47 -25.15 19.60
N MET S 842 -33.52 -24.71 20.86
CA MET S 842 -33.50 -23.29 21.17
C MET S 842 -32.11 -22.72 21.31
N ILE S 843 -31.08 -23.57 21.28
CA ILE S 843 -29.69 -23.15 21.49
C ILE S 843 -28.81 -23.90 20.50
N LYS S 844 -27.90 -23.18 19.86
CA LYS S 844 -27.00 -23.76 18.87
C LYS S 844 -25.56 -23.61 19.35
N THR S 845 -24.80 -24.71 19.29
CA THR S 845 -23.38 -24.67 19.56
C THR S 845 -22.62 -24.44 18.26
N LEU S 846 -21.87 -23.35 18.21
CA LEU S 846 -21.31 -22.88 16.95
C LEU S 846 -20.19 -23.79 16.47
N PRO S 847 -20.04 -23.94 15.15
CA PRO S 847 -18.89 -24.69 14.63
C PRO S 847 -17.57 -23.99 14.93
N ILE S 848 -16.49 -24.77 14.86
CA ILE S 848 -15.18 -24.25 15.22
C ILE S 848 -14.67 -23.33 14.11
N ASN S 849 -14.01 -22.25 14.52
CA ASN S 849 -13.50 -21.21 13.62
C ASN S 849 -14.60 -20.68 12.70
N TYR S 850 -15.79 -20.50 13.27
CA TYR S 850 -16.94 -20.06 12.49
C TYR S 850 -16.82 -18.59 12.12
N ARG S 851 -17.29 -18.25 10.93
CA ARG S 851 -17.35 -16.87 10.48
C ARG S 851 -18.70 -16.63 9.80
N PRO S 852 -19.30 -15.47 10.04
CA PRO S 852 -20.58 -15.17 9.39
C PRO S 852 -20.39 -14.95 7.91
N PRO S 853 -21.44 -15.12 7.11
CA PRO S 853 -21.33 -14.98 5.66
C PRO S 853 -21.05 -13.55 5.22
N SER S 854 -20.97 -13.39 3.91
CA SER S 854 -20.81 -12.11 3.26
C SER S 854 -22.01 -11.88 2.33
N HIS S 855 -21.94 -10.82 1.53
CA HIS S 855 -23.02 -10.55 0.59
C HIS S 855 -22.85 -11.33 -0.70
N MET S 856 -21.61 -11.59 -1.11
CA MET S 856 -21.36 -12.34 -2.33
C MET S 856 -21.65 -13.83 -2.20
N GLY S 857 -21.89 -14.32 -0.99
CA GLY S 857 -22.24 -15.71 -0.81
C GLY S 857 -22.40 -16.07 0.65
N ILE S 858 -23.09 -17.18 0.93
CA ILE S 858 -23.18 -17.67 2.29
C ILE S 858 -22.04 -18.62 2.62
N SER S 859 -21.22 -18.99 1.65
CA SER S 859 -20.09 -19.88 1.85
C SER S 859 -18.75 -19.19 1.69
N ILE S 860 -18.72 -17.87 1.56
CA ILE S 860 -17.47 -17.11 1.46
C ILE S 860 -17.46 -16.03 2.53
N PRO S 861 -16.92 -16.29 3.71
CA PRO S 861 -16.87 -15.25 4.75
C PRO S 861 -15.93 -14.12 4.41
N LEU S 862 -16.35 -12.89 4.74
CA LEU S 862 -15.54 -11.70 4.54
C LEU S 862 -15.68 -10.71 5.70
N THR S 863 -15.90 -11.22 6.91
CA THR S 863 -16.26 -10.36 8.04
C THR S 863 -15.11 -10.07 8.99
N ASP S 864 -13.96 -10.71 8.81
CA ASP S 864 -12.72 -10.50 9.58
C ASP S 864 -12.92 -10.55 11.09
N ASN S 865 -13.97 -11.22 11.57
CA ASN S 865 -14.21 -11.43 12.99
C ASN S 865 -14.52 -12.90 13.20
N PHE S 866 -13.90 -13.50 14.20
CA PHE S 866 -13.89 -14.95 14.36
C PHE S 866 -14.77 -15.35 15.53
N TYR S 867 -15.60 -16.36 15.31
CA TYR S 867 -16.45 -16.92 16.36
C TYR S 867 -16.02 -18.36 16.63
N HIS S 868 -15.95 -18.71 17.92
CA HIS S 868 -15.42 -19.99 18.38
C HIS S 868 -14.04 -20.26 17.79
N ALA S 869 -13.20 -19.23 17.81
CA ALA S 869 -11.93 -19.26 17.12
C ALA S 869 -10.98 -20.25 17.79
N ASP S 870 -10.24 -21.00 16.96
CA ASP S 870 -9.25 -21.95 17.45
C ASP S 870 -8.17 -22.16 16.40
N PRO S 871 -6.94 -21.69 16.65
CA PRO S 871 -5.87 -21.85 15.65
C PRO S 871 -5.31 -23.25 15.55
N SER S 872 -5.67 -24.15 16.46
CA SER S 872 -5.11 -25.50 16.45
C SER S 872 -5.74 -26.43 15.43
N LYS S 873 -6.81 -26.01 14.77
CA LYS S 873 -7.55 -26.81 13.81
C LYS S 873 -7.53 -26.15 12.44
N PRO S 874 -7.84 -26.89 11.36
CA PRO S 874 -7.94 -26.25 10.05
C PRO S 874 -9.08 -25.24 9.96
N ILE S 875 -9.11 -24.46 8.90
CA ILE S 875 -10.06 -23.35 8.79
C ILE S 875 -11.22 -23.80 7.90
N PRO S 876 -12.46 -23.70 8.36
CA PRO S 876 -13.60 -24.18 7.55
C PRO S 876 -14.05 -23.13 6.55
N ARG S 877 -14.45 -23.62 5.37
CA ARG S 877 -15.10 -22.82 4.32
C ARG S 877 -14.26 -21.60 3.94
N ASN S 878 -12.95 -21.80 3.79
CA ASN S 878 -12.03 -20.68 3.63
C ASN S 878 -11.09 -20.98 2.44
N GLN S 879 -11.70 -21.16 1.27
CA GLN S 879 -10.96 -20.99 0.03
C GLN S 879 -11.08 -19.54 -0.41
N PHE S 880 -10.75 -19.29 -1.69
CA PHE S 880 -10.86 -17.99 -2.35
C PHE S 880 -9.81 -17.02 -1.82
N HIS S 881 -9.31 -16.13 -2.68
CA HIS S 881 -8.16 -15.31 -2.29
C HIS S 881 -8.50 -14.33 -1.18
N LYS S 882 -9.64 -13.65 -1.28
CA LYS S 882 -9.99 -12.61 -0.30
C LYS S 882 -10.34 -13.18 1.06
N SER S 883 -10.83 -14.42 1.14
CA SER S 883 -11.16 -14.99 2.44
C SER S 883 -9.89 -15.36 3.21
N LYS S 884 -8.81 -15.68 2.50
CA LYS S 884 -7.51 -15.84 3.13
C LYS S 884 -6.99 -14.56 3.75
N GLU S 885 -7.16 -13.42 3.07
CA GLU S 885 -6.59 -12.14 3.45
C GLU S 885 -7.43 -11.39 4.47
N THR S 886 -8.42 -12.04 5.07
CA THR S 886 -9.25 -11.44 6.10
C THR S 886 -9.38 -12.42 7.25
N GLY S 887 -9.70 -11.87 8.43
CA GLY S 887 -9.83 -12.67 9.62
C GLY S 887 -8.64 -12.53 10.55
N LYS S 888 -8.79 -11.70 11.58
CA LYS S 888 -7.71 -11.39 12.52
C LYS S 888 -8.05 -12.02 13.86
N TYR S 889 -7.25 -12.99 14.29
CA TYR S 889 -7.43 -13.60 15.61
C TYR S 889 -7.09 -12.56 16.68
N LYS S 890 -8.09 -12.13 17.45
CA LYS S 890 -7.87 -11.06 18.42
C LYS S 890 -7.47 -11.60 19.78
N GLN S 891 -8.32 -12.41 20.39
CA GLN S 891 -8.06 -12.90 21.75
C GLN S 891 -7.31 -14.22 21.71
N CYS S 892 -7.84 -15.21 20.99
CA CYS S 892 -7.14 -16.47 20.79
C CYS S 892 -6.17 -16.28 19.62
N ALA S 893 -5.12 -15.52 19.90
CA ALA S 893 -4.04 -15.22 18.98
C ALA S 893 -3.11 -16.43 18.91
N ASN S 894 -1.85 -16.24 18.51
CA ASN S 894 -0.85 -17.30 18.47
C ASN S 894 -0.70 -18.09 19.78
N VAL S 895 -1.26 -17.57 20.87
CA VAL S 895 -1.53 -18.39 22.06
C VAL S 895 -2.30 -19.63 21.62
N THR S 896 -1.76 -20.80 21.97
CA THR S 896 -1.88 -22.01 21.14
C THR S 896 -3.33 -22.40 20.84
N SER S 897 -4.08 -22.80 21.86
CA SER S 897 -5.37 -23.44 21.61
C SER S 897 -6.51 -22.80 22.39
N ARG S 898 -7.73 -23.29 22.15
CA ARG S 898 -8.90 -22.82 22.88
C ARG S 898 -8.78 -23.13 24.37
N ALA S 899 -8.30 -24.33 24.71
CA ALA S 899 -7.98 -24.63 26.10
C ALA S 899 -6.81 -23.80 26.60
N MET S 900 -5.93 -23.37 25.69
CA MET S 900 -4.78 -22.58 26.10
C MET S 900 -5.13 -21.09 26.20
N CYS S 901 -5.94 -20.58 25.28
CA CYS S 901 -6.40 -19.19 25.39
C CYS S 901 -7.55 -19.16 26.38
N ASN S 902 -7.24 -18.69 27.59
CA ASN S 902 -8.19 -18.68 28.69
C ASN S 902 -9.34 -17.71 28.46
N CYS S 903 -10.54 -18.14 28.85
CA CYS S 903 -11.71 -17.26 28.93
C CYS S 903 -12.46 -17.51 30.24
N SER S 904 -13.35 -16.59 30.60
CA SER S 904 -14.06 -16.65 31.87
C SER S 904 -15.56 -16.69 31.59
N GLU S 905 -16.35 -16.84 32.67
CA GLU S 905 -17.80 -16.89 32.52
C GLU S 905 -18.35 -15.57 32.00
N HIS S 906 -17.71 -14.45 32.34
CA HIS S 906 -18.10 -13.17 31.76
C HIS S 906 -17.76 -13.09 30.29
N GLN S 907 -16.95 -14.01 29.77
CA GLN S 907 -16.64 -14.08 28.34
C GLN S 907 -17.43 -15.18 27.64
N LYS S 908 -18.30 -15.89 28.36
CA LYS S 908 -19.17 -16.89 27.76
C LYS S 908 -20.62 -16.43 27.67
N PHE S 909 -20.96 -15.28 28.24
CA PHE S 909 -22.25 -14.64 28.03
C PHE S 909 -22.13 -13.26 27.43
N SER S 910 -20.91 -12.80 27.15
CA SER S 910 -20.70 -11.47 26.59
C SER S 910 -21.10 -11.47 25.13
N HIS S 911 -22.15 -10.75 24.80
CA HIS S 911 -22.63 -10.64 23.43
C HIS S 911 -21.86 -9.61 22.62
N ALA S 912 -20.68 -9.20 23.07
CA ALA S 912 -19.99 -8.07 22.47
C ALA S 912 -18.93 -8.50 21.47
N VAL S 913 -18.48 -7.54 20.68
CA VAL S 913 -17.37 -7.72 19.75
C VAL S 913 -16.06 -7.68 20.53
N ALA S 914 -15.08 -8.44 20.03
CA ALA S 914 -13.72 -8.58 20.57
C ALA S 914 -13.71 -9.42 21.85
N PHE S 915 -14.87 -9.99 22.18
CA PHE S 915 -14.98 -11.09 23.12
C PHE S 915 -15.51 -12.35 22.43
N SER S 916 -15.45 -12.39 21.11
CA SER S 916 -16.10 -13.40 20.30
C SER S 916 -15.21 -14.60 19.97
N ASP S 917 -13.94 -14.59 20.39
CA ASP S 917 -13.07 -15.71 20.08
C ASP S 917 -13.43 -16.94 20.89
N CYS S 918 -14.12 -16.76 22.02
CA CYS S 918 -14.61 -17.88 22.82
C CYS S 918 -16.11 -17.76 23.06
N LYS S 919 -16.85 -17.42 22.02
CA LYS S 919 -18.30 -17.48 22.03
C LYS S 919 -18.73 -18.77 21.33
N GLU S 920 -19.36 -19.68 22.08
CA GLU S 920 -19.62 -21.02 21.57
C GLU S 920 -21.11 -21.32 21.46
N LYS S 921 -21.94 -20.76 22.32
CA LYS S 921 -23.37 -21.06 22.34
C LYS S 921 -24.17 -19.80 22.02
N VAL S 922 -25.07 -19.90 21.06
CA VAL S 922 -25.99 -18.82 20.74
C VAL S 922 -27.41 -19.39 20.78
N HIS S 923 -28.41 -18.56 20.53
CA HIS S 923 -29.79 -19.04 20.48
C HIS S 923 -30.08 -19.68 19.12
N ARG S 924 -31.36 -19.90 18.83
CA ARG S 924 -31.79 -20.38 17.53
C ARG S 924 -33.19 -19.85 17.25
N PHE S 925 -33.53 -19.79 15.98
CA PHE S 925 -34.85 -19.34 15.56
C PHE S 925 -35.22 -20.06 14.28
N LYS S 926 -36.46 -19.86 13.85
CA LYS S 926 -36.90 -20.38 12.57
C LYS S 926 -36.30 -19.52 11.45
N PHE S 927 -36.68 -19.82 10.21
CA PHE S 927 -36.28 -18.90 9.16
C PHE S 927 -37.09 -17.62 9.28
N PRO S 928 -38.45 -17.63 9.22
CA PRO S 928 -39.14 -16.34 9.30
C PRO S 928 -39.28 -15.87 10.73
N VAL S 929 -38.45 -14.92 11.14
CA VAL S 929 -38.65 -14.29 12.44
C VAL S 929 -39.35 -12.95 12.24
N THR S 930 -40.58 -12.89 12.70
CA THR S 930 -41.44 -11.74 12.48
C THR S 930 -41.69 -11.09 13.82
N GLN S 931 -41.64 -9.75 13.84
CA GLN S 931 -42.01 -8.96 15.02
C GLN S 931 -41.13 -9.34 16.22
N TYR S 932 -39.83 -9.47 15.99
CA TYR S 932 -38.92 -9.76 17.08
C TYR S 932 -38.81 -8.55 18.00
N PRO S 933 -39.14 -8.67 19.28
CA PRO S 933 -39.24 -7.49 20.15
C PRO S 933 -37.87 -7.01 20.63
N VAL S 934 -37.50 -5.81 20.21
CA VAL S 934 -36.27 -5.18 20.69
C VAL S 934 -36.69 -4.25 21.83
N VAL S 935 -36.66 -4.77 23.05
CA VAL S 935 -37.01 -4.01 24.24
C VAL S 935 -35.72 -3.68 25.00
N LEU S 936 -35.52 -2.41 25.29
CA LEU S 936 -34.36 -1.93 26.03
C LEU S 936 -34.83 -1.26 27.31
N GLU S 937 -34.17 -1.59 28.41
CA GLU S 937 -34.43 -0.94 29.70
C GLU S 937 -33.18 -0.21 30.16
N ILE S 938 -33.41 0.85 30.93
CA ILE S 938 -32.35 1.67 31.48
C ILE S 938 -32.39 1.57 32.99
N PHE S 939 -31.24 1.36 33.61
CA PHE S 939 -31.11 1.36 35.06
C PHE S 939 -30.82 2.78 35.53
N ASN S 940 -31.42 3.16 36.65
CA ASN S 940 -31.28 4.50 37.19
C ASN S 940 -31.08 4.45 38.70
N GLU S 941 -30.31 3.47 39.17
CA GLU S 941 -29.81 3.36 40.54
C GLU S 941 -30.91 3.09 41.56
N ARG S 942 -32.18 3.10 41.14
CA ARG S 942 -33.28 2.87 42.05
C ARG S 942 -34.29 1.89 41.46
N ASP S 943 -34.38 1.84 40.14
CA ASP S 943 -35.42 1.06 39.47
C ASP S 943 -34.98 0.79 38.03
N LYS S 944 -35.88 0.21 37.25
CA LYS S 944 -35.65 -0.09 35.85
C LYS S 944 -36.75 0.58 35.04
N ILE S 945 -36.38 1.45 34.11
CA ILE S 945 -37.37 2.15 33.30
C ILE S 945 -37.21 1.74 31.85
N SER S 946 -38.17 2.10 31.01
CA SER S 946 -38.11 1.80 29.59
C SER S 946 -37.48 2.97 28.84
N ALA S 947 -37.00 2.68 27.64
CA ALA S 947 -36.35 3.70 26.83
C ALA S 947 -37.39 4.71 26.33
N GLU S 948 -37.07 5.98 26.49
CA GLU S 948 -37.92 7.13 26.28
C GLU S 948 -37.65 7.73 24.91
N PRO S 949 -38.58 8.50 24.36
CA PRO S 949 -38.34 9.16 23.07
C PRO S 949 -37.67 10.52 23.18
N PRO S 950 -37.04 10.89 24.30
CA PRO S 950 -35.82 11.71 24.17
C PRO S 950 -34.60 10.89 23.83
N TYR S 951 -34.62 9.58 24.06
CA TYR S 951 -33.45 8.73 23.91
C TYR S 951 -33.56 7.99 22.58
N LEU S 952 -33.28 8.71 21.50
CA LEU S 952 -33.34 8.12 20.17
C LEU S 952 -32.18 7.16 19.97
N VAL S 953 -32.35 6.24 19.03
CA VAL S 953 -31.57 5.01 18.98
C VAL S 953 -31.17 4.71 17.54
N THR S 954 -29.91 4.33 17.36
CA THR S 954 -29.38 3.84 16.09
C THR S 954 -29.04 2.36 16.23
N MET S 955 -29.26 1.61 15.15
CA MET S 955 -28.99 0.18 15.11
C MET S 955 -27.99 -0.14 13.99
N THR S 956 -27.06 -1.05 14.27
CA THR S 956 -26.03 -1.38 13.30
C THR S 956 -25.76 -2.87 13.36
N GLU S 957 -25.36 -3.43 12.21
CA GLU S 957 -24.89 -4.81 12.13
C GLU S 957 -23.38 -4.80 11.97
N VAL S 958 -22.69 -5.53 12.85
CA VAL S 958 -21.25 -5.43 12.98
C VAL S 958 -20.52 -6.34 11.99
N ASN S 959 -21.26 -7.01 11.10
CA ASN S 959 -20.66 -7.91 10.12
C ASN S 959 -21.08 -7.58 8.69
N MET S 960 -21.43 -6.31 8.41
CA MET S 960 -21.80 -5.78 7.09
C MET S 960 -22.82 -6.68 6.38
N ARG S 961 -23.99 -6.76 6.99
CA ARG S 961 -25.08 -7.55 6.44
C ARG S 961 -26.29 -6.68 6.08
N LYS S 962 -27.03 -7.15 5.06
CA LYS S 962 -28.09 -6.35 4.46
C LYS S 962 -29.35 -7.18 4.19
N ASN S 963 -29.82 -7.95 5.16
CA ASN S 963 -31.05 -8.72 4.96
C ASN S 963 -31.98 -8.64 6.16
N TRP S 964 -31.98 -7.50 6.84
CA TRP S 964 -32.78 -7.30 8.04
C TRP S 964 -33.43 -5.92 7.97
N GLN S 965 -34.51 -5.76 8.72
CA GLN S 965 -35.25 -4.50 8.69
C GLN S 965 -36.03 -4.35 9.99
N LEU S 966 -36.49 -3.13 10.23
CA LEU S 966 -37.17 -2.79 11.48
C LEU S 966 -38.50 -2.11 11.22
N LYS S 967 -39.45 -2.34 12.11
CA LYS S 967 -40.69 -1.62 12.18
C LYS S 967 -40.69 -0.74 13.42
N HIS S 968 -41.08 0.51 13.25
CA HIS S 968 -41.09 1.51 14.30
C HIS S 968 -42.20 2.51 14.02
N ASN S 969 -42.66 3.18 15.09
CA ASN S 969 -43.74 4.15 15.01
C ASN S 969 -43.22 5.53 15.38
N GLU S 970 -43.39 6.48 14.47
CA GLU S 970 -42.88 7.84 14.68
C GLU S 970 -44.03 8.80 14.94
N PRO S 971 -44.21 9.26 16.18
CA PRO S 971 -45.26 10.26 16.44
C PRO S 971 -44.80 11.63 16.00
N GLU S 972 -45.67 12.61 16.22
CA GLU S 972 -45.34 14.00 15.91
C GLU S 972 -44.71 14.61 17.16
N ASN S 973 -43.69 13.94 17.66
CA ASN S 973 -42.89 14.29 18.82
C ASN S 973 -41.41 14.07 18.57
N VAL S 974 -41.06 13.23 17.59
CA VAL S 974 -39.67 13.00 17.19
C VAL S 974 -39.46 13.33 15.72
N LYS S 975 -40.39 14.05 15.09
CA LYS S 975 -40.21 14.42 13.69
C LYS S 975 -39.05 15.37 13.50
N LYS S 976 -39.02 16.45 14.29
CA LYS S 976 -37.95 17.44 14.16
C LYS S 976 -36.61 16.87 14.59
N MET S 977 -36.59 16.06 15.66
CA MET S 977 -35.33 15.49 16.14
C MET S 977 -34.73 14.52 15.15
N LYS S 978 -35.55 13.62 14.60
CA LYS S 978 -35.05 12.69 13.60
C LYS S 978 -34.64 13.42 12.32
N HIS S 979 -35.45 14.39 11.88
CA HIS S 979 -35.11 15.15 10.68
C HIS S 979 -33.83 15.94 10.84
N TYR S 980 -33.54 16.41 12.05
CA TYR S 980 -32.27 17.08 12.30
C TYR S 980 -31.12 16.10 12.34
N LEU S 981 -31.30 14.97 13.03
CA LEU S 981 -30.19 14.09 13.32
C LEU S 981 -29.77 13.23 12.13
N GLU S 982 -30.71 12.84 11.27
CA GLU S 982 -30.38 11.85 10.23
C GLU S 982 -29.38 12.38 9.20
N PRO S 983 -29.40 13.67 8.79
CA PRO S 983 -28.29 14.18 7.97
C PRO S 983 -26.90 14.04 8.57
N LEU S 984 -26.69 14.49 9.81
CA LEU S 984 -25.32 14.65 10.29
C LEU S 984 -24.78 13.45 11.04
N LEU S 985 -25.56 12.38 11.21
CA LEU S 985 -25.02 11.11 11.70
C LEU S 985 -24.80 10.09 10.60
N LYS S 986 -25.35 10.30 9.41
CA LYS S 986 -25.22 9.39 8.27
C LYS S 986 -25.67 7.97 8.63
N THR S 987 -26.77 7.89 9.39
CA THR S 987 -27.29 6.63 9.90
C THR S 987 -28.75 6.86 10.26
N PRO S 988 -29.66 5.99 9.86
CA PRO S 988 -31.07 6.17 10.22
C PRO S 988 -31.29 6.10 11.73
N VAL S 989 -32.24 6.87 12.21
CA VAL S 989 -32.52 7.02 13.63
C VAL S 989 -33.91 6.47 13.92
N TYR S 990 -33.99 5.58 14.89
CA TYR S 990 -35.23 4.92 15.28
C TYR S 990 -35.71 5.46 16.62
N ASN S 991 -36.97 5.19 16.92
CA ASN S 991 -37.56 5.51 18.21
C ASN S 991 -37.82 4.23 18.98
N PRO S 992 -37.39 4.13 20.22
CA PRO S 992 -37.66 2.91 21.00
C PRO S 992 -39.12 2.83 21.45
N LEU S 993 -39.41 1.87 22.32
CA LEU S 993 -40.71 1.49 22.87
C LEU S 993 -41.67 0.95 21.82
N GLY S 994 -41.24 0.79 20.57
CA GLY S 994 -42.04 0.10 19.59
C GLY S 994 -41.22 -0.68 18.58
N LEU S 995 -39.94 -0.89 18.86
CA LEU S 995 -39.04 -1.44 17.87
C LEU S 995 -39.31 -2.92 17.64
N ASN S 996 -39.42 -3.32 16.38
CA ASN S 996 -39.55 -4.73 16.04
C ASN S 996 -38.60 -5.07 14.89
N LEU S 997 -38.03 -6.26 14.96
CA LEU S 997 -37.04 -6.74 14.01
C LEU S 997 -37.66 -7.78 13.09
N THR S 998 -37.12 -7.85 11.86
CA THR S 998 -37.54 -8.84 10.87
C THR S 998 -36.33 -9.21 10.04
N ILE S 999 -36.07 -10.51 9.88
CA ILE S 999 -34.83 -11.03 9.32
C ILE S 999 -35.16 -12.07 8.26
N GLN S 1000 -34.42 -12.04 7.14
CA GLN S 1000 -34.47 -13.09 6.12
C GLN S 1000 -33.05 -13.56 5.80
N GLY S 1001 -32.55 -14.50 6.58
CA GLY S 1001 -31.20 -14.99 6.38
C GLY S 1001 -31.05 -16.41 6.89
N SER S 1002 -29.80 -16.90 6.85
CA SER S 1002 -29.49 -18.27 7.22
C SER S 1002 -28.20 -18.33 8.03
N GLU S 1003 -28.05 -17.46 9.01
CA GLU S 1003 -26.73 -17.21 9.54
C GLU S 1003 -26.82 -16.63 10.95
N LEU S 1004 -25.69 -16.15 11.46
CA LEU S 1004 -25.58 -15.55 12.77
C LEU S 1004 -25.51 -14.04 12.64
N PHE S 1005 -26.52 -13.36 13.16
CA PHE S 1005 -26.65 -11.91 13.10
C PHE S 1005 -26.18 -11.31 14.41
N HIS S 1006 -25.41 -10.23 14.31
CA HIS S 1006 -24.77 -9.58 15.45
C HIS S 1006 -25.15 -8.12 15.40
N PHE S 1007 -25.96 -7.66 16.36
CA PHE S 1007 -26.51 -6.32 16.34
C PHE S 1007 -25.98 -5.50 17.49
N LYS S 1008 -25.79 -4.21 17.22
CA LYS S 1008 -25.41 -3.22 18.22
C LYS S 1008 -26.41 -2.08 18.19
N VAL S 1009 -26.89 -1.70 19.37
CA VAL S 1009 -27.91 -0.69 19.57
C VAL S 1009 -27.29 0.43 20.41
N SER S 1010 -27.26 1.64 19.86
CA SER S 1010 -26.61 2.77 20.52
C SER S 1010 -27.57 3.93 20.62
N VAL S 1011 -27.29 4.81 21.58
CA VAL S 1011 -28.06 6.03 21.77
C VAL S 1011 -27.33 7.18 21.08
N VAL S 1012 -28.08 8.03 20.40
CA VAL S 1012 -27.53 9.14 19.63
C VAL S 1012 -26.82 10.11 20.57
N PRO S 1013 -25.80 10.84 20.12
CA PRO S 1013 -25.05 11.68 21.04
C PRO S 1013 -25.83 12.88 21.52
N GLY S 1014 -25.31 13.54 22.55
CA GLY S 1014 -25.83 14.79 23.02
C GLY S 1014 -26.98 14.68 24.00
N VAL S 1015 -27.42 13.48 24.36
CA VAL S 1015 -28.54 13.30 25.27
C VAL S 1015 -28.15 12.53 26.51
N SER S 1016 -26.88 12.24 26.70
CA SER S 1016 -26.42 11.52 27.87
C SER S 1016 -24.92 11.76 28.04
N PHE S 1017 -24.38 11.25 29.16
CA PHE S 1017 -22.97 11.46 29.42
C PHE S 1017 -22.14 10.23 29.10
N CYS S 1018 -22.65 9.04 29.43
CA CYS S 1018 -21.97 7.80 29.09
C CYS S 1018 -22.74 7.02 28.04
N GLU S 1019 -22.00 6.26 27.25
CA GLU S 1019 -22.52 5.62 26.05
C GLU S 1019 -23.40 4.44 26.45
N LEU S 1020 -24.71 4.61 26.29
CA LEU S 1020 -25.66 3.53 26.53
C LEU S 1020 -25.74 2.68 25.25
N SER S 1021 -25.13 1.50 25.29
CA SER S 1021 -25.09 0.62 24.13
C SER S 1021 -25.34 -0.81 24.57
N GLU S 1022 -25.88 -1.60 23.65
CA GLU S 1022 -26.15 -3.00 23.91
C GLU S 1022 -25.89 -3.80 22.64
N GLU S 1023 -25.50 -5.06 22.81
CA GLU S 1023 -25.29 -5.95 21.69
C GLU S 1023 -26.07 -7.23 21.90
N PHE S 1024 -26.56 -7.81 20.81
CA PHE S 1024 -27.15 -9.14 20.93
C PHE S 1024 -26.99 -9.92 19.65
N GLN S 1025 -27.13 -11.24 19.77
CA GLN S 1025 -26.92 -12.18 18.69
C GLN S 1025 -28.20 -12.94 18.40
N ILE S 1026 -28.38 -13.33 17.15
CA ILE S 1026 -29.52 -14.12 16.71
C ILE S 1026 -29.00 -15.18 15.75
N TYR S 1027 -29.46 -16.42 15.90
CA TYR S 1027 -29.17 -17.47 14.94
C TYR S 1027 -30.47 -17.95 14.33
N VAL S 1028 -30.55 -17.94 13.02
CA VAL S 1028 -31.68 -18.47 12.27
C VAL S 1028 -31.18 -19.62 11.43
N ASP S 1029 -32.11 -20.50 11.05
CA ASP S 1029 -31.74 -21.66 10.28
C ASP S 1029 -32.90 -22.07 9.37
N GLU S 1030 -32.78 -23.26 8.79
CA GLU S 1030 -33.74 -23.91 7.89
C GLU S 1030 -34.37 -22.94 6.88
N VAL S 1031 -33.50 -22.24 6.15
CA VAL S 1031 -34.01 -21.56 4.96
C VAL S 1031 -34.48 -22.59 3.95
N PRO S 1032 -35.61 -22.40 3.30
CA PRO S 1032 -36.10 -23.40 2.34
C PRO S 1032 -35.18 -23.57 1.15
N LEU S 1033 -34.97 -22.49 0.39
CA LEU S 1033 -34.21 -22.51 -0.85
C LEU S 1033 -34.06 -21.11 -1.42
N PRO S 1034 -32.93 -20.78 -2.02
CA PRO S 1034 -32.89 -19.58 -2.87
C PRO S 1034 -33.65 -19.80 -4.17
N PHE S 1035 -33.75 -18.76 -5.00
CA PHE S 1035 -34.53 -18.84 -6.24
C PHE S 1035 -34.11 -19.94 -7.23
N PRO S 1036 -32.82 -20.23 -7.49
CA PRO S 1036 -32.54 -21.22 -8.52
C PRO S 1036 -32.99 -22.62 -8.16
N GLY S 1037 -33.15 -22.93 -6.87
CA GLY S 1037 -33.70 -24.23 -6.51
C GLY S 1037 -35.13 -24.41 -6.98
N HIS S 1038 -35.98 -23.41 -6.74
CA HIS S 1038 -37.35 -23.44 -7.24
C HIS S 1038 -37.37 -23.48 -8.76
N ALA S 1039 -36.52 -22.67 -9.40
CA ALA S 1039 -36.48 -22.66 -10.86
C ALA S 1039 -36.08 -24.02 -11.40
N LEU S 1040 -35.08 -24.65 -10.79
CA LEU S 1040 -34.60 -25.95 -11.25
C LEU S 1040 -35.64 -27.04 -11.06
N ILE S 1041 -36.32 -27.08 -9.91
CA ILE S 1041 -37.30 -28.15 -9.71
C ILE S 1041 -38.48 -27.96 -10.67
N ALA S 1042 -38.90 -26.71 -10.90
CA ALA S 1042 -40.01 -26.47 -11.82
C ALA S 1042 -39.65 -26.88 -13.25
N VAL S 1043 -38.50 -26.41 -13.74
CA VAL S 1043 -38.15 -26.74 -15.13
C VAL S 1043 -37.81 -28.23 -15.26
N ALA S 1044 -37.31 -28.86 -14.20
CA ALA S 1044 -37.00 -30.29 -14.27
C ALA S 1044 -38.28 -31.11 -14.40
N THR S 1045 -39.30 -30.79 -13.60
CA THR S 1045 -40.58 -31.48 -13.75
C THR S 1045 -41.19 -31.22 -15.11
N SER S 1046 -41.11 -29.97 -15.59
CA SER S 1046 -41.68 -29.64 -16.89
C SER S 1046 -41.02 -30.41 -18.02
N VAL S 1047 -39.68 -30.45 -18.04
CA VAL S 1047 -39.00 -31.19 -19.10
C VAL S 1047 -39.12 -32.69 -18.93
N VAL S 1048 -39.29 -33.21 -17.71
CA VAL S 1048 -39.53 -34.63 -17.55
C VAL S 1048 -40.87 -35.01 -18.18
N LEU S 1049 -41.90 -34.20 -17.91
CA LEU S 1049 -43.19 -34.42 -18.56
C LEU S 1049 -43.08 -34.30 -20.08
N GLY S 1050 -42.33 -33.31 -20.54
CA GLY S 1050 -42.17 -33.13 -21.98
C GLY S 1050 -41.50 -34.30 -22.66
N VAL S 1051 -40.39 -34.79 -22.09
CA VAL S 1051 -39.69 -35.90 -22.71
C VAL S 1051 -40.48 -37.19 -22.59
N LEU S 1052 -41.27 -37.36 -21.52
CA LEU S 1052 -42.11 -38.55 -21.43
C LEU S 1052 -43.18 -38.56 -22.51
N ILE S 1053 -43.90 -37.43 -22.64
CA ILE S 1053 -44.92 -37.31 -23.68
C ILE S 1053 -44.30 -37.49 -25.06
N PHE S 1054 -43.09 -36.95 -25.26
CA PHE S 1054 -42.49 -36.98 -26.58
C PHE S 1054 -41.94 -38.36 -26.91
N ILE S 1055 -41.43 -39.09 -25.92
CA ILE S 1055 -41.03 -40.47 -26.12
C ILE S 1055 -42.24 -41.31 -26.52
N ALA S 1056 -43.38 -41.10 -25.85
CA ALA S 1056 -44.61 -41.79 -26.22
C ALA S 1056 -45.03 -41.42 -27.64
N PHE S 1057 -44.91 -40.14 -27.99
CA PHE S 1057 -45.27 -39.67 -29.32
C PHE S 1057 -44.44 -40.35 -30.40
N VAL S 1058 -43.12 -40.38 -30.20
CA VAL S 1058 -42.23 -40.98 -31.18
C VAL S 1058 -42.46 -42.48 -31.27
N PHE S 1059 -42.68 -43.14 -30.13
CA PHE S 1059 -42.94 -44.57 -30.13
C PHE S 1059 -44.19 -44.91 -30.94
N GLN S 1060 -45.27 -44.15 -30.71
CA GLN S 1060 -46.51 -44.39 -31.43
C GLN S 1060 -46.35 -44.13 -32.93
N LEU S 1061 -45.79 -42.97 -33.29
CA LEU S 1061 -45.70 -42.62 -34.70
C LEU S 1061 -44.70 -43.50 -35.45
N ARG S 1062 -43.68 -44.00 -34.77
CA ARG S 1062 -42.74 -44.92 -35.41
C ARG S 1062 -43.33 -46.32 -35.53
N ASN S 1063 -44.10 -46.77 -34.54
CA ASN S 1063 -44.71 -48.09 -34.61
C ASN S 1063 -45.89 -48.15 -35.58
N ILE S 1064 -46.52 -47.02 -35.88
CA ILE S 1064 -47.48 -47.00 -36.99
C ILE S 1064 -46.76 -47.28 -38.30
N HIS S 1065 -45.58 -46.69 -38.50
CA HIS S 1065 -44.79 -46.93 -39.69
C HIS S 1065 -44.29 -48.36 -39.76
N HIS T 1 -29.65 44.60 58.99
CA HIS T 1 -28.28 44.47 58.54
C HIS T 1 -28.13 44.96 57.10
N CYS T 2 -28.11 44.02 56.15
CA CYS T 2 -27.99 44.36 54.74
C CYS T 2 -29.36 44.73 54.18
N THR T 3 -29.37 45.66 53.21
CA THR T 3 -30.61 46.21 52.68
C THR T 3 -30.52 46.35 51.17
N TRP T 4 -31.69 46.44 50.54
CA TRP T 4 -31.81 46.52 49.09
C TRP T 4 -31.76 47.98 48.64
N LEU T 5 -31.43 48.17 47.36
CA LEU T 5 -31.43 49.48 46.73
C LEU T 5 -31.96 49.31 45.32
N LEU T 6 -33.07 50.01 45.02
CA LEU T 6 -33.81 49.90 43.78
C LEU T 6 -33.79 51.25 43.05
N VAL T 7 -33.61 51.20 41.74
CA VAL T 7 -33.54 52.39 40.90
C VAL T 7 -34.17 52.09 39.54
N LEU T 8 -34.88 53.08 39.01
CA LEU T 8 -35.49 53.00 37.69
C LEU T 8 -34.49 53.43 36.64
N ASN T 9 -34.37 52.65 35.57
CA ASN T 9 -33.46 52.91 34.46
C ASN T 9 -34.24 53.03 33.16
N LYS T 10 -33.63 53.67 32.17
CA LYS T 10 -34.26 53.76 30.86
C LYS T 10 -33.95 52.51 30.05
N PHE T 11 -34.61 52.40 28.89
CA PHE T 11 -34.37 51.24 28.04
C PHE T 11 -33.06 51.34 27.28
N GLU T 12 -32.69 52.54 26.85
CA GLU T 12 -31.47 52.73 26.07
C GLU T 12 -30.24 52.93 26.94
N LYS T 13 -30.40 52.94 28.25
CA LYS T 13 -29.31 53.26 29.18
C LYS T 13 -29.30 52.26 30.33
N VAL T 14 -29.34 50.97 30.01
CA VAL T 14 -29.46 49.96 31.05
C VAL T 14 -28.19 49.88 31.88
N GLY T 15 -27.04 49.77 31.23
CA GLY T 15 -25.81 49.53 31.95
C GLY T 15 -24.84 50.70 31.93
N LEU T 16 -25.15 51.72 31.13
CA LEU T 16 -24.24 52.86 31.03
C LEU T 16 -24.31 53.74 32.27
N HIS T 17 -25.46 53.77 32.94
CA HIS T 17 -25.64 54.59 34.14
C HIS T 17 -26.21 53.74 35.25
N LEU T 18 -25.88 54.10 36.49
CA LEU T 18 -26.45 53.49 37.67
C LEU T 18 -27.39 54.44 38.40
N SER T 19 -27.66 55.61 37.84
CA SER T 19 -28.44 56.64 38.51
C SER T 19 -29.93 56.48 38.17
N LYS T 20 -30.76 57.34 38.74
CA LYS T 20 -32.20 57.17 38.73
C LYS T 20 -32.82 57.95 37.57
N ASP T 21 -33.73 57.31 36.85
CA ASP T 21 -34.57 57.96 35.86
C ASP T 21 -36.01 57.98 36.36
N ARG T 22 -36.79 58.94 35.89
CA ARG T 22 -38.14 59.13 36.40
C ARG T 22 -39.17 58.47 35.49
N PHE T 23 -40.28 58.05 36.10
CA PHE T 23 -41.37 57.36 35.41
C PHE T 23 -42.18 58.34 34.56
N GLN T 24 -41.66 58.70 33.39
CA GLN T 24 -42.28 59.71 32.55
C GLN T 24 -42.96 59.17 31.31
N ASP T 25 -42.53 58.03 30.78
CA ASP T 25 -43.18 57.42 29.63
C ASP T 25 -44.15 56.35 30.11
N HIS T 26 -45.42 56.49 29.72
CA HIS T 26 -46.47 55.59 30.18
C HIS T 26 -47.01 54.72 29.05
N GLU T 27 -46.24 54.55 27.98
CA GLU T 27 -46.65 53.73 26.84
C GLU T 27 -45.53 52.79 26.46
N PRO T 28 -45.84 51.60 25.95
CA PRO T 28 -44.79 50.68 25.53
C PRO T 28 -44.25 51.03 24.15
N ILE T 29 -42.96 50.80 23.98
CA ILE T 29 -42.25 51.19 22.77
C ILE T 29 -41.82 49.95 21.99
N ASP T 30 -41.36 50.18 20.77
CA ASP T 30 -41.21 49.10 19.79
C ASP T 30 -39.76 48.90 19.34
N THR T 31 -38.83 48.86 20.29
CA THR T 31 -37.41 48.70 19.98
C THR T 31 -36.91 47.29 20.29
N VAL T 32 -37.70 46.26 20.02
CA VAL T 32 -37.29 44.92 20.43
C VAL T 32 -37.50 43.89 19.32
N ALA T 33 -38.18 44.29 18.23
CA ALA T 33 -38.55 43.33 17.20
C ALA T 33 -37.34 42.75 16.47
N LYS T 34 -36.30 43.56 16.27
CA LYS T 34 -35.10 43.07 15.58
C LYS T 34 -34.42 41.97 16.38
N VAL T 35 -34.50 42.04 17.70
CA VAL T 35 -33.93 40.99 18.55
C VAL T 35 -34.69 39.69 18.37
N PHE T 36 -36.01 39.76 18.23
CA PHE T 36 -36.83 38.58 18.05
C PHE T 36 -36.79 38.04 16.63
N GLN T 37 -36.34 38.84 15.66
CA GLN T 37 -36.15 38.34 14.31
C GLN T 37 -34.94 37.43 14.18
N LYS T 38 -34.05 37.41 15.17
CA LYS T 38 -32.86 36.57 15.15
C LYS T 38 -32.99 35.30 15.97
N LEU T 39 -34.14 35.05 16.59
CA LEU T 39 -34.34 33.87 17.41
C LEU T 39 -34.87 32.74 16.53
N THR T 40 -33.99 32.26 15.65
CA THR T 40 -34.42 31.33 14.60
C THR T 40 -34.51 29.89 15.09
N ASP T 41 -34.08 29.62 16.32
CA ASP T 41 -34.13 28.27 16.87
C ASP T 41 -34.96 28.18 18.14
N SER T 42 -35.55 29.27 18.58
CA SER T 42 -36.40 29.32 19.75
C SER T 42 -37.86 29.31 19.35
N PRO T 43 -38.77 28.89 20.24
CA PRO T 43 -40.20 28.89 19.89
C PRO T 43 -40.79 30.30 19.80
N ILE T 44 -40.43 31.00 18.73
CA ILE T 44 -40.95 32.33 18.44
C ILE T 44 -41.51 32.27 17.02
N ASP T 45 -42.76 32.67 16.86
CA ASP T 45 -43.33 32.70 15.51
C ASP T 45 -43.24 34.12 14.94
N PRO T 46 -43.03 34.25 13.63
CA PRO T 46 -43.09 35.59 13.01
C PRO T 46 -44.45 36.26 13.09
N SER T 47 -45.52 35.49 13.34
CA SER T 47 -46.86 36.07 13.32
C SER T 47 -47.09 37.05 14.48
N GLU T 48 -46.70 36.66 15.70
CA GLU T 48 -46.98 37.50 16.85
C GLU T 48 -46.04 38.70 16.91
N ASN T 49 -46.49 39.73 17.61
CA ASN T 49 -45.83 41.03 17.63
C ASN T 49 -45.43 41.39 19.05
N TYR T 50 -44.14 41.68 19.24
CA TYR T 50 -43.58 42.02 20.53
C TYR T 50 -43.08 43.45 20.53
N LEU T 51 -43.29 44.15 21.63
CA LEU T 51 -42.74 45.48 21.79
C LEU T 51 -42.61 45.77 23.27
N SER T 52 -41.47 46.32 23.68
CA SER T 52 -41.08 46.34 25.08
C SER T 52 -41.65 47.53 25.84
N PHE T 53 -41.66 47.40 27.15
CA PHE T 53 -41.88 48.56 28.02
C PHE T 53 -40.64 49.44 28.03
N PRO T 54 -40.78 50.71 28.35
CA PRO T 54 -39.62 51.48 28.79
C PRO T 54 -39.32 51.20 30.25
N TYR T 55 -38.11 51.56 30.67
CA TYR T 55 -37.60 51.46 32.02
C TYR T 55 -37.34 50.03 32.47
N TYR T 56 -36.25 49.84 33.20
CA TYR T 56 -35.93 48.63 33.93
C TYR T 56 -35.89 48.95 35.41
N LEU T 57 -36.01 47.92 36.23
CA LEU T 57 -35.66 47.99 37.63
C LEU T 57 -34.24 47.47 37.78
N GLN T 58 -33.37 48.29 38.37
CA GLN T 58 -32.00 47.94 38.69
C GLN T 58 -31.87 47.80 40.19
N ILE T 59 -31.31 46.69 40.63
CA ILE T 59 -31.24 46.32 42.03
C ILE T 59 -29.79 46.02 42.38
N ASN T 60 -29.32 46.62 43.46
CA ASN T 60 -28.16 46.09 44.17
C ASN T 60 -28.49 46.07 45.65
N PHE T 61 -27.52 45.72 46.48
CA PHE T 61 -27.76 45.72 47.91
C PHE T 61 -26.48 46.13 48.64
N SER T 62 -26.68 46.85 49.73
CA SER T 62 -25.58 47.41 50.52
C SER T 62 -25.71 46.95 51.95
N CYS T 63 -24.56 46.77 52.61
CA CYS T 63 -24.53 46.18 53.93
C CYS T 63 -23.32 46.78 54.63
N PRO T 64 -23.48 47.24 55.88
CA PRO T 64 -22.44 48.07 56.50
C PRO T 64 -21.13 47.33 56.71
N GLY T 65 -20.02 48.07 56.52
CA GLY T 65 -18.70 47.54 56.65
C GLY T 65 -17.99 47.23 55.35
N GLN T 66 -18.72 47.12 54.23
CA GLN T 66 -18.14 46.77 52.95
C GLN T 66 -18.70 47.66 51.85
N ASN T 67 -18.06 47.60 50.69
CA ASN T 67 -18.53 48.34 49.52
C ASN T 67 -19.55 47.50 48.75
N ILE T 68 -20.30 48.18 47.87
CA ILE T 68 -21.41 47.54 47.20
C ILE T 68 -20.93 46.52 46.16
N GLU T 69 -19.89 46.87 45.41
CA GLU T 69 -19.50 46.06 44.26
C GLU T 69 -19.03 44.66 44.67
N GLU T 70 -18.21 44.57 45.73
CA GLU T 70 -17.76 43.25 46.14
C GLU T 70 -18.91 42.46 46.76
N LEU T 71 -19.90 43.13 47.34
CA LEU T 71 -21.07 42.43 47.84
C LEU T 71 -21.88 41.82 46.71
N ALA T 72 -22.05 42.58 45.62
CA ALA T 72 -22.74 42.03 44.45
C ALA T 72 -21.99 40.87 43.85
N ARG T 73 -20.66 40.99 43.76
CA ARG T 73 -19.84 39.89 43.24
C ARG T 73 -19.97 38.64 44.11
N LYS T 74 -19.94 38.81 45.43
CA LYS T 74 -20.07 37.68 46.34
C LYS T 74 -21.44 37.03 46.22
N GLY T 75 -22.50 37.84 46.11
CA GLY T 75 -23.82 37.28 45.96
C GLY T 75 -23.99 36.50 44.67
N HIS T 76 -23.42 37.01 43.57
CA HIS T 76 -23.43 36.26 42.32
C HIS T 76 -22.63 34.97 42.44
N LEU T 77 -21.48 35.01 43.11
CA LEU T 77 -20.64 33.84 43.20
C LEU T 77 -21.15 32.78 44.18
N MET T 78 -22.10 33.10 45.05
CA MET T 78 -22.70 32.08 45.89
C MET T 78 -24.12 31.70 45.49
N GLY T 79 -24.61 32.20 44.37
CA GLY T 79 -25.90 31.80 43.86
C GLY T 79 -27.07 32.68 44.24
N MET T 80 -26.82 33.87 44.78
CA MET T 80 -27.92 34.74 45.15
C MET T 80 -28.56 35.36 43.91
N LYS T 81 -29.89 35.45 43.95
CA LYS T 81 -30.67 35.97 42.84
C LYS T 81 -31.95 36.58 43.40
N PRO T 82 -32.12 37.89 43.32
CA PRO T 82 -33.33 38.51 43.86
C PRO T 82 -34.59 38.05 43.14
N MET T 83 -35.68 37.96 43.91
CA MET T 83 -37.01 37.72 43.37
C MET T 83 -37.90 38.92 43.70
N VAL T 84 -38.66 39.34 42.69
CA VAL T 84 -39.39 40.60 42.70
C VAL T 84 -40.87 40.30 42.48
N GLN T 85 -41.71 40.79 43.38
CA GLN T 85 -43.15 40.60 43.29
C GLN T 85 -43.82 41.95 43.13
N ILE T 86 -44.56 42.12 42.04
CA ILE T 86 -45.18 43.40 41.69
C ILE T 86 -46.68 43.24 41.82
N ASN T 87 -47.30 44.14 42.59
CA ASN T 87 -48.73 44.13 42.82
C ASN T 87 -49.33 45.43 42.31
N TYR T 88 -50.38 45.34 41.51
CA TYR T 88 -51.00 46.53 40.94
C TYR T 88 -52.27 46.87 41.69
N MET T 89 -52.48 48.16 41.96
CA MET T 89 -53.65 48.60 42.70
C MET T 89 -54.68 49.21 41.75
N TYR T 90 -55.94 48.79 41.90
CA TYR T 90 -57.01 49.21 41.01
C TYR T 90 -57.33 50.69 41.24
N SER T 91 -58.00 51.28 40.24
CA SER T 91 -58.33 52.69 40.23
C SER T 91 -59.61 52.97 41.01
N VAL T 92 -59.86 54.26 41.26
CA VAL T 92 -61.10 54.65 41.93
C VAL T 92 -62.29 54.46 40.99
N ASN T 93 -62.12 54.77 39.71
CA ASN T 93 -63.21 54.73 38.74
C ASN T 93 -63.47 53.28 38.34
N PHE T 94 -64.59 52.74 38.82
CA PHE T 94 -65.02 51.43 38.40
C PHE T 94 -66.11 51.47 37.32
N TYR T 95 -66.46 52.66 36.83
CA TYR T 95 -67.34 52.79 35.68
C TYR T 95 -66.58 52.84 34.37
N ARG T 96 -65.25 52.79 34.41
CA ARG T 96 -64.42 52.82 33.22
C ARG T 96 -63.48 51.63 33.21
N TRP T 97 -63.05 51.21 34.40
CA TRP T 97 -62.15 50.06 34.56
C TRP T 97 -62.79 49.05 35.50
N GLU T 98 -62.25 47.84 35.48
CA GLU T 98 -62.72 46.78 36.35
C GLU T 98 -61.88 46.75 37.63
N MET T 99 -62.32 45.92 38.58
CA MET T 99 -61.75 45.95 39.93
C MET T 99 -60.72 44.85 40.15
N GLU T 100 -60.24 44.20 39.10
CA GLU T 100 -59.29 43.11 39.29
C GLU T 100 -57.96 43.64 39.82
N ASN T 101 -57.28 42.80 40.60
CA ASN T 101 -55.96 43.11 41.14
C ASN T 101 -55.00 42.00 40.80
N VAL T 102 -53.81 42.38 40.31
CA VAL T 102 -52.91 41.49 39.59
C VAL T 102 -51.54 41.49 40.25
N GLN T 103 -50.96 40.30 40.38
CA GLN T 103 -49.59 40.08 40.80
C GLN T 103 -48.77 39.54 39.65
N ILE T 104 -47.50 39.93 39.59
CA ILE T 104 -46.55 39.27 38.69
C ILE T 104 -45.24 39.06 39.44
N LEU T 105 -44.74 37.82 39.40
CA LEU T 105 -43.56 37.41 40.15
C LEU T 105 -42.43 37.10 39.17
N MET T 106 -41.29 37.74 39.36
CA MET T 106 -40.15 37.64 38.46
C MET T 106 -38.88 37.37 39.25
N GLU T 107 -37.82 37.07 38.51
CA GLU T 107 -36.49 36.82 39.07
C GLU T 107 -35.50 37.68 38.31
N ALA T 108 -34.63 38.37 39.05
CA ALA T 108 -33.75 39.37 38.45
C ALA T 108 -32.52 38.72 37.83
N ALA T 109 -32.11 39.23 36.66
CA ALA T 109 -31.00 38.68 35.89
C ALA T 109 -29.74 39.50 36.12
N PRO T 110 -28.60 38.86 36.36
CA PRO T 110 -27.37 39.62 36.59
C PRO T 110 -26.84 40.21 35.30
N MET T 111 -26.11 41.32 35.44
CA MET T 111 -25.56 41.99 34.27
C MET T 111 -24.33 42.77 34.69
N ARG T 112 -23.34 42.77 33.82
CA ARG T 112 -22.11 43.51 34.00
C ARG T 112 -22.28 44.93 33.51
N SER T 113 -21.70 45.86 34.23
CA SER T 113 -21.70 47.26 33.83
C SER T 113 -20.58 47.49 32.83
N THR T 114 -20.88 48.23 31.77
CA THR T 114 -19.86 48.55 30.78
C THR T 114 -19.01 49.72 31.27
N GLY T 115 -17.72 49.48 31.41
CA GLY T 115 -16.78 50.48 31.90
C GLY T 115 -15.37 50.12 31.53
N TYR T 116 -14.42 50.38 32.43
CA TYR T 116 -13.05 49.94 32.17
C TYR T 116 -12.89 48.45 32.45
N CYS T 117 -13.33 47.99 33.62
CA CYS T 117 -13.18 46.61 34.09
C CYS T 117 -11.73 46.15 34.00
N PRO T 118 -10.86 46.60 34.91
CA PRO T 118 -9.46 46.18 34.86
C PRO T 118 -9.26 44.69 34.98
N ALA T 119 -10.10 44.01 35.74
CA ALA T 119 -9.98 42.58 35.91
C ALA T 119 -10.57 41.85 34.71
N GLU T 120 -10.44 40.53 34.73
CA GLU T 120 -10.80 39.72 33.56
C GLU T 120 -12.29 39.47 33.49
N ALA T 121 -12.84 38.77 34.48
CA ALA T 121 -14.23 38.31 34.43
C ALA T 121 -15.20 39.30 35.03
N MET T 122 -15.05 39.61 36.31
CA MET T 122 -16.08 40.32 37.06
C MET T 122 -15.60 41.68 37.52
N CYS T 123 -16.55 42.60 37.60
CA CYS T 123 -16.36 44.00 37.95
C CYS T 123 -17.65 44.45 38.62
N VAL T 124 -17.94 45.75 38.57
CA VAL T 124 -19.26 46.24 38.94
C VAL T 124 -20.35 45.40 38.28
N LEU T 125 -21.31 44.97 39.08
CA LEU T 125 -22.33 44.01 38.66
C LEU T 125 -23.64 44.34 39.33
N ASN T 126 -24.74 44.22 38.59
CA ASN T 126 -26.05 44.62 39.10
C ASN T 126 -27.09 43.59 38.69
N TRP T 127 -28.32 43.77 39.17
CA TRP T 127 -29.42 42.88 38.82
C TRP T 127 -30.53 43.68 38.15
N TYR T 128 -31.09 43.14 37.08
CA TYR T 128 -32.06 43.89 36.28
C TYR T 128 -33.31 43.06 36.02
N THR T 129 -34.44 43.75 35.95
CA THR T 129 -35.71 43.14 35.57
C THR T 129 -36.54 44.19 34.86
N PRO T 130 -37.47 43.80 33.98
CA PRO T 130 -38.34 44.81 33.36
C PRO T 130 -39.34 45.36 34.37
N MET T 131 -39.86 46.54 34.05
CA MET T 131 -40.88 47.18 34.87
C MET T 131 -42.19 47.19 34.11
N PRO T 132 -43.08 46.24 34.36
CA PRO T 132 -44.35 46.17 33.62
C PRO T 132 -45.47 46.92 34.31
N PHE T 133 -46.22 47.67 33.51
CA PHE T 133 -47.39 48.39 33.99
C PHE T 133 -48.56 48.11 33.06
N LYS T 134 -49.74 47.94 33.63
CA LYS T 134 -50.94 47.61 32.89
C LYS T 134 -51.83 48.84 32.79
N ASN T 135 -52.79 48.78 31.87
CA ASN T 135 -53.69 49.89 31.64
C ASN T 135 -54.82 49.85 32.66
N GLY T 136 -54.99 50.93 33.41
CA GLY T 136 -56.02 51.03 34.43
C GLY T 136 -55.50 51.31 35.83
N SER T 137 -54.21 51.56 36.02
CA SER T 137 -53.63 51.69 37.35
C SER T 137 -52.48 52.68 37.31
N VAL T 138 -52.17 53.23 38.49
CA VAL T 138 -51.04 54.14 38.66
C VAL T 138 -50.14 53.74 39.83
N VAL T 139 -50.52 52.74 40.62
CA VAL T 139 -49.83 52.41 41.86
C VAL T 139 -49.39 50.95 41.80
N SER T 140 -48.10 50.72 42.01
CA SER T 140 -47.53 49.38 42.02
C SER T 140 -46.60 49.22 43.21
N SER T 141 -46.80 48.13 43.95
CA SER T 141 -45.94 47.76 45.06
C SER T 141 -44.94 46.73 44.59
N VAL T 142 -43.67 46.91 44.93
CA VAL T 142 -42.60 46.05 44.48
C VAL T 142 -41.88 45.48 45.69
N ASP T 143 -42.03 44.18 45.93
CA ASP T 143 -41.43 43.53 47.08
C ASP T 143 -40.26 42.68 46.62
N ILE T 144 -39.08 42.97 47.15
CA ILE T 144 -37.85 42.27 46.81
C ILE T 144 -37.44 41.37 47.96
N TYR T 145 -37.07 40.14 47.64
CA TYR T 145 -36.56 39.21 48.62
C TYR T 145 -35.57 38.27 47.96
N THR T 146 -34.93 37.43 48.76
CA THR T 146 -33.86 36.57 48.28
C THR T 146 -34.42 35.21 47.87
N ASN T 147 -33.64 34.48 47.08
CA ASN T 147 -34.05 33.18 46.57
C ASN T 147 -33.71 32.04 47.52
N GLY T 148 -33.15 32.35 48.68
CA GLY T 148 -32.84 31.35 49.68
C GLY T 148 -31.38 30.95 49.74
N ILE T 149 -30.58 31.40 48.80
CA ILE T 149 -29.16 31.02 48.70
C ILE T 149 -28.32 32.28 48.76
N GLY T 150 -27.35 32.31 49.67
CA GLY T 150 -26.47 33.45 49.80
C GLY T 150 -26.66 34.19 51.10
N PRO T 151 -26.18 35.43 51.17
CA PRO T 151 -26.40 36.24 52.37
C PRO T 151 -27.87 36.60 52.52
N PHE T 152 -28.31 36.70 53.77
CA PHE T 152 -29.71 36.93 54.05
C PHE T 152 -29.98 38.44 54.07
N VAL T 153 -30.75 38.90 53.09
CA VAL T 153 -31.22 40.28 53.04
C VAL T 153 -32.72 40.25 53.28
N SER T 154 -33.19 41.05 54.22
CA SER T 154 -34.59 40.99 54.62
C SER T 154 -35.50 41.49 53.50
N LYS T 155 -36.75 41.02 53.52
CA LYS T 155 -37.73 41.41 52.53
C LYS T 155 -38.02 42.90 52.61
N LYS T 156 -38.07 43.57 51.47
CA LYS T 156 -38.34 45.00 51.45
C LYS T 156 -39.44 45.31 50.43
N ARG T 157 -40.20 46.37 50.71
CA ARG T 157 -41.27 46.82 49.84
C ARG T 157 -41.01 48.25 49.42
N PHE T 158 -41.03 48.48 48.10
CA PHE T 158 -40.88 49.78 47.48
C PHE T 158 -42.17 50.12 46.74
N TYR T 159 -42.29 51.39 46.34
CA TYR T 159 -43.43 51.87 45.58
C TYR T 159 -42.94 52.51 44.30
N VAL T 160 -43.29 51.92 43.16
CA VAL T 160 -42.96 52.51 41.86
C VAL T 160 -44.23 53.00 41.22
N ASN T 161 -44.56 54.27 41.46
CA ASN T 161 -45.78 54.89 40.99
C ASN T 161 -45.48 55.90 39.89
N MET T 162 -46.43 56.08 39.00
CA MET T 162 -46.24 56.91 37.81
C MET T 162 -46.30 58.38 38.18
N ASN T 163 -45.49 59.19 37.52
CA ASN T 163 -45.46 60.62 37.75
C ASN T 163 -46.14 61.34 36.59
N GLY T 164 -47.10 62.18 36.90
CA GLY T 164 -47.86 62.86 35.86
C GLY T 164 -47.58 64.34 35.77
N PHE T 165 -46.67 64.83 36.61
CA PHE T 165 -46.43 66.26 36.74
C PHE T 165 -45.14 66.69 36.06
N LEU T 166 -44.62 65.88 35.15
CA LEU T 166 -43.39 66.15 34.42
C LEU T 166 -43.70 66.55 32.99
N LYS T 167 -42.70 67.16 32.34
CA LYS T 167 -42.79 67.52 30.94
C LYS T 167 -41.39 67.48 30.35
N ARG T 168 -41.31 67.69 29.03
CA ARG T 168 -40.03 67.68 28.34
C ARG T 168 -39.86 69.00 27.58
N ASP T 169 -38.65 69.55 27.62
CA ASP T 169 -38.39 70.84 27.01
C ASP T 169 -37.96 70.66 25.55
N ALA T 170 -37.51 71.73 24.91
CA ALA T 170 -37.12 71.67 23.51
C ALA T 170 -35.82 70.89 23.31
N SER T 171 -34.93 70.91 24.30
CA SER T 171 -33.70 70.15 24.20
C SER T 171 -33.87 68.68 24.59
N GLY T 172 -35.04 68.29 25.07
CA GLY T 172 -35.29 66.90 25.42
C GLY T 172 -34.95 66.52 26.85
N LYS T 173 -34.78 67.49 27.74
CA LYS T 173 -34.46 67.22 29.14
C LYS T 173 -35.71 67.42 30.00
N SER T 174 -35.92 66.51 30.95
CA SER T 174 -37.15 66.51 31.72
C SER T 174 -37.20 67.68 32.69
N LEU T 175 -38.39 68.25 32.84
CA LEU T 175 -38.66 69.31 33.81
C LEU T 175 -39.95 69.00 34.55
N PHE T 176 -40.23 69.80 35.56
CA PHE T 176 -41.48 69.72 36.30
C PHE T 176 -42.45 70.79 35.79
N ALA T 177 -43.69 70.37 35.52
CA ALA T 177 -44.67 71.31 34.99
C ALA T 177 -45.36 72.09 36.10
N ILE T 178 -45.14 71.72 37.35
CA ILE T 178 -45.76 72.41 38.46
C ILE T 178 -44.88 73.50 39.07
N GLY T 179 -43.57 73.30 39.07
CA GLY T 179 -42.69 74.29 39.69
C GLY T 179 -41.26 74.09 39.25
N TYR T 180 -40.40 74.99 39.74
CA TYR T 180 -39.00 75.03 39.36
C TYR T 180 -38.13 74.44 40.48
N GLU T 181 -37.29 73.48 40.10
CA GLU T 181 -36.36 72.86 41.04
C GLU T 181 -35.09 73.71 41.16
N SER T 182 -35.29 74.94 41.63
CA SER T 182 -34.22 75.92 41.78
C SER T 182 -34.02 76.28 43.24
N LEU T 183 -34.20 75.31 44.13
CA LEU T 183 -34.02 75.53 45.55
C LEU T 183 -33.23 74.38 46.15
N VAL T 184 -32.44 74.68 47.17
CA VAL T 184 -31.61 73.69 47.86
C VAL T 184 -32.04 73.66 49.32
N LEU T 185 -32.17 72.46 49.88
CA LEU T 185 -32.60 72.33 51.26
C LEU T 185 -31.54 72.86 52.21
N LYS T 186 -31.95 73.73 53.12
CA LYS T 186 -31.08 74.30 54.14
C LYS T 186 -31.48 73.78 55.51
N SER T 187 -30.62 74.00 56.49
CA SER T 187 -30.93 73.64 57.87
C SER T 187 -31.87 74.63 58.53
N SER T 188 -31.98 75.85 57.99
CA SER T 188 -32.91 76.83 58.52
C SER T 188 -34.35 76.56 58.13
N HIS T 189 -34.58 75.70 57.13
CA HIS T 189 -35.94 75.31 56.77
C HIS T 189 -36.60 74.56 57.92
N PHE T 190 -35.84 73.73 58.63
CA PHE T 190 -36.40 72.82 59.60
C PHE T 190 -36.08 73.19 61.04
N ARG T 191 -35.42 74.32 61.27
CA ARG T 191 -34.93 74.62 62.61
C ARG T 191 -36.06 75.04 63.55
N LEU T 192 -36.98 75.88 63.07
CA LEU T 192 -38.06 76.38 63.90
C LEU T 192 -39.44 75.89 63.47
N SER T 193 -39.54 75.10 62.41
CA SER T 193 -40.84 74.65 61.92
C SER T 193 -41.39 73.53 62.79
N LYS T 194 -42.71 73.40 62.77
CA LYS T 194 -43.41 72.32 63.46
C LYS T 194 -43.90 71.29 62.46
N SER T 195 -44.44 70.20 62.98
CA SER T 195 -44.92 69.12 62.14
C SER T 195 -46.28 69.46 61.52
N ARG T 196 -46.56 68.82 60.39
CA ARG T 196 -47.78 69.05 59.63
C ARG T 196 -48.27 67.72 59.08
N PRO T 197 -49.57 67.58 58.84
CA PRO T 197 -50.10 66.30 58.39
C PRO T 197 -49.82 66.04 56.91
N LEU T 198 -49.88 64.76 56.54
CA LEU T 198 -49.67 64.30 55.18
C LEU T 198 -51.01 63.78 54.66
N TRP T 199 -51.67 64.57 53.82
CA TRP T 199 -53.04 64.32 53.40
C TRP T 199 -53.06 63.79 51.97
N TYR T 200 -53.76 62.67 51.78
CA TYR T 200 -53.86 62.02 50.49
C TYR T 200 -55.00 61.00 50.56
N THR T 201 -55.46 60.57 49.39
CA THR T 201 -56.39 59.45 49.36
C THR T 201 -55.64 58.16 49.66
N VAL T 202 -56.28 57.28 50.42
CA VAL T 202 -55.55 56.38 51.33
C VAL T 202 -54.65 55.41 50.57
N ASN T 203 -55.15 54.80 49.50
CA ASN T 203 -54.39 53.79 48.79
C ASN T 203 -54.30 54.06 47.29
N HIS T 204 -54.62 55.28 46.85
CA HIS T 204 -54.77 55.56 45.44
C HIS T 204 -53.92 56.71 44.93
N ALA T 205 -53.28 57.48 45.79
CA ALA T 205 -52.49 58.62 45.36
C ALA T 205 -51.07 58.19 45.02
N PRO T 206 -50.55 58.53 43.84
CA PRO T 206 -49.16 58.20 43.53
C PRO T 206 -48.15 59.23 43.99
N VAL T 207 -48.56 60.46 44.27
CA VAL T 207 -47.65 61.54 44.64
C VAL T 207 -48.01 62.04 46.04
N PHE T 208 -46.99 62.33 46.83
CA PHE T 208 -47.14 62.95 48.13
C PHE T 208 -46.58 64.36 48.05
N ILE T 209 -47.28 65.31 48.66
CA ILE T 209 -46.80 66.69 48.72
C ILE T 209 -46.97 67.20 50.14
N LEU T 210 -45.96 67.91 50.63
CA LEU T 210 -45.94 68.44 51.98
C LEU T 210 -45.56 69.91 51.96
N GLY T 211 -46.48 70.78 52.36
CA GLY T 211 -46.22 72.20 52.32
C GLY T 211 -45.80 72.76 53.66
N GLY T 212 -46.34 73.94 54.00
CA GLY T 212 -46.18 74.51 55.33
C GLY T 212 -44.77 74.87 55.76
N PHE T 213 -44.00 75.51 54.88
CA PHE T 213 -42.68 75.98 55.24
C PHE T 213 -42.78 77.38 55.85
N TYR T 214 -41.65 78.04 56.06
CA TYR T 214 -41.65 79.23 56.90
C TYR T 214 -42.21 80.45 56.16
N ASP T 215 -41.57 80.86 55.07
CA ASP T 215 -42.11 81.98 54.30
C ASP T 215 -41.87 81.83 52.80
N GLU T 216 -41.80 80.61 52.29
CA GLU T 216 -41.57 80.39 50.87
C GLU T 216 -42.65 79.49 50.29
N LYS T 217 -42.98 79.72 49.02
CA LYS T 217 -43.96 78.91 48.31
C LYS T 217 -43.35 77.63 47.79
N SER T 218 -42.71 76.88 48.68
CA SER T 218 -42.08 75.62 48.36
C SER T 218 -42.92 74.48 48.91
N ILE T 219 -42.84 73.34 48.23
CA ILE T 219 -43.45 72.10 48.69
C ILE T 219 -42.40 71.00 48.60
N LEU T 220 -42.62 69.97 49.39
CA LEU T 220 -41.82 68.76 49.37
C LEU T 220 -42.58 67.74 48.54
N PHE T 221 -42.06 67.43 47.36
CA PHE T 221 -42.69 66.54 46.40
C PHE T 221 -42.03 65.17 46.51
N SER T 222 -42.84 64.12 46.43
CA SER T 222 -42.29 62.78 46.42
C SER T 222 -43.20 61.84 45.65
N ASP T 223 -42.74 61.40 44.48
CA ASP T 223 -43.16 60.13 43.95
C ASP T 223 -42.53 59.02 44.81
N SER T 224 -42.98 57.80 44.58
CA SER T 224 -42.74 56.66 45.52
C SER T 224 -43.37 57.07 46.85
N ASN T 225 -42.74 56.74 47.98
CA ASN T 225 -43.31 56.99 49.31
C ASN T 225 -42.27 57.65 50.21
N PHE T 226 -41.67 58.73 49.72
CA PHE T 226 -40.59 59.45 50.41
C PHE T 226 -39.36 58.58 50.58
N GLN T 227 -39.14 57.65 49.66
CA GLN T 227 -37.82 57.05 49.51
C GLN T 227 -36.85 58.03 48.88
N ASP T 228 -37.32 58.82 47.92
CA ASP T 228 -36.60 59.97 47.41
C ASP T 228 -37.56 61.14 47.32
N TYR T 229 -37.05 62.34 47.59
CA TYR T 229 -37.89 63.52 47.67
C TYR T 229 -37.27 64.61 46.81
N VAL T 230 -37.97 65.73 46.70
CA VAL T 230 -37.45 66.91 46.01
C VAL T 230 -38.15 68.13 46.61
N LEU T 231 -37.52 69.29 46.49
CA LEU T 231 -38.06 70.53 47.02
C LEU T 231 -38.37 71.45 45.84
N LEU T 232 -39.65 71.69 45.58
CA LEU T 232 -40.07 72.48 44.44
C LEU T 232 -40.57 73.84 44.89
N GLU T 233 -40.07 74.89 44.26
CA GLU T 233 -40.63 76.22 44.39
C GLU T 233 -41.72 76.37 43.34
N LEU T 234 -42.96 76.54 43.79
CA LEU T 234 -44.11 76.46 42.90
C LEU T 234 -44.14 77.62 41.91
N SER T 235 -45.10 77.57 41.00
CA SER T 235 -45.20 78.54 39.92
C SER T 235 -46.51 79.33 39.97
N ILE T 236 -47.02 79.59 41.17
CA ILE T 236 -48.20 80.44 41.31
C ILE T 236 -47.82 81.87 40.98
N ASP T 237 -48.76 82.61 40.39
CA ASP T 237 -48.52 84.01 40.06
C ASP T 237 -48.38 84.89 41.30
N SER T 238 -48.81 84.40 42.47
CA SER T 238 -48.78 85.15 43.73
C SER T 238 -49.53 86.47 43.62
N CYS T 239 -50.64 86.48 42.89
CA CYS T 239 -51.44 87.67 42.73
C CYS T 239 -52.31 87.91 43.96
N TRP T 240 -52.75 89.16 44.12
CA TRP T 240 -53.58 89.55 45.25
C TRP T 240 -54.90 90.11 44.72
N VAL T 241 -56.00 89.62 45.28
CA VAL T 241 -57.33 90.10 44.92
C VAL T 241 -58.09 90.46 46.20
N GLY T 242 -57.35 90.60 47.29
CA GLY T 242 -57.99 90.87 48.57
C GLY T 242 -58.46 92.31 48.68
N SER T 243 -59.70 92.45 49.12
CA SER T 243 -60.31 93.76 49.36
C SER T 243 -61.32 93.61 50.49
N PHE T 244 -62.25 94.57 50.61
CA PHE T 244 -63.16 94.62 51.75
C PHE T 244 -64.20 93.50 51.75
N TYR T 245 -64.29 92.70 50.67
CA TYR T 245 -65.34 91.69 50.59
C TYR T 245 -65.11 90.54 51.56
N CYS T 246 -63.89 90.36 52.05
CA CYS T 246 -63.62 89.52 53.21
C CYS T 246 -62.48 90.13 54.01
N PRO T 247 -62.39 89.82 55.31
CA PRO T 247 -61.37 90.48 56.16
C PRO T 247 -59.95 90.23 55.68
N ILE T 248 -59.12 91.26 55.85
CA ILE T 248 -57.73 91.24 55.37
C ILE T 248 -56.84 90.69 56.46
N LEU T 249 -56.01 89.70 56.12
CA LEU T 249 -55.05 89.12 57.03
C LEU T 249 -53.63 89.33 56.49
N GLY T 250 -52.65 89.01 57.33
CA GLY T 250 -51.26 89.17 56.96
C GLY T 250 -50.81 88.25 55.85
N PHE T 251 -50.19 88.83 54.81
CA PHE T 251 -49.71 88.04 53.68
C PHE T 251 -48.57 87.14 54.11
N SER T 252 -48.58 85.91 53.59
CA SER T 252 -47.54 84.93 53.90
C SER T 252 -47.38 84.04 52.69
N ALA T 253 -46.15 83.76 52.30
CA ALA T 253 -45.92 83.02 51.08
C ALA T 253 -46.01 81.51 51.24
N THR T 254 -46.42 81.01 52.41
CA THR T 254 -46.41 79.57 52.64
C THR T 254 -47.53 78.89 51.87
N ILE T 255 -47.41 77.58 51.73
CA ILE T 255 -48.43 76.75 51.12
C ILE T 255 -49.13 75.96 52.23
N HIS T 256 -50.44 76.12 52.34
CA HIS T 256 -51.21 75.54 53.42
C HIS T 256 -52.14 74.46 52.89
N ASP T 257 -52.29 73.39 53.68
CA ASP T 257 -53.27 72.34 53.44
C ASP T 257 -53.10 71.71 52.06
N ALA T 258 -51.96 71.06 51.86
CA ALA T 258 -51.70 70.41 50.59
C ALA T 258 -52.33 69.03 50.57
N ILE T 259 -53.21 68.79 49.60
CA ILE T 259 -53.91 67.52 49.42
C ILE T 259 -53.55 66.99 48.05
N ALA T 260 -53.28 65.69 47.96
CA ALA T 260 -52.92 65.07 46.68
C ALA T 260 -53.85 63.91 46.41
N THR T 261 -54.99 64.17 45.78
CA THR T 261 -55.87 63.11 45.34
C THR T 261 -55.32 62.50 44.05
N GLU T 262 -55.83 61.31 43.73
CA GLU T 262 -55.37 60.59 42.55
C GLU T 262 -55.61 61.43 41.29
N SER T 263 -54.52 61.79 40.62
CA SER T 263 -54.39 62.60 39.41
C SER T 263 -54.56 64.09 39.63
N THR T 264 -54.91 64.55 40.83
CA THR T 264 -55.17 65.98 41.00
C THR T 264 -54.74 66.40 42.40
N LEU T 265 -53.95 67.45 42.50
CA LEU T 265 -53.51 67.92 43.80
C LEU T 265 -53.92 69.37 44.02
N PHE T 266 -54.45 69.64 45.20
CA PHE T 266 -55.00 70.92 45.62
C PHE T 266 -54.10 71.54 46.67
N ILE T 267 -53.89 72.85 46.57
CA ILE T 267 -53.15 73.59 47.57
C ILE T 267 -53.91 74.88 47.91
N ARG T 268 -53.58 75.44 49.06
CA ARG T 268 -54.17 76.69 49.52
C ARG T 268 -53.07 77.64 49.98
N GLN T 269 -53.22 78.92 49.62
CA GLN T 269 -52.24 79.93 50.01
C GLN T 269 -52.96 81.26 50.13
N ASN T 270 -53.17 81.73 51.37
CA ASN T 270 -53.79 83.03 51.65
C ASN T 270 -55.17 83.15 51.03
N GLN T 271 -56.11 82.37 51.58
CA GLN T 271 -57.52 82.28 51.16
C GLN T 271 -57.69 82.21 49.65
N LEU T 272 -56.79 81.50 48.98
CA LEU T 272 -56.90 81.16 47.58
C LEU T 272 -56.65 79.67 47.44
N VAL T 273 -57.41 79.01 46.57
CA VAL T 273 -57.28 77.58 46.36
C VAL T 273 -56.87 77.34 44.91
N TYR T 274 -55.84 76.54 44.72
CA TYR T 274 -55.31 76.19 43.41
C TYR T 274 -55.33 74.68 43.25
N TYR T 275 -55.48 74.21 42.01
CA TYR T 275 -55.37 72.79 41.74
C TYR T 275 -54.59 72.57 40.46
N PHE T 276 -53.91 71.42 40.41
CA PHE T 276 -53.19 70.98 39.23
C PHE T 276 -53.56 69.53 38.97
N THR T 277 -53.99 69.25 37.73
CA THR T 277 -54.39 67.90 37.32
C THR T 277 -53.34 67.35 36.37
N GLY T 278 -52.62 66.33 36.83
CA GLY T 278 -51.59 65.73 36.00
C GLY T 278 -52.18 64.92 34.87
N THR T 279 -51.32 64.63 33.89
CA THR T 279 -51.71 63.87 32.72
C THR T 279 -51.35 62.41 32.92
N TYR T 280 -52.37 61.55 33.01
CA TYR T 280 -52.18 60.11 33.12
C TYR T 280 -52.89 59.44 31.95
N ILE T 281 -52.15 58.63 31.20
CA ILE T 281 -52.68 57.98 30.01
C ILE T 281 -53.40 56.67 30.33
N THR T 282 -52.88 55.90 31.28
CA THR T 282 -53.52 54.67 31.71
C THR T 282 -54.75 54.90 32.59
N LEU T 283 -55.18 56.14 32.78
CA LEU T 283 -56.36 56.43 33.57
C LEU T 283 -57.44 57.16 32.79
N PHE T 284 -57.09 58.23 32.09
CA PHE T 284 -58.08 59.04 31.38
C PHE T 284 -57.41 59.67 30.16
N ASP T 285 -58.07 60.69 29.61
CA ASP T 285 -57.62 61.27 28.35
C ASP T 285 -56.45 62.21 28.55
N LYS T 286 -55.84 62.60 27.43
CA LYS T 286 -54.71 63.53 27.48
C LYS T 286 -55.17 64.97 27.68
N SER T 287 -56.31 65.35 27.10
CA SER T 287 -56.79 66.72 27.17
C SER T 287 -57.24 67.12 28.57
N HIS T 288 -57.41 66.16 29.48
CA HIS T 288 -57.85 66.45 30.83
C HIS T 288 -56.71 66.95 31.72
N GLY T 289 -55.47 66.83 31.28
CA GLY T 289 -54.36 67.31 32.08
C GLY T 289 -54.31 68.82 32.13
N SER T 290 -53.58 69.33 33.12
CA SER T 290 -53.49 70.76 33.36
C SER T 290 -52.11 71.28 32.94
N SER T 291 -52.11 72.43 32.25
CA SER T 291 -50.88 73.07 31.82
C SER T 291 -50.34 74.06 32.84
N ARG T 292 -51.17 74.53 33.77
CA ARG T 292 -50.75 75.44 34.82
C ARG T 292 -51.72 75.28 35.99
N TRP T 293 -51.45 75.99 37.08
CA TRP T 293 -52.30 75.93 38.25
C TRP T 293 -53.58 76.70 38.00
N VAL T 294 -54.71 76.05 38.22
CA VAL T 294 -56.01 76.67 38.01
C VAL T 294 -56.58 77.06 39.36
N ARG T 295 -56.99 78.32 39.49
CA ARG T 295 -57.50 78.85 40.74
C ARG T 295 -59.01 78.62 40.81
N VAL T 296 -59.46 77.89 41.83
CA VAL T 296 -60.87 77.63 42.01
C VAL T 296 -61.43 78.58 43.07
N LEU T 297 -62.74 78.77 43.01
CA LEU T 297 -63.52 79.59 43.94
C LEU T 297 -62.99 81.02 43.98
N PRO T 298 -63.16 81.80 42.91
CA PRO T 298 -62.55 83.13 42.86
C PRO T 298 -63.32 84.17 43.66
N SER T 299 -64.61 83.94 43.85
CA SER T 299 -65.47 84.90 44.53
C SER T 299 -65.65 84.60 46.01
N GLU T 300 -65.02 83.55 46.52
CA GLU T 300 -65.12 83.17 47.93
C GLU T 300 -63.75 83.31 48.58
N CYS T 301 -63.77 83.44 49.91
CA CYS T 301 -62.56 83.48 50.71
C CYS T 301 -62.51 82.26 51.61
N ILE T 302 -61.72 81.27 51.23
CA ILE T 302 -61.66 79.97 51.89
C ILE T 302 -60.79 80.09 53.13
N LYS T 303 -61.33 79.68 54.27
CA LYS T 303 -60.57 79.70 55.51
C LYS T 303 -59.88 78.37 55.80
N ARG T 304 -60.38 77.25 55.26
CA ARG T 304 -59.75 75.97 55.54
C ARG T 304 -60.06 74.98 54.43
N LEU T 305 -59.17 74.02 54.27
CA LEU T 305 -59.33 72.91 53.34
C LEU T 305 -59.29 71.61 54.13
N CYS T 306 -60.24 70.73 53.86
CA CYS T 306 -60.37 69.48 54.59
C CYS T 306 -60.40 68.29 53.64
N PRO T 307 -59.76 67.19 54.02
CA PRO T 307 -59.66 66.04 53.12
C PRO T 307 -60.77 65.02 53.36
N VAL T 308 -61.05 64.27 52.31
CA VAL T 308 -61.92 63.10 52.36
C VAL T 308 -61.05 61.90 51.99
N TYR T 309 -60.84 61.01 52.97
CA TYR T 309 -59.85 59.96 52.80
C TYR T 309 -60.34 58.86 51.86
N ALA T 310 -61.62 58.53 51.92
CA ALA T 310 -62.18 57.48 51.09
C ALA T 310 -62.73 58.07 49.80
N SER T 311 -63.31 57.20 48.97
CA SER T 311 -63.89 57.61 47.71
C SER T 311 -65.19 56.85 47.50
N GLY T 312 -66.14 57.49 46.81
CA GLY T 312 -67.43 56.89 46.56
C GLY T 312 -67.92 57.21 45.17
N ASN T 313 -68.65 56.25 44.60
CA ASN T 313 -69.21 56.34 43.24
C ASN T 313 -68.14 56.60 42.20
N GLY T 314 -66.93 56.09 42.43
CA GLY T 314 -65.83 56.29 41.52
C GLY T 314 -65.39 57.74 41.36
N SER T 315 -65.34 58.49 42.45
CA SER T 315 -64.94 59.89 42.40
C SER T 315 -64.30 60.26 43.72
N GLU T 316 -63.57 61.36 43.71
CA GLU T 316 -62.94 61.88 44.91
C GLU T 316 -63.59 63.18 45.34
N TYR T 317 -63.38 63.55 46.61
CA TYR T 317 -64.01 64.71 47.20
C TYR T 317 -63.01 65.52 47.98
N VAL T 318 -63.28 66.82 48.10
CA VAL T 318 -62.51 67.74 48.91
C VAL T 318 -63.47 68.76 49.51
N LEU T 319 -63.12 69.29 50.67
CA LEU T 319 -64.03 70.20 51.37
C LEU T 319 -63.34 71.54 51.60
N ALA T 320 -64.09 72.61 51.41
CA ALA T 320 -63.61 73.95 51.68
C ALA T 320 -64.55 74.62 52.67
N LEU T 321 -64.01 75.04 53.81
CA LEU T 321 -64.76 75.77 54.82
C LEU T 321 -64.42 77.25 54.67
N THR T 322 -65.47 78.08 54.57
CA THR T 322 -65.34 79.47 54.15
C THR T 322 -65.44 80.42 55.32
N THR T 323 -65.10 81.67 55.05
CA THR T 323 -65.15 82.74 56.04
C THR T 323 -65.46 84.04 55.31
N GLY T 324 -65.81 85.06 56.09
CA GLY T 324 -66.18 86.34 55.52
C GLY T 324 -67.62 86.37 55.08
N LYS T 325 -67.93 85.73 53.94
CA LYS T 325 -69.30 85.54 53.51
C LYS T 325 -69.61 84.05 53.51
N ASN T 326 -70.91 83.75 53.48
CA ASN T 326 -71.42 82.38 53.49
C ASN T 326 -70.87 81.61 54.70
N GLU T 327 -71.11 82.19 55.87
CA GLU T 327 -70.56 81.62 57.11
C GLU T 327 -71.14 80.25 57.39
N GLY T 328 -72.43 80.05 57.13
CA GLY T 328 -73.02 78.75 57.37
C GLY T 328 -72.82 77.73 56.27
N TYR T 329 -72.23 78.12 55.15
CA TYR T 329 -72.10 77.25 53.99
C TYR T 329 -70.67 76.74 53.85
N ILE T 330 -70.54 75.58 53.22
CA ILE T 330 -69.25 75.04 52.84
C ILE T 330 -69.34 74.55 51.40
N HIS T 331 -68.17 74.38 50.77
CA HIS T 331 -68.10 73.97 49.38
C HIS T 331 -67.55 72.55 49.29
N ILE T 332 -68.23 71.69 48.53
CA ILE T 332 -67.79 70.33 48.29
C ILE T 332 -67.33 70.24 46.84
N GLY T 333 -66.08 69.86 46.64
CA GLY T 333 -65.51 69.70 45.31
C GLY T 333 -65.40 68.23 44.97
N THR T 334 -65.89 67.89 43.79
CA THR T 334 -65.88 66.51 43.32
C THR T 334 -64.97 66.39 42.11
N ILE T 335 -64.19 65.31 42.09
CA ILE T 335 -63.21 65.03 41.05
C ILE T 335 -63.60 63.72 40.39
N THR T 336 -64.01 63.78 39.13
CA THR T 336 -64.39 62.61 38.34
C THR T 336 -63.59 62.63 37.05
N ASP T 337 -62.78 61.58 36.85
CA ASP T 337 -62.02 61.36 35.60
C ASP T 337 -61.15 62.56 35.25
N GLY T 338 -60.60 63.23 36.26
CA GLY T 338 -59.76 64.37 36.03
C GLY T 338 -60.48 65.69 35.81
N LEU T 339 -61.78 65.76 36.09
CA LEU T 339 -62.53 66.99 36.00
C LEU T 339 -63.09 67.33 37.38
N VAL T 340 -62.91 68.59 37.80
CA VAL T 340 -63.30 69.03 39.13
C VAL T 340 -64.49 69.96 39.02
N SER T 341 -65.32 69.96 40.06
CA SER T 341 -66.49 70.82 40.10
C SER T 341 -66.88 71.09 41.55
N PHE T 342 -67.17 72.34 41.87
CA PHE T 342 -67.47 72.75 43.24
C PHE T 342 -68.93 73.12 43.40
N GLU T 343 -69.54 72.61 44.48
CA GLU T 343 -70.95 72.81 44.75
C GLU T 343 -71.15 73.27 46.19
N MET T 344 -72.00 74.28 46.37
CA MET T 344 -72.29 74.88 47.67
C MET T 344 -73.43 74.09 48.32
N VAL T 345 -73.08 73.30 49.32
CA VAL T 345 -73.91 72.18 49.74
C VAL T 345 -75.17 72.53 50.53
N PRO T 346 -75.26 73.59 51.40
CA PRO T 346 -76.50 73.73 52.18
C PRO T 346 -77.59 74.48 51.42
N ASP T 347 -77.44 74.59 50.10
CA ASP T 347 -78.46 75.14 49.21
C ASP T 347 -78.72 76.62 49.50
N GLY T 348 -79.97 77.05 49.34
CA GLY T 348 -80.30 78.45 49.56
C GLY T 348 -80.18 78.88 51.02
N TRP T 349 -80.63 78.03 51.94
CA TRP T 349 -80.65 78.37 53.36
C TRP T 349 -79.33 78.08 54.05
N SER T 350 -78.96 78.92 54.99
CA SER T 350 -77.72 78.74 55.73
C SER T 350 -77.94 77.88 56.96
N VAL T 351 -76.89 77.12 57.31
CA VAL T 351 -76.96 76.15 58.41
C VAL T 351 -77.26 76.80 59.75
N CYS T 352 -76.84 78.05 59.95
CA CYS T 352 -77.10 78.76 61.19
C CYS T 352 -78.59 78.97 61.45
N GLU T 353 -79.42 78.96 60.40
CA GLU T 353 -80.84 79.27 60.56
C GLU T 353 -81.60 78.16 61.25
N LYS T 354 -81.09 76.93 61.21
CA LYS T 354 -81.71 75.81 61.92
C LYS T 354 -80.92 75.45 63.17
N LEU T 355 -80.42 76.46 63.89
CA LEU T 355 -79.51 76.28 65.00
C LEU T 355 -79.63 77.47 65.93
N PRO T 356 -79.66 77.28 67.25
CA PRO T 356 -79.74 78.43 68.17
C PRO T 356 -78.48 79.27 68.10
N GLY T 357 -78.65 80.56 68.38
CA GLY T 357 -77.60 81.55 68.27
C GLY T 357 -77.88 82.53 67.14
N LYS T 358 -77.08 83.60 67.10
CA LYS T 358 -77.30 84.61 66.09
C LYS T 358 -76.66 84.19 64.77
N ASN T 359 -75.35 83.99 64.76
CA ASN T 359 -74.76 83.41 63.56
C ASN T 359 -73.99 82.18 64.02
N CYS T 360 -73.56 81.38 63.06
CA CYS T 360 -72.81 80.17 63.35
C CYS T 360 -71.56 80.12 62.50
N SER T 361 -70.60 79.31 62.92
CA SER T 361 -69.34 79.16 62.19
C SER T 361 -68.95 77.69 62.13
N ILE T 362 -68.67 77.20 60.94
CA ILE T 362 -68.21 75.83 60.74
C ILE T 362 -66.72 75.77 61.03
N ASP T 363 -66.30 74.82 61.85
CA ASP T 363 -64.91 74.69 62.26
C ASP T 363 -64.22 73.49 61.64
N TRP T 364 -64.95 72.41 61.38
CA TRP T 364 -64.39 71.20 60.82
C TRP T 364 -65.52 70.44 60.15
N ALA T 365 -65.15 69.61 59.18
CA ALA T 365 -66.15 68.83 58.45
C ALA T 365 -65.51 67.61 57.83
N THR T 366 -66.21 66.49 57.91
CA THR T 366 -65.83 65.26 57.20
C THR T 366 -67.02 64.79 56.39
N TYR T 367 -66.76 64.40 55.15
CA TYR T 367 -67.79 63.93 54.23
C TYR T 367 -67.72 62.41 54.15
N ILE T 368 -68.82 61.75 54.42
CA ILE T 368 -68.93 60.30 54.27
C ILE T 368 -69.54 60.04 52.90
N ALA T 369 -68.71 59.57 51.96
CA ALA T 369 -69.19 59.29 50.61
C ALA T 369 -70.23 58.18 50.62
N ASP T 370 -69.99 57.12 51.37
CA ASP T 370 -71.06 56.19 51.70
C ASP T 370 -72.08 56.89 52.59
N GLU T 371 -73.36 56.58 52.37
CA GLU T 371 -74.53 57.13 53.05
C GLU T 371 -74.79 58.59 52.73
N ARG T 372 -73.91 59.25 51.98
CA ARG T 372 -74.08 60.65 51.56
C ARG T 372 -74.29 61.58 52.76
N ASN T 373 -73.57 61.33 53.84
CA ASN T 373 -73.67 62.09 55.07
C ASN T 373 -72.54 63.10 55.17
N LEU T 374 -72.74 64.10 56.03
CA LEU T 374 -71.74 65.15 56.24
C LEU T 374 -71.82 65.58 57.70
N LEU T 375 -70.84 65.18 58.51
CA LEU T 375 -70.79 65.55 59.91
C LEU T 375 -69.92 66.77 60.08
N LEU T 376 -70.42 67.77 60.80
CA LEU T 376 -69.73 69.05 60.86
C LEU T 376 -69.84 69.67 62.24
N LEU T 377 -68.72 70.23 62.71
CA LEU T 377 -68.62 70.90 63.99
C LEU T 377 -68.94 72.38 63.81
N VAL T 378 -69.84 72.89 64.64
CA VAL T 378 -70.32 74.26 64.51
C VAL T 378 -70.16 74.96 65.85
N LYS T 379 -69.57 76.14 65.83
CA LYS T 379 -69.50 77.02 66.98
C LYS T 379 -70.54 78.12 66.86
N ILE T 380 -71.14 78.48 67.99
CA ILE T 380 -72.15 79.53 68.02
C ILE T 380 -71.61 80.73 68.78
N ASP T 381 -72.42 81.78 68.88
CA ASP T 381 -71.97 83.05 69.44
C ASP T 381 -71.50 82.92 70.89
N SER T 382 -72.22 82.14 71.71
CA SER T 382 -71.84 81.98 73.10
C SER T 382 -70.49 81.27 73.23
N GLY T 383 -70.27 80.25 72.42
CA GLY T 383 -69.01 79.52 72.46
C GLY T 383 -69.24 78.03 72.49
N GLN T 384 -70.48 77.61 72.71
CA GLN T 384 -70.81 76.20 72.78
C GLN T 384 -70.69 75.57 71.40
N PHE T 385 -70.24 74.32 71.38
CA PHE T 385 -70.01 73.58 70.16
C PHE T 385 -71.07 72.51 69.96
N TYR T 386 -71.57 72.40 68.73
CA TYR T 386 -72.51 71.37 68.35
C TYR T 386 -71.91 70.50 67.26
N LEU T 387 -72.22 69.22 67.29
CA LEU T 387 -71.90 68.29 66.21
C LEU T 387 -73.20 68.00 65.47
N VAL T 388 -73.28 68.45 64.22
CA VAL T 388 -74.51 68.34 63.45
C VAL T 388 -74.25 67.51 62.21
N ASN T 389 -75.34 67.08 61.59
CA ASN T 389 -75.31 66.17 60.45
C ASN T 389 -76.15 66.75 59.32
N PHE T 390 -75.67 66.59 58.10
CA PHE T 390 -76.38 67.04 56.91
C PHE T 390 -76.41 65.90 55.92
N ASN T 391 -77.60 65.63 55.38
CA ASN T 391 -77.74 64.63 54.31
C ASN T 391 -77.80 65.34 52.97
N THR T 392 -76.96 64.88 52.04
CA THR T 392 -76.79 65.57 50.77
C THR T 392 -77.75 65.08 49.70
N GLU T 393 -78.12 63.79 49.74
CA GLU T 393 -79.13 63.29 48.82
C GLU T 393 -80.48 63.91 49.14
N PHE T 394 -80.86 63.93 50.41
CA PHE T 394 -81.94 64.76 50.89
C PHE T 394 -81.40 66.17 51.12
N LYS T 395 -82.17 67.01 51.80
CA LYS T 395 -81.74 68.35 52.17
C LYS T 395 -82.07 68.66 53.62
N THR T 396 -81.77 67.73 54.52
CA THR T 396 -82.17 67.86 55.91
C THR T 396 -80.96 67.88 56.84
N LEU T 397 -81.14 68.58 57.96
CA LEU T 397 -80.08 68.75 58.95
C LEU T 397 -80.63 68.33 60.31
N ASN T 398 -79.87 67.53 61.05
CA ASN T 398 -80.30 67.11 62.38
C ASN T 398 -79.13 67.20 63.35
N ILE T 399 -79.43 67.65 64.57
CA ILE T 399 -78.40 67.77 65.59
C ILE T 399 -78.02 66.39 66.09
N LEU T 400 -76.71 66.15 66.24
CA LEU T 400 -76.22 64.87 66.70
C LEU T 400 -75.73 64.91 68.14
N TYR T 401 -74.99 65.96 68.52
CA TYR T 401 -74.50 66.04 69.89
C TYR T 401 -74.22 67.50 70.25
N LYS T 402 -74.26 67.77 71.55
CA LYS T 402 -73.89 69.06 72.11
C LYS T 402 -72.66 68.85 72.97
N ILE T 403 -71.52 69.34 72.51
CA ILE T 403 -70.27 69.09 73.24
C ILE T 403 -70.29 69.87 74.55
N PRO T 404 -70.02 69.25 75.69
CA PRO T 404 -70.08 69.97 76.96
C PRO T 404 -69.01 71.05 77.06
N GLU T 405 -69.32 72.09 77.85
CA GLU T 405 -68.41 73.21 77.99
C GLU T 405 -67.17 72.84 78.79
N PHE T 406 -67.33 71.99 79.81
CA PHE T 406 -66.24 71.59 80.68
C PHE T 406 -66.01 70.10 80.55
N ILE T 407 -64.76 69.67 80.67
CA ILE T 407 -64.50 68.23 80.57
C ILE T 407 -64.98 67.58 81.86
N PRO T 408 -65.38 66.30 81.83
CA PRO T 408 -65.81 65.65 83.07
C PRO T 408 -64.64 65.29 83.96
N GLU T 409 -64.95 64.64 85.07
CA GLU T 409 -63.94 64.16 86.00
C GLU T 409 -63.95 62.64 86.05
N ALA T 410 -62.76 62.05 86.11
CA ALA T 410 -62.62 60.61 86.23
C ALA T 410 -61.39 60.33 87.09
N LYS T 411 -61.61 60.04 88.38
CA LYS T 411 -60.50 59.91 89.31
C LYS T 411 -59.69 58.66 89.04
N GLU T 412 -60.36 57.53 88.82
CA GLU T 412 -59.66 56.27 88.56
C GLU T 412 -60.23 55.52 87.36
N LEU T 413 -61.16 56.10 86.62
CA LEU T 413 -61.81 55.43 85.51
C LEU T 413 -61.11 55.77 84.19
N ASP T 414 -61.08 54.79 83.28
CA ASP T 414 -60.45 54.97 81.99
C ASP T 414 -61.44 55.35 80.90
N PHE T 415 -62.65 54.79 80.95
CA PHE T 415 -63.70 55.08 79.99
C PHE T 415 -64.92 55.59 80.74
N LEU T 416 -65.56 56.61 80.19
CA LEU T 416 -66.73 57.20 80.84
C LEU T 416 -67.84 57.38 79.82
N VAL T 417 -68.89 56.57 79.93
CA VAL T 417 -70.03 56.65 79.02
C VAL T 417 -70.78 57.94 79.33
N LEU T 418 -70.70 58.91 78.43
CA LEU T 418 -71.16 60.26 78.75
C LEU T 418 -72.67 60.33 78.78
N LEU T 419 -73.23 60.16 79.98
CA LEU T 419 -74.66 60.23 80.22
C LEU T 419 -75.04 61.69 80.46
N ASP T 420 -76.24 61.91 80.97
CA ASP T 420 -76.71 63.25 81.30
C ASP T 420 -76.49 63.62 82.77
N THR T 421 -76.02 62.68 83.60
CA THR T 421 -75.78 62.92 85.02
C THR T 421 -74.32 62.62 85.32
N VAL T 422 -73.47 63.64 85.23
CA VAL T 422 -72.05 63.53 85.53
C VAL T 422 -71.61 64.77 86.29
N THR T 423 -70.34 64.78 86.66
CA THR T 423 -69.73 65.89 87.39
C THR T 423 -68.62 66.50 86.54
N TYR T 424 -68.62 67.81 86.42
CA TYR T 424 -67.64 68.52 85.59
C TYR T 424 -66.53 69.12 86.43
N THR T 425 -65.39 69.35 85.78
CA THR T 425 -64.28 70.08 86.35
C THR T 425 -64.42 71.56 85.98
N ASN T 426 -63.36 72.33 86.21
CA ASN T 426 -63.39 73.75 85.90
C ASN T 426 -62.62 74.12 84.64
N THR T 427 -61.78 73.23 84.12
CA THR T 427 -61.04 73.54 82.91
C THR T 427 -61.95 73.48 81.69
N PRO T 428 -61.83 74.44 80.78
CA PRO T 428 -62.72 74.45 79.60
C PRO T 428 -62.33 73.38 78.60
N MET T 429 -63.29 73.07 77.73
CA MET T 429 -63.13 72.04 76.70
C MET T 429 -63.04 72.70 75.34
N THR T 430 -61.98 72.37 74.59
CA THR T 430 -61.71 72.97 73.29
C THR T 430 -61.68 71.91 72.22
N PRO T 431 -62.78 71.71 71.48
CA PRO T 431 -62.77 70.71 70.40
C PRO T 431 -62.12 71.27 69.15
N LYS T 432 -61.23 70.48 68.56
CA LYS T 432 -60.44 70.91 67.41
C LYS T 432 -60.79 70.16 66.13
N GLY T 433 -61.18 68.89 66.21
CA GLY T 433 -61.48 68.18 64.97
C GLY T 433 -62.20 66.88 65.24
N LEU T 434 -62.55 66.22 64.15
CA LEU T 434 -63.27 64.95 64.21
C LEU T 434 -62.83 64.06 63.06
N PHE T 435 -62.96 62.76 63.26
CA PHE T 435 -62.50 61.74 62.33
C PHE T 435 -63.48 60.60 62.30
N PHE T 436 -63.86 60.16 61.11
CA PHE T 436 -64.79 59.04 60.93
C PHE T 436 -64.10 57.89 60.23
N ASN T 437 -64.25 56.69 60.80
CA ASN T 437 -63.74 55.46 60.21
C ASN T 437 -64.93 54.65 59.71
N THR T 438 -64.98 54.44 58.39
CA THR T 438 -66.13 53.81 57.75
C THR T 438 -66.03 52.29 57.64
N LEU T 439 -64.89 51.71 58.01
CA LEU T 439 -64.79 50.26 58.02
C LEU T 439 -65.46 49.66 59.25
N ASN T 440 -65.42 50.38 60.38
CA ASN T 440 -66.04 49.90 61.61
C ASN T 440 -67.05 50.87 62.19
N ASN T 441 -67.35 51.97 61.47
CA ASN T 441 -68.34 52.96 61.89
C ASN T 441 -67.96 53.61 63.22
N MET T 442 -66.75 54.17 63.28
CA MET T 442 -66.24 54.79 64.50
C MET T 442 -66.18 56.29 64.33
N LEU T 443 -66.56 57.02 65.38
CA LEU T 443 -66.45 58.48 65.38
C LEU T 443 -65.51 58.90 66.49
N TYR T 444 -64.58 59.80 66.18
CA TYR T 444 -63.64 60.34 67.16
C TYR T 444 -63.70 61.85 67.11
N ILE T 445 -63.82 62.48 68.27
CA ILE T 445 -63.71 63.93 68.40
C ILE T 445 -62.48 64.21 69.27
N TRP T 446 -61.57 65.04 68.76
CA TRP T 446 -60.34 65.32 69.46
C TRP T 446 -60.10 66.81 69.58
N GLY T 447 -59.20 67.14 70.49
CA GLY T 447 -59.01 68.47 71.04
C GLY T 447 -58.26 68.35 72.34
N ASN T 448 -58.82 68.90 73.41
CA ASN T 448 -58.28 68.74 74.75
C ASN T 448 -58.61 67.38 75.38
N PHE T 449 -59.02 66.40 74.58
CA PHE T 449 -59.68 65.19 75.07
C PHE T 449 -59.67 64.18 73.93
N ILE T 450 -60.28 63.02 74.18
CA ILE T 450 -60.66 62.09 73.11
C ILE T 450 -62.04 61.54 73.42
N LEU T 451 -62.97 61.72 72.47
CA LEU T 451 -64.32 61.19 72.56
C LEU T 451 -64.51 60.15 71.46
N GLN T 452 -64.95 58.95 71.85
CA GLN T 452 -65.15 57.84 70.94
C GLN T 452 -66.63 57.46 70.95
N SER T 453 -67.21 57.29 69.76
CA SER T 453 -68.61 56.94 69.65
C SER T 453 -68.78 55.78 68.67
N TYR T 454 -69.51 54.76 69.10
CA TYR T 454 -69.82 53.60 68.26
C TYR T 454 -70.99 53.91 67.32
N ASN T 455 -72.13 54.23 67.88
CA ASN T 455 -73.21 54.85 67.13
C ASN T 455 -73.01 56.35 67.20
N ARG T 456 -74.02 57.14 66.83
CA ARG T 456 -73.93 58.59 66.93
C ARG T 456 -74.85 59.15 68.01
N GLU T 457 -75.32 58.29 68.90
CA GLU T 457 -76.23 58.71 69.96
C GLU T 457 -75.59 58.74 71.33
N GLU T 458 -74.63 57.87 71.59
CA GLU T 458 -73.92 57.84 72.86
C GLU T 458 -72.42 58.00 72.62
N PHE T 459 -71.76 58.71 73.52
CA PHE T 459 -70.33 58.94 73.42
C PHE T 459 -69.63 58.35 74.63
N ILE T 460 -68.31 58.20 74.52
CA ILE T 460 -67.45 57.69 75.58
C ILE T 460 -66.23 58.58 75.68
N PHE T 461 -65.89 58.98 76.90
CA PHE T 461 -64.71 59.78 77.20
C PHE T 461 -63.56 58.83 77.47
N LEU T 462 -62.44 59.01 76.76
CA LEU T 462 -61.24 58.23 77.02
C LEU T 462 -60.33 59.04 77.94
N ALA T 463 -60.33 58.70 79.23
CA ALA T 463 -59.77 59.56 80.26
C ALA T 463 -58.26 59.43 80.44
N ASP T 464 -57.60 58.53 79.70
CA ASP T 464 -56.15 58.39 79.86
C ASP T 464 -55.38 59.53 79.22
N PHE T 465 -55.99 60.26 78.30
CA PHE T 465 -55.33 61.39 77.69
C PHE T 465 -55.34 62.59 78.65
N PRO T 466 -54.20 63.25 78.87
CA PRO T 466 -54.18 64.35 79.84
C PRO T 466 -54.90 65.58 79.33
N LYS T 467 -55.33 66.41 80.27
CA LYS T 467 -56.19 67.55 79.97
C LYS T 467 -55.42 68.82 79.65
N GLU T 468 -54.10 68.83 79.82
CA GLU T 468 -53.28 69.99 79.51
C GLU T 468 -52.64 69.90 78.14
N SER T 469 -52.88 68.82 77.40
CA SER T 469 -52.33 68.62 76.07
C SER T 469 -53.45 68.70 75.04
N THR T 470 -53.19 69.42 73.95
CA THR T 470 -54.14 69.54 72.85
C THR T 470 -53.60 68.81 71.64
N ILE T 471 -54.46 68.02 71.00
CA ILE T 471 -54.05 67.19 69.88
C ILE T 471 -53.95 68.06 68.63
N LYS T 472 -52.75 68.14 68.06
CA LYS T 472 -52.58 68.92 66.83
C LYS T 472 -53.20 68.19 65.64
N TYR T 473 -52.93 66.88 65.51
CA TYR T 473 -53.62 66.09 64.50
C TYR T 473 -53.51 64.62 64.88
N MET T 474 -54.16 63.77 64.07
CA MET T 474 -54.11 62.34 64.29
C MET T 474 -54.13 61.64 62.96
N VAL T 475 -53.49 60.47 62.90
CA VAL T 475 -53.46 59.65 61.70
C VAL T 475 -53.95 58.25 62.07
N ASN T 476 -54.48 57.55 61.07
CA ASN T 476 -55.06 56.23 61.26
C ASN T 476 -54.51 55.29 60.21
N SER T 477 -54.34 54.02 60.59
CA SER T 477 -53.84 53.00 59.68
C SER T 477 -54.94 52.28 58.95
N PHE T 478 -56.20 52.50 59.34
CA PHE T 478 -57.37 51.78 58.82
C PHE T 478 -57.23 50.27 59.00
N LYS T 479 -56.53 49.88 60.05
CA LYS T 479 -56.39 48.47 60.43
C LYS T 479 -56.54 48.27 61.93
N GLY T 480 -56.85 49.32 62.68
CA GLY T 480 -57.07 49.21 64.12
C GLY T 480 -56.10 49.98 64.98
N GLN T 481 -55.18 50.75 64.39
CA GLN T 481 -54.20 51.52 65.15
C GLN T 481 -54.32 52.99 64.79
N MET T 482 -53.98 53.85 65.75
CA MET T 482 -54.13 55.28 65.55
C MET T 482 -52.99 56.00 66.29
N ALA T 483 -52.51 57.08 65.69
CA ALA T 483 -51.44 57.89 66.26
C ALA T 483 -51.95 59.30 66.50
N VAL T 484 -51.61 59.86 67.65
CA VAL T 484 -52.04 61.18 68.08
C VAL T 484 -50.80 62.04 68.24
N VAL T 485 -50.77 63.20 67.59
CA VAL T 485 -49.63 64.10 67.67
C VAL T 485 -50.13 65.41 68.26
N THR T 486 -49.52 65.81 69.38
CA THR T 486 -49.87 67.00 70.12
C THR T 486 -49.04 68.18 69.63
N GLU T 487 -49.19 69.33 70.28
CA GLU T 487 -48.51 70.55 69.84
C GLU T 487 -47.13 70.73 70.44
N ASN T 488 -46.72 69.89 71.37
CA ASN T 488 -45.34 69.84 71.83
C ASN T 488 -44.57 68.69 71.20
N GLU T 489 -45.11 68.12 70.11
CA GLU T 489 -44.52 67.01 69.38
C GLU T 489 -44.34 65.79 70.29
N GLU T 490 -45.42 65.38 70.94
CA GLU T 490 -45.48 64.12 71.67
C GLU T 490 -46.46 63.19 70.96
N ILE T 491 -46.07 61.93 70.81
CA ILE T 491 -46.81 60.96 70.03
C ILE T 491 -47.46 59.96 70.98
N TRP T 492 -48.76 59.80 70.85
CA TRP T 492 -49.55 58.84 71.60
C TRP T 492 -50.10 57.79 70.66
N TYR T 493 -50.37 56.61 71.18
CA TYR T 493 -50.82 55.47 70.38
C TYR T 493 -52.11 54.94 70.96
N PHE T 494 -53.08 54.67 70.09
CA PHE T 494 -54.37 54.13 70.48
C PHE T 494 -54.67 52.89 69.65
N LEU T 495 -55.20 51.86 70.31
CA LEU T 495 -55.64 50.64 69.64
C LEU T 495 -57.14 50.50 69.78
N GLU T 496 -57.80 50.09 68.69
CA GLU T 496 -59.26 50.06 68.66
C GLU T 496 -59.85 48.91 69.45
N GLY T 497 -59.05 47.90 69.79
CA GLY T 497 -59.56 46.81 70.59
C GLY T 497 -59.77 47.13 72.05
N GLY T 498 -59.24 48.25 72.53
CA GLY T 498 -59.38 48.61 73.92
C GLY T 498 -59.72 50.07 74.13
N TYR T 499 -59.30 50.61 75.27
CA TYR T 499 -59.72 51.96 75.68
C TYR T 499 -58.57 52.75 76.27
N ASP T 500 -57.35 52.26 76.21
CA ASP T 500 -56.19 52.92 76.78
C ASP T 500 -55.41 53.65 75.69
N VAL T 501 -54.76 54.74 76.07
CA VAL T 501 -53.89 55.50 75.20
C VAL T 501 -52.50 55.51 75.80
N TYR T 502 -51.50 55.15 75.00
CA TYR T 502 -50.14 55.00 75.48
C TYR T 502 -49.24 56.07 74.89
N GLN T 503 -48.62 56.88 75.73
CA GLN T 503 -47.57 57.78 75.27
C GLN T 503 -46.32 56.96 75.00
N VAL T 504 -45.75 57.11 73.80
CA VAL T 504 -44.67 56.24 73.35
C VAL T 504 -43.37 57.00 73.14
N VAL T 505 -43.41 58.21 72.60
CA VAL T 505 -42.17 58.86 72.20
C VAL T 505 -41.43 59.42 73.41
N PRO T 506 -41.99 60.25 74.29
CA PRO T 506 -41.29 60.48 75.55
C PRO T 506 -41.57 59.36 76.52
N SER T 507 -40.63 58.43 76.68
CA SER T 507 -40.86 57.23 77.48
C SER T 507 -39.54 56.53 77.69
N GLN T 508 -39.56 55.51 78.56
CA GLN T 508 -38.38 54.70 78.78
C GLN T 508 -38.06 53.82 77.58
N GLY T 509 -39.10 53.29 76.93
CA GLY T 509 -38.86 52.42 75.79
C GLY T 509 -38.21 53.13 74.62
N TRP T 510 -38.65 54.37 74.35
CA TRP T 510 -38.02 55.12 73.27
C TRP T 510 -36.59 55.52 73.63
N GLU T 511 -36.35 55.82 74.91
CA GLU T 511 -34.99 56.12 75.34
C GLU T 511 -34.07 54.91 75.16
N THR T 512 -34.54 53.74 75.56
CA THR T 512 -33.74 52.52 75.39
C THR T 512 -33.51 52.21 73.92
N TYR T 513 -34.55 52.32 73.09
CA TYR T 513 -34.42 52.08 71.66
C TYR T 513 -33.46 53.06 71.01
N HIS T 514 -33.57 54.34 71.36
CA HIS T 514 -32.72 55.37 70.79
C HIS T 514 -31.26 55.16 71.18
N ASN T 515 -31.02 54.83 72.45
CA ASN T 515 -29.66 54.60 72.91
C ASN T 515 -29.07 53.33 72.32
N LEU T 516 -29.92 52.33 72.03
CA LEU T 516 -29.43 51.13 71.38
C LEU T 516 -29.11 51.39 69.91
N GLN T 517 -29.92 52.22 69.24
CA GLN T 517 -29.64 52.55 67.84
C GLN T 517 -28.38 53.39 67.71
N LYS T 518 -28.16 54.31 68.64
CA LYS T 518 -27.00 55.19 68.53
C LYS T 518 -25.70 54.46 68.81
N MET T 519 -25.74 53.38 69.59
CA MET T 519 -24.56 52.59 69.87
C MET T 519 -24.36 51.46 68.87
N GLN T 520 -25.30 51.26 67.94
CA GLN T 520 -25.12 50.36 66.82
C GLN T 520 -24.67 51.09 65.56
N LYS T 521 -24.25 52.34 65.69
CA LYS T 521 -23.73 53.17 64.59
C LYS T 521 -24.73 53.26 63.43
N SER T 522 -25.99 53.50 63.77
CA SER T 522 -27.01 53.67 62.74
C SER T 522 -26.86 55.03 62.07
N SER T 523 -27.32 55.10 60.83
CA SER T 523 -27.26 56.32 60.03
C SER T 523 -28.58 57.04 59.95
N PHE T 524 -29.59 56.58 60.69
CA PHE T 524 -30.89 57.23 60.72
C PHE T 524 -31.13 58.02 62.00
N HIS T 525 -30.34 57.79 63.04
CA HIS T 525 -30.55 58.41 64.33
C HIS T 525 -29.42 59.39 64.60
N SER T 526 -29.76 60.51 65.22
CA SER T 526 -28.77 61.52 65.61
C SER T 526 -29.24 62.17 66.90
N GLU T 527 -28.31 62.88 67.54
CA GLU T 527 -28.63 63.50 68.83
C GLU T 527 -29.52 64.71 68.67
N ASP T 528 -29.57 65.29 67.48
CA ASP T 528 -30.40 66.46 67.19
C ASP T 528 -31.28 66.15 65.99
N GLU T 529 -32.59 66.11 66.21
CA GLU T 529 -33.54 65.76 65.15
C GLU T 529 -34.84 66.51 65.38
N SER T 530 -35.49 66.87 64.27
CA SER T 530 -36.76 67.59 64.31
C SER T 530 -37.77 66.85 63.45
N LEU T 531 -38.87 66.42 64.06
CA LEU T 531 -39.87 65.63 63.36
C LEU T 531 -40.66 66.52 62.40
N VAL T 532 -40.67 66.15 61.13
CA VAL T 532 -41.38 66.89 60.09
C VAL T 532 -42.79 66.37 59.91
N SER T 533 -42.95 65.05 59.78
CA SER T 533 -44.28 64.48 59.64
C SER T 533 -44.21 63.00 59.97
N LEU T 534 -45.39 62.36 59.97
CA LEU T 534 -45.44 60.92 60.13
C LEU T 534 -46.69 60.40 59.43
N PHE T 535 -46.60 59.17 58.94
CA PHE T 535 -47.69 58.55 58.19
C PHE T 535 -47.64 57.04 58.39
N PHE T 536 -48.60 56.35 57.78
CA PHE T 536 -48.75 54.91 57.87
C PHE T 536 -48.55 54.30 56.50
N GLU T 537 -47.94 53.12 56.46
CA GLU T 537 -47.68 52.43 55.20
C GLU T 537 -47.79 50.94 55.48
N ASP T 538 -48.87 50.33 54.98
CA ASP T 538 -49.16 48.90 55.16
C ASP T 538 -49.18 48.51 56.62
N GLY T 539 -49.69 49.40 57.47
CA GLY T 539 -49.76 49.14 58.89
C GLY T 539 -48.50 49.42 59.67
N LYS T 540 -47.45 49.91 59.01
CA LYS T 540 -46.21 50.27 59.68
C LYS T 540 -46.12 51.78 59.79
N LEU T 541 -45.78 52.27 60.98
CA LEU T 541 -45.79 53.70 61.27
C LEU T 541 -44.43 54.29 60.92
N PHE T 542 -44.36 55.05 59.84
CA PHE T 542 -43.14 55.74 59.44
C PHE T 542 -43.23 57.19 59.85
N GLN T 543 -42.07 57.80 60.06
CA GLN T 543 -41.99 59.24 60.31
C GLN T 543 -40.86 59.81 59.47
N LEU T 544 -41.11 60.93 58.81
CA LEU T 544 -40.07 61.63 58.09
C LEU T 544 -39.57 62.76 58.97
N VAL T 545 -38.25 62.76 59.20
CA VAL T 545 -37.56 63.54 60.21
C VAL T 545 -36.34 64.17 59.56
N TYR T 546 -35.81 65.20 60.20
CA TYR T 546 -34.60 65.88 59.75
C TYR T 546 -33.51 65.71 60.78
N LEU T 547 -32.37 65.18 60.35
CA LEU T 547 -31.20 65.01 61.20
C LEU T 547 -30.31 66.23 61.05
N PHE T 548 -30.07 66.92 62.17
CA PHE T 548 -29.35 68.17 62.23
C PHE T 548 -27.86 67.98 62.52
N ASP T 549 -27.40 66.74 62.63
CA ASP T 549 -26.02 66.46 62.99
C ASP T 549 -25.07 66.97 61.90
N VAL T 550 -23.90 67.46 62.33
CA VAL T 550 -22.93 68.00 61.40
C VAL T 550 -22.38 66.90 60.53
N GLY T 551 -22.38 67.12 59.22
CA GLY T 551 -21.93 66.16 58.25
C GLY T 551 -23.03 65.26 57.70
N LYS T 552 -24.15 65.15 58.40
CA LYS T 552 -25.28 64.35 57.95
C LYS T 552 -26.59 65.11 58.19
N GLU T 553 -26.60 66.39 57.82
CA GLU T 553 -27.82 67.18 57.85
C GLU T 553 -28.71 66.73 56.70
N ARG T 554 -29.72 65.91 56.98
CA ARG T 554 -30.51 65.39 55.87
C ARG T 554 -31.89 64.98 56.34
N LEU T 555 -32.80 64.87 55.37
CA LEU T 555 -34.17 64.43 55.62
C LEU T 555 -34.28 62.94 55.32
N VAL T 556 -34.71 62.16 56.32
CA VAL T 556 -34.87 60.72 56.15
C VAL T 556 -36.24 60.28 56.65
N LYS T 557 -36.74 59.19 56.08
CA LYS T 557 -37.92 58.52 56.61
C LYS T 557 -37.45 57.30 57.41
N ARG T 558 -38.14 57.03 58.51
CA ARG T 558 -37.61 56.17 59.55
C ARG T 558 -38.74 55.43 60.22
N LEU T 559 -38.52 54.16 60.51
CA LEU T 559 -39.52 53.36 61.20
C LEU T 559 -39.67 53.80 62.65
N LEU T 560 -40.87 53.62 63.18
CA LEU T 560 -41.17 53.87 64.58
C LEU T 560 -41.76 52.58 65.11
N PRO T 561 -40.93 51.63 65.55
CA PRO T 561 -41.46 50.33 65.95
C PRO T 561 -42.11 50.37 67.32
N VAL T 562 -43.45 50.37 67.34
CA VAL T 562 -44.16 50.59 68.58
C VAL T 562 -44.11 49.36 69.49
N GLY T 563 -44.15 48.16 68.90
CA GLY T 563 -44.09 46.95 69.70
C GLY T 563 -42.80 46.84 70.51
N THR T 564 -41.68 47.21 69.91
CA THR T 564 -40.42 47.22 70.64
C THR T 564 -40.42 48.28 71.75
N LEU T 565 -41.10 49.40 71.53
CA LEU T 565 -41.20 50.41 72.57
C LEU T 565 -42.03 49.92 73.75
N MET T 566 -43.14 49.22 73.50
CA MET T 566 -43.89 48.64 74.62
C MET T 566 -43.16 47.47 75.26
N GLU T 567 -42.30 46.78 74.52
CA GLU T 567 -41.50 45.75 75.14
C GLU T 567 -40.39 46.33 76.01
N TYR T 568 -39.85 47.48 75.64
CA TYR T 568 -38.73 48.06 76.38
C TYR T 568 -39.16 48.96 77.53
N ASN T 569 -40.45 49.20 77.71
CA ASN T 569 -40.92 50.03 78.81
C ASN T 569 -40.70 49.26 80.11
N LEU T 570 -39.63 49.61 80.82
CA LEU T 570 -39.10 48.82 81.91
C LEU T 570 -39.85 48.87 83.24
N PRO T 571 -40.39 50.02 83.71
CA PRO T 571 -41.07 49.98 85.01
C PRO T 571 -42.35 49.16 84.94
N LYS T 572 -42.27 47.95 85.47
CA LYS T 572 -43.30 46.93 85.41
C LYS T 572 -43.36 46.26 86.78
N PRO T 573 -44.49 45.63 87.12
CA PRO T 573 -44.56 44.88 88.38
C PRO T 573 -43.57 43.73 88.41
N PHE T 574 -43.01 43.47 89.59
CA PHE T 574 -42.08 42.37 89.77
C PHE T 574 -42.14 41.91 91.22
N THR T 575 -41.56 40.75 91.47
CA THR T 575 -41.46 40.18 92.80
C THR T 575 -40.06 39.64 93.03
N VAL T 576 -39.62 39.72 94.28
CA VAL T 576 -38.31 39.19 94.67
C VAL T 576 -38.54 37.73 95.08
N VAL T 577 -38.52 36.85 94.09
CA VAL T 577 -38.80 35.45 94.34
C VAL T 577 -37.56 34.75 94.86
N ASN T 578 -37.76 33.55 95.40
CA ASN T 578 -36.70 32.77 96.02
C ASN T 578 -36.48 31.52 95.18
N GLN T 579 -35.28 31.41 94.61
CA GLN T 579 -34.89 30.25 93.81
C GLN T 579 -33.44 29.89 94.11
N GLY T 580 -33.18 28.59 94.24
CA GLY T 580 -31.85 28.08 94.48
C GLY T 580 -31.18 28.64 95.71
N ASN T 581 -31.92 28.66 96.83
CA ASN T 581 -31.61 29.39 98.07
C ASN T 581 -30.95 30.74 97.80
N TYR T 582 -31.49 31.49 96.85
CA TYR T 582 -31.10 32.87 96.61
C TYR T 582 -32.36 33.62 96.19
N GLN T 583 -32.23 34.92 95.95
CA GLN T 583 -33.38 35.71 95.52
C GLN T 583 -33.12 36.28 94.13
N ALA T 584 -34.22 36.54 93.41
CA ALA T 584 -34.14 37.04 92.05
C ALA T 584 -35.33 37.94 91.76
N ILE T 585 -35.12 38.89 90.85
CA ILE T 585 -36.16 39.80 90.40
C ILE T 585 -36.89 39.11 89.27
N SER T 586 -38.10 38.62 89.54
CA SER T 586 -38.92 37.97 88.52
C SER T 586 -40.10 38.88 88.22
N PHE T 587 -40.25 39.27 86.96
CA PHE T 587 -41.31 40.18 86.56
C PHE T 587 -42.60 39.41 86.36
N THR T 588 -43.69 39.97 86.87
CA THR T 588 -44.98 39.27 86.82
C THR T 588 -45.54 39.30 85.40
N HIS T 589 -46.23 38.22 85.04
CA HIS T 589 -46.86 38.13 83.72
C HIS T 589 -48.02 39.11 83.62
N THR T 590 -48.14 39.75 82.47
CA THR T 590 -49.25 40.65 82.19
C THR T 590 -50.20 40.12 81.13
N CYS T 591 -49.73 39.24 80.26
CA CYS T 591 -50.58 38.68 79.22
C CYS T 591 -51.38 37.51 79.78
N PRO T 592 -52.70 37.48 79.56
CA PRO T 592 -53.51 36.35 80.03
C PRO T 592 -53.18 35.01 79.38
N PHE T 593 -52.52 35.01 78.22
CA PHE T 593 -52.21 33.78 77.50
C PHE T 593 -50.73 33.73 77.18
N LYS T 594 -50.21 32.51 77.03
CA LYS T 594 -48.78 32.34 76.75
C LYS T 594 -48.50 32.49 75.26
N GLU T 595 -49.37 31.96 74.40
CA GLU T 595 -49.10 31.97 72.97
C GLU T 595 -50.41 31.85 72.20
N ILE T 596 -50.47 32.50 71.04
CA ILE T 596 -51.65 32.46 70.18
C ILE T 596 -51.25 32.00 68.79
N HIS T 597 -51.96 30.99 68.27
CA HIS T 597 -51.78 30.50 66.91
C HIS T 597 -53.04 30.78 66.12
N LEU T 598 -52.88 31.24 64.89
CA LEU T 598 -54.00 31.48 63.98
C LEU T 598 -53.93 30.41 62.89
N ILE T 599 -54.59 29.28 63.13
CA ILE T 599 -54.53 28.12 62.25
C ILE T 599 -55.90 27.91 61.59
N ASP T 600 -55.92 26.97 60.65
CA ASP T 600 -57.08 26.67 59.80
C ASP T 600 -57.56 27.92 59.07
N VAL T 601 -56.63 28.54 58.35
CA VAL T 601 -56.84 29.83 57.71
C VAL T 601 -57.09 29.63 56.22
N PRO T 602 -58.01 30.39 55.61
CA PRO T 602 -58.19 30.29 54.16
C PRO T 602 -56.97 30.82 53.40
N LYS T 603 -56.88 30.39 52.14
CA LYS T 603 -55.77 30.81 51.29
C LYS T 603 -55.85 32.30 50.98
N LYS T 604 -54.69 32.95 50.96
CA LYS T 604 -54.63 34.40 50.79
C LYS T 604 -55.14 34.84 49.42
N HIS T 605 -54.65 34.20 48.36
CA HIS T 605 -54.97 34.64 47.01
C HIS T 605 -56.42 34.36 46.67
N HIS T 606 -56.95 33.22 47.12
CA HIS T 606 -58.34 32.89 46.84
C HIS T 606 -59.30 33.79 47.61
N ALA T 607 -58.96 34.13 48.85
CA ALA T 607 -59.82 35.01 49.63
C ALA T 607 -59.79 36.43 49.09
N SER T 608 -58.60 36.97 48.82
CA SER T 608 -58.50 38.33 48.32
C SER T 608 -58.79 38.45 46.84
N ARG T 609 -58.98 37.33 46.14
CA ARG T 609 -59.39 37.29 44.74
C ARG T 609 -58.39 38.01 43.84
N THR T 610 -57.17 37.48 43.80
CA THR T 610 -56.12 38.01 42.95
C THR T 610 -55.61 36.94 42.00
N GLU T 611 -55.36 37.36 40.76
CA GLU T 611 -54.72 36.51 39.77
C GLU T 611 -53.23 36.78 39.77
N SER T 612 -52.44 35.74 39.52
CA SER T 612 -51.00 35.81 39.65
C SER T 612 -50.31 35.14 38.47
N TYR T 613 -49.31 35.82 37.93
CA TYR T 613 -48.55 35.35 36.78
C TYR T 613 -47.09 35.17 37.17
N VAL T 614 -46.44 34.23 36.50
CA VAL T 614 -45.03 33.91 36.73
C VAL T 614 -44.28 34.13 35.42
N ALA T 615 -43.16 34.85 35.50
CA ALA T 615 -42.30 35.12 34.35
C ALA T 615 -40.84 35.10 34.81
N LEU T 616 -40.12 34.02 34.50
CA LEU T 616 -38.71 33.87 34.82
C LEU T 616 -37.85 34.27 33.62
N PRO T 617 -36.61 34.73 33.84
CA PRO T 617 -35.79 35.18 32.71
C PRO T 617 -35.33 34.00 31.86
N PRO T 618 -35.06 34.23 30.58
CA PRO T 618 -34.53 33.16 29.74
C PRO T 618 -33.09 32.83 30.11
N LEU T 619 -32.77 31.54 30.04
CA LEU T 619 -31.45 31.07 30.42
C LEU T 619 -30.41 31.50 29.39
N VAL T 620 -29.16 31.51 29.82
CA VAL T 620 -28.05 31.87 28.95
C VAL T 620 -27.01 30.75 29.02
N SER T 621 -26.33 30.54 27.90
CA SER T 621 -25.27 29.55 27.78
C SER T 621 -23.89 30.15 28.00
N GLU T 622 -23.82 31.41 28.41
CA GLU T 622 -22.53 32.02 28.72
C GLU T 622 -21.89 31.32 29.91
N SER T 623 -20.57 31.15 29.83
CA SER T 623 -19.85 30.37 30.84
C SER T 623 -19.95 31.00 32.23
N LEU T 624 -19.82 32.31 32.31
CA LEU T 624 -19.88 32.99 33.60
C LEU T 624 -21.31 33.06 34.13
N GLY T 625 -22.27 33.34 33.26
CA GLY T 625 -23.67 33.31 33.65
C GLY T 625 -24.37 34.64 33.51
N PHE T 626 -23.71 35.60 32.88
CA PHE T 626 -24.23 36.95 32.81
C PHE T 626 -25.18 37.10 31.63
N HIS T 627 -25.94 38.18 31.66
CA HIS T 627 -26.81 38.56 30.57
C HIS T 627 -26.17 39.69 29.78
N ASN T 628 -26.91 40.23 28.83
CA ASN T 628 -26.46 41.41 28.10
C ASN T 628 -27.68 42.20 27.69
N ASN T 629 -27.49 43.09 26.70
CA ASN T 629 -28.57 43.93 26.21
C ASN T 629 -29.70 43.10 25.62
N ASN T 630 -29.35 42.16 24.75
CA ASN T 630 -30.36 41.45 23.96
C ASN T 630 -31.16 40.46 24.79
N THR T 631 -30.53 39.80 25.74
CA THR T 631 -31.24 38.86 26.58
C THR T 631 -32.27 39.56 27.46
N LEU T 632 -31.91 40.71 28.02
CA LEU T 632 -32.86 41.49 28.78
C LEU T 632 -33.98 42.02 27.90
N ALA T 633 -33.65 42.37 26.64
CA ALA T 633 -34.69 42.79 25.71
C ALA T 633 -35.68 41.68 25.43
N VAL T 634 -35.19 40.45 25.28
CA VAL T 634 -36.09 39.30 25.08
C VAL T 634 -36.98 39.09 26.29
N TYR T 635 -36.41 39.25 27.49
CA TYR T 635 -37.20 39.15 28.72
C TYR T 635 -38.33 40.18 28.73
N GLN T 636 -38.00 41.42 28.35
CA GLN T 636 -39.01 42.47 28.32
C GLN T 636 -40.12 42.16 27.32
N GLY T 637 -39.75 41.68 26.13
CA GLY T 637 -40.76 41.34 25.14
C GLY T 637 -41.69 40.23 25.58
N LEU T 638 -41.14 39.19 26.22
CA LEU T 638 -41.98 38.09 26.67
C LEU T 638 -42.93 38.52 27.79
N VAL T 639 -42.46 39.37 28.71
CA VAL T 639 -43.35 39.86 29.77
C VAL T 639 -44.45 40.74 29.19
N TYR T 640 -44.11 41.58 28.20
CA TYR T 640 -45.13 42.38 27.55
C TYR T 640 -46.19 41.52 26.88
N TYR T 641 -45.76 40.48 26.17
CA TYR T 641 -46.73 39.62 25.51
C TYR T 641 -47.60 38.87 26.50
N LEU T 642 -47.03 38.48 27.64
CA LEU T 642 -47.84 37.83 28.67
C LEU T 642 -48.93 38.76 29.20
N LEU T 643 -48.58 40.01 29.49
CA LEU T 643 -49.58 40.95 29.99
C LEU T 643 -50.62 41.30 28.92
N TRP T 644 -50.19 41.41 27.66
CA TRP T 644 -51.13 41.64 26.56
C TRP T 644 -52.10 40.47 26.41
N LEU T 645 -51.62 39.25 26.57
CA LEU T 645 -52.50 38.09 26.55
C LEU T 645 -53.48 38.12 27.71
N HIS T 646 -53.05 38.55 28.89
CA HIS T 646 -53.97 38.70 30.02
C HIS T 646 -55.06 39.71 29.73
N SER T 647 -54.68 40.86 29.16
CA SER T 647 -55.65 41.91 28.88
C SER T 647 -56.50 41.63 27.66
N LYS T 648 -56.11 40.69 26.80
CA LYS T 648 -56.89 40.35 25.62
C LYS T 648 -57.76 39.12 25.82
N TYR T 649 -57.75 38.54 27.01
CA TYR T 649 -58.60 37.39 27.33
C TYR T 649 -60.04 37.79 27.66
N ASP T 650 -60.44 39.01 27.33
CA ASP T 650 -61.81 39.45 27.54
C ASP T 650 -62.75 39.07 26.41
N LYS T 651 -62.33 38.15 25.54
CA LYS T 651 -63.13 37.64 24.44
C LYS T 651 -64.37 36.94 24.99
N PRO T 652 -65.55 37.22 24.46
CA PRO T 652 -66.79 36.61 24.99
C PRO T 652 -67.09 35.21 24.47
N TYR T 653 -66.14 34.54 23.84
CA TYR T 653 -66.34 33.19 23.33
C TYR T 653 -65.41 32.27 24.12
N ALA T 654 -65.96 31.19 24.67
CA ALA T 654 -65.19 30.36 25.59
C ALA T 654 -64.22 29.45 24.85
N ASP T 655 -62.98 29.47 25.29
CA ASP T 655 -61.94 28.56 24.83
C ASP T 655 -62.07 27.22 25.53
N PRO T 656 -61.61 26.14 24.91
CA PRO T 656 -61.67 24.82 25.56
C PRO T 656 -60.90 24.74 26.87
N VAL T 657 -59.81 25.51 27.01
CA VAL T 657 -58.93 25.43 28.16
C VAL T 657 -58.74 26.85 28.69
N HIS T 658 -58.54 26.97 30.01
CA HIS T 658 -58.18 28.24 30.63
C HIS T 658 -56.72 28.55 30.33
N ASP T 659 -56.17 29.54 31.07
CA ASP T 659 -54.77 29.94 30.97
C ASP T 659 -54.47 30.42 29.56
N PRO T 660 -54.83 31.67 29.23
CA PRO T 660 -54.74 32.15 27.83
C PRO T 660 -53.42 31.89 27.12
N THR T 661 -52.33 31.68 27.88
CA THR T 661 -51.07 31.30 27.29
C THR T 661 -51.12 29.94 26.61
N TRP T 662 -52.18 29.17 26.85
CA TRP T 662 -52.39 27.94 26.08
C TRP T 662 -52.49 28.24 24.60
N ARG T 663 -53.08 29.39 24.24
CA ARG T 663 -53.09 29.79 22.84
C ARG T 663 -51.69 30.13 22.34
N TRP T 664 -50.82 30.57 23.24
CA TRP T 664 -49.43 30.87 22.93
C TRP T 664 -48.66 29.59 22.63
N TRP T 665 -48.56 28.71 23.63
CA TRP T 665 -47.70 27.53 23.58
C TRP T 665 -48.47 26.27 23.19
N GLN T 666 -49.12 26.25 22.02
CA GLN T 666 -49.86 25.06 21.60
C GLN T 666 -49.27 24.42 20.35
N HIS T 667 -48.99 25.21 19.32
CA HIS T 667 -48.43 24.72 18.08
C HIS T 667 -46.92 24.56 18.16
N LYS T 668 -46.30 24.92 19.28
CA LYS T 668 -44.87 24.89 19.44
C LYS T 668 -44.38 23.86 20.45
N THR T 669 -45.27 23.34 21.30
CA THR T 669 -44.90 22.40 22.36
C THR T 669 -44.79 20.97 21.87
N LYS T 670 -45.08 20.72 20.60
CA LYS T 670 -44.92 19.39 20.04
C LYS T 670 -43.47 18.99 19.86
N ASP T 671 -42.53 19.94 19.94
CA ASP T 671 -41.12 19.68 19.69
C ASP T 671 -40.25 20.41 20.70
N LYS T 672 -40.63 20.38 21.97
CA LYS T 672 -39.85 21.08 22.98
C LYS T 672 -38.50 20.40 23.20
N ASP T 673 -38.48 19.06 23.17
CA ASP T 673 -37.24 18.32 23.44
C ASP T 673 -36.15 18.70 22.44
N TYR T 674 -36.51 18.80 21.16
CA TYR T 674 -35.59 19.23 20.13
C TYR T 674 -34.95 20.56 20.49
N PHE T 675 -35.76 21.51 20.96
CA PHE T 675 -35.22 22.81 21.35
C PHE T 675 -34.17 22.67 22.43
N PHE T 676 -34.43 21.81 23.41
CA PHE T 676 -33.44 21.60 24.47
C PHE T 676 -32.17 21.01 23.90
N TYR T 677 -32.28 20.08 22.95
CA TYR T 677 -31.09 19.52 22.33
C TYR T 677 -30.27 20.60 21.66
N LEU T 678 -30.92 21.63 21.12
CA LEU T 678 -30.18 22.69 20.46
C LEU T 678 -29.52 23.63 21.45
N PHE T 679 -29.96 23.66 22.71
CA PHE T 679 -29.42 24.57 23.70
C PHE T 679 -28.40 23.93 24.61
N SER T 680 -28.62 22.68 25.02
CA SER T 680 -27.67 21.99 25.90
C SER T 680 -26.33 21.86 25.22
N ASN T 681 -26.32 21.50 23.95
CA ASN T 681 -25.09 21.31 23.19
C ASN T 681 -24.59 22.60 22.55
N ARG T 682 -25.31 23.70 22.75
CA ARG T 682 -24.96 25.03 22.25
C ARG T 682 -24.86 25.07 20.72
N LEU T 683 -26.02 24.83 20.09
CA LEU T 683 -26.15 24.99 18.64
C LEU T 683 -27.36 25.86 18.27
N ALA T 684 -27.76 26.79 19.14
CA ALA T 684 -29.02 27.50 18.91
C ALA T 684 -28.91 28.97 19.26
N ALA T 685 -29.35 29.81 18.33
CA ALA T 685 -29.76 31.21 18.53
C ALA T 685 -28.60 31.99 19.18
N GLU T 686 -28.90 32.84 20.17
CA GLU T 686 -27.88 33.55 20.93
C GLU T 686 -27.52 32.81 22.22
N GLY T 687 -27.70 31.50 22.25
CA GLY T 687 -27.53 30.76 23.48
C GLY T 687 -28.60 31.10 24.50
N ILE T 688 -29.81 31.34 24.05
CA ILE T 688 -30.95 31.69 24.90
C ILE T 688 -31.94 30.54 24.83
N TYR T 689 -32.34 30.02 25.99
CA TYR T 689 -33.36 28.98 26.06
C TYR T 689 -34.63 29.58 26.62
N ILE T 690 -35.60 29.83 25.76
CA ILE T 690 -36.90 30.36 26.18
C ILE T 690 -37.77 29.19 26.61
N ASN T 691 -37.94 29.02 27.91
CA ASN T 691 -38.80 27.96 28.42
C ASN T 691 -40.26 28.30 28.14
N MET T 692 -41.10 27.26 28.17
CA MET T 692 -42.53 27.42 27.94
C MET T 692 -43.36 27.39 29.20
N ASN T 693 -42.91 26.68 30.24
CA ASN T 693 -43.60 26.65 31.51
C ASN T 693 -43.17 27.76 32.45
N ALA T 694 -42.29 28.66 32.02
CA ALA T 694 -41.80 29.73 32.86
C ALA T 694 -42.62 31.00 32.76
N TYR T 695 -43.47 31.13 31.74
CA TYR T 695 -44.28 32.32 31.51
C TYR T 695 -45.72 31.85 31.50
N GLN T 696 -46.35 31.82 32.68
CA GLN T 696 -47.68 31.25 32.77
C GLN T 696 -48.43 31.88 33.93
N LYS T 697 -49.56 31.27 34.28
CA LYS T 697 -50.48 31.79 35.29
C LYS T 697 -50.65 30.74 36.37
N LEU T 698 -50.52 31.16 37.62
CA LEU T 698 -50.57 30.22 38.74
C LEU T 698 -51.97 30.18 39.33
N TYR T 699 -52.49 28.96 39.48
CA TYR T 699 -53.83 28.73 40.00
C TYR T 699 -53.82 28.13 41.39
N ASN T 700 -52.84 27.29 41.69
CA ASN T 700 -52.64 26.73 43.04
C ASN T 700 -51.15 26.74 43.32
N MET T 701 -50.72 27.51 44.32
CA MET T 701 -49.32 27.62 44.65
C MET T 701 -49.11 27.37 46.13
N SER T 702 -47.88 27.00 46.48
CA SER T 702 -47.45 26.94 47.88
C SER T 702 -46.75 28.23 48.27
N GLY T 703 -47.43 29.35 48.05
CA GLY T 703 -46.83 30.66 48.30
C GLY T 703 -46.87 31.08 49.75
N ASP T 704 -47.03 32.39 49.99
CA ASP T 704 -47.06 32.89 51.35
C ASP T 704 -48.32 32.43 52.07
N TYR T 705 -48.17 32.14 53.35
CA TYR T 705 -49.27 31.65 54.18
C TYR T 705 -49.62 32.70 55.24
N GLY T 706 -50.53 32.34 56.12
CA GLY T 706 -51.03 33.26 57.11
C GLY T 706 -52.40 33.81 56.75
N ILE T 707 -52.83 34.78 57.54
CA ILE T 707 -54.15 35.38 57.35
C ILE T 707 -54.14 36.27 56.11
N PRO T 708 -55.18 36.23 55.28
CA PRO T 708 -55.29 37.22 54.20
C PRO T 708 -55.79 38.55 54.73
N ASP T 709 -55.41 39.61 54.02
CA ASP T 709 -55.75 40.96 54.47
C ASP T 709 -57.20 41.31 54.18
N LEU T 710 -57.77 40.75 53.10
CA LEU T 710 -59.08 41.16 52.63
C LEU T 710 -59.88 39.96 52.21
N PHE T 711 -61.18 39.98 52.53
CA PHE T 711 -62.10 38.90 52.19
C PHE T 711 -63.20 39.39 51.27
N PHE T 712 -63.72 38.47 50.47
CA PHE T 712 -64.82 38.73 49.55
C PHE T 712 -65.90 37.68 49.78
N LEU T 713 -67.14 38.11 49.93
CA LEU T 713 -68.25 37.21 50.16
C LEU T 713 -69.30 37.39 49.08
N ASP T 714 -70.06 36.32 48.82
CA ASP T 714 -71.05 36.33 47.73
C ASP T 714 -72.21 35.41 48.11
N LYS T 715 -73.23 35.99 48.72
CA LYS T 715 -74.58 35.41 48.85
C LYS T 715 -74.54 34.02 49.51
N GLY T 716 -74.18 34.03 50.79
CA GLY T 716 -74.32 32.84 51.61
C GLY T 716 -73.06 32.04 51.83
N ASN T 717 -71.97 32.38 51.16
CA ASN T 717 -70.72 31.69 51.43
C ASN T 717 -70.12 32.19 52.73
N TRP T 718 -69.35 31.31 53.37
CA TRP T 718 -68.86 31.54 54.72
C TRP T 718 -67.37 31.29 54.77
N PHE T 719 -66.77 31.61 55.92
CA PHE T 719 -65.39 31.20 56.17
C PHE T 719 -65.19 31.06 57.67
N THR T 720 -64.09 30.40 58.03
CA THR T 720 -63.75 30.12 59.41
C THR T 720 -62.30 30.48 59.69
N ILE T 721 -62.02 30.76 60.96
CA ILE T 721 -60.67 30.91 61.50
C ILE T 721 -60.60 30.02 62.73
N THR T 722 -59.38 29.63 63.13
CA THR T 722 -59.20 28.86 64.35
C THR T 722 -58.07 29.46 65.16
N VAL T 723 -58.32 29.68 66.43
CA VAL T 723 -57.34 30.23 67.36
C VAL T 723 -56.95 29.13 68.33
N VAL T 724 -55.70 28.69 68.25
CA VAL T 724 -55.14 27.74 69.20
C VAL T 724 -54.41 28.56 70.26
N LEU T 725 -54.99 28.63 71.45
CA LEU T 725 -54.41 29.40 72.56
C LEU T 725 -53.66 28.45 73.48
N LEU T 726 -52.40 28.77 73.75
CA LEU T 726 -51.64 28.12 74.80
C LEU T 726 -51.64 29.06 76.01
N SER T 727 -52.17 28.57 77.13
CA SER T 727 -52.30 29.38 78.33
C SER T 727 -51.07 29.24 79.20
N HIS T 728 -51.14 29.80 80.41
CA HIS T 728 -50.01 29.79 81.33
C HIS T 728 -50.00 28.48 82.11
N GLN T 729 -49.07 28.37 83.07
CA GLN T 729 -48.87 27.11 83.76
C GLN T 729 -50.03 26.78 84.69
N ASP T 730 -50.57 27.77 85.39
CA ASP T 730 -51.57 27.54 86.43
C ASP T 730 -52.69 28.57 86.33
N THR T 731 -53.17 28.83 85.11
CA THR T 731 -54.25 29.81 84.94
C THR T 731 -55.55 29.32 85.55
N PHE T 732 -55.81 28.03 85.47
CA PHE T 732 -57.07 27.45 85.92
C PHE T 732 -56.88 26.73 87.25
N THR T 733 -57.71 27.06 88.23
CA THR T 733 -57.71 26.41 89.53
C THR T 733 -58.97 25.55 89.67
N SER T 734 -59.09 24.87 90.80
CA SER T 734 -60.20 23.96 91.04
C SER T 734 -61.53 24.68 91.28
N SER T 735 -61.52 26.00 91.41
CA SER T 735 -62.76 26.73 91.63
C SER T 735 -63.52 27.02 90.35
N ASP T 736 -62.93 26.74 89.18
CA ASP T 736 -63.62 26.96 87.92
C ASP T 736 -64.48 25.78 87.49
N SER T 737 -64.30 24.62 88.09
CA SER T 737 -65.07 23.42 87.75
C SER T 737 -66.39 23.47 88.51
N GLN T 738 -67.35 24.21 87.95
CA GLN T 738 -68.64 24.39 88.60
C GLN T 738 -69.70 23.40 88.16
N GLY T 739 -69.69 22.97 86.91
CA GLY T 739 -70.70 22.08 86.40
C GLY T 739 -70.20 21.13 85.32
N PRO T 740 -70.97 21.00 84.24
CA PRO T 740 -70.58 20.09 83.16
C PRO T 740 -69.30 20.48 82.44
N THR T 741 -68.95 21.77 82.44
CA THR T 741 -67.73 22.23 81.78
C THR T 741 -67.15 23.38 82.59
N ILE T 742 -65.82 23.45 82.64
CA ILE T 742 -65.18 24.61 83.24
C ILE T 742 -65.45 25.82 82.38
N ASN T 743 -65.71 26.96 83.03
CA ASN T 743 -65.94 28.20 82.31
C ASN T 743 -64.63 28.96 82.19
N VAL T 744 -64.25 29.26 80.95
CA VAL T 744 -63.00 29.95 80.66
C VAL T 744 -63.19 31.44 80.45
N ASP T 745 -64.43 31.92 80.46
CA ASP T 745 -64.70 33.33 80.23
C ASP T 745 -64.22 34.22 81.37
N LYS T 746 -63.99 33.66 82.55
CA LYS T 746 -63.46 34.44 83.65
C LYS T 746 -61.99 34.78 83.47
N LYS T 747 -61.24 33.93 82.76
CA LYS T 747 -59.80 34.07 82.65
C LYS T 747 -59.34 34.31 81.22
N LEU T 748 -59.78 33.50 80.27
CA LEU T 748 -59.29 33.55 78.90
C LEU T 748 -60.50 33.49 77.97
N ALA T 749 -60.95 34.65 77.50
CA ALA T 749 -62.13 34.75 76.67
C ALA T 749 -61.77 35.38 75.33
N ILE T 750 -62.45 34.94 74.28
CA ILE T 750 -62.29 35.52 72.95
C ILE T 750 -63.60 36.17 72.54
N ALA T 751 -63.54 37.46 72.24
CA ALA T 751 -64.72 38.27 71.95
C ALA T 751 -64.66 38.75 70.51
N VAL T 752 -65.84 38.87 69.93
CA VAL T 752 -66.01 39.30 68.55
C VAL T 752 -66.73 40.64 68.55
N THR T 753 -66.73 41.30 67.40
CA THR T 753 -67.47 42.54 67.25
C THR T 753 -67.74 42.76 65.78
N ILE T 754 -69.00 43.03 65.44
CA ILE T 754 -69.46 43.13 64.07
C ILE T 754 -69.88 44.56 63.80
N ALA T 755 -69.47 45.10 62.68
CA ALA T 755 -70.00 46.37 62.20
C ALA T 755 -71.13 46.09 61.22
N ASP T 756 -72.28 46.74 61.43
CA ASP T 756 -73.54 46.41 60.77
C ASP T 756 -73.84 44.93 60.97
N PRO T 757 -74.24 44.50 62.17
CA PRO T 757 -74.42 43.08 62.44
C PRO T 757 -75.65 42.47 61.77
N GLU T 758 -76.41 43.24 60.99
CA GLU T 758 -77.59 42.71 60.31
C GLU T 758 -77.27 42.14 58.94
N CYS T 759 -75.99 42.14 58.52
CA CYS T 759 -75.60 41.48 57.28
C CYS T 759 -74.50 40.45 57.46
N LEU T 760 -74.06 40.19 58.69
CA LEU T 760 -73.05 39.17 58.96
C LEU T 760 -73.40 38.43 60.23
N SER T 761 -73.26 37.11 60.21
CA SER T 761 -73.48 36.30 61.40
C SER T 761 -72.16 35.67 61.83
N VAL T 762 -71.77 35.94 63.08
CA VAL T 762 -70.50 35.49 63.61
C VAL T 762 -70.77 34.58 64.79
N THR T 763 -70.25 33.36 64.75
CA THR T 763 -70.43 32.43 65.84
C THR T 763 -69.10 31.83 66.25
N VAL T 764 -69.01 31.44 67.53
CA VAL T 764 -67.78 30.98 68.15
C VAL T 764 -68.04 29.65 68.83
N THR T 765 -67.21 28.65 68.53
CA THR T 765 -67.26 27.35 69.19
C THR T 765 -65.97 27.11 69.95
N GLN T 766 -66.08 26.51 71.13
CA GLN T 766 -64.99 26.40 72.08
C GLN T 766 -64.62 24.94 72.31
N ASP T 767 -63.34 24.71 72.62
CA ASP T 767 -62.85 23.41 73.04
C ASP T 767 -61.67 23.64 73.97
N VAL T 768 -61.58 22.85 75.03
CA VAL T 768 -60.59 23.07 76.09
C VAL T 768 -59.89 21.76 76.43
N LEU T 769 -58.56 21.80 76.47
CA LEU T 769 -57.73 20.68 76.90
C LEU T 769 -56.83 21.20 78.02
N LEU T 770 -56.92 20.56 79.19
CA LEU T 770 -56.33 21.12 80.40
C LEU T 770 -54.89 20.68 80.60
N ASN T 771 -54.59 19.40 80.33
CA ASN T 771 -53.23 18.91 80.48
C ASN T 771 -52.29 19.50 79.44
N ARG T 772 -52.76 19.68 78.21
CA ARG T 772 -51.93 20.28 77.17
C ARG T 772 -51.85 21.79 77.26
N ASN T 773 -52.70 22.41 78.09
CA ASN T 773 -52.86 23.86 78.12
C ASN T 773 -53.21 24.39 76.73
N ALA T 774 -54.38 23.99 76.22
CA ALA T 774 -54.82 24.42 74.91
C ALA T 774 -56.29 24.81 74.96
N VAL T 775 -56.64 25.87 74.25
CA VAL T 775 -58.03 26.28 74.03
C VAL T 775 -58.19 26.54 72.54
N ILE T 776 -59.04 25.76 71.89
CA ILE T 776 -59.30 25.91 70.46
C ILE T 776 -60.60 26.68 70.28
N ASN T 777 -60.55 27.73 69.47
CA ASN T 777 -61.70 28.57 69.18
C ASN T 777 -61.95 28.60 67.69
N LYS T 778 -63.10 28.12 67.26
CA LYS T 778 -63.46 28.11 65.84
C LYS T 778 -64.47 29.21 65.61
N ILE T 779 -64.12 30.17 64.75
CA ILE T 779 -64.91 31.36 64.50
C ILE T 779 -65.44 31.26 63.08
N LYS T 780 -66.76 31.29 62.93
CA LYS T 780 -67.42 31.10 61.65
C LYS T 780 -68.21 32.36 61.31
N VAL T 781 -67.89 32.94 60.15
CA VAL T 781 -68.55 34.14 59.66
C VAL T 781 -69.33 33.76 58.42
N ILE T 782 -70.63 34.05 58.43
CA ILE T 782 -71.55 33.70 57.35
C ILE T 782 -72.25 34.97 56.89
N ASP T 783 -72.68 34.96 55.63
CA ASP T 783 -73.45 36.06 55.08
C ASP T 783 -74.93 35.87 55.34
N LYS T 784 -75.64 36.98 55.50
CA LYS T 784 -77.06 36.96 55.84
C LYS T 784 -77.94 37.40 54.68
N LYS T 785 -77.39 37.37 53.46
CA LYS T 785 -78.16 37.39 52.22
C LYS T 785 -78.95 38.68 52.00
N ARG T 786 -78.63 39.75 52.73
CA ARG T 786 -79.17 41.07 52.44
C ARG T 786 -78.05 42.05 52.08
N CYS T 787 -78.43 43.32 52.02
CA CYS T 787 -77.53 44.47 52.03
C CYS T 787 -76.68 44.60 50.77
N SER T 788 -77.16 44.09 49.64
CA SER T 788 -76.57 44.39 48.34
C SER T 788 -77.62 44.18 47.26
N GLU T 789 -77.26 44.55 46.04
CA GLU T 789 -78.14 44.43 44.87
C GLU T 789 -77.28 43.89 43.73
N GLN T 790 -77.92 43.27 42.74
CA GLN T 790 -77.19 42.72 41.61
C GLN T 790 -76.57 43.81 40.75
N GLY T 791 -75.25 43.72 40.52
CA GLY T 791 -74.52 44.74 39.80
C GLY T 791 -73.46 44.20 38.88
N MET T 792 -72.34 44.93 38.74
CA MET T 792 -71.27 44.54 37.82
C MET T 792 -69.92 44.64 38.54
N ILE T 793 -69.50 43.54 39.16
CA ILE T 793 -68.17 43.37 39.74
C ILE T 793 -67.93 44.35 40.88
N GLY T 794 -67.74 45.63 40.56
CA GLY T 794 -67.41 46.63 41.55
C GLY T 794 -68.45 47.70 41.81
N ARG T 795 -69.63 47.60 41.21
CA ARG T 795 -70.63 48.63 41.35
C ARG T 795 -71.49 48.49 42.59
N ASN T 796 -71.42 47.35 43.29
CA ASN T 796 -72.33 47.08 44.40
C ASN T 796 -71.57 46.57 45.61
N ILE T 797 -70.35 47.03 45.80
CA ILE T 797 -69.50 46.56 46.90
C ILE T 797 -69.88 47.33 48.17
N LYS T 798 -70.18 46.59 49.23
CA LYS T 798 -70.40 47.17 50.56
C LYS T 798 -69.27 46.71 51.48
N LYS T 799 -68.62 47.68 52.12
CA LYS T 799 -67.43 47.43 52.92
C LYS T 799 -67.78 47.40 54.40
N THR T 800 -67.63 46.23 55.02
CA THR T 800 -67.83 46.05 56.44
C THR T 800 -66.54 45.51 57.03
N SER T 801 -66.59 45.13 58.31
CA SER T 801 -65.41 44.58 58.96
C SER T 801 -65.85 43.79 60.18
N MET T 802 -64.90 43.06 60.75
CA MET T 802 -65.12 42.32 61.98
C MET T 802 -63.85 42.41 62.83
N MET T 803 -64.00 42.67 64.12
CA MET T 803 -62.85 42.76 65.00
C MET T 803 -62.89 41.58 65.98
N LEU T 804 -61.72 41.00 66.23
CA LEU T 804 -61.58 39.76 66.97
C LEU T 804 -60.48 39.95 68.00
N LYS T 805 -60.82 39.86 69.29
CA LYS T 805 -59.85 40.17 70.32
C LYS T 805 -59.97 39.21 71.49
N VAL T 806 -58.83 38.89 72.09
CA VAL T 806 -58.80 38.24 73.39
C VAL T 806 -59.00 39.31 74.45
N LEU T 807 -59.85 39.03 75.43
CA LEU T 807 -60.18 40.03 76.42
C LEU T 807 -58.99 40.30 77.33
N GLY T 808 -58.61 41.58 77.45
CA GLY T 808 -57.45 41.96 78.21
C GLY T 808 -56.14 41.88 77.47
N ALA T 809 -56.14 41.40 76.23
CA ALA T 809 -54.89 41.15 75.52
C ALA T 809 -54.22 42.42 74.99
N PRO T 810 -54.86 43.23 74.12
CA PRO T 810 -54.08 44.17 73.31
C PRO T 810 -53.37 45.23 74.13
N GLY T 811 -52.14 45.53 73.73
CA GLY T 811 -51.28 46.45 74.43
C GLY T 811 -50.36 45.81 75.45
N ASN T 812 -50.73 44.66 76.00
CA ASN T 812 -49.94 44.00 77.02
C ASN T 812 -49.17 42.79 76.52
N CYS T 813 -49.54 42.23 75.36
CA CYS T 813 -48.89 41.05 74.82
C CYS T 813 -48.10 41.42 73.59
N ILE T 814 -46.80 41.14 73.63
CA ILE T 814 -45.89 41.45 72.52
C ILE T 814 -45.13 40.18 72.17
N GLN T 815 -45.28 39.71 70.94
CA GLN T 815 -44.52 38.57 70.48
C GLN T 815 -43.14 39.05 70.06
N ARG T 816 -42.11 38.63 70.79
CA ARG T 816 -40.74 39.05 70.53
C ARG T 816 -40.08 38.03 69.62
N THR T 817 -39.63 38.47 68.45
CA THR T 817 -38.88 37.63 67.54
C THR T 817 -37.52 38.27 67.30
N TYR T 818 -36.76 37.69 66.38
CA TYR T 818 -35.65 38.43 65.80
C TYR T 818 -36.19 39.64 65.07
N LEU T 819 -35.42 40.72 65.08
CA LEU T 819 -35.75 42.00 64.43
C LEU T 819 -37.14 42.50 64.81
N GLY T 820 -37.45 42.47 66.11
CA GLY T 820 -38.53 43.28 66.63
C GLY T 820 -39.53 42.50 67.45
N GLY T 821 -40.63 43.17 67.75
CA GLY T 821 -41.76 42.56 68.43
C GLY T 821 -43.04 43.02 67.78
N ILE T 822 -44.09 42.22 67.94
CA ILE T 822 -45.36 42.44 67.26
C ILE T 822 -46.47 42.49 68.28
N ILE T 823 -47.37 43.47 68.13
CA ILE T 823 -48.57 43.54 68.96
C ILE T 823 -49.51 42.41 68.56
N GLN T 824 -50.07 41.72 69.55
CA GLN T 824 -50.88 40.53 69.32
C GLN T 824 -52.21 40.66 70.05
N GLY T 825 -53.03 39.62 69.91
CA GLY T 825 -54.27 39.51 70.67
C GLY T 825 -55.42 40.35 70.16
N PHE T 826 -55.35 40.83 68.92
CA PHE T 826 -56.34 41.76 68.39
C PHE T 826 -56.21 41.85 66.88
N LYS T 827 -57.31 41.70 66.15
CA LYS T 827 -57.24 41.78 64.70
C LYS T 827 -58.51 42.42 64.13
N VAL T 828 -58.34 43.18 63.06
CA VAL T 828 -59.44 43.76 62.30
C VAL T 828 -59.41 43.17 60.89
N VAL T 829 -60.54 42.64 60.45
CA VAL T 829 -60.64 41.97 59.16
C VAL T 829 -61.68 42.70 58.33
N PRO T 830 -61.31 43.34 57.22
CA PRO T 830 -62.31 43.94 56.33
C PRO T 830 -62.95 42.91 55.43
N ILE T 831 -64.24 43.11 55.14
CA ILE T 831 -65.05 42.18 54.39
C ILE T 831 -65.82 42.96 53.33
N PHE T 832 -65.72 42.52 52.08
CA PHE T 832 -66.32 43.22 50.94
C PHE T 832 -67.46 42.35 50.44
N ILE T 833 -68.70 42.78 50.67
CA ILE T 833 -69.84 42.00 50.23
C ILE T 833 -70.43 42.62 48.97
N GLY T 834 -70.48 41.82 47.90
CA GLY T 834 -70.95 42.22 46.59
C GLY T 834 -70.76 41.04 45.67
N CYS T 835 -70.40 41.27 44.42
CA CYS T 835 -69.94 40.08 43.71
C CYS T 835 -68.45 40.22 43.42
N PRO T 836 -67.68 39.16 43.63
CA PRO T 836 -66.23 39.27 43.59
C PRO T 836 -65.74 39.51 42.16
N PRO T 837 -64.62 40.21 42.01
CA PRO T 837 -64.01 40.33 40.68
C PRO T 837 -63.45 38.99 40.21
N GLY T 838 -63.37 38.84 38.89
CA GLY T 838 -62.84 37.64 38.30
C GLY T 838 -63.84 36.57 37.97
N LYS T 839 -65.11 36.90 37.74
CA LYS T 839 -66.13 35.96 37.34
C LYS T 839 -66.71 36.40 36.00
N ARG T 840 -66.76 35.48 35.03
CA ARG T 840 -67.32 35.77 33.72
C ARG T 840 -68.32 34.71 33.30
N LEU T 841 -69.17 35.08 32.35
CA LEU T 841 -70.03 34.14 31.65
C LEU T 841 -69.56 34.03 30.21
N ALA T 842 -69.59 32.82 29.67
CA ALA T 842 -69.05 32.57 28.34
C ALA T 842 -69.90 31.55 27.60
N PHE T 843 -69.81 31.59 26.27
CA PHE T 843 -70.50 30.64 25.39
C PHE T 843 -69.74 29.33 25.32
N ASP T 844 -70.29 28.27 25.92
CA ASP T 844 -69.74 26.92 25.81
C ASP T 844 -69.77 26.52 24.33
N VAL T 845 -68.64 26.00 23.84
CA VAL T 845 -68.52 25.73 22.42
C VAL T 845 -68.83 24.28 22.11
N SER T 846 -68.09 23.36 22.72
CA SER T 846 -68.17 21.94 22.34
C SER T 846 -69.55 21.37 22.66
N TYR T 847 -70.12 21.76 23.79
CA TYR T 847 -71.45 21.28 24.15
C TYR T 847 -72.50 21.78 23.17
N THR T 848 -72.40 23.06 22.76
CA THR T 848 -73.36 23.60 21.80
C THR T 848 -73.24 22.92 20.44
N ILE T 849 -72.02 22.74 19.95
CA ILE T 849 -71.84 22.08 18.66
C ILE T 849 -72.29 20.63 18.72
N MET T 850 -72.03 19.93 19.83
CA MET T 850 -72.40 18.53 19.90
C MET T 850 -73.90 18.36 20.09
N HIS T 851 -74.55 19.28 20.79
CA HIS T 851 -76.01 19.27 20.84
C HIS T 851 -76.62 19.56 19.47
N SER T 852 -75.99 20.47 18.71
CA SER T 852 -76.47 20.74 17.36
C SER T 852 -76.28 19.52 16.45
N GLU T 853 -75.19 18.78 16.64
CA GLU T 853 -74.94 17.58 15.85
C GLU T 853 -75.69 16.36 16.36
N GLU T 854 -76.29 16.43 17.55
CA GLU T 854 -77.07 15.32 18.06
C GLU T 854 -78.57 15.51 17.97
N ILE T 855 -79.05 16.74 17.85
CA ILE T 855 -80.47 16.98 17.68
C ILE T 855 -80.88 16.93 16.22
N ASN T 856 -80.18 17.66 15.36
CA ASN T 856 -80.45 17.67 13.93
C ASN T 856 -79.61 16.68 13.15
N LYS T 857 -78.61 16.07 13.80
CA LYS T 857 -77.78 14.99 13.24
C LYS T 857 -76.99 15.41 11.99
N HIS T 858 -76.78 16.71 11.80
CA HIS T 858 -75.93 17.21 10.73
C HIS T 858 -75.49 18.63 11.09
N TYR T 859 -74.37 19.03 10.49
CA TYR T 859 -73.82 20.37 10.74
C TYR T 859 -72.93 20.76 9.57
N PHE T 860 -72.91 22.05 9.27
CA PHE T 860 -72.12 22.56 8.17
C PHE T 860 -71.82 24.03 8.42
N ASP T 861 -70.56 24.42 8.24
CA ASP T 861 -70.10 25.77 8.51
C ASP T 861 -70.41 26.71 7.34
N CYS T 862 -69.96 27.96 7.49
CA CYS T 862 -70.09 28.94 6.44
C CYS T 862 -69.01 28.71 5.38
N VAL T 863 -69.12 29.45 4.27
CA VAL T 863 -68.14 29.35 3.20
C VAL T 863 -66.77 29.82 3.67
N ILE T 864 -66.73 30.96 4.36
CA ILE T 864 -65.51 31.51 4.93
C ILE T 864 -65.44 31.04 6.38
N LYS T 865 -64.78 29.91 6.61
CA LYS T 865 -64.75 29.30 7.94
C LYS T 865 -63.81 30.06 8.86
N ASP T 866 -64.29 30.37 10.07
CA ASP T 866 -63.49 31.00 11.11
C ASP T 866 -63.44 30.08 12.31
N ALA T 867 -62.22 29.82 12.80
CA ALA T 867 -62.07 28.91 13.94
C ALA T 867 -62.66 29.50 15.22
N GLU T 868 -62.46 30.80 15.44
CA GLU T 868 -63.00 31.44 16.63
C GLU T 868 -64.51 31.57 16.55
N MET T 869 -65.04 31.85 15.36
CA MET T 869 -66.47 32.02 15.15
C MET T 869 -67.03 30.98 14.18
N PRO T 870 -67.69 29.94 14.67
CA PRO T 870 -68.43 29.05 13.78
C PRO T 870 -69.76 29.68 13.36
N CYS T 871 -70.49 28.95 12.53
CA CYS T 871 -71.73 29.42 11.95
C CYS T 871 -72.88 28.49 12.34
N PHE T 872 -74.08 29.05 12.43
CA PHE T 872 -75.27 28.31 12.85
C PHE T 872 -76.33 28.35 11.76
N LEU T 873 -77.03 27.24 11.59
CA LEU T 873 -78.00 27.11 10.51
C LEU T 873 -79.38 27.58 10.95
N PHE T 874 -80.14 28.11 10.00
CA PHE T 874 -81.50 28.56 10.28
C PHE T 874 -82.42 27.39 10.60
N ARG T 875 -82.26 26.27 9.89
CA ARG T 875 -83.14 25.13 10.09
C ARG T 875 -82.85 24.38 11.39
N ASP T 876 -81.68 24.59 11.99
CA ASP T 876 -81.30 23.85 13.19
C ASP T 876 -81.80 24.59 14.44
N LEU T 877 -82.33 23.84 15.39
CA LEU T 877 -82.80 24.40 16.64
C LEU T 877 -81.64 24.83 17.51
N PHE T 878 -81.70 26.05 18.02
CA PHE T 878 -80.59 26.68 18.72
C PHE T 878 -80.80 26.64 20.22
N GLN T 879 -79.98 25.87 20.92
CA GLN T 879 -80.06 25.71 22.37
C GLN T 879 -78.67 25.97 22.96
N PRO T 880 -78.36 27.22 23.26
CA PRO T 880 -77.02 27.54 23.76
C PRO T 880 -76.84 27.08 25.20
N PHE T 881 -75.61 26.70 25.52
CA PHE T 881 -75.20 26.37 26.87
C PHE T 881 -74.07 27.31 27.27
N PHE T 882 -73.97 27.58 28.57
CA PHE T 882 -73.13 28.66 29.05
C PHE T 882 -72.23 28.17 30.17
N LEU T 883 -71.11 28.86 30.33
CA LEU T 883 -70.11 28.51 31.33
C LEU T 883 -69.83 29.70 32.23
N VAL T 884 -69.55 29.41 33.49
CA VAL T 884 -69.12 30.39 34.48
C VAL T 884 -67.63 30.18 34.71
N GLN T 885 -66.83 31.17 34.37
CA GLN T 885 -65.38 31.07 34.39
C GLN T 885 -64.82 31.94 35.50
N ASP T 886 -64.14 31.31 36.44
CA ASP T 886 -63.42 31.99 37.52
C ASP T 886 -61.98 32.15 37.06
N LEU T 887 -61.51 33.38 36.95
CA LEU T 887 -60.17 33.61 36.47
C LEU T 887 -59.11 33.50 37.56
N VAL T 888 -59.50 33.42 38.83
CA VAL T 888 -58.53 33.34 39.91
C VAL T 888 -58.24 31.92 40.36
N THR T 889 -59.14 30.97 40.07
CA THR T 889 -58.91 29.56 40.35
C THR T 889 -59.14 28.80 39.06
N GLY T 890 -58.86 27.50 39.07
CA GLY T 890 -58.90 26.72 37.86
C GLY T 890 -60.25 26.17 37.45
N ASP T 891 -61.28 26.41 38.25
CA ASP T 891 -62.57 25.80 37.96
C ASP T 891 -63.31 26.57 36.86
N SER T 892 -64.17 25.85 36.16
CA SER T 892 -65.01 26.43 35.12
C SER T 892 -66.32 25.66 35.12
N GLY T 893 -67.36 26.24 35.72
CA GLY T 893 -68.60 25.53 35.93
C GLY T 893 -69.62 25.78 34.83
N SER T 894 -70.75 25.09 34.96
CA SER T 894 -71.86 25.22 34.03
C SER T 894 -72.94 26.10 34.63
N PHE T 895 -73.46 27.02 33.82
CA PHE T 895 -74.44 28.00 34.30
C PHE T 895 -75.78 27.32 34.46
N LEU T 896 -76.03 26.80 35.66
CA LEU T 896 -77.32 26.18 35.98
C LEU T 896 -78.23 27.23 36.63
N GLY T 897 -78.74 28.12 35.79
CA GLY T 897 -79.59 29.19 36.25
C GLY T 897 -80.44 29.71 35.12
N SER T 898 -81.36 30.59 35.46
CA SER T 898 -82.26 31.16 34.48
C SER T 898 -81.65 32.42 33.88
N TYR T 899 -82.11 32.77 32.68
CA TYR T 899 -81.62 33.97 32.02
C TYR T 899 -82.69 34.45 31.05
N VAL T 900 -82.44 35.62 30.48
CA VAL T 900 -83.26 36.19 29.43
C VAL T 900 -82.40 36.35 28.20
N LEU T 901 -82.90 35.89 27.06
CA LEU T 901 -82.17 35.96 25.79
C LEU T 901 -82.93 36.87 24.85
N LYS T 902 -82.23 37.81 24.22
CA LYS T 902 -82.84 38.67 23.21
C LYS T 902 -81.75 39.20 22.29
N VAL T 903 -82.18 39.60 21.09
CA VAL T 903 -81.28 40.16 20.08
C VAL T 903 -81.30 41.67 20.28
N VAL T 904 -80.11 42.27 20.46
CA VAL T 904 -80.01 43.71 20.67
C VAL T 904 -79.38 44.44 19.49
N GLY T 905 -78.95 43.72 18.46
CA GLY T 905 -78.38 44.39 17.30
C GLY T 905 -78.31 43.43 16.13
N GLY T 906 -78.16 44.01 14.94
CA GLY T 906 -78.10 43.19 13.74
C GLY T 906 -77.38 43.90 12.61
N GLY T 907 -76.75 43.09 11.76
CA GLY T 907 -76.03 43.60 10.62
C GLY T 907 -75.96 42.58 9.51
N ARG T 908 -75.71 43.09 8.29
CA ARG T 908 -75.57 42.20 7.15
C ARG T 908 -74.22 41.50 7.14
N THR T 909 -73.16 42.20 7.55
CA THR T 909 -71.83 41.63 7.65
C THR T 909 -71.23 42.08 8.97
N LEU T 910 -69.92 41.87 9.13
CA LEU T 910 -69.24 42.40 10.29
C LEU T 910 -69.16 43.92 10.21
N ASN T 911 -68.87 44.53 11.37
CA ASN T 911 -68.81 45.98 11.60
C ASN T 911 -69.99 46.75 10.99
N THR T 912 -71.16 46.11 10.96
CA THR T 912 -72.40 46.74 10.51
C THR T 912 -73.49 46.63 11.56
N ILE T 913 -73.12 46.54 12.84
CA ILE T 913 -74.07 46.29 13.91
C ILE T 913 -74.66 47.62 14.38
N ARG T 914 -75.98 47.71 14.37
CA ARG T 914 -76.68 48.90 14.84
C ARG T 914 -77.52 48.57 16.06
N ASP T 915 -77.48 49.45 17.05
CA ASP T 915 -78.23 49.24 18.29
C ASP T 915 -79.71 49.49 18.06
N TYR T 916 -80.52 48.90 18.94
CA TYR T 916 -81.97 49.03 18.88
C TYR T 916 -82.48 49.77 20.10
N THR T 917 -83.73 50.22 20.02
CA THR T 917 -84.38 50.99 21.08
C THR T 917 -85.25 50.06 21.92
N GLU T 918 -85.85 50.65 22.97
CA GLU T 918 -86.66 49.85 23.90
C GLU T 918 -87.91 49.29 23.22
N GLU T 919 -88.66 50.16 22.53
CA GLU T 919 -89.81 49.67 21.79
C GLU T 919 -89.40 48.82 20.60
N GLU T 920 -88.17 49.01 20.09
CA GLU T 920 -87.67 48.11 19.06
C GLU T 920 -87.44 46.72 19.63
N ILE T 921 -86.83 46.63 20.81
CA ILE T 921 -86.66 45.33 21.47
C ILE T 921 -88.01 44.70 21.74
N PHE T 922 -89.00 45.51 22.14
CA PHE T 922 -90.34 45.02 22.35
C PHE T 922 -90.94 44.46 21.05
N ARG T 923 -90.71 45.15 19.93
CA ARG T 923 -91.25 44.69 18.66
C ARG T 923 -90.55 43.41 18.18
N TYR T 924 -89.27 43.26 18.49
CA TYR T 924 -88.49 42.18 17.88
C TYR T 924 -88.45 40.90 18.70
N ASN T 925 -88.41 40.96 20.03
CA ASN T 925 -88.11 39.77 20.80
C ASN T 925 -89.24 39.38 21.75
N SER T 926 -90.45 39.89 21.54
CA SER T 926 -91.51 39.67 22.51
C SER T 926 -92.74 39.06 21.85
N PRO T 927 -93.43 38.16 22.55
CA PRO T 927 -94.70 37.62 22.04
C PRO T 927 -95.85 38.61 22.07
N LEU T 928 -95.68 39.78 22.70
CA LEU T 928 -96.76 40.72 22.90
C LEU T 928 -96.83 41.79 21.81
N ASP T 929 -96.03 41.67 20.77
CA ASP T 929 -96.06 42.61 19.65
C ASP T 929 -97.00 42.07 18.57
N THR T 930 -98.05 42.83 18.27
CA THR T 930 -99.05 42.39 17.31
C THR T 930 -98.54 42.34 15.87
N THR T 931 -97.59 43.20 15.52
CA THR T 931 -97.07 43.22 14.16
C THR T 931 -96.22 41.97 13.89
N ASN T 932 -96.09 41.64 12.62
CA ASN T 932 -95.26 40.49 12.20
C ASN T 932 -93.79 40.88 12.28
N SER T 933 -93.29 40.93 13.51
CA SER T 933 -91.91 41.37 13.76
C SER T 933 -91.18 40.43 14.71
N LEU T 934 -91.64 39.18 14.83
CA LEU T 934 -90.96 38.20 15.67
C LEU T 934 -89.72 37.68 14.97
N ILE T 935 -88.54 37.99 15.51
CA ILE T 935 -87.31 37.41 14.99
C ILE T 935 -87.25 35.92 15.31
N TRP T 936 -87.73 35.53 16.49
CA TRP T 936 -87.67 34.15 16.94
C TRP T 936 -88.80 33.89 17.91
N LYS T 937 -89.08 32.60 18.14
CA LYS T 937 -90.22 32.21 18.95
C LYS T 937 -89.94 30.87 19.60
N THR T 938 -90.32 30.74 20.86
CA THR T 938 -90.07 29.57 21.69
C THR T 938 -91.37 29.17 22.38
N LYS T 939 -91.50 27.87 22.66
CA LYS T 939 -92.65 27.32 23.38
C LYS T 939 -92.22 27.01 24.81
N VAL T 940 -92.49 27.94 25.74
CA VAL T 940 -92.21 27.75 27.15
C VAL T 940 -93.26 28.52 27.96
N GLU T 941 -93.46 28.08 29.20
CA GLU T 941 -94.52 28.62 30.04
C GLU T 941 -94.05 29.66 31.05
N ARG T 942 -92.75 29.76 31.30
CA ARG T 942 -92.21 30.73 32.25
C ARG T 942 -91.84 32.01 31.53
N THR T 943 -92.37 33.13 32.01
CA THR T 943 -92.08 34.45 31.46
C THR T 943 -91.78 35.40 32.59
N THR T 944 -91.19 36.55 32.25
CA THR T 944 -90.81 37.54 33.23
C THR T 944 -92.01 38.36 33.68
N GLU T 945 -91.72 39.41 34.45
CA GLU T 945 -92.76 40.34 34.86
C GLU T 945 -93.28 41.10 33.65
N ASP T 946 -94.59 41.35 33.64
CA ASP T 946 -95.36 41.94 32.53
C ASP T 946 -95.33 41.06 31.28
N LYS T 947 -94.95 39.79 31.41
CA LYS T 947 -95.00 38.78 30.35
C LYS T 947 -94.26 39.20 29.08
N LYS T 948 -93.31 40.14 29.19
CA LYS T 948 -92.74 40.74 27.99
C LYS T 948 -91.76 39.82 27.29
N PHE T 949 -90.87 39.18 28.03
CA PHE T 949 -89.79 38.39 27.42
C PHE T 949 -89.86 36.96 27.91
N TYR T 950 -88.87 36.16 27.50
CA TYR T 950 -88.82 34.74 27.81
C TYR T 950 -87.77 34.45 28.86
N ILE T 951 -88.13 33.61 29.82
CA ILE T 951 -87.21 33.10 30.83
C ILE T 951 -86.77 31.71 30.39
N MET T 952 -85.47 31.51 30.26
CA MET T 952 -84.95 30.25 29.76
C MET T 952 -83.87 29.71 30.68
N SER T 953 -83.82 28.39 30.77
CA SER T 953 -82.78 27.69 31.51
C SER T 953 -82.14 26.69 30.54
N HIS T 954 -81.29 25.83 31.08
CA HIS T 954 -80.65 24.81 30.26
C HIS T 954 -81.57 23.66 29.90
N GLU T 955 -82.77 23.59 30.48
CA GLU T 955 -83.74 22.57 30.16
C GLU T 955 -84.79 23.04 29.15
N SER T 956 -84.58 24.22 28.56
CA SER T 956 -85.50 24.73 27.56
C SER T 956 -85.34 23.95 26.25
N PRO T 957 -86.42 23.84 25.46
CA PRO T 957 -86.31 23.12 24.18
C PRO T 957 -85.35 23.73 23.18
N GLY T 958 -85.20 25.04 23.15
CA GLY T 958 -84.32 25.68 22.20
C GLY T 958 -85.00 26.87 21.54
N VAL T 959 -84.32 27.43 20.56
CA VAL T 959 -84.77 28.63 19.87
C VAL T 959 -85.04 28.28 18.42
N GLU T 960 -86.24 28.61 17.95
CA GLU T 960 -86.59 28.53 16.54
C GLU T 960 -86.67 29.94 16.00
N TRP T 961 -86.04 30.18 14.86
CA TRP T 961 -85.95 31.51 14.28
C TRP T 961 -87.14 31.74 13.35
N LEU T 962 -87.71 32.95 13.40
CA LEU T 962 -88.81 33.33 12.52
C LEU T 962 -88.44 34.45 11.57
N CYS T 963 -88.01 35.60 12.12
CA CYS T 963 -87.66 36.83 11.39
C CYS T 963 -88.72 37.17 10.32
N LEU T 964 -89.88 37.58 10.84
CA LEU T 964 -91.09 37.80 10.07
C LEU T 964 -91.07 39.11 9.27
N GLU T 965 -92.26 39.55 8.83
CA GLU T 965 -92.41 40.60 7.82
C GLU T 965 -91.70 41.90 8.18
N ASN T 966 -91.61 42.23 9.47
CA ASN T 966 -90.97 43.47 9.92
C ASN T 966 -89.57 43.23 10.47
N SER T 967 -88.82 42.34 9.86
CA SER T 967 -87.48 41.95 10.27
C SER T 967 -86.50 42.14 9.12
N PRO T 968 -85.19 42.12 9.40
CA PRO T 968 -84.21 42.18 8.31
C PRO T 968 -84.26 41.02 7.34
N CYS T 969 -84.86 39.89 7.71
CA CYS T 969 -85.03 38.80 6.74
C CYS T 969 -85.92 39.21 5.57
N TYR T 970 -87.00 39.95 5.84
CA TYR T 970 -87.95 40.30 4.80
C TYR T 970 -87.32 41.26 3.79
N ASP T 971 -87.57 40.98 2.50
CA ASP T 971 -87.04 41.76 1.38
C ASP T 971 -85.51 41.86 1.43
N ILE T 972 -84.86 40.72 1.67
CA ILE T 972 -83.40 40.64 1.62
C ILE T 972 -83.00 39.96 0.31
N ILE T 973 -81.86 40.37 -0.23
CA ILE T 973 -81.38 39.85 -1.50
C ILE T 973 -79.91 39.45 -1.35
N PRO T 974 -79.43 38.46 -2.11
CA PRO T 974 -78.00 38.14 -2.08
C PRO T 974 -77.18 39.24 -2.75
N GLN T 975 -75.94 39.39 -2.27
CA GLN T 975 -74.98 40.27 -2.91
C GLN T 975 -74.04 39.54 -3.84
N SER T 976 -73.99 38.21 -3.75
CA SER T 976 -73.18 37.36 -4.62
C SER T 976 -73.76 35.96 -4.57
N ILE T 977 -72.99 34.99 -5.04
CA ILE T 977 -73.37 33.58 -4.92
C ILE T 977 -73.29 33.17 -3.44
N TYR T 978 -73.86 31.99 -3.11
CA TYR T 978 -73.97 31.36 -1.80
C TYR T 978 -75.07 32.05 -0.98
N PRO T 979 -75.68 31.37 -0.02
CA PRO T 979 -76.84 31.95 0.68
C PRO T 979 -76.43 33.18 1.48
N PRO T 980 -77.37 34.11 1.72
CA PRO T 980 -77.03 35.34 2.42
C PRO T 980 -76.68 35.09 3.88
N GLU T 981 -75.89 36.01 4.43
CA GLU T 981 -75.38 35.91 5.79
C GLU T 981 -75.89 37.09 6.62
N PHE T 982 -76.12 36.84 7.91
CA PHE T 982 -76.50 37.89 8.83
C PHE T 982 -75.81 37.69 10.17
N PHE T 983 -75.64 38.78 10.90
CA PHE T 983 -75.00 38.77 12.21
C PHE T 983 -75.96 39.36 13.21
N PHE T 984 -76.18 38.64 14.31
CA PHE T 984 -77.10 39.04 15.36
C PHE T 984 -76.31 39.22 16.65
N LYS T 985 -76.28 40.45 17.15
CA LYS T 985 -75.71 40.75 18.45
C LYS T 985 -76.80 40.56 19.49
N LEU T 986 -76.58 39.64 20.42
CA LEU T 986 -77.58 39.22 21.37
C LEU T 986 -76.94 39.08 22.74
N LEU T 987 -77.72 39.42 23.78
CA LEU T 987 -77.21 39.42 25.14
C LEU T 987 -77.96 38.43 26.01
N VAL T 988 -77.24 37.86 26.97
CA VAL T 988 -77.78 37.05 28.03
C VAL T 988 -77.58 37.83 29.33
N SER T 989 -78.67 38.06 30.06
CA SER T 989 -78.63 38.80 31.30
C SER T 989 -79.20 37.94 32.42
N ASN T 990 -78.94 38.37 33.64
CA ASN T 990 -79.30 37.63 34.85
C ASN T 990 -79.86 38.57 35.90
N ARG T 991 -80.66 39.54 35.48
CA ARG T 991 -80.95 40.69 36.34
C ARG T 991 -81.89 40.32 37.48
N GLY T 992 -83.11 39.92 37.16
CA GLY T 992 -84.08 39.65 38.20
C GLY T 992 -84.51 38.20 38.27
N VAL T 993 -83.79 37.32 37.59
CA VAL T 993 -84.20 35.93 37.44
C VAL T 993 -83.33 34.96 38.22
N ASP T 994 -82.36 35.44 39.00
CA ASP T 994 -81.52 34.57 39.80
C ASP T 994 -81.35 35.14 41.20
N ASN T 995 -81.32 34.26 42.19
CA ASN T 995 -81.18 34.63 43.60
C ASN T 995 -80.06 33.84 44.25
N SER T 996 -79.03 33.50 43.48
CA SER T 996 -77.93 32.70 44.00
C SER T 996 -76.63 33.47 44.11
N THR T 997 -76.44 34.49 43.30
CA THR T 997 -75.25 35.34 43.36
C THR T 997 -75.68 36.77 43.68
N TYR T 998 -74.69 37.65 43.79
CA TYR T 998 -74.95 39.04 44.15
C TYR T 998 -74.77 40.00 42.99
N CYS T 999 -74.49 39.50 41.79
CA CYS T 999 -74.39 40.39 40.64
C CYS T 999 -74.60 39.57 39.36
N ASP T 1000 -75.11 40.24 38.33
CA ASP T 1000 -75.57 39.57 37.13
C ASP T 1000 -74.51 39.61 36.04
N TYR T 1001 -74.56 38.61 35.17
CA TYR T 1001 -73.67 38.52 34.03
C TYR T 1001 -74.39 39.02 32.79
N LYS T 1002 -73.80 40.02 32.14
CA LYS T 1002 -74.32 40.59 30.90
C LYS T 1002 -73.38 40.17 29.78
N LEU T 1003 -73.67 39.02 29.17
CA LEU T 1003 -72.89 38.52 28.06
C LEU T 1003 -73.54 38.99 26.76
N THR T 1004 -73.01 40.05 26.18
CA THR T 1004 -73.53 40.58 24.91
C THR T 1004 -72.58 40.16 23.80
N PHE T 1005 -72.88 39.04 23.16
CA PHE T 1005 -71.99 38.52 22.13
C PHE T 1005 -72.67 38.63 20.77
N ILE T 1006 -72.02 38.07 19.75
CA ILE T 1006 -72.50 38.15 18.37
C ILE T 1006 -72.47 36.77 17.76
N VAL T 1007 -73.44 36.49 16.89
CA VAL T 1007 -73.59 35.17 16.29
C VAL T 1007 -73.85 35.33 14.80
N HIS T 1008 -73.46 34.31 14.04
CA HIS T 1008 -73.54 34.29 12.58
C HIS T 1008 -74.62 33.31 12.15
N ILE T 1009 -75.52 33.76 11.28
CA ILE T 1009 -76.59 32.91 10.73
C ILE T 1009 -76.53 33.00 9.22
N HIS T 1010 -76.35 31.86 8.57
CA HIS T 1010 -76.39 31.76 7.12
C HIS T 1010 -77.55 30.88 6.69
N GLY T 1011 -77.73 30.75 5.38
CA GLY T 1011 -78.87 30.02 4.85
C GLY T 1011 -80.19 30.69 5.15
N LEU T 1012 -80.24 32.01 5.04
CA LEU T 1012 -81.45 32.75 5.39
C LEU T 1012 -82.56 32.45 4.39
N PRO T 1013 -83.78 32.21 4.86
CA PRO T 1013 -84.86 31.79 3.98
C PRO T 1013 -85.41 32.97 3.18
N LEU T 1014 -86.34 32.66 2.28
CA LEU T 1014 -86.95 33.65 1.40
C LEU T 1014 -88.39 33.90 1.82
N SER T 1015 -88.84 35.12 1.57
CA SER T 1015 -90.23 35.48 1.82
C SER T 1015 -91.16 34.72 0.88
N SER T 1016 -92.39 34.49 1.35
CA SER T 1016 -93.43 33.98 0.45
C SER T 1016 -93.69 34.94 -0.71
N LYS T 1017 -93.47 36.24 -0.48
CA LYS T 1017 -93.57 37.21 -1.56
C LYS T 1017 -92.56 36.93 -2.66
N ARG T 1018 -91.33 36.56 -2.29
CA ARG T 1018 -90.30 36.27 -3.29
C ARG T 1018 -90.64 35.03 -4.11
N THR T 1019 -91.09 33.97 -3.45
CA THR T 1019 -91.46 32.74 -4.15
C THR T 1019 -92.66 32.99 -5.06
N SER T 1020 -93.66 33.72 -4.58
CA SER T 1020 -94.81 34.07 -5.41
C SER T 1020 -94.39 34.90 -6.60
N PHE T 1021 -93.48 35.85 -6.40
CA PHE T 1021 -92.98 36.70 -7.48
C PHE T 1021 -92.28 35.89 -8.55
N ILE T 1022 -91.35 35.02 -8.15
CA ILE T 1022 -90.59 34.28 -9.15
C ILE T 1022 -91.49 33.28 -9.87
N VAL T 1023 -92.44 32.66 -9.15
CA VAL T 1023 -93.36 31.72 -9.78
C VAL T 1023 -94.24 32.43 -10.80
N MET T 1024 -94.81 33.57 -10.41
CA MET T 1024 -95.75 34.26 -11.31
C MET T 1024 -95.02 34.85 -12.51
N VAL T 1025 -93.79 35.36 -12.32
CA VAL T 1025 -93.06 35.91 -13.46
C VAL T 1025 -92.59 34.79 -14.39
N SER T 1026 -92.23 33.62 -13.84
CA SER T 1026 -91.89 32.48 -14.69
C SER T 1026 -93.09 32.03 -15.50
N THR T 1027 -94.26 31.95 -14.87
CA THR T 1027 -95.46 31.55 -15.58
C THR T 1027 -95.80 32.54 -16.69
N SER T 1028 -95.78 33.84 -16.37
CA SER T 1028 -96.13 34.84 -17.37
C SER T 1028 -95.16 34.83 -18.54
N PHE T 1029 -93.86 34.79 -18.27
CA PHE T 1029 -92.88 34.81 -19.36
C PHE T 1029 -92.95 33.54 -20.20
N PHE T 1030 -93.15 32.38 -19.57
CA PHE T 1030 -93.20 31.15 -20.34
C PHE T 1030 -94.48 31.03 -21.16
N ILE T 1031 -95.63 31.46 -20.64
CA ILE T 1031 -96.84 31.46 -21.47
C ILE T 1031 -96.71 32.48 -22.60
N ALA T 1032 -96.04 33.61 -22.35
CA ALA T 1032 -95.80 34.55 -23.43
C ALA T 1032 -94.96 33.93 -24.54
N LEU T 1033 -93.87 33.25 -24.17
CA LEU T 1033 -92.99 32.65 -25.17
C LEU T 1033 -93.68 31.49 -25.90
N VAL T 1034 -94.44 30.66 -25.18
CA VAL T 1034 -95.13 29.54 -25.82
C VAL T 1034 -96.24 30.04 -26.74
N VAL T 1035 -96.97 31.10 -26.35
CA VAL T 1035 -97.98 31.66 -27.24
C VAL T 1035 -97.34 32.29 -28.47
N PHE T 1036 -96.16 32.91 -28.32
CA PHE T 1036 -95.42 33.37 -29.49
C PHE T 1036 -95.07 32.20 -30.41
N TYR T 1037 -94.60 31.09 -29.82
CA TYR T 1037 -94.28 29.90 -30.61
C TYR T 1037 -95.51 29.37 -31.34
N ILE T 1038 -96.65 29.35 -30.66
CA ILE T 1038 -97.89 28.82 -31.25
C ILE T 1038 -98.36 29.70 -32.40
N LEU T 1039 -98.37 31.02 -32.18
CA LEU T 1039 -98.84 31.93 -33.22
C LEU T 1039 -97.91 31.94 -34.43
N PHE T 1040 -96.60 31.93 -34.19
CA PHE T 1040 -95.66 31.96 -35.31
C PHE T 1040 -95.48 30.61 -35.98
N CYS T 1041 -95.92 29.53 -35.34
CA CYS T 1041 -95.92 28.23 -36.01
C CYS T 1041 -97.07 28.11 -37.00
N LEU T 1042 -98.14 28.89 -36.80
CA LEU T 1042 -99.29 28.85 -37.71
C LEU T 1042 -98.98 29.58 -39.00
N HIS U 1 -52.88 6.52 109.31
CA HIS U 1 -52.44 7.83 108.84
C HIS U 1 -52.04 7.76 107.36
N THR U 2 -50.85 7.25 107.10
CA THR U 2 -50.46 6.95 105.73
C THR U 2 -51.05 5.62 105.30
N LEU U 3 -50.74 5.23 104.06
CA LEU U 3 -51.11 3.93 103.51
C LEU U 3 -52.61 3.69 103.52
N CYS U 4 -53.13 2.99 104.53
CA CYS U 4 -54.55 2.67 104.53
C CYS U 4 -55.26 3.25 105.73
N ARG U 5 -56.54 3.56 105.53
CA ARG U 5 -57.48 3.77 106.61
C ARG U 5 -58.45 2.61 106.59
N VAL U 6 -58.53 1.88 107.70
CA VAL U 6 -59.30 0.65 107.73
C VAL U 6 -60.78 0.95 107.58
N HIS U 7 -61.54 -0.02 107.11
CA HIS U 7 -62.98 0.13 106.94
C HIS U 7 -63.62 -1.26 106.98
N THR U 8 -64.64 -1.42 107.82
CA THR U 8 -65.26 -2.71 108.01
C THR U 8 -66.55 -2.80 107.20
N VAL U 9 -66.78 -3.98 106.62
CA VAL U 9 -68.00 -4.29 105.91
C VAL U 9 -68.69 -5.45 106.63
N ARG U 10 -69.99 -5.25 106.90
CA ARG U 10 -70.83 -6.22 107.59
C ARG U 10 -72.28 -5.89 107.25
N THR U 11 -73.05 -6.92 106.93
CA THR U 11 -74.48 -6.77 106.60
C THR U 11 -75.25 -7.93 107.20
N GLY U 12 -76.56 -7.91 107.00
CA GLY U 12 -77.41 -9.03 107.35
C GLY U 12 -77.64 -9.24 108.82
N LYS U 13 -77.07 -8.40 109.68
CA LYS U 13 -77.22 -8.53 111.12
C LYS U 13 -78.05 -7.39 111.70
N VAL U 14 -79.10 -6.99 110.97
CA VAL U 14 -79.92 -5.87 111.40
C VAL U 14 -80.92 -6.32 112.46
N PHE U 15 -81.29 -7.60 112.45
CA PHE U 15 -82.26 -8.11 113.40
C PHE U 15 -81.81 -9.42 114.00
N LYS U 16 -82.70 -10.09 114.74
CA LYS U 16 -82.38 -11.35 115.40
C LYS U 16 -82.67 -12.48 114.43
N SER U 17 -81.75 -12.65 113.48
CA SER U 17 -81.85 -13.69 112.46
C SER U 17 -81.04 -14.90 112.90
N ASN U 18 -81.65 -16.08 112.84
CA ASN U 18 -81.03 -17.32 113.31
C ASN U 18 -80.44 -18.05 112.11
N ILE U 19 -79.15 -17.85 111.86
CA ILE U 19 -78.42 -18.51 110.79
C ILE U 19 -77.26 -19.28 111.40
N GLN U 20 -77.15 -20.56 111.03
CA GLN U 20 -76.09 -21.42 111.57
C GLN U 20 -75.49 -22.24 110.45
N LEU U 21 -74.20 -22.54 110.59
CA LEU U 21 -73.49 -23.34 109.60
C LEU U 21 -73.78 -24.83 109.82
N GLN U 22 -73.52 -25.62 108.78
CA GLN U 22 -73.82 -27.04 108.79
C GLN U 22 -72.75 -27.82 108.04
N GLY U 23 -72.06 -28.71 108.75
CA GLY U 23 -71.02 -29.52 108.17
C GLY U 23 -69.65 -29.20 108.75
N ASP U 24 -68.63 -29.85 108.19
CA ASP U 24 -67.26 -29.62 108.62
C ASP U 24 -66.63 -28.48 107.83
N PRO U 25 -65.96 -27.56 108.53
CA PRO U 25 -65.39 -26.38 107.85
C PRO U 25 -64.21 -26.75 106.98
N LEU U 26 -63.89 -25.84 106.06
CA LEU U 26 -62.80 -25.99 105.11
C LEU U 26 -61.65 -25.09 105.55
N PHE U 27 -60.42 -25.63 105.50
CA PHE U 27 -59.24 -24.88 105.88
C PHE U 27 -58.09 -25.19 104.95
N TYR U 28 -57.16 -24.24 104.83
CA TYR U 28 -56.01 -24.36 103.96
C TYR U 28 -55.00 -25.35 104.55
N ALA U 29 -54.04 -25.76 103.71
CA ALA U 29 -53.03 -26.71 104.11
C ALA U 29 -51.63 -26.11 104.17
N PHE U 30 -51.53 -24.78 104.24
CA PHE U 30 -50.26 -24.09 104.32
C PHE U 30 -50.36 -22.92 105.30
N PRO U 31 -49.25 -22.52 105.92
CA PRO U 31 -49.30 -21.39 106.85
C PRO U 31 -49.71 -20.07 106.21
N ASN U 32 -49.37 -19.84 104.95
CA ASN U 32 -49.66 -18.58 104.30
C ASN U 32 -51.14 -18.48 103.96
N THR U 33 -51.57 -17.27 103.63
CA THR U 33 -52.93 -17.00 103.20
C THR U 33 -52.93 -16.45 101.79
N PHE U 34 -53.90 -16.88 100.99
CA PHE U 34 -53.92 -16.58 99.56
C PHE U 34 -55.31 -16.09 99.18
N VAL U 35 -55.38 -15.26 98.15
CA VAL U 35 -56.65 -14.83 97.57
C VAL U 35 -56.57 -15.13 96.08
N LEU U 36 -57.29 -16.16 95.65
CA LEU U 36 -57.32 -16.54 94.24
C LEU U 36 -58.45 -15.81 93.53
N LYS U 37 -58.10 -15.11 92.45
CA LYS U 37 -59.01 -14.24 91.74
C LYS U 37 -59.32 -14.84 90.38
N ASN U 38 -60.61 -14.98 90.09
CA ASN U 38 -61.02 -15.39 88.76
C ASN U 38 -60.76 -14.27 87.76
N VAL U 39 -60.44 -14.64 86.52
CA VAL U 39 -59.73 -13.73 85.62
C VAL U 39 -60.65 -12.64 85.10
N CYS U 40 -61.74 -13.05 84.44
CA CYS U 40 -62.65 -12.09 83.84
C CYS U 40 -63.86 -11.83 84.73
N LYS U 41 -64.52 -12.89 85.20
CA LYS U 41 -65.42 -12.77 86.35
C LYS U 41 -64.59 -12.35 87.55
N ALA U 42 -64.22 -11.07 87.58
CA ALA U 42 -63.26 -10.59 88.57
C ALA U 42 -63.89 -10.40 89.94
N ASP U 43 -65.23 -10.35 90.00
CA ASP U 43 -65.90 -10.21 91.28
C ASP U 43 -65.77 -11.49 92.12
N ILE U 44 -65.89 -12.65 91.47
CA ILE U 44 -65.80 -13.92 92.19
C ILE U 44 -64.37 -14.15 92.64
N SER U 45 -64.19 -14.49 93.91
CA SER U 45 -62.85 -14.71 94.43
C SER U 45 -62.92 -15.72 95.56
N VAL U 46 -61.79 -16.36 95.86
CA VAL U 46 -61.70 -17.32 96.96
C VAL U 46 -60.58 -16.90 97.89
N TYR U 47 -60.91 -16.66 99.15
CA TYR U 47 -59.93 -16.41 100.19
C TYR U 47 -59.62 -17.73 100.87
N LEU U 48 -58.40 -18.21 100.70
CA LEU U 48 -57.93 -19.43 101.35
C LEU U 48 -57.03 -19.04 102.52
N GLY U 49 -57.42 -19.45 103.72
CA GLY U 49 -56.66 -19.19 104.93
C GLY U 49 -57.07 -20.21 105.98
N GLN U 50 -57.11 -19.80 107.24
CA GLN U 50 -57.62 -20.72 108.27
C GLN U 50 -59.07 -21.07 108.04
N LYS U 51 -59.82 -20.20 107.35
CA LYS U 51 -61.16 -20.49 106.88
C LYS U 51 -61.27 -20.01 105.44
N VAL U 52 -62.09 -20.68 104.65
CA VAL U 52 -62.17 -20.42 103.22
C VAL U 52 -63.47 -19.69 102.90
N PHE U 53 -63.37 -18.59 102.17
CA PHE U 53 -64.54 -17.79 101.83
C PHE U 53 -64.62 -17.60 100.33
N LEU U 54 -65.76 -17.95 99.73
CA LEU U 54 -65.98 -17.83 98.29
C LEU U 54 -67.01 -16.74 98.08
N THR U 55 -66.59 -15.63 97.46
CA THR U 55 -67.43 -14.46 97.32
C THR U 55 -67.83 -14.24 95.87
N ILE U 56 -69.08 -13.84 95.67
CA ILE U 56 -69.56 -13.44 94.35
C ILE U 56 -69.36 -11.94 94.17
N ASP U 57 -69.41 -11.18 95.26
CA ASP U 57 -69.11 -9.76 95.24
C ASP U 57 -67.61 -9.55 95.46
N ASN U 58 -67.19 -8.27 95.46
CA ASN U 58 -65.80 -7.92 95.70
C ASN U 58 -65.47 -7.94 97.19
N PHE U 59 -65.76 -9.08 97.82
CA PHE U 59 -65.67 -9.27 99.26
C PHE U 59 -66.47 -8.21 100.01
N GLU U 60 -67.64 -7.88 99.48
CA GLU U 60 -68.63 -7.09 100.19
C GLU U 60 -69.53 -8.02 100.99
N SER U 61 -70.39 -7.43 101.82
CA SER U 61 -71.29 -8.16 102.71
C SER U 61 -70.55 -9.08 103.66
N SER U 62 -71.27 -9.97 104.33
CA SER U 62 -70.68 -10.96 105.22
C SER U 62 -70.85 -12.34 104.60
N LEU U 63 -69.81 -13.16 104.73
CA LEU U 63 -69.74 -14.45 104.05
C LEU U 63 -69.67 -15.56 105.09
N LEU U 64 -70.51 -16.57 104.91
CA LEU U 64 -70.38 -17.79 105.68
C LEU U 64 -69.23 -18.62 105.12
N PRO U 65 -68.53 -19.38 105.97
CA PRO U 65 -67.42 -20.20 105.48
C PRO U 65 -67.89 -21.33 104.58
N LEU U 66 -67.05 -21.68 103.60
CA LEU U 66 -67.35 -22.80 102.74
C LEU U 66 -67.31 -24.09 103.54
N THR U 67 -68.25 -24.98 103.25
CA THR U 67 -68.46 -26.15 104.10
C THR U 67 -68.77 -27.37 103.23
N VAL U 68 -68.40 -28.53 103.74
CA VAL U 68 -68.63 -29.81 103.07
C VAL U 68 -69.88 -30.44 103.68
N PRO U 69 -70.88 -30.82 102.87
CA PRO U 69 -72.18 -31.21 103.43
C PRO U 69 -72.25 -32.61 104.01
N LYS U 70 -71.13 -33.33 104.11
CA LYS U 70 -70.99 -34.58 104.85
C LYS U 70 -71.75 -35.74 104.17
N SER U 71 -72.50 -35.45 103.10
CA SER U 71 -73.07 -36.53 102.31
C SER U 71 -72.00 -37.35 101.62
N LEU U 72 -70.80 -36.80 101.44
CA LEU U 72 -69.67 -37.49 100.86
C LEU U 72 -68.51 -37.43 101.84
N ALA U 73 -67.78 -38.54 101.96
CA ALA U 73 -66.76 -38.68 102.99
C ALA U 73 -65.45 -38.09 102.47
N VAL U 74 -65.19 -36.84 102.82
CA VAL U 74 -63.95 -36.16 102.45
C VAL U 74 -62.84 -36.40 103.44
N GLY U 75 -63.12 -36.93 104.63
CA GLY U 75 -62.08 -37.10 105.63
C GLY U 75 -61.64 -35.76 106.16
N VAL U 76 -60.33 -35.57 106.25
CA VAL U 76 -59.81 -34.27 106.68
C VAL U 76 -59.99 -33.28 105.53
N PRO U 77 -60.72 -32.19 105.73
CA PRO U 77 -61.04 -31.26 104.63
C PRO U 77 -60.00 -30.15 104.48
N SER U 78 -58.85 -30.50 103.92
CA SER U 78 -57.78 -29.55 103.67
C SER U 78 -57.67 -29.27 102.18
N ILE U 79 -57.65 -27.99 101.81
CA ILE U 79 -57.48 -27.57 100.42
C ILE U 79 -56.00 -27.42 100.16
N THR U 80 -55.50 -28.07 99.11
CA THR U 80 -54.11 -27.97 98.73
C THR U 80 -53.87 -27.07 97.54
N SER U 81 -54.79 -27.05 96.57
CA SER U 81 -54.65 -26.23 95.38
C SER U 81 -56.03 -26.03 94.76
N ALA U 82 -56.36 -24.79 94.43
CA ALA U 82 -57.65 -24.46 93.86
C ALA U 82 -57.45 -23.88 92.46
N HIS U 83 -58.45 -24.05 91.61
CA HIS U 83 -58.41 -23.57 90.24
C HIS U 83 -59.81 -23.13 89.81
N PHE U 84 -59.87 -22.23 88.84
CA PHE U 84 -61.12 -21.75 88.28
C PHE U 84 -61.24 -22.24 86.84
N VAL U 85 -62.21 -23.10 86.56
CA VAL U 85 -62.50 -23.51 85.19
C VAL U 85 -63.56 -22.58 84.64
N SER U 86 -63.73 -22.59 83.31
CA SER U 86 -64.72 -21.73 82.67
C SER U 86 -66.13 -22.19 83.02
N GLY U 87 -66.96 -21.23 83.41
CA GLY U 87 -68.34 -21.53 83.79
C GLY U 87 -68.66 -21.02 85.18
N SER U 88 -69.42 -21.79 85.94
CA SER U 88 -69.75 -21.45 87.32
C SER U 88 -69.19 -22.50 88.25
N LEU U 89 -68.04 -23.07 87.89
CA LEU U 89 -67.44 -24.17 88.62
C LEU U 89 -66.06 -23.78 89.10
N VAL U 90 -65.71 -24.27 90.29
CA VAL U 90 -64.39 -24.09 90.87
C VAL U 90 -63.89 -25.48 91.25
N LEU U 91 -62.58 -25.70 91.16
CA LEU U 91 -61.98 -26.99 91.44
C LEU U 91 -61.13 -26.89 92.70
N PHE U 92 -61.40 -27.77 93.66
CA PHE U 92 -60.62 -27.90 94.87
C PHE U 92 -59.96 -29.27 94.88
N VAL U 93 -58.89 -29.40 95.67
CA VAL U 93 -58.20 -30.67 95.85
C VAL U 93 -58.19 -30.95 97.34
N ILE U 94 -59.11 -31.79 97.79
CA ILE U 94 -59.30 -32.07 99.21
C ILE U 94 -58.86 -33.49 99.47
N SER U 95 -57.89 -33.64 100.37
CA SER U 95 -57.44 -34.95 100.88
C SER U 95 -56.98 -35.87 99.76
N GLY U 96 -56.38 -35.29 98.73
CA GLY U 96 -55.88 -36.07 97.61
C GLY U 96 -56.89 -36.38 96.54
N LYS U 97 -58.15 -35.99 96.69
CA LYS U 97 -59.17 -36.21 95.68
C LYS U 97 -59.66 -34.87 95.16
N GLY U 98 -59.89 -34.79 93.85
CA GLY U 98 -60.43 -33.59 93.27
C GLY U 98 -61.92 -33.48 93.45
N TYR U 99 -62.39 -32.25 93.66
CA TYR U 99 -63.82 -31.99 93.76
C TYR U 99 -64.15 -30.72 93.00
N SER U 100 -65.38 -30.67 92.49
CA SER U 100 -65.88 -29.50 91.80
C SER U 100 -67.01 -28.90 92.61
N TYR U 101 -67.08 -27.57 92.64
CA TYR U 101 -68.10 -26.88 93.40
C TYR U 101 -68.72 -25.82 92.52
N ASP U 102 -70.06 -25.83 92.45
CA ASP U 102 -70.82 -24.82 91.74
C ASP U 102 -71.32 -23.81 92.76
N TYR U 103 -70.99 -22.54 92.57
CA TYR U 103 -71.34 -21.53 93.56
C TYR U 103 -72.63 -20.79 93.23
N TYR U 104 -73.14 -20.89 92.00
CA TYR U 104 -74.47 -20.36 91.72
C TYR U 104 -75.54 -21.26 92.28
N GLU U 105 -75.36 -22.57 92.17
CA GLU U 105 -76.12 -23.54 92.95
C GLU U 105 -75.31 -23.87 94.21
N ASN U 106 -75.63 -24.97 94.87
CA ASN U 106 -74.87 -25.47 96.01
C ASN U 106 -74.48 -26.92 95.75
N THR U 107 -73.93 -27.17 94.56
CA THR U 107 -73.67 -28.52 94.11
C THR U 107 -72.19 -28.86 94.22
N TRP U 108 -71.90 -29.89 95.01
CA TRP U 108 -70.60 -30.53 95.02
C TRP U 108 -70.63 -31.71 94.05
N ARG U 109 -69.53 -31.91 93.33
CA ARG U 109 -69.39 -33.03 92.41
C ARG U 109 -68.05 -33.70 92.65
N LYS U 110 -68.06 -35.02 92.66
CA LYS U 110 -66.86 -35.80 92.89
C LYS U 110 -66.19 -36.12 91.56
N LEU U 111 -64.94 -35.72 91.42
CA LEU U 111 -64.18 -36.03 90.20
C LEU U 111 -63.77 -37.49 90.23
N GLU U 112 -64.18 -38.24 89.22
CA GLU U 112 -64.08 -39.70 89.25
C GLU U 112 -62.92 -40.25 88.43
N GLY U 113 -62.32 -39.44 87.55
CA GLY U 113 -61.24 -39.95 86.73
C GLY U 113 -59.98 -40.27 87.50
N ILE U 114 -59.62 -39.42 88.47
CA ILE U 114 -58.38 -39.58 89.19
C ILE U 114 -58.45 -40.79 90.12
N SER U 115 -57.38 -41.58 90.16
CA SER U 115 -57.32 -42.76 91.00
C SER U 115 -56.26 -42.66 92.08
N GLU U 116 -55.03 -42.29 91.72
CA GLU U 116 -53.99 -42.12 92.71
C GLU U 116 -54.08 -40.72 93.34
N PRO U 117 -53.62 -40.58 94.58
CA PRO U 117 -53.75 -39.27 95.26
C PRO U 117 -52.93 -38.19 94.58
N VAL U 118 -53.61 -37.12 94.18
CA VAL U 118 -52.97 -35.98 93.55
C VAL U 118 -53.02 -34.80 94.52
N SER U 119 -52.26 -33.75 94.19
CA SER U 119 -52.14 -32.62 95.10
C SER U 119 -52.14 -31.26 94.43
N HIS U 120 -52.34 -31.15 93.12
CA HIS U 120 -52.31 -29.88 92.44
C HIS U 120 -53.02 -30.02 91.11
N ILE U 121 -53.78 -28.99 90.74
CA ILE U 121 -54.46 -28.92 89.45
C ILE U 121 -54.02 -27.63 88.77
N SER U 122 -53.54 -27.75 87.54
CA SER U 122 -52.95 -26.64 86.81
C SER U 122 -53.64 -26.50 85.45
N GLY U 123 -53.65 -25.27 84.95
CA GLY U 123 -54.26 -24.98 83.67
C GLY U 123 -54.36 -23.49 83.43
N ASP U 124 -54.64 -23.10 82.18
CA ASP U 124 -54.67 -21.69 81.80
C ASP U 124 -56.08 -21.29 81.42
N VAL U 125 -56.40 -20.02 81.66
CA VAL U 125 -57.74 -19.50 81.38
C VAL U 125 -57.61 -18.31 80.45
N CYS U 126 -58.19 -18.44 79.26
CA CYS U 126 -58.41 -17.32 78.36
C CYS U 126 -59.78 -16.71 78.61
N CYS U 127 -59.87 -15.41 78.48
CA CYS U 127 -61.15 -14.76 78.74
C CYS U 127 -61.45 -13.70 77.69
N PHE U 128 -61.34 -14.09 76.42
CA PHE U 128 -61.83 -13.32 75.31
C PHE U 128 -63.11 -14.00 74.84
N LYS U 129 -64.12 -13.20 74.53
CA LYS U 129 -65.41 -13.75 74.14
C LYS U 129 -65.31 -14.48 72.80
N GLY U 130 -65.85 -15.69 72.74
CA GLY U 130 -65.74 -16.49 71.55
C GLY U 130 -65.77 -17.97 71.91
N SER U 131 -65.39 -18.79 70.93
CA SER U 131 -65.35 -20.23 71.12
C SER U 131 -63.97 -20.81 70.84
N PHE U 132 -62.97 -19.96 70.60
CA PHE U 132 -61.64 -20.49 70.39
C PHE U 132 -60.99 -20.86 71.73
N CYS U 133 -60.84 -19.89 72.62
CA CYS U 133 -60.11 -20.18 73.85
C CYS U 133 -61.02 -20.72 74.95
N LEU U 134 -62.33 -20.81 74.69
CA LEU U 134 -63.17 -21.65 75.54
C LEU U 134 -62.70 -23.10 75.49
N GLU U 135 -62.18 -23.54 74.33
CA GLU U 135 -61.57 -24.85 74.23
C GLU U 135 -60.17 -24.87 74.84
N LEU U 136 -59.44 -23.75 74.76
CA LEU U 136 -58.10 -23.68 75.34
C LEU U 136 -58.15 -23.75 76.86
N SER U 137 -59.22 -23.25 77.46
CA SER U 137 -59.41 -23.32 78.90
C SER U 137 -60.02 -24.63 79.36
N ASN U 138 -59.88 -25.70 78.57
CA ASN U 138 -60.41 -27.01 78.94
C ASN U 138 -59.33 -28.05 79.13
N ASN U 139 -58.07 -27.73 78.88
CA ASN U 139 -56.96 -28.66 79.07
C ASN U 139 -56.40 -28.44 80.48
N LEU U 140 -56.54 -29.44 81.33
CA LEU U 140 -56.16 -29.35 82.74
C LEU U 140 -55.22 -30.49 83.08
N PHE U 141 -54.26 -30.21 83.96
CA PHE U 141 -53.30 -31.19 84.46
C PHE U 141 -53.52 -31.42 85.94
N ALA U 142 -53.33 -32.65 86.38
CA ALA U 142 -53.47 -32.98 87.80
C ALA U 142 -52.27 -33.82 88.22
N TYR U 143 -51.53 -33.35 89.21
CA TYR U 143 -50.27 -33.98 89.56
C TYR U 143 -50.04 -33.87 91.07
N LEU U 144 -49.13 -34.70 91.55
CA LEU U 144 -48.73 -34.71 92.94
C LEU U 144 -47.35 -34.08 93.05
N ARG U 145 -47.28 -32.91 93.67
CA ARG U 145 -46.00 -32.25 93.89
C ARG U 145 -45.15 -33.04 94.86
N GLY U 146 -43.85 -33.12 94.57
CA GLY U 146 -42.94 -33.79 95.47
C GLY U 146 -42.82 -35.29 95.29
N GLY U 147 -43.43 -35.86 94.25
CA GLY U 147 -43.30 -37.28 94.00
C GLY U 147 -42.06 -37.61 93.18
N GLN U 148 -41.81 -38.91 93.05
CA GLN U 148 -40.72 -39.42 92.24
C GLN U 148 -41.23 -39.75 90.84
N ILE U 149 -40.67 -39.09 89.83
CA ILE U 149 -41.21 -39.21 88.47
C ILE U 149 -41.16 -40.63 87.93
N PRO U 150 -40.06 -41.39 88.03
CA PRO U 150 -40.18 -42.81 87.72
C PRO U 150 -41.00 -43.50 88.80
N GLY U 151 -42.28 -43.74 88.51
CA GLY U 151 -43.18 -44.33 89.47
C GLY U 151 -44.50 -43.59 89.68
N THR U 152 -44.48 -42.26 89.72
CA THR U 152 -45.71 -41.52 90.01
C THR U 152 -46.50 -41.26 88.74
N ASN U 153 -47.77 -40.94 88.92
CA ASN U 153 -48.73 -40.82 87.84
C ASN U 153 -49.19 -39.38 87.68
N ILE U 154 -49.14 -38.88 86.45
CA ILE U 154 -49.56 -37.53 86.10
C ILE U 154 -50.80 -37.64 85.24
N TYR U 155 -51.85 -36.93 85.62
CA TYR U 155 -53.15 -37.02 84.97
C TYR U 155 -53.40 -35.78 84.12
N PHE U 156 -54.26 -35.93 83.11
CA PHE U 156 -54.65 -34.81 82.26
C PHE U 156 -56.08 -35.00 81.80
N SER U 157 -56.73 -33.91 81.44
CA SER U 157 -58.10 -33.94 80.96
C SER U 157 -58.29 -32.84 79.92
N ASP U 158 -59.12 -33.14 78.92
CA ASP U 158 -59.40 -32.19 77.85
C ASP U 158 -60.86 -31.78 77.78
N ASN U 159 -61.75 -32.46 78.50
CA ASN U 159 -63.16 -32.11 78.52
C ASN U 159 -63.50 -31.20 79.70
N GLY U 160 -62.80 -30.07 79.81
CA GLY U 160 -62.97 -29.22 80.97
C GLY U 160 -62.41 -29.87 82.21
N GLY U 161 -63.28 -30.34 83.09
CA GLY U 161 -62.81 -31.08 84.26
C GLY U 161 -63.68 -32.27 84.61
N PHE U 162 -64.33 -32.86 83.60
CA PHE U 162 -65.31 -33.92 83.86
C PHE U 162 -64.62 -35.23 84.22
N SER U 163 -63.82 -35.77 83.30
CA SER U 163 -63.15 -37.04 83.53
C SER U 163 -61.66 -36.86 83.35
N PHE U 164 -60.89 -37.48 84.23
CA PHE U 164 -59.44 -37.38 84.22
C PHE U 164 -58.85 -38.72 83.78
N GLN U 165 -58.11 -38.70 82.68
CA GLN U 165 -57.49 -39.90 82.14
C GLN U 165 -55.97 -39.83 82.29
N LEU U 166 -55.35 -41.00 82.38
CA LEU U 166 -53.93 -41.09 82.69
C LEU U 166 -53.09 -40.80 81.45
N MET U 167 -52.00 -40.09 81.66
CA MET U 167 -51.08 -39.68 80.60
C MET U 167 -49.85 -40.58 80.62
N ASN U 168 -49.47 -41.08 79.45
CA ASN U 168 -48.49 -42.15 79.33
C ASN U 168 -47.11 -41.72 79.83
N THR U 169 -46.37 -42.69 80.37
CA THR U 169 -45.09 -42.44 81.01
C THR U 169 -43.90 -42.59 80.08
N ASP U 170 -44.14 -42.87 78.79
CA ASP U 170 -43.03 -43.04 77.86
C ASP U 170 -42.31 -41.73 77.59
N LYS U 171 -43.03 -40.62 77.64
CA LYS U 171 -42.42 -39.31 77.41
C LYS U 171 -41.41 -38.96 78.49
N LEU U 172 -41.74 -39.23 79.76
CA LEU U 172 -40.90 -38.86 80.89
C LEU U 172 -40.05 -40.02 81.38
N SER U 173 -39.59 -40.88 80.46
CA SER U 173 -38.82 -42.05 80.87
C SER U 173 -37.40 -41.68 81.27
N HIS U 174 -36.79 -40.72 80.59
CA HIS U 174 -35.38 -40.38 80.81
C HIS U 174 -35.19 -39.28 81.85
N LEU U 175 -36.27 -38.71 82.37
CA LEU U 175 -36.21 -37.61 83.32
C LEU U 175 -36.09 -38.16 84.74
N THR U 176 -35.15 -37.62 85.51
CA THR U 176 -34.83 -38.11 86.85
C THR U 176 -34.94 -36.97 87.86
N GLY U 177 -35.31 -37.33 89.08
CA GLY U 177 -35.49 -36.39 90.16
C GLY U 177 -36.90 -36.40 90.71
N THR U 178 -37.27 -35.30 91.36
CA THR U 178 -38.61 -35.08 91.88
C THR U 178 -39.25 -33.95 91.12
N LEU U 179 -40.52 -34.13 90.74
CA LEU U 179 -41.19 -33.12 89.94
C LEU U 179 -41.72 -31.99 90.82
N GLY U 180 -41.68 -30.78 90.26
CA GLY U 180 -42.21 -29.62 90.95
C GLY U 180 -43.27 -28.94 90.12
N GLY U 181 -43.81 -29.65 89.13
CA GLY U 181 -44.92 -29.13 88.36
C GLY U 181 -44.86 -29.41 86.88
N ILE U 182 -46.01 -29.66 86.27
CA ILE U 182 -46.16 -29.78 84.83
C ILE U 182 -47.19 -28.75 84.37
N PHE U 183 -46.83 -27.97 83.37
CA PHE U 183 -47.56 -26.76 83.01
C PHE U 183 -47.85 -26.72 81.52
N HIS U 184 -49.05 -26.22 81.18
CA HIS U 184 -49.45 -25.99 79.79
C HIS U 184 -48.99 -24.59 79.38
N LEU U 185 -47.75 -24.49 78.96
CA LEU U 185 -47.17 -23.19 78.63
C LEU U 185 -47.72 -22.77 77.28
N HIS U 186 -48.91 -22.17 77.29
CA HIS U 186 -49.52 -21.71 76.05
C HIS U 186 -48.80 -20.52 75.45
N SER U 187 -47.86 -19.91 76.18
CA SER U 187 -47.03 -18.87 75.60
C SER U 187 -46.23 -19.39 74.42
N MET U 188 -45.50 -20.48 74.61
CA MET U 188 -44.76 -21.13 73.54
C MET U 188 -45.45 -22.38 73.02
N SER U 189 -46.71 -22.59 73.39
CA SER U 189 -47.51 -23.75 72.98
C SER U 189 -46.81 -25.06 73.32
N GLN U 190 -46.29 -25.15 74.53
CA GLN U 190 -45.49 -26.27 74.98
C GLN U 190 -46.08 -26.87 76.25
N VAL U 191 -45.51 -28.00 76.66
CA VAL U 191 -45.77 -28.61 77.95
C VAL U 191 -44.46 -28.66 78.68
N GLY U 192 -44.33 -27.89 79.75
CA GLY U 192 -43.09 -27.81 80.51
C GLY U 192 -43.20 -28.64 81.77
N VAL U 193 -42.08 -29.20 82.20
CA VAL U 193 -42.00 -29.85 83.50
C VAL U 193 -40.85 -29.21 84.25
N LEU U 194 -40.94 -29.22 85.58
CA LEU U 194 -39.94 -28.60 86.43
C LEU U 194 -39.29 -29.71 87.24
N MET U 195 -38.02 -29.95 87.00
CA MET U 195 -37.30 -31.05 87.59
C MET U 195 -36.38 -30.55 88.70
N VAL U 196 -36.22 -31.38 89.73
CA VAL U 196 -35.35 -31.06 90.85
C VAL U 196 -34.38 -32.22 90.99
N GLU U 197 -33.26 -32.18 90.27
CA GLU U 197 -32.28 -33.25 90.35
C GLU U 197 -31.43 -33.18 91.60
N ASN U 198 -31.16 -31.98 92.07
CA ASN U 198 -30.30 -31.73 93.21
C ASN U 198 -30.85 -30.48 93.90
N ASN U 199 -30.03 -29.80 94.69
CA ASN U 199 -30.50 -28.58 95.33
C ASN U 199 -30.83 -27.48 94.33
N LEU U 200 -30.44 -27.65 93.07
CA LEU U 200 -30.84 -26.77 92.00
C LEU U 200 -31.87 -27.46 91.12
N GLY U 201 -32.71 -26.67 90.44
CA GLY U 201 -33.77 -27.17 89.60
C GLY U 201 -33.83 -26.49 88.25
N THR U 202 -34.53 -27.14 87.32
CA THR U 202 -34.51 -26.72 85.92
C THR U 202 -35.82 -27.06 85.23
N PHE U 203 -36.01 -26.50 84.04
CA PHE U 203 -37.20 -26.75 83.23
C PHE U 203 -36.86 -27.63 82.04
N HIS U 204 -37.73 -28.59 81.73
CA HIS U 204 -37.58 -29.45 80.57
C HIS U 204 -38.84 -29.35 79.71
N TYR U 205 -38.66 -29.20 78.40
CA TYR U 205 -39.77 -29.02 77.48
C TYR U 205 -40.03 -30.30 76.70
N MET U 206 -41.19 -30.36 76.06
CA MET U 206 -41.68 -31.58 75.44
C MET U 206 -41.89 -31.47 73.94
N GLU U 207 -42.57 -30.43 73.46
CA GLU U 207 -42.97 -30.39 72.07
C GLU U 207 -41.78 -30.00 71.17
N TYR U 208 -41.97 -30.18 69.85
CA TYR U 208 -40.83 -30.21 68.94
C TYR U 208 -40.03 -28.91 68.95
N PRO U 209 -40.61 -27.71 68.95
CA PRO U 209 -39.78 -26.52 69.24
C PRO U 209 -39.08 -26.70 70.58
N LEU U 210 -37.75 -26.84 70.52
CA LEU U 210 -36.92 -27.11 71.70
C LEU U 210 -37.37 -28.39 72.42
N ASN U 211 -37.61 -29.45 71.66
CA ASN U 211 -37.80 -30.76 72.29
C ASN U 211 -36.47 -31.29 72.78
N HIS U 212 -36.51 -32.03 73.89
CA HIS U 212 -35.32 -32.53 74.57
C HIS U 212 -34.36 -31.39 74.94
N SER U 213 -34.89 -30.21 75.23
CA SER U 213 -34.08 -29.05 75.54
C SER U 213 -34.13 -28.76 77.04
N MET U 214 -33.38 -27.75 77.45
CA MET U 214 -33.27 -27.37 78.86
C MET U 214 -33.23 -25.86 78.96
N GLY U 215 -33.49 -25.38 80.18
CA GLY U 215 -33.26 -24.00 80.53
C GLY U 215 -32.07 -23.86 81.46
N ILE U 216 -31.79 -22.61 81.82
CA ILE U 216 -30.69 -22.33 82.74
C ILE U 216 -31.14 -22.64 84.15
N ALA U 217 -30.36 -23.45 84.86
CA ALA U 217 -30.78 -23.99 86.14
C ALA U 217 -30.72 -22.94 87.24
N PHE U 218 -31.60 -23.11 88.23
CA PHE U 218 -31.73 -22.19 89.34
C PHE U 218 -31.84 -22.98 90.64
N SER U 219 -31.62 -22.29 91.75
CA SER U 219 -31.62 -22.94 93.06
C SER U 219 -33.04 -23.31 93.50
N TYR U 220 -33.16 -24.48 94.12
CA TYR U 220 -34.46 -25.04 94.50
C TYR U 220 -34.41 -25.55 95.94
N LYS U 221 -33.98 -24.70 96.86
CA LYS U 221 -34.18 -24.98 98.28
C LYS U 221 -35.66 -25.14 98.57
N ASN U 222 -36.02 -26.25 99.24
CA ASN U 222 -37.39 -26.58 99.61
C ASN U 222 -38.33 -26.60 98.41
N LEU U 223 -39.64 -26.52 98.66
CA LEU U 223 -40.63 -26.52 97.60
C LEU U 223 -40.92 -25.09 97.15
N LEU U 224 -41.64 -24.97 96.04
CA LEU U 224 -41.97 -23.69 95.45
C LEU U 224 -43.42 -23.67 95.00
N GLU U 225 -44.02 -22.49 95.06
CA GLU U 225 -45.35 -22.23 94.51
C GLU U 225 -45.20 -21.38 93.26
N VAL U 226 -45.81 -21.82 92.17
CA VAL U 226 -45.65 -21.20 90.85
C VAL U 226 -46.93 -20.48 90.50
N ILE U 227 -46.80 -19.23 90.08
CA ILE U 227 -47.93 -18.40 89.71
C ILE U 227 -47.72 -17.93 88.28
N MET U 228 -48.71 -18.19 87.43
CA MET U 228 -48.76 -17.74 86.05
C MET U 228 -49.36 -16.34 86.00
N LYS U 229 -48.75 -15.44 85.24
CA LYS U 229 -49.42 -14.19 84.96
C LYS U 229 -50.51 -14.42 83.92
N PRO U 230 -51.67 -13.79 84.07
CA PRO U 230 -52.89 -14.24 83.38
C PRO U 230 -53.09 -13.73 81.96
N TYR U 231 -52.07 -13.21 81.27
CA TYR U 231 -52.25 -12.71 79.91
C TYR U 231 -51.47 -13.49 78.87
N GLN U 232 -50.97 -14.68 79.22
CA GLN U 232 -50.27 -15.57 78.30
C GLN U 232 -49.05 -14.91 77.65
N ARG U 233 -48.32 -14.12 78.43
CA ARG U 233 -47.05 -13.57 77.98
C ARG U 233 -45.86 -14.37 78.49
N GLY U 234 -46.09 -15.42 79.26
CA GLY U 234 -45.02 -16.26 79.78
C GLY U 234 -44.48 -15.86 81.13
N PHE U 235 -44.86 -14.70 81.65
CA PHE U 235 -44.30 -14.21 82.90
C PHE U 235 -44.68 -15.11 84.07
N MET U 236 -43.70 -15.48 84.89
CA MET U 236 -43.93 -16.39 86.00
C MET U 236 -43.33 -15.85 87.29
N VAL U 237 -43.97 -16.19 88.41
CA VAL U 237 -43.45 -15.86 89.73
C VAL U 237 -43.38 -17.14 90.55
N LEU U 238 -42.21 -17.44 91.11
CA LEU U 238 -42.02 -18.64 91.93
C LEU U 238 -41.61 -18.22 93.33
N TRP U 239 -42.40 -18.61 94.33
CA TRP U 239 -42.19 -18.10 95.68
C TRP U 239 -42.43 -19.19 96.70
N ASN U 240 -41.76 -19.06 97.83
CA ASN U 240 -41.97 -19.94 98.97
C ASN U 240 -41.73 -19.11 100.23
N GLN U 241 -41.48 -19.79 101.36
CA GLN U 241 -41.30 -19.08 102.61
C GLN U 241 -40.04 -18.22 102.62
N LYS U 242 -38.97 -18.68 101.96
CA LYS U 242 -37.67 -18.04 102.09
C LYS U 242 -37.02 -17.68 100.75
N SER U 243 -37.78 -17.59 99.66
CA SER U 243 -37.19 -17.19 98.39
C SER U 243 -38.26 -16.67 97.46
N ILE U 244 -37.83 -15.92 96.45
CA ILE U 244 -38.71 -15.41 95.41
C ILE U 244 -37.89 -15.24 94.14
N LEU U 245 -38.43 -15.72 93.02
CA LEU U 245 -37.79 -15.67 91.72
C LEU U 245 -38.81 -15.27 90.67
N VAL U 246 -38.33 -14.64 89.61
CA VAL U 246 -39.18 -14.17 88.52
C VAL U 246 -38.63 -14.73 87.21
N SER U 247 -39.49 -15.32 86.40
CA SER U 247 -39.10 -15.80 85.08
C SER U 247 -39.77 -14.91 84.03
N SER U 248 -38.95 -14.12 83.33
CA SER U 248 -39.44 -13.26 82.27
C SER U 248 -39.75 -14.03 81.00
N ASN U 249 -38.98 -15.07 80.72
CA ASN U 249 -39.25 -15.97 79.60
C ASN U 249 -40.33 -16.95 80.05
N SER U 250 -40.55 -18.02 79.31
CA SER U 250 -41.52 -19.01 79.74
C SER U 250 -40.90 -20.05 80.67
N GLY U 251 -39.85 -19.68 81.38
CA GLY U 251 -39.08 -20.62 82.18
C GLY U 251 -37.67 -20.85 81.68
N GLN U 252 -37.30 -20.30 80.52
CA GLN U 252 -35.96 -20.54 80.00
C GLN U 252 -34.90 -19.92 80.89
N ILE U 253 -35.04 -18.64 81.23
CA ILE U 253 -34.17 -17.97 82.19
C ILE U 253 -35.00 -17.65 83.42
N VAL U 254 -34.56 -18.14 84.57
CA VAL U 254 -35.19 -17.84 85.85
C VAL U 254 -34.14 -17.12 86.68
N GLU U 255 -34.47 -15.90 87.11
CA GLU U 255 -33.49 -15.07 87.77
C GLU U 255 -33.99 -14.60 89.14
N HIS U 256 -33.24 -13.72 89.76
CA HIS U 256 -33.55 -13.15 91.06
C HIS U 256 -34.32 -11.85 90.89
N VAL U 257 -34.52 -11.16 92.00
CA VAL U 257 -35.29 -9.92 92.05
C VAL U 257 -34.38 -8.80 92.54
N ARG U 258 -34.53 -7.62 91.97
CA ARG U 258 -33.77 -6.45 92.39
C ARG U 258 -34.50 -5.72 93.52
N LEU U 259 -33.83 -4.74 94.10
CA LEU U 259 -34.43 -3.88 95.12
C LEU U 259 -33.78 -2.51 95.01
N ILE U 260 -34.60 -1.48 95.12
CA ILE U 260 -34.21 -0.11 94.89
C ILE U 260 -34.04 0.60 96.23
N ASP U 261 -32.93 1.30 96.40
CA ASP U 261 -32.73 2.13 97.59
C ASP U 261 -31.73 3.22 97.25
N GLN U 262 -32.13 4.48 97.43
CA GLN U 262 -31.28 5.64 97.18
C GLN U 262 -30.65 5.58 95.80
N LYS U 263 -31.51 5.35 94.80
CA LYS U 263 -31.20 5.12 93.39
C LYS U 263 -29.98 4.22 93.15
N ILE U 264 -29.82 3.19 93.99
CA ILE U 264 -28.93 2.09 93.67
C ILE U 264 -29.70 0.80 93.88
N PHE U 265 -29.48 -0.15 92.98
CA PHE U 265 -30.19 -1.42 92.99
C PHE U 265 -29.29 -2.50 93.56
N THR U 266 -29.90 -3.45 94.26
CA THR U 266 -29.16 -4.58 94.81
C THR U 266 -30.02 -5.82 94.69
N ASP U 267 -29.36 -6.96 94.46
CA ASP U 267 -30.07 -8.22 94.38
C ASP U 267 -30.64 -8.58 95.75
N LEU U 268 -31.85 -9.13 95.76
CA LEU U 268 -32.58 -9.39 97.00
C LEU U 268 -32.64 -10.90 97.23
N ASP U 269 -31.90 -11.37 98.22
CA ASP U 269 -32.01 -12.73 98.71
C ASP U 269 -32.84 -12.67 99.99
N VAL U 270 -33.92 -13.46 100.03
CA VAL U 270 -34.83 -13.40 101.17
C VAL U 270 -34.14 -13.91 102.43
N GLU U 271 -33.43 -15.03 102.31
CA GLU U 271 -32.83 -15.65 103.49
C GLU U 271 -31.74 -14.77 104.09
N HIS U 272 -30.92 -14.14 103.23
CA HIS U 272 -29.81 -13.35 103.73
C HIS U 272 -30.25 -12.00 104.32
N ALA U 273 -31.42 -11.50 103.96
CA ALA U 273 -31.95 -10.30 104.57
C ALA U 273 -32.79 -10.59 105.81
N ASN U 274 -32.97 -11.87 106.16
CA ASN U 274 -33.65 -12.30 107.39
C ASN U 274 -35.10 -11.83 107.45
N ILE U 275 -35.85 -12.09 106.38
CA ILE U 275 -37.28 -11.80 106.33
C ILE U 275 -38.01 -13.03 105.85
N ASN U 276 -39.32 -13.06 106.11
CA ASN U 276 -40.19 -14.14 105.65
C ASN U 276 -41.38 -13.51 104.92
N ILE U 277 -41.63 -13.94 103.69
CA ILE U 277 -42.77 -13.41 102.94
C ILE U 277 -44.01 -14.21 103.31
N TYR U 278 -45.13 -13.50 103.43
CA TYR U 278 -46.39 -14.05 103.94
C TYR U 278 -47.47 -14.11 102.87
N SER U 279 -47.62 -13.05 102.08
CA SER U 279 -48.63 -13.04 101.04
C SER U 279 -48.04 -12.46 99.76
N VAL U 280 -48.51 -12.96 98.62
CA VAL U 280 -48.06 -12.49 97.31
C VAL U 280 -49.29 -12.26 96.43
N ALA U 281 -49.41 -11.06 95.88
CA ALA U 281 -50.45 -10.73 94.92
C ALA U 281 -49.81 -10.36 93.59
N SER U 282 -50.44 -10.80 92.51
CA SER U 282 -49.85 -10.68 91.17
C SER U 282 -50.91 -10.21 90.19
N ASN U 283 -50.69 -9.06 89.60
CA ASN U 283 -51.54 -8.52 88.56
C ASN U 283 -51.03 -8.97 87.19
N ALA U 284 -51.56 -8.37 86.13
CA ALA U 284 -51.05 -8.65 84.80
C ALA U 284 -49.62 -8.16 84.63
N TYR U 285 -49.30 -6.99 85.16
CA TYR U 285 -48.00 -6.38 84.98
C TYR U 285 -47.22 -6.14 86.27
N GLU U 286 -47.88 -6.17 87.42
CA GLU U 286 -47.30 -5.76 88.68
C GLU U 286 -47.11 -6.95 89.59
N LEU U 287 -46.43 -6.73 90.72
CA LEU U 287 -46.24 -7.76 91.73
C LEU U 287 -46.18 -7.05 93.07
N ALA U 288 -46.70 -7.71 94.11
CA ALA U 288 -46.59 -7.13 95.43
C ALA U 288 -46.54 -8.27 96.44
N PHE U 289 -45.79 -8.07 97.51
CA PHE U 289 -45.79 -9.08 98.55
C PHE U 289 -45.66 -8.46 99.93
N LEU U 290 -46.39 -9.05 100.85
CA LEU U 290 -46.44 -8.64 102.25
C LEU U 290 -45.61 -9.60 103.08
N VAL U 291 -44.67 -9.03 103.84
CA VAL U 291 -43.70 -9.73 104.66
C VAL U 291 -44.16 -9.64 106.11
N ALA U 292 -44.08 -10.77 106.83
CA ALA U 292 -44.76 -10.99 108.10
C ALA U 292 -44.32 -10.02 109.20
N GLU U 293 -43.20 -9.33 109.04
CA GLU U 293 -42.83 -8.30 110.01
C GLU U 293 -43.37 -6.93 109.60
N ASP U 294 -44.66 -6.90 109.29
CA ASP U 294 -45.39 -5.68 108.92
C ASP U 294 -44.70 -4.90 107.82
N HIS U 295 -44.42 -5.55 106.69
CA HIS U 295 -43.78 -4.85 105.57
C HIS U 295 -44.50 -5.13 104.27
N LEU U 296 -44.50 -4.14 103.36
CA LEU U 296 -45.15 -4.26 102.06
C LEU U 296 -44.17 -3.84 100.98
N TYR U 297 -43.89 -4.75 100.04
CA TYR U 297 -43.03 -4.47 98.91
C TYR U 297 -43.89 -4.46 97.65
N TYR U 298 -43.67 -3.46 96.80
CA TYR U 298 -44.37 -3.34 95.53
C TYR U 298 -43.35 -3.30 94.42
N GLY U 299 -43.56 -4.06 93.36
CA GLY U 299 -42.59 -4.15 92.29
C GLY U 299 -43.25 -4.17 90.94
N SER U 300 -42.53 -3.63 89.96
CA SER U 300 -42.90 -3.73 88.56
C SER U 300 -42.08 -4.85 87.94
N GLN U 301 -42.76 -5.77 87.26
CA GLN U 301 -42.15 -6.92 86.61
C GLN U 301 -42.29 -6.77 85.11
N SER U 302 -41.18 -6.86 84.40
CA SER U 302 -41.17 -6.68 82.96
C SER U 302 -39.92 -7.37 82.40
N TYR U 303 -39.60 -7.08 81.14
CA TYR U 303 -38.33 -7.50 80.59
C TYR U 303 -37.20 -6.69 81.22
N MET U 304 -35.98 -7.19 81.04
CA MET U 304 -34.78 -6.61 81.67
C MET U 304 -34.93 -6.50 83.19
N GLY U 305 -35.53 -7.52 83.80
CA GLY U 305 -35.60 -7.62 85.25
C GLY U 305 -36.73 -6.81 85.84
N THR U 306 -36.96 -7.04 87.14
CA THR U 306 -38.03 -6.42 87.90
C THR U 306 -37.45 -5.52 88.98
N TYR U 307 -38.18 -4.46 89.32
CA TYR U 307 -37.74 -3.53 90.35
C TYR U 307 -38.77 -3.50 91.47
N VAL U 308 -38.31 -3.76 92.69
CA VAL U 308 -39.15 -3.88 93.87
C VAL U 308 -38.72 -2.81 94.88
N ILE U 309 -39.67 -2.02 95.34
CA ILE U 309 -39.42 -0.97 96.31
C ILE U 309 -40.26 -1.27 97.55
N LYS U 310 -39.86 -0.65 98.66
CA LYS U 310 -40.51 -0.85 99.95
C LYS U 310 -41.42 0.35 100.24
N LEU U 311 -42.72 0.09 100.34
CA LEU U 311 -43.69 1.13 100.58
C LEU U 311 -43.62 1.59 102.04
N PRO U 312 -44.13 2.80 102.34
CA PRO U 312 -44.02 3.32 103.70
C PRO U 312 -44.73 2.46 104.75
N HIS U 313 -44.27 2.62 105.99
CA HIS U 313 -44.67 1.74 107.07
C HIS U 313 -46.12 1.94 107.48
N GLN U 314 -46.79 0.82 107.80
CA GLN U 314 -48.15 0.80 108.30
C GLN U 314 -48.41 -0.57 108.90
N PRO U 315 -48.99 -0.65 110.09
CA PRO U 315 -49.20 -1.96 110.74
C PRO U 315 -50.34 -2.76 110.13
N LEU U 316 -50.06 -3.51 109.06
CA LEU U 316 -51.10 -4.22 108.32
C LEU U 316 -51.26 -5.67 108.71
N TRP U 317 -50.24 -6.29 109.30
CA TRP U 317 -50.22 -7.74 109.49
C TRP U 317 -50.95 -8.11 110.79
N SER U 318 -51.97 -8.96 110.67
CA SER U 318 -52.84 -9.33 111.78
C SER U 318 -53.22 -10.80 111.77
N THR U 319 -52.26 -11.69 111.49
CA THR U 319 -52.39 -13.15 111.58
C THR U 319 -53.41 -13.75 110.62
N HIS U 320 -54.12 -12.93 109.86
CA HIS U 320 -55.14 -13.42 108.94
C HIS U 320 -55.17 -12.68 107.62
N THR U 321 -54.35 -11.66 107.44
CA THR U 321 -54.48 -10.78 106.29
C THR U 321 -53.91 -11.43 105.04
N SER U 322 -54.29 -10.84 103.90
CA SER U 322 -53.82 -11.30 102.60
C SER U 322 -54.06 -10.18 101.60
N ILE U 323 -53.06 -9.85 100.82
CA ILE U 323 -53.20 -8.82 99.82
C ILE U 323 -53.78 -9.43 98.56
N TYR U 324 -54.58 -8.66 97.85
CA TYR U 324 -55.02 -9.04 96.51
C TYR U 324 -55.19 -7.75 95.72
N PHE U 325 -54.86 -7.81 94.43
CA PHE U 325 -54.89 -6.62 93.59
C PHE U 325 -56.32 -6.34 93.17
N GLU U 326 -56.94 -5.34 93.81
CA GLU U 326 -58.28 -4.94 93.43
C GLU U 326 -58.32 -4.37 92.03
N ASP U 327 -57.32 -3.55 91.69
CA ASP U 327 -57.30 -2.88 90.38
C ASP U 327 -55.87 -2.46 90.09
N ILE U 328 -55.65 -2.02 88.85
CA ILE U 328 -54.34 -1.50 88.47
C ILE U 328 -54.07 -0.22 89.25
N GLY U 329 -53.05 -0.27 90.10
CA GLY U 329 -52.77 0.84 90.99
C GLY U 329 -53.60 0.88 92.25
N ILE U 330 -54.37 -0.17 92.55
CA ILE U 330 -55.20 -0.22 93.74
C ILE U 330 -55.00 -1.59 94.38
N LEU U 331 -54.30 -1.63 95.50
CA LEU U 331 -54.07 -2.84 96.28
C LEU U 331 -55.07 -2.87 97.42
N GLN U 332 -55.30 -4.08 97.95
CA GLN U 332 -56.31 -4.20 99.00
C GLN U 332 -55.89 -5.25 100.00
N VAL U 333 -55.93 -4.89 101.27
CA VAL U 333 -55.64 -5.81 102.36
C VAL U 333 -56.95 -6.18 103.03
N LEU U 334 -57.23 -7.48 103.07
CA LEU U 334 -58.51 -8.01 103.52
C LEU U 334 -58.29 -8.92 104.72
N THR U 335 -59.05 -8.69 105.79
CA THR U 335 -58.92 -9.46 107.02
C THR U 335 -60.31 -9.89 107.49
N PRO U 336 -60.61 -11.17 107.53
CA PRO U 336 -61.90 -11.60 108.08
C PRO U 336 -61.88 -11.67 109.59
N VAL U 337 -62.91 -11.10 110.21
CA VAL U 337 -63.08 -11.09 111.65
C VAL U 337 -64.32 -11.89 112.00
N ALA U 338 -64.18 -12.78 112.97
CA ALA U 338 -65.24 -13.68 113.35
C ALA U 338 -66.28 -12.97 114.21
N ASP U 339 -67.46 -13.58 114.29
CA ASP U 339 -68.52 -13.12 115.16
C ASP U 339 -69.37 -14.31 115.61
N PRO U 340 -69.28 -14.71 116.88
CA PRO U 340 -70.08 -15.83 117.38
C PRO U 340 -71.48 -15.42 117.82
N HIS U 341 -71.75 -14.12 117.97
CA HIS U 341 -73.08 -13.67 118.34
C HIS U 341 -74.06 -13.89 117.20
N PHE U 342 -73.57 -13.83 115.96
CA PHE U 342 -74.39 -14.12 114.79
C PHE U 342 -73.80 -15.27 113.96
N ALA U 343 -72.68 -15.85 114.40
CA ALA U 343 -72.03 -16.98 113.73
C ALA U 343 -71.72 -16.67 112.27
N ALA U 344 -71.00 -15.56 112.04
CA ALA U 344 -70.64 -15.15 110.69
C ALA U 344 -69.38 -14.31 110.75
N TYR U 345 -68.80 -14.06 109.58
CA TYR U 345 -67.52 -13.37 109.48
C TYR U 345 -67.70 -12.09 108.69
N ASP U 346 -67.30 -10.97 109.27
CA ASP U 346 -67.30 -9.69 108.57
C ASP U 346 -65.88 -9.38 108.13
N PHE U 347 -65.69 -8.30 107.38
CA PHE U 347 -64.39 -8.10 106.76
C PHE U 347 -63.86 -6.70 107.04
N ASP U 348 -62.54 -6.60 107.18
CA ASP U 348 -61.84 -5.33 107.34
C ASP U 348 -60.96 -5.12 106.12
N LYS U 349 -61.08 -3.96 105.50
CA LYS U 349 -60.35 -3.68 104.27
C LYS U 349 -59.54 -2.40 104.41
N CYS U 350 -58.32 -2.44 103.91
CA CYS U 350 -57.58 -1.26 103.48
C CYS U 350 -57.49 -1.22 101.97
N THR U 351 -57.77 -0.06 101.38
CA THR U 351 -57.48 0.21 99.97
C THR U 351 -56.20 1.04 99.93
N VAL U 352 -55.13 0.42 99.47
CA VAL U 352 -53.86 1.11 99.28
C VAL U 352 -53.83 1.71 97.88
N ASN U 353 -53.64 3.02 97.81
CA ASN U 353 -53.50 3.76 96.56
C ASN U 353 -52.01 3.88 96.27
N VAL U 354 -51.47 2.90 95.54
CA VAL U 354 -50.03 2.79 95.39
C VAL U 354 -49.41 3.94 94.60
N GLN U 355 -50.16 4.55 93.68
CA GLN U 355 -49.62 5.67 92.92
C GLN U 355 -49.33 6.88 93.79
N SER U 356 -50.26 7.21 94.70
CA SER U 356 -50.04 8.31 95.62
C SER U 356 -49.00 7.97 96.67
N SER U 357 -48.97 6.72 97.14
CA SER U 357 -47.99 6.33 98.13
C SER U 357 -46.58 6.32 97.56
N LEU U 358 -46.44 6.14 96.25
CA LEU U 358 -45.14 6.27 95.60
C LEU U 358 -44.84 7.71 95.21
N MET U 359 -44.99 8.64 96.17
CA MET U 359 -44.72 10.04 95.89
C MET U 359 -44.03 10.75 97.05
N ASP U 360 -43.62 10.04 98.09
CA ASP U 360 -43.01 10.67 99.25
C ASP U 360 -41.63 11.21 98.90
N GLU U 361 -41.24 12.28 99.61
CA GLU U 361 -39.91 12.85 99.42
C GLU U 361 -38.82 11.94 99.96
N LYS U 362 -39.16 11.03 100.87
CA LYS U 362 -38.17 10.10 101.40
C LYS U 362 -37.73 9.09 100.34
N LEU U 363 -38.64 8.66 99.49
CA LEU U 363 -38.31 7.72 98.43
C LEU U 363 -37.69 8.41 97.23
N ALA U 364 -38.30 9.51 96.77
CA ALA U 364 -37.77 10.36 95.71
C ALA U 364 -37.54 9.60 94.42
N LEU U 365 -38.62 9.04 93.88
CA LEU U 365 -38.56 8.34 92.60
C LEU U 365 -38.75 9.33 91.46
N GLN U 366 -37.89 9.24 90.45
CA GLN U 366 -38.01 10.08 89.27
C GLN U 366 -39.28 9.71 88.49
N PRO U 367 -40.03 10.71 88.02
CA PRO U 367 -41.39 10.44 87.54
C PRO U 367 -41.39 9.72 86.20
N CYS U 368 -42.60 9.56 85.66
CA CYS U 368 -42.80 8.80 84.43
C CYS U 368 -42.11 9.47 83.26
N ASN U 369 -41.40 8.68 82.46
CA ASN U 369 -40.64 9.18 81.33
C ASN U 369 -41.37 9.07 80.01
N VAL U 370 -42.60 8.57 80.01
CA VAL U 370 -43.41 8.52 78.81
C VAL U 370 -44.74 9.18 79.12
N GLU U 371 -45.19 10.04 78.24
CA GLU U 371 -46.37 10.86 78.49
C GLU U 371 -47.66 10.20 78.06
N LEU U 372 -47.62 9.35 77.04
CA LEU U 372 -48.85 8.78 76.52
C LEU U 372 -48.52 7.52 75.75
N LEU U 373 -49.27 6.46 75.99
CA LEU U 373 -49.11 5.19 75.28
C LEU U 373 -50.50 4.66 75.01
N GLU U 374 -50.90 4.64 73.74
CA GLU U 374 -52.27 4.29 73.40
C GLU U 374 -52.34 3.45 72.12
N SER U 375 -53.21 2.45 72.14
CA SER U 375 -53.47 1.62 70.97
C SER U 375 -54.88 1.06 71.05
N THR U 376 -55.34 0.47 69.94
CA THR U 376 -56.61 -0.22 69.89
C THR U 376 -56.44 -1.71 69.64
N MET U 377 -55.26 -2.24 69.90
CA MET U 377 -54.96 -3.65 69.75
C MET U 377 -55.18 -4.47 71.03
N ILE U 378 -55.68 -3.84 72.10
CA ILE U 378 -55.87 -4.56 73.35
C ILE U 378 -57.28 -5.09 73.55
N ASN U 379 -58.25 -4.63 72.75
CA ASN U 379 -59.64 -4.99 72.98
C ASN U 379 -59.93 -6.44 72.61
N THR U 380 -59.40 -6.91 71.49
CA THR U 380 -59.75 -8.25 71.00
C THR U 380 -58.51 -9.09 70.68
N MET U 381 -58.74 -10.27 70.13
CA MET U 381 -57.69 -11.20 69.75
C MET U 381 -57.65 -11.33 68.23
N PHE U 382 -56.53 -11.83 67.72
CA PHE U 382 -56.31 -11.87 66.28
C PHE U 382 -55.96 -13.27 65.83
N THR U 383 -56.23 -13.55 64.55
CA THR U 383 -55.87 -14.83 63.94
C THR U 383 -55.13 -14.58 62.65
N ILE U 384 -54.12 -15.41 62.40
CA ILE U 384 -53.39 -15.44 61.14
C ILE U 384 -53.54 -16.82 60.54
N ASP U 385 -53.80 -16.88 59.24
CA ASP U 385 -53.76 -18.13 58.50
C ASP U 385 -52.51 -18.17 57.63
N MET U 386 -52.38 -19.21 56.83
CA MET U 386 -51.22 -19.37 55.97
C MET U 386 -51.19 -18.31 54.87
N ASN U 387 -49.97 -17.89 54.51
CA ASN U 387 -49.72 -16.95 53.42
C ASN U 387 -50.49 -15.65 53.60
N SER U 388 -50.59 -15.19 54.84
CA SER U 388 -51.28 -13.95 55.16
C SER U 388 -50.50 -13.19 56.23
N LYS U 389 -50.68 -11.87 56.25
CA LYS U 389 -49.99 -11.00 57.19
C LYS U 389 -50.98 -10.03 57.79
N LEU U 390 -50.64 -9.48 58.96
CA LEU U 390 -51.52 -8.49 59.57
C LEU U 390 -50.72 -7.34 60.15
N LYS U 391 -51.39 -6.20 60.31
CA LYS U 391 -50.75 -4.95 60.71
C LYS U 391 -51.37 -4.45 62.00
N LEU U 392 -50.54 -3.97 62.91
CA LEU U 392 -50.99 -3.34 64.15
C LEU U 392 -50.30 -1.99 64.32
N SER U 393 -50.92 -1.12 65.10
CA SER U 393 -50.45 0.24 65.25
C SER U 393 -50.48 0.67 66.71
N ALA U 394 -49.63 1.64 67.06
CA ALA U 394 -49.57 2.19 68.41
C ALA U 394 -49.02 3.60 68.37
N LEU U 395 -49.47 4.43 69.30
CA LEU U 395 -49.10 5.84 69.36
C LEU U 395 -48.42 6.10 70.70
N MET U 396 -47.25 6.75 70.65
CA MET U 396 -46.47 7.01 71.84
C MET U 396 -45.99 8.46 71.84
N ILE U 397 -46.21 9.15 72.95
CA ILE U 397 -45.69 10.49 73.19
C ILE U 397 -44.71 10.40 74.35
N PRO U 398 -43.45 10.78 74.17
CA PRO U 398 -42.48 10.68 75.26
C PRO U 398 -42.43 11.95 76.10
N ARG U 399 -41.72 11.90 77.21
CA ARG U 399 -41.65 13.03 78.11
C ARG U 399 -40.81 14.14 77.50
N LYS U 400 -40.86 15.32 78.12
CA LYS U 400 -40.24 16.51 77.55
C LYS U 400 -38.72 16.39 77.52
N GLY U 401 -38.14 15.72 78.50
CA GLY U 401 -36.68 15.66 78.59
C GLY U 401 -36.05 14.33 78.26
N GLU U 402 -36.67 13.23 78.64
CA GLU U 402 -36.00 11.94 78.51
C GLU U 402 -36.13 11.40 77.09
N ASN U 403 -35.47 10.28 76.85
CA ASN U 403 -35.36 9.65 75.54
C ASN U 403 -35.57 8.16 75.69
N PRO U 404 -36.82 7.72 75.85
CA PRO U 404 -37.07 6.29 76.09
C PRO U 404 -37.02 5.47 74.83
N THR U 405 -36.61 4.21 74.98
CA THR U 405 -36.45 3.30 73.85
C THR U 405 -37.59 2.28 73.84
N PRO U 406 -38.48 2.32 72.85
CA PRO U 406 -39.55 1.32 72.78
C PRO U 406 -39.00 -0.02 72.35
N LEU U 407 -39.76 -1.07 72.66
CA LEU U 407 -39.37 -2.39 72.20
C LEU U 407 -40.60 -3.27 72.06
N VAL U 408 -40.62 -4.05 70.99
CA VAL U 408 -41.68 -5.01 70.70
C VAL U 408 -41.10 -6.40 70.90
N MET U 409 -41.81 -7.23 71.63
CA MET U 409 -41.37 -8.60 71.88
C MET U 409 -42.52 -9.58 71.62
N VAL U 410 -42.13 -10.83 71.39
CA VAL U 410 -43.04 -11.89 71.00
C VAL U 410 -42.85 -13.04 71.95
N SER U 411 -43.94 -13.61 72.46
CA SER U 411 -43.85 -14.74 73.36
C SER U 411 -43.26 -15.96 72.68
N ASN U 412 -43.62 -16.20 71.43
CA ASN U 412 -43.27 -17.43 70.71
C ASN U 412 -42.57 -17.05 69.42
N PRO U 413 -41.28 -16.75 69.47
CA PRO U 413 -40.55 -16.35 68.26
C PRO U 413 -40.28 -17.50 67.32
N HIS U 414 -40.68 -18.71 67.67
CA HIS U 414 -40.54 -19.84 66.76
C HIS U 414 -41.60 -19.83 65.67
N ALA U 415 -42.79 -19.31 65.97
CA ALA U 415 -43.89 -19.36 65.03
C ALA U 415 -44.51 -18.00 64.79
N LEU U 416 -43.78 -16.92 65.04
CA LEU U 416 -44.32 -15.58 64.85
C LEU U 416 -43.19 -14.61 64.61
N GLY U 417 -43.11 -14.07 63.40
CA GLY U 417 -42.11 -13.09 63.08
C GLY U 417 -42.71 -11.73 62.79
N PHE U 418 -42.00 -10.68 63.16
CA PHE U 418 -42.50 -9.32 63.05
C PHE U 418 -41.43 -8.40 62.51
N LYS U 419 -41.89 -7.27 61.98
CA LYS U 419 -41.01 -6.17 61.61
C LYS U 419 -41.71 -4.88 62.01
N ALA U 420 -41.04 -4.06 62.81
CA ALA U 420 -41.65 -2.87 63.39
C ALA U 420 -40.96 -1.62 62.90
N ASN U 421 -41.74 -0.61 62.52
CA ASN U 421 -41.21 0.68 62.13
C ASN U 421 -41.80 1.76 63.00
N LEU U 422 -40.94 2.65 63.50
CA LEU U 422 -41.36 3.76 64.34
C LEU U 422 -41.01 5.06 63.65
N ASN U 423 -42.01 5.80 63.21
CA ASN U 423 -41.80 7.04 62.48
C ASN U 423 -42.53 8.18 63.15
N GLU U 424 -41.98 9.38 63.03
CA GLU U 424 -42.51 10.56 63.69
C GLU U 424 -43.37 11.36 62.72
N PHE U 425 -44.55 11.78 63.18
CA PHE U 425 -45.43 12.61 62.39
C PHE U 425 -46.16 13.59 63.28
N GLY U 426 -46.11 14.87 62.92
CA GLY U 426 -46.70 15.96 63.67
C GLY U 426 -46.06 16.09 65.05
N ASN U 427 -46.60 17.02 65.81
CA ASN U 427 -46.20 17.16 67.20
C ASN U 427 -47.29 17.92 67.96
N THR U 428 -47.35 17.68 69.27
CA THR U 428 -48.42 18.20 70.10
C THR U 428 -48.25 19.69 70.35
N PHE U 429 -49.27 20.29 70.98
CA PHE U 429 -49.31 21.73 71.17
C PHE U 429 -48.22 22.23 72.11
N ASP U 430 -47.80 21.40 73.06
CA ASP U 430 -46.67 21.79 73.90
C ASP U 430 -45.36 21.78 73.13
N GLY U 431 -45.18 20.85 72.20
CA GLY U 431 -43.95 20.70 71.45
C GLY U 431 -43.39 19.29 71.44
N ASN U 432 -43.92 18.38 72.25
CA ASN U 432 -43.47 17.00 72.23
C ASN U 432 -43.89 16.34 70.92
N SER U 433 -43.06 15.41 70.46
CA SER U 433 -43.23 14.80 69.15
C SER U 433 -44.00 13.50 69.28
N LYS U 434 -45.09 13.37 68.52
CA LYS U 434 -45.79 12.10 68.47
C LYS U 434 -45.00 11.09 67.67
N TYR U 435 -45.01 9.85 68.12
CA TYR U 435 -44.37 8.74 67.43
C TYR U 435 -45.44 7.72 67.11
N LYS U 436 -45.50 7.26 65.87
CA LYS U 436 -46.37 6.16 65.52
C LYS U 436 -45.53 4.96 65.16
N LEU U 437 -45.82 3.83 65.78
CA LEU U 437 -45.10 2.60 65.46
C LEU U 437 -46.09 1.58 64.92
N ASP U 438 -45.77 1.02 63.77
CA ASP U 438 -46.60 -0.01 63.15
C ASP U 438 -45.79 -1.29 63.01
N ILE U 439 -46.42 -2.40 63.40
CA ILE U 439 -45.80 -3.72 63.39
C ILE U 439 -46.51 -4.55 62.32
N GLU U 440 -45.73 -5.17 61.45
CA GLU U 440 -46.26 -6.13 60.50
C GLU U 440 -45.87 -7.53 60.97
N LEU U 441 -46.83 -8.43 61.02
CA LEU U 441 -46.61 -9.77 61.55
C LEU U 441 -47.01 -10.82 60.54
N LYS U 442 -46.19 -11.86 60.44
CA LYS U 442 -46.50 -13.04 59.63
C LYS U 442 -45.65 -14.19 60.14
N GLN U 443 -45.67 -15.30 59.41
CA GLN U 443 -45.10 -16.53 59.92
C GLN U 443 -43.57 -16.51 59.87
N GLN U 444 -42.95 -17.21 60.82
CA GLN U 444 -41.51 -17.08 61.02
C GLN U 444 -40.73 -17.69 59.86
N HIS U 445 -41.22 -18.78 59.28
CA HIS U 445 -40.56 -19.37 58.12
C HIS U 445 -40.53 -18.44 56.93
N HIS U 446 -41.61 -17.69 56.69
CA HIS U 446 -41.67 -16.84 55.52
C HIS U 446 -40.76 -15.62 55.62
N TRP U 447 -40.28 -15.28 56.81
CA TRP U 447 -39.33 -14.18 56.94
C TRP U 447 -37.94 -14.56 56.46
N GLY U 448 -37.48 -15.77 56.80
CA GLY U 448 -36.19 -16.23 56.33
C GLY U 448 -35.01 -15.81 57.16
N ASN U 449 -35.22 -15.41 58.41
CA ASN U 449 -34.13 -14.96 59.28
C ASN U 449 -33.95 -15.89 60.48
N SER U 450 -34.06 -17.19 60.28
CA SER U 450 -33.90 -18.15 61.36
C SER U 450 -33.32 -19.44 60.82
N ASP U 451 -32.59 -20.15 61.66
CA ASP U 451 -32.04 -21.43 61.29
C ASP U 451 -33.14 -22.50 61.32
N PHE U 452 -32.81 -23.67 60.77
CA PHE U 452 -33.72 -24.80 60.84
C PHE U 452 -33.93 -25.28 62.27
N ASN U 453 -32.97 -25.03 63.16
CA ASN U 453 -33.10 -25.38 64.56
C ASN U 453 -34.06 -24.48 65.31
N PHE U 454 -34.49 -23.37 64.72
CA PHE U 454 -35.28 -22.36 65.40
C PHE U 454 -36.70 -22.24 64.86
N THR U 455 -36.92 -22.53 63.58
CA THR U 455 -38.21 -22.28 62.95
C THR U 455 -39.28 -23.24 63.48
N ALA U 456 -38.94 -24.53 63.55
CA ALA U 456 -39.74 -25.54 64.24
C ALA U 456 -41.16 -25.65 63.66
N SER U 457 -41.20 -26.13 62.41
CA SER U 457 -42.39 -26.66 61.73
C SER U 457 -43.38 -25.58 61.33
N ILE U 458 -44.18 -25.87 60.30
CA ILE U 458 -45.10 -24.88 59.73
C ILE U 458 -46.48 -25.47 59.52
N LYS U 459 -46.59 -26.80 59.61
CA LYS U 459 -47.86 -27.46 59.36
C LYS U 459 -48.79 -27.47 60.57
N ARG U 460 -48.32 -27.05 61.74
CA ARG U 460 -49.11 -27.07 62.94
C ARG U 460 -49.50 -25.65 63.34
N HIS U 461 -50.61 -25.54 64.06
CA HIS U 461 -51.05 -24.27 64.59
C HIS U 461 -50.33 -23.96 65.90
N ALA U 462 -50.38 -22.70 66.30
CA ALA U 462 -49.76 -22.26 67.55
C ALA U 462 -50.43 -20.97 67.99
N ILE U 463 -50.03 -20.51 69.17
CA ILE U 463 -50.49 -19.23 69.70
C ILE U 463 -49.28 -18.46 70.20
N SER U 464 -49.44 -17.15 70.27
CA SER U 464 -48.38 -16.27 70.71
C SER U 464 -48.99 -14.99 71.23
N SER U 465 -48.16 -14.18 71.87
CA SER U 465 -48.60 -12.89 72.42
C SER U 465 -47.64 -11.83 71.89
N VAL U 466 -48.19 -10.70 71.46
CA VAL U 466 -47.35 -9.60 71.02
C VAL U 466 -47.41 -8.50 72.08
N THR U 467 -46.25 -7.97 72.43
CA THR U 467 -46.15 -6.98 73.49
C THR U 467 -45.37 -5.78 73.00
N VAL U 468 -45.97 -4.60 73.15
CA VAL U 468 -45.25 -3.34 72.99
C VAL U 468 -45.01 -2.76 74.38
N ASP U 469 -43.74 -2.51 74.69
CA ASP U 469 -43.34 -2.07 76.02
C ASP U 469 -42.25 -1.02 75.88
N ILE U 470 -41.90 -0.39 76.99
CA ILE U 470 -40.79 0.55 77.05
C ILE U 470 -39.65 -0.12 77.79
N ALA U 471 -38.47 -0.11 77.19
CA ALA U 471 -37.33 -0.80 77.78
C ALA U 471 -36.88 -0.15 79.07
N ASP U 472 -36.76 1.18 79.09
CA ASP U 472 -36.20 1.86 80.25
C ASP U 472 -37.26 2.65 81.01
N LYS U 473 -38.47 2.10 81.12
CA LYS U 473 -39.50 2.71 81.94
C LYS U 473 -39.09 2.61 83.40
N THR U 474 -39.31 3.69 84.15
CA THR U 474 -38.93 3.74 85.54
C THR U 474 -40.01 3.08 86.41
N LEU U 475 -39.91 3.27 87.71
CA LEU U 475 -41.01 2.96 88.58
C LEU U 475 -42.01 4.12 88.56
N SER U 476 -43.13 3.92 89.25
CA SER U 476 -44.24 4.87 89.35
C SER U 476 -44.89 5.17 88.01
N CYS U 477 -44.64 4.35 86.99
CA CYS U 477 -45.41 4.40 85.74
C CYS U 477 -46.54 3.38 85.78
N VAL U 478 -47.35 3.48 86.84
CA VAL U 478 -48.31 2.43 87.14
C VAL U 478 -49.45 2.42 86.13
N ASP U 479 -49.94 3.60 85.76
CA ASP U 479 -51.14 3.64 84.93
C ASP U 479 -50.83 3.51 83.45
N LEU U 480 -49.59 3.74 83.02
CA LEU U 480 -49.21 3.57 81.63
C LEU U 480 -48.80 2.13 81.40
N LYS U 481 -49.81 1.28 81.31
CA LYS U 481 -49.59 -0.14 81.12
C LYS U 481 -49.03 -0.43 79.73
N PRO U 482 -48.12 -1.38 79.61
CA PRO U 482 -47.67 -1.82 78.28
C PRO U 482 -48.76 -2.58 77.57
N LEU U 483 -48.71 -2.54 76.23
CA LEU U 483 -49.77 -3.11 75.41
C LEU U 483 -49.43 -4.56 75.08
N SER U 484 -50.44 -5.42 75.09
CA SER U 484 -50.24 -6.82 74.77
C SER U 484 -51.52 -7.41 74.20
N THR U 485 -51.36 -8.35 73.27
CA THR U 485 -52.52 -9.01 72.68
C THR U 485 -52.19 -10.45 72.35
N LEU U 486 -53.23 -11.21 72.03
CA LEU U 486 -53.13 -12.62 71.72
C LEU U 486 -53.34 -12.84 70.23
N ILE U 487 -52.39 -13.53 69.59
CA ILE U 487 -52.44 -13.81 68.17
C ILE U 487 -52.31 -15.32 68.00
N SER U 488 -53.30 -15.92 67.35
CA SER U 488 -53.31 -17.35 67.08
C SER U 488 -52.97 -17.58 65.62
N VAL U 489 -51.88 -18.30 65.37
CA VAL U 489 -51.57 -18.77 64.02
C VAL U 489 -52.23 -20.15 63.89
N GLY U 490 -53.50 -20.13 63.54
CA GLY U 490 -54.28 -21.35 63.47
C GLY U 490 -55.46 -21.16 62.56
N CYS U 491 -56.54 -21.87 62.85
CA CYS U 491 -57.67 -21.90 61.94
C CYS U 491 -58.46 -20.59 61.99
N ASP U 492 -59.14 -20.31 60.89
CA ASP U 492 -60.09 -19.20 60.79
C ASP U 492 -61.49 -19.80 60.79
N MET U 493 -62.21 -19.61 61.90
CA MET U 493 -63.47 -20.32 62.11
C MET U 493 -64.57 -19.85 61.17
N THR U 494 -64.40 -18.72 60.48
CA THR U 494 -65.45 -18.20 59.62
C THR U 494 -65.43 -18.81 58.21
N LYS U 495 -64.40 -19.55 57.84
CA LYS U 495 -64.33 -20.12 56.50
C LYS U 495 -65.14 -21.40 56.41
N LYS U 496 -66.03 -21.46 55.41
CA LYS U 496 -66.79 -22.67 55.12
C LYS U 496 -66.70 -22.96 53.63
N ILE U 497 -67.11 -24.16 53.25
CA ILE U 497 -67.18 -24.56 51.85
C ILE U 497 -68.62 -24.84 51.48
N VAL U 498 -69.05 -24.33 50.33
CA VAL U 498 -70.37 -24.59 49.78
C VAL U 498 -70.18 -25.13 48.37
N VAL U 499 -71.17 -25.87 47.89
CA VAL U 499 -71.15 -26.48 46.57
C VAL U 499 -72.27 -25.85 45.76
N GLN U 500 -71.97 -25.45 44.53
CA GLN U 500 -72.99 -24.83 43.71
C GLN U 500 -74.06 -25.83 43.30
N ASN U 501 -75.29 -25.34 43.24
CA ASN U 501 -76.47 -26.12 42.88
C ASN U 501 -77.26 -25.37 41.83
N LYS U 502 -76.58 -24.97 40.75
CA LYS U 502 -77.14 -24.05 39.79
C LYS U 502 -78.41 -24.60 39.13
N ILE U 503 -78.40 -25.88 38.77
CA ILE U 503 -79.61 -26.58 38.37
C ILE U 503 -79.87 -27.69 39.38
N SER U 504 -81.08 -27.70 39.94
CA SER U 504 -81.46 -28.67 40.96
C SER U 504 -82.36 -29.73 40.34
N ALA U 505 -82.55 -30.81 41.09
CA ALA U 505 -83.47 -31.85 40.66
C ALA U 505 -84.92 -31.49 40.94
N CYS U 506 -85.16 -30.28 41.45
CA CYS U 506 -86.52 -29.81 41.71
C CYS U 506 -86.99 -28.90 40.57
N THR U 507 -88.26 -28.52 40.64
CA THR U 507 -88.90 -27.57 39.73
C THR U 507 -88.87 -28.03 38.27
N MET U 508 -88.78 -29.34 38.05
CA MET U 508 -88.98 -29.91 36.71
C MET U 508 -89.52 -31.33 36.87
N GLY U 509 -89.51 -32.08 35.78
CA GLY U 509 -90.34 -33.27 35.66
C GLY U 509 -89.97 -34.53 36.44
N ILE U 510 -89.20 -34.41 37.53
CA ILE U 510 -88.91 -35.58 38.34
C ILE U 510 -89.36 -35.35 39.77
N LEU U 511 -88.79 -34.35 40.43
CA LEU U 511 -89.03 -34.13 41.85
C LEU U 511 -89.44 -32.69 42.09
N ASN U 512 -90.16 -32.48 43.19
CA ASN U 512 -90.65 -31.18 43.63
C ASN U 512 -90.21 -30.91 45.06
N PRO U 513 -90.00 -29.65 45.43
CA PRO U 513 -89.70 -29.34 46.84
C PRO U 513 -90.82 -29.68 47.80
N VAL U 514 -92.07 -29.76 47.34
CA VAL U 514 -93.21 -29.90 48.23
C VAL U 514 -93.43 -31.31 48.72
N GLN U 515 -92.57 -32.26 48.35
CA GLN U 515 -92.80 -33.64 48.78
C GLN U 515 -91.63 -34.18 49.58
N LEU U 516 -90.41 -33.68 49.33
CA LEU U 516 -89.22 -34.31 49.90
C LEU U 516 -89.13 -34.14 51.42
N GLN U 517 -89.76 -33.11 51.99
CA GLN U 517 -89.61 -32.92 53.42
C GLN U 517 -90.36 -33.98 54.22
N LYS U 518 -91.39 -34.59 53.63
CA LYS U 518 -92.15 -35.61 54.34
C LYS U 518 -91.57 -37.00 54.03
N ASN U 519 -90.47 -37.28 54.73
CA ASN U 519 -89.75 -38.56 54.79
C ASN U 519 -89.75 -39.31 53.45
N TYR U 520 -89.31 -38.61 52.40
CA TYR U 520 -89.18 -39.23 51.09
C TYR U 520 -87.93 -40.10 51.11
N THR U 521 -88.16 -41.41 51.04
CA THR U 521 -87.18 -42.42 51.38
C THR U 521 -86.91 -43.28 50.16
N TYR U 522 -85.64 -43.54 49.87
CA TYR U 522 -85.25 -44.14 48.61
C TYR U 522 -84.45 -45.43 48.84
N THR U 523 -84.39 -46.24 47.80
CA THR U 523 -83.83 -47.59 47.90
C THR U 523 -82.51 -47.70 47.14
N ILE U 524 -81.70 -48.67 47.55
CA ILE U 524 -80.47 -49.02 46.86
C ILE U 524 -80.59 -50.49 46.48
N GLU U 525 -80.05 -50.85 45.30
CA GLU U 525 -80.29 -52.15 44.71
C GLU U 525 -79.20 -53.16 45.04
N LYS U 526 -78.91 -53.31 46.35
CA LYS U 526 -77.96 -54.31 46.86
C LYS U 526 -76.59 -54.18 46.20
N GLU U 527 -75.98 -53.01 46.39
CA GLU U 527 -74.70 -52.73 45.75
C GLU U 527 -73.72 -51.98 46.65
N ALA U 528 -74.05 -51.75 47.91
CA ALA U 528 -73.14 -50.98 48.77
C ALA U 528 -72.04 -51.86 49.35
N TYR U 529 -72.40 -52.83 50.18
CA TYR U 529 -71.43 -53.71 50.81
C TYR U 529 -71.67 -55.18 50.45
N ASP U 530 -72.89 -55.67 50.58
CA ASP U 530 -73.21 -57.06 50.29
C ASP U 530 -74.71 -57.24 50.08
N ASP U 540 -77.73 -55.48 51.43
CA ASP U 540 -78.93 -56.24 51.12
C ASP U 540 -80.12 -55.30 50.93
N ASP U 541 -81.05 -55.33 51.89
CA ASP U 541 -82.23 -54.45 51.85
C ASP U 541 -81.93 -53.11 52.50
N LEU U 542 -80.86 -52.45 52.06
CA LEU U 542 -80.45 -51.18 52.61
C LEU U 542 -81.35 -50.07 52.10
N ILE U 543 -81.61 -49.09 52.97
CA ILE U 543 -82.61 -48.07 52.73
C ILE U 543 -81.96 -46.73 53.08
N VAL U 544 -82.37 -45.65 52.38
CA VAL U 544 -81.77 -44.34 52.62
C VAL U 544 -82.87 -43.33 52.91
N PHE U 545 -82.63 -42.50 53.93
CA PHE U 545 -83.58 -41.50 54.42
C PHE U 545 -83.07 -40.12 54.03
N TYR U 546 -83.67 -39.52 53.01
CA TYR U 546 -83.23 -38.20 52.58
C TYR U 546 -83.76 -37.14 53.52
N GLU U 547 -82.90 -36.17 53.84
CA GLU U 547 -83.26 -35.04 54.71
C GLU U 547 -83.23 -33.77 53.87
N TYR U 548 -84.41 -33.23 53.58
CA TYR U 548 -84.48 -31.99 52.82
C TYR U 548 -83.86 -30.83 53.60
N LYS U 549 -84.18 -30.72 54.89
CA LYS U 549 -83.82 -29.54 55.66
C LYS U 549 -82.31 -29.41 55.82
N ASP U 550 -81.62 -30.52 56.04
CA ASP U 550 -80.16 -30.48 56.13
C ASP U 550 -79.52 -30.22 54.77
N LEU U 551 -80.04 -30.84 53.71
CA LEU U 551 -79.39 -30.84 52.42
C LEU U 551 -80.00 -29.82 51.46
N GLY U 552 -81.28 -29.93 51.17
CA GLY U 552 -81.89 -29.12 50.14
C GLY U 552 -82.17 -29.90 48.86
N CYS U 553 -82.35 -29.20 47.75
CA CYS U 553 -82.65 -29.91 46.50
C CYS U 553 -81.39 -30.54 45.94
N PRO U 554 -81.36 -31.85 45.75
CA PRO U 554 -80.13 -32.52 45.32
C PRO U 554 -79.76 -32.19 43.89
N ARG U 555 -78.46 -32.25 43.62
CA ARG U 555 -77.93 -31.94 42.29
C ARG U 555 -78.36 -33.00 41.28
N LEU U 556 -78.20 -32.67 40.00
CA LEU U 556 -78.57 -33.57 38.92
C LEU U 556 -77.39 -33.72 37.96
N VAL U 557 -76.94 -34.96 37.76
CA VAL U 557 -75.93 -35.31 36.78
C VAL U 557 -76.41 -36.55 36.04
N TYR U 558 -75.78 -36.81 34.89
CA TYR U 558 -76.27 -37.81 33.95
C TYR U 558 -75.25 -38.93 33.71
N TYR U 559 -75.71 -39.97 33.04
CA TYR U 559 -74.97 -41.23 32.92
C TYR U 559 -73.88 -41.12 31.87
N ASP U 560 -72.67 -41.56 32.26
CA ASP U 560 -71.48 -41.55 31.41
C ASP U 560 -71.12 -40.14 30.96
N LYS U 561 -70.91 -39.25 31.92
CA LYS U 561 -70.37 -37.91 31.66
C LYS U 561 -69.26 -37.66 32.67
N PRO U 562 -68.08 -37.22 32.25
CA PRO U 562 -67.05 -36.83 33.22
C PRO U 562 -67.43 -35.57 33.97
N TRP U 563 -67.52 -35.64 35.30
CA TRP U 563 -67.94 -34.52 36.12
C TRP U 563 -67.00 -34.36 37.30
N LYS U 564 -66.69 -33.12 37.64
CA LYS U 564 -66.12 -32.79 38.93
C LYS U 564 -66.90 -31.64 39.54
N PRO U 565 -67.17 -31.68 40.84
CA PRO U 565 -67.95 -30.61 41.46
C PRO U 565 -67.15 -29.32 41.50
N VAL U 566 -67.86 -28.21 41.61
CA VAL U 566 -67.26 -26.91 41.85
C VAL U 566 -67.57 -26.52 43.28
N VAL U 567 -66.55 -26.13 44.02
CA VAL U 567 -66.67 -25.80 45.43
C VAL U 567 -66.19 -24.36 45.64
N GLU U 568 -66.88 -23.64 46.52
CA GLU U 568 -66.59 -22.23 46.79
C GLU U 568 -66.33 -22.03 48.28
N LEU U 569 -65.42 -21.10 48.58
CA LEU U 569 -65.06 -20.75 49.94
C LEU U 569 -65.85 -19.52 50.37
N TRP U 570 -66.47 -19.59 51.54
CA TRP U 570 -67.31 -18.53 52.07
C TRP U 570 -66.70 -18.01 53.36
N LYS U 571 -66.55 -16.69 53.45
CA LYS U 571 -66.14 -16.02 54.67
C LYS U 571 -67.25 -15.05 55.08
N ASN U 572 -67.80 -15.26 56.27
CA ASN U 572 -68.86 -14.40 56.82
C ASN U 572 -70.07 -14.31 55.90
N GLY U 573 -70.45 -15.46 55.32
CA GLY U 573 -71.60 -15.49 54.44
C GLY U 573 -71.43 -14.77 53.13
N ILE U 574 -70.19 -14.57 52.68
CA ILE U 574 -69.88 -13.85 51.46
C ILE U 574 -69.04 -14.74 50.57
N VAL U 575 -69.43 -14.86 49.30
CA VAL U 575 -68.59 -15.55 48.32
C VAL U 575 -67.30 -14.78 48.17
N GLU U 576 -66.17 -15.47 48.33
CA GLU U 576 -64.90 -14.76 48.23
C GLU U 576 -63.95 -15.35 47.20
N GLU U 577 -63.92 -16.68 47.04
CA GLU U 577 -62.98 -17.30 46.10
C GLU U 577 -63.41 -18.74 45.86
N ILE U 578 -63.25 -19.20 44.62
CA ILE U 578 -63.42 -20.62 44.34
C ILE U 578 -62.24 -21.38 44.91
N MET U 579 -62.52 -22.57 45.43
CA MET U 579 -61.49 -23.41 46.03
C MET U 579 -60.77 -24.20 44.94
N ASN U 580 -59.45 -24.11 44.92
CA ASN U 580 -58.64 -24.77 43.90
C ASN U 580 -57.59 -25.70 44.47
N ALA U 581 -57.72 -26.13 45.71
CA ALA U 581 -56.76 -27.04 46.32
C ALA U 581 -57.22 -28.49 46.15
N GLU U 582 -56.32 -29.42 46.43
CA GLU U 582 -56.64 -30.84 46.35
C GLU U 582 -57.71 -31.19 47.38
N TYR U 583 -58.70 -31.96 46.96
CA TYR U 583 -59.77 -32.40 47.83
C TYR U 583 -60.20 -33.79 47.42
N VAL U 584 -60.88 -34.50 48.33
CA VAL U 584 -61.40 -35.82 48.02
C VAL U 584 -62.88 -35.89 48.39
N ILE U 585 -63.57 -36.87 47.80
CA ILE U 585 -64.97 -37.14 48.07
C ILE U 585 -65.10 -38.61 48.50
N SER U 586 -66.18 -38.89 49.22
CA SER U 586 -66.40 -40.23 49.74
C SER U 586 -67.89 -40.47 49.98
N GLU U 587 -68.21 -41.70 50.31
CA GLU U 587 -69.57 -42.13 50.60
C GLU U 587 -69.71 -42.37 52.10
N ILE U 588 -70.85 -41.94 52.67
CA ILE U 588 -71.13 -42.26 54.06
C ILE U 588 -71.81 -43.61 54.17
N ASN U 589 -72.67 -43.95 53.19
CA ASN U 589 -73.35 -45.23 53.21
C ASN U 589 -72.41 -46.38 52.88
N GLY U 590 -71.49 -46.16 51.93
CA GLY U 590 -70.50 -47.17 51.59
C GLY U 590 -70.79 -47.92 50.31
N LEU U 591 -71.23 -47.21 49.27
CA LEU U 591 -71.42 -47.79 47.95
C LEU U 591 -70.17 -47.56 47.10
N VAL U 592 -70.02 -48.41 46.08
CA VAL U 592 -68.82 -48.40 45.23
C VAL U 592 -69.16 -48.39 43.75
N THR U 593 -70.34 -47.93 43.36
CA THR U 593 -70.74 -47.98 41.96
C THR U 593 -70.42 -46.69 41.20
N TYR U 594 -69.18 -46.22 41.36
CA TYR U 594 -68.69 -45.07 40.61
C TYR U 594 -67.19 -45.20 40.45
N SER U 595 -66.67 -44.81 39.29
CA SER U 595 -65.25 -44.95 39.00
C SER U 595 -64.62 -43.58 38.80
N TYR U 596 -63.30 -43.56 38.71
CA TYR U 596 -62.52 -42.35 38.54
C TYR U 596 -61.92 -42.29 37.14
N SER U 597 -61.45 -41.10 36.78
CA SER U 597 -60.82 -40.81 35.50
C SER U 597 -59.37 -41.26 35.48
N LEU U 598 -58.56 -40.65 34.62
CA LEU U 598 -57.16 -40.99 34.35
C LEU U 598 -56.39 -41.40 35.60
N THR U 599 -55.83 -42.61 35.55
CA THR U 599 -55.53 -43.42 36.74
C THR U 599 -54.06 -43.33 37.12
N ALA U 600 -53.61 -42.11 37.43
CA ALA U 600 -52.31 -41.80 38.04
C ALA U 600 -51.13 -42.12 37.12
N ALA U 601 -51.37 -42.64 35.91
CA ALA U 601 -50.29 -42.87 34.97
C ALA U 601 -50.13 -41.70 34.02
N THR U 602 -51.22 -41.29 33.38
CA THR U 602 -51.18 -40.12 32.53
C THR U 602 -51.31 -38.83 33.32
N ALA U 603 -51.48 -38.92 34.63
CA ALA U 603 -51.36 -37.79 35.54
C ALA U 603 -49.94 -37.60 36.07
N ASN U 604 -49.01 -38.47 35.65
CA ASN U 604 -47.58 -38.31 35.93
C ASN U 604 -47.26 -38.35 37.42
N CYS U 605 -48.00 -39.14 38.19
CA CYS U 605 -47.69 -39.30 39.60
C CYS U 605 -46.46 -40.18 39.77
N ARG U 606 -45.65 -39.87 40.79
CA ARG U 606 -44.31 -40.42 40.88
C ARG U 606 -43.99 -41.15 42.18
N SER U 607 -44.92 -41.21 43.14
CA SER U 607 -44.54 -41.78 44.44
C SER U 607 -45.63 -42.65 45.06
N GLN U 608 -46.30 -43.51 44.26
CA GLN U 608 -47.33 -44.45 44.74
C GLN U 608 -48.42 -43.75 45.55
N PRO U 609 -49.34 -43.06 44.89
CA PRO U 609 -50.35 -42.30 45.63
C PRO U 609 -51.25 -43.22 46.43
N GLN U 610 -51.76 -42.71 47.54
CA GLN U 610 -52.53 -43.54 48.43
C GLN U 610 -54.02 -43.31 48.23
N ASN U 611 -54.78 -44.38 48.40
CA ASN U 611 -56.18 -44.44 48.03
C ASN U 611 -57.03 -44.65 49.28
N TRP U 612 -58.32 -44.92 49.07
CA TRP U 612 -59.24 -45.10 50.19
C TRP U 612 -59.15 -46.51 50.76
N SER U 613 -57.94 -46.93 51.12
CA SER U 613 -57.72 -48.25 51.67
C SER U 613 -56.77 -48.25 52.86
N THR U 614 -56.10 -47.13 53.14
CA THR U 614 -55.05 -47.08 54.16
C THR U 614 -55.58 -47.29 55.57
N PHE U 615 -56.86 -47.04 55.81
CA PHE U 615 -57.45 -47.26 57.13
C PHE U 615 -58.76 -48.02 57.02
N LEU U 626 -60.54 -42.10 57.78
CA LEU U 626 -60.98 -40.84 57.21
C LEU U 626 -59.80 -39.92 56.91
N TRP U 627 -59.84 -39.26 55.75
CA TRP U 627 -58.74 -38.38 55.37
C TRP U 627 -58.94 -37.00 55.96
N ASN U 628 -57.87 -36.20 55.92
CA ASN U 628 -57.88 -34.85 56.47
C ASN U 628 -56.69 -34.10 55.88
N ARG U 629 -56.39 -32.93 56.46
CA ARG U 629 -55.18 -32.20 56.13
C ARG U 629 -53.94 -32.77 56.79
N GLU U 630 -54.08 -33.78 57.66
CA GLU U 630 -52.98 -34.28 58.46
C GLU U 630 -52.28 -35.47 57.82
N ASN U 631 -53.03 -36.56 57.59
CA ASN U 631 -52.40 -37.82 57.21
C ASN U 631 -51.98 -37.88 55.75
N TYR U 632 -52.12 -36.79 55.01
CA TYR U 632 -51.94 -36.82 53.56
C TYR U 632 -50.54 -36.40 53.16
N VAL U 633 -49.87 -37.22 52.37
CA VAL U 633 -48.59 -36.89 51.76
C VAL U 633 -48.74 -37.05 50.24
N SER U 634 -48.31 -36.04 49.50
CA SER U 634 -48.53 -36.03 48.07
C SER U 634 -47.52 -36.95 47.37
N CYS U 635 -47.82 -37.31 46.12
CA CYS U 635 -46.93 -38.18 45.39
C CYS U 635 -46.11 -37.45 44.34
N HIS U 636 -46.31 -36.14 44.17
CA HIS U 636 -45.57 -35.39 43.17
C HIS U 636 -44.28 -34.80 43.73
N GLU U 637 -43.85 -35.26 44.89
CA GLU U 637 -42.51 -34.97 45.39
C GLU U 637 -41.58 -36.08 44.92
N ASP U 638 -40.38 -36.17 45.50
CA ASP U 638 -39.40 -37.12 45.01
C ASP U 638 -38.95 -37.98 46.22
N ASN U 639 -39.92 -38.54 46.94
CA ASN U 639 -39.61 -39.53 47.95
C ASN U 639 -38.95 -40.74 47.29
N LYS U 640 -37.90 -41.25 47.93
CA LYS U 640 -36.96 -42.15 47.26
C LYS U 640 -37.01 -43.58 47.78
N ASP U 641 -38.17 -44.06 48.25
CA ASP U 641 -38.27 -45.47 48.60
C ASP U 641 -39.54 -46.17 48.12
N ASN U 642 -40.57 -45.44 47.72
CA ASN U 642 -41.84 -46.05 47.29
C ASN U 642 -42.25 -45.48 45.94
N PRO U 643 -41.50 -45.79 44.88
CA PRO U 643 -41.84 -45.20 43.58
C PRO U 643 -42.97 -45.92 42.87
N LEU U 644 -42.99 -47.25 42.95
CA LEU U 644 -43.96 -48.02 42.18
C LEU U 644 -44.12 -49.47 42.62
N LEU U 645 -45.35 -49.88 42.89
CA LEU U 645 -45.81 -51.21 42.53
C LEU U 645 -47.22 -51.02 42.02
N TRP U 646 -47.32 -50.61 40.75
CA TRP U 646 -48.48 -49.93 40.20
C TRP U 646 -48.45 -49.95 38.68
N PRO U 647 -49.17 -50.86 38.04
CA PRO U 647 -49.39 -50.71 36.59
C PRO U 647 -50.29 -49.52 36.25
N ASN U 648 -51.52 -49.52 36.79
CA ASN U 648 -52.48 -48.46 36.51
C ASN U 648 -53.40 -48.16 37.70
N VAL U 649 -52.92 -48.34 38.93
CA VAL U 649 -53.75 -48.15 40.11
C VAL U 649 -54.20 -46.69 40.18
N GLU U 650 -55.50 -46.47 40.39
CA GLU U 650 -56.15 -45.20 40.08
C GLU U 650 -55.71 -44.04 40.95
N TYR U 651 -56.21 -42.84 40.63
CA TYR U 651 -55.83 -41.63 41.33
C TYR U 651 -57.09 -41.00 41.92
N GLN U 652 -57.41 -41.37 43.16
CA GLN U 652 -58.63 -40.91 43.81
C GLN U 652 -58.44 -39.58 44.54
N VAL U 653 -57.92 -38.59 43.82
CA VAL U 653 -57.74 -37.24 44.36
C VAL U 653 -58.14 -36.27 43.27
N LEU U 654 -59.12 -35.42 43.55
CA LEU U 654 -59.60 -34.43 42.59
C LEU U 654 -58.91 -33.09 42.82
N GLY U 655 -59.14 -32.16 41.92
CA GLY U 655 -58.61 -30.83 42.09
C GLY U 655 -57.11 -30.79 41.91
N GLY U 656 -56.55 -29.66 42.32
CA GLY U 656 -55.12 -29.45 42.20
C GLY U 656 -54.70 -29.20 40.77
N GLN U 657 -53.51 -29.69 40.42
CA GLN U 657 -53.04 -29.61 39.05
C GLN U 657 -53.47 -30.80 38.21
N THR U 658 -53.72 -31.94 38.83
CA THR U 658 -54.30 -33.06 38.12
C THR U 658 -55.77 -32.74 37.79
N ASN U 659 -56.25 -33.29 36.68
CA ASN U 659 -57.56 -32.94 36.16
C ASN U 659 -58.43 -34.18 35.98
N ASN U 660 -58.50 -35.03 36.99
CA ASN U 660 -59.36 -36.19 36.91
C ASN U 660 -60.77 -35.85 37.41
N LYS U 661 -61.75 -36.54 36.85
CA LYS U 661 -63.15 -36.34 37.18
C LYS U 661 -63.76 -37.70 37.53
N ILE U 662 -65.07 -37.71 37.76
CA ILE U 662 -65.77 -38.89 38.25
C ILE U 662 -66.64 -39.40 37.11
N ILE U 663 -66.68 -40.72 36.93
CA ILE U 663 -67.57 -41.36 35.97
C ILE U 663 -68.54 -42.24 36.73
N PHE U 664 -69.82 -42.18 36.36
CA PHE U 664 -70.86 -42.75 37.22
C PHE U 664 -71.36 -44.09 36.72
N GLY U 665 -71.78 -44.93 37.65
CA GLY U 665 -72.50 -46.15 37.35
C GLY U 665 -73.96 -45.85 37.06
N GLN U 666 -74.75 -46.93 36.99
CA GLN U 666 -76.11 -46.86 36.47
C GLN U 666 -77.17 -47.12 37.55
N ARG U 667 -76.88 -46.80 38.81
CA ARG U 667 -77.79 -47.22 39.89
C ARG U 667 -79.03 -46.32 39.93
N ASN U 668 -78.91 -45.06 39.50
CA ASN U 668 -80.02 -44.13 39.36
C ASN U 668 -80.74 -43.88 40.69
N GLY U 669 -80.02 -43.26 41.62
CA GLY U 669 -80.60 -42.86 42.88
C GLY U 669 -79.84 -41.66 43.43
N ILE U 670 -79.90 -41.49 44.74
CA ILE U 670 -79.23 -40.37 45.39
C ILE U 670 -77.89 -40.83 45.95
N TYR U 671 -76.84 -40.07 45.62
CA TYR U 671 -75.53 -40.25 46.24
C TYR U 671 -75.29 -39.08 47.18
N THR U 672 -74.84 -39.37 48.39
CA THR U 672 -74.51 -38.31 49.34
C THR U 672 -72.99 -38.28 49.49
N PHE U 673 -72.38 -37.23 48.93
CA PHE U 673 -70.93 -37.08 48.97
C PHE U 673 -70.51 -36.38 50.25
N HIS U 674 -69.49 -36.94 50.90
CA HIS U 674 -68.78 -36.29 52.00
C HIS U 674 -67.44 -35.83 51.46
N LEU U 675 -67.22 -34.52 51.46
CA LEU U 675 -66.07 -33.92 50.80
C LEU U 675 -65.13 -33.36 51.85
N SER U 676 -63.84 -33.71 51.72
CA SER U 676 -62.82 -33.23 52.65
C SER U 676 -61.69 -32.60 51.85
N VAL U 677 -61.35 -31.36 52.20
CA VAL U 677 -60.23 -30.67 51.58
C VAL U 677 -58.94 -31.21 52.19
N VAL U 678 -57.96 -31.45 51.34
CA VAL U 678 -56.88 -32.39 51.65
C VAL U 678 -55.51 -31.74 51.62
N ASP U 679 -55.32 -30.68 50.84
CA ASP U 679 -54.03 -30.00 50.79
C ASP U 679 -53.70 -29.39 52.14
N PRO U 680 -52.47 -29.54 52.62
CA PRO U 680 -52.16 -29.08 53.99
C PRO U 680 -51.62 -27.67 54.04
N TYR U 681 -51.31 -27.08 52.89
CA TYR U 681 -50.79 -25.73 52.84
C TYR U 681 -51.83 -24.70 52.41
N TYR U 682 -53.12 -25.06 52.39
CA TYR U 682 -54.14 -24.09 52.05
C TYR U 682 -54.60 -23.32 53.28
N SER U 683 -55.01 -24.05 54.32
CA SER U 683 -55.37 -23.44 55.59
C SER U 683 -55.29 -24.51 56.67
N TYR U 684 -55.19 -24.06 57.93
CA TYR U 684 -55.22 -24.99 59.04
C TYR U 684 -56.60 -25.51 59.32
N CYS U 685 -57.63 -24.90 58.75
CA CYS U 685 -59.01 -25.31 58.98
C CYS U 685 -59.32 -26.55 58.18
N ASN U 686 -59.78 -27.60 58.87
CA ASN U 686 -60.20 -28.83 58.21
C ASN U 686 -61.54 -28.56 57.56
N LEU U 687 -61.49 -28.07 56.32
CA LEU U 687 -62.71 -27.74 55.60
C LEU U 687 -63.41 -29.01 55.14
N ASN U 688 -64.69 -29.13 55.46
CA ASN U 688 -65.43 -30.36 55.24
C ASN U 688 -66.87 -30.01 54.90
N THR U 689 -67.51 -30.87 54.11
CA THR U 689 -68.91 -30.64 53.75
C THR U 689 -69.57 -31.95 53.36
N ILE U 690 -70.89 -31.90 53.20
CA ILE U 690 -71.69 -33.02 52.72
C ILE U 690 -72.78 -32.47 51.81
N PHE U 691 -72.93 -33.08 50.62
CA PHE U 691 -73.94 -32.65 49.66
C PHE U 691 -74.54 -33.87 48.98
N SER U 692 -75.53 -33.65 48.12
CA SER U 692 -76.30 -34.74 47.52
C SER U 692 -76.43 -34.56 46.02
N VAL U 693 -76.40 -35.67 45.30
CA VAL U 693 -76.45 -35.69 43.84
C VAL U 693 -77.39 -36.81 43.39
N TYR U 694 -77.86 -36.68 42.15
CA TYR U 694 -78.83 -37.59 41.55
C TYR U 694 -78.38 -37.93 40.14
N VAL U 695 -78.30 -39.21 39.84
CA VAL U 695 -77.99 -39.67 38.48
C VAL U 695 -79.28 -40.17 37.85
N HIS U 696 -79.48 -39.85 36.57
CA HIS U 696 -80.59 -40.37 35.79
C HIS U 696 -79.99 -41.05 34.56
N GLY U 697 -80.28 -42.34 34.40
CA GLY U 697 -79.55 -43.17 33.46
C GLY U 697 -80.11 -43.25 32.07
N ALA U 698 -79.63 -44.22 31.29
CA ALA U 698 -80.12 -44.47 29.95
C ALA U 698 -80.79 -45.84 29.84
N LEU U 699 -80.11 -46.90 30.26
CA LEU U 699 -80.67 -48.25 30.24
C LEU U 699 -79.91 -49.19 31.18
N PRO U 700 -80.58 -49.84 32.12
CA PRO U 700 -79.97 -50.98 32.81
C PRO U 700 -80.06 -52.23 31.95
N VAL U 701 -79.16 -53.19 32.25
CA VAL U 701 -78.96 -54.35 31.40
C VAL U 701 -79.36 -55.60 32.19
N THR U 702 -80.27 -56.39 31.62
CA THR U 702 -80.69 -57.68 32.15
C THR U 702 -80.50 -58.78 31.10
N LYS U 703 -79.50 -58.61 30.23
CA LYS U 703 -79.30 -59.55 29.13
C LYS U 703 -78.70 -60.88 29.60
N PHE U 704 -77.89 -60.86 30.65
CA PHE U 704 -77.23 -62.04 31.22
C PHE U 704 -76.36 -62.76 30.19
N GLN U 705 -76.13 -64.05 30.40
CA GLN U 705 -75.37 -64.87 29.47
C GLN U 705 -76.02 -65.05 28.08
N PRO U 706 -77.34 -64.91 27.90
CA PRO U 706 -77.85 -64.79 26.51
C PRO U 706 -77.31 -63.53 25.84
N LEU U 707 -76.66 -63.72 24.70
CA LEU U 707 -76.12 -62.62 23.93
C LEU U 707 -77.02 -62.31 22.73
N LEU U 708 -76.69 -61.24 22.01
CA LEU U 708 -77.33 -61.00 20.73
C LEU U 708 -76.93 -62.07 19.72
N THR U 709 -75.65 -62.48 19.73
CA THR U 709 -75.20 -63.50 18.80
C THR U 709 -75.78 -64.87 19.15
N ILE U 710 -75.92 -65.16 20.45
CA ILE U 710 -76.47 -66.46 20.87
C ILE U 710 -77.93 -66.58 20.46
N LEU U 711 -78.72 -65.54 20.72
CA LEU U 711 -80.12 -65.53 20.31
C LEU U 711 -80.24 -65.49 18.79
N LEU U 712 -79.30 -64.83 18.12
CA LEU U 712 -79.28 -64.83 16.65
C LEU U 712 -79.08 -66.24 16.11
N MET U 713 -78.11 -66.98 16.67
CA MET U 713 -77.86 -68.35 16.22
C MET U 713 -79.04 -69.26 16.57
N VAL U 714 -79.67 -69.01 17.72
CA VAL U 714 -80.87 -69.76 18.09
C VAL U 714 -81.98 -69.54 17.07
N THR U 715 -82.17 -68.28 16.65
CA THR U 715 -83.20 -67.99 15.67
C THR U 715 -82.87 -68.57 14.31
N THR U 716 -81.59 -68.59 13.93
CA THR U 716 -81.20 -69.23 12.67
C THR U 716 -81.48 -70.73 12.72
N THR U 717 -81.17 -71.38 13.85
CA THR U 717 -81.46 -72.80 13.97
C THR U 717 -82.96 -73.07 13.92
N LEU U 718 -83.76 -72.23 14.59
CA LEU U 718 -85.21 -72.39 14.57
C LEU U 718 -85.77 -72.16 13.17
N LEU U 719 -85.24 -71.18 12.44
CA LEU U 719 -85.74 -70.90 11.09
C LEU U 719 -85.33 -72.00 10.12
N THR U 720 -84.12 -72.56 10.27
CA THR U 720 -83.74 -73.70 9.45
C THR U 720 -84.58 -74.93 9.77
N ALA U 721 -84.94 -75.12 11.04
CA ALA U 721 -85.86 -76.19 11.41
C ALA U 721 -87.23 -75.96 10.78
N TRP U 722 -87.70 -74.71 10.76
CA TRP U 722 -88.97 -74.41 10.11
C TRP U 722 -88.92 -74.65 8.61
N LEU U 723 -87.80 -74.32 7.97
CA LEU U 723 -87.64 -74.61 6.54
C LEU U 723 -87.61 -76.12 6.29
N ALA U 724 -86.93 -76.88 7.16
CA ALA U 724 -86.92 -78.33 7.02
C ALA U 724 -88.29 -78.93 7.29
N TYR U 725 -89.11 -78.27 8.12
CA TYR U 725 -90.48 -78.72 8.33
C TYR U 725 -91.39 -78.37 7.15
N ALA U 726 -91.14 -77.25 6.48
CA ALA U 726 -91.92 -76.82 5.33
C ALA U 726 -91.48 -77.45 4.02
N ILE U 727 -90.31 -78.11 4.00
CA ILE U 727 -89.91 -78.86 2.81
C ILE U 727 -90.89 -79.98 2.47
N PRO U 728 -91.35 -80.82 3.42
CA PRO U 728 -92.39 -81.80 3.06
C PRO U 728 -93.71 -81.18 2.64
N LYS U 729 -93.98 -79.91 2.97
CA LYS U 729 -95.18 -79.26 2.47
C LYS U 729 -95.16 -79.15 0.96
N GLN U 730 -94.00 -78.83 0.39
CA GLN U 730 -93.85 -78.88 -1.06
C GLN U 730 -93.72 -80.32 -1.55
N LEU U 731 -93.07 -81.18 -0.76
CA LEU U 731 -92.90 -82.58 -1.16
C LEU U 731 -94.22 -83.34 -1.17
N ARG U 732 -95.14 -82.99 -0.28
CA ARG U 732 -96.46 -83.64 -0.27
C ARG U 732 -97.42 -83.06 -1.31
N SER U 733 -97.03 -81.98 -1.99
CA SER U 733 -97.89 -81.38 -3.01
C SER U 733 -97.44 -81.78 -4.42
N LEU V 1 -70.48 41.46 116.38
CA LEU V 1 -71.38 41.04 115.31
C LEU V 1 -71.44 42.07 114.19
N TRP V 2 -70.95 41.67 113.03
CA TRP V 2 -70.99 42.49 111.82
C TRP V 2 -71.24 41.58 110.63
N ARG V 3 -71.61 42.19 109.50
CA ARG V 3 -71.80 41.42 108.28
C ARG V 3 -71.56 42.33 107.08
N TYR V 4 -71.63 41.73 105.90
CA TYR V 4 -71.39 42.45 104.66
C TYR V 4 -72.40 42.01 103.61
N TYR V 5 -72.74 42.95 102.73
CA TYR V 5 -73.68 42.72 101.65
C TYR V 5 -73.04 43.12 100.34
N ILE V 6 -73.45 42.47 99.26
CA ILE V 6 -72.98 42.80 97.93
C ILE V 6 -74.17 42.95 96.99
N ASN V 7 -73.97 43.72 95.93
CA ASN V 7 -75.05 44.24 95.11
C ASN V 7 -75.74 43.18 94.26
N SER V 8 -75.08 42.06 93.96
CA SER V 8 -75.62 41.06 93.07
C SER V 8 -75.77 39.73 93.80
N GLN V 9 -76.89 39.05 93.57
CA GLN V 9 -77.08 37.73 94.17
C GLN V 9 -76.11 36.72 93.56
N ASP V 10 -76.02 36.68 92.24
CA ASP V 10 -75.09 35.77 91.57
C ASP V 10 -73.65 36.14 91.91
N TYR V 11 -72.88 35.14 92.34
CA TYR V 11 -71.52 35.35 92.80
C TYR V 11 -70.48 35.16 91.70
N SER V 12 -70.91 34.87 90.48
CA SER V 12 -70.00 34.88 89.35
C SER V 12 -69.66 36.30 88.90
N ILE V 13 -70.46 37.28 89.29
CA ILE V 13 -70.17 38.67 88.99
C ILE V 13 -69.12 39.23 89.94
N PHE V 14 -69.03 38.68 91.16
CA PHE V 14 -68.17 39.19 92.21
C PHE V 14 -66.71 39.27 91.81
N SER V 15 -66.19 40.49 91.71
CA SER V 15 -64.82 40.73 91.27
C SER V 15 -64.37 42.07 91.83
N THR V 16 -63.27 42.59 91.27
CA THR V 16 -62.65 43.79 91.80
C THR V 16 -63.46 45.05 91.56
N ARG V 17 -64.36 45.06 90.58
CA ARG V 17 -65.17 46.23 90.28
C ARG V 17 -66.42 46.31 91.15
N SER V 18 -66.71 45.29 91.92
CA SER V 18 -67.87 45.29 92.81
C SER V 18 -67.54 46.02 94.11
N SER V 19 -68.59 46.44 94.81
CA SER V 19 -68.48 47.12 96.08
C SER V 19 -69.09 46.26 97.17
N ILE V 20 -68.58 46.38 98.39
CA ILE V 20 -69.07 45.59 99.51
C ILE V 20 -69.50 46.52 100.63
N LYS V 21 -70.78 46.44 101.00
CA LYS V 21 -71.29 47.24 102.11
C LYS V 21 -71.01 46.52 103.41
N LEU V 22 -70.25 47.16 104.30
CA LEU V 22 -69.94 46.61 105.61
C LEU V 22 -70.82 47.27 106.65
N GLU V 23 -71.54 46.45 107.42
CA GLU V 23 -72.43 46.95 108.45
C GLU V 23 -72.05 46.30 109.78
N TYR V 24 -71.92 47.13 110.81
CA TYR V 24 -71.64 46.68 112.16
C TYR V 24 -72.82 47.05 113.04
N GLU V 25 -73.21 46.14 113.92
CA GLU V 25 -74.23 46.43 114.92
C GLU V 25 -73.64 46.21 116.30
N GLY V 26 -73.73 47.22 117.16
CA GLY V 26 -73.18 47.11 118.49
C GLY V 26 -73.06 48.45 119.15
N ASN V 27 -72.90 48.42 120.47
CA ASN V 27 -72.78 49.64 121.25
C ASN V 27 -71.41 50.29 121.09
N SER V 28 -70.35 49.48 121.11
CA SER V 28 -68.99 49.96 121.08
C SER V 28 -68.38 49.73 119.71
N PHE V 29 -67.77 50.77 119.15
CA PHE V 29 -67.18 50.71 117.83
C PHE V 29 -66.10 51.78 117.72
N VAL V 30 -64.94 51.41 117.18
CA VAL V 30 -63.82 52.33 117.04
C VAL V 30 -63.53 52.62 115.57
N SER V 31 -63.21 51.60 114.78
CA SER V 31 -62.82 51.84 113.39
C SER V 31 -62.83 50.51 112.63
N TRP V 32 -62.33 50.55 111.40
CA TRP V 32 -62.15 49.38 110.55
C TRP V 32 -60.67 49.14 110.28
N LYS V 33 -60.32 47.87 110.10
CA LYS V 33 -58.95 47.44 109.83
C LYS V 33 -58.98 46.73 108.48
N ILE V 34 -58.38 47.35 107.48
CA ILE V 34 -58.37 46.86 106.11
C ILE V 34 -56.94 46.80 105.63
N PRO V 35 -56.63 45.93 104.67
CA PRO V 35 -55.26 45.88 104.13
C PRO V 35 -54.94 47.12 103.32
N GLU V 36 -53.65 47.30 102.98
CA GLU V 36 -53.24 48.47 102.21
C GLU V 36 -53.79 48.43 100.78
N SER V 37 -54.18 47.25 100.29
CA SER V 37 -54.79 47.18 98.97
C SER V 37 -56.16 47.86 98.97
N CYS V 38 -56.98 47.59 99.97
CA CYS V 38 -58.38 47.97 99.92
C CYS V 38 -58.66 49.29 100.63
N LYS V 39 -59.66 50.00 100.13
CA LYS V 39 -60.08 51.29 100.66
C LYS V 39 -61.51 51.19 101.17
N VAL V 40 -61.80 51.97 102.20
CA VAL V 40 -63.11 52.02 102.83
C VAL V 40 -63.51 53.47 102.96
N GLU V 41 -64.71 53.80 102.51
CA GLU V 41 -65.20 55.17 102.60
C GLU V 41 -65.63 55.47 104.04
N ASN V 42 -65.08 56.55 104.60
CA ASN V 42 -65.42 57.05 105.94
C ASN V 42 -65.21 55.96 107.00
N THR V 43 -63.94 55.62 107.18
CA THR V 43 -63.49 54.51 108.03
C THR V 43 -63.88 54.66 109.49
N THR V 44 -64.51 55.73 109.96
CA THR V 44 -64.98 55.81 111.34
C THR V 44 -66.46 55.52 111.50
N SER V 45 -67.17 55.15 110.40
CA SER V 45 -68.59 54.87 110.53
C SER V 45 -68.85 53.37 110.53
N PRO V 46 -69.86 52.92 111.29
CA PRO V 46 -70.17 51.48 111.32
C PRO V 46 -70.73 50.94 110.01
N LYS V 47 -71.45 51.77 109.26
CA LYS V 47 -71.97 51.41 107.94
C LYS V 47 -71.12 52.11 106.90
N THR V 48 -70.45 51.33 106.05
CA THR V 48 -69.53 51.91 105.09
C THR V 48 -69.44 51.04 103.84
N THR V 49 -68.66 51.50 102.87
CA THR V 49 -68.48 50.81 101.60
C THR V 49 -67.01 50.54 101.36
N LEU V 50 -66.72 49.32 100.89
CA LEU V 50 -65.36 48.85 100.67
C LEU V 50 -65.15 48.56 99.20
N HIS V 51 -64.04 49.07 98.67
CA HIS V 51 -63.64 48.91 97.27
C HIS V 51 -62.18 48.47 97.26
N CYS V 52 -61.83 47.55 96.36
CA CYS V 52 -60.43 47.35 96.00
C CYS V 52 -60.27 46.58 94.71
N LYS V 53 -59.13 46.84 94.06
CA LYS V 53 -58.83 46.37 92.72
C LYS V 53 -57.84 45.22 92.67
N ARG V 54 -56.92 45.14 93.62
CA ARG V 54 -55.97 44.04 93.63
C ARG V 54 -56.65 42.77 94.12
N ALA V 55 -56.34 41.66 93.48
CA ALA V 55 -57.03 40.40 93.76
C ALA V 55 -56.45 39.75 95.02
N GLY V 56 -56.82 38.50 95.27
CA GLY V 56 -56.30 37.76 96.39
C GLY V 56 -57.27 37.57 97.54
N ILE V 57 -56.73 37.49 98.75
CA ILE V 57 -57.53 37.43 99.97
C ILE V 57 -57.21 38.67 100.80
N HIS V 58 -58.24 39.27 101.38
CA HIS V 58 -58.08 40.47 102.19
C HIS V 58 -58.70 40.23 103.55
N THR V 59 -57.98 40.60 104.60
CA THR V 59 -58.43 40.40 105.97
C THR V 59 -59.00 41.72 106.48
N ILE V 60 -60.31 41.72 106.74
CA ILE V 60 -61.01 42.90 107.24
C ILE V 60 -61.47 42.62 108.65
N LYS V 61 -61.42 43.64 109.51
CA LYS V 61 -61.84 43.45 110.88
C LYS V 61 -62.31 44.76 111.51
N PRO V 62 -63.52 44.81 112.06
CA PRO V 62 -63.94 46.02 112.79
C PRO V 62 -63.32 46.03 114.19
N ILE V 63 -62.44 47.00 114.43
CA ILE V 63 -61.84 47.16 115.75
C ILE V 63 -62.83 47.92 116.62
N ALA V 64 -63.24 47.28 117.72
CA ALA V 64 -64.26 47.80 118.62
C ALA V 64 -63.85 47.52 120.05
N GLY V 65 -64.74 47.82 120.99
CA GLY V 65 -64.43 47.63 122.39
C GLY V 65 -64.27 46.16 122.76
N ASN V 66 -65.18 45.31 122.29
CA ASN V 66 -65.10 43.89 122.57
C ASN V 66 -64.24 43.19 121.53
N GLN V 67 -64.27 41.87 121.54
CA GLN V 67 -63.49 41.06 120.60
C GLN V 67 -64.38 40.71 119.41
N GLU V 68 -63.97 41.13 118.22
CA GLU V 68 -64.68 40.85 116.99
C GLU V 68 -63.78 40.04 116.07
N VAL V 69 -64.34 38.99 115.47
CA VAL V 69 -63.55 38.11 114.61
C VAL V 69 -63.20 38.83 113.31
N GLU V 70 -62.11 38.39 112.70
CA GLU V 70 -61.66 38.93 111.42
C GLU V 70 -62.16 38.01 110.31
N ARG V 71 -62.36 38.58 109.13
CA ARG V 71 -62.89 37.82 108.00
C ARG V 71 -61.99 37.98 106.79
N HIS V 72 -61.73 36.89 106.10
CA HIS V 72 -60.94 36.88 104.87
C HIS V 72 -61.88 36.80 103.68
N LEU V 73 -61.86 37.83 102.84
CA LEU V 73 -62.68 37.89 101.65
C LEU V 73 -61.80 37.67 100.43
N THR V 74 -62.20 36.75 99.57
CA THR V 74 -61.45 36.41 98.37
C THR V 74 -62.05 37.13 97.17
N VAL V 75 -61.22 37.90 96.48
CA VAL V 75 -61.64 38.70 95.33
C VAL V 75 -60.74 38.34 94.15
N ASP V 76 -61.34 37.98 93.03
CA ASP V 76 -60.60 37.56 91.86
C ASP V 76 -61.06 38.35 90.64
N ASN V 77 -60.13 38.55 89.70
CA ASN V 77 -60.48 39.25 88.47
C ASN V 77 -61.36 38.40 87.59
N SER V 78 -62.39 39.03 87.02
CA SER V 78 -63.29 38.35 86.11
C SER V 78 -63.62 39.28 84.95
N TYR V 79 -63.84 38.68 83.79
CA TYR V 79 -64.28 39.39 82.60
C TYR V 79 -65.79 39.32 82.41
N ILE V 80 -66.51 38.82 83.40
CA ILE V 80 -67.97 38.74 83.36
C ILE V 80 -68.50 39.76 84.36
N CYS V 81 -69.18 40.79 83.85
CA CYS V 81 -69.60 41.92 84.66
C CYS V 81 -71.10 42.16 84.65
N TYR V 82 -71.74 42.17 83.49
CA TYR V 82 -73.12 42.63 83.36
C TYR V 82 -74.10 41.47 83.57
N LEU V 83 -75.39 41.78 83.50
CA LEU V 83 -76.41 40.77 83.76
C LEU V 83 -77.65 41.00 82.91
N TRP V 84 -78.43 39.94 82.75
CA TRP V 84 -79.72 39.97 82.06
C TRP V 84 -80.83 40.32 83.04
N TYR V 85 -81.85 41.01 82.53
CA TYR V 85 -83.05 41.28 83.31
C TYR V 85 -84.26 41.04 82.43
N PHE V 86 -85.22 40.26 82.92
CA PHE V 86 -86.40 39.91 82.15
C PHE V 86 -87.66 40.15 82.95
N THR V 87 -88.73 40.48 82.24
CA THR V 87 -90.05 40.68 82.81
C THR V 87 -91.06 39.93 81.94
N VAL V 88 -91.93 39.14 82.57
CA VAL V 88 -92.86 38.29 81.82
C VAL V 88 -94.27 38.85 81.91
N VAL V 89 -95.09 38.51 80.92
CA VAL V 89 -96.54 38.69 80.98
C VAL V 89 -97.18 37.46 80.37
N ASP V 90 -98.27 37.00 80.95
CA ASP V 90 -98.91 35.76 80.54
C ASP V 90 -100.26 36.05 79.91
N VAL V 91 -100.46 35.53 78.70
CA VAL V 91 -101.73 35.67 77.99
C VAL V 91 -102.33 34.29 77.82
N TYR V 92 -103.54 34.11 78.35
CA TYR V 92 -104.16 32.80 78.42
C TYR V 92 -105.02 32.49 77.20
N TYR V 93 -105.42 33.50 76.44
CA TYR V 93 -106.19 33.26 75.22
C TYR V 93 -105.36 32.47 74.21
N ASN V 94 -104.09 32.83 74.04
CA ASN V 94 -103.20 32.12 73.14
C ASN V 94 -102.41 31.02 73.86
N LEU V 95 -102.52 30.94 75.19
CA LEU V 95 -101.71 30.05 76.02
C LEU V 95 -100.22 30.28 75.75
N SER V 96 -99.77 31.49 76.10
CA SER V 96 -98.40 31.87 75.81
C SER V 96 -97.91 32.92 76.80
N GLN V 97 -96.61 33.18 76.72
CA GLN V 97 -95.92 34.14 77.57
C GLN V 97 -95.09 35.06 76.69
N ILE V 98 -95.02 36.33 77.07
CA ILE V 98 -94.18 37.31 76.40
C ILE V 98 -93.15 37.81 77.40
N VAL V 99 -91.88 37.67 77.07
CA VAL V 99 -90.80 38.08 77.96
C VAL V 99 -90.06 39.26 77.32
N THR V 100 -89.71 40.23 78.15
CA THR V 100 -88.98 41.42 77.74
C THR V 100 -87.65 41.44 78.48
N ILE V 101 -86.57 41.63 77.74
CA ILE V 101 -85.21 41.43 78.24
C ILE V 101 -84.41 42.69 77.98
N TRP V 102 -83.63 43.12 78.97
CA TRP V 102 -82.58 44.11 78.73
C TRP V 102 -81.36 43.79 79.57
N VAL V 103 -80.34 44.61 79.42
CA VAL V 103 -79.04 44.39 80.04
C VAL V 103 -78.82 45.43 81.12
N TYR V 104 -78.41 44.99 82.30
CA TYR V 104 -78.18 45.94 83.38
C TYR V 104 -76.91 45.59 84.14
N ASP V 105 -76.29 46.62 84.69
CA ASP V 105 -75.02 46.55 85.41
C ASP V 105 -75.28 46.71 86.90
N PRO V 106 -74.97 45.71 87.72
CA PRO V 106 -75.38 45.76 89.14
C PRO V 106 -74.72 46.87 89.94
N GLU V 107 -73.65 47.49 89.44
CA GLU V 107 -73.03 48.59 90.18
C GLU V 107 -73.72 49.92 89.92
N SER V 108 -74.14 50.17 88.68
CA SER V 108 -74.74 51.44 88.30
C SER V 108 -76.20 51.27 87.88
N ALA V 109 -76.93 50.45 88.62
CA ALA V 109 -78.35 50.22 88.37
C ALA V 109 -79.21 51.02 89.34
N SER V 110 -80.50 51.07 89.04
CA SER V 110 -81.45 51.67 89.95
C SER V 110 -81.75 50.73 91.11
N THR V 111 -82.52 51.24 92.07
CA THR V 111 -82.83 50.42 93.25
C THR V 111 -83.84 49.33 92.93
N GLU V 112 -84.76 49.58 91.98
CA GLU V 112 -85.78 48.60 91.67
C GLU V 112 -85.20 47.38 90.95
N GLU V 113 -84.26 47.60 90.02
CA GLU V 113 -83.70 46.52 89.23
C GLU V 113 -82.88 45.54 90.05
N LEU V 114 -82.54 45.88 91.29
CA LEU V 114 -81.79 44.98 92.16
C LEU V 114 -82.68 44.06 92.98
N ILE V 115 -83.95 44.43 93.20
CA ILE V 115 -84.88 43.61 93.97
C ILE V 115 -85.93 42.97 93.09
N TRP V 116 -85.80 43.08 91.77
CA TRP V 116 -86.74 42.51 90.79
C TRP V 116 -88.16 43.03 91.00
N THR V 117 -88.32 44.34 90.88
CA THR V 117 -89.64 44.98 90.87
C THR V 117 -89.79 46.01 89.76
N ALA V 118 -88.95 45.98 88.73
CA ALA V 118 -88.96 47.03 87.72
C ALA V 118 -89.84 46.64 86.55
N LYS V 119 -90.28 47.67 85.80
CA LYS V 119 -91.03 47.50 84.57
C LYS V 119 -90.42 48.23 83.39
N LYS V 120 -89.68 49.30 83.62
CA LYS V 120 -89.10 50.13 82.58
C LYS V 120 -87.61 50.31 82.85
N PRO V 121 -86.76 50.16 81.84
CA PRO V 121 -85.32 50.26 82.08
C PRO V 121 -84.90 51.66 82.48
N SER V 122 -83.89 51.74 83.33
CA SER V 122 -83.36 53.02 83.78
C SER V 122 -82.46 53.60 82.69
N LEU V 123 -81.83 54.75 82.99
CA LEU V 123 -81.02 55.42 81.96
C LEU V 123 -79.75 54.65 81.67
N SER V 124 -79.07 54.18 82.71
CA SER V 124 -77.86 53.39 82.51
C SER V 124 -78.16 52.09 81.79
N SER V 125 -79.24 51.40 82.18
CA SER V 125 -79.56 50.13 81.56
C SER V 125 -79.96 50.31 80.10
N ARG V 126 -80.70 51.37 79.78
CA ARG V 126 -81.10 51.62 78.40
C ARG V 126 -79.89 51.93 77.53
N VAL V 127 -79.00 52.80 78.02
CA VAL V 127 -77.82 53.18 77.25
C VAL V 127 -76.91 51.97 77.04
N LEU V 128 -76.70 51.18 78.10
CA LEU V 128 -75.87 49.98 77.97
C LEU V 128 -76.48 48.97 77.01
N THR V 129 -77.81 48.82 77.05
CA THR V 129 -78.48 47.86 76.18
C THR V 129 -78.32 48.26 74.72
N LYS V 130 -78.52 49.54 74.40
CA LYS V 130 -78.38 49.91 73.00
C LYS V 130 -76.92 49.89 72.55
N GLN V 131 -75.99 50.17 73.46
CA GLN V 131 -74.57 50.07 73.10
C GLN V 131 -74.16 48.63 72.83
N MET V 132 -74.70 47.68 73.58
CA MET V 132 -74.37 46.28 73.31
C MET V 132 -75.14 45.76 72.10
N ASN V 133 -76.27 46.38 71.77
CA ASN V 133 -76.98 46.01 70.56
C ASN V 133 -76.23 46.49 69.32
N THR V 134 -75.56 47.63 69.40
CA THR V 134 -74.78 48.10 68.25
C THR V 134 -73.63 47.16 67.95
N LEU V 135 -72.97 46.62 68.98
CA LEU V 135 -71.85 45.73 68.78
C LEU V 135 -72.27 44.33 68.31
N GLY V 136 -73.57 44.05 68.24
CA GLY V 136 -74.03 42.80 67.69
C GLY V 136 -74.36 41.73 68.72
N GLN V 137 -75.04 42.10 69.80
CA GLN V 137 -75.42 41.16 70.83
C GLN V 137 -76.94 41.00 70.83
N ARG V 138 -77.39 39.75 70.81
CA ARG V 138 -78.80 39.44 70.85
C ARG V 138 -78.99 38.26 71.81
N PRO V 139 -80.01 38.29 72.65
CA PRO V 139 -80.29 37.17 73.54
C PRO V 139 -81.25 36.17 72.94
N PHE V 140 -81.10 34.92 73.34
CA PHE V 140 -82.07 33.91 72.96
C PHE V 140 -82.36 33.01 74.15
N ILE V 141 -83.56 32.46 74.17
CA ILE V 141 -84.01 31.61 75.26
C ILE V 141 -83.94 30.16 74.82
N PHE V 142 -83.30 29.33 75.65
CA PHE V 142 -83.02 27.94 75.32
C PHE V 142 -83.63 27.06 76.40
N THR V 143 -84.58 26.23 76.02
CA THR V 143 -85.17 25.28 76.95
C THR V 143 -84.22 24.11 77.15
N VAL V 144 -84.24 23.57 78.37
CA VAL V 144 -83.20 22.65 78.82
C VAL V 144 -83.62 21.19 78.65
N GLU V 145 -84.83 20.84 79.10
CA GLU V 145 -85.26 19.45 79.01
C GLU V 145 -85.43 19.01 77.57
N LYS V 146 -86.00 19.86 76.73
CA LYS V 146 -85.99 19.68 75.29
C LYS V 146 -85.33 20.88 74.64
N ARG V 147 -84.40 20.63 73.73
CA ARG V 147 -83.47 21.66 73.27
C ARG V 147 -84.09 22.45 72.11
N LEU V 148 -85.00 23.36 72.47
CA LEU V 148 -85.58 24.30 71.52
C LEU V 148 -85.14 25.71 71.88
N THR V 149 -84.90 26.52 70.86
CA THR V 149 -84.43 27.89 71.05
C THR V 149 -85.47 28.87 70.51
N TYR V 150 -85.45 30.08 71.09
CA TYR V 150 -86.36 31.14 70.71
C TYR V 150 -85.59 32.44 70.60
N HIS V 151 -85.76 33.14 69.48
CA HIS V 151 -84.99 34.29 69.06
C HIS V 151 -85.83 35.57 69.15
N PRO V 152 -85.21 36.73 69.40
CA PRO V 152 -86.00 37.94 69.60
C PRO V 152 -86.26 38.69 68.31
N GLY V 153 -86.95 39.81 68.41
CA GLY V 153 -87.09 40.72 67.31
C GLY V 153 -86.06 41.81 67.39
N PRO V 154 -86.24 42.89 66.64
CA PRO V 154 -85.35 44.04 66.75
C PRO V 154 -85.59 44.80 68.05
N LEU V 155 -84.64 45.68 68.36
CA LEU V 155 -84.73 46.49 69.56
C LEU V 155 -85.79 47.57 69.38
N THR V 156 -86.68 47.70 70.36
CA THR V 156 -87.79 48.65 70.27
C THR V 156 -87.30 50.05 70.60
N SER V 157 -88.25 50.98 70.79
CA SER V 157 -87.90 52.37 71.04
C SER V 157 -87.15 52.52 72.36
N GLU V 158 -87.64 51.90 73.42
CA GLU V 158 -86.87 51.74 74.64
C GLU V 158 -86.15 50.39 74.59
N GLY V 159 -84.99 50.33 75.23
CA GLY V 159 -84.15 49.15 75.13
C GLY V 159 -84.83 47.93 75.69
N THR V 160 -85.29 47.06 74.80
CA THR V 160 -86.10 45.91 75.19
C THR V 160 -86.15 44.92 74.03
N TRP V 161 -85.79 43.67 74.31
CA TRP V 161 -85.96 42.58 73.37
C TRP V 161 -87.19 41.78 73.79
N VAL V 162 -88.10 41.53 72.86
CA VAL V 162 -89.34 40.84 73.14
C VAL V 162 -89.29 39.44 72.52
N ILE V 163 -89.52 38.42 73.35
CA ILE V 163 -89.48 37.03 72.92
C ILE V 163 -90.80 36.37 73.32
N HIS V 164 -91.42 35.67 72.37
CA HIS V 164 -92.66 34.96 72.64
C HIS V 164 -92.37 33.50 72.96
N LEU V 165 -93.23 32.88 73.76
CA LEU V 165 -92.90 31.59 74.32
C LEU V 165 -94.14 30.77 74.60
N PRO V 166 -94.12 29.47 74.33
CA PRO V 166 -95.25 28.62 74.72
C PRO V 166 -95.28 28.34 76.20
N MET V 167 -96.47 28.09 76.72
CA MET V 167 -96.64 27.58 78.08
C MET V 167 -96.53 26.07 78.02
N SER V 168 -95.61 25.50 78.80
CA SER V 168 -95.23 24.11 78.62
C SER V 168 -95.72 23.21 79.74
N SER V 169 -95.35 23.53 80.99
CA SER V 169 -95.61 22.72 82.18
C SER V 169 -94.93 21.35 82.14
N ASP V 170 -94.11 21.11 81.12
CA ASP V 170 -93.31 19.90 81.02
C ASP V 170 -91.82 20.20 80.99
N ASP V 171 -91.40 21.21 80.22
CA ASP V 171 -90.04 21.73 80.26
C ASP V 171 -90.10 23.15 80.82
N ILE V 172 -89.95 23.24 82.14
CA ILE V 172 -90.09 24.53 82.81
C ILE V 172 -88.75 25.19 83.09
N ALA V 173 -87.65 24.46 83.00
CA ALA V 173 -86.32 25.04 83.20
C ALA V 173 -85.84 25.68 81.90
N LYS V 174 -85.37 26.92 81.98
CA LYS V 174 -84.93 27.63 80.80
C LYS V 174 -83.66 28.40 81.13
N VAL V 175 -82.85 28.64 80.09
CA VAL V 175 -81.72 29.53 80.19
C VAL V 175 -81.91 30.64 79.17
N ILE V 176 -81.30 31.79 79.45
CA ILE V 176 -81.26 32.88 78.51
C ILE V 176 -79.80 33.25 78.29
N ARG V 177 -79.39 33.26 77.02
CA ARG V 177 -78.00 33.30 76.60
C ARG V 177 -77.84 34.35 75.51
N GLY V 178 -76.61 34.44 75.00
CA GLY V 178 -76.29 35.39 73.97
C GLY V 178 -74.98 35.09 73.26
N ASN V 179 -74.53 36.02 72.43
CA ASN V 179 -73.30 35.85 71.68
C ASN V 179 -72.10 36.24 72.54
N LYS V 180 -70.90 36.00 72.00
CA LYS V 180 -69.66 36.28 72.72
C LYS V 180 -69.12 37.66 72.34
N VAL V 181 -69.96 38.66 72.60
CA VAL V 181 -69.65 40.05 72.28
C VAL V 181 -69.42 40.80 73.58
N ALA V 182 -68.25 41.40 73.71
CA ALA V 182 -67.90 42.18 74.89
C ALA V 182 -68.01 43.66 74.58
N PHE V 183 -68.23 44.46 75.63
CA PHE V 183 -68.38 45.89 75.43
C PHE V 183 -67.06 46.64 75.63
N GLN V 184 -66.52 46.60 76.84
CA GLN V 184 -65.26 47.27 77.17
C GLN V 184 -64.42 46.34 78.02
N ASP V 185 -64.23 45.11 77.55
CA ASP V 185 -63.65 44.00 78.30
C ASP V 185 -64.57 43.63 79.47
N CYS V 186 -65.82 43.34 79.12
CA CYS V 186 -66.81 42.84 80.05
C CYS V 186 -67.85 42.06 79.26
N PHE V 187 -68.29 40.95 79.81
CA PHE V 187 -69.24 40.04 79.18
C PHE V 187 -70.61 40.19 79.85
N ILE V 188 -71.55 39.33 79.45
CA ILE V 188 -72.80 39.14 80.15
C ILE V 188 -72.90 37.68 80.55
N ALA V 189 -73.38 37.43 81.77
CA ALA V 189 -73.52 36.06 82.23
C ALA V 189 -74.86 35.49 81.82
N ASN V 190 -74.86 34.19 81.53
CA ASN V 190 -76.11 33.50 81.24
C ASN V 190 -77.02 33.53 82.46
N LEU V 191 -78.32 33.46 82.23
CA LEU V 191 -79.26 33.47 83.35
C LEU V 191 -80.17 32.27 83.30
N TYR V 192 -80.21 31.52 84.40
CA TYR V 192 -81.05 30.34 84.54
C TYR V 192 -82.31 30.73 85.28
N PHE V 193 -83.46 30.19 84.85
CA PHE V 193 -84.70 30.53 85.49
C PHE V 193 -85.74 29.46 85.18
N MET V 194 -86.92 29.62 85.77
CA MET V 194 -88.04 28.72 85.55
C MET V 194 -89.32 29.53 85.39
N LEU V 195 -90.25 29.00 84.60
CA LEU V 195 -91.58 29.58 84.49
C LEU V 195 -92.57 28.53 84.00
N THR V 196 -93.79 28.62 84.50
CA THR V 196 -94.88 27.72 84.16
C THR V 196 -96.14 28.59 84.12
N TYR V 197 -97.32 27.98 84.20
CA TYR V 197 -98.54 28.75 84.40
C TYR V 197 -98.41 29.55 85.69
N PRO V 198 -98.92 30.78 85.72
CA PRO V 198 -98.95 31.53 86.98
C PRO V 198 -99.85 30.84 87.99
N MET V 199 -99.42 30.85 89.25
CA MET V 199 -100.15 30.21 90.33
C MET V 199 -100.77 31.29 91.21
N THR V 200 -102.08 31.19 91.41
CA THR V 200 -102.80 32.22 92.15
C THR V 200 -102.76 31.95 93.64
N ILE V 201 -102.48 32.99 94.42
CA ILE V 201 -102.59 32.89 95.87
C ILE V 201 -103.99 33.32 96.30
N ILE V 202 -104.41 32.84 97.46
CA ILE V 202 -105.78 33.04 97.90
C ILE V 202 -106.00 34.49 98.31
N SER V 203 -107.27 34.89 98.34
CA SER V 203 -107.68 36.19 98.85
C SER V 203 -108.27 36.03 100.24
N GLU V 204 -108.50 37.16 100.90
CA GLU V 204 -109.01 37.10 102.27
C GLU V 204 -110.37 37.77 102.36
N PRO V 205 -111.38 37.06 102.85
CA PRO V 205 -112.67 37.69 103.11
C PRO V 205 -112.65 38.38 104.46
N PRO V 206 -113.35 39.50 104.59
CA PRO V 206 -113.43 40.17 105.90
C PRO V 206 -114.19 39.32 106.91
N GLY V 207 -113.84 39.52 108.18
CA GLY V 207 -114.47 38.80 109.27
C GLY V 207 -113.90 37.43 109.57
N TYR V 208 -112.77 37.07 108.97
CA TYR V 208 -112.15 35.78 109.20
C TYR V 208 -111.21 35.83 110.39
N GLU V 209 -110.73 34.66 110.82
CA GLU V 209 -109.89 34.54 112.00
C GLU V 209 -108.55 33.92 111.64
N PRO V 210 -107.47 34.38 112.26
CA PRO V 210 -106.13 33.90 111.91
C PRO V 210 -105.78 32.56 112.54
N LEU V 211 -104.84 31.87 111.90
CA LEU V 211 -104.33 30.58 112.34
C LEU V 211 -102.86 30.73 112.72
N THR V 212 -102.52 30.30 113.92
CA THR V 212 -101.17 30.52 114.47
C THR V 212 -100.57 29.20 114.95
N VAL V 213 -99.26 29.21 115.10
CA VAL V 213 -98.50 28.13 115.74
C VAL V 213 -98.65 28.31 117.25
N PRO V 214 -98.34 27.31 118.07
CA PRO V 214 -98.42 27.51 119.52
C PRO V 214 -97.46 28.59 119.98
N PRO V 215 -97.78 29.28 121.06
CA PRO V 215 -96.94 30.42 121.50
C PRO V 215 -95.55 29.97 121.90
N GLY V 216 -94.56 30.78 121.53
CA GLY V 216 -93.17 30.52 121.82
C GLY V 216 -92.50 29.51 120.91
N SER V 217 -93.26 28.86 120.03
CA SER V 217 -92.74 27.85 119.14
C SER V 217 -92.07 28.51 117.93
N PRO V 218 -91.07 27.85 117.33
CA PRO V 218 -90.41 28.43 116.17
C PRO V 218 -91.33 28.45 114.95
N LEU V 219 -91.30 29.57 114.24
CA LEU V 219 -92.11 29.72 113.04
C LEU V 219 -91.60 28.80 111.94
N MET V 220 -92.52 28.31 111.12
CA MET V 220 -92.21 27.30 110.12
C MET V 220 -92.57 27.79 108.72
N LEU V 221 -91.96 27.17 107.72
CA LEU V 221 -92.15 27.59 106.34
C LEU V 221 -92.19 26.36 105.45
N SER V 222 -93.07 26.37 104.45
CA SER V 222 -93.05 25.34 103.42
C SER V 222 -93.29 25.96 102.06
N TRP V 223 -92.52 25.51 101.08
CA TRP V 223 -92.54 26.05 99.74
C TRP V 223 -92.80 24.94 98.74
N ASP V 224 -93.11 25.33 97.51
CA ASP V 224 -93.40 24.38 96.46
C ASP V 224 -92.12 23.66 96.00
N THR V 225 -92.28 22.40 95.61
CA THR V 225 -91.14 21.55 95.30
C THR V 225 -90.49 21.85 93.96
N CYS V 226 -91.25 22.31 92.97
CA CYS V 226 -90.71 22.53 91.64
C CYS V 226 -90.34 24.00 91.42
N ILE V 227 -91.29 24.89 91.59
CA ILE V 227 -91.07 26.32 91.46
C ILE V 227 -91.04 26.93 92.85
N SER V 228 -89.90 27.49 93.24
CA SER V 228 -89.80 28.21 94.50
C SER V 228 -90.40 29.59 94.32
N THR V 229 -90.15 30.48 95.29
CA THR V 229 -90.76 31.81 95.33
C THR V 229 -92.28 31.73 95.30
N PHE V 230 -92.84 30.69 95.93
CA PHE V 230 -94.28 30.55 96.11
C PHE V 230 -94.42 29.70 97.39
N ALA V 231 -94.63 30.38 98.52
CA ALA V 231 -94.41 29.71 99.79
C ALA V 231 -95.40 30.20 100.83
N LEU V 232 -95.54 29.41 101.90
CA LEU V 232 -96.40 29.78 103.01
C LEU V 232 -95.62 29.65 104.31
N LEU V 233 -95.71 30.68 105.13
CA LEU V 233 -94.99 30.77 106.40
C LEU V 233 -95.98 30.92 107.54
N ALA V 234 -95.90 30.02 108.50
CA ALA V 234 -96.77 30.02 109.67
C ALA V 234 -95.99 30.55 110.86
N THR V 235 -96.52 31.59 111.50
CA THR V 235 -95.91 32.27 112.63
C THR V 235 -96.81 32.13 113.85
N ASP V 236 -96.43 32.85 114.91
CA ASP V 236 -97.21 32.84 116.15
C ASP V 236 -98.38 33.81 116.14
N GLN V 237 -98.48 34.66 115.12
CA GLN V 237 -99.54 35.66 115.13
C GLN V 237 -100.33 35.66 113.83
N GLU V 238 -99.74 35.14 112.76
CA GLU V 238 -100.38 35.18 111.46
C GLU V 238 -99.78 34.09 110.57
N THR V 239 -100.49 33.77 109.50
CA THR V 239 -100.01 32.88 108.46
C THR V 239 -99.98 33.64 107.15
N PHE V 240 -98.85 33.61 106.46
CA PHE V 240 -98.67 34.38 105.23
C PHE V 240 -98.44 33.43 104.06
N GLN V 241 -98.89 33.87 102.88
CA GLN V 241 -98.66 33.17 101.63
C GLN V 241 -98.12 34.17 100.62
N THR V 242 -97.23 33.71 99.75
CA THR V 242 -96.57 34.61 98.81
C THR V 242 -96.37 33.96 97.46
N ASN V 243 -96.62 34.75 96.41
CA ASN V 243 -96.38 34.42 95.01
C ASN V 243 -94.97 34.79 94.57
N ASP V 244 -94.21 35.48 95.41
CA ASP V 244 -92.81 35.80 95.17
C ASP V 244 -92.01 35.42 96.39
N SER V 245 -90.75 35.85 96.48
CA SER V 245 -89.91 35.55 97.64
C SER V 245 -90.21 36.51 98.80
N PHE V 246 -91.49 36.53 99.19
CA PHE V 246 -92.00 37.33 100.30
C PHE V 246 -91.75 38.83 100.11
N GLN V 247 -91.85 39.30 98.87
CA GLN V 247 -91.87 40.74 98.63
C GLN V 247 -93.27 41.32 98.88
N THR V 248 -94.29 40.69 98.32
CA THR V 248 -95.68 41.00 98.61
C THR V 248 -96.35 39.73 99.13
N TRP V 249 -97.21 39.87 100.14
CA TRP V 249 -97.78 38.73 100.82
C TRP V 249 -99.26 38.94 101.09
N THR V 250 -99.97 37.83 101.28
CA THR V 250 -101.40 37.83 101.60
C THR V 250 -101.68 36.80 102.68
N ARG V 251 -102.44 37.22 103.70
CA ARG V 251 -102.69 36.37 104.85
C ARG V 251 -103.65 35.24 104.51
N VAL V 252 -103.58 34.18 105.31
CA VAL V 252 -104.45 33.02 105.20
C VAL V 252 -105.24 32.90 106.48
N ARG V 253 -106.57 32.91 106.37
CA ARG V 253 -107.44 32.87 107.53
C ARG V 253 -108.55 31.85 107.30
N ALA V 254 -109.41 31.69 108.30
CA ALA V 254 -110.45 30.67 108.32
C ALA V 254 -111.81 31.30 108.56
N PRO V 255 -112.88 30.68 108.04
CA PRO V 255 -114.21 31.21 108.28
C PRO V 255 -114.59 31.10 109.75
N PRO V 256 -115.45 31.98 110.24
CA PRO V 256 -115.86 31.92 111.66
C PRO V 256 -116.64 30.66 111.97
N GLY V 257 -116.44 30.16 113.19
CA GLY V 257 -117.19 29.03 113.70
C GLY V 257 -116.65 27.66 113.36
N ILE V 258 -115.71 27.57 112.41
CA ILE V 258 -115.21 26.26 112.00
C ILE V 258 -114.35 25.65 113.10
N LEU V 259 -113.49 26.45 113.73
CA LEU V 259 -112.57 25.95 114.73
C LEU V 259 -112.62 26.84 115.97
N SER V 260 -112.31 26.24 117.11
CA SER V 260 -112.25 26.98 118.37
C SER V 260 -111.04 27.90 118.38
N ASP V 261 -111.07 28.87 119.30
CA ASP V 261 -109.95 29.79 119.45
C ASP V 261 -108.70 29.06 119.92
N ALA V 262 -108.85 28.11 120.85
CA ALA V 262 -107.72 27.31 121.30
C ALA V 262 -107.18 26.43 120.18
N GLN V 263 -108.08 25.88 119.35
CA GLN V 263 -107.65 25.10 118.19
C GLN V 263 -106.92 25.95 117.16
N ARG V 264 -107.28 27.23 117.05
CA ARG V 264 -106.65 28.10 116.06
C ARG V 264 -105.19 28.40 116.41
N HIS V 265 -104.78 28.10 117.63
CA HIS V 265 -103.42 28.39 118.10
C HIS V 265 -102.60 27.13 118.34
N SER V 266 -102.95 26.03 117.65
CA SER V 266 -102.22 24.78 117.84
C SER V 266 -101.91 24.11 116.51
N LEU V 267 -101.60 24.91 115.49
CA LEU V 267 -101.28 24.36 114.18
C LEU V 267 -99.89 23.74 114.18
N ARG V 268 -99.81 22.44 113.94
CA ARG V 268 -98.57 21.68 114.05
C ARG V 268 -97.75 21.68 112.76
N ASP V 269 -98.39 21.61 111.60
CA ASP V 269 -97.66 21.56 110.34
C ASP V 269 -98.54 22.08 109.22
N VAL V 270 -97.88 22.51 108.15
CA VAL V 270 -98.57 22.97 106.94
C VAL V 270 -97.92 22.31 105.73
N ILE V 271 -98.68 22.18 104.66
CA ILE V 271 -98.14 21.75 103.38
C ILE V 271 -98.87 22.52 102.28
N ILE V 272 -98.17 22.72 101.16
CA ILE V 272 -98.59 23.67 100.14
C ILE V 272 -98.55 23.00 98.77
N PHE V 273 -99.67 23.03 98.06
CA PHE V 273 -99.75 22.61 96.68
C PHE V 273 -100.28 23.77 95.85
N ASP V 274 -100.39 23.54 94.55
CA ASP V 274 -100.98 24.56 93.67
C ASP V 274 -102.49 24.63 93.85
N GLN V 275 -103.14 23.49 94.07
CA GLN V 275 -104.59 23.48 94.19
C GLN V 275 -105.03 24.11 95.51
N GLY V 276 -104.40 23.74 96.61
CA GLY V 276 -104.80 24.28 97.89
C GLY V 276 -103.77 23.97 98.95
N THR V 277 -104.06 24.43 100.16
CA THR V 277 -103.16 24.27 101.29
C THR V 277 -103.75 23.27 102.28
N LEU V 278 -102.87 22.57 103.00
CA LEU V 278 -103.29 21.63 104.01
C LEU V 278 -102.69 22.03 105.35
N PHE V 279 -103.54 22.05 106.37
CA PHE V 279 -103.15 22.36 107.74
C PHE V 279 -103.31 21.12 108.62
N LEU V 280 -102.45 20.99 109.61
CA LEU V 280 -102.54 19.91 110.59
C LEU V 280 -102.84 20.56 111.93
N VAL V 281 -104.12 20.76 112.21
CA VAL V 281 -104.57 21.43 113.42
C VAL V 281 -104.90 20.35 114.45
N ASP V 282 -104.04 20.25 115.47
CA ASP V 282 -104.28 19.42 116.65
C ASP V 282 -104.53 17.95 116.28
N GLY V 283 -103.80 17.45 115.30
CA GLY V 283 -103.99 16.08 114.87
C GLY V 283 -105.12 15.85 113.90
N THR V 284 -105.68 16.90 113.32
CA THR V 284 -106.72 16.76 112.31
C THR V 284 -106.32 17.55 111.07
N VAL V 285 -106.54 16.95 109.91
CA VAL V 285 -106.09 17.54 108.65
C VAL V 285 -107.23 18.36 108.06
N TYR V 286 -106.96 19.63 107.79
CA TYR V 286 -107.94 20.54 107.22
C TYR V 286 -107.43 21.04 105.88
N LEU V 287 -108.34 21.27 104.95
CA LEU V 287 -108.00 21.66 103.60
C LEU V 287 -108.56 23.06 103.34
N ARG V 288 -107.69 23.99 102.98
CA ARG V 288 -108.09 25.35 102.67
C ARG V 288 -107.86 25.60 101.19
N THR V 289 -108.93 25.91 100.48
CA THR V 289 -108.92 26.23 99.07
C THR V 289 -109.54 27.61 98.95
N GLU V 290 -109.49 28.21 97.75
CA GLU V 290 -110.05 29.55 97.56
C GLU V 290 -111.56 29.59 97.75
N ASP V 291 -112.24 28.44 97.80
CA ASP V 291 -113.68 28.40 97.98
C ASP V 291 -114.08 28.11 99.43
N GLU V 292 -113.60 27.00 99.99
CA GLU V 292 -114.12 26.52 101.26
C GLU V 292 -113.00 26.00 102.14
N PHE V 293 -113.35 25.71 103.39
CA PHE V 293 -112.42 25.23 104.42
C PHE V 293 -112.89 23.88 104.95
N THR V 294 -113.18 22.95 104.04
CA THR V 294 -113.76 21.67 104.43
C THR V 294 -112.74 20.82 105.20
N LYS V 295 -113.24 20.11 106.20
CA LYS V 295 -112.41 19.28 107.07
C LYS V 295 -112.40 17.85 106.56
N LEU V 296 -111.20 17.28 106.42
CA LEU V 296 -111.07 15.90 106.00
C LEU V 296 -111.55 14.96 107.10
N ASP V 297 -112.22 13.88 106.71
CA ASP V 297 -112.81 12.94 107.66
C ASP V 297 -112.61 11.53 107.12
N GLU V 298 -113.35 10.57 107.69
CA GLU V 298 -113.26 9.18 107.23
C GLU V 298 -113.82 8.99 105.83
N SER V 299 -114.66 9.92 105.35
CA SER V 299 -115.19 9.82 104.00
C SER V 299 -114.13 10.00 102.93
N ARG V 300 -112.97 10.59 103.28
CA ARG V 300 -111.86 10.74 102.35
C ARG V 300 -110.69 9.83 102.67
N GLY V 301 -110.80 9.00 103.70
CA GLY V 301 -109.79 8.00 103.98
C GLY V 301 -108.78 8.32 105.06
N ILE V 302 -109.06 9.28 105.92
CA ILE V 302 -108.20 9.61 107.05
C ILE V 302 -108.95 9.40 108.36
N SER V 303 -108.19 9.15 109.42
CA SER V 303 -108.73 9.07 110.76
C SER V 303 -108.75 10.47 111.39
N GLU V 304 -109.45 10.58 112.50
CA GLU V 304 -109.57 11.85 113.20
C GLU V 304 -108.78 11.80 114.50
N THR V 305 -108.13 12.94 114.80
CA THR V 305 -107.34 13.13 116.02
C THR V 305 -106.23 12.10 116.17
N GLY V 306 -105.65 11.67 115.05
CA GLY V 306 -104.57 10.70 115.12
C GLY V 306 -103.34 11.08 114.33
N ILE V 307 -103.47 12.02 113.40
CA ILE V 307 -102.44 12.27 112.40
C ILE V 307 -101.23 12.92 113.07
N LEU V 308 -100.05 12.37 112.81
CA LEU V 308 -98.80 12.94 113.30
C LEU V 308 -98.07 13.79 112.27
N GLY V 309 -98.17 13.48 110.99
CA GLY V 309 -97.49 14.34 110.03
C GLY V 309 -97.83 13.97 108.61
N PHE V 310 -97.34 14.80 107.69
CA PHE V 310 -97.44 14.51 106.27
C PHE V 310 -96.25 15.11 105.54
N SER V 311 -96.01 14.62 104.33
CA SER V 311 -94.87 15.04 103.54
C SER V 311 -95.19 14.95 102.06
N LYS V 312 -94.42 15.69 101.26
CA LYS V 312 -94.56 15.75 99.82
C LYS V 312 -93.20 15.48 99.18
N ARG V 313 -93.17 15.51 97.85
CA ARG V 313 -91.92 15.32 97.15
C ARG V 313 -91.04 16.57 97.31
N ARG V 314 -89.73 16.38 97.22
CA ARG V 314 -88.78 17.45 97.45
C ARG V 314 -87.92 17.80 96.24
N TRP V 315 -87.78 16.89 95.29
CA TRP V 315 -86.99 17.14 94.09
C TRP V 315 -87.91 17.17 92.86
N CYS V 316 -87.71 18.17 92.02
CA CYS V 316 -88.64 18.45 90.91
C CYS V 316 -88.41 17.45 89.78
N GLN V 317 -89.05 16.30 89.90
CA GLN V 317 -89.04 15.28 88.85
C GLN V 317 -90.29 15.38 87.99
N ILE V 318 -90.48 16.56 87.38
CA ILE V 318 -91.75 16.84 86.71
C ILE V 318 -91.90 16.06 85.40
N ARG V 319 -90.79 15.79 84.70
CA ARG V 319 -90.88 15.22 83.35
C ARG V 319 -91.38 13.78 83.39
N TYR V 320 -90.77 12.95 84.24
CA TYR V 320 -91.20 11.56 84.36
C TYR V 320 -92.59 11.46 84.96
N LEU V 321 -92.96 12.39 85.84
CA LEU V 321 -94.30 12.38 86.41
C LEU V 321 -95.36 12.71 85.36
N TYR V 322 -95.06 13.67 84.48
CA TYR V 322 -96.04 14.01 83.45
C TYR V 322 -96.13 12.94 82.38
N LYS V 323 -94.99 12.37 81.98
CA LYS V 323 -94.99 11.37 80.92
C LYS V 323 -95.46 9.99 81.39
N LEU V 324 -95.78 9.85 82.67
CA LEU V 324 -96.18 8.54 83.20
C LEU V 324 -97.55 8.12 82.71
N ALA V 325 -98.41 9.09 82.35
CA ALA V 325 -99.79 8.84 81.91
C ALA V 325 -100.59 8.07 82.95
N SER V 326 -100.33 8.36 84.23
CA SER V 326 -101.05 7.72 85.33
C SER V 326 -100.91 8.61 86.55
N LYS V 327 -102.03 9.00 87.14
CA LYS V 327 -102.01 9.88 88.30
C LYS V 327 -101.55 9.09 89.53
N LYS V 328 -100.45 9.53 90.13
CA LYS V 328 -99.88 8.91 91.32
C LYS V 328 -100.05 9.83 92.52
N SER V 329 -99.59 9.36 93.67
CA SER V 329 -99.77 10.10 94.92
C SER V 329 -98.90 11.34 94.96
N ILE V 330 -99.47 12.43 95.49
CA ILE V 330 -98.76 13.68 95.66
C ILE V 330 -98.50 14.01 97.12
N LEU V 331 -98.90 13.13 98.04
CA LEU V 331 -98.72 13.40 99.46
C LEU V 331 -98.68 12.06 100.19
N ILE V 332 -98.02 12.02 101.33
CA ILE V 332 -98.11 10.84 102.21
C ILE V 332 -98.27 11.32 103.64
N ALA V 333 -99.26 10.79 104.35
CA ALA V 333 -99.49 11.14 105.74
C ALA V 333 -99.27 9.92 106.63
N TRP V 334 -99.00 10.18 107.91
CA TRP V 334 -98.80 9.11 108.87
C TRP V 334 -99.35 9.53 110.22
N SER V 335 -99.89 8.55 110.93
CA SER V 335 -100.63 8.72 112.18
C SER V 335 -100.18 7.70 113.22
N LYS V 336 -98.87 7.42 113.24
CA LYS V 336 -98.18 6.66 114.29
C LYS V 336 -98.51 5.17 114.24
N THR V 337 -99.53 4.79 113.49
CA THR V 337 -99.87 3.39 113.30
C THR V 337 -100.27 3.03 111.89
N THR V 338 -100.34 4.00 110.97
CA THR V 338 -100.89 3.76 109.64
C THR V 338 -100.38 4.85 108.71
N VAL V 339 -99.88 4.45 107.55
CA VAL V 339 -99.46 5.37 106.51
C VAL V 339 -100.52 5.41 105.42
N TYR V 340 -100.86 6.63 104.99
CA TYR V 340 -101.84 6.93 103.96
C TYR V 340 -101.15 7.63 102.79
N ALA V 341 -101.62 7.37 101.58
CA ALA V 341 -100.98 7.87 100.36
C ALA V 341 -101.97 8.75 99.60
N GLY V 342 -101.86 10.07 99.80
CA GLY V 342 -102.75 11.03 99.20
C GLY V 342 -102.52 11.33 97.73
N TYR V 343 -103.55 11.09 96.92
CA TYR V 343 -103.55 11.39 95.50
C TYR V 343 -104.08 12.80 95.28
N ALA V 344 -104.21 13.19 94.01
CA ALA V 344 -104.81 14.47 93.68
C ALA V 344 -106.31 14.44 94.00
N THR V 345 -106.92 15.63 94.01
CA THR V 345 -108.28 15.90 94.48
C THR V 345 -108.48 15.57 95.96
N PHE V 346 -107.40 15.23 96.67
CA PHE V 346 -107.38 15.10 98.12
C PHE V 346 -108.38 14.06 98.63
N ARG V 347 -108.21 12.84 98.12
CA ARG V 347 -108.82 11.65 98.70
C ARG V 347 -107.86 10.50 98.51
N PHE V 348 -107.84 9.60 99.48
CA PHE V 348 -106.78 8.60 99.58
C PHE V 348 -107.22 7.36 100.34
N VAL V 349 -106.65 6.25 99.93
CA VAL V 349 -106.85 4.97 100.58
C VAL V 349 -105.66 4.71 101.49
N THR V 350 -105.90 3.90 102.52
CA THR V 350 -104.84 3.58 103.46
C THR V 350 -103.75 2.76 102.77
N LEU V 351 -102.50 3.17 102.97
CA LEU V 351 -101.40 2.45 102.34
C LEU V 351 -101.02 1.22 103.17
N THR V 352 -100.68 1.42 104.45
CA THR V 352 -100.24 0.27 105.23
C THR V 352 -100.48 0.50 106.71
N ASP V 353 -100.92 -0.54 107.41
CA ASP V 353 -101.01 -0.55 108.86
C ASP V 353 -99.79 -1.25 109.46
N THR V 354 -99.65 -1.14 110.78
CA THR V 354 -98.47 -1.67 111.45
C THR V 354 -98.50 -3.19 111.57
N ALA V 355 -99.68 -3.82 111.49
CA ALA V 355 -99.76 -5.26 111.63
C ALA V 355 -99.10 -5.97 110.43
N LYS V 356 -99.33 -5.46 109.22
CA LYS V 356 -98.71 -6.06 108.04
C LYS V 356 -97.20 -5.93 108.08
N LEU V 357 -96.69 -4.77 108.53
CA LEU V 357 -95.25 -4.61 108.67
C LEU V 357 -94.69 -5.50 109.77
N LYS V 358 -95.47 -5.71 110.84
CA LYS V 358 -95.05 -6.63 111.89
C LYS V 358 -94.96 -8.05 111.36
N ASP V 359 -95.88 -8.42 110.46
CA ASP V 359 -95.80 -9.72 109.79
C ASP V 359 -94.62 -9.79 108.83
N PHE V 360 -94.26 -8.66 108.21
CA PHE V 360 -93.16 -8.64 107.25
C PHE V 360 -91.81 -8.81 107.94
N LEU V 361 -91.61 -8.10 109.05
CA LEU V 361 -90.31 -8.13 109.71
C LEU V 361 -90.10 -9.34 110.62
N LYS V 362 -90.90 -10.40 110.47
CA LYS V 362 -90.74 -11.67 111.21
C LYS V 362 -90.74 -11.45 112.72
N LEU V 363 -91.40 -10.37 113.14
CA LEU V 363 -91.37 -9.96 114.54
C LEU V 363 -92.13 -10.96 115.40
N PRO V 364 -91.72 -11.15 116.66
CA PRO V 364 -92.37 -12.17 117.49
C PRO V 364 -93.74 -11.78 118.02
N GLN V 365 -94.34 -10.73 117.45
CA GLN V 365 -95.69 -10.26 117.73
C GLN V 365 -95.83 -9.70 119.14
N THR V 366 -96.92 -8.96 119.38
CA THR V 366 -97.15 -8.24 120.65
C THR V 366 -95.96 -7.34 120.99
N ASP V 367 -95.41 -6.69 119.98
CA ASP V 367 -94.29 -5.78 120.14
C ASP V 367 -94.74 -4.35 119.85
N THR V 368 -94.04 -3.39 120.46
CA THR V 368 -94.31 -1.97 120.22
C THR V 368 -93.52 -1.53 119.01
N LEU V 369 -94.14 -1.59 117.84
CA LEU V 369 -93.52 -1.16 116.59
C LEU V 369 -94.29 0.04 116.07
N GLU V 370 -93.58 1.15 115.82
CA GLU V 370 -94.22 2.41 115.47
C GLU V 370 -93.54 3.03 114.27
N VAL V 371 -94.23 4.01 113.67
CA VAL V 371 -93.68 4.80 112.58
C VAL V 371 -93.53 6.24 113.05
N MET V 372 -92.51 6.92 112.51
CA MET V 372 -92.29 8.30 112.92
C MET V 372 -92.11 9.26 111.74
N SER V 373 -91.67 8.77 110.59
CA SER V 373 -91.47 9.67 109.46
C SER V 373 -91.47 8.88 108.16
N VAL V 374 -92.04 9.47 107.11
CA VAL V 374 -92.06 8.89 105.77
C VAL V 374 -91.58 9.96 104.81
N GLU V 375 -90.69 9.59 103.89
CA GLU V 375 -90.15 10.54 102.94
C GLU V 375 -90.12 9.96 101.54
N TYR V 376 -90.19 10.85 100.56
CA TYR V 376 -90.15 10.48 99.14
C TYR V 376 -88.70 10.61 98.66
N LEU V 377 -88.04 9.49 98.41
CA LEU V 377 -86.65 9.58 97.98
C LEU V 377 -86.58 9.93 96.49
N TRP V 378 -85.36 9.92 95.94
CA TRP V 378 -85.15 10.45 94.60
C TRP V 378 -85.71 9.54 93.52
N HIS V 379 -85.88 8.25 93.79
CA HIS V 379 -86.59 7.40 92.87
C HIS V 379 -88.05 7.86 92.82
N PRO V 380 -88.58 8.17 91.63
CA PRO V 380 -89.91 8.82 91.58
C PRO V 380 -91.05 7.94 92.04
N LEU V 381 -90.87 6.62 92.14
CA LEU V 381 -91.94 5.70 92.53
C LEU V 381 -91.50 4.84 93.71
N GLU V 382 -90.92 5.47 94.74
CA GLU V 382 -90.46 4.73 95.91
C GLU V 382 -90.62 5.61 97.14
N ALA V 383 -90.77 4.97 98.30
CA ALA V 383 -90.92 5.68 99.55
C ALA V 383 -90.12 4.97 100.63
N ALA V 384 -89.82 5.71 101.70
CA ALA V 384 -89.10 5.17 102.84
C ALA V 384 -89.86 5.52 104.10
N VAL V 385 -89.80 4.65 105.11
CA VAL V 385 -90.47 4.88 106.38
C VAL V 385 -89.55 4.47 107.51
N LEU V 386 -89.46 5.31 108.54
CA LEU V 386 -88.71 5.01 109.74
C LEU V 386 -89.53 4.13 110.67
N LEU V 387 -88.91 3.08 111.17
CA LEU V 387 -89.58 2.09 112.01
C LEU V 387 -88.89 2.02 113.35
N SER V 388 -89.63 2.38 114.39
CA SER V 388 -89.15 2.36 115.77
C SER V 388 -89.57 1.04 116.41
N HIS V 389 -88.61 0.35 117.02
CA HIS V 389 -88.81 -1.03 117.45
C HIS V 389 -88.37 -1.16 118.90
N CYS V 390 -89.22 -1.74 119.75
CA CYS V 390 -89.05 -1.69 121.19
C CYS V 390 -88.18 -2.81 121.75
N SER V 391 -88.34 -4.03 121.23
CA SER V 391 -87.59 -5.21 121.65
C SER V 391 -87.78 -5.53 123.13
N VAL V 392 -89.00 -5.95 123.50
CA VAL V 392 -89.40 -6.45 124.82
C VAL V 392 -89.38 -5.29 125.83
N CYS V 393 -89.31 -4.06 125.30
CA CYS V 393 -89.46 -2.79 126.03
C CYS V 393 -88.83 -2.75 127.42
N THR V 394 -89.57 -2.20 128.38
CA THR V 394 -89.16 -2.07 129.79
C THR V 394 -87.85 -1.30 129.92
N THR V 395 -87.57 -0.45 128.94
CA THR V 395 -86.35 0.36 128.96
C THR V 395 -86.70 1.70 128.30
N ASN V 396 -85.69 2.55 128.08
CA ASN V 396 -85.90 3.79 127.35
C ASN V 396 -85.34 3.70 125.93
N THR V 397 -84.67 2.61 125.58
CA THR V 397 -83.90 2.49 124.35
C THR V 397 -84.72 1.81 123.27
N ARG V 398 -84.70 2.38 122.06
CA ARG V 398 -85.47 1.90 120.94
C ARG V 398 -84.59 1.80 119.70
N ASN V 399 -84.78 0.76 118.91
CA ASN V 399 -84.07 0.58 117.66
C ASN V 399 -84.75 1.37 116.55
N ILE V 400 -83.95 1.91 115.64
CA ILE V 400 -84.46 2.67 114.49
C ILE V 400 -84.02 1.97 113.22
N ARG V 401 -85.00 1.57 112.40
CA ARG V 401 -84.74 0.91 111.12
C ARG V 401 -85.42 1.70 110.01
N ILE V 402 -85.09 1.35 108.77
CA ILE V 402 -85.71 1.93 107.60
C ILE V 402 -86.33 0.81 106.80
N VAL V 403 -87.59 1.00 106.38
CA VAL V 403 -88.27 0.08 105.46
C VAL V 403 -88.60 0.84 104.19
N ILE V 404 -88.22 0.28 103.05
CA ILE V 404 -88.41 0.92 101.75
C ILE V 404 -89.57 0.24 101.04
N TYR V 405 -90.53 1.03 100.59
CA TYR V 405 -91.70 0.54 99.87
C TYR V 405 -91.55 0.92 98.40
N SER V 406 -91.65 -0.09 97.54
CA SER V 406 -91.53 0.08 96.10
C SER V 406 -92.89 -0.08 95.46
N ALA V 407 -93.35 0.94 94.75
CA ALA V 407 -94.68 0.96 94.17
C ALA V 407 -94.75 0.31 92.80
N ILE V 408 -93.64 0.29 92.05
CA ILE V 408 -93.61 -0.40 90.76
C ILE V 408 -93.80 -1.89 90.97
N PHE V 409 -93.15 -2.45 91.99
CA PHE V 409 -93.29 -3.86 92.33
C PHE V 409 -94.23 -4.08 93.51
N GLN V 410 -94.61 -3.01 94.22
CA GLN V 410 -95.48 -3.09 95.40
C GLN V 410 -94.92 -4.04 96.45
N THR V 411 -93.65 -3.81 96.82
CA THR V 411 -92.96 -4.67 97.75
C THR V 411 -92.32 -3.85 98.86
N TRP V 412 -91.79 -4.56 99.87
CA TRP V 412 -91.12 -3.96 101.01
C TRP V 412 -89.73 -4.54 101.17
N THR V 413 -88.81 -3.70 101.64
CA THR V 413 -87.42 -4.11 101.85
C THR V 413 -86.94 -3.56 103.18
N LEU V 414 -86.19 -4.38 103.92
CA LEU V 414 -85.62 -3.97 105.19
C LEU V 414 -84.13 -3.70 104.98
N GLN V 415 -83.66 -2.56 105.48
CA GLN V 415 -82.30 -2.11 105.23
C GLN V 415 -81.41 -2.33 106.45
N ASP V 416 -80.18 -1.81 106.36
CA ASP V 416 -79.18 -1.97 107.43
C ASP V 416 -79.10 -0.69 108.26
N PHE V 417 -79.67 -0.74 109.46
CA PHE V 417 -79.52 0.31 110.46
C PHE V 417 -79.28 -0.29 111.83
N GLU V 418 -78.34 0.30 112.56
CA GLU V 418 -77.94 -0.15 113.88
C GLU V 418 -77.99 1.02 114.85
N LEU V 419 -79.09 1.76 114.84
CA LEU V 419 -79.20 2.99 115.61
C LEU V 419 -80.10 2.78 116.82
N GLN V 420 -79.57 3.11 118.00
CA GLN V 420 -80.31 3.08 119.26
C GLN V 420 -80.57 4.52 119.69
N LEU V 421 -81.80 4.79 120.11
CA LEU V 421 -82.13 6.15 120.55
C LEU V 421 -83.08 6.10 121.73
N PRO V 422 -83.07 7.11 122.60
CA PRO V 422 -84.01 7.14 123.72
C PRO V 422 -85.45 7.39 123.26
N LYS V 423 -86.37 7.20 124.21
CA LYS V 423 -87.80 7.38 123.95
C LYS V 423 -88.14 8.82 123.57
N GLU V 424 -87.52 9.79 124.25
CA GLU V 424 -87.94 11.19 124.13
C GLU V 424 -87.63 11.75 122.75
N ALA V 425 -86.62 11.22 122.07
CA ALA V 425 -86.17 11.79 120.81
C ALA V 425 -87.21 11.63 119.70
N ILE V 426 -87.47 12.73 119.00
CA ILE V 426 -88.26 12.72 117.78
C ILE V 426 -87.29 12.89 116.63
N LEU V 427 -87.61 12.28 115.49
CA LEU V 427 -86.66 12.16 114.39
C LEU V 427 -87.24 12.77 113.13
N GLU V 428 -86.40 13.45 112.36
CA GLU V 428 -86.76 13.90 111.02
C GLU V 428 -85.59 13.61 110.09
N PHE V 429 -85.86 12.96 108.96
CA PHE V 429 -84.81 12.59 108.04
C PHE V 429 -85.15 13.04 106.63
N ARG V 430 -84.10 13.25 105.84
CA ARG V 430 -84.20 13.73 104.48
C ARG V 430 -83.24 12.95 103.60
N PHE V 431 -83.57 12.89 102.32
CA PHE V 431 -82.79 12.17 101.32
C PHE V 431 -82.02 13.17 100.46
N LEU V 432 -80.75 12.89 100.23
CA LEU V 432 -79.91 13.80 99.47
C LEU V 432 -80.04 13.52 97.97
N TYR V 433 -79.51 14.44 97.17
CA TYR V 433 -79.55 14.33 95.71
C TYR V 433 -78.57 13.26 95.28
N SER V 434 -79.01 12.01 95.34
CA SER V 434 -78.17 10.89 94.91
C SER V 434 -79.06 9.77 94.42
N ALA V 435 -78.50 8.97 93.51
CA ALA V 435 -79.21 7.77 93.06
C ALA V 435 -79.35 6.77 94.19
N MET V 436 -78.29 6.57 94.96
CA MET V 436 -78.31 5.67 96.09
C MET V 436 -78.98 6.34 97.29
N PRO V 437 -79.60 5.56 98.18
CA PRO V 437 -80.19 6.15 99.37
C PRO V 437 -79.15 6.62 100.39
N ASP V 438 -79.01 7.94 100.53
CA ASP V 438 -78.11 8.53 101.51
C ASP V 438 -78.91 9.53 102.33
N ILE V 439 -79.06 9.27 103.63
CA ILE V 439 -79.98 10.05 104.44
C ILE V 439 -79.21 10.94 105.40
N ILE V 440 -79.84 12.07 105.74
CA ILE V 440 -79.41 12.96 106.80
C ILE V 440 -80.56 13.11 107.76
N MET V 441 -80.34 12.77 109.01
CA MET V 441 -81.41 12.64 109.99
C MET V 441 -81.03 13.41 111.24
N TRP V 442 -82.03 13.96 111.93
CA TRP V 442 -81.74 14.74 113.12
C TRP V 442 -82.82 14.54 114.18
N ASP V 443 -82.40 14.76 115.43
CA ASP V 443 -83.23 14.56 116.61
C ASP V 443 -83.08 15.71 117.60
N GLN V 444 -83.08 16.94 117.10
CA GLN V 444 -83.02 18.24 117.79
C GLN V 444 -81.86 18.39 118.77
N HIS V 445 -80.91 17.46 118.80
CA HIS V 445 -79.65 17.68 119.50
C HIS V 445 -78.46 17.22 118.66
N HIS V 446 -78.69 16.24 117.79
CA HIS V 446 -77.62 15.63 117.00
C HIS V 446 -78.07 15.52 115.55
N VAL V 447 -77.11 15.18 114.70
CA VAL V 447 -77.37 14.88 113.29
C VAL V 447 -76.64 13.59 112.94
N TYR V 448 -77.39 12.58 112.51
CA TYR V 448 -76.87 11.31 112.06
C TYR V 448 -76.89 11.25 110.55
N TYR V 449 -76.01 10.43 109.99
CA TYR V 449 -75.83 10.36 108.56
C TYR V 449 -75.70 8.91 108.11
N SER V 450 -76.17 8.66 106.89
CA SER V 450 -75.99 7.37 106.23
C SER V 450 -75.58 7.64 104.78
N TYR V 451 -74.35 7.29 104.45
CA TYR V 451 -73.76 7.55 103.14
C TYR V 451 -73.32 6.25 102.48
N LYS V 452 -73.33 6.29 101.14
CA LYS V 452 -72.81 5.22 100.28
C LYS V 452 -73.52 3.88 100.54
N ASN V 453 -74.82 3.86 100.23
CA ASN V 453 -75.65 2.65 100.26
C ASN V 453 -75.65 2.01 101.65
N PHE V 454 -75.91 2.84 102.65
CA PHE V 454 -76.11 2.44 104.03
C PHE V 454 -74.89 1.74 104.63
N THR V 455 -73.70 2.04 104.12
CA THR V 455 -72.46 1.51 104.67
C THR V 455 -71.78 2.45 105.65
N VAL V 456 -71.67 3.73 105.32
CA VAL V 456 -71.02 4.70 106.18
C VAL V 456 -72.13 5.35 107.00
N VAL V 457 -72.42 4.76 108.17
CA VAL V 457 -73.48 5.23 109.05
C VAL V 457 -72.85 5.71 110.34
N GLY V 458 -73.32 6.87 110.83
CA GLY V 458 -72.78 7.38 112.08
C GLY V 458 -73.40 8.69 112.47
N THR V 459 -72.69 9.43 113.32
CA THR V 459 -73.10 10.72 113.82
C THR V 459 -72.18 11.81 113.29
N ILE V 460 -72.77 12.91 112.81
CA ILE V 460 -71.98 14.03 112.31
C ILE V 460 -71.44 14.81 113.50
N SER V 461 -70.13 15.06 113.49
CA SER V 461 -69.43 15.63 114.63
C SER V 461 -68.66 16.88 114.22
N THR V 462 -68.39 17.72 115.21
CA THR V 462 -67.52 18.87 115.04
C THR V 462 -66.07 18.40 114.92
N PRO V 463 -65.16 19.26 114.42
CA PRO V 463 -63.74 18.88 114.43
C PRO V 463 -63.20 18.64 115.83
N SER V 464 -63.72 19.34 116.84
CA SER V 464 -63.33 19.03 118.21
C SER V 464 -63.86 17.68 118.66
N GLY V 465 -65.02 17.27 118.15
CA GLY V 465 -65.54 15.94 118.44
C GLY V 465 -66.59 15.88 119.53
N GLU V 466 -67.27 17.00 119.82
CA GLU V 466 -68.29 16.99 120.87
C GLU V 466 -69.53 16.20 120.45
N THR V 467 -69.86 16.21 119.15
CA THR V 467 -70.99 15.51 118.54
C THR V 467 -72.35 15.96 119.08
N ASN V 468 -72.37 16.95 119.97
CA ASN V 468 -73.61 17.52 120.49
C ASN V 468 -73.65 18.98 120.05
N LEU V 469 -74.59 19.30 119.17
CA LEU V 469 -74.68 20.64 118.64
C LEU V 469 -75.42 21.60 119.55
N SER V 470 -76.01 21.11 120.64
CA SER V 470 -76.57 22.02 121.64
C SER V 470 -75.49 22.62 122.52
N SER V 471 -74.42 21.87 122.81
CA SER V 471 -73.34 22.38 123.65
C SER V 471 -72.53 23.45 122.96
N LEU V 472 -72.54 23.50 121.64
CA LEU V 472 -71.88 24.56 120.89
C LEU V 472 -72.80 25.72 120.57
N SER V 473 -74.10 25.60 120.89
CA SER V 473 -75.09 26.60 120.52
C SER V 473 -75.85 27.12 121.72
N GLN V 474 -75.19 27.10 122.89
CA GLN V 474 -75.77 27.60 124.15
C GLN V 474 -77.08 26.87 124.50
N GLY V 475 -77.11 25.56 124.25
CA GLY V 475 -78.24 24.74 124.63
C GLY V 475 -79.54 25.00 123.90
N SER V 476 -79.48 25.17 122.58
CA SER V 476 -80.67 25.34 121.77
C SER V 476 -80.82 24.16 120.82
N LYS V 477 -82.08 23.86 120.49
CA LYS V 477 -82.41 22.69 119.69
C LYS V 477 -82.30 23.00 118.20
N ILE V 478 -82.17 21.94 117.41
CA ILE V 478 -82.11 22.10 115.97
C ILE V 478 -83.48 22.53 115.45
N HIS V 479 -83.50 23.60 114.67
CA HIS V 479 -84.74 24.16 114.14
C HIS V 479 -84.98 23.77 112.68
N GLN V 480 -83.97 23.92 111.84
CA GLN V 480 -84.13 23.75 110.42
C GLN V 480 -82.91 23.07 109.82
N VAL V 481 -83.14 22.31 108.76
CA VAL V 481 -82.07 21.68 107.99
C VAL V 481 -82.41 21.85 106.52
N LEU V 482 -81.48 22.40 105.74
CA LEU V 482 -81.70 22.66 104.33
C LEU V 482 -80.68 21.91 103.51
N THR V 483 -81.16 21.14 102.54
CA THR V 483 -80.32 20.50 101.54
C THR V 483 -80.45 21.23 100.22
N ASP V 484 -79.58 20.90 99.27
CA ASP V 484 -79.59 21.56 97.97
C ASP V 484 -79.06 20.60 96.91
N ARG V 485 -79.08 21.06 95.66
CA ARG V 485 -78.68 20.22 94.54
C ARG V 485 -77.17 20.00 94.50
N ILE V 486 -76.40 21.03 94.85
CA ILE V 486 -74.95 20.91 94.81
C ILE V 486 -74.46 19.93 95.86
N GLY V 487 -75.11 19.91 97.02
CA GLY V 487 -74.79 18.91 98.01
C GLY V 487 -74.57 19.46 99.42
N ASN V 488 -74.71 20.78 99.58
CA ASN V 488 -74.39 21.42 100.85
C ASN V 488 -75.64 21.53 101.72
N VAL V 489 -75.48 21.14 102.98
CA VAL V 489 -76.56 21.14 103.96
C VAL V 489 -76.25 22.22 105.00
N VAL V 490 -77.26 23.00 105.35
CA VAL V 490 -77.14 24.04 106.37
C VAL V 490 -78.07 23.68 107.52
N VAL V 491 -77.52 23.60 108.72
CA VAL V 491 -78.27 23.29 109.93
C VAL V 491 -78.39 24.58 110.73
N LYS V 492 -79.61 24.94 111.11
CA LYS V 492 -79.85 26.19 111.82
C LYS V 492 -80.66 25.90 113.08
N MET V 493 -80.21 26.47 114.20
CA MET V 493 -80.90 26.30 115.47
C MET V 493 -81.78 27.51 115.75
N GLU V 494 -82.59 27.41 116.81
CA GLU V 494 -83.45 28.50 117.21
C GLU V 494 -82.70 29.62 117.91
N ASN V 495 -81.44 29.39 118.29
CA ASN V 495 -80.53 30.43 118.74
C ASN V 495 -80.08 31.33 117.60
N ASN V 496 -80.37 30.93 116.36
CA ASN V 496 -79.93 31.59 115.12
C ASN V 496 -78.41 31.52 114.99
N VAL V 497 -77.89 30.29 115.07
CA VAL V 497 -76.52 29.97 114.74
C VAL V 497 -76.56 28.79 113.78
N MET V 498 -75.60 28.76 112.85
CA MET V 498 -75.68 27.87 111.70
C MET V 498 -74.41 27.02 111.59
N PHE V 499 -74.60 25.73 111.40
CA PHE V 499 -73.56 24.79 111.03
C PHE V 499 -73.70 24.40 109.57
N TYR V 500 -72.63 23.83 109.02
CA TYR V 500 -72.55 23.48 107.62
C TYR V 500 -72.03 22.05 107.49
N ILE V 501 -72.67 21.27 106.62
CA ILE V 501 -72.24 19.91 106.29
C ILE V 501 -72.16 19.79 104.78
N LYS V 502 -71.23 18.98 104.30
CA LYS V 502 -71.21 18.57 102.91
C LYS V 502 -71.61 17.10 102.83
N ALA V 503 -72.38 16.76 101.80
CA ALA V 503 -72.77 15.37 101.60
C ALA V 503 -71.54 14.51 101.35
N ASP V 504 -71.59 13.28 101.87
CA ASP V 504 -70.47 12.33 101.85
C ASP V 504 -69.25 12.85 102.62
N ILE V 505 -69.47 13.80 103.52
CA ILE V 505 -68.42 14.34 104.39
C ILE V 505 -68.95 14.30 105.82
N THR V 506 -68.17 13.74 106.73
CA THR V 506 -68.66 13.49 108.07
C THR V 506 -68.53 14.71 108.97
N GLU V 507 -67.42 15.44 108.84
CA GLU V 507 -67.15 16.57 109.74
C GLU V 507 -68.04 17.76 109.42
N ALA V 508 -68.49 18.43 110.46
CA ALA V 508 -69.28 19.64 110.32
C ALA V 508 -68.40 20.87 110.55
N VAL V 509 -68.88 22.02 110.08
CA VAL V 509 -68.16 23.28 110.21
C VAL V 509 -69.10 24.29 110.85
N ILE V 510 -68.69 24.86 111.97
CA ILE V 510 -69.51 25.85 112.65
C ILE V 510 -69.21 27.22 112.04
N LEU V 511 -70.22 27.79 111.38
CA LEU V 511 -70.04 29.04 110.68
C LEU V 511 -70.01 30.21 111.66
N HIS V 512 -69.44 31.32 111.19
CA HIS V 512 -69.33 32.51 112.02
C HIS V 512 -70.70 33.15 112.23
N THR V 513 -70.84 33.83 113.36
CA THR V 513 -72.13 34.40 113.73
C THR V 513 -72.48 35.56 112.80
N TRP V 514 -73.70 35.51 112.26
CA TRP V 514 -74.13 36.44 111.22
C TRP V 514 -75.40 37.15 111.63
N VAL V 515 -76.18 36.54 112.52
CA VAL V 515 -77.49 37.04 112.91
C VAL V 515 -77.57 37.01 114.43
N ASN V 516 -78.43 37.85 114.99
CA ASN V 516 -78.58 38.02 116.43
C ASN V 516 -79.07 36.75 117.10
N THR V 517 -79.17 36.81 118.43
CA THR V 517 -79.64 35.68 119.20
C THR V 517 -81.17 35.66 119.30
N THR V 518 -81.79 36.84 119.45
CA THR V 518 -83.22 36.93 119.70
C THR V 518 -84.05 37.10 118.44
N ALA V 519 -83.44 37.18 117.27
CA ALA V 519 -84.17 37.46 116.04
C ALA V 519 -85.02 36.26 115.62
N LYS V 520 -86.24 36.55 115.16
CA LYS V 520 -87.15 35.53 114.66
C LYS V 520 -86.92 35.39 113.16
N THR V 521 -86.22 34.33 112.76
CA THR V 521 -85.76 34.19 111.38
C THR V 521 -86.16 32.84 110.82
N VAL V 522 -86.03 32.72 109.50
CA VAL V 522 -86.12 31.44 108.80
C VAL V 522 -85.14 31.50 107.63
N VAL V 523 -84.81 30.33 107.08
CA VAL V 523 -83.94 30.24 105.92
C VAL V 523 -84.73 29.67 104.75
N LEU V 524 -84.54 30.26 103.57
CA LEU V 524 -85.28 29.84 102.39
C LEU V 524 -84.40 30.02 101.17
N PHE V 525 -84.97 29.81 99.99
CA PHE V 525 -84.26 29.93 98.73
C PHE V 525 -84.89 31.03 97.89
N ASP V 526 -84.07 31.65 97.06
CA ASP V 526 -84.50 32.72 96.17
C ASP V 526 -84.96 32.11 94.86
N LYS V 527 -85.06 32.91 93.80
CA LYS V 527 -85.38 32.37 92.48
C LYS V 527 -84.32 31.38 92.03
N SER V 528 -83.05 31.68 92.27
CA SER V 528 -81.98 30.70 92.12
C SER V 528 -81.94 29.82 93.36
N PHE V 529 -80.90 29.00 93.50
CA PHE V 529 -80.80 28.12 94.67
C PHE V 529 -79.80 28.65 95.70
N GLU V 530 -79.77 29.96 95.90
CA GLU V 530 -78.97 30.56 96.96
C GLU V 530 -79.80 30.73 98.22
N VAL V 531 -79.13 30.71 99.36
CA VAL V 531 -79.79 30.81 100.65
C VAL V 531 -80.11 32.25 100.96
N CYS V 532 -81.27 32.48 101.56
CA CYS V 532 -81.70 33.81 101.97
C CYS V 532 -82.31 33.71 103.36
N ILE V 533 -82.02 34.70 104.20
CA ILE V 533 -82.54 34.73 105.56
C ILE V 533 -83.71 35.69 105.61
N LEU V 534 -84.81 35.24 106.19
CA LEU V 534 -86.05 36.00 106.26
C LEU V 534 -86.30 36.36 107.72
N TYR V 535 -86.31 37.66 108.00
CA TYR V 535 -86.55 38.20 109.32
C TYR V 535 -88.03 38.56 109.45
N TYR V 536 -88.65 38.10 110.53
CA TYR V 536 -90.03 38.44 110.83
C TYR V 536 -90.09 39.15 112.16
N ASN V 537 -90.81 40.27 112.20
CA ASN V 537 -91.00 41.03 113.42
C ASN V 537 -92.33 41.74 113.33
N GLU V 538 -93.18 41.55 114.33
CA GLU V 538 -94.41 42.31 114.41
C GLU V 538 -94.12 43.69 114.99
N ASN V 539 -95.17 44.42 115.36
CA ASN V 539 -95.07 45.79 115.87
C ASN V 539 -94.34 46.70 114.89
N LEU V 540 -94.62 46.51 113.60
CA LEU V 540 -94.04 47.35 112.56
C LEU V 540 -95.12 47.91 111.64
N ASP V 541 -94.72 48.56 110.56
CA ASP V 541 -95.64 49.32 109.71
C ASP V 541 -96.24 48.47 108.59
N GLU V 542 -96.23 47.15 108.74
CA GLU V 542 -96.88 46.17 107.85
C GLU V 542 -96.15 46.07 106.51
N LYS V 543 -95.17 46.95 106.28
CA LYS V 543 -94.34 46.88 105.09
C LYS V 543 -92.94 46.37 105.38
N TYR V 544 -92.57 46.23 106.66
CA TYR V 544 -91.26 45.71 107.02
C TYR V 544 -91.36 44.57 108.02
N GLN V 545 -92.53 43.94 108.15
CA GLN V 545 -92.67 42.81 109.05
C GLN V 545 -92.00 41.56 108.52
N LEU V 546 -91.61 41.53 107.25
CA LEU V 546 -90.94 40.37 106.64
C LEU V 546 -89.90 40.91 105.68
N GLN V 547 -88.63 40.85 106.09
CA GLN V 547 -87.54 41.38 105.28
C GLN V 547 -86.54 40.27 104.96
N THR V 548 -86.15 40.18 103.69
CA THR V 548 -85.26 39.14 103.23
C THR V 548 -83.89 39.75 102.93
N GLN V 549 -82.84 39.13 103.45
CA GLN V 549 -81.48 39.52 103.13
C GLN V 549 -80.70 38.28 102.71
N PRO V 550 -79.85 38.35 101.70
CA PRO V 550 -79.12 37.18 101.27
C PRO V 550 -78.04 36.78 102.26
N TYR V 551 -77.57 35.54 102.12
CA TYR V 551 -76.49 35.00 102.94
C TYR V 551 -75.40 34.48 102.01
N PRO V 552 -74.23 35.11 102.01
CA PRO V 552 -73.10 34.62 101.18
C PRO V 552 -72.38 33.42 101.80
N LEU V 553 -72.94 32.24 101.54
CA LEU V 553 -72.45 31.03 102.19
C LEU V 553 -71.08 30.60 101.63
N ILE V 554 -70.88 30.78 100.32
CA ILE V 554 -69.63 30.35 99.70
C ILE V 554 -68.46 31.17 100.23
N LEU V 555 -68.65 32.49 100.37
CA LEU V 555 -67.57 33.33 100.87
C LEU V 555 -67.22 33.00 102.32
N GLU V 556 -68.23 32.73 103.15
CA GLU V 556 -67.96 32.34 104.53
C GLU V 556 -67.26 30.99 104.59
N LEU V 557 -67.63 30.06 103.72
CA LEU V 557 -66.96 28.77 103.66
C LEU V 557 -65.50 28.92 103.23
N GLN V 558 -65.25 29.81 102.26
CA GLN V 558 -63.88 30.05 101.83
C GLN V 558 -63.05 30.73 102.92
N SER V 559 -63.66 31.62 103.70
CA SER V 559 -62.96 32.21 104.84
C SER V 559 -62.60 31.15 105.88
N ILE V 560 -63.56 30.26 106.19
CA ILE V 560 -63.30 29.20 107.16
C ILE V 560 -62.20 28.28 106.66
N ASN V 561 -62.23 27.93 105.36
CA ASN V 561 -61.19 27.07 104.81
C ASN V 561 -59.82 27.74 104.81
N LYS V 562 -59.76 29.05 104.49
CA LYS V 562 -58.51 29.77 104.57
C LYS V 562 -57.95 29.73 105.99
N ASP V 563 -58.84 29.82 106.99
CA ASP V 563 -58.39 29.59 108.36
C ASP V 563 -57.88 28.15 108.55
N LEU V 564 -58.54 27.18 107.92
CA LEU V 564 -58.22 25.77 108.17
C LEU V 564 -57.14 25.25 107.23
N GLY V 565 -57.40 25.27 105.92
CA GLY V 565 -56.39 24.86 104.97
C GLY V 565 -56.65 23.55 104.23
N ASP V 566 -57.91 23.27 103.92
CA ASP V 566 -58.26 22.11 103.11
C ASP V 566 -58.21 22.47 101.63
N TRP V 567 -58.19 21.44 100.78
CA TRP V 567 -58.03 21.68 99.35
C TRP V 567 -58.73 20.57 98.56
N CYS V 568 -59.07 20.90 97.31
CA CYS V 568 -59.80 19.96 96.45
C CYS V 568 -58.80 19.13 95.64
N PRO V 569 -58.85 17.81 95.77
CA PRO V 569 -57.75 16.98 95.24
C PRO V 569 -57.67 16.91 93.72
N TYR V 570 -58.69 17.32 92.98
CA TYR V 570 -58.63 17.31 91.53
C TYR V 570 -58.75 18.73 91.00
N LEU V 571 -58.18 18.96 89.83
CA LEU V 571 -58.33 20.26 89.19
C LEU V 571 -59.70 20.39 88.56
N ALA V 572 -60.15 19.37 87.84
CA ALA V 572 -61.42 19.49 87.14
C ALA V 572 -62.04 18.13 86.90
N PHE V 573 -63.36 18.14 86.74
CA PHE V 573 -64.15 16.94 86.44
C PHE V 573 -65.28 17.37 85.51
N GLN V 574 -65.16 17.03 84.24
CA GLN V 574 -66.16 17.41 83.24
C GLN V 574 -66.90 16.19 82.75
N HIS V 575 -68.11 16.41 82.26
CA HIS V 575 -68.93 15.36 81.67
C HIS V 575 -69.81 15.99 80.60
N ASN V 576 -70.61 15.16 79.94
CA ASN V 576 -71.55 15.66 78.94
C ASN V 576 -72.99 15.29 79.27
N ILE V 577 -73.27 14.98 80.53
CA ILE V 577 -74.64 14.77 80.98
C ILE V 577 -75.31 16.13 81.14
N HIS V 578 -76.05 16.56 80.13
CA HIS V 578 -76.70 17.85 80.14
C HIS V 578 -78.16 17.77 80.57
N SER V 579 -78.62 16.59 80.97
CA SER V 579 -80.04 16.41 81.26
C SER V 579 -80.18 15.51 82.49
N GLN V 580 -81.39 15.05 82.72
CA GLN V 580 -81.71 14.18 83.84
C GLN V 580 -82.50 12.95 83.43
N PHE V 581 -83.26 13.00 82.35
CA PHE V 581 -84.14 11.90 81.95
C PHE V 581 -83.78 11.50 80.52
N TYR V 582 -83.24 10.30 80.36
CA TYR V 582 -82.94 9.73 79.06
C TYR V 582 -83.87 8.55 78.82
N HIS V 583 -84.49 8.52 77.66
CA HIS V 583 -85.42 7.46 77.27
C HIS V 583 -84.98 6.92 75.92
N MET V 584 -84.87 5.59 75.82
CA MET V 584 -84.45 5.03 74.54
C MET V 584 -85.13 3.69 74.30
N ASP V 585 -85.32 3.39 73.01
CA ASP V 585 -86.09 2.25 72.52
C ASP V 585 -85.15 1.06 72.29
N LYS V 586 -85.63 0.05 71.54
CA LYS V 586 -84.87 -1.19 71.35
C LYS V 586 -83.52 -0.96 70.68
N GLY V 587 -83.50 -0.24 69.57
CA GLY V 587 -82.34 -0.17 68.73
C GLY V 587 -81.36 0.96 68.98
N GLU V 588 -81.41 1.60 70.15
CA GLU V 588 -80.55 2.72 70.43
C GLU V 588 -79.69 2.44 71.66
N SER V 589 -78.60 3.20 71.75
CA SER V 589 -77.65 3.11 72.86
C SER V 589 -77.38 4.52 73.36
N LEU V 590 -76.73 4.60 74.52
CA LEU V 590 -76.41 5.90 75.12
C LEU V 590 -74.91 6.02 75.36
N THR V 591 -74.34 7.15 74.97
CA THR V 591 -72.90 7.39 75.07
C THR V 591 -72.65 8.55 76.03
N ILE V 592 -71.93 8.28 77.11
CA ILE V 592 -71.67 9.26 78.16
C ILE V 592 -70.16 9.45 78.28
N TRP V 593 -69.73 10.71 78.32
CA TRP V 593 -68.32 11.09 78.27
C TRP V 593 -67.98 11.83 79.55
N SER V 594 -66.80 11.55 80.13
CA SER V 594 -66.37 12.21 81.34
C SER V 594 -64.86 12.24 81.42
N GLN V 595 -64.33 13.10 82.29
CA GLN V 595 -62.90 13.34 82.31
C GLN V 595 -62.52 13.97 83.64
N ILE V 596 -61.40 13.50 84.22
CA ILE V 596 -60.83 14.11 85.40
C ILE V 596 -59.42 14.58 85.07
N VAL V 597 -59.09 15.79 85.54
CA VAL V 597 -57.74 16.34 85.47
C VAL V 597 -57.30 16.59 86.90
N TYR V 598 -56.17 16.03 87.29
CA TYR V 598 -55.75 16.04 88.69
C TYR V 598 -54.23 16.10 88.74
N PRO V 599 -53.65 16.41 89.93
CA PRO V 599 -52.19 16.45 90.09
C PRO V 599 -51.45 15.17 89.75
N GLU V 600 -50.11 15.22 89.88
CA GLU V 600 -49.21 14.41 89.06
C GLU V 600 -49.48 12.92 89.18
N ASN V 601 -49.52 12.37 90.40
CA ASN V 601 -49.77 10.94 90.45
C ASN V 601 -50.63 10.50 91.64
N ARG V 602 -51.55 11.35 92.10
CA ARG V 602 -52.51 10.88 93.09
C ARG V 602 -53.56 10.06 92.37
N GLY V 603 -53.50 8.73 92.48
CA GLY V 603 -54.35 7.87 91.68
C GLY V 603 -55.85 8.02 91.91
N LEU V 604 -56.54 8.62 90.95
CA LEU V 604 -57.98 8.83 91.00
C LEU V 604 -58.65 8.13 89.82
N TYR V 605 -59.97 8.15 89.82
CA TYR V 605 -60.79 7.59 88.75
C TYR V 605 -62.22 8.07 88.94
N ILE V 606 -63.09 7.70 88.01
CA ILE V 606 -64.49 8.11 88.03
C ILE V 606 -65.35 6.92 88.38
N VAL V 607 -66.02 6.98 89.53
CA VAL V 607 -66.88 5.93 90.02
C VAL V 607 -68.26 6.12 89.40
N VAL V 608 -68.78 5.03 88.81
CA VAL V 608 -70.11 4.95 88.24
C VAL V 608 -70.93 4.09 89.17
N GLU V 609 -72.03 4.64 89.69
CA GLU V 609 -72.87 3.92 90.63
C GLU V 609 -74.28 3.80 90.06
N HIS V 610 -74.86 2.61 90.18
CA HIS V 610 -76.17 2.34 89.60
C HIS V 610 -77.12 1.82 90.69
N TYR V 611 -78.40 2.11 90.50
CA TYR V 611 -79.44 1.69 91.42
C TYR V 611 -80.69 1.35 90.64
N GLY V 612 -81.50 0.46 91.19
CA GLY V 612 -82.70 0.01 90.52
C GLY V 612 -82.53 -1.35 89.90
N SER V 613 -83.23 -1.62 88.80
CA SER V 613 -83.21 -2.92 88.16
C SER V 613 -82.19 -2.92 87.03
N SER V 614 -81.26 -3.87 87.07
CA SER V 614 -80.22 -3.95 86.06
C SER V 614 -80.77 -4.66 84.83
N VAL V 615 -80.93 -3.92 83.74
CA VAL V 615 -81.42 -4.48 82.49
C VAL V 615 -80.51 -4.20 81.30
N MET V 616 -79.26 -3.85 81.54
CA MET V 616 -78.38 -3.34 80.50
C MET V 616 -76.95 -3.86 80.68
N THR V 617 -76.05 -3.35 79.86
CA THR V 617 -74.63 -3.61 79.98
C THR V 617 -73.85 -2.34 79.68
N TRP V 618 -72.63 -2.27 80.20
CA TRP V 618 -71.74 -1.15 79.97
C TRP V 618 -70.46 -1.63 79.29
N THR V 619 -69.90 -0.76 78.46
CA THR V 619 -68.51 -0.89 78.03
C THR V 619 -67.85 0.45 78.29
N GLN V 620 -66.74 0.45 79.00
CA GLN V 620 -66.01 1.67 79.30
C GLN V 620 -64.67 1.64 78.60
N ASN V 621 -64.30 2.75 77.97
CA ASN V 621 -62.99 2.92 77.36
C ASN V 621 -62.29 4.09 78.02
N LEU V 622 -61.02 3.90 78.37
CA LEU V 622 -60.26 4.85 79.18
C LEU V 622 -58.99 5.28 78.45
N GLU V 623 -58.68 6.56 78.53
CA GLU V 623 -57.44 7.11 77.99
C GLU V 623 -56.73 7.86 79.09
N TYR V 624 -55.42 7.66 79.19
CA TYR V 624 -54.61 8.21 80.26
C TYR V 624 -53.51 9.07 79.65
N GLU V 625 -53.39 10.31 80.11
CA GLU V 625 -52.40 11.23 79.58
C GLU V 625 -51.71 11.96 80.72
N ILE V 626 -50.41 12.17 80.58
CA ILE V 626 -49.62 12.94 81.54
C ILE V 626 -48.99 14.12 80.81
N ALA V 627 -49.22 15.31 81.33
CA ALA V 627 -48.68 16.50 80.67
C ALA V 627 -48.58 17.63 81.68
N SER V 628 -47.41 18.27 81.71
CA SER V 628 -47.17 19.47 82.53
C SER V 628 -47.44 19.21 84.00
N GLY V 629 -47.11 18.01 84.46
CA GLY V 629 -47.34 17.67 85.84
C GLY V 629 -48.78 17.37 86.21
N PHE V 630 -49.65 17.21 85.23
CA PHE V 630 -51.05 16.89 85.49
C PHE V 630 -51.43 15.62 84.75
N CYS V 631 -52.17 14.75 85.42
CA CYS V 631 -52.71 13.57 84.80
C CYS V 631 -54.15 13.81 84.38
N THR V 632 -54.53 13.19 83.28
CA THR V 632 -55.87 13.27 82.74
C THR V 632 -56.37 11.87 82.46
N LYS V 633 -57.56 11.57 82.97
CA LYS V 633 -58.20 10.28 82.71
C LYS V 633 -59.53 10.57 82.04
N THR V 634 -59.69 10.08 80.81
CA THR V 634 -60.85 10.37 79.99
C THR V 634 -61.58 9.07 79.69
N MET V 635 -62.85 9.00 80.05
CA MET V 635 -63.60 7.76 79.98
C MET V 635 -64.88 7.95 79.18
N ILE V 636 -65.15 7.02 78.27
CA ILE V 636 -66.38 6.98 77.49
C ILE V 636 -67.09 5.67 77.81
N THR V 637 -68.36 5.76 78.21
CA THR V 637 -69.15 4.59 78.55
C THR V 637 -70.39 4.52 77.68
N ARG V 638 -70.83 3.31 77.37
CA ARG V 638 -71.95 3.10 76.46
C ARG V 638 -72.93 2.10 77.05
N PHE V 639 -74.21 2.44 76.99
CA PHE V 639 -75.28 1.60 77.50
C PHE V 639 -76.10 1.05 76.35
N PHE V 640 -76.27 -0.27 76.31
CA PHE V 640 -76.97 -0.93 75.22
C PHE V 640 -77.58 -2.24 75.71
N GLN V 641 -78.55 -2.74 74.95
CA GLN V 641 -79.20 -4.02 75.21
C GLN V 641 -78.95 -4.98 74.05
N THR V 642 -78.89 -6.27 74.35
CA THR V 642 -78.43 -7.28 73.39
C THR V 642 -79.32 -8.52 73.40
N THR V 643 -80.64 -8.34 73.32
CA THR V 643 -81.56 -9.46 73.30
C THR V 643 -82.20 -9.58 71.93
N ASN V 644 -82.55 -10.81 71.55
CA ASN V 644 -83.18 -11.11 70.27
C ASN V 644 -84.57 -11.69 70.52
N TYR V 645 -85.57 -11.13 69.84
CA TYR V 645 -86.96 -11.51 70.03
C TYR V 645 -87.48 -12.37 68.89
N GLU V 646 -86.65 -12.68 67.90
CA GLU V 646 -87.11 -13.43 66.73
C GLU V 646 -87.19 -14.92 67.04
N LEU V 647 -88.29 -15.54 66.62
CA LEU V 647 -88.54 -16.97 66.75
C LEU V 647 -88.48 -17.45 68.19
N VAL V 648 -89.00 -16.65 69.13
CA VAL V 648 -89.01 -17.03 70.52
C VAL V 648 -90.44 -17.11 71.01
N ASP V 649 -90.64 -17.85 72.10
CA ASP V 649 -91.94 -17.96 72.75
C ASP V 649 -92.05 -16.92 73.84
N ASN V 650 -93.29 -16.49 74.11
CA ASN V 650 -93.60 -15.46 75.10
C ASN V 650 -92.86 -14.17 74.77
N TYR V 651 -93.16 -13.62 73.60
CA TYR V 651 -92.55 -12.38 73.15
C TYR V 651 -92.94 -11.23 74.07
N TYR V 652 -94.20 -11.20 74.50
CA TYR V 652 -94.65 -10.11 75.36
C TYR V 652 -94.10 -10.25 76.77
N GLN V 653 -93.99 -11.48 77.27
CA GLN V 653 -93.38 -11.69 78.58
C GLN V 653 -91.92 -11.30 78.60
N LEU V 654 -91.18 -11.66 77.54
CA LEU V 654 -89.79 -11.23 77.44
C LEU V 654 -89.68 -9.72 77.26
N GLN V 655 -90.64 -9.12 76.56
CA GLN V 655 -90.64 -7.68 76.39
C GLN V 655 -90.88 -6.98 77.72
N LYS V 656 -91.73 -7.55 78.57
CA LYS V 656 -91.97 -6.95 79.88
C LYS V 656 -90.82 -7.21 80.84
N GLU V 657 -90.16 -8.37 80.70
CA GLU V 657 -89.05 -8.71 81.58
C GLU V 657 -87.81 -7.86 81.31
N ASN V 658 -87.76 -7.15 80.19
CA ASN V 658 -86.60 -6.34 79.84
C ASN V 658 -87.00 -4.89 79.68
N THR V 659 -87.88 -4.40 80.55
CA THR V 659 -88.30 -3.00 80.48
C THR V 659 -88.35 -2.44 81.90
N GLY V 660 -88.27 -1.12 82.00
CA GLY V 660 -88.24 -0.46 83.28
C GLY V 660 -87.18 0.61 83.34
N LEU V 661 -86.99 1.18 84.53
CA LEU V 661 -86.07 2.29 84.70
C LEU V 661 -84.96 1.96 85.68
N MET V 662 -83.85 2.69 85.54
CA MET V 662 -82.67 2.51 86.36
C MET V 662 -82.00 3.86 86.51
N LEU V 663 -81.19 4.01 87.57
CA LEU V 663 -80.62 5.30 87.94
C LEU V 663 -79.11 5.22 88.01
N LEU V 664 -78.43 6.20 87.42
CA LEU V 664 -76.98 6.22 87.36
C LEU V 664 -76.46 7.53 87.93
N GLN V 665 -75.30 7.46 88.56
CA GLN V 665 -74.64 8.68 89.02
C GLN V 665 -73.15 8.55 88.80
N PHE V 666 -72.52 9.68 88.46
CA PHE V 666 -71.09 9.75 88.19
C PHE V 666 -70.44 10.60 89.26
N ARG V 667 -69.28 10.18 89.76
CA ARG V 667 -68.62 10.99 90.77
C ARG V 667 -67.13 10.69 90.76
N PRO V 668 -66.30 11.59 91.28
CA PRO V 668 -64.86 11.30 91.37
C PRO V 668 -64.51 10.31 92.46
N SER V 669 -63.29 9.78 92.44
CA SER V 669 -62.93 8.68 93.33
C SER V 669 -62.91 9.13 94.79
N GLU V 670 -62.12 10.15 95.10
CA GLU V 670 -62.12 10.75 96.42
C GLU V 670 -62.31 12.25 96.27
N PHE V 671 -63.12 12.82 97.16
CA PHE V 671 -63.37 14.24 97.13
C PHE V 671 -63.69 14.72 98.53
N SER V 672 -63.53 16.02 98.76
CA SER V 672 -63.75 16.62 100.06
C SER V 672 -64.41 17.97 99.83
N ARG V 673 -64.40 18.82 100.86
CA ARG V 673 -64.89 20.18 100.72
C ARG V 673 -63.97 20.98 99.80
N THR V 674 -64.35 22.24 99.57
CA THR V 674 -63.73 23.16 98.62
C THR V 674 -63.86 22.66 97.19
N CYS V 675 -64.69 21.63 96.99
CA CYS V 675 -65.00 21.11 95.67
C CYS V 675 -66.43 21.52 95.35
N LEU V 676 -66.60 22.38 94.35
CA LEU V 676 -67.91 22.91 93.99
C LEU V 676 -68.56 22.11 92.88
N THR V 677 -68.10 20.89 92.63
CA THR V 677 -68.62 20.07 91.55
C THR V 677 -70.03 19.59 91.90
N ALA V 678 -70.93 19.64 90.94
CA ALA V 678 -72.25 19.05 91.08
C ALA V 678 -72.24 17.64 90.52
N LYS V 679 -72.60 16.68 91.34
CA LYS V 679 -72.51 15.28 90.93
C LYS V 679 -73.66 14.93 90.00
N PRO V 680 -73.38 14.45 88.77
CA PRO V 680 -74.46 14.18 87.81
C PRO V 680 -75.20 12.90 88.13
N VAL V 681 -76.52 13.01 88.26
CA VAL V 681 -77.42 11.89 88.52
C VAL V 681 -78.50 11.91 87.44
N PHE V 682 -78.69 10.79 86.76
CA PHE V 682 -79.73 10.70 85.74
C PHE V 682 -80.40 9.34 85.81
N GLU V 683 -81.40 9.14 84.95
CA GLU V 683 -82.20 7.94 84.92
C GLU V 683 -82.46 7.54 83.48
N ILE V 684 -82.46 6.24 83.21
CA ILE V 684 -82.75 5.69 81.90
C ILE V 684 -83.91 4.72 82.04
N ASP V 685 -84.95 4.92 81.23
CA ASP V 685 -86.09 4.01 81.19
C ASP V 685 -86.22 3.42 79.80
N VAL V 686 -86.48 2.12 79.75
CA VAL V 686 -86.72 1.42 78.50
C VAL V 686 -88.17 0.95 78.47
N GLY V 687 -88.81 1.16 77.35
CA GLY V 687 -90.26 1.09 77.23
C GLY V 687 -90.72 2.21 76.33
N CYS V 688 -91.93 2.07 75.82
CA CYS V 688 -92.47 3.07 74.91
C CYS V 688 -93.21 4.17 75.66
N ASP V 689 -93.05 5.39 75.16
CA ASP V 689 -93.57 6.58 75.83
C ASP V 689 -95.06 6.80 75.58
N SER V 690 -95.68 5.99 74.72
CA SER V 690 -97.11 6.12 74.38
C SER V 690 -97.43 7.51 73.82
N SER V 691 -96.47 8.08 73.11
CA SER V 691 -96.68 9.35 72.42
C SER V 691 -96.03 9.34 71.04
N LYS V 692 -95.54 8.18 70.59
CA LYS V 692 -94.88 8.03 69.31
C LYS V 692 -95.65 6.99 68.52
N TYR V 693 -96.05 7.34 67.30
CA TYR V 693 -96.79 6.38 66.48
C TYR V 693 -96.50 6.65 65.02
N ILE V 694 -97.34 6.09 64.15
CA ILE V 694 -97.10 6.04 62.71
C ILE V 694 -98.27 6.71 62.00
N MET V 695 -97.99 7.31 60.86
CA MET V 695 -99.04 7.92 60.04
C MET V 695 -98.74 7.76 58.55
N VAL V 696 -99.78 7.45 57.79
CA VAL V 696 -99.66 7.43 56.34
C VAL V 696 -99.76 8.84 55.79
N ARG V 697 -99.00 9.13 54.74
CA ARG V 697 -98.89 10.48 54.22
C ARG V 697 -100.18 10.94 53.57
N GLY V 698 -100.46 12.24 53.67
CA GLY V 698 -101.62 12.83 53.06
C GLY V 698 -102.92 12.63 53.80
N PHE V 699 -102.87 12.06 55.00
CA PHE V 699 -104.07 11.77 55.78
C PHE V 699 -104.02 12.56 57.07
N ASN V 700 -105.20 12.91 57.59
CA ASN V 700 -105.30 13.67 58.83
C ASN V 700 -106.66 13.41 59.48
N LYS V 701 -106.76 13.79 60.75
CA LYS V 701 -107.96 13.50 61.52
C LYS V 701 -109.13 14.39 61.09
N SER V 702 -108.92 15.70 61.06
CA SER V 702 -110.04 16.63 60.91
C SER V 702 -109.74 17.81 59.99
N ARG V 703 -108.83 17.66 59.02
CA ARG V 703 -108.72 18.71 58.01
C ARG V 703 -109.87 18.63 57.02
N CYS V 704 -110.44 17.44 56.84
CA CYS V 704 -111.54 17.21 55.90
C CYS V 704 -112.82 17.04 56.69
N GLN V 705 -113.78 17.93 56.44
CA GLN V 705 -115.05 17.91 57.18
C GLN V 705 -116.09 17.15 56.38
N ARG V 706 -116.90 16.37 57.09
CA ARG V 706 -117.91 15.52 56.47
C ARG V 706 -118.99 15.23 57.50
N ARG V 707 -119.82 14.23 57.21
CA ARG V 707 -120.96 13.91 58.08
C ARG V 707 -121.03 12.41 58.35
N ASP V 708 -122.13 11.97 58.96
CA ASP V 708 -122.28 10.56 59.30
C ASP V 708 -122.58 9.72 58.07
N PHE V 709 -122.11 8.48 58.10
CA PHE V 709 -122.26 7.54 56.99
C PHE V 709 -122.86 6.25 57.53
N SER V 710 -123.46 5.47 56.62
CA SER V 710 -124.05 4.19 56.98
C SER V 710 -124.14 3.34 55.71
N TYR V 711 -123.82 2.06 55.82
CA TYR V 711 -123.82 1.25 54.62
C TYR V 711 -124.01 -0.22 54.97
N VAL V 712 -124.37 -0.99 53.95
CA VAL V 712 -124.66 -2.41 54.07
C VAL V 712 -123.69 -3.16 53.16
N ILE V 713 -123.04 -4.19 53.70
CA ILE V 713 -122.12 -5.04 52.96
C ILE V 713 -122.60 -6.47 53.11
N ASP V 714 -122.66 -7.20 51.99
CA ASP V 714 -123.18 -8.55 52.01
C ASP V 714 -122.50 -9.39 50.94
N LYS V 715 -122.52 -10.71 51.14
CA LYS V 715 -122.13 -11.76 50.21
C LYS V 715 -120.64 -11.79 49.90
N GLU V 716 -119.82 -10.91 50.48
CA GLU V 716 -118.40 -10.90 50.20
C GLU V 716 -117.52 -11.08 51.43
N LEU V 717 -118.10 -11.33 52.60
CA LEU V 717 -117.31 -11.60 53.79
C LEU V 717 -116.88 -13.07 53.81
N LEU V 718 -115.94 -13.38 54.69
CA LEU V 718 -115.44 -14.75 54.83
C LEU V 718 -116.50 -15.65 55.46
N ASP V 724 -123.54 -12.31 56.80
CA ASP V 724 -124.46 -12.43 55.68
C ASP V 724 -125.01 -11.06 55.27
N ASN V 725 -125.20 -10.19 56.25
CA ASN V 725 -125.78 -8.87 55.98
C ASN V 725 -125.29 -7.94 57.10
N LEU V 726 -124.31 -7.10 56.80
CA LEU V 726 -123.68 -6.25 57.80
C LEU V 726 -124.02 -4.78 57.56
N LYS V 727 -124.65 -4.16 58.55
CA LYS V 727 -125.00 -2.74 58.51
C LYS V 727 -124.08 -2.01 59.47
N VAL V 728 -123.20 -1.17 58.92
CA VAL V 728 -122.15 -0.53 59.70
C VAL V 728 -122.03 0.92 59.29
N ARG V 729 -121.78 1.78 60.28
CA ARG V 729 -121.79 3.23 60.10
C ARG V 729 -120.35 3.76 60.05
N TYR V 730 -119.98 4.31 58.90
CA TYR V 730 -118.73 5.03 58.73
C TYR V 730 -118.88 6.47 59.25
N ASP V 731 -117.74 7.08 59.55
CA ASP V 731 -117.70 8.49 59.95
C ASP V 731 -116.27 9.00 59.78
N VAL V 732 -116.00 10.19 60.33
CA VAL V 732 -114.67 10.77 60.27
C VAL V 732 -114.01 10.83 61.64
N ALA V 733 -114.78 10.93 62.73
CA ALA V 733 -114.23 11.08 64.07
C ALA V 733 -113.43 9.87 64.51
N LYS V 734 -113.76 8.67 64.02
CA LYS V 734 -113.00 7.47 64.32
C LYS V 734 -112.62 6.65 63.09
N TYR V 735 -112.76 7.21 61.89
CA TYR V 735 -112.32 6.55 60.67
C TYR V 735 -111.61 7.48 59.69
N GLY V 736 -111.68 8.79 59.91
CA GLY V 736 -110.99 9.75 59.07
C GLY V 736 -111.72 10.06 57.78
N CYS V 737 -111.17 11.00 57.04
CA CYS V 737 -111.75 11.37 55.74
C CYS V 737 -111.40 10.30 54.72
N PRO V 738 -112.39 9.75 54.01
CA PRO V 738 -112.09 8.67 53.06
C PRO V 738 -111.46 9.19 51.79
N LEU V 739 -110.82 8.28 51.06
CA LEU V 739 -110.18 8.62 49.81
C LEU V 739 -111.22 8.70 48.69
N THR V 740 -110.94 9.53 47.69
CA THR V 740 -111.84 9.72 46.56
C THR V 740 -111.19 9.20 45.29
N LEU V 741 -110.59 8.01 45.38
CA LEU V 741 -109.84 7.46 44.26
C LEU V 741 -110.75 7.13 43.09
N GLU V 742 -110.24 7.30 41.88
CA GLU V 742 -110.96 7.04 40.63
C GLU V 742 -110.81 5.56 40.27
N LEU V 743 -111.09 5.22 39.01
CA LEU V 743 -110.93 3.86 38.50
C LEU V 743 -109.49 3.39 38.68
N GLY V 744 -109.28 2.09 38.46
CA GLY V 744 -108.11 1.34 38.92
C GLY V 744 -106.76 2.00 38.77
N GLN V 745 -106.15 2.30 39.91
CA GLN V 745 -104.86 2.96 39.98
C GLN V 745 -103.97 2.18 40.94
N MET V 746 -102.72 2.57 41.02
CA MET V 746 -101.75 1.85 41.83
C MET V 746 -101.42 2.67 43.07
N PHE V 747 -101.57 2.05 44.24
CA PHE V 747 -101.29 2.73 45.50
C PHE V 747 -100.41 1.86 46.37
N GLN V 748 -99.36 2.46 46.94
CA GLN V 748 -98.48 1.85 47.92
C GLN V 748 -98.73 2.46 49.28
N PRO V 749 -99.11 1.67 50.28
CA PRO V 749 -99.30 2.24 51.62
C PRO V 749 -97.95 2.49 52.28
N ILE V 750 -97.52 3.74 52.33
CA ILE V 750 -96.22 4.10 52.89
C ILE V 750 -96.40 5.07 54.05
N VAL V 751 -95.71 4.79 55.16
CA VAL V 751 -96.01 5.36 56.46
C VAL V 751 -94.73 5.89 57.08
N GLU V 752 -94.86 6.95 57.91
CA GLU V 752 -93.73 7.58 58.56
C GLU V 752 -93.98 7.68 60.06
N LEU V 753 -92.88 7.78 60.82
CA LEU V 753 -92.93 7.79 62.27
C LEU V 753 -92.96 9.22 62.78
N TYR V 754 -93.82 9.49 63.77
CA TYR V 754 -94.00 10.83 64.28
C TYR V 754 -94.28 10.79 65.78
N ASP V 755 -93.69 11.74 66.51
CA ASP V 755 -93.87 11.83 67.96
C ASP V 755 -93.76 13.28 68.40
N GLU V 756 -94.56 13.64 69.41
CA GLU V 756 -94.44 14.89 70.15
C GLU V 756 -94.38 16.12 69.24
N ASN V 757 -93.16 16.59 68.99
CA ASN V 757 -92.98 17.82 68.22
C ASN V 757 -93.27 17.61 66.74
N GLY V 758 -92.83 16.49 66.17
CA GLY V 758 -93.05 16.28 64.75
C GLY V 758 -92.54 14.93 64.31
N PHE V 759 -92.49 14.74 62.99
CA PHE V 759 -92.11 13.47 62.41
C PHE V 759 -90.62 13.19 62.61
N ILE V 760 -90.29 11.91 62.71
CA ILE V 760 -88.91 11.49 62.97
C ILE V 760 -88.25 11.02 61.69
N LYS V 761 -88.80 9.98 61.08
CA LYS V 761 -88.16 9.33 59.95
C LYS V 761 -89.22 8.59 59.14
N ILE V 762 -88.82 8.03 58.00
CA ILE V 762 -89.68 7.20 57.19
C ILE V 762 -89.57 5.76 57.70
N VAL V 763 -90.68 5.04 57.68
CA VAL V 763 -90.74 3.73 58.32
C VAL V 763 -90.54 2.64 57.27
N ASP V 764 -89.65 1.70 57.57
CA ASP V 764 -89.43 0.54 56.72
C ASP V 764 -89.32 -0.67 57.62
N ALA V 765 -90.28 -1.59 57.49
CA ALA V 765 -90.25 -2.80 58.32
C ALA V 765 -90.91 -3.96 57.62
N ASN V 766 -92.09 -4.34 58.06
CA ASN V 766 -92.90 -5.40 57.49
C ASN V 766 -94.32 -5.16 57.95
N PHE V 767 -95.24 -4.99 57.01
CA PHE V 767 -96.58 -4.53 57.33
C PHE V 767 -97.55 -5.68 57.20
N ILE V 768 -98.72 -5.50 57.81
CA ILE V 768 -99.92 -6.25 57.47
C ILE V 768 -101.08 -5.27 57.39
N LEU V 769 -101.88 -5.40 56.34
CA LEU V 769 -103.11 -4.67 56.14
C LEU V 769 -104.27 -5.61 56.37
N TRP V 770 -105.36 -5.09 56.91
CA TRP V 770 -106.50 -5.94 57.21
C TRP V 770 -107.77 -5.08 57.26
N GLU V 771 -108.89 -5.66 56.84
CA GLU V 771 -110.15 -4.95 56.81
C GLU V 771 -110.83 -5.04 58.17
N ILE V 772 -111.75 -4.10 58.40
CA ILE V 772 -112.37 -3.98 59.72
C ILE V 772 -113.25 -5.18 60.03
N HIS V 773 -114.13 -5.54 59.09
CA HIS V 773 -115.16 -6.55 59.34
C HIS V 773 -114.93 -7.85 58.61
N GLY V 774 -114.46 -7.80 57.37
CA GLY V 774 -114.07 -8.99 56.65
C GLY V 774 -114.53 -9.00 55.21
N ARG V 775 -113.58 -9.15 54.29
CA ARG V 775 -113.88 -9.44 52.89
C ARG V 775 -112.85 -10.43 52.39
N ASN V 776 -112.99 -10.82 51.12
CA ASN V 776 -112.03 -11.66 50.43
C ASN V 776 -111.57 -11.11 49.10
N ASP V 777 -112.19 -10.04 48.60
CA ASP V 777 -111.91 -9.52 47.25
C ASP V 777 -110.97 -8.32 47.36
N TYR V 778 -109.69 -8.64 47.51
CA TYR V 778 -108.60 -7.67 47.45
C TYR V 778 -107.31 -8.46 47.29
N THR V 779 -106.50 -8.10 46.32
CA THR V 779 -105.28 -8.87 46.06
C THR V 779 -104.07 -7.97 46.04
N PHE V 780 -102.91 -8.52 45.69
CA PHE V 780 -101.66 -7.79 45.83
C PHE V 780 -100.89 -7.82 44.52
N ASN V 781 -99.63 -7.41 44.63
CA ASN V 781 -98.87 -6.90 43.49
C ASN V 781 -98.01 -7.98 42.88
N SER V 782 -97.50 -8.88 43.71
CA SER V 782 -96.50 -9.85 43.29
C SER V 782 -96.91 -11.21 43.82
N THR V 783 -96.01 -12.16 43.66
CA THR V 783 -96.23 -13.53 44.10
C THR V 783 -95.17 -13.89 45.13
N MET V 784 -95.14 -15.17 45.49
CA MET V 784 -94.29 -15.64 46.57
C MET V 784 -92.83 -15.68 46.11
N GLU V 785 -92.60 -16.18 44.90
CA GLU V 785 -91.38 -15.90 44.16
C GLU V 785 -91.47 -14.50 43.57
N GLN V 786 -90.39 -14.08 42.89
CA GLN V 786 -90.16 -12.71 42.41
C GLN V 786 -90.02 -11.72 43.55
N ASN V 787 -90.07 -12.20 44.80
CA ASN V 787 -89.65 -11.44 45.97
C ASN V 787 -88.59 -12.17 46.77
N GLY V 788 -88.57 -13.49 46.76
CA GLY V 788 -87.44 -14.26 47.27
C GLY V 788 -87.77 -15.31 48.29
N CYS V 789 -89.04 -15.64 48.50
CA CYS V 789 -89.41 -16.65 49.49
C CYS V 789 -88.87 -17.99 49.03
N ILE V 790 -87.80 -18.45 49.69
CA ILE V 790 -87.22 -19.74 49.35
C ILE V 790 -88.16 -20.86 49.76
N ASN V 791 -88.86 -20.69 50.86
CA ASN V 791 -89.75 -21.70 51.40
C ASN V 791 -91.15 -21.11 51.59
N GLU V 792 -92.09 -21.96 51.99
CA GLU V 792 -93.48 -21.56 52.16
C GLU V 792 -93.63 -20.51 53.26
N ALA V 793 -94.28 -19.40 52.90
CA ALA V 793 -94.40 -18.26 53.80
C ALA V 793 -95.62 -18.43 54.70
N GLN V 794 -96.06 -17.33 55.30
CA GLN V 794 -97.32 -17.28 56.04
C GLN V 794 -98.18 -16.19 55.43
N THR V 795 -99.38 -16.57 55.00
CA THR V 795 -100.32 -15.66 54.36
C THR V 795 -101.55 -15.47 55.25
N TRP V 796 -102.37 -14.50 54.88
CA TRP V 796 -103.50 -14.12 55.72
C TRP V 796 -104.50 -15.27 55.85
N ASP V 797 -104.79 -15.98 54.77
CA ASP V 797 -105.79 -17.04 54.82
C ASP V 797 -105.35 -18.20 55.70
N SER V 798 -104.07 -18.59 55.62
CA SER V 798 -103.57 -19.66 56.47
C SER V 798 -103.56 -19.27 57.93
N MET V 799 -103.24 -18.01 58.23
CA MET V 799 -103.25 -17.56 59.61
C MET V 799 -104.67 -17.49 60.17
N ILE V 800 -105.63 -17.03 59.36
CA ILE V 800 -107.02 -17.00 59.79
C ILE V 800 -107.54 -18.41 60.04
N GLU V 801 -107.25 -19.33 59.11
CA GLU V 801 -107.63 -20.73 59.30
C GLU V 801 -106.93 -21.34 60.51
N GLU V 802 -105.76 -20.82 60.87
CA GLU V 802 -105.02 -21.35 62.01
C GLU V 802 -105.73 -21.08 63.33
N ASN V 803 -106.18 -19.83 63.54
CA ASN V 803 -106.82 -19.44 64.79
C ASN V 803 -108.33 -19.47 64.64
N PRO V 804 -109.02 -20.38 65.34
CA PRO V 804 -110.43 -20.65 65.02
C PRO V 804 -111.41 -19.55 65.42
N ASP V 805 -111.39 -19.17 66.70
CA ASP V 805 -112.46 -18.36 67.27
C ASP V 805 -112.02 -16.96 67.69
N ILE V 806 -110.74 -16.76 67.99
CA ILE V 806 -110.28 -15.51 68.58
C ILE V 806 -110.38 -14.39 67.54
N PRO V 807 -110.68 -13.15 67.97
CA PRO V 807 -110.70 -12.01 67.07
C PRO V 807 -109.48 -11.87 66.19
N LEU V 808 -109.57 -11.05 65.14
CA LEU V 808 -108.48 -10.98 64.18
C LEU V 808 -107.25 -10.29 64.78
N ASP V 809 -107.43 -9.53 65.86
CA ASP V 809 -106.34 -8.79 66.48
C ASP V 809 -105.21 -9.69 66.99
N ASP V 810 -105.53 -10.85 67.54
CA ASP V 810 -104.55 -11.74 68.12
C ASP V 810 -104.18 -12.90 67.19
N VAL V 811 -104.49 -12.79 65.89
CA VAL V 811 -104.25 -13.88 64.95
C VAL V 811 -102.82 -13.84 64.44
N TRP V 812 -102.43 -12.71 63.85
CA TRP V 812 -101.11 -12.55 63.26
C TRP V 812 -100.53 -11.23 63.71
N GLY V 813 -99.28 -11.26 64.16
CA GLY V 813 -98.62 -10.08 64.66
C GLY V 813 -97.14 -10.28 64.82
N PRO V 814 -96.44 -9.30 65.39
CA PRO V 814 -94.99 -9.42 65.56
C PRO V 814 -94.58 -10.44 66.59
N GLN V 815 -95.50 -10.95 67.40
CA GLN V 815 -95.20 -12.09 68.24
C GLN V 815 -95.30 -13.40 67.50
N ASN V 816 -95.79 -13.39 66.26
CA ASN V 816 -96.02 -14.58 65.47
C ASN V 816 -95.31 -14.57 64.13
N TYR V 817 -94.46 -13.58 63.88
CA TYR V 817 -93.76 -13.49 62.61
C TYR V 817 -92.74 -14.61 62.50
N ARG V 818 -92.84 -15.38 61.42
CA ARG V 818 -91.82 -16.32 61.01
C ARG V 818 -91.38 -15.95 59.60
N PRO V 819 -90.10 -15.67 59.38
CA PRO V 819 -89.66 -15.20 58.07
C PRO V 819 -89.76 -16.28 57.01
N CYS V 820 -89.84 -15.84 55.76
CA CYS V 820 -89.95 -16.80 54.67
C CYS V 820 -88.61 -17.06 54.00
N PHE V 821 -87.66 -16.12 54.09
CA PHE V 821 -86.35 -16.38 53.49
C PHE V 821 -85.57 -17.29 54.43
N SER V 822 -86.02 -18.53 54.58
CA SER V 822 -85.74 -19.30 55.79
C SER V 822 -84.93 -20.55 55.56
N TYR V 823 -85.39 -21.44 54.67
CA TYR V 823 -84.79 -22.71 54.26
C TYR V 823 -84.89 -23.75 55.39
N ALA V 824 -85.29 -23.35 56.60
CA ALA V 824 -85.23 -24.29 57.70
C ALA V 824 -86.39 -24.22 58.68
N ILE V 825 -87.35 -23.30 58.54
CA ILE V 825 -88.35 -23.13 59.59
C ILE V 825 -89.64 -23.87 59.27
N GLY V 826 -90.36 -23.45 58.24
CA GLY V 826 -91.67 -24.05 58.05
C GLY V 826 -91.87 -25.13 57.01
N LYS V 827 -91.61 -24.82 55.74
CA LYS V 827 -92.13 -25.65 54.66
C LYS V 827 -91.61 -25.21 53.29
N PRO V 828 -91.23 -26.12 52.42
CA PRO V 828 -91.03 -25.80 51.01
C PRO V 828 -92.29 -26.03 50.17
N GLY V 829 -93.38 -25.37 50.54
CA GLY V 829 -94.62 -25.50 49.80
C GLY V 829 -94.56 -24.83 48.44
N ASP V 830 -95.59 -25.08 47.65
CA ASP V 830 -95.68 -24.50 46.31
C ASP V 830 -95.80 -22.99 46.40
N LEU V 831 -95.21 -22.30 45.43
CA LEU V 831 -94.94 -20.87 45.52
C LEU V 831 -95.66 -20.14 44.39
N GLY V 832 -96.22 -18.98 44.70
CA GLY V 832 -96.90 -18.17 43.71
C GLY V 832 -98.16 -17.53 44.25
N GLN V 833 -98.57 -17.94 45.45
CA GLN V 833 -99.75 -17.39 46.09
C GLN V 833 -99.51 -15.93 46.45
N PRO V 834 -100.58 -15.15 46.67
CA PRO V 834 -100.41 -13.74 47.03
C PRO V 834 -99.58 -13.55 48.29
N TYR V 835 -98.75 -12.51 48.27
CA TYR V 835 -97.75 -12.23 49.29
C TYR V 835 -98.13 -10.95 50.03
N GLU V 836 -98.35 -11.06 51.35
CA GLU V 836 -98.75 -9.90 52.15
C GLU V 836 -97.82 -9.75 53.34
N ILE V 837 -96.61 -9.25 53.09
CA ILE V 837 -95.67 -8.79 54.11
C ILE V 837 -95.08 -7.47 53.63
N LEU V 838 -95.90 -6.69 52.91
CA LEU V 838 -95.42 -5.56 52.13
C LEU V 838 -94.65 -4.54 52.97
N ASN V 839 -93.59 -3.99 52.38
CA ASN V 839 -92.69 -3.08 53.09
C ASN V 839 -92.02 -2.17 52.07
N TYR V 840 -91.13 -1.32 52.56
CA TYR V 840 -90.21 -0.63 51.67
C TYR V 840 -89.11 -1.60 51.25
N SER V 841 -88.38 -1.22 50.20
CA SER V 841 -87.48 -2.06 49.42
C SER V 841 -88.23 -3.17 48.69
N ASN V 842 -89.56 -3.18 48.81
CA ASN V 842 -90.47 -4.00 48.03
C ASN V 842 -91.31 -3.07 47.18
N LYS V 843 -91.93 -3.62 46.15
CA LYS V 843 -92.77 -2.84 45.27
C LYS V 843 -94.26 -3.04 45.52
N ASN V 844 -94.61 -3.81 46.55
CA ASN V 844 -95.94 -4.40 46.68
C ASN V 844 -97.01 -3.31 46.86
N HIS V 845 -97.80 -3.11 45.81
CA HIS V 845 -98.96 -2.25 45.82
C HIS V 845 -100.23 -3.10 46.05
N ILE V 846 -101.31 -2.43 46.44
CA ILE V 846 -102.57 -3.10 46.68
C ILE V 846 -103.35 -3.20 45.38
N LYS V 847 -104.39 -4.03 45.37
CA LYS V 847 -105.25 -4.17 44.20
C LYS V 847 -106.62 -4.64 44.65
N TRP V 848 -107.62 -4.32 43.84
CA TRP V 848 -109.01 -4.72 44.06
C TRP V 848 -109.60 -5.20 42.75
N PRO V 849 -110.72 -5.93 42.80
CA PRO V 849 -111.43 -6.29 41.56
C PRO V 849 -111.89 -5.05 40.80
N MET V 850 -111.87 -5.16 39.47
CA MET V 850 -112.12 -4.00 38.61
C MET V 850 -113.61 -3.78 38.34
N THR V 851 -114.46 -4.77 38.62
CA THR V 851 -115.87 -4.66 38.25
C THR V 851 -116.65 -3.80 39.24
N TYR V 852 -116.73 -4.23 40.49
CA TYR V 852 -117.57 -3.56 41.47
C TYR V 852 -116.76 -2.53 42.25
N ALA V 853 -117.47 -1.58 42.84
CA ALA V 853 -116.87 -0.52 43.65
C ALA V 853 -117.32 -0.66 45.09
N GLY V 854 -116.42 -0.32 46.02
CA GLY V 854 -116.73 -0.41 47.42
C GLY V 854 -115.71 0.30 48.27
N MET V 855 -115.71 -0.04 49.55
CA MET V 855 -114.77 0.52 50.51
C MET V 855 -114.13 -0.59 51.33
N TYR V 856 -112.86 -0.39 51.69
CA TYR V 856 -112.10 -1.33 52.51
C TYR V 856 -111.24 -0.51 53.46
N VAL V 857 -111.76 -0.23 54.65
CA VAL V 857 -111.01 0.53 55.64
C VAL V 857 -109.95 -0.38 56.24
N TYR V 858 -108.69 -0.17 55.84
CA TYR V 858 -107.59 -1.01 56.26
C TYR V 858 -106.94 -0.42 57.51
N ARG V 859 -106.47 -1.31 58.39
CA ARG V 859 -105.64 -0.90 59.52
C ARG V 859 -104.24 -1.48 59.32
N LEU V 860 -103.24 -0.61 59.31
CA LEU V 860 -101.86 -0.97 59.03
C LEU V 860 -101.15 -1.28 60.33
N LYS V 861 -100.52 -2.46 60.40
CA LYS V 861 -99.85 -2.94 61.60
C LYS V 861 -98.44 -3.41 61.28
N ILE V 862 -97.46 -2.99 62.07
CA ILE V 862 -96.06 -3.25 61.79
C ILE V 862 -95.64 -4.58 62.42
N LEU V 863 -95.07 -5.47 61.61
CA LEU V 863 -94.81 -6.85 61.98
C LEU V 863 -93.37 -7.11 62.41
N ASP V 864 -92.47 -6.14 62.26
CA ASP V 864 -91.06 -6.37 62.57
C ASP V 864 -90.86 -6.58 64.07
N PRO V 865 -90.37 -7.73 64.51
CA PRO V 865 -90.44 -8.07 65.93
C PRO V 865 -89.42 -7.35 66.81
N ASN V 866 -88.51 -6.58 66.23
CA ASN V 866 -87.56 -5.80 67.02
C ASN V 866 -87.45 -4.40 66.45
N TYR V 867 -88.58 -3.76 66.19
CA TYR V 867 -88.58 -2.40 65.67
C TYR V 867 -88.78 -1.38 66.79
N SER V 868 -89.85 -1.52 67.55
CA SER V 868 -90.15 -0.61 68.65
C SER V 868 -90.65 -1.41 69.84
N PHE V 869 -90.89 -0.71 70.94
CA PHE V 869 -91.36 -1.34 72.17
C PHE V 869 -92.87 -1.29 72.33
N CYS V 870 -93.59 -0.72 71.37
CA CYS V 870 -95.02 -0.51 71.48
C CYS V 870 -95.72 -0.96 70.20
N ASN V 871 -97.04 -0.92 70.24
CA ASN V 871 -97.88 -1.37 69.14
C ASN V 871 -98.18 -0.20 68.22
N LEU V 872 -97.82 -0.32 66.95
CA LEU V 872 -97.95 0.75 65.97
C LEU V 872 -98.97 0.32 64.92
N THR V 873 -100.13 0.98 64.92
CA THR V 873 -101.24 0.63 64.04
C THR V 873 -101.99 1.90 63.66
N THR V 874 -102.43 1.96 62.40
CA THR V 874 -103.12 3.15 61.90
C THR V 874 -104.34 2.78 61.05
N ILE V 875 -105.17 3.78 60.80
CA ILE V 875 -106.41 3.67 60.02
C ILE V 875 -106.23 4.40 58.70
N PHE V 876 -106.76 3.81 57.61
CA PHE V 876 -106.97 4.55 56.37
C PHE V 876 -107.92 3.75 55.48
N ALA V 877 -108.77 4.47 54.74
CA ALA V 877 -109.78 3.84 53.91
C ALA V 877 -109.63 4.28 52.46
N ILE V 878 -110.00 3.38 51.55
CA ILE V 878 -109.94 3.63 50.11
C ILE V 878 -111.32 3.42 49.53
N GLU V 879 -111.76 4.37 48.70
CA GLU V 879 -113.02 4.28 47.98
C GLU V 879 -112.72 4.50 46.49
N SER V 880 -112.39 3.43 45.79
CA SER V 880 -112.06 3.51 44.37
C SER V 880 -113.33 3.35 43.53
N LEU V 881 -113.42 4.16 42.48
CA LEU V 881 -114.56 4.08 41.58
C LEU V 881 -114.44 2.84 40.71
N GLY V 882 -115.55 2.13 40.54
CA GLY V 882 -115.55 0.86 39.83
C GLY V 882 -116.05 0.97 38.41
N MET V 883 -116.17 -0.19 37.76
CA MET V 883 -116.57 -0.27 36.37
C MET V 883 -117.77 -1.21 36.26
N ILE V 884 -118.79 -0.94 37.07
CA ILE V 884 -120.04 -1.69 36.95
C ILE V 884 -121.10 -0.73 36.41
N PRO V 885 -121.41 -0.78 35.12
CA PRO V 885 -122.44 0.11 34.57
C PRO V 885 -123.82 -0.54 34.59
N ARG V 886 -124.81 0.18 34.08
CA ARG V 886 -126.13 -0.39 33.89
C ARG V 886 -126.07 -1.50 32.85
N SER V 887 -126.79 -2.59 33.11
CA SER V 887 -126.79 -3.73 32.19
C SER V 887 -127.39 -3.35 30.84
N SER V 888 -128.50 -2.60 30.85
CA SER V 888 -129.14 -2.09 29.64
C SER V 888 -129.58 -3.21 28.70
N VAL V 889 -129.85 -4.40 29.26
CA VAL V 889 -130.23 -5.54 28.43
C VAL V 889 -131.64 -5.34 27.87
N TYR V 890 -132.55 -4.79 28.66
CA TYR V 890 -133.92 -4.60 28.21
C TYR V 890 -134.05 -3.40 27.28
N LEU V 891 -133.22 -2.37 27.50
CA LEU V 891 -133.21 -1.20 26.62
C LEU V 891 -132.88 -1.59 25.18
N VAL V 892 -132.01 -2.58 24.99
CA VAL V 892 -131.70 -3.09 23.66
C VAL V 892 -132.56 -4.29 23.27
N ALA V 893 -133.18 -4.97 24.24
CA ALA V 893 -134.20 -5.96 23.89
C ALA V 893 -135.41 -5.29 23.25
N ALA V 894 -135.67 -4.03 23.61
CA ALA V 894 -136.66 -3.25 22.89
C ALA V 894 -136.29 -3.12 21.41
N LEU V 895 -135.02 -2.83 21.13
CA LEU V 895 -134.57 -2.75 19.75
C LEU V 895 -134.66 -4.11 19.05
N ILE V 896 -134.35 -5.19 19.79
CA ILE V 896 -134.52 -6.54 19.27
C ILE V 896 -135.95 -6.76 18.81
N PHE V 897 -136.91 -6.42 19.68
CA PHE V 897 -138.31 -6.64 19.36
C PHE V 897 -138.76 -5.74 18.21
N VAL V 898 -138.27 -4.50 18.18
CA VAL V 898 -138.64 -3.57 17.11
C VAL V 898 -138.16 -4.10 15.76
N LEU V 899 -136.90 -4.55 15.70
CA LEU V 899 -136.38 -5.11 14.45
C LEU V 899 -137.10 -6.40 14.06
N MET V 900 -137.43 -7.24 15.04
CA MET V 900 -138.15 -8.48 14.72
C MET V 900 -139.53 -8.19 14.15
N LEU V 901 -140.25 -7.23 14.75
CA LEU V 901 -141.56 -6.86 14.22
C LEU V 901 -141.47 -6.21 12.85
N THR V 902 -140.45 -5.38 12.60
CA THR V 902 -140.30 -4.79 11.27
C THR V 902 -140.00 -5.86 10.23
N PHE V 903 -139.16 -6.84 10.58
CA PHE V 903 -138.87 -7.93 9.65
C PHE V 903 -140.10 -8.78 9.40
N ILE V 904 -140.91 -9.04 10.43
CA ILE V 904 -142.13 -9.80 10.26
C ILE V 904 -143.13 -9.04 9.39
N SER V 905 -143.22 -7.72 9.58
CA SER V 905 -144.11 -6.91 8.75
C SER V 905 -143.66 -6.90 7.30
N ILE V 906 -142.35 -6.82 7.06
CA ILE V 906 -141.83 -6.87 5.70
C ILE V 906 -142.12 -8.24 5.06
N LEU V 907 -141.97 -9.31 5.84
CA LEU V 907 -142.30 -10.64 5.36
C LEU V 907 -143.77 -10.77 5.03
N VAL V 908 -144.64 -10.16 5.84
CA VAL V 908 -146.08 -10.21 5.59
C VAL V 908 -146.44 -9.42 4.33
N LEU V 909 -145.80 -8.27 4.12
CA LEU V 909 -146.03 -7.49 2.90
C LEU V 909 -145.59 -8.26 1.67
N SER V 910 -144.40 -8.88 1.72
CA SER V 910 -143.96 -9.72 0.61
C SER V 910 -144.87 -10.93 0.42
N TYR V 911 -145.40 -11.47 1.51
CA TYR V 911 -146.37 -12.56 1.43
C TYR V 911 -147.60 -12.14 0.64
N PHE V 912 -148.18 -11.00 0.99
CA PHE V 912 -149.38 -10.51 0.31
C PHE V 912 -149.09 -10.20 -1.16
N TRP V 913 -147.93 -9.59 -1.44
CA TRP V 913 -147.55 -9.32 -2.81
C TRP V 913 -147.43 -10.60 -3.63
N TYR V 914 -146.85 -11.64 -3.03
CA TYR V 914 -146.69 -12.89 -3.80
C TYR V 914 -148.00 -13.64 -3.96
N LEU V 915 -148.91 -13.59 -2.98
CA LEU V 915 -150.24 -14.14 -3.23
C LEU V 915 -150.98 -13.34 -4.30
N LYS V 916 -150.64 -12.06 -4.46
CA LYS V 916 -151.21 -11.32 -5.59
C LYS V 916 -150.58 -11.75 -6.92
N ILE V 917 -149.30 -12.10 -6.92
CA ILE V 917 -148.60 -12.34 -8.17
C ILE V 917 -148.24 -13.82 -8.38
N TYR V 918 -148.87 -14.74 -7.64
CA TYR V 918 -148.64 -16.16 -7.89
C TYR V 918 -149.70 -16.80 -8.78
N ARG V 919 -150.83 -16.11 -9.01
CA ARG V 919 -151.85 -16.63 -9.91
C ARG V 919 -151.45 -16.50 -11.38
N GLN V 920 -150.44 -15.70 -11.69
CA GLN V 920 -149.95 -15.60 -13.06
C GLN V 920 -149.26 -16.87 -13.50
N PHE V 921 -148.52 -17.52 -12.59
CA PHE V 921 -147.82 -18.75 -12.91
C PHE V 921 -148.78 -19.93 -12.93
N MET W 1 -161.60 -37.67 -40.95
CA MET W 1 -160.23 -38.21 -40.91
C MET W 1 -160.08 -39.24 -39.81
N LYS W 2 -159.03 -40.06 -39.91
CA LYS W 2 -158.75 -41.08 -38.90
C LYS W 2 -157.89 -40.49 -37.78
N LEU W 3 -158.54 -39.58 -37.03
CA LEU W 3 -157.92 -38.85 -35.92
C LEU W 3 -156.66 -38.11 -36.38
N THR W 4 -156.87 -37.18 -37.33
CA THR W 4 -155.89 -36.30 -37.96
C THR W 4 -154.90 -37.08 -38.83
N PRO W 5 -154.31 -36.45 -39.84
CA PRO W 5 -153.38 -37.18 -40.73
C PRO W 5 -152.01 -37.37 -40.10
N GLY W 6 -151.62 -36.47 -39.20
CA GLY W 6 -150.33 -36.59 -38.54
C GLY W 6 -150.25 -37.82 -37.65
N CYS W 7 -151.31 -38.07 -36.87
CA CYS W 7 -151.34 -39.27 -36.05
C CYS W 7 -151.41 -40.54 -36.90
N PHE W 8 -152.07 -40.47 -38.06
CA PHE W 8 -152.07 -41.61 -38.97
C PHE W 8 -150.67 -41.89 -39.51
N LEU W 9 -149.93 -40.82 -39.86
CA LEU W 9 -148.55 -41.00 -40.33
C LEU W 9 -147.66 -41.54 -39.21
N TRP W 10 -147.87 -41.07 -37.98
CA TRP W 10 -147.12 -41.59 -36.84
C TRP W 10 -147.42 -43.07 -36.60
N TYR W 11 -148.69 -43.45 -36.73
CA TYR W 11 -149.06 -44.87 -36.59
C TYR W 11 -148.45 -45.72 -37.69
N LEU W 12 -148.40 -45.18 -38.92
CA LEU W 12 -147.76 -45.90 -40.02
C LEU W 12 -146.26 -46.06 -39.77
N TYR W 13 -145.61 -45.03 -39.25
CA TYR W 13 -144.19 -45.14 -38.91
C TYR W 13 -143.96 -46.15 -37.79
N MET W 14 -144.84 -46.17 -36.80
CA MET W 14 -144.74 -47.14 -35.72
C MET W 14 -144.94 -48.56 -36.23
N ASP W 15 -145.88 -48.75 -37.16
CA ASP W 15 -146.10 -50.07 -37.75
C ASP W 15 -144.93 -50.51 -38.60
N LYS W 16 -144.28 -49.55 -39.28
CA LYS W 16 -143.09 -49.87 -40.06
C LYS W 16 -141.85 -50.07 -39.17
N ILE W 17 -141.90 -49.60 -37.92
CA ILE W 17 -140.76 -49.74 -37.01
C ILE W 17 -140.97 -50.83 -35.97
N TYR W 18 -142.16 -51.42 -35.89
CA TYR W 18 -142.44 -52.48 -34.92
C TYR W 18 -143.08 -53.66 -35.63
N CYS W 19 -142.82 -54.85 -35.10
CA CYS W 19 -143.39 -56.07 -35.69
C CYS W 19 -144.90 -56.10 -35.56
N LEU W 20 -145.42 -55.70 -34.40
CA LEU W 20 -146.85 -55.70 -34.12
C LEU W 20 -147.34 -54.26 -33.98
N LEU W 21 -148.36 -53.91 -34.77
CA LEU W 21 -148.96 -52.58 -34.71
C LEU W 21 -150.13 -52.50 -33.75
N SER W 22 -150.44 -53.60 -33.05
CA SER W 22 -151.53 -53.69 -32.07
C SER W 22 -152.89 -53.36 -32.68
N LEU W 23 -153.88 -53.12 -31.83
CA LEU W 23 -155.24 -52.79 -32.28
C LEU W 23 -155.77 -51.65 -31.41
N ARG W 24 -155.98 -50.49 -32.04
CA ARG W 24 -156.52 -49.30 -31.38
C ARG W 24 -155.68 -48.89 -30.17
N ASN W 25 -154.36 -49.00 -30.31
CA ASN W 25 -153.46 -48.53 -29.25
C ASN W 25 -153.48 -47.02 -29.14
N VAL W 26 -153.45 -46.33 -30.29
CA VAL W 26 -153.54 -44.87 -30.28
C VAL W 26 -154.90 -44.41 -29.78
N LYS W 27 -155.96 -45.14 -30.14
CA LYS W 27 -157.29 -44.82 -29.63
C LYS W 27 -157.37 -45.01 -28.13
N ALA W 28 -156.77 -46.09 -27.61
CA ALA W 28 -156.74 -46.32 -26.16
C ALA W 28 -155.95 -45.23 -25.45
N LEU W 29 -154.82 -44.80 -26.03
CA LEU W 29 -154.04 -43.73 -25.43
C LEU W 29 -154.81 -42.42 -25.44
N MET W 30 -155.53 -42.13 -26.52
CA MET W 30 -156.35 -40.92 -26.60
C MET W 30 -157.48 -40.95 -25.59
N VAL W 31 -158.11 -42.12 -25.40
CA VAL W 31 -159.18 -42.25 -24.42
C VAL W 31 -158.64 -42.07 -23.01
N TYR W 32 -157.46 -42.64 -22.73
CA TYR W 32 -156.84 -42.46 -21.41
C TYR W 32 -156.46 -41.02 -21.16
N PHE W 33 -155.97 -40.31 -22.19
CA PHE W 33 -155.66 -38.90 -22.05
C PHE W 33 -156.91 -38.07 -21.82
N HIS W 34 -158.00 -38.38 -22.55
CA HIS W 34 -159.26 -37.66 -22.37
C HIS W 34 -159.84 -37.89 -20.98
N LEU W 35 -159.71 -39.12 -20.46
CA LEU W 35 -160.08 -39.36 -19.07
C LEU W 35 -159.20 -38.58 -18.11
N LEU W 36 -157.89 -38.51 -18.39
CA LEU W 36 -156.98 -37.75 -17.54
C LEU W 36 -157.20 -36.25 -17.69
N ASP W 37 -157.38 -35.76 -18.92
CA ASP W 37 -157.65 -34.35 -19.15
C ASP W 37 -159.08 -34.05 -18.76
N VAL W 38 -159.27 -33.60 -17.52
CA VAL W 38 -160.61 -33.35 -17.00
C VAL W 38 -161.26 -32.18 -17.73
N HIS W 39 -160.52 -31.10 -17.94
CA HIS W 39 -161.06 -29.90 -18.58
C HIS W 39 -161.13 -30.01 -20.09
N HIS W 40 -160.54 -31.05 -20.68
CA HIS W 40 -160.48 -31.24 -22.14
C HIS W 40 -159.86 -30.04 -22.84
N ARG W 41 -158.83 -29.46 -22.24
CA ARG W 41 -158.13 -28.32 -22.78
C ARG W 41 -156.84 -28.71 -23.50
N ASN W 42 -156.77 -29.95 -24.00
CA ASN W 42 -155.61 -30.48 -24.72
C ASN W 42 -154.34 -30.44 -23.87
N THR W 43 -154.49 -30.58 -22.55
CA THR W 43 -153.36 -30.57 -21.64
C THR W 43 -153.77 -31.25 -20.34
N LEU W 44 -152.77 -31.69 -19.58
CA LEU W 44 -152.98 -32.31 -18.29
C LEU W 44 -151.98 -31.75 -17.28
N ASN W 45 -152.45 -31.59 -16.04
CA ASN W 45 -151.59 -31.09 -14.97
C ASN W 45 -150.63 -32.18 -14.52
N ASP W 46 -149.68 -31.78 -13.67
CA ASP W 46 -148.71 -32.74 -13.15
C ASP W 46 -149.34 -33.76 -12.22
N VAL W 47 -150.37 -33.36 -11.47
CA VAL W 47 -151.02 -34.29 -10.55
C VAL W 47 -151.73 -35.39 -11.32
N LEU W 48 -152.42 -35.04 -12.41
CA LEU W 48 -153.11 -36.04 -13.22
C LEU W 48 -152.13 -37.01 -13.86
N PHE W 49 -151.01 -36.50 -14.37
CA PHE W 49 -149.99 -37.37 -14.97
C PHE W 49 -149.37 -38.29 -13.94
N PHE W 50 -149.09 -37.77 -12.74
CA PHE W 50 -148.53 -38.60 -11.68
C PHE W 50 -149.52 -39.68 -11.24
N HIS W 51 -150.81 -39.33 -11.13
CA HIS W 51 -151.82 -40.31 -10.76
C HIS W 51 -151.96 -41.39 -11.84
N PHE W 52 -151.93 -41.00 -13.11
CA PHE W 52 -152.03 -41.96 -14.19
C PHE W 52 -150.82 -42.89 -14.21
N LEU W 53 -149.62 -42.34 -13.98
CA LEU W 53 -148.41 -43.16 -13.95
C LEU W 53 -148.43 -44.12 -12.77
N GLN W 54 -148.91 -43.66 -11.61
CA GLN W 54 -148.99 -44.53 -10.45
C GLN W 54 -150.05 -45.63 -10.63
N HIS W 55 -151.15 -45.31 -11.33
CA HIS W 55 -152.18 -46.31 -11.54
C HIS W 55 -151.80 -47.32 -12.62
N VAL W 56 -151.04 -46.89 -13.64
CA VAL W 56 -150.73 -47.76 -14.77
C VAL W 56 -149.37 -48.43 -14.56
N THR W 57 -148.31 -47.63 -14.47
CA THR W 57 -146.95 -48.15 -14.38
C THR W 57 -146.45 -48.33 -12.95
N ASN W 58 -147.17 -47.80 -11.97
CA ASN W 58 -146.79 -47.87 -10.54
C ASN W 58 -145.39 -47.31 -10.31
N LEU W 59 -145.06 -46.24 -11.00
CA LEU W 59 -143.75 -45.63 -10.87
C LEU W 59 -143.66 -44.78 -9.61
N ASN W 60 -142.43 -44.47 -9.20
CA ASN W 60 -142.21 -43.63 -8.05
C ASN W 60 -142.60 -42.18 -8.36
N LYS W 61 -142.88 -41.43 -7.29
CA LYS W 61 -143.27 -40.03 -7.45
C LYS W 61 -142.12 -39.20 -8.02
N SER W 62 -140.90 -39.44 -7.54
CA SER W 62 -139.73 -38.72 -8.07
C SER W 62 -139.48 -39.08 -9.53
N GLN W 63 -139.60 -40.37 -9.87
CA GLN W 63 -139.41 -40.78 -11.26
C GLN W 63 -140.49 -40.21 -12.16
N ILE W 64 -141.74 -40.17 -11.69
CA ILE W 64 -142.82 -39.58 -12.47
C ILE W 64 -142.60 -38.09 -12.67
N GLY W 65 -142.13 -37.39 -11.61
CA GLY W 65 -141.84 -35.97 -11.75
C GLY W 65 -140.70 -35.72 -12.72
N MET W 66 -139.66 -36.55 -12.68
CA MET W 66 -138.55 -36.41 -13.62
C MET W 66 -139.00 -36.67 -15.05
N ILE W 67 -139.86 -37.68 -15.24
CA ILE W 67 -140.37 -37.99 -16.57
C ILE W 67 -141.23 -36.85 -17.10
N PHE W 68 -142.06 -36.26 -16.24
CA PHE W 68 -142.88 -35.13 -16.65
C PHE W 68 -142.03 -33.91 -16.97
N ASP W 69 -140.96 -33.69 -16.20
CA ASP W 69 -140.07 -32.57 -16.47
C ASP W 69 -139.33 -32.76 -17.79
N LEU W 70 -138.91 -33.99 -18.08
CA LEU W 70 -138.22 -34.25 -19.34
C LEU W 70 -139.17 -34.16 -20.53
N LEU W 71 -140.41 -34.64 -20.37
CA LEU W 71 -141.36 -34.64 -21.48
C LEU W 71 -141.87 -33.24 -21.78
N ASP W 72 -142.12 -32.44 -20.75
CA ASP W 72 -142.66 -31.09 -20.93
C ASP W 72 -141.51 -30.14 -21.25
N TRP W 73 -141.18 -30.04 -22.53
CA TRP W 73 -140.12 -29.15 -22.97
C TRP W 73 -140.51 -27.68 -22.91
N THR W 74 -141.81 -27.36 -23.03
CA THR W 74 -142.25 -25.98 -23.00
C THR W 74 -142.17 -25.37 -21.60
N ALA W 75 -142.09 -26.21 -20.56
CA ALA W 75 -141.98 -25.77 -19.16
C ALA W 75 -143.11 -24.83 -18.76
N VAL W 76 -144.34 -25.19 -19.16
CA VAL W 76 -145.52 -24.39 -18.83
C VAL W 76 -146.31 -24.99 -17.67
N GLY W 77 -145.79 -26.02 -17.01
CA GLY W 77 -146.50 -26.64 -15.91
C GLY W 77 -147.54 -27.66 -16.31
N GLU W 78 -147.67 -27.96 -17.60
CA GLU W 78 -148.64 -28.93 -18.09
C GLU W 78 -148.02 -29.78 -19.18
N ILE W 79 -148.58 -30.96 -19.39
CA ILE W 79 -148.12 -31.90 -20.41
C ILE W 79 -149.22 -32.03 -21.46
N GLY W 80 -148.84 -31.88 -22.73
CA GLY W 80 -149.82 -32.00 -23.79
C GLY W 80 -150.23 -33.44 -24.04
N PHE W 81 -151.34 -33.57 -24.79
CA PHE W 81 -151.82 -34.90 -25.15
C PHE W 81 -150.83 -35.62 -26.07
N ASP W 82 -150.22 -34.88 -27.00
CA ASP W 82 -149.20 -35.48 -27.87
C ASP W 82 -147.99 -35.92 -27.07
N GLN W 83 -147.58 -35.13 -26.07
CA GLN W 83 -146.48 -35.52 -25.20
C GLN W 83 -146.81 -36.76 -24.39
N PHE W 84 -148.05 -36.85 -23.89
CA PHE W 84 -148.46 -38.05 -23.15
C PHE W 84 -148.48 -39.28 -24.04
N TYR W 85 -148.96 -39.12 -25.28
CA TYR W 85 -148.95 -40.24 -26.23
C TYR W 85 -147.53 -40.66 -26.57
N VAL W 86 -146.63 -39.69 -26.73
CA VAL W 86 -145.23 -40.01 -27.01
C VAL W 86 -144.59 -40.74 -25.84
N LEU W 87 -144.88 -40.31 -24.61
CA LEU W 87 -144.35 -41.00 -23.44
C LEU W 87 -144.91 -42.41 -23.32
N ILE W 88 -146.20 -42.59 -23.61
CA ILE W 88 -146.80 -43.91 -23.54
C ILE W 88 -146.22 -44.84 -24.61
N CYS W 89 -145.94 -44.30 -25.80
CA CYS W 89 -145.29 -45.09 -26.83
C CYS W 89 -143.84 -45.40 -26.47
N ILE W 90 -143.17 -44.48 -25.78
CA ILE W 90 -141.81 -44.73 -25.33
C ILE W 90 -141.77 -45.82 -24.28
N LEU W 91 -142.79 -45.87 -23.40
CA LEU W 91 -142.86 -46.96 -22.44
C LEU W 91 -143.16 -48.28 -23.12
N LEU W 92 -144.34 -48.40 -23.73
CA LEU W 92 -144.74 -49.53 -24.57
C LEU W 92 -144.57 -50.87 -23.84
N ALA W 93 -145.08 -50.93 -22.60
CA ALA W 93 -144.97 -52.09 -21.73
C ALA W 93 -143.51 -52.47 -21.51
N HIS W 94 -142.81 -51.55 -20.82
CA HIS W 94 -141.36 -51.63 -20.66
C HIS W 94 -140.89 -52.84 -19.85
N GLN W 95 -141.80 -53.53 -19.16
CA GLN W 95 -141.40 -54.73 -18.42
C GLN W 95 -141.08 -55.90 -19.34
N ASP W 96 -141.52 -55.85 -20.60
CA ASP W 96 -141.25 -56.94 -21.54
C ASP W 96 -139.79 -56.92 -21.98
N HIS W 97 -139.30 -58.11 -22.36
CA HIS W 97 -137.91 -58.21 -22.83
C HIS W 97 -137.73 -57.52 -24.18
N LEU W 98 -138.71 -57.65 -25.08
CA LEU W 98 -138.63 -57.00 -26.38
C LEU W 98 -138.75 -55.49 -26.28
N GLU W 99 -139.29 -54.98 -25.17
CA GLU W 99 -139.40 -53.54 -24.98
C GLU W 99 -138.03 -52.89 -24.84
N ASP W 100 -137.05 -53.61 -24.28
CA ASP W 100 -135.69 -53.07 -24.21
C ASP W 100 -135.09 -52.88 -25.60
N HIS W 101 -135.27 -53.87 -26.48
CA HIS W 101 -134.81 -53.72 -27.86
C HIS W 101 -135.58 -52.64 -28.60
N PHE W 102 -136.88 -52.51 -28.33
CA PHE W 102 -137.66 -51.44 -28.95
C PHE W 102 -137.17 -50.07 -28.52
N MET W 103 -136.84 -49.92 -27.24
CA MET W 103 -136.28 -48.65 -26.75
C MET W 103 -134.88 -48.43 -27.29
N TYR W 104 -134.12 -49.50 -27.53
CA TYR W 104 -132.82 -49.37 -28.19
C TYR W 104 -133.00 -48.85 -29.61
N ARG W 105 -134.04 -49.32 -30.31
CA ARG W 105 -134.36 -48.75 -31.62
C ARG W 105 -134.82 -47.30 -31.49
N HIS W 106 -135.53 -46.98 -30.40
CA HIS W 106 -135.93 -45.62 -30.02
C HIS W 106 -136.87 -45.07 -31.11
N SER W 107 -136.63 -43.88 -31.65
CA SER W 107 -137.51 -43.23 -32.60
C SER W 107 -136.72 -42.89 -33.86
N ARG W 108 -137.34 -42.10 -34.74
CA ARG W 108 -136.70 -41.72 -36.00
C ARG W 108 -135.42 -40.91 -35.78
N PRO W 109 -135.38 -39.89 -34.93
CA PRO W 109 -134.11 -39.20 -34.68
C PRO W 109 -133.21 -39.98 -33.74
N VAL W 110 -133.82 -40.60 -32.72
CA VAL W 110 -133.17 -41.40 -31.69
C VAL W 110 -131.94 -40.73 -31.11
N PHE W 111 -131.96 -39.40 -31.00
CA PHE W 111 -130.85 -38.67 -30.39
C PHE W 111 -131.34 -37.69 -29.34
N GLU W 112 -132.49 -37.07 -29.58
CA GLU W 112 -132.97 -36.00 -28.72
C GLU W 112 -133.69 -36.51 -27.47
N LEU W 113 -134.06 -37.80 -27.44
CA LEU W 113 -134.73 -38.34 -26.25
C LEU W 113 -133.80 -38.36 -25.05
N LEU W 114 -132.56 -38.82 -25.24
CA LEU W 114 -131.59 -38.80 -24.16
C LEU W 114 -131.05 -37.39 -23.91
N ASP W 115 -130.78 -36.65 -24.99
CA ASP W 115 -130.18 -35.32 -24.89
C ASP W 115 -131.26 -34.33 -24.47
N LEU W 116 -131.38 -34.11 -23.16
CA LEU W 116 -132.33 -33.13 -22.66
C LEU W 116 -131.83 -31.70 -22.89
N ASP W 117 -130.51 -31.51 -22.99
CA ASP W 117 -129.97 -30.18 -23.23
C ASP W 117 -130.29 -29.70 -24.64
N GLY W 118 -130.21 -30.60 -25.63
CA GLY W 118 -130.47 -30.25 -27.01
C GLY W 118 -129.28 -29.69 -27.77
N GLU W 119 -128.09 -29.67 -27.16
CA GLU W 119 -126.89 -29.15 -27.80
C GLU W 119 -126.04 -30.25 -28.43
N MET W 120 -126.67 -31.33 -28.89
CA MET W 120 -126.00 -32.46 -29.54
C MET W 120 -124.92 -33.08 -28.64
N ASN W 121 -125.21 -33.13 -27.34
CA ASN W 121 -124.30 -33.72 -26.37
C ASN W 121 -125.09 -34.17 -25.16
N ILE W 122 -124.88 -35.41 -24.74
CA ILE W 122 -125.57 -35.99 -23.59
C ILE W 122 -124.58 -36.12 -22.45
N GLY W 123 -124.87 -35.44 -21.33
CA GLY W 123 -124.01 -35.47 -20.18
C GLY W 123 -124.32 -36.64 -19.24
N ALA W 124 -123.67 -36.61 -18.08
CA ALA W 124 -123.86 -37.66 -17.10
C ALA W 124 -125.25 -37.60 -16.46
N ALA W 125 -125.81 -36.40 -16.30
CA ALA W 125 -127.15 -36.27 -15.75
C ALA W 125 -128.19 -36.88 -16.68
N ASN W 126 -128.03 -36.68 -17.99
CA ASN W 126 -128.94 -37.31 -18.96
C ASN W 126 -128.83 -38.82 -18.92
N PHE W 127 -127.61 -39.36 -18.78
CA PHE W 127 -127.43 -40.80 -18.67
C PHE W 127 -128.06 -41.33 -17.39
N GLN W 128 -127.93 -40.59 -16.29
CA GLN W 128 -128.58 -41.00 -15.04
C GLN W 128 -130.09 -40.99 -15.16
N ASN W 129 -130.64 -39.98 -15.84
CA ASN W 129 -132.09 -39.92 -16.07
C ASN W 129 -132.56 -41.08 -16.94
N TYR W 130 -131.78 -41.42 -17.97
CA TYR W 130 -132.12 -42.55 -18.82
C TYR W 130 -132.05 -43.87 -18.05
N ARG W 131 -131.05 -44.01 -17.18
CA ARG W 131 -130.95 -45.22 -16.35
C ARG W 131 -132.07 -45.28 -15.32
N PHE W 132 -132.58 -44.13 -14.88
CA PHE W 132 -133.75 -44.12 -14.02
C PHE W 132 -135.00 -44.53 -14.79
N LEU W 133 -135.14 -44.04 -16.03
CA LEU W 133 -136.31 -44.39 -16.84
C LEU W 133 -136.27 -45.85 -17.29
N PHE W 134 -135.13 -46.28 -17.83
CA PHE W 134 -134.94 -47.65 -18.29
C PHE W 134 -133.92 -48.33 -17.40
N ASN W 135 -134.29 -49.48 -16.83
CA ASN W 135 -133.48 -50.14 -15.82
C ASN W 135 -132.16 -50.61 -16.41
N ILE W 136 -131.05 -50.20 -15.79
CA ILE W 136 -129.71 -50.56 -16.23
C ILE W 136 -128.76 -50.43 -15.05
N LYS W 137 -127.76 -51.29 -15.01
CA LYS W 137 -126.78 -51.27 -13.93
C LYS W 137 -125.90 -50.02 -14.02
N LYS W 138 -125.51 -49.51 -12.85
CA LYS W 138 -124.62 -48.35 -12.81
C LYS W 138 -123.25 -48.68 -13.38
N GLN W 139 -122.73 -49.86 -13.06
CA GLN W 139 -121.45 -50.29 -13.64
C GLN W 139 -121.56 -50.48 -15.15
N GLU W 140 -122.67 -51.07 -15.61
CA GLU W 140 -122.88 -51.24 -17.05
C GLU W 140 -123.03 -49.89 -17.75
N LEU W 141 -123.75 -48.95 -17.12
CA LEU W 141 -123.89 -47.62 -17.69
C LEU W 141 -122.54 -46.90 -17.75
N ARG W 142 -121.73 -47.03 -16.71
CA ARG W 142 -120.40 -46.42 -16.72
C ARG W 142 -119.51 -47.02 -17.79
N ASP W 143 -119.57 -48.35 -17.96
CA ASP W 143 -118.78 -49.00 -19.00
C ASP W 143 -119.23 -48.57 -20.39
N LEU W 144 -120.54 -48.45 -20.59
CA LEU W 144 -121.06 -47.98 -21.88
C LEU W 144 -120.66 -46.54 -22.16
N PHE W 145 -120.67 -45.69 -21.12
CA PHE W 145 -120.25 -44.30 -21.30
C PHE W 145 -118.76 -44.22 -21.60
N HIS W 146 -117.95 -45.07 -20.96
CA HIS W 146 -116.51 -45.11 -21.25
C HIS W 146 -116.26 -45.59 -22.68
N ASP W 147 -117.05 -46.56 -23.14
CA ASP W 147 -116.92 -47.03 -24.52
C ASP W 147 -117.33 -45.96 -25.52
N PHE W 148 -118.39 -45.20 -25.20
CA PHE W 148 -118.88 -44.18 -26.13
C PHE W 148 -117.97 -42.96 -26.18
N ASP W 149 -117.35 -42.59 -25.06
CA ASP W 149 -116.50 -41.40 -25.00
C ASP W 149 -115.11 -41.76 -25.54
N ILE W 150 -114.99 -41.77 -26.86
CA ILE W 150 -113.72 -42.09 -27.50
C ILE W 150 -112.73 -40.95 -27.29
N THR W 151 -113.18 -39.70 -27.41
CA THR W 151 -112.29 -38.57 -27.23
C THR W 151 -111.95 -38.34 -25.76
N GLY W 152 -112.84 -38.73 -24.85
CA GLY W 152 -112.62 -38.53 -23.44
C GLY W 152 -113.16 -37.23 -22.87
N ASP W 153 -114.01 -36.52 -23.63
CA ASP W 153 -114.57 -35.25 -23.18
C ASP W 153 -115.93 -35.42 -22.50
N ARG W 154 -116.36 -36.67 -22.28
CA ARG W 154 -117.64 -36.98 -21.64
C ARG W 154 -118.81 -36.36 -22.40
N LEU W 155 -118.74 -36.39 -23.72
CA LEU W 155 -119.81 -35.87 -24.58
C LEU W 155 -120.13 -36.90 -25.65
N LEU W 156 -121.42 -37.07 -25.91
CA LEU W 156 -121.91 -38.03 -26.89
C LEU W 156 -122.38 -37.28 -28.13
N ASN W 157 -121.75 -37.57 -29.27
CA ASN W 157 -122.15 -36.96 -30.53
C ASN W 157 -123.35 -37.71 -31.11
N TYR W 158 -124.04 -37.05 -32.05
CA TYR W 158 -125.18 -37.69 -32.71
C TYR W 158 -124.73 -38.87 -33.55
N LYS W 159 -123.62 -38.72 -34.29
CA LYS W 159 -123.09 -39.84 -35.07
C LYS W 159 -122.57 -40.94 -34.15
N GLU W 160 -121.91 -40.57 -33.06
CA GLU W 160 -121.42 -41.57 -32.11
C GLU W 160 -122.56 -42.33 -31.45
N PHE W 161 -123.62 -41.62 -31.06
CA PHE W 161 -124.79 -42.27 -30.46
C PHE W 161 -125.48 -43.17 -31.47
N LYS W 162 -125.59 -42.72 -32.73
CA LYS W 162 -126.20 -43.55 -33.76
C LYS W 162 -125.38 -44.82 -34.02
N LEU W 163 -124.05 -44.68 -34.05
CA LEU W 163 -123.19 -45.85 -34.25
C LEU W 163 -123.29 -46.81 -33.07
N TYR W 164 -123.33 -46.28 -31.85
CA TYR W 164 -123.49 -47.15 -30.68
C TYR W 164 -124.83 -47.87 -30.68
N THR W 165 -125.90 -47.17 -31.06
CA THR W 165 -127.22 -47.80 -31.15
C THR W 165 -127.24 -48.87 -32.25
N ILE W 166 -126.60 -48.60 -33.38
CA ILE W 166 -126.55 -49.58 -34.47
C ILE W 166 -125.76 -50.82 -34.03
N PHE W 167 -124.64 -50.62 -33.35
CA PHE W 167 -123.86 -51.75 -32.85
C PHE W 167 -124.63 -52.55 -31.81
N CYS W 168 -125.36 -51.87 -30.93
CA CYS W 168 -126.17 -52.57 -29.93
C CYS W 168 -127.29 -53.37 -30.59
N THR W 169 -127.95 -52.79 -31.59
CA THR W 169 -129.00 -53.52 -32.31
C THR W 169 -128.43 -54.71 -33.06
N ASP W 170 -127.25 -54.56 -33.66
CA ASP W 170 -126.62 -55.67 -34.36
C ASP W 170 -126.23 -56.79 -33.40
N LYS W 171 -125.73 -56.42 -32.21
CA LYS W 171 -125.36 -57.42 -31.23
C LYS W 171 -126.59 -58.14 -30.67
N SER W 172 -127.68 -57.40 -30.46
CA SER W 172 -128.90 -58.02 -29.93
C SER W 172 -129.59 -58.88 -30.97
N ILE W 173 -129.50 -58.51 -32.25
CA ILE W 173 -130.13 -59.30 -33.29
C ILE W 173 -129.41 -60.63 -33.49
N ASP W 174 -128.08 -60.60 -33.44
CA ASP W 174 -127.28 -61.82 -33.62
C ASP W 174 -127.31 -62.68 -32.37
N MET X 1 -64.70 -8.21 -53.90
CA MET X 1 -63.55 -9.09 -54.00
C MET X 1 -63.98 -10.50 -54.39
N CYS X 2 -65.29 -10.74 -54.33
CA CYS X 2 -65.85 -12.05 -54.67
C CYS X 2 -65.66 -12.36 -56.15
N TRP X 3 -65.81 -11.36 -57.01
CA TRP X 3 -65.66 -11.60 -58.45
C TRP X 3 -64.21 -11.60 -58.94
N VAL X 4 -63.40 -10.64 -58.49
CA VAL X 4 -62.12 -10.32 -59.13
C VAL X 4 -61.14 -11.49 -59.12
N MET X 5 -61.04 -12.17 -57.99
CA MET X 5 -60.03 -13.22 -57.79
C MET X 5 -60.31 -14.53 -58.54
N PRO X 6 -61.54 -15.08 -58.56
CA PRO X 6 -61.74 -16.43 -59.16
C PRO X 6 -61.28 -16.58 -60.61
N PRO X 7 -61.52 -15.60 -61.54
CA PRO X 7 -61.04 -15.81 -62.91
C PRO X 7 -59.54 -15.99 -62.99
N SER X 8 -58.80 -15.19 -62.20
CA SER X 8 -57.37 -15.35 -61.97
C SER X 8 -56.60 -15.52 -63.28
N VAL X 9 -56.72 -14.54 -64.18
CA VAL X 9 -56.41 -14.67 -65.60
C VAL X 9 -55.02 -15.26 -65.81
N PHE X 10 -54.98 -16.42 -66.45
CA PHE X 10 -53.77 -17.22 -66.70
C PHE X 10 -53.16 -17.56 -65.33
N VAL X 11 -51.94 -17.14 -65.02
CA VAL X 11 -51.27 -17.50 -63.78
C VAL X 11 -51.90 -16.79 -62.59
N LEU X 12 -51.52 -17.21 -61.38
CA LEU X 12 -52.15 -16.74 -60.16
C LEU X 12 -51.24 -15.97 -59.21
N GLU X 13 -49.98 -16.40 -59.03
CA GLU X 13 -48.99 -15.85 -58.09
C GLU X 13 -49.39 -16.09 -56.64
N TYR X 14 -48.39 -16.24 -55.76
CA TYR X 14 -48.65 -16.40 -54.34
C TYR X 14 -47.40 -16.01 -53.55
N TYR X 15 -47.62 -15.57 -52.32
CA TYR X 15 -46.57 -15.12 -51.42
C TYR X 15 -46.76 -15.75 -50.04
N LEU X 16 -45.96 -15.30 -49.06
CA LEU X 16 -46.05 -15.76 -47.69
C LEU X 16 -46.18 -14.57 -46.75
N ASP X 17 -46.69 -14.84 -45.56
CA ASP X 17 -46.92 -13.82 -44.54
C ASP X 17 -45.89 -13.87 -43.41
N THR X 18 -44.81 -14.63 -43.58
CA THR X 18 -43.77 -14.67 -42.56
C THR X 18 -42.99 -13.36 -42.47
N LEU X 19 -43.01 -12.56 -43.55
CA LEU X 19 -42.40 -11.24 -43.50
C LEU X 19 -43.11 -10.35 -42.48
N TRP X 20 -44.42 -10.52 -42.33
CA TRP X 20 -45.15 -9.82 -41.27
C TRP X 20 -44.63 -10.21 -39.91
N LYS X 21 -44.43 -11.52 -39.69
CA LYS X 21 -43.91 -12.00 -38.42
C LYS X 21 -42.54 -11.43 -38.12
N GLY X 22 -41.66 -11.41 -39.13
CA GLY X 22 -40.35 -10.80 -38.93
C GLY X 22 -40.43 -9.32 -38.63
N THR X 23 -41.34 -8.61 -39.29
CA THR X 23 -41.49 -7.18 -39.07
C THR X 23 -41.97 -6.88 -37.66
N MET X 24 -43.00 -7.61 -37.19
CA MET X 24 -43.47 -7.34 -35.83
C MET X 24 -42.47 -7.79 -34.80
N LEU X 25 -41.71 -8.85 -35.07
CA LEU X 25 -40.64 -9.24 -34.16
C LEU X 25 -39.59 -8.15 -34.05
N PHE X 26 -39.20 -7.57 -35.19
CA PHE X 26 -38.22 -6.48 -35.17
C PHE X 26 -38.75 -5.27 -34.43
N ILE X 27 -40.02 -4.92 -34.64
CA ILE X 27 -40.60 -3.76 -33.95
C ILE X 27 -40.66 -4.00 -32.44
N ILE X 28 -41.12 -5.18 -32.03
CA ILE X 28 -41.25 -5.47 -30.61
C ILE X 28 -39.89 -5.49 -29.93
N CYS X 29 -38.89 -6.09 -30.56
CA CYS X 29 -37.57 -6.14 -29.93
C CYS X 29 -36.89 -4.77 -29.93
N LEU X 30 -37.14 -3.95 -30.96
CA LEU X 30 -36.63 -2.59 -30.95
C LEU X 30 -37.25 -1.78 -29.82
N VAL X 31 -38.53 -2.02 -29.54
CA VAL X 31 -39.16 -1.44 -28.36
C VAL X 31 -38.48 -1.96 -27.09
N PHE X 32 -38.17 -3.26 -27.08
CA PHE X 32 -37.51 -3.89 -25.93
C PHE X 32 -36.12 -3.34 -25.67
N ILE X 33 -35.46 -2.77 -26.69
CA ILE X 33 -34.09 -2.29 -26.52
C ILE X 33 -34.04 -1.11 -25.57
N SER X 34 -34.81 -0.06 -25.84
CA SER X 34 -34.66 1.21 -25.14
C SER X 34 -35.55 1.24 -23.91
N CYS X 35 -34.94 1.44 -22.74
CA CYS X 35 -35.62 1.65 -21.46
C CYS X 35 -36.55 0.50 -21.12
N ASN X 36 -35.95 -0.68 -20.94
CA ASN X 36 -36.69 -1.86 -20.50
C ASN X 36 -36.86 -1.80 -18.98
N VAL X 37 -37.33 -2.89 -18.39
CA VAL X 37 -37.49 -2.94 -16.94
C VAL X 37 -36.11 -2.96 -16.29
N LEU X 38 -36.00 -2.30 -15.13
CA LEU X 38 -34.74 -2.24 -14.39
C LEU X 38 -34.83 -3.22 -13.22
N ARG X 39 -34.45 -4.46 -13.50
CA ARG X 39 -34.54 -5.54 -12.52
C ARG X 39 -33.15 -6.03 -12.10
N GLU X 40 -32.22 -5.09 -11.89
CA GLU X 40 -30.97 -5.44 -11.25
C GLU X 40 -31.17 -5.88 -9.81
N VAL X 41 -32.27 -5.45 -9.17
CA VAL X 41 -32.63 -5.96 -7.86
C VAL X 41 -33.07 -7.42 -7.93
N LYS X 42 -33.43 -7.91 -9.12
CA LYS X 42 -33.71 -9.32 -9.33
C LYS X 42 -32.44 -10.14 -9.57
N TYR X 43 -31.27 -9.49 -9.47
CA TYR X 43 -29.96 -10.14 -9.63
C TYR X 43 -29.83 -10.81 -10.99
N GLN X 44 -30.41 -10.20 -12.02
CA GLN X 44 -30.41 -10.79 -13.35
C GLN X 44 -30.64 -9.69 -14.38
N GLU X 45 -30.21 -9.98 -15.61
CA GLU X 45 -30.47 -9.12 -16.76
C GLU X 45 -31.20 -9.94 -17.81
N THR X 46 -32.25 -9.36 -18.39
CA THR X 46 -33.09 -10.04 -19.35
C THR X 46 -32.88 -9.50 -20.77
N TRP X 47 -31.63 -9.24 -21.15
CA TRP X 47 -31.34 -8.77 -22.51
C TRP X 47 -31.22 -9.93 -23.50
N CYS X 48 -30.97 -11.15 -23.02
CA CYS X 48 -30.79 -12.26 -23.92
C CYS X 48 -32.11 -12.83 -24.42
N PHE X 49 -33.23 -12.58 -23.74
CA PHE X 49 -34.52 -12.87 -24.37
C PHE X 49 -34.72 -12.04 -25.64
N PRO X 50 -34.53 -10.71 -25.63
CA PRO X 50 -34.55 -10.00 -26.93
C PRO X 50 -33.34 -10.29 -27.81
N ALA X 51 -32.25 -10.83 -27.30
CA ALA X 51 -31.19 -11.28 -28.21
C ALA X 51 -31.64 -12.49 -29.01
N TYR X 52 -32.31 -13.44 -28.35
CA TYR X 52 -32.96 -14.53 -29.06
C TYR X 52 -34.06 -13.99 -29.97
N GLY X 53 -34.67 -12.86 -29.59
CA GLY X 53 -35.57 -12.16 -30.48
C GLY X 53 -34.90 -11.67 -31.76
N MET X 54 -33.72 -11.04 -31.62
CA MET X 54 -32.89 -10.73 -32.80
C MET X 54 -32.71 -11.94 -33.68
N VAL X 55 -32.30 -13.07 -33.08
CA VAL X 55 -31.97 -14.26 -33.85
C VAL X 55 -33.19 -14.78 -34.60
N ILE X 56 -34.33 -14.89 -33.90
CA ILE X 56 -35.54 -15.45 -34.50
C ILE X 56 -36.08 -14.52 -35.59
N GLY X 57 -36.14 -13.21 -35.32
CA GLY X 57 -36.65 -12.28 -36.31
C GLY X 57 -35.77 -12.18 -37.53
N LEU X 58 -34.46 -12.23 -37.33
CA LEU X 58 -33.53 -12.16 -38.45
C LEU X 58 -33.61 -13.41 -39.32
N TRP X 59 -33.83 -14.58 -38.70
CA TRP X 59 -34.01 -15.78 -39.53
C TRP X 59 -35.35 -15.73 -40.26
N LEU X 60 -36.43 -15.38 -39.56
CA LEU X 60 -37.75 -15.38 -40.19
C LEU X 60 -37.82 -14.38 -41.33
N MET X 61 -37.09 -13.26 -41.20
CA MET X 61 -37.00 -12.30 -42.31
C MET X 61 -36.24 -12.89 -43.49
N LEU X 62 -35.27 -13.78 -43.23
CA LEU X 62 -34.46 -14.34 -44.31
C LEU X 62 -35.25 -15.24 -45.25
N SER X 63 -36.45 -15.66 -44.87
CA SER X 63 -37.27 -16.50 -45.75
C SER X 63 -37.91 -15.67 -46.85
N SER X 64 -37.10 -15.12 -47.75
CA SER X 64 -37.61 -14.36 -48.88
C SER X 64 -38.29 -15.30 -49.88
N ILE X 65 -39.26 -14.77 -50.61
CA ILE X 65 -40.03 -15.60 -51.52
C ILE X 65 -40.57 -14.75 -52.68
N PRO X 66 -40.05 -14.93 -53.89
CA PRO X 66 -40.63 -14.22 -55.03
C PRO X 66 -41.82 -14.94 -55.65
N GLN X 67 -43.03 -14.43 -55.40
CA GLN X 67 -44.24 -14.68 -56.20
C GLN X 67 -44.45 -16.11 -56.67
N ARG X 68 -44.69 -17.05 -55.73
CA ARG X 68 -44.91 -18.45 -56.07
C ARG X 68 -45.99 -18.62 -57.14
N ARG X 69 -45.58 -19.18 -58.28
CA ARG X 69 -46.43 -19.27 -59.46
C ARG X 69 -46.35 -20.68 -60.04
N LEU X 70 -47.31 -20.98 -60.90
CA LEU X 70 -47.37 -22.27 -61.59
C LEU X 70 -47.68 -21.99 -63.06
N VAL X 71 -48.09 -23.04 -63.77
CA VAL X 71 -48.44 -22.95 -65.18
C VAL X 71 -49.96 -23.08 -65.26
N LEU X 72 -50.64 -22.51 -64.27
CA LEU X 72 -52.10 -22.41 -64.25
C LEU X 72 -52.66 -21.50 -65.33
N ASN X 73 -51.80 -21.04 -66.25
CA ASN X 73 -52.22 -20.38 -67.47
C ASN X 73 -53.30 -21.17 -68.17
N HIS X 74 -54.39 -20.48 -68.54
CA HIS X 74 -55.62 -21.14 -68.97
C HIS X 74 -55.45 -21.78 -70.35
N THR X 75 -54.58 -22.79 -70.40
CA THR X 75 -54.16 -23.52 -71.60
C THR X 75 -53.88 -24.96 -71.20
N ARG X 76 -53.12 -25.67 -72.02
CA ARG X 76 -52.69 -27.04 -71.73
C ARG X 76 -51.46 -27.07 -70.83
N GLY X 77 -51.27 -26.05 -70.01
CA GLY X 77 -50.13 -25.94 -69.10
C GLY X 77 -49.92 -27.12 -68.17
N MET X 78 -48.66 -27.46 -67.92
CA MET X 78 -48.28 -28.66 -67.20
C MET X 78 -48.37 -28.51 -65.70
N TYR X 79 -48.70 -27.29 -65.23
CA TYR X 79 -48.72 -26.94 -63.81
C TYR X 79 -47.36 -27.16 -63.15
N HIS X 80 -46.30 -26.92 -63.93
CA HIS X 80 -44.95 -26.96 -63.41
C HIS X 80 -44.74 -25.89 -62.35
N PHE X 81 -44.06 -26.27 -61.27
CA PHE X 81 -43.83 -25.34 -60.17
C PHE X 81 -42.80 -24.30 -60.57
N SER X 82 -43.17 -23.02 -60.45
CA SER X 82 -42.37 -21.93 -60.99
C SER X 82 -42.01 -20.93 -59.91
N ILE X 83 -40.75 -20.51 -59.91
CA ILE X 83 -40.23 -19.47 -59.04
C ILE X 83 -39.27 -18.61 -59.85
N GLN X 84 -39.31 -17.29 -59.63
CA GLN X 84 -38.35 -16.39 -60.24
C GLN X 84 -36.93 -16.85 -59.93
N GLY X 85 -36.20 -17.26 -60.96
CA GLY X 85 -34.93 -17.93 -60.75
C GLY X 85 -35.04 -19.43 -60.92
N ARG X 86 -35.15 -20.15 -59.80
CA ARG X 86 -35.09 -21.60 -59.80
C ARG X 86 -36.46 -22.23 -60.02
N THR X 87 -36.45 -23.48 -60.48
CA THR X 87 -37.64 -24.31 -60.60
C THR X 87 -37.34 -25.67 -60.01
N VAL X 88 -38.32 -26.27 -59.33
CA VAL X 88 -38.09 -27.51 -58.60
C VAL X 88 -38.98 -28.63 -59.10
N CYS X 89 -40.30 -28.46 -58.99
CA CYS X 89 -41.25 -29.56 -59.15
C CYS X 89 -41.90 -29.50 -60.52
N GLN X 90 -41.88 -30.63 -61.22
CA GLN X 90 -42.56 -30.80 -62.50
C GLN X 90 -43.39 -32.07 -62.44
N GLY X 91 -44.56 -32.03 -63.05
CA GLY X 91 -45.43 -33.19 -63.07
C GLY X 91 -46.54 -33.11 -64.10
N PRO X 92 -46.71 -34.19 -64.88
CA PRO X 92 -47.81 -34.23 -65.86
C PRO X 92 -49.15 -34.57 -65.20
N MET X 93 -49.83 -33.54 -64.69
CA MET X 93 -51.15 -33.66 -64.05
C MET X 93 -51.08 -34.51 -62.79
N HIS X 94 -52.25 -34.95 -62.32
CA HIS X 94 -52.44 -35.98 -61.30
C HIS X 94 -51.87 -35.61 -59.94
N LEU X 95 -51.38 -34.39 -59.75
CA LEU X 95 -50.80 -34.03 -58.46
C LEU X 95 -51.42 -32.76 -57.88
N VAL X 96 -51.80 -31.82 -58.73
CA VAL X 96 -52.33 -30.54 -58.26
C VAL X 96 -53.81 -30.72 -57.97
N TYR X 97 -54.16 -30.76 -56.69
CA TYR X 97 -55.55 -30.89 -56.26
C TYR X 97 -55.95 -29.65 -55.46
N VAL X 98 -57.23 -29.56 -55.15
CA VAL X 98 -57.75 -28.59 -54.19
C VAL X 98 -58.58 -29.37 -53.17
N ARG X 99 -58.19 -29.31 -51.91
CA ARG X 99 -58.76 -30.16 -50.87
C ARG X 99 -59.24 -29.34 -49.69
N LEU X 100 -60.39 -29.71 -49.16
CA LEU X 100 -60.95 -29.12 -47.95
C LEU X 100 -60.42 -29.88 -46.75
N ALA X 101 -59.84 -29.16 -45.80
CA ALA X 101 -59.30 -29.75 -44.58
C ALA X 101 -60.07 -29.23 -43.37
N LEU X 102 -60.21 -30.11 -42.37
CA LEU X 102 -60.97 -29.81 -41.17
C LEU X 102 -60.11 -29.98 -39.94
N SER X 103 -60.33 -29.10 -38.96
CA SER X 103 -59.64 -29.16 -37.68
C SER X 103 -60.66 -29.03 -36.55
N SER X 104 -60.36 -29.67 -35.43
CA SER X 104 -61.27 -29.66 -34.28
C SER X 104 -60.48 -29.43 -32.99
N ASP X 105 -61.16 -28.86 -32.01
CA ASP X 105 -60.60 -28.61 -30.69
C ASP X 105 -61.11 -29.66 -29.71
N ALA X 106 -60.83 -29.45 -28.42
CA ALA X 106 -61.33 -30.36 -27.40
C ALA X 106 -62.84 -30.31 -27.29
N TYR X 107 -63.43 -29.11 -27.44
CA TYR X 107 -64.89 -28.98 -27.39
C TYR X 107 -65.55 -29.67 -28.56
N GLY X 108 -64.97 -29.54 -29.76
CA GLY X 108 -65.53 -30.17 -30.94
C GLY X 108 -65.88 -29.18 -32.04
N GLY X 109 -65.50 -27.93 -31.87
CA GLY X 109 -65.74 -26.93 -32.89
C GLY X 109 -64.93 -27.22 -34.14
N ARG X 110 -65.57 -27.11 -35.30
CA ARG X 110 -64.96 -27.47 -36.58
C ARG X 110 -64.52 -26.22 -37.32
N PHE X 111 -63.28 -26.24 -37.82
CA PHE X 111 -62.73 -25.16 -38.61
C PHE X 111 -62.31 -25.71 -39.97
N PHE X 112 -62.65 -24.98 -41.03
CA PHE X 112 -62.47 -25.45 -42.41
C PHE X 112 -61.47 -24.57 -43.13
N GLN X 113 -60.46 -25.20 -43.73
CA GLN X 113 -59.47 -24.52 -44.56
C GLN X 113 -59.39 -25.23 -45.90
N LEU X 114 -58.66 -24.62 -46.85
CA LEU X 114 -58.49 -25.19 -48.16
C LEU X 114 -57.02 -25.18 -48.53
N VAL X 115 -56.59 -26.22 -49.27
CA VAL X 115 -55.19 -26.38 -49.64
C VAL X 115 -55.11 -26.82 -51.09
N LEU X 116 -54.30 -26.10 -51.88
CA LEU X 116 -53.93 -26.59 -53.22
C LEU X 116 -52.81 -27.61 -53.04
N CYS X 117 -53.20 -28.88 -53.00
CA CYS X 117 -52.26 -29.96 -52.74
C CYS X 117 -51.37 -30.23 -53.94
N GLY X 118 -50.13 -30.60 -53.65
CA GLY X 118 -49.16 -30.91 -54.68
C GLY X 118 -47.78 -31.05 -54.07
N HIS X 119 -46.80 -31.25 -54.93
CA HIS X 119 -45.42 -31.37 -54.47
C HIS X 119 -44.92 -30.00 -54.05
N LYS X 120 -44.97 -29.75 -52.73
CA LYS X 120 -44.50 -28.50 -52.11
C LYS X 120 -45.20 -27.28 -52.69
N LEU X 121 -46.53 -27.34 -52.74
CA LEU X 121 -47.33 -26.26 -53.30
C LEU X 121 -47.75 -25.29 -52.19
N GLU X 122 -48.67 -24.39 -52.51
CA GLU X 122 -49.17 -23.37 -51.60
C GLU X 122 -50.65 -23.62 -51.29
N PRO X 123 -51.12 -23.27 -50.09
CA PRO X 123 -52.52 -23.57 -49.75
C PRO X 123 -53.50 -22.54 -50.26
N LEU X 124 -54.78 -22.72 -49.94
CA LEU X 124 -55.85 -21.81 -50.35
C LEU X 124 -56.65 -21.39 -49.09
N VAL X 125 -55.92 -20.95 -48.08
CA VAL X 125 -56.54 -20.56 -46.82
C VAL X 125 -57.38 -19.31 -47.03
N LEU X 126 -58.68 -19.41 -46.76
CA LEU X 126 -59.57 -18.28 -46.93
C LEU X 126 -59.43 -17.31 -45.77
N VAL X 127 -60.02 -16.13 -45.93
CA VAL X 127 -59.67 -14.97 -45.07
C VAL X 127 -60.58 -15.04 -43.85
N GLN X 128 -60.16 -15.86 -42.88
CA GLN X 128 -60.61 -15.80 -41.48
C GLN X 128 -62.14 -15.88 -41.33
N LEU X 129 -62.77 -16.76 -42.10
CA LEU X 129 -64.22 -16.98 -42.02
C LEU X 129 -64.51 -18.46 -42.22
N SER X 130 -64.59 -19.20 -41.12
CA SER X 130 -64.88 -20.64 -41.19
C SER X 130 -65.66 -21.03 -39.93
N GLU X 131 -66.98 -20.94 -40.01
CA GLU X 131 -67.85 -21.47 -38.96
C GLU X 131 -68.88 -22.39 -39.58
N ARG X 132 -69.34 -22.04 -40.79
CA ARG X 132 -70.33 -22.81 -41.53
C ARG X 132 -69.73 -23.22 -42.87
N TYR X 133 -70.45 -24.10 -43.57
CA TYR X 133 -70.00 -24.63 -44.86
C TYR X 133 -70.41 -23.76 -46.04
N GLU X 134 -71.47 -22.97 -45.87
CA GLU X 134 -71.99 -22.04 -46.87
C GLU X 134 -72.35 -22.73 -48.18
N GLN X 135 -71.44 -22.71 -49.15
CA GLN X 135 -71.77 -23.24 -50.47
C GLN X 135 -70.80 -24.33 -50.91
N MET X 136 -69.62 -24.37 -50.28
CA MET X 136 -68.54 -25.32 -50.59
C MET X 136 -68.17 -25.33 -52.07
N GLU X 137 -68.89 -26.11 -52.87
CA GLU X 137 -68.43 -26.49 -54.20
C GLU X 137 -68.70 -25.44 -55.27
N PHE X 138 -69.26 -24.28 -54.91
CA PHE X 138 -69.42 -23.25 -55.93
C PHE X 138 -68.09 -22.61 -56.31
N LEU X 139 -67.26 -22.30 -55.32
CA LEU X 139 -65.89 -21.89 -55.61
C LEU X 139 -65.10 -23.00 -56.28
N GLY X 140 -65.38 -24.27 -55.93
CA GLY X 140 -64.77 -25.37 -56.65
C GLY X 140 -65.15 -25.41 -58.10
N ARG X 141 -66.42 -25.13 -58.40
CA ARG X 141 -66.86 -25.03 -59.79
C ARG X 141 -66.20 -23.86 -60.49
N HIS X 142 -65.94 -22.77 -59.75
CA HIS X 142 -65.26 -21.63 -60.37
C HIS X 142 -63.81 -21.96 -60.69
N LEU X 143 -63.14 -22.70 -59.81
CA LEU X 143 -61.80 -23.21 -60.10
C LEU X 143 -61.84 -24.16 -61.30
N ALA X 144 -62.91 -24.96 -61.40
CA ALA X 144 -63.10 -25.81 -62.56
C ALA X 144 -63.26 -25.00 -63.84
N ARG X 145 -64.01 -23.91 -63.77
CA ARG X 145 -64.19 -23.00 -64.90
C ARG X 145 -62.85 -22.36 -65.26
N LYS X 146 -61.99 -22.16 -64.26
CA LYS X 146 -60.64 -21.71 -64.59
C LYS X 146 -59.93 -22.75 -65.44
N LEU X 147 -59.54 -23.86 -64.79
CA LEU X 147 -58.68 -24.81 -65.48
C LEU X 147 -58.88 -26.25 -65.04
N ASN X 148 -60.13 -26.74 -64.99
CA ASN X 148 -60.57 -27.86 -64.15
C ASN X 148 -59.58 -28.99 -63.93
N ILE X 149 -59.26 -29.24 -62.66
CA ILE X 149 -58.31 -30.29 -62.26
C ILE X 149 -58.96 -31.25 -61.26
N ASN X 150 -59.34 -30.76 -60.09
CA ASN X 150 -60.02 -31.55 -59.07
C ASN X 150 -60.84 -30.59 -58.21
N TYR X 151 -61.71 -31.15 -57.39
CA TYR X 151 -62.19 -30.47 -56.19
C TYR X 151 -62.44 -31.55 -55.15
N PHE X 152 -61.43 -31.80 -54.32
CA PHE X 152 -61.48 -32.88 -53.36
C PHE X 152 -62.20 -32.44 -52.09
N ASP X 153 -62.84 -33.41 -51.44
CA ASP X 153 -63.51 -33.19 -50.17
C ASP X 153 -62.81 -34.01 -49.10
N TYR X 154 -63.35 -33.97 -47.89
CA TYR X 154 -62.76 -34.69 -46.77
C TYR X 154 -62.99 -36.19 -46.91
N LEU X 155 -62.21 -36.96 -46.14
CA LEU X 155 -62.26 -38.42 -46.05
C LEU X 155 -61.95 -39.01 -47.43
N ALA X 156 -62.49 -40.18 -47.73
CA ALA X 156 -62.22 -40.88 -48.98
C ALA X 156 -63.07 -40.29 -50.10
N SER X 157 -63.13 -40.97 -51.24
CA SER X 157 -63.90 -40.51 -52.39
C SER X 157 -65.38 -40.44 -52.07
N SER X 158 -66.00 -41.60 -51.83
CA SER X 158 -67.42 -41.72 -51.47
C SER X 158 -68.31 -40.98 -52.47
N TYR X 159 -68.67 -39.76 -52.14
CA TYR X 159 -69.49 -38.91 -52.99
C TYR X 159 -69.06 -37.47 -52.75
N ARG X 160 -69.90 -36.52 -53.18
CA ARG X 160 -69.81 -35.08 -52.88
C ARG X 160 -68.46 -34.45 -53.26
N HIS X 161 -67.73 -35.06 -54.18
CA HIS X 161 -66.51 -34.45 -54.70
C HIS X 161 -66.34 -34.85 -56.16
N VAL X 162 -65.65 -34.00 -56.91
CA VAL X 162 -65.53 -34.12 -58.37
C VAL X 162 -64.05 -34.22 -58.74
N VAL X 163 -63.76 -35.11 -59.68
CA VAL X 163 -62.41 -35.26 -60.24
C VAL X 163 -62.49 -35.02 -61.75
N ARG X 164 -61.41 -34.51 -62.32
CA ARG X 164 -61.34 -34.24 -63.75
C ARG X 164 -60.24 -35.01 -64.46
N HIS X 165 -59.01 -34.96 -63.96
CA HIS X 165 -57.90 -35.70 -64.56
C HIS X 165 -57.53 -36.86 -63.66
N TRP X 166 -57.30 -38.02 -64.26
CA TRP X 166 -56.93 -39.21 -63.52
C TRP X 166 -55.76 -39.91 -64.18
N PRO X 167 -54.86 -40.51 -63.40
CA PRO X 167 -53.76 -41.31 -63.97
C PRO X 167 -54.04 -42.80 -64.07
N LEU X 168 -55.21 -43.25 -63.62
CA LEU X 168 -55.58 -44.67 -63.58
C LEU X 168 -54.58 -45.52 -62.82
N THR Y 1 -174.62 -55.03 -21.18
CA THR Y 1 -175.16 -54.17 -22.22
C THR Y 1 -174.04 -53.50 -23.01
N ALA Y 2 -173.57 -54.19 -24.07
CA ALA Y 2 -172.49 -53.65 -24.88
C ALA Y 2 -172.98 -52.51 -25.76
N ASN Y 3 -174.28 -52.47 -26.08
CA ASN Y 3 -174.90 -51.45 -26.94
C ASN Y 3 -174.20 -51.37 -28.30
N VAL Y 4 -173.93 -52.55 -28.88
CA VAL Y 4 -173.25 -52.65 -30.17
C VAL Y 4 -174.11 -53.44 -31.12
N SER Y 5 -173.88 -53.22 -32.41
CA SER Y 5 -174.67 -53.88 -33.45
C SER Y 5 -174.29 -55.36 -33.55
N VAL Y 6 -175.29 -56.18 -33.85
CA VAL Y 6 -175.06 -57.62 -34.02
C VAL Y 6 -174.24 -57.88 -35.27
N SER Y 7 -174.49 -57.13 -36.35
CA SER Y 7 -173.76 -57.31 -37.59
C SER Y 7 -172.34 -56.74 -37.53
N ASP Y 8 -172.00 -55.99 -36.48
CA ASP Y 8 -170.66 -55.45 -36.31
C ASP Y 8 -169.76 -56.33 -35.44
N VAL Y 9 -170.29 -56.86 -34.34
CA VAL Y 9 -169.51 -57.75 -33.47
C VAL Y 9 -169.47 -59.17 -33.95
N CYS Y 10 -170.27 -59.53 -34.97
CA CYS Y 10 -170.31 -60.87 -35.53
C CYS Y 10 -170.08 -60.83 -37.02
N GLU Y 11 -169.16 -59.98 -37.46
CA GLU Y 11 -168.81 -59.82 -38.87
C GLU Y 11 -167.53 -60.58 -39.23
N ASP Y 12 -167.29 -61.71 -38.57
CA ASP Y 12 -166.09 -62.52 -38.75
C ASP Y 12 -164.83 -61.71 -38.50
N PHE Y 13 -164.69 -61.25 -37.26
CA PHE Y 13 -163.55 -60.42 -36.89
C PHE Y 13 -162.25 -61.21 -36.78
N ASP Y 14 -162.33 -62.54 -36.77
CA ASP Y 14 -161.13 -63.36 -36.69
C ASP Y 14 -160.33 -63.27 -37.98
N GLU Y 15 -159.01 -63.11 -37.84
CA GLU Y 15 -158.15 -62.95 -39.00
C GLU Y 15 -157.95 -64.26 -39.77
N GLU Y 16 -158.27 -65.40 -39.17
CA GLU Y 16 -158.09 -66.69 -39.82
C GLU Y 16 -159.22 -67.03 -40.77
N GLY Y 17 -160.29 -66.24 -40.81
CA GLY Y 17 -161.44 -66.52 -41.64
C GLY Y 17 -162.50 -67.38 -40.97
N LYS Y 18 -162.27 -67.82 -39.74
CA LYS Y 18 -163.27 -68.62 -39.03
C LYS Y 18 -164.45 -67.75 -38.62
N SER Y 19 -165.65 -68.32 -38.73
CA SER Y 19 -166.86 -67.60 -38.38
C SER Y 19 -166.97 -67.45 -36.87
N VAL Y 20 -167.24 -66.22 -36.42
CA VAL Y 20 -167.38 -65.97 -34.98
C VAL Y 20 -168.67 -66.58 -34.45
N ARG Y 21 -169.73 -66.62 -35.26
CA ARG Y 21 -171.01 -67.16 -34.81
C ARG Y 21 -170.93 -68.65 -34.53
N ASN Y 22 -170.23 -69.40 -35.40
CA ASN Y 22 -170.07 -70.84 -35.17
C ASN Y 22 -169.25 -71.12 -33.92
N ARG Y 23 -168.18 -70.34 -33.70
CA ARG Y 23 -167.38 -70.49 -32.49
C ARG Y 23 -168.19 -70.14 -31.25
N ILE Y 24 -169.02 -69.11 -31.32
CA ILE Y 24 -169.86 -68.73 -30.18
C ILE Y 24 -170.88 -69.83 -29.88
N ARG Y 25 -171.48 -70.41 -30.92
CA ARG Y 25 -172.42 -71.50 -30.73
C ARG Y 25 -171.75 -72.72 -30.12
N LYS Y 26 -170.54 -73.05 -30.59
CA LYS Y 26 -169.80 -74.18 -30.03
C LYS Y 26 -169.43 -73.93 -28.58
N TYR Y 27 -169.01 -72.70 -28.25
CA TYR Y 27 -168.68 -72.37 -26.87
C TYR Y 27 -169.91 -72.42 -25.97
N SER Y 28 -171.06 -71.96 -26.47
CA SER Y 28 -172.29 -72.04 -25.69
C SER Y 28 -172.70 -73.49 -25.46
N GLN Y 29 -172.58 -74.34 -26.48
CA GLN Y 29 -172.90 -75.75 -26.31
C GLN Y 29 -171.96 -76.42 -25.31
N THR Y 30 -170.67 -76.09 -25.38
CA THR Y 30 -169.71 -76.65 -24.43
C THR Y 30 -170.00 -76.18 -23.01
N ILE Y 31 -170.38 -74.91 -22.85
CA ILE Y 31 -170.71 -74.39 -21.53
C ILE Y 31 -171.97 -75.06 -20.99
N SER Y 32 -172.96 -75.29 -21.85
CA SER Y 32 -174.17 -75.99 -21.43
C SER Y 32 -173.86 -77.43 -21.02
N ILE Y 33 -173.00 -78.11 -21.77
CA ILE Y 33 -172.62 -79.48 -21.43
C ILE Y 33 -171.86 -79.51 -20.11
N ARG Y 34 -170.97 -78.54 -19.89
CA ARG Y 34 -170.23 -78.47 -18.63
C ARG Y 34 -171.15 -78.17 -17.45
N ASP Y 35 -172.14 -77.30 -17.65
CA ASP Y 35 -173.10 -77.00 -16.59
C ASP Y 35 -173.97 -78.21 -16.28
N SER Y 36 -174.35 -78.98 -17.31
CA SER Y 36 -175.08 -80.22 -17.08
C SER Y 36 -174.21 -81.24 -16.35
N LEU Y 37 -172.92 -81.30 -16.67
CA LEU Y 37 -171.98 -82.21 -16.02
C LEU Y 37 -171.37 -81.64 -14.75
N ASN Y 38 -171.73 -80.40 -14.39
CA ASN Y 38 -171.24 -79.73 -13.17
C ASN Y 38 -169.72 -79.66 -13.13
N LEU Y 39 -169.14 -79.16 -14.23
CA LEU Y 39 -167.70 -79.01 -14.33
C LEU Y 39 -167.23 -77.79 -13.53
N GLU Y 40 -165.99 -77.86 -13.04
CA GLU Y 40 -165.43 -76.78 -12.26
C GLU Y 40 -165.09 -75.59 -13.16
N PRO Y 41 -164.98 -74.39 -12.58
CA PRO Y 41 -164.62 -73.22 -13.40
C PRO Y 41 -163.26 -73.32 -14.05
N GLU Y 42 -162.28 -73.90 -13.36
CA GLU Y 42 -160.95 -74.10 -13.96
C GLU Y 42 -161.01 -75.09 -15.12
N GLU Y 43 -161.76 -76.18 -14.95
CA GLU Y 43 -161.92 -77.15 -16.02
C GLU Y 43 -162.67 -76.54 -17.20
N ILE Y 44 -163.69 -75.71 -16.92
CA ILE Y 44 -164.44 -75.07 -17.99
C ILE Y 44 -163.56 -74.08 -18.75
N GLN Y 45 -162.72 -73.32 -18.03
CA GLN Y 45 -161.81 -72.39 -18.69
C GLN Y 45 -160.77 -73.15 -19.53
N GLN Y 46 -160.26 -74.27 -19.01
CA GLN Y 46 -159.31 -75.07 -19.78
C GLN Y 46 -159.95 -75.65 -21.02
N GLN Y 47 -161.19 -76.13 -20.92
CA GLN Y 47 -161.90 -76.67 -22.08
C GLN Y 47 -162.17 -75.58 -23.11
N ALA Y 48 -162.53 -74.37 -22.66
CA ALA Y 48 -162.74 -73.25 -23.58
C ALA Y 48 -161.44 -72.87 -24.27
N ARG Y 49 -160.33 -72.85 -23.54
CA ARG Y 49 -159.04 -72.55 -24.14
C ARG Y 49 -158.64 -73.61 -25.16
N ARG Y 50 -158.89 -74.88 -24.84
CA ARG Y 50 -158.59 -75.96 -25.78
C ARG Y 50 -159.45 -75.86 -27.04
N GLU Y 51 -160.73 -75.52 -26.88
CA GLU Y 51 -161.61 -75.35 -28.04
C GLU Y 51 -161.16 -74.16 -28.89
N LEU Y 52 -160.74 -73.07 -28.26
CA LEU Y 52 -160.24 -71.92 -29.00
C LEU Y 52 -158.94 -72.24 -29.73
N GLU Y 53 -158.07 -73.03 -29.10
CA GLU Y 53 -156.83 -73.45 -29.77
C GLU Y 53 -157.14 -74.38 -30.95
N LEU Y 54 -158.13 -75.27 -30.79
CA LEU Y 54 -158.52 -76.16 -31.88
C LEU Y 54 -159.17 -75.39 -33.02
N CYS Y 55 -159.85 -74.28 -32.71
CA CYS Y 55 -160.38 -73.43 -33.76
C CYS Y 55 -159.25 -72.83 -34.60
N HIS Y 56 -158.15 -72.45 -33.96
CA HIS Y 56 -156.95 -72.03 -34.65
C HIS Y 56 -156.02 -73.20 -34.98
N GLY Y 57 -156.37 -74.41 -34.54
CA GLY Y 57 -155.55 -75.58 -34.80
C GLY Y 57 -156.03 -76.39 -35.99
N ARG Y 58 -156.39 -75.70 -37.07
CA ARG Y 58 -156.85 -76.38 -38.28
C ARG Y 58 -155.65 -76.92 -39.06
N SER Y 59 -155.92 -77.31 -40.31
CA SER Y 59 -154.88 -77.84 -41.17
C SER Y 59 -153.81 -76.79 -41.44
N LEU Y 60 -152.59 -77.07 -40.99
CA LEU Y 60 -151.49 -76.11 -41.11
C LEU Y 60 -151.08 -75.87 -42.57
N GLU Y 61 -151.40 -76.81 -43.47
CA GLU Y 61 -151.12 -76.60 -44.89
C GLU Y 61 -152.02 -75.55 -45.51
N HIS Y 62 -153.15 -75.22 -44.87
CA HIS Y 62 -154.06 -74.20 -45.38
C HIS Y 62 -153.73 -72.85 -44.76
N GLY Y 63 -152.53 -72.37 -45.07
CA GLY Y 63 -152.09 -71.06 -44.62
C GLY Y 63 -151.23 -71.11 -43.37
N GLU Y 64 -150.19 -70.27 -43.34
CA GLU Y 64 -149.33 -70.15 -42.16
C GLU Y 64 -149.94 -69.29 -41.07
N ASP Y 65 -151.06 -68.62 -41.35
CA ASP Y 65 -151.74 -67.84 -40.31
C ASP Y 65 -152.26 -68.73 -39.20
N HIS Y 66 -152.77 -69.92 -39.55
CA HIS Y 66 -153.21 -70.87 -38.54
C HIS Y 66 -152.04 -71.34 -37.68
N GLU Y 67 -150.89 -71.57 -38.30
CA GLU Y 67 -149.70 -71.96 -37.54
C GLU Y 67 -149.24 -70.84 -36.61
N GLU Y 68 -149.28 -69.60 -37.08
CA GLU Y 68 -148.92 -68.47 -36.23
C GLU Y 68 -149.90 -68.31 -35.06
N SER Y 69 -151.20 -68.51 -35.32
CA SER Y 69 -152.19 -68.43 -34.25
C SER Y 69 -151.99 -69.55 -33.24
N GLU Y 70 -151.66 -70.76 -33.71
CA GLU Y 70 -151.39 -71.86 -32.80
C GLU Y 70 -150.15 -71.61 -31.96
N THR Y 71 -149.11 -71.02 -32.57
CA THR Y 71 -147.90 -70.69 -31.81
C THR Y 71 -148.18 -69.61 -30.77
N SER Y 72 -148.99 -68.61 -31.12
CA SER Y 72 -149.33 -67.57 -30.16
C SER Y 72 -150.23 -68.09 -29.04
N LEU Y 73 -151.09 -69.06 -29.35
CA LEU Y 73 -151.93 -69.68 -28.34
C LEU Y 73 -151.18 -70.67 -27.46
N ALA Y 74 -149.97 -71.07 -27.85
CA ALA Y 74 -149.17 -71.98 -27.05
C ALA Y 74 -148.45 -71.29 -25.90
N SER Y 75 -148.40 -69.96 -25.89
CA SER Y 75 -147.77 -69.22 -24.82
C SER Y 75 -148.75 -69.05 -23.66
N SER Y 76 -148.36 -68.29 -22.64
CA SER Y 76 -149.20 -68.10 -21.45
C SER Y 76 -149.92 -66.75 -21.48
N THR Y 77 -149.16 -65.65 -21.55
CA THR Y 77 -149.77 -64.33 -21.46
C THR Y 77 -150.54 -63.97 -22.74
N SER Y 78 -149.94 -64.24 -23.91
CA SER Y 78 -150.60 -63.91 -25.16
C SER Y 78 -151.86 -64.74 -25.38
N GLU Y 79 -151.81 -66.02 -25.04
CA GLU Y 79 -153.00 -66.87 -25.15
C GLU Y 79 -154.10 -66.42 -24.19
N SER Y 80 -153.72 -66.02 -22.97
CA SER Y 80 -154.71 -65.53 -22.02
C SER Y 80 -155.35 -64.23 -22.51
N LEU Y 81 -154.54 -63.32 -23.08
CA LEU Y 81 -155.09 -62.09 -23.63
C LEU Y 81 -156.01 -62.36 -24.80
N ILE Y 82 -155.64 -63.31 -25.67
CA ILE Y 82 -156.48 -63.66 -26.81
C ILE Y 82 -157.79 -64.27 -26.35
N PHE Y 83 -157.74 -65.15 -25.35
CA PHE Y 83 -158.96 -65.74 -24.81
C PHE Y 83 -159.85 -64.70 -24.14
N SER Y 84 -159.25 -63.74 -23.43
CA SER Y 84 -160.03 -62.67 -22.81
C SER Y 84 -160.69 -61.79 -23.87
N LEU Y 85 -159.97 -61.50 -24.96
CA LEU Y 85 -160.56 -60.69 -26.03
C LEU Y 85 -161.67 -61.46 -26.75
N TRP Y 86 -161.51 -62.77 -26.92
CA TRP Y 86 -162.53 -63.56 -27.61
C TRP Y 86 -163.78 -63.75 -26.76
N LYS Y 87 -163.60 -64.01 -25.46
CA LYS Y 87 -164.74 -64.22 -24.58
C LYS Y 87 -165.63 -62.99 -24.45
N PRO Y 88 -165.10 -61.78 -24.23
CA PRO Y 88 -165.99 -60.60 -24.20
C PRO Y 88 -166.70 -60.36 -25.51
N HIS Y 89 -166.03 -60.59 -26.65
CA HIS Y 89 -166.68 -60.41 -27.96
C HIS Y 89 -167.78 -61.45 -28.17
N ARG Y 90 -167.53 -62.70 -27.79
CA ARG Y 90 -168.54 -63.74 -27.92
C ARG Y 90 -169.72 -63.46 -27.00
N THR Y 91 -169.46 -62.99 -25.78
CA THR Y 91 -170.55 -62.64 -24.87
C THR Y 91 -171.35 -61.46 -25.39
N TYR Y 92 -170.68 -60.47 -25.98
CA TYR Y 92 -171.38 -59.34 -26.58
C TYR Y 92 -172.25 -59.78 -27.76
N TRP Y 93 -171.73 -60.70 -28.58
CA TRP Y 93 -172.51 -61.23 -29.70
C TRP Y 93 -173.72 -62.01 -29.20
N THR Y 94 -173.54 -62.83 -28.16
CA THR Y 94 -174.66 -63.59 -27.60
C THR Y 94 -175.72 -62.65 -27.00
N GLU Y 95 -175.28 -61.58 -26.34
CA GLU Y 95 -176.23 -60.61 -25.80
C GLU Y 95 -176.95 -59.85 -26.91
N GLN Y 96 -176.24 -59.51 -27.99
CA GLN Y 96 -176.84 -58.76 -29.09
C GLN Y 96 -177.70 -59.63 -30.00
N GLN Y 97 -177.59 -60.96 -29.88
CA GLN Y 97 -178.40 -61.84 -30.72
C GLN Y 97 -179.89 -61.65 -30.45
N ASN Y 98 -180.36 -62.00 -29.24
CA ASN Y 98 -181.78 -61.90 -28.95
C ASN Y 98 -182.29 -60.47 -28.93
N ARG Y 99 -181.91 -59.71 -27.89
CA ARG Y 99 -182.22 -58.28 -27.82
C ARG Y 99 -181.31 -57.58 -26.81
N LEU Y 100 -180.27 -56.89 -27.31
CA LEU Y 100 -179.39 -56.14 -26.41
C LEU Y 100 -179.93 -54.76 -26.03
N PRO Y 101 -180.40 -53.91 -26.94
CA PRO Y 101 -180.80 -52.54 -26.53
C PRO Y 101 -181.96 -52.55 -25.54
N LEU Y 102 -181.86 -51.68 -24.54
CA LEU Y 102 -182.80 -51.57 -23.44
C LEU Y 102 -182.55 -50.26 -22.70
N PRO Y 103 -183.32 -49.97 -21.65
CA PRO Y 103 -183.09 -48.74 -20.88
C PRO Y 103 -181.81 -48.77 -20.06
N LEU Y 104 -181.58 -47.71 -19.29
CA LEU Y 104 -180.44 -47.47 -18.40
C LEU Y 104 -179.13 -47.23 -19.14
N MET Y 105 -179.10 -47.37 -20.47
CA MET Y 105 -177.95 -46.94 -21.26
C MET Y 105 -177.91 -45.43 -21.40
N GLU Y 106 -179.08 -44.81 -21.61
CA GLU Y 106 -179.17 -43.35 -21.60
C GLU Y 106 -178.85 -42.78 -20.23
N LEU Y 107 -179.24 -43.48 -19.17
CA LEU Y 107 -178.87 -43.05 -17.82
C LEU Y 107 -177.36 -43.11 -17.62
N MET Y 108 -176.72 -44.17 -18.12
CA MET Y 108 -175.26 -44.26 -18.03
C MET Y 108 -174.58 -43.16 -18.82
N GLU Y 109 -175.10 -42.86 -20.02
CA GLU Y 109 -174.54 -41.77 -20.83
C GLU Y 109 -174.72 -40.42 -20.13
N THR Y 110 -175.88 -40.20 -19.51
CA THR Y 110 -176.11 -38.96 -18.78
C THR Y 110 -175.20 -38.84 -17.58
N GLU Y 111 -174.98 -39.94 -16.85
CA GLU Y 111 -174.07 -39.92 -15.72
C GLU Y 111 -172.63 -39.64 -16.16
N VAL Y 112 -172.21 -40.25 -17.28
CA VAL Y 112 -170.87 -40.00 -17.81
C VAL Y 112 -170.72 -38.54 -18.23
N LEU Y 113 -171.74 -37.99 -18.90
CA LEU Y 113 -171.68 -36.59 -19.32
C LEU Y 113 -171.65 -35.64 -18.13
N ASP Y 114 -172.44 -35.94 -17.09
CA ASP Y 114 -172.44 -35.12 -15.89
C ASP Y 114 -171.09 -35.17 -15.18
N ILE Y 115 -170.49 -36.37 -15.10
CA ILE Y 115 -169.18 -36.50 -14.49
C ILE Y 115 -168.12 -35.74 -15.29
N LEU Y 116 -168.19 -35.81 -16.62
CA LEU Y 116 -167.25 -35.08 -17.46
C LEU Y 116 -167.41 -33.57 -17.31
N LYS Y 117 -168.66 -33.09 -17.24
CA LYS Y 117 -168.90 -31.66 -17.06
C LYS Y 117 -168.41 -31.19 -15.69
N LYS Y 118 -168.65 -31.99 -14.64
CA LYS Y 118 -168.16 -31.63 -13.31
C LYS Y 118 -166.63 -31.61 -13.28
N ALA Y 119 -165.99 -32.58 -13.93
CA ALA Y 119 -164.52 -32.61 -13.98
C ALA Y 119 -163.97 -31.42 -14.75
N LEU Y 120 -164.64 -31.04 -15.85
CA LEU Y 120 -164.21 -29.86 -16.61
C LEU Y 120 -164.37 -28.58 -15.79
N ILE Y 121 -165.47 -28.47 -15.05
CA ILE Y 121 -165.69 -27.28 -14.23
C ILE Y 121 -164.67 -27.22 -13.09
N THR Y 122 -164.29 -28.38 -12.54
CA THR Y 122 -163.33 -28.40 -11.45
C THR Y 122 -161.92 -28.09 -11.95
N TYR Y 123 -161.53 -28.66 -13.09
CA TYR Y 123 -160.18 -28.46 -13.60
C TYR Y 123 -159.99 -27.09 -14.24
N ARG Y 124 -161.05 -26.52 -14.82
CA ARG Y 124 -160.92 -25.23 -15.49
C ARG Y 124 -160.67 -24.10 -14.50
N SER Y 125 -161.40 -24.09 -13.38
CA SER Y 125 -161.29 -23.05 -12.37
C SER Y 125 -160.70 -23.65 -11.10
N THR Y 126 -159.56 -23.11 -10.66
CA THR Y 126 -158.89 -23.57 -9.44
C THR Y 126 -158.37 -22.33 -8.72
N ILE Y 127 -159.16 -21.81 -7.80
CA ILE Y 127 -158.74 -20.63 -7.03
C ILE Y 127 -157.63 -21.00 -6.05
N GLY Y 128 -157.73 -22.15 -5.40
CA GLY Y 128 -156.74 -22.54 -4.41
C GLY Y 128 -155.78 -23.61 -4.90
N ARG Y 129 -154.50 -23.27 -4.96
CA ARG Y 129 -153.45 -24.23 -5.28
C ARG Y 129 -153.09 -25.11 -4.11
N ASN Y 130 -153.48 -24.73 -2.89
CA ASN Y 130 -153.26 -25.55 -1.70
C ASN Y 130 -154.58 -26.00 -1.08
N HIS Y 131 -155.69 -25.85 -1.80
CA HIS Y 131 -156.98 -26.28 -1.28
C HIS Y 131 -157.10 -27.80 -1.30
N PHE Y 132 -157.93 -28.32 -0.41
CA PHE Y 132 -158.10 -29.76 -0.25
C PHE Y 132 -159.32 -30.32 -0.98
N MET Y 133 -160.39 -29.54 -1.10
CA MET Y 133 -161.61 -30.05 -1.74
C MET Y 133 -161.40 -30.27 -3.23
N THR Y 134 -160.78 -29.30 -3.92
CA THR Y 134 -160.52 -29.45 -5.35
C THR Y 134 -159.51 -30.56 -5.61
N LYS Y 135 -158.48 -30.67 -4.78
CA LYS Y 135 -157.51 -31.74 -4.91
C LYS Y 135 -158.15 -33.11 -4.68
N GLU Y 136 -159.04 -33.20 -3.69
CA GLU Y 136 -159.75 -34.46 -3.45
C GLU Y 136 -160.66 -34.81 -4.62
N LEU Y 137 -161.34 -33.82 -5.19
CA LEU Y 137 -162.19 -34.07 -6.35
C LEU Y 137 -161.37 -34.54 -7.55
N GLN Y 138 -160.21 -33.91 -7.78
CA GLN Y 138 -159.34 -34.33 -8.88
C GLN Y 138 -158.80 -35.74 -8.65
N GLY Y 139 -158.44 -36.07 -7.41
CA GLY Y 139 -157.97 -37.42 -7.12
C GLY Y 139 -159.05 -38.46 -7.29
N TYR Y 140 -160.29 -38.14 -6.88
CA TYR Y 140 -161.41 -39.04 -7.08
C TYR Y 140 -161.71 -39.24 -8.57
N ILE Y 141 -161.62 -38.17 -9.36
CA ILE Y 141 -161.83 -38.28 -10.80
C ILE Y 141 -160.75 -39.15 -11.43
N GLU Y 142 -159.49 -38.96 -11.01
CA GLU Y 142 -158.39 -39.79 -11.52
C GLU Y 142 -158.58 -41.25 -11.15
N GLY Y 143 -159.00 -41.52 -9.91
CA GLY Y 143 -159.24 -42.90 -9.50
C GLY Y 143 -160.39 -43.55 -10.27
N ILE Y 144 -161.46 -42.79 -10.51
CA ILE Y 144 -162.59 -43.31 -11.28
C ILE Y 144 -162.17 -43.58 -12.72
N ARG Y 145 -161.35 -42.69 -13.30
CA ARG Y 145 -160.87 -42.91 -14.66
C ARG Y 145 -159.95 -44.13 -14.73
N LYS Y 146 -159.11 -44.33 -13.72
CA LYS Y 146 -158.24 -45.49 -13.70
C LYS Y 146 -159.04 -46.78 -13.54
N ARG Y 147 -160.08 -46.76 -12.69
CA ARG Y 147 -160.90 -47.95 -12.50
C ARG Y 147 -161.72 -48.26 -13.75
N ARG Y 148 -162.21 -47.22 -14.44
CA ARG Y 148 -163.01 -47.44 -15.64
C ARG Y 148 -162.17 -47.99 -16.79
N ASN Y 149 -160.94 -47.49 -16.93
CA ASN Y 149 -160.05 -47.94 -18.00
C ASN Y 149 -159.55 -49.35 -17.75
N PRO Z 1 -159.20 38.13 -14.66
CA PRO Z 1 -158.35 37.85 -15.82
C PRO Z 1 -157.11 37.05 -15.47
N ILE Z 2 -157.25 36.10 -14.53
CA ILE Z 2 -156.14 35.26 -14.11
C ILE Z 2 -156.22 33.99 -14.94
N VAL Z 3 -155.52 34.00 -16.08
CA VAL Z 3 -155.49 32.85 -16.98
C VAL Z 3 -154.09 32.25 -16.99
N LEU Z 4 -153.37 32.42 -15.88
CA LEU Z 4 -152.02 31.90 -15.79
C LEU Z 4 -152.04 30.37 -15.66
N PRO Z 5 -150.97 29.70 -16.11
CA PRO Z 5 -150.88 28.24 -15.88
C PRO Z 5 -150.80 27.85 -14.41
N PHE Z 6 -150.43 28.78 -13.52
CA PHE Z 6 -150.45 28.48 -12.09
C PHE Z 6 -151.87 28.19 -11.61
N VAL Z 7 -152.85 28.97 -12.10
CA VAL Z 7 -154.24 28.69 -11.78
C VAL Z 7 -154.67 27.36 -12.40
N GLN Z 8 -154.28 27.11 -13.65
CA GLN Z 8 -154.65 25.87 -14.33
C GLN Z 8 -153.98 24.65 -13.72
N ARG Z 9 -152.96 24.83 -12.89
CA ARG Z 9 -152.35 23.72 -12.17
C ARG Z 9 -152.78 23.63 -10.71
N PHE Z 10 -153.26 24.74 -10.13
CA PHE Z 10 -153.72 24.73 -8.74
C PHE Z 10 -155.13 24.19 -8.58
N ASN Z 11 -155.91 24.11 -9.66
CA ASN Z 11 -157.23 23.50 -9.60
C ASN Z 11 -157.19 22.01 -9.85
N ASN Z 12 -156.00 21.43 -10.01
CA ASN Z 12 -155.84 19.99 -10.09
C ASN Z 12 -156.18 19.35 -8.75
N ILE Z 13 -156.35 18.02 -8.78
CA ILE Z 13 -156.66 17.29 -7.56
C ILE Z 13 -155.50 17.35 -6.57
N ASP Z 14 -154.27 17.37 -7.09
CA ASP Z 14 -153.11 17.56 -6.23
C ASP Z 14 -153.08 18.97 -5.63
N GLY Z 15 -153.53 19.97 -6.38
CA GLY Z 15 -153.63 21.32 -5.83
C GLY Z 15 -154.62 21.39 -4.68
N PHE Z 16 -155.69 20.60 -4.75
CA PHE Z 16 -156.64 20.57 -3.65
C PHE Z 16 -156.12 19.76 -2.47
N MET Z 17 -155.42 18.64 -2.73
CA MET Z 17 -154.93 17.83 -1.62
C MET Z 17 -153.80 18.50 -0.86
N THR Z 18 -152.97 19.31 -1.53
CA THR Z 18 -151.92 20.04 -0.81
C THR Z 18 -152.54 21.03 0.18
N LEU Z 19 -153.55 21.77 -0.27
CA LEU Z 19 -154.26 22.68 0.62
C LEU Z 19 -154.99 21.95 1.73
N TYR Z 20 -155.60 20.80 1.41
CA TYR Z 20 -156.31 20.05 2.44
C TYR Z 20 -155.34 19.52 3.49
N VAL Z 21 -154.16 19.08 3.06
CA VAL Z 21 -153.12 18.64 3.99
C VAL Z 21 -152.70 19.79 4.89
N ALA Z 22 -152.51 20.99 4.31
CA ALA Z 22 -152.15 22.14 5.12
C ALA Z 22 -153.24 22.49 6.14
N ALA Z 23 -154.50 22.45 5.71
CA ALA Z 23 -155.61 22.78 6.61
C ALA Z 23 -155.74 21.77 7.73
N VAL Z 24 -155.62 20.47 7.41
CA VAL Z 24 -155.67 19.45 8.44
C VAL Z 24 -154.48 19.56 9.39
N LEU Z 25 -153.32 19.94 8.86
CA LEU Z 25 -152.13 20.13 9.70
C LEU Z 25 -152.34 21.26 10.70
N ILE Z 26 -152.84 22.40 10.23
CA ILE Z 26 -153.02 23.53 11.15
C ILE Z 26 -154.16 23.25 12.11
N HIS Z 27 -155.20 22.50 11.68
CA HIS Z 27 -156.26 22.12 12.60
C HIS Z 27 -155.75 21.20 13.70
N GLY Z 28 -154.91 20.23 13.34
CA GLY Z 28 -154.32 19.35 14.34
C GLY Z 28 -153.42 20.09 15.31
N ALA Z 29 -152.61 21.02 14.78
CA ALA Z 29 -151.75 21.82 15.65
C ALA Z 29 -152.57 22.67 16.61
N LEU Z 30 -153.63 23.30 16.11
CA LEU Z 30 -154.48 24.14 16.95
C LEU Z 30 -155.16 23.31 18.03
N PHE Z 31 -155.68 22.13 17.67
CA PHE Z 31 -156.34 21.28 18.65
C PHE Z 31 -155.36 20.76 19.71
N ALA Z 32 -154.15 20.39 19.28
CA ALA Z 32 -153.13 19.92 20.21
C ALA Z 32 -152.73 21.02 21.19
N VAL Z 33 -152.62 22.25 20.70
CA VAL Z 33 -152.35 23.37 21.60
C VAL Z 33 -153.53 23.59 22.54
N VAL Z 34 -154.75 23.54 22.01
CA VAL Z 34 -155.96 23.89 22.76
C VAL Z 34 -156.19 22.91 23.92
N ASP Z 35 -155.98 21.61 23.68
CA ASP Z 35 -156.25 20.63 24.73
C ASP Z 35 -155.35 20.84 25.95
N MET Z 36 -154.04 20.95 25.73
CA MET Z 36 -153.13 21.18 26.84
C MET Z 36 -153.29 22.58 27.42
N THR Z 37 -153.68 23.56 26.61
CA THR Z 37 -153.94 24.89 27.13
C THR Z 37 -155.13 24.89 28.08
N LEU Z 38 -156.19 24.17 27.73
CA LEU Z 38 -157.33 24.04 28.63
C LEU Z 38 -156.97 23.26 29.89
N ASN Z 39 -156.13 22.23 29.74
CA ASN Z 39 -155.70 21.45 30.92
C ASN Z 39 -154.91 22.33 31.89
N ILE Z 40 -153.94 23.08 31.39
CA ILE Z 40 -153.17 23.95 32.27
C ILE Z 40 -153.96 25.16 32.73
N TYR Z 41 -155.01 25.56 32.00
CA TYR Z 41 -155.91 26.58 32.49
C TYR Z 41 -156.69 26.08 33.69
N GLN Z 42 -157.19 24.84 33.62
CA GLN Z 42 -157.86 24.25 34.78
C GLN Z 42 -156.90 24.08 35.95
N VAL Z 43 -155.65 23.72 35.66
CA VAL Z 43 -154.67 23.50 36.72
C VAL Z 43 -154.30 24.81 37.40
N GLN Z 44 -154.05 25.86 36.61
CA GLN Z 44 -153.44 27.08 37.12
C GLN Z 44 -154.46 28.15 37.52
N PHE Z 45 -155.55 28.29 36.78
CA PHE Z 45 -156.44 29.43 36.95
C PHE Z 45 -157.52 29.19 38.01
N SER Z 46 -157.30 28.24 38.92
CA SER Z 46 -158.14 28.00 40.09
C SER Z 46 -159.59 27.67 39.72
N LEU Z 47 -159.75 26.52 39.04
CA LEU Z 47 -161.06 25.95 38.76
C LEU Z 47 -161.06 24.48 39.16
N THR Z 48 -162.15 23.80 38.84
CA THR Z 48 -162.32 22.39 39.15
C THR Z 48 -162.27 21.55 37.88
N ARG Z 49 -162.17 20.24 38.07
CA ARG Z 49 -162.08 19.32 36.93
C ARG Z 49 -163.41 19.19 36.20
N THR Z 50 -164.53 19.40 36.90
CA THR Z 50 -165.84 19.29 36.28
C THR Z 50 -166.02 20.33 35.18
N GLU Z 51 -165.59 21.57 35.44
CA GLU Z 51 -165.69 22.61 34.41
C GLU Z 51 -164.76 22.30 33.24
N TRP Z 52 -163.60 21.69 33.52
CA TRP Z 52 -162.70 21.26 32.45
C TRP Z 52 -163.38 20.23 31.56
N TYR Z 53 -164.05 19.25 32.16
CA TYR Z 53 -164.83 18.30 31.39
C TYR Z 53 -165.97 18.97 30.66
N LEU Z 54 -166.52 20.06 31.23
CA LEU Z 54 -167.61 20.77 30.58
C LEU Z 54 -167.16 21.43 29.27
N MET Z 55 -166.08 22.20 29.29
CA MET Z 55 -165.72 22.83 28.01
C MET Z 55 -164.90 21.87 27.13
N ASP Z 56 -164.51 20.71 27.66
CA ASP Z 56 -164.06 19.65 26.76
C ASP Z 56 -165.24 19.01 26.03
N PHE Z 57 -166.37 18.83 26.73
CA PHE Z 57 -167.59 18.31 26.11
C PHE Z 57 -168.23 19.32 25.17
N SER Z 58 -167.98 20.61 25.37
CA SER Z 58 -168.59 21.62 24.52
C SER Z 58 -168.13 21.48 23.06
N ASP Z 59 -166.83 21.23 22.86
CA ASP Z 59 -166.33 21.00 21.51
C ASP Z 59 -166.97 19.77 20.87
N TYR Z 60 -167.10 18.69 21.65
CA TYR Z 60 -167.69 17.46 21.12
C TYR Z 60 -169.15 17.64 20.76
N ILE Z 61 -169.93 18.32 21.61
CA ILE Z 61 -171.34 18.50 21.30
C ILE Z 61 -171.51 19.50 20.16
N ALA Z 62 -170.61 20.48 20.02
CA ALA Z 62 -170.65 21.36 18.86
C ALA Z 62 -170.40 20.58 17.57
N SER Z 63 -169.41 19.68 17.59
CA SER Z 63 -169.16 18.82 16.43
C SER Z 63 -170.36 17.94 16.13
N PHE Z 64 -171.00 17.41 17.17
CA PHE Z 64 -172.16 16.54 16.97
C PHE Z 64 -173.33 17.30 16.36
N VAL Z 65 -173.61 18.52 16.86
CA VAL Z 65 -174.74 19.28 16.33
C VAL Z 65 -174.42 19.95 15.00
N VAL Z 66 -173.15 20.03 14.61
CA VAL Z 66 -172.83 20.64 13.32
C VAL Z 66 -172.59 19.62 12.22
N ALA Z 67 -172.28 18.36 12.57
CA ALA Z 67 -171.90 17.38 11.55
C ALA Z 67 -173.04 17.06 10.60
N ILE Z 68 -174.21 16.70 11.14
CA ILE Z 68 -175.34 16.32 10.31
C ILE Z 68 -175.84 17.51 9.50
N ILE Z 69 -175.90 18.68 10.13
CA ILE Z 69 -176.39 19.89 9.46
C ILE Z 69 -175.47 20.27 8.31
N ILE Z 70 -174.16 20.24 8.53
CA ILE Z 70 -173.24 20.63 7.46
C ILE Z 70 -173.15 19.54 6.39
N ALA Z 71 -173.39 18.28 6.73
CA ALA Z 71 -173.45 17.24 5.72
C ALA Z 71 -174.67 17.44 4.81
N HIS Z 72 -175.82 17.74 5.41
CA HIS Z 72 -177.02 18.00 4.63
C HIS Z 72 -176.86 19.26 3.77
N PHE Z 73 -176.19 20.28 4.31
CA PHE Z 73 -175.97 21.50 3.55
C PHE Z 73 -174.98 21.32 2.41
N GLY Z 74 -173.93 20.51 2.62
CA GLY Z 74 -172.97 20.25 1.56
C GLY Z 74 -173.44 19.23 0.54
N SER Z 75 -174.45 18.43 0.87
CA SER Z 75 -175.03 17.52 -0.11
C SER Z 75 -175.76 18.27 -1.21
N LYS Z 76 -176.22 19.49 -0.94
CA LYS Z 76 -176.97 20.28 -1.91
C LYS Z 76 -176.22 21.49 -2.43
N GLY Z 77 -175.15 21.92 -1.76
CA GLY Z 77 -174.41 23.10 -2.16
C GLY Z 77 -172.96 22.77 -2.50
N ASN Z 78 -172.22 23.84 -2.79
CA ASN Z 78 -170.81 23.72 -3.14
C ASN Z 78 -169.99 23.44 -1.89
N ARG Z 79 -169.17 22.39 -1.93
CA ARG Z 79 -168.36 22.01 -0.77
C ARG Z 79 -167.26 23.02 -0.50
N THR Z 80 -166.72 23.66 -1.57
CA THR Z 80 -165.62 24.58 -1.40
C THR Z 80 -166.04 25.83 -0.62
N ARG Z 81 -167.24 26.33 -0.89
CA ARG Z 81 -167.70 27.53 -0.18
C ARG Z 81 -167.97 27.25 1.29
N TRP Z 82 -168.54 26.08 1.61
CA TRP Z 82 -168.72 25.70 3.00
C TRP Z 82 -167.38 25.48 3.69
N ILE Z 83 -166.40 24.94 2.95
CA ILE Z 83 -165.06 24.78 3.48
C ILE Z 83 -164.44 26.14 3.79
N ALA Z 84 -164.66 27.12 2.91
CA ALA Z 84 -164.19 28.48 3.14
C ALA Z 84 -164.84 29.09 4.37
N ALA Z 85 -166.16 28.89 4.53
CA ALA Z 85 -166.86 29.40 5.70
C ALA Z 85 -166.31 28.78 6.98
N SER Z 86 -166.07 27.46 6.96
CA SER Z 86 -165.50 26.79 8.12
C SER Z 86 -164.10 27.28 8.44
N CYS Z 87 -163.28 27.53 7.40
CA CYS Z 87 -161.92 28.01 7.62
C CYS Z 87 -161.93 29.43 8.18
N ILE Z 88 -162.84 30.28 7.69
CA ILE Z 88 -162.95 31.64 8.21
C ILE Z 88 -163.42 31.64 9.66
N LEU Z 89 -164.39 30.77 9.97
CA LEU Z 89 -164.84 30.64 11.35
C LEU Z 89 -163.73 30.11 12.25
N MET Z 90 -162.87 29.22 11.72
CA MET Z 90 -161.69 28.75 12.44
C MET Z 90 -160.70 29.87 12.71
N GLY Z 91 -160.45 30.71 11.70
CA GLY Z 91 -159.56 31.85 11.89
C GLY Z 91 -160.09 32.83 12.90
N LEU Z 92 -161.41 33.02 12.95
CA LEU Z 92 -162.01 33.81 14.02
C LEU Z 92 -161.85 33.11 15.37
N GLU Z 93 -161.98 31.79 15.39
CA GLU Z 93 -161.91 31.02 16.63
C GLU Z 93 -160.53 31.14 17.27
N SER Z 94 -159.47 31.10 16.46
CA SER Z 94 -158.12 31.16 17.00
C SER Z 94 -157.87 32.48 17.70
N MET Z 95 -158.29 33.60 17.09
CA MET Z 95 -158.14 34.89 17.75
C MET Z 95 -159.06 35.03 18.96
N LEU Z 96 -160.27 34.45 18.88
CA LEU Z 96 -161.18 34.50 20.02
C LEU Z 96 -160.63 33.73 21.22
N PHE Z 97 -159.88 32.65 20.97
CA PHE Z 97 -159.19 31.95 22.04
C PHE Z 97 -157.96 32.70 22.51
N ALA Z 98 -157.28 33.43 21.61
CA ALA Z 98 -156.10 34.19 22.00
C ALA Z 98 -156.46 35.38 22.89
N PHE Z 99 -157.64 35.98 22.67
CA PHE Z 99 -157.98 37.23 23.34
C PHE Z 99 -157.99 37.16 24.88
N PRO Z 100 -158.55 36.14 25.55
CA PRO Z 100 -158.50 36.14 27.03
C PRO Z 100 -157.09 36.05 27.60
N PHE Z 101 -156.16 35.39 26.90
CA PHE Z 101 -154.80 35.24 27.41
C PHE Z 101 -153.99 36.54 27.32
N PHE Z 102 -154.50 37.55 26.65
CA PHE Z 102 -153.86 38.86 26.60
C PHE Z 102 -154.65 39.94 27.33
N THR Z 103 -155.98 39.88 27.29
CA THR Z 103 -156.80 40.88 27.94
C THR Z 103 -156.86 40.67 29.46
N TYR Z 104 -156.94 39.41 29.89
CA TYR Z 104 -157.21 39.12 31.30
C TYR Z 104 -156.06 38.38 31.97
N GLU Z 105 -154.84 38.85 31.79
CA GLU Z 105 -153.70 38.22 32.45
C GLU Z 105 -153.49 38.70 33.90
N ILE Z 106 -154.42 39.43 34.51
CA ILE Z 106 -154.28 39.92 35.88
C ILE Z 106 -155.23 39.18 36.83
N ILE Z 107 -155.67 37.98 36.45
CA ILE Z 107 -156.66 37.26 37.25
C ILE Z 107 -156.01 36.64 38.48
N ILE Z 108 -155.05 35.74 38.28
CA ILE Z 108 -154.33 35.16 39.41
C ILE Z 108 -152.84 35.24 39.13
N PRO Z 109 -152.19 36.37 39.46
CA PRO Z 109 -150.72 36.40 39.44
C PRO Z 109 -150.15 36.08 40.81
N GLY Z 110 -148.82 35.96 40.89
CA GLY Z 110 -148.20 35.68 42.18
C GLY Z 110 -148.33 36.81 43.19
N ARG Z 111 -148.09 38.05 42.75
CA ARG Z 111 -148.13 39.19 43.65
C ARG Z 111 -148.78 40.43 43.07
N GLN Z 112 -149.25 40.41 41.82
CA GLN Z 112 -149.74 41.61 41.17
C GLN Z 112 -151.12 42.05 41.66
N SER Z 113 -151.79 41.24 42.47
CA SER Z 113 -153.09 41.62 43.04
C SER Z 113 -152.84 42.56 44.22
N ILE Z 114 -152.68 43.84 43.90
CA ILE Z 114 -152.31 44.82 44.91
C ILE Z 114 -153.50 45.26 45.77
N GLU Z 115 -154.73 45.02 45.31
CA GLU Z 115 -155.90 45.50 46.06
C GLU Z 115 -156.14 44.67 47.31
N LEU Z 116 -155.94 43.34 47.23
CA LEU Z 116 -156.28 42.45 48.33
C LEU Z 116 -155.09 41.70 48.92
N CYS Z 117 -153.95 41.69 48.23
CA CYS Z 117 -152.76 40.97 48.69
C CYS Z 117 -151.59 41.94 48.78
N MET Z 118 -150.84 41.88 49.89
CA MET Z 118 -149.63 42.66 50.03
C MET Z 118 -148.40 41.77 49.89
N GLU Z 119 -147.27 42.41 49.57
CA GLU Z 119 -146.04 41.68 49.32
C GLU Z 119 -145.40 41.18 50.61
N GLU Z 120 -145.66 41.85 51.73
CA GLU Z 120 -145.02 41.51 53.00
C GLU Z 120 -145.67 40.34 53.72
N ASN Z 121 -146.77 39.80 53.19
CA ASN Z 121 -147.46 38.68 53.80
C ASN Z 121 -147.55 37.53 52.80
N GLU Z 122 -147.31 36.32 53.31
CA GLU Z 122 -147.37 35.12 52.47
C GLU Z 122 -148.73 34.44 52.51
N LYS Z 123 -149.38 34.44 53.67
CA LYS Z 123 -150.71 33.83 53.76
C LYS Z 123 -151.74 34.64 52.98
N ARG Z 124 -151.58 35.96 52.91
CA ARG Z 124 -152.56 36.77 52.22
C ARG Z 124 -152.41 36.70 50.70
N ASN Z 125 -151.32 36.14 50.19
CA ASN Z 125 -151.14 35.99 48.75
C ASN Z 125 -151.85 34.78 48.18
N ILE Z 126 -152.38 33.90 49.02
CA ILE Z 126 -153.10 32.71 48.58
C ILE Z 126 -154.55 32.70 49.03
N ILE Z 127 -155.03 33.81 49.59
CA ILE Z 127 -156.42 33.94 50.01
C ILE Z 127 -156.99 35.18 49.37
N CYS Z 128 -158.23 35.55 49.75
CA CYS Z 128 -158.97 36.67 49.16
C CYS Z 128 -159.13 36.46 47.65
N GLY Z 129 -159.91 35.42 47.34
CA GLY Z 129 -159.96 34.88 45.99
C GLY Z 129 -160.66 35.77 44.98
N ASN Z 130 -160.01 36.88 44.64
CA ASN Z 130 -160.48 37.74 43.56
C ASN Z 130 -160.31 37.10 42.19
N SER Z 131 -159.60 35.98 42.10
CA SER Z 131 -159.48 35.26 40.83
C SER Z 131 -160.78 34.60 40.41
N VAL Z 132 -161.67 34.29 41.35
CA VAL Z 132 -162.98 33.73 41.03
C VAL Z 132 -163.80 34.77 40.24
N PRO Z 133 -163.83 36.06 40.62
CA PRO Z 133 -164.29 37.06 39.66
C PRO Z 133 -163.33 37.18 38.48
N ASN Z 134 -163.89 37.64 37.35
CA ASN Z 134 -163.18 37.78 36.07
C ASN Z 134 -162.77 36.43 35.50
N ARG Z 135 -163.27 35.34 36.07
CA ARG Z 135 -163.01 34.00 35.60
C ARG Z 135 -164.17 33.43 34.80
N SER Z 136 -165.41 33.70 35.22
CA SER Z 136 -166.58 33.25 34.47
C SER Z 136 -166.66 33.87 33.09
N LYS Z 137 -166.13 35.09 32.92
CA LYS Z 137 -166.02 35.67 31.58
C LYS Z 137 -165.06 34.87 30.72
N CYS Z 138 -163.93 34.45 31.30
CA CYS Z 138 -163.00 33.58 30.57
C CYS Z 138 -163.61 32.21 30.30
N ILE Z 139 -164.44 31.71 31.23
CA ILE Z 139 -165.15 30.46 31.00
C ILE Z 139 -166.10 30.59 29.82
N TYR Z 140 -166.83 31.72 29.75
CA TYR Z 140 -167.71 31.98 28.61
C TYR Z 140 -166.93 32.07 27.31
N PHE Z 141 -165.79 32.77 27.34
CA PHE Z 141 -164.95 32.88 26.15
C PHE Z 141 -164.44 31.52 25.70
N HIS Z 142 -164.01 30.68 26.64
CA HIS Z 142 -163.49 29.36 26.29
C HIS Z 142 -164.59 28.44 25.77
N ILE Z 143 -165.79 28.50 26.37
CA ILE Z 143 -166.88 27.65 25.91
C ILE Z 143 -167.36 28.10 24.52
N GLY Z 144 -167.38 29.41 24.27
CA GLY Z 144 -167.70 29.88 22.94
C GLY Z 144 -166.63 29.52 21.93
N GLY Z 145 -165.36 29.57 22.35
CA GLY Z 145 -164.27 29.17 21.47
C GLY Z 145 -164.31 27.70 21.13
N GLN Z 146 -164.65 26.85 22.09
CA GLN Z 146 -164.78 25.42 21.81
C GLN Z 146 -165.98 25.15 20.90
N CYS Z 147 -167.09 25.87 21.10
CA CYS Z 147 -168.25 25.70 20.24
C CYS Z 147 -167.92 26.09 18.79
N ILE Z 148 -167.32 27.27 18.60
CA ILE Z 148 -166.98 27.70 17.25
C ILE Z 148 -165.84 26.85 16.68
N HIS Z 149 -164.99 26.29 17.54
CA HIS Z 149 -163.96 25.36 17.11
C HIS Z 149 -164.57 24.11 16.51
N GLY Z 150 -165.58 23.54 17.19
CA GLY Z 150 -166.26 22.38 16.62
C GLY Z 150 -166.99 22.70 15.34
N ILE Z 151 -167.74 23.82 15.35
CA ILE Z 151 -168.54 24.23 14.20
C ILE Z 151 -167.66 24.58 13.00
N ALA Z 152 -166.41 24.99 13.24
CA ALA Z 152 -165.51 25.34 12.16
C ALA Z 152 -164.59 24.20 11.74
N GLY Z 153 -164.35 23.21 12.60
CA GLY Z 153 -163.41 22.17 12.27
C GLY Z 153 -164.05 20.89 11.77
N MET Z 154 -165.22 20.52 12.33
CA MET Z 154 -165.88 19.29 11.94
C MET Z 154 -166.34 19.33 10.46
N PRO Z 155 -166.91 20.44 9.95
CA PRO Z 155 -167.20 20.50 8.51
C PRO Z 155 -165.99 20.31 7.62
N ILE Z 156 -164.80 20.72 8.06
CA ILE Z 156 -163.60 20.49 7.26
C ILE Z 156 -163.36 19.00 7.08
N TYR Z 157 -163.37 18.25 8.19
CA TYR Z 157 -163.14 16.81 8.15
C TYR Z 157 -164.26 16.07 7.46
N ILE Z 158 -165.46 16.65 7.38
CA ILE Z 158 -166.52 16.03 6.58
C ILE Z 158 -166.31 16.30 5.09
N LEU Z 159 -166.23 17.58 4.72
CA LEU Z 159 -166.31 17.97 3.32
C LEU Z 159 -165.03 17.69 2.54
N GLY Z 160 -163.86 17.77 3.18
CA GLY Z 160 -162.64 17.41 2.46
C GLY Z 160 -162.61 15.94 2.08
N ILE Z 161 -162.97 15.07 3.02
CA ILE Z 161 -163.05 13.64 2.72
C ILE Z 161 -164.19 13.36 1.74
N THR Z 162 -165.27 14.13 1.80
CA THR Z 162 -166.33 13.98 0.81
C THR Z 162 -165.85 14.32 -0.60
N PHE Z 163 -165.07 15.39 -0.73
CA PHE Z 163 -164.48 15.75 -2.02
C PHE Z 163 -163.51 14.69 -2.49
N ILE Z 164 -162.75 14.10 -1.56
CA ILE Z 164 -161.86 12.99 -1.90
C ILE Z 164 -162.66 11.81 -2.43
N PHE Z 165 -163.79 11.50 -1.77
CA PHE Z 165 -164.60 10.36 -2.17
C PHE Z 165 -165.24 10.59 -3.54
N ASP Z 166 -165.74 11.80 -3.80
CA ASP Z 166 -166.51 12.07 -5.01
C ASP Z 166 -165.67 12.59 -6.17
N HIS Z 167 -164.38 12.87 -5.96
CA HIS Z 167 -163.56 13.43 -7.03
C HIS Z 167 -162.25 12.70 -7.25
N ILE Z 168 -161.92 11.69 -6.46
CA ILE Z 168 -160.72 10.89 -6.64
C ILE Z 168 -161.13 9.45 -6.88
N PRO Z 169 -160.47 8.71 -7.78
CA PRO Z 169 -160.72 7.27 -7.88
C PRO Z 169 -160.30 6.55 -6.62
N THR Z 170 -160.88 5.36 -6.41
CA THR Z 170 -160.61 4.58 -5.21
C THR Z 170 -159.17 4.11 -5.12
N SER Z 171 -158.42 4.14 -6.22
CA SER Z 171 -157.01 3.76 -6.19
C SER Z 171 -156.16 4.77 -5.43
N SER Z 172 -156.63 6.01 -5.28
CA SER Z 172 -155.91 7.03 -4.52
C SER Z 172 -156.70 7.56 -3.34
N CYS Z 173 -157.94 7.10 -3.15
CA CYS Z 173 -158.73 7.52 -1.99
C CYS Z 173 -158.09 7.06 -0.70
N GLY Z 174 -157.57 5.83 -0.68
CA GLY Z 174 -156.86 5.35 0.50
C GLY Z 174 -155.61 6.15 0.79
N PHE Z 175 -154.86 6.52 -0.25
CA PHE Z 175 -153.67 7.35 -0.06
C PHE Z 175 -154.04 8.72 0.50
N TYR Z 176 -155.10 9.33 -0.02
CA TYR Z 176 -155.47 10.65 0.44
C TYR Z 176 -156.02 10.61 1.86
N LEU Z 177 -156.77 9.56 2.20
CA LEU Z 177 -157.22 9.38 3.59
C LEU Z 177 -156.04 9.18 4.53
N ALA Z 178 -155.06 8.37 4.11
CA ALA Z 178 -153.90 8.10 4.95
C ALA Z 178 -153.07 9.35 5.17
N ILE Z 179 -152.86 10.15 4.12
CA ILE Z 179 -152.06 11.36 4.28
C ILE Z 179 -152.84 12.42 5.05
N GLY Z 180 -154.18 12.44 4.95
CA GLY Z 180 -154.94 13.34 5.79
C GLY Z 180 -154.87 12.98 7.26
N HIS Z 181 -154.99 11.69 7.57
CA HIS Z 181 -154.85 11.25 8.96
C HIS Z 181 -153.44 11.49 9.48
N SER Z 182 -152.43 11.28 8.63
CA SER Z 182 -151.06 11.57 9.02
C SER Z 182 -150.83 13.06 9.22
N ALA Z 183 -151.48 13.91 8.41
CA ALA Z 183 -151.39 15.35 8.62
C ALA Z 183 -152.02 15.76 9.95
N TYR Z 184 -153.17 15.17 10.29
CA TYR Z 184 -153.78 15.42 11.59
C TYR Z 184 -152.87 14.96 12.72
N LEU Z 185 -152.24 13.80 12.56
CA LEU Z 185 -151.36 13.29 13.60
C LEU Z 185 -150.11 14.16 13.77
N ILE Z 186 -149.49 14.57 12.67
CA ILE Z 186 -148.30 15.41 12.79
C ILE Z 186 -148.65 16.81 13.25
N GLY Z 187 -149.88 17.27 13.00
CA GLY Z 187 -150.35 18.49 13.66
C GLY Z 187 -150.48 18.30 15.15
N TYR Z 188 -151.04 17.16 15.58
CA TYR Z 188 -151.11 16.83 17.00
C TYR Z 188 -149.73 16.79 17.64
N LEU Z 189 -148.73 16.33 16.90
CA LEU Z 189 -147.35 16.32 17.39
C LEU Z 189 -146.77 17.73 17.44
N LEU Z 190 -146.93 18.50 16.36
CA LEU Z 190 -146.25 19.78 16.23
C LEU Z 190 -146.83 20.82 17.18
N GLY Z 191 -148.16 20.84 17.32
CA GLY Z 191 -148.77 21.76 18.28
C GLY Z 191 -148.37 21.46 19.70
N MET Z 192 -148.32 20.17 20.06
CA MET Z 192 -147.88 19.78 21.40
C MET Z 192 -146.44 20.16 21.64
N VAL Z 193 -145.56 19.92 20.66
CA VAL Z 193 -144.15 20.24 20.81
C VAL Z 193 -143.95 21.74 20.95
N GLY Z 194 -144.62 22.53 20.10
CA GLY Z 194 -144.52 23.98 20.19
C GLY Z 194 -145.09 24.53 21.48
N GLY Z 195 -146.19 23.95 21.96
CA GLY Z 195 -146.76 24.41 23.22
C GLY Z 195 -145.89 24.07 24.42
N LEU Z 196 -145.30 22.88 24.43
CA LEU Z 196 -144.46 22.47 25.55
C LEU Z 196 -143.05 23.02 25.48
N GLN Z 197 -142.62 23.57 24.33
CA GLN Z 197 -141.34 24.23 24.24
C GLN Z 197 -141.37 25.65 24.81
N ASN Z 198 -142.55 26.22 24.99
CA ASN Z 198 -142.70 27.56 25.54
C ASN Z 198 -143.42 27.59 26.88
N PHE Z 199 -144.37 26.68 27.11
CA PHE Z 199 -145.05 26.61 28.40
C PHE Z 199 -144.11 26.12 29.48
N GLN Z 200 -143.20 25.22 29.14
CA GLN Z 200 -142.19 24.79 30.10
C GLN Z 200 -141.29 25.97 30.46
N PRO Z 201 -140.87 26.09 31.71
CA PRO Z 201 -140.16 27.29 32.16
C PRO Z 201 -138.78 27.38 31.52
N PRO Z 202 -138.20 28.58 31.47
CA PRO Z 202 -136.83 28.74 30.94
C PRO Z 202 -135.82 27.99 31.80
N PRO Z 203 -134.55 27.88 31.34
CA PRO Z 203 -133.52 27.18 32.13
C PRO Z 203 -133.33 27.68 33.55
N LYS Z 204 -133.82 28.89 33.87
CA LYS Z 204 -133.88 29.37 35.25
C LYS Z 204 -135.14 28.82 35.92
N GLU Z 205 -135.15 27.49 36.07
CA GLU Z 205 -136.33 26.79 36.59
C GLU Z 205 -136.38 26.76 38.12
N LYS Z 206 -135.27 27.06 38.80
CA LYS Z 206 -135.13 26.84 40.22
C LYS Z 206 -134.80 28.13 40.97
N THR Z 207 -135.48 29.22 40.62
CA THR Z 207 -135.26 30.52 41.24
C THR Z 207 -136.31 30.77 42.32
N VAL Z 208 -136.36 32.02 42.80
CA VAL Z 208 -137.27 32.45 43.86
C VAL Z 208 -138.71 32.49 43.34
N GLU Z 209 -139.66 32.72 44.24
CA GLU Z 209 -141.10 32.63 43.95
C GLU Z 209 -141.62 33.67 42.96
N ILE Z 210 -140.73 34.49 42.38
CA ILE Z 210 -141.14 35.29 41.23
C ILE Z 210 -141.20 34.43 39.96
N GLU Z 211 -140.60 33.24 39.99
CA GLU Z 211 -140.61 32.34 38.84
C GLU Z 211 -142.01 31.84 38.47
N PRO Z 212 -142.88 31.44 39.40
CA PRO Z 212 -144.25 31.10 38.96
C PRO Z 212 -145.00 32.26 38.34
N ALA Z 213 -144.79 33.49 38.81
CA ALA Z 213 -145.41 34.64 38.16
C ALA Z 213 -144.84 34.87 36.77
N LYS Z 214 -143.53 34.69 36.61
CA LYS Z 214 -142.92 34.82 35.28
C LYS Z 214 -143.46 33.76 34.33
N VAL Z 215 -143.63 32.52 34.80
CA VAL Z 215 -144.18 31.45 33.98
C VAL Z 215 -145.65 31.74 33.66
N TYR Z 216 -146.38 32.31 34.63
CA TYR Z 216 -147.77 32.71 34.42
C TYR Z 216 -147.89 33.73 33.29
N GLN Z 217 -146.98 34.71 33.27
CA GLN Z 217 -146.96 35.66 32.16
C GLN Z 217 -146.53 34.97 30.85
N LEU Z 218 -145.53 34.09 30.93
CA LEU Z 218 -144.89 33.56 29.73
C LEU Z 218 -145.79 32.59 28.97
N LEU Z 219 -146.54 31.74 29.69
CA LEU Z 219 -147.43 30.80 29.00
C LEU Z 219 -148.54 31.54 28.26
N GLN Z 220 -149.11 32.57 28.90
CA GLN Z 220 -150.14 33.38 28.25
C GLN Z 220 -149.58 34.13 27.05
N SER Z 221 -148.36 34.66 27.18
CA SER Z 221 -147.72 35.33 26.04
C SER Z 221 -147.46 34.36 24.90
N GLY Z 222 -147.04 33.14 25.22
CA GLY Z 222 -146.81 32.15 24.18
C GLY Z 222 -148.08 31.75 23.46
N TRP Z 223 -149.18 31.57 24.20
CA TRP Z 223 -150.44 31.26 23.55
C TRP Z 223 -150.94 32.43 22.71
N TRP Z 224 -150.79 33.66 23.20
CA TRP Z 224 -151.20 34.83 22.44
C TRP Z 224 -150.36 34.99 21.17
N LYS Z 225 -149.09 34.57 21.21
CA LYS Z 225 -148.27 34.59 20.00
C LYS Z 225 -148.68 33.50 19.03
N THR Z 226 -148.91 32.28 19.53
CA THR Z 226 -149.13 31.14 18.64
C THR Z 226 -150.51 31.19 17.99
N PHE Z 227 -151.54 31.53 18.76
CA PHE Z 227 -152.90 31.55 18.22
C PHE Z 227 -153.08 32.61 17.15
N LEU Z 228 -152.39 33.75 17.28
CA LEU Z 228 -152.47 34.80 16.27
C LEU Z 228 -151.89 34.32 14.94
N ILE Z 229 -150.75 33.63 14.98
CA ILE Z 229 -150.15 33.10 13.76
C ILE Z 229 -151.03 32.01 13.17
N ILE Z 230 -151.64 31.18 14.02
CA ILE Z 230 -152.56 30.15 13.53
C ILE Z 230 -153.75 30.79 12.83
N ALA Z 231 -154.31 31.85 13.41
CA ALA Z 231 -155.42 32.56 12.79
C ALA Z 231 -155.00 33.19 11.46
N ALA Z 232 -153.80 33.76 11.41
CA ALA Z 232 -153.32 34.36 10.17
C ALA Z 232 -153.14 33.31 9.08
N ILE Z 233 -152.59 32.16 9.43
CA ILE Z 233 -152.41 31.08 8.45
C ILE Z 233 -153.78 30.57 7.97
N SER Z 234 -154.73 30.39 8.90
CA SER Z 234 -156.06 29.92 8.52
C SER Z 234 -156.75 30.91 7.60
N PHE Z 235 -156.65 32.21 7.90
CA PHE Z 235 -157.27 33.23 7.06
C PHE Z 235 -156.63 33.29 5.68
N CYS Z 236 -155.30 33.17 5.62
CA CYS Z 236 -154.61 33.17 4.34
C CYS Z 236 -154.99 31.97 3.50
N VAL Z 237 -155.09 30.79 4.13
CA VAL Z 237 -155.49 29.58 3.40
C VAL Z 237 -156.95 29.68 2.94
N SER Z 238 -157.80 30.29 3.76
CA SER Z 238 -159.20 30.48 3.36
C SER Z 238 -159.30 31.43 2.17
N PHE Z 239 -158.54 32.52 2.18
CA PHE Z 239 -158.50 33.40 1.02
C PHE Z 239 -157.93 32.68 -0.20
N MET Z 240 -156.99 31.76 0.03
CA MET Z 240 -156.37 31.04 -1.08
C MET Z 240 -157.38 30.12 -1.77
N MET Z 241 -158.16 29.35 -1.01
CA MET Z 241 -159.03 28.43 -1.74
C MET Z 241 -160.39 29.05 -2.06
N VAL Z 242 -160.66 30.26 -1.56
CA VAL Z 242 -161.79 31.03 -2.09
C VAL Z 242 -161.58 31.28 -3.59
N CYS Z 243 -160.35 31.56 -4.00
CA CYS Z 243 -160.02 31.77 -5.40
C CYS Z 243 -160.12 30.51 -6.25
N PHE Z 244 -160.22 29.33 -5.63
CA PHE Z 244 -160.35 28.10 -6.40
C PHE Z 244 -161.71 28.08 -7.11
N PRO Z 245 -161.74 27.65 -8.38
CA PRO Z 245 -163.01 27.63 -9.11
C PRO Z 245 -163.94 26.53 -8.58
N THR Z 246 -165.24 26.79 -8.76
CA THR Z 246 -166.25 25.82 -8.37
C THR Z 246 -166.20 24.58 -9.26
N SER Z 247 -166.10 24.79 -10.57
CA SER Z 247 -166.06 23.70 -11.53
C SER Z 247 -164.59 23.35 -11.80
N LEU Z 248 -164.10 22.29 -11.13
CA LEU Z 248 -162.72 21.86 -11.30
C LEU Z 248 -162.53 21.20 -12.66
N PRO Z 249 -161.41 21.48 -13.35
CA PRO Z 249 -161.19 20.87 -14.67
C PRO Z 249 -160.91 19.38 -14.59
N GLY Z 250 -160.09 18.96 -13.64
CA GLY Z 250 -159.80 17.55 -13.49
C GLY Z 250 -161.01 16.74 -13.08
N ALA Z 251 -161.83 17.29 -12.18
CA ALA Z 251 -163.06 16.62 -11.78
C ALA Z 251 -164.02 16.50 -12.95
N HIS Z 252 -164.11 17.55 -13.79
CA HIS Z 252 -164.96 17.49 -14.97
C HIS Z 252 -164.44 16.45 -15.98
N LYS Z 253 -163.12 16.37 -16.14
CA LYS Z 253 -162.55 15.35 -17.03
C LYS Z 253 -162.84 13.94 -16.53
N LEU Z 254 -162.70 13.73 -15.22
CA LEU Z 254 -162.99 12.42 -14.65
C LEU Z 254 -164.48 12.07 -14.77
N ARG Z 255 -165.35 13.06 -14.57
CA ARG Z 255 -166.79 12.83 -14.71
C ARG Z 255 -167.15 12.53 -16.16
N LEU Z 256 -166.52 13.21 -17.12
CA LEU Z 256 -166.76 12.90 -18.52
C LEU Z 256 -166.25 11.51 -18.88
N ALA Z 257 -165.11 11.10 -18.34
CA ALA Z 257 -164.59 9.76 -18.60
C ALA Z 257 -165.50 8.69 -18.00
N LYS Z 258 -166.01 8.93 -16.79
CA LYS Z 258 -166.84 7.94 -16.11
C LYS Z 258 -168.30 7.99 -16.53
N ARG Z 259 -168.72 9.02 -17.27
CA ARG Z 259 -170.09 9.07 -17.75
C ARG Z 259 -170.37 8.00 -18.79
N LYS Z 260 -169.37 7.68 -19.62
CA LYS Z 260 -169.50 6.64 -20.62
C LYS Z 260 -169.29 5.27 -19.97
N GLU Z 261 -169.14 4.23 -20.81
CA GLU Z 261 -168.86 2.85 -20.41
C GLU Z 261 -169.78 2.31 -19.31
N GLN Z 275 -183.44 16.42 -4.77
CA GLN Z 275 -183.53 17.32 -3.62
C GLN Z 275 -183.29 16.58 -2.31
N PRO Z 276 -182.53 17.19 -1.39
CA PRO Z 276 -182.30 16.59 -0.07
C PRO Z 276 -183.49 16.79 0.87
N HIS Z 277 -184.59 16.12 0.54
CA HIS Z 277 -185.80 16.22 1.34
C HIS Z 277 -185.66 15.39 2.62
N LEU Z 278 -186.58 15.63 3.56
CA LEU Z 278 -186.60 14.84 4.79
C LEU Z 278 -186.94 13.38 4.51
N LYS Z 279 -187.79 13.13 3.51
CA LYS Z 279 -188.10 11.76 3.13
C LYS Z 279 -186.87 11.05 2.56
N GLY Z 280 -186.05 11.78 1.79
CA GLY Z 280 -184.79 11.20 1.33
C GLY Z 280 -183.83 10.92 2.47
N PHE Z 281 -183.80 11.80 3.47
CA PHE Z 281 -183.00 11.56 4.66
C PHE Z 281 -183.46 10.31 5.39
N LEU Z 282 -184.77 10.14 5.54
CA LEU Z 282 -185.30 8.96 6.20
C LEU Z 282 -185.03 7.70 5.40
N HIS Z 283 -185.12 7.78 4.07
CA HIS Z 283 -184.79 6.64 3.22
C HIS Z 283 -183.31 6.26 3.35
N ASN Z 284 -182.42 7.26 3.40
CA ASN Z 284 -181.00 6.97 3.58
C ASN Z 284 -180.74 6.34 4.95
N ILE Z 285 -181.38 6.85 6.01
CA ILE Z 285 -181.21 6.29 7.34
C ILE Z 285 -181.75 4.85 7.36
N TRP Z 286 -182.87 4.60 6.69
CA TRP Z 286 -183.42 3.26 6.62
C TRP Z 286 -182.51 2.31 5.87
N HIS Z 287 -181.85 2.79 4.81
CA HIS Z 287 -180.91 1.95 4.07
C HIS Z 287 -179.67 1.65 4.92
N ILE Z 288 -179.20 2.63 5.69
CA ILE Z 288 -178.07 2.40 6.58
C ILE Z 288 -178.43 1.38 7.66
N LEU Z 289 -179.62 1.50 8.24
CA LEU Z 289 -180.04 0.57 9.29
C LEU Z 289 -180.34 -0.81 8.74
N LYS Z 290 -180.82 -0.90 7.50
CA LYS Z 290 -181.16 -2.19 6.90
C LYS Z 290 -179.91 -3.02 6.63
N ASN Z 291 -178.83 -2.37 6.16
CA ASN Z 291 -177.59 -3.08 5.91
C ASN Z 291 -176.79 -3.13 7.20
N PRO Z 292 -176.56 -4.31 7.79
CA PRO Z 292 -175.82 -4.39 9.04
C PRO Z 292 -174.32 -4.19 8.89
N LEU Z 293 -173.81 -4.13 7.66
CA LEU Z 293 -172.40 -3.83 7.45
C LEU Z 293 -172.05 -2.44 7.99
N MET Z 294 -172.90 -1.44 7.69
CA MET Z 294 -172.67 -0.09 8.17
C MET Z 294 -172.75 -0.03 9.70
N LEU Z 295 -173.70 -0.75 10.30
CA LEU Z 295 -173.79 -0.80 11.75
C LEU Z 295 -172.55 -1.42 12.38
N THR Z 296 -172.06 -2.52 11.79
CA THR Z 296 -170.87 -3.17 12.32
C THR Z 296 -169.65 -2.26 12.21
N GLN Z 297 -169.49 -1.59 11.06
CA GLN Z 297 -168.37 -0.67 10.90
C GLN Z 297 -168.47 0.51 11.86
N ALA Z 298 -169.68 1.01 12.10
CA ALA Z 298 -169.87 2.13 13.02
C ALA Z 298 -169.49 1.74 14.45
N ILE Z 299 -169.97 0.58 14.91
CA ILE Z 299 -169.62 0.16 16.27
C ILE Z 299 -168.14 -0.18 16.38
N CYS Z 300 -167.54 -0.75 15.33
CA CYS Z 300 -166.11 -1.02 15.34
C CYS Z 300 -165.30 0.26 15.42
N LYS Z 301 -165.70 1.29 14.66
CA LYS Z 301 -165.02 2.58 14.74
C LYS Z 301 -165.21 3.22 16.11
N VAL Z 302 -166.40 3.07 16.70
CA VAL Z 302 -166.66 3.61 18.03
C VAL Z 302 -165.73 2.95 19.05
N SER Z 303 -165.60 1.62 18.98
CA SER Z 303 -164.73 0.91 19.92
C SER Z 303 -163.26 1.25 19.68
N GLU Z 304 -162.87 1.41 18.41
CA GLU Z 304 -161.49 1.79 18.09
C GLU Z 304 -161.15 3.16 18.66
N TYR Z 305 -162.05 4.13 18.47
CA TYR Z 305 -161.84 5.46 19.02
C TYR Z 305 -161.84 5.44 20.54
N LEU Z 306 -162.70 4.61 21.14
CA LEU Z 306 -162.72 4.49 22.59
C LEU Z 306 -161.40 3.95 23.12
N THR Z 307 -160.87 2.90 22.48
CA THR Z 307 -159.59 2.34 22.91
C THR Z 307 -158.45 3.33 22.71
N PHE Z 308 -158.45 4.04 21.58
CA PHE Z 308 -157.40 5.01 21.32
C PHE Z 308 -157.42 6.16 22.33
N ASN Z 309 -158.61 6.70 22.60
CA ASN Z 309 -158.73 7.79 23.56
C ASN Z 309 -158.40 7.34 24.98
N THR Z 310 -158.82 6.12 25.34
CA THR Z 310 -158.48 5.60 26.67
C THR Z 310 -156.98 5.42 26.83
N SER Z 311 -156.32 4.88 25.81
CA SER Z 311 -154.87 4.71 25.87
C SER Z 311 -154.16 6.06 25.96
N LEU Z 312 -154.61 7.03 25.16
CA LEU Z 312 -153.97 8.35 25.17
C LEU Z 312 -154.17 9.07 26.50
N TYR Z 313 -155.35 8.93 27.11
CA TYR Z 313 -155.60 9.56 28.40
C TYR Z 313 -154.93 8.81 29.55
N PHE Z 314 -154.73 7.51 29.40
CA PHE Z 314 -154.29 6.67 30.51
C PHE Z 314 -152.78 6.45 30.57
N LEU Z 315 -152.10 6.50 29.42
CA LEU Z 315 -150.67 6.20 29.41
C LEU Z 315 -149.81 7.16 30.24
N PRO Z 316 -149.97 8.50 30.19
CA PRO Z 316 -149.18 9.33 31.11
C PRO Z 316 -149.44 9.04 32.58
N HIS Z 317 -150.69 8.78 32.95
CA HIS Z 317 -150.98 8.42 34.33
C HIS Z 317 -150.36 7.08 34.71
N HIS Z 318 -150.39 6.11 33.78
CA HIS Z 318 -149.78 4.82 34.04
C HIS Z 318 -148.27 4.92 34.20
N LEU Z 319 -147.63 5.77 33.39
CA LEU Z 319 -146.20 6.02 33.57
C LEU Z 319 -145.91 6.73 34.88
N GLN Z 320 -146.80 7.65 35.29
CA GLN Z 320 -146.61 8.37 36.54
C GLN Z 320 -146.73 7.44 37.75
N THR Z 321 -147.66 6.48 37.71
CA THR Z 321 -147.93 5.66 38.88
C THR Z 321 -147.12 4.37 38.94
N GLN Z 322 -146.53 3.94 37.82
CA GLN Z 322 -145.82 2.66 37.79
C GLN Z 322 -144.33 2.81 37.52
N PHE Z 323 -143.96 3.52 36.46
CA PHE Z 323 -142.56 3.71 36.10
C PHE Z 323 -141.94 4.93 36.76
N LEU Z 324 -142.72 5.66 37.57
CA LEU Z 324 -142.25 6.81 38.34
C LEU Z 324 -141.68 7.91 37.43
N ILE Z 325 -142.56 8.44 36.58
CA ILE Z 325 -142.21 9.51 35.66
C ILE Z 325 -142.98 10.76 36.05
N THR Z 326 -142.37 11.91 35.81
CA THR Z 326 -143.06 13.19 36.01
C THR Z 326 -144.25 13.27 35.05
N PRO Z 327 -145.41 13.74 35.52
CA PRO Z 327 -146.61 13.77 34.65
C PRO Z 327 -146.41 14.54 33.35
N GLY Z 328 -145.67 15.64 33.38
CA GLY Z 328 -145.34 16.32 32.14
C GLY Z 328 -144.43 15.50 31.25
N ILE Z 329 -143.41 14.87 31.85
CA ILE Z 329 -142.51 14.02 31.08
C ILE Z 329 -143.24 12.77 30.60
N ALA Z 330 -144.16 12.24 31.41
CA ALA Z 330 -144.95 11.09 30.99
C ALA Z 330 -145.87 11.45 29.82
N SER Z 331 -146.49 12.64 29.88
CA SER Z 331 -147.33 13.09 28.77
C SER Z 331 -146.51 13.31 27.51
N LEU Z 332 -145.30 13.84 27.65
CA LEU Z 332 -144.40 13.99 26.50
C LEU Z 332 -144.01 12.64 25.92
N LEU Z 333 -143.73 11.66 26.78
CA LEU Z 333 -143.37 10.32 26.32
C LEU Z 333 -144.53 9.66 25.60
N THR Z 334 -145.76 9.86 26.09
CA THR Z 334 -146.92 9.32 25.39
C THR Z 334 -147.13 9.99 24.04
N GLY Z 335 -147.12 11.33 24.02
CA GLY Z 335 -147.42 12.05 22.80
C GLY Z 335 -146.38 11.89 21.71
N ALA Z 336 -145.10 12.01 22.07
CA ALA Z 336 -144.03 11.96 21.08
C ALA Z 336 -143.71 10.54 20.62
N PHE Z 337 -144.28 9.52 21.25
CA PHE Z 337 -144.04 8.14 20.85
C PHE Z 337 -145.31 7.41 20.43
N VAL Z 338 -146.48 8.05 20.50
CA VAL Z 338 -147.66 7.50 19.84
C VAL Z 338 -147.71 7.86 18.36
N LEU Z 339 -146.89 8.82 17.93
CA LEU Z 339 -146.83 9.27 16.55
C LEU Z 339 -146.05 8.37 15.58
N PRO Z 340 -144.81 7.97 15.86
CA PRO Z 340 -144.06 7.20 14.84
C PRO Z 340 -144.72 5.88 14.49
N GLY Z 341 -145.38 5.23 15.44
CA GLY Z 341 -146.20 4.08 15.09
C GLY Z 341 -147.43 4.46 14.28
N GLY Z 342 -148.08 5.55 14.68
CA GLY Z 342 -149.39 5.88 14.11
C GLY Z 342 -149.31 6.29 12.64
N ILE Z 343 -148.37 7.18 12.31
CA ILE Z 343 -148.30 7.67 10.93
C ILE Z 343 -147.85 6.56 10.00
N ILE Z 344 -146.92 5.72 10.46
CA ILE Z 344 -146.46 4.60 9.64
C ILE Z 344 -147.58 3.58 9.44
N GLY Z 345 -148.36 3.30 10.49
CA GLY Z 345 -149.49 2.40 10.34
C GLY Z 345 -150.54 2.93 9.39
N HIS Z 346 -150.85 4.22 9.48
CA HIS Z 346 -151.82 4.82 8.56
C HIS Z 346 -151.31 4.79 7.11
N PHE Z 347 -150.03 5.11 6.91
CA PHE Z 347 -149.46 5.11 5.57
C PHE Z 347 -149.46 3.71 4.98
N LEU Z 348 -149.08 2.71 5.78
CA LEU Z 348 -149.08 1.33 5.30
C LEU Z 348 -150.49 0.86 4.99
N GLY Z 349 -151.46 1.20 5.85
CA GLY Z 349 -152.84 0.80 5.60
C GLY Z 349 -153.40 1.40 4.33
N GLY Z 350 -153.10 2.68 4.07
CA GLY Z 350 -153.50 3.27 2.81
C GLY Z 350 -152.80 2.63 1.62
N LEU Z 351 -151.48 2.46 1.71
CA LEU Z 351 -150.69 2.03 0.56
C LEU Z 351 -150.98 0.58 0.17
N ILE Z 352 -151.31 -0.29 1.14
CA ILE Z 352 -151.66 -1.66 0.81
C ILE Z 352 -152.92 -1.71 -0.05
N VAL Z 353 -153.95 -0.96 0.36
CA VAL Z 353 -155.19 -0.95 -0.39
C VAL Z 353 -155.01 -0.28 -1.75
N ASP Z 354 -154.15 0.74 -1.82
CA ASP Z 354 -153.93 1.42 -3.09
C ASP Z 354 -153.17 0.53 -4.08
N ARG Z 355 -152.09 -0.10 -3.62
CA ARG Z 355 -151.24 -0.89 -4.51
C ARG Z 355 -151.89 -2.21 -4.89
N LEU Z 356 -152.58 -2.86 -3.96
CA LEU Z 356 -153.03 -4.23 -4.17
C LEU Z 356 -154.42 -4.33 -4.79
N GLU Z 357 -155.12 -3.20 -4.97
CA GLU Z 357 -156.51 -3.18 -5.45
C GLU Z 357 -157.40 -4.08 -4.59
N MET Z 358 -157.49 -3.67 -3.32
CA MET Z 358 -157.86 -4.56 -2.25
C MET Z 358 -159.39 -4.60 -2.13
N THR Z 359 -159.94 -5.81 -1.99
CA THR Z 359 -161.37 -6.07 -2.11
C THR Z 359 -162.06 -6.06 -0.74
N ASN Z 360 -163.39 -6.08 -0.77
CA ASN Z 360 -164.18 -5.89 0.45
C ASN Z 360 -164.04 -7.07 1.41
N LYS Z 361 -164.26 -8.29 0.92
CA LYS Z 361 -164.17 -9.47 1.77
C LYS Z 361 -162.75 -9.66 2.28
N ASN Z 362 -161.77 -9.44 1.42
CA ASN Z 362 -160.38 -9.49 1.86
C ASN Z 362 -160.04 -8.33 2.79
N LYS Z 363 -160.74 -7.19 2.66
CA LYS Z 363 -160.60 -6.12 3.65
C LYS Z 363 -161.06 -6.58 5.02
N LEU Z 364 -162.20 -7.28 5.07
CA LEU Z 364 -162.69 -7.81 6.34
C LEU Z 364 -161.73 -8.82 6.93
N LYS Z 365 -161.18 -9.71 6.08
CA LYS Z 365 -160.20 -10.69 6.54
C LYS Z 365 -158.94 -10.02 7.07
N PHE Z 366 -158.45 -9.01 6.35
CA PHE Z 366 -157.24 -8.30 6.76
C PHE Z 366 -157.45 -7.56 8.07
N THR Z 367 -158.61 -6.91 8.23
CA THR Z 367 -158.93 -6.23 9.49
C THR Z 367 -159.02 -7.23 10.64
N LEU Z 368 -159.63 -8.39 10.40
CA LEU Z 368 -159.71 -9.41 11.44
C LEU Z 368 -158.33 -9.90 11.85
N VAL Z 369 -157.45 -10.13 10.87
CA VAL Z 369 -156.09 -10.59 11.18
C VAL Z 369 -155.33 -9.54 11.98
N THR Z 370 -155.42 -8.28 11.56
CA THR Z 370 -154.74 -7.20 12.27
C THR Z 370 -155.28 -7.06 13.70
N THR Z 371 -156.60 -7.18 13.87
CA THR Z 371 -157.19 -7.12 15.20
C THR Z 371 -156.75 -8.28 16.08
N VAL Z 372 -156.63 -9.48 15.49
CA VAL Z 372 -156.19 -10.65 16.27
C VAL Z 372 -154.75 -10.46 16.75
N VAL Z 373 -153.87 -9.99 15.87
CA VAL Z 373 -152.48 -9.78 16.29
C VAL Z 373 -152.39 -8.62 17.29
N SER Z 374 -153.24 -7.60 17.15
CA SER Z 374 -153.25 -6.52 18.14
C SER Z 374 -153.74 -7.01 19.50
N VAL Z 375 -154.72 -7.91 19.52
CA VAL Z 375 -155.16 -8.52 20.77
C VAL Z 375 -154.03 -9.30 21.41
N GLY Z 376 -153.30 -10.07 20.60
CA GLY Z 376 -152.15 -10.79 21.14
C GLY Z 376 -151.08 -9.87 21.69
N LEU Z 377 -150.85 -8.74 21.02
CA LEU Z 377 -149.88 -7.76 21.51
C LEU Z 377 -150.35 -7.13 22.81
N PHE Z 378 -151.64 -6.85 22.94
CA PHE Z 378 -152.17 -6.33 24.21
C PHE Z 378 -152.02 -7.37 25.32
N LEU Z 379 -152.22 -8.65 24.99
CA LEU Z 379 -152.01 -9.71 25.97
C LEU Z 379 -150.55 -9.78 26.41
N LEU Z 380 -149.62 -9.60 25.46
CA LEU Z 380 -148.20 -9.54 25.81
C LEU Z 380 -147.90 -8.32 26.69
N ILE Z 381 -148.57 -7.20 26.42
CA ILE Z 381 -148.44 -6.00 27.25
C ILE Z 381 -148.89 -6.31 28.67
N PHE Z 382 -150.01 -7.00 28.80
CA PHE Z 382 -150.50 -7.38 30.13
C PHE Z 382 -149.55 -8.32 30.83
N PHE Z 383 -148.96 -9.27 30.09
CA PHE Z 383 -147.99 -10.19 30.67
C PHE Z 383 -146.75 -9.45 31.16
N VAL Z 384 -146.31 -8.43 30.42
CA VAL Z 384 -145.18 -7.62 30.86
C VAL Z 384 -145.56 -6.79 32.08
N GLU Z 385 -146.80 -6.29 32.13
CA GLU Z 385 -147.26 -5.50 33.26
C GLU Z 385 -147.33 -6.29 34.55
N CYS Z 386 -147.36 -7.63 34.48
CA CYS Z 386 -147.38 -8.46 35.68
C CYS Z 386 -146.02 -8.47 36.39
N GLN Z 387 -144.97 -7.95 35.76
CA GLN Z 387 -143.66 -7.92 36.39
C GLN Z 387 -143.63 -6.87 37.51
N THR Z 388 -142.75 -7.08 38.48
CA THR Z 388 -142.63 -6.19 39.61
C THR Z 388 -141.76 -4.99 39.28
N THR Z 389 -141.86 -3.96 40.12
CA THR Z 389 -141.09 -2.73 39.95
C THR Z 389 -140.85 -2.11 41.31
N THR Z 390 -140.05 -1.05 41.31
CA THR Z 390 -139.72 -0.34 42.55
C THR Z 390 -140.96 0.39 43.07
N PHE Z 391 -141.24 0.21 44.36
CA PHE Z 391 -142.43 0.79 44.98
C PHE Z 391 -142.06 2.06 45.73
N ALA Z 392 -142.82 3.12 45.51
CA ALA Z 392 -142.64 4.40 46.18
C ALA Z 392 -143.86 4.70 47.05
N GLY Z 393 -143.60 5.02 48.32
CA GLY Z 393 -144.70 5.29 49.23
C GLY Z 393 -145.48 4.03 49.57
N ILE Z 394 -146.73 4.24 50.01
CA ILE Z 394 -147.72 3.23 50.41
C ILE Z 394 -147.08 2.08 51.18
N ASN Z 395 -146.24 2.43 52.15
CA ASN Z 395 -145.47 1.44 52.91
C ASN Z 395 -146.11 1.10 54.25
N GLU Z 396 -147.43 1.22 54.35
CA GLU Z 396 -148.20 0.86 55.55
C GLU Z 396 -147.72 1.65 56.76
N ASP Z 397 -147.98 2.97 56.69
CA ASP Z 397 -147.66 3.98 57.70
C ASP Z 397 -146.16 4.25 57.76
N TYR Z 398 -145.78 5.47 58.17
CA TYR Z 398 -144.39 5.93 58.08
C TYR Z 398 -143.57 5.28 59.20
N ASP Z 399 -143.22 4.02 58.97
CA ASP Z 399 -142.28 3.25 59.81
C ASP Z 399 -142.73 3.16 61.26
N GLY Z 400 -144.04 3.26 61.50
CA GLY Z 400 -144.57 3.31 62.85
C GLY Z 400 -144.61 4.69 63.47
N TYR Z 401 -143.93 5.67 62.88
CA TYR Z 401 -143.94 7.05 63.36
C TYR Z 401 -145.07 7.77 62.64
N GLY Z 402 -146.24 7.78 63.27
CA GLY Z 402 -147.42 8.38 62.68
C GLY Z 402 -148.15 7.41 61.77
N GLN Z 403 -149.35 7.80 61.38
CA GLN Z 403 -150.22 7.01 60.53
C GLN Z 403 -150.35 7.67 59.16
N LEU Z 404 -151.19 7.10 58.30
CA LEU Z 404 -151.53 7.73 57.04
C LEU Z 404 -152.41 8.93 57.35
N GLY Z 405 -151.79 10.12 57.38
CA GLY Z 405 -152.43 11.31 57.88
C GLY Z 405 -151.48 12.12 58.74
N ASN Z 406 -150.24 11.63 58.87
CA ASN Z 406 -149.20 12.33 59.59
C ASN Z 406 -148.47 13.36 58.72
N LEU Z 407 -148.96 13.58 57.49
CA LEU Z 407 -148.33 14.52 56.58
C LEU Z 407 -148.44 15.96 57.06
N THR Z 408 -149.39 16.26 57.95
CA THR Z 408 -149.56 17.61 58.49
C THR Z 408 -148.86 17.72 59.84
N ALA Z 409 -147.53 17.64 59.78
CA ALA Z 409 -146.70 17.71 60.98
C ALA Z 409 -146.14 19.12 61.15
N ASP Z 410 -145.25 19.28 62.13
CA ASP Z 410 -144.64 20.59 62.37
C ASP Z 410 -143.70 20.98 61.23
N CYS Z 411 -142.98 20.02 60.66
CA CYS Z 411 -142.18 20.30 59.47
C CYS Z 411 -143.03 20.62 58.25
N ASN Z 412 -144.29 20.21 58.22
CA ASN Z 412 -145.21 20.69 57.20
C ASN Z 412 -145.65 22.13 57.47
N GLU Z 413 -145.88 22.47 58.74
CA GLU Z 413 -146.38 23.78 59.11
C GLU Z 413 -145.31 24.86 59.03
N TYR Z 414 -144.04 24.51 59.24
CA TYR Z 414 -142.99 25.52 59.35
C TYR Z 414 -142.72 26.20 58.01
N CYS Z 415 -142.55 25.42 56.95
CA CYS Z 415 -142.20 25.97 55.65
C CYS Z 415 -143.40 26.18 54.74
N ASP Z 416 -144.63 26.03 55.26
CA ASP Z 416 -145.87 26.41 54.58
C ASP Z 416 -146.04 25.65 53.25
N CYS Z 417 -146.20 24.34 53.35
CA CYS Z 417 -146.44 23.50 52.19
C CYS Z 417 -147.94 23.31 51.98
N THR Z 418 -148.33 23.25 50.71
CA THR Z 418 -149.72 23.01 50.32
C THR Z 418 -149.82 21.62 49.70
N THR Z 419 -150.81 20.85 50.15
CA THR Z 419 -150.96 19.44 49.77
C THR Z 419 -151.44 19.24 48.33
N SER Z 420 -151.53 20.27 47.48
CA SER Z 420 -151.92 20.07 46.09
C SER Z 420 -150.72 19.93 45.16
N LEU Z 421 -149.53 20.33 45.61
CA LEU Z 421 -148.32 20.27 44.78
C LEU Z 421 -147.22 19.46 45.46
N TYR Z 422 -147.59 18.39 46.15
CA TYR Z 422 -146.62 17.53 46.80
C TYR Z 422 -145.96 16.61 45.77
N THR Z 423 -144.63 16.56 45.79
CA THR Z 423 -143.86 15.65 44.95
C THR Z 423 -143.18 14.62 45.82
N SER Z 424 -142.41 13.73 45.19
CA SER Z 424 -141.76 12.61 45.87
C SER Z 424 -140.26 12.86 45.92
N ILE Z 425 -139.72 12.99 47.12
CA ILE Z 425 -138.28 13.04 47.35
C ILE Z 425 -137.80 11.62 47.61
N CYS Z 426 -136.54 11.37 47.27
CA CYS Z 426 -135.94 10.05 47.41
C CYS Z 426 -134.89 10.09 48.52
N GLY Z 427 -135.10 9.28 49.55
CA GLY Z 427 -134.10 9.13 50.57
C GLY Z 427 -132.97 8.23 50.13
N ARG Z 428 -131.82 8.36 50.81
CA ARG Z 428 -130.68 7.55 50.45
C ARG Z 428 -130.81 6.10 50.94
N ASP Z 429 -131.77 5.84 51.83
CA ASP Z 429 -132.06 4.50 52.32
C ASP Z 429 -133.14 3.80 51.51
N GLU Z 430 -133.30 4.17 50.24
CA GLU Z 430 -134.24 3.59 49.26
C GLU Z 430 -135.69 3.81 49.64
N LYS Z 431 -135.99 4.68 50.62
CA LYS Z 431 -137.36 4.97 50.99
C LYS Z 431 -137.79 6.31 50.38
N GLU Z 432 -138.89 6.28 49.63
CA GLU Z 432 -139.38 7.47 48.95
C GLU Z 432 -140.44 8.14 49.81
N TYR Z 433 -140.29 9.45 50.04
CA TYR Z 433 -141.19 10.21 50.89
C TYR Z 433 -141.87 11.29 50.06
N PHE Z 434 -143.19 11.37 50.14
CA PHE Z 434 -143.90 12.45 49.49
C PHE Z 434 -143.62 13.77 50.21
N SER Z 435 -143.86 14.88 49.49
CA SER Z 435 -143.75 16.23 50.04
C SER Z 435 -142.33 16.52 50.55
N PRO Z 436 -141.38 16.81 49.65
CA PRO Z 436 -139.98 16.99 50.09
C PRO Z 436 -139.78 18.04 51.17
N CYS Z 437 -140.64 19.05 51.25
CA CYS Z 437 -140.54 20.03 52.34
C CYS Z 437 -141.01 19.44 53.66
N PHE Z 438 -141.91 18.45 53.62
CA PHE Z 438 -142.33 17.74 54.83
C PHE Z 438 -141.21 16.87 55.41
N ALA Z 439 -140.18 16.55 54.63
CA ALA Z 439 -139.04 15.78 55.12
C ALA Z 439 -138.20 16.53 56.14
N GLY Z 440 -138.56 17.77 56.49
CA GLY Z 440 -137.85 18.52 57.50
C GLY Z 440 -136.74 19.42 56.99
N CYS Z 441 -136.66 19.63 55.67
CA CYS Z 441 -135.55 20.36 55.08
C CYS Z 441 -135.89 21.85 55.06
N LYS Z 442 -135.28 22.62 55.97
CA LYS Z 442 -135.54 24.05 56.06
C LYS Z 442 -134.61 24.88 55.17
N ALA Z 443 -133.60 24.26 54.57
CA ALA Z 443 -132.64 24.95 53.71
C ALA Z 443 -132.73 24.37 52.31
N THR Z 444 -132.77 25.26 51.31
CA THR Z 444 -132.93 24.87 49.90
C THR Z 444 -131.91 25.63 49.07
N LYS Z 445 -130.75 25.01 48.85
CA LYS Z 445 -129.75 25.52 47.93
C LYS Z 445 -129.81 24.70 46.65
N VAL Z 446 -129.96 25.37 45.51
CA VAL Z 446 -130.15 24.70 44.24
C VAL Z 446 -128.90 24.85 43.39
N SER Z 447 -128.77 23.96 42.41
CA SER Z 447 -127.70 24.02 41.44
C SER Z 447 -128.28 24.36 40.07
N GLN Z 448 -127.43 24.35 39.03
CA GLN Z 448 -127.90 24.72 37.70
C GLN Z 448 -128.74 23.64 37.06
N THR Z 449 -128.42 22.37 37.29
CA THR Z 449 -129.06 21.26 36.61
C THR Z 449 -129.84 20.32 37.51
N GLU Z 450 -129.89 20.57 38.82
CA GLU Z 450 -130.56 19.65 39.73
C GLU Z 450 -131.07 20.40 40.95
N LYS Z 451 -132.24 19.97 41.44
CA LYS Z 451 -132.81 20.47 42.69
C LYS Z 451 -132.47 19.54 43.83
N THR Z 452 -132.23 20.10 45.00
CA THR Z 452 -131.94 19.30 46.19
C THR Z 452 -132.33 20.07 47.43
N TYR Z 453 -132.48 19.34 48.53
CA TYR Z 453 -132.95 19.89 49.80
C TYR Z 453 -131.91 19.65 50.89
N TYR Z 454 -131.69 20.66 51.73
CA TYR Z 454 -130.66 20.61 52.76
C TYR Z 454 -131.28 20.67 54.14
N ASN Z 455 -130.58 20.06 55.11
CA ASN Z 455 -130.88 20.15 56.54
C ASN Z 455 -132.28 19.59 56.85
N CYS Z 456 -132.46 18.31 56.55
CA CYS Z 456 -133.74 17.63 56.74
C CYS Z 456 -133.79 17.01 58.13
N SER Z 457 -134.86 17.31 58.88
CA SER Z 457 -135.00 16.86 60.25
C SER Z 457 -136.14 15.87 60.48
N CYS Z 458 -137.21 15.93 59.70
CA CYS Z 458 -138.32 14.99 59.84
C CYS Z 458 -138.06 13.67 59.13
N ILE Z 459 -136.93 13.54 58.45
CA ILE Z 459 -136.55 12.31 57.75
C ILE Z 459 -136.12 11.27 58.78
N LYS Z 460 -135.98 10.02 58.34
CA LYS Z 460 -135.55 8.92 59.21
C LYS Z 460 -134.04 9.01 59.39
N GLU Z 461 -133.42 7.93 59.90
CA GLU Z 461 -131.96 7.94 60.06
C GLU Z 461 -131.27 8.11 58.72
N GLY Z 462 -131.39 7.12 57.84
CA GLY Z 462 -130.93 7.24 56.46
C GLY Z 462 -129.47 7.60 56.26
N LEU Z 463 -129.23 8.64 55.44
CA LEU Z 463 -127.92 9.15 55.04
C LEU Z 463 -126.92 8.02 54.74
N ALA Z 464 -127.28 7.21 53.74
CA ALA Z 464 -126.47 6.03 53.43
C ALA Z 464 -125.18 6.41 52.71
N ALA Z 465 -125.28 6.89 51.48
CA ALA Z 465 -124.09 7.30 50.72
C ALA Z 465 -124.12 8.78 50.36
N SER Z 466 -125.13 9.23 49.61
CA SER Z 466 -125.27 10.60 49.11
C SER Z 466 -124.07 11.06 48.29
N ASP Z 467 -124.06 12.34 47.89
CA ASP Z 467 -122.93 12.94 47.21
C ASP Z 467 -123.08 14.46 47.14
N ASP Z 468 -122.05 15.20 47.56
CA ASP Z 468 -122.04 16.65 47.47
C ASP Z 468 -120.61 17.14 47.58
N GLU Z 469 -120.39 18.39 47.17
CA GLU Z 469 -119.06 18.98 47.12
C GLU Z 469 -118.88 20.12 48.11
N GLY Z 470 -119.72 21.16 48.03
CA GLY Z 470 -119.55 22.31 48.89
C GLY Z 470 -120.13 22.15 50.27
N GLN Z 471 -121.11 21.26 50.44
CA GLN Z 471 -121.76 21.02 51.72
C GLN Z 471 -122.14 19.54 51.80
N PHE Z 472 -123.03 19.19 52.73
CA PHE Z 472 -123.53 17.82 52.80
C PHE Z 472 -124.97 17.79 53.31
N ILE Z 473 -125.52 16.59 53.48
CA ILE Z 473 -126.94 16.35 53.74
C ILE Z 473 -127.76 17.06 52.68
N ASP Z 474 -127.75 16.52 51.47
CA ASP Z 474 -128.49 17.08 50.33
C ASP Z 474 -129.32 15.97 49.68
N ALA Z 475 -130.58 15.90 50.06
CA ALA Z 475 -131.48 14.93 49.44
C ALA Z 475 -131.91 15.41 48.06
N ILE Z 476 -131.68 14.58 47.06
CA ILE Z 476 -131.96 14.96 45.67
C ILE Z 476 -133.46 14.98 45.44
N ALA Z 477 -133.90 15.83 44.51
CA ALA Z 477 -135.31 15.99 44.23
C ALA Z 477 -135.73 15.08 43.08
N GLY Z 478 -137.04 14.88 42.96
CA GLY Z 478 -137.59 13.97 41.97
C GLY Z 478 -137.59 12.53 42.44
N THR Z 479 -138.28 11.70 41.68
CA THR Z 479 -138.40 10.29 42.03
C THR Z 479 -137.20 9.51 41.51
N CYS Z 480 -136.51 8.82 42.40
CA CYS Z 480 -135.39 7.98 42.03
C CYS Z 480 -135.89 6.61 41.60
N ASP Z 481 -135.23 6.04 40.60
CA ASP Z 481 -135.60 4.74 40.06
C ASP Z 481 -134.36 3.88 39.92
N SER Z 482 -134.45 2.63 40.37
CA SER Z 482 -133.35 1.68 40.24
C SER Z 482 -133.61 0.59 39.21
N ASP Z 483 -134.87 0.34 38.85
CA ASP Z 483 -135.24 -0.66 37.85
C ASP Z 483 -136.29 -0.03 36.94
N CYS Z 484 -135.84 0.63 35.87
CA CYS Z 484 -136.72 1.28 34.91
C CYS Z 484 -136.51 0.75 33.49
N LEU Z 485 -135.99 -0.47 33.36
CA LEU Z 485 -135.70 -1.05 32.05
C LEU Z 485 -136.93 -1.65 31.38
N LYS Z 486 -138.06 -1.74 32.07
CA LYS Z 486 -139.28 -2.22 31.43
C LYS Z 486 -139.88 -1.18 30.50
N LEU Z 487 -139.53 0.08 30.67
CA LEU Z 487 -140.08 1.14 29.82
C LEU Z 487 -139.74 1.02 28.34
N PRO Z 488 -138.49 0.73 27.92
CA PRO Z 488 -138.27 0.54 26.47
C PRO Z 488 -139.06 -0.62 25.86
N LEU Z 489 -139.16 -1.75 26.56
CA LEU Z 489 -139.95 -2.87 26.05
C LEU Z 489 -141.44 -2.50 25.96
N PHE Z 490 -141.95 -1.82 26.99
CA PHE Z 490 -143.34 -1.37 26.96
C PHE Z 490 -143.57 -0.39 25.83
N PHE Z 491 -142.59 0.48 25.55
CA PHE Z 491 -142.73 1.44 24.48
C PHE Z 491 -142.68 0.77 23.11
N ALA Z 492 -141.86 -0.27 22.95
CA ALA Z 492 -141.85 -1.02 21.71
C ALA Z 492 -143.18 -1.74 21.48
N PHE Z 493 -143.73 -2.34 22.54
CA PHE Z 493 -145.04 -2.98 22.41
C PHE Z 493 -146.14 -1.97 22.13
N TYR Z 494 -146.02 -0.76 22.70
CA TYR Z 494 -146.98 0.29 22.39
C TYR Z 494 -146.80 0.80 20.95
N PHE Z 495 -145.57 0.80 20.44
CA PHE Z 495 -145.33 1.10 19.03
C PHE Z 495 -146.10 0.12 18.15
N SER Z 496 -145.95 -1.17 18.42
CA SER Z 496 -146.63 -2.18 17.60
C SER Z 496 -148.15 -2.07 17.74
N ALA Z 497 -148.63 -1.83 18.97
CA ALA Z 497 -150.06 -1.68 19.20
C ALA Z 497 -150.62 -0.48 18.46
N THR Z 498 -149.90 0.65 18.46
CA THR Z 498 -150.35 1.83 17.74
C THR Z 498 -150.31 1.60 16.24
N VAL Z 499 -149.30 0.88 15.75
CA VAL Z 499 -149.21 0.54 14.33
C VAL Z 499 -150.43 -0.26 13.90
N PHE Z 500 -150.78 -1.29 14.67
CA PHE Z 500 -151.90 -2.14 14.28
C PHE Z 500 -153.25 -1.51 14.61
N SER Z 501 -153.29 -0.52 15.50
CA SER Z 501 -154.54 0.18 15.77
C SER Z 501 -154.85 1.20 14.69
N ASN Z 502 -153.84 1.93 14.20
CA ASN Z 502 -154.04 2.81 13.07
C ASN Z 502 -154.25 2.07 11.75
N MET Z 503 -153.94 0.77 11.72
CA MET Z 503 -153.97 0.01 10.47
C MET Z 503 -155.37 -0.46 10.14
N CYS Z 504 -156.29 -0.45 11.10
CA CYS Z 504 -157.62 -1.01 10.90
C CYS Z 504 -158.63 -0.01 10.34
N SER Z 505 -158.45 1.29 10.60
CA SER Z 505 -159.47 2.28 10.23
C SER Z 505 -159.50 2.55 8.74
N ILE Z 506 -158.35 2.50 8.07
CA ILE Z 506 -158.31 2.75 6.62
C ILE Z 506 -159.13 1.74 5.82
N PRO Z 507 -159.02 0.41 6.06
CA PRO Z 507 -159.93 -0.51 5.37
C PRO Z 507 -161.39 -0.28 5.71
N VAL Z 508 -161.72 0.14 6.93
CA VAL Z 508 -163.11 0.41 7.28
C VAL Z 508 -163.66 1.58 6.47
N ILE Z 509 -162.89 2.67 6.39
CA ILE Z 509 -163.32 3.82 5.62
C ILE Z 509 -163.38 3.48 4.13
N SER Z 510 -162.47 2.63 3.65
CA SER Z 510 -162.55 2.18 2.26
C SER Z 510 -163.79 1.32 2.02
N ILE Z 511 -164.19 0.51 3.00
CA ILE Z 511 -165.44 -0.25 2.91
C ILE Z 511 -166.64 0.70 2.84
N ILE Z 512 -166.58 1.83 3.55
CA ILE Z 512 -167.70 2.76 3.61
C ILE Z 512 -168.06 3.27 2.21
N LEU Z 513 -167.05 3.54 1.38
CA LEU Z 513 -167.31 4.07 0.04
C LEU Z 513 -168.00 3.06 -0.86
N GLN Z 514 -167.73 1.77 -0.67
CA GLN Z 514 -168.16 0.76 -1.64
C GLN Z 514 -169.67 0.56 -1.63
N SER Z 515 -170.30 0.60 -0.45
CA SER Z 515 -171.71 0.28 -0.33
C SER Z 515 -172.63 1.49 -0.51
N VAL Z 516 -172.07 2.64 -0.86
CA VAL Z 516 -172.87 3.86 -1.03
C VAL Z 516 -172.65 4.40 -2.44
N PRO Z 517 -173.72 4.80 -3.14
CA PRO Z 517 -173.55 5.42 -4.46
C PRO Z 517 -172.84 6.77 -4.36
N ALA Z 518 -172.43 7.26 -5.53
CA ALA Z 518 -171.60 8.47 -5.60
C ALA Z 518 -172.32 9.71 -5.09
N ASN Z 519 -173.61 9.87 -5.42
CA ASN Z 519 -174.33 11.07 -5.02
C ASN Z 519 -174.65 11.08 -3.53
N PHE Z 520 -174.86 9.91 -2.93
CA PHE Z 520 -175.22 9.79 -1.52
C PHE Z 520 -174.00 9.67 -0.61
N THR Z 521 -172.79 9.78 -1.15
CA THR Z 521 -171.57 9.61 -0.37
C THR Z 521 -171.35 10.77 0.61
N SER Z 522 -171.98 11.92 0.40
CA SER Z 522 -171.75 13.08 1.25
C SER Z 522 -172.18 12.83 2.68
N LEU Z 523 -173.34 12.20 2.88
CA LEU Z 523 -173.84 11.94 4.22
C LEU Z 523 -173.13 10.78 4.91
N SER Z 524 -172.49 9.89 4.13
CA SER Z 524 -172.00 8.62 4.66
C SER Z 524 -170.95 8.82 5.75
N LEU Z 525 -170.07 9.81 5.57
CA LEU Z 525 -169.14 10.17 6.64
C LEU Z 525 -169.89 10.74 7.84
N GLY Z 526 -170.77 11.72 7.60
CA GLY Z 526 -171.42 12.41 8.70
C GLY Z 526 -172.31 11.49 9.52
N VAL Z 527 -173.00 10.57 8.84
CA VAL Z 527 -173.79 9.56 9.54
C VAL Z 527 -172.91 8.75 10.49
N THR Z 528 -171.72 8.36 10.03
CA THR Z 528 -170.77 7.72 10.94
C THR Z 528 -170.27 8.73 11.97
N TYR Z 529 -170.05 9.98 11.55
CA TYR Z 529 -169.37 10.94 12.40
C TYR Z 529 -170.25 11.40 13.56
N ALA Z 530 -171.58 11.39 13.37
CA ALA Z 530 -172.48 11.66 14.48
C ALA Z 530 -172.35 10.61 15.56
N ILE Z 531 -171.97 9.38 15.19
CA ILE Z 531 -171.69 8.34 16.19
C ILE Z 531 -170.30 8.49 16.78
N VAL Z 532 -169.43 9.26 16.15
CA VAL Z 532 -168.07 9.43 16.64
C VAL Z 532 -168.05 10.23 17.94
N LYS Z 533 -168.81 11.33 17.98
CA LYS Z 533 -168.72 12.26 19.09
C LYS Z 533 -169.84 12.10 20.12
N PHE Z 534 -170.99 11.55 19.75
CA PHE Z 534 -172.13 11.45 20.66
C PHE Z 534 -172.19 10.11 21.39
N VAL Z 535 -172.30 9.02 20.64
CA VAL Z 535 -172.45 7.71 21.28
C VAL Z 535 -171.14 7.27 21.95
N ALA Z 536 -170.01 7.66 21.39
CA ALA Z 536 -168.71 7.22 21.91
C ALA Z 536 -168.10 8.23 22.89
N SER Z 537 -167.94 9.48 22.45
CA SER Z 537 -167.14 10.44 23.21
C SER Z 537 -167.86 11.06 24.39
N VAL Z 538 -169.19 10.98 24.44
CA VAL Z 538 -169.93 11.57 25.56
C VAL Z 538 -169.92 10.66 26.79
N PRO Z 539 -170.28 9.36 26.71
CA PRO Z 539 -170.29 8.56 27.95
C PRO Z 539 -168.92 8.00 28.33
N ALA Z 540 -167.92 8.12 27.46
CA ALA Z 540 -166.59 7.58 27.79
C ALA Z 540 -165.94 8.25 28.98
N PRO Z 541 -165.89 9.59 29.11
CA PRO Z 541 -165.24 10.18 30.29
C PRO Z 541 -165.91 9.84 31.61
N LEU Z 542 -167.24 9.60 31.61
CA LEU Z 542 -167.89 9.18 32.84
C LEU Z 542 -167.39 7.80 33.28
N LEU Z 543 -167.26 6.87 32.34
CA LEU Z 543 -166.72 5.56 32.66
C LEU Z 543 -165.25 5.65 33.06
N PHE Z 544 -164.50 6.53 32.41
CA PHE Z 544 -163.09 6.72 32.78
C PHE Z 544 -162.97 7.25 34.20
N ARG Z 545 -163.81 8.21 34.57
CA ARG Z 545 -163.82 8.74 35.93
C ARG Z 545 -164.24 7.67 36.94
N LEU Z 546 -165.23 6.85 36.58
CA LEU Z 546 -165.66 5.78 37.47
C LEU Z 546 -164.56 4.76 37.70
N SER Z 547 -163.88 4.35 36.63
CA SER Z 547 -162.76 3.41 36.77
C SER Z 547 -161.60 4.02 37.54
N SER Z 548 -161.31 5.31 37.31
CA SER Z 548 -160.25 5.99 38.05
C SER Z 548 -160.58 6.04 39.54
N ALA Z 549 -161.81 6.42 39.88
CA ALA Z 549 -162.23 6.46 41.28
C ALA Z 549 -162.27 5.07 41.90
N ILE Z 550 -162.52 4.03 41.11
CA ILE Z 550 -162.37 2.67 41.59
C ILE Z 550 -160.92 2.39 41.92
N ALA Z 551 -160.00 2.83 41.05
CA ALA Z 551 -158.58 2.68 41.33
C ALA Z 551 -158.04 3.72 42.32
N CYS Z 552 -158.54 4.96 42.27
CA CYS Z 552 -158.10 6.02 43.17
C CYS Z 552 -159.02 6.10 44.39
N ILE Z 553 -158.96 5.05 45.22
CA ILE Z 553 -159.77 5.01 46.43
C ILE Z 553 -159.29 6.03 47.45
N TYR Z 554 -157.96 6.12 47.63
CA TYR Z 554 -157.37 6.92 48.70
C TYR Z 554 -157.21 8.38 48.25
N TRP Z 555 -158.35 9.08 48.22
CA TRP Z 555 -158.31 10.51 47.94
C TRP Z 555 -157.82 11.28 49.15
N ASP Z 556 -157.32 12.50 48.90
CA ASP Z 556 -156.84 13.38 49.96
C ASP Z 556 -158.06 14.04 50.61
N ASN Z 557 -158.68 13.33 51.54
CA ASN Z 557 -159.86 13.83 52.24
C ASN Z 557 -159.53 14.91 53.26
N ASN Z 558 -158.25 15.11 53.59
CA ASN Z 558 -157.90 16.09 54.60
C ASN Z 558 -158.08 17.52 54.11
N ARG Z 559 -157.63 17.80 52.89
CA ARG Z 559 -157.70 19.16 52.34
C ARG Z 559 -158.50 19.26 51.05
N CYS Z 560 -158.31 18.32 50.11
CA CYS Z 560 -158.93 18.44 48.80
C CYS Z 560 -160.45 18.36 48.88
N GLY Z 561 -160.97 17.44 49.69
CA GLY Z 561 -162.41 17.34 49.87
C GLY Z 561 -163.10 16.47 48.85
N GLY Z 562 -163.66 17.10 47.82
CA GLY Z 562 -164.43 16.37 46.82
C GLY Z 562 -163.59 15.73 45.73
N LYS Z 563 -162.59 14.93 46.13
CA LYS Z 563 -161.78 14.12 45.23
C LYS Z 563 -161.07 14.97 44.17
N GLU Z 564 -160.19 15.85 44.65
CA GLU Z 564 -159.45 16.74 43.76
C GLU Z 564 -158.04 16.27 43.45
N ARG Z 565 -157.43 15.48 44.34
CA ARG Z 565 -156.07 14.99 44.11
C ARG Z 565 -155.86 13.74 44.94
N CYS Z 566 -155.56 12.62 44.28
CA CYS Z 566 -155.23 11.38 44.95
C CYS Z 566 -153.72 11.20 45.04
N TRP Z 567 -153.30 10.21 45.83
CA TRP Z 567 -151.88 9.95 46.01
C TRP Z 567 -151.55 8.48 45.78
N ILE Z 568 -152.48 7.59 46.10
CA ILE Z 568 -152.26 6.16 45.91
C ILE Z 568 -153.09 5.68 44.73
N TYR Z 569 -152.46 5.57 43.56
CA TYR Z 569 -153.08 5.04 42.36
C TYR Z 569 -152.78 3.54 42.31
N ASN Z 570 -153.81 2.72 42.54
CA ASN Z 570 -153.63 1.29 42.75
C ASN Z 570 -153.17 0.63 41.45
N LYS Z 571 -151.88 0.28 41.39
CA LYS Z 571 -151.25 -0.13 40.14
C LYS Z 571 -151.86 -1.41 39.57
N ASN Z 572 -151.97 -2.45 40.39
CA ASN Z 572 -152.55 -3.70 39.92
C ASN Z 572 -154.02 -3.52 39.53
N ILE Z 573 -154.77 -2.75 40.33
CA ILE Z 573 -156.18 -2.53 40.06
C ILE Z 573 -156.37 -1.77 38.75
N LEU Z 574 -155.61 -0.69 38.55
CA LEU Z 574 -155.75 0.09 37.33
C LEU Z 574 -155.33 -0.72 36.10
N VAL Z 575 -154.23 -1.49 36.21
CA VAL Z 575 -153.76 -2.28 35.08
C VAL Z 575 -154.80 -3.32 34.71
N TYR Z 576 -155.33 -4.05 35.72
CA TYR Z 576 -156.32 -5.09 35.46
C TYR Z 576 -157.60 -4.51 34.87
N GLU Z 577 -158.10 -3.41 35.44
CA GLU Z 577 -159.35 -2.83 34.96
C GLU Z 577 -159.22 -2.26 33.56
N PHE Z 578 -158.15 -1.50 33.29
CA PHE Z 578 -157.98 -0.92 31.96
C PHE Z 578 -157.72 -1.97 30.90
N MET Z 579 -156.94 -3.01 31.21
CA MET Z 579 -156.75 -4.07 30.22
C MET Z 579 -158.01 -4.88 30.02
N GLY Z 580 -158.82 -5.05 31.07
CA GLY Z 580 -160.11 -5.69 30.90
C GLY Z 580 -161.02 -4.90 29.98
N ILE Z 581 -161.04 -3.57 30.15
CA ILE Z 581 -161.86 -2.71 29.29
C ILE Z 581 -161.37 -2.78 27.84
N TRP Z 582 -160.05 -2.69 27.65
CA TRP Z 582 -159.48 -2.72 26.30
C TRP Z 582 -159.72 -4.08 25.64
N MET Z 583 -159.56 -5.17 26.40
CA MET Z 583 -159.81 -6.50 25.85
C MET Z 583 -161.28 -6.70 25.52
N SER Z 584 -162.18 -6.16 26.34
CA SER Z 584 -163.60 -6.24 26.03
C SER Z 584 -163.93 -5.47 24.75
N SER Z 585 -163.36 -4.28 24.58
CA SER Z 585 -163.59 -3.52 23.35
C SER Z 585 -163.03 -4.23 22.13
N GLN Z 586 -161.82 -4.80 22.26
CA GLN Z 586 -161.22 -5.51 21.14
C GLN Z 586 -161.97 -6.78 20.79
N LEU Z 587 -162.50 -7.49 21.81
CA LEU Z 587 -163.29 -8.67 21.53
C LEU Z 587 -164.65 -8.31 20.95
N ILE Z 588 -165.20 -7.15 21.31
CA ILE Z 588 -166.40 -6.65 20.66
C ILE Z 588 -166.12 -6.39 19.19
N ILE Z 589 -164.96 -5.79 18.89
CA ILE Z 589 -164.56 -5.55 17.50
C ILE Z 589 -164.42 -6.88 16.75
N VAL Z 590 -163.79 -7.88 17.39
CA VAL Z 590 -163.58 -9.18 16.75
C VAL Z 590 -164.91 -9.87 16.48
N LEU Z 591 -165.84 -9.83 17.44
CA LEU Z 591 -167.15 -10.43 17.24
C LEU Z 591 -167.93 -9.72 16.13
N LEU Z 592 -167.85 -8.39 16.08
CA LEU Z 592 -168.50 -7.64 15.02
C LEU Z 592 -167.93 -8.00 13.66
N ASN Z 593 -166.59 -8.13 13.58
CA ASN Z 593 -165.96 -8.49 12.32
C ASN Z 593 -166.33 -9.91 11.89
N ILE Z 594 -166.41 -10.85 12.84
CA ILE Z 594 -166.76 -12.22 12.50
C ILE Z 594 -168.23 -12.33 12.13
N TYR Z 595 -169.08 -11.42 12.61
CA TYR Z 595 -170.45 -11.36 12.12
C TYR Z 595 -170.51 -10.76 10.72
N ALA Z 596 -169.75 -9.69 10.50
CA ALA Z 596 -169.80 -8.96 9.24
C ALA Z 596 -169.20 -9.75 8.10
N ILE Z 597 -168.25 -10.65 8.38
CA ILE Z 597 -167.69 -11.49 7.33
C ILE Z 597 -168.77 -12.39 6.74
N GLN Z 598 -169.52 -13.07 7.61
CA GLN Z 598 -170.61 -13.92 7.15
C GLN Z 598 -171.72 -13.10 6.50
N ILE Z 599 -172.02 -11.93 7.07
CA ILE Z 599 -173.07 -11.07 6.52
C ILE Z 599 -172.71 -10.61 5.10
N HIS Z 600 -171.46 -10.17 4.92
CA HIS Z 600 -171.02 -9.69 3.61
C HIS Z 600 -170.93 -10.84 2.61
N ASP Z 601 -170.53 -12.03 3.08
CA ASP Z 601 -170.53 -13.19 2.20
C ASP Z 601 -171.95 -13.54 1.74
N VAL Z 602 -172.92 -13.47 2.65
CA VAL Z 602 -174.31 -13.75 2.30
C VAL Z 602 -174.83 -12.71 1.29
N VAL Z 603 -174.53 -11.44 1.54
CA VAL Z 603 -174.99 -10.37 0.64
C VAL Z 603 -174.34 -10.52 -0.74
N VAL Z 604 -173.04 -10.83 -0.78
CA VAL Z 604 -172.33 -11.00 -2.04
C VAL Z 604 -172.89 -12.20 -2.82
N HIS Z 605 -173.16 -13.31 -2.12
CA HIS Z 605 -173.74 -14.48 -2.78
C HIS Z 605 -175.14 -14.19 -3.29
N GLY Z 606 -175.92 -13.41 -2.54
CA GLY Z 606 -177.25 -13.04 -3.01
C GLY Z 606 -177.21 -12.14 -4.22
N GLU Z 607 -176.26 -11.20 -4.26
CA GLU Z 607 -176.13 -10.30 -5.40
C GLU Z 607 -175.43 -10.94 -6.59
N ILE Z 608 -174.76 -12.07 -6.40
CA ILE Z 608 -174.06 -12.76 -7.49
C ILE Z 608 -174.88 -13.94 -8.01
N THR Z 609 -175.40 -14.77 -7.09
CA THR Z 609 -176.17 -16.01 -7.35
C THR Z 609 -175.65 -16.77 -8.56
N GLU Z 610 -174.35 -17.07 -8.52
CA GLU Z 610 -173.69 -17.82 -9.58
C GLU Z 610 -174.12 -19.29 -9.56
N MET AA 1 -33.11 -32.87 -55.02
CA MET AA 1 -33.08 -31.74 -55.92
C MET AA 1 -31.72 -31.11 -55.88
N ARG AA 2 -31.60 -29.93 -56.48
CA ARG AA 2 -30.35 -29.23 -56.41
C ARG AA 2 -30.26 -28.91 -54.97
N TRP AA 3 -29.61 -29.77 -54.20
CA TRP AA 3 -29.39 -29.44 -52.83
C TRP AA 3 -28.82 -28.14 -53.08
N ARG AA 4 -27.94 -28.08 -54.06
CA ARG AA 4 -27.40 -26.83 -54.46
C ARG AA 4 -28.48 -25.79 -54.28
N ASP AA 5 -29.48 -25.84 -55.12
CA ASP AA 5 -30.48 -24.81 -55.02
C ASP AA 5 -31.24 -24.92 -53.72
N ARG AA 6 -31.21 -26.08 -53.11
CA ARG AA 6 -31.97 -26.21 -51.92
C ARG AA 6 -31.26 -25.21 -51.07
N ILE AA 7 -29.96 -25.39 -50.97
CA ILE AA 7 -29.19 -24.49 -50.15
C ILE AA 7 -29.15 -23.18 -50.84
N ALA AA 8 -29.79 -23.13 -52.00
CA ALA AA 8 -29.79 -21.86 -52.67
C ALA AA 8 -30.53 -20.85 -51.81
N VAL AA 9 -31.83 -20.78 -51.92
CA VAL AA 9 -32.42 -19.66 -51.20
C VAL AA 9 -33.85 -19.50 -50.96
N LEU AA 10 -34.24 -18.24 -50.81
CA LEU AA 10 -35.62 -17.91 -50.57
C LEU AA 10 -35.92 -18.38 -49.16
N CYS AA 11 -35.33 -19.50 -48.78
CA CYS AA 11 -35.54 -20.05 -47.45
C CYS AA 11 -34.69 -21.29 -47.33
N PHE AA 12 -35.28 -22.46 -47.55
CA PHE AA 12 -34.56 -23.72 -47.38
C PHE AA 12 -35.51 -24.89 -47.29
N PRO AA 13 -34.99 -26.12 -47.38
CA PRO AA 13 -35.81 -27.34 -47.25
C PRO AA 13 -36.56 -27.45 -45.91
N PRO AA 14 -37.15 -28.62 -45.61
CA PRO AA 14 -37.95 -28.74 -44.38
C PRO AA 14 -37.09 -28.87 -43.15
N GLY AA 15 -37.53 -28.29 -42.04
CA GLY AA 15 -36.80 -28.41 -40.80
C GLY AA 15 -35.31 -28.33 -40.87
N LEU AA 16 -34.65 -29.46 -41.07
CA LEU AA 16 -33.21 -29.50 -41.07
C LEU AA 16 -32.65 -28.35 -40.31
N MET AA 17 -32.25 -27.28 -41.01
CA MET AA 17 -31.65 -26.11 -40.37
C MET AA 17 -32.13 -25.95 -38.94
N LEU AA 18 -33.40 -26.22 -38.68
CA LEU AA 18 -33.92 -26.05 -37.33
C LEU AA 18 -33.34 -27.10 -36.39
N THR AA 19 -32.97 -28.26 -36.92
CA THR AA 19 -32.24 -29.27 -36.16
C THR AA 19 -30.78 -28.90 -35.92
N VAL AA 20 -30.08 -28.41 -36.95
CA VAL AA 20 -28.68 -28.02 -36.77
C VAL AA 20 -28.52 -26.78 -35.91
N ALA AA 21 -29.59 -25.99 -35.73
CA ALA AA 21 -29.54 -24.92 -34.73
C ALA AA 21 -29.32 -25.48 -33.34
N ALA AA 22 -29.89 -26.44 -32.86
CA ALA AA 22 -29.68 -27.14 -31.59
C ALA AA 22 -28.23 -27.55 -31.43
N LEU AA 23 -27.57 -27.91 -32.54
CA LEU AA 23 -26.14 -28.22 -32.51
C LEU AA 23 -25.30 -27.03 -32.04
N ILE AA 24 -25.51 -25.87 -32.66
CA ILE AA 24 -24.70 -24.69 -32.31
C ILE AA 24 -25.07 -24.17 -30.93
N LEU AA 25 -26.43 -24.27 -30.39
CA LEU AA 25 -26.83 -24.10 -28.99
C LEU AA 25 -26.04 -25.02 -28.08
N PHE AA 26 -25.84 -26.28 -28.50
CA PHE AA 26 -25.01 -27.19 -27.74
C PHE AA 26 -23.56 -26.71 -27.68
N PHE AA 27 -23.07 -26.16 -28.79
CA PHE AA 27 -21.70 -25.63 -28.82
C PHE AA 27 -21.53 -24.52 -27.77
N ILE AA 28 -22.39 -23.50 -27.84
CA ILE AA 28 -22.22 -22.36 -26.95
C ILE AA 28 -22.51 -22.74 -25.50
N HIS AA 29 -23.45 -23.65 -25.26
CA HIS AA 29 -23.81 -23.98 -23.89
C HIS AA 29 -22.77 -24.90 -23.26
N MET AA 30 -22.17 -25.79 -24.05
CA MET AA 30 -21.05 -26.58 -23.56
C MET AA 30 -19.85 -25.68 -23.30
N GLY AA 31 -19.68 -24.63 -24.10
CA GLY AA 31 -18.62 -23.66 -23.83
C GLY AA 31 -18.79 -22.96 -22.50
N VAL AA 32 -20.00 -22.48 -22.22
CA VAL AA 32 -20.17 -21.78 -20.93
C VAL AA 32 -20.15 -22.77 -19.77
N PHE AA 33 -20.60 -24.01 -19.97
CA PHE AA 33 -20.46 -25.03 -18.95
C PHE AA 33 -18.99 -25.30 -18.63
N ALA AA 34 -18.15 -25.38 -19.67
CA ALA AA 34 -16.72 -25.59 -19.47
C ALA AA 34 -16.09 -24.42 -18.72
N SER AA 35 -16.48 -23.19 -19.09
CA SER AA 35 -16.01 -22.03 -18.36
C SER AA 35 -16.44 -22.08 -16.90
N ASP AA 36 -17.66 -22.54 -16.64
CA ASP AA 36 -18.19 -22.57 -15.29
C ASP AA 36 -17.43 -23.57 -14.42
N VAL AA 37 -17.18 -24.77 -14.95
CA VAL AA 37 -16.42 -25.74 -14.14
C VAL AA 37 -14.98 -25.27 -13.97
N HIS AA 38 -14.41 -24.64 -15.00
CA HIS AA 38 -13.04 -24.15 -14.89
C HIS AA 38 -12.92 -23.09 -13.81
N ASN AA 39 -13.89 -22.19 -13.72
CA ASN AA 39 -13.89 -21.20 -12.65
C ASN AA 39 -14.22 -21.81 -11.30
N PHE AA 40 -14.96 -22.91 -11.28
CA PHE AA 40 -15.27 -23.54 -9.99
C PHE AA 40 -14.08 -24.31 -9.42
N CYS AA 41 -13.21 -24.81 -10.29
CA CYS AA 41 -12.21 -25.77 -9.82
C CYS AA 41 -10.90 -25.10 -9.37
N VAL AA 42 -10.24 -24.35 -10.25
CA VAL AA 42 -8.89 -23.89 -9.90
C VAL AA 42 -8.80 -22.38 -9.68
N ILE AA 43 -9.20 -21.58 -10.66
CA ILE AA 43 -8.81 -20.17 -10.69
C ILE AA 43 -9.51 -19.39 -9.57
N HIS AA 44 -10.75 -19.76 -9.27
CA HIS AA 44 -11.50 -19.22 -8.14
C HIS AA 44 -11.67 -17.71 -8.23
N ASN AA 45 -12.40 -17.25 -9.26
CA ASN AA 45 -12.58 -15.82 -9.50
C ASN AA 45 -14.07 -15.50 -9.62
N TYR AA 46 -14.85 -15.98 -8.63
CA TYR AA 46 -16.31 -15.98 -8.60
C TYR AA 46 -16.97 -14.66 -9.03
N ASP AA 47 -16.23 -13.55 -8.93
CA ASP AA 47 -16.69 -12.27 -9.44
C ASP AA 47 -17.09 -12.37 -10.92
N HIS AA 48 -16.37 -13.17 -11.69
CA HIS AA 48 -16.61 -13.28 -13.13
C HIS AA 48 -17.20 -14.63 -13.52
N MET AA 49 -17.76 -15.39 -12.59
CA MET AA 49 -18.47 -16.61 -12.94
C MET AA 49 -19.81 -16.25 -13.58
N SER AA 50 -20.52 -17.27 -14.06
CA SER AA 50 -21.87 -17.06 -14.56
C SER AA 50 -22.88 -17.06 -13.41
N PHE AA 51 -22.59 -16.29 -12.36
CA PHE AA 51 -23.55 -16.07 -11.28
C PHE AA 51 -24.65 -15.10 -11.68
N ARG AA 52 -24.42 -14.29 -12.70
CA ARG AA 52 -25.29 -13.16 -13.00
C ARG AA 52 -26.37 -13.50 -14.01
N TYR AA 53 -26.05 -14.29 -15.03
CA TYR AA 53 -27.05 -14.77 -16.00
C TYR AA 53 -27.37 -16.22 -15.61
N THR AA 54 -28.50 -16.40 -14.92
CA THR AA 54 -28.84 -17.71 -14.38
C THR AA 54 -30.17 -18.24 -14.90
N VAL AA 55 -31.15 -17.37 -15.15
CA VAL AA 55 -32.44 -17.88 -15.59
C VAL AA 55 -32.60 -17.77 -17.10
N VAL AA 56 -31.94 -16.80 -17.73
CA VAL AA 56 -32.11 -16.62 -19.18
C VAL AA 56 -31.45 -17.75 -19.95
N LEU AA 57 -30.29 -18.22 -19.50
CA LEU AA 57 -29.67 -19.33 -20.20
C LEU AA 57 -30.35 -20.65 -19.87
N ILE AA 58 -31.08 -20.73 -18.75
CA ILE AA 58 -31.94 -21.88 -18.50
C ILE AA 58 -33.13 -21.87 -19.46
N PHE AA 59 -33.68 -20.68 -19.73
CA PHE AA 59 -34.75 -20.58 -20.74
C PHE AA 59 -34.23 -20.95 -22.12
N SER AA 60 -32.99 -20.55 -22.44
CA SER AA 60 -32.38 -20.97 -23.68
C SER AA 60 -32.18 -22.48 -23.73
N GLN AA 61 -31.79 -23.08 -22.60
CA GLN AA 61 -31.69 -24.52 -22.48
C GLN AA 61 -33.00 -25.22 -22.82
N VAL AA 62 -34.09 -24.78 -22.20
CA VAL AA 62 -35.37 -25.46 -22.42
C VAL AA 62 -35.88 -25.21 -23.82
N ILE AA 63 -35.64 -24.02 -24.39
CA ILE AA 63 -36.08 -23.80 -25.76
C ILE AA 63 -35.23 -24.61 -26.74
N SER AA 64 -33.97 -24.89 -26.42
CA SER AA 64 -33.16 -25.74 -27.28
C SER AA 64 -33.61 -27.20 -27.18
N ILE AA 65 -33.99 -27.64 -25.99
CA ILE AA 65 -34.53 -28.99 -25.83
C ILE AA 65 -35.80 -29.16 -26.66
N GLY AA 66 -36.70 -28.18 -26.56
CA GLY AA 66 -37.92 -28.23 -27.36
C GLY AA 66 -37.65 -28.16 -28.85
N TRP AA 67 -36.67 -27.36 -29.25
CA TRP AA 67 -36.31 -27.25 -30.66
C TRP AA 67 -35.76 -28.55 -31.21
N ALA AA 68 -34.84 -29.18 -30.48
CA ALA AA 68 -34.28 -30.44 -30.95
C ALA AA 68 -35.35 -31.52 -31.03
N ALA AA 69 -36.25 -31.57 -30.04
CA ALA AA 69 -37.34 -32.52 -30.09
C ALA AA 69 -38.23 -32.29 -31.30
N MET AA 70 -38.66 -31.04 -31.52
CA MET AA 70 -39.55 -30.73 -32.63
C MET AA 70 -38.88 -30.99 -33.97
N GLY AA 71 -37.58 -30.73 -34.06
CA GLY AA 71 -36.86 -31.05 -35.29
C GLY AA 71 -36.78 -32.53 -35.55
N SER AA 72 -36.56 -33.34 -34.51
CA SER AA 72 -36.58 -34.79 -34.67
C SER AA 72 -37.94 -35.27 -35.15
N LEU AA 73 -39.01 -34.74 -34.56
CA LEU AA 73 -40.36 -35.13 -34.96
C LEU AA 73 -40.66 -34.72 -36.40
N TYR AA 74 -40.23 -33.51 -36.78
CA TYR AA 74 -40.51 -32.97 -38.10
C TYR AA 74 -39.59 -33.54 -39.18
N ALA AA 75 -38.52 -34.23 -38.80
CA ALA AA 75 -37.63 -34.84 -39.76
C ALA AA 75 -37.68 -36.37 -39.74
N GLU AA 76 -38.47 -36.98 -38.86
CA GLU AA 76 -38.51 -38.43 -38.82
C GLU AA 76 -39.20 -39.03 -40.05
N MET AA 77 -40.14 -38.31 -40.67
CA MET AA 77 -40.85 -39.00 -41.77
C MET AA 77 -40.07 -39.07 -43.07
N THR AA 78 -38.77 -38.73 -43.13
CA THR AA 78 -38.04 -38.87 -44.39
C THR AA 78 -37.78 -40.32 -44.75
N GLY AA 79 -37.98 -41.26 -43.82
CA GLY AA 79 -37.78 -42.67 -44.08
C GLY AA 79 -36.34 -43.12 -44.07
N ASP AA 80 -35.40 -42.23 -43.77
CA ASP AA 80 -33.98 -42.55 -43.78
C ASP AA 80 -33.46 -42.66 -42.36
N LYS AA 81 -32.71 -43.73 -42.09
CA LYS AA 81 -32.27 -44.01 -40.74
C LYS AA 81 -31.20 -43.03 -40.27
N PHE AA 82 -30.40 -42.49 -41.18
CA PHE AA 82 -29.31 -41.61 -40.79
C PHE AA 82 -29.83 -40.31 -40.18
N LEU AA 83 -30.89 -39.74 -40.77
CA LEU AA 83 -31.45 -38.50 -40.23
C LEU AA 83 -32.05 -38.73 -38.85
N ARG AA 84 -32.75 -39.84 -38.66
CA ARG AA 84 -33.32 -40.15 -37.35
C ARG AA 84 -32.23 -40.36 -36.31
N CYS AA 85 -31.16 -41.07 -36.68
CA CYS AA 85 -30.04 -41.27 -35.76
C CYS AA 85 -29.38 -39.94 -35.40
N PHE AA 86 -29.21 -39.07 -36.40
CA PHE AA 86 -28.70 -37.72 -36.19
C PHE AA 86 -29.52 -36.96 -35.15
N ALA AA 87 -30.83 -36.82 -35.42
CA ALA AA 87 -31.68 -36.02 -34.55
C ALA AA 87 -31.79 -36.61 -33.16
N LEU AA 88 -31.87 -37.94 -33.06
CA LEU AA 88 -31.97 -38.57 -31.74
C LEU AA 88 -30.68 -38.41 -30.96
N THR AA 89 -29.52 -38.48 -31.62
CA THR AA 89 -28.26 -38.25 -30.93
C THR AA 89 -28.18 -36.83 -30.40
N ILE AA 90 -28.62 -35.84 -31.19
CA ILE AA 90 -28.58 -34.46 -30.71
C ILE AA 90 -29.54 -34.27 -29.54
N LEU AA 91 -30.72 -34.89 -29.60
CA LEU AA 91 -31.66 -34.83 -28.48
C LEU AA 91 -31.06 -35.43 -27.22
N ILE AA 92 -30.40 -36.58 -27.35
CA ILE AA 92 -29.83 -37.26 -26.18
C ILE AA 92 -28.71 -36.42 -25.57
N LEU AA 93 -27.81 -35.88 -26.42
CA LEU AA 93 -26.71 -35.10 -25.88
C LEU AA 93 -27.22 -33.81 -25.23
N ASN AA 94 -28.22 -33.17 -25.83
CA ASN AA 94 -28.79 -31.96 -25.23
C ASN AA 94 -29.46 -32.27 -23.89
N GLY AA 95 -30.16 -33.41 -23.81
CA GLY AA 95 -30.81 -33.76 -22.55
C GLY AA 95 -29.84 -34.06 -21.43
N ALA AA 96 -28.80 -34.86 -21.73
CA ALA AA 96 -27.79 -35.15 -20.70
C ALA AA 96 -27.03 -33.88 -20.32
N MET AA 97 -26.76 -33.02 -21.30
CA MET AA 97 -26.16 -31.72 -21.07
C MET AA 97 -27.01 -30.86 -20.12
N PHE AA 98 -28.32 -30.82 -20.36
CA PHE AA 98 -29.21 -30.02 -19.52
C PHE AA 98 -29.24 -30.55 -18.10
N PHE AA 99 -29.33 -31.88 -17.95
CA PHE AA 99 -29.35 -32.44 -16.60
C PHE AA 99 -28.03 -32.19 -15.89
N ASN AA 100 -26.92 -32.21 -16.63
CA ASN AA 100 -25.62 -31.90 -16.04
C ASN AA 100 -25.59 -30.48 -15.49
N ARG AA 101 -26.07 -29.51 -16.27
CA ARG AA 101 -26.02 -28.13 -15.80
C ARG AA 101 -27.01 -27.90 -14.66
N LEU AA 102 -28.16 -28.57 -14.70
CA LEU AA 102 -29.10 -28.49 -13.58
C LEU AA 102 -28.45 -28.99 -12.30
N CYS AA 103 -27.74 -30.13 -12.38
CA CYS AA 103 -27.08 -30.66 -11.20
C CYS AA 103 -26.00 -29.72 -10.69
N LEU AA 104 -25.24 -29.12 -11.60
CA LEU AA 104 -24.15 -28.25 -11.16
C LEU AA 104 -24.68 -26.97 -10.52
N GLU AA 105 -25.71 -26.35 -11.12
CA GLU AA 105 -26.35 -25.21 -10.46
C GLU AA 105 -26.93 -25.56 -9.11
N PHE AA 106 -27.58 -26.72 -9.00
CA PHE AA 106 -28.13 -27.13 -7.71
C PHE AA 106 -27.03 -27.42 -6.69
N LEU AA 107 -25.83 -27.78 -7.16
CA LEU AA 107 -24.72 -28.01 -6.24
C LEU AA 107 -24.17 -26.69 -5.72
N ALA AA 108 -23.84 -25.78 -6.62
CA ALA AA 108 -23.33 -24.46 -6.23
C ALA AA 108 -24.50 -23.53 -6.00
N ILE AA 109 -25.10 -23.65 -4.82
CA ILE AA 109 -26.27 -22.85 -4.47
C ILE AA 109 -25.94 -21.93 -3.30
N ASN AA 110 -24.78 -22.17 -2.68
CA ASN AA 110 -24.35 -21.38 -1.54
C ASN AA 110 -23.40 -20.26 -1.92
N TYR AA 111 -23.24 -20.00 -3.22
CA TYR AA 111 -22.22 -19.07 -3.69
C TYR AA 111 -22.80 -17.86 -4.42
N ARG AA 112 -24.13 -17.76 -4.52
CA ARG AA 112 -24.73 -16.77 -5.39
C ARG AA 112 -25.06 -15.47 -4.66
N GLU AA 113 -26.01 -15.56 -3.73
CA GLU AA 113 -26.66 -14.45 -3.07
C GLU AA 113 -27.64 -15.14 -2.11
N GLU AA 114 -28.36 -14.41 -1.26
CA GLU AA 114 -29.24 -15.11 -0.33
C GLU AA 114 -30.55 -14.38 -0.13
N ARG AA 115 -31.64 -15.13 -0.17
CA ARG AA 115 -32.95 -14.70 0.35
C ARG AA 115 -33.48 -15.72 1.35
N UNK BA 1 -16.93 -28.54 -2.26
CA UNK BA 1 -17.11 -29.96 -2.51
C UNK BA 1 -17.55 -30.23 -3.94
N UNK BA 2 -16.59 -30.62 -4.79
CA UNK BA 2 -16.90 -30.89 -6.19
C UNK BA 2 -15.95 -31.95 -6.75
N UNK BA 3 -15.00 -32.38 -5.94
CA UNK BA 3 -14.03 -33.39 -6.38
C UNK BA 3 -14.61 -34.79 -6.24
N UNK BA 4 -15.73 -34.90 -5.53
CA UNK BA 4 -16.35 -36.19 -5.30
C UNK BA 4 -17.80 -36.20 -5.74
N UNK BA 5 -18.61 -35.33 -5.13
CA UNK BA 5 -20.04 -35.30 -5.38
C UNK BA 5 -20.37 -34.81 -6.78
N UNK BA 6 -19.46 -34.04 -7.38
CA UNK BA 6 -19.65 -33.56 -8.74
C UNK BA 6 -18.87 -34.42 -9.72
N UNK BA 7 -18.09 -35.36 -9.18
CA UNK BA 7 -17.31 -36.28 -10.00
C UNK BA 7 -18.02 -37.62 -10.13
N UNK BA 8 -18.80 -37.98 -9.13
CA UNK BA 8 -19.55 -39.21 -9.15
C UNK BA 8 -20.90 -39.00 -9.83
N UNK BA 9 -21.10 -37.81 -10.39
CA UNK BA 9 -22.32 -37.51 -11.13
C UNK BA 9 -22.14 -37.84 -12.60
N UNK BA 10 -20.88 -37.83 -13.05
CA UNK BA 10 -20.57 -38.17 -14.43
C UNK BA 10 -20.43 -39.68 -14.58
N UNK BA 11 -20.01 -40.34 -13.50
CA UNK BA 11 -19.85 -41.79 -13.50
C UNK BA 11 -21.18 -42.49 -13.67
N UNK BA 12 -22.19 -42.02 -12.94
CA UNK BA 12 -23.53 -42.58 -13.04
C UNK BA 12 -24.11 -42.34 -14.43
N UNK BA 13 -23.81 -41.17 -15.00
CA UNK BA 13 -24.26 -40.82 -16.35
C UNK BA 13 -23.63 -41.76 -17.38
N UNK BA 14 -22.33 -42.00 -17.24
CA UNK BA 14 -21.62 -42.90 -18.15
C UNK BA 14 -22.13 -44.33 -18.01
N UNK BA 15 -22.43 -44.74 -16.79
CA UNK BA 15 -22.97 -46.07 -16.54
C UNK BA 15 -24.35 -46.23 -17.18
N UNK BA 16 -25.19 -45.21 -17.03
CA UNK BA 16 -26.52 -45.21 -17.63
C UNK BA 16 -26.42 -45.27 -19.16
N UNK BA 17 -25.48 -44.49 -19.71
CA UNK BA 17 -25.26 -44.46 -21.15
C UNK BA 17 -24.81 -45.82 -21.66
N UNK BA 18 -23.90 -46.46 -20.92
CA UNK BA 18 -23.40 -47.77 -21.29
C UNK BA 18 -24.50 -48.83 -21.22
N UNK BA 19 -25.35 -48.74 -20.20
CA UNK BA 19 -26.47 -49.65 -20.05
C UNK BA 19 -27.45 -49.49 -21.20
N UNK BA 20 -27.74 -48.25 -21.56
CA UNK BA 20 -28.63 -47.95 -22.67
C UNK BA 20 -28.06 -48.47 -23.99
N UNK BA 21 -26.75 -48.29 -24.18
CA UNK BA 21 -26.07 -48.74 -25.39
C UNK BA 21 -26.10 -50.26 -25.49
N UNK BA 22 -25.89 -50.93 -24.37
CA UNK BA 22 -25.92 -52.40 -24.33
C UNK BA 22 -27.34 -52.91 -24.62
N UNK BA 23 -28.34 -52.26 -24.04
CA UNK BA 23 -29.73 -52.65 -24.27
C UNK BA 23 -30.13 -52.40 -25.73
N UNK BA 24 -29.57 -51.36 -26.34
CA UNK BA 24 -29.85 -51.06 -27.74
C UNK BA 24 -29.16 -52.05 -28.67
N UNK BA 25 -27.93 -52.44 -28.31
CA UNK BA 25 -27.16 -53.39 -29.11
C UNK BA 25 -27.74 -54.79 -29.00
N UNK BA 26 -28.41 -55.07 -27.88
CA UNK BA 26 -29.05 -56.36 -27.67
C UNK BA 26 -30.37 -56.44 -28.44
N UNK BA 27 -30.87 -55.29 -28.87
CA UNK BA 27 -32.12 -55.22 -29.62
C UNK BA 27 -31.88 -55.37 -31.12
N UNK BA 28 -30.62 -55.27 -31.53
CA UNK BA 28 -30.26 -55.39 -32.93
C UNK BA 28 -30.11 -56.86 -33.33
C1 NAG CA . 44.49 27.02 -1.39
C2 NAG CA . 43.38 26.05 -1.02
C3 NAG CA . 42.89 25.31 -2.26
C4 NAG CA . 42.45 26.30 -3.33
C5 NAG CA . 43.58 27.29 -3.62
C6 NAG CA . 43.17 28.40 -4.55
C7 NAG CA . 43.42 25.16 1.26
C8 NAG CA . 43.98 24.12 2.17
N2 NAG CA . 43.83 25.11 -0.01
O3 NAG CA . 41.80 24.47 -1.89
O4 NAG CA . 42.13 25.62 -4.53
O5 NAG CA . 44.03 27.92 -2.40
O6 NAG CA . 42.69 27.90 -5.79
O7 NAG CA . 42.62 26.01 1.65
C1 NAG CA . 40.70 25.51 -4.76
C2 NAG CA . 40.44 25.10 -6.20
C3 NAG CA . 38.94 24.89 -6.44
C4 NAG CA . 38.35 23.94 -5.40
C5 NAG CA . 38.71 24.41 -4.00
C6 NAG CA . 38.26 23.45 -2.93
C7 NAG CA . 41.92 25.83 -8.03
C8 NAG CA . 42.33 26.97 -8.91
N2 NAG CA . 40.96 26.09 -7.13
O3 NAG CA . 38.75 24.36 -7.75
O4 NAG CA . 36.94 23.96 -5.52
O5 NAG CA . 40.12 24.54 -3.87
O6 NAG CA . 37.71 24.12 -1.81
O7 NAG CA . 42.45 24.72 -8.10
C1 BMA CA . 36.41 22.78 -6.15
C2 BMA CA . 35.12 22.41 -5.41
C3 BMA CA . 34.53 21.16 -6.08
C4 BMA CA . 34.32 21.35 -7.59
C5 BMA CA . 35.66 21.80 -8.22
C6 BMA CA . 35.49 22.14 -9.69
O2 BMA CA . 34.17 23.46 -5.55
O3 BMA CA . 33.37 20.62 -5.36
O4 BMA CA . 33.94 20.13 -8.19
O5 BMA CA . 36.13 22.98 -7.53
O6 BMA CA . 36.76 22.41 -10.25
C1 BMA CA . 32.07 21.10 -5.80
C2 BMA CA . 31.11 19.87 -5.77
C3 BMA CA . 29.66 20.32 -5.91
C4 BMA CA . 29.34 21.46 -4.96
C5 BMA CA . 30.28 22.61 -5.23
C6 BMA CA . 30.01 23.82 -4.36
O2 BMA CA . 31.20 19.19 -4.52
O3 BMA CA . 28.76 19.24 -5.70
O4 BMA CA . 28.00 21.89 -5.15
O5 BMA CA . 31.63 22.16 -4.97
O6 BMA CA . 29.59 23.35 -3.09
C1 BMA CA . 31.79 17.88 -4.68
C2 BMA CA . 30.68 16.81 -4.41
C3 BMA CA . 31.23 15.40 -4.71
C4 BMA CA . 31.93 15.35 -6.08
C5 BMA CA . 33.02 16.42 -6.15
C6 BMA CA . 33.78 16.44 -7.46
O2 BMA CA . 29.57 17.00 -5.25
O3 BMA CA . 30.20 14.43 -4.66
O4 BMA CA . 32.52 14.08 -6.29
O5 BMA CA . 32.38 17.70 -5.97
O6 BMA CA . 35.07 16.99 -7.23
C1 BMA CA . 36.53 22.85 -11.60
C2 BMA CA . 36.04 24.30 -11.52
C3 BMA CA . 35.73 24.78 -12.93
C4 BMA CA . 36.97 24.64 -13.83
C5 BMA CA . 37.48 23.17 -13.79
C6 BMA CA . 38.79 22.98 -14.54
O2 BMA CA . 37.08 25.14 -11.03
O3 BMA CA . 35.21 26.13 -12.99
O4 BMA CA . 36.64 24.99 -15.17
O5 BMA CA . 37.70 22.78 -12.40
O6 BMA CA . 39.81 23.69 -13.85
C1 BMA CA . 34.15 26.33 -12.01
C2 BMA CA . 33.59 27.79 -12.18
C3 BMA CA . 32.38 27.99 -11.25
C4 BMA CA . 31.39 26.82 -11.28
C5 BMA CA . 32.13 25.48 -11.11
C6 BMA CA . 31.22 24.28 -11.19
O2 BMA CA . 33.15 28.02 -13.50
O3 BMA CA . 31.70 29.20 -11.56
O4 BMA CA . 30.43 26.97 -10.25
O5 BMA CA . 33.10 25.39 -12.15
O6 BMA CA . 31.99 23.11 -10.89
C1 NAG DA . 65.14 -4.83 29.09
C2 NAG DA . 64.10 -5.28 30.09
C3 NAG DA . 64.78 -5.81 31.34
C4 NAG DA . 65.81 -6.88 31.00
C5 NAG DA . 66.72 -6.42 29.86
C6 NAG DA . 67.60 -7.53 29.34
C7 NAG DA . 61.87 -4.28 30.37
C8 NAG DA . 61.10 -3.06 30.75
N2 NAG DA . 63.20 -4.18 30.43
O3 NAG DA . 63.79 -6.37 32.21
O4 NAG DA . 66.63 -7.09 32.14
O5 NAG DA . 65.97 -5.93 28.75
O6 NAG DA . 67.46 -7.65 27.92
O7 NAG DA . 61.31 -5.32 30.02
C1 NAG DA . 66.39 -8.35 32.79
C2 NAG DA . 67.58 -8.61 33.72
C3 NAG DA . 67.38 -9.94 34.45
C4 NAG DA . 66.03 -9.97 35.15
C5 NAG DA . 64.91 -9.59 34.19
C6 NAG DA . 63.57 -9.43 34.88
C7 NAG DA . 69.71 -7.61 33.05
C8 NAG DA . 70.95 -7.77 32.24
N2 NAG DA . 68.83 -8.61 32.98
O3 NAG DA . 68.44 -10.09 35.39
O4 NAG DA . 65.77 -11.30 35.60
O5 NAG DA . 65.19 -8.34 33.54
O6 NAG DA . 62.63 -10.38 34.41
O7 NAG DA . 69.51 -6.62 33.75
C1 BMA DA . 66.02 -11.47 37.01
C2 BMA DA . 64.77 -12.10 37.63
C3 BMA DA . 65.03 -12.46 39.08
C4 BMA DA . 66.28 -13.34 39.21
C5 BMA DA . 67.48 -12.60 38.59
C6 BMA DA . 68.73 -13.44 38.60
O2 BMA DA . 64.47 -13.32 36.97
O3 BMA DA . 63.92 -13.13 39.67
O4 BMA DA . 66.55 -13.63 40.57
O5 BMA DA . 67.17 -12.29 37.22
O6 BMA DA . 68.74 -14.22 37.42
C1 NAG EA . 73.27 -28.80 8.80
C2 NAG EA . 72.00 -27.98 8.76
C3 NAG EA . 70.80 -28.89 8.99
C4 NAG EA . 70.84 -30.12 8.08
C5 NAG EA . 72.24 -30.75 8.00
C6 NAG EA . 72.39 -31.76 6.88
C7 NAG EA . 71.37 -25.76 9.59
C8 NAG EA . 71.51 -24.77 10.70
N2 NAG EA . 72.01 -26.91 9.74
O3 NAG EA . 69.59 -28.17 8.79
O4 NAG EA . 69.97 -31.10 8.64
O5 NAG EA . 73.24 -29.75 7.77
O6 NAG EA . 71.66 -31.36 5.73
O7 NAG EA . 70.69 -25.52 8.59
C1 NAG EA . 68.96 -31.64 7.76
C2 NAG EA . 68.54 -32.99 8.36
C3 NAG EA . 67.45 -33.63 7.52
C4 NAG EA . 66.29 -32.67 7.31
C5 NAG EA . 66.82 -31.35 6.74
C6 NAG EA . 65.75 -30.29 6.60
C7 NAG EA . 69.84 -34.72 9.51
C8 NAG EA . 71.07 -35.57 9.48
N2 NAG EA . 69.68 -33.88 8.49
O3 NAG EA . 66.99 -34.82 8.16
O4 NAG EA . 65.35 -33.23 6.40
O5 NAG EA . 67.82 -30.81 7.60
O6 NAG EA . 65.62 -29.52 7.79
O7 NAG EA . 69.03 -34.80 10.42
C1 BMA EA . 64.13 -33.59 7.09
C2 BMA EA . 63.10 -33.98 6.01
C3 BMA EA . 61.82 -34.52 6.66
C4 BMA EA . 62.14 -35.61 7.70
C5 BMA EA . 63.14 -35.06 8.73
C6 BMA EA . 63.51 -36.09 9.77
O2 BMA EA . 63.61 -35.01 5.19
O3 BMA EA . 60.91 -35.02 5.68
O4 BMA EA . 60.96 -36.01 8.37
O5 BMA EA . 64.33 -34.65 8.02
O6 BMA EA . 63.60 -37.36 9.14
C1 NAG FA . 50.32 50.84 -25.15
C2 NAG FA . 50.24 52.18 -24.42
C3 NAG FA . 49.76 52.00 -22.98
C4 NAG FA . 48.46 51.23 -22.97
C5 NAG FA . 48.66 49.89 -23.66
C6 NAG FA . 47.41 49.05 -23.71
C7 NAG FA . 51.86 53.75 -25.42
C8 NAG FA . 53.20 54.37 -25.29
N2 NAG FA . 51.51 52.89 -24.45
O3 NAG FA . 49.61 53.28 -22.38
O4 NAG FA . 47.96 51.01 -21.65
O5 NAG FA . 49.08 50.12 -25.01
O6 NAG FA . 47.27 48.26 -22.54
O7 NAG FA . 51.10 54.00 -26.35
C1 NAG FA . 46.99 51.96 -21.12
C2 NAG FA . 45.56 51.88 -21.68
C3 NAG FA . 44.62 52.78 -20.88
C4 NAG FA . 44.71 52.48 -19.39
C5 NAG FA . 46.15 52.58 -18.93
C6 NAG FA . 46.34 52.19 -17.48
C7 NAG FA . 44.64 51.67 -23.96
C8 NAG FA . 44.73 52.15 -25.36
N2 NAG FA . 45.50 52.23 -23.09
O3 NAG FA . 43.28 52.61 -21.33
O4 NAG FA . 43.92 53.41 -18.66
O5 NAG FA . 46.98 51.70 -19.71
O6 NAG FA . 47.19 51.06 -17.35
O7 NAG FA . 43.84 50.82 -23.60
C1 NAG GA . 46.13 39.42 -62.47
C2 NAG GA . 45.29 39.10 -63.70
C3 NAG GA . 44.39 40.28 -64.05
C4 NAG GA . 43.56 40.70 -62.85
C5 NAG GA . 44.47 40.96 -61.65
C6 NAG GA . 43.72 41.26 -60.38
C7 NAG GA . 46.44 37.48 -65.15
C8 NAG GA . 47.31 37.31 -66.35
N2 NAG GA . 46.13 38.75 -64.84
O3 NAG GA . 43.54 39.93 -65.13
O4 NAG GA . 42.82 41.88 -63.14
O5 NAG GA . 45.28 39.80 -61.38
O6 NAG GA . 44.45 42.14 -59.54
O7 NAG GA . 46.04 36.53 -64.48
C1 NAG GA . 41.40 41.61 -63.16
C2 NAG GA . 40.70 42.88 -63.65
C3 NAG GA . 39.19 42.65 -63.72
C4 NAG GA . 38.88 41.43 -64.58
C5 NAG GA . 39.68 40.21 -64.08
C6 NAG GA . 39.53 39.01 -64.98
C7 NAG GA . 41.70 45.08 -63.18
C8 NAG GA . 41.91 46.15 -62.15
N2 NAG GA . 41.01 44.01 -62.78
O3 NAG GA . 38.56 43.80 -64.27
O4 NAG GA . 37.49 41.15 -64.52
O5 NAG GA . 41.08 40.53 -64.04
O6 NAG GA . 40.10 39.25 -66.26
O7 NAG GA . 42.13 45.17 -64.32
C1 BMA GA . 36.87 41.15 -65.83
C2 BMA GA . 35.40 41.63 -65.70
C3 BMA GA . 34.75 41.66 -67.08
C4 BMA GA . 35.60 42.45 -68.09
C5 BMA GA . 37.04 41.90 -68.11
C6 BMA GA . 37.96 42.66 -69.03
O2 BMA GA . 35.34 42.96 -65.19
O3 BMA GA . 33.44 42.21 -67.04
O4 BMA GA . 35.04 42.33 -69.39
O5 BMA GA . 37.57 41.99 -66.77
O6 BMA GA . 39.12 41.89 -69.24
C1 NAG HA . 125.16 -6.18 -25.30
C2 NAG HA . 123.97 -6.69 -24.50
C3 NAG HA . 124.36 -6.91 -23.04
C4 NAG HA . 125.60 -7.79 -22.93
C5 NAG HA . 126.72 -7.23 -23.79
C6 NAG HA . 127.95 -8.11 -23.84
C7 NAG HA . 121.90 -5.84 -25.53
C8 NAG HA . 120.82 -4.80 -25.44
N2 NAG HA . 122.85 -5.76 -24.59
O3 NAG HA . 123.27 -7.53 -22.36
O4 NAG HA . 126.03 -7.84 -21.58
O5 NAG HA . 126.26 -7.08 -25.15
O6 NAG HA . 128.62 -8.11 -22.59
O7 NAG HA . 121.90 -6.71 -26.38
C1 NAG HA . 125.92 -9.18 -21.04
C2 NAG HA . 126.67 -9.23 -19.72
C3 NAG HA . 126.58 -10.61 -19.11
C4 NAG HA . 125.13 -11.09 -19.02
C5 NAG HA . 124.41 -10.91 -20.36
C6 NAG HA . 122.93 -11.19 -20.30
C7 NAG HA . 128.82 -8.34 -18.91
C8 NAG HA . 130.23 -8.00 -19.28
N2 NAG HA . 128.06 -8.83 -19.89
O3 NAG HA . 127.16 -10.61 -17.82
O4 NAG HA . 125.12 -12.47 -18.67
O5 NAG HA . 124.55 -9.56 -20.84
O6 NAG HA . 122.33 -10.57 -19.16
O7 NAG HA . 128.39 -8.20 -17.77
C1 BMA HA . 124.43 -12.77 -17.41
C2 BMA HA . 125.47 -12.94 -16.25
C3 BMA HA . 124.73 -13.25 -14.95
C4 BMA HA . 123.58 -12.24 -14.69
C5 BMA HA . 122.67 -12.14 -15.93
C6 BMA HA . 121.55 -11.13 -15.77
O2 BMA HA . 126.21 -11.76 -16.02
O3 BMA HA . 125.61 -13.27 -13.84
O4 BMA HA . 122.82 -12.65 -13.57
O5 BMA HA . 123.48 -11.75 -17.07
O6 BMA HA . 120.87 -11.44 -14.55
C1 NAG IA . 113.02 43.09 -31.75
C2 NAG IA . 111.69 42.83 -32.44
C3 NAG IA . 111.87 42.86 -33.95
C4 NAG IA . 112.59 44.13 -34.41
C5 NAG IA . 113.87 44.32 -33.60
C6 NAG IA . 114.56 45.62 -33.88
C7 NAG IA . 109.81 41.37 -31.90
C8 NAG IA . 109.39 40.00 -31.45
N2 NAG IA . 111.12 41.57 -32.02
O3 NAG IA . 110.60 42.78 -34.59
O4 NAG IA . 112.91 44.02 -35.79
O5 NAG IA . 113.57 44.31 -32.20
O6 NAG IA . 113.62 46.67 -34.07
O7 NAG IA . 108.99 42.25 -32.14
C1 NAG IA . 112.16 44.98 -36.57
C2 NAG IA . 113.08 45.51 -37.66
C3 NAG IA . 112.33 46.51 -38.54
C4 NAG IA . 111.04 45.90 -39.07
C5 NAG IA . 110.21 45.32 -37.92
C6 NAG IA . 108.99 44.58 -38.39
C7 NAG IA . 115.48 46.02 -37.67
C8 NAG IA . 116.60 46.72 -36.96
N2 NAG IA . 114.27 46.12 -37.10
O3 NAG IA . 113.20 46.89 -39.60
O4 NAG IA . 110.26 46.89 -39.73
O5 NAG IA . 110.99 44.40 -37.15
O6 NAG IA . 109.33 43.52 -39.28
O7 NAG IA . 115.65 45.41 -38.71
C1 BMA IA . 110.46 46.91 -41.16
C2 BMA IA . 109.75 45.69 -41.79
C3 BMA IA . 109.89 45.77 -43.32
C4 BMA IA . 109.45 47.14 -43.86
C5 BMA IA . 110.20 48.26 -43.12
C6 BMA IA . 109.77 49.65 -43.55
O2 BMA IA . 108.37 45.72 -41.52
O3 BMA IA . 109.17 44.73 -43.96
O4 BMA IA . 109.69 47.23 -45.25
O5 BMA IA . 109.96 48.12 -41.72
O6 BMA IA . 110.58 50.59 -42.87
C1 NAG JA . 144.37 32.15 1.23
C2 NAG JA . 145.69 31.60 1.75
C3 NAG JA . 146.08 30.33 1.02
C4 NAG JA . 144.95 29.32 1.08
C5 NAG JA . 143.68 29.95 0.52
C6 NAG JA . 142.47 29.04 0.59
C7 NAG JA . 147.03 33.48 2.58
C8 NAG JA . 148.14 34.45 2.27
N2 NAG JA . 146.74 32.61 1.62
O3 NAG JA . 147.26 29.80 1.62
O4 NAG JA . 145.26 28.15 0.32
O5 NAG JA . 143.36 31.12 1.29
O6 NAG JA . 142.57 28.14 1.68
O7 NAG JA . 146.43 33.52 3.64
C1 NAG JA . 145.70 27.11 1.22
C2 NAG JA . 145.10 25.77 0.83
C3 NAG JA . 145.61 24.68 1.77
C4 NAG JA . 147.13 24.67 1.81
C5 NAG JA . 147.67 26.07 2.09
C6 NAG JA . 149.18 26.16 1.97
C7 NAG JA . 142.88 25.32 -0.14
C8 NAG JA . 141.41 25.46 0.04
N2 NAG JA . 143.65 25.82 0.85
O3 NAG JA . 145.13 23.41 1.33
O4 NAG JA . 147.56 23.82 2.88
O5 NAG JA . 147.12 27.02 1.17
O6 NAG JA . 149.58 27.42 1.42
O7 NAG JA . 143.37 24.79 -1.11
C1 BMA JA . 148.17 22.62 2.39
C2 BMA JA . 149.37 22.33 3.33
C3 BMA JA . 149.78 20.86 3.39
C4 BMA JA . 148.56 19.92 3.30
C5 BMA JA . 147.73 20.29 2.10
C6 BMA JA . 146.55 19.35 1.91
O2 BMA JA . 149.05 22.71 4.67
O3 BMA JA . 150.50 20.59 4.59
O4 BMA JA . 148.98 18.57 3.17
O5 BMA JA . 147.21 21.59 2.35
O6 BMA JA . 146.66 18.31 2.86
C1 BMA JA . 145.46 17.53 2.81
C2 BMA JA . 145.67 16.30 3.73
C3 BMA JA . 144.38 15.49 3.77
C4 BMA JA . 143.20 16.37 4.17
C5 BMA JA . 143.08 17.54 3.18
C6 BMA JA . 141.95 18.48 3.51
O2 BMA JA . 145.92 16.72 5.06
O3 BMA JA . 144.49 14.37 4.63
O4 BMA JA . 142.00 15.61 4.13
O5 BMA JA . 144.32 18.28 3.22
O6 BMA JA . 142.49 19.70 4.01
C1 BMA JA . 144.42 13.15 3.88
C2 BMA JA . 143.48 12.17 4.64
C3 BMA JA . 143.24 10.91 3.81
C4 BMA JA . 142.83 11.24 2.37
C5 BMA JA . 143.87 12.16 1.74
C6 BMA JA . 143.51 12.57 0.32
O2 BMA JA . 142.22 12.77 4.85
O3 BMA JA . 142.27 10.08 4.42
O4 BMA JA . 142.73 10.05 1.60
O5 BMA JA . 143.95 13.36 2.53
O6 BMA JA . 144.70 12.58 -0.46
C1 BMA JA . 141.70 20.19 5.13
C2 BMA JA . 140.82 21.38 4.65
C3 BMA JA . 139.87 21.82 5.75
C4 BMA JA . 139.11 20.62 6.34
C5 BMA JA . 140.11 19.57 6.83
C6 BMA JA . 139.44 18.35 7.43
O2 BMA JA . 140.01 21.02 3.53
O3 BMA JA . 138.94 22.80 5.29
O4 BMA JA . 138.30 21.05 7.43
O5 BMA JA . 140.90 19.15 5.71
O6 BMA JA . 138.30 18.79 8.16
C1 BMA JA . 151.76 19.95 4.32
C2 BMA JA . 152.50 19.82 5.67
C3 BMA JA . 153.71 18.89 5.55
C4 BMA JA . 153.35 17.58 4.83
C5 BMA JA . 152.74 17.92 3.46
C6 BMA JA . 152.36 16.69 2.67
O2 BMA JA . 151.64 19.28 6.67
O3 BMA JA . 154.27 18.59 6.84
O4 BMA JA . 154.51 16.78 4.65
O5 BMA JA . 151.55 18.67 3.70
O6 BMA JA . 151.11 16.23 3.13
C1 NAG KA . 87.92 -6.03 -56.93
C2 NAG KA . 86.42 -6.03 -56.72
C3 NAG KA . 86.14 -6.37 -55.27
C4 NAG KA . 86.91 -7.61 -54.80
C5 NAG KA . 88.33 -7.70 -55.37
C6 NAG KA . 88.91 -9.09 -55.30
C7 NAG KA . 84.79 -4.64 -57.90
C8 NAG KA . 84.28 -3.26 -58.16
N2 NAG KA . 85.83 -4.75 -57.08
O3 NAG KA . 84.73 -6.58 -55.12
O4 NAG KA . 87.08 -7.54 -53.38
O5 NAG KA . 88.40 -7.30 -56.75
O6 NAG KA . 90.13 -9.10 -54.58
O7 NAG KA . 84.27 -5.63 -58.42
C1 NAG KA . 85.97 -7.98 -52.60
C2 NAG KA . 86.48 -8.65 -51.34
C3 NAG KA . 85.32 -9.04 -50.42
C4 NAG KA . 84.43 -7.84 -50.15
C5 NAG KA . 83.99 -7.20 -51.47
C6 NAG KA . 83.21 -5.92 -51.26
C7 NAG KA . 88.62 -9.74 -51.84
C8 NAG KA . 89.30 -11.04 -52.14
N2 NAG KA . 87.30 -9.81 -51.65
O3 NAG KA . 85.83 -9.56 -49.21
O4 NAG KA . 83.29 -8.25 -49.42
O5 NAG KA . 85.14 -6.86 -52.26
O6 NAG KA . 83.28 -5.48 -49.92
O7 NAG KA . 89.24 -8.69 -51.79
C1 NAG LA . 89.57 6.89 -50.91
C2 NAG LA . 89.31 8.32 -50.44
C3 NAG LA . 87.81 8.57 -50.29
C4 NAG LA . 87.05 8.15 -51.54
C5 NAG LA . 87.45 6.74 -51.96
C6 NAG LA . 86.85 6.31 -53.28
C7 NAG LA . 90.48 9.79 -48.88
C8 NAG LA . 91.17 9.90 -47.55
N2 NAG LA . 90.01 8.59 -49.19
O3 NAG LA . 87.59 9.96 -50.04
O4 NAG LA . 85.65 8.17 -51.25
O5 NAG LA . 88.87 6.66 -52.11
O6 NAG LA . 87.77 5.53 -54.02
O7 NAG LA . 90.37 10.76 -49.62
C1 NAG LA . 84.97 9.19 -52.01
C2 NAG LA . 83.50 8.77 -52.17
C3 NAG LA . 82.76 9.80 -53.00
C4 NAG LA . 82.95 11.20 -52.43
C5 NAG LA . 84.41 11.50 -52.15
C6 NAG LA . 84.62 12.78 -51.37
C7 NAG LA . 83.18 6.34 -52.04
C8 NAG LA . 83.09 5.07 -52.82
N2 NAG LA . 83.40 7.45 -52.76
O3 NAG LA . 81.38 9.44 -53.01
O4 NAG LA . 82.55 12.18 -53.39
O5 NAG LA . 85.03 10.46 -51.38
O6 NAG LA . 85.55 12.61 -50.32
O7 NAG LA . 83.07 6.38 -50.83
C1 BMA LA . 81.15 12.61 -53.49
C2 BMA LA . 80.33 12.40 -52.21
C3 BMA LA . 78.89 12.71 -52.59
C4 BMA LA . 78.77 14.19 -53.02
C5 BMA LA . 79.80 14.56 -54.13
C6 BMA LA . 79.98 16.06 -54.29
O2 BMA LA . 80.70 13.32 -51.20
O3 BMA LA . 77.94 12.42 -51.55
O4 BMA LA . 77.46 14.44 -53.51
O5 BMA LA . 81.11 14.01 -53.82
O6 BMA LA . 79.10 16.53 -55.29
C1 BMA LA . 77.24 11.15 -51.74
C2 BMA LA . 75.90 11.37 -52.54
C3 BMA LA . 75.23 10.01 -52.80
C4 BMA LA . 76.23 9.02 -53.42
C5 BMA LA . 77.41 8.87 -52.48
C6 BMA LA . 78.43 7.86 -52.95
O2 BMA LA . 76.10 11.95 -53.81
O3 BMA LA . 74.09 10.15 -53.64
O4 BMA LA . 75.61 7.75 -53.59
O5 BMA LA . 78.05 10.15 -52.39
O6 BMA LA . 78.96 7.21 -51.80
C1 BMA LA . 78.54 17.80 -54.89
C2 BMA LA . 79.56 18.91 -55.22
C3 BMA LA . 78.95 20.27 -54.91
C4 BMA LA . 77.58 20.43 -55.60
C5 BMA LA . 76.66 19.28 -55.17
C6 BMA LA . 75.29 19.34 -55.82
O2 BMA LA . 79.87 18.92 -56.60
O3 BMA LA . 79.82 21.32 -55.29
O4 BMA LA . 77.01 21.68 -55.23
O5 BMA LA . 77.30 18.04 -55.54
O6 BMA LA . 74.60 20.47 -55.31
C1 NAG MA . -19.22 2.51 48.25
C2 NAG MA . -18.63 2.84 46.89
C3 NAG MA . -19.36 2.11 45.78
C4 NAG MA . -19.41 0.61 46.06
C5 NAG MA . -19.95 0.35 47.46
C6 NAG MA . -19.86 -1.10 47.87
C7 NAG MA . -17.58 5.05 46.70
C8 NAG MA . -17.80 6.51 46.44
N2 NAG MA . -18.67 4.28 46.66
O3 NAG MA . -18.70 2.35 44.55
O4 NAG MA . -20.27 -0.02 45.13
O5 NAG MA . -19.21 1.10 48.44
O6 NAG MA . -20.61 -1.94 46.99
O7 NAG MA . -16.46 4.59 46.93
C1 NAG MA . -19.55 -0.75 44.11
C2 NAG MA . -20.52 -1.69 43.40
C3 NAG MA . -19.81 -2.43 42.28
C4 NAG MA . -19.10 -1.48 41.35
C5 NAG MA . -18.20 -0.53 42.15
C6 NAG MA . -17.56 0.54 41.30
C7 NAG MA . -22.45 -2.74 44.51
C8 NAG MA . -22.90 -3.75 45.50
N2 NAG MA . -21.13 -2.62 44.34
O3 NAG MA . -20.76 -3.22 41.56
O4 NAG MA . -18.27 -2.22 40.46
O5 NAG MA . -18.96 0.14 43.16
O6 NAG MA . -16.14 0.49 41.42
O7 NAG MA . -23.24 -2.05 43.88
C1 BMA MA . -18.79 -2.20 39.12
C2 BMA MA . -17.61 -1.88 38.22
C3 BMA MA . -18.05 -1.95 36.76
C4 BMA MA . -18.78 -3.28 36.42
C5 BMA MA . -19.90 -3.50 37.46
C6 BMA MA . -20.60 -4.84 37.30
O2 BMA MA . -16.58 -2.85 38.41
O3 BMA MA . -16.98 -1.59 35.81
O4 BMA MA . -19.37 -3.23 35.14
O5 BMA MA . -19.34 -3.45 38.77
O6 BMA MA . -21.56 -4.97 38.33
C1 BMA MA . -16.23 -2.70 35.27
C2 BMA MA . -16.13 -2.49 33.74
C3 BMA MA . -15.21 -3.54 33.13
C4 BMA MA . -13.87 -3.63 33.89
C5 BMA MA . -14.14 -3.87 35.38
C6 BMA MA . -12.88 -3.94 36.21
O2 BMA MA . -15.57 -1.22 33.44
O3 BMA MA . -14.97 -3.29 31.75
O4 BMA MA . -13.08 -4.68 33.37
O5 BMA MA . -14.94 -2.77 35.86
O6 BMA MA . -12.53 -2.61 36.58
C1 BMA MA . -16.54 -0.35 32.81
C2 BMA MA . -16.09 -0.14 31.34
C3 BMA MA . -17.16 0.66 30.58
C4 BMA MA . -18.57 0.07 30.78
C5 BMA MA . -18.87 -0.05 32.28
C6 BMA MA . -20.23 -0.64 32.57
O2 BMA MA . -15.96 -1.38 30.66
O3 BMA MA . -16.86 0.75 29.19
O4 BMA MA . -19.54 0.88 30.16
O5 BMA MA . -17.88 -0.90 32.88
O6 BMA MA . -20.51 -0.47 33.95
C1 BMA MA . -22.11 -6.30 38.25
C2 BMA MA . -21.15 -7.25 38.98
C3 BMA MA . -21.69 -8.68 38.85
C4 BMA MA . -23.14 -8.77 39.36
C5 BMA MA . -24.03 -7.68 38.69
C6 BMA MA . -25.42 -7.61 39.28
O2 BMA MA . -21.13 -6.95 40.36
O3 BMA MA . -20.87 -9.65 39.51
O4 BMA MA . -23.68 -10.05 39.08
O5 BMA MA . -23.39 -6.38 38.85
O6 BMA MA . -25.34 -6.94 40.54
C1 BMA MA . -19.49 -9.56 39.07
C2 BMA MA . -18.67 -10.71 39.73
C3 BMA MA . -17.23 -10.68 39.20
C4 BMA MA . -17.18 -10.60 37.66
C5 BMA MA . -18.04 -9.41 37.18
C6 BMA MA . -18.06 -9.25 35.68
O2 BMA MA . -19.21 -11.97 39.40
O3 BMA MA . -16.49 -11.81 39.64
O4 BMA MA . -15.85 -10.42 37.22
O5 BMA MA . -19.38 -9.63 37.65
O6 BMA MA . -18.31 -7.87 35.40
C1 NAG NA . -25.94 50.52 43.67
C2 NAG NA . -24.79 51.13 42.86
C3 NAG NA . -24.65 52.60 43.21
C4 NAG NA . -25.98 53.33 43.06
C5 NAG NA . -27.08 52.58 43.81
C6 NAG NA . -28.45 53.16 43.58
C7 NAG NA . -22.92 49.68 42.23
C8 NAG NA . -21.65 49.01 42.69
N2 NAG NA . -23.55 50.42 43.13
O3 NAG NA . -23.68 53.19 42.35
O4 NAG NA . -25.86 54.62 43.62
O5 NAG NA . -27.13 51.21 43.38
O6 NAG NA . -29.37 52.13 43.25
O7 NAG NA . -23.34 49.53 41.10
C1 NAG NA . -25.88 55.65 42.61
C2 NAG NA . -26.19 56.97 43.31
C3 NAG NA . -26.15 58.12 42.31
C4 NAG NA . -24.83 58.14 41.56
C5 NAG NA . -24.56 56.77 40.94
C6 NAG NA . -23.21 56.67 40.30
C7 NAG NA . -27.62 56.74 45.30
C8 NAG NA . -29.01 56.70 45.82
N2 NAG NA . -27.49 56.92 43.97
O3 NAG NA . -26.33 59.35 43.01
O4 NAG NA . -24.88 59.11 40.52
O5 NAG NA . -24.62 55.75 41.95
O6 NAG NA . -23.30 56.19 38.96
O7 NAG NA . -26.64 56.59 46.03
C1 BMA NA . -24.07 60.25 40.88
C2 BMA NA . -23.06 60.49 39.73
C3 BMA NA . -22.35 61.84 39.90
C4 BMA NA . -23.35 62.97 40.21
C5 BMA NA . -24.17 62.59 41.43
C6 BMA NA . -25.17 63.66 41.82
O2 BMA NA . -23.71 60.53 38.47
O3 BMA NA . -21.57 62.18 38.77
O4 BMA NA . -22.66 64.18 40.45
O5 BMA NA . -24.90 61.39 41.10
O6 BMA NA . -26.38 63.43 41.09
C1 NAG OA . -53.95 51.24 27.24
C2 NAG OA . -52.79 50.29 27.00
C3 NAG OA . -52.23 50.51 25.60
C4 NAG OA . -53.32 50.57 24.53
C5 NAG OA . -54.55 51.36 25.00
C6 NAG OA . -55.76 51.16 24.10
C7 NAG OA . -50.95 49.47 28.41
C8 NAG OA . -49.94 49.85 29.45
N2 NAG OA . -51.75 50.46 28.00
O3 NAG OA . -51.29 49.48 25.28
O4 NAG OA . -52.79 51.25 23.40
O5 NAG OA . -54.96 50.98 26.31
O6 NAG OA . -56.09 49.78 23.98
O7 NAG OA . -51.05 48.34 27.97
C1 NAG OA . -52.88 50.50 22.17
C2 NAG OA . -52.82 51.53 21.04
C3 NAG OA . -52.90 50.82 19.69
C4 NAG OA . -51.82 49.75 19.58
C5 NAG OA . -51.90 48.80 20.79
C6 NAG OA . -50.76 47.80 20.84
C7 NAG OA . -53.66 53.83 21.14
C8 NAG OA . -54.87 54.71 21.29
N2 NAG OA . -53.88 52.52 21.16
O3 NAG OA . -52.73 51.78 18.65
O4 NAG OA . -52.04 48.98 18.40
O5 NAG OA . -51.82 49.55 22.01
O6 NAG OA . -49.77 48.19 21.77
O7 NAG OA . -52.53 54.30 21.01
C1 BMA OA . -50.95 49.18 17.47
C2 BMA OA . -51.14 48.19 16.31
C3 BMA OA . -50.00 48.37 15.31
C4 BMA OA . -49.91 49.83 14.84
C5 BMA OA . -49.80 50.77 16.07
C6 BMA OA . -49.85 52.23 15.67
O2 BMA OA . -52.34 48.46 15.61
O3 BMA OA . -50.14 47.51 14.19
O4 BMA OA . -48.78 50.01 14.02
O5 BMA OA . -50.92 50.51 16.96
O6 BMA OA . -50.98 52.43 14.84
C1 NAG PA . -28.83 -25.59 65.33
C2 NAG PA . -27.72 -25.80 66.37
C3 NAG PA . -26.58 -24.83 66.14
C4 NAG PA . -26.06 -24.98 64.71
C5 NAG PA . -27.20 -24.69 63.75
C6 NAG PA . -26.82 -24.85 62.30
C7 NAG PA . -28.59 -26.72 68.47
C8 NAG PA . -29.08 -26.41 69.85
N2 NAG PA . -28.23 -25.67 67.72
O3 NAG PA . -25.55 -25.11 67.08
O4 NAG PA . -24.95 -24.14 64.41
O5 NAG PA . -28.28 -25.61 63.99
O6 NAG PA . -26.20 -23.66 61.80
O7 NAG PA . -28.52 -27.87 68.05
C1 NAG PA . -23.63 -24.72 64.63
C2 NAG PA . -23.11 -25.63 63.49
C3 NAG PA . -21.66 -26.05 63.78
C4 NAG PA . -20.79 -24.83 64.01
C5 NAG PA . -21.35 -23.98 65.13
C6 NAG PA . -20.58 -22.70 65.35
C7 NAG PA . -24.19 -27.36 62.13
C8 NAG PA . -25.08 -28.57 62.14
N2 NAG PA . -23.94 -26.80 63.31
O3 NAG PA . -21.17 -26.82 62.68
O4 NAG PA . -19.46 -25.24 64.34
O5 NAG PA . -22.70 -23.61 64.82
O6 NAG PA . -21.05 -21.66 64.51
O7 NAG PA . -23.73 -26.90 61.09
C1 NAG QA . -54.48 -48.76 46.61
C2 NAG QA . -54.97 -49.89 45.71
C3 NAG QA . -54.29 -51.21 46.10
C4 NAG QA . -52.78 -51.04 46.13
C5 NAG QA . -52.41 -49.87 47.03
C6 NAG QA . -50.92 -49.59 47.06
C7 NAG QA . -57.25 -49.45 44.92
C8 NAG QA . -58.72 -49.70 45.16
N2 NAG QA . -56.42 -50.02 45.79
O3 NAG QA . -54.66 -52.22 45.17
O4 NAG QA . -52.18 -52.24 46.61
O5 NAG QA . -53.06 -48.68 46.55
O6 NAG QA . -50.38 -49.87 48.35
O7 NAG QA . -56.85 -48.75 44.00
C1 NAG QA . -51.38 -52.85 45.56
C2 NAG QA . -50.74 -54.11 46.09
C3 NAG QA . -49.88 -54.75 45.00
C4 NAG QA . -50.69 -54.97 43.72
C5 NAG QA . -51.49 -53.72 43.32
C6 NAG QA . -52.52 -54.01 42.27
C7 NAG QA . -50.23 -54.35 48.48
C8 NAG QA . -49.30 -53.96 49.59
N2 NAG QA . -49.94 -53.83 47.28
O3 NAG QA . -49.35 -55.98 45.47
O4 NAG QA . -49.77 -55.27 42.68
O5 NAG QA . -52.20 -53.18 44.44
O6 NAG QA . -53.07 -55.31 42.43
O7 NAG QA . -51.19 -55.09 48.66
C1 BMA QA . -50.03 -56.54 42.03
C2 BMA QA . -48.65 -57.10 41.51
C3 BMA QA . -48.81 -58.55 41.02
C4 BMA QA . -49.60 -59.41 42.01
C5 BMA QA . -50.94 -58.73 42.30
C6 BMA QA . -51.80 -59.53 43.23
O2 BMA QA . -47.69 -57.10 42.54
O3 BMA QA . -47.54 -59.17 40.78
O4 BMA QA . -49.82 -60.69 41.45
O5 BMA QA . -50.66 -57.47 42.91
O6 BMA QA . -53.10 -58.94 43.24
C1 NAG RA . -100.40 34.70 70.84
C2 NAG RA . -99.40 35.13 69.77
C3 NAG RA . -98.81 36.51 70.10
C4 NAG RA . -99.92 37.51 70.39
C5 NAG RA . -100.85 36.97 71.47
C6 NAG RA . -102.02 37.87 71.76
C7 NAG RA . -98.27 33.31 68.58
C8 NAG RA . -97.12 32.37 68.57
N2 NAG RA . -98.35 34.16 69.61
O3 NAG RA . -98.03 36.96 69.01
O4 NAG RA . -99.35 38.74 70.86
O5 NAG RA . -101.39 35.71 71.02
O6 NAG RA . -101.59 39.10 72.33
O7 NAG RA . -99.13 33.30 67.68
C1 NAG RA . -99.48 39.75 69.85
C2 NAG RA . -99.20 41.11 70.50
C3 NAG RA . -99.29 42.22 69.47
C4 NAG RA . -98.45 41.91 68.24
C5 NAG RA . -98.72 40.51 67.72
C6 NAG RA . -97.78 40.07 66.61
C7 NAG RA . -99.79 42.07 72.68
C8 NAG RA . -100.86 42.21 73.72
N2 NAG RA . -100.12 41.35 71.60
O3 NAG RA . -98.87 43.45 70.05
O4 NAG RA . -98.81 42.84 67.20
O5 NAG RA . -98.57 39.55 68.78
O6 NAG RA . -96.47 40.60 66.81
O7 NAG RA . -98.69 42.58 72.81
C1 BMA RA . -97.73 43.69 66.76
C2 BMA RA . -98.02 45.15 67.22
C3 BMA RA . -96.86 46.07 66.84
C4 BMA RA . -95.48 45.47 67.21
C5 BMA RA . -95.38 44.02 66.69
C6 BMA RA . -94.06 43.35 67.05
O2 BMA RA . -98.16 45.22 68.63
O3 BMA RA . -97.00 47.36 67.43
O4 BMA RA . -94.44 46.24 66.66
O5 BMA RA . -96.46 43.26 67.25
O6 BMA RA . -93.03 43.95 66.28
C1 NAG SA . -76.86 -1.65 98.45
C2 NAG SA . -76.48 -2.65 97.36
C3 NAG SA . -77.61 -3.65 97.16
C4 NAG SA . -77.97 -4.30 98.49
C5 NAG SA . -78.26 -3.23 99.54
C6 NAG SA . -78.49 -3.80 100.92
C7 NAG SA . -75.04 -2.11 95.44
C8 NAG SA . -74.91 -1.33 94.17
N2 NAG SA . -76.19 -1.97 96.11
O3 NAG SA . -77.21 -4.63 96.22
O4 NAG SA . -79.14 -5.10 98.32
O5 NAG SA . -77.14 -2.35 99.65
O6 NAG SA . -77.66 -4.93 101.16
O7 NAG SA . -74.14 -2.84 95.86
C1 NAG SA . -78.81 -6.51 98.38
C2 NAG SA . -79.90 -7.24 99.16
C3 NAG SA . -79.60 -8.73 99.20
C4 NAG SA . -79.39 -9.28 97.80
C5 NAG SA . -78.35 -8.45 97.06
C6 NAG SA . -78.19 -8.84 95.61
C7 NAG SA . -81.21 -6.31 101.01
C8 NAG SA . -81.18 -5.80 102.42
N2 NAG SA . -80.04 -6.71 100.51
O3 NAG SA . -80.69 -9.38 99.85
O4 NAG SA . -78.91 -10.61 97.87
O5 NAG SA . -78.70 -7.06 97.07
O6 NAG SA . -79.36 -8.52 94.86
O7 NAG SA . -82.25 -6.38 100.37
C1 BMA SA . -79.96 -11.60 97.71
C2 BMA SA . -80.23 -11.85 96.22
C3 BMA SA . -81.23 -13.00 96.05
C4 BMA SA . -80.85 -14.23 96.90
C5 BMA SA . -80.59 -13.83 98.36
C6 BMA SA . -80.09 -14.98 99.20
O2 BMA SA . -79.05 -12.23 95.55
O3 BMA SA . -81.37 -13.38 94.69
O4 BMA SA . -81.90 -15.19 96.86
O5 BMA SA . -79.59 -12.81 98.37
O6 BMA SA . -79.64 -14.47 100.44
C1 NAG TA . -80.84 41.65 116.55
C2 NAG TA . -81.57 42.88 117.10
C3 NAG TA . -82.86 43.12 116.33
C4 NAG TA . -82.57 43.23 114.85
C5 NAG TA . -81.86 41.97 114.38
C6 NAG TA . -81.48 42.00 112.93
C7 NAG TA . -81.18 43.41 119.47
C8 NAG TA . -81.59 43.14 120.88
N2 NAG TA . -81.84 42.73 118.53
O3 NAG TA . -83.49 44.30 116.83
O4 NAG TA . -83.76 43.44 114.09
O5 NAG TA . -80.65 41.80 115.12
O6 NAG TA . -81.17 43.32 112.50
O7 NAG TA . -80.29 44.21 119.19
C1 NAG TA . -83.83 44.85 113.77
C2 NAG TA . -84.21 45.08 112.31
C3 NAG TA . -84.33 46.57 112.02
C4 NAG TA . -85.25 47.25 113.02
C5 NAG TA . -84.87 46.89 114.45
C6 NAG TA . -85.85 47.40 115.48
C7 NAG TA . -83.56 44.01 110.20
C8 NAG TA . -82.43 43.40 109.41
N2 NAG TA . -83.25 44.45 111.41
O3 NAG TA . -84.84 46.75 110.70
O4 NAG TA . -85.10 48.66 112.90
O5 NAG TA . -84.81 45.47 114.62
O6 NAG TA . -86.10 46.43 116.48
O7 NAG TA . -84.68 44.10 109.73
C1 BMA TA . -86.24 49.24 112.24
C2 BMA TA . -86.43 50.65 112.86
C3 BMA TA . -87.32 51.54 112.00
C4 BMA TA . -86.99 51.41 110.51
C5 BMA TA . -87.01 49.95 110.10
C6 BMA TA . -86.68 49.76 108.64
O2 BMA TA . -85.17 51.31 112.95
O3 BMA TA . -87.20 52.91 112.40
O4 BMA TA . -87.95 52.13 109.75
O5 BMA TA . -86.00 49.28 110.86
O6 BMA TA . -87.01 50.97 107.98
C1 BMA TA . -86.48 50.92 106.64
C2 BMA TA . -86.57 52.35 106.05
C3 BMA TA . -85.89 52.37 104.70
C4 BMA TA . -84.48 51.79 104.76
C5 BMA TA . -84.55 50.37 105.34
C6 BMA TA . -83.21 49.69 105.44
O2 BMA TA . -85.85 53.27 106.87
O3 BMA TA . -85.89 53.67 104.11
O4 BMA TA . -83.91 51.74 103.47
O5 BMA TA . -85.13 50.45 106.65
O6 BMA TA . -82.85 49.56 106.81
C1 BMA TA . -86.81 53.73 103.00
C2 BMA TA . -86.09 54.43 101.83
C3 BMA TA . -86.96 54.37 100.57
C4 BMA TA . -87.44 52.93 100.28
C5 BMA TA . -88.19 52.41 101.50
C6 BMA TA . -88.68 50.98 101.32
O2 BMA TA . -84.88 53.76 101.52
O3 BMA TA . -86.27 54.88 99.43
O4 BMA TA . -88.30 52.92 99.17
O5 BMA TA . -87.28 52.42 102.62
O6 BMA TA . -89.93 50.84 101.99
C1 BMA TA . -81.45 49.89 106.99
C2 BMA TA . -80.64 48.54 107.22
C3 BMA TA . -79.14 48.72 106.96
C4 BMA TA . -78.86 49.58 105.71
C5 BMA TA . -79.58 50.93 105.88
C6 BMA TA . -79.29 51.90 104.75
O2 BMA TA . -81.08 47.49 106.36
O3 BMA TA . -78.49 47.46 106.82
O4 BMA TA . -77.47 49.79 105.57
O5 BMA TA . -80.97 50.66 105.88
O6 BMA TA . -77.93 51.76 104.37
C1 BMA TA . -88.49 53.45 112.73
C2 BMA TA . -88.26 54.79 113.47
C3 BMA TA . -89.58 55.52 113.66
C4 BMA TA . -90.39 55.60 112.34
C5 BMA TA . -90.58 54.19 111.79
C6 BMA TA . -91.34 54.16 110.47
O2 BMA TA . -87.43 55.65 112.71
O3 BMA TA . -89.39 56.84 114.18
O4 BMA TA . -91.65 56.20 112.57
O5 BMA TA . -89.28 53.62 111.56
O6 BMA TA . -90.56 54.86 109.50
C1 NAG UA . -96.24 -4.45 41.06
C2 NAG UA . -95.07 -4.84 40.19
C3 NAG UA . -94.11 -3.65 40.08
C4 NAG UA . -94.85 -2.35 39.75
C5 NAG UA . -96.18 -2.22 40.50
C6 NAG UA . -97.05 -1.11 39.95
C7 NAG UA . -94.36 -7.18 40.06
C8 NAG UA . -93.60 -8.29 40.72
N2 NAG UA . -94.38 -6.01 40.70
O3 NAG UA . -93.14 -3.95 39.08
O4 NAG UA . -94.08 -1.24 40.19
O5 NAG UA . -96.95 -3.42 40.45
O6 NAG UA . -97.31 -0.13 40.95
O7 NAG UA . -94.96 -7.35 38.99
C1 NAG UA . -93.16 -0.77 39.20
C2 NAG UA . -93.24 0.76 39.14
C3 NAG UA . -92.16 1.32 38.20
C4 NAG UA . -90.79 0.77 38.56
C5 NAG UA . -90.83 -0.75 38.61
C6 NAG UA . -89.54 -1.37 39.06
C7 NAG UA . -95.36 1.96 39.49
C8 NAG UA . -96.68 2.32 38.88
N2 NAG UA . -94.55 1.20 38.72
O3 NAG UA . -92.16 2.74 38.29
O4 NAG UA . -89.83 1.19 37.60
O5 NAG UA . -91.84 -1.16 39.55
O6 NAG UA . -88.62 -0.40 39.53
O7 NAG UA . -95.04 2.31 40.61
C1 NAG VA . -88.57 -5.82 52.78
C2 NAG VA . -87.39 -6.13 53.68
C3 NAG VA . -86.30 -6.85 52.88
C4 NAG VA . -86.85 -8.05 52.13
C5 NAG VA . -88.13 -7.67 51.36
C6 NAG VA . -88.83 -8.88 50.77
C7 NAG VA . -86.23 -4.91 55.48
C8 NAG VA . -85.77 -3.58 55.96
N2 NAG VA . -86.87 -4.92 54.29
O3 NAG VA . -85.28 -7.29 53.78
O4 NAG VA . -85.90 -8.46 51.15
O5 NAG VA . -89.07 -7.03 52.23
O6 NAG VA . -90.02 -8.50 50.10
O7 NAG VA . -86.04 -5.94 56.12
C1 NAG VA . -85.13 -9.63 51.49
C2 NAG VA . -84.08 -9.77 50.39
C3 NAG VA . -83.13 -10.93 50.65
C4 NAG VA . -82.57 -10.86 52.08
C5 NAG VA . -83.69 -10.66 53.09
C6 NAG VA . -83.17 -10.40 54.49
C7 NAG VA . -84.88 -8.88 48.24
C8 NAG VA . -85.53 -9.20 46.94
N2 NAG VA . -84.71 -9.91 49.08
O3 NAG VA . -82.08 -10.83 49.69
O4 NAG VA . -81.81 -12.00 52.49
O5 NAG VA . -84.48 -9.51 52.74
O6 NAG VA . -82.45 -9.18 54.55
O7 NAG VA . -84.51 -7.75 48.53
C1 BMA VA . -81.57 -13.17 51.67
C2 BMA VA . -80.20 -13.02 51.02
C3 BMA VA . -79.96 -14.22 50.15
C4 BMA VA . -79.88 -15.45 51.03
C5 BMA VA . -81.18 -15.64 51.81
C6 BMA VA . -81.02 -16.69 52.90
O2 BMA VA . -79.16 -12.98 51.98
O3 BMA VA . -78.75 -14.12 49.38
O4 BMA VA . -79.64 -16.59 50.24
O5 BMA VA . -81.61 -14.38 52.46
O6 BMA VA . -80.50 -17.87 52.30
C1 BMA VA . -78.99 -13.74 48.00
C2 BMA VA . -79.16 -15.03 47.11
C3 BMA VA . -79.29 -14.58 45.66
C4 BMA VA . -80.43 -13.55 45.51
C5 BMA VA . -80.24 -12.37 46.48
C6 BMA VA . -81.36 -11.36 46.46
O2 BMA VA . -80.36 -15.72 47.40
O3 BMA VA . -79.52 -15.69 44.80
O4 BMA VA . -80.47 -13.07 44.17
O5 BMA VA . -80.14 -12.89 47.82
O6 BMA VA . -81.37 -10.73 45.18
C1 BMA VA . -79.48 -18.48 53.13
C2 BMA VA . -80.12 -18.91 54.45
C3 BMA VA . -79.09 -19.62 55.30
C4 BMA VA . -78.45 -20.78 54.53
C5 BMA VA . -77.85 -20.26 53.20
C6 BMA VA . -77.29 -21.39 52.34
O2 BMA VA . -81.14 -19.85 54.20
O3 BMA VA . -79.67 -20.12 56.49
O4 BMA VA . -77.42 -21.39 55.30
O5 BMA VA . -78.88 -19.60 52.45
O6 BMA VA . -76.61 -20.82 51.25
C1 NAG WA . 38.53 -2.15 -28.05
C2 NAG WA . 39.29 -3.44 -28.35
C3 NAG WA . 40.75 -3.13 -28.61
C4 NAG WA . 40.89 -2.08 -29.71
C5 NAG WA . 40.08 -0.84 -29.34
C6 NAG WA . 40.07 0.19 -30.44
C7 NAG WA . 38.35 -5.45 -27.32
C8 NAG WA . 38.34 -6.33 -26.11
N2 NAG WA . 39.15 -4.39 -27.26
O3 NAG WA . 41.43 -4.33 -29.01
O4 NAG WA . 42.26 -1.72 -29.87
O5 NAG WA . 38.71 -1.22 -29.12
O6 NAG WA . 39.69 -0.38 -31.68
O7 NAG WA . 37.65 -5.69 -28.30
C1 NAG XA . 16.43 29.46 -9.38
C2 NAG XA . 15.49 30.58 -8.93
C3 NAG XA . 15.17 30.43 -7.44
C4 NAG XA . 14.63 29.04 -7.15
C5 NAG XA . 15.59 27.98 -7.66
C6 NAG XA . 15.05 26.57 -7.51
C7 NAG XA . 15.60 32.72 -10.13
C8 NAG XA . 16.32 34.02 -10.28
N2 NAG XA . 16.07 31.89 -9.20
O3 NAG XA . 14.21 31.42 -7.07
O4 NAG XA . 14.44 28.88 -5.75
O5 NAG XA . 15.84 28.18 -9.06
O6 NAG XA . 15.48 25.74 -8.57
O7 NAG XA . 14.64 32.43 -10.84
C1 NAG YA . 5.18 22.09 -5.06
C2 NAG YA . 4.46 20.83 -4.56
C3 NAG YA . 4.95 20.43 -3.18
C4 NAG YA . 6.46 20.29 -3.17
C5 NAG YA . 7.10 21.59 -3.64
C6 NAG YA . 8.61 21.51 -3.74
C7 NAG YA . 2.22 20.49 -5.50
C8 NAG YA . 0.75 20.77 -5.35
N2 NAG YA . 3.01 21.01 -4.57
O3 NAG YA . 4.35 19.20 -2.80
O4 NAG YA . 6.93 19.97 -1.86
O5 NAG YA . 6.62 21.92 -4.96
O6 NAG YA . 9.09 20.21 -3.45
O7 NAG YA . 2.66 19.83 -6.44
C1 NAG ZA . 91.98 35.99 54.02
C2 NAG ZA . 92.49 37.33 54.53
C3 NAG ZA . 91.60 37.82 55.67
C4 NAG ZA . 90.15 37.86 55.24
C5 NAG ZA . 89.73 36.50 54.68
C6 NAG ZA . 88.33 36.52 54.09
C7 NAG ZA . 94.90 37.58 54.17
C8 NAG ZA . 96.27 37.43 54.78
N2 NAG ZA . 93.87 37.24 54.96
O3 NAG ZA . 92.03 39.13 56.07
O4 NAG ZA . 89.32 38.18 56.35
O5 NAG ZA . 90.61 36.11 53.62
O6 NAG ZA . 88.13 37.64 53.25
O7 NAG ZA . 94.74 38.01 53.04
C1 NAG AB . 43.41 34.95 -15.67
C2 NAG AB . 44.73 35.43 -16.27
C3 NAG AB . 44.52 35.89 -17.71
C4 NAG AB . 43.87 34.77 -18.52
C5 NAG AB . 42.59 34.29 -17.84
C6 NAG AB . 42.00 33.07 -18.51
C7 NAG AB . 46.62 36.61 -15.22
C8 NAG AB . 47.04 37.77 -14.39
N2 NAG AB . 45.31 36.51 -15.48
O3 NAG AB . 45.78 36.23 -18.28
O4 NAG AB . 43.56 35.24 -19.83
O5 NAG AB . 42.87 33.91 -16.48
O6 NAG AB . 42.81 31.92 -18.29
O7 NAG AB . 47.42 35.79 -15.65
C1 NAG BB . 35.76 25.51 48.70
C2 NAG BB . 36.40 26.65 47.93
C3 NAG BB . 37.32 27.46 48.82
C4 NAG BB . 36.62 27.84 50.12
C5 NAG BB . 36.08 26.59 50.78
C6 NAG BB . 35.34 26.91 52.07
C7 NAG BB . 37.32 26.87 45.70
C8 NAG BB . 37.96 26.19 44.53
N2 NAG BB . 37.14 26.12 46.79
O3 NAG BB . 37.72 28.66 48.15
O4 NAG BB . 37.54 28.50 50.99
O5 NAG BB . 35.18 25.99 49.89
O6 NAG BB . 34.08 26.24 52.09
O7 NAG BB . 36.99 28.04 45.67
C1 NAG CB . 122.53 -26.30 30.45
C2 NAG CB . 123.60 -26.16 31.54
C3 NAG CB . 123.01 -25.46 32.76
C4 NAG CB . 122.36 -24.15 32.36
C5 NAG CB . 121.36 -24.35 31.22
C6 NAG CB . 120.82 -23.05 30.69
C7 NAG CB . 125.47 -27.64 32.05
C8 NAG CB . 125.89 -29.04 32.43
N2 NAG CB . 124.17 -27.44 31.89
O3 NAG CB . 124.04 -25.24 33.71
O4 NAG CB . 121.67 -23.60 33.49
O5 NAG CB . 122.01 -25.01 30.12
O6 NAG CB . 120.03 -23.26 29.52
O7 NAG CB . 126.29 -26.74 31.91
C1 NAG DB . 54.37 55.37 -35.56
C2 NAG DB . 53.84 54.15 -36.33
C3 NAG DB . 52.31 54.15 -36.32
C4 NAG DB . 51.77 54.27 -34.90
C5 NAG DB . 52.36 55.51 -34.23
C6 NAG DB . 51.96 55.66 -32.79
C7 NAG DB . 55.50 53.60 -38.04
C8 NAG DB . 55.85 53.68 -39.50
N2 NAG DB . 54.33 54.14 -37.69
O3 NAG DB . 51.83 52.95 -36.92
O4 NAG DB . 50.35 54.40 -34.93
O5 NAG DB . 53.79 55.40 -34.25
O6 NAG DB . 52.84 56.54 -32.10
O7 NAG DB . 56.24 53.07 -37.24
C1 NAG EB . 80.75 28.83 -76.67
C2 NAG EB . 81.71 29.23 -77.79
C3 NAG EB . 83.15 29.15 -77.30
C4 NAG EB . 83.34 29.97 -76.03
C5 NAG EB . 82.32 29.54 -74.98
C6 NAG EB . 82.36 30.41 -73.74
C7 NAG EB . 80.70 28.68 -79.97
C8 NAG EB . 80.63 27.70 -81.09
N2 NAG EB . 81.53 28.37 -78.96
O3 NAG EB . 84.03 29.62 -78.32
O4 NAG EB . 84.65 29.79 -75.52
O5 NAG EB . 80.99 29.66 -75.52
O6 NAG EB . 81.31 31.36 -73.73
O7 NAG EB . 80.04 29.71 -79.97
C1 CLR FB . -3.63 -15.89 -26.34
C2 CLR FB . -3.57 -14.89 -25.20
C3 CLR FB . -4.05 -13.51 -25.62
C4 CLR FB . -5.44 -13.62 -26.24
C5 CLR FB . -5.44 -14.59 -27.39
C6 CLR FB . -5.39 -14.11 -28.63
C7 CLR FB . -5.20 -14.95 -29.85
C8 CLR FB . -5.53 -16.40 -29.56
C9 CLR FB . -4.81 -16.90 -28.30
C10 CLR FB . -5.00 -16.00 -27.04
C11 CLR FB . -5.15 -18.39 -28.09
C12 CLR FB . -4.94 -19.29 -29.32
C13 CLR FB . -5.55 -18.74 -30.61
C14 CLR FB . -5.08 -17.29 -30.71
C15 CLR FB . -5.39 -16.88 -32.13
C16 CLR FB . -4.85 -18.09 -32.89
C17 CLR FB . -5.01 -19.33 -31.96
C18 CLR FB . -7.09 -18.81 -30.57
C19 CLR FB . -6.03 -16.60 -26.05
C20 CLR FB . -5.77 -20.46 -32.67
C21 CLR FB . -5.65 -21.83 -32.00
C22 CLR FB . -5.27 -20.57 -34.12
C23 CLR FB . -6.11 -21.46 -35.04
C24 CLR FB . -5.30 -21.98 -36.21
C25 CLR FB . -5.29 -23.50 -36.36
C26 CLR FB . -4.65 -24.14 -35.13
C27 CLR FB . -6.69 -24.07 -36.58
O1 CLR FB . -4.04 -12.66 -24.50
C1 NAG GB . -44.00 -4.18 17.74
C2 NAG GB . -45.23 -3.41 17.26
C3 NAG GB . -46.24 -3.26 18.40
C4 NAG GB . -46.57 -4.62 19.00
C5 NAG GB . -45.29 -5.33 19.41
C6 NAG GB . -45.53 -6.73 19.91
C7 NAG GB . -44.59 -1.90 15.44
C8 NAG GB . -44.22 -0.50 15.07
N2 NAG GB . -44.86 -2.11 16.73
O3 NAG GB . -47.43 -2.65 17.90
O4 NAG GB . -47.41 -4.46 20.14
O5 NAG GB . -44.41 -5.44 18.28
O6 NAG GB . -46.68 -7.30 19.31
O7 NAG GB . -44.62 -2.80 14.62
C1 NAG HB . -4.58 -15.91 30.76
C2 NAG HB . -3.25 -16.67 30.76
C3 NAG HB . -2.08 -15.69 30.66
C4 NAG HB . -2.24 -14.80 29.44
C5 NAG HB . -3.56 -14.07 29.50
C6 NAG HB . -3.84 -13.24 28.27
C7 NAG HB . -3.53 -18.75 32.05
C8 NAG HB . -3.32 -19.43 33.36
N2 NAG HB . -3.12 -17.48 31.97
O3 NAG HB . -0.86 -16.43 30.57
O4 NAG HB . -1.17 -13.86 29.38
O5 NAG HB . -4.63 -15.02 29.61
O6 NAG HB . -4.90 -13.79 27.51
O7 NAG HB . -4.05 -19.33 31.09
C1 NAG IB . 1.53 -13.08 18.13
C2 NAG IB . 1.90 -12.28 16.88
C3 NAG IB . 2.21 -10.82 17.26
C4 NAG IB . 1.05 -10.23 18.04
C5 NAG IB . 0.71 -11.11 19.24
C6 NAG IB . -0.52 -10.64 20.00
C7 NAG IB . 2.91 -13.76 15.20
C8 NAG IB . 4.19 -14.26 14.61
N2 NAG IB . 3.04 -12.87 16.20
O3 NAG IB . 2.44 -10.07 16.08
O4 NAG IB . 1.38 -8.92 18.50
O5 NAG IB . 0.43 -12.44 18.80
O6 NAG IB . -0.36 -9.29 20.42
O7 NAG IB . 1.81 -14.14 14.81
C1 NAG JB . -11.31 57.69 96.21
C2 NAG JB . -10.71 57.58 97.61
C3 NAG JB . -9.19 57.75 97.55
C4 NAG JB . -8.59 56.76 96.56
C5 NAG JB . -9.26 56.90 95.20
C6 NAG JB . -8.80 55.84 94.22
C7 NAG JB . -12.14 58.22 99.50
C8 NAG JB . -12.66 59.35 100.34
N2 NAG JB . -11.30 58.55 98.52
O3 NAG JB . -8.64 57.55 98.85
O4 NAG JB . -7.19 57.03 96.41
O5 NAG JB . -10.68 56.72 95.35
O6 NAG JB . -9.43 54.59 94.47
O7 NAG JB . -12.47 57.06 99.71
C1 NAG KB . -24.58 -12.87 50.75
C2 NAG KB . -25.57 -13.12 51.89
C3 NAG KB . -26.26 -14.48 51.69
C4 NAG KB . -26.88 -14.57 50.30
C5 NAG KB . -25.84 -14.25 49.24
C6 NAG KB . -26.43 -14.20 47.85
C7 NAG KB . -25.48 -12.52 54.26
C8 NAG KB . -24.66 -12.55 55.51
N2 NAG KB . -24.91 -13.06 53.18
O3 NAG KB . -27.24 -14.65 52.69
O4 NAG KB . -27.40 -15.88 50.09
O5 NAG KB . -25.25 -12.97 49.48
O6 NAG KB . -27.67 -13.51 47.84
O7 NAG KB . -26.60 -12.03 54.24
C1 NAG LB . 17.68 37.08 50.87
C2 NAG LB . 16.50 36.42 51.56
C3 NAG LB . 16.29 36.95 52.96
C4 NAG LB . 17.60 37.16 53.71
C5 NAG LB . 18.68 37.81 52.87
C6 NAG LB . 20.00 37.82 53.63
C7 NAG LB . 14.11 36.23 51.09
C8 NAG LB . 13.03 37.26 51.06
N2 NAG LB . 15.33 36.64 50.73
O3 NAG LB . 15.50 36.00 53.69
O4 NAG LB . 17.35 38.00 54.84
O5 NAG LB . 18.85 37.07 51.67
O6 NAG LB . 21.10 37.83 52.71
O7 NAG LB . 13.90 35.07 51.44
C1 NAG MB . -71.57 86.00 65.32
C2 NAG MB . -71.48 87.14 66.35
C3 NAG MB . -70.02 87.43 66.69
C4 NAG MB . -69.28 86.14 67.06
C5 NAG MB . -69.55 85.01 66.07
C6 NAG MB . -69.00 83.68 66.53
C7 NAG MB . -72.64 89.27 66.70
C8 NAG MB . -73.24 90.47 66.06
N2 NAG MB . -72.14 88.35 65.89
O3 NAG MB . -69.94 88.36 67.76
O4 NAG MB . -67.88 86.39 67.08
O5 NAG MB . -70.96 84.83 65.86
O6 NAG MB . -69.04 82.72 65.48
O7 NAG MB . -72.59 89.15 67.93
C1 NAG NB . -36.35 -34.27 69.36
C2 NAG NB . -36.92 -34.38 67.94
C3 NAG NB . -35.91 -35.06 67.03
C4 NAG NB . -34.56 -34.36 67.09
C5 NAG NB . -34.09 -34.30 68.54
C6 NAG NB . -32.79 -33.54 68.71
C7 NAG NB . -39.37 -34.49 67.98
C8 NAG NB . -40.56 -35.38 67.97
N2 NAG NB . -38.18 -35.10 67.94
O3 NAG NB . -36.41 -35.05 65.69
O4 NAG NB . -33.61 -35.05 66.31
O5 NAG NB . -35.07 -33.62 69.34
O6 NAG NB . -32.58 -33.17 70.07
O7 NAG NB . -39.47 -33.26 68.04
C1 NAG OB . -92.02 -39.22 58.50
C2 NAG OB . -92.12 -40.53 59.29
C3 NAG OB . -92.03 -40.23 60.78
C4 NAG OB . -90.76 -39.45 61.08
C5 NAG OB . -90.66 -38.20 60.20
C6 NAG OB . -89.33 -37.49 60.34
C7 NAG OB . -93.34 -42.38 58.27
C8 NAG OB . -94.69 -43.01 58.04
N2 NAG OB . -93.33 -41.25 58.98
O3 NAG OB . -92.05 -41.44 61.51
O4 NAG OB . -90.75 -39.05 62.45
O5 NAG OB . -90.79 -38.55 58.81
O6 NAG OB . -88.30 -38.39 60.73
O7 NAG OB . -92.31 -42.89 57.83
C1 CLR PB . -20.98 -12.44 -19.07
C2 CLR PB . -19.87 -12.05 -18.11
C3 CLR PB . -19.22 -13.26 -17.48
C4 CLR PB . -18.74 -14.22 -18.58
C5 CLR PB . -19.87 -14.59 -19.50
C6 CLR PB . -20.41 -15.80 -19.39
C7 CLR PB . -21.62 -16.24 -20.13
C8 CLR PB . -21.90 -15.35 -21.33
C9 CLR PB . -21.87 -13.87 -20.93
C10 CLR PB . -20.57 -13.43 -20.18
C11 CLR PB . -22.23 -12.99 -22.14
C12 CLR PB . -23.50 -13.41 -22.90
C13 CLR PB . -23.56 -14.91 -23.23
C14 CLR PB . -23.27 -15.62 -21.90
C15 CLR PB . -23.70 -17.05 -22.15
C16 CLR PB . -25.06 -16.83 -22.83
C17 CLR PB . -24.97 -15.47 -23.58
C18 CLR PB . -22.53 -15.29 -24.30
C19 CLR PB . -19.56 -12.74 -21.12
C20 CLR PB . -25.40 -15.63 -25.05
C21 CLR PB . -25.73 -14.32 -25.76
C22 CLR PB . -26.62 -16.56 -25.13
C23 CLR PB . -27.08 -16.92 -26.54
C24 CLR PB . -28.56 -17.29 -26.58
C25 CLR PB . -29.34 -16.68 -27.75
C26 CLR PB . -29.25 -15.17 -27.69
C27 CLR PB . -28.81 -17.19 -29.09
O1 CLR PB . -18.16 -12.84 -16.65
#